data_6YN6
#
_entry.id   6YN6
#
_cell.length_a   1.00
_cell.length_b   1.00
_cell.length_c   1.00
_cell.angle_alpha   90.00
_cell.angle_beta   90.00
_cell.angle_gamma   90.00
#
_symmetry.space_group_name_H-M   'P 1'
#
_entity_poly.entity_id   1
_entity_poly.type   'polypeptide(L)'
_entity_poly.pdbx_seq_one_letter_code
;MNVIAILNHMGVYFKEEPIRELHRALERLNFQIVYPNDRDDLLKLIENNARLCGVIFDWDKYNLELCEEISKMNENLPLY
AFANTYSTLDVSLNDLRLQISFFEYALGAAEDIANKIKQTTDEYINTILPPLTKALFKYVREGKYTFCTPGHMGGTAFQK
SPVGSLFYDFFGPNTMKSDISISVSELGSLLDHSGPHKEAEQYIARVFNADRSYMVTNGTSTANKIVGMYSAPAGSTILI
DRNCHKSLTHLMMMSDVTPIYFRPTRNAYGILGGIPQSEFQHATIAKRVKETPNATWPVHAVITNSTYDGLLYNTDFIKK
TLDVKSIHFDSAWVPYTNFSPIYEGKCGMSGGRVEGKVIYETQSTH(LLP)LLAAFSQASMIHVKGDVNEETFNEAYMMH
TTTSPHYGIVASTETAAAMMKGNAGKRLINGSIERAIKFRKEIKRLRTESDGWFFDVWQPDHIDTTECWPLRSDSTWHGF
KNIDNEHMYLDPIKVTLLTPGMEKDGTMSDFGIPASIVAKYLDEHGIVVEKTGPYNLLFLFSIGIDKTKALSLLRALTDF
KRAFDLNLRVKNMLPSLYREDPEFYENMRIQELAQNIHKLIVHHNLPDLMYRAFEVLPTMVMTPYAAFQKELHGMTEEVY
LDEMVGRINANMILPYPPGVPLVMPGEMITEESRPVLEFLQMLCEIGAHYPGFETDIHGAYRQADGRYTVKVLKE
;
_entity_poly.pdbx_strand_id   A,B,C,D,E,F,G,H,I,J,K,L,M,N,O,P,Q,R,S,T
#
# COMPACT_ATOMS: atom_id res chain seq x y z
N MET A 1 30.04 -30.51 -3.00
CA MET A 1 29.58 -29.69 -4.12
C MET A 1 28.29 -30.20 -4.71
N ASN A 2 27.17 -29.83 -4.09
CA ASN A 2 25.86 -30.10 -4.66
C ASN A 2 24.88 -28.95 -4.42
N VAL A 3 25.42 -27.78 -4.10
CA VAL A 3 24.55 -26.63 -3.77
C VAL A 3 24.67 -25.63 -4.90
N ILE A 4 23.60 -25.33 -5.62
CA ILE A 4 23.63 -24.44 -6.81
C ILE A 4 22.60 -23.36 -6.58
N ALA A 5 23.00 -22.11 -6.54
CA ALA A 5 22.10 -21.08 -6.01
C ALA A 5 21.49 -20.26 -7.14
N ILE A 6 20.18 -20.17 -7.15
CA ILE A 6 19.47 -19.45 -8.23
C ILE A 6 19.08 -18.10 -7.63
N LEU A 7 19.30 -17.01 -8.36
CA LEU A 7 18.85 -15.67 -7.88
C LEU A 7 17.34 -15.50 -8.10
N ASN A 8 16.82 -14.32 -7.75
CA ASN A 8 15.35 -14.09 -7.57
C ASN A 8 14.37 -14.24 -8.71
N HIS A 9 13.08 -14.20 -8.35
CA HIS A 9 12.00 -14.35 -9.34
C HIS A 9 11.72 -13.00 -9.98
N MET A 10 12.03 -12.88 -11.28
CA MET A 10 11.84 -11.61 -11.99
C MET A 10 10.37 -11.24 -11.97
N GLY A 11 9.49 -12.19 -12.27
CA GLY A 11 8.06 -11.89 -12.39
C GLY A 11 7.46 -12.34 -13.71
N VAL A 12 8.18 -12.20 -14.81
CA VAL A 12 7.61 -12.66 -16.06
C VAL A 12 7.86 -14.15 -16.24
N TYR A 13 7.01 -14.78 -17.05
CA TYR A 13 6.93 -16.23 -17.12
C TYR A 13 8.02 -16.87 -17.97
N PHE A 14 8.43 -16.22 -19.06
CA PHE A 14 9.31 -16.88 -20.03
C PHE A 14 10.71 -17.10 -19.48
N LYS A 15 11.09 -16.38 -18.42
CA LYS A 15 12.35 -16.61 -17.74
C LYS A 15 12.13 -17.12 -16.32
N GLU A 16 10.98 -17.69 -16.04
CA GLU A 16 10.73 -18.37 -14.77
C GLU A 16 10.38 -19.83 -14.94
N GLU A 17 9.52 -20.17 -15.91
CA GLU A 17 9.20 -21.58 -16.16
C GLU A 17 10.42 -22.36 -16.65
N PRO A 18 11.29 -21.85 -17.54
CA PRO A 18 12.57 -22.53 -17.76
C PRO A 18 13.42 -22.64 -16.50
N ILE A 19 13.36 -21.64 -15.61
CA ILE A 19 14.10 -21.75 -14.35
C ILE A 19 13.52 -22.83 -13.45
N ARG A 20 12.19 -22.95 -13.42
CA ARG A 20 11.59 -24.03 -12.64
C ARG A 20 11.87 -25.41 -13.24
N GLU A 21 11.88 -25.51 -14.57
CA GLU A 21 12.26 -26.77 -15.19
C GLU A 21 13.72 -27.12 -14.92
N LEU A 22 14.61 -26.12 -14.92
CA LEU A 22 16.00 -26.37 -14.56
C LEU A 22 16.15 -26.73 -13.10
N HIS A 23 15.32 -26.15 -12.22
CA HIS A 23 15.26 -26.54 -10.82
C HIS A 23 14.92 -28.02 -10.71
N ARG A 24 13.85 -28.45 -11.39
CA ARG A 24 13.43 -29.83 -11.33
C ARG A 24 14.48 -30.77 -11.89
N ALA A 25 15.11 -30.41 -13.00
CA ALA A 25 16.16 -31.24 -13.57
C ALA A 25 17.40 -31.32 -12.68
N LEU A 26 17.78 -30.22 -12.03
CA LEU A 26 18.93 -30.26 -11.15
C LEU A 26 18.66 -31.06 -9.89
N GLU A 27 17.44 -30.99 -9.35
CA GLU A 27 17.09 -31.87 -8.24
C GLU A 27 17.06 -33.33 -8.69
N ARG A 28 16.69 -33.57 -9.94
CA ARG A 28 16.79 -34.92 -10.49
C ARG A 28 18.24 -35.36 -10.62
N LEU A 29 19.17 -34.42 -10.82
CA LEU A 29 20.58 -34.73 -10.90
C LEU A 29 21.29 -34.63 -9.55
N ASN A 30 20.54 -34.74 -8.45
CA ASN A 30 21.08 -34.78 -7.08
C ASN A 30 21.85 -33.52 -6.72
N PHE A 31 21.26 -32.37 -7.00
CA PHE A 31 21.79 -31.08 -6.57
C PHE A 31 20.82 -30.41 -5.62
N GLN A 32 21.30 -30.05 -4.44
CA GLN A 32 20.52 -29.21 -3.54
C GLN A 32 20.44 -27.80 -4.11
N ILE A 33 19.27 -27.20 -4.04
CA ILE A 33 19.02 -25.89 -4.63
C ILE A 33 18.70 -24.91 -3.51
N VAL A 34 19.44 -23.80 -3.47
CA VAL A 34 19.19 -22.74 -2.53
C VAL A 34 18.67 -21.53 -3.27
N TYR A 35 17.93 -20.68 -2.56
CA TYR A 35 17.24 -19.52 -3.15
C TYR A 35 17.57 -18.25 -2.38
N PRO A 36 18.75 -17.66 -2.61
CA PRO A 36 19.01 -16.33 -2.04
C PRO A 36 18.08 -15.29 -2.64
N ASN A 37 17.64 -14.36 -1.80
CA ASN A 37 16.62 -13.41 -2.22
C ASN A 37 17.17 -12.32 -3.14
N ASP A 38 18.35 -11.81 -2.85
CA ASP A 38 18.91 -10.73 -3.65
C ASP A 38 20.44 -10.84 -3.64
N ARG A 39 21.10 -9.77 -4.08
CA ARG A 39 22.55 -9.79 -4.30
C ARG A 39 23.34 -9.98 -3.01
N ASP A 40 23.06 -9.14 -2.00
CA ASP A 40 23.80 -9.23 -0.75
C ASP A 40 23.54 -10.55 -0.05
N ASP A 41 22.36 -11.12 -0.25
CA ASP A 41 22.07 -12.48 0.21
C ASP A 41 23.03 -13.47 -0.42
N LEU A 42 23.32 -13.33 -1.71
CA LEU A 42 24.26 -14.22 -2.37
C LEU A 42 25.68 -14.02 -1.85
N LEU A 43 26.10 -12.77 -1.64
CA LEU A 43 27.43 -12.51 -1.08
C LEU A 43 27.61 -13.17 0.28
N LYS A 44 26.65 -12.97 1.18
CA LYS A 44 26.72 -13.60 2.50
C LYS A 44 26.63 -15.12 2.42
N LEU A 45 25.80 -15.65 1.52
CA LEU A 45 25.68 -17.09 1.35
C LEU A 45 26.98 -17.71 0.88
N ILE A 46 27.70 -17.02 0.00
CA ILE A 46 28.96 -17.57 -0.47
C ILE A 46 30.05 -17.46 0.61
N GLU A 47 30.08 -16.37 1.39
CA GLU A 47 31.16 -16.29 2.38
C GLU A 47 30.92 -17.23 3.56
N ASN A 48 29.66 -17.43 3.93
CA ASN A 48 29.38 -18.29 5.08
C ASN A 48 29.48 -19.77 4.76
N ASN A 49 29.56 -20.15 3.50
CA ASN A 49 29.54 -21.55 3.10
C ASN A 49 30.71 -21.86 2.19
N ALA A 50 30.89 -23.15 1.93
CA ALA A 50 31.87 -23.60 0.95
C ALA A 50 31.34 -24.70 0.05
N ARG A 51 30.25 -25.37 0.41
CA ARG A 51 29.69 -26.43 -0.40
C ARG A 51 28.98 -25.91 -1.64
N LEU A 52 28.78 -24.60 -1.76
CA LEU A 52 28.13 -24.05 -2.93
C LEU A 52 29.06 -24.18 -4.13
N CYS A 53 28.52 -24.70 -5.23
CA CYS A 53 29.32 -25.00 -6.41
C CYS A 53 28.71 -24.42 -7.68
N GLY A 54 27.91 -23.36 -7.56
CA GLY A 54 27.28 -22.80 -8.73
C GLY A 54 26.27 -21.74 -8.40
N VAL A 55 26.28 -20.65 -9.16
CA VAL A 55 25.30 -19.59 -9.02
C VAL A 55 24.63 -19.40 -10.36
N ILE A 56 23.31 -19.47 -10.37
CA ILE A 56 22.53 -19.18 -11.55
C ILE A 56 21.84 -17.84 -11.33
N PHE A 57 22.07 -16.90 -12.24
CA PHE A 57 21.47 -15.59 -12.12
C PHE A 57 21.12 -15.08 -13.50
N ASP A 58 20.18 -14.15 -13.55
CA ASP A 58 19.79 -13.51 -14.79
C ASP A 58 20.76 -12.38 -15.09
N TRP A 59 21.14 -12.25 -16.35
CA TRP A 59 22.10 -11.25 -16.77
C TRP A 59 21.47 -9.88 -16.98
N ASP A 60 20.17 -9.74 -16.78
CA ASP A 60 19.54 -8.44 -16.98
C ASP A 60 19.50 -7.65 -15.67
N LYS A 61 18.83 -8.18 -14.65
CA LYS A 61 18.67 -7.43 -13.42
C LYS A 61 19.94 -7.35 -12.59
N TYR A 62 20.89 -8.25 -12.80
CA TYR A 62 22.15 -8.25 -12.09
C TYR A 62 23.28 -8.15 -13.10
N ASN A 63 24.13 -7.14 -12.94
CA ASN A 63 25.18 -6.85 -13.90
C ASN A 63 26.35 -7.81 -13.67
N LEU A 64 27.44 -7.60 -14.38
CA LEU A 64 28.59 -8.50 -14.33
C LEU A 64 29.58 -8.12 -13.23
N GLU A 65 29.30 -7.07 -12.47
CA GLU A 65 30.10 -6.80 -11.28
C GLU A 65 29.81 -7.81 -10.17
N LEU A 66 28.62 -8.41 -10.20
CA LEU A 66 28.32 -9.62 -9.43
C LEU A 66 28.79 -10.86 -10.20
N CYS A 67 30.01 -10.76 -10.71
CA CYS A 67 30.80 -11.89 -11.11
C CYS A 67 32.18 -11.61 -10.56
N GLU A 68 32.53 -10.32 -10.57
CA GLU A 68 33.83 -9.88 -10.08
C GLU A 68 33.91 -9.95 -8.56
N GLU A 69 32.82 -9.61 -7.87
CA GLU A 69 32.83 -9.74 -6.41
C GLU A 69 32.98 -11.20 -5.98
N ILE A 70 32.27 -12.10 -6.64
CA ILE A 70 32.40 -13.52 -6.35
C ILE A 70 33.79 -14.02 -6.74
N SER A 71 34.38 -13.47 -7.80
CA SER A 71 35.76 -13.79 -8.15
C SER A 71 36.74 -13.37 -7.06
N LYS A 72 36.55 -12.19 -6.46
CA LYS A 72 37.33 -11.83 -5.29
C LYS A 72 37.07 -12.77 -4.13
N MET A 73 35.87 -13.36 -4.07
CA MET A 73 35.58 -14.32 -3.01
C MET A 73 36.07 -15.72 -3.37
N ASN A 74 35.85 -16.15 -4.62
CA ASN A 74 36.34 -17.44 -5.08
C ASN A 74 36.55 -17.37 -6.59
N GLU A 75 37.77 -17.60 -7.03
CA GLU A 75 38.11 -17.41 -8.44
C GLU A 75 37.53 -18.51 -9.32
N ASN A 76 37.50 -19.75 -8.84
CA ASN A 76 37.16 -20.90 -9.67
C ASN A 76 35.68 -21.25 -9.63
N LEU A 77 34.88 -20.50 -8.91
CA LEU A 77 33.48 -20.87 -8.73
C LEU A 77 32.71 -20.69 -10.04
N PRO A 78 32.06 -21.74 -10.55
CA PRO A 78 31.27 -21.59 -11.77
C PRO A 78 29.99 -20.82 -11.46
N LEU A 79 29.66 -19.89 -12.34
CA LEU A 79 28.41 -19.16 -12.24
C LEU A 79 27.75 -19.23 -13.61
N TYR A 80 26.42 -19.23 -13.64
CA TYR A 80 25.70 -19.47 -14.89
C TYR A 80 24.80 -18.28 -15.23
N ALA A 81 25.32 -17.34 -15.99
CA ALA A 81 24.52 -16.19 -16.41
C ALA A 81 23.54 -16.59 -17.49
N PHE A 82 22.32 -16.08 -17.40
CA PHE A 82 21.27 -16.37 -18.36
C PHE A 82 21.03 -15.13 -19.22
N ALA A 83 21.27 -15.26 -20.52
CA ALA A 83 21.26 -14.11 -21.42
C ALA A 83 19.89 -13.95 -22.06
N ASN A 84 19.23 -12.82 -21.79
CA ASN A 84 17.95 -12.52 -22.42
C ASN A 84 17.99 -11.25 -23.26
N THR A 85 18.35 -10.12 -22.65
CA THR A 85 18.21 -8.81 -23.28
C THR A 85 19.53 -8.24 -23.76
N TYR A 86 20.56 -8.28 -22.92
CA TYR A 86 21.90 -7.96 -23.38
C TYR A 86 22.33 -8.99 -24.41
N SER A 87 22.82 -8.49 -25.53
CA SER A 87 23.12 -9.31 -26.69
C SER A 87 24.49 -9.95 -26.53
N THR A 88 25.06 -10.44 -27.63
CA THR A 88 26.45 -10.84 -27.61
C THR A 88 27.35 -9.65 -27.27
N LEU A 89 27.03 -8.46 -27.80
CA LEU A 89 27.90 -7.29 -27.82
C LEU A 89 28.23 -6.72 -26.44
N ASP A 90 27.51 -7.08 -25.38
CA ASP A 90 27.61 -6.38 -24.11
C ASP A 90 28.57 -7.06 -23.14
N VAL A 91 29.67 -7.62 -23.63
CA VAL A 91 30.59 -8.39 -22.79
C VAL A 91 31.98 -7.79 -22.90
N SER A 92 32.60 -7.50 -21.76
CA SER A 92 33.97 -7.00 -21.69
C SER A 92 34.95 -8.16 -21.49
N LEU A 93 36.24 -7.82 -21.52
CA LEU A 93 37.28 -8.83 -21.31
C LEU A 93 37.26 -9.39 -19.90
N ASN A 94 37.07 -8.53 -18.89
CA ASN A 94 37.05 -8.99 -17.51
C ASN A 94 35.90 -9.94 -17.23
N ASP A 95 34.80 -9.82 -17.98
CA ASP A 95 33.75 -10.83 -17.90
C ASP A 95 34.22 -12.16 -18.46
N LEU A 96 34.90 -12.13 -19.61
CA LEU A 96 35.42 -13.33 -20.24
C LEU A 96 36.52 -14.02 -19.43
N ARG A 97 37.18 -13.30 -18.52
CA ARG A 97 38.22 -13.94 -17.72
C ARG A 97 37.64 -14.60 -16.48
N LEU A 98 36.33 -14.56 -16.31
CA LEU A 98 35.72 -15.14 -15.12
C LEU A 98 35.07 -16.48 -15.46
N GLN A 99 34.77 -17.24 -14.41
CA GLN A 99 34.11 -18.53 -14.57
C GLN A 99 32.59 -18.32 -14.66
N ILE A 100 32.14 -17.93 -15.85
CA ILE A 100 30.72 -17.78 -16.13
C ILE A 100 30.49 -18.66 -17.35
N SER A 101 29.35 -19.35 -17.42
CA SER A 101 28.91 -19.98 -18.66
C SER A 101 27.52 -19.47 -19.00
N PHE A 102 27.35 -18.96 -20.23
CA PHE A 102 26.12 -18.28 -20.62
C PHE A 102 25.09 -19.29 -21.13
N PHE A 103 23.83 -19.05 -20.79
CA PHE A 103 22.71 -19.86 -21.23
C PHE A 103 21.57 -18.96 -21.72
N GLU A 104 20.49 -19.59 -22.16
CA GLU A 104 19.33 -18.90 -22.70
C GLU A 104 18.07 -19.45 -22.06
N TYR A 105 16.98 -18.69 -22.20
CA TYR A 105 15.68 -19.04 -21.63
C TYR A 105 14.84 -19.72 -22.71
N ALA A 106 14.87 -21.04 -22.74
CA ALA A 106 14.09 -21.81 -23.70
C ALA A 106 13.28 -22.87 -22.97
N LEU A 107 12.01 -22.99 -23.35
CA LEU A 107 11.13 -24.00 -22.75
C LEU A 107 11.49 -25.38 -23.27
N GLY A 108 11.59 -26.34 -22.35
CA GLY A 108 11.88 -27.71 -22.70
C GLY A 108 13.34 -28.03 -22.92
N ALA A 109 14.22 -27.05 -22.80
CA ALA A 109 15.66 -27.26 -22.98
C ALA A 109 16.39 -27.36 -21.66
N ALA A 110 15.67 -27.67 -20.57
CA ALA A 110 16.29 -27.74 -19.26
C ALA A 110 17.17 -28.97 -19.07
N GLU A 111 16.94 -30.03 -19.85
CA GLU A 111 17.74 -31.24 -19.70
C GLU A 111 19.18 -31.02 -20.13
N ASP A 112 19.38 -30.41 -21.30
CA ASP A 112 20.73 -30.14 -21.77
C ASP A 112 21.44 -29.11 -20.90
N ILE A 113 20.70 -28.11 -20.41
CA ILE A 113 21.28 -27.11 -19.50
C ILE A 113 21.71 -27.77 -18.20
N ALA A 114 20.88 -28.67 -17.66
CA ALA A 114 21.25 -29.35 -16.42
C ALA A 114 22.43 -30.29 -16.63
N ASN A 115 22.50 -30.96 -17.78
CA ASN A 115 23.67 -31.79 -18.07
C ASN A 115 24.94 -30.95 -18.19
N LYS A 116 24.85 -29.80 -18.83
CA LYS A 116 26.00 -28.91 -18.92
C LYS A 116 26.39 -28.36 -17.55
N ILE A 117 25.41 -28.10 -16.68
CA ILE A 117 25.71 -27.65 -15.32
C ILE A 117 26.40 -28.75 -14.52
N LYS A 118 25.95 -29.99 -14.66
CA LYS A 118 26.60 -31.11 -13.99
C LYS A 118 28.02 -31.31 -14.49
N GLN A 119 28.23 -31.18 -15.80
CA GLN A 119 29.58 -31.28 -16.36
C GLN A 119 30.47 -30.15 -15.89
N THR A 120 29.94 -28.93 -15.79
CA THR A 120 30.74 -27.80 -15.31
C THR A 120 31.11 -27.98 -13.84
N THR A 121 30.18 -28.50 -13.03
CA THR A 121 30.48 -28.79 -11.64
C THR A 121 31.54 -29.87 -11.52
N ASP A 122 31.48 -30.90 -12.37
CA ASP A 122 32.51 -31.93 -12.36
C ASP A 122 33.88 -31.36 -12.76
N GLU A 123 33.90 -30.46 -13.75
CA GLU A 123 35.13 -29.78 -14.12
C GLU A 123 35.67 -28.93 -12.99
N TYR A 124 34.78 -28.25 -12.26
CA TYR A 124 35.20 -27.43 -11.12
C TYR A 124 35.81 -28.29 -10.02
N ILE A 125 35.19 -29.43 -9.73
CA ILE A 125 35.71 -30.35 -8.71
C ILE A 125 37.06 -30.91 -9.14
N ASN A 126 37.17 -31.32 -10.39
CA ASN A 126 38.44 -31.84 -10.90
C ASN A 126 39.47 -30.74 -11.14
N THR A 127 39.07 -29.47 -11.08
CA THR A 127 40.02 -28.37 -11.19
C THR A 127 40.61 -27.99 -9.83
N ILE A 128 39.75 -27.80 -8.82
CA ILE A 128 40.26 -27.37 -7.52
C ILE A 128 40.95 -28.47 -6.74
N LEU A 129 40.71 -29.74 -7.08
CA LEU A 129 41.31 -30.82 -6.30
C LEU A 129 42.77 -31.01 -6.69
N PRO A 130 43.63 -31.32 -5.71
CA PRO A 130 45.01 -31.67 -6.05
C PRO A 130 45.05 -33.04 -6.71
N PRO A 131 46.09 -33.34 -7.50
CA PRO A 131 46.04 -34.54 -8.36
C PRO A 131 46.00 -35.86 -7.62
N LEU A 132 46.74 -36.03 -6.53
CA LEU A 132 46.73 -37.32 -5.85
C LEU A 132 45.42 -37.54 -5.09
N THR A 133 44.89 -36.49 -4.46
CA THR A 133 43.57 -36.61 -3.84
C THR A 133 42.49 -36.86 -4.88
N LYS A 134 42.62 -36.24 -6.06
CA LYS A 134 41.71 -36.50 -7.17
C LYS A 134 41.75 -37.95 -7.58
N ALA A 135 42.96 -38.50 -7.73
CA ALA A 135 43.11 -39.90 -8.13
C ALA A 135 42.63 -40.85 -7.05
N LEU A 136 42.84 -40.52 -5.78
CA LEU A 136 42.34 -41.38 -4.69
C LEU A 136 40.82 -41.36 -4.64
N PHE A 137 40.20 -40.19 -4.81
CA PHE A 137 38.75 -40.11 -4.87
C PHE A 137 38.20 -40.87 -6.06
N LYS A 138 38.87 -40.78 -7.21
CA LYS A 138 38.46 -41.52 -8.39
C LYS A 138 38.56 -43.02 -8.16
N TYR A 139 39.65 -43.47 -7.51
CA TYR A 139 39.82 -44.90 -7.24
C TYR A 139 38.76 -45.42 -6.29
N VAL A 140 38.43 -44.65 -5.25
CA VAL A 140 37.39 -45.09 -4.33
C VAL A 140 36.02 -45.10 -5.02
N ARG A 141 35.75 -44.11 -5.89
CA ARG A 141 34.50 -44.07 -6.62
C ARG A 141 34.34 -45.26 -7.57
N GLU A 142 35.43 -45.69 -8.21
CA GLU A 142 35.39 -46.88 -9.05
C GLU A 142 35.73 -48.14 -8.27
N GLY A 143 35.39 -48.17 -6.98
CA GLY A 143 35.87 -49.11 -5.98
C GLY A 143 35.92 -50.57 -6.38
N LYS A 144 37.14 -51.08 -6.47
CA LYS A 144 37.42 -52.42 -6.95
C LYS A 144 37.71 -53.34 -5.78
N TYR A 145 37.42 -54.62 -5.97
CA TYR A 145 37.81 -55.63 -4.99
C TYR A 145 39.33 -55.73 -4.94
N THR A 146 39.86 -56.09 -3.78
CA THR A 146 41.29 -56.18 -3.63
C THR A 146 41.64 -57.42 -2.83
N PHE A 147 42.81 -57.99 -3.14
CA PHE A 147 43.34 -59.15 -2.44
C PHE A 147 44.71 -58.85 -1.85
N CYS A 148 44.97 -57.60 -1.54
CA CYS A 148 46.27 -57.15 -1.07
C CYS A 148 46.15 -56.48 0.29
N THR A 149 47.29 -56.11 0.84
CA THR A 149 47.31 -55.33 2.07
C THR A 149 46.72 -53.94 1.81
N PRO A 150 46.00 -53.35 2.77
CA PRO A 150 45.68 -53.75 4.14
C PRO A 150 44.65 -54.86 4.23
N GLY A 151 44.55 -55.48 5.41
CA GLY A 151 43.73 -56.66 5.58
C GLY A 151 42.24 -56.40 5.59
N HIS A 152 41.80 -55.18 5.90
CA HIS A 152 40.37 -54.92 5.90
C HIS A 152 39.82 -54.85 4.48
N MET A 153 40.64 -54.46 3.52
CA MET A 153 40.33 -54.52 2.08
C MET A 153 39.07 -53.74 1.74
N GLY A 154 39.13 -52.43 1.95
CA GLY A 154 37.96 -51.60 1.76
C GLY A 154 37.02 -51.59 2.93
N GLY A 155 37.47 -52.03 4.09
CA GLY A 155 36.65 -52.03 5.28
C GLY A 155 35.63 -53.15 5.36
N THR A 156 35.74 -54.16 4.51
CA THR A 156 34.80 -55.27 4.52
C THR A 156 35.10 -56.31 5.59
N ALA A 157 36.21 -56.15 6.32
CA ALA A 157 36.44 -56.93 7.53
C ALA A 157 35.71 -56.34 8.73
N PHE A 158 35.51 -55.02 8.75
CA PHE A 158 34.74 -54.37 9.79
C PHE A 158 33.24 -54.54 9.64
N GLN A 159 32.77 -55.04 8.50
CA GLN A 159 31.35 -55.28 8.32
C GLN A 159 30.93 -56.65 8.83
N LYS A 160 31.85 -57.41 9.45
CA LYS A 160 31.57 -58.77 9.88
C LYS A 160 31.95 -59.01 11.33
N SER A 161 31.93 -57.97 12.18
CA SER A 161 32.23 -58.11 13.59
C SER A 161 31.49 -57.03 14.35
N PRO A 162 31.02 -57.31 15.57
CA PRO A 162 30.24 -56.29 16.29
C PRO A 162 31.04 -55.06 16.65
N VAL A 163 32.19 -55.22 17.31
CA VAL A 163 33.05 -54.07 17.58
C VAL A 163 33.61 -53.51 16.27
N GLY A 164 33.88 -54.38 15.30
CA GLY A 164 34.25 -53.89 13.98
C GLY A 164 33.14 -53.11 13.32
N SER A 165 31.88 -53.52 13.51
CA SER A 165 30.78 -52.74 12.96
C SER A 165 30.59 -51.42 13.67
N LEU A 166 30.89 -51.36 14.97
CA LEU A 166 30.87 -50.08 15.66
C LEU A 166 31.93 -49.14 15.11
N PHE A 167 33.13 -49.67 14.87
CA PHE A 167 34.21 -48.88 14.27
C PHE A 167 33.83 -48.39 12.87
N TYR A 168 33.23 -49.28 12.07
CA TYR A 168 32.81 -48.94 10.71
C TYR A 168 31.69 -47.92 10.69
N ASP A 169 30.70 -48.05 11.58
CA ASP A 169 29.63 -47.07 11.66
C ASP A 169 30.11 -45.73 12.20
N PHE A 170 31.15 -45.72 13.03
CA PHE A 170 31.71 -44.44 13.46
C PHE A 170 32.43 -43.76 12.30
N PHE A 171 33.40 -44.45 11.70
CA PHE A 171 34.24 -43.76 10.72
C PHE A 171 33.53 -43.56 9.39
N GLY A 172 32.73 -44.52 8.96
CA GLY A 172 32.03 -44.40 7.69
C GLY A 172 32.81 -45.05 6.59
N PRO A 173 32.16 -45.36 5.46
CA PRO A 173 32.76 -46.25 4.47
C PRO A 173 33.90 -45.65 3.67
N ASN A 174 33.80 -44.35 3.36
CA ASN A 174 34.76 -43.72 2.46
C ASN A 174 36.15 -43.62 3.05
N THR A 175 36.26 -43.51 4.37
CA THR A 175 37.59 -43.51 4.99
C THR A 175 38.09 -44.91 5.27
N MET A 176 37.29 -45.94 5.02
CA MET A 176 37.80 -47.30 5.03
C MET A 176 38.30 -47.70 3.64
N LYS A 177 37.55 -47.35 2.60
CA LYS A 177 38.00 -47.62 1.24
C LYS A 177 39.21 -46.79 0.84
N SER A 178 39.43 -45.65 1.49
CA SER A 178 40.55 -44.78 1.15
C SER A 178 41.88 -45.29 1.68
N ASP A 179 41.88 -46.34 2.48
CA ASP A 179 43.12 -46.90 3.02
C ASP A 179 43.52 -48.08 2.15
N ILE A 180 44.51 -47.86 1.30
CA ILE A 180 45.07 -48.88 0.42
C ILE A 180 46.59 -48.82 0.52
N SER A 181 47.25 -49.67 -0.26
CA SER A 181 48.71 -49.74 -0.20
C SER A 181 49.34 -49.56 -1.57
N ILE A 182 50.65 -49.78 -1.66
CA ILE A 182 51.40 -49.55 -2.89
C ILE A 182 51.10 -50.58 -3.96
N SER A 183 50.37 -51.64 -3.63
CA SER A 183 50.01 -52.65 -4.63
C SER A 183 49.07 -52.12 -5.68
N VAL A 184 48.30 -51.08 -5.37
CA VAL A 184 47.47 -50.41 -6.36
C VAL A 184 48.38 -49.57 -7.23
N SER A 185 48.69 -50.06 -8.43
CA SER A 185 49.75 -49.48 -9.24
C SER A 185 49.38 -48.14 -9.85
N GLU A 186 48.09 -47.80 -9.95
CA GLU A 186 47.70 -46.58 -10.62
C GLU A 186 47.90 -45.33 -9.77
N LEU A 187 48.13 -45.47 -8.47
CA LEU A 187 48.41 -44.33 -7.62
C LEU A 187 49.90 -44.10 -7.40
N GLY A 188 50.76 -44.87 -8.06
CA GLY A 188 52.18 -44.73 -7.85
C GLY A 188 52.60 -45.21 -6.46
N SER A 189 53.65 -44.59 -5.95
CA SER A 189 54.16 -44.94 -4.63
C SER A 189 54.84 -43.73 -4.02
N LEU A 190 54.60 -43.52 -2.72
CA LEU A 190 55.25 -42.42 -2.01
C LEU A 190 56.75 -42.63 -1.94
N LEU A 191 57.18 -43.88 -1.73
CA LEU A 191 58.59 -44.18 -1.49
C LEU A 191 59.46 -43.92 -2.70
N ASP A 192 58.97 -44.24 -3.89
CA ASP A 192 59.75 -44.10 -5.11
C ASP A 192 59.48 -42.79 -5.84
N HIS A 193 58.52 -41.99 -5.35
CA HIS A 193 58.16 -40.69 -5.94
C HIS A 193 57.77 -40.83 -7.41
N SER A 194 56.69 -41.57 -7.64
CA SER A 194 56.26 -41.92 -8.99
C SER A 194 54.78 -41.60 -9.18
N GLY A 195 54.44 -41.20 -10.40
CA GLY A 195 53.06 -41.00 -10.80
C GLY A 195 52.35 -39.89 -10.07
N PRO A 196 51.15 -40.20 -9.56
CA PRO A 196 50.39 -39.19 -8.80
C PRO A 196 51.12 -38.68 -7.58
N HIS A 197 51.92 -39.52 -6.91
CA HIS A 197 52.74 -39.02 -5.82
C HIS A 197 53.74 -37.98 -6.30
N LYS A 198 54.46 -38.24 -7.39
CA LYS A 198 55.46 -37.30 -7.88
C LYS A 198 54.83 -35.98 -8.29
N GLU A 199 53.66 -36.05 -8.94
CA GLU A 199 52.91 -34.83 -9.20
C GLU A 199 52.52 -34.12 -7.91
N ALA A 200 52.24 -34.88 -6.85
CA ALA A 200 51.91 -34.26 -5.56
C ALA A 200 53.12 -33.53 -4.96
N GLU A 201 54.31 -34.16 -4.96
CA GLU A 201 55.44 -33.42 -4.39
C GLU A 201 55.84 -32.22 -5.25
N GLN A 202 55.68 -32.31 -6.57
CA GLN A 202 55.92 -31.11 -7.38
C GLN A 202 54.90 -30.02 -7.08
N TYR A 203 53.65 -30.41 -6.83
CA TYR A 203 52.62 -29.45 -6.46
C TYR A 203 52.93 -28.77 -5.13
N ILE A 204 53.39 -29.56 -4.15
CA ILE A 204 53.82 -29.01 -2.86
C ILE A 204 55.01 -28.08 -3.05
N ALA A 205 55.92 -28.43 -3.96
CA ALA A 205 57.08 -27.57 -4.23
C ALA A 205 56.66 -26.23 -4.82
N ARG A 206 55.69 -26.21 -5.71
CA ARG A 206 55.24 -24.90 -6.24
C ARG A 206 54.67 -24.15 -5.06
N VAL A 207 53.70 -24.75 -4.39
CA VAL A 207 52.87 -23.96 -3.48
C VAL A 207 53.72 -23.24 -2.44
N PHE A 208 54.65 -23.94 -1.80
CA PHE A 208 55.40 -23.44 -0.65
C PHE A 208 56.69 -22.72 -1.01
N ASN A 209 56.93 -22.47 -2.30
CA ASN A 209 58.14 -21.81 -2.80
C ASN A 209 59.40 -22.53 -2.32
N ALA A 210 59.53 -23.77 -2.75
CA ALA A 210 60.68 -24.60 -2.43
C ALA A 210 61.12 -25.36 -3.67
N ASP A 211 62.40 -25.73 -3.68
CA ASP A 211 62.93 -26.46 -4.83
C ASP A 211 62.40 -27.89 -4.85
N ARG A 212 62.73 -28.66 -3.83
CA ARG A 212 62.24 -30.02 -3.68
C ARG A 212 61.49 -30.10 -2.37
N SER A 213 60.27 -30.61 -2.40
CA SER A 213 59.44 -30.72 -1.22
C SER A 213 59.07 -32.17 -0.97
N TYR A 214 59.16 -32.61 0.26
CA TYR A 214 58.82 -33.99 0.62
C TYR A 214 57.58 -33.99 1.52
N MET A 215 56.94 -35.15 1.62
CA MET A 215 55.69 -35.30 2.36
C MET A 215 55.85 -36.48 3.33
N VAL A 216 56.28 -36.17 4.55
CA VAL A 216 56.55 -37.20 5.56
C VAL A 216 55.23 -37.68 6.14
N THR A 217 55.13 -38.97 6.41
CA THR A 217 53.89 -39.57 6.89
C THR A 217 53.96 -40.02 8.35
N ASN A 218 55.07 -39.78 9.04
CA ASN A 218 55.14 -40.00 10.47
C ASN A 218 55.03 -38.71 11.25
N GLY A 219 55.57 -37.62 10.74
CA GLY A 219 55.53 -36.34 11.40
C GLY A 219 56.88 -35.65 11.37
N THR A 220 56.87 -34.40 11.80
CA THR A 220 58.11 -33.64 11.81
C THR A 220 59.09 -34.13 12.85
N SER A 221 58.61 -34.92 13.83
CA SER A 221 59.51 -35.66 14.70
C SER A 221 60.38 -36.63 13.91
N THR A 222 59.89 -37.09 12.75
CA THR A 222 60.68 -37.91 11.85
C THR A 222 61.36 -37.08 10.77
N ALA A 223 60.76 -35.95 10.39
CA ALA A 223 61.38 -35.07 9.41
C ALA A 223 62.67 -34.45 9.93
N ASN A 224 62.70 -34.08 11.22
CA ASN A 224 63.93 -33.60 11.84
C ASN A 224 65.00 -34.68 11.79
N LYS A 225 64.61 -35.92 12.03
CA LYS A 225 65.52 -37.05 11.96
C LYS A 225 66.08 -37.23 10.56
N ILE A 226 65.23 -37.08 9.54
CA ILE A 226 65.66 -37.21 8.15
C ILE A 226 66.68 -36.14 7.81
N VAL A 227 66.37 -34.88 8.16
CA VAL A 227 67.25 -33.78 7.82
C VAL A 227 68.58 -33.88 8.56
N GLY A 228 68.53 -34.16 9.86
CA GLY A 228 69.75 -34.26 10.63
C GLY A 228 70.54 -35.53 10.42
N MET A 229 69.95 -36.56 9.81
CA MET A 229 70.74 -37.71 9.41
C MET A 229 71.30 -37.57 8.01
N TYR A 230 70.69 -36.76 7.15
CA TYR A 230 71.33 -36.48 5.87
C TYR A 230 72.47 -35.48 6.02
N SER A 231 72.16 -34.29 6.53
CA SER A 231 73.11 -33.19 6.52
C SER A 231 74.20 -33.31 7.56
N ALA A 232 74.03 -34.12 8.59
CA ALA A 232 74.99 -34.24 9.68
C ALA A 232 75.46 -35.68 9.77
N PRO A 233 76.55 -36.04 9.09
CA PRO A 233 77.10 -37.39 9.21
C PRO A 233 77.71 -37.58 10.59
N ALA A 234 77.97 -38.85 10.92
CA ALA A 234 78.53 -39.19 12.21
C ALA A 234 79.96 -38.71 12.32
N GLY A 235 80.33 -38.25 13.51
CA GLY A 235 81.63 -37.64 13.73
C GLY A 235 81.69 -36.16 13.45
N SER A 236 80.63 -35.59 12.89
CA SER A 236 80.58 -34.17 12.60
C SER A 236 79.99 -33.43 13.80
N THR A 237 79.63 -32.17 13.61
CA THR A 237 79.21 -31.30 14.69
C THR A 237 78.02 -30.47 14.23
N ILE A 238 77.07 -30.23 15.14
CA ILE A 238 75.85 -29.48 14.81
C ILE A 238 75.70 -28.30 15.77
N LEU A 239 74.94 -27.31 15.32
CA LEU A 239 74.53 -26.17 16.13
C LEU A 239 73.04 -26.31 16.37
N ILE A 240 72.68 -26.95 17.47
CA ILE A 240 71.29 -27.22 17.80
C ILE A 240 70.81 -26.20 18.82
N ASP A 241 69.63 -25.64 18.58
CA ASP A 241 68.98 -24.77 19.55
C ASP A 241 68.71 -25.53 20.84
N ARG A 242 68.97 -24.88 21.98
CA ARG A 242 68.56 -25.46 23.25
C ARG A 242 67.04 -25.51 23.35
N ASN A 243 66.35 -24.51 22.79
CA ASN A 243 64.91 -24.58 22.64
C ASN A 243 64.61 -25.54 21.50
N CYS A 244 64.68 -26.83 21.78
CA CYS A 244 64.51 -27.87 20.79
C CYS A 244 63.32 -28.73 21.18
N HIS A 245 63.06 -29.73 20.35
CA HIS A 245 62.04 -30.73 20.65
C HIS A 245 62.71 -31.98 21.19
N LYS A 246 61.89 -32.89 21.72
CA LYS A 246 62.39 -34.20 22.14
C LYS A 246 62.94 -34.97 20.95
N SER A 247 62.39 -34.72 19.76
CA SER A 247 62.81 -35.42 18.55
C SER A 247 64.25 -35.11 18.18
N LEU A 248 64.69 -33.88 18.38
CA LEU A 248 66.09 -33.54 18.08
C LEU A 248 67.04 -34.21 19.06
N THR A 249 66.65 -34.32 20.32
CA THR A 249 67.45 -35.07 21.29
C THR A 249 67.53 -36.54 20.90
N HIS A 250 66.40 -37.09 20.46
CA HIS A 250 66.39 -38.47 19.98
C HIS A 250 67.28 -38.66 18.76
N LEU A 251 67.26 -37.69 17.85
CA LEU A 251 68.17 -37.71 16.70
C LEU A 251 69.63 -37.71 17.13
N MET A 252 69.97 -36.85 18.09
CA MET A 252 71.34 -36.78 18.57
C MET A 252 71.77 -38.05 19.30
N MET A 253 70.83 -38.76 19.91
CA MET A 253 71.16 -40.05 20.50
C MET A 253 71.28 -41.16 19.46
N MET A 254 70.59 -41.07 18.33
CA MET A 254 70.81 -42.08 17.30
C MET A 254 72.15 -41.88 16.60
N SER A 255 72.49 -40.64 16.26
CA SER A 255 73.64 -40.35 15.42
C SER A 255 74.84 -39.92 16.26
N ASP A 256 76.03 -40.28 15.78
CA ASP A 256 77.28 -39.96 16.47
C ASP A 256 77.71 -38.54 16.12
N VAL A 257 77.01 -37.58 16.72
CA VAL A 257 77.27 -36.17 16.48
C VAL A 257 77.63 -35.49 17.80
N THR A 258 78.05 -34.23 17.70
CA THR A 258 78.50 -33.46 18.85
C THR A 258 77.83 -32.09 18.81
N PRO A 259 77.26 -31.62 19.93
CA PRO A 259 76.57 -30.32 19.91
C PRO A 259 77.39 -29.14 20.40
N ILE A 260 77.10 -27.98 19.82
CA ILE A 260 77.15 -26.71 20.53
C ILE A 260 75.72 -26.22 20.66
N TYR A 261 75.30 -25.98 21.89
CA TYR A 261 73.94 -25.54 22.16
C TYR A 261 73.86 -24.03 22.10
N PHE A 262 72.92 -23.52 21.30
CA PHE A 262 72.58 -22.11 21.36
C PHE A 262 71.94 -21.80 22.70
N ARG A 263 71.98 -20.52 23.08
CA ARG A 263 71.50 -20.12 24.41
C ARG A 263 70.37 -19.11 24.29
N PRO A 264 69.12 -19.55 24.24
CA PRO A 264 68.00 -18.61 24.12
C PRO A 264 67.77 -17.84 25.42
N THR A 265 67.10 -16.71 25.27
CA THR A 265 66.68 -15.89 26.39
C THR A 265 65.30 -16.30 26.85
N ARG A 266 64.90 -15.79 28.02
CA ARG A 266 63.59 -16.08 28.56
C ARG A 266 63.20 -14.99 29.57
N ASN A 267 61.90 -14.86 29.79
CA ASN A 267 61.36 -13.91 30.75
C ASN A 267 60.99 -14.63 32.04
N ALA A 268 60.43 -13.88 32.99
CA ALA A 268 60.00 -14.46 34.25
C ALA A 268 58.75 -15.32 34.11
N TYR A 269 57.98 -15.15 33.03
CA TYR A 269 56.79 -15.95 32.82
C TYR A 269 57.14 -17.41 32.53
N GLY A 270 58.33 -17.67 31.99
CA GLY A 270 58.70 -18.98 31.52
C GLY A 270 58.57 -19.15 30.03
N ILE A 271 58.24 -18.09 29.30
CA ILE A 271 58.14 -18.16 27.84
C ILE A 271 59.56 -18.27 27.27
N LEU A 272 59.78 -19.28 26.45
CA LEU A 272 61.09 -19.48 25.82
C LEU A 272 61.25 -18.42 24.72
N GLY A 273 62.13 -17.46 24.95
CA GLY A 273 62.39 -16.45 23.96
C GLY A 273 63.34 -16.95 22.89
N GLY A 274 64.32 -16.14 22.53
CA GLY A 274 65.19 -16.52 21.45
C GLY A 274 66.67 -16.30 21.67
N ILE A 275 67.46 -16.83 20.75
CA ILE A 275 68.91 -16.69 20.82
C ILE A 275 69.29 -15.26 20.49
N PRO A 276 70.20 -14.62 21.24
CA PRO A 276 70.65 -13.28 20.86
C PRO A 276 71.42 -13.30 19.54
N GLN A 277 71.59 -12.10 18.98
CA GLN A 277 72.30 -11.96 17.72
C GLN A 277 73.77 -12.31 17.82
N SER A 278 74.34 -12.28 19.02
CA SER A 278 75.77 -12.52 19.18
C SER A 278 76.12 -13.99 18.94
N GLU A 279 75.19 -14.91 19.15
CA GLU A 279 75.47 -16.33 19.03
C GLU A 279 75.16 -16.89 17.64
N PHE A 280 75.20 -16.06 16.61
CA PHE A 280 75.14 -16.55 15.25
C PHE A 280 76.33 -16.10 14.41
N GLN A 281 77.28 -15.40 14.99
CA GLN A 281 78.43 -14.90 14.26
C GLN A 281 79.58 -15.89 14.40
N HIS A 282 80.65 -15.63 13.66
CA HIS A 282 81.76 -16.58 13.60
C HIS A 282 82.56 -16.63 14.89
N ALA A 283 82.64 -15.51 15.62
CA ALA A 283 83.51 -15.44 16.79
C ALA A 283 83.01 -16.34 17.92
N THR A 284 81.72 -16.22 18.27
CA THR A 284 81.19 -17.02 19.36
C THR A 284 81.10 -18.50 18.99
N ILE A 285 80.78 -18.79 17.73
CA ILE A 285 80.72 -20.18 17.27
C ILE A 285 82.11 -20.81 17.30
N ALA A 286 83.13 -20.08 16.84
CA ALA A 286 84.50 -20.59 16.90
C ALA A 286 84.98 -20.78 18.33
N LYS A 287 84.61 -19.85 19.23
CA LYS A 287 84.95 -20.00 20.65
C LYS A 287 84.33 -21.26 21.24
N ARG A 288 83.01 -21.42 21.06
CA ARG A 288 82.31 -22.58 21.59
C ARG A 288 82.77 -23.89 20.95
N VAL A 289 83.26 -23.83 19.72
CA VAL A 289 83.95 -24.98 19.14
C VAL A 289 85.24 -25.26 19.90
N LYS A 290 85.98 -24.19 20.22
CA LYS A 290 87.30 -24.35 20.83
C LYS A 290 87.22 -24.97 22.22
N GLU A 291 86.26 -24.54 23.05
CA GLU A 291 86.11 -25.17 24.35
C GLU A 291 85.10 -26.31 24.37
N THR A 292 84.95 -27.04 23.27
CA THR A 292 84.20 -28.29 23.30
C THR A 292 85.10 -29.44 22.86
N PRO A 293 85.23 -30.49 23.67
CA PRO A 293 86.10 -31.60 23.28
C PRO A 293 85.58 -32.35 22.07
N ASN A 294 86.52 -32.82 21.25
CA ASN A 294 86.26 -33.61 20.04
C ASN A 294 85.33 -32.88 19.07
N ALA A 295 85.44 -31.56 18.98
CA ALA A 295 84.54 -30.74 18.19
C ALA A 295 85.29 -30.08 17.05
N THR A 296 84.67 -30.07 15.88
CA THR A 296 85.18 -29.41 14.69
C THR A 296 84.20 -28.32 14.28
N TRP A 297 84.43 -27.74 13.11
CA TRP A 297 83.53 -26.71 12.60
C TRP A 297 82.17 -27.34 12.29
N PRO A 298 81.07 -26.72 12.74
CA PRO A 298 79.74 -27.31 12.55
C PRO A 298 79.37 -27.37 11.08
N VAL A 299 78.76 -28.50 10.69
CA VAL A 299 78.33 -28.70 9.31
C VAL A 299 76.82 -28.61 9.15
N HIS A 300 76.09 -28.32 10.23
CA HIS A 300 74.65 -28.22 10.16
C HIS A 300 74.17 -27.41 11.36
N ALA A 301 73.05 -26.71 11.17
CA ALA A 301 72.47 -25.92 12.25
C ALA A 301 70.96 -26.14 12.27
N VAL A 302 70.39 -26.31 13.46
CA VAL A 302 68.97 -26.54 13.64
C VAL A 302 68.43 -25.45 14.56
N ILE A 303 67.41 -24.73 14.09
CA ILE A 303 66.85 -23.58 14.79
C ILE A 303 65.33 -23.74 14.83
N THR A 304 64.74 -23.57 16.02
CA THR A 304 63.30 -23.69 16.17
C THR A 304 62.66 -22.35 15.81
N ASN A 305 62.13 -22.24 14.60
CA ASN A 305 61.56 -21.01 14.06
C ASN A 305 60.12 -21.27 13.61
N SER A 306 59.13 -20.85 14.40
CA SER A 306 59.31 -20.01 15.57
C SER A 306 59.50 -20.85 16.82
N THR A 307 59.45 -20.19 17.98
CA THR A 307 59.47 -20.91 19.24
C THR A 307 58.09 -21.51 19.49
N TYR A 308 57.92 -22.13 20.65
CA TYR A 308 56.63 -22.67 21.02
C TYR A 308 55.58 -21.57 21.18
N ASP A 309 55.99 -20.39 21.64
CA ASP A 309 55.08 -19.28 21.86
C ASP A 309 55.04 -18.32 20.69
N GLY A 310 55.47 -18.75 19.51
CA GLY A 310 55.29 -17.97 18.31
C GLY A 310 56.13 -16.72 18.23
N LEU A 311 57.44 -16.85 18.35
CA LEU A 311 58.38 -15.74 18.18
C LEU A 311 59.25 -16.06 16.99
N LEU A 312 58.93 -15.44 15.86
CA LEU A 312 59.68 -15.61 14.63
C LEU A 312 61.03 -14.90 14.74
N TYR A 313 61.96 -15.31 13.89
CA TYR A 313 63.29 -14.71 13.88
C TYR A 313 63.44 -13.84 12.64
N ASN A 314 64.45 -12.98 12.67
CA ASN A 314 64.87 -12.30 11.45
C ASN A 314 65.78 -13.27 10.71
N THR A 315 65.15 -14.13 9.92
CA THR A 315 65.84 -15.23 9.27
C THR A 315 66.78 -14.77 8.16
N ASP A 316 66.61 -13.55 7.63
CA ASP A 316 67.56 -13.06 6.64
C ASP A 316 68.92 -12.80 7.27
N PHE A 317 68.93 -12.27 8.49
CA PHE A 317 70.14 -12.16 9.29
C PHE A 317 70.80 -13.53 9.48
N ILE A 318 69.98 -14.54 9.77
CA ILE A 318 70.50 -15.88 10.04
C ILE A 318 71.11 -16.48 8.78
N LYS A 319 70.39 -16.41 7.67
CA LYS A 319 70.88 -16.96 6.42
C LYS A 319 72.03 -16.15 5.82
N LYS A 320 72.23 -14.91 6.26
CA LYS A 320 73.41 -14.18 5.81
C LYS A 320 74.65 -14.44 6.67
N THR A 321 74.48 -14.50 7.99
CA THR A 321 75.65 -14.47 8.85
C THR A 321 76.02 -15.80 9.49
N LEU A 322 75.10 -16.75 9.58
CA LEU A 322 75.43 -18.07 10.12
C LEU A 322 76.25 -18.81 9.08
N ASP A 323 77.53 -19.01 9.36
CA ASP A 323 78.49 -19.51 8.38
C ASP A 323 78.59 -21.04 8.38
N VAL A 324 77.45 -21.72 8.26
CA VAL A 324 77.42 -23.16 8.14
C VAL A 324 76.84 -23.52 6.77
N LYS A 325 77.10 -24.74 6.33
CA LYS A 325 76.74 -25.15 4.98
C LYS A 325 75.30 -25.63 4.86
N SER A 326 74.58 -25.74 5.98
CA SER A 326 73.17 -26.14 5.94
C SER A 326 72.49 -25.64 7.19
N ILE A 327 71.45 -24.82 7.02
CA ILE A 327 70.68 -24.28 8.14
C ILE A 327 69.30 -24.90 8.09
N HIS A 328 68.91 -25.55 9.18
CA HIS A 328 67.60 -26.17 9.29
C HIS A 328 66.72 -25.36 10.23
N PHE A 329 65.50 -25.07 9.78
CA PHE A 329 64.51 -24.37 10.59
C PHE A 329 63.43 -25.37 10.95
N ASP A 330 63.30 -25.67 12.25
CA ASP A 330 62.28 -26.61 12.72
C ASP A 330 60.97 -25.84 12.86
N SER A 331 60.36 -25.57 11.71
CA SER A 331 59.17 -24.73 11.67
C SER A 331 57.90 -25.56 11.88
N ALA A 332 57.89 -26.28 12.99
CA ALA A 332 56.72 -27.08 13.30
C ALA A 332 55.50 -26.24 13.63
N TRP A 333 55.69 -25.08 14.25
CA TRP A 333 54.57 -24.24 14.64
C TRP A 333 54.25 -23.14 13.65
N VAL A 334 55.05 -22.96 12.61
CA VAL A 334 54.74 -21.95 11.60
C VAL A 334 54.78 -22.63 10.23
N PRO A 335 53.72 -23.33 9.82
CA PRO A 335 53.70 -23.90 8.47
C PRO A 335 53.00 -23.03 7.43
N TYR A 336 52.29 -22.01 7.89
CA TYR A 336 51.43 -21.19 7.05
C TYR A 336 52.12 -19.97 6.46
N THR A 337 53.46 -20.01 6.36
CA THR A 337 54.24 -18.79 6.19
C THR A 337 54.02 -18.11 4.85
N ASN A 338 53.97 -18.86 3.75
CA ASN A 338 53.97 -18.31 2.40
C ASN A 338 52.66 -17.57 2.10
N PHE A 339 51.61 -17.82 2.86
CA PHE A 339 50.25 -17.48 2.46
C PHE A 339 49.76 -16.15 2.99
N SER A 340 50.65 -15.34 3.57
CA SER A 340 50.34 -13.97 3.87
C SER A 340 51.66 -13.22 3.86
N PRO A 341 51.74 -12.07 3.19
CA PRO A 341 52.99 -11.30 3.16
C PRO A 341 53.36 -10.64 4.48
N ILE A 342 52.58 -10.87 5.53
CA ILE A 342 52.98 -10.47 6.87
C ILE A 342 54.26 -11.17 7.26
N TYR A 343 54.39 -12.46 6.91
CA TYR A 343 55.51 -13.29 7.31
C TYR A 343 56.67 -13.24 6.33
N GLU A 344 56.79 -12.19 5.52
CA GLU A 344 57.92 -12.07 4.62
C GLU A 344 59.20 -11.87 5.42
N GLY A 345 60.25 -12.59 5.03
CA GLY A 345 61.50 -12.53 5.76
C GLY A 345 61.43 -13.19 7.12
N LYS A 346 60.60 -14.22 7.26
CA LYS A 346 60.39 -14.88 8.55
C LYS A 346 60.24 -16.39 8.43
N CYS A 347 60.90 -17.01 7.45
CA CYS A 347 61.00 -18.46 7.38
C CYS A 347 62.22 -18.83 6.57
N GLY A 348 62.51 -20.13 6.52
CA GLY A 348 63.59 -20.60 5.69
C GLY A 348 63.36 -20.36 4.21
N MET A 349 62.11 -20.49 3.78
CA MET A 349 61.77 -20.30 2.37
C MET A 349 61.53 -18.84 2.01
N SER A 350 61.61 -17.92 2.97
CA SER A 350 61.52 -16.52 2.65
C SER A 350 62.76 -16.07 1.87
N GLY A 351 62.54 -15.21 0.90
CA GLY A 351 63.62 -14.77 0.06
C GLY A 351 64.00 -15.82 -0.97
N GLY A 352 65.07 -15.53 -1.69
CA GLY A 352 65.52 -16.38 -2.76
C GLY A 352 66.45 -17.48 -2.30
N ARG A 353 67.01 -18.19 -3.28
CA ARG A 353 67.97 -19.25 -3.02
C ARG A 353 69.26 -18.63 -2.51
N VAL A 354 69.60 -18.89 -1.26
CA VAL A 354 70.82 -18.34 -0.68
C VAL A 354 72.02 -19.07 -1.24
N GLU A 355 73.13 -18.35 -1.41
CA GLU A 355 74.32 -18.91 -2.02
C GLU A 355 75.16 -19.65 -1.00
N GLY A 356 75.63 -20.84 -1.38
CA GLY A 356 76.63 -21.56 -0.61
C GLY A 356 76.10 -22.42 0.51
N LYS A 357 74.80 -22.44 0.74
CA LYS A 357 74.25 -23.29 1.79
C LYS A 357 72.82 -23.68 1.43
N VAL A 358 72.37 -24.78 2.00
CA VAL A 358 71.03 -25.32 1.74
C VAL A 358 70.18 -25.06 2.96
N ILE A 359 69.02 -24.45 2.75
CA ILE A 359 68.10 -24.12 3.83
C ILE A 359 67.01 -25.19 3.87
N TYR A 360 66.90 -25.85 5.02
CA TYR A 360 65.83 -26.81 5.26
C TYR A 360 64.72 -26.17 6.07
N GLU A 361 63.49 -26.59 5.81
CA GLU A 361 62.37 -26.20 6.65
C GLU A 361 61.41 -27.37 6.70
N THR A 362 60.93 -27.69 7.90
CA THR A 362 60.22 -28.93 8.17
C THR A 362 58.87 -28.66 8.82
N GLN A 363 58.07 -27.83 8.16
CA GLN A 363 56.70 -27.49 8.53
C GLN A 363 55.89 -28.69 8.98
N SER A 364 55.39 -28.63 10.20
CA SER A 364 54.45 -29.64 10.68
C SER A 364 53.06 -29.23 10.22
N THR A 365 52.61 -29.83 9.11
CA THR A 365 51.39 -29.41 8.44
C THR A 365 50.14 -29.65 9.29
N HIS A 366 50.14 -30.69 10.12
CA HIS A 366 48.94 -30.98 10.89
C HIS A 366 48.72 -30.01 12.04
N1 LLP A 367 59.09 -30.55 16.75
C2 LLP A 367 58.69 -29.40 17.30
C2' LLP A 367 59.70 -28.24 17.52
C3 LLP A 367 57.34 -29.23 17.69
O3 LLP A 367 56.94 -28.03 18.26
C4 LLP A 367 56.43 -30.23 17.50
C4' LLP A 367 54.90 -30.02 17.95
C5 LLP A 367 56.81 -31.40 16.95
C6 LLP A 367 58.16 -31.59 16.56
C5' LLP A 367 55.74 -32.52 16.76
OP4 LLP A 367 56.20 -33.55 15.93
P LLP A 367 55.11 -34.40 15.25
OP1 LLP A 367 54.13 -34.91 16.31
OP2 LLP A 367 55.74 -35.54 14.56
OP3 LLP A 367 54.36 -33.57 14.26
N LLP A 367 49.75 -29.28 12.42
CA LLP A 367 49.70 -28.44 13.62
CB LLP A 367 51.09 -28.01 14.01
CG LLP A 367 51.83 -29.18 14.64
CD LLP A 367 51.82 -29.06 16.17
CE LLP A 367 52.85 -30.05 16.77
NZ LLP A 367 54.16 -29.40 16.89
C LLP A 367 48.84 -27.24 13.44
O LLP A 367 47.92 -27.05 14.21
N LEU A 368 49.11 -26.42 12.43
CA LEU A 368 48.39 -25.16 12.27
C LEU A 368 47.56 -25.10 10.99
N LEU A 369 47.93 -25.89 9.98
CA LEU A 369 47.11 -26.01 8.79
C LEU A 369 46.02 -27.04 9.04
N ALA A 370 45.26 -27.34 7.99
CA ALA A 370 44.18 -28.32 8.09
C ALA A 370 44.65 -29.62 7.47
N ALA A 371 45.22 -30.48 8.31
CA ALA A 371 45.68 -31.79 7.85
C ALA A 371 45.54 -32.80 8.97
N PHE A 372 45.46 -34.08 8.57
CA PHE A 372 45.43 -35.17 9.53
C PHE A 372 46.75 -35.23 10.30
N SER A 373 46.69 -35.82 11.49
CA SER A 373 47.88 -35.90 12.33
C SER A 373 48.94 -36.81 11.68
N GLN A 374 50.15 -36.74 12.23
CA GLN A 374 51.35 -37.39 11.70
C GLN A 374 51.66 -36.97 10.28
N ALA A 375 51.27 -35.77 9.88
CA ALA A 375 51.59 -35.24 8.57
C ALA A 375 52.65 -34.18 8.70
N SER A 376 53.62 -34.21 7.80
CA SER A 376 54.72 -33.26 7.84
C SER A 376 55.30 -33.10 6.44
N MET A 377 56.14 -32.10 6.30
CA MET A 377 56.79 -31.81 5.04
C MET A 377 58.25 -31.49 5.30
N ILE A 378 59.07 -31.68 4.26
CA ILE A 378 60.45 -31.23 4.27
C ILE A 378 60.66 -30.41 3.02
N HIS A 379 60.77 -29.10 3.18
CA HIS A 379 61.07 -28.20 2.08
C HIS A 379 62.56 -27.89 2.11
N VAL A 380 63.21 -28.01 0.96
CA VAL A 380 64.62 -27.67 0.86
C VAL A 380 64.74 -26.43 -0.01
N LYS A 381 65.89 -25.78 0.10
CA LYS A 381 66.19 -24.61 -0.72
C LYS A 381 67.68 -24.62 -1.00
N GLY A 382 68.05 -25.07 -2.18
CA GLY A 382 69.44 -25.22 -2.55
C GLY A 382 69.63 -26.48 -3.37
N ASP A 383 70.86 -26.96 -3.40
CA ASP A 383 71.23 -28.15 -4.16
C ASP A 383 71.63 -29.24 -3.18
N VAL A 384 70.97 -30.39 -3.26
CA VAL A 384 71.29 -31.53 -2.42
C VAL A 384 71.53 -32.73 -3.32
N ASN A 385 72.28 -33.69 -2.79
CA ASN A 385 72.48 -34.95 -3.49
C ASN A 385 71.15 -35.69 -3.51
N GLU A 386 70.54 -35.79 -4.70
CA GLU A 386 69.17 -36.24 -4.83
C GLU A 386 68.99 -37.68 -4.34
N GLU A 387 69.90 -38.58 -4.75
CA GLU A 387 69.76 -39.97 -4.35
C GLU A 387 70.11 -40.20 -2.90
N THR A 388 71.15 -39.53 -2.39
CA THR A 388 71.52 -39.68 -0.98
C THR A 388 70.41 -39.16 -0.06
N PHE A 389 69.87 -37.99 -0.38
CA PHE A 389 68.80 -37.43 0.44
C PHE A 389 67.49 -38.17 0.27
N ASN A 390 67.20 -38.68 -0.93
CA ASN A 390 66.04 -39.55 -1.11
C ASN A 390 66.19 -40.83 -0.32
N GLU A 391 67.40 -41.39 -0.26
CA GLU A 391 67.61 -42.59 0.51
C GLU A 391 67.49 -42.32 2.00
N ALA A 392 67.96 -41.16 2.46
CA ALA A 392 67.78 -40.78 3.85
C ALA A 392 66.31 -40.59 4.20
N TYR A 393 65.53 -40.01 3.28
CA TYR A 393 64.09 -39.90 3.50
C TYR A 393 63.42 -41.27 3.54
N MET A 394 63.80 -42.17 2.63
CA MET A 394 63.28 -43.53 2.63
C MET A 394 63.68 -44.29 3.88
N MET A 395 64.82 -43.93 4.48
CA MET A 395 65.34 -44.63 5.64
C MET A 395 64.43 -44.52 6.86
N HIS A 396 63.80 -43.36 7.09
CA HIS A 396 63.02 -43.17 8.30
C HIS A 396 61.52 -43.35 8.12
N THR A 397 61.00 -43.14 6.92
CA THR A 397 59.58 -43.32 6.74
C THR A 397 59.24 -44.80 6.59
N THR A 398 57.96 -45.12 6.76
CA THR A 398 57.48 -46.47 6.57
C THR A 398 57.44 -46.80 5.07
N THR A 399 57.15 -48.07 4.78
CA THR A 399 57.07 -48.53 3.40
C THR A 399 55.64 -48.54 2.87
N SER A 400 54.65 -48.74 3.73
CA SER A 400 53.24 -48.72 3.34
C SER A 400 52.56 -47.63 4.14
N PRO A 401 52.50 -46.41 3.60
CA PRO A 401 51.96 -45.29 4.37
C PRO A 401 50.44 -45.25 4.35
N HIS A 402 49.89 -44.47 5.27
CA HIS A 402 48.46 -44.24 5.32
C HIS A 402 48.09 -43.18 4.29
N TYR A 403 47.40 -43.59 3.23
CA TYR A 403 47.11 -42.67 2.14
C TYR A 403 46.11 -41.59 2.54
N GLY A 404 45.34 -41.79 3.61
CA GLY A 404 44.53 -40.70 4.13
C GLY A 404 45.39 -39.55 4.64
N ILE A 405 46.48 -39.88 5.35
CA ILE A 405 47.40 -38.85 5.83
C ILE A 405 48.09 -38.14 4.67
N VAL A 406 48.49 -38.90 3.64
CA VAL A 406 49.14 -38.31 2.47
C VAL A 406 48.18 -37.39 1.72
N ALA A 407 46.95 -37.85 1.50
CA ALA A 407 45.95 -37.04 0.83
C ALA A 407 45.61 -35.79 1.64
N SER A 408 45.55 -35.91 2.96
CA SER A 408 45.31 -34.76 3.81
C SER A 408 46.49 -33.79 3.75
N THR A 409 47.72 -34.32 3.70
CA THR A 409 48.91 -33.49 3.61
C THR A 409 48.90 -32.66 2.33
N GLU A 410 48.52 -33.27 1.22
CA GLU A 410 48.45 -32.50 -0.03
C GLU A 410 47.24 -31.56 -0.06
N THR A 411 46.09 -32.01 0.44
CA THR A 411 44.89 -31.18 0.45
C THR A 411 45.05 -29.97 1.34
N ALA A 412 45.92 -30.04 2.37
CA ALA A 412 46.20 -28.87 3.18
C ALA A 412 46.84 -27.75 2.36
N ALA A 413 47.78 -28.09 1.48
CA ALA A 413 48.34 -27.07 0.60
C ALA A 413 47.32 -26.66 -0.46
N ALA A 414 46.50 -27.61 -0.92
CA ALA A 414 45.48 -27.29 -1.91
C ALA A 414 44.41 -26.35 -1.37
N MET A 415 44.21 -26.32 -0.06
CA MET A 415 43.32 -25.33 0.56
C MET A 415 43.87 -23.92 0.53
N MET A 416 45.13 -23.74 0.14
CA MET A 416 45.77 -22.45 0.23
C MET A 416 46.08 -21.81 -1.11
N LYS A 417 45.81 -22.49 -2.23
CA LYS A 417 45.94 -21.88 -3.54
C LYS A 417 44.69 -21.10 -3.87
N GLY A 418 44.86 -19.99 -4.58
CA GLY A 418 43.76 -19.18 -5.04
C GLY A 418 43.45 -18.04 -4.09
N ASN A 419 42.20 -17.59 -4.15
CA ASN A 419 41.73 -16.53 -3.28
C ASN A 419 41.18 -17.06 -1.96
N ALA A 420 40.72 -18.32 -1.95
CA ALA A 420 40.16 -18.90 -0.72
C ALA A 420 41.23 -19.08 0.35
N GLY A 421 42.43 -19.52 -0.03
CA GLY A 421 43.48 -19.70 0.96
C GLY A 421 43.96 -18.38 1.54
N LYS A 422 44.12 -17.36 0.68
CA LYS A 422 44.48 -16.03 1.17
C LYS A 422 43.40 -15.48 2.08
N ARG A 423 42.14 -15.71 1.74
CA ARG A 423 41.04 -15.29 2.59
C ARG A 423 41.06 -16.03 3.93
N LEU A 424 41.39 -17.33 3.92
CA LEU A 424 41.52 -18.08 5.16
C LEU A 424 42.60 -17.50 6.07
N ILE A 425 43.80 -17.31 5.52
CA ILE A 425 44.91 -16.85 6.35
C ILE A 425 44.67 -15.43 6.86
N ASN A 426 44.20 -14.54 5.98
CA ASN A 426 43.93 -13.17 6.41
C ASN A 426 42.77 -13.11 7.40
N GLY A 427 41.75 -13.95 7.23
CA GLY A 427 40.67 -13.99 8.20
C GLY A 427 41.12 -14.49 9.55
N SER A 428 41.99 -15.51 9.56
CA SER A 428 42.50 -16.03 10.83
C SER A 428 43.36 -14.99 11.54
N ILE A 429 44.23 -14.29 10.81
CA ILE A 429 45.08 -13.29 11.43
C ILE A 429 44.25 -12.11 11.93
N GLU A 430 43.27 -11.65 11.13
CA GLU A 430 42.42 -10.54 11.55
C GLU A 430 41.56 -10.91 12.75
N ARG A 431 41.03 -12.14 12.78
CA ARG A 431 40.28 -12.62 13.94
C ARG A 431 41.15 -12.68 15.18
N ALA A 432 42.40 -13.14 15.03
CA ALA A 432 43.32 -13.16 16.16
C ALA A 432 43.60 -11.75 16.69
N ILE A 433 43.80 -10.80 15.78
CA ILE A 433 44.09 -9.42 16.18
C ILE A 433 42.87 -8.79 16.86
N LYS A 434 41.67 -9.07 16.36
CA LYS A 434 40.46 -8.54 16.98
C LYS A 434 40.21 -9.15 18.36
N PHE A 435 40.50 -10.45 18.52
CA PHE A 435 40.43 -11.06 19.83
C PHE A 435 41.42 -10.42 20.80
N ARG A 436 42.64 -10.13 20.32
CA ARG A 436 43.64 -9.49 21.15
C ARG A 436 43.20 -8.09 21.57
N LYS A 437 42.59 -7.34 20.65
CA LYS A 437 42.13 -6.01 20.99
C LYS A 437 41.00 -6.05 22.01
N GLU A 438 40.03 -6.97 21.90
CA GLU A 438 39.11 -6.98 23.04
C GLU A 438 39.64 -7.61 24.31
N ILE A 439 40.63 -8.49 24.27
CA ILE A 439 41.04 -8.97 25.59
C ILE A 439 41.78 -7.87 26.34
N LYS A 440 42.57 -7.03 25.64
CA LYS A 440 43.06 -5.83 26.31
C LYS A 440 41.95 -4.82 26.62
N ARG A 441 40.86 -4.80 25.83
CA ARG A 441 39.78 -3.88 26.15
C ARG A 441 38.99 -4.31 27.37
N LEU A 442 38.69 -5.61 27.47
CA LEU A 442 38.00 -6.15 28.64
C LEU A 442 38.86 -6.08 29.88
N ARG A 443 40.19 -6.08 29.73
CA ARG A 443 41.05 -5.84 30.90
C ARG A 443 40.81 -4.47 31.50
N THR A 444 40.69 -3.44 30.65
CA THR A 444 40.43 -2.10 31.16
C THR A 444 38.95 -1.82 31.38
N GLU A 445 38.08 -2.73 30.96
CA GLU A 445 36.65 -2.55 31.21
C GLU A 445 36.22 -3.15 32.53
N SER A 446 36.85 -4.25 32.95
CA SER A 446 36.40 -4.99 34.11
C SER A 446 36.87 -4.32 35.40
N ASP A 447 36.34 -4.83 36.51
CA ASP A 447 36.72 -4.38 37.84
C ASP A 447 37.73 -5.33 38.46
N GLY A 448 38.65 -4.78 39.23
CA GLY A 448 39.66 -5.61 39.89
C GLY A 448 40.62 -6.19 38.89
N TRP A 449 40.82 -7.50 38.98
CA TRP A 449 41.77 -8.21 38.12
C TRP A 449 41.09 -8.67 36.84
N PHE A 450 41.91 -8.90 35.82
CA PHE A 450 41.45 -9.57 34.60
C PHE A 450 42.65 -10.19 33.91
N PHE A 451 42.35 -11.07 32.95
CA PHE A 451 43.39 -11.69 32.15
C PHE A 451 44.10 -10.66 31.28
N ASP A 452 45.43 -10.68 31.32
CA ASP A 452 46.25 -9.88 30.44
C ASP A 452 46.70 -10.78 29.30
N VAL A 453 47.11 -10.17 28.19
CA VAL A 453 47.69 -10.92 27.07
C VAL A 453 49.03 -10.32 26.69
N TRP A 454 50.03 -11.18 26.60
CA TRP A 454 51.44 -10.85 26.49
C TRP A 454 51.69 -10.39 25.06
N GLN A 455 51.49 -9.09 24.84
CA GLN A 455 51.54 -8.50 23.50
C GLN A 455 51.83 -7.01 23.66
N PRO A 456 52.29 -6.34 22.59
CA PRO A 456 52.58 -4.90 22.70
C PRO A 456 51.35 -4.09 23.09
N ASP A 457 51.61 -3.00 23.81
CA ASP A 457 50.55 -2.17 24.37
C ASP A 457 49.69 -1.51 23.30
N HIS A 458 50.26 -1.18 22.15
CA HIS A 458 49.51 -0.62 21.02
C HIS A 458 49.67 -1.55 19.83
N ILE A 459 48.63 -2.33 19.55
CA ILE A 459 48.54 -3.12 18.32
C ILE A 459 47.26 -2.73 17.61
N ASP A 460 47.40 -2.31 16.37
CA ASP A 460 46.24 -2.04 15.53
C ASP A 460 46.46 -2.37 14.07
N THR A 461 47.63 -2.86 13.69
CA THR A 461 47.96 -3.18 12.31
C THR A 461 48.20 -4.67 12.18
N THR A 462 48.01 -5.19 10.98
CA THR A 462 48.18 -6.62 10.70
C THR A 462 49.63 -6.87 10.30
N GLU A 463 50.48 -6.98 11.31
CA GLU A 463 51.89 -7.29 11.10
C GLU A 463 52.39 -8.09 12.29
N CYS A 464 53.50 -8.79 12.07
CA CYS A 464 54.21 -9.40 13.18
C CYS A 464 54.88 -8.32 14.00
N TRP A 465 54.37 -8.07 15.19
CA TRP A 465 54.82 -6.91 15.96
C TRP A 465 56.22 -7.16 16.50
N PRO A 466 57.20 -6.34 16.13
CA PRO A 466 58.58 -6.62 16.53
C PRO A 466 58.79 -6.38 18.02
N LEU A 467 59.66 -7.21 18.60
CA LEU A 467 59.99 -7.07 20.01
C LEU A 467 61.10 -6.03 20.13
N ARG A 468 60.74 -4.86 20.64
CA ARG A 468 61.65 -3.72 20.68
C ARG A 468 62.32 -3.66 22.04
N SER A 469 63.60 -3.27 22.04
CA SER A 469 64.33 -3.13 23.30
C SER A 469 63.86 -1.94 24.12
N ASP A 470 63.13 -1.01 23.51
CA ASP A 470 62.65 0.19 24.19
C ASP A 470 61.28 -0.02 24.83
N SER A 471 60.79 -1.26 24.87
CA SER A 471 59.52 -1.58 25.51
C SER A 471 59.72 -2.75 26.45
N THR A 472 58.77 -2.93 27.36
CA THR A 472 58.93 -3.92 28.41
C THR A 472 57.76 -4.89 28.50
N TRP A 473 56.92 -4.99 27.46
CA TRP A 473 55.82 -5.95 27.50
C TRP A 473 56.30 -7.38 27.39
N HIS A 474 57.41 -7.61 26.67
CA HIS A 474 57.89 -8.97 26.49
C HIS A 474 58.63 -9.50 27.71
N GLY A 475 59.54 -8.71 28.27
CA GLY A 475 60.28 -9.12 29.44
C GLY A 475 61.69 -9.60 29.19
N PHE A 476 62.06 -9.86 27.94
CA PHE A 476 63.43 -10.26 27.63
C PHE A 476 64.32 -9.02 27.72
N LYS A 477 65.21 -9.00 28.71
CA LYS A 477 66.05 -7.84 28.95
C LYS A 477 67.19 -7.77 27.94
N ASN A 478 67.51 -6.53 27.52
CA ASN A 478 68.59 -6.23 26.59
C ASN A 478 68.44 -6.98 25.27
N ILE A 479 67.19 -7.07 24.81
CA ILE A 479 66.89 -7.81 23.60
C ILE A 479 67.35 -7.00 22.38
N ASP A 480 67.68 -7.70 21.31
CA ASP A 480 68.18 -7.07 20.10
C ASP A 480 67.01 -6.66 19.20
N ASN A 481 67.14 -5.51 18.58
CA ASN A 481 66.05 -4.94 17.78
C ASN A 481 65.97 -5.60 16.41
N GLU A 482 64.75 -5.88 15.97
CA GLU A 482 64.45 -6.68 14.78
C GLU A 482 65.20 -8.00 14.79
N HIS A 483 64.90 -8.81 15.80
CA HIS A 483 65.31 -10.20 15.82
C HIS A 483 64.08 -11.05 16.15
N MET A 484 63.10 -10.44 16.80
CA MET A 484 61.89 -11.14 17.20
C MET A 484 60.65 -10.45 16.67
N TYR A 485 59.67 -11.27 16.31
CA TYR A 485 58.42 -10.84 15.71
C TYR A 485 57.33 -11.71 16.29
N LEU A 486 56.37 -11.10 16.97
CA LEU A 486 55.28 -11.85 17.58
C LEU A 486 54.32 -12.36 16.52
N ASP A 487 54.00 -13.63 16.58
CA ASP A 487 52.97 -14.18 15.71
C ASP A 487 51.60 -13.85 16.28
N PRO A 488 50.75 -13.12 15.56
CA PRO A 488 49.46 -12.70 16.12
C PRO A 488 48.51 -13.83 16.45
N ILE A 489 48.63 -15.00 15.82
CA ILE A 489 47.62 -16.03 16.02
C ILE A 489 47.94 -16.98 17.16
N LYS A 490 49.11 -16.88 17.77
CA LYS A 490 49.42 -17.68 18.95
C LYS A 490 49.26 -16.79 20.18
N VAL A 491 48.00 -16.65 20.60
CA VAL A 491 47.65 -15.72 21.68
C VAL A 491 48.04 -16.37 23.00
N THR A 492 48.86 -15.67 23.78
CA THR A 492 49.30 -16.13 25.09
C THR A 492 48.63 -15.25 26.14
N LEU A 493 47.55 -15.76 26.73
CA LEU A 493 46.94 -15.05 27.83
C LEU A 493 47.83 -15.08 29.06
N LEU A 494 47.57 -14.15 29.97
CA LEU A 494 48.29 -14.10 31.23
C LEU A 494 47.29 -14.03 32.36
N THR A 495 47.68 -14.52 33.51
CA THR A 495 46.88 -14.50 34.71
C THR A 495 47.54 -13.63 35.75
N PRO A 496 46.79 -13.12 36.73
CA PRO A 496 47.41 -12.33 37.80
C PRO A 496 48.41 -13.14 38.61
N GLY A 497 49.39 -12.42 39.16
CA GLY A 497 50.42 -13.06 39.96
C GLY A 497 51.80 -12.48 39.69
N MET A 498 51.98 -11.92 38.50
CA MET A 498 53.25 -11.36 38.07
C MET A 498 53.14 -9.85 37.94
N GLU A 499 54.15 -9.14 38.44
CA GLU A 499 54.26 -7.72 38.15
C GLU A 499 54.98 -7.52 36.81
N LYS A 500 55.01 -6.27 36.35
CA LYS A 500 55.59 -5.99 35.04
C LYS A 500 57.10 -6.07 35.03
N ASP A 501 57.76 -5.77 36.15
CA ASP A 501 59.21 -5.80 36.21
C ASP A 501 59.76 -7.21 36.41
N GLY A 502 58.90 -8.19 36.69
CA GLY A 502 59.32 -9.57 36.85
C GLY A 502 59.07 -10.15 38.22
N THR A 503 58.93 -9.31 39.24
CA THR A 503 58.66 -9.82 40.58
C THR A 503 57.22 -10.32 40.68
N MET A 504 56.96 -11.09 41.72
CA MET A 504 55.64 -11.69 41.92
C MET A 504 54.74 -10.76 42.73
N SER A 505 53.46 -10.79 42.40
CA SER A 505 52.46 -10.06 43.15
C SER A 505 52.02 -10.88 44.36
N ASP A 506 51.00 -10.41 45.06
CA ASP A 506 50.41 -11.16 46.17
C ASP A 506 49.17 -11.92 45.78
N PHE A 507 48.25 -11.29 45.05
CA PHE A 507 47.05 -11.95 44.56
C PHE A 507 47.34 -12.54 43.19
N GLY A 508 47.04 -13.82 43.03
CA GLY A 508 47.33 -14.48 41.77
C GLY A 508 46.56 -15.77 41.60
N ILE A 509 46.42 -16.17 40.34
CA ILE A 509 45.82 -17.44 39.97
C ILE A 509 46.80 -18.13 39.03
N PRO A 510 47.40 -19.24 39.40
CA PRO A 510 48.20 -19.99 38.42
C PRO A 510 47.32 -20.60 37.35
N ALA A 511 47.88 -20.70 36.14
CA ALA A 511 47.12 -20.99 34.94
C ALA A 511 46.57 -22.41 34.90
N SER A 512 47.00 -23.30 35.80
CA SER A 512 46.45 -24.65 35.85
C SER A 512 44.97 -24.65 36.21
N ILE A 513 44.55 -23.80 37.16
CA ILE A 513 43.15 -23.70 37.52
C ILE A 513 42.31 -23.18 36.36
N VAL A 514 42.81 -22.15 35.67
CA VAL A 514 42.07 -21.62 34.53
C VAL A 514 41.96 -22.67 33.42
N ALA A 515 43.04 -23.40 33.14
CA ALA A 515 43.00 -24.44 32.11
C ALA A 515 42.04 -25.56 32.50
N LYS A 516 42.04 -25.97 33.77
CA LYS A 516 41.14 -27.00 34.22
C LYS A 516 39.68 -26.54 34.16
N TYR A 517 39.43 -25.27 34.47
CA TYR A 517 38.08 -24.75 34.38
C TYR A 517 37.61 -24.74 32.93
N LEU A 518 38.48 -24.30 32.01
CA LEU A 518 38.13 -24.27 30.60
C LEU A 518 37.88 -25.68 30.07
N ASP A 519 38.69 -26.64 30.52
CA ASP A 519 38.44 -28.05 30.17
C ASP A 519 37.13 -28.55 30.74
N GLU A 520 36.75 -28.07 31.92
CA GLU A 520 35.44 -28.45 32.47
C GLU A 520 34.32 -27.91 31.60
N HIS A 521 34.45 -26.68 31.10
CA HIS A 521 33.41 -26.09 30.28
C HIS A 521 33.59 -26.36 28.79
N GLY A 522 34.42 -27.34 28.44
CA GLY A 522 34.42 -27.85 27.09
C GLY A 522 35.20 -27.04 26.08
N ILE A 523 36.27 -26.37 26.50
CA ILE A 523 37.23 -25.76 25.58
C ILE A 523 38.63 -26.12 26.05
N VAL A 524 39.50 -26.44 25.12
CA VAL A 524 40.79 -27.04 25.43
C VAL A 524 41.90 -26.03 25.18
N VAL A 525 42.79 -25.87 26.15
CA VAL A 525 43.97 -25.04 26.04
C VAL A 525 45.11 -25.91 25.53
N GLU A 526 45.99 -25.33 24.70
CA GLU A 526 47.11 -26.07 24.12
C GLU A 526 48.05 -26.58 25.20
N LYS A 527 48.77 -25.69 25.89
CA LYS A 527 49.57 -26.04 27.06
C LYS A 527 49.79 -24.80 27.89
N THR A 528 49.88 -24.96 29.20
CA THR A 528 50.00 -23.85 30.13
C THR A 528 51.30 -23.96 30.91
N GLY A 529 51.84 -22.80 31.27
CA GLY A 529 52.95 -22.74 32.20
C GLY A 529 52.45 -22.38 33.58
N PRO A 530 53.24 -21.61 34.32
CA PRO A 530 52.80 -21.19 35.66
C PRO A 530 51.68 -20.17 35.61
N TYR A 531 51.79 -19.16 34.76
CA TYR A 531 50.81 -18.08 34.71
C TYR A 531 50.50 -17.66 33.28
N ASN A 532 50.61 -18.58 32.32
CA ASN A 532 50.25 -18.25 30.96
C ASN A 532 49.47 -19.38 30.32
N LEU A 533 48.59 -19.02 29.40
CA LEU A 533 47.91 -19.96 28.54
C LEU A 533 48.42 -19.81 27.12
N LEU A 534 47.87 -20.59 26.20
CA LEU A 534 48.21 -20.47 24.80
C LEU A 534 47.03 -20.92 23.98
N PHE A 535 46.65 -20.14 22.95
CA PHE A 535 45.52 -20.52 22.14
C PHE A 535 45.92 -20.39 20.68
N LEU A 536 45.90 -21.51 19.96
CA LEU A 536 46.23 -21.54 18.55
C LEU A 536 45.04 -21.02 17.76
N PHE A 537 45.16 -19.82 17.21
CA PHE A 537 44.11 -19.28 16.34
C PHE A 537 44.45 -19.66 14.90
N SER A 538 44.27 -20.93 14.60
CA SER A 538 44.57 -21.45 13.28
C SER A 538 43.44 -21.09 12.32
N ILE A 539 43.46 -21.69 11.13
CA ILE A 539 42.41 -21.42 10.14
C ILE A 539 41.07 -22.02 10.54
N GLY A 540 41.04 -22.94 11.50
CA GLY A 540 39.79 -23.49 11.95
C GLY A 540 38.98 -22.59 12.86
N ILE A 541 39.62 -21.62 13.49
CA ILE A 541 38.95 -20.81 14.51
C ILE A 541 38.04 -19.80 13.82
N ASP A 542 36.76 -19.83 14.14
CA ASP A 542 35.82 -18.79 13.76
C ASP A 542 35.36 -18.04 15.00
N LYS A 543 34.47 -17.07 14.82
CA LYS A 543 34.08 -16.21 15.94
C LYS A 543 33.21 -16.92 16.96
N THR A 544 32.60 -18.06 16.60
CA THR A 544 31.88 -18.85 17.58
C THR A 544 32.80 -19.36 18.68
N LYS A 545 33.90 -19.99 18.29
CA LYS A 545 34.86 -20.50 19.26
C LYS A 545 35.52 -19.37 20.04
N ALA A 546 35.87 -18.27 19.35
CA ALA A 546 36.51 -17.14 20.02
C ALA A 546 35.60 -16.53 21.08
N LEU A 547 34.32 -16.35 20.75
CA LEU A 547 33.39 -15.79 21.71
C LEU A 547 33.12 -16.75 22.87
N SER A 548 33.04 -18.05 22.58
CA SER A 548 32.88 -19.03 23.65
C SER A 548 34.07 -19.03 24.59
N LEU A 549 35.28 -18.89 24.05
CA LEU A 549 36.45 -18.80 24.90
C LEU A 549 36.45 -17.55 25.77
N LEU A 550 36.13 -16.41 25.17
CA LEU A 550 36.12 -15.15 25.91
C LEU A 550 35.10 -15.20 27.03
N ARG A 551 34.02 -15.93 26.74
CA ARG A 551 32.86 -16.09 27.65
C ARG A 551 32.95 -17.30 28.57
N ALA A 552 34.01 -18.11 28.47
CA ALA A 552 34.46 -19.03 29.50
C ALA A 552 35.44 -18.33 30.45
N LEU A 553 36.26 -17.44 29.89
CA LEU A 553 37.12 -16.59 30.72
C LEU A 553 36.29 -15.69 31.64
N THR A 554 35.25 -15.06 31.11
CA THR A 554 34.41 -14.18 31.91
C THR A 554 33.64 -14.94 32.99
N ASP A 555 33.10 -16.11 32.66
CA ASP A 555 32.38 -16.91 33.65
C ASP A 555 33.33 -17.41 34.72
N PHE A 556 34.59 -17.70 34.37
CA PHE A 556 35.58 -18.00 35.40
C PHE A 556 35.81 -16.81 36.31
N LYS A 557 35.87 -15.61 35.74
CA LYS A 557 36.06 -14.42 36.56
C LYS A 557 34.89 -14.23 37.54
N ARG A 558 33.66 -14.42 37.05
CA ARG A 558 32.50 -14.28 37.90
C ARG A 558 32.45 -15.36 38.98
N ALA A 559 32.80 -16.60 38.62
CA ALA A 559 32.81 -17.68 39.60
C ALA A 559 33.94 -17.57 40.59
N PHE A 560 35.04 -16.91 40.23
CA PHE A 560 36.14 -16.70 41.17
C PHE A 560 35.88 -15.53 42.10
N ASP A 561 35.27 -14.46 41.60
CA ASP A 561 34.87 -13.37 42.49
C ASP A 561 33.77 -13.81 43.45
N LEU A 562 32.81 -14.61 42.97
CA LEU A 562 31.80 -15.17 43.86
C LEU A 562 32.37 -16.24 44.78
N ASN A 563 33.53 -16.80 44.43
CA ASN A 563 34.25 -17.80 45.22
C ASN A 563 33.40 -19.05 45.47
N LEU A 564 33.06 -19.70 44.36
CA LEU A 564 32.34 -20.96 44.43
C LEU A 564 33.26 -22.07 44.93
N ARG A 565 32.65 -23.13 45.45
CA ARG A 565 33.43 -24.25 45.96
C ARG A 565 34.00 -25.07 44.81
N VAL A 566 35.04 -25.84 45.13
CA VAL A 566 35.70 -26.70 44.15
C VAL A 566 34.74 -27.79 43.67
N LYS A 567 33.89 -28.29 44.57
CA LYS A 567 32.97 -29.37 44.23
C LYS A 567 31.98 -28.95 43.14
N ASN A 568 31.41 -27.75 43.25
CA ASN A 568 30.44 -27.31 42.26
C ASN A 568 31.11 -26.87 40.96
N MET A 569 32.24 -26.16 41.04
CA MET A 569 32.78 -25.55 39.84
C MET A 569 33.70 -26.50 39.07
N LEU A 570 34.49 -27.30 39.79
CA LEU A 570 35.46 -28.21 39.18
C LEU A 570 35.18 -29.63 39.66
N PRO A 571 34.13 -30.28 39.16
CA PRO A 571 33.90 -31.68 39.54
C PRO A 571 34.96 -32.63 39.02
N SER A 572 35.57 -32.34 37.87
CA SER A 572 36.64 -33.19 37.35
C SER A 572 37.88 -33.14 38.23
N LEU A 573 38.16 -31.99 38.85
CA LEU A 573 39.21 -31.91 39.84
C LEU A 573 38.75 -32.36 41.21
N TYR A 574 37.45 -32.25 41.49
CA TYR A 574 36.88 -32.78 42.72
C TYR A 574 37.04 -34.30 42.79
N ARG A 575 36.85 -34.99 41.68
CA ARG A 575 36.96 -36.44 41.63
C ARG A 575 38.39 -36.96 41.76
N GLU A 576 39.38 -36.07 41.70
CA GLU A 576 40.76 -36.51 41.91
C GLU A 576 40.97 -37.02 43.33
N ASP A 577 40.46 -36.30 44.32
CA ASP A 577 40.42 -36.78 45.71
C ASP A 577 39.32 -36.04 46.43
N PRO A 578 38.10 -36.62 46.47
CA PRO A 578 36.96 -35.93 47.08
C PRO A 578 37.13 -35.61 48.55
N GLU A 579 37.97 -36.37 49.27
CA GLU A 579 38.20 -36.09 50.68
C GLU A 579 38.93 -34.78 50.89
N PHE A 580 39.83 -34.42 49.97
CA PHE A 580 40.64 -33.22 50.13
C PHE A 580 39.92 -31.96 49.67
N TYR A 581 39.24 -32.02 48.51
CA TYR A 581 38.56 -30.87 47.95
C TYR A 581 37.11 -30.76 48.39
N GLU A 582 36.77 -31.28 49.56
CA GLU A 582 35.37 -31.29 49.99
C GLU A 582 34.92 -29.91 50.44
N ASN A 583 35.67 -29.29 51.34
CA ASN A 583 35.29 -28.01 51.95
C ASN A 583 36.30 -26.91 51.62
N MET A 584 36.74 -26.86 50.37
CA MET A 584 37.71 -25.87 49.94
C MET A 584 37.10 -24.96 48.88
N ARG A 585 37.28 -23.65 49.06
CA ARG A 585 36.85 -22.67 48.09
C ARG A 585 37.94 -22.47 47.04
N ILE A 586 37.54 -21.88 45.90
CA ILE A 586 38.50 -21.70 44.82
C ILE A 586 39.52 -20.61 45.13
N GLN A 587 39.10 -19.56 45.85
CA GLN A 587 40.05 -18.52 46.22
C GLN A 587 41.12 -19.04 47.18
N GLU A 588 40.73 -19.90 48.12
CA GLU A 588 41.72 -20.52 49.01
C GLU A 588 42.69 -21.41 48.25
N LEU A 589 42.18 -22.18 47.28
CA LEU A 589 43.05 -23.06 46.50
C LEU A 589 44.03 -22.27 45.64
N ALA A 590 43.53 -21.23 44.96
CA ALA A 590 44.39 -20.39 44.14
C ALA A 590 45.42 -19.66 44.99
N GLN A 591 45.00 -19.14 46.14
CA GLN A 591 45.92 -18.46 47.05
C GLN A 591 46.97 -19.42 47.58
N ASN A 592 46.58 -20.67 47.87
CA ASN A 592 47.53 -21.64 48.40
C ASN A 592 48.57 -22.03 47.37
N ILE A 593 48.16 -22.30 46.13
CA ILE A 593 49.15 -22.65 45.12
C ILE A 593 50.02 -21.45 44.77
N HIS A 594 49.43 -20.25 44.74
CA HIS A 594 50.23 -19.05 44.51
C HIS A 594 51.24 -18.81 45.63
N LYS A 595 50.85 -19.07 46.88
CA LYS A 595 51.80 -18.93 47.99
C LYS A 595 52.87 -20.01 47.94
N LEU A 596 52.53 -21.21 47.47
CA LEU A 596 53.55 -22.24 47.28
C LEU A 596 54.55 -21.82 46.20
N ILE A 597 54.08 -21.13 45.16
CA ILE A 597 55.00 -20.63 44.15
C ILE A 597 55.84 -19.48 44.69
N VAL A 598 55.22 -18.55 45.42
CA VAL A 598 55.93 -17.38 45.96
C VAL A 598 56.98 -17.75 47.01
N HIS A 599 56.61 -18.55 48.01
CA HIS A 599 57.52 -18.85 49.10
C HIS A 599 58.72 -19.67 48.62
N HIS A 600 58.50 -20.56 47.67
CA HIS A 600 59.58 -21.34 47.08
C HIS A 600 60.31 -20.59 45.96
N ASN A 601 59.81 -19.41 45.58
CA ASN A 601 60.44 -18.52 44.59
C ASN A 601 60.64 -19.23 43.25
N LEU A 602 59.51 -19.60 42.63
CA LEU A 602 59.58 -20.37 41.38
C LEU A 602 60.21 -19.61 40.22
N PRO A 603 59.82 -18.37 39.87
CA PRO A 603 60.36 -17.78 38.63
C PRO A 603 61.84 -17.47 38.70
N ASP A 604 62.36 -17.06 39.86
CA ASP A 604 63.79 -16.78 39.96
C ASP A 604 64.62 -18.05 39.79
N LEU A 605 64.17 -19.16 40.40
CA LEU A 605 64.83 -20.44 40.20
C LEU A 605 64.71 -20.92 38.75
N MET A 606 63.54 -20.75 38.15
CA MET A 606 63.33 -21.17 36.77
C MET A 606 64.17 -20.35 35.81
N TYR A 607 64.45 -19.10 36.15
CA TYR A 607 65.34 -18.28 35.34
C TYR A 607 66.80 -18.72 35.53
N ARG A 608 67.28 -18.73 36.77
CA ARG A 608 68.68 -19.00 37.05
C ARG A 608 69.07 -20.45 36.75
N ALA A 609 68.13 -21.38 36.65
CA ALA A 609 68.45 -22.73 36.24
C ALA A 609 68.72 -22.83 34.75
N PHE A 610 68.04 -22.04 33.93
CA PHE A 610 68.24 -22.09 32.49
C PHE A 610 69.27 -21.09 32.00
N GLU A 611 69.75 -20.19 32.85
CA GLU A 611 70.86 -19.34 32.45
C GLU A 611 72.22 -20.01 32.65
N VAL A 612 72.26 -21.23 33.19
CA VAL A 612 73.50 -21.97 33.36
C VAL A 612 73.38 -23.31 32.64
N LEU A 613 74.36 -23.59 31.78
CA LEU A 613 74.40 -24.80 30.98
C LEU A 613 75.11 -25.93 31.73
N PRO A 614 74.51 -27.12 31.79
CA PRO A 614 75.20 -28.25 32.41
C PRO A 614 76.42 -28.67 31.62
N THR A 615 77.39 -29.22 32.34
CA THR A 615 78.69 -29.58 31.75
C THR A 615 78.55 -30.84 30.91
N MET A 616 78.93 -30.73 29.63
CA MET A 616 78.89 -31.87 28.71
C MET A 616 80.10 -32.76 28.95
N VAL A 617 79.90 -33.88 29.65
CA VAL A 617 80.98 -34.85 29.81
C VAL A 617 81.16 -35.65 28.53
N MET A 618 80.07 -36.14 27.95
CA MET A 618 80.13 -36.93 26.73
C MET A 618 78.93 -36.61 25.85
N THR A 619 79.07 -36.92 24.57
CA THR A 619 78.00 -36.70 23.61
C THR A 619 76.79 -37.57 23.94
N PRO A 620 75.58 -37.10 23.62
CA PRO A 620 74.38 -37.92 23.90
C PRO A 620 74.35 -39.25 23.18
N TYR A 621 75.04 -39.38 22.04
CA TYR A 621 75.18 -40.68 21.41
C TYR A 621 75.93 -41.66 22.31
N ALA A 622 77.00 -41.18 22.96
CA ALA A 622 77.72 -42.03 23.90
C ALA A 622 76.90 -42.31 25.14
N ALA A 623 76.06 -41.36 25.56
CA ALA A 623 75.15 -41.61 26.68
C ALA A 623 74.15 -42.70 26.35
N PHE A 624 73.58 -42.67 25.14
CA PHE A 624 72.68 -43.74 24.73
C PHE A 624 73.42 -45.06 24.59
N GLN A 625 74.66 -45.04 24.14
CA GLN A 625 75.45 -46.27 24.03
C GLN A 625 75.70 -46.88 25.40
N LYS A 626 76.05 -46.06 26.39
CA LYS A 626 76.22 -46.57 27.75
C LYS A 626 74.90 -46.96 28.39
N GLU A 627 73.79 -46.35 27.95
CA GLU A 627 72.48 -46.73 28.47
C GLU A 627 72.05 -48.09 27.96
N LEU A 628 72.34 -48.38 26.68
CA LEU A 628 71.99 -49.67 26.11
C LEU A 628 72.75 -50.83 26.73
N HIS A 629 73.96 -50.60 27.23
CA HIS A 629 74.78 -51.66 27.80
C HIS A 629 74.44 -51.92 29.26
N GLY A 630 73.36 -51.33 29.78
CA GLY A 630 72.96 -51.58 31.15
C GLY A 630 73.82 -50.93 32.19
N MET A 631 74.52 -49.84 31.85
CA MET A 631 75.40 -49.14 32.77
C MET A 631 74.68 -48.01 33.51
N THR A 632 73.37 -48.13 33.71
CA THR A 632 72.56 -47.08 34.31
C THR A 632 72.05 -47.52 35.66
N GLU A 633 72.14 -46.63 36.64
CA GLU A 633 71.58 -46.85 37.96
C GLU A 633 70.66 -45.69 38.31
N GLU A 634 69.69 -45.96 39.17
CA GLU A 634 68.69 -44.97 39.56
C GLU A 634 69.05 -44.42 40.94
N VAL A 635 69.84 -43.35 40.95
CA VAL A 635 70.19 -42.67 42.20
C VAL A 635 69.05 -41.71 42.50
N TYR A 636 68.89 -41.31 43.76
CA TYR A 636 67.85 -40.37 44.09
C TYR A 636 68.22 -38.98 43.59
N LEU A 637 67.24 -38.07 43.65
CA LEU A 637 67.38 -36.76 43.02
C LEU A 637 68.45 -35.90 43.67
N ASP A 638 68.55 -35.96 45.01
CA ASP A 638 69.44 -35.07 45.74
C ASP A 638 70.92 -35.38 45.50
N GLU A 639 71.27 -36.62 45.21
CA GLU A 639 72.65 -37.05 45.07
C GLU A 639 73.06 -37.18 43.61
N MET A 640 72.54 -36.28 42.77
CA MET A 640 72.76 -36.37 41.34
C MET A 640 73.88 -35.47 40.84
N VAL A 641 74.44 -34.60 41.69
CA VAL A 641 75.55 -33.77 41.26
C VAL A 641 76.80 -34.60 41.09
N GLY A 642 77.59 -34.29 40.06
CA GLY A 642 78.75 -35.07 39.73
C GLY A 642 78.46 -36.36 39.00
N ARG A 643 77.21 -36.61 38.63
CA ARG A 643 76.82 -37.83 37.95
C ARG A 643 76.37 -37.51 36.53
N ILE A 644 76.71 -38.40 35.60
CA ILE A 644 76.40 -38.21 34.19
C ILE A 644 74.98 -38.73 33.96
N ASN A 645 74.13 -37.88 33.39
CA ASN A 645 72.73 -38.23 33.16
C ASN A 645 72.59 -39.08 31.92
N ALA A 646 71.73 -40.11 32.00
CA ALA A 646 71.52 -41.03 30.89
C ALA A 646 70.23 -40.74 30.13
N ASN A 647 69.19 -40.30 30.81
CA ASN A 647 67.93 -39.95 30.16
C ASN A 647 67.67 -38.45 30.33
N MET A 648 67.02 -37.88 29.33
CA MET A 648 66.73 -36.46 29.32
C MET A 648 65.76 -36.09 30.44
N ILE A 649 66.01 -34.96 31.08
CA ILE A 649 65.11 -34.42 32.09
C ILE A 649 64.35 -33.26 31.45
N LEU A 650 63.02 -33.41 31.36
CA LEU A 650 62.16 -32.43 30.70
C LEU A 650 61.09 -31.99 31.70
N PRO A 651 61.34 -30.90 32.44
CA PRO A 651 60.36 -30.47 33.45
C PRO A 651 59.28 -29.55 32.90
N TYR A 652 58.05 -29.79 33.37
CA TYR A 652 56.94 -28.89 33.11
C TYR A 652 56.58 -28.20 34.42
N PRO A 653 56.76 -26.88 34.58
CA PRO A 653 57.24 -25.83 33.67
C PRO A 653 58.73 -25.95 33.34
N PRO A 654 59.17 -25.41 32.19
CA PRO A 654 58.35 -24.76 31.16
C PRO A 654 57.99 -25.64 29.96
N GLY A 655 58.82 -26.64 29.65
CA GLY A 655 58.59 -27.46 28.49
C GLY A 655 59.75 -27.48 27.51
N VAL A 656 60.94 -27.21 28.02
CA VAL A 656 62.15 -27.19 27.20
C VAL A 656 63.19 -28.09 27.88
N PRO A 657 63.98 -28.86 27.10
CA PRO A 657 64.97 -29.76 27.72
C PRO A 657 66.00 -29.06 28.59
N LEU A 658 65.98 -29.42 29.88
CA LEU A 658 66.84 -28.79 30.87
C LEU A 658 68.19 -29.50 30.98
N VAL A 659 68.17 -30.79 31.30
CA VAL A 659 69.38 -31.62 31.32
C VAL A 659 69.31 -32.59 30.15
N MET A 660 70.34 -32.57 29.32
CA MET A 660 70.43 -33.46 28.18
C MET A 660 71.02 -34.80 28.60
N PRO A 661 70.80 -35.85 27.83
CA PRO A 661 71.50 -37.12 28.10
C PRO A 661 72.99 -36.97 27.86
N GLY A 662 73.79 -37.28 28.88
CA GLY A 662 75.24 -37.19 28.79
C GLY A 662 75.85 -35.95 29.41
N GLU A 663 75.08 -35.17 30.16
CA GLU A 663 75.59 -33.95 30.77
C GLU A 663 75.54 -34.05 32.29
N MET A 664 76.51 -33.40 32.93
CA MET A 664 76.69 -33.47 34.37
C MET A 664 76.25 -32.16 35.02
N ILE A 665 75.55 -32.26 36.14
CA ILE A 665 75.25 -31.10 36.97
C ILE A 665 76.41 -30.89 37.93
N THR A 666 77.16 -29.81 37.72
CA THR A 666 78.31 -29.50 38.55
C THR A 666 77.91 -28.51 39.64
N GLU A 667 78.89 -28.08 40.43
CA GLU A 667 78.61 -27.07 41.46
C GLU A 667 78.28 -25.71 40.86
N GLU A 668 78.75 -25.43 39.64
CA GLU A 668 78.36 -24.21 38.95
C GLU A 668 76.92 -24.23 38.48
N SER A 669 76.31 -25.41 38.40
CA SER A 669 74.94 -25.56 37.94
C SER A 669 74.03 -26.11 39.04
N ARG A 670 74.37 -25.83 40.30
CA ARG A 670 73.50 -26.20 41.41
C ARG A 670 72.08 -25.64 41.36
N PRO A 671 71.81 -24.41 40.88
CA PRO A 671 70.40 -23.98 40.76
C PRO A 671 69.53 -24.87 39.88
N VAL A 672 70.10 -25.64 38.95
CA VAL A 672 69.34 -26.67 38.26
C VAL A 672 68.78 -27.69 39.25
N LEU A 673 69.65 -28.20 40.13
CA LEU A 673 69.22 -29.15 41.15
C LEU A 673 68.24 -28.51 42.13
N GLU A 674 68.46 -27.25 42.49
CA GLU A 674 67.53 -26.54 43.37
C GLU A 674 66.16 -26.39 42.72
N PHE A 675 66.12 -26.08 41.42
CA PHE A 675 64.85 -25.96 40.70
C PHE A 675 64.13 -27.30 40.64
N LEU A 676 64.86 -28.37 40.37
CA LEU A 676 64.25 -29.70 40.29
C LEU A 676 63.68 -30.12 41.65
N GLN A 677 64.47 -29.91 42.71
CA GLN A 677 64.02 -30.25 44.06
C GLN A 677 62.83 -29.39 44.48
N MET A 678 62.84 -28.11 44.12
CA MET A 678 61.72 -27.22 44.43
C MET A 678 60.46 -27.67 43.71
N LEU A 679 60.58 -28.05 42.43
CA LEU A 679 59.43 -28.51 41.68
C LEU A 679 58.86 -29.79 42.26
N CYS A 680 59.73 -30.72 42.67
CA CYS A 680 59.26 -31.94 43.33
C CYS A 680 58.63 -31.64 44.68
N GLU A 681 59.16 -30.64 45.40
CA GLU A 681 58.60 -30.29 46.71
C GLU A 681 57.23 -29.64 46.58
N ILE A 682 57.03 -28.78 45.57
CA ILE A 682 55.74 -28.11 45.46
C ILE A 682 54.70 -28.99 44.78
N GLY A 683 55.11 -29.99 44.00
CA GLY A 683 54.13 -30.83 43.35
C GLY A 683 53.51 -31.90 44.22
N ALA A 684 54.03 -32.10 45.43
CA ALA A 684 53.56 -33.15 46.33
C ALA A 684 52.69 -32.62 47.45
N HIS A 685 51.91 -31.58 47.18
CA HIS A 685 51.00 -31.02 48.18
C HIS A 685 49.54 -31.11 47.77
N TYR A 686 49.21 -30.66 46.56
CA TYR A 686 47.82 -30.55 46.14
C TYR A 686 47.52 -31.52 45.01
N PRO A 687 46.56 -32.41 45.18
CA PRO A 687 46.26 -33.41 44.14
C PRO A 687 45.66 -32.79 42.90
N GLY A 688 45.90 -33.44 41.77
CA GLY A 688 45.49 -32.93 40.48
C GLY A 688 46.46 -31.96 39.85
N PHE A 689 47.42 -31.45 40.62
CA PHE A 689 48.43 -30.55 40.11
C PHE A 689 49.79 -31.23 40.21
N GLU A 690 49.84 -32.50 39.83
CA GLU A 690 50.99 -33.36 40.08
C GLU A 690 52.18 -32.91 39.23
N THR A 691 53.37 -33.33 39.69
CA THR A 691 54.61 -32.94 39.05
C THR A 691 54.74 -33.63 37.70
N ASP A 692 55.04 -32.86 36.66
CA ASP A 692 55.18 -33.38 35.31
C ASP A 692 56.63 -33.15 34.88
N ILE A 693 57.48 -34.12 35.18
CA ILE A 693 58.88 -34.11 34.75
C ILE A 693 59.11 -35.38 33.95
N HIS A 694 59.50 -35.22 32.69
CA HIS A 694 59.83 -36.37 31.86
C HIS A 694 61.30 -36.71 32.05
N GLY A 695 61.55 -37.84 32.72
CA GLY A 695 62.90 -38.26 33.02
C GLY A 695 63.06 -38.64 34.48
N ALA A 696 62.39 -37.90 35.36
CA ALA A 696 62.38 -38.21 36.78
C ALA A 696 61.21 -39.11 37.11
N TYR A 697 61.49 -40.19 37.82
CA TYR A 697 60.52 -41.25 38.08
C TYR A 697 60.06 -41.18 39.53
N ARG A 698 58.75 -41.15 39.73
CA ARG A 698 58.18 -40.99 41.06
C ARG A 698 58.31 -42.29 41.84
N GLN A 699 58.74 -42.19 43.09
CA GLN A 699 58.77 -43.32 44.00
C GLN A 699 57.61 -43.22 44.99
N ALA A 700 57.46 -44.25 45.82
CA ALA A 700 56.36 -44.29 46.77
C ALA A 700 56.56 -43.34 47.94
N ASP A 701 57.80 -43.15 48.39
CA ASP A 701 58.06 -42.31 49.54
C ASP A 701 57.92 -40.82 49.24
N GLY A 702 57.99 -40.42 47.97
CA GLY A 702 57.87 -39.04 47.59
C GLY A 702 59.14 -38.37 47.09
N ARG A 703 60.23 -39.11 46.92
CA ARG A 703 61.47 -38.58 46.39
C ARG A 703 61.76 -39.23 45.05
N TYR A 704 62.08 -38.43 44.05
CA TYR A 704 62.17 -38.88 42.67
C TYR A 704 63.57 -39.41 42.37
N THR A 705 63.66 -40.20 41.30
CA THR A 705 64.91 -40.82 40.87
C THR A 705 65.18 -40.47 39.42
N VAL A 706 66.45 -40.35 39.07
CA VAL A 706 66.91 -40.05 37.72
C VAL A 706 67.95 -41.09 37.32
N LYS A 707 67.79 -41.67 36.14
CA LYS A 707 68.73 -42.67 35.66
C LYS A 707 70.05 -42.01 35.28
N VAL A 708 71.08 -42.27 36.07
CA VAL A 708 72.42 -41.76 35.80
C VAL A 708 73.31 -42.93 35.41
N LEU A 709 74.52 -42.62 34.94
CA LEU A 709 75.46 -43.64 34.52
C LEU A 709 76.29 -44.13 35.69
N LYS A 710 76.71 -45.39 35.60
CA LYS A 710 77.55 -45.99 36.63
C LYS A 710 78.96 -45.43 36.55
N GLU A 711 79.69 -45.58 37.66
CA GLU A 711 81.05 -45.07 37.74
C GLU A 711 82.07 -46.18 37.53
N MET B 1 -30.93 -25.53 -15.44
CA MET B 1 -31.08 -24.69 -14.27
C MET B 1 -30.47 -25.31 -13.02
N ASN B 2 -29.16 -25.16 -12.87
CA ASN B 2 -28.50 -25.56 -11.64
C ASN B 2 -27.38 -24.60 -11.25
N VAL B 3 -27.43 -23.40 -11.83
CA VAL B 3 -26.34 -22.43 -11.57
C VAL B 3 -26.92 -21.31 -10.72
N ILE B 4 -26.43 -21.10 -9.50
CA ILE B 4 -27.00 -20.10 -8.55
C ILE B 4 -25.86 -19.21 -8.14
N ALA B 5 -25.93 -17.92 -8.39
CA ALA B 5 -24.73 -17.09 -8.28
C ALA B 5 -24.76 -16.26 -7.01
N ILE B 6 -23.71 -16.36 -6.23
CA ILE B 6 -23.64 -15.63 -4.93
C ILE B 6 -22.76 -14.42 -5.19
N LEU B 7 -23.16 -13.24 -4.71
CA LEU B 7 -22.29 -12.05 -4.83
C LEU B 7 -21.20 -12.06 -3.76
N ASN B 8 -20.36 -11.02 -3.73
CA ASN B 8 -19.06 -11.01 -3.02
C ASN B 8 -18.96 -11.20 -1.51
N HIS B 9 -17.73 -11.37 -1.05
CA HIS B 9 -17.46 -11.58 0.39
C HIS B 9 -17.38 -10.22 1.08
N MET B 10 -18.35 -9.94 1.94
CA MET B 10 -18.40 -8.64 2.63
C MET B 10 -17.16 -8.48 3.49
N GLY B 11 -16.80 -9.52 4.25
CA GLY B 11 -15.67 -9.42 5.19
C GLY B 11 -16.04 -9.82 6.60
N VAL B 12 -17.22 -9.47 7.07
CA VAL B 12 -17.58 -9.87 8.42
C VAL B 12 -18.14 -11.29 8.40
N TYR B 13 -18.05 -11.96 9.55
CA TYR B 13 -18.28 -13.39 9.65
C TYR B 13 -19.74 -13.79 9.69
N PHE B 14 -20.60 -12.98 10.34
CA PHE B 14 -21.97 -13.41 10.59
C PHE B 14 -22.81 -13.48 9.33
N LYS B 15 -22.36 -12.81 8.25
CA LYS B 15 -23.01 -12.93 6.95
C LYS B 15 -22.10 -13.60 5.93
N GLU B 16 -21.12 -14.36 6.39
CA GLU B 16 -20.30 -15.18 5.51
C GLU B 16 -20.37 -16.66 5.84
N GLU B 17 -20.31 -17.02 7.12
CA GLU B 17 -20.45 -18.42 7.51
C GLU B 17 -21.85 -18.98 7.18
N PRO B 18 -22.96 -18.25 7.40
CA PRO B 18 -24.22 -18.73 6.80
C PRO B 18 -24.18 -18.84 5.30
N ILE B 19 -23.45 -17.96 4.61
CA ILE B 19 -23.33 -18.07 3.16
C ILE B 19 -22.53 -19.31 2.78
N ARG B 20 -21.47 -19.63 3.53
CA ARG B 20 -20.73 -20.85 3.25
C ARG B 20 -21.54 -22.10 3.56
N GLU B 21 -22.34 -22.08 4.62
CA GLU B 21 -23.23 -23.20 4.91
C GLU B 21 -24.29 -23.36 3.82
N LEU B 22 -24.82 -22.25 3.31
CA LEU B 22 -25.77 -22.33 2.19
C LEU B 22 -25.09 -22.82 0.91
N HIS B 23 -23.82 -22.44 0.70
CA HIS B 23 -23.02 -22.97 -0.40
C HIS B 23 -22.94 -24.49 -0.30
N ARG B 24 -22.57 -24.99 0.88
CA ARG B 24 -22.43 -26.43 1.07
C ARG B 24 -23.76 -27.15 0.89
N ALA B 25 -24.85 -26.59 1.42
CA ALA B 25 -26.16 -27.20 1.28
C ALA B 25 -26.64 -27.19 -0.18
N LEU B 26 -26.38 -26.11 -0.92
CA LEU B 26 -26.79 -26.07 -2.31
C LEU B 26 -25.97 -27.02 -3.18
N GLU B 27 -24.68 -27.18 -2.90
CA GLU B 27 -23.91 -28.21 -3.59
C GLU B 27 -24.39 -29.60 -3.21
N ARG B 28 -24.88 -29.78 -1.98
CA ARG B 28 -25.50 -31.04 -1.61
C ARG B 28 -26.81 -31.26 -2.36
N LEU B 29 -27.50 -30.18 -2.74
CA LEU B 29 -28.73 -30.26 -3.51
C LEU B 29 -28.49 -30.20 -5.01
N ASN B 30 -27.27 -30.52 -5.47
CA ASN B 30 -26.91 -30.63 -6.88
C ASN B 30 -27.10 -29.31 -7.63
N PHE B 31 -26.59 -28.23 -7.05
CA PHE B 31 -26.54 -26.93 -7.71
C PHE B 31 -25.10 -26.50 -7.89
N GLN B 32 -24.73 -26.19 -9.14
CA GLN B 32 -23.45 -25.56 -9.40
C GLN B 32 -23.48 -24.13 -8.88
N ILE B 33 -22.38 -23.71 -8.24
CA ILE B 33 -22.30 -22.40 -7.61
C ILE B 33 -21.24 -21.59 -8.33
N VAL B 34 -21.61 -20.40 -8.78
CA VAL B 34 -20.68 -19.48 -9.39
C VAL B 34 -20.50 -18.28 -8.48
N TYR B 35 -19.34 -17.63 -8.62
CA TYR B 35 -18.94 -16.52 -7.73
C TYR B 35 -18.52 -15.31 -8.55
N PRO B 36 -19.49 -14.53 -9.04
CA PRO B 36 -19.15 -13.24 -9.65
C PRO B 36 -18.58 -12.29 -8.61
N ASN B 37 -17.57 -11.52 -9.03
CA ASN B 37 -16.84 -10.68 -8.08
C ASN B 37 -17.62 -9.46 -7.66
N ASP B 38 -18.31 -8.80 -8.59
CA ASP B 38 -19.04 -7.58 -8.26
C ASP B 38 -20.26 -7.47 -9.17
N ARG B 39 -20.87 -6.28 -9.20
CA ARG B 39 -22.14 -6.08 -9.87
C ARG B 39 -22.05 -6.26 -11.39
N ASP B 40 -21.11 -5.58 -12.04
CA ASP B 40 -20.97 -5.69 -13.49
C ASP B 40 -20.59 -7.10 -13.90
N ASP B 41 -19.86 -7.80 -13.04
CA ASP B 41 -19.61 -9.22 -13.26
C ASP B 41 -20.91 -10.01 -13.32
N LEU B 42 -21.86 -9.70 -12.43
CA LEU B 42 -23.15 -10.38 -12.46
C LEU B 42 -23.94 -10.04 -13.72
N LEU B 43 -23.93 -8.76 -14.14
CA LEU B 43 -24.63 -8.37 -15.36
C LEU B 43 -24.09 -9.13 -16.58
N LYS B 44 -22.77 -9.15 -16.74
CA LYS B 44 -22.17 -9.89 -17.84
C LYS B 44 -22.41 -11.39 -17.74
N LEU B 45 -22.35 -11.95 -16.52
CA LEU B 45 -22.61 -13.36 -16.32
C LEU B 45 -24.02 -13.74 -16.71
N ILE B 46 -24.99 -12.88 -16.42
CA ILE B 46 -26.36 -13.20 -16.79
C ILE B 46 -26.58 -13.04 -18.30
N GLU B 47 -25.97 -12.03 -18.95
CA GLU B 47 -26.24 -11.90 -20.38
C GLU B 47 -25.52 -12.97 -21.19
N ASN B 48 -24.34 -13.39 -20.76
CA ASN B 48 -23.60 -14.39 -21.52
C ASN B 48 -24.11 -15.80 -21.33
N ASN B 49 -24.98 -16.04 -20.35
CA ASN B 49 -25.44 -17.38 -20.03
C ASN B 49 -26.95 -17.43 -19.99
N ALA B 50 -27.47 -18.64 -19.89
CA ALA B 50 -28.89 -18.85 -19.68
C ALA B 50 -29.19 -19.93 -18.64
N ARG B 51 -28.23 -20.77 -18.30
CA ARG B 51 -28.43 -21.83 -17.32
C ARG B 51 -28.50 -21.30 -15.89
N LEU B 52 -28.19 -20.03 -15.68
CA LEU B 52 -28.26 -19.45 -14.34
C LEU B 52 -29.71 -19.32 -13.92
N CYS B 53 -30.01 -19.81 -12.71
CA CYS B 53 -31.39 -19.89 -12.23
C CYS B 53 -31.54 -19.27 -10.85
N GLY B 54 -30.65 -18.36 -10.47
CA GLY B 54 -30.73 -17.77 -9.15
C GLY B 54 -29.55 -16.91 -8.82
N VAL B 55 -29.81 -15.76 -8.19
CA VAL B 55 -28.76 -14.87 -7.73
C VAL B 55 -28.97 -14.66 -6.25
N ILE B 56 -27.94 -14.90 -5.46
CA ILE B 56 -27.95 -14.61 -4.05
C ILE B 56 -27.05 -13.41 -3.83
N PHE B 57 -27.60 -12.37 -3.21
CA PHE B 57 -26.82 -11.18 -2.95
C PHE B 57 -27.27 -10.59 -1.62
N ASP B 58 -26.39 -9.80 -1.03
CA ASP B 58 -26.69 -9.11 0.21
C ASP B 58 -27.43 -7.83 -0.13
N TRP B 59 -28.44 -7.51 0.69
CA TRP B 59 -29.28 -6.35 0.45
C TRP B 59 -28.67 -5.07 1.00
N ASP B 60 -27.48 -5.14 1.63
CA ASP B 60 -26.88 -3.93 2.14
C ASP B 60 -25.95 -3.28 1.12
N LYS B 61 -24.92 -4.01 0.69
CA LYS B 61 -23.93 -3.41 -0.21
C LYS B 61 -24.46 -3.24 -1.63
N TYR B 62 -25.49 -3.97 -2.02
CA TYR B 62 -26.09 -3.85 -3.34
C TYR B 62 -27.56 -3.49 -3.18
N ASN B 63 -27.96 -2.38 -3.80
CA ASN B 63 -29.30 -1.86 -3.65
C ASN B 63 -30.26 -2.66 -4.53
N LEU B 64 -31.50 -2.23 -4.60
CA LEU B 64 -32.55 -2.95 -5.32
C LEU B 64 -32.63 -2.55 -6.78
N GLU B 65 -31.79 -1.63 -7.24
CA GLU B 65 -31.68 -1.37 -8.67
C GLU B 65 -30.98 -2.51 -9.39
N LEU B 66 -30.15 -3.27 -8.68
CA LEU B 66 -29.69 -4.58 -9.14
C LEU B 66 -30.71 -5.66 -8.79
N CYS B 67 -31.97 -5.33 -9.09
CA CYS B 67 -33.03 -6.30 -9.24
C CYS B 67 -33.76 -5.87 -10.50
N GLU B 68 -33.81 -4.56 -10.70
CA GLU B 68 -34.49 -3.99 -11.85
C GLU B 68 -33.68 -4.19 -13.12
N GLU B 69 -32.36 -4.09 -13.04
CA GLU B 69 -31.54 -4.35 -14.22
C GLU B 69 -31.65 -5.80 -14.67
N ILE B 70 -31.63 -6.73 -13.71
CA ILE B 70 -31.82 -8.14 -14.04
C ILE B 70 -33.23 -8.40 -14.55
N SER B 71 -34.21 -7.66 -14.04
CA SER B 71 -35.57 -7.74 -14.56
C SER B 71 -35.65 -7.30 -16.03
N LYS B 72 -34.95 -6.23 -16.38
CA LYS B 72 -34.84 -5.87 -17.79
C LYS B 72 -34.11 -6.95 -18.58
N MET B 73 -33.23 -7.70 -17.93
CA MET B 73 -32.54 -8.80 -18.61
C MET B 73 -33.38 -10.07 -18.61
N ASN B 74 -34.00 -10.41 -17.48
CA ASN B 74 -34.89 -11.56 -17.41
C ASN B 74 -35.92 -11.31 -16.31
N GLU B 75 -37.20 -11.32 -16.67
CA GLU B 75 -38.24 -10.95 -15.73
C GLU B 75 -38.48 -12.04 -14.69
N ASN B 76 -38.40 -13.30 -15.07
CA ASN B 76 -38.80 -14.40 -14.20
C ASN B 76 -37.67 -14.97 -13.37
N LEU B 77 -36.47 -14.41 -13.46
CA LEU B 77 -35.32 -14.99 -12.78
C LEU B 77 -35.44 -14.80 -11.28
N PRO B 78 -35.41 -15.87 -10.49
CA PRO B 78 -35.45 -15.72 -9.04
C PRO B 78 -34.13 -15.17 -8.52
N LEU B 79 -34.22 -14.21 -7.62
CA LEU B 79 -33.04 -13.69 -6.96
C LEU B 79 -33.32 -13.71 -5.46
N TYR B 80 -32.28 -13.89 -4.65
CA TYR B 80 -32.47 -14.12 -3.22
C TYR B 80 -31.74 -13.05 -2.42
N ALA B 81 -32.44 -11.97 -2.09
CA ALA B 81 -31.85 -10.91 -1.29
C ALA B 81 -31.76 -11.34 0.17
N PHE B 82 -30.65 -11.02 0.81
CA PHE B 82 -30.42 -11.36 2.21
C PHE B 82 -30.52 -10.09 3.04
N ALA B 83 -31.49 -10.05 3.95
CA ALA B 83 -31.81 -8.83 4.69
C ALA B 83 -31.06 -8.81 6.02
N ASN B 84 -30.19 -7.82 6.19
CA ASN B 84 -29.48 -7.65 7.46
C ASN B 84 -29.78 -6.30 8.12
N THR B 85 -29.51 -5.19 7.43
CA THR B 85 -29.54 -3.86 8.03
C THR B 85 -30.77 -3.07 7.64
N TYR B 86 -31.11 -3.04 6.36
CA TYR B 86 -32.38 -2.49 5.94
C TYR B 86 -33.51 -3.34 6.52
N SER B 87 -34.46 -2.67 7.13
CA SER B 87 -35.51 -3.32 7.88
C SER B 87 -36.62 -3.78 6.94
N THR B 88 -37.80 -4.06 7.50
CA THR B 88 -38.96 -4.26 6.66
C THR B 88 -39.27 -3.00 5.86
N LEU B 89 -39.12 -1.82 6.48
CA LEU B 89 -39.62 -0.54 5.98
C LEU B 89 -38.98 -0.07 4.69
N ASP B 90 -37.87 -0.63 4.25
CA ASP B 90 -37.09 -0.05 3.16
C ASP B 90 -37.39 -0.68 1.81
N VAL B 91 -38.66 -1.03 1.56
CA VAL B 91 -39.02 -1.73 0.34
C VAL B 91 -40.10 -0.93 -0.39
N SER B 92 -39.87 -0.68 -1.68
CA SER B 92 -40.84 0.00 -2.53
C SER B 92 -41.71 -1.01 -3.27
N LEU B 93 -42.69 -0.49 -4.01
CA LEU B 93 -43.57 -1.36 -4.79
C LEU B 93 -42.83 -2.06 -5.93
N ASN B 94 -41.95 -1.33 -6.63
CA ASN B 94 -41.21 -1.92 -7.74
C ASN B 94 -40.29 -3.04 -7.29
N ASP B 95 -39.84 -3.01 -6.04
CA ASP B 95 -39.12 -4.17 -5.49
C ASP B 95 -40.06 -5.36 -5.32
N LEU B 96 -41.26 -5.12 -4.79
CA LEU B 96 -42.26 -6.16 -4.60
C LEU B 96 -42.77 -6.76 -5.90
N ARG B 97 -42.65 -6.05 -7.01
CA ARG B 97 -43.11 -6.61 -8.28
C ARG B 97 -42.05 -7.47 -8.95
N LEU B 98 -40.89 -7.62 -8.31
CA LEU B 98 -39.83 -8.40 -8.91
C LEU B 98 -39.74 -9.78 -8.27
N GLN B 99 -39.02 -10.67 -8.94
CA GLN B 99 -38.80 -12.03 -8.43
C GLN B 99 -37.62 -12.02 -7.46
N ILE B 100 -37.88 -11.59 -6.23
CA ILE B 100 -36.89 -11.63 -5.16
C ILE B 100 -37.57 -12.40 -4.05
N SER B 101 -36.83 -13.23 -3.33
CA SER B 101 -37.31 -13.79 -2.07
C SER B 101 -36.31 -13.45 -0.97
N PHE B 102 -36.80 -12.85 0.12
CA PHE B 102 -35.92 -12.32 1.17
C PHE B 102 -35.57 -13.41 2.18
N PHE B 103 -34.33 -13.39 2.65
CA PHE B 103 -33.84 -14.31 3.66
C PHE B 103 -33.06 -13.54 4.72
N GLU B 104 -32.57 -14.28 5.73
CA GLU B 104 -31.84 -13.70 6.84
C GLU B 104 -30.55 -14.48 7.06
N TYR B 105 -29.65 -13.88 7.83
CA TYR B 105 -28.35 -14.47 8.12
C TYR B 105 -28.42 -15.15 9.49
N ALA B 106 -28.68 -16.45 9.49
CA ALA B 106 -28.75 -17.21 10.73
C ALA B 106 -27.87 -18.45 10.60
N LEU B 107 -27.10 -18.72 11.67
CA LEU B 107 -26.23 -19.89 11.69
C LEU B 107 -27.05 -21.15 11.89
N GLY B 108 -26.77 -22.17 11.08
CA GLY B 108 -27.44 -23.44 11.19
C GLY B 108 -28.78 -23.53 10.50
N ALA B 109 -29.25 -22.45 9.89
CA ALA B 109 -30.53 -22.44 9.19
C ALA B 109 -30.36 -22.57 7.68
N ALA B 110 -29.22 -23.07 7.23
CA ALA B 110 -28.96 -23.18 5.80
C ALA B 110 -29.76 -24.28 5.14
N GLU B 111 -30.22 -25.29 5.90
CA GLU B 111 -30.97 -26.38 5.28
C GLU B 111 -32.33 -25.91 4.80
N ASP B 112 -33.06 -25.16 5.62
CA ASP B 112 -34.37 -24.66 5.20
C ASP B 112 -34.24 -23.64 4.10
N ILE B 113 -33.19 -22.80 4.14
CA ILE B 113 -32.95 -21.83 3.08
C ILE B 113 -32.66 -22.54 1.76
N ALA B 114 -31.84 -23.58 1.81
CA ALA B 114 -31.53 -24.34 0.59
C ALA B 114 -32.76 -25.07 0.05
N ASN B 115 -33.60 -25.61 0.93
CA ASN B 115 -34.84 -26.24 0.47
C ASN B 115 -35.77 -25.22 -0.16
N LYS B 116 -35.88 -24.02 0.42
CA LYS B 116 -36.68 -22.97 -0.19
C LYS B 116 -36.10 -22.52 -1.53
N ILE B 117 -34.78 -22.49 -1.65
CA ILE B 117 -34.14 -22.13 -2.92
C ILE B 117 -34.42 -23.19 -3.98
N LYS B 118 -34.36 -24.47 -3.60
CA LYS B 118 -34.68 -25.54 -4.54
C LYS B 118 -36.13 -25.48 -4.98
N GLN B 119 -37.04 -25.21 -4.04
CA GLN B 119 -38.45 -25.06 -4.38
C GLN B 119 -38.70 -23.86 -5.29
N THR B 120 -38.01 -22.75 -5.04
CA THR B 120 -38.16 -21.56 -5.89
C THR B 120 -37.63 -21.83 -7.29
N THR B 121 -36.51 -22.55 -7.41
CA THR B 121 -36.00 -22.93 -8.72
C THR B 121 -36.96 -23.86 -9.44
N ASP B 122 -37.58 -24.80 -8.73
CA ASP B 122 -38.58 -25.67 -9.34
C ASP B 122 -39.79 -24.87 -9.82
N GLU B 123 -40.23 -23.89 -9.02
CA GLU B 123 -41.31 -23.00 -9.44
C GLU B 123 -40.93 -22.20 -10.68
N TYR B 124 -39.70 -21.73 -10.74
CA TYR B 124 -39.22 -20.98 -11.90
C TYR B 124 -39.21 -21.84 -13.16
N ILE B 125 -38.75 -23.08 -13.03
CA ILE B 125 -38.73 -24.00 -14.17
C ILE B 125 -40.15 -24.32 -14.62
N ASN B 126 -41.05 -24.59 -13.68
CA ASN B 126 -42.43 -24.87 -14.01
C ASN B 126 -43.20 -23.62 -14.42
N THR B 127 -42.63 -22.44 -14.24
CA THR B 127 -43.25 -21.20 -14.70
C THR B 127 -42.86 -20.88 -16.13
N ILE B 128 -41.57 -20.92 -16.45
CA ILE B 128 -41.15 -20.54 -17.80
C ILE B 128 -41.43 -21.61 -18.84
N LEU B 129 -41.66 -22.85 -18.42
CA LEU B 129 -41.87 -23.91 -19.41
C LEU B 129 -43.29 -23.84 -19.96
N PRO B 130 -43.47 -24.12 -21.26
CA PRO B 130 -44.81 -24.25 -21.80
C PRO B 130 -45.46 -25.53 -21.29
N PRO B 131 -46.80 -25.60 -21.28
CA PRO B 131 -47.46 -26.70 -20.55
C PRO B 131 -47.24 -28.08 -21.14
N LEU B 132 -47.22 -28.24 -22.46
CA LEU B 132 -47.04 -29.58 -23.00
C LEU B 132 -45.60 -30.05 -22.85
N THR B 133 -44.62 -29.17 -23.03
CA THR B 133 -43.24 -29.54 -22.76
C THR B 133 -43.03 -29.83 -21.28
N LYS B 134 -43.70 -29.08 -20.42
CA LYS B 134 -43.67 -29.35 -18.98
C LYS B 134 -44.20 -30.74 -18.67
N ALA B 135 -45.34 -31.10 -19.27
CA ALA B 135 -45.93 -32.40 -19.05
C ALA B 135 -45.08 -33.53 -19.63
N LEU B 136 -44.46 -33.30 -20.79
CA LEU B 136 -43.58 -34.31 -21.37
C LEU B 136 -42.34 -34.53 -20.52
N PHE B 137 -41.75 -33.44 -20.02
CA PHE B 137 -40.61 -33.57 -19.11
C PHE B 137 -40.99 -34.28 -17.83
N LYS B 138 -42.18 -33.97 -17.29
CA LYS B 138 -42.66 -34.65 -16.11
C LYS B 138 -42.86 -36.14 -16.36
N TYR B 139 -43.44 -36.49 -17.52
CA TYR B 139 -43.67 -37.89 -17.85
C TYR B 139 -42.36 -38.66 -18.00
N VAL B 140 -41.36 -38.05 -18.64
CA VAL B 140 -40.07 -38.72 -18.77
C VAL B 140 -39.39 -38.85 -17.41
N ARG B 141 -39.51 -37.83 -16.55
CA ARG B 141 -38.93 -37.91 -15.20
C ARG B 141 -39.56 -39.01 -14.36
N GLU B 142 -40.87 -39.22 -14.48
CA GLU B 142 -41.54 -40.30 -13.79
C GLU B 142 -41.57 -41.58 -14.62
N GLY B 143 -40.56 -41.77 -15.46
CA GLY B 143 -40.52 -42.73 -16.56
C GLY B 143 -41.04 -44.12 -16.28
N LYS B 144 -42.15 -44.44 -16.93
CA LYS B 144 -42.89 -45.68 -16.71
C LYS B 144 -42.59 -46.65 -17.84
N TYR B 145 -42.70 -47.94 -17.52
CA TYR B 145 -42.61 -48.96 -18.54
C TYR B 145 -43.81 -48.86 -19.47
N THR B 146 -43.62 -49.25 -20.72
CA THR B 146 -44.70 -49.15 -21.69
C THR B 146 -44.72 -50.40 -22.56
N PHE B 147 -45.92 -50.76 -22.99
CA PHE B 147 -46.15 -51.90 -23.87
C PHE B 147 -46.84 -51.47 -25.15
N CYS B 148 -46.65 -50.23 -25.55
CA CYS B 148 -47.33 -49.64 -26.69
C CYS B 148 -46.33 -49.14 -27.72
N THR B 149 -46.85 -48.66 -28.83
CA THR B 149 -46.01 -48.01 -29.83
C THR B 149 -45.46 -46.70 -29.27
N PRO B 150 -44.23 -46.32 -29.62
CA PRO B 150 -43.24 -46.89 -30.54
C PRO B 150 -42.57 -48.14 -30.02
N GLY B 151 -41.92 -48.88 -30.92
CA GLY B 151 -41.36 -50.18 -30.57
C GLY B 151 -40.13 -50.13 -29.70
N HIS B 152 -39.39 -49.02 -29.69
CA HIS B 152 -38.20 -48.98 -28.84
C HIS B 152 -38.57 -48.85 -27.38
N MET B 153 -39.72 -48.24 -27.08
CA MET B 153 -40.32 -48.21 -25.73
C MET B 153 -39.37 -47.59 -24.71
N GLY B 154 -39.08 -46.30 -24.91
CA GLY B 154 -38.12 -45.64 -24.06
C GLY B 154 -36.69 -45.88 -24.45
N GLY B 155 -36.45 -46.37 -25.66
CA GLY B 155 -35.10 -46.61 -26.13
C GLY B 155 -34.45 -47.85 -25.60
N THR B 156 -35.20 -48.76 -24.99
CA THR B 156 -34.63 -49.99 -24.45
C THR B 156 -34.44 -51.06 -25.51
N ALA B 157 -34.87 -50.82 -26.74
CA ALA B 157 -34.48 -51.67 -27.85
C ALA B 157 -33.10 -51.31 -28.38
N PHE B 158 -32.70 -50.05 -28.28
CA PHE B 158 -31.37 -49.61 -28.67
C PHE B 158 -30.30 -49.99 -27.66
N GLN B 159 -30.67 -50.43 -26.47
CA GLN B 159 -29.69 -50.86 -25.49
C GLN B 159 -29.29 -52.32 -25.66
N LYS B 160 -29.79 -52.98 -26.71
CA LYS B 160 -29.55 -54.41 -26.89
C LYS B 160 -29.05 -54.74 -28.30
N SER B 161 -28.38 -53.80 -28.96
CA SER B 161 -27.82 -54.03 -30.28
C SER B 161 -26.60 -53.15 -30.45
N PRO B 162 -25.57 -53.61 -31.16
CA PRO B 162 -24.34 -52.79 -31.28
C PRO B 162 -24.56 -51.49 -32.04
N VAL B 163 -25.13 -51.56 -33.25
CA VAL B 163 -25.45 -50.33 -33.96
C VAL B 163 -26.56 -49.56 -33.24
N GLY B 164 -27.49 -50.29 -32.61
CA GLY B 164 -28.46 -49.64 -31.76
C GLY B 164 -27.83 -48.95 -30.57
N SER B 165 -26.79 -49.55 -30.00
CA SER B 165 -26.11 -48.89 -28.88
C SER B 165 -25.31 -47.68 -29.35
N LEU B 166 -24.77 -47.71 -30.57
CA LEU B 166 -24.14 -46.51 -31.11
C LEU B 166 -25.15 -45.40 -31.28
N PHE B 167 -26.33 -45.72 -31.80
CA PHE B 167 -27.39 -44.72 -31.94
C PHE B 167 -27.82 -44.16 -30.59
N TYR B 168 -27.97 -45.04 -29.60
CA TYR B 168 -28.36 -44.64 -28.26
C TYR B 168 -27.30 -43.78 -27.56
N ASP B 169 -26.04 -44.15 -27.70
CA ASP B 169 -24.96 -43.35 -27.14
C ASP B 169 -24.79 -42.01 -27.84
N PHE B 170 -25.13 -41.93 -29.13
CA PHE B 170 -25.11 -40.64 -29.79
C PHE B 170 -26.24 -39.75 -29.28
N PHE B 171 -27.48 -40.22 -29.38
CA PHE B 171 -28.60 -39.34 -29.07
C PHE B 171 -28.77 -39.11 -27.58
N GLY B 172 -28.54 -40.12 -26.76
CA GLY B 172 -28.71 -39.98 -25.34
C GLY B 172 -30.09 -40.40 -24.90
N PRO B 173 -30.27 -40.68 -23.61
CA PRO B 173 -31.48 -41.38 -23.15
C PRO B 173 -32.75 -40.54 -23.18
N ASN B 174 -32.62 -39.26 -22.86
CA ASN B 174 -33.79 -38.41 -22.70
C ASN B 174 -34.54 -38.16 -24.00
N THR B 175 -33.85 -38.16 -25.13
CA THR B 175 -34.54 -38.05 -26.41
C THR B 175 -35.04 -39.37 -26.94
N MET B 176 -34.71 -40.48 -26.27
CA MET B 176 -35.36 -41.75 -26.59
C MET B 176 -36.62 -41.94 -25.76
N LYS B 177 -36.56 -41.59 -24.48
CA LYS B 177 -37.77 -41.67 -23.65
C LYS B 177 -38.81 -40.64 -24.03
N SER B 178 -38.41 -39.55 -24.68
CA SER B 178 -39.35 -38.49 -25.06
C SER B 178 -40.19 -38.86 -26.27
N ASP B 179 -39.91 -39.98 -26.93
CA ASP B 179 -40.68 -40.39 -28.09
C ASP B 179 -41.70 -41.42 -27.64
N ILE B 180 -42.96 -40.97 -27.52
CA ILE B 180 -44.07 -41.82 -27.16
C ILE B 180 -45.22 -41.55 -28.13
N SER B 181 -46.35 -42.22 -27.90
CA SER B 181 -47.48 -42.08 -28.80
C SER B 181 -48.74 -41.68 -28.06
N ILE B 182 -49.88 -41.69 -28.77
CA ILE B 182 -51.15 -41.25 -28.21
C ILE B 182 -51.72 -42.20 -27.18
N SER B 183 -51.12 -43.38 -27.01
CA SER B 183 -51.59 -44.33 -26.01
C SER B 183 -51.36 -43.84 -24.58
N VAL B 184 -50.38 -42.95 -24.38
CA VAL B 184 -50.19 -42.31 -23.10
C VAL B 184 -51.28 -41.27 -22.93
N SER B 185 -52.30 -41.60 -22.13
CA SER B 185 -53.52 -40.80 -22.10
C SER B 185 -53.34 -39.47 -21.38
N GLU B 186 -52.32 -39.31 -20.55
CA GLU B 186 -52.19 -38.09 -19.77
C GLU B 186 -51.64 -36.92 -20.56
N LEU B 187 -51.08 -37.15 -21.75
CA LEU B 187 -50.61 -36.07 -22.60
C LEU B 187 -51.63 -35.66 -23.65
N GLY B 188 -52.82 -36.24 -23.63
CA GLY B 188 -53.82 -35.91 -24.63
C GLY B 188 -53.43 -36.45 -26.00
N SER B 189 -53.86 -35.74 -27.04
CA SER B 189 -53.56 -36.15 -28.40
C SER B 189 -53.54 -34.92 -29.29
N LEU B 190 -52.56 -34.87 -30.20
CA LEU B 190 -52.47 -33.76 -31.15
C LEU B 190 -53.67 -33.76 -32.09
N LEU B 191 -54.10 -34.95 -32.52
CA LEU B 191 -55.12 -35.07 -33.55
C LEU B 191 -56.48 -34.58 -33.07
N ASP B 192 -56.83 -34.85 -31.83
CA ASP B 192 -58.13 -34.48 -31.30
C ASP B 192 -58.12 -33.15 -30.54
N HIS B 193 -56.94 -32.55 -30.37
CA HIS B 193 -56.77 -31.26 -29.68
C HIS B 193 -57.33 -31.31 -28.26
N SER B 194 -56.74 -32.17 -27.44
CA SER B 194 -57.23 -32.44 -26.11
C SER B 194 -56.12 -32.32 -25.08
N GLY B 195 -56.48 -31.86 -23.89
CA GLY B 195 -55.59 -31.82 -22.75
C GLY B 195 -54.41 -30.90 -22.92
N PRO B 196 -53.21 -31.42 -22.63
CA PRO B 196 -51.99 -30.60 -22.79
C PRO B 196 -51.77 -30.12 -24.20
N HIS B 197 -52.17 -30.90 -25.21
CA HIS B 197 -52.09 -30.40 -26.57
C HIS B 197 -52.99 -29.19 -26.76
N LYS B 198 -54.24 -29.23 -26.32
CA LYS B 198 -55.16 -28.11 -26.51
C LYS B 198 -54.67 -26.86 -25.80
N GLU B 199 -54.13 -27.03 -24.59
CA GLU B 199 -53.47 -25.92 -23.92
C GLU B 199 -52.29 -25.40 -24.73
N ALA B 200 -51.58 -26.29 -25.43
CA ALA B 200 -50.47 -25.85 -26.27
C ALA B 200 -50.95 -25.02 -27.47
N GLU B 201 -52.01 -25.47 -28.18
CA GLU B 201 -52.45 -24.63 -29.30
C GLU B 201 -53.06 -23.32 -28.82
N GLN B 202 -53.72 -23.30 -27.66
CA GLN B 202 -54.17 -22.00 -27.16
C GLN B 202 -52.99 -21.10 -26.79
N TYR B 203 -51.92 -21.68 -26.25
CA TYR B 203 -50.71 -20.93 -25.93
C TYR B 203 -50.07 -20.35 -27.19
N ILE B 204 -50.00 -21.15 -28.26
CA ILE B 204 -49.51 -20.68 -29.55
C ILE B 204 -50.40 -19.57 -30.10
N ALA B 205 -51.72 -19.69 -29.90
CA ALA B 205 -52.65 -18.66 -30.35
C ALA B 205 -52.42 -17.34 -29.62
N ARG B 206 -52.16 -17.37 -28.33
CA ARG B 206 -51.89 -16.09 -27.64
C ARG B 206 -50.62 -15.56 -28.25
N VAL B 207 -49.55 -16.35 -28.22
CA VAL B 207 -48.23 -15.78 -28.47
C VAL B 207 -48.18 -15.05 -29.81
N PHE B 208 -48.68 -15.67 -30.87
CA PHE B 208 -48.52 -15.18 -32.23
C PHE B 208 -49.62 -14.25 -32.70
N ASN B 209 -50.53 -13.85 -31.80
CA ASN B 209 -51.66 -12.97 -32.11
C ASN B 209 -52.51 -13.55 -33.24
N ALA B 210 -53.08 -14.72 -32.98
CA ALA B 210 -53.95 -15.39 -33.92
C ALA B 210 -55.15 -15.95 -33.18
N ASP B 211 -56.24 -16.13 -33.92
CA ASP B 211 -57.46 -16.67 -33.32
C ASP B 211 -57.29 -18.15 -33.00
N ARG B 212 -57.09 -18.97 -34.01
CA ARG B 212 -56.86 -20.40 -33.85
C ARG B 212 -55.51 -20.70 -34.48
N SER B 213 -54.65 -21.38 -33.73
CA SER B 213 -53.31 -21.72 -34.20
C SER B 213 -53.13 -23.22 -34.18
N TYR B 214 -52.56 -23.77 -35.24
CA TYR B 214 -52.32 -25.20 -35.34
C TYR B 214 -50.82 -25.46 -35.33
N MET B 215 -50.45 -26.71 -35.04
CA MET B 215 -49.04 -27.13 -34.91
C MET B 215 -48.82 -28.34 -35.80
N VAL B 216 -48.40 -28.11 -37.03
CA VAL B 216 -48.21 -29.18 -38.01
C VAL B 216 -46.90 -29.89 -37.70
N THR B 217 -46.89 -31.21 -37.87
CA THR B 217 -45.73 -32.02 -37.53
C THR B 217 -45.00 -32.59 -38.75
N ASN B 218 -45.46 -32.27 -39.96
CA ASN B 218 -44.72 -32.62 -41.17
C ASN B 218 -43.95 -31.44 -41.73
N GLY B 219 -44.50 -30.24 -41.62
CA GLY B 219 -43.85 -29.05 -42.12
C GLY B 219 -44.83 -28.18 -42.88
N THR B 220 -44.36 -26.98 -43.23
CA THR B 220 -45.21 -26.06 -43.95
C THR B 220 -45.45 -26.51 -45.38
N SER B 221 -44.65 -27.44 -45.89
CA SER B 221 -44.99 -28.13 -47.13
C SER B 221 -46.30 -28.89 -47.00
N THR B 222 -46.66 -29.29 -45.79
CA THR B 222 -47.97 -29.90 -45.52
C THR B 222 -48.99 -28.87 -45.05
N ALA B 223 -48.53 -27.81 -44.38
CA ALA B 223 -49.44 -26.77 -43.95
C ALA B 223 -50.06 -26.02 -45.13
N ASN B 224 -49.28 -25.77 -46.18
CA ASN B 224 -49.81 -25.20 -47.41
C ASN B 224 -50.87 -26.09 -48.01
N LYS B 225 -50.64 -27.41 -47.97
CA LYS B 225 -51.60 -28.38 -48.46
C LYS B 225 -52.89 -28.33 -47.66
N ILE B 226 -52.77 -28.20 -46.33
CA ILE B 226 -53.95 -28.15 -45.47
C ILE B 226 -54.77 -26.91 -45.78
N VAL B 227 -54.11 -25.75 -45.87
CA VAL B 227 -54.82 -24.49 -46.11
C VAL B 227 -55.46 -24.48 -47.50
N GLY B 228 -54.71 -24.89 -48.52
CA GLY B 228 -55.26 -24.89 -49.86
C GLY B 228 -56.23 -26.01 -50.17
N MET B 229 -56.29 -27.05 -49.32
CA MET B 229 -57.35 -28.02 -49.48
C MET B 229 -58.58 -27.67 -48.68
N TYR B 230 -58.45 -26.87 -47.62
CA TYR B 230 -59.66 -26.39 -46.95
C TYR B 230 -60.30 -25.26 -47.74
N SER B 231 -59.55 -24.19 -47.97
CA SER B 231 -60.13 -22.95 -48.51
C SER B 231 -60.42 -23.02 -50.00
N ALA B 232 -59.81 -23.94 -50.74
CA ALA B 232 -59.97 -24.03 -52.18
C ALA B 232 -60.54 -25.39 -52.55
N PRO B 233 -61.87 -25.52 -52.63
CA PRO B 233 -62.46 -26.79 -53.06
C PRO B 233 -62.18 -27.03 -54.53
N ALA B 234 -62.41 -28.26 -54.96
CA ALA B 234 -62.17 -28.65 -56.33
C ALA B 234 -63.17 -27.98 -57.27
N GLY B 235 -62.69 -27.59 -58.45
CA GLY B 235 -63.49 -26.83 -59.39
C GLY B 235 -63.45 -25.34 -59.18
N SER B 236 -62.83 -24.87 -58.10
CA SER B 236 -62.70 -23.44 -57.84
C SER B 236 -61.42 -22.92 -58.46
N THR B 237 -61.02 -21.71 -58.08
CA THR B 237 -59.91 -21.02 -58.71
C THR B 237 -59.08 -20.33 -57.62
N ILE B 238 -57.76 -20.31 -57.80
CA ILE B 238 -56.86 -19.72 -56.82
C ILE B 238 -55.98 -18.68 -57.49
N LEU B 239 -55.45 -17.77 -56.67
CA LEU B 239 -54.46 -16.78 -57.08
C LEU B 239 -53.15 -17.15 -56.40
N ILE B 240 -52.34 -17.94 -57.09
CA ILE B 240 -51.09 -18.44 -56.53
C ILE B 240 -49.93 -17.61 -57.07
N ASP B 241 -49.05 -17.19 -56.18
CA ASP B 241 -47.82 -16.52 -56.57
C ASP B 241 -46.98 -17.44 -57.45
N ARG B 242 -46.41 -16.87 -58.53
CA ARG B 242 -45.45 -17.63 -59.31
C ARG B 242 -44.19 -17.91 -58.50
N ASN B 243 -43.79 -16.97 -57.64
CA ASN B 243 -42.76 -17.22 -56.67
C ASN B 243 -43.34 -18.11 -55.58
N CYS B 244 -43.46 -19.39 -55.86
CA CYS B 244 -44.07 -20.35 -54.95
C CYS B 244 -43.05 -21.40 -54.57
N HIS B 245 -43.50 -22.34 -53.76
CA HIS B 245 -42.69 -23.50 -53.40
C HIS B 245 -43.12 -24.69 -54.24
N LYS B 246 -42.32 -25.75 -54.19
CA LYS B 246 -42.70 -27.01 -54.82
C LYS B 246 -43.96 -27.58 -54.20
N SER B 247 -44.18 -27.29 -52.91
CA SER B 247 -45.33 -27.80 -52.18
C SER B 247 -46.64 -27.25 -52.73
N LEU B 248 -46.67 -25.99 -53.15
CA LEU B 248 -47.88 -25.44 -53.72
C LEU B 248 -48.19 -26.05 -55.08
N THR B 249 -47.16 -26.34 -55.88
CA THR B 249 -47.36 -27.06 -57.12
C THR B 249 -47.91 -28.45 -56.86
N HIS B 250 -47.37 -29.13 -55.85
CA HIS B 250 -47.88 -30.44 -55.46
C HIS B 250 -49.32 -30.38 -54.99
N LEU B 251 -49.68 -29.33 -54.25
CA LEU B 251 -51.07 -29.11 -53.85
C LEU B 251 -51.98 -28.93 -55.06
N MET B 252 -51.54 -28.14 -56.04
CA MET B 252 -52.35 -27.93 -57.23
C MET B 252 -52.47 -29.18 -58.08
N MET B 253 -51.50 -30.08 -58.02
CA MET B 253 -51.65 -31.36 -58.70
C MET B 253 -52.54 -32.34 -57.94
N MET B 254 -52.62 -32.24 -56.62
CA MET B 254 -53.57 -33.09 -55.92
C MET B 254 -55.01 -32.64 -56.13
N SER B 255 -55.27 -31.34 -56.06
CA SER B 255 -56.62 -30.80 -56.06
C SER B 255 -57.01 -30.30 -57.44
N ASP B 256 -58.30 -30.43 -57.76
CA ASP B 256 -58.85 -30.01 -59.04
C ASP B 256 -59.14 -28.51 -59.01
N VAL B 257 -58.07 -27.72 -59.08
CA VAL B 257 -58.16 -26.26 -59.03
C VAL B 257 -57.57 -25.69 -60.30
N THR B 258 -57.75 -24.38 -60.47
CA THR B 258 -57.30 -23.66 -61.66
C THR B 258 -56.55 -22.41 -61.23
N PRO B 259 -55.37 -22.12 -61.78
CA PRO B 259 -54.61 -20.94 -61.37
C PRO B 259 -54.77 -19.72 -62.24
N ILE B 260 -54.67 -18.56 -61.59
CA ILE B 260 -54.08 -17.37 -62.19
C ILE B 260 -52.78 -17.10 -61.44
N TYR B 261 -51.69 -17.05 -62.18
CA TYR B 261 -50.38 -16.84 -61.59
C TYR B 261 -50.09 -15.35 -61.50
N PHE B 262 -49.72 -14.91 -60.30
CA PHE B 262 -49.18 -13.57 -60.14
C PHE B 262 -47.82 -13.48 -60.84
N ARG B 263 -47.42 -12.26 -61.18
CA ARG B 263 -46.20 -12.06 -61.96
C ARG B 263 -45.19 -11.21 -61.19
N PRO B 264 -44.30 -11.82 -60.43
CA PRO B 264 -43.32 -11.06 -59.67
C PRO B 264 -42.24 -10.46 -60.56
N THR B 265 -41.61 -9.42 -60.03
CA THR B 265 -40.48 -8.78 -60.71
C THR B 265 -39.18 -9.43 -60.26
N ARG B 266 -38.10 -9.09 -60.96
CA ARG B 266 -36.78 -9.62 -60.64
C ARG B 266 -35.71 -8.71 -61.22
N ASN B 267 -34.52 -8.78 -60.63
CA ASN B 267 -33.37 -8.02 -61.08
C ASN B 267 -32.45 -8.91 -61.91
N ALA B 268 -31.33 -8.34 -62.34
CA ALA B 268 -30.35 -9.09 -63.11
C ALA B 268 -29.60 -10.11 -62.27
N TYR B 269 -29.58 -9.94 -60.95
CA TYR B 269 -28.90 -10.89 -60.07
C TYR B 269 -29.59 -12.24 -60.04
N GLY B 270 -30.89 -12.27 -60.31
CA GLY B 270 -31.68 -13.47 -60.16
C GLY B 270 -32.48 -13.51 -58.89
N ILE B 271 -32.46 -12.44 -58.09
CA ILE B 271 -33.24 -12.38 -56.87
C ILE B 271 -34.71 -12.23 -57.23
N LEU B 272 -35.55 -13.11 -56.71
CA LEU B 272 -36.99 -13.05 -56.95
C LEU B 272 -37.57 -11.89 -56.16
N GLY B 273 -37.97 -10.84 -56.86
CA GLY B 273 -38.58 -9.70 -56.21
C GLY B 273 -40.03 -9.96 -55.91
N GLY B 274 -40.89 -8.99 -56.19
CA GLY B 274 -42.28 -9.13 -55.83
C GLY B 274 -43.28 -8.73 -56.88
N ILE B 275 -44.54 -9.03 -56.60
CA ILE B 275 -45.63 -8.71 -57.52
C ILE B 275 -45.88 -7.21 -57.46
N PRO B 276 -46.05 -6.53 -58.59
CA PRO B 276 -46.39 -5.10 -58.55
C PRO B 276 -47.78 -4.88 -57.95
N GLN B 277 -48.03 -3.62 -57.58
CA GLN B 277 -49.31 -3.26 -56.97
C GLN B 277 -50.48 -3.41 -57.93
N SER B 278 -50.23 -3.41 -59.24
CA SER B 278 -51.31 -3.47 -60.21
C SER B 278 -52.00 -4.83 -60.23
N GLU B 279 -51.28 -5.89 -59.85
CA GLU B 279 -51.82 -7.24 -59.92
C GLU B 279 -52.49 -7.69 -58.63
N PHE B 280 -52.97 -6.77 -57.81
CA PHE B 280 -53.80 -7.14 -56.68
C PHE B 280 -55.15 -6.45 -56.70
N GLN B 281 -55.45 -5.66 -57.72
CA GLN B 281 -56.70 -4.94 -57.81
C GLN B 281 -57.71 -5.77 -58.60
N HIS B 282 -58.95 -5.29 -58.63
CA HIS B 282 -60.02 -6.05 -59.25
C HIS B 282 -59.92 -6.11 -60.76
N ALA B 283 -59.37 -5.07 -61.39
CA ALA B 283 -59.36 -4.99 -62.85
C ALA B 283 -58.46 -6.07 -63.47
N THR B 284 -57.22 -6.17 -63.00
CA THR B 284 -56.30 -7.14 -63.57
C THR B 284 -56.70 -8.57 -63.22
N ILE B 285 -57.23 -8.78 -62.02
CA ILE B 285 -57.69 -10.11 -61.63
C ILE B 285 -58.88 -10.54 -62.47
N ALA B 286 -59.83 -9.63 -62.69
CA ALA B 286 -60.98 -9.94 -63.54
C ALA B 286 -60.55 -10.19 -64.99
N LYS B 287 -59.59 -9.42 -65.49
CA LYS B 287 -59.06 -9.66 -66.84
C LYS B 287 -58.43 -11.04 -66.96
N ARG B 288 -57.53 -11.37 -66.03
CA ARG B 288 -56.86 -12.67 -66.06
C ARG B 288 -57.82 -13.82 -65.82
N VAL B 289 -58.92 -13.58 -65.10
CA VAL B 289 -60.00 -14.56 -65.05
C VAL B 289 -60.64 -14.71 -66.42
N LYS B 290 -60.85 -13.60 -67.12
CA LYS B 290 -61.58 -13.62 -68.40
C LYS B 290 -60.81 -14.38 -69.47
N GLU B 291 -59.49 -14.18 -69.57
CA GLU B 291 -58.73 -14.95 -70.54
C GLU B 291 -58.11 -16.21 -69.97
N THR B 292 -58.75 -16.86 -69.00
CA THR B 292 -58.35 -18.18 -68.58
C THR B 292 -59.52 -19.14 -68.77
N PRO B 293 -59.35 -20.24 -69.50
CA PRO B 293 -60.46 -21.17 -69.70
C PRO B 293 -60.87 -21.88 -68.42
N ASN B 294 -62.19 -22.12 -68.32
CA ASN B 294 -62.80 -22.82 -67.18
C ASN B 294 -62.50 -22.14 -65.85
N ALA B 295 -62.42 -20.81 -65.85
CA ALA B 295 -62.02 -20.06 -64.67
C ALA B 295 -63.17 -19.18 -64.18
N THR B 296 -63.35 -19.15 -62.87
CA THR B 296 -64.33 -18.31 -62.22
C THR B 296 -63.60 -17.33 -61.29
N TRP B 297 -64.36 -16.61 -60.48
CA TRP B 297 -63.76 -15.68 -59.53
C TRP B 297 -62.97 -16.46 -58.48
N PRO B 298 -61.73 -16.05 -58.21
CA PRO B 298 -60.89 -16.80 -57.26
C PRO B 298 -61.45 -16.78 -55.85
N VAL B 299 -61.39 -17.94 -55.18
CA VAL B 299 -61.89 -18.07 -53.83
C VAL B 299 -60.77 -18.17 -52.80
N HIS B 300 -59.51 -18.10 -53.24
CA HIS B 300 -58.37 -18.19 -52.34
C HIS B 300 -57.16 -17.59 -53.02
N ALA B 301 -56.26 -17.03 -52.21
CA ALA B 301 -55.02 -16.45 -52.73
C ALA B 301 -53.87 -16.88 -51.85
N VAL B 302 -52.75 -17.25 -52.49
CA VAL B 302 -51.55 -17.70 -51.80
C VAL B 302 -50.40 -16.79 -52.21
N ILE B 303 -49.73 -16.19 -51.24
CA ILE B 303 -48.68 -15.19 -51.46
C ILE B 303 -47.47 -15.57 -50.61
N THR B 304 -46.29 -15.60 -51.22
CA THR B 304 -45.07 -15.94 -50.48
C THR B 304 -44.54 -14.68 -49.82
N ASN B 305 -44.81 -14.53 -48.52
CA ASN B 305 -44.44 -13.35 -47.74
C ASN B 305 -43.62 -13.76 -46.54
N SER B 306 -42.29 -13.56 -46.59
CA SER B 306 -41.61 -12.83 -47.64
C SER B 306 -41.18 -13.75 -48.76
N THR B 307 -40.36 -13.23 -49.66
CA THR B 307 -39.76 -14.06 -50.70
C THR B 307 -38.63 -14.86 -50.09
N TYR B 308 -37.92 -15.62 -50.94
CA TYR B 308 -36.77 -16.37 -50.47
C TYR B 308 -35.65 -15.46 -49.99
N ASP B 309 -35.51 -14.29 -50.59
CA ASP B 309 -34.47 -13.33 -50.23
C ASP B 309 -34.94 -12.28 -49.24
N GLY B 310 -36.05 -12.53 -48.56
CA GLY B 310 -36.47 -11.67 -47.46
C GLY B 310 -36.97 -10.30 -47.89
N LEU B 311 -37.97 -10.27 -48.77
CA LEU B 311 -38.61 -9.02 -49.18
C LEU B 311 -40.06 -9.09 -48.73
N LEU B 312 -40.35 -8.42 -47.61
CA LEU B 312 -41.69 -8.36 -47.07
C LEU B 312 -42.57 -7.48 -47.95
N TYR B 313 -43.88 -7.65 -47.82
CA TYR B 313 -44.84 -6.88 -48.58
C TYR B 313 -45.53 -5.89 -47.67
N ASN B 314 -46.16 -4.89 -48.28
CA ASN B 314 -47.09 -4.04 -47.54
C ASN B 314 -48.40 -4.80 -47.48
N THR B 315 -48.52 -5.65 -46.48
CA THR B 315 -49.64 -6.57 -46.36
C THR B 315 -50.96 -5.88 -46.02
N ASP B 316 -50.92 -4.65 -45.48
CA ASP B 316 -52.15 -3.93 -45.24
C ASP B 316 -52.84 -3.55 -46.55
N PHE B 317 -52.04 -3.14 -47.54
CA PHE B 317 -52.52 -2.95 -48.91
C PHE B 317 -53.17 -4.21 -49.45
N ILE B 318 -52.53 -5.35 -49.21
CA ILE B 318 -53.01 -6.63 -49.73
C ILE B 318 -54.34 -7.00 -49.08
N LYS B 319 -54.40 -6.93 -47.75
CA LYS B 319 -55.60 -7.28 -47.03
C LYS B 319 -56.72 -6.27 -47.22
N LYS B 320 -56.42 -5.05 -47.70
CA LYS B 320 -57.49 -4.12 -48.02
C LYS B 320 -58.02 -4.29 -49.44
N THR B 321 -57.13 -4.50 -50.41
CA THR B 321 -57.55 -4.39 -51.81
C THR B 321 -57.71 -5.71 -52.54
N LEU B 322 -57.08 -6.79 -52.08
CA LEU B 322 -57.27 -8.08 -52.72
C LEU B 322 -58.65 -8.59 -52.36
N ASP B 323 -59.54 -8.64 -53.34
CA ASP B 323 -60.96 -8.90 -53.11
C ASP B 323 -61.30 -10.39 -53.18
N VAL B 324 -60.57 -11.21 -52.42
CA VAL B 324 -60.89 -12.62 -52.31
C VAL B 324 -61.27 -12.91 -50.87
N LYS B 325 -61.95 -14.04 -50.67
CA LYS B 325 -62.52 -14.37 -49.37
C LYS B 325 -61.52 -15.04 -48.43
N SER B 326 -60.32 -15.36 -48.90
CA SER B 326 -59.29 -15.95 -48.04
C SER B 326 -57.94 -15.67 -48.65
N ILE B 327 -57.07 -15.00 -47.90
CA ILE B 327 -55.72 -14.68 -48.35
C ILE B 327 -54.74 -15.49 -47.50
N HIS B 328 -53.92 -16.29 -48.15
CA HIS B 328 -52.91 -17.09 -47.47
C HIS B 328 -51.53 -16.53 -47.71
N PHE B 329 -50.78 -16.36 -46.63
CA PHE B 329 -49.40 -15.90 -46.69
C PHE B 329 -48.50 -17.08 -46.35
N ASP B 330 -47.71 -17.52 -47.32
CA ASP B 330 -46.78 -18.63 -47.12
C ASP B 330 -45.53 -18.08 -46.45
N SER B 331 -45.65 -17.78 -45.16
CA SER B 331 -44.58 -17.12 -44.42
C SER B 331 -43.59 -18.14 -43.85
N ALA B 332 -43.07 -18.96 -44.74
CA ALA B 332 -42.09 -19.95 -44.32
C ALA B 332 -40.78 -19.33 -43.85
N TRP B 333 -40.37 -18.22 -44.45
CA TRP B 333 -39.11 -17.59 -44.11
C TRP B 333 -39.23 -16.45 -43.11
N VAL B 334 -40.45 -16.06 -42.75
CA VAL B 334 -40.62 -15.01 -41.74
C VAL B 334 -41.56 -15.53 -40.66
N PRO B 335 -41.08 -16.34 -39.70
CA PRO B 335 -41.95 -16.77 -38.61
C PRO B 335 -41.84 -15.91 -37.36
N TYR B 336 -40.84 -15.05 -37.30
CA TYR B 336 -40.50 -14.28 -36.11
C TYR B 336 -41.18 -12.93 -36.05
N THR B 337 -42.31 -12.76 -36.75
CA THR B 337 -42.81 -11.44 -37.06
C THR B 337 -43.31 -10.66 -35.85
N ASN B 338 -44.04 -11.31 -34.94
CA ASN B 338 -44.72 -10.63 -33.84
C ASN B 338 -43.72 -10.06 -32.81
N PHE B 339 -42.49 -10.53 -32.82
CA PHE B 339 -41.59 -10.35 -31.70
C PHE B 339 -40.66 -9.16 -31.84
N SER B 340 -40.88 -8.30 -32.82
CA SER B 340 -40.22 -7.01 -32.87
C SER B 340 -41.15 -6.09 -33.63
N PRO B 341 -41.41 -4.88 -33.13
CA PRO B 341 -42.28 -3.94 -33.83
C PRO B 341 -41.70 -3.37 -35.12
N ILE B 342 -40.50 -3.81 -35.50
CA ILE B 342 -39.97 -3.49 -36.82
C ILE B 342 -40.89 -4.04 -37.91
N TYR B 343 -41.41 -5.24 -37.70
CA TYR B 343 -42.22 -5.94 -38.69
C TYR B 343 -43.71 -5.65 -38.57
N GLU B 344 -44.09 -4.50 -37.99
CA GLU B 344 -45.49 -4.14 -37.93
C GLU B 344 -46.01 -3.85 -39.33
N GLY B 345 -47.21 -4.35 -39.63
CA GLY B 345 -47.75 -4.19 -40.97
C GLY B 345 -47.03 -4.98 -42.02
N LYS B 346 -46.46 -6.13 -41.65
CA LYS B 346 -45.67 -6.94 -42.57
C LYS B 346 -45.88 -8.44 -42.40
N CYS B 347 -47.07 -8.86 -41.99
CA CYS B 347 -47.45 -10.26 -42.00
C CYS B 347 -48.95 -10.37 -42.06
N GLY B 348 -49.44 -11.61 -42.21
CA GLY B 348 -50.87 -11.83 -42.17
C GLY B 348 -51.49 -11.49 -40.84
N MET B 349 -50.77 -11.75 -39.75
CA MET B 349 -51.29 -11.48 -38.42
C MET B 349 -51.05 -10.04 -37.98
N SER B 350 -50.40 -9.22 -38.79
CA SER B 350 -50.27 -7.81 -38.48
C SER B 350 -51.63 -7.12 -38.58
N GLY B 351 -51.87 -6.20 -37.66
CA GLY B 351 -53.14 -5.54 -37.61
C GLY B 351 -54.22 -6.42 -37.00
N GLY B 352 -55.45 -5.90 -37.06
CA GLY B 352 -56.58 -6.58 -36.45
C GLY B 352 -57.23 -7.57 -37.39
N ARG B 353 -58.36 -8.09 -36.93
CA ARG B 353 -59.17 -9.03 -37.72
C ARG B 353 -59.79 -8.28 -38.88
N VAL B 354 -59.37 -8.61 -40.09
CA VAL B 354 -59.91 -7.94 -41.28
C VAL B 354 -61.33 -8.45 -41.53
N GLU B 355 -62.18 -7.56 -42.05
CA GLU B 355 -63.58 -7.88 -42.24
C GLU B 355 -63.78 -8.60 -43.57
N GLY B 356 -64.59 -9.66 -43.56
CA GLY B 356 -65.05 -10.29 -44.77
C GLY B 356 -64.14 -11.34 -45.37
N LYS B 357 -62.96 -11.56 -44.79
CA LYS B 357 -62.06 -12.58 -45.31
C LYS B 357 -61.20 -13.13 -44.18
N VAL B 358 -60.70 -14.34 -44.38
CA VAL B 358 -59.89 -15.04 -43.39
C VAL B 358 -58.46 -15.03 -43.87
N ILE B 359 -57.55 -14.57 -43.01
CA ILE B 359 -56.14 -14.48 -43.34
C ILE B 359 -55.43 -15.69 -42.75
N TYR B 360 -54.78 -16.47 -43.61
CA TYR B 360 -53.97 -17.59 -43.17
C TYR B 360 -52.51 -17.20 -43.18
N GLU B 361 -51.75 -17.76 -42.24
CA GLU B 361 -50.30 -17.62 -42.25
C GLU B 361 -49.71 -18.91 -41.74
N THR B 362 -48.69 -19.41 -42.43
CA THR B 362 -48.18 -20.77 -42.24
C THR B 362 -46.68 -20.75 -41.97
N GLN B 363 -46.28 -19.98 -40.95
CA GLN B 363 -44.92 -19.88 -40.45
C GLN B 363 -44.23 -21.22 -40.34
N SER B 364 -43.11 -21.36 -41.03
CA SER B 364 -42.25 -22.54 -40.86
C SER B 364 -41.34 -22.28 -39.67
N THR B 365 -41.74 -22.82 -38.52
CA THR B 365 -41.08 -22.53 -37.26
C THR B 365 -39.64 -23.02 -37.21
N HIS B 366 -39.33 -24.12 -37.88
CA HIS B 366 -37.98 -24.67 -37.81
C HIS B 366 -36.97 -23.84 -38.59
N1 LLP B 367 -42.58 -23.37 -48.51
C2 LLP B 367 -41.75 -22.34 -48.72
C2' LLP B 367 -42.22 -21.08 -49.49
C3 LLP B 367 -40.41 -22.40 -48.24
O3 LLP B 367 -39.55 -21.33 -48.46
C4 LLP B 367 -39.97 -23.50 -47.55
C4' LLP B 367 -38.45 -23.56 -47.00
C5 LLP B 367 -40.80 -24.54 -47.33
C6 LLP B 367 -42.12 -24.50 -47.82
C5' LLP B 367 -40.25 -25.77 -46.56
OP4 LLP B 367 -41.28 -26.65 -46.16
P LLP B 367 -40.96 -27.57 -44.98
OP1 LLP B 367 -39.65 -28.31 -45.26
OP2 LLP B 367 -42.05 -28.53 -44.79
OP3 LLP B 367 -40.79 -26.77 -43.74
N LLP B 367 -37.45 -23.02 -39.51
CA LLP B 367 -36.56 -22.31 -40.44
CB LLP B 367 -37.36 -21.73 -41.57
CG LLP B 367 -37.79 -22.84 -42.52
CD LLP B 367 -36.88 -22.87 -43.76
CE LLP B 367 -37.51 -23.75 -44.85
NZ LLP B 367 -38.37 -22.94 -45.72
C LLP B 367 -35.77 -21.24 -39.78
O LLP B 367 -34.56 -21.26 -39.87
N LEU B 368 -36.43 -20.30 -39.13
CA LEU B 368 -35.73 -19.15 -38.56
C LEU B 368 -35.80 -19.08 -37.04
N LEU B 369 -36.82 -19.69 -36.45
CA LEU B 369 -36.88 -19.81 -35.00
C LEU B 369 -36.04 -21.01 -34.56
N ALA B 370 -36.10 -21.32 -33.28
CA ALA B 370 -35.35 -22.45 -32.72
C ALA B 370 -36.33 -23.60 -32.50
N ALA B 371 -36.44 -24.45 -33.52
CA ALA B 371 -37.29 -25.63 -33.43
C ALA B 371 -36.71 -26.76 -34.25
N PHE B 372 -37.09 -27.98 -33.90
CA PHE B 372 -36.71 -29.16 -34.66
C PHE B 372 -37.32 -29.11 -36.05
N SER B 373 -36.69 -29.80 -36.99
CA SER B 373 -37.16 -29.81 -38.37
C SER B 373 -38.52 -30.48 -38.47
N GLN B 374 -39.16 -30.29 -39.63
CA GLN B 374 -40.53 -30.72 -39.91
C GLN B 374 -41.53 -30.12 -38.94
N ALA B 375 -41.25 -28.95 -38.38
CA ALA B 375 -42.17 -28.25 -37.51
C ALA B 375 -42.76 -27.06 -38.23
N SER B 376 -44.06 -26.86 -38.07
CA SER B 376 -44.74 -25.78 -38.75
C SER B 376 -45.98 -25.41 -37.96
N MET B 377 -46.57 -24.28 -38.34
CA MET B 377 -47.76 -23.79 -37.70
C MET B 377 -48.72 -23.29 -38.76
N ILE B 378 -50.00 -23.26 -38.41
CA ILE B 378 -51.03 -22.62 -39.23
C ILE B 378 -51.78 -21.65 -38.34
N HIS B 379 -51.55 -20.37 -38.52
CA HIS B 379 -52.27 -19.33 -37.82
C HIS B 379 -53.38 -18.81 -38.71
N VAL B 380 -54.58 -18.72 -38.17
CA VAL B 380 -55.71 -18.18 -38.92
C VAL B 380 -56.10 -16.85 -38.27
N LYS B 381 -56.83 -16.06 -39.04
CA LYS B 381 -57.34 -14.78 -38.53
C LYS B 381 -58.69 -14.55 -39.19
N GLY B 382 -59.76 -14.83 -38.46
CA GLY B 382 -61.10 -14.75 -38.99
C GLY B 382 -61.94 -15.87 -38.43
N ASP B 383 -63.03 -16.17 -39.14
CA ASP B 383 -63.96 -17.22 -38.75
C ASP B 383 -63.89 -18.33 -39.79
N VAL B 384 -63.62 -19.54 -39.33
CA VAL B 384 -63.58 -20.71 -40.21
C VAL B 384 -64.51 -21.76 -39.64
N ASN B 385 -64.95 -22.66 -40.50
CA ASN B 385 -65.75 -23.80 -40.06
C ASN B 385 -64.82 -24.72 -39.27
N GLU B 386 -65.05 -24.79 -37.95
CA GLU B 386 -64.10 -25.42 -37.05
C GLU B 386 -63.94 -26.90 -37.33
N GLU B 387 -65.05 -27.62 -37.54
CA GLU B 387 -64.96 -29.05 -37.78
C GLU B 387 -64.42 -29.36 -39.18
N THR B 388 -64.85 -28.61 -40.19
CA THR B 388 -64.33 -28.85 -41.54
C THR B 388 -62.84 -28.57 -41.63
N PHE B 389 -62.38 -27.47 -41.05
CA PHE B 389 -60.96 -27.15 -41.08
C PHE B 389 -60.14 -28.06 -40.18
N ASN B 390 -60.70 -28.48 -39.04
CA ASN B 390 -60.03 -29.48 -38.22
C ASN B 390 -59.91 -30.81 -38.95
N GLU B 391 -60.93 -31.19 -39.71
CA GLU B 391 -60.86 -32.42 -40.47
C GLU B 391 -59.86 -32.31 -41.60
N ALA B 392 -59.76 -31.15 -42.24
CA ALA B 392 -58.74 -30.94 -43.26
C ALA B 392 -57.34 -30.99 -42.67
N TYR B 393 -57.16 -30.44 -41.46
CA TYR B 393 -55.86 -30.56 -40.79
C TYR B 393 -55.54 -32.00 -40.44
N MET B 394 -56.54 -32.74 -39.94
CA MET B 394 -56.36 -34.16 -39.64
C MET B 394 -56.09 -34.98 -40.89
N MET B 395 -56.58 -34.52 -42.04
CA MET B 395 -56.43 -35.25 -43.29
C MET B 395 -54.99 -35.39 -43.74
N HIS B 396 -54.16 -34.36 -43.55
CA HIS B 396 -52.79 -34.41 -44.06
C HIS B 396 -51.74 -34.77 -43.03
N THR B 397 -51.98 -34.53 -41.75
CA THR B 397 -50.99 -34.89 -40.76
C THR B 397 -51.06 -36.38 -40.46
N THR B 398 -50.00 -36.89 -39.85
CA THR B 398 -49.96 -38.27 -39.41
C THR B 398 -50.86 -38.47 -38.20
N THR B 399 -51.02 -39.72 -37.79
CA THR B 399 -51.82 -40.05 -36.63
C THR B 399 -51.01 -40.21 -35.35
N SER B 400 -49.75 -40.63 -35.47
CA SER B 400 -48.85 -40.78 -34.33
C SER B 400 -47.66 -39.87 -34.56
N PRO B 401 -47.71 -38.64 -34.09
CA PRO B 401 -46.65 -37.67 -34.38
C PRO B 401 -45.44 -37.87 -33.47
N HIS B 402 -44.33 -37.25 -33.89
CA HIS B 402 -43.12 -37.25 -33.09
C HIS B 402 -43.25 -36.15 -32.03
N TYR B 403 -43.38 -36.55 -30.77
CA TYR B 403 -43.62 -35.58 -29.72
C TYR B 403 -42.41 -34.70 -29.44
N GLY B 404 -41.22 -35.11 -29.86
CA GLY B 404 -40.08 -34.20 -29.80
C GLY B 404 -40.27 -33.01 -30.70
N ILE B 405 -40.78 -33.23 -31.91
CA ILE B 405 -41.05 -32.14 -32.84
C ILE B 405 -42.15 -31.23 -32.31
N VAL B 406 -43.20 -31.81 -31.72
CA VAL B 406 -44.29 -31.03 -31.16
C VAL B 406 -43.82 -30.19 -29.98
N ALA B 407 -43.04 -30.79 -29.08
CA ALA B 407 -42.49 -30.07 -27.94
C ALA B 407 -41.54 -28.98 -28.39
N SER B 408 -40.75 -29.24 -29.43
CA SER B 408 -39.86 -28.20 -29.96
C SER B 408 -40.66 -27.08 -30.61
N THR B 409 -41.76 -27.42 -31.28
CA THR B 409 -42.62 -26.43 -31.91
C THR B 409 -43.21 -25.48 -30.87
N GLU B 410 -43.66 -26.03 -29.75
CA GLU B 410 -44.19 -25.16 -28.70
C GLU B 410 -43.09 -24.40 -27.96
N THR B 411 -41.95 -25.06 -27.68
CA THR B 411 -40.86 -24.41 -26.98
C THR B 411 -40.25 -23.28 -27.80
N ALA B 412 -40.35 -23.33 -29.13
CA ALA B 412 -39.91 -22.21 -29.94
C ALA B 412 -40.70 -20.94 -29.65
N ALA B 413 -42.02 -21.05 -29.50
CA ALA B 413 -42.80 -19.89 -29.10
C ALA B 413 -42.54 -19.52 -27.65
N ALA B 414 -42.32 -20.53 -26.80
CA ALA B 414 -42.03 -20.26 -25.39
C ALA B 414 -40.70 -19.54 -25.20
N MET B 415 -39.77 -19.67 -26.14
CA MET B 415 -38.53 -18.89 -26.12
C MET B 415 -38.75 -17.41 -26.41
N MET B 416 -39.94 -17.03 -26.84
CA MET B 416 -40.17 -15.66 -27.28
C MET B 416 -41.08 -14.86 -26.37
N LYS B 417 -41.64 -15.46 -25.32
CA LYS B 417 -42.39 -14.71 -24.32
C LYS B 417 -41.46 -14.08 -23.31
N GLY B 418 -41.82 -12.90 -22.84
CA GLY B 418 -41.07 -12.22 -21.82
C GLY B 418 -40.07 -11.24 -22.39
N ASN B 419 -39.03 -10.97 -21.60
CA ASN B 419 -37.98 -10.08 -22.04
C ASN B 419 -36.86 -10.81 -22.78
N ALA B 420 -36.70 -12.11 -22.52
CA ALA B 420 -35.65 -12.87 -23.18
C ALA B 420 -35.90 -13.01 -24.68
N GLY B 421 -37.15 -13.23 -25.08
CA GLY B 421 -37.44 -13.35 -26.51
C GLY B 421 -37.27 -12.04 -27.25
N LYS B 422 -37.72 -10.94 -26.65
CA LYS B 422 -37.49 -9.63 -27.24
C LYS B 422 -36.01 -9.33 -27.35
N ARG B 423 -35.24 -9.70 -26.32
CA ARG B 423 -33.80 -9.52 -26.37
C ARG B 423 -33.17 -10.38 -27.46
N LEU B 424 -33.65 -11.61 -27.66
CA LEU B 424 -33.17 -12.46 -28.74
C LEU B 424 -33.40 -11.82 -30.10
N ILE B 425 -34.64 -11.40 -30.37
CA ILE B 425 -34.97 -10.87 -31.69
C ILE B 425 -34.24 -9.56 -31.95
N ASN B 426 -34.22 -8.66 -30.96
CA ASN B 426 -33.52 -7.39 -31.13
C ASN B 426 -32.01 -7.60 -31.26
N GLY B 427 -31.44 -8.55 -30.53
CA GLY B 427 -30.02 -8.84 -30.67
C GLY B 427 -29.69 -9.41 -32.02
N SER B 428 -30.55 -10.29 -32.55
CA SER B 428 -30.31 -10.85 -33.88
C SER B 428 -30.39 -9.78 -34.96
N ILE B 429 -31.39 -8.89 -34.88
CA ILE B 429 -31.54 -7.83 -35.87
C ILE B 429 -30.38 -6.84 -35.78
N GLU B 430 -29.99 -6.46 -34.56
CA GLU B 430 -28.87 -5.53 -34.40
C GLU B 430 -27.56 -6.14 -34.85
N ARG B 431 -27.33 -7.42 -34.58
CA ARG B 431 -26.14 -8.10 -35.07
C ARG B 431 -26.13 -8.17 -36.59
N ALA B 432 -27.28 -8.43 -37.21
CA ALA B 432 -27.36 -8.42 -38.66
C ALA B 432 -27.04 -7.05 -39.24
N ILE B 433 -27.56 -5.99 -38.62
CA ILE B 433 -27.31 -4.64 -39.11
C ILE B 433 -25.84 -4.26 -38.94
N LYS B 434 -25.23 -4.65 -37.83
CA LYS B 434 -23.81 -4.36 -37.62
C LYS B 434 -22.93 -5.14 -38.59
N PHE B 435 -23.28 -6.39 -38.89
CA PHE B 435 -22.57 -7.14 -39.92
C PHE B 435 -22.69 -6.45 -41.28
N ARG B 436 -23.89 -5.95 -41.60
CA ARG B 436 -24.08 -5.25 -42.87
C ARG B 436 -23.24 -3.97 -42.94
N LYS B 437 -23.17 -3.24 -41.82
CA LYS B 437 -22.37 -2.03 -41.82
C LYS B 437 -20.89 -2.33 -41.99
N GLU B 438 -20.34 -3.36 -41.33
CA GLU B 438 -18.95 -3.62 -41.71
C GLU B 438 -18.74 -4.28 -43.05
N ILE B 439 -19.71 -5.01 -43.61
CA ILE B 439 -19.35 -5.54 -44.92
C ILE B 439 -19.32 -4.43 -45.95
N LYS B 440 -20.21 -3.42 -45.85
CA LYS B 440 -19.99 -2.24 -46.68
C LYS B 440 -18.76 -1.43 -46.26
N ARG B 441 -18.35 -1.49 -44.99
CA ARG B 441 -17.15 -0.77 -44.59
C ARG B 441 -15.88 -1.43 -45.13
N LEU B 442 -15.80 -2.76 -45.04
CA LEU B 442 -14.67 -3.50 -45.57
C LEU B 442 -14.62 -3.44 -47.09
N ARG B 443 -15.77 -3.23 -47.75
CA ARG B 443 -15.73 -2.99 -49.20
C ARG B 443 -14.95 -1.72 -49.53
N THR B 444 -15.17 -0.65 -48.78
CA THR B 444 -14.44 0.59 -49.03
C THR B 444 -13.08 0.62 -48.34
N GLU B 445 -12.79 -0.35 -47.48
CA GLU B 445 -11.49 -0.40 -46.83
C GLU B 445 -10.48 -1.18 -47.66
N SER B 446 -10.93 -2.22 -48.38
CA SER B 446 -10.02 -3.13 -49.05
C SER B 446 -9.52 -2.53 -50.36
N ASP B 447 -8.56 -3.22 -50.95
CA ASP B 447 -8.01 -2.85 -52.25
C ASP B 447 -8.61 -3.71 -53.35
N GLY B 448 -8.80 -3.11 -54.52
CA GLY B 448 -9.36 -3.83 -55.65
C GLY B 448 -10.82 -4.18 -55.41
N TRP B 449 -11.14 -5.45 -55.60
CA TRP B 449 -12.52 -5.92 -55.47
C TRP B 449 -12.81 -6.36 -54.05
N PHE B 450 -14.09 -6.37 -53.70
CA PHE B 450 -14.54 -6.96 -52.45
C PHE B 450 -16.01 -7.33 -52.60
N PHE B 451 -16.49 -8.14 -51.66
CA PHE B 451 -17.88 -8.54 -51.62
C PHE B 451 -18.77 -7.34 -51.32
N ASP B 452 -19.80 -7.17 -52.14
CA ASP B 452 -20.84 -6.17 -51.92
C ASP B 452 -22.01 -6.89 -51.25
N VAL B 453 -22.87 -6.13 -50.60
CA VAL B 453 -24.11 -6.67 -50.04
C VAL B 453 -25.30 -5.84 -50.52
N TRP B 454 -26.29 -6.55 -51.04
CA TRP B 454 -27.42 -6.00 -51.78
C TRP B 454 -28.38 -5.37 -50.76
N GLN B 455 -28.12 -4.10 -50.47
CA GLN B 455 -28.84 -3.38 -49.41
C GLN B 455 -28.72 -1.89 -49.70
N PRO B 456 -29.58 -1.06 -49.10
CA PRO B 456 -29.50 0.39 -49.37
C PRO B 456 -28.16 0.98 -48.95
N ASP B 457 -27.76 2.02 -49.68
CA ASP B 457 -26.44 2.62 -49.50
C ASP B 457 -26.27 3.25 -48.12
N HIS B 458 -27.33 3.79 -47.53
CA HIS B 458 -27.29 4.33 -46.17
C HIS B 458 -28.28 3.55 -45.31
N ILE B 459 -27.74 2.67 -44.47
CA ILE B 459 -28.53 2.00 -43.44
C ILE B 459 -27.85 2.27 -42.10
N ASP B 460 -28.62 2.82 -41.18
CA ASP B 460 -28.12 2.99 -39.81
C ASP B 460 -29.21 2.85 -38.77
N THR B 461 -30.45 2.57 -39.14
CA THR B 461 -31.56 2.43 -38.23
C THR B 461 -32.10 1.01 -38.28
N THR B 462 -32.73 0.59 -37.19
CA THR B 462 -33.27 -0.76 -37.07
C THR B 462 -34.70 -0.75 -37.61
N GLU B 463 -34.81 -0.85 -38.93
CA GLU B 463 -36.10 -0.92 -39.59
C GLU B 463 -35.96 -1.77 -40.84
N CYS B 464 -37.08 -2.27 -41.33
CA CYS B 464 -37.11 -2.88 -42.64
C CYS B 464 -36.97 -1.78 -43.69
N TRP B 465 -35.84 -1.74 -44.36
CA TRP B 465 -35.54 -0.62 -45.24
C TRP B 465 -36.38 -0.72 -46.50
N PRO B 466 -37.23 0.27 -46.77
CA PRO B 466 -38.16 0.16 -47.92
C PRO B 466 -37.42 0.27 -49.24
N LEU B 467 -37.91 -0.47 -50.22
CA LEU B 467 -37.34 -0.43 -51.56
C LEU B 467 -37.97 0.74 -52.30
N ARG B 468 -37.19 1.80 -52.50
CA ARG B 468 -37.70 3.03 -53.07
C ARG B 468 -37.42 3.07 -54.56
N SER B 469 -38.36 3.64 -55.31
CA SER B 469 -38.20 3.76 -56.75
C SER B 469 -37.13 4.78 -57.13
N ASP B 470 -36.75 5.65 -56.21
CA ASP B 470 -35.77 6.69 -56.46
C ASP B 470 -34.35 6.23 -56.18
N SER B 471 -34.14 4.94 -55.93
CA SER B 471 -32.83 4.37 -55.69
C SER B 471 -32.64 3.16 -56.58
N THR B 472 -31.37 2.76 -56.76
CA THR B 472 -31.07 1.70 -57.71
C THR B 472 -30.26 0.57 -57.09
N TRP B 473 -30.21 0.46 -55.76
CA TRP B 473 -29.48 -0.65 -55.15
C TRP B 473 -30.17 -1.98 -55.35
N HIS B 474 -31.51 -1.98 -55.42
CA HIS B 474 -32.24 -3.23 -55.57
C HIS B 474 -32.20 -3.76 -56.99
N GLY B 475 -32.48 -2.92 -57.98
CA GLY B 475 -32.44 -3.33 -59.37
C GLY B 475 -33.80 -3.58 -59.99
N PHE B 476 -34.86 -3.65 -59.20
CA PHE B 476 -36.19 -3.81 -59.77
C PHE B 476 -36.64 -2.48 -60.35
N LYS B 477 -36.77 -2.44 -61.67
CA LYS B 477 -37.10 -1.19 -62.35
C LYS B 477 -38.58 -0.85 -62.20
N ASN B 478 -38.86 0.44 -62.06
CA ASN B 478 -40.21 0.99 -61.94
C ASN B 478 -40.99 0.36 -60.78
N ILE B 479 -40.27 0.13 -59.68
CA ILE B 479 -40.88 -0.52 -58.53
C ILE B 479 -41.80 0.46 -57.81
N ASP B 480 -42.81 -0.08 -57.14
CA ASP B 480 -43.81 0.73 -56.45
C ASP B 480 -43.32 1.06 -55.04
N ASN B 481 -43.58 2.28 -54.60
CA ASN B 481 -43.08 2.76 -53.32
C ASN B 481 -43.93 2.23 -52.17
N GLU B 482 -43.25 1.83 -51.10
CA GLU B 482 -43.85 1.12 -49.96
C GLU B 482 -44.68 -0.09 -50.41
N HIS B 483 -44.00 -1.02 -51.05
CA HIS B 483 -44.55 -2.33 -51.32
C HIS B 483 -43.52 -3.38 -50.87
N MET B 484 -42.25 -2.98 -50.81
CA MET B 484 -41.18 -3.89 -50.42
C MET B 484 -40.39 -3.33 -49.27
N TYR B 485 -39.96 -4.25 -48.41
CA TYR B 485 -39.24 -3.95 -47.18
C TYR B 485 -38.18 -5.02 -47.00
N LEU B 486 -36.91 -4.62 -46.98
CA LEU B 486 -35.83 -5.57 -46.85
C LEU B 486 -35.76 -6.09 -45.43
N ASP B 487 -35.70 -7.41 -45.30
CA ASP B 487 -35.49 -8.01 -43.99
C ASP B 487 -34.00 -7.94 -43.64
N PRO B 488 -33.62 -7.27 -42.55
CA PRO B 488 -32.19 -7.09 -42.25
C PRO B 488 -31.44 -8.37 -41.95
N ILE B 489 -32.11 -9.45 -41.53
CA ILE B 489 -31.37 -10.62 -41.09
C ILE B 489 -31.13 -11.64 -42.20
N LYS B 490 -31.68 -11.42 -43.39
CA LYS B 490 -31.38 -12.28 -44.53
C LYS B 490 -30.38 -11.55 -45.42
N VAL B 491 -29.11 -11.63 -45.02
CA VAL B 491 -28.05 -10.87 -45.69
C VAL B 491 -27.69 -11.58 -46.98
N THR B 492 -27.79 -10.86 -48.09
CA THR B 492 -27.46 -11.37 -49.42
C THR B 492 -26.16 -10.71 -49.87
N LEU B 493 -25.05 -11.42 -49.71
CA LEU B 493 -23.79 -10.91 -50.23
C LEU B 493 -23.79 -10.94 -51.75
N LEU B 494 -22.89 -10.16 -52.34
CA LEU B 494 -22.73 -10.12 -53.77
C LEU B 494 -21.26 -10.30 -54.09
N THR B 495 -21.00 -10.84 -55.25
CA THR B 495 -19.65 -11.05 -55.75
C THR B 495 -19.42 -10.20 -56.98
N PRO B 496 -18.17 -9.91 -57.33
CA PRO B 496 -17.91 -9.14 -58.56
C PRO B 496 -18.37 -9.88 -59.80
N GLY B 497 -18.71 -9.09 -60.82
CA GLY B 497 -19.18 -9.63 -62.07
C GLY B 497 -20.33 -8.86 -62.67
N MET B 498 -21.06 -8.15 -61.81
CA MET B 498 -22.23 -7.38 -62.21
C MET B 498 -21.95 -5.90 -62.03
N GLU B 499 -22.35 -5.10 -63.02
CA GLU B 499 -22.36 -3.66 -62.84
C GLU B 499 -23.67 -3.23 -62.18
N LYS B 500 -23.75 -1.95 -61.83
CA LYS B 500 -24.92 -1.45 -61.10
C LYS B 500 -26.15 -1.32 -61.99
N ASP B 501 -25.96 -1.04 -63.29
CA ASP B 501 -27.08 -0.88 -64.19
C ASP B 501 -27.65 -2.20 -64.68
N GLY B 502 -26.98 -3.32 -64.41
CA GLY B 502 -27.45 -4.63 -64.78
C GLY B 502 -26.56 -5.38 -65.75
N THR B 503 -25.71 -4.67 -66.49
CA THR B 503 -24.81 -5.33 -67.41
C THR B 503 -23.69 -6.04 -66.65
N MET B 504 -23.01 -6.95 -67.34
CA MET B 504 -21.96 -7.74 -66.73
C MET B 504 -20.62 -7.03 -66.85
N SER B 505 -19.78 -7.22 -65.83
CA SER B 505 -18.43 -6.71 -65.84
C SER B 505 -17.52 -7.70 -66.57
N ASP B 506 -16.22 -7.45 -66.52
CA ASP B 506 -15.23 -8.38 -67.08
C ASP B 506 -14.60 -9.28 -66.03
N PHE B 507 -14.18 -8.71 -64.91
CA PHE B 507 -13.63 -9.48 -63.81
C PHE B 507 -14.75 -9.89 -62.87
N GLY B 508 -14.83 -11.17 -62.56
CA GLY B 508 -15.91 -11.66 -61.73
C GLY B 508 -15.62 -13.03 -61.14
N ILE B 509 -16.31 -13.31 -60.04
CA ILE B 509 -16.27 -14.62 -59.39
C ILE B 509 -17.72 -15.06 -59.22
N PRO B 510 -18.17 -16.11 -59.88
CA PRO B 510 -19.50 -16.64 -59.56
C PRO B 510 -19.53 -17.25 -58.18
N ALA B 511 -20.70 -17.15 -57.54
CA ALA B 511 -20.84 -17.44 -56.11
C ALA B 511 -20.66 -18.91 -55.76
N SER B 512 -20.64 -19.80 -56.76
CA SER B 512 -20.41 -21.22 -56.48
C SER B 512 -19.02 -21.47 -55.89
N ILE B 513 -18.00 -20.79 -56.42
CA ILE B 513 -16.65 -20.92 -55.88
C ILE B 513 -16.57 -20.42 -54.45
N VAL B 514 -17.19 -19.27 -54.17
CA VAL B 514 -17.18 -18.75 -52.81
C VAL B 514 -17.90 -19.68 -51.85
N ALA B 515 -19.06 -20.21 -52.27
CA ALA B 515 -19.79 -21.14 -51.42
C ALA B 515 -19.01 -22.43 -51.17
N LYS B 516 -18.34 -22.95 -52.21
CA LYS B 516 -17.54 -24.15 -52.04
C LYS B 516 -16.33 -23.89 -51.13
N TYR B 517 -15.73 -22.70 -51.24
CA TYR B 517 -14.62 -22.38 -50.35
C TYR B 517 -15.08 -22.29 -48.91
N LEU B 518 -16.24 -21.64 -48.68
CA LEU B 518 -16.77 -21.53 -47.33
C LEU B 518 -17.13 -22.90 -46.77
N ASP B 519 -17.68 -23.78 -47.60
CA ASP B 519 -17.93 -25.16 -47.19
C ASP B 519 -16.64 -25.90 -46.87
N GLU B 520 -15.56 -25.60 -47.60
CA GLU B 520 -14.28 -26.20 -47.27
C GLU B 520 -13.79 -25.75 -45.91
N HIS B 521 -13.97 -24.47 -45.58
CA HIS B 521 -13.52 -23.95 -44.29
C HIS B 521 -14.57 -24.06 -43.20
N GLY B 522 -15.61 -24.86 -43.42
CA GLY B 522 -16.48 -25.23 -42.32
C GLY B 522 -17.55 -24.23 -41.96
N ILE B 523 -18.03 -23.45 -42.93
CA ILE B 523 -19.22 -22.63 -42.75
C ILE B 523 -20.13 -22.83 -43.96
N VAL B 524 -21.43 -22.92 -43.71
CA VAL B 524 -22.37 -23.37 -44.74
C VAL B 524 -23.23 -22.19 -45.18
N VAL B 525 -23.34 -22.00 -46.49
CA VAL B 525 -24.21 -21.00 -47.08
C VAL B 525 -25.55 -21.64 -47.35
N GLU B 526 -26.64 -20.87 -47.20
CA GLU B 526 -27.99 -21.38 -47.39
C GLU B 526 -28.20 -21.86 -48.83
N LYS B 527 -28.22 -20.94 -49.80
CA LYS B 527 -28.24 -21.30 -51.22
C LYS B 527 -27.71 -20.11 -52.00
N THR B 528 -27.05 -20.39 -53.12
CA THR B 528 -26.41 -19.37 -53.94
C THR B 528 -27.02 -19.36 -55.33
N GLY B 529 -27.04 -18.18 -55.94
CA GLY B 529 -27.37 -18.06 -57.34
C GLY B 529 -26.11 -17.91 -58.17
N PRO B 530 -26.17 -17.11 -59.22
CA PRO B 530 -24.98 -16.89 -60.04
C PRO B 530 -23.93 -16.04 -59.34
N TYR B 531 -24.34 -14.95 -58.71
CA TYR B 531 -23.41 -14.02 -58.09
C TYR B 531 -23.91 -13.51 -56.75
N ASN B 532 -24.72 -14.30 -56.05
CA ASN B 532 -25.16 -13.90 -54.73
C ASN B 532 -25.11 -15.06 -53.75
N LEU B 533 -24.89 -14.74 -52.50
CA LEU B 533 -25.00 -15.69 -51.40
C LEU B 533 -26.21 -15.31 -50.55
N LEU B 534 -26.44 -16.09 -49.49
CA LEU B 534 -27.51 -15.78 -48.56
C LEU B 534 -27.12 -16.31 -47.20
N PHE B 535 -27.27 -15.49 -46.16
CA PHE B 535 -26.92 -15.94 -44.81
C PHE B 535 -28.07 -15.62 -43.87
N LEU B 536 -28.65 -16.65 -43.30
CA LEU B 536 -29.75 -16.49 -42.35
C LEU B 536 -29.16 -16.08 -41.01
N PHE B 537 -29.37 -14.82 -40.62
CA PHE B 537 -28.95 -14.35 -39.30
C PHE B 537 -30.11 -14.54 -38.33
N SER B 538 -30.38 -15.80 -38.00
CA SER B 538 -31.47 -16.13 -37.10
C SER B 538 -31.06 -15.85 -35.66
N ILE B 539 -31.87 -16.31 -34.71
CA ILE B 539 -31.57 -16.11 -33.31
C ILE B 539 -30.37 -16.92 -32.84
N GLY B 540 -29.95 -17.93 -33.61
CA GLY B 540 -28.79 -18.70 -33.23
C GLY B 540 -27.47 -18.02 -33.48
N ILE B 541 -27.43 -17.03 -34.37
CA ILE B 541 -26.17 -16.43 -34.78
C ILE B 541 -25.68 -15.49 -33.69
N ASP B 542 -24.47 -15.73 -33.20
CA ASP B 542 -23.76 -14.81 -32.32
C ASP B 542 -22.55 -14.26 -33.07
N LYS B 543 -21.78 -13.41 -32.39
CA LYS B 543 -20.68 -12.74 -33.06
C LYS B 543 -19.51 -13.65 -33.37
N THR B 544 -19.43 -14.83 -32.73
CA THR B 544 -18.42 -15.82 -33.10
C THR B 544 -18.60 -16.28 -34.53
N LYS B 545 -19.82 -16.71 -34.87
CA LYS B 545 -20.11 -17.17 -36.22
C LYS B 545 -19.99 -16.03 -37.24
N ALA B 546 -20.46 -14.84 -36.88
CA ALA B 546 -20.40 -13.70 -37.80
C ALA B 546 -18.95 -13.32 -38.11
N LEU B 547 -18.09 -13.29 -37.09
CA LEU B 547 -16.69 -12.98 -37.32
C LEU B 547 -15.98 -14.08 -38.10
N SER B 548 -16.31 -15.35 -37.82
CA SER B 548 -15.72 -16.43 -38.59
C SER B 548 -16.13 -16.36 -40.05
N LEU B 549 -17.37 -15.99 -40.32
CA LEU B 549 -17.80 -15.82 -41.71
C LEU B 549 -17.09 -14.67 -42.40
N LEU B 550 -16.98 -13.53 -41.72
CA LEU B 550 -16.33 -12.37 -42.32
C LEU B 550 -14.86 -12.69 -42.62
N ARG B 551 -14.30 -13.52 -41.76
CA ARG B 551 -12.88 -13.92 -41.80
C ARG B 551 -12.62 -15.20 -42.61
N ALA B 552 -13.66 -15.85 -43.15
CA ALA B 552 -13.58 -16.78 -44.27
C ALA B 552 -13.69 -16.04 -45.58
N LEU B 553 -14.51 -15.00 -45.63
CA LEU B 553 -14.57 -14.12 -46.79
C LEU B 553 -13.23 -13.44 -47.05
N THR B 554 -12.60 -12.91 -46.00
CA THR B 554 -11.31 -12.25 -46.15
C THR B 554 -10.19 -13.21 -46.57
N ASP B 555 -10.16 -14.40 -45.98
CA ASP B 555 -9.16 -15.39 -46.38
C ASP B 555 -9.37 -15.85 -47.81
N PHE B 556 -10.62 -15.93 -48.26
CA PHE B 556 -10.86 -16.18 -49.67
C PHE B 556 -10.32 -15.07 -50.54
N LYS B 557 -10.49 -13.81 -50.11
CA LYS B 557 -9.96 -12.70 -50.88
C LYS B 557 -8.43 -12.78 -50.98
N ARG B 558 -7.78 -13.10 -49.86
CA ARG B 558 -6.32 -13.20 -49.86
C ARG B 558 -5.85 -14.38 -50.72
N ALA B 559 -6.54 -15.51 -50.64
CA ALA B 559 -6.18 -16.67 -51.44
C ALA B 559 -6.48 -16.49 -52.91
N PHE B 560 -7.45 -15.66 -53.26
CA PHE B 560 -7.75 -15.38 -54.67
C PHE B 560 -6.80 -14.37 -55.26
N ASP B 561 -6.41 -13.35 -54.49
CA ASP B 561 -5.38 -12.43 -54.96
C ASP B 561 -4.03 -13.10 -55.09
N LEU B 562 -3.69 -13.99 -54.15
CA LEU B 562 -2.47 -14.76 -54.27
C LEU B 562 -2.57 -15.83 -55.35
N ASN B 563 -3.79 -16.18 -55.76
CA ASN B 563 -4.08 -17.14 -56.83
C ASN B 563 -3.47 -18.51 -56.53
N LEU B 564 -3.97 -19.10 -55.44
CA LEU B 564 -3.57 -20.45 -55.08
C LEU B 564 -4.20 -21.46 -56.03
N ARG B 565 -3.60 -22.64 -56.10
CA ARG B 565 -4.10 -23.68 -56.97
C ARG B 565 -5.39 -24.29 -56.39
N VAL B 566 -6.15 -24.94 -57.27
CA VAL B 566 -7.40 -25.59 -56.86
C VAL B 566 -7.10 -26.75 -55.92
N LYS B 567 -5.98 -27.46 -56.15
CA LYS B 567 -5.63 -28.61 -55.33
C LYS B 567 -5.40 -28.24 -53.87
N ASN B 568 -4.68 -27.14 -53.62
CA ASN B 568 -4.42 -26.76 -52.24
C ASN B 568 -5.62 -26.09 -51.58
N MET B 569 -6.35 -25.26 -52.31
CA MET B 569 -7.37 -24.46 -51.65
C MET B 569 -8.71 -25.18 -51.58
N LEU B 570 -9.07 -25.92 -52.64
CA LEU B 570 -10.34 -26.62 -52.70
C LEU B 570 -10.09 -28.11 -52.95
N PRO B 571 -9.66 -28.85 -51.93
CA PRO B 571 -9.50 -30.30 -52.10
C PRO B 571 -10.81 -31.04 -52.31
N SER B 572 -11.91 -30.56 -51.74
CA SER B 572 -13.21 -31.18 -51.96
C SER B 572 -13.68 -31.04 -53.39
N LEU B 573 -13.34 -29.94 -54.05
CA LEU B 573 -13.60 -29.79 -55.48
C LEU B 573 -12.51 -30.44 -56.31
N TYR B 574 -11.29 -30.55 -55.77
CA TYR B 574 -10.22 -31.28 -56.44
C TYR B 574 -10.57 -32.75 -56.60
N ARG B 575 -11.18 -33.35 -55.59
CA ARG B 575 -11.54 -34.76 -55.61
C ARG B 575 -12.69 -35.07 -56.56
N GLU B 576 -13.37 -34.05 -57.11
CA GLU B 576 -14.42 -34.31 -58.09
C GLU B 576 -13.84 -34.93 -59.36
N ASP B 577 -12.74 -34.38 -59.86
CA ASP B 577 -12.00 -35.00 -60.96
C ASP B 577 -10.55 -34.50 -60.88
N PRO B 578 -9.68 -35.24 -60.20
CA PRO B 578 -8.29 -34.78 -60.02
C PRO B 578 -7.52 -34.60 -61.32
N GLU B 579 -7.90 -35.29 -62.39
CA GLU B 579 -7.21 -35.12 -63.66
C GLU B 579 -7.45 -33.74 -64.26
N PHE B 580 -8.64 -33.17 -64.04
CA PHE B 580 -8.98 -31.89 -64.63
C PHE B 580 -8.46 -30.71 -63.83
N TYR B 581 -8.59 -30.76 -62.50
CA TYR B 581 -8.19 -29.66 -61.64
C TYR B 581 -6.75 -29.79 -61.13
N GLU B 582 -5.89 -30.48 -61.89
CA GLU B 582 -4.53 -30.74 -61.41
C GLU B 582 -3.67 -29.48 -61.50
N ASN B 583 -3.63 -28.85 -62.67
CA ASN B 583 -2.77 -27.71 -62.93
C ASN B 583 -3.57 -26.45 -63.26
N MET B 584 -4.63 -26.21 -62.50
CA MET B 584 -5.49 -25.05 -62.72
C MET B 584 -5.46 -24.14 -61.51
N ARG B 585 -5.27 -22.85 -61.76
CA ARG B 585 -5.33 -21.84 -60.70
C ARG B 585 -6.77 -21.39 -60.49
N ILE B 586 -7.01 -20.75 -59.34
CA ILE B 586 -8.37 -20.33 -59.03
C ILE B 586 -8.80 -19.14 -59.87
N GLN B 587 -7.88 -18.24 -60.21
CA GLN B 587 -8.24 -17.11 -61.06
C GLN B 587 -8.62 -17.57 -62.47
N GLU B 588 -7.91 -18.57 -63.00
CA GLU B 588 -8.28 -19.12 -64.30
C GLU B 588 -9.66 -19.78 -64.26
N LEU B 589 -9.95 -20.52 -63.19
CA LEU B 589 -11.25 -21.19 -63.07
C LEU B 589 -12.38 -20.18 -62.95
N ALA B 590 -12.21 -19.16 -62.11
CA ALA B 590 -13.22 -18.14 -61.94
C ALA B 590 -13.41 -17.35 -63.23
N GLN B 591 -12.33 -17.00 -63.91
CA GLN B 591 -12.41 -16.30 -65.18
C GLN B 591 -13.10 -17.15 -66.23
N ASN B 592 -12.85 -18.45 -66.24
CA ASN B 592 -13.46 -19.33 -67.23
C ASN B 592 -14.95 -19.46 -67.02
N ILE B 593 -15.40 -19.66 -65.78
CA ILE B 593 -16.83 -19.78 -65.54
C ILE B 593 -17.52 -18.43 -65.76
N HIS B 594 -16.86 -17.34 -65.39
CA HIS B 594 -17.41 -16.02 -65.68
C HIS B 594 -17.52 -15.75 -67.16
N LYS B 595 -16.54 -16.18 -67.96
CA LYS B 595 -16.63 -16.02 -69.40
C LYS B 595 -17.69 -16.92 -70.01
N LEU B 596 -17.90 -18.10 -69.43
CA LEU B 596 -19.00 -18.95 -69.88
C LEU B 596 -20.35 -18.29 -69.59
N ILE B 597 -20.47 -17.58 -68.47
CA ILE B 597 -21.70 -16.85 -68.20
C ILE B 597 -21.85 -15.66 -69.13
N VAL B 598 -20.77 -14.90 -69.35
CA VAL B 598 -20.82 -13.70 -70.19
C VAL B 598 -21.11 -14.01 -71.65
N HIS B 599 -20.37 -14.95 -72.25
CA HIS B 599 -20.52 -15.23 -73.67
C HIS B 599 -21.88 -15.82 -74.00
N HIS B 600 -22.43 -16.63 -73.10
CA HIS B 600 -23.76 -17.19 -73.26
C HIS B 600 -24.86 -16.24 -72.79
N ASN B 601 -24.48 -15.11 -72.17
CA ASN B 601 -25.40 -14.05 -71.75
C ASN B 601 -26.46 -14.59 -70.78
N LEU B 602 -25.99 -15.05 -69.63
CA LEU B 602 -26.90 -15.68 -68.66
C LEU B 602 -27.95 -14.73 -68.09
N PRO B 603 -27.63 -13.54 -67.56
CA PRO B 603 -28.67 -12.74 -66.88
C PRO B 603 -29.76 -12.23 -67.80
N ASP B 604 -29.42 -11.87 -69.05
CA ASP B 604 -30.46 -11.40 -69.97
C ASP B 604 -31.43 -12.52 -70.32
N LEU B 605 -30.91 -13.73 -70.55
CA LEU B 605 -31.78 -14.87 -70.79
C LEU B 605 -32.60 -15.23 -69.55
N MET B 606 -31.98 -15.17 -68.37
CA MET B 606 -32.70 -15.48 -67.14
C MET B 606 -33.78 -14.45 -66.85
N TYR B 607 -33.59 -13.22 -67.29
CA TYR B 607 -34.63 -12.21 -67.16
C TYR B 607 -35.76 -12.45 -68.17
N ARG B 608 -35.42 -12.51 -69.46
CA ARG B 608 -36.42 -12.61 -70.51
C ARG B 608 -37.16 -13.94 -70.50
N ALA B 609 -36.62 -14.98 -69.87
CA ALA B 609 -37.36 -16.22 -69.74
C ALA B 609 -38.46 -16.15 -68.70
N PHE B 610 -38.25 -15.39 -67.62
CA PHE B 610 -39.26 -15.26 -66.58
C PHE B 610 -40.19 -14.08 -66.78
N GLU B 611 -39.91 -13.21 -67.75
CA GLU B 611 -40.88 -12.17 -68.08
C GLU B 611 -41.97 -12.66 -69.04
N VAL B 612 -41.90 -13.91 -69.51
CA VAL B 612 -42.91 -14.48 -70.37
C VAL B 612 -43.46 -15.74 -69.73
N LEU B 613 -44.79 -15.79 -69.62
CA LEU B 613 -45.50 -16.90 -69.00
C LEU B 613 -45.82 -17.98 -70.03
N PRO B 614 -45.51 -19.24 -69.73
CA PRO B 614 -45.89 -20.33 -70.64
C PRO B 614 -47.41 -20.49 -70.73
N THR B 615 -47.86 -20.97 -71.88
CA THR B 615 -49.28 -21.07 -72.17
C THR B 615 -49.89 -22.25 -71.42
N MET B 616 -50.92 -21.97 -70.61
CA MET B 616 -51.61 -23.01 -69.85
C MET B 616 -52.59 -23.73 -70.76
N VAL B 617 -52.22 -24.93 -71.21
CA VAL B 617 -53.15 -25.75 -71.98
C VAL B 617 -54.18 -26.38 -71.05
N MET B 618 -53.73 -26.96 -69.94
CA MET B 618 -54.62 -27.62 -69.00
C MET B 618 -54.12 -27.38 -67.59
N THR B 619 -55.04 -27.55 -66.63
CA THR B 619 -54.70 -27.38 -65.22
C THR B 619 -53.70 -28.45 -64.78
N PRO B 620 -52.84 -28.13 -63.81
CA PRO B 620 -51.86 -29.13 -63.32
C PRO B 620 -52.49 -30.38 -62.74
N TYR B 621 -53.72 -30.29 -62.23
CA TYR B 621 -54.43 -31.50 -61.81
C TYR B 621 -54.66 -32.44 -62.99
N ALA B 622 -55.06 -31.88 -64.14
CA ALA B 622 -55.23 -32.70 -65.32
C ALA B 622 -53.90 -33.22 -65.85
N ALA B 623 -52.83 -32.45 -65.68
CA ALA B 623 -51.51 -32.93 -66.06
C ALA B 623 -51.09 -34.11 -65.20
N PHE B 624 -51.33 -34.05 -63.89
CA PHE B 624 -51.04 -35.19 -63.04
C PHE B 624 -51.93 -36.37 -63.35
N GLN B 625 -53.20 -36.13 -63.72
CA GLN B 625 -54.08 -37.22 -64.12
C GLN B 625 -53.59 -37.92 -65.37
N LYS B 626 -53.15 -37.16 -66.37
CA LYS B 626 -52.59 -37.76 -67.57
C LYS B 626 -51.23 -38.40 -67.31
N GLU B 627 -50.50 -37.92 -66.31
CA GLU B 627 -49.23 -38.52 -65.96
C GLU B 627 -49.41 -39.87 -65.28
N LEU B 628 -50.43 -40.00 -64.44
CA LEU B 628 -50.71 -41.26 -63.77
C LEU B 628 -51.16 -42.36 -64.73
N HIS B 629 -51.80 -42.01 -65.84
CA HIS B 629 -52.29 -42.99 -66.79
C HIS B 629 -51.22 -43.44 -67.78
N GLY B 630 -49.96 -43.07 -67.56
CA GLY B 630 -48.88 -43.50 -68.42
C GLY B 630 -48.86 -42.84 -69.78
N MET B 631 -49.42 -41.64 -69.89
CA MET B 631 -49.46 -40.91 -71.15
C MET B 631 -48.28 -39.97 -71.32
N THR B 632 -47.13 -40.30 -70.72
CA THR B 632 -45.96 -39.44 -70.72
C THR B 632 -44.84 -40.08 -71.52
N GLU B 633 -44.19 -39.29 -72.36
CA GLU B 633 -43.01 -39.70 -73.10
C GLU B 633 -41.88 -38.72 -72.83
N GLU B 634 -40.65 -39.21 -72.95
CA GLU B 634 -39.46 -38.42 -72.67
C GLU B 634 -38.86 -37.96 -74.00
N VAL B 635 -39.29 -36.80 -74.47
CA VAL B 635 -38.73 -36.20 -75.68
C VAL B 635 -37.48 -35.46 -75.24
N TYR B 636 -36.56 -35.21 -76.16
CA TYR B 636 -35.36 -34.45 -75.82
C TYR B 636 -35.71 -32.98 -75.61
N LEU B 637 -34.73 -32.24 -75.09
CA LEU B 637 -34.99 -30.87 -74.65
C LEU B 637 -35.31 -29.94 -75.81
N ASP B 638 -34.63 -30.10 -76.94
CA ASP B 638 -34.76 -29.17 -78.07
C ASP B 638 -36.12 -29.24 -78.74
N GLU B 639 -36.78 -30.39 -78.72
CA GLU B 639 -38.04 -30.60 -79.43
C GLU B 639 -39.23 -30.53 -78.48
N MET B 640 -39.17 -29.63 -77.50
CA MET B 640 -40.18 -29.55 -76.46
C MET B 640 -41.21 -28.45 -76.71
N VAL B 641 -41.01 -27.60 -77.73
CA VAL B 641 -42.00 -26.57 -78.03
C VAL B 641 -43.24 -27.21 -78.64
N GLY B 642 -44.40 -26.68 -78.27
CA GLY B 642 -45.65 -27.26 -78.69
C GLY B 642 -46.07 -28.50 -77.94
N ARG B 643 -45.33 -28.89 -76.90
CA ARG B 643 -45.63 -30.07 -76.12
C ARG B 643 -46.05 -29.68 -74.71
N ILE B 644 -47.00 -30.41 -74.17
CA ILE B 644 -47.54 -30.14 -72.84
C ILE B 644 -46.64 -30.83 -71.81
N ASN B 645 -46.14 -30.05 -70.86
CA ASN B 645 -45.22 -30.59 -69.85
C ASN B 645 -45.99 -31.33 -68.76
N ALA B 646 -45.43 -32.46 -68.34
CA ALA B 646 -46.06 -33.29 -67.32
C ALA B 646 -45.44 -33.11 -65.94
N ASN B 647 -44.13 -32.90 -65.87
CA ASN B 647 -43.45 -32.66 -64.61
C ASN B 647 -42.89 -31.25 -64.58
N MET B 648 -42.84 -30.69 -63.37
CA MET B 648 -42.38 -29.32 -63.19
C MET B 648 -40.89 -29.21 -63.53
N ILE B 649 -40.51 -28.12 -64.19
CA ILE B 649 -39.13 -27.82 -64.47
C ILE B 649 -38.68 -26.72 -63.51
N LEU B 650 -37.72 -27.04 -62.65
CA LEU B 650 -37.24 -26.13 -61.60
C LEU B 650 -35.74 -25.95 -61.78
N PRO B 651 -35.32 -24.92 -62.51
CA PRO B 651 -33.88 -24.74 -62.76
C PRO B 651 -33.17 -23.94 -61.67
N TYR B 652 -31.97 -24.39 -61.33
CA TYR B 652 -31.07 -23.63 -60.47
C TYR B 652 -29.92 -23.14 -61.30
N PRO B 653 -29.73 -21.82 -61.53
CA PRO B 653 -30.46 -20.63 -61.07
C PRO B 653 -31.85 -20.50 -61.68
N PRO B 654 -32.77 -19.79 -61.01
CA PRO B 654 -32.61 -19.18 -59.69
C PRO B 654 -33.18 -19.98 -58.52
N GLY B 655 -34.19 -20.81 -58.76
CA GLY B 655 -34.83 -21.53 -57.68
C GLY B 655 -36.32 -21.30 -57.59
N VAL B 656 -36.93 -20.90 -58.70
CA VAL B 656 -38.37 -20.63 -58.75
C VAL B 656 -38.95 -21.45 -59.90
N PRO B 657 -40.16 -22.02 -59.76
CA PRO B 657 -40.74 -22.82 -60.85
C PRO B 657 -40.94 -22.07 -62.15
N LEU B 658 -40.24 -22.55 -63.17
CA LEU B 658 -40.23 -21.90 -64.49
C LEU B 658 -41.37 -22.42 -65.37
N VAL B 659 -41.39 -23.72 -65.62
CA VAL B 659 -42.48 -24.37 -66.36
C VAL B 659 -43.28 -25.22 -65.37
N MET B 660 -44.58 -24.97 -65.31
CA MET B 660 -45.46 -25.72 -64.43
C MET B 660 -45.91 -27.00 -65.13
N PRO B 661 -46.38 -27.99 -64.39
CA PRO B 661 -47.00 -29.17 -65.03
C PRO B 661 -48.30 -28.78 -65.72
N GLY B 662 -48.39 -29.08 -67.01
CA GLY B 662 -49.58 -28.78 -67.79
C GLY B 662 -49.49 -27.53 -68.64
N GLU B 663 -48.31 -26.93 -68.79
CA GLU B 663 -48.15 -25.72 -69.57
C GLU B 663 -47.24 -25.98 -70.77
N MET B 664 -47.53 -25.27 -71.86
CA MET B 664 -46.85 -25.44 -73.14
C MET B 664 -45.90 -24.28 -73.39
N ILE B 665 -44.71 -24.60 -73.89
CA ILE B 665 -43.79 -23.57 -74.37
C ILE B 665 -44.12 -23.29 -75.83
N THR B 666 -44.65 -22.11 -76.10
CA THR B 666 -45.03 -21.72 -77.44
C THR B 666 -43.90 -20.91 -78.07
N GLU B 667 -44.14 -20.41 -79.30
CA GLU B 667 -43.16 -19.57 -79.96
C GLU B 667 -43.00 -18.22 -79.27
N GLU B 668 -44.03 -17.76 -78.57
CA GLU B 668 -43.92 -16.54 -77.78
C GLU B 668 -43.05 -16.71 -76.54
N SER B 669 -42.81 -17.96 -76.12
CA SER B 669 -42.01 -18.26 -74.94
C SER B 669 -40.75 -19.03 -75.30
N ARG B 670 -40.24 -18.83 -76.52
CA ARG B 670 -38.97 -19.43 -76.91
C ARG B 670 -37.76 -19.07 -76.03
N PRO B 671 -37.61 -17.86 -75.47
CA PRO B 671 -36.49 -17.62 -74.54
C PRO B 671 -36.46 -18.53 -73.32
N VAL B 672 -37.59 -19.13 -72.91
CA VAL B 672 -37.56 -20.19 -71.91
C VAL B 672 -36.72 -21.36 -72.39
N LEU B 673 -36.99 -21.82 -73.62
CA LEU B 673 -36.22 -22.92 -74.18
C LEU B 673 -34.76 -22.53 -74.40
N GLU B 674 -34.51 -21.29 -74.82
CA GLU B 674 -33.14 -20.81 -74.98
C GLU B 674 -32.40 -20.79 -73.64
N PHE B 675 -33.07 -20.37 -72.57
CA PHE B 675 -32.45 -20.36 -71.24
C PHE B 675 -32.15 -21.77 -70.77
N LEU B 676 -33.08 -22.71 -70.98
CA LEU B 676 -32.86 -24.09 -70.57
C LEU B 676 -31.70 -24.71 -71.34
N GLN B 677 -31.67 -24.51 -72.66
CA GLN B 677 -30.59 -25.03 -73.48
C GLN B 677 -29.25 -24.39 -73.12
N MET B 678 -29.24 -23.10 -72.83
CA MET B 678 -28.03 -22.41 -72.42
C MET B 678 -27.51 -22.97 -71.09
N LEU B 679 -28.42 -23.20 -70.13
CA LEU B 679 -28.02 -23.75 -68.84
C LEU B 679 -27.45 -25.15 -68.99
N CYS B 680 -28.06 -25.98 -69.83
CA CYS B 680 -27.52 -27.30 -70.10
C CYS B 680 -26.18 -27.23 -70.82
N GLU B 681 -26.01 -26.25 -71.71
CA GLU B 681 -24.75 -26.10 -72.43
C GLU B 681 -23.62 -25.64 -71.52
N ILE B 682 -23.89 -24.74 -70.59
CA ILE B 682 -22.83 -24.25 -69.73
C ILE B 682 -22.54 -25.20 -68.58
N GLY B 683 -23.49 -26.05 -68.19
CA GLY B 683 -23.23 -26.94 -67.09
C GLY B 683 -22.42 -28.18 -67.44
N ALA B 684 -22.17 -28.42 -68.72
CA ALA B 684 -21.46 -29.60 -69.18
C ALA B 684 -20.01 -29.32 -69.56
N HIS B 685 -19.37 -28.37 -68.89
CA HIS B 685 -17.97 -28.05 -69.15
C HIS B 685 -17.07 -28.31 -67.95
N TYR B 686 -17.43 -27.80 -66.78
CA TYR B 686 -16.54 -27.84 -65.62
C TYR B 686 -17.14 -28.73 -64.54
N PRO B 687 -16.42 -29.77 -64.11
CA PRO B 687 -16.97 -30.69 -63.12
C PRO B 687 -17.09 -30.04 -61.75
N GLY B 688 -18.05 -30.53 -60.98
CA GLY B 688 -18.39 -29.98 -59.69
C GLY B 688 -19.36 -28.82 -59.75
N PHE B 689 -19.59 -28.26 -60.93
CA PHE B 689 -20.53 -27.17 -61.11
C PHE B 689 -21.67 -27.66 -62.00
N GLU B 690 -22.16 -28.87 -61.73
CA GLU B 690 -23.07 -29.56 -62.61
C GLU B 690 -24.44 -28.88 -62.63
N THR B 691 -25.19 -29.15 -63.70
CA THR B 691 -26.48 -28.53 -63.91
C THR B 691 -27.48 -29.07 -62.90
N ASP B 692 -28.19 -28.16 -62.22
CA ASP B 692 -29.19 -28.52 -61.22
C ASP B 692 -30.54 -28.04 -61.73
N ILE B 693 -31.21 -28.91 -62.48
CA ILE B 693 -32.57 -28.66 -62.96
C ILE B 693 -33.44 -29.79 -62.45
N HIS B 694 -34.46 -29.46 -61.67
CA HIS B 694 -35.40 -30.46 -61.18
C HIS B 694 -36.51 -30.62 -62.21
N GLY B 695 -36.53 -31.76 -62.90
CA GLY B 695 -37.49 -32.01 -63.95
C GLY B 695 -36.83 -32.50 -65.22
N ALA B 696 -35.66 -31.95 -65.53
CA ALA B 696 -34.89 -32.40 -66.68
C ALA B 696 -33.93 -33.48 -66.25
N TYR B 697 -33.92 -34.58 -67.00
CA TYR B 697 -33.18 -35.78 -66.64
C TYR B 697 -31.97 -35.92 -67.54
N ARG B 698 -30.79 -36.10 -66.94
CA ARG B 698 -29.55 -36.15 -67.67
C ARG B 698 -29.41 -37.49 -68.39
N GLN B 699 -29.02 -37.45 -69.65
CA GLN B 699 -28.71 -38.65 -70.41
C GLN B 699 -27.19 -38.81 -70.53
N ALA B 700 -26.77 -39.93 -71.12
CA ALA B 700 -25.35 -40.22 -71.24
C ALA B 700 -24.67 -39.37 -72.29
N ASP B 701 -25.36 -39.04 -73.39
CA ASP B 701 -24.74 -38.29 -74.46
C ASP B 701 -24.55 -36.82 -74.14
N GLY B 702 -25.28 -36.29 -73.15
CA GLY B 702 -25.17 -34.91 -72.76
C GLY B 702 -26.35 -34.03 -73.10
N ARG B 703 -27.45 -34.59 -73.61
CA ARG B 703 -28.65 -33.83 -73.91
C ARG B 703 -29.77 -34.31 -73.00
N TYR B 704 -30.47 -33.37 -72.38
CA TYR B 704 -31.42 -33.66 -71.32
C TYR B 704 -32.79 -33.95 -71.90
N THR B 705 -33.62 -34.62 -71.10
CA THR B 705 -34.97 -35.01 -71.48
C THR B 705 -35.97 -34.48 -70.47
N VAL B 706 -37.17 -34.14 -70.94
CA VAL B 706 -38.26 -33.65 -70.11
C VAL B 706 -39.50 -34.48 -70.41
N LYS B 707 -40.16 -34.97 -69.36
CA LYS B 707 -41.36 -35.78 -69.52
C LYS B 707 -42.51 -34.90 -70.00
N VAL B 708 -42.93 -35.08 -71.25
CA VAL B 708 -44.06 -34.37 -71.82
C VAL B 708 -45.19 -35.36 -72.03
N LEU B 709 -46.37 -34.82 -72.37
CA LEU B 709 -47.55 -35.65 -72.58
C LEU B 709 -47.61 -36.13 -74.02
N LYS B 710 -48.22 -37.31 -74.20
CA LYS B 710 -48.39 -37.88 -75.52
C LYS B 710 -49.46 -37.11 -76.30
N GLU B 711 -49.42 -37.27 -77.62
CA GLU B 711 -50.37 -36.58 -78.48
C GLU B 711 -51.49 -37.51 -78.92
N MET C 1 11.21 -27.97 30.54
CA MET C 1 12.15 -27.27 29.69
C MET C 1 12.28 -27.92 28.32
N ASN C 2 11.36 -27.60 27.42
CA ASN C 2 11.48 -28.02 26.04
C ASN C 2 10.98 -26.95 25.07
N VAL C 3 10.89 -25.72 25.56
CA VAL C 3 10.34 -24.64 24.72
C VAL C 3 11.48 -23.70 24.39
N ILE C 4 11.84 -23.55 23.12
CA ILE C 4 13.02 -22.73 22.69
C ILE C 4 12.51 -21.74 21.69
N ALA C 5 12.63 -20.44 21.94
CA ALA C 5 11.89 -19.47 21.15
C ALA C 5 12.79 -18.78 20.14
N ILE C 6 12.40 -18.80 18.89
CA ILE C 6 13.22 -18.20 17.81
C ILE C 6 12.58 -16.86 17.50
N LEU C 7 13.38 -15.80 17.37
CA LEU C 7 12.83 -14.49 16.95
C LEU C 7 12.57 -14.45 15.44
N ASN C 8 12.11 -13.31 14.93
CA ASN C 8 11.49 -13.18 13.59
C ASN C 8 12.26 -13.49 12.32
N HIS C 9 11.52 -13.54 11.21
CA HIS C 9 12.11 -13.85 9.89
C HIS C 9 12.67 -12.58 9.29
N MET C 10 14.00 -12.51 9.17
CA MET C 10 14.67 -11.30 8.65
C MET C 10 14.20 -11.07 7.23
N GLY C 11 14.18 -12.10 6.40
CA GLY C 11 13.85 -11.94 4.97
C GLY C 11 14.89 -12.52 4.05
N VAL C 12 16.17 -12.39 4.37
CA VAL C 12 17.16 -12.97 3.48
C VAL C 12 17.35 -14.45 3.83
N TYR C 13 17.83 -15.20 2.83
CA TYR C 13 17.83 -16.65 2.88
C TYR C 13 18.95 -17.25 3.72
N PHE C 14 20.14 -16.65 3.69
CA PHE C 14 21.30 -17.28 4.30
C PHE C 14 21.22 -17.34 5.81
N LYS C 15 20.37 -16.53 6.42
CA LYS C 15 20.10 -16.61 7.85
C LYS C 15 18.67 -17.04 8.14
N GLU C 16 18.02 -17.69 7.18
CA GLU C 16 16.72 -18.30 7.41
C GLU C 16 16.71 -19.80 7.18
N GLU C 17 17.35 -20.27 6.11
CA GLU C 17 17.44 -21.71 5.88
C GLU C 17 18.27 -22.43 6.95
N PRO C 18 19.39 -21.89 7.44
CA PRO C 18 19.98 -22.48 8.65
C PRO C 18 19.05 -22.44 9.85
N ILE C 19 18.22 -21.40 9.98
CA ILE C 19 17.26 -21.35 11.07
C ILE C 19 16.19 -22.41 10.91
N ARG C 20 15.73 -22.65 9.68
CA ARG C 20 14.77 -23.73 9.46
C ARG C 20 15.38 -25.10 9.68
N GLU C 21 16.64 -25.30 9.30
CA GLU C 21 17.32 -26.55 9.58
C GLU C 21 17.49 -26.77 11.09
N LEU C 22 17.81 -25.70 11.82
CA LEU C 22 17.90 -25.79 13.28
C LEU C 22 16.53 -26.05 13.90
N HIS C 23 15.47 -25.48 13.34
CA HIS C 23 14.10 -25.79 13.75
C HIS C 23 13.84 -27.28 13.61
N ARG C 24 14.14 -27.84 12.44
CA ARG C 24 13.90 -29.25 12.19
C ARG C 24 14.72 -30.14 13.11
N ALA C 25 15.99 -29.78 13.33
CA ALA C 25 16.84 -30.56 14.22
C ALA C 25 16.38 -30.48 15.68
N LEU C 26 15.92 -29.31 16.13
CA LEU C 26 15.45 -29.19 17.50
C LEU C 26 14.13 -29.93 17.71
N GLU C 27 13.24 -29.92 16.71
CA GLU C 27 12.05 -30.76 16.82
C GLU C 27 12.41 -32.24 16.79
N ARG C 28 13.48 -32.60 16.08
CA ARG C 28 13.99 -33.97 16.14
C ARG C 28 14.55 -34.30 17.52
N LEU C 29 15.07 -33.30 18.23
CA LEU C 29 15.58 -33.48 19.58
C LEU C 29 14.52 -33.24 20.65
N ASN C 30 13.24 -33.33 20.30
CA ASN C 30 12.11 -33.25 21.24
C ASN C 30 12.05 -31.91 21.96
N PHE C 31 12.17 -30.83 21.20
CA PHE C 31 11.98 -29.48 21.70
C PHE C 31 10.79 -28.83 21.00
N GLN C 32 9.83 -28.35 21.78
CA GLN C 32 8.76 -27.52 21.24
C GLN C 32 9.33 -26.17 20.86
N ILE C 33 8.91 -25.66 19.70
CA ILE C 33 9.44 -24.41 19.15
C ILE C 33 8.31 -23.39 19.10
N VAL C 34 8.55 -22.23 19.70
CA VAL C 34 7.61 -21.13 19.65
C VAL C 34 8.20 -20.02 18.81
N TYR C 35 7.32 -19.19 18.24
CA TYR C 35 7.70 -18.14 17.30
C TYR C 35 7.12 -16.80 17.71
N PRO C 36 7.73 -16.12 18.69
CA PRO C 36 7.32 -14.74 18.98
C PRO C 36 7.64 -13.83 17.82
N ASN C 37 6.73 -12.88 17.56
CA ASN C 37 6.83 -12.06 16.37
C ASN C 37 7.92 -10.99 16.50
N ASP C 38 8.04 -10.35 17.65
CA ASP C 38 9.02 -9.29 17.82
C ASP C 38 9.49 -9.27 19.28
N ARG C 39 10.15 -8.19 19.66
CA ARG C 39 10.80 -8.10 20.96
C ARG C 39 9.82 -8.12 22.13
N ASP C 40 8.81 -7.25 22.11
CA ASP C 40 7.85 -7.20 23.20
C ASP C 40 7.06 -8.49 23.31
N ASP C 41 6.85 -9.17 22.17
CA ASP C 41 6.28 -10.50 22.19
C ASP C 41 7.14 -11.46 23.00
N LEU C 42 8.47 -11.38 22.85
CA LEU C 42 9.36 -12.23 23.63
C LEU C 42 9.32 -11.88 25.12
N LEU C 43 9.29 -10.58 25.45
CA LEU C 43 9.20 -10.17 26.85
C LEU C 43 7.93 -10.73 27.52
N LYS C 44 6.78 -10.54 26.86
CA LYS C 44 5.54 -11.08 27.40
C LYS C 44 5.53 -12.61 27.44
N LEU C 45 6.09 -13.25 26.43
CA LEU C 45 6.17 -14.72 26.41
C LEU C 45 7.00 -15.25 27.56
N ILE C 46 8.09 -14.57 27.90
CA ILE C 46 8.91 -15.03 29.00
C ILE C 46 8.23 -14.77 30.35
N GLU C 47 7.54 -13.63 30.52
CA GLU C 47 6.95 -13.39 31.84
C GLU C 47 5.72 -14.27 32.06
N ASN C 48 4.96 -14.55 31.01
CA ASN C 48 3.76 -15.36 31.19
C ASN C 48 4.03 -16.84 31.33
N ASN C 49 5.26 -17.29 31.05
CA ASN C 49 5.56 -18.71 31.06
C ASN C 49 6.79 -18.98 31.92
N ALA C 50 7.06 -20.26 32.13
CA ALA C 50 8.28 -20.69 32.80
C ALA C 50 8.92 -21.89 32.13
N ARG C 51 8.21 -22.61 31.28
CA ARG C 51 8.77 -23.77 30.61
C ARG C 51 9.74 -23.41 29.50
N LEU C 52 9.84 -22.13 29.14
CA LEU C 52 10.76 -21.70 28.11
C LEU C 52 12.19 -21.84 28.63
N CYS C 53 13.05 -22.48 27.83
CA CYS C 53 14.40 -22.78 28.25
C CYS C 53 15.44 -22.33 27.23
N GLY C 54 15.11 -21.35 26.41
CA GLY C 54 16.03 -20.91 25.39
C GLY C 54 15.44 -19.92 24.42
N VAL C 55 16.21 -18.89 24.08
CA VAL C 55 15.80 -17.91 23.09
C VAL C 55 16.87 -17.87 22.02
N ILE C 56 16.46 -18.04 20.78
CA ILE C 56 17.35 -17.90 19.64
C ILE C 56 16.97 -16.61 18.93
N PHE C 57 17.94 -15.72 18.77
CA PHE C 57 17.68 -14.45 18.11
C PHE C 57 18.90 -14.08 17.30
N ASP C 58 18.68 -13.23 16.31
CA ASP C 58 19.76 -12.70 15.48
C ASP C 58 20.38 -11.51 16.20
N TRP C 59 21.70 -11.43 16.15
CA TRP C 59 22.44 -10.39 16.83
C TRP C 59 22.49 -9.09 16.03
N ASP C 60 21.90 -9.06 14.84
CA ASP C 60 21.92 -7.82 14.06
C ASP C 60 20.71 -6.95 14.34
N LYS C 61 19.51 -7.48 14.08
CA LYS C 61 18.30 -6.66 14.24
C LYS C 61 17.93 -6.43 15.68
N TYR C 62 18.41 -7.26 16.61
CA TYR C 62 18.13 -7.10 18.02
C TYR C 62 19.45 -6.97 18.76
N ASN C 63 19.60 -5.88 19.51
CA ASN C 63 20.85 -5.57 20.19
C ASN C 63 20.96 -6.41 21.45
N LEU C 64 21.98 -6.15 22.25
CA LEU C 64 22.26 -6.94 23.44
C LEU C 64 21.55 -6.41 24.67
N GLU C 65 20.77 -5.34 24.55
CA GLU C 65 19.90 -4.93 25.65
C GLU C 65 18.73 -5.90 25.81
N LEU C 66 18.35 -6.59 24.73
CA LEU C 66 17.49 -7.77 24.83
C LEU C 66 18.32 -9.01 25.15
N CYS C 67 19.20 -8.84 26.13
CA CYS C 67 19.80 -9.93 26.87
C CYS C 67 19.71 -9.49 28.32
N GLU C 68 19.87 -8.18 28.52
CA GLU C 68 19.83 -7.60 29.85
C GLU C 68 18.42 -7.57 30.40
N GLU C 69 17.42 -7.28 29.56
CA GLU C 69 16.04 -7.31 30.03
C GLU C 69 15.63 -8.70 30.45
N ILE C 70 16.01 -9.71 29.66
CA ILE C 70 15.72 -11.10 30.02
C ILE C 70 16.50 -11.50 31.26
N SER C 71 17.71 -10.96 31.44
CA SER C 71 18.47 -11.19 32.66
C SER C 71 17.76 -10.63 33.89
N LYS C 72 17.18 -9.44 33.77
CA LYS C 72 16.33 -8.93 34.85
C LYS C 72 15.11 -9.81 35.05
N MET C 73 14.65 -10.48 33.99
CA MET C 73 13.53 -11.41 34.14
C MET C 73 13.97 -12.78 34.64
N ASN C 74 15.07 -13.31 34.09
CA ASN C 74 15.62 -14.58 34.54
C ASN C 74 17.11 -14.59 34.26
N GLU C 75 17.92 -14.73 35.31
CA GLU C 75 19.36 -14.62 35.16
C GLU C 75 19.98 -15.82 34.46
N ASN C 76 19.47 -17.02 34.70
CA ASN C 76 20.10 -18.25 34.25
C ASN C 76 19.59 -18.72 32.90
N LEU C 77 18.68 -17.99 32.27
CA LEU C 77 18.05 -18.47 31.04
C LEU C 77 19.07 -18.44 29.90
N PRO C 78 19.31 -19.57 29.23
CA PRO C 78 20.21 -19.56 28.09
C PRO C 78 19.56 -18.89 26.90
N LEU C 79 20.31 -18.04 26.22
CA LEU C 79 19.85 -17.42 24.99
C LEU C 79 20.94 -17.64 23.95
N TYR C 80 20.56 -17.75 22.69
CA TYR C 80 21.50 -18.14 21.64
C TYR C 80 21.57 -17.06 20.57
N ALA C 81 22.51 -16.12 20.72
CA ALA C 81 22.69 -15.07 19.73
C ALA C 81 23.39 -15.62 18.50
N PHE C 82 22.94 -15.21 17.32
CA PHE C 82 23.51 -15.66 16.07
C PHE C 82 24.29 -14.50 15.46
N ALA C 83 25.60 -14.69 15.29
CA ALA C 83 26.49 -13.60 14.88
C ALA C 83 26.67 -13.61 13.37
N ASN C 84 26.26 -12.52 12.72
CA ASN C 84 26.46 -12.37 11.29
C ASN C 84 27.30 -11.16 10.94
N THR C 85 26.88 -9.96 11.35
CA THR C 85 27.47 -8.71 10.88
C THR C 85 28.37 -8.07 11.92
N TYR C 86 27.90 -7.97 13.16
CA TYR C 86 28.76 -7.56 14.25
C TYR C 86 29.84 -8.62 14.44
N SER C 87 31.08 -8.15 14.52
CA SER C 87 32.24 -9.02 14.52
C SER C 87 32.49 -9.53 15.93
N THR C 88 33.71 -10.03 16.17
CA THR C 88 34.10 -10.31 17.55
C THR C 88 34.10 -9.04 18.37
N LEU C 89 34.55 -7.92 17.79
CA LEU C 89 34.88 -6.67 18.49
C LEU C 89 33.70 -5.99 19.17
N ASP C 90 32.45 -6.35 18.85
CA ASP C 90 31.31 -5.55 19.28
C ASP C 90 30.66 -6.09 20.55
N VAL C 91 31.45 -6.59 21.50
CA VAL C 91 30.92 -7.22 22.70
C VAL C 91 31.48 -6.50 23.92
N SER C 92 30.60 -6.10 24.83
CA SER C 92 30.99 -5.48 26.09
C SER C 92 31.08 -6.53 27.20
N LEU C 93 31.52 -6.09 28.38
CA LEU C 93 31.60 -6.99 29.53
C LEU C 93 30.25 -7.46 30.00
N ASN C 94 29.26 -6.56 30.05
CA ASN C 94 27.93 -6.92 30.51
C ASN C 94 27.26 -7.94 29.59
N ASP C 95 27.63 -7.98 28.32
CA ASP C 95 27.18 -9.05 27.45
C ASP C 95 27.83 -10.38 27.86
N LEU C 96 29.13 -10.36 28.13
CA LEU C 96 29.85 -11.56 28.56
C LEU C 96 29.41 -12.09 29.91
N ARG C 97 28.78 -11.27 30.75
CA ARG C 97 28.32 -11.76 32.04
C ARG C 97 26.94 -12.39 31.95
N LEU C 98 26.36 -12.44 30.76
CA LEU C 98 25.03 -12.99 30.60
C LEU C 98 25.09 -14.41 30.03
N GLN C 99 23.97 -15.12 30.14
CA GLN C 99 23.87 -16.47 29.59
C GLN C 99 23.49 -16.40 28.11
N ILE C 100 24.48 -16.12 27.27
CA ILE C 100 24.32 -16.12 25.83
C ILE C 100 25.37 -17.09 25.32
N SER C 101 25.05 -17.88 24.30
CA SER C 101 26.08 -18.62 23.57
C SER C 101 25.98 -18.25 22.09
N PHE C 102 27.10 -17.83 21.50
CA PHE C 102 27.11 -17.28 20.15
C PHE C 102 27.23 -18.41 19.11
N PHE C 103 26.52 -18.25 18.00
CA PHE C 103 26.56 -19.19 16.89
C PHE C 103 26.70 -18.42 15.57
N GLU C 104 26.76 -19.18 14.48
CA GLU C 104 26.93 -18.62 13.15
C GLU C 104 25.90 -19.22 12.20
N TYR C 105 25.72 -18.58 11.06
CA TYR C 105 24.77 -19.00 10.04
C TYR C 105 25.49 -19.82 8.98
N ALA C 106 25.49 -21.13 9.13
CA ALA C 106 26.12 -22.02 8.17
C ALA C 106 25.14 -23.09 7.74
N LEU C 107 25.09 -23.35 6.43
CA LEU C 107 24.22 -24.38 5.89
C LEU C 107 24.77 -25.76 6.21
N GLY C 108 23.90 -26.64 6.69
CA GLY C 108 24.27 -28.00 6.99
C GLY C 108 24.92 -28.22 8.33
N ALA C 109 25.13 -27.16 9.10
CA ALA C 109 25.75 -27.26 10.42
C ALA C 109 24.71 -27.21 11.55
N ALA C 110 23.46 -27.51 11.23
CA ALA C 110 22.40 -27.44 12.23
C ALA C 110 22.45 -28.58 13.24
N GLU C 111 23.08 -29.70 12.89
CA GLU C 111 23.14 -30.83 13.82
C GLU C 111 24.01 -30.51 15.03
N ASP C 112 25.21 -29.96 14.79
CA ASP C 112 26.09 -29.61 15.90
C ASP C 112 25.52 -28.47 16.73
N ILE C 113 24.86 -27.51 16.08
CA ILE C 113 24.22 -26.42 16.80
C ILE C 113 23.10 -26.94 17.68
N ALA C 114 22.29 -27.86 17.16
CA ALA C 114 21.21 -28.44 17.96
C ALA C 114 21.74 -29.28 19.10
N ASN C 115 22.83 -30.02 18.89
CA ASN C 115 23.44 -30.76 19.98
C ASN C 115 23.99 -29.84 21.06
N LYS C 116 24.61 -28.73 20.66
CA LYS C 116 25.09 -27.75 21.63
C LYS C 116 23.93 -27.10 22.37
N ILE C 117 22.80 -26.87 21.69
CA ILE C 117 21.63 -26.29 22.34
C ILE C 117 21.05 -27.27 23.36
N LYS C 118 20.99 -28.56 23.00
CA LYS C 118 20.52 -29.58 23.95
C LYS C 118 21.44 -29.68 25.16
N GLN C 119 22.75 -29.63 24.93
CA GLN C 119 23.69 -29.65 26.04
C GLN C 119 23.57 -28.41 26.93
N THR C 120 23.35 -27.25 26.33
CA THR C 120 23.19 -26.03 27.11
C THR C 120 21.91 -26.07 27.93
N THR C 121 20.82 -26.60 27.36
CA THR C 121 19.59 -26.79 28.11
C THR C 121 19.77 -27.77 29.26
N ASP C 122 20.52 -28.85 29.05
CA ASP C 122 20.82 -29.79 30.12
C ASP C 122 21.63 -29.11 31.23
N GLU C 123 22.61 -28.30 30.85
CA GLU C 123 23.38 -27.53 31.84
C GLU C 123 22.50 -26.57 32.61
N TYR C 124 21.56 -25.92 31.93
CA TYR C 124 20.64 -25.00 32.60
C TYR C 124 19.75 -25.73 33.60
N ILE C 125 19.24 -26.90 33.22
CA ILE C 125 18.41 -27.69 34.12
C ILE C 125 19.21 -28.16 35.32
N ASN C 126 20.43 -28.66 35.08
CA ASN C 126 21.30 -29.09 36.17
C ASN C 126 21.88 -27.93 36.96
N THR C 127 21.74 -26.70 36.48
CA THR C 127 22.18 -25.53 37.23
C THR C 127 21.10 -25.02 38.16
N ILE C 128 19.87 -24.83 37.66
CA ILE C 128 18.82 -24.28 38.50
C ILE C 128 18.25 -25.27 39.49
N LEU C 129 18.45 -26.57 39.29
CA LEU C 129 17.87 -27.53 40.20
C LEU C 129 18.69 -27.62 41.49
N PRO C 130 18.03 -27.81 42.63
CA PRO C 130 18.76 -28.06 43.87
C PRO C 130 19.36 -29.46 43.84
N PRO C 131 20.42 -29.72 44.61
CA PRO C 131 21.18 -30.97 44.41
C PRO C 131 20.41 -32.24 44.74
N LEU C 132 19.61 -32.27 45.80
CA LEU C 132 18.92 -33.51 46.12
C LEU C 132 17.78 -33.79 45.15
N THR C 133 17.05 -32.76 44.73
CA THR C 133 16.04 -32.95 43.69
C THR C 133 16.68 -33.35 42.38
N LYS C 134 17.85 -32.80 42.07
CA LYS C 134 18.62 -33.20 40.89
C LYS C 134 18.98 -34.67 40.95
N ALA C 135 19.48 -35.13 42.10
CA ALA C 135 19.85 -36.52 42.26
C ALA C 135 18.64 -37.45 42.23
N LEU C 136 17.51 -37.02 42.80
CA LEU C 136 16.30 -37.84 42.74
C LEU C 136 15.77 -37.95 41.32
N PHE C 137 15.78 -36.85 40.57
CA PHE C 137 15.37 -36.89 39.17
C PHE C 137 16.31 -37.78 38.35
N LYS C 138 17.61 -37.71 38.63
CA LYS C 138 18.58 -38.56 37.95
C LYS C 138 18.33 -40.03 38.26
N TYR C 139 18.05 -40.34 39.54
CA TYR C 139 17.80 -41.71 39.93
C TYR C 139 16.54 -42.27 39.28
N VAL C 140 15.48 -41.47 39.20
CA VAL C 140 14.27 -41.93 38.55
C VAL C 140 14.49 -42.10 37.04
N ARG C 141 15.26 -41.20 36.43
CA ARG C 141 15.56 -41.32 35.00
C ARG C 141 16.37 -42.57 34.69
N GLU C 142 17.30 -42.95 35.56
CA GLU C 142 18.05 -44.19 35.39
C GLU C 142 17.38 -45.36 36.07
N GLY C 143 16.04 -45.33 36.15
CA GLY C 143 15.21 -46.16 37.01
C GLY C 143 15.55 -47.64 37.08
N LYS C 144 16.00 -48.05 38.26
CA LYS C 144 16.50 -49.38 38.51
C LYS C 144 15.45 -50.20 39.25
N TYR C 145 15.49 -51.52 39.04
CA TYR C 145 14.65 -52.41 39.81
C TYR C 145 15.09 -52.39 41.27
N THR C 146 14.14 -52.62 42.16
CA THR C 146 14.44 -52.58 43.58
C THR C 146 13.74 -53.74 44.29
N PHE C 147 14.39 -54.22 45.34
CA PHE C 147 13.85 -55.28 46.19
C PHE C 147 13.74 -54.83 47.63
N CYS C 148 13.56 -53.55 47.85
CA CYS C 148 13.54 -52.96 49.17
C CYS C 148 12.23 -52.21 49.41
N THR C 149 12.09 -51.71 50.63
CA THR C 149 10.95 -50.87 50.95
C THR C 149 11.07 -49.55 50.17
N PRO C 150 9.95 -48.95 49.73
CA PRO C 150 8.53 -49.29 49.88
C PRO C 150 8.08 -50.48 49.06
N GLY C 151 6.91 -51.02 49.40
CA GLY C 151 6.45 -52.25 48.79
C GLY C 151 5.99 -52.12 47.35
N HIS C 152 5.60 -50.93 46.92
CA HIS C 152 5.16 -50.80 45.54
C HIS C 152 6.32 -50.86 44.56
N MET C 153 7.51 -50.46 45.00
CA MET C 153 8.78 -50.64 44.27
C MET C 153 8.73 -50.00 42.88
N GLY C 154 8.60 -48.67 42.89
CA GLY C 154 8.44 -47.96 41.64
C GLY C 154 7.03 -47.96 41.11
N GLY C 155 6.05 -48.28 41.94
CA GLY C 155 4.67 -48.27 41.52
C GLY C 155 4.24 -49.46 40.71
N THR C 156 5.04 -50.52 40.65
CA THR C 156 4.70 -51.70 39.87
C THR C 156 3.74 -52.63 40.61
N ALA C 157 3.41 -52.34 41.85
CA ALA C 157 2.30 -53.01 42.52
C ALA C 157 0.96 -52.41 42.14
N PHE C 158 0.92 -51.12 41.83
CA PHE C 158 -0.29 -50.46 41.37
C PHE C 158 -0.62 -50.77 39.91
N GLN C 159 0.30 -51.38 39.17
CA GLN C 159 0.00 -51.76 37.79
C GLN C 159 -0.66 -53.13 37.70
N LYS C 160 -0.99 -53.75 38.82
CA LYS C 160 -1.53 -55.10 38.83
C LYS C 160 -2.79 -55.22 39.67
N SER C 161 -3.56 -54.13 39.80
CA SER C 161 -4.81 -54.15 40.54
C SER C 161 -5.72 -53.09 39.96
N PRO C 162 -7.04 -53.33 39.92
CA PRO C 162 -7.94 -52.33 39.31
C PRO C 162 -7.99 -51.01 40.05
N VAL C 163 -8.25 -51.04 41.37
CA VAL C 163 -8.20 -49.81 42.14
C VAL C 163 -6.77 -49.29 42.21
N GLY C 164 -5.79 -50.19 42.25
CA GLY C 164 -4.40 -49.77 42.14
C GLY C 164 -4.10 -49.12 40.81
N SER C 165 -4.69 -49.62 39.73
CA SER C 165 -4.48 -48.99 38.43
C SER C 165 -5.16 -47.63 38.35
N LEU C 166 -6.31 -47.46 39.01
CA LEU C 166 -6.93 -46.14 39.09
C LEU C 166 -6.03 -45.17 39.82
N PHE C 167 -5.44 -45.60 40.93
CA PHE C 167 -4.52 -44.76 41.68
C PHE C 167 -3.29 -44.41 40.84
N TYR C 168 -2.75 -45.39 40.13
CA TYR C 168 -1.58 -45.17 39.28
C TYR C 168 -1.88 -44.25 38.10
N ASP C 169 -3.03 -44.41 37.45
CA ASP C 169 -3.42 -43.52 36.37
C ASP C 169 -3.72 -42.11 36.85
N PHE C 170 -4.19 -41.96 38.10
CA PHE C 170 -4.37 -40.63 38.63
C PHE C 170 -3.02 -39.95 38.88
N PHE C 171 -2.17 -40.59 39.69
CA PHE C 171 -0.95 -39.91 40.11
C PHE C 171 0.08 -39.84 39.00
N GLY C 172 0.21 -40.90 38.20
CA GLY C 172 1.19 -40.92 37.14
C GLY C 172 2.47 -41.57 37.61
N PRO C 173 3.31 -42.00 36.67
CA PRO C 173 4.42 -42.91 37.01
C PRO C 173 5.56 -42.26 37.79
N ASN C 174 5.87 -41.00 37.46
CA ASN C 174 7.04 -40.35 38.03
C ASN C 174 6.92 -40.10 39.51
N THR C 175 5.71 -39.89 40.03
CA THR C 175 5.54 -39.73 41.46
C THR C 175 5.39 -41.07 42.17
N MET C 176 5.33 -42.18 41.44
CA MET C 176 5.45 -43.49 42.07
C MET C 176 6.89 -43.93 42.15
N LYS C 177 7.66 -43.72 41.07
CA LYS C 177 9.08 -44.03 41.11
C LYS C 177 9.86 -43.13 42.06
N SER C 178 9.36 -41.93 42.34
CA SER C 178 10.07 -41.00 43.20
C SER C 178 9.96 -41.35 44.68
N ASP C 179 9.17 -42.35 45.03
CA ASP C 179 9.03 -42.76 46.43
C ASP C 179 9.94 -43.96 46.66
N ILE C 180 11.07 -43.71 47.31
CA ILE C 180 12.03 -44.74 47.67
C ILE C 180 12.41 -44.55 49.13
N SER C 181 13.34 -45.39 49.60
CA SER C 181 13.73 -45.33 51.01
C SER C 181 15.25 -45.18 51.16
N ILE C 182 15.73 -45.29 52.40
CA ILE C 182 17.15 -45.08 52.69
C ILE C 182 18.03 -46.20 52.19
N SER C 183 17.46 -47.30 51.71
CA SER C 183 18.25 -48.40 51.16
C SER C 183 18.98 -48.01 49.88
N VAL C 184 18.47 -47.02 49.15
CA VAL C 184 19.17 -46.49 47.99
C VAL C 184 20.32 -45.64 48.50
N SER C 185 21.53 -46.18 48.47
CA SER C 185 22.66 -45.56 49.16
C SER C 185 23.16 -44.30 48.49
N GLU C 186 22.87 -44.09 47.21
CA GLU C 186 23.42 -42.95 46.50
C GLU C 186 22.72 -41.63 46.82
N LEU C 187 21.55 -41.67 47.46
CA LEU C 187 20.88 -40.45 47.87
C LEU C 187 21.14 -40.08 49.32
N GLY C 188 22.00 -40.82 50.01
CA GLY C 188 22.26 -40.54 51.41
C GLY C 188 21.07 -40.89 52.28
N SER C 189 20.93 -40.16 53.37
CA SER C 189 19.83 -40.38 54.30
C SER C 189 19.50 -39.08 55.01
N LEU C 190 18.21 -38.80 55.16
CA LEU C 190 17.78 -37.61 55.89
C LEU C 190 18.17 -37.68 57.36
N LEU C 191 18.07 -38.87 57.94
CA LEU C 191 18.26 -39.03 59.38
C LEU C 191 19.70 -38.79 59.80
N ASP C 192 20.66 -39.23 59.00
CA ASP C 192 22.07 -39.10 59.35
C ASP C 192 22.72 -37.87 58.74
N HIS C 193 22.00 -37.12 57.91
CA HIS C 193 22.48 -35.90 57.24
C HIS C 193 23.75 -36.17 56.44
N SER C 194 23.60 -37.01 55.42
CA SER C 194 24.73 -37.48 54.62
C SER C 194 24.46 -37.30 53.15
N GLY C 195 25.52 -37.01 52.40
CA GLY C 195 25.48 -36.96 50.95
C GLY C 195 24.60 -35.86 50.39
N PRO C 196 23.72 -36.23 49.45
CA PRO C 196 22.80 -35.25 48.87
C PRO C 196 21.89 -34.60 49.88
N HIS C 197 21.48 -35.32 50.92
CA HIS C 197 20.72 -34.70 51.99
C HIS C 197 21.53 -33.60 52.68
N LYS C 198 22.77 -33.87 53.05
CA LYS C 198 23.58 -32.88 53.76
C LYS C 198 23.83 -31.65 52.90
N GLU C 199 24.07 -31.86 51.60
CA GLU C 199 24.13 -30.73 50.68
C GLU C 199 22.81 -29.97 50.65
N ALA C 200 21.68 -30.68 50.79
CA ALA C 200 20.39 -30.01 50.81
C ALA C 200 20.22 -29.15 52.07
N GLU C 201 20.57 -29.67 53.25
CA GLU C 201 20.42 -28.80 54.42
C GLU C 201 21.40 -27.63 54.41
N GLN C 202 22.59 -27.82 53.87
CA GLN C 202 23.47 -26.66 53.73
C GLN C 202 22.91 -25.64 52.74
N TYR C 203 22.26 -26.11 51.67
CA TYR C 203 21.62 -25.23 50.70
C TYR C 203 20.48 -24.44 51.35
N ILE C 204 19.67 -25.12 52.16
CA ILE C 204 18.60 -24.45 52.92
C ILE C 204 19.19 -23.44 53.89
N ALA C 205 20.32 -23.77 54.51
CA ALA C 205 20.98 -22.83 55.43
C ALA C 205 21.46 -21.57 54.71
N ARG C 206 21.99 -21.69 53.51
CA ARG C 206 22.40 -20.46 52.81
C ARG C 206 21.12 -19.69 52.55
N VAL C 207 20.17 -20.33 51.89
CA VAL C 207 19.06 -19.55 51.32
C VAL C 207 18.37 -18.69 52.38
N PHE C 208 18.04 -19.28 53.52
CA PHE C 208 17.20 -18.63 54.53
C PHE C 208 17.97 -17.83 55.57
N ASN C 209 19.28 -17.65 55.38
CA ASN C 209 20.15 -16.92 56.30
C ASN C 209 20.07 -17.50 57.71
N ALA C 210 20.48 -18.76 57.82
CA ALA C 210 20.51 -19.46 59.10
C ALA C 210 21.79 -20.25 59.20
N ASP C 211 22.20 -20.51 60.45
CA ASP C 211 23.43 -21.27 60.67
C ASP C 211 23.23 -22.74 60.30
N ARG C 212 22.33 -23.41 61.01
CA ARG C 212 21.99 -24.80 60.72
C ARG C 212 20.51 -24.85 60.44
N SER C 213 20.14 -25.47 59.32
CA SER C 213 18.74 -25.56 58.91
C SER C 213 18.36 -27.03 58.78
N TYR C 214 17.19 -27.39 59.30
CA TYR C 214 16.70 -28.75 59.22
C TYR C 214 15.47 -28.80 58.33
N MET C 215 15.12 -30.00 57.88
CA MET C 215 14.02 -30.21 56.94
C MET C 215 13.10 -31.30 57.51
N VAL C 216 12.10 -30.88 58.26
CA VAL C 216 11.20 -31.82 58.93
C VAL C 216 10.20 -32.36 57.92
N THR C 217 9.87 -33.64 58.04
CA THR C 217 9.00 -34.32 57.08
C THR C 217 7.63 -34.65 57.63
N ASN C 218 7.34 -34.28 58.87
CA ASN C 218 5.98 -34.41 59.41
C ASN C 218 5.26 -33.07 59.41
N GLY C 219 5.96 -31.98 59.66
CA GLY C 219 5.36 -30.67 59.69
C GLY C 219 5.84 -29.88 60.89
N THR C 220 5.47 -28.60 60.90
CA THR C 220 5.88 -27.74 61.98
C THR C 220 5.17 -28.07 63.28
N SER C 221 4.07 -28.83 63.21
CA SER C 221 3.50 -29.44 64.41
C SER C 221 4.49 -30.39 65.08
N THR C 222 5.42 -30.95 64.31
CA THR C 222 6.50 -31.76 64.87
C THR C 222 7.77 -30.94 65.09
N ALA C 223 7.97 -29.90 64.28
CA ALA C 223 9.14 -29.04 64.47
C ALA C 223 9.07 -28.28 65.80
N ASN C 224 7.86 -27.82 66.18
CA ASN C 224 7.68 -27.21 67.50
C ASN C 224 8.02 -28.18 68.61
N LYS C 225 7.63 -29.45 68.43
CA LYS C 225 7.95 -30.50 69.39
C LYS C 225 9.45 -30.71 69.49
N ILE C 226 10.14 -30.69 68.36
CA ILE C 226 11.59 -30.89 68.36
C ILE C 226 12.28 -29.76 69.10
N VAL C 227 11.90 -28.52 68.79
CA VAL C 227 12.53 -27.35 69.40
C VAL C 227 12.25 -27.30 70.90
N GLY C 228 10.98 -27.50 71.29
CA GLY C 228 10.64 -27.45 72.69
C GLY C 228 11.04 -28.66 73.50
N MET C 229 11.40 -29.76 72.85
CA MET C 229 11.98 -30.87 73.59
C MET C 229 13.49 -30.77 73.68
N TYR C 230 14.14 -30.07 72.75
CA TYR C 230 15.57 -29.83 72.93
C TYR C 230 15.82 -28.73 73.95
N SER C 231 15.28 -27.54 73.70
CA SER C 231 15.63 -26.37 74.48
C SER C 231 14.98 -26.31 75.86
N ALA C 232 13.91 -27.08 76.08
CA ALA C 232 13.18 -27.04 77.35
C ALA C 232 13.19 -28.43 77.96
N PRO C 233 14.17 -28.74 78.82
CA PRO C 233 14.18 -30.01 79.51
C PRO C 233 13.06 -30.08 80.54
N ALA C 234 12.79 -31.29 81.01
CA ALA C 234 11.73 -31.50 81.98
C ALA C 234 12.09 -30.88 83.32
N GLY C 235 11.09 -30.32 83.99
CA GLY C 235 11.31 -29.60 85.22
C GLY C 235 11.65 -28.14 85.04
N SER C 236 11.86 -27.70 83.81
CA SER C 236 12.18 -26.31 83.52
C SER C 236 10.88 -25.54 83.28
N THR C 237 11.00 -24.34 82.74
CA THR C 237 9.86 -23.44 82.59
C THR C 237 9.95 -22.74 81.24
N ILE C 238 8.80 -22.51 80.60
CA ILE C 238 8.76 -21.90 79.28
C ILE C 238 7.84 -20.69 79.31
N LEU C 239 8.06 -19.80 78.35
CA LEU C 239 7.21 -18.63 78.09
C LEU C 239 6.50 -18.89 76.77
N ILE C 240 5.32 -19.47 76.85
CA ILE C 240 4.56 -19.84 75.65
C ILE C 240 3.47 -18.81 75.41
N ASP C 241 3.36 -18.37 74.17
CA ASP C 241 2.27 -17.50 73.76
C ASP C 241 0.93 -18.19 73.99
N ARG C 242 -0.05 -17.45 74.51
CA ARG C 242 -1.41 -17.98 74.58
C ARG C 242 -1.98 -18.15 73.18
N ASN C 243 -1.63 -17.25 72.26
CA ASN C 243 -1.94 -17.45 70.86
C ASN C 243 -0.98 -18.51 70.32
N CYS C 244 -1.27 -19.76 70.61
CA CYS C 244 -0.43 -20.88 70.24
C CYS C 244 -1.20 -21.81 69.32
N HIS C 245 -0.54 -22.88 68.92
CA HIS C 245 -1.16 -23.94 68.15
C HIS C 245 -1.51 -25.09 69.08
N LYS C 246 -2.32 -26.03 68.55
CA LYS C 246 -2.59 -27.26 69.28
C LYS C 246 -1.33 -28.06 69.52
N SER C 247 -0.36 -27.94 68.60
CA SER C 247 0.89 -28.68 68.70
C SER C 247 1.71 -28.27 69.91
N LEU C 248 1.71 -26.98 70.27
CA LEU C 248 2.44 -26.55 71.46
C LEU C 248 1.79 -27.08 72.74
N THR C 249 0.46 -27.14 72.77
CA THR C 249 -0.23 -27.75 73.89
C THR C 249 0.11 -29.22 74.00
N HIS C 250 0.16 -29.91 72.86
CA HIS C 250 0.56 -31.31 72.83
C HIS C 250 1.99 -31.51 73.31
N LEU C 251 2.89 -30.60 72.92
CA LEU C 251 4.26 -30.61 73.43
C LEU C 251 4.31 -30.45 74.93
N MET C 252 3.53 -29.52 75.47
CA MET C 252 3.51 -29.31 76.91
C MET C 252 2.91 -30.48 77.66
N MET C 253 2.01 -31.23 77.04
CA MET C 253 1.52 -32.44 77.66
C MET C 253 2.48 -33.61 77.57
N MET C 254 3.35 -33.65 76.56
CA MET C 254 4.36 -34.69 76.55
C MET C 254 5.46 -34.43 77.57
N SER C 255 5.93 -33.19 77.66
CA SER C 255 7.10 -32.86 78.47
C SER C 255 6.69 -32.28 79.82
N ASP C 256 7.51 -32.57 80.83
CA ASP C 256 7.27 -32.10 82.20
C ASP C 256 7.78 -30.66 82.35
N VAL C 257 7.02 -29.73 81.78
CA VAL C 257 7.38 -28.32 81.79
C VAL C 257 6.27 -27.53 82.48
N THR C 258 6.54 -26.26 82.73
CA THR C 258 5.62 -25.37 83.42
C THR C 258 5.49 -24.07 82.64
N PRO C 259 4.27 -23.57 82.40
CA PRO C 259 4.12 -22.35 81.62
C PRO C 259 3.95 -21.07 82.43
N ILE C 260 4.44 -19.98 81.85
CA ILE C 260 3.83 -18.67 81.99
C ILE C 260 3.28 -18.29 80.63
N TYR C 261 1.98 -18.01 80.58
CA TYR C 261 1.32 -17.67 79.34
C TYR C 261 1.41 -16.18 79.09
N PHE C 262 1.89 -15.80 77.91
CA PHE C 262 1.77 -14.43 77.47
C PHE C 262 0.31 -14.07 77.23
N ARG C 263 0.00 -12.79 77.27
CA ARG C 263 -1.39 -12.33 77.18
C ARG C 263 -1.59 -11.43 75.98
N PRO C 264 -1.96 -11.99 74.83
CA PRO C 264 -2.17 -11.16 73.64
C PRO C 264 -3.44 -10.33 73.73
N THR C 265 -3.46 -9.27 72.94
CA THR C 265 -4.63 -8.41 72.82
C THR C 265 -5.52 -8.91 71.69
N ARG C 266 -6.73 -8.36 71.62
CA ARG C 266 -7.68 -8.73 70.58
C ARG C 266 -8.72 -7.62 70.43
N ASN C 267 -9.33 -7.58 69.25
CA ASN C 267 -10.38 -6.62 68.94
C ASN C 267 -11.74 -7.29 69.06
N ALA C 268 -12.79 -6.52 68.75
CA ALA C 268 -14.15 -7.05 68.79
C ALA C 268 -14.43 -8.02 67.66
N TYR C 269 -13.64 -7.99 66.58
CA TYR C 269 -13.85 -8.90 65.47
C TYR C 269 -13.51 -10.34 65.85
N GLY C 270 -12.63 -10.53 66.84
CA GLY C 270 -12.12 -11.83 67.17
C GLY C 270 -10.75 -12.12 66.61
N ILE C 271 -10.13 -11.13 65.97
CA ILE C 271 -8.78 -11.31 65.43
C ILE C 271 -7.81 -11.33 66.60
N LEU C 272 -6.98 -12.37 66.65
CA LEU C 272 -5.97 -12.49 67.70
C LEU C 272 -4.85 -11.51 67.42
N GLY C 273 -4.76 -10.46 68.23
CA GLY C 273 -3.70 -9.49 68.06
C GLY C 273 -2.40 -9.98 68.68
N GLY C 274 -1.72 -9.12 69.42
CA GLY C 274 -0.44 -9.49 69.95
C GLY C 274 -0.18 -9.13 71.38
N ILE C 275 0.92 -9.65 71.90
CA ILE C 275 1.33 -9.39 73.28
C ILE C 275 1.80 -7.95 73.40
N PRO C 276 1.41 -7.20 74.42
CA PRO C 276 1.95 -5.84 74.59
C PRO C 276 3.44 -5.87 74.91
N GLN C 277 4.07 -4.71 74.77
CA GLN C 277 5.50 -4.60 75.04
C GLN C 277 5.86 -4.82 76.50
N SER C 278 4.88 -4.65 77.42
CA SER C 278 5.18 -4.77 78.84
C SER C 278 5.47 -6.21 79.25
N GLU C 279 4.94 -7.19 78.51
CA GLU C 279 5.09 -8.59 78.88
C GLU C 279 6.30 -9.25 78.24
N PHE C 280 7.32 -8.49 77.85
CA PHE C 280 8.57 -9.08 77.43
C PHE C 280 9.76 -8.59 78.25
N GLN C 281 9.53 -7.76 79.25
CA GLN C 281 10.60 -7.22 80.07
C GLN C 281 10.80 -8.10 81.29
N HIS C 282 11.85 -7.80 82.06
CA HIS C 282 12.22 -8.66 83.18
C HIS C 282 11.24 -8.54 84.35
N ALA C 283 10.62 -7.38 84.53
CA ALA C 283 9.77 -7.16 85.70
C ALA C 283 8.53 -8.03 85.67
N THR C 284 7.79 -8.00 84.56
CA THR C 284 6.55 -8.77 84.46
C THR C 284 6.83 -10.27 84.41
N ILE C 285 7.92 -10.66 83.76
CA ILE C 285 8.28 -12.08 83.71
C ILE C 285 8.66 -12.59 85.09
N ALA C 286 9.45 -11.81 85.83
CA ALA C 286 9.80 -12.20 87.19
C ALA C 286 8.59 -12.25 88.11
N LYS C 287 7.66 -11.29 87.95
CA LYS C 287 6.42 -11.33 88.72
C LYS C 287 5.61 -12.59 88.44
N ARG C 288 5.37 -12.87 87.16
CA ARG C 288 4.60 -14.05 86.78
C ARG C 288 5.30 -15.35 87.15
N VAL C 289 6.64 -15.34 87.22
CA VAL C 289 7.35 -16.46 87.82
C VAL C 289 7.03 -16.57 89.30
N LYS C 290 7.00 -15.43 89.99
CA LYS C 290 6.83 -15.44 91.44
C LYS C 290 5.46 -15.97 91.86
N GLU C 291 4.39 -15.57 91.16
CA GLU C 291 3.08 -16.13 91.50
C GLU C 291 2.71 -17.35 90.65
N THR C 292 3.67 -18.15 90.25
CA THR C 292 3.38 -19.46 89.67
C THR C 292 4.02 -20.55 90.50
N PRO C 293 3.27 -21.53 90.98
CA PRO C 293 3.87 -22.59 91.81
C PRO C 293 4.83 -23.46 91.01
N ASN C 294 5.89 -23.89 91.70
CA ASN C 294 6.92 -24.78 91.14
C ASN C 294 7.58 -24.20 89.90
N ALA C 295 7.74 -22.88 89.84
CA ALA C 295 8.24 -22.20 88.67
C ALA C 295 9.59 -21.55 88.95
N THR C 296 10.50 -21.68 88.00
CA THR C 296 11.81 -21.05 88.05
C THR C 296 11.92 -20.07 86.88
N TRP C 297 13.13 -19.54 86.68
CA TRP C 297 13.36 -18.65 85.56
C TRP C 297 13.21 -19.40 84.24
N PRO C 298 12.45 -18.85 83.29
CA PRO C 298 12.20 -19.56 82.02
C PRO C 298 13.48 -19.75 81.22
N VAL C 299 13.62 -20.95 80.65
CA VAL C 299 14.79 -21.28 79.84
C VAL C 299 14.46 -21.31 78.35
N HIS C 300 13.23 -21.02 77.96
CA HIS C 300 12.83 -21.05 76.57
C HIS C 300 11.58 -20.21 76.41
N ALA C 301 11.42 -19.62 75.22
CA ALA C 301 10.24 -18.82 74.91
C ALA C 301 9.75 -19.17 73.53
N VAL C 302 8.44 -19.31 73.37
CA VAL C 302 7.81 -19.64 72.10
C VAL C 302 6.81 -18.54 71.76
N ILE C 303 6.95 -17.94 70.58
CA ILE C 303 6.15 -16.80 70.16
C ILE C 303 5.63 -17.08 68.76
N THR C 304 4.33 -16.89 68.55
CA THR C 304 3.72 -17.12 67.23
C THR C 304 3.90 -15.86 66.39
N ASN C 305 4.89 -15.88 65.51
CA ASN C 305 5.26 -14.74 64.66
C ASN C 305 5.24 -15.15 63.20
N SER C 306 4.20 -14.76 62.47
CA SER C 306 3.15 -13.85 62.92
C SER C 306 2.00 -14.57 63.56
N THR C 307 0.92 -13.86 63.81
CA THR C 307 -0.29 -14.49 64.29
C THR C 307 -0.99 -15.17 63.13
N TYR C 308 -2.17 -15.74 63.38
CA TYR C 308 -2.95 -16.37 62.33
C TYR C 308 -3.40 -15.35 61.28
N ASP C 309 -3.66 -14.11 61.70
CA ASP C 309 -4.11 -13.07 60.80
C ASP C 309 -2.97 -12.19 60.28
N GLY C 310 -1.74 -12.66 60.37
CA GLY C 310 -0.63 -11.98 59.75
C GLY C 310 -0.24 -10.66 60.39
N LEU C 311 0.05 -10.68 61.70
CA LEU C 311 0.54 -9.51 62.41
C LEU C 311 1.94 -9.82 62.89
N LEU C 312 2.93 -9.32 62.17
CA LEU C 312 4.32 -9.50 62.53
C LEU C 312 4.67 -8.67 63.76
N TYR C 313 5.75 -9.04 64.42
CA TYR C 313 6.19 -8.34 65.61
C TYR C 313 7.46 -7.55 65.29
N ASN C 314 7.78 -6.61 66.16
CA ASN C 314 9.08 -5.97 66.11
C ASN C 314 10.04 -6.91 66.83
N THR C 315 10.56 -7.87 66.09
CA THR C 315 11.37 -8.94 66.65
C THR C 315 12.73 -8.48 67.14
N ASP C 316 13.22 -7.32 66.70
CA ASP C 316 14.48 -6.80 67.25
C ASP C 316 14.32 -6.40 68.70
N PHE C 317 13.18 -5.79 69.04
CA PHE C 317 12.80 -5.53 70.41
C PHE C 317 12.78 -6.82 71.23
N ILE C 318 12.21 -7.88 70.65
CA ILE C 318 12.07 -9.15 71.36
C ILE C 318 13.44 -9.76 71.61
N LYS C 319 14.27 -9.83 70.57
CA LYS C 319 15.59 -10.42 70.70
C LYS C 319 16.54 -9.56 71.53
N LYS C 320 16.24 -8.29 71.74
CA LYS C 320 17.07 -7.48 72.62
C LYS C 320 16.63 -7.58 74.09
N THR C 321 15.32 -7.57 74.35
CA THR C 321 14.86 -7.38 75.72
C THR C 321 14.34 -8.64 76.40
N LEU C 322 13.92 -9.66 75.65
CA LEU C 322 13.47 -10.90 76.27
C LEU C 322 14.69 -11.63 76.80
N ASP C 323 14.82 -11.71 78.12
CA ASP C 323 16.04 -12.19 78.76
C ASP C 323 16.01 -13.70 79.01
N VAL C 324 15.73 -14.48 77.97
CA VAL C 324 15.81 -15.93 78.05
C VAL C 324 16.90 -16.41 77.11
N LYS C 325 17.36 -17.63 77.35
CA LYS C 325 18.51 -18.16 76.62
C LYS C 325 18.15 -18.76 75.28
N SER C 326 16.86 -18.86 74.95
CA SER C 326 16.45 -19.38 73.64
C SER C 326 15.06 -18.86 73.34
N ILE C 327 14.92 -18.15 72.22
CA ILE C 327 13.65 -17.60 71.79
C ILE C 327 13.23 -18.34 70.53
N HIS C 328 12.06 -18.95 70.56
CA HIS C 328 11.52 -19.66 69.42
C HIS C 328 10.37 -18.88 68.80
N PHE C 329 10.43 -18.72 67.49
CA PHE C 329 9.37 -18.06 66.72
C PHE C 329 8.65 -19.13 65.91
N ASP C 330 7.38 -19.35 66.23
CA ASP C 330 6.58 -20.33 65.51
C ASP C 330 6.06 -19.68 64.23
N SER C 331 6.96 -19.53 63.27
CA SER C 331 6.65 -18.80 62.04
C SER C 331 6.03 -19.71 61.00
N ALA C 332 4.94 -20.37 61.40
CA ALA C 332 4.24 -21.25 60.48
C ALA C 332 3.59 -20.49 59.34
N TRP C 333 3.10 -19.28 59.58
CA TRP C 333 2.40 -18.51 58.56
C TRP C 333 3.28 -17.50 57.85
N VAL C 334 4.53 -17.32 58.26
CA VAL C 334 5.43 -16.42 57.56
C VAL C 334 6.72 -17.17 57.23
N PRO C 335 6.74 -17.99 56.17
CA PRO C 335 8.00 -18.65 55.80
C PRO C 335 8.79 -17.91 54.73
N TYR C 336 8.17 -16.92 54.09
CA TYR C 336 8.73 -16.23 52.94
C TYR C 336 9.54 -15.01 53.29
N THR C 337 10.06 -14.93 54.52
CA THR C 337 10.51 -13.67 55.08
C THR C 337 11.74 -13.10 54.39
N ASN C 338 12.74 -13.92 54.10
CA ASN C 338 14.03 -13.46 53.61
C ASN C 338 13.94 -12.87 52.21
N PHE C 339 12.86 -13.14 51.48
CA PHE C 339 12.84 -12.95 50.03
C PHE C 339 12.22 -11.63 49.60
N SER C 340 11.98 -10.71 50.53
CA SER C 340 11.64 -9.35 50.20
C SER C 340 12.10 -8.50 51.36
N PRO C 341 12.80 -7.39 51.11
CA PRO C 341 13.26 -6.52 52.20
C PRO C 341 12.15 -5.76 52.90
N ILE C 342 10.89 -5.98 52.51
CA ILE C 342 9.75 -5.46 53.26
C ILE C 342 9.76 -6.03 54.67
N TYR C 343 10.09 -7.31 54.81
CA TYR C 343 10.04 -8.01 56.08
C TYR C 343 11.34 -7.95 56.86
N GLU C 344 12.17 -6.93 56.62
CA GLU C 344 13.39 -6.78 57.40
C GLU C 344 13.04 -6.43 58.84
N GLY C 345 13.72 -7.06 59.79
CA GLY C 345 13.42 -6.85 61.19
C GLY C 345 12.09 -7.42 61.61
N LYS C 346 11.65 -8.52 60.98
CA LYS C 346 10.35 -9.10 61.24
C LYS C 346 10.35 -10.63 61.22
N CYS C 347 11.48 -11.25 61.60
CA CYS C 347 11.52 -12.69 61.81
C CYS C 347 12.66 -13.00 62.76
N GLY C 348 12.74 -14.27 63.15
CA GLY C 348 13.86 -14.71 63.96
C GLY C 348 15.19 -14.59 63.25
N MET C 349 15.22 -14.84 61.95
CA MET C 349 16.45 -14.78 61.18
C MET C 349 16.77 -13.37 60.68
N SER C 350 15.92 -12.40 60.97
CA SER C 350 16.24 -11.02 60.64
C SER C 350 17.38 -10.52 61.53
N GLY C 351 18.27 -9.74 60.93
CA GLY C 351 19.42 -9.27 61.65
C GLY C 351 20.47 -10.35 61.79
N GLY C 352 21.50 -10.01 62.56
CA GLY C 352 22.64 -10.89 62.74
C GLY C 352 22.45 -11.88 63.88
N ARG C 353 23.53 -12.60 64.17
CA ARG C 353 23.55 -13.56 65.26
C ARG C 353 23.49 -12.80 66.58
N VAL C 354 22.40 -12.94 67.31
CA VAL C 354 22.25 -12.25 68.59
C VAL C 354 23.14 -12.92 69.62
N GLU C 355 23.67 -12.11 70.55
CA GLU C 355 24.62 -12.61 71.53
C GLU C 355 23.89 -13.22 72.73
N GLY C 356 24.35 -14.37 73.18
CA GLY C 356 23.91 -14.95 74.42
C GLY C 356 22.65 -15.80 74.36
N LYS C 357 22.01 -15.90 73.20
CA LYS C 357 20.81 -16.73 73.10
C LYS C 357 20.69 -17.26 71.67
N VAL C 358 19.97 -18.36 71.53
CA VAL C 358 19.79 -19.03 70.24
C VAL C 358 18.37 -18.76 69.79
N ILE C 359 18.23 -18.28 68.56
CA ILE C 359 16.92 -17.95 67.99
C ILE C 359 16.49 -19.10 67.09
N TYR C 360 15.35 -19.69 67.40
CA TYR C 360 14.76 -20.72 66.56
C TYR C 360 13.66 -20.12 65.70
N GLU C 361 13.51 -20.66 64.50
CA GLU C 361 12.37 -20.32 63.66
C GLU C 361 11.99 -21.56 62.89
N THR C 362 10.68 -21.84 62.84
CA THR C 362 10.16 -23.12 62.38
C THR C 362 9.12 -22.91 61.28
N GLN C 363 9.54 -22.20 60.23
CA GLN C 363 8.76 -21.95 59.02
C GLN C 363 8.04 -23.19 58.52
N SER C 364 6.72 -23.10 58.41
CA SER C 364 5.93 -24.15 57.77
C SER C 364 5.95 -23.90 56.27
N THR C 365 6.84 -24.59 55.57
CA THR C 365 7.10 -24.33 54.16
C THR C 365 5.90 -24.61 53.27
N HIS C 366 5.07 -25.59 53.63
CA HIS C 366 3.95 -25.94 52.77
C HIS C 366 2.84 -24.91 52.81
N1 LLP C 367 1.61 -24.27 64.13
C2 LLP C 367 1.00 -23.12 63.81
C2' LLP C 367 1.15 -21.87 64.72
C3 LLP C 367 0.20 -23.03 62.64
O3 LLP C 367 -0.42 -21.83 62.32
C4 LLP C 367 0.07 -24.13 61.82
C4' LLP C 367 -0.84 -24.02 60.49
C5 LLP C 367 0.67 -25.29 62.12
C6 LLP C 367 1.45 -25.40 63.29
C5' LLP C 367 0.47 -26.50 61.17
OP4 LLP C 367 1.37 -27.54 61.45
P LLP C 367 1.65 -28.52 60.30
OP1 LLP C 367 0.31 -29.04 59.76
OP2 LLP C 367 2.45 -29.65 60.79
OP3 LLP C 367 2.38 -27.83 59.20
N LLP C 367 2.82 -24.08 53.83
CA LLP C 367 1.69 -23.16 54.07
CB LLP C 367 1.77 -22.59 55.46
CG LLP C 367 1.37 -23.66 56.47
CD LLP C 367 -0.08 -23.44 56.94
CE LLP C 367 -0.37 -24.29 58.19
NZ LLP C 367 -0.04 -23.53 59.41
C LLP C 367 1.64 -22.06 53.08
O LLP C 367 0.62 -21.89 52.43
N LEU C 368 2.71 -21.29 52.94
CA LEU C 368 2.68 -20.11 52.08
C LEU C 368 3.63 -20.20 50.89
N LEU C 369 4.68 -21.01 51.01
CA LEU C 369 5.54 -21.28 49.88
C LEU C 369 4.93 -22.38 49.03
N ALA C 370 5.67 -22.82 48.02
CA ALA C 370 5.20 -23.88 47.13
C ALA C 370 5.90 -25.17 47.52
N ALA C 371 5.26 -25.93 48.40
CA ALA C 371 5.79 -27.21 48.82
C ALA C 371 4.64 -28.17 49.13
N PHE C 372 4.95 -29.46 49.07
CA PHE C 372 3.99 -30.49 49.45
C PHE C 372 3.68 -30.38 50.93
N SER C 373 2.51 -30.89 51.32
CA SER C 373 2.09 -30.83 52.72
C SER C 373 3.00 -31.68 53.60
N GLN C 374 2.86 -31.46 54.90
CA GLN C 374 3.71 -32.05 55.94
C GLN C 374 5.18 -31.71 55.75
N ALA C 375 5.47 -30.56 55.14
CA ALA C 375 6.84 -30.09 54.97
C ALA C 375 7.09 -28.94 55.92
N SER C 376 8.25 -28.94 56.56
CA SER C 376 8.59 -27.90 57.51
C SER C 376 10.10 -27.79 57.61
N MET C 377 10.54 -26.73 58.26
CA MET C 377 11.95 -26.47 58.46
C MET C 377 12.18 -26.02 59.89
N ILE C 378 13.41 -26.20 60.36
CA ILE C 378 13.85 -25.64 61.63
C ILE C 378 15.14 -24.88 61.34
N HIS C 379 15.06 -23.57 61.37
CA HIS C 379 16.22 -22.71 61.23
C HIS C 379 16.68 -22.27 62.61
N VAL C 380 17.96 -22.41 62.88
CA VAL C 380 18.52 -21.96 64.15
C VAL C 380 19.43 -20.77 63.87
N LYS C 381 19.71 -20.02 64.92
CA LYS C 381 20.63 -18.89 64.83
C LYS C 381 21.35 -18.78 66.16
N GLY C 382 22.59 -19.28 66.19
CA GLY C 382 23.35 -19.34 67.40
C GLY C 382 24.15 -20.62 67.44
N ASP C 383 24.55 -21.01 68.66
CA ASP C 383 25.34 -22.21 68.88
C ASP C 383 24.50 -23.18 69.69
N VAL C 384 24.33 -24.39 69.14
CA VAL C 384 23.59 -25.44 69.82
C VAL C 384 24.49 -26.67 69.90
N ASN C 385 24.18 -27.53 70.86
CA ASN C 385 24.86 -28.82 70.97
C ASN C 385 24.44 -29.66 69.78
N GLU C 386 25.37 -29.89 68.85
CA GLU C 386 25.04 -30.47 67.55
C GLU C 386 24.48 -31.88 67.68
N GLU C 387 25.12 -32.72 68.50
CA GLU C 387 24.66 -34.09 68.63
C GLU C 387 23.37 -34.20 69.44
N THR C 388 23.24 -33.42 70.51
CA THR C 388 22.01 -33.45 71.31
C THR C 388 20.82 -32.95 70.50
N PHE C 389 20.98 -31.85 69.77
CA PHE C 389 19.89 -31.33 68.95
C PHE C 389 19.61 -32.21 67.74
N ASN C 390 20.64 -32.81 67.14
CA ASN C 390 20.42 -33.78 66.08
C ASN C 390 19.67 -34.99 66.58
N GLU C 391 19.97 -35.44 67.81
CA GLU C 391 19.27 -36.58 68.36
C GLU C 391 17.82 -36.21 68.69
N ALA C 392 17.58 -34.98 69.16
CA ALA C 392 16.20 -34.53 69.38
C ALA C 392 15.43 -34.45 68.08
N TYR C 393 16.07 -34.00 67.00
CA TYR C 393 15.43 -34.00 65.69
C TYR C 393 15.11 -35.41 65.21
N MET C 394 16.07 -36.33 65.39
CA MET C 394 15.86 -37.73 65.03
C MET C 394 14.77 -38.38 65.88
N MET C 395 14.58 -37.88 67.10
CA MET C 395 13.61 -38.45 68.02
C MET C 395 12.18 -38.34 67.53
N HIS C 396 11.80 -37.23 66.89
CA HIS C 396 10.42 -37.02 66.50
C HIS C 396 10.10 -37.35 65.05
N THR C 397 11.09 -37.25 64.16
CA THR C 397 10.82 -37.57 62.77
C THR C 397 10.79 -39.08 62.56
N THR C 398 10.21 -39.49 61.44
CA THR C 398 10.20 -40.88 61.06
C THR C 398 11.58 -41.33 60.60
N THR C 399 11.73 -42.63 60.37
CA THR C 399 13.00 -43.18 59.90
C THR C 399 13.06 -43.34 58.39
N SER C 400 11.92 -43.57 57.74
CA SER C 400 11.85 -43.70 56.28
C SER C 400 10.92 -42.61 55.78
N PRO C 401 11.45 -41.44 55.42
CA PRO C 401 10.59 -40.32 55.04
C PRO C 401 10.13 -40.42 53.60
N HIS C 402 9.12 -39.63 53.28
CA HIS C 402 8.62 -39.52 51.92
C HIS C 402 9.51 -38.57 51.15
N TYR C 403 10.30 -39.11 50.21
CA TYR C 403 11.26 -38.28 49.50
C TYR C 403 10.61 -37.27 48.57
N GLY C 404 9.34 -37.46 48.20
CA GLY C 404 8.64 -36.41 47.49
C GLY C 404 8.46 -35.17 48.33
N ILE C 405 8.13 -35.35 49.62
CA ILE C 405 7.99 -34.22 50.53
C ILE C 405 9.33 -33.54 50.75
N VAL C 406 10.41 -34.31 50.89
CA VAL C 406 11.75 -33.75 51.08
C VAL C 406 12.20 -32.97 49.85
N ALA C 407 12.00 -33.54 48.67
CA ALA C 407 12.35 -32.86 47.43
C ALA C 407 11.51 -31.60 47.23
N SER C 408 10.24 -31.64 47.60
CA SER C 408 9.41 -30.45 47.52
C SER C 408 9.85 -29.39 48.52
N THR C 409 10.28 -29.82 49.71
CA THR C 409 10.77 -28.90 50.74
C THR C 409 12.00 -28.16 50.26
N GLU C 410 12.92 -28.87 49.60
CA GLU C 410 14.10 -28.20 49.07
C GLU C 410 13.79 -27.37 47.83
N THR C 411 12.94 -27.88 46.93
CA THR C 411 12.58 -27.16 45.73
C THR C 411 11.82 -25.88 46.03
N ALA C 412 11.12 -25.80 47.16
CA ALA C 412 10.49 -24.56 47.57
C ALA C 412 11.49 -23.45 47.80
N ALA C 413 12.61 -23.76 48.46
CA ALA C 413 13.66 -22.77 48.61
C ALA C 413 14.36 -22.51 47.28
N ALA C 414 14.51 -23.56 46.46
CA ALA C 414 15.14 -23.39 45.15
C ALA C 414 14.32 -22.51 44.22
N MET C 415 13.01 -22.41 44.43
CA MET C 415 12.18 -21.46 43.68
C MET C 415 12.44 -20.02 44.06
N MET C 416 13.21 -19.76 45.10
CA MET C 416 13.36 -18.41 45.61
C MET C 416 14.76 -17.84 45.41
N LYS C 417 15.71 -18.61 44.89
CA LYS C 417 17.01 -18.08 44.54
C LYS C 417 16.97 -17.43 43.17
N GLY C 418 17.73 -16.36 43.01
CA GLY C 418 17.85 -15.67 41.74
C GLY C 418 16.90 -14.51 41.62
N ASN C 419 16.57 -14.17 40.38
CA ASN C 419 15.63 -13.10 40.11
C ASN C 419 14.20 -13.59 40.05
N ALA C 420 13.99 -14.87 39.73
CA ALA C 420 12.64 -15.41 39.65
C ALA C 420 11.95 -15.44 41.00
N GLY C 421 12.66 -15.80 42.06
CA GLY C 421 12.05 -15.82 43.38
C GLY C 421 11.70 -14.43 43.89
N LYS C 422 12.59 -13.46 43.67
CA LYS C 422 12.30 -12.08 44.03
C LYS C 422 11.12 -11.57 43.24
N ARG C 423 11.03 -11.93 41.96
CA ARG C 423 9.89 -11.54 41.15
C ARG C 423 8.61 -12.19 41.65
N LEU C 424 8.67 -13.45 42.09
CA LEU C 424 7.50 -14.11 42.67
C LEU C 424 7.00 -13.38 43.91
N ILE C 425 7.90 -13.12 44.86
CA ILE C 425 7.50 -12.52 46.12
C ILE C 425 6.98 -11.09 45.91
N ASN C 426 7.70 -10.30 45.10
CA ASN C 426 7.26 -8.95 44.83
C ASN C 426 5.96 -8.91 44.05
N GLY C 427 5.77 -9.85 43.12
CA GLY C 427 4.50 -9.91 42.40
C GLY C 427 3.35 -10.29 43.29
N SER C 428 3.58 -11.23 44.22
CA SER C 428 2.51 -11.62 45.15
C SER C 428 2.14 -10.46 46.08
N ILE C 429 3.14 -9.74 46.60
CA ILE C 429 2.85 -8.63 47.49
C ILE C 429 2.15 -7.49 46.75
N GLU C 430 2.62 -7.18 45.53
CA GLU C 430 1.99 -6.13 44.74
C GLU C 430 0.57 -6.49 44.33
N ARG C 431 0.33 -7.75 43.97
CA ARG C 431 -1.01 -8.21 43.66
C ARG C 431 -1.92 -8.13 44.88
N ALA C 432 -1.40 -8.48 46.06
CA ALA C 432 -2.19 -8.34 47.29
C ALA C 432 -2.54 -6.89 47.56
N ILE C 433 -1.59 -5.99 47.37
CA ILE C 433 -1.84 -4.57 47.64
C ILE C 433 -2.85 -4.00 46.64
N LYS C 434 -2.75 -4.41 45.37
CA LYS C 434 -3.71 -3.94 44.37
C LYS C 434 -5.11 -4.49 44.62
N PHE C 435 -5.21 -5.74 45.08
CA PHE C 435 -6.51 -6.28 45.48
C PHE C 435 -7.08 -5.49 46.66
N ARG C 436 -6.23 -5.13 47.62
CA ARG C 436 -6.69 -4.35 48.77
C ARG C 436 -7.18 -2.97 48.34
N LYS C 437 -6.47 -2.33 47.40
CA LYS C 437 -6.89 -1.03 46.93
C LYS C 437 -8.22 -1.10 46.19
N GLU C 438 -8.46 -2.10 45.33
CA GLU C 438 -9.82 -2.12 44.80
C GLU C 438 -10.89 -2.61 45.77
N ILE C 439 -10.57 -3.40 46.78
CA ILE C 439 -11.70 -3.76 47.63
C ILE C 439 -12.14 -2.55 48.45
N LYS C 440 -11.20 -1.71 48.89
CA LYS C 440 -11.64 -0.42 49.45
C LYS C 440 -12.24 0.50 48.39
N ARG C 441 -11.84 0.38 47.12
CA ARG C 441 -12.44 1.23 46.09
C ARG C 441 -13.88 0.81 45.77
N LEU C 442 -14.11 -0.49 45.64
CA LEU C 442 -15.45 -1.02 45.42
C LEU C 442 -16.36 -0.80 46.61
N ARG C 443 -15.79 -0.69 47.82
CA ARG C 443 -16.62 -0.32 48.96
C ARG C 443 -17.22 1.07 48.78
N THR C 444 -16.43 2.03 48.30
CA THR C 444 -16.94 3.38 48.08
C THR C 444 -17.61 3.54 46.73
N GLU C 445 -17.51 2.53 45.86
CA GLU C 445 -18.19 2.61 44.57
C GLU C 445 -19.60 2.06 44.64
N SER C 446 -19.83 1.05 45.47
CA SER C 446 -21.10 0.35 45.48
C SER C 446 -22.16 1.13 46.25
N ASP C 447 -23.39 0.66 46.15
CA ASP C 447 -24.52 1.23 46.88
C ASP C 447 -24.82 0.40 48.12
N GLY C 448 -25.25 1.08 49.17
CA GLY C 448 -25.58 0.39 50.41
C GLY C 448 -24.36 -0.17 51.07
N TRP C 449 -24.42 -1.45 51.41
CA TRP C 449 -23.33 -2.13 52.12
C TRP C 449 -22.35 -2.74 51.13
N PHE C 450 -21.13 -2.96 51.61
CA PHE C 450 -20.15 -3.74 50.87
C PHE C 450 -19.13 -4.30 51.85
N PHE C 451 -18.34 -5.26 51.36
CA PHE C 451 -17.29 -5.85 52.17
C PHE C 451 -16.20 -4.82 52.45
N ASP C 452 -15.82 -4.72 53.73
CA ASP C 452 -14.69 -3.91 54.15
C ASP C 452 -13.51 -4.85 54.31
N VAL C 453 -12.30 -4.28 54.29
CA VAL C 453 -11.09 -5.04 54.57
C VAL C 453 -10.29 -4.35 55.66
N TRP C 454 -9.91 -5.14 56.66
CA TRP C 454 -9.35 -4.68 57.93
C TRP C 454 -7.90 -4.30 57.68
N GLN C 455 -7.70 -3.05 57.29
CA GLN C 455 -6.40 -2.54 56.86
C GLN C 455 -6.40 -1.03 57.04
N PRO C 456 -5.23 -0.39 57.06
CA PRO C 456 -5.19 1.08 57.23
C PRO C 456 -5.91 1.80 56.11
N ASP C 457 -6.48 2.96 56.46
CA ASP C 457 -7.31 3.72 55.55
C ASP C 457 -6.54 4.23 54.34
N HIS C 458 -5.26 4.55 54.50
CA HIS C 458 -4.41 4.95 53.38
C HIS C 458 -3.26 3.97 53.25
N ILE C 459 -3.36 3.09 52.26
CA ILE C 459 -2.25 2.21 51.88
C ILE C 459 -1.95 2.44 50.40
N ASP C 460 -0.72 2.80 50.11
CA ASP C 460 -0.29 2.90 48.73
C ASP C 460 1.17 2.51 48.52
N THR C 461 1.87 2.09 49.55
CA THR C 461 3.27 1.71 49.46
C THR C 461 3.43 0.24 49.82
N THR C 462 4.49 -0.37 49.31
CA THR C 462 4.75 -1.79 49.53
C THR C 462 5.58 -1.94 50.80
N GLU C 463 4.88 -1.91 51.93
CA GLU C 463 5.51 -2.11 53.23
C GLU C 463 4.52 -2.80 54.14
N CYS C 464 5.05 -3.40 55.20
CA CYS C 464 4.20 -3.89 56.28
C CYS C 464 3.68 -2.69 57.05
N TRP C 465 2.39 -2.42 56.92
CA TRP C 465 1.84 -1.18 57.46
C TRP C 465 1.75 -1.27 58.98
N PRO C 466 2.43 -0.40 59.71
CA PRO C 466 2.49 -0.53 61.17
C PRO C 466 1.15 -0.18 61.80
N LEU C 467 0.85 -0.88 62.89
CA LEU C 467 -0.38 -0.63 63.63
C LEU C 467 -0.11 0.50 64.60
N ARG C 468 -0.65 1.68 64.31
CA ARG C 468 -0.37 2.88 65.07
C ARG C 468 -1.45 3.09 66.12
N SER C 469 -1.05 3.59 67.28
CA SER C 469 -2.00 3.88 68.35
C SER C 469 -2.88 5.06 68.04
N ASP C 470 -2.50 5.89 67.06
CA ASP C 470 -3.26 7.08 66.70
C ASP C 470 -4.31 6.80 65.63
N SER C 471 -4.54 5.53 65.30
CA SER C 471 -5.55 5.15 64.33
C SER C 471 -6.43 4.06 64.93
N THR C 472 -7.59 3.86 64.33
CA THR C 472 -8.58 2.95 64.91
C THR C 472 -9.06 1.89 63.92
N TRP C 473 -8.34 1.66 62.82
CA TRP C 473 -8.75 0.63 61.89
C TRP C 473 -8.55 -0.77 62.46
N HIS C 474 -7.54 -0.96 63.30
CA HIS C 474 -7.25 -2.27 63.84
C HIS C 474 -8.20 -2.65 64.97
N GLY C 475 -8.40 -1.77 65.93
CA GLY C 475 -9.32 -2.03 67.02
C GLY C 475 -8.65 -2.41 68.33
N PHE C 476 -7.35 -2.71 68.33
CA PHE C 476 -6.64 -3.01 69.56
C PHE C 476 -6.40 -1.70 70.30
N LYS C 477 -7.06 -1.54 71.45
CA LYS C 477 -6.98 -0.30 72.20
C LYS C 477 -5.66 -0.20 72.95
N ASN C 478 -5.13 1.03 73.01
CA ASN C 478 -3.88 1.36 73.71
C ASN C 478 -2.71 0.52 73.23
N ILE C 479 -2.67 0.29 71.92
CA ILE C 479 -1.63 -0.55 71.33
C ILE C 479 -0.32 0.22 71.30
N ASP C 480 0.79 -0.52 71.37
CA ASP C 480 2.12 0.06 71.38
C ASP C 480 2.61 0.32 69.97
N ASN C 481 3.28 1.45 69.78
CA ASN C 481 3.72 1.86 68.45
C ASN C 481 4.96 1.11 68.02
N GLU C 482 4.99 0.69 66.75
CA GLU C 482 5.99 -0.20 66.18
C GLU C 482 6.18 -1.45 67.02
N HIS C 483 5.10 -2.22 67.14
CA HIS C 483 5.17 -3.56 67.67
C HIS C 483 4.43 -4.48 66.70
N MET C 484 3.53 -3.92 65.91
CA MET C 484 2.74 -4.70 64.96
C MET C 484 2.88 -4.15 63.56
N TYR C 485 2.88 -5.07 62.61
CA TYR C 485 3.07 -4.80 61.19
C TYR C 485 2.15 -5.72 60.41
N LEU C 486 1.23 -5.14 59.66
CA LEU C 486 0.27 -5.95 58.91
C LEU C 486 0.95 -6.59 57.71
N ASP C 487 0.76 -7.88 57.56
CA ASP C 487 1.24 -8.57 56.38
C ASP C 487 0.28 -8.32 55.22
N PRO C 488 0.73 -7.72 54.12
CA PRO C 488 -0.20 -7.37 53.04
C PRO C 488 -0.85 -8.56 52.35
N ILE C 489 -0.26 -9.75 52.39
CA ILE C 489 -0.80 -10.85 51.60
C ILE C 489 -1.82 -11.70 52.35
N LYS C 490 -2.03 -11.46 53.64
CA LYS C 490 -3.08 -12.15 54.38
C LYS C 490 -4.26 -11.20 54.51
N VAL C 491 -5.05 -11.13 53.44
CA VAL C 491 -6.15 -10.18 53.36
C VAL C 491 -7.31 -10.70 54.19
N THR C 492 -7.76 -9.89 55.14
CA THR C 492 -8.88 -10.21 56.00
C THR C 492 -10.05 -9.33 55.61
N LEU C 493 -10.98 -9.89 54.83
CA LEU C 493 -12.18 -9.16 54.52
C LEU C 493 -13.07 -9.04 55.74
N LEU C 494 -13.99 -8.08 55.69
CA LEU C 494 -14.95 -7.88 56.75
C LEU C 494 -16.33 -7.82 56.14
N THR C 495 -17.31 -8.21 56.92
CA THR C 495 -18.70 -8.18 56.53
C THR C 495 -19.46 -7.18 57.39
N PRO C 496 -20.60 -6.68 56.93
CA PRO C 496 -21.40 -5.77 57.77
C PRO C 496 -21.89 -6.44 59.05
N GLY C 497 -22.07 -5.61 60.07
CA GLY C 497 -22.52 -6.10 61.36
C GLY C 497 -21.81 -5.43 62.52
N MET C 498 -20.61 -4.93 62.26
CA MET C 498 -19.78 -4.29 63.28
C MET C 498 -19.65 -2.80 62.99
N GLU C 499 -19.76 -1.98 64.03
CA GLU C 499 -19.40 -0.58 63.89
C GLU C 499 -17.91 -0.42 64.13
N LYS C 500 -17.42 0.80 63.91
CA LYS C 500 -15.99 1.05 64.01
C LYS C 500 -15.50 1.09 65.45
N ASP C 501 -16.35 1.52 66.38
CA ASP C 501 -15.96 1.62 67.78
C ASP C 501 -16.01 0.28 68.50
N GLY C 502 -16.58 -0.76 67.88
CA GLY C 502 -16.65 -2.08 68.45
C GLY C 502 -18.06 -2.59 68.70
N THR C 503 -19.04 -1.70 68.81
CA THR C 503 -20.41 -2.14 69.01
C THR C 503 -20.97 -2.75 67.73
N MET C 504 -22.08 -3.48 67.89
CA MET C 504 -22.69 -4.17 66.77
C MET C 504 -23.71 -3.27 66.08
N SER C 505 -23.81 -3.43 64.76
CA SER C 505 -24.81 -2.74 63.98
C SER C 505 -26.12 -3.51 64.02
N ASP C 506 -27.08 -3.09 63.22
CA ASP C 506 -28.35 -3.80 63.09
C ASP C 506 -28.40 -4.71 61.86
N PHE C 507 -27.98 -4.19 60.71
CA PHE C 507 -27.91 -4.98 59.49
C PHE C 507 -26.54 -5.64 59.39
N GLY C 508 -26.52 -6.95 59.19
CA GLY C 508 -25.26 -7.65 59.14
C GLY C 508 -25.39 -9.02 58.50
N ILE C 509 -24.25 -9.50 58.01
CA ILE C 509 -24.14 -10.85 57.46
C ILE C 509 -22.96 -11.51 58.16
N PRO C 510 -23.16 -12.54 58.96
CA PRO C 510 -22.01 -13.28 59.49
C PRO C 510 -21.28 -14.03 58.38
N ALA C 511 -19.97 -14.16 58.55
CA ALA C 511 -19.08 -14.60 57.49
C ALA C 511 -19.26 -16.06 57.10
N SER C 512 -20.02 -16.83 57.87
CA SER C 512 -20.28 -18.23 57.51
C SER C 512 -21.09 -18.33 56.22
N ILE C 513 -22.09 -17.46 56.04
CA ILE C 513 -22.87 -17.46 54.81
C ILE C 513 -22.02 -17.09 53.61
N VAL C 514 -21.16 -16.07 53.76
CA VAL C 514 -20.29 -15.68 52.65
C VAL C 514 -19.32 -16.80 52.30
N ALA C 515 -18.73 -17.45 53.31
CA ALA C 515 -17.82 -18.56 53.06
C ALA C 515 -18.52 -19.73 52.39
N LYS C 516 -19.74 -20.04 52.83
CA LYS C 516 -20.49 -21.13 52.21
C LYS C 516 -20.88 -20.79 50.78
N TYR C 517 -21.20 -19.52 50.51
CA TYR C 517 -21.52 -19.14 49.15
C TYR C 517 -20.29 -19.26 48.25
N LEU C 518 -19.14 -18.81 48.75
CA LEU C 518 -17.91 -18.91 47.97
C LEU C 518 -17.54 -20.36 47.71
N ASP C 519 -17.73 -21.22 48.72
CA ASP C 519 -17.53 -22.65 48.52
C ASP C 519 -18.50 -23.23 47.50
N GLU C 520 -19.73 -22.72 47.46
CA GLU C 520 -20.67 -23.15 46.43
C GLU C 520 -20.18 -22.78 45.04
N HIS C 521 -19.63 -21.58 44.89
CA HIS C 521 -19.14 -21.12 43.59
C HIS C 521 -17.69 -21.49 43.33
N GLY C 522 -17.13 -22.41 44.11
CA GLY C 522 -15.86 -23.00 43.73
C GLY C 522 -14.63 -22.20 44.08
N ILE C 523 -14.68 -21.41 45.15
CA ILE C 523 -13.49 -20.78 45.71
C ILE C 523 -13.51 -21.00 47.22
N VAL C 524 -12.34 -21.30 47.79
CA VAL C 524 -12.26 -21.76 49.17
C VAL C 524 -11.64 -20.68 50.05
N VAL C 525 -12.28 -20.39 51.16
CA VAL C 525 -11.76 -19.46 52.15
C VAL C 525 -10.96 -20.26 53.16
N GLU C 526 -9.87 -19.67 53.68
CA GLU C 526 -9.00 -20.35 54.63
C GLU C 526 -9.75 -20.71 55.92
N LYS C 527 -10.14 -19.72 56.72
CA LYS C 527 -11.01 -19.92 57.87
C LYS C 527 -11.68 -18.60 58.21
N THR C 528 -12.91 -18.68 58.71
CA THR C 528 -13.71 -17.51 59.01
C THR C 528 -14.04 -17.44 60.49
N GLY C 529 -14.18 -16.23 61.01
CA GLY C 529 -14.70 -16.01 62.33
C GLY C 529 -16.16 -15.61 62.25
N PRO C 530 -16.59 -14.73 63.14
CA PRO C 530 -17.98 -14.27 63.10
C PRO C 530 -18.26 -13.35 61.92
N TYR C 531 -17.37 -12.39 61.67
CA TYR C 531 -17.60 -11.40 60.61
C TYR C 531 -16.32 -11.10 59.83
N ASN C 532 -15.42 -12.07 59.74
CA ASN C 532 -14.22 -11.85 58.93
C ASN C 532 -13.90 -13.10 58.11
N LEU C 533 -13.29 -12.87 56.96
CA LEU C 533 -12.73 -13.92 56.14
C LEU C 533 -11.21 -13.81 56.16
N LEU C 534 -10.55 -14.71 55.44
CA LEU C 534 -9.09 -14.65 55.33
C LEU C 534 -8.71 -15.25 54.00
N PHE C 535 -7.83 -14.57 53.25
CA PHE C 535 -7.42 -15.09 51.95
C PHE C 535 -5.91 -15.03 51.87
N LEU C 536 -5.28 -16.19 51.74
CA LEU C 536 -3.83 -16.28 51.62
C LEU C 536 -3.44 -15.91 50.20
N PHE C 537 -2.84 -14.74 50.02
CA PHE C 537 -2.32 -14.35 48.71
C PHE C 537 -0.87 -14.79 48.61
N SER C 538 -0.68 -16.11 48.49
CA SER C 538 0.66 -16.68 48.41
C SER C 538 1.21 -16.47 47.01
N ILE C 539 2.34 -17.14 46.72
CA ILE C 539 2.94 -17.03 45.40
C ILE C 539 2.13 -17.71 44.31
N GLY C 540 1.17 -18.57 44.68
CA GLY C 540 0.33 -19.20 43.68
C GLY C 540 -0.75 -18.32 43.12
N ILE C 541 -1.12 -17.25 43.82
CA ILE C 541 -2.26 -16.43 43.41
C ILE C 541 -1.85 -15.55 42.25
N ASP C 542 -2.57 -15.67 41.13
CA ASP C 542 -2.47 -14.75 40.01
C ASP C 542 -3.77 -13.96 39.90
N LYS C 543 -3.84 -13.07 38.90
CA LYS C 543 -4.99 -12.19 38.80
C LYS C 543 -6.25 -12.90 38.36
N THR C 544 -6.15 -14.10 37.79
CA THR C 544 -7.34 -14.90 37.48
C THR C 544 -8.11 -15.24 38.75
N LYS C 545 -7.41 -15.80 39.73
CA LYS C 545 -8.05 -16.16 40.99
C LYS C 545 -8.54 -14.93 41.75
N ALA C 546 -7.74 -13.86 41.75
CA ALA C 546 -8.14 -12.64 42.45
C ALA C 546 -9.40 -12.03 41.86
N LEU C 547 -9.49 -11.98 40.52
CA LEU C 547 -10.67 -11.45 39.88
C LEU C 547 -11.88 -12.35 40.07
N SER C 548 -11.68 -13.68 40.06
CA SER C 548 -12.78 -14.59 40.32
C SER C 548 -13.30 -14.43 41.75
N LEU C 549 -12.40 -14.22 42.71
CA LEU C 549 -12.84 -13.98 44.08
C LEU C 549 -13.61 -12.67 44.21
N LEU C 550 -13.10 -11.60 43.61
CA LEU C 550 -13.77 -10.31 43.71
C LEU C 550 -15.16 -10.38 43.09
N ARG C 551 -15.25 -11.20 42.05
CA ARG C 551 -16.48 -11.40 41.25
C ARG C 551 -17.37 -12.55 41.74
N ALA C 552 -16.97 -13.27 42.79
CA ALA C 552 -17.84 -14.08 43.64
C ALA C 552 -18.40 -13.23 44.77
N LEU C 553 -17.59 -12.31 45.30
CA LEU C 553 -18.07 -11.33 46.28
C LEU C 553 -19.17 -10.46 45.70
N THR C 554 -18.96 -9.96 44.48
CA THR C 554 -19.97 -9.09 43.84
C THR C 554 -21.26 -9.84 43.52
N ASP C 555 -21.16 -11.08 43.02
CA ASP C 555 -22.35 -11.87 42.74
C ASP C 555 -23.09 -12.22 44.03
N PHE C 556 -22.37 -12.42 45.13
CA PHE C 556 -23.05 -12.57 46.42
C PHE C 556 -23.79 -11.31 46.79
N LYS C 557 -23.19 -10.15 46.55
CA LYS C 557 -23.87 -8.89 46.87
C LYS C 557 -25.14 -8.74 46.05
N ARG C 558 -25.07 -9.07 44.76
CA ARG C 558 -26.26 -8.97 43.90
C ARG C 558 -27.33 -9.97 44.30
N ALA C 559 -26.93 -11.20 44.66
CA ALA C 559 -27.88 -12.21 45.07
C ALA C 559 -28.47 -11.94 46.44
N PHE C 560 -27.75 -11.22 47.30
CA PHE C 560 -28.29 -10.86 48.60
C PHE C 560 -29.21 -9.65 48.53
N ASP C 561 -28.91 -8.67 47.68
CA ASP C 561 -29.83 -7.57 47.47
C ASP C 561 -31.10 -8.04 46.77
N LEU C 562 -30.98 -8.95 45.80
CA LEU C 562 -32.15 -9.53 45.18
C LEU C 562 -32.89 -10.48 46.11
N ASN C 563 -32.21 -10.96 47.16
CA ASN C 563 -32.77 -11.84 48.18
C ASN C 563 -33.31 -13.15 47.57
N LEU C 564 -32.39 -13.89 46.99
CA LEU C 564 -32.73 -15.20 46.45
C LEU C 564 -32.95 -16.20 47.59
N ARG C 565 -33.68 -17.27 47.28
CA ARG C 565 -33.95 -18.28 48.27
C ARG C 565 -32.71 -19.13 48.56
N VAL C 566 -32.72 -19.78 49.72
CA VAL C 566 -31.61 -20.64 50.12
C VAL C 566 -31.49 -21.84 49.18
N LYS C 567 -32.64 -22.35 48.70
CA LYS C 567 -32.63 -23.52 47.83
C LYS C 567 -31.91 -23.26 46.52
N ASN C 568 -32.14 -22.11 45.90
CA ASN C 568 -31.49 -21.82 44.63
C ASN C 568 -30.03 -21.41 44.81
N MET C 569 -29.74 -20.60 45.83
CA MET C 569 -28.40 -20.03 45.91
C MET C 569 -27.41 -20.94 46.63
N LEU C 570 -27.87 -21.62 47.69
CA LEU C 570 -27.02 -22.49 48.50
C LEU C 570 -27.62 -23.88 48.54
N PRO C 571 -27.50 -24.66 47.45
CA PRO C 571 -27.98 -26.05 47.50
C PRO C 571 -27.18 -26.94 48.43
N SER C 572 -25.89 -26.67 48.62
CA SER C 572 -25.10 -27.46 49.56
C SER C 572 -25.53 -27.25 51.00
N LEU C 573 -25.99 -26.04 51.33
CA LEU C 573 -26.59 -25.80 52.64
C LEU C 573 -28.06 -26.21 52.66
N TYR C 574 -28.73 -26.19 51.51
CA TYR C 574 -30.10 -26.69 51.42
C TYR C 574 -30.16 -28.17 51.74
N ARG C 575 -29.19 -28.94 51.28
CA ARG C 575 -29.16 -30.39 51.51
C ARG C 575 -28.86 -30.77 52.95
N GLU C 576 -28.47 -29.81 53.80
CA GLU C 576 -28.24 -30.11 55.20
C GLU C 576 -29.54 -30.51 55.89
N ASP C 577 -30.62 -29.77 55.65
CA ASP C 577 -31.96 -30.16 56.09
C ASP C 577 -32.96 -29.49 55.18
N PRO C 578 -33.39 -30.16 54.11
CA PRO C 578 -34.32 -29.52 53.15
C PRO C 578 -35.65 -29.10 53.74
N GLU C 579 -36.10 -29.73 54.83
CA GLU C 579 -37.35 -29.34 55.46
C GLU C 579 -37.27 -27.96 56.08
N PHE C 580 -36.10 -27.59 56.61
CA PHE C 580 -35.95 -26.32 57.30
C PHE C 580 -35.70 -25.16 56.35
N TYR C 581 -34.83 -25.35 55.36
CA TYR C 581 -34.45 -24.29 54.42
C TYR C 581 -35.33 -24.28 53.18
N GLU C 582 -36.57 -24.76 53.27
CA GLU C 582 -37.42 -24.86 52.08
C GLU C 582 -37.93 -23.49 51.65
N ASN C 583 -38.53 -22.75 52.58
CA ASN C 583 -39.18 -21.47 52.28
C ASN C 583 -38.51 -20.33 53.02
N MET C 584 -37.19 -20.30 53.05
CA MET C 584 -36.43 -19.27 53.73
C MET C 584 -35.59 -18.48 52.74
N ARG C 585 -35.66 -17.16 52.84
CA ARG C 585 -34.84 -16.29 52.02
C ARG C 585 -33.50 -16.06 52.71
N ILE C 586 -32.53 -15.58 51.92
CA ILE C 586 -31.18 -15.39 52.47
C ILE C 586 -31.13 -14.20 53.41
N GLN C 587 -31.90 -13.14 53.15
CA GLN C 587 -31.92 -12.00 54.06
C GLN C 587 -32.51 -12.37 55.41
N GLU C 588 -33.56 -13.20 55.42
CA GLU C 588 -34.11 -13.67 56.68
C GLU C 588 -33.12 -14.52 57.46
N LEU C 589 -32.39 -15.40 56.76
CA LEU C 589 -31.40 -16.25 57.43
C LEU C 589 -30.25 -15.43 58.01
N ALA C 590 -29.72 -14.48 57.23
CA ALA C 590 -28.65 -13.63 57.70
C ALA C 590 -29.10 -12.76 58.86
N GLN C 591 -30.31 -12.20 58.77
CA GLN C 591 -30.85 -11.39 59.84
C GLN C 591 -31.06 -12.22 61.10
N ASN C 592 -31.50 -13.48 60.95
CA ASN C 592 -31.74 -14.33 62.10
C ASN C 592 -30.45 -14.69 62.82
N ILE C 593 -29.41 -15.08 62.07
CA ILE C 593 -28.15 -15.42 62.72
C ILE C 593 -27.50 -14.17 63.31
N HIS C 594 -27.62 -13.03 62.64
CA HIS C 594 -27.12 -11.78 63.19
C HIS C 594 -27.85 -11.38 64.46
N LYS C 595 -29.17 -11.59 64.52
CA LYS C 595 -29.91 -11.31 65.74
C LYS C 595 -29.58 -12.28 66.85
N LEU C 596 -29.28 -13.54 66.51
CA LEU C 596 -28.80 -14.48 67.52
C LEU C 596 -27.45 -14.07 68.08
N ILE C 597 -26.59 -13.48 67.25
CA ILE C 597 -25.32 -12.97 67.75
C ILE C 597 -25.53 -11.72 68.60
N VAL C 598 -26.40 -10.80 68.15
CA VAL C 598 -26.63 -9.55 68.86
C VAL C 598 -27.31 -9.74 70.21
N HIS C 599 -28.40 -10.51 70.26
CA HIS C 599 -29.17 -10.67 71.50
C HIS C 599 -28.37 -11.41 72.56
N HIS C 600 -27.56 -12.37 72.15
CA HIS C 600 -26.69 -13.09 73.07
C HIS C 600 -25.37 -12.35 73.33
N ASN C 601 -25.12 -11.26 72.61
CA ASN C 601 -23.96 -10.38 72.81
C ASN C 601 -22.65 -11.15 72.66
N LEU C 602 -22.43 -11.67 71.45
CA LEU C 602 -21.25 -12.50 71.20
C LEU C 602 -19.92 -11.77 71.36
N PRO C 603 -19.67 -10.60 70.75
CA PRO C 603 -18.31 -10.04 70.83
C PRO C 603 -17.89 -9.59 72.22
N ASP C 604 -18.81 -9.07 73.02
CA ASP C 604 -18.45 -8.67 74.38
C ASP C 604 -18.07 -9.87 75.23
N LEU C 605 -18.82 -10.97 75.11
CA LEU C 605 -18.47 -12.20 75.80
C LEU C 605 -17.17 -12.78 75.30
N MET C 606 -16.96 -12.76 73.97
CA MET C 606 -15.72 -13.28 73.40
C MET C 606 -14.51 -12.45 73.81
N TYR C 607 -14.71 -11.16 74.05
CA TYR C 607 -13.63 -10.33 74.57
C TYR C 607 -13.36 -10.62 76.04
N ARG C 608 -14.39 -10.51 76.88
CA ARG C 608 -14.23 -10.66 78.32
C ARG C 608 -13.87 -12.08 78.75
N ALA C 609 -14.10 -13.08 77.91
CA ALA C 609 -13.66 -14.43 78.24
C ALA C 609 -12.17 -14.60 78.04
N PHE C 610 -11.57 -13.93 77.06
CA PHE C 610 -10.15 -14.06 76.80
C PHE C 610 -9.32 -13.00 77.53
N GLU C 611 -9.94 -12.01 78.15
CA GLU C 611 -9.19 -11.09 79.00
C GLU C 611 -8.97 -11.64 80.41
N VAL C 612 -9.52 -12.81 80.74
CA VAL C 612 -9.32 -13.43 82.03
C VAL C 612 -8.72 -14.82 81.83
N LEU C 613 -7.61 -15.07 82.52
CA LEU C 613 -6.87 -16.32 82.44
C LEU C 613 -7.40 -17.33 83.45
N PRO C 614 -7.69 -18.56 83.03
CA PRO C 614 -8.10 -19.60 83.98
C PRO C 614 -6.97 -19.96 84.94
N THR C 615 -7.37 -20.38 86.14
CA THR C 615 -6.43 -20.66 87.21
C THR C 615 -5.71 -21.98 86.95
N MET C 616 -4.38 -21.93 86.91
CA MET C 616 -3.56 -23.12 86.70
C MET C 616 -3.44 -23.89 88.00
N VAL C 617 -4.21 -24.97 88.13
CA VAL C 617 -4.04 -25.84 89.30
C VAL C 617 -2.80 -26.69 89.17
N MET C 618 -2.61 -27.31 88.00
CA MET C 618 -1.46 -28.17 87.76
C MET C 618 -1.00 -28.01 86.33
N THR C 619 0.25 -28.40 86.09
CA THR C 619 0.84 -28.32 84.75
C THR C 619 0.11 -29.28 83.80
N PRO C 620 0.04 -28.93 82.51
CA PRO C 620 -0.62 -29.83 81.55
C PRO C 620 0.01 -31.20 81.43
N TYR C 621 1.29 -31.34 81.74
CA TYR C 621 1.89 -32.67 81.82
C TYR C 621 1.23 -33.52 82.90
N ALA C 622 0.98 -32.91 84.06
CA ALA C 622 0.28 -33.63 85.12
C ALA C 622 -1.17 -33.90 84.75
N ALA C 623 -1.80 -33.00 83.99
CA ALA C 623 -3.15 -33.25 83.51
C ALA C 623 -3.20 -34.44 82.57
N PHE C 624 -2.22 -34.54 81.66
CA PHE C 624 -2.14 -35.71 80.79
C PHE C 624 -1.83 -36.97 81.57
N GLN C 625 -1.00 -36.87 82.61
CA GLN C 625 -0.70 -38.03 83.44
C GLN C 625 -1.95 -38.54 84.16
N LYS C 626 -2.74 -37.62 84.72
CA LYS C 626 -3.99 -38.03 85.35
C LYS C 626 -5.03 -38.48 84.34
N GLU C 627 -4.95 -38.00 83.10
CA GLU C 627 -5.87 -38.45 82.07
C GLU C 627 -5.56 -39.87 81.62
N LEU C 628 -4.28 -40.22 81.54
CA LEU C 628 -3.88 -41.57 81.15
C LEU C 628 -4.28 -42.62 82.19
N HIS C 629 -4.36 -42.25 83.46
CA HIS C 629 -4.69 -43.20 84.52
C HIS C 629 -6.18 -43.39 84.68
N GLY C 630 -6.99 -42.87 83.76
CA GLY C 630 -8.42 -43.07 83.83
C GLY C 630 -9.12 -42.28 84.91
N MET C 631 -8.54 -41.16 85.33
CA MET C 631 -9.12 -40.33 86.39
C MET C 631 -10.00 -39.21 85.83
N THR C 632 -10.61 -39.43 84.67
CA THR C 632 -11.39 -38.42 83.98
C THR C 632 -12.86 -38.81 83.95
N GLU C 633 -13.72 -37.85 84.26
CA GLU C 633 -15.16 -38.03 84.16
C GLU C 633 -15.73 -36.93 83.28
N GLU C 634 -16.87 -37.23 82.66
CA GLU C 634 -17.52 -36.30 81.73
C GLU C 634 -18.69 -35.64 82.45
N VAL C 635 -18.41 -34.51 83.09
CA VAL C 635 -19.47 -33.72 83.74
C VAL C 635 -20.07 -32.85 82.66
N TYR C 636 -21.30 -32.38 82.85
CA TYR C 636 -21.91 -31.50 81.87
C TYR C 636 -21.27 -30.12 81.92
N LEU C 637 -21.61 -29.30 80.93
CA LEU C 637 -20.93 -28.03 80.73
C LEU C 637 -21.18 -27.05 81.86
N ASP C 638 -22.41 -27.00 82.38
CA ASP C 638 -22.80 -25.99 83.37
C ASP C 638 -22.11 -26.19 84.71
N GLU C 639 -21.78 -27.41 85.08
CA GLU C 639 -21.23 -27.73 86.39
C GLU C 639 -19.71 -27.92 86.33
N MET C 640 -19.04 -27.14 85.50
CA MET C 640 -17.61 -27.29 85.26
C MET C 640 -16.76 -26.34 86.07
N VAL C 641 -17.36 -25.38 86.78
CA VAL C 641 -16.57 -24.47 87.61
C VAL C 641 -16.05 -25.22 88.83
N GLY C 642 -14.82 -24.90 89.22
CA GLY C 642 -14.17 -25.60 90.30
C GLY C 642 -13.61 -26.96 89.93
N ARG C 643 -13.66 -27.33 88.66
CA ARG C 643 -13.18 -28.63 88.20
C ARG C 643 -11.96 -28.43 87.30
N ILE C 644 -11.01 -29.35 87.43
CA ILE C 644 -9.76 -29.28 86.67
C ILE C 644 -10.00 -29.93 85.31
N ASN C 645 -9.71 -29.19 84.25
CA ASN C 645 -9.94 -29.67 82.89
C ASN C 645 -8.84 -30.62 82.45
N ALA C 646 -9.22 -31.71 81.78
CA ALA C 646 -8.27 -32.70 81.32
C ALA C 646 -7.94 -32.58 79.84
N ASN C 647 -8.89 -32.19 79.01
CA ASN C 647 -8.66 -31.98 77.59
C ASN C 647 -8.85 -30.51 77.25
N MET C 648 -8.09 -30.06 76.26
CA MET C 648 -8.12 -28.67 75.84
C MET C 648 -9.47 -28.32 75.24
N ILE C 649 -9.97 -27.13 75.56
CA ILE C 649 -11.19 -26.60 74.96
C ILE C 649 -10.78 -25.56 73.93
N LEU C 650 -11.11 -25.82 72.67
CA LEU C 650 -10.73 -24.96 71.55
C LEU C 650 -11.99 -24.55 70.81
N PRO C 651 -12.58 -23.40 71.15
CA PRO C 651 -13.83 -22.99 70.51
C PRO C 651 -13.62 -22.21 69.21
N TYR C 652 -14.46 -22.51 68.22
CA TYR C 652 -14.54 -21.74 67.00
C TYR C 652 -15.86 -21.00 67.00
N PRO C 653 -15.91 -19.65 67.07
CA PRO C 653 -14.86 -18.63 67.15
C PRO C 653 -14.09 -18.64 68.46
N PRO C 654 -12.84 -18.14 68.47
CA PRO C 654 -12.09 -17.63 67.31
C PRO C 654 -11.10 -18.62 66.69
N GLY C 655 -10.58 -19.56 67.48
CA GLY C 655 -9.58 -20.47 66.99
C GLY C 655 -8.29 -20.46 67.79
N VAL C 656 -8.38 -20.05 69.04
CA VAL C 656 -7.23 -19.98 69.94
C VAL C 656 -7.57 -20.75 71.20
N PRO C 657 -6.62 -21.50 71.80
CA PRO C 657 -6.93 -22.27 73.01
C PRO C 657 -7.40 -21.43 74.19
N LEU C 658 -8.64 -21.70 74.60
CA LEU C 658 -9.30 -20.93 75.66
C LEU C 658 -9.00 -21.53 77.04
N VAL C 659 -9.35 -22.79 77.26
CA VAL C 659 -9.02 -23.51 78.48
C VAL C 659 -7.96 -24.55 78.15
N MET C 660 -6.84 -24.50 78.87
CA MET C 660 -5.77 -25.45 78.68
C MET C 660 -6.03 -26.70 79.51
N PRO C 661 -5.41 -27.82 79.17
CA PRO C 661 -5.48 -29.01 80.05
C PRO C 661 -4.78 -28.74 81.37
N GLY C 662 -5.51 -28.92 82.47
CA GLY C 662 -4.97 -28.71 83.79
C GLY C 662 -5.32 -27.39 84.44
N GLU C 663 -6.24 -26.63 83.87
CA GLU C 663 -6.62 -25.33 84.41
C GLU C 663 -8.07 -25.34 84.85
N MET C 664 -8.36 -24.57 85.89
CA MET C 664 -9.67 -24.52 86.53
C MET C 664 -10.38 -23.22 86.17
N ILE C 665 -11.67 -23.31 85.87
CA ILE C 665 -12.50 -22.13 85.73
C ILE C 665 -13.04 -21.75 87.10
N THR C 666 -12.57 -20.63 87.64
CA THR C 666 -12.98 -20.17 88.95
C THR C 666 -14.12 -19.15 88.80
N GLU C 667 -14.54 -18.58 89.93
CA GLU C 667 -15.57 -17.55 89.89
C GLU C 667 -15.06 -16.26 89.25
N GLU C 668 -13.74 -16.02 89.30
CA GLU C 668 -13.17 -14.88 88.59
C GLU C 668 -13.18 -15.06 87.09
N SER C 669 -13.33 -16.29 86.60
CA SER C 669 -13.33 -16.58 85.17
C SER C 669 -14.68 -17.13 84.71
N ARG C 670 -15.75 -16.75 85.40
CA ARG C 670 -17.10 -17.11 84.96
C ARG C 670 -17.48 -16.67 83.53
N PRO C 671 -17.07 -15.51 83.01
CA PRO C 671 -17.38 -15.21 81.60
C PRO C 671 -16.85 -16.22 80.60
N VAL C 672 -15.82 -17.01 80.93
CA VAL C 672 -15.44 -18.14 80.09
C VAL C 672 -16.59 -19.14 79.98
N LEU C 673 -17.16 -19.51 81.12
CA LEU C 673 -18.31 -20.42 81.12
C LEU C 673 -19.52 -19.81 80.43
N GLU C 674 -19.74 -18.51 80.64
CA GLU C 674 -20.84 -17.83 79.95
C GLU C 674 -20.65 -17.83 78.44
N PHE C 675 -19.43 -17.61 77.97
CA PHE C 675 -19.15 -17.66 76.54
C PHE C 675 -19.35 -19.05 75.97
N LEU C 676 -18.90 -20.08 76.68
CA LEU C 676 -19.08 -21.46 76.21
C LEU C 676 -20.56 -21.83 76.15
N GLN C 677 -21.31 -21.49 77.20
CA GLN C 677 -22.73 -21.77 77.22
C GLN C 677 -23.48 -20.99 76.14
N MET C 678 -23.09 -19.74 75.92
CA MET C 678 -23.70 -18.94 74.86
C MET C 678 -23.43 -19.53 73.49
N LEU C 679 -22.20 -19.98 73.25
CA LEU C 679 -21.86 -20.59 71.96
C LEU C 679 -22.64 -21.87 71.74
N CYS C 680 -22.78 -22.70 72.78
CA CYS C 680 -23.60 -23.90 72.68
C CYS C 680 -25.08 -23.57 72.46
N GLU C 681 -25.56 -22.49 73.08
CA GLU C 681 -26.95 -22.10 72.92
C GLU C 681 -27.25 -21.57 71.53
N ILE C 682 -26.33 -20.81 70.94
CA ILE C 682 -26.59 -20.26 69.62
C ILE C 682 -26.31 -21.26 68.51
N GLY C 683 -25.48 -22.27 68.75
CA GLY C 683 -25.20 -23.23 67.71
C GLY C 683 -26.26 -24.30 67.51
N ALA C 684 -27.25 -24.37 68.40
CA ALA C 684 -28.28 -25.40 68.34
C ALA C 684 -29.60 -24.87 67.80
N HIS C 685 -29.56 -23.91 66.88
CA HIS C 685 -30.77 -23.37 66.27
C HIS C 685 -30.84 -23.62 64.77
N TYR C 686 -29.78 -23.28 64.04
CA TYR C 686 -29.82 -23.31 62.59
C TYR C 686 -28.87 -24.37 62.05
N PRO C 687 -29.37 -25.34 61.28
CA PRO C 687 -28.51 -26.42 60.78
C PRO C 687 -27.51 -25.93 59.76
N GLY C 688 -26.38 -26.63 59.71
CA GLY C 688 -25.27 -26.25 58.87
C GLY C 688 -24.33 -25.24 59.49
N PHE C 689 -24.74 -24.60 60.59
CA PHE C 689 -23.89 -23.65 61.30
C PHE C 689 -23.60 -24.21 62.68
N GLU C 690 -23.27 -25.49 62.73
CA GLU C 690 -23.17 -26.23 63.98
C GLU C 690 -21.98 -25.74 64.81
N THR C 691 -22.05 -26.02 66.11
CA THR C 691 -21.04 -25.57 67.06
C THR C 691 -19.74 -26.33 66.82
N ASP C 692 -18.64 -25.61 66.70
CA ASP C 692 -17.33 -26.20 66.47
C ASP C 692 -16.46 -25.88 67.69
N ILE C 693 -16.51 -26.75 68.69
CA ILE C 693 -15.66 -26.65 69.87
C ILE C 693 -14.87 -27.94 69.97
N HIS C 694 -13.55 -27.84 69.94
CA HIS C 694 -12.70 -29.01 70.10
C HIS C 694 -12.44 -29.21 71.58
N GLY C 695 -13.01 -30.27 72.14
CA GLY C 695 -12.90 -30.54 73.56
C GLY C 695 -14.25 -30.82 74.20
N ALA C 696 -15.27 -30.08 73.76
CA ALA C 696 -16.63 -30.30 74.22
C ALA C 696 -17.33 -31.28 73.31
N TYR C 697 -17.96 -32.28 73.90
CA TYR C 697 -18.55 -33.39 73.17
C TYR C 697 -20.07 -33.27 73.19
N ARG C 698 -20.67 -33.34 72.00
CA ARG C 698 -22.10 -33.14 71.86
C ARG C 698 -22.85 -34.38 72.35
N GLN C 699 -23.90 -34.16 73.14
CA GLN C 699 -24.79 -35.21 73.57
C GLN C 699 -26.09 -35.15 72.77
N ALA C 700 -26.96 -36.13 72.99
CA ALA C 700 -28.21 -36.20 72.24
C ALA C 700 -29.22 -35.17 72.69
N ASP C 701 -29.25 -34.84 73.99
CA ASP C 701 -30.24 -33.91 74.50
C ASP C 701 -29.94 -32.46 74.13
N GLY C 702 -28.70 -32.14 73.77
CA GLY C 702 -28.33 -30.80 73.40
C GLY C 702 -27.43 -30.07 74.37
N ARG C 703 -26.95 -30.73 75.42
CA ARG C 703 -26.05 -30.12 76.38
C ARG C 703 -24.70 -30.84 76.30
N TYR C 704 -23.63 -30.06 76.21
CA TYR C 704 -22.31 -30.60 75.92
C TYR C 704 -21.60 -31.03 77.20
N THR C 705 -20.59 -31.89 77.03
CA THR C 705 -19.81 -32.42 78.14
C THR C 705 -18.32 -32.14 77.91
N VAL C 706 -17.60 -31.93 79.01
CA VAL C 706 -16.16 -31.68 78.98
C VAL C 706 -15.50 -32.65 79.94
N LYS C 707 -14.45 -33.32 79.49
CA LYS C 707 -13.72 -34.27 80.33
C LYS C 707 -12.93 -33.52 81.39
N VAL C 708 -13.36 -33.64 82.64
CA VAL C 708 -12.66 -33.04 83.77
C VAL C 708 -12.06 -34.15 84.62
N LEU C 709 -11.23 -33.77 85.57
CA LEU C 709 -10.56 -34.73 86.43
C LEU C 709 -11.43 -35.07 87.63
N LYS C 710 -11.26 -36.30 88.13
CA LYS C 710 -11.99 -36.76 89.30
C LYS C 710 -11.46 -36.09 90.56
N GLU C 711 -12.27 -36.10 91.60
CA GLU C 711 -11.91 -35.47 92.87
C GLU C 711 -11.43 -36.50 93.89
N MET D 1 4.03 -28.98 -31.37
CA MET D 1 2.90 -28.08 -31.24
C MET D 1 1.89 -28.56 -30.22
N ASN D 2 2.16 -28.29 -28.94
CA ASN D 2 1.19 -28.55 -27.89
C ASN D 2 1.21 -27.47 -26.81
N VAL D 3 1.79 -26.32 -27.17
CA VAL D 3 1.91 -25.24 -26.15
C VAL D 3 0.97 -24.13 -26.56
N ILE D 4 -0.02 -23.80 -25.74
CA ILE D 4 -1.07 -22.79 -26.08
C ILE D 4 -1.08 -21.78 -24.96
N ALA D 5 -0.81 -20.52 -25.25
CA ALA D 5 -0.51 -19.59 -24.16
C ALA D 5 -1.69 -18.68 -23.88
N ILE D 6 -2.12 -18.63 -22.64
CA ILE D 6 -3.29 -17.83 -22.25
C ILE D 6 -2.73 -16.56 -21.61
N LEU D 7 -3.27 -15.39 -21.98
CA LEU D 7 -2.84 -14.13 -21.31
C LEU D 7 -3.51 -13.99 -19.94
N ASN D 8 -3.24 -12.87 -19.25
CA ASN D 8 -3.50 -12.70 -17.80
C ASN D 8 -4.90 -12.78 -17.23
N HIS D 9 -4.97 -12.82 -15.89
CA HIS D 9 -6.25 -12.90 -15.18
C HIS D 9 -6.83 -11.51 -15.03
N MET D 10 -7.95 -11.25 -15.70
CA MET D 10 -8.58 -9.92 -15.68
C MET D 10 -8.99 -9.60 -14.25
N GLY D 11 -9.64 -10.55 -13.56
CA GLY D 11 -10.16 -10.29 -12.22
C GLY D 11 -11.64 -10.63 -12.08
N VAL D 12 -12.44 -10.36 -13.10
CA VAL D 12 -13.85 -10.70 -12.97
C VAL D 12 -14.05 -12.16 -13.37
N TYR D 13 -15.13 -12.73 -12.85
CA TYR D 13 -15.37 -14.18 -12.89
C TYR D 13 -15.87 -14.69 -14.23
N PHE D 14 -16.73 -13.92 -14.91
CA PHE D 14 -17.42 -14.45 -16.08
C PHE D 14 -16.48 -14.67 -17.26
N LYS D 15 -15.30 -14.05 -17.25
CA LYS D 15 -14.27 -14.31 -18.24
C LYS D 15 -13.04 -14.95 -17.64
N GLU D 16 -13.19 -15.60 -16.49
CA GLU D 16 -12.13 -16.40 -15.90
C GLU D 16 -12.52 -17.86 -15.71
N GLU D 17 -13.73 -18.12 -15.23
CA GLU D 17 -14.19 -19.50 -15.09
C GLU D 17 -14.33 -20.20 -16.45
N PRO D 18 -14.86 -19.56 -17.51
CA PRO D 18 -14.72 -20.18 -18.84
C PRO D 18 -13.28 -20.39 -19.26
N ILE D 19 -12.37 -19.49 -18.87
CA ILE D 19 -10.96 -19.68 -19.19
C ILE D 19 -10.39 -20.87 -18.42
N ARG D 20 -10.78 -21.05 -17.17
CA ARG D 20 -10.32 -22.22 -16.42
C ARG D 20 -10.92 -23.51 -16.96
N GLU D 21 -12.18 -23.49 -17.40
CA GLU D 21 -12.76 -24.67 -18.03
C GLU D 21 -12.06 -24.99 -19.35
N LEU D 22 -11.71 -23.97 -20.13
CA LEU D 22 -10.95 -24.20 -21.36
C LEU D 22 -9.54 -24.71 -21.06
N HIS D 23 -8.93 -24.23 -19.97
CA HIS D 23 -7.65 -24.76 -19.50
C HIS D 23 -7.77 -26.26 -19.24
N ARG D 24 -8.80 -26.65 -18.48
CA ARG D 24 -8.99 -28.05 -18.13
C ARG D 24 -9.26 -28.91 -19.37
N ALA D 25 -10.09 -28.39 -20.29
CA ALA D 25 -10.38 -29.13 -21.52
C ALA D 25 -9.16 -29.27 -22.42
N LEU D 26 -8.32 -28.22 -22.51
CA LEU D 26 -7.13 -28.30 -23.34
C LEU D 26 -6.08 -29.23 -22.73
N GLU D 27 -5.96 -29.26 -21.41
CA GLU D 27 -5.09 -30.26 -20.79
C GLU D 27 -5.65 -31.66 -20.98
N ARG D 28 -6.98 -31.80 -21.04
CA ARG D 28 -7.57 -33.08 -21.39
C ARG D 28 -7.27 -33.46 -22.84
N LEU D 29 -7.10 -32.47 -23.71
CA LEU D 29 -6.76 -32.72 -25.10
C LEU D 29 -5.25 -32.73 -25.36
N ASN D 30 -4.45 -32.97 -24.31
CA ASN D 30 -2.99 -33.14 -24.40
C ASN D 30 -2.30 -31.90 -24.95
N PHE D 31 -2.65 -30.74 -24.39
CA PHE D 31 -1.97 -29.48 -24.69
C PHE D 31 -1.33 -28.95 -23.42
N GLN D 32 -0.02 -28.69 -23.49
CA GLN D 32 0.65 -27.97 -22.42
C GLN D 32 0.20 -26.51 -22.44
N ILE D 33 -0.04 -25.96 -21.26
CA ILE D 33 -0.57 -24.61 -21.11
C ILE D 33 0.48 -23.76 -20.42
N VAL D 34 0.83 -22.64 -21.04
CA VAL D 34 1.75 -21.68 -20.43
C VAL D 34 0.97 -20.41 -20.10
N TYR D 35 1.48 -19.67 -19.12
CA TYR D 35 0.81 -18.49 -18.58
C TYR D 35 1.75 -17.29 -18.56
N PRO D 36 1.94 -16.63 -19.71
CA PRO D 36 2.67 -15.36 -19.70
C PRO D 36 1.91 -14.30 -18.95
N ASN D 37 2.65 -13.47 -18.21
CA ASN D 37 2.01 -12.52 -17.30
C ASN D 37 1.41 -11.33 -18.04
N ASP D 38 2.09 -10.80 -19.04
CA ASP D 38 1.59 -9.63 -19.75
C ASP D 38 2.07 -9.69 -21.20
N ARG D 39 1.96 -8.57 -21.90
CA ARG D 39 2.20 -8.52 -23.34
C ARG D 39 3.65 -8.79 -23.71
N ASP D 40 4.59 -8.08 -23.09
CA ASP D 40 6.00 -8.27 -23.40
C ASP D 40 6.47 -9.66 -23.03
N ASP D 41 5.86 -10.25 -22.00
CA ASP D 41 6.10 -11.65 -21.68
C ASP D 41 5.72 -12.55 -22.84
N LEU D 42 4.59 -12.25 -23.50
CA LEU D 42 4.19 -13.05 -24.66
C LEU D 42 5.14 -12.86 -25.83
N LEU D 43 5.58 -11.62 -26.08
CA LEU D 43 6.54 -11.37 -27.16
C LEU D 43 7.83 -12.16 -26.95
N LYS D 44 8.40 -12.08 -25.75
CA LYS D 44 9.62 -12.84 -25.45
C LYS D 44 9.39 -14.34 -25.48
N LEU D 45 8.24 -14.80 -25.00
CA LEU D 45 7.92 -16.22 -25.03
C LEU D 45 7.83 -16.75 -26.45
N ILE D 46 7.28 -15.96 -27.37
CA ILE D 46 7.18 -16.41 -28.75
C ILE D 46 8.55 -16.37 -29.43
N GLU D 47 9.40 -15.37 -29.16
CA GLU D 47 10.67 -15.35 -29.87
C GLU D 47 11.63 -16.40 -29.34
N ASN D 48 11.57 -16.69 -28.04
CA ASN D 48 12.50 -17.66 -27.47
C ASN D 48 12.10 -19.10 -27.76
N ASN D 49 10.90 -19.35 -28.25
CA ASN D 49 10.41 -20.70 -28.45
C ASN D 49 9.88 -20.88 -29.86
N ALA D 50 9.59 -22.13 -30.20
CA ALA D 50 8.92 -22.44 -31.45
C ALA D 50 7.82 -23.47 -31.30
N ARG D 51 7.76 -24.21 -30.20
CA ARG D 51 6.72 -25.21 -29.98
C ARG D 51 5.38 -24.60 -29.66
N LEU D 52 5.32 -23.28 -29.42
CA LEU D 52 4.05 -22.63 -29.13
C LEU D 52 3.19 -22.62 -30.38
N CYS D 53 1.93 -23.04 -30.25
CA CYS D 53 1.05 -23.20 -31.40
C CYS D 53 -0.30 -22.51 -31.17
N GLY D 54 -0.34 -21.51 -30.31
CA GLY D 54 -1.60 -20.84 -30.04
C GLY D 54 -1.51 -19.85 -28.90
N VAL D 55 -2.14 -18.70 -29.07
CA VAL D 55 -2.22 -17.69 -28.03
C VAL D 55 -3.70 -17.39 -27.80
N ILE D 56 -4.12 -17.51 -26.55
CA ILE D 56 -5.46 -17.13 -26.15
C ILE D 56 -5.35 -15.84 -25.36
N PHE D 57 -6.06 -14.80 -25.79
CA PHE D 57 -6.03 -13.53 -25.10
C PHE D 57 -7.40 -12.90 -25.17
N ASP D 58 -7.65 -12.00 -24.23
CA ASP D 58 -8.90 -11.26 -24.20
C ASP D 58 -8.78 -10.07 -25.14
N TRP D 59 -9.85 -9.79 -25.88
CA TRP D 59 -9.86 -8.74 -26.87
C TRP D 59 -10.14 -7.37 -26.24
N ASP D 60 -10.35 -7.31 -24.93
CA ASP D 60 -10.62 -6.01 -24.31
C ASP D 60 -9.33 -5.35 -23.82
N LYS D 61 -8.62 -6.01 -22.90
CA LYS D 61 -7.44 -5.39 -22.32
C LYS D 61 -6.25 -5.35 -23.28
N TYR D 62 -6.24 -6.19 -24.29
CA TYR D 62 -5.17 -6.21 -25.28
C TYR D 62 -5.76 -5.98 -26.66
N ASN D 63 -5.26 -4.95 -27.34
CA ASN D 63 -5.81 -4.54 -28.62
C ASN D 63 -5.31 -5.48 -29.71
N LEU D 64 -5.62 -5.16 -30.96
CA LEU D 64 -5.28 -6.01 -32.09
C LEU D 64 -3.91 -5.72 -32.67
N GLU D 65 -3.18 -4.76 -32.10
CA GLU D 65 -1.78 -4.58 -32.48
C GLU D 65 -0.92 -5.72 -31.92
N LEU D 66 -1.37 -6.35 -30.83
CA LEU D 66 -0.83 -7.63 -30.40
C LEU D 66 -1.51 -8.78 -31.16
N CYS D 67 -1.61 -8.58 -32.46
CA CYS D 67 -1.84 -9.64 -33.41
C CYS D 67 -0.86 -9.37 -34.53
N GLU D 68 -0.65 -8.07 -34.79
CA GLU D 68 0.26 -7.64 -35.84
C GLU D 68 1.71 -7.86 -35.45
N GLU D 69 2.06 -7.63 -34.18
CA GLU D 69 3.43 -7.89 -33.75
C GLU D 69 3.76 -9.38 -33.85
N ILE D 70 2.84 -10.24 -33.44
CA ILE D 70 3.03 -11.68 -33.57
C ILE D 70 3.06 -12.09 -35.04
N SER D 71 2.29 -11.40 -35.89
CA SER D 71 2.37 -11.65 -37.33
C SER D 71 3.73 -11.31 -37.89
N LYS D 72 4.33 -10.21 -37.45
CA LYS D 72 5.72 -9.93 -37.82
C LYS D 72 6.66 -10.99 -37.26
N MET D 73 6.29 -11.62 -36.15
CA MET D 73 7.12 -12.69 -35.61
C MET D 73 6.81 -14.03 -36.27
N ASN D 74 5.53 -14.35 -36.47
CA ASN D 74 5.14 -15.57 -37.17
C ASN D 74 3.79 -15.34 -37.82
N GLU D 75 3.73 -15.48 -39.14
CA GLU D 75 2.52 -15.14 -39.88
C GLU D 75 1.41 -16.18 -39.67
N ASN D 76 1.75 -17.45 -39.57
CA ASN D 76 0.77 -18.52 -39.58
C ASN D 76 0.31 -18.92 -38.19
N LEU D 77 0.80 -18.28 -37.14
CA LEU D 77 0.49 -18.72 -35.79
C LEU D 77 -0.96 -18.43 -35.46
N PRO D 78 -1.73 -19.44 -35.07
CA PRO D 78 -3.13 -19.20 -34.67
C PRO D 78 -3.17 -18.51 -33.32
N LEU D 79 -4.03 -17.51 -33.22
CA LEU D 79 -4.26 -16.83 -31.96
C LEU D 79 -5.77 -16.79 -31.75
N TYR D 80 -6.22 -16.82 -30.51
CA TYR D 80 -7.64 -16.97 -30.22
C TYR D 80 -8.14 -15.79 -29.39
N ALA D 81 -8.63 -14.76 -30.06
CA ALA D 81 -9.17 -13.60 -29.36
C ALA D 81 -10.54 -13.93 -28.79
N PHE D 82 -10.79 -13.47 -27.56
CA PHE D 82 -12.06 -13.69 -26.88
C PHE D 82 -12.84 -12.39 -26.85
N ALA D 83 -14.00 -12.37 -27.49
CA ALA D 83 -14.75 -11.14 -27.69
C ALA D 83 -15.78 -10.97 -26.56
N ASN D 84 -15.64 -9.90 -25.79
CA ASN D 84 -16.62 -9.57 -24.75
C ASN D 84 -17.28 -8.22 -24.97
N THR D 85 -16.50 -7.15 -25.05
CA THR D 85 -17.03 -5.79 -25.02
C THR D 85 -17.03 -5.13 -26.38
N TYR D 86 -15.91 -5.22 -27.11
CA TYR D 86 -15.90 -4.81 -28.49
C TYR D 86 -16.83 -5.71 -29.29
N SER D 87 -17.69 -5.09 -30.08
CA SER D 87 -18.76 -5.78 -30.76
C SER D 87 -18.23 -6.39 -32.05
N THR D 88 -19.13 -6.73 -32.96
CA THR D 88 -18.71 -7.09 -34.30
C THR D 88 -18.01 -5.92 -34.98
N LEU D 89 -18.51 -4.70 -34.76
CA LEU D 89 -18.16 -3.49 -35.51
C LEU D 89 -16.70 -3.06 -35.37
N ASP D 90 -15.96 -3.55 -34.39
CA ASP D 90 -14.66 -2.97 -34.04
C ASP D 90 -13.50 -3.71 -34.70
N VAL D 91 -13.67 -4.19 -35.93
CA VAL D 91 -12.65 -5.00 -36.59
C VAL D 91 -12.27 -4.33 -37.91
N SER D 92 -10.97 -4.15 -38.13
CA SER D 92 -10.44 -3.62 -39.37
C SER D 92 -10.04 -4.74 -40.31
N LEU D 93 -9.64 -4.37 -41.53
CA LEU D 93 -9.20 -5.36 -42.50
C LEU D 93 -7.92 -6.05 -42.09
N ASN D 94 -6.95 -5.31 -41.55
CA ASN D 94 -5.69 -5.90 -41.14
C ASN D 94 -5.87 -6.91 -40.01
N ASP D 95 -6.91 -6.76 -39.19
CA ASP D 95 -7.23 -7.81 -38.23
C ASP D 95 -7.74 -9.06 -38.94
N LEU D 96 -8.61 -8.89 -39.94
CA LEU D 96 -9.14 -10.01 -40.72
C LEU D 96 -8.09 -10.72 -41.54
N ARG D 97 -6.97 -10.08 -41.84
CA ARG D 97 -5.94 -10.76 -42.62
C ARG D 97 -4.99 -11.56 -41.74
N LEU D 98 -5.24 -11.59 -40.43
CA LEU D 98 -4.36 -12.30 -39.52
C LEU D 98 -4.99 -13.62 -39.11
N GLN D 99 -4.16 -14.49 -38.54
CA GLN D 99 -4.63 -15.78 -38.04
C GLN D 99 -5.17 -15.62 -36.61
N ILE D 100 -6.40 -15.13 -36.52
CA ILE D 100 -7.11 -15.00 -35.26
C ILE D 100 -8.41 -15.76 -35.47
N SER D 101 -8.88 -16.48 -34.46
CA SER D 101 -10.25 -16.99 -34.48
C SER D 101 -10.97 -16.51 -33.22
N PHE D 102 -12.13 -15.87 -33.40
CA PHE D 102 -12.83 -15.19 -32.31
C PHE D 102 -13.71 -16.18 -31.56
N PHE D 103 -13.78 -16.03 -30.24
CA PHE D 103 -14.61 -16.84 -29.36
C PHE D 103 -15.35 -15.93 -28.37
N GLU D 104 -16.16 -16.55 -27.52
CA GLU D 104 -16.97 -15.84 -26.54
C GLU D 104 -16.81 -16.50 -25.18
N TYR D 105 -17.23 -15.77 -24.15
CA TYR D 105 -17.12 -16.22 -22.77
C TYR D 105 -18.46 -16.82 -22.35
N ALA D 106 -18.59 -18.13 -22.46
CA ALA D 106 -19.81 -18.82 -22.06
C ALA D 106 -19.47 -19.97 -21.13
N LEU D 107 -20.23 -20.11 -20.06
CA LEU D 107 -20.03 -21.18 -19.11
C LEU D 107 -20.52 -22.50 -19.69
N GLY D 108 -19.69 -23.55 -19.57
CA GLY D 108 -20.05 -24.86 -20.03
C GLY D 108 -19.83 -25.11 -21.51
N ALA D 109 -19.36 -24.12 -22.25
CA ALA D 109 -19.09 -24.26 -23.68
C ALA D 109 -17.62 -24.47 -23.97
N ALA D 110 -16.85 -24.91 -22.98
CA ALA D 110 -15.42 -25.09 -23.17
C ALA D 110 -15.08 -26.30 -24.02
N GLU D 111 -15.97 -27.29 -24.11
CA GLU D 111 -15.67 -28.48 -24.90
C GLU D 111 -15.61 -28.16 -26.39
N ASP D 112 -16.60 -27.42 -26.90
CA ASP D 112 -16.60 -27.07 -28.31
C ASP D 112 -15.47 -26.10 -28.64
N ILE D 113 -15.16 -25.18 -27.73
CA ILE D 113 -14.04 -24.27 -27.93
C ILE D 113 -12.72 -25.03 -27.98
N ALA D 114 -12.54 -26.01 -27.08
CA ALA D 114 -11.32 -26.80 -27.10
C ALA D 114 -11.22 -27.67 -28.34
N ASN D 115 -12.34 -28.22 -28.82
CA ASN D 115 -12.31 -28.98 -30.06
C ASN D 115 -11.97 -28.10 -31.24
N LYS D 116 -12.51 -26.87 -31.29
CA LYS D 116 -12.15 -25.94 -32.35
C LYS D 116 -10.68 -25.53 -32.27
N ILE D 117 -10.15 -25.40 -31.05
CA ILE D 117 -8.74 -25.07 -30.87
C ILE D 117 -7.86 -26.21 -31.36
N LYS D 118 -8.24 -27.44 -31.05
CA LYS D 118 -7.49 -28.61 -31.54
C LYS D 118 -7.53 -28.70 -33.05
N GLN D 119 -8.70 -28.45 -33.65
CA GLN D 119 -8.81 -28.44 -35.10
C GLN D 119 -7.99 -27.33 -35.74
N THR D 120 -7.96 -26.15 -35.13
CA THR D 120 -7.16 -25.05 -35.66
C THR D 120 -5.67 -25.36 -35.56
N THR D 121 -5.24 -25.98 -34.47
CA THR D 121 -3.85 -26.40 -34.34
C THR D 121 -3.49 -27.45 -35.39
N ASP D 122 -4.41 -28.39 -35.66
CA ASP D 122 -4.17 -29.39 -36.71
C ASP D 122 -4.06 -28.72 -38.07
N GLU D 123 -4.93 -27.74 -38.35
CA GLU D 123 -4.84 -26.97 -39.59
C GLU D 123 -3.51 -26.23 -39.69
N TYR D 124 -3.04 -25.65 -38.59
CA TYR D 124 -1.78 -24.95 -38.58
C TYR D 124 -0.61 -25.88 -38.88
N ILE D 125 -0.63 -27.07 -38.27
CA ILE D 125 0.42 -28.06 -38.51
C ILE D 125 0.39 -28.53 -39.96
N ASN D 126 -0.80 -28.81 -40.48
CA ASN D 126 -0.92 -29.22 -41.87
C ASN D 126 -0.74 -28.08 -42.85
N THR D 127 -0.69 -26.84 -42.38
CA THR D 127 -0.40 -25.70 -43.23
C THR D 127 1.09 -25.44 -43.35
N ILE D 128 1.80 -25.39 -42.22
CA ILE D 128 3.23 -25.06 -42.28
C ILE D 128 4.08 -26.22 -42.75
N LEU D 129 3.58 -27.44 -42.71
CA LEU D 129 4.40 -28.58 -43.11
C LEU D 129 4.49 -28.68 -44.63
N PRO D 130 5.65 -29.05 -45.17
CA PRO D 130 5.74 -29.33 -46.60
C PRO D 130 5.01 -30.62 -46.92
N PRO D 131 4.57 -30.81 -48.18
CA PRO D 131 3.64 -31.91 -48.47
C PRO D 131 4.21 -33.30 -48.29
N LEU D 132 5.47 -33.55 -48.68
CA LEU D 132 5.99 -34.90 -48.52
C LEU D 132 6.28 -35.24 -47.07
N THR D 133 6.80 -34.28 -46.29
CA THR D 133 6.97 -34.50 -44.86
C THR D 133 5.62 -34.69 -44.18
N LYS D 134 4.61 -33.94 -44.62
CA LYS D 134 3.25 -34.12 -44.12
C LYS D 134 2.74 -35.53 -44.38
N ALA D 135 2.94 -36.02 -45.61
CA ALA D 135 2.48 -37.35 -45.96
C ALA D 135 3.28 -38.44 -45.23
N LEU D 136 4.57 -38.23 -45.01
CA LEU D 136 5.37 -39.20 -44.26
C LEU D 136 4.95 -39.24 -42.80
N PHE D 137 4.69 -38.08 -42.21
CA PHE D 137 4.18 -38.05 -40.83
C PHE D 137 2.82 -38.71 -40.72
N LYS D 138 1.96 -38.47 -41.70
CA LYS D 138 0.65 -39.12 -41.73
C LYS D 138 0.78 -40.63 -41.85
N TYR D 139 1.68 -41.09 -42.71
CA TYR D 139 1.88 -42.53 -42.89
C TYR D 139 2.41 -43.19 -41.62
N VAL D 140 3.35 -42.54 -40.94
CA VAL D 140 3.85 -43.10 -39.69
C VAL D 140 2.77 -43.09 -38.61
N ARG D 141 1.95 -42.03 -38.56
CA ARG D 141 0.86 -41.96 -37.59
C ARG D 141 -0.18 -43.05 -37.81
N GLU D 142 -0.48 -43.39 -39.06
CA GLU D 142 -1.40 -44.48 -39.37
C GLU D 142 -0.65 -45.81 -39.53
N GLY D 143 0.46 -45.97 -38.81
CA GLY D 143 1.47 -46.98 -39.02
C GLY D 143 1.00 -48.39 -39.28
N LYS D 144 1.25 -48.85 -40.49
CA LYS D 144 0.76 -50.13 -41.00
C LYS D 144 1.89 -51.15 -40.97
N TYR D 145 1.51 -52.42 -40.83
CA TYR D 145 2.47 -53.50 -40.97
C TYR D 145 2.98 -53.55 -42.40
N THR D 146 4.22 -54.01 -42.56
CA THR D 146 4.81 -54.07 -43.89
C THR D 146 5.58 -55.37 -44.05
N PHE D 147 5.59 -55.86 -45.28
CA PHE D 147 6.32 -57.07 -45.66
C PHE D 147 7.33 -56.79 -46.75
N CYS D 148 7.82 -55.56 -46.82
CA CYS D 148 8.70 -55.11 -47.88
C CYS D 148 10.01 -54.59 -47.29
N THR D 149 10.92 -54.23 -48.19
CA THR D 149 12.15 -53.58 -47.79
C THR D 149 11.84 -52.20 -47.22
N PRO D 150 12.58 -51.73 -46.21
CA PRO D 150 13.73 -52.28 -45.50
C PRO D 150 13.41 -53.43 -44.56
N GLY D 151 14.45 -54.16 -44.15
CA GLY D 151 14.24 -55.38 -43.39
C GLY D 151 13.80 -55.17 -41.96
N HIS D 152 14.07 -54.01 -41.37
CA HIS D 152 13.64 -53.80 -39.99
C HIS D 152 12.13 -53.61 -39.89
N MET D 153 11.50 -53.09 -40.95
CA MET D 153 10.05 -53.01 -41.10
C MET D 153 9.39 -52.25 -39.96
N GLY D 154 9.72 -50.96 -39.88
CA GLY D 154 9.24 -50.16 -38.77
C GLY D 154 10.06 -50.30 -37.52
N GLY D 155 11.27 -50.85 -37.61
CA GLY D 155 12.13 -50.99 -36.46
C GLY D 155 11.79 -52.15 -35.54
N THR D 156 10.94 -53.07 -35.97
CA THR D 156 10.55 -54.21 -35.15
C THR D 156 11.58 -55.32 -35.18
N ALA D 157 12.62 -55.20 -35.99
CA ALA D 157 13.78 -56.09 -35.88
C ALA D 157 14.73 -55.65 -34.79
N PHE D 158 14.80 -54.35 -34.50
CA PHE D 158 15.61 -53.82 -33.42
C PHE D 158 14.97 -54.04 -32.05
N GLN D 159 13.70 -54.43 -31.99
CA GLN D 159 13.07 -54.71 -30.71
C GLN D 159 13.31 -56.14 -30.24
N LYS D 160 14.12 -56.91 -30.96
CA LYS D 160 14.32 -58.33 -30.65
C LYS D 160 15.79 -58.69 -30.57
N SER D 161 16.67 -57.75 -30.24
CA SER D 161 18.09 -58.02 -30.10
C SER D 161 18.67 -57.04 -29.09
N PRO D 162 19.65 -57.46 -28.28
CA PRO D 162 20.18 -56.54 -27.25
C PRO D 162 20.88 -55.32 -27.83
N VAL D 163 21.84 -55.51 -28.73
CA VAL D 163 22.47 -54.37 -29.39
C VAL D 163 21.46 -53.66 -30.28
N GLY D 164 20.54 -54.41 -30.90
CA GLY D 164 19.45 -53.79 -31.62
C GLY D 164 18.55 -52.98 -30.72
N SER D 165 18.30 -53.45 -29.50
CA SER D 165 17.49 -52.66 -28.57
C SER D 165 18.22 -51.42 -28.10
N LEU D 166 19.54 -51.49 -27.96
CA LEU D 166 20.30 -50.28 -27.65
C LEU D 166 20.19 -49.26 -28.78
N PHE D 167 20.30 -49.73 -30.02
CA PHE D 167 20.13 -48.84 -31.17
C PHE D 167 18.73 -48.22 -31.20
N TYR D 168 17.71 -49.05 -30.95
CA TYR D 168 16.32 -48.60 -30.96
C TYR D 168 16.03 -47.61 -29.83
N ASP D 169 16.56 -47.86 -28.62
CA ASP D 169 16.39 -46.94 -27.52
C ASP D 169 17.14 -45.64 -27.72
N PHE D 170 18.26 -45.68 -28.45
CA PHE D 170 18.95 -44.43 -28.77
C PHE D 170 18.14 -43.62 -29.77
N PHE D 171 17.82 -44.20 -30.93
CA PHE D 171 17.21 -43.40 -31.98
C PHE D 171 15.75 -43.08 -31.70
N GLY D 172 15.01 -44.02 -31.13
CA GLY D 172 13.61 -43.80 -30.85
C GLY D 172 12.74 -44.30 -31.98
N PRO D 173 11.46 -44.53 -31.72
CA PRO D 173 10.63 -45.29 -32.65
C PRO D 173 10.28 -44.57 -33.95
N ASN D 174 10.06 -43.26 -33.86
CA ASN D 174 9.57 -42.51 -35.00
C ASN D 174 10.57 -42.41 -36.13
N THR D 175 11.87 -42.43 -35.84
CA THR D 175 12.86 -42.45 -36.90
C THR D 175 13.16 -43.86 -37.39
N MET D 176 12.59 -44.88 -36.76
CA MET D 176 12.64 -46.21 -37.34
C MET D 176 11.46 -46.46 -38.26
N LYS D 177 10.27 -46.04 -37.85
CA LYS D 177 9.10 -46.16 -38.71
C LYS D 177 9.18 -45.24 -39.93
N SER D 178 9.95 -44.17 -39.87
CA SER D 178 10.06 -43.23 -40.98
C SER D 178 10.93 -43.75 -42.11
N ASP D 179 11.60 -44.87 -41.93
CA ASP D 179 12.44 -45.43 -42.97
C ASP D 179 11.65 -46.50 -43.70
N ILE D 180 11.17 -46.17 -44.89
CA ILE D 180 10.44 -47.08 -45.75
C ILE D 180 11.01 -46.98 -47.17
N SER D 181 10.41 -47.73 -48.09
CA SER D 181 10.92 -47.76 -49.45
C SER D 181 9.84 -47.41 -50.46
N ILE D 182 10.15 -47.57 -51.75
CA ILE D 182 9.23 -47.19 -52.83
C ILE D 182 8.03 -48.13 -52.95
N SER D 183 8.02 -49.24 -52.22
CA SER D 183 6.89 -50.16 -52.24
C SER D 183 5.64 -49.55 -51.63
N VAL D 184 5.78 -48.57 -50.74
CA VAL D 184 4.63 -47.84 -50.23
C VAL D 184 4.18 -46.88 -51.31
N SER D 185 3.09 -47.25 -51.99
CA SER D 185 2.71 -46.55 -53.21
C SER D 185 2.13 -45.17 -52.97
N GLU D 186 1.66 -44.87 -51.76
CA GLU D 186 1.00 -43.59 -51.51
C GLU D 186 1.97 -42.44 -51.36
N LEU D 187 3.27 -42.70 -51.18
CA LEU D 187 4.25 -41.64 -51.12
C LEU D 187 4.94 -41.38 -52.44
N GLY D 188 4.53 -42.06 -53.51
CA GLY D 188 5.19 -41.88 -54.79
C GLY D 188 6.58 -42.48 -54.79
N SER D 189 7.46 -41.88 -55.59
CA SER D 189 8.83 -42.34 -55.69
C SER D 189 9.72 -41.18 -56.07
N LEU D 190 10.89 -41.10 -55.43
CA LEU D 190 11.86 -40.07 -55.76
C LEU D 190 12.38 -40.23 -57.18
N LEU D 191 12.62 -41.47 -57.60
CA LEU D 191 13.27 -41.75 -58.87
C LEU D 191 12.40 -41.35 -60.06
N ASP D 192 11.09 -41.56 -59.98
CA ASP D 192 10.20 -41.27 -61.08
C ASP D 192 9.53 -39.91 -60.97
N HIS D 193 9.76 -39.19 -59.86
CA HIS D 193 9.20 -37.85 -59.62
C HIS D 193 7.68 -37.86 -59.71
N SER D 194 7.06 -38.60 -58.80
CA SER D 194 5.62 -38.83 -58.83
C SER D 194 5.01 -38.55 -57.47
N GLY D 195 3.77 -38.04 -57.50
CA GLY D 195 2.98 -37.86 -56.30
C GLY D 195 3.55 -36.84 -55.33
N PRO D 196 3.63 -37.23 -54.05
CA PRO D 196 4.20 -36.34 -53.03
C PRO D 196 5.63 -35.92 -53.32
N HIS D 197 6.42 -36.80 -53.92
CA HIS D 197 7.76 -36.39 -54.33
C HIS D 197 7.71 -35.28 -55.36
N LYS D 198 6.88 -35.40 -56.40
CA LYS D 198 6.81 -34.38 -57.45
C LYS D 198 6.34 -33.05 -56.89
N GLU D 199 5.35 -33.09 -55.98
CA GLU D 199 4.97 -31.88 -55.26
C GLU D 199 6.13 -31.32 -54.46
N ALA D 200 6.98 -32.18 -53.91
CA ALA D 200 8.15 -31.70 -53.17
C ALA D 200 9.15 -31.00 -54.08
N GLU D 201 9.48 -31.59 -55.25
CA GLU D 201 10.43 -30.87 -56.11
C GLU D 201 9.84 -29.58 -56.66
N GLN D 202 8.54 -29.54 -56.93
CA GLN D 202 7.95 -28.26 -57.34
C GLN D 202 8.00 -27.24 -56.20
N TYR D 203 7.81 -27.69 -54.96
CA TYR D 203 7.92 -26.81 -53.80
C TYR D 203 9.33 -26.26 -53.64
N ILE D 204 10.34 -27.12 -53.82
CA ILE D 204 11.74 -26.69 -53.81
C ILE D 204 12.01 -25.70 -54.93
N ALA D 205 11.42 -25.93 -56.11
CA ALA D 205 11.58 -25.01 -57.23
C ALA D 205 11.00 -23.64 -56.93
N ARG D 206 9.86 -23.56 -56.27
CA ARG D 206 9.33 -22.22 -55.93
C ARG D 206 10.34 -21.62 -54.97
N VAL D 207 10.61 -22.31 -53.88
CA VAL D 207 11.29 -21.65 -52.77
C VAL D 207 12.60 -21.00 -53.22
N PHE D 208 13.42 -21.73 -53.95
CA PHE D 208 14.79 -21.32 -54.26
C PHE D 208 14.91 -20.52 -55.56
N ASN D 209 13.79 -20.14 -56.17
CA ASN D 209 13.77 -19.38 -57.43
C ASN D 209 14.55 -20.10 -58.52
N ALA D 210 14.07 -21.31 -58.85
CA ALA D 210 14.67 -22.11 -59.90
C ALA D 210 13.57 -22.72 -60.75
N ASP D 211 13.92 -23.05 -61.99
CA ASP D 211 12.95 -23.65 -62.90
C ASP D 211 12.64 -25.08 -62.50
N ARG D 212 13.64 -25.95 -62.54
CA ARG D 212 13.52 -27.33 -62.12
C ARG D 212 14.52 -27.57 -61.01
N SER D 213 14.06 -28.11 -59.89
CA SER D 213 14.92 -28.37 -58.74
C SER D 213 14.90 -29.84 -58.41
N TYR D 214 16.07 -30.40 -58.14
CA TYR D 214 16.18 -31.82 -57.79
C TYR D 214 16.64 -31.95 -56.34
N MET D 215 16.44 -33.13 -55.78
CA MET D 215 16.74 -33.41 -54.37
C MET D 215 17.61 -34.66 -54.30
N VAL D 216 18.92 -34.47 -54.31
CA VAL D 216 19.86 -35.58 -54.32
C VAL D 216 19.97 -36.16 -52.92
N THR D 217 20.08 -37.48 -52.82
CA THR D 217 20.10 -38.16 -51.53
C THR D 217 21.46 -38.74 -51.18
N ASN D 218 22.49 -38.55 -52.01
CA ASN D 218 23.85 -38.92 -51.65
C ASN D 218 24.65 -37.70 -51.22
N GLY D 219 24.42 -36.55 -51.82
CA GLY D 219 25.15 -35.34 -51.50
C GLY D 219 25.60 -34.61 -52.75
N THR D 220 26.11 -33.40 -52.52
CA THR D 220 26.57 -32.61 -53.65
C THR D 220 27.83 -33.17 -54.28
N SER D 221 28.53 -34.07 -53.58
CA SER D 221 29.58 -34.86 -54.21
C SER D 221 29.01 -35.72 -55.35
N THR D 222 27.73 -36.07 -55.27
CA THR D 222 27.05 -36.77 -56.35
C THR D 222 26.31 -35.81 -57.28
N ALA D 223 25.86 -34.68 -56.75
CA ALA D 223 25.21 -33.68 -57.58
C ALA D 223 26.15 -33.08 -58.61
N ASN D 224 27.41 -32.83 -58.21
CA ASN D 224 28.42 -32.38 -59.16
C ASN D 224 28.63 -33.41 -60.26
N LYS D 225 28.63 -34.68 -59.89
CA LYS D 225 28.74 -35.77 -60.86
C LYS D 225 27.58 -35.78 -61.83
N ILE D 226 26.37 -35.56 -61.31
CA ILE D 226 25.18 -35.54 -62.16
C ILE D 226 25.25 -34.40 -63.17
N VAL D 227 25.59 -33.20 -62.69
CA VAL D 227 25.64 -32.04 -63.56
C VAL D 227 26.74 -32.17 -64.60
N GLY D 228 27.95 -32.58 -64.18
CA GLY D 228 29.04 -32.72 -65.10
C GLY D 228 28.99 -33.93 -66.00
N MET D 229 28.15 -34.90 -65.68
CA MET D 229 27.91 -35.98 -66.64
C MET D 229 26.78 -35.69 -67.60
N TYR D 230 25.84 -34.81 -67.23
CA TYR D 230 24.85 -34.39 -68.20
C TYR D 230 25.44 -33.37 -69.17
N SER D 231 25.92 -32.25 -68.65
CA SER D 231 26.29 -31.12 -69.48
C SER D 231 27.61 -31.30 -70.21
N ALA D 232 28.48 -32.23 -69.78
CA ALA D 232 29.79 -32.42 -70.37
C ALA D 232 29.90 -33.85 -70.88
N PRO D 233 29.56 -34.09 -72.14
CA PRO D 233 29.75 -35.43 -72.71
C PRO D 233 31.23 -35.74 -72.88
N ALA D 234 31.50 -37.02 -73.10
CA ALA D 234 32.88 -37.48 -73.25
C ALA D 234 33.47 -36.95 -74.55
N GLY D 235 34.75 -36.60 -74.50
CA GLY D 235 35.42 -35.98 -75.63
C GLY D 235 35.29 -34.48 -75.68
N SER D 236 34.48 -33.88 -74.81
CA SER D 236 34.31 -32.44 -74.76
C SER D 236 35.32 -31.85 -73.79
N THR D 237 35.13 -30.59 -73.42
CA THR D 237 36.10 -29.85 -72.63
C THR D 237 35.36 -29.01 -71.59
N ILE D 238 35.94 -28.89 -70.39
CA ILE D 238 35.32 -28.17 -69.30
C ILE D 238 36.27 -27.10 -68.79
N LEU D 239 35.69 -26.10 -68.13
CA LEU D 239 36.43 -25.05 -67.42
C LEU D 239 36.19 -25.26 -65.93
N ILE D 240 37.06 -26.03 -65.30
CA ILE D 240 36.90 -26.37 -63.89
C ILE D 240 37.82 -25.48 -63.06
N ASP D 241 37.25 -24.93 -61.98
CA ASP D 241 38.04 -24.19 -61.01
C ASP D 241 39.11 -25.08 -60.40
N ARG D 242 40.32 -24.54 -60.26
CA ARG D 242 41.35 -25.26 -59.51
C ARG D 242 40.96 -25.37 -58.04
N ASN D 243 40.31 -24.35 -57.50
CA ASN D 243 39.71 -24.44 -56.18
C ASN D 243 38.46 -25.30 -56.31
N CYS D 244 38.64 -26.61 -56.38
CA CYS D 244 37.55 -27.56 -56.57
C CYS D 244 37.48 -28.49 -55.38
N HIS D 245 36.53 -29.42 -55.46
CA HIS D 245 36.40 -30.46 -54.47
C HIS D 245 37.03 -31.75 -55.02
N LYS D 246 37.20 -32.72 -54.12
CA LYS D 246 37.63 -34.05 -54.55
C LYS D 246 36.62 -34.68 -55.49
N SER D 247 35.34 -34.34 -55.32
CA SER D 247 34.27 -34.90 -56.14
C SER D 247 34.40 -34.50 -57.60
N LEU D 248 34.82 -33.27 -57.89
CA LEU D 248 35.01 -32.87 -59.27
C LEU D 248 36.18 -33.59 -59.92
N THR D 249 37.24 -33.84 -59.17
CA THR D 249 38.35 -34.66 -59.68
C THR D 249 37.87 -36.07 -59.97
N HIS D 250 37.05 -36.63 -59.07
CA HIS D 250 36.48 -37.95 -59.29
C HIS D 250 35.59 -37.98 -60.53
N LEU D 251 34.81 -36.93 -60.73
CA LEU D 251 34.01 -36.80 -61.95
C LEU D 251 34.87 -36.78 -63.20
N MET D 252 35.96 -36.03 -63.17
CA MET D 252 36.84 -35.96 -64.32
C MET D 252 37.57 -37.27 -64.58
N MET D 253 37.78 -38.07 -63.55
CA MET D 253 38.34 -39.40 -63.77
C MET D 253 37.31 -40.41 -64.26
N MET D 254 36.02 -40.23 -63.95
CA MET D 254 35.04 -41.11 -64.54
C MET D 254 34.80 -40.80 -66.02
N SER D 255 34.69 -39.52 -66.36
CA SER D 255 34.29 -39.11 -67.70
C SER D 255 35.49 -38.74 -68.55
N ASP D 256 35.38 -39.00 -69.86
CA ASP D 256 36.45 -38.71 -70.81
C ASP D 256 36.37 -37.24 -71.23
N VAL D 257 36.81 -36.37 -70.33
CA VAL D 257 36.77 -34.93 -70.54
C VAL D 257 38.19 -34.38 -70.44
N THR D 258 38.33 -33.11 -70.79
CA THR D 258 39.62 -32.43 -70.82
C THR D 258 39.51 -31.10 -70.10
N PRO D 259 40.42 -30.75 -69.18
CA PRO D 259 40.30 -29.49 -68.46
C PRO D 259 41.12 -28.33 -69.01
N ILE D 260 40.57 -27.13 -68.84
CA ILE D 260 41.37 -25.94 -68.59
C ILE D 260 41.08 -25.51 -67.15
N TYR D 261 42.13 -25.40 -66.36
CA TYR D 261 41.99 -25.05 -64.96
C TYR D 261 42.04 -23.54 -64.80
N PHE D 262 41.03 -22.99 -64.13
CA PHE D 262 41.11 -21.60 -63.71
C PHE D 262 42.21 -21.45 -62.65
N ARG D 263 42.68 -20.22 -62.49
CA ARG D 263 43.82 -19.95 -61.61
C ARG D 263 43.44 -18.98 -60.52
N PRO D 264 42.97 -19.46 -59.37
CA PRO D 264 42.59 -18.56 -58.28
C PRO D 264 43.80 -17.93 -57.61
N THR D 265 43.53 -16.80 -56.95
CA THR D 265 44.54 -16.12 -56.16
C THR D 265 44.51 -16.62 -54.72
N ARG D 266 45.53 -16.24 -53.95
CA ARG D 266 45.61 -16.63 -52.55
C ARG D 266 46.53 -15.67 -51.82
N ASN D 267 46.35 -15.61 -50.50
CA ASN D 267 47.16 -14.77 -49.63
C ASN D 267 48.21 -15.63 -48.92
N ALA D 268 48.99 -15.00 -48.06
CA ALA D 268 50.00 -15.71 -47.29
C ALA D 268 49.40 -16.60 -46.21
N TYR D 269 48.16 -16.35 -45.80
CA TYR D 269 47.52 -17.17 -44.78
C TYR D 269 47.23 -18.57 -45.30
N GLY D 270 47.08 -18.73 -46.61
CA GLY D 270 46.63 -19.98 -47.19
C GLY D 270 45.16 -20.00 -47.54
N ILE D 271 44.47 -18.90 -47.39
CA ILE D 271 43.05 -18.82 -47.75
C ILE D 271 42.95 -18.82 -49.26
N LEU D 272 42.15 -19.73 -49.81
CA LEU D 272 41.94 -19.82 -51.24
C LEU D 272 41.04 -18.67 -51.67
N GLY D 273 41.62 -17.70 -52.37
CA GLY D 273 40.85 -16.58 -52.86
C GLY D 273 40.09 -16.94 -54.12
N GLY D 274 40.14 -16.07 -55.12
CA GLY D 274 39.35 -16.31 -56.30
C GLY D 274 40.04 -16.05 -57.62
N ILE D 275 39.36 -16.45 -58.69
CA ILE D 275 39.90 -16.29 -60.04
C ILE D 275 39.83 -14.81 -60.41
N PRO D 276 40.87 -14.23 -61.00
CA PRO D 276 40.77 -12.83 -61.46
C PRO D 276 39.77 -12.70 -62.59
N GLN D 277 39.39 -11.44 -62.86
CA GLN D 277 38.43 -11.15 -63.91
C GLN D 277 38.95 -11.47 -65.30
N SER D 278 40.27 -11.53 -65.47
CA SER D 278 40.86 -11.75 -66.79
C SER D 278 40.61 -13.16 -67.30
N GLU D 279 40.44 -14.13 -66.40
CA GLU D 279 40.28 -15.52 -66.78
C GLU D 279 38.84 -15.95 -66.97
N PHE D 280 37.94 -15.02 -67.27
CA PHE D 280 36.59 -15.38 -67.66
C PHE D 280 36.20 -14.81 -69.02
N GLN D 281 37.11 -14.13 -69.69
CA GLN D 281 36.83 -13.52 -70.98
C GLN D 281 37.23 -14.48 -72.09
N HIS D 282 36.89 -14.11 -73.33
CA HIS D 282 37.10 -15.01 -74.45
C HIS D 282 38.57 -15.16 -74.82
N ALA D 283 39.38 -14.12 -74.60
CA ALA D 283 40.77 -14.14 -75.05
C ALA D 283 41.60 -15.16 -74.29
N THR D 284 41.54 -15.12 -72.96
CA THR D 284 42.34 -16.04 -72.16
C THR D 284 41.84 -17.48 -72.28
N ILE D 285 40.52 -17.66 -72.39
CA ILE D 285 39.95 -18.99 -72.57
C ILE D 285 40.36 -19.57 -73.92
N ALA D 286 40.30 -18.77 -74.98
CA ALA D 286 40.74 -19.24 -76.29
C ALA D 286 42.24 -19.55 -76.31
N LYS D 287 43.05 -18.73 -75.63
CA LYS D 287 44.48 -19.01 -75.52
C LYS D 287 44.74 -20.33 -74.82
N ARG D 288 44.15 -20.53 -73.65
CA ARG D 288 44.33 -21.75 -72.89
C ARG D 288 43.77 -22.98 -73.61
N VAL D 289 42.75 -22.79 -74.45
CA VAL D 289 42.33 -23.85 -75.35
C VAL D 289 43.42 -24.14 -76.36
N LYS D 290 44.05 -23.10 -76.91
CA LYS D 290 45.03 -23.27 -77.98
C LYS D 290 46.27 -24.02 -77.51
N GLU D 291 46.78 -23.72 -76.31
CA GLU D 291 47.92 -24.48 -75.81
C GLU D 291 47.53 -25.65 -74.91
N THR D 292 46.38 -26.27 -75.16
CA THR D 292 46.06 -27.54 -74.52
C THR D 292 45.83 -28.60 -75.58
N PRO D 293 46.55 -29.73 -75.53
CA PRO D 293 46.37 -30.76 -76.55
C PRO D 293 44.99 -31.41 -76.47
N ASN D 294 44.46 -31.76 -77.65
CA ASN D 294 43.17 -32.43 -77.82
C ASN D 294 42.03 -31.64 -77.19
N ALA D 295 42.10 -30.32 -77.25
CA ALA D 295 41.13 -29.46 -76.59
C ALA D 295 40.34 -28.65 -77.60
N THR D 296 39.03 -28.55 -77.37
CA THR D 296 38.14 -27.75 -78.19
C THR D 296 37.53 -26.66 -77.31
N TRP D 297 36.54 -25.96 -77.86
CA TRP D 297 35.86 -24.92 -77.09
C TRP D 297 35.09 -25.56 -75.93
N PRO D 298 35.23 -25.03 -74.71
CA PRO D 298 34.57 -25.64 -73.55
C PRO D 298 33.06 -25.58 -73.64
N VAL D 299 32.41 -26.68 -73.26
CA VAL D 299 30.95 -26.76 -73.29
C VAL D 299 30.34 -26.69 -71.92
N HIS D 300 31.15 -26.55 -70.87
CA HIS D 300 30.65 -26.49 -69.51
C HIS D 300 31.70 -25.82 -68.63
N ALA D 301 31.23 -25.14 -67.58
CA ALA D 301 32.13 -24.49 -66.64
C ALA D 301 31.66 -24.77 -65.22
N VAL D 302 32.59 -25.07 -64.33
CA VAL D 302 32.30 -25.36 -62.93
C VAL D 302 33.08 -24.39 -62.07
N ILE D 303 32.39 -23.66 -61.20
CA ILE D 303 32.97 -22.60 -60.38
C ILE D 303 32.53 -22.82 -58.94
N THR D 304 33.48 -22.79 -58.01
CA THR D 304 33.15 -22.97 -56.59
C THR D 304 32.74 -21.63 -56.01
N ASN D 305 31.43 -21.42 -55.87
CA ASN D 305 30.84 -20.16 -55.42
C ASN D 305 29.95 -20.42 -54.21
N SER D 306 30.41 -20.11 -53.00
CA SER D 306 31.66 -19.40 -52.75
C SER D 306 32.82 -20.34 -52.60
N THR D 307 33.95 -19.80 -52.16
CA THR D 307 35.10 -20.65 -51.84
C THR D 307 34.84 -21.31 -50.48
N TYR D 308 35.84 -22.05 -50.00
CA TYR D 308 35.74 -22.68 -48.69
C TYR D 308 35.66 -21.64 -47.59
N ASP D 309 36.33 -20.50 -47.76
CA ASP D 309 36.34 -19.45 -46.75
C ASP D 309 35.30 -18.37 -47.01
N GLY D 310 34.28 -18.66 -47.82
CA GLY D 310 33.16 -17.78 -47.96
C GLY D 310 33.45 -16.49 -48.71
N LEU D 311 33.96 -16.60 -49.92
CA LEU D 311 34.20 -15.44 -50.79
C LEU D 311 33.30 -15.61 -52.02
N LEU D 312 32.19 -14.90 -52.01
CA LEU D 312 31.25 -14.91 -53.11
C LEU D 312 31.84 -14.17 -54.31
N TYR D 313 31.29 -14.46 -55.49
CA TYR D 313 31.74 -13.81 -56.70
C TYR D 313 30.70 -12.83 -57.18
N ASN D 314 31.11 -11.94 -58.07
CA ASN D 314 30.15 -11.12 -58.81
C ASN D 314 29.64 -11.98 -59.95
N THR D 315 28.63 -12.79 -59.66
CA THR D 315 28.14 -13.78 -60.59
C THR D 315 27.41 -13.19 -61.80
N ASP D 316 26.97 -11.93 -61.73
CA ASP D 316 26.37 -11.31 -62.90
C ASP D 316 27.42 -11.07 -63.98
N PHE D 317 28.62 -10.66 -63.58
CA PHE D 317 29.76 -10.59 -64.47
C PHE D 317 30.04 -11.95 -65.12
N ILE D 318 29.97 -13.02 -64.33
CA ILE D 318 30.28 -14.35 -64.82
C ILE D 318 29.22 -14.80 -65.82
N LYS D 319 27.95 -14.65 -65.48
CA LYS D 319 26.87 -15.05 -66.36
C LYS D 319 26.74 -14.15 -67.59
N LYS D 320 27.32 -12.95 -67.57
CA LYS D 320 27.32 -12.14 -68.78
C LYS D 320 28.50 -12.44 -69.69
N THR D 321 29.69 -12.64 -69.14
CA THR D 321 30.89 -12.65 -69.98
C THR D 321 31.48 -14.03 -70.23
N LEU D 322 31.21 -15.01 -69.38
CA LEU D 322 31.70 -16.36 -69.62
C LEU D 322 30.92 -16.97 -70.77
N ASP D 323 31.57 -17.15 -71.91
CA ASP D 323 30.89 -17.53 -73.15
C ASP D 323 30.80 -19.04 -73.33
N VAL D 324 30.28 -19.74 -72.33
CA VAL D 324 30.03 -21.17 -72.44
C VAL D 324 28.52 -21.39 -72.32
N LYS D 325 28.08 -22.56 -72.79
CA LYS D 325 26.66 -22.85 -72.89
C LYS D 325 26.06 -23.36 -71.59
N SER D 326 26.88 -23.61 -70.57
CA SER D 326 26.36 -24.05 -69.27
C SER D 326 27.38 -23.69 -68.20
N ILE D 327 26.96 -22.91 -67.23
CA ILE D 327 27.82 -22.50 -66.12
C ILE D 327 27.29 -23.16 -64.86
N HIS D 328 28.14 -23.93 -64.19
CA HIS D 328 27.79 -24.60 -62.96
C HIS D 328 28.47 -23.92 -61.78
N PHE D 329 27.68 -23.64 -60.75
CA PHE D 329 28.20 -23.06 -59.50
C PHE D 329 28.12 -24.13 -58.43
N ASP D 330 29.28 -24.56 -57.93
CA ASP D 330 29.33 -25.57 -56.88
C ASP D 330 29.11 -24.87 -55.55
N SER D 331 27.86 -24.50 -55.29
CA SER D 331 27.51 -23.70 -54.13
C SER D 331 27.26 -24.59 -52.91
N ALA D 332 28.24 -25.42 -52.60
CA ALA D 332 28.10 -26.29 -51.45
C ALA D 332 28.10 -25.53 -50.14
N TRP D 333 28.84 -24.43 -50.04
CA TRP D 333 28.93 -23.67 -48.81
C TRP D 333 27.98 -22.48 -48.74
N VAL D 334 27.26 -22.18 -49.82
CA VAL D 334 26.30 -21.09 -49.77
C VAL D 334 24.96 -21.62 -50.27
N PRO D 335 24.18 -22.32 -49.43
CA PRO D 335 22.84 -22.74 -49.87
C PRO D 335 21.72 -21.80 -49.47
N TYR D 336 22.02 -20.85 -48.59
CA TYR D 336 21.02 -19.98 -47.98
C TYR D 336 20.79 -18.70 -48.74
N THR D 337 21.10 -18.67 -50.04
CA THR D 337 21.28 -17.42 -50.76
C THR D 337 20.01 -16.61 -50.93
N ASN D 338 18.89 -17.25 -51.27
CA ASN D 338 17.66 -16.57 -51.64
C ASN D 338 17.02 -15.85 -50.45
N PHE D 339 17.40 -16.22 -49.23
CA PHE D 339 16.62 -15.88 -48.05
C PHE D 339 17.09 -14.63 -47.33
N SER D 340 17.99 -13.85 -47.95
CA SER D 340 18.28 -12.52 -47.46
C SER D 340 18.74 -11.73 -48.67
N PRO D 341 18.23 -10.52 -48.88
CA PRO D 341 18.66 -9.71 -50.02
C PRO D 341 20.07 -9.18 -49.93
N ILE D 342 20.81 -9.54 -48.88
CA ILE D 342 22.24 -9.26 -48.82
C ILE D 342 22.96 -9.95 -49.97
N TYR D 343 22.55 -11.18 -50.27
CA TYR D 343 23.21 -12.01 -51.27
C TYR D 343 22.64 -11.83 -52.67
N GLU D 344 22.02 -10.70 -52.96
CA GLU D 344 21.52 -10.45 -54.31
C GLU D 344 22.70 -10.30 -55.26
N GLY D 345 22.60 -10.93 -56.44
CA GLY D 345 23.70 -10.90 -57.38
C GLY D 345 24.90 -11.69 -56.94
N LYS D 346 24.68 -12.76 -56.17
CA LYS D 346 25.78 -13.55 -55.62
C LYS D 346 25.49 -15.05 -55.61
N CYS D 347 24.71 -15.54 -56.58
CA CYS D 347 24.56 -16.97 -56.78
C CYS D 347 24.14 -17.21 -58.22
N GLY D 348 24.09 -18.49 -58.59
CA GLY D 348 23.60 -18.85 -59.91
C GLY D 348 22.14 -18.47 -60.13
N MET D 349 21.33 -18.60 -59.09
CA MET D 349 19.91 -18.27 -59.19
C MET D 349 19.61 -16.81 -58.97
N SER D 350 20.62 -15.98 -58.69
CA SER D 350 20.41 -14.55 -58.62
C SER D 350 20.11 -13.99 -60.00
N GLY D 351 19.19 -13.04 -60.04
CA GLY D 351 18.77 -12.48 -61.30
C GLY D 351 17.82 -13.42 -62.04
N GLY D 352 17.50 -13.02 -63.27
CA GLY D 352 16.56 -13.74 -64.08
C GLY D 352 17.20 -14.85 -64.89
N ARG D 353 16.39 -15.44 -65.76
CA ARG D 353 16.84 -16.48 -66.66
C ARG D 353 17.78 -15.88 -67.70
N VAL D 354 19.05 -16.24 -67.64
CA VAL D 354 20.03 -15.71 -68.58
C VAL D 354 19.80 -16.35 -69.95
N GLU D 355 20.06 -15.57 -71.00
CA GLU D 355 19.80 -16.02 -72.36
C GLU D 355 20.97 -16.84 -72.89
N GLY D 356 20.66 -17.96 -73.53
CA GLY D 356 21.63 -18.71 -74.28
C GLY D 356 22.46 -19.72 -73.50
N LYS D 357 22.27 -19.80 -72.18
CA LYS D 357 23.01 -20.76 -71.39
C LYS D 357 22.20 -21.16 -70.17
N VAL D 358 22.50 -22.33 -69.63
CA VAL D 358 21.79 -22.89 -68.49
C VAL D 358 22.70 -22.79 -67.28
N ILE D 359 22.19 -22.20 -66.20
CA ILE D 359 22.94 -22.02 -64.98
C ILE D 359 22.57 -23.11 -64.01
N TYR D 360 23.56 -23.89 -63.57
CA TYR D 360 23.36 -24.90 -62.57
C TYR D 360 23.84 -24.38 -61.21
N GLU D 361 23.16 -24.81 -60.15
CA GLU D 361 23.65 -24.56 -58.81
C GLU D 361 23.29 -25.76 -57.95
N THR D 362 24.26 -26.20 -57.15
CA THR D 362 24.19 -27.50 -56.48
C THR D 362 24.40 -27.33 -54.98
N GLN D 363 23.58 -26.47 -54.37
CA GLN D 363 23.54 -26.21 -52.93
C GLN D 363 23.61 -27.48 -52.10
N SER D 364 24.61 -27.58 -51.24
CA SER D 364 24.70 -28.65 -50.26
C SER D 364 23.86 -28.25 -49.05
N THR D 365 22.63 -28.74 -49.01
CA THR D 365 21.64 -28.30 -48.04
C THR D 365 22.02 -28.67 -46.61
N HIS D 366 22.73 -29.77 -46.41
CA HIS D 366 23.06 -30.20 -45.06
C HIS D 366 24.15 -29.34 -44.43
N1 LLP D 367 31.81 -30.01 -52.85
C2 LLP D 367 32.30 -28.93 -52.23
C2' LLP D 367 32.93 -27.76 -53.05
C3 LLP D 367 32.26 -28.84 -50.82
O3 LLP D 367 32.79 -27.71 -50.19
C4 LLP D 367 31.72 -29.85 -50.08
C4' LLP D 367 31.67 -29.74 -48.47
C5 LLP D 367 31.22 -30.94 -50.69
C6 LLP D 367 31.26 -31.04 -52.09
C5' LLP D 367 30.61 -32.07 -49.80
OP4 LLP D 367 29.88 -32.99 -50.55
P LLP D 367 28.82 -33.81 -49.79
OP1 LLP D 367 29.48 -34.46 -48.56
OP2 LLP D 367 28.27 -34.85 -50.67
OP3 LLP D 367 27.73 -32.92 -49.33
N LLP D 367 24.90 -28.63 -45.25
CA LLP D 367 26.08 -27.91 -44.78
CB LLP D 367 26.93 -27.47 -45.95
CG LLP D 367 27.66 -28.68 -46.53
CD LLP D 367 29.11 -28.71 -46.04
CE LLP D 367 29.92 -29.72 -46.89
NZ LLP D 367 30.51 -29.03 -48.06
C LLP D 367 25.74 -26.73 -43.93
O LLP D 367 26.21 -26.65 -42.81
N LEU D 368 24.95 -25.81 -44.46
CA LEU D 368 24.67 -24.56 -43.73
C LEU D 368 23.21 -24.40 -43.34
N LEU D 369 22.31 -25.07 -44.06
CA LEU D 369 20.91 -25.09 -43.65
C LEU D 369 20.71 -26.18 -42.60
N ALA D 370 19.47 -26.42 -42.22
CA ALA D 370 19.13 -27.43 -41.23
C ALA D 370 18.59 -28.65 -41.96
N ALA D 371 19.48 -29.57 -42.29
CA ALA D 371 19.09 -30.80 -42.95
C ALA D 371 20.01 -31.93 -42.54
N PHE D 372 19.52 -33.16 -42.66
CA PHE D 372 20.32 -34.35 -42.42
C PHE D 372 21.44 -34.44 -43.44
N SER D 373 22.51 -35.14 -43.05
CA SER D 373 23.66 -35.27 -43.93
C SER D 373 23.31 -36.07 -45.18
N GLN D 374 24.21 -36.00 -46.15
CA GLN D 374 24.04 -36.57 -47.50
C GLN D 374 22.82 -36.00 -48.21
N ALA D 375 22.42 -34.78 -47.88
CA ALA D 375 21.32 -34.10 -48.55
C ALA D 375 21.87 -33.02 -49.47
N SER D 376 21.31 -32.93 -50.66
CA SER D 376 21.78 -31.96 -51.63
C SER D 376 20.65 -31.64 -52.60
N MET D 377 20.87 -30.60 -53.38
CA MET D 377 19.91 -30.17 -54.36
C MET D 377 20.63 -29.82 -55.65
N ILE D 378 19.90 -29.88 -56.76
CA ILE D 378 20.37 -29.39 -58.05
C ILE D 378 19.32 -28.44 -58.57
N HIS D 379 19.62 -27.15 -58.55
CA HIS D 379 18.76 -26.13 -59.12
C HIS D 379 19.27 -25.77 -60.49
N VAL D 380 18.38 -25.76 -61.48
CA VAL D 380 18.76 -25.36 -62.83
C VAL D 380 18.07 -24.04 -63.13
N LYS D 381 18.60 -23.35 -64.14
CA LYS D 381 18.00 -22.09 -64.60
C LYS D 381 18.21 -22.03 -66.11
N GLY D 382 17.17 -22.35 -66.85
CA GLY D 382 17.25 -22.43 -68.30
C GLY D 382 16.42 -23.57 -68.80
N ASP D 383 16.73 -24.01 -70.02
CA ASP D 383 16.04 -25.11 -70.67
C ASP D 383 16.99 -26.28 -70.82
N VAL D 384 16.62 -27.43 -70.29
CA VAL D 384 17.41 -28.64 -70.41
C VAL D 384 16.54 -29.74 -71.00
N ASN D 385 17.20 -30.72 -71.60
CA ASN D 385 16.49 -31.90 -72.08
C ASN D 385 16.00 -32.68 -70.88
N GLU D 386 14.67 -32.68 -70.68
CA GLU D 386 14.08 -33.16 -69.44
C GLU D 386 14.36 -34.65 -69.22
N GLU D 387 14.18 -35.46 -70.26
CA GLU D 387 14.39 -36.89 -70.09
C GLU D 387 15.86 -37.25 -70.00
N THR D 388 16.73 -36.60 -70.78
CA THR D 388 18.16 -36.89 -70.69
C THR D 388 18.72 -36.49 -69.34
N PHE D 389 18.35 -35.31 -68.84
CA PHE D 389 18.84 -34.88 -67.55
C PHE D 389 18.22 -35.65 -66.40
N ASN D 390 16.94 -36.04 -66.52
CA ASN D 390 16.34 -36.92 -65.53
C ASN D 390 17.02 -38.28 -65.51
N GLU D 391 17.41 -38.80 -66.67
CA GLU D 391 18.10 -40.06 -66.71
C GLU D 391 19.50 -39.95 -66.13
N ALA D 392 20.18 -38.82 -66.36
CA ALA D 392 21.48 -38.59 -65.73
C ALA D 392 21.35 -38.49 -64.21
N TYR D 393 20.29 -37.85 -63.72
CA TYR D 393 20.05 -37.81 -62.28
C TYR D 393 19.78 -39.20 -61.72
N MET D 394 18.96 -39.99 -62.43
CA MET D 394 18.67 -41.36 -62.02
C MET D 394 19.93 -42.22 -62.07
N MET D 395 20.87 -41.88 -62.94
CA MET D 395 22.08 -42.68 -63.11
C MET D 395 22.96 -42.72 -61.87
N HIS D 396 23.07 -41.62 -61.13
CA HIS D 396 23.99 -41.57 -59.99
C HIS D 396 23.34 -41.79 -58.65
N THR D 397 22.06 -41.48 -58.50
CA THR D 397 21.41 -41.68 -57.22
C THR D 397 21.04 -43.15 -57.04
N THR D 398 20.78 -43.53 -55.79
CA THR D 398 20.33 -44.86 -55.48
C THR D 398 18.88 -45.06 -55.93
N THR D 399 18.41 -46.30 -55.83
CA THR D 399 17.04 -46.61 -56.20
C THR D 399 16.09 -46.62 -55.02
N SER D 400 16.58 -46.94 -53.82
CA SER D 400 15.76 -46.94 -52.59
C SER D 400 16.40 -45.94 -51.64
N PRO D 401 15.97 -44.68 -51.66
CA PRO D 401 16.62 -43.66 -50.85
C PRO D 401 16.14 -43.68 -49.41
N HIS D 402 16.90 -43.01 -48.55
CA HIS D 402 16.51 -42.84 -47.16
C HIS D 402 15.52 -41.70 -47.07
N TYR D 403 14.26 -42.02 -46.76
CA TYR D 403 13.22 -41.01 -46.76
C TYR D 403 13.38 -40.01 -45.62
N GLY D 404 14.14 -40.34 -44.58
CA GLY D 404 14.47 -39.34 -43.58
C GLY D 404 15.31 -38.22 -44.15
N ILE D 405 16.29 -38.57 -45.00
CA ILE D 405 17.13 -37.57 -45.66
C ILE D 405 16.30 -36.73 -46.63
N VAL D 406 15.39 -37.36 -47.37
CA VAL D 406 14.53 -36.64 -48.31
C VAL D 406 13.59 -35.68 -47.59
N ALA D 407 12.98 -36.16 -46.50
CA ALA D 407 12.10 -35.31 -45.71
C ALA D 407 12.86 -34.17 -45.06
N SER D 408 14.08 -34.43 -44.60
CA SER D 408 14.90 -33.36 -44.05
C SER D 408 15.31 -32.35 -45.11
N THR D 409 15.58 -32.84 -46.33
CA THR D 409 15.95 -31.97 -47.43
C THR D 409 14.81 -31.01 -47.77
N GLU D 410 13.58 -31.52 -47.79
CA GLU D 410 12.44 -30.63 -48.05
C GLU D 410 12.11 -29.74 -46.86
N THR D 411 12.20 -30.27 -45.64
CA THR D 411 11.89 -29.49 -44.45
C THR D 411 12.90 -28.36 -44.25
N ALA D 412 14.12 -28.51 -44.76
CA ALA D 412 15.08 -27.41 -44.70
C ALA D 412 14.60 -26.20 -45.48
N ALA D 413 14.04 -26.41 -46.67
CA ALA D 413 13.46 -25.30 -47.41
C ALA D 413 12.17 -24.82 -46.75
N ALA D 414 11.40 -25.75 -46.17
CA ALA D 414 10.17 -25.36 -45.49
C ALA D 414 10.42 -24.52 -44.25
N MET D 415 11.61 -24.62 -43.65
CA MET D 415 12.00 -23.74 -42.55
C MET D 415 12.26 -22.32 -43.00
N MET D 416 12.30 -22.05 -44.29
CA MET D 416 12.69 -20.75 -44.80
C MET D 416 11.57 -19.97 -45.45
N LYS D 417 10.38 -20.54 -45.59
CA LYS D 417 9.23 -19.80 -46.09
C LYS D 417 8.58 -19.03 -44.94
N GLY D 418 8.06 -17.86 -45.26
CA GLY D 418 7.36 -17.05 -44.31
C GLY D 418 8.24 -16.02 -43.64
N ASN D 419 7.84 -15.61 -42.45
CA ASN D 419 8.61 -14.66 -41.67
C ASN D 419 9.64 -15.34 -40.77
N ALA D 420 9.40 -16.60 -40.40
CA ALA D 420 10.33 -17.32 -39.54
C ALA D 420 11.66 -17.57 -40.22
N GLY D 421 11.65 -17.93 -41.51
CA GLY D 421 12.90 -18.17 -42.21
C GLY D 421 13.71 -16.90 -42.42
N LYS D 422 13.04 -15.80 -42.77
CA LYS D 422 13.71 -14.52 -42.87
C LYS D 422 14.29 -14.09 -41.53
N ARG D 423 13.54 -14.33 -40.45
CA ARG D 423 14.05 -14.04 -39.12
C ARG D 423 15.25 -14.90 -38.78
N LEU D 424 15.24 -16.17 -39.18
CA LEU D 424 16.40 -17.05 -38.96
C LEU D 424 17.64 -16.53 -39.66
N ILE D 425 17.52 -16.23 -40.95
CA ILE D 425 18.68 -15.82 -41.74
C ILE D 425 19.20 -14.48 -41.26
N ASN D 426 18.30 -13.52 -41.03
CA ASN D 426 18.74 -12.21 -40.55
C ASN D 426 19.32 -12.28 -39.14
N GLY D 427 18.77 -13.14 -38.28
CA GLY D 427 19.35 -13.30 -36.95
C GLY D 427 20.72 -13.94 -37.01
N SER D 428 20.91 -14.92 -37.89
CA SER D 428 22.23 -15.53 -38.02
C SER D 428 23.27 -14.55 -38.54
N ILE D 429 22.90 -13.75 -39.55
CA ILE D 429 23.84 -12.77 -40.09
C ILE D 429 24.15 -11.68 -39.08
N GLU D 430 23.13 -11.19 -38.37
CA GLU D 430 23.35 -10.16 -37.37
C GLU D 430 24.18 -10.67 -36.19
N ARG D 431 23.95 -11.92 -35.77
CA ARG D 431 24.76 -12.53 -34.73
C ARG D 431 26.21 -12.69 -35.18
N ALA D 432 26.42 -13.09 -36.44
CA ALA D 432 27.78 -13.19 -36.96
C ALA D 432 28.48 -11.83 -36.97
N ILE D 433 27.76 -10.79 -37.39
CA ILE D 433 28.35 -9.45 -37.44
C ILE D 433 28.67 -8.94 -36.05
N LYS D 434 27.79 -9.19 -35.08
CA LYS D 434 28.05 -8.77 -33.70
C LYS D 434 29.22 -9.53 -33.07
N PHE D 435 29.35 -10.82 -33.38
CA PHE D 435 30.52 -11.57 -32.95
C PHE D 435 31.80 -10.99 -33.56
N ARG D 436 31.74 -10.62 -34.84
CA ARG D 436 32.91 -10.03 -35.49
C ARG D 436 33.28 -8.69 -34.85
N LYS D 437 32.28 -7.88 -34.52
CA LYS D 437 32.57 -6.60 -33.88
C LYS D 437 33.19 -6.78 -32.50
N GLU D 438 32.70 -7.72 -31.67
CA GLU D 438 33.49 -7.88 -30.45
C GLU D 438 34.80 -8.61 -30.60
N ILE D 439 35.00 -9.45 -31.61
CA ILE D 439 36.33 -10.03 -31.62
C ILE D 439 37.37 -8.99 -32.03
N LYS D 440 37.02 -8.07 -32.93
CA LYS D 440 37.92 -6.92 -33.12
C LYS D 440 37.94 -5.99 -31.90
N ARG D 441 36.87 -5.92 -31.12
CA ARG D 441 36.90 -5.08 -29.93
C ARG D 441 37.77 -5.66 -28.83
N LEU D 442 37.67 -6.96 -28.59
CA LEU D 442 38.50 -7.65 -27.62
C LEU D 442 39.96 -7.68 -28.05
N ARG D 443 40.23 -7.61 -29.36
CA ARG D 443 41.61 -7.47 -29.79
C ARG D 443 42.23 -6.16 -29.28
N THR D 444 41.48 -5.06 -29.36
CA THR D 444 41.99 -3.79 -28.89
C THR D 444 41.77 -3.59 -27.39
N GLU D 445 41.01 -4.47 -26.75
CA GLU D 445 40.81 -4.37 -25.32
C GLU D 445 41.88 -5.11 -24.53
N SER D 446 42.38 -6.23 -25.07
CA SER D 446 43.28 -7.09 -24.34
C SER D 446 44.69 -6.54 -24.34
N ASP D 447 45.54 -7.18 -23.53
CA ASP D 447 46.95 -6.86 -23.44
C ASP D 447 47.78 -7.82 -24.28
N GLY D 448 48.85 -7.32 -24.87
CA GLY D 448 49.71 -8.17 -25.69
C GLY D 448 49.02 -8.63 -26.94
N TRP D 449 49.06 -9.93 -27.19
CA TRP D 449 48.48 -10.50 -28.39
C TRP D 449 47.02 -10.87 -28.19
N PHE D 450 46.29 -10.97 -29.29
CA PHE D 450 44.94 -11.52 -29.27
C PHE D 450 44.60 -12.03 -30.66
N PHE D 451 43.53 -12.81 -30.73
CA PHE D 451 43.06 -13.33 -32.01
C PHE D 451 42.54 -12.19 -32.88
N ASP D 452 42.99 -12.16 -34.12
CA ASP D 452 42.48 -11.25 -35.13
C ASP D 452 41.46 -12.02 -35.96
N VAL D 453 40.59 -11.29 -36.66
CA VAL D 453 39.66 -11.90 -37.60
C VAL D 453 39.77 -11.22 -38.95
N TRP D 454 39.92 -12.03 -39.98
CA TRP D 454 40.29 -11.64 -41.33
C TRP D 454 39.05 -11.03 -41.98
N GLN D 455 38.89 -9.72 -41.78
CA GLN D 455 37.69 -9.01 -42.20
C GLN D 455 38.05 -7.53 -42.34
N PRO D 456 37.24 -6.74 -43.05
CA PRO D 456 37.56 -5.31 -43.20
C PRO D 456 37.61 -4.58 -41.87
N ASP D 457 38.47 -3.56 -41.83
CA ASP D 457 38.73 -2.84 -40.59
C ASP D 457 37.50 -2.10 -40.06
N HIS D 458 36.63 -1.63 -40.94
CA HIS D 458 35.38 -1.00 -40.54
C HIS D 458 34.21 -1.79 -41.11
N ILE D 459 33.56 -2.58 -40.27
CA ILE D 459 32.31 -3.24 -40.61
C ILE D 459 31.25 -2.83 -39.58
N ASP D 460 30.16 -2.28 -40.08
CA ASP D 460 29.03 -1.98 -39.21
C ASP D 460 27.69 -2.14 -39.90
N THR D 461 27.65 -2.55 -41.15
CA THR D 461 26.43 -2.73 -41.91
C THR D 461 26.26 -4.20 -42.29
N THR D 462 25.01 -4.60 -42.50
CA THR D 462 24.68 -5.97 -42.84
C THR D 462 24.74 -6.13 -44.36
N GLU D 463 25.95 -6.32 -44.86
CA GLU D 463 26.18 -6.54 -46.28
C GLU D 463 27.38 -7.46 -46.44
N CYS D 464 27.46 -8.08 -47.61
CA CYS D 464 28.68 -8.79 -47.98
C CYS D 464 29.76 -7.76 -48.29
N TRP D 465 30.75 -7.65 -47.42
CA TRP D 465 31.72 -6.57 -47.54
C TRP D 465 32.64 -6.81 -48.71
N PRO D 466 32.68 -5.93 -49.70
CA PRO D 466 33.46 -6.20 -50.90
C PRO D 466 34.95 -6.10 -50.64
N LEU D 467 35.70 -6.95 -51.34
CA LEU D 467 37.16 -6.96 -51.21
C LEU D 467 37.70 -5.89 -52.15
N ARG D 468 38.16 -4.78 -51.59
CA ARG D 468 38.58 -3.64 -52.37
C ARG D 468 40.09 -3.67 -52.57
N SER D 469 40.53 -3.24 -53.76
CA SER D 469 41.96 -3.19 -54.06
C SER D 469 42.69 -2.11 -53.28
N ASP D 470 41.95 -1.16 -52.72
CA ASP D 470 42.54 -0.06 -51.98
C ASP D 470 42.71 -0.37 -50.49
N SER D 471 42.49 -1.62 -50.09
CA SER D 471 42.66 -2.05 -48.72
C SER D 471 43.52 -3.30 -48.69
N THR D 472 44.07 -3.60 -47.51
CA THR D 472 45.03 -4.70 -47.40
C THR D 472 44.66 -5.71 -46.32
N TRP D 473 43.41 -5.73 -45.87
CA TRP D 473 43.03 -6.71 -44.86
C TRP D 473 42.95 -8.12 -45.45
N HIS D 474 42.60 -8.24 -46.73
CA HIS D 474 42.47 -9.55 -47.34
C HIS D 474 43.81 -10.17 -47.69
N GLY D 475 44.68 -9.42 -48.34
CA GLY D 475 45.99 -9.92 -48.70
C GLY D 475 46.15 -10.32 -50.15
N PHE D 476 45.07 -10.43 -50.91
CA PHE D 476 45.17 -10.75 -52.32
C PHE D 476 45.64 -9.51 -53.07
N LYS D 477 46.85 -9.56 -53.60
CA LYS D 477 47.44 -8.39 -54.25
C LYS D 477 46.84 -8.17 -55.63
N ASN D 478 46.66 -6.90 -55.99
CA ASN D 478 46.14 -6.47 -57.29
C ASN D 478 44.78 -7.09 -57.59
N ILE D 479 43.94 -7.18 -56.56
CA ILE D 479 42.64 -7.80 -56.70
C ILE D 479 41.71 -6.86 -57.45
N ASP D 480 40.73 -7.44 -58.15
CA ASP D 480 39.80 -6.68 -58.94
C ASP D 480 38.63 -6.22 -58.09
N ASN D 481 38.16 -4.99 -58.33
CA ASN D 481 37.12 -4.40 -57.51
C ASN D 481 35.74 -4.92 -57.90
N GLU D 482 34.93 -5.19 -56.89
CA GLU D 482 33.63 -5.88 -57.02
C GLU D 482 33.77 -7.17 -57.82
N HIS D 483 34.56 -8.08 -57.28
CA HIS D 483 34.59 -9.45 -57.75
C HIS D 483 34.45 -10.37 -56.54
N MET D 484 34.80 -9.87 -55.37
CA MET D 484 34.74 -10.65 -54.14
C MET D 484 33.91 -9.94 -53.09
N TYR D 485 33.20 -10.76 -52.32
CA TYR D 485 32.27 -10.31 -51.29
C TYR D 485 32.40 -11.28 -50.12
N LEU D 486 32.80 -10.77 -48.96
CA LEU D 486 32.98 -11.62 -47.79
C LEU D 486 31.64 -12.05 -47.24
N ASP D 487 31.49 -13.34 -46.99
CA ASP D 487 30.29 -13.83 -46.33
C ASP D 487 30.43 -13.60 -44.83
N PRO D 488 29.53 -12.84 -44.20
CA PRO D 488 29.71 -12.52 -42.77
C PRO D 488 29.62 -13.71 -41.84
N ILE D 489 28.97 -14.81 -42.23
CA ILE D 489 28.74 -15.89 -41.26
C ILE D 489 29.84 -16.94 -41.28
N LYS D 490 30.80 -16.86 -42.19
CA LYS D 490 31.95 -17.75 -42.18
C LYS D 490 33.14 -16.99 -41.59
N VAL D 491 33.15 -16.94 -40.25
CA VAL D 491 34.14 -16.14 -39.54
C VAL D 491 35.46 -16.90 -39.53
N THR D 492 36.51 -16.26 -40.03
CA THR D 492 37.84 -16.83 -40.08
C THR D 492 38.70 -16.08 -39.06
N LEU D 493 38.88 -16.68 -37.89
CA LEU D 493 39.79 -16.11 -36.91
C LEU D 493 41.23 -16.23 -37.39
N LEU D 494 42.09 -15.42 -36.80
CA LEU D 494 43.51 -15.46 -37.10
C LEU D 494 44.26 -15.53 -35.78
N THR D 495 45.44 -16.13 -35.84
CA THR D 495 46.32 -16.25 -34.70
C THR D 495 47.59 -15.47 -34.95
N PRO D 496 48.33 -15.08 -33.91
CA PRO D 496 49.59 -14.38 -34.11
C PRO D 496 50.61 -15.24 -34.86
N GLY D 497 51.49 -14.55 -35.57
CA GLY D 497 52.51 -15.21 -36.35
C GLY D 497 52.74 -14.58 -37.71
N MET D 498 51.73 -13.88 -38.21
CA MET D 498 51.77 -13.24 -39.52
C MET D 498 51.74 -11.73 -39.35
N GLU D 499 52.58 -11.04 -40.11
CA GLU D 499 52.45 -9.60 -40.21
C GLU D 499 51.44 -9.25 -41.29
N LYS D 500 51.11 -7.95 -41.40
CA LYS D 500 50.08 -7.52 -42.32
C LYS D 500 50.54 -7.54 -43.78
N ASP D 501 51.83 -7.33 -44.03
CA ASP D 501 52.34 -7.33 -45.39
C ASP D 501 52.59 -8.72 -45.94
N GLY D 502 52.50 -9.76 -45.10
CA GLY D 502 52.66 -11.14 -45.53
C GLY D 502 53.83 -11.86 -44.91
N THR D 503 54.83 -11.13 -44.41
CA THR D 503 55.96 -11.78 -43.77
C THR D 503 55.57 -12.34 -42.40
N MET D 504 56.41 -13.22 -41.89
CA MET D 504 56.12 -13.87 -40.61
C MET D 504 56.69 -13.06 -39.46
N SER D 505 55.97 -13.11 -38.34
CA SER D 505 56.44 -12.49 -37.11
C SER D 505 57.37 -13.44 -36.37
N ASP D 506 57.75 -13.08 -35.16
CA ASP D 506 58.56 -13.94 -34.31
C ASP D 506 57.73 -14.71 -33.30
N PHE D 507 56.82 -14.04 -32.61
CA PHE D 507 55.92 -14.69 -31.67
C PHE D 507 54.66 -15.13 -32.39
N GLY D 508 54.30 -16.40 -32.25
CA GLY D 508 53.15 -16.92 -32.95
C GLY D 508 52.64 -18.21 -32.35
N ILE D 509 51.36 -18.48 -32.64
CA ILE D 509 50.72 -19.74 -32.26
C ILE D 509 50.08 -20.29 -33.53
N PRO D 510 50.53 -21.42 -34.05
CA PRO D 510 49.79 -22.03 -35.16
C PRO D 510 48.45 -22.56 -34.70
N ALA D 511 47.47 -22.53 -35.61
CA ALA D 511 46.08 -22.72 -35.27
C ALA D 511 45.74 -24.15 -34.85
N SER D 512 46.66 -25.10 -35.04
CA SER D 512 46.41 -26.46 -34.60
C SER D 512 46.29 -26.55 -33.07
N ILE D 513 47.13 -25.82 -32.34
CA ILE D 513 47.05 -25.81 -30.88
C ILE D 513 45.73 -25.21 -30.42
N VAL D 514 45.31 -24.09 -31.03
CA VAL D 514 44.05 -23.48 -30.65
C VAL D 514 42.87 -24.42 -30.94
N ALA D 515 42.89 -25.07 -32.12
CA ALA D 515 41.81 -26.01 -32.45
C ALA D 515 41.79 -27.20 -31.50
N LYS D 516 42.96 -27.73 -31.13
CA LYS D 516 43.01 -28.84 -30.20
C LYS D 516 42.54 -28.42 -28.82
N TYR D 517 42.87 -27.19 -28.40
CA TYR D 517 42.39 -26.72 -27.11
C TYR D 517 40.88 -26.57 -27.11
N LEU D 518 40.32 -26.02 -28.19
CA LEU D 518 38.88 -25.87 -28.28
C LEU D 518 38.19 -27.22 -28.30
N ASP D 519 38.77 -28.19 -29.00
CA ASP D 519 38.25 -29.55 -28.97
C ASP D 519 38.33 -30.16 -27.57
N GLU D 520 39.37 -29.82 -26.81
CA GLU D 520 39.45 -30.29 -25.43
C GLU D 520 38.32 -29.71 -24.60
N HIS D 521 38.00 -28.43 -24.79
CA HIS D 521 36.94 -27.79 -24.03
C HIS D 521 35.57 -27.92 -24.67
N GLY D 522 35.41 -28.82 -25.63
CA GLY D 522 34.09 -29.19 -26.08
C GLY D 522 33.44 -28.26 -27.08
N ILE D 523 34.24 -27.60 -27.92
CA ILE D 523 33.73 -26.87 -29.07
C ILE D 523 34.58 -27.23 -30.29
N VAL D 524 33.94 -27.41 -31.42
CA VAL D 524 34.58 -28.00 -32.59
C VAL D 524 34.78 -26.94 -33.66
N VAL D 525 35.99 -26.85 -34.19
CA VAL D 525 36.32 -25.97 -35.30
C VAL D 525 36.12 -26.74 -36.58
N GLU D 526 35.67 -26.06 -37.63
CA GLU D 526 35.40 -26.68 -38.93
C GLU D 526 36.69 -27.27 -39.52
N LYS D 527 37.63 -26.43 -39.93
CA LYS D 527 38.96 -26.87 -40.36
C LYS D 527 39.92 -25.71 -40.23
N THR D 528 41.18 -26.00 -39.91
CA THR D 528 42.18 -24.99 -39.67
C THR D 528 43.32 -25.12 -40.67
N GLY D 529 43.93 -23.99 -41.00
CA GLY D 529 45.16 -23.98 -41.77
C GLY D 529 46.35 -23.78 -40.84
N PRO D 530 47.35 -23.07 -41.31
CA PRO D 530 48.52 -22.79 -40.46
C PRO D 530 48.21 -21.81 -39.34
N TYR D 531 47.52 -20.72 -39.65
CA TYR D 531 47.26 -19.67 -38.67
C TYR D 531 45.85 -19.13 -38.78
N ASN D 532 44.90 -19.93 -39.23
CA ASN D 532 43.52 -19.48 -39.30
C ASN D 532 42.57 -20.57 -38.83
N LEU D 533 41.45 -20.16 -38.25
CA LEU D 533 40.36 -21.04 -37.92
C LEU D 533 39.17 -20.72 -38.85
N LEU D 534 38.08 -21.43 -38.65
CA LEU D 534 36.87 -21.16 -39.41
C LEU D 534 35.68 -21.57 -38.57
N PHE D 535 34.67 -20.70 -38.48
CA PHE D 535 33.50 -21.03 -37.67
C PHE D 535 32.26 -20.74 -38.50
N LEU D 536 31.49 -21.79 -38.76
CA LEU D 536 30.24 -21.66 -39.52
C LEU D 536 29.17 -21.11 -38.60
N PHE D 537 28.79 -19.85 -38.81
CA PHE D 537 27.68 -19.26 -38.05
C PHE D 537 26.39 -19.48 -38.83
N SER D 538 25.95 -20.74 -38.84
CA SER D 538 24.75 -21.11 -39.57
C SER D 538 23.51 -20.69 -38.76
N ILE D 539 22.34 -21.16 -39.19
CA ILE D 539 21.11 -20.84 -38.48
C ILE D 539 21.01 -21.52 -37.13
N GLY D 540 21.84 -22.53 -36.86
CA GLY D 540 21.82 -23.17 -35.56
C GLY D 540 22.50 -22.39 -34.47
N ILE D 541 23.39 -21.46 -34.81
CA ILE D 541 24.20 -20.79 -33.81
C ILE D 541 23.35 -19.74 -33.11
N ASP D 542 23.25 -19.84 -31.78
CA ASP D 542 22.68 -18.81 -30.94
C ASP D 542 23.78 -18.21 -30.08
N LYS D 543 23.41 -17.24 -29.23
CA LYS D 543 24.42 -16.53 -28.47
C LYS D 543 25.05 -17.36 -27.37
N THR D 544 24.43 -18.48 -26.97
CA THR D 544 25.06 -19.39 -26.02
C THR D 544 26.35 -19.96 -26.59
N LYS D 545 26.27 -20.52 -27.80
CA LYS D 545 27.44 -21.08 -28.44
C LYS D 545 28.49 -20.01 -28.76
N ALA D 546 28.04 -18.84 -29.23
CA ALA D 546 28.97 -17.77 -29.57
C ALA D 546 29.73 -17.29 -28.33
N LEU D 547 29.03 -17.12 -27.20
CA LEU D 547 29.71 -16.70 -25.99
C LEU D 547 30.63 -17.78 -25.44
N SER D 548 30.22 -19.05 -25.53
CA SER D 548 31.10 -20.14 -25.11
C SER D 548 32.36 -20.19 -25.95
N LEU D 549 32.24 -19.95 -27.26
CA LEU D 549 33.42 -19.91 -28.11
C LEU D 549 34.34 -18.76 -27.76
N LEU D 550 33.77 -17.57 -27.56
CA LEU D 550 34.58 -16.39 -27.26
C LEU D 550 35.32 -16.59 -25.94
N ARG D 551 34.64 -17.32 -25.05
CA ARG D 551 35.12 -17.60 -23.67
C ARG D 551 35.93 -18.90 -23.55
N ALA D 552 36.09 -19.67 -24.63
CA ALA D 552 37.13 -20.66 -24.81
C ALA D 552 38.39 -20.02 -25.40
N LEU D 553 38.21 -19.06 -26.29
CA LEU D 553 39.31 -18.26 -26.80
C LEU D 553 40.01 -17.49 -25.68
N THR D 554 39.23 -16.85 -24.82
CA THR D 554 39.81 -16.08 -23.71
C THR D 554 40.51 -16.97 -22.69
N ASP D 555 39.93 -18.12 -22.35
CA ASP D 555 40.58 -19.04 -21.43
C ASP D 555 41.86 -19.62 -22.03
N PHE D 556 41.89 -19.82 -23.35
CA PHE D 556 43.15 -20.19 -23.98
C PHE D 556 44.18 -19.08 -23.85
N LYS D 557 43.76 -17.83 -24.01
CA LYS D 557 44.70 -16.72 -23.85
C LYS D 557 45.26 -16.68 -22.44
N ARG D 558 44.41 -16.86 -21.44
CA ARG D 558 44.86 -16.85 -20.05
C ARG D 558 45.77 -18.02 -19.75
N ALA D 559 45.44 -19.21 -20.27
CA ALA D 559 46.28 -20.38 -20.04
C ALA D 559 47.59 -20.33 -20.81
N PHE D 560 47.65 -19.61 -21.92
CA PHE D 560 48.89 -19.46 -22.66
C PHE D 560 49.79 -18.40 -22.05
N ASP D 561 49.21 -17.30 -21.55
CA ASP D 561 50.02 -16.33 -20.83
C ASP D 561 50.55 -16.89 -19.52
N LEU D 562 49.72 -17.67 -18.81
CA LEU D 562 50.20 -18.36 -17.61
C LEU D 562 51.16 -19.48 -17.94
N ASN D 563 51.14 -19.97 -19.18
CA ASN D 563 52.04 -21.01 -19.68
C ASN D 563 51.89 -22.31 -18.87
N LEU D 564 50.69 -22.86 -18.95
CA LEU D 564 50.42 -24.15 -18.32
C LEU D 564 51.09 -25.27 -19.11
N ARG D 565 51.30 -26.40 -18.44
CA ARG D 565 51.94 -27.53 -19.08
C ARG D 565 50.96 -28.22 -20.04
N VAL D 566 51.53 -28.97 -20.98
CA VAL D 566 50.73 -29.70 -21.96
C VAL D 566 49.89 -30.78 -21.28
N LYS D 567 50.43 -31.40 -20.21
CA LYS D 567 49.72 -32.46 -19.51
C LYS D 567 48.43 -31.97 -18.88
N ASN D 568 48.46 -30.81 -18.24
CA ASN D 568 47.25 -30.31 -17.59
C ASN D 568 46.26 -29.71 -18.59
N MET D 569 46.75 -28.99 -19.60
CA MET D 569 45.82 -28.24 -20.44
C MET D 569 45.32 -29.07 -21.62
N LEU D 570 46.18 -29.91 -22.20
CA LEU D 570 45.82 -30.72 -23.35
C LEU D 570 46.08 -32.18 -23.04
N PRO D 571 45.22 -32.82 -22.23
CA PRO D 571 45.39 -34.27 -21.99
C PRO D 571 45.15 -35.12 -23.22
N SER D 572 44.27 -34.71 -24.13
CA SER D 572 44.05 -35.45 -25.36
C SER D 572 45.27 -35.45 -26.26
N LEU D 573 46.04 -34.36 -26.26
CA LEU D 573 47.31 -34.33 -26.96
C LEU D 573 48.43 -34.94 -26.13
N TYR D 574 48.29 -34.91 -24.79
CA TYR D 574 49.24 -35.58 -23.91
C TYR D 574 49.23 -37.09 -24.13
N ARG D 575 48.05 -37.66 -24.35
CA ARG D 575 47.93 -39.10 -24.54
C ARG D 575 48.44 -39.58 -25.89
N GLU D 576 48.78 -38.66 -26.81
CA GLU D 576 49.38 -39.06 -28.08
C GLU D 576 50.74 -39.71 -27.87
N ASP D 577 51.58 -39.11 -27.04
CA ASP D 577 52.84 -39.73 -26.61
C ASP D 577 53.23 -39.11 -25.28
N PRO D 578 52.84 -39.73 -24.16
CA PRO D 578 53.12 -39.13 -22.84
C PRO D 578 54.60 -38.96 -22.53
N GLU D 579 55.48 -39.75 -23.15
CA GLU D 579 56.91 -39.61 -22.91
C GLU D 579 57.44 -38.30 -23.47
N PHE D 580 56.89 -37.82 -24.57
CA PHE D 580 57.38 -36.62 -25.22
C PHE D 580 56.83 -35.35 -24.59
N TYR D 581 55.52 -35.32 -24.30
CA TYR D 581 54.87 -34.13 -23.76
C TYR D 581 54.84 -34.12 -22.25
N GLU D 582 55.80 -34.77 -21.59
CA GLU D 582 55.77 -34.87 -20.14
C GLU D 582 56.16 -33.56 -19.48
N ASN D 583 57.31 -33.00 -19.87
CA ASN D 583 57.87 -31.80 -19.25
C ASN D 583 57.96 -30.65 -20.23
N MET D 584 56.92 -30.45 -21.04
CA MET D 584 56.90 -29.39 -22.03
C MET D 584 55.79 -28.40 -21.72
N ARG D 585 56.13 -27.12 -21.75
CA ARG D 585 55.15 -26.05 -21.58
C ARG D 585 54.52 -25.71 -22.92
N ILE D 586 53.37 -25.04 -22.86
CA ILE D 586 52.66 -24.72 -24.09
C ILE D 586 53.37 -23.61 -24.89
N GLN D 587 54.01 -22.66 -24.21
CA GLN D 587 54.75 -21.63 -24.93
C GLN D 587 55.93 -22.20 -25.68
N GLU D 588 56.64 -23.17 -25.08
CA GLU D 588 57.73 -23.84 -25.77
C GLU D 588 57.23 -24.61 -26.99
N LEU D 589 56.10 -25.30 -26.86
CA LEU D 589 55.56 -26.08 -27.98
C LEU D 589 55.12 -25.16 -29.12
N ALA D 590 54.41 -24.08 -28.79
CA ALA D 590 53.97 -23.13 -29.80
C ALA D 590 55.16 -22.45 -30.48
N GLN D 591 56.17 -22.07 -29.69
CA GLN D 591 57.36 -21.45 -30.24
C GLN D 591 58.11 -22.43 -31.13
N ASN D 592 58.16 -23.71 -30.75
CA ASN D 592 58.88 -24.69 -31.55
C ASN D 592 58.20 -24.94 -32.88
N ILE D 593 56.87 -25.10 -32.89
CA ILE D 593 56.19 -25.32 -34.16
C ILE D 593 56.24 -24.06 -35.02
N HIS D 594 56.13 -22.88 -34.40
CA HIS D 594 56.27 -21.64 -35.14
C HIS D 594 57.66 -21.48 -35.74
N LYS D 595 58.70 -21.87 -35.01
CA LYS D 595 60.05 -21.81 -35.56
C LYS D 595 60.26 -22.84 -36.66
N LEU D 596 59.61 -24.01 -36.56
CA LEU D 596 59.66 -24.96 -37.65
C LEU D 596 58.98 -24.42 -38.90
N ILE D 597 57.91 -23.64 -38.74
CA ILE D 597 57.27 -23.01 -39.89
C ILE D 597 58.16 -21.89 -40.45
N VAL D 598 58.74 -21.06 -39.58
CA VAL D 598 59.56 -19.93 -40.00
C VAL D 598 60.85 -20.36 -40.70
N HIS D 599 61.61 -21.26 -40.10
CA HIS D 599 62.90 -21.65 -40.64
C HIS D 599 62.77 -22.38 -41.97
N HIS D 600 61.71 -23.17 -42.13
CA HIS D 600 61.43 -23.84 -43.38
C HIS D 600 60.67 -22.97 -44.36
N ASN D 601 60.24 -21.78 -43.94
CA ASN D 601 59.58 -20.77 -44.77
C ASN D 601 58.31 -21.33 -45.42
N LEU D 602 57.35 -21.68 -44.57
CA LEU D 602 56.12 -22.32 -45.07
C LEU D 602 55.28 -21.42 -45.98
N PRO D 603 54.93 -20.18 -45.63
CA PRO D 603 53.98 -19.45 -46.50
C PRO D 603 54.54 -19.08 -47.86
N ASP D 604 55.83 -18.78 -47.97
CA ASP D 604 56.40 -18.47 -49.28
C ASP D 604 56.39 -19.68 -50.19
N LEU D 605 56.73 -20.85 -49.65
CA LEU D 605 56.64 -22.08 -50.43
C LEU D 605 55.20 -22.43 -50.78
N MET D 606 54.27 -22.24 -49.84
CA MET D 606 52.86 -22.53 -50.11
C MET D 606 52.28 -21.59 -51.15
N TYR D 607 52.81 -20.36 -51.23
CA TYR D 607 52.39 -19.44 -52.27
C TYR D 607 52.98 -19.84 -53.63
N ARG D 608 54.31 -19.95 -53.69
CA ARG D 608 54.99 -20.22 -54.96
C ARG D 608 54.70 -21.60 -55.53
N ALA D 609 54.23 -22.55 -54.71
CA ALA D 609 53.83 -23.84 -55.23
C ALA D 609 52.51 -23.79 -55.95
N PHE D 610 51.58 -22.95 -55.51
CA PHE D 610 50.28 -22.85 -56.15
C PHE D 610 50.21 -21.77 -57.22
N GLU D 611 51.25 -20.94 -57.35
CA GLU D 611 51.30 -20.02 -58.47
C GLU D 611 51.84 -20.65 -59.74
N VAL D 612 52.26 -21.91 -59.69
CA VAL D 612 52.76 -22.63 -60.87
C VAL D 612 51.93 -23.90 -61.05
N LEU D 613 51.39 -24.05 -62.26
CA LEU D 613 50.55 -25.17 -62.64
C LEU D 613 51.38 -26.34 -63.15
N PRO D 614 51.16 -27.55 -62.63
CA PRO D 614 51.86 -28.73 -63.16
C PRO D 614 51.46 -29.02 -64.60
N THR D 615 52.40 -29.60 -65.34
CA THR D 615 52.22 -29.86 -66.77
C THR D 615 51.27 -31.02 -66.98
N MET D 616 50.20 -30.79 -67.73
CA MET D 616 49.22 -31.82 -68.05
C MET D 616 49.74 -32.69 -69.18
N VAL D 617 50.25 -33.87 -68.83
CA VAL D 617 50.65 -34.82 -69.87
C VAL D 617 49.43 -35.48 -70.49
N MET D 618 48.50 -35.95 -69.66
CA MET D 618 47.31 -36.62 -70.16
C MET D 618 46.13 -36.24 -69.26
N THR D 619 44.93 -36.43 -69.81
CA THR D 619 43.70 -36.15 -69.08
C THR D 619 43.56 -37.09 -67.88
N PRO D 620 42.93 -36.63 -66.80
CA PRO D 620 42.74 -37.51 -65.63
C PRO D 620 41.93 -38.77 -65.91
N TYR D 621 41.07 -38.76 -66.93
CA TYR D 621 40.41 -39.99 -67.34
C TYR D 621 41.41 -41.02 -67.83
N ALA D 622 42.40 -40.58 -68.62
CA ALA D 622 43.45 -41.49 -69.07
C ALA D 622 44.34 -41.93 -67.91
N ALA D 623 44.55 -41.05 -66.93
CA ALA D 623 45.31 -41.43 -65.74
C ALA D 623 44.59 -42.52 -64.96
N PHE D 624 43.27 -42.39 -64.80
CA PHE D 624 42.51 -43.44 -64.14
C PHE D 624 42.49 -44.73 -64.96
N GLN D 625 42.45 -44.61 -66.29
CA GLN D 625 42.50 -45.79 -67.14
C GLN D 625 43.82 -46.54 -66.99
N LYS D 626 44.93 -45.80 -66.97
CA LYS D 626 46.23 -46.43 -66.75
C LYS D 626 46.39 -46.93 -65.32
N GLU D 627 45.68 -46.33 -64.37
CA GLU D 627 45.74 -46.79 -62.98
C GLU D 627 44.99 -48.11 -62.81
N LEU D 628 43.86 -48.27 -63.50
CA LEU D 628 43.09 -49.50 -63.43
C LEU D 628 43.83 -50.69 -64.04
N HIS D 629 44.70 -50.47 -65.02
CA HIS D 629 45.41 -51.55 -65.68
C HIS D 629 46.66 -51.97 -64.92
N GLY D 630 46.86 -51.48 -63.70
CA GLY D 630 48.01 -51.88 -62.92
C GLY D 630 49.32 -51.30 -63.38
N MET D 631 49.30 -50.16 -64.07
CA MET D 631 50.52 -49.53 -64.57
C MET D 631 51.07 -48.50 -63.60
N THR D 632 50.85 -48.69 -62.30
CA THR D 632 51.25 -47.73 -61.29
C THR D 632 52.34 -48.33 -60.40
N GLU D 633 53.36 -47.53 -60.13
CA GLU D 633 54.42 -47.90 -59.21
C GLU D 633 54.56 -46.81 -58.15
N GLU D 634 55.05 -47.19 -56.98
CA GLU D 634 55.19 -46.28 -55.85
C GLU D 634 56.65 -45.86 -55.74
N VAL D 635 57.00 -44.78 -56.41
CA VAL D 635 58.34 -44.21 -56.32
C VAL D 635 58.35 -43.32 -55.07
N TYR D 636 59.52 -43.06 -54.51
CA TYR D 636 59.59 -42.19 -53.36
C TYR D 636 59.35 -40.74 -53.78
N LEU D 637 59.18 -39.88 -52.77
CA LEU D 637 58.73 -38.51 -53.01
C LEU D 637 59.76 -37.69 -53.77
N ASP D 638 61.05 -37.86 -53.46
CA ASP D 638 62.09 -37.03 -54.03
C ASP D 638 62.31 -37.25 -55.52
N GLU D 639 62.04 -38.46 -56.02
CA GLU D 639 62.31 -38.82 -57.41
C GLU D 639 61.04 -38.79 -58.25
N MET D 640 60.16 -37.84 -57.96
CA MET D 640 58.86 -37.78 -58.62
C MET D 640 58.81 -36.79 -59.78
N VAL D 641 59.86 -35.99 -59.99
CA VAL D 641 59.88 -35.07 -61.12
C VAL D 641 60.04 -35.85 -62.42
N GLY D 642 59.34 -35.40 -63.45
CA GLY D 642 59.33 -36.12 -64.71
C GLY D 642 58.44 -37.34 -64.75
N ARG D 643 57.68 -37.58 -63.70
CA ARG D 643 56.80 -38.75 -63.61
C ARG D 643 55.35 -38.30 -63.60
N ILE D 644 54.50 -39.08 -64.26
CA ILE D 644 53.09 -38.77 -64.38
C ILE D 644 52.38 -39.30 -63.14
N ASN D 645 51.65 -38.43 -62.45
CA ASN D 645 50.97 -38.81 -61.23
C ASN D 645 49.66 -39.54 -61.53
N ALA D 646 49.40 -40.59 -60.77
CA ALA D 646 48.20 -41.40 -60.95
C ALA D 646 47.10 -41.08 -59.96
N ASN D 647 47.45 -40.75 -58.72
CA ASN D 647 46.48 -40.38 -57.71
C ASN D 647 46.68 -38.92 -57.32
N MET D 648 45.57 -38.27 -56.96
CA MET D 648 45.59 -36.86 -56.60
C MET D 648 46.38 -36.65 -55.32
N ILE D 649 47.17 -35.58 -55.28
CA ILE D 649 47.88 -35.17 -54.08
C ILE D 649 47.14 -33.98 -53.48
N LEU D 650 46.63 -34.17 -52.27
CA LEU D 650 45.82 -33.15 -51.58
C LEU D 650 46.45 -32.84 -50.24
N PRO D 651 47.32 -31.83 -50.17
CA PRO D 651 48.02 -31.55 -48.91
C PRO D 651 47.23 -30.62 -47.99
N TYR D 652 47.27 -30.93 -46.70
CA TYR D 652 46.76 -30.06 -45.66
C TYR D 652 47.94 -29.52 -44.87
N PRO D 653 48.26 -28.21 -44.91
CA PRO D 653 47.63 -27.06 -45.58
C PRO D 653 47.78 -27.09 -47.10
N PRO D 654 46.88 -26.42 -47.83
CA PRO D 654 45.70 -25.71 -47.33
C PRO D 654 44.38 -26.48 -47.43
N GLY D 655 44.26 -27.41 -48.37
CA GLY D 655 43.01 -28.12 -48.57
C GLY D 655 42.46 -27.99 -49.97
N VAL D 656 43.34 -27.74 -50.93
CA VAL D 656 42.94 -27.59 -52.32
C VAL D 656 43.82 -28.53 -53.15
N PRO D 657 43.28 -29.19 -54.20
CA PRO D 657 44.10 -30.11 -55.00
C PRO D 657 45.30 -29.46 -55.67
N LEU D 658 46.49 -29.94 -55.27
CA LEU D 658 47.75 -29.39 -55.74
C LEU D 658 48.21 -30.06 -57.03
N VAL D 659 48.40 -31.38 -57.00
CA VAL D 659 48.73 -32.16 -58.20
C VAL D 659 47.52 -33.01 -58.55
N MET D 660 47.05 -32.87 -59.78
CA MET D 660 45.92 -33.64 -60.28
C MET D 660 46.41 -34.99 -60.79
N PRO D 661 45.52 -35.98 -60.89
CA PRO D 661 45.88 -37.24 -61.56
C PRO D 661 46.13 -37.01 -63.04
N GLY D 662 47.32 -37.40 -63.50
CA GLY D 662 47.70 -37.25 -64.88
C GLY D 662 48.58 -36.06 -65.20
N GLU D 663 49.11 -35.38 -64.20
CA GLU D 663 49.95 -34.21 -64.40
C GLU D 663 51.36 -34.47 -63.90
N MET D 664 52.33 -33.84 -64.57
CA MET D 664 53.75 -34.05 -64.32
C MET D 664 54.33 -32.83 -63.61
N ILE D 665 55.17 -33.08 -62.61
CA ILE D 665 55.95 -32.01 -61.99
C ILE D 665 57.24 -31.85 -62.79
N THR D 666 57.36 -30.74 -63.49
CA THR D 666 58.54 -30.47 -64.31
C THR D 666 59.52 -29.61 -63.52
N GLU D 667 60.62 -29.22 -64.18
CA GLU D 667 61.59 -28.33 -63.53
C GLU D 667 61.03 -26.93 -63.32
N GLU D 668 60.06 -26.52 -64.12
CA GLU D 668 59.38 -25.25 -63.90
C GLU D 668 58.48 -25.28 -62.68
N SER D 669 58.12 -26.46 -62.19
CA SER D 669 57.24 -26.60 -61.04
C SER D 669 57.95 -27.30 -59.88
N ARG D 670 59.27 -27.13 -59.78
CA ARG D 670 60.02 -27.65 -58.65
C ARG D 670 59.58 -27.12 -57.27
N PRO D 671 59.14 -25.86 -57.08
CA PRO D 671 58.61 -25.47 -55.76
C PRO D 671 57.43 -26.30 -55.27
N VAL D 672 56.67 -26.96 -56.15
CA VAL D 672 55.69 -27.94 -55.70
C VAL D 672 56.38 -29.07 -54.93
N LEU D 673 57.44 -29.63 -55.51
CA LEU D 673 58.18 -30.69 -54.85
C LEU D 673 58.85 -30.18 -53.57
N GLU D 674 59.37 -28.95 -53.61
CA GLU D 674 59.96 -28.38 -52.40
C GLU D 674 58.94 -28.20 -51.29
N PHE D 675 57.72 -27.77 -51.63
CA PHE D 675 56.66 -27.62 -50.64
C PHE D 675 56.26 -28.97 -50.06
N LEU D 676 56.13 -29.99 -50.91
CA LEU D 676 55.76 -31.32 -50.43
C LEU D 676 56.84 -31.90 -49.51
N GLN D 677 58.11 -31.78 -49.91
CA GLN D 677 59.21 -32.25 -49.09
C GLN D 677 59.32 -31.49 -47.78
N MET D 678 59.08 -30.17 -47.81
CA MET D 678 59.09 -29.36 -46.61
C MET D 678 57.98 -29.78 -45.66
N LEU D 679 56.78 -30.03 -46.19
CA LEU D 679 55.67 -30.45 -45.35
C LEU D 679 55.94 -31.80 -44.71
N CYS D 680 56.52 -32.74 -45.48
CA CYS D 680 56.89 -34.02 -44.91
C CYS D 680 58.00 -33.88 -43.87
N GLU D 681 58.93 -32.94 -44.09
CA GLU D 681 60.01 -32.74 -43.13
C GLU D 681 59.53 -32.13 -41.83
N ILE D 682 58.58 -31.19 -41.90
CA ILE D 682 58.12 -30.55 -40.66
C ILE D 682 57.08 -31.40 -39.94
N GLY D 683 56.40 -32.30 -40.64
CA GLY D 683 55.40 -33.10 -39.95
C GLY D 683 55.94 -34.28 -39.18
N ALA D 684 57.23 -34.58 -39.30
CA ALA D 684 57.84 -35.73 -38.66
C ALA D 684 58.67 -35.34 -37.43
N HIS D 685 58.27 -34.30 -36.72
CA HIS D 685 58.97 -33.89 -35.51
C HIS D 685 58.11 -33.98 -34.26
N TYR D 686 56.90 -33.42 -34.29
CA TYR D 686 56.08 -33.32 -33.09
C TYR D 686 54.84 -34.18 -33.22
N PRO D 687 54.62 -35.13 -32.31
CA PRO D 687 53.47 -36.02 -32.42
C PRO D 687 52.15 -35.30 -32.18
N GLY D 688 51.10 -35.82 -32.81
CA GLY D 688 49.80 -35.21 -32.78
C GLY D 688 49.59 -34.14 -33.83
N PHE D 689 50.66 -33.68 -34.47
CA PHE D 689 50.57 -32.70 -35.54
C PHE D 689 51.04 -33.33 -36.83
N GLU D 690 50.59 -34.57 -37.09
CA GLU D 690 51.10 -35.39 -38.15
C GLU D 690 50.72 -34.83 -39.52
N THR D 691 51.48 -35.25 -40.52
CA THR D 691 51.30 -34.75 -41.89
C THR D 691 50.00 -35.30 -42.45
N ASP D 692 49.18 -34.42 -43.02
CA ASP D 692 47.91 -34.79 -43.61
C ASP D 692 47.98 -34.48 -45.10
N ILE D 693 48.45 -35.44 -45.87
CA ILE D 693 48.48 -35.34 -47.33
C ILE D 693 47.68 -36.51 -47.87
N HIS D 694 46.63 -36.22 -48.63
CA HIS D 694 45.84 -37.26 -49.27
C HIS D 694 46.46 -37.58 -50.62
N GLY D 695 47.07 -38.76 -50.73
CA GLY D 695 47.75 -39.16 -51.94
C GLY D 695 49.14 -39.67 -51.67
N ALA D 696 49.82 -39.05 -50.71
CA ALA D 696 51.15 -39.50 -50.29
C ALA D 696 51.00 -40.47 -49.13
N TYR D 697 51.68 -41.61 -49.24
CA TYR D 697 51.53 -42.72 -48.31
C TYR D 697 52.77 -42.80 -47.43
N ARG D 698 52.55 -42.84 -46.12
CA ARG D 698 53.64 -42.84 -45.17
C ARG D 698 54.31 -44.21 -45.12
N GLN D 699 55.64 -44.21 -45.14
CA GLN D 699 56.42 -45.43 -44.96
C GLN D 699 57.00 -45.46 -43.55
N ALA D 700 57.65 -46.57 -43.22
CA ALA D 700 58.20 -46.75 -41.88
C ALA D 700 59.45 -45.92 -41.65
N ASP D 701 60.27 -45.73 -42.68
CA ASP D 701 61.52 -45.00 -42.50
C ASP D 701 61.31 -43.49 -42.38
N GLY D 702 60.17 -42.97 -42.81
CA GLY D 702 59.89 -41.56 -42.73
C GLY D 702 59.87 -40.81 -44.04
N ARG D 703 59.99 -41.49 -45.18
CA ARG D 703 59.93 -40.87 -46.48
C ARG D 703 58.69 -41.37 -47.21
N TYR D 704 57.91 -40.45 -47.77
CA TYR D 704 56.60 -40.76 -48.31
C TYR D 704 56.70 -41.21 -49.77
N THR D 705 55.66 -41.89 -50.23
CA THR D 705 55.59 -42.42 -51.59
C THR D 705 54.33 -41.92 -52.28
N VAL D 706 54.42 -41.71 -53.58
CA VAL D 706 53.29 -41.26 -54.40
C VAL D 706 53.16 -42.22 -55.59
N LYS D 707 51.95 -42.69 -55.83
CA LYS D 707 51.69 -43.61 -56.95
C LYS D 707 51.81 -42.86 -58.27
N VAL D 708 52.86 -43.16 -59.02
CA VAL D 708 53.06 -42.58 -60.34
C VAL D 708 52.89 -43.69 -61.38
N LEU D 709 52.84 -43.28 -62.65
CA LEU D 709 52.65 -44.21 -63.74
C LEU D 709 53.97 -44.80 -64.20
N LYS D 710 53.92 -46.03 -64.71
CA LYS D 710 55.10 -46.70 -65.23
C LYS D 710 55.52 -46.09 -66.55
N GLU D 711 56.78 -46.32 -66.91
CA GLU D 711 57.33 -45.78 -68.15
C GLU D 711 57.36 -46.82 -69.25
N MET E 1 -26.46 -24.88 22.97
CA MET E 1 -25.32 -24.15 23.53
C MET E 1 -24.01 -24.87 23.30
N ASN E 2 -23.44 -24.69 22.10
CA ASN E 2 -22.09 -25.19 21.84
C ASN E 2 -21.30 -24.23 20.96
N VAL E 3 -21.76 -22.98 20.90
CA VAL E 3 -21.08 -22.00 20.02
C VAL E 3 -20.39 -21.00 20.90
N ILE E 4 -19.05 -20.89 20.83
CA ILE E 4 -18.26 -20.02 21.73
C ILE E 4 -17.42 -19.13 20.84
N ALA E 5 -17.59 -17.83 20.90
CA ALA E 5 -17.03 -16.96 19.86
C ALA E 5 -15.78 -16.26 20.34
N ILE E 6 -14.70 -16.40 19.58
CA ILE E 6 -13.41 -15.81 19.97
C ILE E 6 -13.27 -14.55 19.13
N LEU E 7 -12.85 -13.43 19.74
CA LEU E 7 -12.59 -12.19 18.96
C LEU E 7 -11.23 -12.29 18.25
N ASN E 8 -10.85 -11.22 17.53
CA ASN E 8 -9.77 -11.23 16.52
C ASN E 8 -8.33 -11.56 16.89
N HIS E 9 -7.51 -11.74 15.85
CA HIS E 9 -6.09 -12.08 16.03
C HIS E 9 -5.30 -10.79 16.25
N MET E 10 -4.76 -10.63 17.47
CA MET E 10 -4.02 -9.40 17.82
C MET E 10 -2.81 -9.30 16.91
N GLY E 11 -2.06 -10.38 16.74
CA GLY E 11 -0.81 -10.33 15.96
C GLY E 11 0.37 -10.89 16.74
N VAL E 12 0.47 -10.63 18.02
CA VAL E 12 1.60 -11.18 18.75
C VAL E 12 1.29 -12.60 19.19
N TYR E 13 2.35 -13.38 19.41
CA TYR E 13 2.25 -14.83 19.57
C TYR E 13 1.80 -15.27 20.95
N PHE E 14 2.21 -14.57 22.01
CA PHE E 14 1.99 -15.06 23.36
C PHE E 14 0.52 -15.03 23.75
N LYS E 15 -0.30 -14.26 23.05
CA LYS E 15 -1.75 -14.27 23.24
C LYS E 15 -2.49 -14.80 22.02
N GLU E 16 -1.80 -15.57 21.18
CA GLU E 16 -2.45 -16.27 20.08
C GLU E 16 -2.28 -17.78 20.16
N GLU E 17 -1.08 -18.25 20.47
CA GLU E 17 -0.87 -19.69 20.63
C GLU E 17 -1.66 -20.27 21.82
N PRO E 18 -1.75 -19.61 22.99
CA PRO E 18 -2.75 -20.06 23.98
C PRO E 18 -4.18 -20.02 23.45
N ILE E 19 -4.51 -19.05 22.61
CA ILE E 19 -5.86 -19.02 22.03
C ILE E 19 -6.07 -20.17 21.07
N ARG E 20 -5.06 -20.53 20.28
CA ARG E 20 -5.19 -21.70 19.41
C ARG E 20 -5.25 -23.00 20.20
N GLU E 21 -4.49 -23.10 21.29
CA GLU E 21 -4.60 -24.29 22.14
C GLU E 21 -5.98 -24.38 22.80
N LEU E 22 -6.54 -23.25 23.22
CA LEU E 22 -7.89 -23.24 23.76
C LEU E 22 -8.93 -23.57 22.69
N HIS E 23 -8.70 -23.13 21.45
CA HIS E 23 -9.53 -23.53 20.31
C HIS E 23 -9.53 -25.04 20.17
N ARG E 24 -8.35 -25.65 20.16
CA ARG E 24 -8.24 -27.09 19.99
C ARG E 24 -8.88 -27.84 21.15
N ALA E 25 -8.68 -27.37 22.37
CA ALA E 25 -9.29 -28.01 23.53
C ALA E 25 -10.81 -27.87 23.54
N LEU E 26 -11.34 -26.72 23.13
CA LEU E 26 -12.79 -26.57 23.08
C LEU E 26 -13.43 -27.39 21.98
N GLU E 27 -12.76 -27.53 20.83
CA GLU E 27 -13.26 -28.46 19.82
C GLU E 27 -13.17 -29.89 20.31
N ARG E 28 -12.17 -30.21 21.12
CA ARG E 28 -12.12 -31.52 21.76
C ARG E 28 -13.26 -31.71 22.75
N LEU E 29 -13.74 -30.62 23.36
CA LEU E 29 -14.87 -30.68 24.28
C LEU E 29 -16.21 -30.46 23.59
N ASN E 30 -16.28 -30.69 22.27
CA ASN E 30 -17.51 -30.64 21.49
C ASN E 30 -18.18 -29.27 21.51
N PHE E 31 -17.38 -28.23 21.28
CA PHE E 31 -17.88 -26.87 21.12
C PHE E 31 -17.56 -26.38 19.72
N GLN E 32 -18.59 -25.92 19.01
CA GLN E 32 -18.38 -25.23 17.75
C GLN E 32 -17.78 -23.86 18.02
N ILE E 33 -16.80 -23.47 17.23
CA ILE E 33 -16.07 -22.22 17.43
C ILE E 33 -16.34 -21.30 16.24
N VAL E 34 -16.79 -20.09 16.54
CA VAL E 34 -17.00 -19.07 15.52
C VAL E 34 -15.98 -17.97 15.71
N TYR E 35 -15.69 -17.27 14.62
CA TYR E 35 -14.65 -16.25 14.58
C TYR E 35 -15.17 -14.94 14.02
N PRO E 36 -15.89 -14.15 14.83
CA PRO E 36 -16.24 -12.79 14.40
C PRO E 36 -15.01 -11.93 14.24
N ASN E 37 -15.02 -11.09 13.21
CA ASN E 37 -13.83 -10.33 12.86
C ASN E 37 -13.57 -9.17 13.82
N ASP E 38 -14.61 -8.45 14.21
CA ASP E 38 -14.43 -7.30 15.09
C ASP E 38 -15.66 -7.15 15.98
N ARG E 39 -15.79 -5.99 16.61
CA ARG E 39 -16.81 -5.76 17.63
C ARG E 39 -18.23 -5.80 17.06
N ASP E 40 -18.48 -5.01 16.01
CA ASP E 40 -19.83 -4.97 15.43
C ASP E 40 -20.21 -6.32 14.84
N ASP E 41 -19.23 -7.09 14.37
CA ASP E 41 -19.47 -8.47 13.97
C ASP E 41 -20.00 -9.29 15.14
N LEU E 42 -19.44 -9.10 16.33
CA LEU E 42 -19.94 -9.82 17.50
C LEU E 42 -21.34 -9.38 17.89
N LEU E 43 -21.63 -8.07 17.83
CA LEU E 43 -22.98 -7.59 18.13
C LEU E 43 -24.02 -8.20 17.19
N LYS E 44 -23.75 -8.17 15.89
CA LYS E 44 -24.67 -8.77 14.93
C LYS E 44 -24.77 -10.28 15.08
N LEU E 45 -23.65 -10.95 15.38
CA LEU E 45 -23.66 -12.39 15.59
C LEU E 45 -24.51 -12.78 16.79
N ILE E 46 -24.47 -11.98 17.85
CA ILE E 46 -25.27 -12.30 19.01
C ILE E 46 -26.75 -12.01 18.76
N GLU E 47 -27.10 -10.93 18.05
CA GLU E 47 -28.52 -10.65 17.86
C GLU E 47 -29.15 -11.63 16.86
N ASN E 48 -28.39 -12.04 15.85
CA ASN E 48 -28.96 -12.92 14.84
C ASN E 48 -29.07 -14.37 15.30
N ASN E 49 -28.44 -14.73 16.41
CA ASN E 49 -28.38 -16.11 16.86
C ASN E 49 -28.84 -16.23 18.31
N ALA E 50 -29.00 -17.46 18.75
CA ALA E 50 -29.26 -17.75 20.15
C ALA E 50 -28.48 -18.93 20.68
N ARG E 51 -27.91 -19.76 19.82
CA ARG E 51 -27.13 -20.91 20.25
C ARG E 51 -25.77 -20.53 20.79
N LEU E 52 -25.36 -19.27 20.65
CA LEU E 52 -24.07 -18.84 21.16
C LEU E 52 -24.11 -18.81 22.68
N CYS E 53 -23.12 -19.43 23.32
CA CYS E 53 -23.10 -19.59 24.76
C CYS E 53 -21.79 -19.12 25.37
N GLY E 54 -21.08 -18.22 24.72
CA GLY E 54 -19.82 -17.78 25.24
C GLY E 54 -19.05 -16.90 24.27
N VAL E 55 -18.45 -15.83 24.79
CA VAL E 55 -17.60 -14.95 24.01
C VAL E 55 -16.25 -14.89 24.68
N ILE E 56 -15.20 -15.19 23.93
CA ILE E 56 -13.84 -15.03 24.40
C ILE E 56 -13.25 -13.83 23.70
N PHE E 57 -12.76 -12.87 24.47
CA PHE E 57 -12.17 -11.68 23.90
C PHE E 57 -11.01 -11.24 24.77
N ASP E 58 -10.10 -10.49 24.17
CA ASP E 58 -8.97 -9.92 24.88
C ASP E 58 -9.41 -8.64 25.57
N TRP E 59 -8.95 -8.46 26.79
CA TRP E 59 -9.33 -7.31 27.60
C TRP E 59 -8.51 -6.07 27.27
N ASP E 60 -7.56 -6.16 26.33
CA ASP E 60 -6.77 -4.98 26.00
C ASP E 60 -7.39 -4.20 24.84
N LYS E 61 -7.53 -4.84 23.69
CA LYS E 61 -8.03 -4.12 22.51
C LYS E 61 -9.52 -3.83 22.58
N TYR E 62 -10.27 -4.56 23.40
CA TYR E 62 -11.70 -4.33 23.56
C TYR E 62 -11.98 -4.04 25.02
N ASN E 63 -12.61 -2.90 25.27
CA ASN E 63 -12.85 -2.44 26.64
C ASN E 63 -14.04 -3.19 27.21
N LEU E 64 -14.47 -2.79 28.41
CA LEU E 64 -15.54 -3.47 29.12
C LEU E 64 -16.91 -2.94 28.77
N GLU E 65 -17.01 -1.95 27.88
CA GLU E 65 -18.30 -1.54 27.36
C GLU E 65 -18.86 -2.59 26.39
N LEU E 66 -17.98 -3.39 25.78
CA LEU E 66 -18.37 -4.62 25.11
C LEU E 66 -18.47 -5.76 26.12
N CYS E 67 -19.12 -5.45 27.24
CA CYS E 67 -19.67 -6.44 28.14
C CYS E 67 -21.06 -5.92 28.46
N GLU E 68 -21.15 -4.59 28.54
CA GLU E 68 -22.41 -3.93 28.86
C GLU E 68 -23.37 -3.98 27.68
N GLU E 69 -22.87 -3.83 26.46
CA GLU E 69 -23.75 -3.95 25.29
C GLU E 69 -24.33 -5.35 25.17
N ILE E 70 -23.49 -6.38 25.39
CA ILE E 70 -23.98 -7.75 25.37
C ILE E 70 -24.93 -8.01 26.54
N SER E 71 -24.70 -7.35 27.68
CA SER E 71 -25.63 -7.43 28.80
C SER E 71 -27.00 -6.86 28.45
N LYS E 72 -27.02 -5.73 27.74
CA LYS E 72 -28.30 -5.23 27.21
C LYS E 72 -28.90 -6.20 26.21
N MET E 73 -28.06 -6.98 25.52
CA MET E 73 -28.59 -7.98 24.60
C MET E 73 -28.95 -9.27 25.31
N ASN E 74 -28.11 -9.74 26.23
CA ASN E 74 -28.42 -10.93 27.02
C ASN E 74 -27.68 -10.83 28.34
N GLU E 75 -28.43 -10.85 29.44
CA GLU E 75 -27.84 -10.61 30.76
C GLU E 75 -27.02 -11.80 31.24
N ASN E 76 -27.46 -13.02 30.96
CA ASN E 76 -26.86 -14.21 31.54
C ASN E 76 -25.75 -14.82 30.69
N LEU E 77 -25.42 -14.20 29.55
CA LEU E 77 -24.46 -14.81 28.64
C LEU E 77 -23.06 -14.78 29.24
N PRO E 78 -22.40 -15.92 29.38
CA PRO E 78 -21.02 -15.90 29.88
C PRO E 78 -20.08 -15.37 28.83
N LEU E 79 -19.17 -14.51 29.25
CA LEU E 79 -18.12 -14.01 28.37
C LEU E 79 -16.80 -14.20 29.11
N TYR E 80 -15.73 -14.41 28.36
CA TYR E 80 -14.45 -14.79 28.97
C TYR E 80 -13.37 -13.78 28.61
N ALA E 81 -13.20 -12.76 29.44
CA ALA E 81 -12.16 -11.76 29.19
C ALA E 81 -10.79 -12.33 29.54
N PHE E 82 -9.81 -12.04 28.70
CA PHE E 82 -8.44 -12.51 28.91
C PHE E 82 -7.58 -11.33 29.34
N ALA E 83 -7.02 -11.41 30.54
CA ALA E 83 -6.33 -10.28 31.15
C ALA E 83 -4.84 -10.37 30.85
N ASN E 84 -4.31 -9.37 30.16
CA ASN E 84 -2.87 -9.29 29.88
C ASN E 84 -2.24 -8.03 30.45
N THR E 85 -2.72 -6.85 30.06
CA THR E 85 -2.04 -5.60 30.36
C THR E 85 -2.74 -4.81 31.46
N TYR E 86 -4.06 -4.67 31.39
CA TYR E 86 -4.81 -4.12 32.50
C TYR E 86 -4.69 -5.07 33.69
N SER E 87 -4.36 -4.49 34.83
CA SER E 87 -4.03 -5.26 36.01
C SER E 87 -5.31 -5.66 36.75
N THR E 88 -5.17 -6.04 38.01
CA THR E 88 -6.36 -6.19 38.84
C THR E 88 -7.10 -4.88 38.98
N LEU E 89 -6.37 -3.76 39.10
CA LEU E 89 -6.88 -2.45 39.50
C LEU E 89 -7.88 -1.83 38.52
N ASP E 90 -7.98 -2.30 37.29
CA ASP E 90 -8.72 -1.59 36.25
C ASP E 90 -10.15 -2.10 36.09
N VAL E 91 -10.81 -2.47 37.18
CA VAL E 91 -12.14 -3.06 37.11
C VAL E 91 -13.10 -2.23 37.94
N SER E 92 -14.23 -1.83 37.34
CA SER E 92 -15.28 -1.11 38.04
C SER E 92 -16.34 -2.08 38.57
N LEU E 93 -17.30 -1.52 39.30
CA LEU E 93 -18.39 -2.34 39.83
C LEU E 93 -19.30 -2.89 38.74
N ASN E 94 -19.61 -2.07 37.73
CA ASN E 94 -20.47 -2.52 36.64
C ASN E 94 -19.86 -3.65 35.84
N ASP E 95 -18.53 -3.74 35.80
CA ASP E 95 -17.88 -4.90 35.22
C ASP E 95 -18.11 -6.14 36.09
N LEU E 96 -17.97 -5.99 37.40
CA LEU E 96 -18.19 -7.09 38.34
C LEU E 96 -19.63 -7.57 38.38
N ARG E 97 -20.58 -6.75 37.97
CA ARG E 97 -21.98 -7.20 37.98
C ARG E 97 -22.35 -7.95 36.71
N LEU E 98 -21.40 -8.13 35.80
CA LEU E 98 -21.69 -8.80 34.54
C LEU E 98 -21.16 -10.24 34.58
N GLN E 99 -21.64 -11.03 33.63
CA GLN E 99 -21.20 -12.42 33.49
C GLN E 99 -19.92 -12.47 32.67
N ILE E 100 -18.80 -12.17 33.33
CA ILE E 100 -17.48 -12.26 32.73
C ILE E 100 -16.70 -13.17 33.66
N SER E 101 -15.85 -14.05 33.12
CA SER E 101 -14.87 -14.75 33.94
C SER E 101 -13.48 -14.49 33.36
N PHE E 102 -12.56 -14.01 34.19
CA PHE E 102 -11.25 -13.56 33.74
C PHE E 102 -10.27 -14.72 33.64
N PHE E 103 -9.43 -14.71 32.61
CA PHE E 103 -8.40 -15.71 32.40
C PHE E 103 -7.08 -15.02 32.05
N GLU E 104 -6.05 -15.83 31.84
CA GLU E 104 -4.70 -15.35 31.53
C GLU E 104 -4.16 -16.10 30.33
N TYR E 105 -3.10 -15.54 29.75
CA TYR E 105 -2.46 -16.10 28.57
C TYR E 105 -1.25 -16.92 29.02
N ALA E 106 -1.43 -18.23 29.19
CA ALA E 106 -0.35 -19.11 29.58
C ALA E 106 -0.29 -20.29 28.63
N LEU E 107 0.93 -20.64 28.21
CA LEU E 107 1.14 -21.77 27.32
C LEU E 107 0.96 -23.07 28.08
N GLY E 108 0.20 -24.00 27.49
CA GLY E 108 -0.01 -25.30 28.07
C GLY E 108 -1.09 -25.37 29.13
N ALA E 109 -1.73 -24.25 29.46
CA ALA E 109 -2.79 -24.22 30.45
C ALA E 109 -4.17 -24.18 29.82
N ALA E 110 -4.28 -24.61 28.55
CA ALA E 110 -5.55 -24.57 27.86
C ALA E 110 -6.54 -25.62 28.34
N GLU E 111 -6.05 -26.71 28.94
CA GLU E 111 -6.95 -27.77 29.40
C GLU E 111 -7.81 -27.30 30.56
N ASP E 112 -7.20 -26.66 31.56
CA ASP E 112 -7.96 -26.18 32.70
C ASP E 112 -8.88 -25.03 32.30
N ILE E 113 -8.44 -24.17 31.38
CA ILE E 113 -9.29 -23.09 30.89
C ILE E 113 -10.49 -23.66 30.15
N ALA E 114 -10.28 -24.68 29.31
CA ALA E 114 -11.40 -25.29 28.60
C ALA E 114 -12.35 -26.01 29.54
N ASN E 115 -11.83 -26.67 30.58
CA ASN E 115 -12.70 -27.29 31.57
C ASN E 115 -13.53 -26.25 32.33
N LYS E 116 -12.90 -25.12 32.69
CA LYS E 116 -13.66 -24.04 33.33
C LYS E 116 -14.69 -23.44 32.40
N ILE E 117 -14.39 -23.35 31.10
CA ILE E 117 -15.35 -22.84 30.13
C ILE E 117 -16.54 -23.81 29.99
N LYS E 118 -16.27 -25.11 29.96
CA LYS E 118 -17.33 -26.10 29.91
C LYS E 118 -18.20 -26.05 31.16
N GLN E 119 -17.57 -25.89 32.33
CA GLN E 119 -18.33 -25.77 33.57
C GLN E 119 -19.18 -24.49 33.60
N THR E 120 -18.63 -23.39 33.09
CA THR E 120 -19.39 -22.14 33.05
C THR E 120 -20.58 -22.24 32.09
N THR E 121 -20.38 -22.90 30.95
CA THR E 121 -21.49 -23.14 30.03
C THR E 121 -22.56 -24.02 30.66
N ASP E 122 -22.15 -25.05 31.40
CA ASP E 122 -23.12 -25.88 32.11
C ASP E 122 -23.89 -25.09 33.15
N GLU E 123 -23.20 -24.20 33.88
CA GLU E 123 -23.86 -23.33 34.83
C GLU E 123 -24.84 -22.39 34.14
N TYR E 124 -24.47 -21.87 32.98
CA TYR E 124 -25.36 -21.00 32.22
C TYR E 124 -26.62 -21.72 31.77
N ILE E 125 -26.45 -22.95 31.28
CA ILE E 125 -27.59 -23.76 30.85
C ILE E 125 -28.49 -24.09 32.04
N ASN E 126 -27.90 -24.48 33.16
CA ASN E 126 -28.68 -24.76 34.36
C ASN E 126 -29.21 -23.52 35.04
N THR E 127 -28.75 -22.33 34.63
CA THR E 127 -29.29 -21.08 35.16
C THR E 127 -30.50 -20.61 34.37
N ILE E 128 -30.39 -20.57 33.03
CA ILE E 128 -31.50 -20.04 32.24
C ILE E 128 -32.66 -21.02 32.11
N LEU E 129 -32.44 -22.30 32.37
CA LEU E 129 -33.53 -23.26 32.20
C LEU E 129 -34.50 -23.20 33.38
N PRO E 130 -35.79 -23.36 33.13
CA PRO E 130 -36.74 -23.48 34.22
C PRO E 130 -36.58 -24.81 34.92
N PRO E 131 -36.99 -24.93 36.18
CA PRO E 131 -36.61 -26.12 36.98
C PRO E 131 -37.20 -27.44 36.48
N LEU E 132 -38.46 -27.47 36.04
CA LEU E 132 -39.02 -28.73 35.62
C LEU E 132 -38.46 -29.17 34.27
N THR E 133 -38.25 -28.23 33.34
CA THR E 133 -37.60 -28.57 32.09
C THR E 133 -36.16 -29.00 32.33
N LYS E 134 -35.49 -28.37 33.30
CA LYS E 134 -34.15 -28.78 33.69
C LYS E 134 -34.13 -30.21 34.20
N ALA E 135 -35.09 -30.55 35.07
CA ALA E 135 -35.16 -31.89 35.62
C ALA E 135 -35.55 -32.92 34.56
N LEU E 136 -36.43 -32.56 33.61
CA LEU E 136 -36.79 -33.48 32.54
C LEU E 136 -35.61 -33.73 31.60
N PHE E 137 -34.84 -32.68 31.28
CA PHE E 137 -33.65 -32.85 30.47
C PHE E 137 -32.61 -33.70 31.18
N LYS E 138 -32.46 -33.49 32.49
CA LYS E 138 -31.55 -34.30 33.28
C LYS E 138 -31.97 -35.77 33.30
N TYR E 139 -33.27 -36.01 33.46
CA TYR E 139 -33.78 -37.38 33.48
C TYR E 139 -33.57 -38.08 32.15
N VAL E 140 -33.80 -37.38 31.04
CA VAL E 140 -33.57 -37.98 29.73
C VAL E 140 -32.09 -38.23 29.50
N ARG E 141 -31.23 -37.31 29.95
CA ARG E 141 -29.78 -37.49 29.80
C ARG E 141 -29.27 -38.69 30.60
N GLU E 142 -29.82 -38.93 31.79
CA GLU E 142 -29.46 -40.11 32.57
C GLU E 142 -30.37 -41.29 32.26
N GLY E 143 -30.86 -41.37 31.02
CA GLY E 143 -31.96 -42.21 30.59
C GLY E 143 -31.98 -43.64 31.08
N LYS E 144 -32.97 -43.93 31.90
CA LYS E 144 -33.10 -45.21 32.58
C LYS E 144 -34.14 -46.06 31.90
N TYR E 145 -33.98 -47.38 32.01
CA TYR E 145 -35.01 -48.29 31.54
C TYR E 145 -36.26 -48.14 32.40
N THR E 146 -37.41 -48.40 31.80
CA THR E 146 -38.66 -48.25 32.53
C THR E 146 -39.59 -49.40 32.20
N PHE E 147 -40.41 -49.76 33.18
CA PHE E 147 -41.41 -50.82 33.04
C PHE E 147 -42.80 -50.28 33.33
N CYS E 148 -43.02 -48.99 33.10
CA CYS E 148 -44.27 -48.33 33.43
C CYS E 148 -44.87 -47.69 32.20
N THR E 149 -46.05 -47.13 32.38
CA THR E 149 -46.68 -46.36 31.32
C THR E 149 -45.87 -45.09 31.06
N PRO E 150 -45.78 -44.62 29.80
CA PRO E 150 -46.39 -45.06 28.54
C PRO E 150 -45.77 -46.35 27.98
N GLY E 151 -46.48 -46.96 27.04
CA GLY E 151 -46.09 -48.27 26.53
C GLY E 151 -44.87 -48.26 25.64
N HIS E 152 -44.54 -47.14 25.02
CA HIS E 152 -43.36 -47.13 24.15
C HIS E 152 -42.07 -47.16 24.96
N MET E 153 -42.10 -46.63 26.20
CA MET E 153 -41.01 -46.75 27.18
C MET E 153 -39.70 -46.20 26.64
N GLY E 154 -39.69 -44.89 26.38
CA GLY E 154 -38.54 -44.28 25.79
C GLY E 154 -38.47 -44.43 24.29
N GLY E 155 -39.58 -44.79 23.65
CA GLY E 155 -39.62 -44.92 22.21
C GLY E 155 -39.01 -46.19 21.67
N THR E 156 -38.74 -47.18 22.52
CA THR E 156 -38.15 -48.44 22.07
C THR E 156 -39.17 -49.40 21.48
N ALA E 157 -40.47 -49.05 21.53
CA ALA E 157 -41.46 -49.77 20.75
C ALA E 157 -41.50 -49.31 19.31
N PHE E 158 -41.17 -48.05 19.04
CA PHE E 158 -41.09 -47.53 17.69
C PHE E 158 -39.82 -47.96 16.96
N GLN E 159 -38.85 -48.54 17.66
CA GLN E 159 -37.65 -49.02 17.01
C GLN E 159 -37.81 -50.44 16.48
N LYS E 160 -39.01 -51.03 16.59
CA LYS E 160 -39.23 -52.41 16.20
C LYS E 160 -40.42 -52.58 15.28
N SER E 161 -40.76 -51.56 14.49
CA SER E 161 -41.85 -51.64 13.53
C SER E 161 -41.55 -50.70 12.38
N PRO E 162 -41.93 -51.05 11.15
CA PRO E 162 -41.60 -50.18 10.01
C PRO E 162 -42.27 -48.82 10.06
N VAL E 163 -43.59 -48.78 10.22
CA VAL E 163 -44.27 -47.50 10.38
C VAL E 163 -43.88 -46.86 11.71
N GLY E 164 -43.64 -47.67 12.74
CA GLY E 164 -43.08 -47.14 13.97
C GLY E 164 -41.71 -46.55 13.78
N SER E 165 -40.88 -47.17 12.94
CA SER E 165 -39.56 -46.60 12.67
C SER E 165 -39.65 -45.33 11.86
N LEU E 166 -40.64 -45.22 10.97
CA LEU E 166 -40.85 -43.95 10.27
C LEU E 166 -41.24 -42.86 11.25
N PHE E 167 -42.13 -43.17 12.19
CA PHE E 167 -42.52 -42.20 13.22
C PHE E 167 -41.32 -41.80 14.08
N TYR E 168 -40.51 -42.78 14.48
CA TYR E 168 -39.33 -42.52 15.29
C TYR E 168 -38.28 -41.70 14.56
N ASP E 169 -38.03 -42.00 13.29
CA ASP E 169 -37.09 -41.22 12.49
C ASP E 169 -37.59 -39.82 12.21
N PHE E 170 -38.91 -39.62 12.14
CA PHE E 170 -39.43 -38.27 12.00
C PHE E 170 -39.22 -37.48 13.28
N PHE E 171 -39.76 -37.98 14.39
CA PHE E 171 -39.75 -37.17 15.61
C PHE E 171 -38.36 -37.09 16.25
N GLY E 172 -37.60 -38.18 16.22
CA GLY E 172 -36.30 -38.18 16.83
C GLY E 172 -36.35 -38.69 18.25
N PRO E 173 -35.22 -39.11 18.81
CA PRO E 173 -35.23 -39.89 20.04
C PRO E 173 -35.59 -39.10 21.29
N ASN E 174 -35.14 -37.85 21.36
CA ASN E 174 -35.28 -37.07 22.57
C ASN E 174 -36.72 -36.72 22.89
N THR E 175 -37.58 -36.59 21.89
CA THR E 175 -38.99 -36.36 22.15
C THR E 175 -39.76 -37.65 22.37
N MET E 176 -39.12 -38.81 22.20
CA MET E 176 -39.73 -40.06 22.63
C MET E 176 -39.36 -40.38 24.07
N LYS E 177 -38.10 -40.16 24.44
CA LYS E 177 -37.70 -40.35 25.84
C LYS E 177 -38.31 -39.33 26.77
N SER E 178 -38.71 -38.17 26.26
CA SER E 178 -39.28 -37.12 27.11
C SER E 178 -40.72 -37.39 27.50
N ASP E 179 -41.34 -38.43 26.95
CA ASP E 179 -42.72 -38.76 27.30
C ASP E 179 -42.69 -39.85 28.34
N ILE E 180 -42.95 -39.47 29.59
CA ILE E 180 -43.03 -40.39 30.71
C ILE E 180 -44.29 -40.07 31.51
N SER E 181 -44.48 -40.80 32.61
CA SER E 181 -45.68 -40.62 33.41
C SER E 181 -45.35 -40.33 34.87
N ILE E 182 -46.37 -40.32 35.72
CA ILE E 182 -46.21 -39.97 37.13
C ILE E 182 -45.49 -41.05 37.94
N SER E 183 -45.24 -42.22 37.34
CA SER E 183 -44.52 -43.27 38.03
C SER E 183 -43.07 -42.91 38.29
N VAL E 184 -42.49 -42.02 37.49
CA VAL E 184 -41.16 -41.50 37.74
C VAL E 184 -41.25 -40.51 38.90
N SER E 185 -40.86 -40.96 40.09
CA SER E 185 -41.15 -40.21 41.31
C SER E 185 -40.31 -38.95 41.45
N GLU E 186 -39.18 -38.85 40.76
CA GLU E 186 -38.30 -37.70 40.95
C GLU E 186 -38.78 -36.44 40.26
N LEU E 187 -39.74 -36.54 39.35
CA LEU E 187 -40.31 -35.36 38.71
C LEU E 187 -41.59 -34.88 39.37
N GLY E 188 -41.99 -35.50 40.47
CA GLY E 188 -43.24 -35.11 41.12
C GLY E 188 -44.45 -35.50 40.30
N SER E 189 -45.50 -34.71 40.43
CA SER E 189 -46.73 -34.96 39.69
C SER E 189 -47.47 -33.65 39.48
N LEU E 190 -48.01 -33.48 38.27
CA LEU E 190 -48.79 -32.28 37.96
C LEU E 190 -50.07 -32.24 38.79
N LEU E 191 -50.70 -33.38 38.99
CA LEU E 191 -52.00 -33.44 39.64
C LEU E 191 -51.94 -33.05 41.10
N ASP E 192 -50.90 -33.45 41.80
CA ASP E 192 -50.78 -33.19 43.23
C ASP E 192 -49.95 -31.94 43.54
N HIS E 193 -49.37 -31.31 42.52
CA HIS E 193 -48.55 -30.09 42.65
C HIS E 193 -47.39 -30.31 43.62
N SER E 194 -46.50 -31.22 43.25
CA SER E 194 -45.42 -31.64 44.13
C SER E 194 -44.08 -31.58 43.40
N GLY E 195 -43.03 -31.25 44.15
CA GLY E 195 -41.68 -31.29 43.66
C GLY E 195 -41.39 -30.31 42.55
N PRO E 196 -40.78 -30.82 41.46
CA PRO E 196 -40.47 -29.96 40.31
C PRO E 196 -41.70 -29.33 39.69
N HIS E 197 -42.85 -30.02 39.71
CA HIS E 197 -44.07 -29.38 39.25
C HIS E 197 -44.43 -28.18 40.10
N LYS E 198 -44.41 -28.33 41.44
CA LYS E 198 -44.79 -27.23 42.32
C LYS E 198 -43.85 -26.03 42.16
N GLU E 199 -42.56 -26.30 42.01
CA GLU E 199 -41.62 -25.23 41.67
C GLU E 199 -41.98 -24.59 40.33
N ALA E 200 -42.49 -25.39 39.38
CA ALA E 200 -42.89 -24.82 38.09
C ALA E 200 -44.11 -23.90 38.24
N GLU E 201 -45.15 -24.32 38.99
CA GLU E 201 -46.28 -23.39 39.11
C GLU E 201 -45.92 -22.15 39.92
N GLN E 202 -45.03 -22.26 40.91
CA GLN E 202 -44.58 -21.05 41.58
C GLN E 202 -43.79 -20.15 40.64
N TYR E 203 -42.99 -20.74 39.75
CA TYR E 203 -42.24 -19.97 38.75
C TYR E 203 -43.19 -19.24 37.79
N ILE E 204 -44.24 -19.94 37.34
CA ILE E 204 -45.27 -19.33 36.50
C ILE E 204 -45.97 -18.20 37.25
N ALA E 205 -46.21 -18.39 38.55
CA ALA E 205 -46.85 -17.34 39.35
C ALA E 205 -45.98 -16.10 39.46
N ARG E 206 -44.67 -16.25 39.61
CA ARG E 206 -43.84 -15.04 39.65
C ARG E 206 -43.97 -14.40 38.28
N VAL E 207 -43.67 -15.16 37.25
CA VAL E 207 -43.44 -14.52 35.95
C VAL E 207 -44.62 -13.65 35.54
N PHE E 208 -45.83 -14.19 35.63
CA PHE E 208 -47.04 -13.55 35.08
C PHE E 208 -47.75 -12.62 36.05
N ASN E 209 -47.15 -12.34 37.21
CA ASN E 209 -47.73 -11.48 38.24
C ASN E 209 -49.11 -11.97 38.66
N ALA E 210 -49.14 -13.18 39.21
CA ALA E 210 -50.36 -13.79 39.69
C ALA E 210 -50.09 -14.46 41.02
N ASP E 211 -51.14 -14.62 41.82
CA ASP E 211 -51.01 -15.25 43.12
C ASP E 211 -50.77 -16.75 42.98
N ARG E 212 -51.74 -17.46 42.42
CA ARG E 212 -51.63 -18.88 42.14
C ARG E 212 -51.82 -19.08 40.66
N SER E 213 -50.89 -19.79 40.02
CA SER E 213 -50.95 -20.04 38.59
C SER E 213 -51.00 -21.53 38.34
N TYR E 214 -51.86 -21.95 37.42
CA TYR E 214 -51.99 -23.35 37.07
C TYR E 214 -51.53 -23.56 35.63
N MET E 215 -51.25 -24.82 35.29
CA MET E 215 -50.72 -25.19 33.97
C MET E 215 -51.58 -26.30 33.40
N VAL E 216 -52.59 -25.93 32.64
CA VAL E 216 -53.54 -26.89 32.08
C VAL E 216 -52.90 -27.58 30.89
N THR E 217 -53.16 -28.89 30.74
CA THR E 217 -52.54 -29.68 29.69
C THR E 217 -53.52 -30.10 28.60
N ASN E 218 -54.78 -29.68 28.66
CA ASN E 218 -55.70 -29.88 27.56
C ASN E 218 -55.90 -28.62 26.74
N GLY E 219 -55.87 -27.46 27.37
CA GLY E 219 -56.05 -26.20 26.68
C GLY E 219 -57.00 -25.29 27.42
N THR E 220 -57.08 -24.06 26.94
CA THR E 220 -57.96 -23.09 27.58
C THR E 220 -59.43 -23.41 27.35
N SER E 221 -59.73 -24.26 26.36
CA SER E 221 -61.06 -24.83 26.26
C SER E 221 -61.42 -25.64 27.49
N THR E 222 -60.42 -26.19 28.19
CA THR E 222 -60.64 -26.87 29.46
C THR E 222 -60.43 -25.92 30.64
N ALA E 223 -59.56 -24.92 30.49
CA ALA E 223 -59.36 -23.95 31.56
C ALA E 223 -60.60 -23.12 31.83
N ASN E 224 -61.33 -22.74 30.77
CA ASN E 224 -62.61 -22.07 30.92
C ASN E 224 -63.59 -22.93 31.70
N LYS E 225 -63.59 -24.24 31.40
CA LYS E 225 -64.43 -25.19 32.10
C LYS E 225 -64.07 -25.26 33.57
N ILE E 226 -62.78 -25.27 33.88
CA ILE E 226 -62.32 -25.34 35.26
C ILE E 226 -62.77 -24.11 36.04
N VAL E 227 -62.57 -22.91 35.45
CA VAL E 227 -62.91 -21.67 36.13
C VAL E 227 -64.41 -21.55 36.31
N GLY E 228 -65.19 -21.83 35.26
CA GLY E 228 -66.62 -21.72 35.35
C GLY E 228 -67.31 -22.83 36.10
N MET E 229 -66.62 -23.95 36.35
CA MET E 229 -67.18 -24.95 37.25
C MET E 229 -66.78 -24.72 38.69
N TYR E 230 -65.68 -24.03 38.95
CA TYR E 230 -65.40 -23.65 40.33
C TYR E 230 -66.24 -22.46 40.76
N SER E 231 -66.14 -21.35 40.05
CA SER E 231 -66.73 -20.10 40.51
C SER E 231 -68.23 -20.02 40.32
N ALA E 232 -68.80 -20.86 39.46
CA ALA E 232 -70.24 -20.80 39.15
C ALA E 232 -70.87 -22.14 39.50
N PRO E 233 -71.38 -22.30 40.72
CA PRO E 233 -72.08 -23.54 41.06
C PRO E 233 -73.41 -23.63 40.32
N ALA E 234 -73.98 -24.83 40.33
CA ALA E 234 -75.24 -25.07 39.64
C ALA E 234 -76.38 -24.33 40.35
N GLY E 235 -77.31 -23.82 39.55
CA GLY E 235 -78.39 -23.00 40.06
C GLY E 235 -78.06 -21.53 40.18
N SER E 236 -76.80 -21.15 39.96
CA SER E 236 -76.40 -19.76 40.03
C SER E 236 -76.54 -19.13 38.64
N THR E 237 -75.94 -17.96 38.47
CA THR E 237 -76.13 -17.17 37.27
C THR E 237 -74.79 -16.55 36.86
N ILE E 238 -74.54 -16.47 35.55
CA ILE E 238 -73.28 -15.95 35.04
C ILE E 238 -73.55 -14.81 34.07
N LEU E 239 -72.54 -13.97 33.88
CA LEU E 239 -72.52 -12.91 32.88
C LEU E 239 -71.50 -13.30 31.82
N ILE E 240 -71.96 -13.99 30.79
CA ILE E 240 -71.07 -14.48 29.75
C ILE E 240 -71.16 -13.57 28.54
N ASP E 241 -69.99 -13.21 28.00
CA ASP E 241 -69.92 -12.47 26.75
C ASP E 241 -70.58 -13.26 25.63
N ARG E 242 -71.36 -12.57 24.80
CA ARG E 242 -71.86 -13.20 23.59
C ARG E 242 -70.72 -13.52 22.63
N ASN E 243 -69.71 -12.65 22.58
CA ASN E 243 -68.47 -12.96 21.88
C ASN E 243 -67.70 -13.97 22.72
N CYS E 244 -68.12 -15.23 22.66
CA CYS E 244 -67.53 -16.29 23.47
C CYS E 244 -66.93 -17.34 22.55
N HIS E 245 -66.39 -18.37 23.16
CA HIS E 245 -65.88 -19.53 22.43
C HIS E 245 -66.91 -20.64 22.50
N LYS E 246 -66.70 -21.68 21.68
CA LYS E 246 -67.52 -22.88 21.77
C LYS E 246 -67.38 -23.55 23.12
N SER E 247 -66.21 -23.40 23.74
CA SER E 247 -65.93 -24.03 25.03
C SER E 247 -66.81 -23.47 26.14
N LEU E 248 -67.10 -22.17 26.11
CA LEU E 248 -67.99 -21.61 27.13
C LEU E 248 -69.42 -22.10 26.95
N THR E 249 -69.88 -22.27 25.71
CA THR E 249 -71.18 -22.87 25.46
C THR E 249 -71.22 -24.30 25.97
N HIS E 250 -70.14 -25.06 25.74
CA HIS E 250 -70.04 -26.42 26.25
C HIS E 250 -70.05 -26.46 27.77
N LEU E 251 -69.37 -25.50 28.41
CA LEU E 251 -69.42 -25.36 29.86
C LEU E 251 -70.83 -25.10 30.36
N MET E 252 -71.55 -24.21 29.70
CA MET E 252 -72.92 -23.90 30.10
C MET E 252 -73.86 -25.07 29.88
N MET E 253 -73.57 -25.94 28.91
CA MET E 253 -74.37 -27.15 28.76
C MET E 253 -74.02 -28.22 29.77
N MET E 254 -72.78 -28.26 30.27
CA MET E 254 -72.49 -29.22 31.33
C MET E 254 -73.12 -28.79 32.66
N SER E 255 -73.01 -27.51 33.01
CA SER E 255 -73.40 -27.03 34.33
C SER E 255 -74.79 -26.41 34.30
N ASP E 256 -75.51 -26.56 35.42
CA ASP E 256 -76.86 -26.02 35.55
C ASP E 256 -76.79 -24.54 35.95
N VAL E 257 -76.46 -23.72 34.96
CA VAL E 257 -76.32 -22.29 35.16
C VAL E 257 -77.29 -21.55 34.25
N THR E 258 -77.39 -20.24 34.45
CA THR E 258 -78.31 -19.40 33.70
C THR E 258 -77.57 -18.16 33.20
N PRO E 259 -77.69 -17.79 31.93
CA PRO E 259 -76.97 -16.63 31.42
C PRO E 259 -77.74 -15.32 31.38
N ILE E 260 -77.00 -14.24 31.56
CA ILE E 260 -77.28 -12.98 30.89
C ILE E 260 -76.15 -12.74 29.91
N TYR E 261 -76.49 -12.56 28.64
CA TYR E 261 -75.51 -12.37 27.60
C TYR E 261 -75.20 -10.89 27.46
N PHE E 262 -73.92 -10.56 27.51
CA PHE E 262 -73.49 -9.22 27.12
C PHE E 262 -73.72 -9.02 25.62
N ARG E 263 -73.80 -7.76 25.22
CA ARG E 263 -74.14 -7.43 23.83
C ARG E 263 -73.03 -6.63 23.18
N PRO E 264 -72.07 -7.28 22.53
CA PRO E 264 -70.98 -6.56 21.88
C PRO E 264 -71.44 -5.84 20.62
N THR E 265 -70.65 -4.83 20.26
CA THR E 265 -70.88 -4.09 19.03
C THR E 265 -70.10 -4.73 17.88
N ARG E 266 -70.39 -4.28 16.66
CA ARG E 266 -69.71 -4.80 15.48
C ARG E 266 -69.85 -3.80 14.34
N ASN E 267 -68.93 -3.89 13.39
CA ASN E 267 -68.92 -3.04 12.21
C ASN E 267 -69.48 -3.81 11.03
N ALA E 268 -69.50 -3.17 9.86
CA ALA E 268 -69.97 -3.80 8.64
C ALA E 268 -69.03 -4.86 8.12
N TYR E 269 -67.75 -4.83 8.53
CA TYR E 269 -66.79 -5.83 8.09
C TYR E 269 -67.09 -7.20 8.67
N GLY E 270 -67.76 -7.26 9.82
CA GLY E 270 -67.97 -8.48 10.54
C GLY E 270 -67.01 -8.69 11.69
N ILE E 271 -66.17 -7.70 11.99
CA ILE E 271 -65.25 -7.79 13.11
C ILE E 271 -66.06 -7.66 14.40
N LEU E 272 -65.89 -8.61 15.31
CA LEU E 272 -66.58 -8.59 16.59
C LEU E 272 -65.92 -7.53 17.47
N GLY E 273 -66.62 -6.43 17.70
CA GLY E 273 -66.10 -5.38 18.55
C GLY E 273 -66.29 -5.72 20.02
N GLY E 274 -66.76 -4.76 20.79
CA GLY E 274 -66.87 -4.98 22.22
C GLY E 274 -68.14 -4.51 22.87
N ILE E 275 -68.30 -4.89 24.12
CA ILE E 275 -69.48 -4.52 24.90
C ILE E 275 -69.39 -3.04 25.25
N PRO E 276 -70.45 -2.26 25.10
CA PRO E 276 -70.41 -0.86 25.54
C PRO E 276 -70.26 -0.75 27.05
N GLN E 277 -69.89 0.45 27.49
CA GLN E 277 -69.69 0.72 28.90
C GLN E 277 -70.97 0.62 29.71
N SER E 278 -72.13 0.75 29.07
CA SER E 278 -73.40 0.75 29.79
C SER E 278 -73.74 -0.62 30.34
N GLU E 279 -73.24 -1.69 29.72
CA GLU E 279 -73.59 -3.05 30.11
C GLU E 279 -72.63 -3.65 31.11
N PHE E 280 -71.92 -2.83 31.88
CA PHE E 280 -71.14 -3.33 33.01
C PHE E 280 -71.53 -2.70 34.32
N GLN E 281 -72.53 -1.82 34.34
CA GLN E 281 -72.95 -1.14 35.55
C GLN E 281 -74.09 -1.92 36.20
N HIS E 282 -74.47 -1.48 37.39
CA HIS E 282 -75.44 -2.23 38.17
C HIS E 282 -76.85 -2.13 37.61
N ALA E 283 -77.18 -1.02 36.95
CA ALA E 283 -78.55 -0.80 36.50
C ALA E 283 -78.95 -1.77 35.39
N THR E 284 -78.12 -1.87 34.35
CA THR E 284 -78.44 -2.75 33.23
C THR E 284 -78.36 -4.21 33.63
N ILE E 285 -77.41 -4.57 34.50
CA ILE E 285 -77.30 -5.94 34.96
C ILE E 285 -78.51 -6.32 35.80
N ALA E 286 -78.94 -5.43 36.70
CA ALA E 286 -80.13 -5.70 37.49
C ALA E 286 -81.39 -5.80 36.62
N LYS E 287 -81.50 -4.94 35.61
CA LYS E 287 -82.62 -5.03 34.67
C LYS E 287 -82.65 -6.37 33.95
N ARG E 288 -81.51 -6.76 33.35
CA ARG E 288 -81.43 -8.02 32.62
C ARG E 288 -81.60 -9.22 33.54
N VAL E 289 -81.26 -9.10 34.82
CA VAL E 289 -81.64 -10.11 35.79
C VAL E 289 -83.15 -10.15 35.96
N LYS E 290 -83.78 -8.98 36.03
CA LYS E 290 -85.20 -8.90 36.31
C LYS E 290 -86.05 -9.52 35.20
N GLU E 291 -85.71 -9.27 33.93
CA GLU E 291 -86.45 -9.91 32.85
C GLU E 291 -85.82 -11.20 32.36
N THR E 292 -85.15 -11.95 33.23
CA THR E 292 -84.74 -13.31 32.90
C THR E 292 -85.37 -14.29 33.89
N PRO E 293 -86.09 -15.30 33.41
CA PRO E 293 -86.72 -16.24 34.34
C PRO E 293 -85.69 -17.08 35.09
N ASN E 294 -86.02 -17.39 36.35
CA ASN E 294 -85.21 -18.21 37.25
C ASN E 294 -83.80 -17.65 37.43
N ALA E 295 -83.66 -16.33 37.43
CA ALA E 295 -82.36 -15.69 37.48
C ALA E 295 -82.18 -14.91 38.77
N THR E 296 -81.01 -15.01 39.35
CA THR E 296 -80.62 -14.27 40.54
C THR E 296 -79.44 -13.36 40.20
N TRP E 297 -78.86 -12.76 41.22
CA TRP E 297 -77.69 -11.91 41.00
C TRP E 297 -76.51 -12.76 40.52
N PRO E 298 -75.83 -12.34 39.46
CA PRO E 298 -74.73 -13.15 38.91
C PRO E 298 -73.57 -13.28 39.89
N VAL E 299 -73.02 -14.49 39.97
CA VAL E 299 -71.90 -14.77 40.85
C VAL E 299 -70.60 -14.94 40.10
N HIS E 300 -70.61 -14.78 38.78
CA HIS E 300 -69.40 -14.92 37.98
C HIS E 300 -69.62 -14.20 36.65
N ALA E 301 -68.51 -13.71 36.08
CA ALA E 301 -68.57 -13.04 34.79
C ALA E 301 -67.41 -13.50 33.93
N VAL E 302 -67.68 -13.76 32.65
CA VAL E 302 -66.69 -14.24 31.70
C VAL E 302 -66.64 -13.25 30.54
N ILE E 303 -65.45 -12.72 30.25
CA ILE E 303 -65.26 -11.67 29.25
C ILE E 303 -64.10 -12.09 28.35
N THR E 304 -64.30 -12.03 27.04
CA THR E 304 -63.25 -12.39 26.08
C THR E 304 -62.35 -11.18 25.87
N ASN E 305 -61.20 -11.17 26.54
CA ASN E 305 -60.26 -10.06 26.52
C ASN E 305 -58.88 -10.55 26.07
N SER E 306 -58.51 -10.31 24.83
CA SER E 306 -59.22 -9.45 23.90
C SER E 306 -60.22 -10.24 23.08
N THR E 307 -60.77 -9.60 22.05
CA THR E 307 -61.63 -10.30 21.11
C THR E 307 -60.76 -11.12 20.17
N TYR E 308 -61.40 -11.76 19.19
CA TYR E 308 -60.66 -12.52 18.19
C TYR E 308 -59.77 -11.62 17.34
N ASP E 309 -60.20 -10.38 17.10
CA ASP E 309 -59.45 -9.44 16.28
C ASP E 309 -58.59 -8.50 17.11
N GLY E 310 -58.30 -8.86 18.36
CA GLY E 310 -57.34 -8.12 19.14
C GLY E 310 -57.78 -6.74 19.58
N LEU E 311 -58.92 -6.65 20.25
CA LEU E 311 -59.41 -5.40 20.82
C LEU E 311 -59.44 -5.56 22.33
N LEU E 312 -58.44 -5.02 22.99
CA LEU E 312 -58.34 -5.06 24.44
C LEU E 312 -59.38 -4.13 25.06
N TYR E 313 -59.68 -4.37 26.33
CA TYR E 313 -60.64 -3.55 27.05
C TYR E 313 -59.91 -2.68 28.05
N ASN E 314 -60.61 -1.66 28.53
CA ASN E 314 -60.13 -0.92 29.69
C ASN E 314 -60.55 -1.72 30.91
N THR E 315 -59.72 -2.68 31.27
CA THR E 315 -60.04 -3.64 32.32
C THR E 315 -60.07 -3.04 33.71
N ASP E 316 -59.45 -1.86 33.93
CA ASP E 316 -59.56 -1.21 35.22
C ASP E 316 -60.98 -0.73 35.47
N PHE E 317 -61.63 -0.20 34.44
CA PHE E 317 -63.05 0.12 34.48
C PHE E 317 -63.86 -1.12 34.85
N ILE E 318 -63.53 -2.26 34.24
CA ILE E 318 -64.29 -3.48 34.46
C ILE E 318 -64.12 -3.97 35.89
N LYS E 319 -62.88 -4.03 36.36
CA LYS E 319 -62.61 -4.49 37.71
C LYS E 319 -63.06 -3.50 38.78
N LYS E 320 -63.31 -2.25 38.42
CA LYS E 320 -63.88 -1.33 39.40
C LYS E 320 -65.40 -1.36 39.45
N THR E 321 -66.06 -1.45 38.29
CA THR E 321 -67.50 -1.21 38.25
C THR E 321 -68.34 -2.47 38.10
N LEU E 322 -67.81 -3.56 37.57
CA LEU E 322 -68.57 -4.79 37.46
C LEU E 322 -68.72 -5.38 38.86
N ASP E 323 -69.93 -5.36 39.39
CA ASP E 323 -70.18 -5.70 40.79
C ASP E 323 -70.48 -7.18 40.99
N VAL E 324 -69.60 -8.05 40.49
CA VAL E 324 -69.70 -9.48 40.73
C VAL E 324 -68.49 -9.92 41.52
N LYS E 325 -68.61 -11.08 42.15
CA LYS E 325 -67.58 -11.56 43.07
C LYS E 325 -66.44 -12.28 42.38
N SER E 326 -66.53 -12.51 41.07
CA SER E 326 -65.45 -13.14 40.33
C SER E 326 -65.57 -12.76 38.87
N ILE E 327 -64.53 -12.13 38.32
CA ILE E 327 -64.50 -11.73 36.93
C ILE E 327 -63.45 -12.57 36.22
N HIS E 328 -63.87 -13.29 35.18
CA HIS E 328 -62.98 -14.12 34.38
C HIS E 328 -62.73 -13.47 33.04
N PHE E 329 -61.45 -13.40 32.67
CA PHE E 329 -61.04 -12.87 31.37
C PHE E 329 -60.53 -14.04 30.54
N ASP E 330 -61.24 -14.36 29.46
CA ASP E 330 -60.83 -15.46 28.57
C ASP E 330 -59.76 -14.92 27.63
N SER E 331 -58.57 -14.76 28.17
CA SER E 331 -57.47 -14.13 27.43
C SER E 331 -56.70 -15.17 26.61
N ALA E 332 -57.45 -15.89 25.77
CA ALA E 332 -56.82 -16.88 24.92
C ALA E 332 -55.92 -16.25 23.87
N TRP E 333 -56.26 -15.07 23.35
CA TRP E 333 -55.49 -14.43 22.30
C TRP E 333 -54.50 -13.41 22.82
N VAL E 334 -54.50 -13.10 24.11
CA VAL E 334 -53.52 -12.16 24.65
C VAL E 334 -52.83 -12.83 25.85
N PRO E 335 -51.84 -13.70 25.63
CA PRO E 335 -51.12 -14.28 26.77
C PRO E 335 -49.82 -13.54 27.12
N TYR E 336 -49.39 -12.65 26.23
CA TYR E 336 -48.09 -11.99 26.33
C TYR E 336 -48.14 -10.67 27.09
N THR E 337 -49.14 -10.48 27.94
CA THR E 337 -49.49 -9.16 28.42
C THR E 337 -48.43 -8.52 29.32
N ASN E 338 -47.85 -9.27 30.25
CA ASN E 338 -46.98 -8.74 31.28
C ASN E 338 -45.65 -8.24 30.70
N PHE E 339 -45.31 -8.66 29.49
CA PHE E 339 -43.93 -8.56 28.99
C PHE E 339 -43.67 -7.32 28.15
N SER E 340 -44.61 -6.38 28.11
CA SER E 340 -44.34 -5.07 27.55
C SER E 340 -45.28 -4.11 28.26
N PRO E 341 -44.78 -2.97 28.74
CA PRO E 341 -45.64 -2.00 29.41
C PRO E 341 -46.63 -1.28 28.50
N ILE E 342 -46.65 -1.63 27.21
CA ILE E 342 -47.71 -1.17 26.32
C ILE E 342 -49.06 -1.64 26.81
N TYR E 343 -49.14 -2.88 27.29
CA TYR E 343 -50.38 -3.50 27.71
C TYR E 343 -50.72 -3.27 29.18
N GLU E 344 -50.20 -2.22 29.79
CA GLU E 344 -50.55 -1.91 31.17
C GLU E 344 -52.01 -1.49 31.25
N GLY E 345 -52.72 -2.01 32.24
CA GLY E 345 -54.14 -1.73 32.35
C GLY E 345 -54.97 -2.39 31.30
N LYS E 346 -54.54 -3.56 30.79
CA LYS E 346 -55.22 -4.23 29.70
C LYS E 346 -55.25 -5.75 29.86
N CYS E 347 -55.28 -6.25 31.10
CA CYS E 347 -55.52 -7.66 31.35
C CYS E 347 -56.08 -7.81 32.75
N GLY E 348 -56.46 -9.04 33.08
CA GLY E 348 -56.90 -9.33 34.43
C GLY E 348 -55.81 -9.15 35.46
N MET E 349 -54.57 -9.48 35.10
CA MET E 349 -53.44 -9.36 36.03
C MET E 349 -52.84 -7.97 36.03
N SER E 350 -53.34 -7.05 35.21
CA SER E 350 -52.88 -5.67 35.28
C SER E 350 -53.35 -5.03 36.58
N GLY E 351 -52.48 -4.21 37.16
CA GLY E 351 -52.78 -3.60 38.43
C GLY E 351 -52.63 -4.57 39.58
N GLY E 352 -53.02 -4.10 40.75
CA GLY E 352 -52.86 -4.87 41.97
C GLY E 352 -54.04 -5.79 42.24
N ARG E 353 -54.00 -6.40 43.42
CA ARG E 353 -55.07 -7.28 43.88
C ARG E 353 -56.31 -6.45 44.16
N VAL E 354 -57.35 -6.64 43.36
CA VAL E 354 -58.58 -5.88 43.54
C VAL E 354 -59.31 -6.40 44.77
N GLU E 355 -60.00 -5.49 45.48
CA GLU E 355 -60.66 -5.85 46.73
C GLU E 355 -62.03 -6.44 46.45
N GLY E 356 -62.36 -7.52 47.15
CA GLY E 356 -63.70 -8.06 47.18
C GLY E 356 -64.06 -9.00 46.05
N LYS E 357 -63.16 -9.24 45.10
CA LYS E 357 -63.46 -10.17 44.02
C LYS E 357 -62.17 -10.79 43.53
N VAL E 358 -62.29 -11.96 42.90
CA VAL E 358 -61.16 -12.72 42.41
C VAL E 358 -61.16 -12.60 40.89
N ILE E 359 -60.01 -12.21 40.33
CA ILE E 359 -59.88 -12.04 38.89
C ILE E 359 -59.19 -13.27 38.33
N TYR E 360 -59.87 -13.94 37.40
CA TYR E 360 -59.29 -15.07 36.69
C TYR E 360 -58.80 -14.62 35.32
N GLU E 361 -57.72 -15.24 34.87
CA GLU E 361 -57.27 -15.06 33.50
C GLU E 361 -56.70 -16.37 33.01
N THR E 362 -57.07 -16.77 31.79
CA THR E 362 -56.84 -18.11 31.28
C THR E 362 -56.11 -18.06 29.94
N GLN E 363 -54.96 -17.39 29.95
CA GLN E 363 -54.05 -17.29 28.81
C GLN E 363 -53.83 -18.61 28.10
N SER E 364 -54.14 -18.64 26.81
CA SER E 364 -53.82 -19.78 25.97
C SER E 364 -52.38 -19.63 25.50
N THR E 365 -51.46 -20.29 26.19
CA THR E 365 -50.04 -20.10 25.99
C THR E 365 -49.58 -20.54 24.61
N HIS E 366 -50.21 -21.56 24.03
CA HIS E 366 -49.76 -22.05 22.74
C HIS E 366 -50.10 -21.13 21.59
N1 LLP E 367 -61.21 -19.87 23.85
C2 LLP E 367 -61.06 -18.80 23.06
C2' LLP E 367 -61.83 -17.48 23.36
C3 LLP E 367 -60.19 -18.87 21.95
O3 LLP E 367 -60.04 -17.74 21.13
C4 LLP E 367 -59.50 -20.01 21.66
C4' LLP E 367 -58.51 -20.07 20.39
C5 LLP E 367 -59.64 -21.10 22.46
C6 LLP E 367 -60.51 -21.06 23.56
C5' LLP E 367 -58.83 -22.38 22.09
OP4 LLP E 367 -58.85 -23.32 23.13
P LLP E 367 -57.70 -24.35 23.13
OP1 LLP E 367 -57.62 -25.01 21.76
OP2 LLP E 367 -57.97 -25.36 24.17
OP3 LLP E 367 -56.42 -23.66 23.42
N LLP E 367 -51.06 -20.24 21.81
CA LLP E 367 -51.60 -19.40 20.72
CB LLP E 367 -52.88 -18.74 21.17
CG LLP E 367 -54.00 -19.77 21.22
CD LLP E 367 -54.88 -19.65 19.96
CE LLP E 367 -56.19 -20.44 20.16
NZ LLP E 367 -57.22 -19.57 20.77
C LLP E 367 -50.64 -18.38 20.25
O LLP E 367 -50.34 -18.34 19.08
N LEU E 368 -50.14 -17.53 21.15
CA LEU E 368 -49.30 -16.41 20.73
C LEU E 368 -47.88 -16.50 21.28
N LEU E 369 -47.69 -17.20 22.38
CA LEU E 369 -46.36 -17.47 22.89
C LEU E 369 -45.78 -18.67 22.16
N ALA E 370 -44.60 -19.12 22.59
CA ALA E 370 -43.94 -20.26 21.98
C ALA E 370 -44.13 -21.46 22.89
N ALA E 371 -45.20 -22.22 22.63
CA ALA E 371 -45.47 -23.42 23.39
C ALA E 371 -46.16 -24.44 22.50
N PHE E 372 -46.05 -25.71 22.89
CA PHE E 372 -46.75 -26.79 22.22
C PHE E 372 -48.26 -26.62 22.37
N SER E 373 -48.99 -27.21 21.44
CA SER E 373 -50.44 -27.08 21.46
C SER E 373 -51.03 -27.80 22.68
N GLN E 374 -52.31 -27.51 22.93
CA GLN E 374 -53.05 -27.96 24.11
C GLN E 374 -52.39 -27.50 25.41
N ALA E 375 -51.68 -26.37 25.38
CA ALA E 375 -51.09 -25.80 26.57
C ALA E 375 -51.87 -24.57 26.99
N SER E 376 -52.11 -24.44 28.27
CA SER E 376 -52.87 -23.32 28.78
C SER E 376 -52.49 -23.07 30.23
N MET E 377 -52.94 -21.94 30.75
CA MET E 377 -52.67 -21.54 32.11
C MET E 377 -53.94 -20.98 32.72
N ILE E 378 -54.01 -21.03 34.05
CA ILE E 378 -55.06 -20.35 34.80
C ILE E 378 -54.37 -19.51 35.85
N HIS E 379 -54.37 -18.20 35.66
CA HIS E 379 -53.84 -17.26 36.63
C HIS E 379 -54.99 -16.70 37.44
N VAL E 380 -54.86 -16.71 38.75
CA VAL E 380 -55.86 -16.13 39.62
C VAL E 380 -55.27 -14.90 40.28
N LYS E 381 -56.16 -14.05 40.80
CA LYS E 381 -55.75 -12.85 41.51
C LYS E 381 -56.77 -12.61 42.61
N GLY E 382 -56.44 -13.00 43.82
CA GLY E 382 -57.36 -12.91 44.94
C GLY E 382 -57.19 -14.12 45.84
N ASP E 383 -58.22 -14.38 46.62
CA ASP E 383 -58.23 -15.50 47.56
C ASP E 383 -59.29 -16.49 47.11
N VAL E 384 -58.87 -17.74 46.90
CA VAL E 384 -59.79 -18.80 46.53
C VAL E 384 -59.63 -19.94 47.52
N ASN E 385 -60.66 -20.76 47.61
CA ASN E 385 -60.59 -21.97 48.41
C ASN E 385 -59.62 -22.93 47.73
N GLU E 386 -58.46 -23.14 48.35
CA GLU E 386 -57.35 -23.82 47.70
C GLU E 386 -57.69 -25.27 47.36
N GLU E 387 -58.29 -26.00 48.30
CA GLU E 387 -58.62 -27.39 48.03
C GLU E 387 -59.79 -27.55 47.08
N THR E 388 -60.82 -26.72 47.21
CA THR E 388 -61.96 -26.80 46.29
C THR E 388 -61.54 -26.46 44.86
N PHE E 389 -60.76 -25.40 44.69
CA PHE E 389 -60.32 -25.03 43.35
C PHE E 389 -59.28 -25.99 42.79
N ASN E 390 -58.41 -26.55 43.65
CA ASN E 390 -57.51 -27.60 43.21
C ASN E 390 -58.27 -28.84 42.78
N GLU E 391 -59.34 -29.18 43.49
CA GLU E 391 -60.14 -30.33 43.10
C GLU E 391 -60.89 -30.08 41.80
N ALA E 392 -61.36 -28.84 41.59
CA ALA E 392 -61.99 -28.50 40.32
C ALA E 392 -60.98 -28.57 39.16
N TYR E 393 -59.74 -28.13 39.40
CA TYR E 393 -58.70 -28.27 38.38
C TYR E 393 -58.40 -29.73 38.10
N MET E 394 -58.29 -30.55 39.13
CA MET E 394 -58.07 -31.98 38.98
C MET E 394 -59.24 -32.66 38.27
N MET E 395 -60.44 -32.11 38.40
CA MET E 395 -61.64 -32.70 37.83
C MET E 395 -61.62 -32.75 36.32
N HIS E 396 -61.09 -31.71 35.66
CA HIS E 396 -61.15 -31.66 34.20
C HIS E 396 -59.88 -32.09 33.49
N THR E 397 -58.72 -31.98 34.14
CA THR E 397 -57.50 -32.40 33.49
C THR E 397 -57.36 -33.92 33.55
N THR E 398 -56.49 -34.45 32.70
CA THR E 398 -56.17 -35.86 32.72
C THR E 398 -55.32 -36.21 33.93
N THR E 399 -55.10 -37.50 34.13
CA THR E 399 -54.28 -37.97 35.23
C THR E 399 -52.83 -38.23 34.84
N SER E 400 -52.57 -38.59 33.59
CA SER E 400 -51.22 -38.83 33.08
C SER E 400 -51.00 -37.85 31.93
N PRO E 401 -50.46 -36.67 32.22
CA PRO E 401 -50.32 -35.65 31.18
C PRO E 401 -49.10 -35.88 30.31
N HIS E 402 -49.09 -35.19 29.16
CA HIS E 402 -47.95 -35.22 28.26
C HIS E 402 -46.91 -34.25 28.78
N TYR E 403 -45.79 -34.77 29.28
CA TYR E 403 -44.79 -33.91 29.90
C TYR E 403 -44.07 -33.03 28.89
N GLY E 404 -44.13 -33.35 27.60
CA GLY E 404 -43.64 -32.41 26.60
C GLY E 404 -44.45 -31.14 26.56
N ILE E 405 -45.77 -31.26 26.67
CA ILE E 405 -46.65 -30.10 26.71
C ILE E 405 -46.42 -29.28 27.98
N VAL E 406 -46.24 -29.96 29.12
CA VAL E 406 -45.99 -29.26 30.39
C VAL E 406 -44.65 -28.53 30.36
N ALA E 407 -43.60 -29.20 29.86
CA ALA E 407 -42.31 -28.57 29.73
C ALA E 407 -42.33 -27.40 28.76
N SER E 408 -43.08 -27.52 27.66
CA SER E 408 -43.23 -26.42 26.74
C SER E 408 -43.99 -25.26 27.36
N THR E 409 -45.01 -25.58 28.17
CA THR E 409 -45.80 -24.56 28.86
C THR E 409 -44.92 -23.74 29.80
N GLU E 410 -44.04 -24.41 30.54
CA GLU E 410 -43.15 -23.67 31.43
C GLU E 410 -42.03 -22.96 30.67
N THR E 411 -41.48 -23.59 29.64
CA THR E 411 -40.41 -22.99 28.86
C THR E 411 -40.90 -21.75 28.10
N ALA E 412 -42.19 -21.67 27.79
CA ALA E 412 -42.73 -20.47 27.18
C ALA E 412 -42.59 -19.26 28.10
N ALA E 413 -42.88 -19.43 29.39
CA ALA E 413 -42.66 -18.34 30.32
C ALA E 413 -41.17 -18.11 30.56
N ALA E 414 -40.38 -19.19 30.54
CA ALA E 414 -38.94 -19.05 30.72
C ALA E 414 -38.27 -18.30 29.57
N MET E 415 -38.89 -18.30 28.38
CA MET E 415 -38.39 -17.49 27.28
C MET E 415 -38.63 -16.01 27.48
N MET E 416 -39.37 -15.61 28.52
CA MET E 416 -39.75 -14.22 28.69
C MET E 416 -39.11 -13.54 29.89
N LYS E 417 -38.34 -14.27 30.70
CA LYS E 417 -37.59 -13.65 31.77
C LYS E 417 -36.28 -13.09 31.24
N GLY E 418 -35.85 -11.98 31.81
CA GLY E 418 -34.59 -11.37 31.46
C GLY E 418 -34.74 -10.30 30.40
N ASN E 419 -33.65 -10.07 29.67
CA ASN E 419 -33.65 -9.11 28.60
C ASN E 419 -34.06 -9.72 27.26
N ALA E 420 -33.87 -11.03 27.11
CA ALA E 420 -34.22 -11.69 25.85
C ALA E 420 -35.72 -11.69 25.62
N GLY E 421 -36.53 -11.92 26.66
CA GLY E 421 -37.97 -11.90 26.48
C GLY E 421 -38.52 -10.53 26.17
N LYS E 422 -37.99 -9.50 26.86
CA LYS E 422 -38.38 -8.13 26.55
C LYS E 422 -37.98 -7.77 25.13
N ARG E 423 -36.80 -8.21 24.70
CA ARG E 423 -36.37 -7.98 23.32
C ARG E 423 -37.27 -8.70 22.34
N LEU E 424 -37.71 -9.92 22.66
CA LEU E 424 -38.66 -10.64 21.80
C LEU E 424 -39.96 -9.88 21.63
N ILE E 425 -40.58 -9.48 22.76
CA ILE E 425 -41.88 -8.84 22.69
C ILE E 425 -41.79 -7.48 22.00
N ASN E 426 -40.77 -6.69 22.35
CA ASN E 426 -40.62 -5.38 21.71
C ASN E 426 -40.27 -5.51 20.24
N GLY E 427 -39.47 -6.51 19.86
CA GLY E 427 -39.18 -6.74 18.46
C GLY E 427 -40.41 -7.16 17.67
N SER E 428 -41.26 -8.01 18.26
CA SER E 428 -42.49 -8.43 17.59
C SER E 428 -43.44 -7.25 17.41
N ILE E 429 -43.60 -6.42 18.44
CA ILE E 429 -44.50 -5.28 18.32
C ILE E 429 -43.97 -4.26 17.33
N GLU E 430 -42.66 -3.98 17.36
CA GLU E 430 -42.07 -3.03 16.42
C GLU E 430 -42.14 -3.55 14.99
N ARG E 431 -41.91 -4.85 14.77
CA ARG E 431 -42.06 -5.44 13.46
C ARG E 431 -43.50 -5.36 12.96
N ALA E 432 -44.46 -5.58 13.85
CA ALA E 432 -45.87 -5.44 13.46
C ALA E 432 -46.19 -4.00 13.07
N ILE E 433 -45.69 -3.03 13.82
CA ILE E 433 -45.97 -1.63 13.53
C ILE E 433 -45.31 -1.22 12.22
N LYS E 434 -44.10 -1.70 11.95
CA LYS E 434 -43.43 -1.38 10.69
C LYS E 434 -44.12 -2.02 9.49
N PHE E 435 -44.63 -3.25 9.66
CA PHE E 435 -45.43 -3.86 8.61
C PHE E 435 -46.70 -3.06 8.35
N ARG E 436 -47.34 -2.56 9.42
CA ARG E 436 -48.55 -1.75 9.26
C ARG E 436 -48.24 -0.45 8.52
N LYS E 437 -47.11 0.17 8.85
CA LYS E 437 -46.75 1.41 8.17
C LYS E 437 -46.47 1.19 6.68
N GLU E 438 -45.75 0.11 6.30
CA GLU E 438 -45.69 -0.06 4.86
C GLU E 438 -46.95 -0.57 4.20
N ILE E 439 -47.84 -1.27 4.88
CA ILE E 439 -49.01 -1.67 4.11
C ILE E 439 -49.89 -0.46 3.83
N LYS E 440 -49.98 0.50 4.78
CA LYS E 440 -50.60 1.77 4.39
C LYS E 440 -49.75 2.57 3.40
N ARG E 441 -48.44 2.41 3.40
CA ARG E 441 -47.61 3.13 2.43
C ARG E 441 -47.78 2.57 1.03
N LEU E 442 -47.77 1.25 0.89
CA LEU E 442 -47.99 0.59 -0.40
C LEU E 442 -49.40 0.81 -0.91
N ARG E 443 -50.37 1.04 -0.01
CA ARG E 443 -51.70 1.42 -0.48
C ARG E 443 -51.66 2.74 -1.25
N THR E 444 -50.93 3.73 -0.73
CA THR E 444 -50.84 5.01 -1.42
C THR E 444 -49.75 5.03 -2.49
N GLU E 445 -48.94 3.98 -2.57
CA GLU E 445 -47.91 3.91 -3.61
C GLU E 445 -48.44 3.25 -4.87
N SER E 446 -49.34 2.28 -4.73
CA SER E 446 -49.77 1.48 -5.86
C SER E 446 -50.80 2.22 -6.70
N ASP E 447 -51.11 1.63 -7.85
CA ASP E 447 -52.13 2.14 -8.76
C ASP E 447 -53.44 1.38 -8.57
N GLY E 448 -54.55 2.08 -8.73
CA GLY E 448 -55.85 1.45 -8.58
C GLY E 448 -56.12 1.04 -7.15
N TRP E 449 -56.51 -0.22 -6.98
CA TRP E 449 -56.85 -0.76 -5.68
C TRP E 449 -55.63 -1.34 -4.99
N PHE E 450 -55.71 -1.43 -3.66
CA PHE E 450 -54.73 -2.17 -2.89
C PHE E 450 -55.36 -2.57 -1.56
N PHE E 451 -54.69 -3.48 -0.87
CA PHE E 451 -55.13 -3.93 0.44
C PHE E 451 -55.03 -2.80 1.45
N ASP E 452 -56.11 -2.58 2.19
CA ASP E 452 -56.15 -1.66 3.31
C ASP E 452 -55.95 -2.48 4.57
N VAL E 453 -55.55 -1.81 5.65
CA VAL E 453 -55.46 -2.45 6.96
C VAL E 453 -56.21 -1.63 7.98
N TRP E 454 -57.08 -2.32 8.73
CA TRP E 454 -58.08 -1.73 9.60
C TRP E 454 -57.38 -1.24 10.86
N GLN E 455 -56.91 0.00 10.80
CA GLN E 455 -56.08 0.59 11.85
C GLN E 455 -56.19 2.10 11.75
N PRO E 456 -55.83 2.84 12.80
CA PRO E 456 -55.93 4.30 12.74
C PRO E 456 -55.06 4.89 11.64
N ASP E 457 -55.55 6.02 11.10
CA ASP E 457 -54.91 6.65 9.95
C ASP E 457 -53.50 7.15 10.24
N HIS E 458 -53.23 7.57 11.48
CA HIS E 458 -51.90 7.98 11.89
C HIS E 458 -51.45 7.09 13.05
N ILE E 459 -50.57 6.15 12.75
CA ILE E 459 -49.89 5.36 13.76
C ILE E 459 -48.39 5.51 13.56
N ASP E 460 -47.71 5.94 14.60
CA ASP E 460 -46.26 6.00 14.57
C ASP E 460 -45.61 5.72 15.92
N THR E 461 -46.39 5.44 16.95
CA THR E 461 -45.89 5.17 18.29
C THR E 461 -46.23 3.74 18.69
N THR E 462 -45.43 3.19 19.61
CA THR E 462 -45.60 1.81 20.06
C THR E 462 -46.56 1.82 21.25
N GLU E 463 -47.85 1.86 20.94
CA GLU E 463 -48.89 1.80 21.95
C GLU E 463 -50.09 1.09 21.36
N CYS E 464 -50.95 0.60 22.25
CA CYS E 464 -52.25 0.11 21.83
C CYS E 464 -53.11 1.30 21.45
N TRP E 465 -53.38 1.46 20.17
CA TRP E 465 -54.02 2.67 19.69
C TRP E 465 -55.49 2.67 20.08
N PRO E 466 -55.95 3.65 20.86
CA PRO E 466 -57.32 3.62 21.38
C PRO E 466 -58.33 3.89 20.28
N LEU E 467 -59.47 3.23 20.39
CA LEU E 467 -60.55 3.42 19.44
C LEU E 467 -61.35 4.64 19.87
N ARG E 468 -61.20 5.74 19.14
CA ARG E 468 -61.80 7.01 19.52
C ARG E 468 -63.13 7.20 18.80
N SER E 469 -64.08 7.80 19.50
CA SER E 469 -65.39 8.08 18.90
C SER E 469 -65.32 9.16 17.85
N ASP E 470 -64.25 9.95 17.82
CA ASP E 470 -64.10 11.05 16.88
C ASP E 470 -63.42 10.61 15.58
N SER E 471 -63.23 9.31 15.40
CA SER E 471 -62.64 8.78 14.18
C SER E 471 -63.51 7.66 13.65
N THR E 472 -63.32 7.32 12.37
CA THR E 472 -64.21 6.37 11.71
C THR E 472 -63.46 5.21 11.06
N TRP E 473 -62.20 4.97 11.43
CA TRP E 473 -61.48 3.85 10.85
C TRP E 473 -62.00 2.52 11.35
N HIS E 474 -62.49 2.48 12.59
CA HIS E 474 -62.96 1.22 13.16
C HIS E 474 -64.34 0.83 12.66
N GLY E 475 -65.29 1.76 12.66
CA GLY E 475 -66.62 1.49 12.17
C GLY E 475 -67.66 1.26 13.24
N PHE E 476 -67.26 1.07 14.49
CA PHE E 476 -68.22 0.91 15.58
C PHE E 476 -68.81 2.27 15.89
N LYS E 477 -70.10 2.45 15.62
CA LYS E 477 -70.74 3.74 15.79
C LYS E 477 -71.04 4.00 17.27
N ASN E 478 -70.88 5.27 17.66
CA ASN E 478 -71.15 5.77 19.02
C ASN E 478 -70.36 4.98 20.07
N ILE E 479 -69.11 4.68 19.73
CA ILE E 479 -68.25 3.90 20.61
C ILE E 479 -67.79 4.77 21.78
N ASP E 480 -67.53 4.12 22.91
CA ASP E 480 -67.11 4.83 24.11
C ASP E 480 -65.61 5.03 24.11
N ASN E 481 -65.17 6.19 24.58
CA ASN E 481 -63.76 6.56 24.54
C ASN E 481 -62.99 5.90 25.67
N GLU E 482 -61.80 5.40 25.33
CA GLU E 482 -60.97 4.56 26.21
C GLU E 482 -61.76 3.39 26.77
N HIS E 483 -62.22 2.54 25.86
CA HIS E 483 -62.76 1.24 26.21
C HIS E 483 -62.10 0.21 25.32
N MET E 484 -61.61 0.63 24.16
CA MET E 484 -60.99 -0.26 23.20
C MET E 484 -59.59 0.20 22.85
N TYR E 485 -58.71 -0.77 22.65
CA TYR E 485 -57.31 -0.57 22.37
C TYR E 485 -56.89 -1.62 21.36
N LEU E 486 -56.44 -1.17 20.18
CA LEU E 486 -56.05 -2.10 19.13
C LEU E 486 -54.73 -2.76 19.48
N ASP E 487 -54.69 -4.08 19.37
CA ASP E 487 -53.43 -4.79 19.54
C ASP E 487 -52.63 -4.70 18.25
N PRO E 488 -51.42 -4.13 18.27
CA PRO E 488 -50.68 -3.94 17.02
C PRO E 488 -50.26 -5.21 16.30
N ILE E 489 -50.16 -6.34 17.00
CA ILE E 489 -49.61 -7.53 16.36
C ILE E 489 -50.66 -8.42 15.72
N LYS E 490 -51.95 -8.11 15.89
CA LYS E 490 -53.01 -8.84 15.19
C LYS E 490 -53.47 -7.99 14.01
N VAL E 491 -52.70 -8.05 12.93
CA VAL E 491 -52.93 -7.21 11.78
C VAL E 491 -54.10 -7.77 10.98
N THR E 492 -55.12 -6.95 10.77
CA THR E 492 -56.30 -7.31 10.02
C THR E 492 -56.26 -6.56 8.70
N LEU E 493 -55.83 -7.25 7.64
CA LEU E 493 -55.88 -6.64 6.32
C LEU E 493 -57.32 -6.52 5.85
N LEU E 494 -57.53 -5.65 4.86
CA LEU E 494 -58.82 -5.47 4.26
C LEU E 494 -58.67 -5.56 2.76
N THR E 495 -59.73 -5.98 2.11
CA THR E 495 -59.80 -6.10 0.67
C THR E 495 -60.82 -5.12 0.12
N PRO E 496 -60.73 -4.74 -1.15
CA PRO E 496 -61.73 -3.85 -1.74
C PRO E 496 -63.13 -4.47 -1.74
N GLY E 497 -64.12 -3.61 -1.67
CA GLY E 497 -65.51 -4.04 -1.66
C GLY E 497 -66.36 -3.25 -0.70
N MET E 498 -65.73 -2.65 0.31
CA MET E 498 -66.42 -1.89 1.34
C MET E 498 -66.04 -0.42 1.22
N GLU E 499 -67.03 0.45 1.35
CA GLU E 499 -66.75 1.87 1.51
C GLU E 499 -66.50 2.18 2.99
N LYS E 500 -66.09 3.41 3.26
CA LYS E 500 -65.74 3.79 4.62
C LYS E 500 -66.95 3.97 5.51
N ASP E 501 -68.09 4.38 4.95
CA ASP E 501 -69.29 4.60 5.75
C ASP E 501 -70.04 3.31 6.05
N GLY E 502 -69.66 2.19 5.43
CA GLY E 502 -70.28 0.90 5.67
C GLY E 502 -70.97 0.30 4.47
N THR E 503 -71.33 1.10 3.48
CA THR E 503 -71.98 0.56 2.30
C THR E 503 -70.97 -0.18 1.43
N MET E 504 -71.48 -0.99 0.51
CA MET E 504 -70.63 -1.79 -0.35
C MET E 504 -70.26 -1.03 -1.61
N SER E 505 -69.05 -1.28 -2.09
CA SER E 505 -68.59 -0.73 -3.35
C SER E 505 -69.07 -1.61 -4.51
N ASP E 506 -68.59 -1.32 -5.71
CA ASP E 506 -68.90 -2.15 -6.88
C ASP E 506 -67.78 -3.12 -7.20
N PHE E 507 -66.54 -2.66 -7.21
CA PHE E 507 -65.38 -3.52 -7.45
C PHE E 507 -64.88 -4.05 -6.12
N GLY E 508 -64.73 -5.37 -6.04
CA GLY E 508 -64.32 -5.96 -4.78
C GLY E 508 -63.79 -7.37 -4.96
N ILE E 509 -62.98 -7.79 -3.99
CA ILE E 509 -62.47 -9.16 -3.91
C ILE E 509 -62.79 -9.65 -2.51
N PRO E 510 -63.65 -10.66 -2.35
CA PRO E 510 -63.82 -11.26 -1.03
C PRO E 510 -62.56 -12.01 -0.61
N ALA E 511 -62.32 -12.02 0.70
CA ALA E 511 -61.04 -12.45 1.26
C ALA E 511 -60.78 -13.94 1.11
N SER E 512 -61.78 -14.73 0.72
CA SER E 512 -61.56 -16.16 0.50
C SER E 512 -60.60 -16.40 -0.66
N ILE E 513 -60.71 -15.64 -1.74
CA ILE E 513 -59.79 -15.78 -2.87
C ILE E 513 -58.36 -15.42 -2.46
N VAL E 514 -58.20 -14.32 -1.72
CA VAL E 514 -56.87 -13.94 -1.27
C VAL E 514 -56.27 -14.99 -0.34
N ALA E 515 -57.08 -15.53 0.58
CA ALA E 515 -56.58 -16.56 1.48
C ALA E 515 -56.21 -17.83 0.74
N LYS E 516 -57.02 -18.21 -0.25
CA LYS E 516 -56.70 -19.40 -1.04
C LYS E 516 -55.45 -19.19 -1.88
N TYR E 517 -55.25 -17.97 -2.40
CA TYR E 517 -54.04 -17.71 -3.17
C TYR E 517 -52.82 -17.77 -2.27
N LEU E 518 -52.91 -17.19 -1.06
CA LEU E 518 -51.79 -17.23 -0.13
C LEU E 518 -51.49 -18.67 0.29
N ASP E 519 -52.52 -19.48 0.50
CA ASP E 519 -52.32 -20.90 0.78
C ASP E 519 -51.68 -21.62 -0.39
N GLU E 520 -52.00 -21.21 -1.62
CA GLU E 520 -51.34 -21.80 -2.78
C GLU E 520 -49.85 -21.46 -2.79
N HIS E 521 -49.50 -20.24 -2.44
CA HIS E 521 -48.10 -19.83 -2.42
C HIS E 521 -47.41 -20.08 -1.09
N GLY E 522 -48.00 -20.89 -0.23
CA GLY E 522 -47.27 -21.40 0.91
C GLY E 522 -47.19 -20.47 2.11
N ILE E 523 -48.18 -19.64 2.31
CA ILE E 523 -48.34 -18.87 3.55
C ILE E 523 -49.78 -18.99 4.02
N VAL E 524 -49.96 -19.15 5.32
CA VAL E 524 -51.27 -19.52 5.87
C VAL E 524 -51.86 -18.34 6.63
N VAL E 525 -53.11 -18.02 6.33
CA VAL E 525 -53.86 -16.99 7.04
C VAL E 525 -54.60 -17.66 8.19
N GLU E 526 -54.73 -16.95 9.31
CA GLU E 526 -55.38 -17.48 10.50
C GLU E 526 -56.84 -17.82 10.23
N LYS E 527 -57.69 -16.82 10.00
CA LYS E 527 -59.07 -17.03 9.55
C LYS E 527 -59.56 -15.75 8.89
N THR E 528 -60.42 -15.90 7.89
CA THR E 528 -60.91 -14.79 7.09
C THR E 528 -62.42 -14.66 7.23
N GLY E 529 -62.90 -13.43 7.15
CA GLY E 529 -64.31 -13.17 7.03
C GLY E 529 -64.69 -12.90 5.58
N PRO E 530 -65.64 -12.01 5.37
CA PRO E 530 -66.02 -11.67 4.00
C PRO E 530 -64.96 -10.86 3.27
N TYR E 531 -64.40 -9.83 3.94
CA TYR E 531 -63.44 -8.94 3.30
C TYR E 531 -62.29 -8.59 4.23
N ASN E 532 -61.94 -9.48 5.16
CA ASN E 532 -60.81 -9.21 6.03
C ASN E 532 -59.97 -10.47 6.20
N LEU E 533 -58.67 -10.26 6.40
CA LEU E 533 -57.76 -11.32 6.79
C LEU E 533 -57.31 -11.08 8.22
N LEU E 534 -56.44 -11.95 8.72
CA LEU E 534 -55.88 -11.78 10.04
C LEU E 534 -54.51 -12.43 10.06
N PHE E 535 -53.50 -11.73 10.60
CA PHE E 535 -52.16 -12.30 10.64
C PHE E 535 -51.62 -12.11 12.04
N LEU E 536 -51.33 -13.21 12.70
CA LEU E 536 -50.77 -13.20 14.05
C LEU E 536 -49.29 -12.89 13.94
N PHE E 537 -48.88 -11.69 14.34
CA PHE E 537 -47.46 -11.33 14.39
C PHE E 537 -46.93 -11.66 15.77
N SER E 538 -46.80 -12.95 16.04
CA SER E 538 -46.34 -13.41 17.35
C SER E 538 -44.82 -13.25 17.42
N ILE E 539 -44.22 -13.84 18.46
CA ILE E 539 -42.77 -13.76 18.62
C ILE E 539 -42.02 -14.57 17.58
N GLY E 540 -42.70 -15.49 16.87
CA GLY E 540 -42.03 -16.25 15.84
C GLY E 540 -41.80 -15.50 14.55
N ILE E 541 -42.55 -14.42 14.31
CA ILE E 541 -42.48 -13.74 13.02
C ILE E 541 -41.23 -12.90 12.96
N ASP E 542 -40.39 -13.15 11.96
CA ASP E 542 -39.27 -12.29 11.61
C ASP E 542 -39.54 -11.63 10.27
N LYS E 543 -38.58 -10.81 9.80
CA LYS E 543 -38.82 -10.04 8.60
C LYS E 543 -38.82 -10.89 7.33
N THR E 544 -38.28 -12.11 7.38
CA THR E 544 -38.39 -13.01 6.24
C THR E 544 -39.85 -13.34 5.93
N LYS E 545 -40.58 -13.77 6.95
CA LYS E 545 -41.99 -14.11 6.77
C LYS E 545 -42.82 -12.88 6.43
N ALA E 546 -42.53 -11.74 7.07
CA ALA E 546 -43.28 -10.52 6.78
C ALA E 546 -43.09 -10.07 5.35
N LEU E 547 -41.86 -10.10 4.85
CA LEU E 547 -41.60 -9.72 3.47
C LEU E 547 -42.19 -10.71 2.48
N SER E 548 -42.15 -12.01 2.80
CA SER E 548 -42.78 -12.99 1.93
C SER E 548 -44.29 -12.79 1.86
N LEU E 549 -44.91 -12.44 2.98
CA LEU E 549 -46.34 -12.15 2.97
C LEU E 549 -46.67 -10.92 2.15
N LEU E 550 -45.89 -9.84 2.34
CA LEU E 550 -46.16 -8.62 1.61
C LEU E 550 -46.01 -8.83 0.11
N ARG E 551 -45.08 -9.73 -0.20
CA ARG E 551 -44.71 -10.08 -1.60
C ARG E 551 -45.50 -11.26 -2.17
N ALA E 552 -46.39 -11.88 -1.41
CA ALA E 552 -47.49 -12.71 -1.89
C ALA E 552 -48.72 -11.84 -2.15
N LEU E 553 -48.93 -10.82 -1.31
CA LEU E 553 -49.98 -9.84 -1.56
C LEU E 553 -49.75 -9.09 -2.88
N THR E 554 -48.50 -8.65 -3.11
CA THR E 554 -48.19 -7.92 -4.34
C THR E 554 -48.31 -8.80 -5.59
N ASP E 555 -47.85 -10.05 -5.51
CA ASP E 555 -47.98 -10.95 -6.65
C ASP E 555 -49.44 -11.28 -6.92
N PHE E 556 -50.27 -11.35 -5.88
CA PHE E 556 -51.70 -11.47 -6.10
C PHE E 556 -52.26 -10.26 -6.83
N LYS E 557 -51.80 -9.06 -6.44
CA LYS E 557 -52.26 -7.86 -7.12
C LYS E 557 -51.89 -7.87 -8.60
N ARG E 558 -50.65 -8.28 -8.89
CA ARG E 558 -50.20 -8.33 -10.27
C ARG E 558 -50.95 -9.40 -11.07
N ALA E 559 -51.20 -10.56 -10.46
CA ALA E 559 -51.92 -11.62 -11.14
C ALA E 559 -53.40 -11.31 -11.30
N PHE E 560 -53.97 -10.47 -10.43
CA PHE E 560 -55.36 -10.08 -10.57
C PHE E 560 -55.55 -8.97 -11.58
N ASP E 561 -54.62 -8.02 -11.65
CA ASP E 561 -54.66 -7.02 -12.71
C ASP E 561 -54.40 -7.63 -14.07
N LEU E 562 -53.49 -8.59 -14.16
CA LEU E 562 -53.27 -9.31 -15.41
C LEU E 562 -54.42 -10.26 -15.72
N ASN E 563 -55.22 -10.62 -14.71
CA ASN E 563 -56.40 -11.47 -14.84
C ASN E 563 -56.03 -12.84 -15.40
N LEU E 564 -55.22 -13.56 -14.64
CA LEU E 564 -54.86 -14.91 -14.99
C LEU E 564 -56.04 -15.86 -14.75
N ARG E 565 -56.01 -16.99 -15.42
CA ARG E 565 -57.08 -17.97 -15.27
C ARG E 565 -56.98 -18.68 -13.93
N VAL E 566 -58.11 -19.26 -13.51
CA VAL E 566 -58.17 -19.99 -12.25
C VAL E 566 -57.29 -21.24 -12.32
N LYS E 567 -57.21 -21.87 -13.49
CA LYS E 567 -56.42 -23.10 -13.64
C LYS E 567 -54.94 -22.85 -13.38
N ASN E 568 -54.39 -21.77 -13.91
CA ASN E 568 -52.96 -21.50 -13.71
C ASN E 568 -52.66 -20.96 -12.32
N MET E 569 -53.51 -20.07 -11.80
CA MET E 569 -53.14 -19.38 -10.57
C MET E 569 -53.57 -20.16 -9.33
N LEU E 570 -54.73 -20.80 -9.37
CA LEU E 570 -55.26 -21.54 -8.22
C LEU E 570 -55.53 -22.98 -8.64
N PRO E 571 -54.49 -23.81 -8.78
CA PRO E 571 -54.73 -25.22 -9.08
C PRO E 571 -55.40 -25.98 -7.95
N SER E 572 -55.17 -25.61 -6.69
CA SER E 572 -55.84 -26.25 -5.58
C SER E 572 -57.33 -25.99 -5.56
N LEU E 573 -57.75 -24.81 -6.02
CA LEU E 573 -59.16 -24.54 -6.22
C LEU E 573 -59.67 -25.06 -7.56
N TYR E 574 -58.79 -25.18 -8.54
CA TYR E 574 -59.13 -25.79 -9.81
C TYR E 574 -59.51 -27.26 -9.63
N ARG E 575 -58.81 -27.97 -8.77
CA ARG E 575 -59.06 -29.39 -8.53
C ARG E 575 -60.35 -29.65 -7.75
N GLU E 576 -60.99 -28.60 -7.22
CA GLU E 576 -62.27 -28.79 -6.55
C GLU E 576 -63.34 -29.27 -7.52
N ASP E 577 -63.42 -28.64 -8.69
CA ASP E 577 -64.27 -29.11 -9.78
C ASP E 577 -63.70 -28.58 -11.08
N PRO E 578 -62.85 -29.35 -11.75
CA PRO E 578 -62.20 -28.86 -12.99
C PRO E 578 -63.16 -28.52 -14.11
N GLU E 579 -64.36 -29.11 -14.13
CA GLU E 579 -65.33 -28.80 -15.16
C GLU E 579 -65.86 -27.38 -15.03
N PHE E 580 -65.97 -26.87 -13.80
CA PHE E 580 -66.55 -25.55 -13.57
C PHE E 580 -65.52 -24.44 -13.74
N TYR E 581 -64.31 -24.61 -13.21
CA TYR E 581 -63.27 -23.60 -13.25
C TYR E 581 -62.36 -23.73 -14.46
N GLU E 582 -62.85 -24.31 -15.56
CA GLU E 582 -62.00 -24.56 -16.71
C GLU E 582 -61.70 -23.27 -17.48
N ASN E 583 -62.74 -22.52 -17.83
CA ASN E 583 -62.62 -21.33 -18.66
C ASN E 583 -63.08 -20.08 -17.92
N MET E 584 -62.69 -19.95 -16.66
CA MET E 584 -63.07 -18.82 -15.84
C MET E 584 -61.84 -18.02 -15.44
N ARG E 585 -61.90 -16.71 -15.60
CA ARG E 585 -60.84 -15.82 -15.16
C ARG E 585 -61.06 -15.43 -13.71
N ILE E 586 -60.00 -14.94 -13.07
CA ILE E 586 -60.10 -14.60 -11.66
C ILE E 586 -60.93 -13.33 -11.43
N GLN E 587 -60.88 -12.37 -12.36
CA GLN E 587 -61.71 -11.18 -12.21
C GLN E 587 -63.19 -11.51 -12.30
N GLU E 588 -63.57 -12.43 -13.20
CA GLU E 588 -64.95 -12.85 -13.30
C GLU E 588 -65.40 -13.57 -12.03
N LEU E 589 -64.55 -14.42 -11.47
CA LEU E 589 -64.90 -15.14 -10.24
C LEU E 589 -65.06 -14.19 -9.06
N ALA E 590 -64.12 -13.26 -8.90
CA ALA E 590 -64.20 -12.29 -7.82
C ALA E 590 -65.41 -11.38 -7.98
N GLN E 591 -65.69 -10.94 -9.22
CA GLN E 591 -66.86 -10.11 -9.48
C GLN E 591 -68.14 -10.88 -9.20
N ASN E 592 -68.18 -12.18 -9.54
CA ASN E 592 -69.38 -12.96 -9.33
C ASN E 592 -69.65 -13.18 -7.84
N ILE E 593 -68.64 -13.52 -7.05
CA ILE E 593 -68.88 -13.70 -5.63
C ILE E 593 -69.19 -12.37 -4.95
N HIS E 594 -68.55 -11.28 -5.40
CA HIS E 594 -68.88 -9.96 -4.87
C HIS E 594 -70.30 -9.56 -5.22
N LYS E 595 -70.77 -9.87 -6.42
CA LYS E 595 -72.16 -9.57 -6.77
C LYS E 595 -73.14 -10.44 -6.02
N LEU E 596 -72.76 -11.69 -5.71
CA LEU E 596 -73.60 -12.52 -4.86
C LEU E 596 -73.70 -11.95 -3.45
N ILE E 597 -72.61 -11.36 -2.95
CA ILE E 597 -72.68 -10.71 -1.65
C ILE E 597 -73.51 -9.42 -1.72
N VAL E 598 -73.33 -8.61 -2.75
CA VAL E 598 -74.04 -7.34 -2.89
C VAL E 598 -75.53 -7.51 -3.10
N HIS E 599 -75.95 -8.37 -4.04
CA HIS E 599 -77.36 -8.51 -4.36
C HIS E 599 -78.15 -9.11 -3.21
N HIS E 600 -77.53 -10.02 -2.47
CA HIS E 600 -78.16 -10.60 -1.28
C HIS E 600 -77.98 -9.75 -0.05
N ASN E 601 -77.18 -8.68 -0.13
CA ASN E 601 -76.97 -7.69 0.94
C ASN E 601 -76.45 -8.36 2.21
N LEU E 602 -75.25 -8.92 2.09
CA LEU E 602 -74.66 -9.67 3.21
C LEU E 602 -74.38 -8.82 4.45
N PRO E 603 -73.68 -7.67 4.38
CA PRO E 603 -73.31 -7.00 5.64
C PRO E 603 -74.48 -6.43 6.42
N ASP E 604 -75.53 -5.94 5.73
CA ASP E 604 -76.68 -5.43 6.46
C ASP E 604 -77.41 -6.54 7.20
N LEU E 605 -77.57 -7.70 6.55
CA LEU E 605 -78.16 -8.84 7.23
C LEU E 605 -77.29 -9.35 8.37
N MET E 606 -75.97 -9.39 8.16
CA MET E 606 -75.04 -9.84 9.21
C MET E 606 -75.03 -8.88 10.39
N TYR E 607 -75.29 -7.60 10.15
CA TYR E 607 -75.42 -6.65 11.24
C TYR E 607 -76.74 -6.82 11.98
N ARG E 608 -77.85 -6.75 11.25
CA ARG E 608 -79.18 -6.78 11.87
C ARG E 608 -79.51 -8.13 12.48
N ALA E 609 -78.82 -9.21 12.10
CA ALA E 609 -79.04 -10.49 12.75
C ALA E 609 -78.40 -10.56 14.13
N PHE E 610 -77.25 -9.90 14.32
CA PHE E 610 -76.58 -9.91 15.60
C PHE E 610 -76.96 -8.75 16.50
N GLU E 611 -77.72 -7.79 16.00
CA GLU E 611 -78.26 -6.75 16.89
C GLU E 611 -79.55 -7.18 17.58
N VAL E 612 -80.06 -8.37 17.29
CA VAL E 612 -81.25 -8.89 17.94
C VAL E 612 -80.92 -10.23 18.58
N LEU E 613 -81.24 -10.34 19.87
CA LEU E 613 -80.97 -11.52 20.66
C LEU E 613 -82.13 -12.51 20.58
N PRO E 614 -81.86 -13.79 20.30
CA PRO E 614 -82.93 -14.79 20.31
C PRO E 614 -83.50 -14.99 21.70
N THR E 615 -84.78 -15.37 21.74
CA THR E 615 -85.51 -15.50 23.00
C THR E 615 -85.08 -16.77 23.72
N MET E 616 -84.62 -16.60 24.97
CA MET E 616 -84.21 -17.73 25.80
C MET E 616 -85.44 -18.40 26.40
N VAL E 617 -85.84 -19.54 25.82
CA VAL E 617 -86.92 -20.31 26.41
C VAL E 617 -86.43 -21.06 27.64
N MET E 618 -85.29 -21.74 27.52
CA MET E 618 -84.73 -22.51 28.62
C MET E 618 -83.22 -22.40 28.60
N THR E 619 -82.62 -22.70 29.75
CA THR E 619 -81.18 -22.65 29.88
C THR E 619 -80.53 -23.73 29.00
N PRO E 620 -79.31 -23.48 28.50
CA PRO E 620 -78.63 -24.48 27.67
C PRO E 620 -78.37 -25.80 28.36
N TYR E 621 -78.27 -25.81 29.69
CA TYR E 621 -78.20 -27.08 30.42
C TYR E 621 -79.46 -27.91 30.21
N ALA E 622 -80.62 -27.25 30.27
CA ALA E 622 -81.87 -27.96 30.01
C ALA E 622 -81.99 -28.38 28.55
N ALA E 623 -81.44 -27.58 27.64
CA ALA E 623 -81.41 -27.97 26.23
C ALA E 623 -80.56 -29.22 26.02
N PHE E 624 -79.40 -29.30 26.67
CA PHE E 624 -78.59 -30.50 26.59
C PHE E 624 -79.27 -31.68 27.25
N GLN E 625 -80.01 -31.45 28.35
CA GLN E 625 -80.74 -32.52 29.00
C GLN E 625 -81.83 -33.09 28.09
N LYS E 626 -82.57 -32.20 27.41
CA LYS E 626 -83.58 -32.67 26.47
C LYS E 626 -82.96 -33.28 25.23
N GLU E 627 -81.74 -32.88 24.88
CA GLU E 627 -81.06 -33.47 23.73
C GLU E 627 -80.59 -34.89 24.03
N LEU E 628 -80.13 -35.13 25.25
CA LEU E 628 -79.68 -36.46 25.64
C LEU E 628 -80.82 -37.47 25.69
N HIS E 629 -82.04 -37.04 25.98
CA HIS E 629 -83.18 -37.93 26.08
C HIS E 629 -83.81 -38.24 24.73
N GLY E 630 -83.17 -37.85 23.64
CA GLY E 630 -83.69 -38.16 22.33
C GLY E 630 -84.91 -37.37 21.91
N MET E 631 -85.09 -36.18 22.49
CA MET E 631 -86.24 -35.33 22.18
C MET E 631 -85.94 -34.34 21.07
N THR E 632 -85.04 -34.69 20.15
CA THR E 632 -84.61 -33.79 19.09
C THR E 632 -85.05 -34.31 17.74
N GLU E 633 -85.58 -33.41 16.92
CA GLU E 633 -85.94 -33.71 15.54
C GLU E 633 -85.24 -32.73 14.61
N GLU E 634 -85.02 -33.15 13.39
CA GLU E 634 -84.31 -32.35 12.40
C GLU E 634 -85.33 -31.75 11.45
N VAL E 635 -85.82 -30.55 11.78
CA VAL E 635 -86.73 -29.82 10.91
C VAL E 635 -85.86 -29.07 9.91
N TYR E 636 -86.43 -28.70 8.76
CA TYR E 636 -85.66 -27.95 7.80
C TYR E 636 -85.46 -26.52 8.28
N LEU E 637 -84.60 -25.79 7.56
CA LEU E 637 -84.14 -24.48 8.03
C LEU E 637 -85.27 -23.45 8.03
N ASP E 638 -86.13 -23.47 7.02
CA ASP E 638 -87.15 -22.45 6.87
C ASP E 638 -88.23 -22.50 7.94
N GLU E 639 -88.51 -23.66 8.50
CA GLU E 639 -89.60 -23.84 9.45
C GLU E 639 -89.07 -23.91 10.88
N MET E 640 -88.05 -23.13 11.18
CA MET E 640 -87.39 -23.18 12.48
C MET E 640 -87.86 -22.10 13.45
N VAL E 641 -88.68 -21.15 13.00
CA VAL E 641 -89.19 -20.13 13.90
C VAL E 641 -90.21 -20.75 14.85
N GLY E 642 -90.18 -20.30 16.10
CA GLY E 642 -91.03 -20.88 17.12
C GLY E 642 -90.56 -22.20 17.67
N ARG E 643 -89.37 -22.67 17.27
CA ARG E 643 -88.82 -23.94 17.72
C ARG E 643 -87.59 -23.69 18.57
N ILE E 644 -87.44 -24.51 19.60
CA ILE E 644 -86.33 -24.39 20.54
C ILE E 644 -85.14 -25.14 19.97
N ASN E 645 -84.01 -24.45 19.84
CA ASN E 645 -82.82 -25.05 19.25
C ASN E 645 -82.09 -25.91 20.25
N ALA E 646 -81.61 -27.07 19.79
CA ALA E 646 -80.91 -28.01 20.65
C ALA E 646 -79.40 -27.94 20.50
N ASN E 647 -78.89 -27.70 19.29
CA ASN E 647 -77.47 -27.56 19.05
C ASN E 647 -77.15 -26.14 18.63
N MET E 648 -75.96 -25.70 19.00
CA MET E 648 -75.52 -24.34 18.70
C MET E 648 -75.36 -24.14 17.20
N ILE E 649 -75.77 -22.98 16.71
CA ILE E 649 -75.57 -22.60 15.31
C ILE E 649 -74.44 -21.59 15.27
N LEU E 650 -73.35 -21.96 14.60
CA LEU E 650 -72.14 -21.15 14.54
C LEU E 650 -71.81 -20.88 13.07
N PRO E 651 -72.29 -19.77 12.50
CA PRO E 651 -72.04 -19.52 11.08
C PRO E 651 -70.73 -18.81 10.81
N TYR E 652 -70.06 -19.24 9.74
CA TYR E 652 -68.89 -18.55 9.21
C TYR E 652 -69.29 -17.93 7.87
N PRO E 653 -69.33 -16.59 7.72
CA PRO E 653 -69.03 -15.48 8.63
C PRO E 653 -70.04 -15.34 9.77
N PRO E 654 -69.64 -14.73 10.90
CA PRO E 654 -68.29 -14.24 11.20
C PRO E 654 -67.43 -15.18 12.04
N GLY E 655 -68.04 -16.02 12.87
CA GLY E 655 -67.29 -16.86 13.77
C GLY E 655 -67.64 -16.69 15.23
N VAL E 656 -68.86 -16.22 15.49
CA VAL E 656 -69.33 -15.99 16.85
C VAL E 656 -70.68 -16.71 16.99
N PRO E 657 -70.97 -17.34 18.15
CA PRO E 657 -72.24 -18.05 18.31
C PRO E 657 -73.47 -17.18 18.13
N LEU E 658 -74.27 -17.53 17.13
CA LEU E 658 -75.46 -16.75 16.76
C LEU E 658 -76.69 -17.23 17.52
N VAL E 659 -77.05 -18.50 17.38
CA VAL E 659 -78.13 -19.11 18.14
C VAL E 659 -77.52 -20.08 19.15
N MET E 660 -77.85 -19.89 20.42
CA MET E 660 -77.37 -20.75 21.47
C MET E 660 -78.29 -21.96 21.60
N PRO E 661 -77.80 -23.05 22.20
CA PRO E 661 -78.71 -24.18 22.52
C PRO E 661 -79.73 -23.77 23.57
N GLY E 662 -81.01 -23.95 23.23
CA GLY E 662 -82.09 -23.61 24.13
C GLY E 662 -82.76 -22.28 23.86
N GLU E 663 -82.49 -21.63 22.75
CA GLU E 663 -83.08 -20.34 22.42
C GLU E 663 -83.95 -20.45 21.18
N MET E 664 -85.01 -19.63 21.16
CA MET E 664 -86.01 -19.66 20.10
C MET E 664 -85.85 -18.45 19.20
N ILE E 665 -85.98 -18.67 17.89
CA ILE E 665 -86.06 -17.57 16.94
C ILE E 665 -87.52 -17.16 16.81
N THR E 666 -87.84 -15.97 17.31
CA THR E 666 -89.20 -15.47 17.28
C THR E 666 -89.38 -14.56 16.06
N GLU E 667 -90.56 -13.95 15.95
CA GLU E 667 -90.81 -13.01 14.86
C GLU E 667 -90.00 -11.73 15.02
N GLU E 668 -89.62 -11.37 16.25
CA GLU E 668 -88.74 -10.24 16.46
C GLU E 668 -87.31 -10.52 16.00
N SER E 669 -86.94 -11.78 15.83
CA SER E 669 -85.60 -12.16 15.42
C SER E 669 -85.60 -12.86 14.06
N ARG E 670 -86.58 -12.51 13.21
CA ARG E 670 -86.60 -13.03 11.84
C ARG E 670 -85.34 -12.72 11.00
N PRO E 671 -84.68 -11.55 11.11
CA PRO E 671 -83.42 -11.37 10.35
C PRO E 671 -82.33 -12.40 10.65
N VAL E 672 -82.36 -13.07 11.81
CA VAL E 672 -81.48 -14.22 12.03
C VAL E 672 -81.78 -15.31 11.00
N LEU E 673 -83.05 -15.66 10.84
CA LEU E 673 -83.43 -16.66 9.86
C LEU E 673 -83.15 -16.20 8.44
N GLU E 674 -83.36 -14.92 8.15
CA GLU E 674 -83.03 -14.38 6.83
C GLU E 674 -81.54 -14.47 6.55
N PHE E 675 -80.70 -14.17 7.55
CA PHE E 675 -79.25 -14.27 7.37
C PHE E 675 -78.82 -15.71 7.14
N LEU E 676 -79.40 -16.66 7.90
CA LEU E 676 -79.05 -18.07 7.72
C LEU E 676 -79.47 -18.57 6.35
N GLN E 677 -80.69 -18.23 5.92
CA GLN E 677 -81.16 -18.64 4.60
C GLN E 677 -80.35 -18.00 3.49
N MET E 678 -79.97 -16.73 3.66
CA MET E 678 -79.12 -16.05 2.68
C MET E 678 -77.76 -16.70 2.57
N LEU E 679 -77.16 -17.06 3.70
CA LEU E 679 -75.86 -17.72 3.69
C LEU E 679 -75.94 -19.08 3.01
N CYS E 680 -77.00 -19.84 3.28
CA CYS E 680 -77.19 -21.12 2.60
C CYS E 680 -77.44 -20.92 1.11
N GLU E 681 -78.14 -19.85 0.73
CA GLU E 681 -78.41 -19.59 -0.68
C GLU E 681 -77.17 -19.19 -1.44
N ILE E 682 -76.29 -18.38 -0.83
CA ILE E 682 -75.09 -17.95 -1.54
C ILE E 682 -74.00 -19.00 -1.52
N GLY E 683 -74.01 -19.91 -0.55
CA GLY E 683 -72.96 -20.91 -0.51
C GLY E 683 -73.13 -22.06 -1.47
N ALA E 684 -74.29 -22.17 -2.12
CA ALA E 684 -74.59 -23.28 -3.01
C ALA E 684 -74.47 -22.90 -4.49
N HIS E 685 -73.55 -22.00 -4.82
CA HIS E 685 -73.34 -21.62 -6.21
C HIS E 685 -71.94 -21.95 -6.70
N TYR E 686 -70.90 -21.57 -5.97
CA TYR E 686 -69.54 -21.70 -6.45
C TYR E 686 -68.77 -22.71 -5.61
N PRO E 687 -68.22 -23.76 -6.22
CA PRO E 687 -67.53 -24.80 -5.45
C PRO E 687 -66.22 -24.29 -4.87
N GLY E 688 -65.84 -24.89 -3.75
CA GLY E 688 -64.69 -24.47 -2.99
C GLY E 688 -64.95 -23.35 -2.02
N PHE E 689 -66.09 -22.68 -2.13
CA PHE E 689 -66.47 -21.62 -1.22
C PHE E 689 -67.72 -22.06 -0.45
N GLU E 690 -67.71 -23.30 0.01
CA GLU E 690 -68.89 -23.95 0.56
C GLU E 690 -69.29 -23.31 1.89
N THR E 691 -70.55 -23.51 2.26
CA THR E 691 -71.11 -22.91 3.46
C THR E 691 -70.51 -23.58 4.69
N ASP E 692 -70.03 -22.77 5.63
CA ASP E 692 -69.42 -23.26 6.86
C ASP E 692 -70.30 -22.79 8.02
N ILE E 693 -71.29 -23.60 8.37
CA ILE E 693 -72.15 -23.35 9.52
C ILE E 693 -72.04 -24.56 10.43
N HIS E 694 -71.59 -24.34 11.66
CA HIS E 694 -71.51 -25.42 12.64
C HIS E 694 -72.85 -25.51 13.36
N GLY E 695 -73.59 -26.58 13.09
CA GLY E 695 -74.91 -26.75 13.66
C GLY E 695 -75.94 -27.10 12.61
N ALA E 696 -75.82 -26.49 11.44
CA ALA E 696 -76.71 -26.78 10.32
C ALA E 696 -76.08 -27.87 9.47
N TYR E 697 -76.88 -28.89 9.16
CA TYR E 697 -76.41 -30.09 8.48
C TYR E 697 -76.89 -30.10 7.04
N ARG E 698 -75.96 -30.29 6.12
CA ARG E 698 -76.27 -30.23 4.70
C ARG E 698 -77.01 -31.48 4.26
N GLN E 699 -78.08 -31.31 3.49
CA GLN E 699 -78.80 -32.41 2.89
C GLN E 699 -78.44 -32.51 1.40
N ALA E 700 -78.96 -33.54 0.75
CA ALA E 700 -78.63 -33.77 -0.65
C ALA E 700 -79.35 -32.80 -1.58
N ASP E 701 -80.58 -32.39 -1.24
CA ASP E 701 -81.35 -31.51 -2.11
C ASP E 701 -80.84 -30.08 -2.09
N GLY E 702 -80.11 -29.67 -1.06
CA GLY E 702 -79.59 -28.33 -0.96
C GLY E 702 -80.21 -27.47 0.11
N ARG E 703 -81.08 -28.01 0.96
CA ARG E 703 -81.69 -27.27 2.05
C ARG E 703 -81.22 -27.87 3.37
N TYR E 704 -80.77 -27.02 4.29
CA TYR E 704 -80.09 -27.45 5.50
C TYR E 704 -81.11 -27.74 6.61
N THR E 705 -80.66 -28.51 7.59
CA THR E 705 -81.48 -28.90 8.73
C THR E 705 -80.79 -28.52 10.03
N VAL E 706 -81.60 -28.18 11.03
CA VAL E 706 -81.11 -27.82 12.37
C VAL E 706 -81.86 -28.66 13.39
N LYS E 707 -81.12 -29.26 14.31
CA LYS E 707 -81.71 -30.10 15.35
C LYS E 707 -82.45 -29.21 16.35
N VAL E 708 -83.79 -29.29 16.34
CA VAL E 708 -84.61 -28.57 17.28
C VAL E 708 -85.27 -29.57 18.22
N LEU E 709 -85.90 -29.04 19.28
CA LEU E 709 -86.55 -29.89 20.27
C LEU E 709 -87.97 -30.23 19.85
N LYS E 710 -88.43 -31.41 20.28
CA LYS E 710 -89.79 -31.85 20.00
C LYS E 710 -90.79 -31.05 20.83
N GLU E 711 -92.03 -31.08 20.38
CA GLU E 711 -93.10 -30.33 21.04
C GLU E 711 -93.94 -31.25 21.91
N MET F 1 -9.04 -46.95 33.65
CA MET F 1 -10.18 -47.67 33.11
C MET F 1 -10.68 -47.06 31.82
N ASN F 2 -10.04 -47.40 30.71
CA ASN F 2 -10.55 -47.02 29.40
C ASN F 2 -10.34 -48.12 28.37
N VAL F 3 -10.10 -49.34 28.85
CA VAL F 3 -9.81 -50.45 27.91
C VAL F 3 -11.00 -51.39 27.94
N ILE F 4 -11.70 -51.58 26.82
CA ILE F 4 -12.94 -52.39 26.76
C ILE F 4 -12.73 -53.42 25.68
N ALA F 5 -12.78 -54.70 26.00
CA ALA F 5 -12.28 -55.70 25.06
C ALA F 5 -13.43 -56.41 24.37
N ILE F 6 -13.40 -56.43 23.04
CA ILE F 6 -14.49 -57.05 22.26
C ILE F 6 -13.95 -58.40 21.82
N LEU F 7 -14.76 -59.46 21.94
CA LEU F 7 -14.34 -60.79 21.43
C LEU F 7 -14.52 -60.86 19.91
N ASN F 8 -14.21 -62.02 19.32
CA ASN F 8 -13.98 -62.19 17.85
C ASN F 8 -15.08 -61.91 16.85
N HIS F 9 -14.67 -61.90 15.57
CA HIS F 9 -15.60 -61.62 14.46
C HIS F 9 -16.31 -62.91 14.07
N MET F 10 -17.62 -62.97 14.33
CA MET F 10 -18.40 -64.19 14.04
C MET F 10 -18.35 -64.46 12.56
N GLY F 11 -18.57 -63.45 11.73
CA GLY F 11 -18.63 -63.66 10.27
C GLY F 11 -19.90 -63.09 9.66
N VAL F 12 -21.04 -63.20 10.33
CA VAL F 12 -22.24 -62.64 9.74
C VAL F 12 -22.33 -61.16 10.08
N TYR F 13 -23.07 -60.43 9.24
CA TYR F 13 -23.06 -58.98 9.25
C TYR F 13 -23.90 -58.35 10.34
N PHE F 14 -25.05 -58.94 10.67
CA PHE F 14 -26.01 -58.28 11.56
C PHE F 14 -25.51 -58.19 12.98
N LYS F 15 -24.51 -58.99 13.35
CA LYS F 15 -23.86 -58.87 14.65
C LYS F 15 -22.41 -58.44 14.51
N GLU F 16 -22.05 -57.82 13.40
CA GLU F 16 -20.74 -57.21 13.24
C GLU F 16 -20.80 -55.72 12.98
N GLU F 17 -21.71 -55.27 12.11
CA GLU F 17 -21.87 -53.85 11.87
C GLU F 17 -22.36 -53.10 13.12
N PRO F 18 -23.31 -53.61 13.91
CA PRO F 18 -23.53 -52.98 15.23
C PRO F 18 -22.31 -53.01 16.12
N ILE F 19 -21.48 -54.04 16.04
CA ILE F 19 -20.25 -54.06 16.83
C ILE F 19 -19.27 -53.02 16.34
N ARG F 20 -19.17 -52.81 15.02
CA ARG F 20 -18.31 -51.74 14.51
C ARG F 20 -18.83 -50.35 14.86
N GLU F 21 -20.15 -50.17 14.83
CA GLU F 21 -20.73 -48.90 15.27
C GLU F 21 -20.48 -48.65 16.75
N LEU F 22 -20.58 -49.70 17.58
CA LEU F 22 -20.26 -49.56 18.99
C LEU F 22 -18.77 -49.29 19.22
N HIS F 23 -17.91 -49.88 18.39
CA HIS F 23 -16.48 -49.57 18.40
C HIS F 23 -16.27 -48.09 18.14
N ARG F 24 -16.89 -47.56 17.09
CA ARG F 24 -16.73 -46.15 16.75
C ARG F 24 -17.27 -45.24 17.84
N ALA F 25 -18.42 -45.58 18.40
CA ALA F 25 -19.00 -44.77 19.48
C ALA F 25 -18.15 -44.82 20.75
N LEU F 26 -17.58 -45.98 21.10
CA LEU F 26 -16.74 -46.06 22.28
C LEU F 26 -15.42 -45.33 22.10
N GLU F 27 -14.85 -45.36 20.89
CA GLU F 27 -13.67 -44.53 20.64
C GLU F 27 -14.03 -43.05 20.67
N ARG F 28 -15.25 -42.70 20.27
CA ARG F 28 -15.72 -41.33 20.44
C ARG F 28 -15.88 -40.97 21.91
N LEU F 29 -16.18 -41.94 22.76
CA LEU F 29 -16.29 -41.72 24.20
C LEU F 29 -14.98 -41.94 24.94
N ASN F 30 -13.85 -41.86 24.24
CA ASN F 30 -12.50 -41.92 24.82
C ASN F 30 -12.24 -43.25 25.54
N PHE F 31 -12.56 -44.34 24.87
CA PHE F 31 -12.23 -45.69 25.34
C PHE F 31 -11.29 -46.36 24.36
N GLN F 32 -10.15 -46.82 24.85
CA GLN F 32 -9.27 -47.67 24.07
C GLN F 32 -9.93 -49.03 23.88
N ILE F 33 -9.84 -49.56 22.67
CA ILE F 33 -10.49 -50.82 22.32
C ILE F 33 -9.42 -51.85 21.99
N VAL F 34 -9.48 -53.00 22.66
CA VAL F 34 -8.59 -54.10 22.37
C VAL F 34 -9.39 -55.24 21.76
N TYR F 35 -8.70 -56.07 21.00
CA TYR F 35 -9.33 -57.15 20.23
C TYR F 35 -8.65 -58.48 20.50
N PRO F 36 -8.96 -59.13 21.62
CA PRO F 36 -8.48 -60.50 21.83
C PRO F 36 -9.10 -61.45 20.82
N ASN F 37 -8.30 -62.41 20.35
CA ASN F 37 -8.74 -63.26 19.26
C ASN F 37 -9.74 -64.32 19.71
N ASP F 38 -9.53 -64.93 20.87
CA ASP F 38 -10.42 -65.97 21.34
C ASP F 38 -10.46 -65.96 22.87
N ARG F 39 -10.98 -67.03 23.45
CA ARG F 39 -11.26 -67.08 24.89
C ARG F 39 -9.99 -67.02 25.73
N ASP F 40 -9.02 -67.91 25.45
CA ASP F 40 -7.79 -67.93 26.23
C ASP F 40 -7.01 -66.64 26.08
N ASP F 41 -7.13 -66.00 24.92
CA ASP F 41 -6.58 -64.67 24.74
C ASP F 41 -7.18 -63.68 25.73
N LEU F 42 -8.50 -63.76 25.96
CA LEU F 42 -9.14 -62.89 26.93
C LEU F 42 -8.69 -63.20 28.36
N LEU F 43 -8.56 -64.49 28.71
CA LEU F 43 -8.08 -64.86 30.04
C LEU F 43 -6.68 -64.29 30.31
N LYS F 44 -5.76 -64.50 29.36
CA LYS F 44 -4.42 -63.95 29.52
C LYS F 44 -4.40 -62.43 29.52
N LEU F 45 -5.23 -61.80 28.69
CA LEU F 45 -5.31 -60.34 28.65
C LEU F 45 -5.79 -59.77 29.96
N ILE F 46 -6.74 -60.44 30.62
CA ILE F 46 -7.22 -59.94 31.90
C ILE F 46 -6.20 -60.17 33.01
N GLU F 47 -5.49 -61.31 33.01
CA GLU F 47 -4.54 -61.52 34.11
C GLU F 47 -3.30 -60.64 33.97
N ASN F 48 -2.87 -60.38 32.73
CA ASN F 48 -1.67 -59.59 32.55
C ASN F 48 -1.89 -58.10 32.72
N ASN F 49 -3.14 -57.65 32.78
CA ASN F 49 -3.45 -56.23 32.84
C ASN F 49 -4.39 -55.93 33.99
N ALA F 50 -4.58 -54.64 34.23
CA ALA F 50 -5.57 -54.19 35.20
C ALA F 50 -6.38 -53.00 34.72
N ARG F 51 -5.93 -52.30 33.67
CA ARG F 51 -6.66 -51.15 33.15
C ARG F 51 -7.90 -51.56 32.37
N LEU F 52 -8.09 -52.84 32.09
CA LEU F 52 -9.27 -53.29 31.36
C LEU F 52 -10.49 -53.14 32.25
N CYS F 53 -11.54 -52.52 31.71
CA CYS F 53 -12.73 -52.18 32.49
C CYS F 53 -14.00 -52.65 31.80
N GLY F 54 -13.91 -53.67 30.95
CA GLY F 54 -15.09 -54.12 30.24
C GLY F 54 -14.78 -55.14 29.18
N VAL F 55 -15.61 -56.18 29.09
CA VAL F 55 -15.49 -57.19 28.06
C VAL F 55 -16.82 -57.25 27.33
N ILE F 56 -16.77 -57.11 26.01
CA ILE F 56 -17.94 -57.28 25.17
C ILE F 56 -17.77 -58.59 24.43
N PHE F 57 -18.74 -59.49 24.56
CA PHE F 57 -18.67 -60.76 23.88
C PHE F 57 -20.07 -61.16 23.46
N ASP F 58 -20.13 -62.04 22.47
CA ASP F 58 -21.40 -62.57 21.99
C ASP F 58 -21.80 -63.74 22.88
N TRP F 59 -23.08 -63.82 23.21
CA TRP F 59 -23.59 -64.84 24.09
C TRP F 59 -23.86 -66.16 23.37
N ASP F 60 -23.62 -66.23 22.07
CA ASP F 60 -23.86 -67.48 21.36
C ASP F 60 -22.61 -68.35 21.31
N LYS F 61 -21.53 -67.84 20.71
CA LYS F 61 -20.34 -68.65 20.55
C LYS F 61 -19.57 -68.85 21.85
N TYR F 62 -19.77 -68.00 22.84
CA TYR F 62 -19.12 -68.12 24.12
C TYR F 62 -20.16 -68.22 25.21
N ASN F 63 -20.10 -69.29 26.00
CA ASN F 63 -21.11 -69.58 27.00
C ASN F 63 -20.87 -68.70 28.23
N LEU F 64 -21.64 -68.93 29.28
CA LEU F 64 -21.57 -68.11 30.48
C LEU F 64 -20.54 -68.60 31.49
N GLU F 65 -19.83 -69.69 31.18
CA GLU F 65 -18.69 -70.07 31.99
C GLU F 65 -17.51 -69.11 31.80
N LEU F 66 -17.46 -68.45 30.65
CA LEU F 66 -16.61 -67.27 30.46
C LEU F 66 -17.33 -66.02 30.97
N CYS F 67 -17.88 -66.16 32.16
CA CYS F 67 -18.26 -65.04 33.01
C CYS F 67 -17.77 -65.45 34.38
N GLU F 68 -17.87 -66.75 34.66
CA GLU F 68 -17.46 -67.29 35.95
C GLU F 68 -15.95 -67.32 36.08
N GLU F 69 -15.23 -67.63 35.00
CA GLU F 69 -13.77 -67.60 35.07
C GLU F 69 -13.25 -66.19 35.32
N ILE F 70 -13.83 -65.20 34.63
CA ILE F 70 -13.47 -63.81 34.87
C ILE F 70 -13.88 -63.37 36.27
N SER F 71 -14.98 -63.90 36.79
CA SER F 71 -15.37 -63.63 38.17
C SER F 71 -14.35 -64.17 39.16
N LYS F 72 -13.82 -65.36 38.92
CA LYS F 72 -12.70 -65.84 39.73
C LYS F 72 -11.48 -64.96 39.56
N MET F 73 -11.33 -64.32 38.40
CA MET F 73 -10.22 -63.41 38.21
C MET F 73 -10.51 -62.02 38.77
N ASN F 74 -11.71 -61.50 38.53
CA ASN F 74 -12.12 -60.21 39.09
C ASN F 74 -13.64 -60.20 39.23
N GLU F 75 -14.12 -60.02 40.45
CA GLU F 75 -15.54 -60.14 40.72
C GLU F 75 -16.33 -58.94 40.18
N ASN F 76 -15.78 -57.75 40.25
CA ASN F 76 -16.52 -56.53 39.94
C ASN F 76 -16.40 -56.09 38.50
N LEU F 77 -15.70 -56.85 37.66
CA LEU F 77 -15.44 -56.40 36.29
C LEU F 77 -16.73 -56.45 35.47
N PRO F 78 -17.16 -55.35 34.88
CA PRO F 78 -18.34 -55.38 34.03
C PRO F 78 -18.04 -56.09 32.73
N LEU F 79 -18.95 -56.94 32.31
CA LEU F 79 -18.85 -57.60 31.02
C LEU F 79 -20.19 -57.41 30.32
N TYR F 80 -20.17 -57.33 28.99
CA TYR F 80 -21.37 -56.97 28.24
C TYR F 80 -21.74 -58.08 27.26
N ALA F 81 -22.59 -59.00 27.69
CA ALA F 81 -23.04 -60.07 26.82
C ALA F 81 -24.05 -59.56 25.82
N PHE F 82 -23.94 -60.00 24.57
CA PHE F 82 -24.84 -59.59 23.51
C PHE F 82 -25.76 -60.76 23.17
N ALA F 83 -27.06 -60.57 23.37
CA ALA F 83 -28.03 -61.66 23.26
C ALA F 83 -28.62 -61.69 21.86
N ASN F 84 -28.40 -62.79 21.14
CA ASN F 84 -29.00 -62.99 19.83
C ASN F 84 -29.90 -64.21 19.77
N THR F 85 -29.38 -65.40 20.07
CA THR F 85 -30.08 -66.65 19.83
C THR F 85 -30.65 -67.27 21.09
N TYR F 86 -29.84 -67.33 22.16
CA TYR F 86 -30.37 -67.70 23.46
C TYR F 86 -31.36 -66.64 23.90
N SER F 87 -32.52 -67.10 24.34
CA SER F 87 -33.65 -66.23 24.64
C SER F 87 -33.49 -65.67 26.04
N THR F 88 -34.59 -65.16 26.61
CA THR F 88 -34.59 -64.84 28.02
C THR F 88 -34.37 -66.09 28.86
N LEU F 89 -34.95 -67.22 28.44
CA LEU F 89 -35.07 -68.44 29.25
C LEU F 89 -33.75 -69.11 29.59
N ASP F 90 -32.64 -68.77 28.93
CA ASP F 90 -31.42 -69.56 29.04
C ASP F 90 -30.44 -69.00 30.06
N VAL F 91 -30.94 -68.47 31.19
CA VAL F 91 -30.10 -67.81 32.17
C VAL F 91 -30.29 -68.49 33.52
N SER F 92 -29.19 -68.88 34.16
CA SER F 92 -29.22 -69.45 35.49
C SER F 92 -28.99 -68.37 36.55
N LEU F 93 -29.08 -68.78 37.82
CA LEU F 93 -28.86 -67.85 38.92
C LEU F 93 -27.42 -67.38 38.99
N ASN F 94 -26.46 -68.29 38.79
CA ASN F 94 -25.05 -67.92 38.84
C ASN F 94 -24.67 -66.92 37.75
N ASP F 95 -25.38 -66.92 36.63
CA ASP F 95 -25.19 -65.86 35.65
C ASP F 95 -25.70 -64.52 36.17
N LEU F 96 -26.87 -64.53 36.81
CA LEU F 96 -27.45 -63.32 37.39
C LEU F 96 -26.65 -62.75 38.55
N ARG F 97 -25.81 -63.56 39.19
CA ARG F 97 -25.02 -63.03 40.29
C ARG F 97 -23.71 -62.41 39.81
N LEU F 98 -23.49 -62.40 38.50
CA LEU F 98 -22.25 -61.86 37.97
C LEU F 98 -22.47 -60.46 37.39
N GLN F 99 -21.38 -59.75 37.17
CA GLN F 99 -21.43 -58.41 36.58
C GLN F 99 -21.47 -58.53 35.05
N ILE F 100 -22.67 -58.82 34.53
CA ILE F 100 -22.91 -58.86 33.10
C ILE F 100 -24.07 -57.90 32.89
N SER F 101 -24.04 -57.14 31.79
CA SER F 101 -25.23 -56.42 31.35
C SER F 101 -25.55 -56.82 29.92
N PHE F 102 -26.79 -57.26 29.67
CA PHE F 102 -27.18 -57.83 28.39
C PHE F 102 -27.58 -56.75 27.40
N PHE F 103 -27.20 -56.92 26.14
CA PHE F 103 -27.55 -56.02 25.06
C PHE F 103 -28.05 -56.82 23.86
N GLU F 104 -28.42 -56.10 22.79
CA GLU F 104 -28.95 -56.69 21.57
C GLU F 104 -28.22 -56.11 20.37
N TYR F 105 -28.37 -56.79 19.23
CA TYR F 105 -27.74 -56.40 17.99
C TYR F 105 -28.73 -55.62 17.15
N ALA F 106 -28.69 -54.29 17.25
CA ALA F 106 -29.56 -53.42 16.48
C ALA F 106 -28.74 -52.37 15.77
N LEU F 107 -29.07 -52.14 14.49
CA LEU F 107 -28.38 -51.14 13.71
C LEU F 107 -28.82 -49.75 14.12
N GLY F 108 -27.85 -48.85 14.32
CA GLY F 108 -28.14 -47.48 14.67
C GLY F 108 -28.39 -47.23 16.14
N ALA F 109 -28.37 -48.26 16.98
CA ALA F 109 -28.60 -48.13 18.40
C ALA F 109 -27.29 -48.15 19.19
N ALA F 110 -26.17 -47.86 18.53
CA ALA F 110 -24.87 -47.92 19.20
C ALA F 110 -24.64 -46.75 20.16
N GLU F 111 -25.36 -45.64 19.97
CA GLU F 111 -25.16 -44.49 20.85
C GLU F 111 -25.66 -44.77 22.25
N ASP F 112 -26.87 -45.31 22.37
CA ASP F 112 -27.41 -45.63 23.69
C ASP F 112 -26.62 -46.76 24.36
N ILE F 113 -26.17 -47.73 23.58
CA ILE F 113 -25.36 -48.81 24.12
C ILE F 113 -24.03 -48.27 24.65
N ALA F 114 -23.40 -47.36 23.89
CA ALA F 114 -22.14 -46.77 24.34
C ALA F 114 -22.33 -45.90 25.57
N ASN F 115 -23.44 -45.16 25.65
CA ASN F 115 -23.73 -44.39 26.84
C ASN F 115 -23.95 -45.28 28.06
N LYS F 116 -24.66 -46.40 27.87
CA LYS F 116 -24.84 -47.35 28.97
C LYS F 116 -23.52 -47.98 29.37
N ILE F 117 -22.64 -48.24 28.41
CA ILE F 117 -21.32 -48.80 28.72
C ILE F 117 -20.49 -47.79 29.51
N LYS F 118 -20.53 -46.52 29.13
CA LYS F 118 -19.82 -45.48 29.87
C LYS F 118 -20.36 -45.34 31.29
N GLN F 119 -21.69 -45.39 31.44
CA GLN F 119 -22.29 -45.33 32.77
C GLN F 119 -21.91 -46.54 33.61
N THR F 120 -21.88 -47.73 33.01
CA THR F 120 -21.49 -48.93 33.75
C THR F 120 -20.03 -48.87 34.18
N THR F 121 -19.16 -48.35 33.31
CA THR F 121 -17.76 -48.15 33.69
C THR F 121 -17.62 -47.15 34.81
N ASP F 122 -18.40 -46.06 34.78
CA ASP F 122 -18.39 -45.10 35.88
C ASP F 122 -18.86 -45.74 37.19
N GLU F 123 -19.91 -46.56 37.12
CA GLU F 123 -20.37 -47.29 38.30
C GLU F 123 -19.30 -48.24 38.82
N TYR F 124 -18.58 -48.92 37.93
CA TYR F 124 -17.51 -49.82 38.34
C TYR F 124 -16.39 -49.07 39.03
N ILE F 125 -16.00 -47.91 38.49
CA ILE F 125 -14.95 -47.09 39.10
C ILE F 125 -15.40 -46.59 40.46
N ASN F 126 -16.64 -46.10 40.56
CA ASN F 126 -17.16 -45.63 41.84
C ASN F 126 -17.51 -46.76 42.79
N THR F 127 -17.50 -48.01 42.32
CA THR F 127 -17.70 -49.16 43.19
C THR F 127 -16.40 -49.66 43.80
N ILE F 128 -15.37 -49.85 42.98
CA ILE F 128 -14.12 -50.40 43.51
C ILE F 128 -13.31 -49.38 44.28
N LEU F 129 -13.56 -48.09 44.11
CA LEU F 129 -12.74 -47.09 44.80
C LEU F 129 -13.17 -46.96 46.26
N PRO F 130 -12.22 -46.76 47.17
CA PRO F 130 -12.58 -46.46 48.55
C PRO F 130 -13.17 -45.07 48.65
N PRO F 131 -13.97 -44.78 49.68
CA PRO F 131 -14.76 -43.54 49.67
C PRO F 131 -13.94 -42.25 49.73
N LEU F 132 -12.87 -42.21 50.52
CA LEU F 132 -12.12 -40.96 50.61
C LEU F 132 -11.30 -40.71 49.35
N THR F 133 -10.71 -41.76 48.77
CA THR F 133 -10.03 -41.60 47.49
C THR F 133 -11.01 -41.23 46.39
N LYS F 134 -12.23 -41.79 46.44
CA LYS F 134 -13.28 -41.41 45.51
C LYS F 134 -13.62 -39.93 45.62
N ALA F 135 -13.77 -39.45 46.86
CA ALA F 135 -14.10 -38.04 47.08
C ALA F 135 -12.95 -37.13 46.69
N LEU F 136 -11.70 -37.54 46.93
CA LEU F 136 -10.56 -36.73 46.52
C LEU F 136 -10.44 -36.66 45.00
N PHE F 137 -10.66 -37.78 44.31
CA PHE F 137 -10.66 -37.77 42.85
C PHE F 137 -11.78 -36.92 42.31
N LYS F 138 -12.97 -36.98 42.93
CA LYS F 138 -14.08 -36.14 42.53
C LYS F 138 -13.76 -34.66 42.73
N TYR F 139 -13.14 -34.32 43.85
CA TYR F 139 -12.78 -32.92 44.13
C TYR F 139 -11.76 -32.40 43.13
N VAL F 140 -10.76 -33.21 42.79
CA VAL F 140 -9.78 -32.77 41.82
C VAL F 140 -10.41 -32.64 40.43
N ARG F 141 -11.32 -33.55 40.07
CA ARG F 141 -12.01 -33.47 38.79
C ARG F 141 -12.88 -32.22 38.67
N GLU F 142 -13.54 -31.82 39.76
CA GLU F 142 -14.31 -30.57 39.77
C GLU F 142 -13.46 -29.39 40.21
N GLY F 143 -12.16 -29.42 39.91
CA GLY F 143 -11.13 -28.57 40.48
C GLY F 143 -11.43 -27.10 40.61
N LYS F 144 -11.54 -26.66 41.86
CA LYS F 144 -11.95 -25.30 42.19
C LYS F 144 -10.74 -24.48 42.58
N TYR F 145 -10.85 -23.17 42.37
CA TYR F 145 -9.83 -22.25 42.85
C TYR F 145 -9.84 -22.24 44.37
N THR F 146 -8.67 -21.99 44.95
CA THR F 146 -8.57 -21.99 46.41
C THR F 146 -7.71 -20.82 46.86
N PHE F 147 -8.04 -20.30 48.04
CA PHE F 147 -7.29 -19.22 48.66
C PHE F 147 -6.78 -19.63 50.03
N CYS F 148 -6.55 -20.92 50.23
CA CYS F 148 -6.16 -21.46 51.51
C CYS F 148 -4.84 -22.20 51.39
N THR F 149 -4.35 -22.68 52.54
CA THR F 149 -3.18 -23.52 52.56
C THR F 149 -3.49 -24.86 51.88
N PRO F 150 -2.54 -25.47 51.16
CA PRO F 150 -1.14 -25.14 50.91
C PRO F 150 -0.93 -23.97 49.95
N GLY F 151 0.28 -23.42 49.94
CA GLY F 151 0.55 -22.21 49.18
C GLY F 151 0.60 -22.39 47.69
N HIS F 152 0.85 -23.60 47.19
CA HIS F 152 0.89 -23.77 45.75
C HIS F 152 -0.50 -23.72 45.14
N MET F 153 -1.53 -24.10 45.90
CA MET F 153 -2.93 -23.94 45.55
C MET F 153 -3.28 -24.62 44.22
N GLY F 154 -3.15 -25.94 44.22
CA GLY F 154 -3.35 -26.69 43.00
C GLY F 154 -2.13 -26.71 42.10
N GLY F 155 -0.97 -26.37 42.62
CA GLY F 155 0.24 -26.40 41.83
C GLY F 155 0.43 -25.23 40.89
N THR F 156 -0.36 -24.17 41.02
CA THR F 156 -0.25 -23.01 40.16
C THR F 156 0.87 -22.07 40.56
N ALA F 157 1.54 -22.33 41.69
CA ALA F 157 2.79 -21.64 42.00
C ALA F 157 3.97 -22.26 41.28
N PHE F 158 3.93 -23.56 41.01
CA PHE F 158 4.96 -24.24 40.23
C PHE F 158 4.87 -23.96 38.75
N GLN F 159 3.79 -23.38 38.26
CA GLN F 159 3.68 -23.03 36.86
C GLN F 159 4.29 -21.68 36.54
N LYS F 160 4.92 -21.02 37.52
CA LYS F 160 5.43 -19.68 37.34
C LYS F 160 6.89 -19.54 37.78
N SER F 161 7.66 -20.63 37.73
CA SER F 161 9.06 -20.59 38.09
C SER F 161 9.79 -21.68 37.31
N PRO F 162 11.04 -21.45 36.90
CA PRO F 162 11.74 -22.45 36.09
C PRO F 162 11.99 -23.75 36.82
N VAL F 163 12.61 -23.71 38.01
CA VAL F 163 12.78 -24.92 38.80
C VAL F 163 11.42 -25.43 39.28
N GLY F 164 10.49 -24.52 39.57
CA GLY F 164 9.13 -24.93 39.86
C GLY F 164 8.47 -25.61 38.68
N SER F 165 8.73 -25.15 37.46
CA SER F 165 8.17 -25.82 36.30
C SER F 165 8.81 -27.17 36.06
N LEU F 166 10.10 -27.32 36.39
CA LEU F 166 10.72 -28.64 36.32
C LEU F 166 10.06 -29.61 37.31
N PHE F 167 9.81 -29.13 38.53
CA PHE F 167 9.12 -29.95 39.52
C PHE F 167 7.72 -30.33 39.06
N TYR F 168 6.99 -29.35 38.50
CA TYR F 168 5.64 -29.59 38.01
C TYR F 168 5.60 -30.54 36.84
N ASP F 169 6.52 -30.41 35.89
CA ASP F 169 6.60 -31.33 34.76
C ASP F 169 7.02 -32.72 35.17
N PHE F 170 7.82 -32.84 36.24
CA PHE F 170 8.15 -34.17 36.74
C PHE F 170 6.92 -34.82 37.37
N PHE F 171 6.33 -34.16 38.38
CA PHE F 171 5.28 -34.83 39.14
C PHE F 171 3.97 -34.91 38.35
N GLY F 172 3.62 -33.88 37.60
CA GLY F 172 2.39 -33.88 36.85
C GLY F 172 1.29 -33.22 37.64
N PRO F 173 0.22 -32.81 36.96
CA PRO F 173 -0.75 -31.88 37.58
C PRO F 173 -1.63 -32.50 38.65
N ASN F 174 -2.01 -33.77 38.46
CA ASN F 174 -2.98 -34.40 39.34
C ASN F 174 -2.46 -34.61 40.74
N THR F 175 -1.14 -34.81 40.91
CA THR F 175 -0.59 -34.93 42.24
C THR F 175 -0.25 -33.58 42.85
N MET F 176 -0.40 -32.49 42.10
CA MET F 176 -0.34 -31.16 42.70
C MET F 176 -1.70 -30.71 43.16
N LYS F 177 -2.74 -30.95 42.35
CA LYS F 177 -4.09 -30.62 42.78
C LYS F 177 -4.58 -31.50 43.92
N SER F 178 -4.01 -32.69 44.09
CA SER F 178 -4.45 -33.60 45.14
C SER F 178 -3.94 -33.21 46.52
N ASP F 179 -3.08 -32.20 46.61
CA ASP F 179 -2.56 -31.75 47.90
C ASP F 179 -3.37 -30.55 48.34
N ILE F 180 -4.28 -30.77 49.29
CA ILE F 180 -5.11 -29.72 49.87
C ILE F 180 -5.07 -29.87 51.40
N SER F 181 -5.83 -29.03 52.08
CA SER F 181 -5.81 -29.04 53.54
C SER F 181 -7.22 -29.17 54.10
N ILE F 182 -7.34 -29.04 55.43
CA ILE F 182 -8.62 -29.23 56.11
C ILE F 182 -9.62 -28.11 55.85
N SER F 183 -9.20 -27.03 55.19
CA SER F 183 -10.11 -25.95 54.85
C SER F 183 -11.16 -26.36 53.84
N VAL F 184 -10.88 -27.37 53.02
CA VAL F 184 -11.88 -27.93 52.12
C VAL F 184 -12.84 -28.77 52.96
N SER F 185 -14.01 -28.22 53.24
CA SER F 185 -14.90 -28.81 54.23
C SER F 185 -15.57 -30.09 53.77
N GLU F 186 -15.64 -30.34 52.47
CA GLU F 186 -16.36 -31.50 51.98
C GLU F 186 -15.60 -32.80 52.13
N LEU F 187 -14.30 -32.75 52.41
CA LEU F 187 -13.53 -33.96 52.65
C LEU F 187 -13.38 -34.29 54.13
N GLY F 188 -14.02 -33.52 55.00
CA GLY F 188 -13.88 -33.77 56.42
C GLY F 188 -12.49 -33.41 56.92
N SER F 189 -12.05 -34.11 57.95
CA SER F 189 -10.74 -33.87 58.53
C SER F 189 -10.23 -35.15 59.15
N LEU F 190 -8.94 -35.43 58.95
CA LEU F 190 -8.32 -36.61 59.56
C LEU F 190 -8.29 -36.49 61.08
N LEU F 191 -8.02 -35.28 61.58
CA LEU F 191 -7.82 -35.08 63.01
C LEU F 191 -9.08 -35.31 63.82
N ASP F 192 -10.22 -34.88 63.30
CA ASP F 192 -11.48 -35.01 64.03
C ASP F 192 -12.28 -36.24 63.66
N HIS F 193 -11.81 -37.02 62.67
CA HIS F 193 -12.45 -38.25 62.22
C HIS F 193 -13.90 -38.00 61.78
N SER F 194 -14.04 -37.19 60.74
CA SER F 194 -15.34 -36.73 60.28
C SER F 194 -15.50 -36.95 58.79
N GLY F 195 -16.73 -37.25 58.37
CA GLY F 195 -17.09 -37.35 56.98
C GLY F 195 -16.39 -38.46 56.23
N PRO F 196 -15.81 -38.12 55.07
CA PRO F 196 -15.09 -39.13 54.27
C PRO F 196 -13.92 -39.76 55.01
N HIS F 197 -13.25 -39.00 55.88
CA HIS F 197 -12.22 -39.61 56.71
C HIS F 197 -12.80 -40.68 57.62
N LYS F 198 -13.90 -40.39 58.33
CA LYS F 198 -14.48 -41.35 59.26
C LYS F 198 -14.95 -42.62 58.53
N GLU F 199 -15.54 -42.45 57.35
CA GLU F 199 -15.84 -43.60 56.51
C GLU F 199 -14.58 -44.35 56.13
N ALA F 200 -13.47 -43.65 55.93
CA ALA F 200 -12.22 -44.33 55.61
C ALA F 200 -11.70 -45.16 56.79
N GLU F 201 -11.71 -44.60 58.02
CA GLU F 201 -11.23 -45.44 59.13
C GLU F 201 -12.18 -46.60 59.41
N GLN F 202 -13.48 -46.42 59.22
CA GLN F 202 -14.36 -47.58 59.36
C GLN F 202 -14.10 -48.62 58.28
N TYR F 203 -13.77 -48.18 57.07
CA TYR F 203 -13.42 -49.10 55.99
C TYR F 203 -12.15 -49.88 56.31
N ILE F 204 -11.14 -49.18 56.84
CA ILE F 204 -9.90 -49.83 57.29
C ILE F 204 -10.19 -50.82 58.42
N ALA F 205 -11.11 -50.47 59.33
CA ALA F 205 -11.48 -51.37 60.40
C ALA F 205 -12.13 -52.65 59.89
N ARG F 206 -12.99 -52.55 58.87
CA ARG F 206 -13.56 -53.80 58.35
C ARG F 206 -12.41 -54.59 57.77
N VAL F 207 -11.68 -53.97 56.86
CA VAL F 207 -10.77 -54.77 56.02
C VAL F 207 -9.82 -55.60 56.86
N PHE F 208 -9.19 -54.99 57.85
CA PHE F 208 -8.09 -55.61 58.60
C PHE F 208 -8.55 -56.38 59.84
N ASN F 209 -9.86 -56.56 60.03
CA ASN F 209 -10.43 -57.26 61.17
C ASN F 209 -9.96 -56.65 62.49
N ALA F 210 -10.32 -55.39 62.68
CA ALA F 210 -10.00 -54.65 63.88
C ALA F 210 -11.21 -53.85 64.33
N ASP F 211 -11.25 -53.55 65.62
CA ASP F 211 -12.37 -52.78 66.15
C ASP F 211 -12.29 -51.33 65.72
N ARG F 212 -11.23 -50.64 66.12
CA ARG F 212 -10.98 -49.25 65.72
C ARG F 212 -9.64 -49.22 65.03
N SER F 213 -9.60 -48.64 63.84
CA SER F 213 -8.37 -48.56 63.05
C SER F 213 -8.05 -47.10 62.79
N TYR F 214 -6.78 -46.74 62.95
CA TYR F 214 -6.33 -45.38 62.70
C TYR F 214 -5.39 -45.37 61.50
N MET F 215 -5.19 -44.17 60.93
CA MET F 215 -4.39 -43.99 59.72
C MET F 215 -3.36 -42.89 59.98
N VAL F 216 -2.18 -43.29 60.44
CA VAL F 216 -1.13 -42.35 60.81
C VAL F 216 -0.47 -41.83 59.54
N THR F 217 -0.12 -40.55 59.52
CA THR F 217 0.45 -39.91 58.35
C THR F 217 1.93 -39.56 58.49
N ASN F 218 2.55 -39.90 59.62
CA ASN F 218 4.00 -39.77 59.74
C ASN F 218 4.71 -41.10 59.59
N GLY F 219 4.10 -42.18 60.03
CA GLY F 219 4.69 -43.50 59.94
C GLY F 219 4.56 -44.26 61.25
N THR F 220 4.92 -45.54 61.18
CA THR F 220 4.83 -46.36 62.36
C THR F 220 5.87 -45.99 63.41
N SER F 221 6.91 -45.25 63.02
CA SER F 221 7.78 -44.61 63.99
C SER F 221 7.01 -43.65 64.89
N THR F 222 5.91 -43.10 64.39
CA THR F 222 5.02 -42.26 65.19
C THR F 222 3.88 -43.08 65.78
N ALA F 223 3.45 -44.13 65.09
CA ALA F 223 2.40 -44.99 65.63
C ALA F 223 2.83 -45.71 66.91
N ASN F 224 4.09 -46.16 66.96
CA ASN F 224 4.64 -46.75 68.17
C ASN F 224 4.61 -45.74 69.31
N LYS F 225 4.94 -44.48 68.99
CA LYS F 225 4.90 -43.41 69.97
C LYS F 225 3.49 -43.18 70.49
N ILE F 226 2.50 -43.22 69.59
CA ILE F 226 1.11 -43.01 69.98
C ILE F 226 0.65 -44.12 70.92
N VAL F 227 0.95 -45.38 70.56
CA VAL F 227 0.50 -46.52 71.35
C VAL F 227 1.20 -46.54 72.71
N GLY F 228 2.52 -46.34 72.73
CA GLY F 228 3.25 -46.35 73.97
C GLY F 228 3.07 -45.12 74.83
N MET F 229 2.56 -44.02 74.29
CA MET F 229 2.20 -42.89 75.12
C MET F 229 0.77 -42.99 75.64
N TYR F 230 -0.12 -43.71 74.94
CA TYR F 230 -1.44 -43.94 75.52
C TYR F 230 -1.39 -45.01 76.60
N SER F 231 -0.93 -46.21 76.23
CA SER F 231 -1.06 -47.36 77.12
C SER F 231 -0.05 -47.38 78.26
N ALA F 232 1.04 -46.61 78.16
CA ALA F 232 2.10 -46.62 79.17
C ALA F 232 2.25 -45.21 79.73
N PRO F 233 1.54 -44.88 80.80
CA PRO F 233 1.73 -43.58 81.45
C PRO F 233 3.09 -43.49 82.12
N ALA F 234 3.48 -42.27 82.46
CA ALA F 234 4.77 -42.04 83.09
C ALA F 234 4.80 -42.62 84.49
N GLY F 235 5.94 -43.17 84.87
CA GLY F 235 6.08 -43.86 86.14
C GLY F 235 5.70 -45.31 86.10
N SER F 236 5.16 -45.80 84.98
CA SER F 236 4.78 -47.19 84.84
C SER F 236 5.96 -47.97 84.26
N THR F 237 5.71 -49.19 83.81
CA THR F 237 6.75 -50.10 83.38
C THR F 237 6.29 -50.83 82.12
N ILE F 238 7.22 -51.07 81.19
CA ILE F 238 6.89 -51.73 79.93
C ILE F 238 7.78 -52.94 79.74
N LEU F 239 7.31 -53.86 78.90
CA LEU F 239 8.07 -55.03 78.45
C LEU F 239 8.38 -54.82 76.98
N ILE F 240 9.53 -54.23 76.70
CA ILE F 240 9.92 -53.90 75.34
C ILE F 240 10.90 -54.94 74.84
N ASP F 241 10.67 -55.43 73.62
CA ASP F 241 11.61 -56.31 72.94
C ASP F 241 12.95 -55.62 72.77
N ARG F 242 14.04 -56.35 73.04
CA ARG F 242 15.36 -55.83 72.70
C ARG F 242 15.52 -55.70 71.19
N ASN F 243 14.94 -56.62 70.43
CA ASN F 243 14.83 -56.46 68.99
C ASN F 243 13.77 -55.41 68.71
N CYS F 244 14.13 -54.15 68.87
CA CYS F 244 13.21 -53.04 68.72
C CYS F 244 13.70 -52.14 67.60
N HIS F 245 12.94 -51.07 67.37
CA HIS F 245 13.33 -50.04 66.43
C HIS F 245 13.92 -48.85 67.19
N LYS F 246 14.54 -47.94 66.44
CA LYS F 246 15.01 -46.69 67.03
C LYS F 246 13.84 -45.88 67.59
N SER F 247 12.66 -46.03 66.98
CA SER F 247 11.49 -45.28 67.40
C SER F 247 11.04 -45.64 68.81
N LEU F 248 11.15 -46.92 69.18
CA LEU F 248 10.78 -47.31 70.54
C LEU F 248 11.76 -46.76 71.57
N THR F 249 13.04 -46.71 71.24
CA THR F 249 14.01 -46.07 72.10
C THR F 249 13.71 -44.58 72.25
N HIS F 250 13.35 -43.93 71.15
CA HIS F 250 12.95 -42.53 71.20
C HIS F 250 11.71 -42.31 72.06
N LEU F 251 10.74 -43.23 71.95
CA LEU F 251 9.56 -43.20 72.82
C LEU F 251 9.94 -43.32 74.29
N MET F 252 10.84 -44.24 74.62
CA MET F 252 11.25 -44.41 75.99
C MET F 252 12.04 -43.23 76.52
N MET F 253 12.72 -42.50 75.65
CA MET F 253 13.38 -41.27 76.08
C MET F 253 12.41 -40.11 76.23
N MET F 254 11.30 -40.08 75.49
CA MET F 254 10.32 -39.03 75.74
C MET F 254 9.56 -39.26 77.03
N SER F 255 9.13 -40.49 77.29
CA SER F 255 8.24 -40.80 78.39
C SER F 255 9.00 -41.35 79.60
N ASP F 256 8.50 -41.03 80.78
CA ASP F 256 9.12 -41.46 82.04
C ASP F 256 8.67 -42.88 82.37
N VAL F 257 9.24 -43.84 81.64
CA VAL F 257 8.90 -45.25 81.80
C VAL F 257 10.16 -46.02 82.16
N THR F 258 9.97 -47.29 82.50
CA THR F 258 11.05 -48.16 82.94
C THR F 258 10.97 -49.48 82.19
N PRO F 259 12.06 -49.99 81.64
CA PRO F 259 12.00 -51.25 80.87
C PRO F 259 12.39 -52.50 81.64
N ILE F 260 11.76 -53.59 81.25
CA ILE F 260 12.39 -54.92 81.25
C ILE F 260 12.55 -55.33 79.80
N TYR F 261 13.78 -55.62 79.41
CA TYR F 261 14.07 -55.98 78.03
C TYR F 261 13.92 -57.49 77.86
N PHE F 262 13.13 -57.90 76.88
CA PHE F 262 13.12 -59.28 76.45
C PHE F 262 14.46 -59.64 75.83
N ARG F 263 14.77 -60.93 75.82
CA ARG F 263 16.08 -61.40 75.36
C ARG F 263 15.94 -62.33 74.18
N PRO F 264 15.98 -61.82 72.95
CA PRO F 264 15.85 -62.67 71.77
C PRO F 264 17.10 -63.50 71.53
N THR F 265 16.91 -64.58 70.80
CA THR F 265 18.00 -65.44 70.37
C THR F 265 18.54 -64.99 69.03
N ARG F 266 19.69 -65.55 68.64
CA ARG F 266 20.30 -65.21 67.37
C ARG F 266 21.26 -66.33 66.96
N ASN F 267 21.52 -66.40 65.65
CA ASN F 267 22.44 -67.38 65.10
C ASN F 267 23.78 -66.72 64.82
N ALA F 268 24.70 -67.49 64.24
CA ALA F 268 26.01 -66.97 63.90
C ALA F 268 25.97 -66.03 62.70
N TYR F 269 24.91 -66.09 61.88
CA TYR F 269 24.80 -65.20 60.73
C TYR F 269 24.58 -63.75 61.16
N GLY F 270 24.01 -63.54 62.34
CA GLY F 270 23.61 -62.22 62.77
C GLY F 270 22.14 -61.95 62.60
N ILE F 271 21.36 -62.93 62.18
CA ILE F 271 19.91 -62.78 62.04
C ILE F 271 19.30 -62.72 63.43
N LEU F 272 18.52 -61.68 63.69
CA LEU F 272 17.85 -61.52 64.98
C LEU F 272 16.69 -62.50 65.04
N GLY F 273 16.84 -63.52 65.87
CA GLY F 273 15.78 -64.49 66.04
C GLY F 273 14.70 -63.98 66.97
N GLY F 274 14.25 -64.82 67.90
CA GLY F 274 13.16 -64.43 68.74
C GLY F 274 13.31 -64.75 70.21
N ILE F 275 12.39 -64.21 71.00
CA ILE F 275 12.40 -64.44 72.45
C ILE F 275 11.97 -65.87 72.72
N PRO F 276 12.64 -66.60 73.61
CA PRO F 276 12.18 -67.94 73.97
C PRO F 276 10.84 -67.89 74.70
N GLN F 277 10.19 -69.05 74.77
CA GLN F 277 8.90 -69.16 75.42
C GLN F 277 8.96 -68.89 76.92
N SER F 278 10.14 -69.04 77.53
CA SER F 278 10.26 -68.88 78.97
C SER F 278 10.08 -67.43 79.41
N GLU F 279 10.38 -66.47 78.53
CA GLU F 279 10.34 -65.06 78.89
C GLU F 279 9.00 -64.41 78.58
N PHE F 280 7.92 -65.18 78.53
CA PHE F 280 6.59 -64.59 78.45
C PHE F 280 5.68 -65.06 79.57
N GLN F 281 6.19 -65.86 80.50
CA GLN F 281 5.39 -66.36 81.59
C GLN F 281 5.53 -65.46 82.81
N HIS F 282 4.74 -65.73 83.85
CA HIS F 282 4.70 -64.85 85.00
C HIS F 282 5.95 -64.92 85.84
N ALA F 283 6.61 -66.09 85.89
CA ALA F 283 7.74 -66.28 86.79
C ALA F 283 8.93 -65.42 86.38
N THR F 284 9.34 -65.49 85.11
CA THR F 284 10.49 -64.72 84.66
C THR F 284 10.21 -63.23 84.65
N ILE F 285 8.98 -62.84 84.30
CA ILE F 285 8.61 -61.42 84.31
C ILE F 285 8.62 -60.87 85.73
N ALA F 286 8.08 -61.63 86.70
CA ALA F 286 8.12 -61.21 88.08
C ALA F 286 9.54 -61.14 88.63
N LYS F 287 10.39 -62.10 88.24
CA LYS F 287 11.80 -62.05 88.64
C LYS F 287 12.50 -60.81 88.11
N ARG F 288 12.37 -60.55 86.80
CA ARG F 288 13.00 -59.39 86.19
C ARG F 288 12.42 -58.08 86.71
N VAL F 289 11.16 -58.08 87.14
CA VAL F 289 10.64 -56.94 87.88
C VAL F 289 11.35 -56.79 89.22
N LYS F 290 11.59 -57.91 89.90
CA LYS F 290 12.15 -57.88 91.26
C LYS F 290 13.58 -57.34 91.25
N GLU F 291 14.41 -57.75 90.30
CA GLU F 291 15.76 -57.19 90.24
C GLU F 291 15.88 -56.01 89.29
N THR F 292 14.85 -55.20 89.15
CA THR F 292 14.96 -53.92 88.48
C THR F 292 14.56 -52.80 89.43
N PRO F 293 15.43 -51.81 89.65
CA PRO F 293 15.08 -50.73 90.58
C PRO F 293 13.93 -49.87 90.05
N ASN F 294 13.10 -49.41 91.00
CA ASN F 294 11.96 -48.53 90.73
C ASN F 294 10.98 -49.15 89.73
N ALA F 295 10.81 -50.47 89.77
CA ALA F 295 10.01 -51.17 88.79
C ALA F 295 8.80 -51.81 89.45
N THR F 296 7.66 -51.71 88.79
CA THR F 296 6.41 -52.33 89.23
C THR F 296 5.98 -53.34 88.16
N TRP F 297 4.75 -53.86 88.32
CA TRP F 297 4.23 -54.79 87.33
C TRP F 297 4.01 -54.08 86.00
N PRO F 298 4.47 -54.66 84.89
CA PRO F 298 4.35 -53.98 83.59
C PRO F 298 2.91 -53.79 83.17
N VAL F 299 2.61 -52.62 82.62
CA VAL F 299 1.27 -52.30 82.16
C VAL F 299 1.16 -52.31 80.65
N HIS F 300 2.24 -52.61 79.93
CA HIS F 300 2.23 -52.63 78.49
C HIS F 300 3.39 -53.48 78.01
N ALA F 301 3.22 -54.10 76.84
CA ALA F 301 4.27 -54.92 76.23
C ALA F 301 4.35 -54.61 74.76
N VAL F 302 5.57 -54.48 74.24
CA VAL F 302 5.82 -54.19 72.83
C VAL F 302 6.69 -55.29 72.27
N ILE F 303 6.23 -55.92 71.18
CA ILE F 303 6.87 -57.08 70.58
C ILE F 303 6.99 -56.84 69.09
N THR F 304 8.18 -57.05 68.53
CA THR F 304 8.39 -56.85 67.09
C THR F 304 7.99 -58.13 66.37
N ASN F 305 6.79 -58.13 65.79
CA ASN F 305 6.20 -59.29 65.12
C ASN F 305 5.82 -58.93 63.69
N SER F 306 6.62 -59.33 62.71
CA SER F 306 7.75 -60.25 62.88
C SER F 306 9.03 -59.50 63.16
N THR F 307 10.14 -60.23 63.12
CA THR F 307 11.45 -59.58 63.23
C THR F 307 11.79 -58.93 61.89
N TYR F 308 12.98 -58.37 61.80
CA TYR F 308 13.43 -57.77 60.55
C TYR F 308 13.58 -58.82 59.45
N ASP F 309 13.95 -60.04 59.81
CA ASP F 309 14.14 -61.11 58.84
C ASP F 309 12.91 -62.00 58.69
N GLY F 310 11.75 -61.53 59.11
CA GLY F 310 10.51 -62.22 58.84
C GLY F 310 10.31 -63.52 59.60
N LEU F 311 10.39 -63.46 60.92
CA LEU F 311 10.13 -64.61 61.79
C LEU F 311 8.91 -64.27 62.63
N LEU F 312 7.77 -64.80 62.23
CA LEU F 312 6.52 -64.59 62.95
C LEU F 312 6.54 -65.38 64.25
N TYR F 313 5.69 -64.99 65.18
CA TYR F 313 5.58 -65.66 66.47
C TYR F 313 4.30 -66.45 66.52
N ASN F 314 4.23 -67.37 67.47
CA ASN F 314 2.96 -68.00 67.81
C ASN F 314 2.24 -67.05 68.74
N THR F 315 1.53 -66.10 68.15
CA THR F 315 0.90 -65.01 68.88
C THR F 315 -0.25 -65.45 69.75
N ASP F 316 -0.85 -66.61 69.50
CA ASP F 316 -1.90 -67.11 70.38
C ASP F 316 -1.34 -67.49 71.74
N PHE F 317 -0.15 -68.08 71.76
CA PHE F 317 0.59 -68.31 72.99
C PHE F 317 0.83 -67.00 73.73
N ILE F 318 1.21 -65.96 72.99
CA ILE F 318 1.54 -64.68 73.60
C ILE F 318 0.30 -64.04 74.20
N LYS F 319 -0.79 -64.00 73.43
CA LYS F 319 -2.03 -63.40 73.91
C LYS F 319 -2.71 -64.23 74.98
N LYS F 320 -2.36 -65.50 75.14
CA LYS F 320 -2.90 -66.28 76.25
C LYS F 320 -2.07 -66.15 77.53
N THR F 321 -0.75 -66.15 77.42
CA THR F 321 0.08 -66.31 78.61
C THR F 321 0.76 -65.04 79.08
N LEU F 322 0.97 -64.04 78.22
CA LEU F 322 1.56 -62.78 78.65
C LEU F 322 0.53 -62.02 79.48
N ASP F 323 0.77 -61.91 80.78
CA ASP F 323 -0.21 -61.41 81.72
C ASP F 323 -0.12 -59.89 81.91
N VAL F 324 -0.16 -59.15 80.82
CA VAL F 324 -0.20 -57.70 80.88
C VAL F 324 -1.51 -57.24 80.26
N LYS F 325 -1.89 -56.00 80.58
CA LYS F 325 -3.20 -55.48 80.20
C LYS F 325 -3.23 -54.92 78.79
N SER F 326 -2.09 -54.84 78.11
CA SER F 326 -2.05 -54.36 76.74
C SER F 326 -0.80 -54.89 76.07
N ILE F 327 -0.97 -55.63 74.98
CA ILE F 327 0.13 -56.20 74.21
C ILE F 327 0.17 -55.50 72.87
N HIS F 328 1.31 -54.89 72.56
CA HIS F 328 1.52 -54.21 71.29
C HIS F 328 2.43 -55.02 70.40
N PHE F 329 2.02 -55.22 69.16
CA PHE F 329 2.82 -55.90 68.15
C PHE F 329 3.28 -54.86 67.15
N ASP F 330 4.59 -54.63 67.08
CA ASP F 330 5.17 -53.67 66.14
C ASP F 330 5.31 -54.36 64.80
N SER F 331 4.17 -54.53 64.12
CA SER F 331 4.13 -55.31 62.88
C SER F 331 4.44 -54.41 61.68
N ALA F 332 5.59 -53.76 61.74
CA ALA F 332 5.99 -52.91 60.64
C ALA F 332 6.32 -53.70 59.38
N TRP F 333 6.87 -54.90 59.52
CA TRP F 333 7.25 -55.70 58.37
C TRP F 333 6.20 -56.72 57.94
N VAL F 334 5.12 -56.88 58.70
CA VAL F 334 4.06 -57.81 58.29
C VAL F 334 2.74 -57.05 58.32
N PRO F 335 2.41 -56.27 57.30
CA PRO F 335 1.10 -55.61 57.26
C PRO F 335 0.05 -56.37 56.48
N TYR F 336 0.47 -57.38 55.73
CA TYR F 336 -0.38 -58.09 54.78
C TYR F 336 -1.07 -59.31 55.39
N THR F 337 -1.22 -59.35 56.71
CA THR F 337 -1.50 -60.60 57.41
C THR F 337 -2.87 -61.18 57.11
N ASN F 338 -3.91 -60.37 57.07
CA ASN F 338 -5.29 -60.83 56.98
C ASN F 338 -5.59 -61.46 55.62
N PHE F 339 -4.76 -61.21 54.62
CA PHE F 339 -5.13 -61.44 53.23
C PHE F 339 -4.67 -62.77 52.68
N SER F 340 -4.17 -63.66 53.53
CA SER F 340 -3.94 -65.03 53.16
C SER F 340 -4.05 -65.86 54.43
N PRO F 341 -4.79 -66.97 54.41
CA PRO F 341 -4.92 -67.81 55.60
C PRO F 341 -3.65 -68.55 55.99
N ILE F 342 -2.55 -68.34 55.25
CA ILE F 342 -1.26 -68.85 55.67
C ILE F 342 -0.88 -68.25 57.02
N TYR F 343 -1.15 -66.96 57.20
CA TYR F 343 -0.76 -66.22 58.39
C TYR F 343 -1.79 -66.27 59.51
N GLU F 344 -2.65 -67.28 59.54
CA GLU F 344 -3.60 -67.41 60.63
C GLU F 344 -2.86 -67.72 61.92
N GLY F 345 -3.26 -67.05 63.00
CA GLY F 345 -2.57 -67.23 64.27
C GLY F 345 -1.18 -66.65 64.29
N LYS F 346 -0.95 -65.59 63.52
CA LYS F 346 0.39 -65.00 63.40
C LYS F 346 0.36 -63.47 63.34
N CYS F 347 -0.60 -62.83 64.00
CA CYS F 347 -0.59 -61.38 64.18
C CYS F 347 -1.43 -61.05 65.39
N GLY F 348 -1.40 -59.77 65.76
CA GLY F 348 -2.25 -59.30 66.84
C GLY F 348 -3.73 -59.43 66.53
N MET F 349 -4.12 -59.21 65.29
CA MET F 349 -5.51 -59.30 64.88
C MET F 349 -5.96 -60.71 64.55
N SER F 350 -5.05 -61.68 64.60
CA SER F 350 -5.44 -63.07 64.42
C SER F 350 -6.29 -63.53 65.60
N GLY F 351 -7.30 -64.32 65.29
CA GLY F 351 -8.21 -64.77 66.32
C GLY F 351 -9.19 -63.69 66.71
N GLY F 352 -9.97 -63.99 67.75
CA GLY F 352 -11.01 -63.09 68.21
C GLY F 352 -10.52 -62.09 69.22
N ARG F 353 -11.47 -61.36 69.78
CA ARG F 353 -11.18 -60.37 70.82
C ARG F 353 -10.76 -61.09 72.09
N VAL F 354 -9.51 -60.93 72.48
CA VAL F 354 -9.02 -61.59 73.69
C VAL F 354 -9.58 -60.89 74.91
N GLU F 355 -9.83 -61.67 75.96
CA GLU F 355 -10.46 -61.14 77.16
C GLU F 355 -9.43 -60.50 78.08
N GLY F 356 -9.76 -59.33 78.61
CA GLY F 356 -8.99 -58.72 79.67
C GLY F 356 -7.80 -57.89 79.24
N LYS F 357 -7.50 -57.81 77.95
CA LYS F 357 -6.39 -57.00 77.48
C LYS F 357 -6.68 -56.51 76.08
N VAL F 358 -6.03 -55.42 75.71
CA VAL F 358 -6.20 -54.79 74.40
C VAL F 358 -4.96 -55.07 73.57
N ILE F 359 -5.17 -55.60 72.38
CA ILE F 359 -4.08 -55.94 71.48
C ILE F 359 -3.92 -54.82 70.46
N TYR F 360 -2.73 -54.22 70.42
CA TYR F 360 -2.41 -53.21 69.42
C TYR F 360 -1.59 -53.85 68.31
N GLU F 361 -1.78 -53.34 67.10
CA GLU F 361 -0.92 -53.71 65.98
C GLU F 361 -0.76 -52.49 65.10
N THR F 362 0.47 -52.23 64.68
CA THR F 362 0.85 -50.96 64.07
C THR F 362 1.54 -51.20 62.73
N GLN F 363 0.85 -51.93 61.85
CA GLN F 363 1.26 -52.21 60.48
C GLN F 363 1.80 -51.00 59.76
N SER F 364 3.05 -51.10 59.29
CA SER F 364 3.62 -50.08 58.43
C SER F 364 3.19 -50.37 57.01
N THR F 365 2.14 -49.68 56.56
CA THR F 365 1.49 -49.98 55.30
C THR F 365 2.39 -49.72 54.10
N HIS F 366 3.29 -48.75 54.17
CA HIS F 366 4.13 -48.42 53.03
C HIS F 366 5.21 -49.46 52.78
N1 LLP F 367 9.55 -49.79 63.33
C2 LLP F 367 10.04 -50.95 62.89
C2' LLP F 367 10.15 -52.19 63.83
C3 LLP F 367 10.48 -51.08 61.54
O3 LLP F 367 10.99 -52.29 61.10
C4 LLP F 367 10.38 -50.02 60.69
C4' LLP F 367 10.88 -50.16 59.16
C5 LLP F 367 9.88 -48.84 61.12
C6 LLP F 367 9.46 -48.71 62.46
C5' LLP F 367 9.80 -47.65 60.11
OP4 LLP F 367 9.01 -46.61 60.60
P LLP F 367 8.43 -45.65 59.54
OP1 LLP F 367 9.55 -45.15 58.64
OP2 LLP F 367 7.79 -44.51 60.22
OP3 LLP F 367 7.43 -46.38 58.72
N LLP F 367 5.52 -50.26 53.80
CA LLP F 367 6.66 -51.18 53.73
CB LLP F 367 6.98 -51.71 55.10
CG LLP F 367 7.64 -50.61 55.94
CD LLP F 367 9.16 -50.84 55.97
CE LLP F 367 9.78 -49.95 57.08
NZ LLP F 367 9.81 -50.68 58.36
C LLP F 367 6.45 -52.31 52.79
O LLP F 367 7.25 -52.49 51.89
N LEU F 368 5.38 -53.07 52.98
CA LEU F 368 5.17 -54.27 52.18
C LEU F 368 3.92 -54.22 51.30
N LEU F 369 2.95 -53.40 51.69
CA LEU F 369 1.81 -53.16 50.83
C LEU F 369 2.15 -52.08 49.81
N ALA F 370 1.16 -51.66 49.04
CA ALA F 370 1.36 -50.63 48.02
C ALA F 370 0.79 -49.32 48.55
N ALA F 371 1.66 -48.55 49.20
CA ALA F 371 1.26 -47.25 49.72
C ALA F 371 2.44 -46.30 49.67
N PHE F 372 2.13 -45.00 49.66
CA PHE F 372 3.15 -43.97 49.74
C PHE F 372 3.86 -44.02 51.08
N SER F 373 5.09 -43.52 51.10
CA SER F 373 5.88 -43.55 52.33
C SER F 373 5.26 -42.67 53.41
N GLN F 374 5.75 -42.85 54.63
CA GLN F 374 5.22 -42.23 55.84
C GLN F 374 3.76 -42.58 56.08
N ALA F 375 3.31 -43.74 55.60
CA ALA F 375 1.96 -44.19 55.84
C ALA F 375 1.98 -45.32 56.85
N SER F 376 1.04 -45.30 57.78
CA SER F 376 0.99 -46.31 58.82
C SER F 376 -0.43 -46.41 59.34
N MET F 377 -0.68 -47.45 60.11
CA MET F 377 -1.97 -47.70 60.70
C MET F 377 -1.79 -48.12 62.15
N ILE F 378 -2.84 -47.91 62.94
CA ILE F 378 -2.91 -48.43 64.30
C ILE F 378 -4.22 -49.19 64.41
N HIS F 379 -4.15 -50.51 64.45
CA HIS F 379 -5.30 -51.36 64.65
C HIS F 379 -5.35 -51.76 66.12
N VAL F 380 -6.51 -51.61 66.73
CA VAL F 380 -6.69 -52.02 68.12
C VAL F 380 -7.64 -53.21 68.14
N LYS F 381 -7.61 -53.94 69.25
CA LYS F 381 -8.51 -55.07 69.44
C LYS F 381 -8.85 -55.13 70.92
N GLY F 382 -10.02 -54.63 71.28
CA GLY F 382 -10.42 -54.52 72.66
C GLY F 382 -11.18 -53.25 72.89
N ASP F 383 -11.23 -52.83 74.15
CA ASP F 383 -11.92 -51.62 74.55
C ASP F 383 -10.90 -50.62 75.06
N VAL F 384 -10.88 -49.44 74.47
CA VAL F 384 -9.99 -48.36 74.88
C VAL F 384 -10.83 -47.13 75.17
N ASN F 385 -10.27 -46.25 75.99
CA ASN F 385 -10.91 -44.96 76.24
C ASN F 385 -10.83 -44.13 74.96
N GLU F 386 -11.99 -43.93 74.32
CA GLU F 386 -12.03 -43.39 72.97
C GLU F 386 -11.46 -41.97 72.90
N GLU F 387 -11.85 -41.11 73.84
CA GLU F 387 -11.37 -39.74 73.80
C GLU F 387 -9.92 -39.63 74.22
N THR F 388 -9.48 -40.38 75.23
CA THR F 388 -8.08 -40.33 75.65
C THR F 388 -7.16 -40.85 74.56
N PHE F 389 -7.53 -41.97 73.92
CA PHE F 389 -6.69 -42.51 72.85
C PHE F 389 -6.77 -41.69 71.59
N ASN F 390 -7.92 -41.09 71.29
CA ASN F 390 -8.01 -40.15 70.18
C ASN F 390 -7.15 -38.92 70.43
N GLU F 391 -7.11 -38.44 71.67
CA GLU F 391 -6.27 -37.29 71.98
C GLU F 391 -4.79 -37.66 71.90
N ALA F 392 -4.43 -38.87 72.32
CA ALA F 392 -3.04 -39.32 72.16
C ALA F 392 -2.66 -39.45 70.69
N TYR F 393 -3.58 -39.93 69.85
CA TYR F 393 -3.32 -39.97 68.41
C TYR F 393 -3.17 -38.57 67.83
N MET F 394 -4.03 -37.64 68.24
CA MET F 394 -3.93 -36.25 67.80
C MET F 394 -2.65 -35.59 68.30
N MET F 395 -2.12 -36.06 69.42
CA MET F 395 -0.94 -35.46 70.03
C MET F 395 0.30 -35.59 69.15
N HIS F 396 0.49 -36.72 68.47
CA HIS F 396 1.71 -36.94 67.71
C HIS F 396 1.60 -36.67 66.23
N THR F 397 0.41 -36.77 65.65
CA THR F 397 0.29 -36.50 64.23
C THR F 397 0.24 -34.99 63.98
N THR F 398 0.49 -34.61 62.73
CA THR F 398 0.39 -33.23 62.31
C THR F 398 -1.07 -32.79 62.26
N THR F 399 -1.28 -31.50 62.04
CA THR F 399 -2.62 -30.96 61.93
C THR F 399 -3.10 -30.83 60.49
N SER F 400 -2.19 -30.63 59.54
CA SER F 400 -2.53 -30.53 58.12
C SER F 400 -1.77 -31.64 57.41
N PRO F 401 -2.38 -32.81 57.25
CA PRO F 401 -1.66 -33.95 56.67
C PRO F 401 -1.61 -33.90 55.15
N HIS F 402 -0.73 -34.70 54.59
CA HIS F 402 -0.63 -34.85 53.15
C HIS F 402 -1.70 -35.81 52.68
N TYR F 403 -2.72 -35.30 51.98
CA TYR F 403 -3.84 -36.14 51.59
C TYR F 403 -3.48 -37.18 50.55
N GLY F 404 -2.36 -37.00 49.84
CA GLY F 404 -1.87 -38.07 48.98
C GLY F 404 -1.46 -39.29 49.78
N ILE F 405 -0.79 -39.08 50.91
CA ILE F 405 -0.40 -40.19 51.79
C ILE F 405 -1.63 -40.86 52.39
N VAL F 406 -2.63 -40.07 52.80
CA VAL F 406 -3.85 -40.62 53.38
C VAL F 406 -4.63 -41.44 52.34
N ALA F 407 -4.76 -40.90 51.13
CA ALA F 407 -5.44 -41.61 50.05
C ALA F 407 -4.70 -42.87 49.67
N SER F 408 -3.36 -42.82 49.66
CA SER F 408 -2.58 -44.02 49.39
C SER F 408 -2.73 -45.06 50.50
N THR F 409 -2.81 -44.60 51.75
CA THR F 409 -3.00 -45.47 52.89
C THR F 409 -4.31 -46.22 52.80
N GLU F 410 -5.38 -45.54 52.40
CA GLU F 410 -6.65 -46.22 52.25
C GLU F 410 -6.71 -47.08 50.99
N THR F 411 -6.12 -46.60 49.88
CA THR F 411 -6.13 -47.36 48.63
C THR F 411 -5.31 -48.63 48.75
N ALA F 412 -4.32 -48.68 49.65
CA ALA F 412 -3.59 -49.91 49.89
C ALA F 412 -4.49 -51.01 50.43
N ALA F 413 -5.39 -50.68 51.37
CA ALA F 413 -6.35 -51.66 51.82
C ALA F 413 -7.40 -51.94 50.75
N ALA F 414 -7.76 -50.93 49.97
CA ALA F 414 -8.73 -51.13 48.91
C ALA F 414 -8.21 -52.03 47.80
N MET F 415 -6.89 -52.14 47.64
CA MET F 415 -6.30 -53.10 46.72
C MET F 415 -6.43 -54.53 47.18
N MET F 416 -6.89 -54.76 48.41
CA MET F 416 -6.90 -56.10 48.97
C MET F 416 -8.29 -56.67 49.19
N LYS F 417 -9.35 -55.90 48.94
CA LYS F 417 -10.69 -56.44 48.98
C LYS F 417 -11.02 -57.13 47.67
N GLY F 418 -11.80 -58.19 47.75
CA GLY F 418 -12.26 -58.91 46.59
C GLY F 418 -11.38 -60.08 46.24
N ASN F 419 -11.41 -60.46 44.96
CA ASN F 419 -10.58 -61.54 44.47
C ASN F 419 -9.22 -61.06 44.01
N ALA F 420 -9.11 -59.79 43.61
CA ALA F 420 -7.84 -59.25 43.14
C ALA F 420 -6.80 -59.19 44.24
N GLY F 421 -7.19 -58.81 45.46
CA GLY F 421 -6.24 -58.75 46.55
C GLY F 421 -5.76 -60.13 46.97
N LYS F 422 -6.68 -61.09 47.04
CA LYS F 422 -6.29 -62.46 47.33
C LYS F 422 -5.37 -63.00 46.26
N ARG F 423 -5.65 -62.69 45.00
CA ARG F 423 -4.78 -63.10 43.92
C ARG F 423 -3.41 -62.44 44.02
N LEU F 424 -3.34 -61.17 44.43
CA LEU F 424 -2.07 -60.50 44.65
C LEU F 424 -1.24 -61.20 45.71
N ILE F 425 -1.84 -61.43 46.88
CA ILE F 425 -1.09 -62.01 48.00
C ILE F 425 -0.66 -63.43 47.69
N ASN F 426 -1.57 -64.24 47.13
CA ASN F 426 -1.21 -65.61 46.80
C ASN F 426 -0.18 -65.67 45.68
N GLY F 427 -0.26 -64.77 44.70
CA GLY F 427 0.75 -64.72 43.66
C GLY F 427 2.11 -64.33 44.19
N SER F 428 2.15 -63.36 45.11
CA SER F 428 3.42 -62.95 45.71
C SER F 428 4.04 -64.08 46.53
N ILE F 429 3.24 -64.78 47.32
CA ILE F 429 3.76 -65.87 48.13
C ILE F 429 4.22 -67.03 47.25
N GLU F 430 3.43 -67.38 46.22
CA GLU F 430 3.83 -68.45 45.32
C GLU F 430 5.07 -68.11 44.52
N ARG F 431 5.20 -66.86 44.07
CA ARG F 431 6.41 -66.41 43.39
C ARG F 431 7.62 -66.47 44.31
N ALA F 432 7.45 -66.08 45.58
CA ALA F 432 8.54 -66.19 46.54
C ALA F 432 8.97 -67.63 46.74
N ILE F 433 8.00 -68.55 46.86
CA ILE F 433 8.32 -69.96 47.08
C ILE F 433 9.01 -70.55 45.85
N LYS F 434 8.57 -70.18 44.66
CA LYS F 434 9.20 -70.68 43.44
C LYS F 434 10.62 -70.13 43.27
N PHE F 435 10.84 -68.87 43.64
CA PHE F 435 12.19 -68.33 43.65
C PHE F 435 13.07 -69.09 44.65
N ARG F 436 12.53 -69.42 45.82
CA ARG F 436 13.29 -70.17 46.82
C ARG F 436 13.65 -71.57 46.30
N LYS F 437 12.70 -72.22 45.62
CA LYS F 437 12.98 -73.53 45.08
C LYS F 437 14.06 -73.49 44.00
N GLU F 438 14.03 -72.52 43.09
CA GLU F 438 15.20 -72.52 42.20
C GLU F 438 16.49 -72.00 42.81
N ILE F 439 16.46 -71.18 43.85
CA ILE F 439 17.79 -70.81 44.34
C ILE F 439 18.44 -72.00 45.04
N LYS F 440 17.66 -72.83 45.75
CA LYS F 440 18.25 -74.10 46.19
C LYS F 440 18.53 -75.05 45.04
N ARG F 441 17.80 -74.97 43.93
CA ARG F 441 18.09 -75.85 42.79
C ARG F 441 19.37 -75.44 42.08
N LEU F 442 19.56 -74.14 41.86
CA LEU F 442 20.78 -73.63 41.24
C LEU F 442 21.98 -73.83 42.15
N ARG F 443 21.78 -73.89 43.47
CA ARG F 443 22.89 -74.24 44.35
C ARG F 443 23.42 -75.64 44.04
N THR F 444 22.53 -76.61 43.84
CA THR F 444 22.96 -77.96 43.52
C THR F 444 23.23 -78.16 42.03
N GLU F 445 22.89 -77.18 41.20
CA GLU F 445 23.18 -77.30 39.78
C GLU F 445 24.56 -76.75 39.43
N SER F 446 25.01 -75.72 40.15
CA SER F 446 26.23 -75.02 39.78
C SER F 446 27.46 -75.80 40.24
N ASP F 447 28.62 -75.32 39.79
CA ASP F 447 29.91 -75.88 40.19
C ASP F 447 30.54 -75.02 41.28
N GLY F 448 31.25 -75.67 42.19
CA GLY F 448 31.91 -74.96 43.27
C GLY F 448 30.91 -74.36 44.23
N TRP F 449 31.06 -73.08 44.51
CA TRP F 449 30.22 -72.38 45.46
C TRP F 449 29.00 -71.79 44.78
N PHE F 450 27.95 -71.55 45.57
CA PHE F 450 26.81 -70.79 45.11
C PHE F 450 26.09 -70.19 46.32
N PHE F 451 25.20 -69.25 46.04
CA PHE F 451 24.40 -68.64 47.09
C PHE F 451 23.45 -69.64 47.70
N ASP F 452 23.44 -69.72 49.02
CA ASP F 452 22.48 -70.50 49.77
C ASP F 452 21.38 -69.55 50.22
N VAL F 453 20.22 -70.12 50.56
CA VAL F 453 19.13 -69.34 51.14
C VAL F 453 18.66 -70.00 52.44
N TRP F 454 18.57 -69.18 53.48
CA TRP F 454 18.39 -69.59 54.86
C TRP F 454 16.93 -69.98 55.04
N GLN F 455 16.63 -71.25 54.75
CA GLN F 455 15.27 -71.75 54.72
C GLN F 455 15.32 -73.27 54.93
N PRO F 456 14.21 -73.90 55.30
CA PRO F 456 14.22 -75.35 55.51
C PRO F 456 14.60 -76.11 54.25
N ASP F 457 15.25 -77.26 54.47
CA ASP F 457 15.79 -78.05 53.37
C ASP F 457 14.72 -78.60 52.44
N HIS F 458 13.54 -78.90 52.95
CA HIS F 458 12.41 -79.33 52.13
C HIS F 458 11.27 -78.34 52.30
N ILE F 459 11.07 -77.49 51.30
CA ILE F 459 9.91 -76.62 51.22
C ILE F 459 9.21 -76.89 49.89
N ASP F 460 7.95 -77.24 49.96
CA ASP F 460 7.15 -77.39 48.76
C ASP F 460 5.69 -76.99 48.95
N THR F 461 5.30 -76.55 50.13
CA THR F 461 3.94 -76.15 50.43
C THR F 461 3.88 -74.67 50.76
N THR F 462 2.71 -74.07 50.56
CA THR F 462 2.52 -72.65 50.80
C THR F 462 2.08 -72.47 52.25
N GLU F 463 3.07 -72.46 53.14
CA GLU F 463 2.81 -72.23 54.55
C GLU F 463 4.03 -71.52 55.14
N CYS F 464 3.81 -70.88 56.28
CA CYS F 464 4.92 -70.38 57.07
C CYS F 464 5.65 -71.55 57.69
N TRP F 465 6.85 -71.83 57.22
CA TRP F 465 7.52 -73.05 57.62
C TRP F 465 8.03 -72.93 59.05
N PRO F 466 7.57 -73.78 59.96
CA PRO F 466 7.93 -73.61 61.38
C PRO F 466 9.39 -73.95 61.63
N LEU F 467 9.99 -73.21 62.56
CA LEU F 467 11.37 -73.45 62.94
C LEU F 467 11.39 -74.56 63.99
N ARG F 468 11.83 -75.74 63.57
CA ARG F 468 11.78 -76.92 64.42
C ARG F 468 13.11 -77.11 65.13
N SER F 469 13.04 -77.58 66.38
CA SER F 469 14.24 -77.84 67.15
C SER F 469 15.02 -79.05 66.62
N ASP F 470 14.38 -79.89 65.82
CA ASP F 470 15.01 -81.09 65.29
C ASP F 470 15.72 -80.85 63.97
N SER F 471 15.85 -79.59 63.55
CA SER F 471 16.55 -79.24 62.34
C SER F 471 17.55 -78.14 62.63
N THR F 472 18.51 -77.96 61.72
CA THR F 472 19.61 -77.04 61.98
C THR F 472 19.80 -76.02 60.87
N TRP F 473 18.79 -75.80 60.01
CA TRP F 473 18.94 -74.79 58.97
C TRP F 473 18.90 -73.39 59.54
N HIS F 474 18.15 -73.18 60.62
CA HIS F 474 18.03 -71.83 61.18
C HIS F 474 19.25 -71.43 62.00
N GLY F 475 19.72 -72.30 62.88
CA GLY F 475 20.89 -72.01 63.69
C GLY F 475 20.62 -71.60 65.11
N PHE F 476 19.37 -71.29 65.45
CA PHE F 476 19.03 -70.95 66.83
C PHE F 476 19.02 -72.23 67.64
N LYS F 477 19.96 -72.36 68.57
CA LYS F 477 20.10 -73.59 69.34
C LYS F 477 19.04 -73.67 70.43
N ASN F 478 18.54 -74.88 70.67
CA ASN F 478 17.55 -75.20 71.70
C ASN F 478 16.28 -74.35 71.54
N ILE F 479 15.88 -74.17 70.29
CA ILE F 479 14.72 -73.34 69.99
C ILE F 479 13.45 -74.09 70.35
N ASP F 480 12.41 -73.35 70.70
CA ASP F 480 11.14 -73.93 71.11
C ASP F 480 10.28 -74.22 69.89
N ASN F 481 9.58 -75.34 69.92
CA ASN F 481 8.79 -75.79 68.77
C ASN F 481 7.47 -75.05 68.69
N GLU F 482 7.10 -74.68 67.46
CA GLU F 482 5.96 -73.78 67.18
C GLU F 482 6.01 -72.51 68.00
N HIS F 483 7.08 -71.74 67.79
CA HIS F 483 7.17 -70.38 68.28
C HIS F 483 7.60 -69.50 67.13
N MET F 484 8.25 -70.08 66.13
CA MET F 484 8.74 -69.33 64.98
C MET F 484 8.22 -69.92 63.68
N TYR F 485 7.94 -69.03 62.74
CA TYR F 485 7.37 -69.35 61.44
C TYR F 485 8.04 -68.45 60.42
N LEU F 486 8.72 -69.04 59.45
CA LEU F 486 9.41 -68.27 58.44
C LEU F 486 8.43 -67.64 57.48
N ASP F 487 8.58 -66.36 57.23
CA ASP F 487 7.77 -65.70 56.21
C ASP F 487 8.39 -65.98 54.85
N PRO F 488 7.65 -66.61 53.92
CA PRO F 488 8.24 -67.00 52.64
C PRO F 488 8.67 -65.84 51.77
N ILE F 489 8.11 -64.64 51.94
CA ILE F 489 8.41 -63.56 50.99
C ILE F 489 9.58 -62.70 51.41
N LYS F 490 10.15 -62.91 52.59
CA LYS F 490 11.36 -62.20 53.00
C LYS F 490 12.54 -63.16 52.82
N VAL F 491 13.00 -63.26 51.58
CA VAL F 491 14.03 -64.21 51.22
C VAL F 491 15.38 -63.68 51.67
N THR F 492 16.07 -64.47 52.49
CA THR F 492 17.39 -64.12 53.00
C THR F 492 18.42 -65.02 52.32
N LEU F 493 19.07 -64.49 51.29
CA LEU F 493 20.15 -65.23 50.67
C LEU F 493 21.34 -65.33 51.61
N LEU F 494 22.22 -66.29 51.32
CA LEU F 494 23.44 -66.46 52.08
C LEU F 494 24.60 -66.55 51.11
N THR F 495 25.75 -66.15 51.58
CA THR F 495 26.98 -66.19 50.82
C THR F 495 27.95 -67.17 51.47
N PRO F 496 28.92 -67.69 50.72
CA PRO F 496 29.92 -68.58 51.33
C PRO F 496 30.74 -67.88 52.40
N GLY F 497 31.20 -68.68 53.36
CA GLY F 497 31.99 -68.17 54.45
C GLY F 497 31.63 -68.79 55.78
N MET F 498 30.41 -69.30 55.89
CA MET F 498 29.91 -69.90 57.11
C MET F 498 29.70 -71.38 56.90
N GLU F 499 30.10 -72.19 57.89
CA GLU F 499 29.72 -73.59 57.90
C GLU F 499 28.35 -73.74 58.56
N LYS F 500 27.82 -74.96 58.51
CA LYS F 500 26.47 -75.20 59.01
C LYS F 500 26.41 -75.21 60.53
N ASP F 501 27.49 -75.62 61.20
CA ASP F 501 27.50 -75.67 62.65
C ASP F 501 27.75 -74.31 63.30
N GLY F 502 28.12 -73.30 62.51
CA GLY F 502 28.34 -71.96 63.01
C GLY F 502 29.75 -71.44 62.85
N THR F 503 30.73 -72.34 62.69
CA THR F 503 32.11 -71.90 62.50
C THR F 503 32.29 -71.32 61.10
N MET F 504 33.39 -70.60 60.92
CA MET F 504 33.67 -69.95 59.65
C MET F 504 34.45 -70.87 58.73
N SER F 505 34.18 -70.74 57.43
CA SER F 505 34.92 -71.46 56.42
C SER F 505 36.20 -70.69 56.07
N ASP F 506 36.90 -71.14 55.06
CA ASP F 506 38.08 -70.44 54.56
C ASP F 506 37.78 -69.58 53.34
N PHE F 507 37.06 -70.11 52.36
CA PHE F 507 36.66 -69.35 51.19
C PHE F 507 35.31 -68.70 51.46
N GLY F 508 35.23 -67.39 51.24
CA GLY F 508 34.01 -66.67 51.52
C GLY F 508 33.95 -65.34 50.83
N ILE F 509 32.71 -64.85 50.66
CA ILE F 509 32.45 -63.53 50.13
C ILE F 509 31.51 -62.85 51.12
N PRO F 510 31.92 -61.78 51.80
CA PRO F 510 30.97 -61.03 52.61
C PRO F 510 29.96 -60.31 51.72
N ALA F 511 28.75 -60.17 52.25
CA ALA F 511 27.59 -59.74 51.46
C ALA F 511 27.65 -58.31 51.00
N SER F 512 28.60 -57.50 51.51
CA SER F 512 28.74 -56.13 51.05
C SER F 512 29.16 -56.07 49.59
N ILE F 513 30.07 -56.94 49.16
CA ILE F 513 30.48 -56.98 47.75
C ILE F 513 29.33 -57.38 46.86
N VAL F 514 28.55 -58.39 47.25
CA VAL F 514 27.41 -58.81 46.44
C VAL F 514 26.38 -57.69 46.36
N ALA F 515 26.10 -57.01 47.47
CA ALA F 515 25.14 -55.91 47.45
C ALA F 515 25.63 -54.76 46.58
N LYS F 516 26.91 -54.43 46.66
CA LYS F 516 27.46 -53.37 45.82
C LYS F 516 27.44 -53.75 44.35
N TYR F 517 27.67 -55.02 44.03
CA TYR F 517 27.60 -55.45 42.65
C TYR F 517 26.18 -55.35 42.13
N LEU F 518 25.20 -55.78 42.94
CA LEU F 518 23.81 -55.69 42.54
C LEU F 518 23.37 -54.25 42.35
N ASP F 519 23.84 -53.35 43.24
CA ASP F 519 23.58 -51.93 43.07
C ASP F 519 24.23 -51.39 41.80
N GLU F 520 25.40 -51.91 41.43
CA GLU F 520 26.01 -51.50 40.17
C GLU F 520 25.17 -51.92 38.98
N HIS F 521 24.59 -53.12 39.03
CA HIS F 521 23.77 -53.60 37.93
C HIS F 521 22.31 -53.24 38.07
N GLY F 522 21.97 -52.30 38.94
CA GLY F 522 20.65 -51.70 38.92
C GLY F 522 19.57 -52.49 39.62
N ILE F 523 19.91 -53.25 40.66
CA ILE F 523 18.93 -53.86 41.55
C ILE F 523 19.36 -53.60 42.98
N VAL F 524 18.41 -53.28 43.85
CA VAL F 524 18.71 -52.77 45.18
C VAL F 524 18.35 -53.83 46.22
N VAL F 525 19.28 -54.10 47.12
CA VAL F 525 19.06 -54.99 48.25
C VAL F 525 18.57 -54.16 49.42
N GLU F 526 17.68 -54.74 50.23
CA GLU F 526 17.10 -54.03 51.38
C GLU F 526 18.17 -53.64 52.39
N LYS F 527 18.78 -54.61 53.07
CA LYS F 527 19.93 -54.38 53.94
C LYS F 527 20.67 -55.68 54.10
N THR F 528 22.00 -55.61 54.25
CA THR F 528 22.85 -56.77 54.34
C THR F 528 23.58 -56.80 55.67
N GLY F 529 23.85 -58.01 56.15
CA GLY F 529 24.73 -58.19 57.29
C GLY F 529 26.11 -58.60 56.82
N PRO F 530 26.77 -59.45 57.58
CA PRO F 530 28.10 -59.93 57.17
C PRO F 530 28.04 -60.88 55.98
N TYR F 531 27.12 -61.84 56.01
CA TYR F 531 27.05 -62.86 54.97
C TYR F 531 25.61 -63.16 54.57
N ASN F 532 24.70 -62.21 54.70
CA ASN F 532 23.34 -62.43 54.27
C ASN F 532 22.80 -61.21 53.54
N LEU F 533 21.89 -61.46 52.61
CA LEU F 533 21.11 -60.43 51.96
C LEU F 533 19.67 -60.53 52.40
N LEU F 534 18.83 -59.66 51.87
CA LEU F 534 17.40 -59.70 52.16
C LEU F 534 16.65 -59.14 50.97
N PHE F 535 15.61 -59.83 50.53
CA PHE F 535 14.85 -59.35 49.38
C PHE F 535 13.37 -59.41 49.73
N LEU F 536 12.73 -58.24 49.74
CA LEU F 536 11.31 -58.15 50.03
C LEU F 536 10.54 -58.55 48.77
N PHE F 537 9.90 -59.72 48.80
CA PHE F 537 9.05 -60.15 47.70
C PHE F 537 7.62 -59.70 48.00
N SER F 538 7.41 -58.40 47.90
CA SER F 538 6.11 -57.81 48.18
C SER F 538 5.18 -58.05 47.00
N ILE F 539 4.02 -57.39 47.01
CA ILE F 539 3.07 -57.54 45.91
C ILE F 539 3.55 -56.88 44.62
N GLY F 540 4.56 -56.02 44.69
CA GLY F 540 5.09 -55.42 43.48
C GLY F 540 5.98 -56.33 42.66
N ILE F 541 6.53 -57.38 43.26
CA ILE F 541 7.51 -58.20 42.57
C ILE F 541 6.80 -59.12 41.59
N ASP F 542 7.17 -59.04 40.32
CA ASP F 542 6.77 -59.99 39.30
C ASP F 542 7.99 -60.78 38.85
N LYS F 543 7.78 -61.69 37.91
CA LYS F 543 8.86 -62.59 37.50
C LYS F 543 9.95 -61.90 36.71
N THR F 544 9.69 -60.71 36.16
CA THR F 544 10.74 -59.93 35.50
C THR F 544 11.83 -59.56 36.50
N LYS F 545 11.44 -58.97 37.63
CA LYS F 545 12.40 -58.58 38.65
C LYS F 545 13.08 -59.78 39.27
N ALA F 546 12.32 -60.86 39.53
CA ALA F 546 12.90 -62.06 40.13
C ALA F 546 13.95 -62.68 39.22
N LEU F 547 13.66 -62.77 37.92
CA LEU F 547 14.63 -63.33 36.98
C LEU F 547 15.84 -62.43 36.81
N SER F 548 15.63 -61.11 36.81
CA SER F 548 16.77 -60.19 36.73
C SER F 548 17.66 -60.31 37.96
N LEU F 549 17.06 -60.50 39.14
CA LEU F 549 17.86 -60.70 40.33
C LEU F 549 18.65 -61.99 40.29
N LEU F 550 17.99 -63.08 39.87
CA LEU F 550 18.66 -64.38 39.83
C LEU F 550 19.83 -64.33 38.85
N ARG F 551 19.62 -63.54 37.80
CA ARG F 551 20.58 -63.37 36.68
C ARG F 551 21.58 -62.22 36.88
N ALA F 552 21.48 -61.46 37.97
CA ALA F 552 22.54 -60.65 38.53
C ALA F 552 23.40 -61.46 39.48
N LEU F 553 22.77 -62.36 40.23
CA LEU F 553 23.51 -63.30 41.06
C LEU F 553 24.41 -64.21 40.23
N THR F 554 23.88 -64.74 39.13
CA THR F 554 24.66 -65.62 38.27
C THR F 554 25.81 -64.89 37.57
N ASP F 555 25.57 -63.67 37.09
CA ASP F 555 26.64 -62.90 36.47
C ASP F 555 27.71 -62.51 37.48
N PHE F 556 27.32 -62.27 38.74
CA PHE F 556 28.32 -62.09 39.78
C PHE F 556 29.15 -63.36 39.97
N LYS F 557 28.50 -64.53 39.94
CA LYS F 557 29.25 -65.76 40.08
C LYS F 557 30.25 -65.94 38.95
N ARG F 558 29.83 -65.64 37.72
CA ARG F 558 30.71 -65.77 36.57
C ARG F 558 31.86 -64.77 36.63
N ALA F 559 31.56 -63.53 37.04
CA ALA F 559 32.60 -62.51 37.15
C ALA F 559 33.54 -62.75 38.31
N PHE F 560 33.10 -63.45 39.36
CA PHE F 560 33.97 -63.78 40.48
C PHE F 560 34.85 -64.99 40.18
N ASP F 561 34.31 -65.98 39.48
CA ASP F 561 35.15 -67.10 39.05
C ASP F 561 36.16 -66.66 38.00
N LEU F 562 35.78 -65.77 37.09
CA LEU F 562 36.73 -65.21 36.14
C LEU F 562 37.69 -64.24 36.81
N ASN F 563 37.34 -63.73 37.99
CA ASN F 563 38.16 -62.82 38.80
C ASN F 563 38.51 -61.54 38.03
N LEU F 564 37.46 -60.80 37.70
CA LEU F 564 37.62 -59.51 37.06
C LEU F 564 38.16 -58.48 38.05
N ARG F 565 38.76 -57.43 37.53
CA ARG F 565 39.30 -56.39 38.38
C ARG F 565 38.19 -55.53 38.98
N VAL F 566 38.51 -54.85 40.07
CA VAL F 566 37.55 -53.97 40.74
C VAL F 566 37.19 -52.80 39.84
N LYS F 567 38.14 -52.30 39.05
CA LYS F 567 37.91 -51.16 38.18
C LYS F 567 36.84 -51.45 37.13
N ASN F 568 36.89 -52.62 36.49
CA ASN F 568 35.91 -52.94 35.46
C ASN F 568 34.56 -53.34 36.06
N MET F 569 34.56 -54.12 37.14
CA MET F 569 33.30 -54.68 37.60
C MET F 569 32.56 -53.74 38.56
N LEU F 570 33.30 -53.04 39.42
CA LEU F 570 32.70 -52.15 40.41
C LEU F 570 33.28 -50.75 40.24
N PRO F 571 32.85 -50.00 39.22
CA PRO F 571 33.32 -48.62 39.08
C PRO F 571 32.82 -47.70 40.18
N SER F 572 31.63 -47.95 40.72
CA SER F 572 31.13 -47.13 41.82
C SER F 572 31.94 -47.31 43.09
N LEU F 573 32.49 -48.51 43.31
CA LEU F 573 33.43 -48.72 44.41
C LEU F 573 34.84 -48.33 44.02
N TYR F 574 35.16 -48.38 42.72
CA TYR F 574 36.45 -47.88 42.24
C TYR F 574 36.61 -46.39 42.49
N ARG F 575 35.54 -45.62 42.30
CA ARG F 575 35.57 -44.18 42.49
C ARG F 575 35.68 -43.76 43.94
N GLU F 576 35.54 -44.70 44.89
CA GLU F 576 35.71 -44.36 46.30
C GLU F 576 37.15 -43.94 46.59
N ASP F 577 38.11 -44.69 46.07
CA ASP F 577 39.52 -44.29 46.12
C ASP F 577 40.25 -45.01 44.99
N PRO F 578 40.36 -44.37 43.82
CA PRO F 578 40.98 -45.03 42.66
C PRO F 578 42.43 -45.44 42.86
N GLU F 579 43.15 -44.78 43.77
CA GLU F 579 44.53 -45.16 44.03
C GLU F 579 44.64 -46.53 44.69
N PHE F 580 43.66 -46.88 45.54
CA PHE F 580 43.71 -48.13 46.27
C PHE F 580 43.21 -49.31 45.46
N TYR F 581 42.09 -49.13 44.74
CA TYR F 581 41.47 -50.21 43.97
C TYR F 581 41.97 -50.28 42.54
N GLU F 582 43.19 -49.80 42.27
CA GLU F 582 43.67 -49.74 40.89
C GLU F 582 44.05 -51.11 40.37
N ASN F 583 44.89 -51.83 41.11
CA ASN F 583 45.43 -53.12 40.69
C ASN F 583 45.00 -54.24 41.61
N MET F 584 43.73 -54.25 42.01
CA MET F 584 43.20 -55.26 42.90
C MET F 584 42.12 -56.08 42.21
N ARG F 585 42.22 -57.39 42.31
CA ARG F 585 41.21 -58.29 41.78
C ARG F 585 40.10 -58.50 42.82
N ILE F 586 38.95 -58.98 42.35
CA ILE F 586 37.82 -59.15 43.26
C ILE F 586 38.03 -60.32 44.21
N GLN F 587 38.70 -61.38 43.76
CA GLN F 587 38.98 -62.50 44.66
C GLN F 587 39.91 -62.10 45.79
N GLU F 588 40.92 -61.28 45.49
CA GLU F 588 41.81 -60.78 46.54
C GLU F 588 41.06 -59.91 47.53
N LEU F 589 40.16 -59.04 47.05
CA LEU F 589 39.40 -58.16 47.94
C LEU F 589 38.46 -58.96 48.84
N ALA F 590 37.74 -59.93 48.25
CA ALA F 590 36.84 -60.76 49.04
C ALA F 590 37.60 -61.60 50.04
N GLN F 591 38.73 -62.17 49.63
CA GLN F 591 39.57 -62.95 50.54
C GLN F 591 40.11 -62.08 51.67
N ASN F 592 40.49 -60.84 51.36
CA ASN F 592 41.03 -59.96 52.38
C ASN F 592 39.99 -59.57 53.41
N ILE F 593 38.79 -59.20 52.97
CA ILE F 593 37.75 -58.83 53.94
C ILE F 593 37.30 -60.07 54.72
N HIS F 594 37.23 -61.23 54.07
CA HIS F 594 36.91 -62.45 54.78
C HIS F 594 37.96 -62.82 55.81
N LYS F 595 39.25 -62.62 55.49
CA LYS F 595 40.30 -62.88 56.46
C LYS F 595 40.28 -61.86 57.60
N LEU F 596 39.90 -60.62 57.31
CA LEU F 596 39.72 -59.64 58.39
C LEU F 596 38.59 -60.04 59.32
N ILE F 597 37.52 -60.64 58.78
CA ILE F 597 36.44 -61.13 59.62
C ILE F 597 36.90 -62.36 60.42
N VAL F 598 37.59 -63.30 59.77
CA VAL F 598 38.02 -64.53 60.42
C VAL F 598 39.05 -64.30 61.52
N HIS F 599 40.11 -63.54 61.25
CA HIS F 599 41.18 -63.36 62.21
C HIS F 599 40.71 -62.58 63.44
N HIS F 600 39.81 -61.62 63.24
CA HIS F 600 39.23 -60.88 64.34
C HIS F 600 38.05 -61.59 64.99
N ASN F 601 37.60 -62.71 64.39
CA ASN F 601 36.56 -63.58 64.93
C ASN F 601 35.25 -62.80 65.13
N LEU F 602 34.70 -62.33 64.01
CA LEU F 602 33.50 -61.49 64.07
C LEU F 602 32.26 -62.21 64.62
N PRO F 603 31.85 -63.40 64.15
CA PRO F 603 30.56 -63.95 64.61
C PRO F 603 30.56 -64.35 66.07
N ASP F 604 31.67 -64.86 66.61
CA ASP F 604 31.69 -65.22 68.02
C ASP F 604 31.57 -63.99 68.91
N LEU F 605 32.26 -62.90 68.54
CA LEU F 605 32.11 -61.65 69.28
C LEU F 605 30.71 -61.08 69.14
N MET F 606 30.14 -61.13 67.93
CA MET F 606 28.79 -60.62 67.71
C MET F 606 27.75 -61.43 68.46
N TYR F 607 28.01 -62.71 68.67
CA TYR F 607 27.13 -63.53 69.50
C TYR F 607 27.27 -63.19 70.97
N ARG F 608 28.50 -63.28 71.50
CA ARG F 608 28.74 -63.11 72.93
C ARG F 608 28.51 -61.68 73.40
N ALA F 609 28.50 -60.70 72.49
CA ALA F 609 28.16 -59.34 72.89
C ALA F 609 26.67 -59.15 73.12
N PHE F 610 25.83 -59.85 72.36
CA PHE F 610 24.39 -59.72 72.51
C PHE F 610 23.80 -60.76 73.46
N GLU F 611 24.58 -61.73 73.91
CA GLU F 611 24.09 -62.63 74.97
C GLU F 611 24.26 -62.04 76.36
N VAL F 612 24.87 -60.87 76.50
CA VAL F 612 25.05 -60.21 77.78
C VAL F 612 24.41 -58.83 77.71
N LEU F 613 23.52 -58.55 78.67
CA LEU F 613 22.80 -57.30 78.77
C LEU F 613 23.59 -56.26 79.57
N PRO F 614 23.75 -55.05 79.04
CA PRO F 614 24.40 -53.99 79.81
C PRO F 614 23.59 -53.60 81.04
N THR F 615 24.30 -53.14 82.07
CA THR F 615 23.69 -52.83 83.36
C THR F 615 22.92 -51.52 83.27
N MET F 616 21.64 -51.56 83.60
CA MET F 616 20.79 -50.37 83.59
C MET F 616 21.02 -49.56 84.86
N VAL F 617 21.81 -48.49 84.75
CA VAL F 617 21.98 -47.59 85.88
C VAL F 617 20.73 -46.73 86.07
N MET F 618 20.22 -46.15 84.99
CA MET F 618 19.06 -45.28 85.06
C MET F 618 18.21 -45.48 83.81
N THR F 619 16.95 -45.09 83.93
CA THR F 619 16.02 -45.20 82.82
C THR F 619 16.44 -44.27 81.67
N PRO F 620 16.15 -44.65 80.42
CA PRO F 620 16.52 -43.79 79.28
C PRO F 620 15.87 -42.42 79.31
N TYR F 621 14.73 -42.25 79.97
CA TYR F 621 14.17 -40.92 80.17
C TYR F 621 15.10 -40.06 80.99
N ALA F 622 15.67 -40.63 82.06
CA ALA F 622 16.64 -39.88 82.86
C ALA F 622 17.92 -39.62 82.10
N ALA F 623 18.32 -40.56 81.22
CA ALA F 623 19.48 -40.33 80.38
C ALA F 623 19.26 -39.16 79.43
N PHE F 624 18.07 -39.08 78.82
CA PHE F 624 17.76 -37.94 77.97
C PHE F 624 17.66 -36.66 78.77
N GLN F 625 17.16 -36.72 80.01
CA GLN F 625 17.10 -35.54 80.86
C GLN F 625 18.50 -35.02 81.19
N LYS F 626 19.42 -35.92 81.52
CA LYS F 626 20.79 -35.52 81.77
C LYS F 626 21.50 -35.09 80.50
N GLU F 627 21.08 -35.59 79.35
CA GLU F 627 21.67 -35.19 78.08
C GLU F 627 21.25 -33.78 77.71
N LEU F 628 20.00 -33.42 77.98
CA LEU F 628 19.51 -32.08 77.68
C LEU F 628 20.17 -31.01 78.53
N HIS F 629 20.60 -31.33 79.75
CA HIS F 629 21.21 -30.36 80.64
C HIS F 629 22.70 -30.17 80.38
N GLY F 630 23.22 -30.72 79.29
CA GLY F 630 24.61 -30.53 78.94
C GLY F 630 25.58 -31.30 79.81
N MET F 631 25.15 -32.40 80.41
CA MET F 631 26.00 -33.20 81.28
C MET F 631 26.69 -34.34 80.53
N THR F 632 26.95 -34.14 79.24
CA THR F 632 27.51 -35.19 78.40
C THR F 632 28.91 -34.80 77.94
N GLU F 633 29.83 -35.76 78.02
CA GLU F 633 31.18 -35.60 77.52
C GLU F 633 31.51 -36.71 76.55
N GLU F 634 32.40 -36.45 75.63
CA GLU F 634 32.77 -37.40 74.58
C GLU F 634 34.10 -38.05 74.96
N VAL F 635 34.03 -39.16 75.69
CA VAL F 635 35.21 -39.93 76.04
C VAL F 635 35.50 -40.84 74.86
N TYR F 636 36.73 -41.31 74.71
CA TYR F 636 37.05 -42.21 73.63
C TYR F 636 36.46 -43.59 73.89
N LEU F 637 36.51 -44.44 72.87
CA LEU F 637 35.79 -45.70 72.90
C LEU F 637 36.36 -46.66 73.95
N ASP F 638 37.68 -46.71 74.09
CA ASP F 638 38.32 -47.69 74.97
C ASP F 638 38.05 -47.45 76.44
N GLU F 639 37.82 -46.21 76.85
CA GLU F 639 37.67 -45.86 78.26
C GLU F 639 36.20 -45.66 78.62
N MET F 640 35.32 -46.46 78.02
CA MET F 640 33.88 -46.31 78.19
C MET F 640 33.28 -47.23 79.23
N VAL F 641 34.06 -48.18 79.77
CA VAL F 641 33.54 -49.06 80.81
C VAL F 641 33.38 -48.28 82.11
N GLY F 642 32.30 -48.58 82.83
CA GLY F 642 31.98 -47.85 84.03
C GLY F 642 31.33 -46.50 83.80
N ARG F 643 31.02 -46.15 82.55
CA ARG F 643 30.43 -44.88 82.21
C ARG F 643 29.01 -45.09 81.70
N ILE F 644 28.13 -44.17 82.06
CA ILE F 644 26.73 -44.24 81.67
C ILE F 644 26.57 -43.63 80.28
N ASN F 645 25.99 -44.40 79.37
CA ASN F 645 25.85 -43.95 77.99
C ASN F 645 24.66 -43.02 77.85
N ALA F 646 24.84 -41.95 77.07
CA ALA F 646 23.80 -40.96 76.86
C ALA F 646 23.06 -41.12 75.54
N ASN F 647 23.76 -41.53 74.48
CA ASN F 647 23.14 -41.78 73.19
C ASN F 647 23.22 -43.25 72.85
N MET F 648 22.21 -43.73 72.12
CA MET F 648 22.13 -45.13 71.76
C MET F 648 23.27 -45.51 70.81
N ILE F 649 23.83 -46.69 71.00
CA ILE F 649 24.84 -47.24 70.11
C ILE F 649 24.18 -48.31 69.26
N LEU F 650 24.13 -48.08 67.95
CA LEU F 650 23.46 -48.97 67.01
C LEU F 650 24.46 -49.42 65.95
N PRO F 651 25.12 -50.55 66.15
CA PRO F 651 26.15 -50.98 65.19
C PRO F 651 25.59 -51.80 64.03
N TYR F 652 26.11 -51.52 62.84
CA TYR F 652 25.85 -52.34 61.67
C TYR F 652 27.13 -53.09 61.32
N PRO F 653 27.20 -54.42 61.41
CA PRO F 653 26.22 -55.45 61.80
C PRO F 653 25.84 -55.38 63.28
N PRO F 654 24.64 -55.88 63.64
CA PRO F 654 23.61 -56.42 62.76
C PRO F 654 22.48 -55.44 62.42
N GLY F 655 22.20 -54.48 63.28
CA GLY F 655 21.08 -53.58 63.06
C GLY F 655 20.07 -53.57 64.20
N VAL F 656 20.52 -53.94 65.38
CA VAL F 656 19.65 -53.98 66.56
C VAL F 656 20.34 -53.18 67.67
N PRO F 657 19.59 -52.40 68.48
CA PRO F 657 20.22 -51.60 69.54
C PRO F 657 21.00 -52.42 70.56
N LEU F 658 22.31 -52.14 70.61
CA LEU F 658 23.23 -52.87 71.46
C LEU F 658 23.33 -52.25 72.85
N VAL F 659 23.73 -50.98 72.93
CA VAL F 659 23.74 -50.23 74.18
C VAL F 659 22.63 -49.19 74.13
N MET F 660 21.76 -49.22 75.13
CA MET F 660 20.67 -48.27 75.22
C MET F 660 21.16 -47.00 75.90
N PRO F 661 20.46 -45.88 75.72
CA PRO F 661 20.77 -44.68 76.51
C PRO F 661 20.46 -44.90 77.98
N GLY F 662 21.47 -44.69 78.84
CA GLY F 662 21.33 -44.86 80.26
C GLY F 662 21.84 -46.17 80.82
N GLU F 663 22.57 -46.95 80.04
CA GLU F 663 23.09 -48.23 80.49
C GLU F 663 24.61 -48.23 80.50
N MET F 664 25.18 -48.96 81.45
CA MET F 664 26.62 -49.00 81.70
C MET F 664 27.20 -50.31 81.20
N ILE F 665 28.35 -50.24 80.55
CA ILE F 665 29.11 -51.43 80.20
C ILE F 665 30.02 -51.77 81.38
N THR F 666 29.71 -52.87 82.06
CA THR F 666 30.47 -53.30 83.22
C THR F 666 31.52 -54.33 82.79
N GLU F 667 32.25 -54.88 83.76
CA GLU F 667 33.23 -55.91 83.47
C GLU F 667 32.57 -57.21 83.04
N GLU F 668 31.32 -57.45 83.45
CA GLU F 668 30.57 -58.61 82.97
C GLU F 668 30.15 -58.47 81.51
N SER F 669 30.16 -57.25 80.97
CA SER F 669 29.77 -57.00 79.59
C SER F 669 30.94 -56.47 78.76
N ARG F 670 32.16 -56.84 79.13
CA ARG F 670 33.33 -56.49 78.32
C ARG F 670 33.29 -56.97 76.86
N PRO F 671 32.76 -58.14 76.50
CA PRO F 671 32.66 -58.49 75.07
C PRO F 671 31.87 -57.49 74.22
N VAL F 672 30.97 -56.70 74.81
CA VAL F 672 30.37 -55.59 74.08
C VAL F 672 31.44 -54.60 73.62
N LEU F 673 32.32 -54.20 74.56
CA LEU F 673 33.41 -53.29 74.21
C LEU F 673 34.39 -53.93 73.24
N GLU F 674 34.66 -55.22 73.40
CA GLU F 674 35.53 -55.92 72.46
C GLU F 674 34.93 -55.96 71.06
N PHE F 675 33.61 -56.19 70.95
CA PHE F 675 32.94 -56.18 69.65
C PHE F 675 32.98 -54.81 69.01
N LEU F 676 32.74 -53.75 69.80
CA LEU F 676 32.78 -52.39 69.26
C LEU F 676 34.18 -52.03 68.78
N GLN F 677 35.20 -52.34 69.58
CA GLN F 677 36.57 -52.06 69.20
C GLN F 677 36.99 -52.88 67.98
N MET F 678 36.55 -54.14 67.90
CA MET F 678 36.85 -54.97 66.74
C MET F 678 36.21 -54.41 65.48
N LEU F 679 34.95 -53.96 65.58
CA LEU F 679 34.28 -53.38 64.43
C LEU F 679 34.96 -52.11 63.96
N CYS F 680 35.39 -51.26 64.91
CA CYS F 680 36.14 -50.07 64.53
C CYS F 680 37.49 -50.42 63.94
N GLU F 681 38.12 -51.48 64.42
CA GLU F 681 39.43 -51.88 63.89
C GLU F 681 39.32 -52.44 62.49
N ILE F 682 38.28 -53.21 62.19
CA ILE F 682 38.16 -53.80 60.86
C ILE F 682 37.59 -52.83 59.85
N GLY F 683 36.86 -51.80 60.29
CA GLY F 683 36.29 -50.87 59.34
C GLY F 683 37.25 -49.81 58.83
N ALA F 684 38.45 -49.72 59.40
CA ALA F 684 39.42 -48.70 59.03
C ALA F 684 40.54 -49.26 58.16
N HIS F 685 40.24 -50.24 57.31
CA HIS F 685 41.24 -50.80 56.41
C HIS F 685 40.89 -50.60 54.94
N TYR F 686 39.67 -50.95 54.53
CA TYR F 686 39.30 -50.96 53.12
C TYR F 686 38.24 -49.91 52.85
N PRO F 687 38.50 -48.96 51.95
CA PRO F 687 37.54 -47.89 51.68
C PRO F 687 36.29 -48.40 50.99
N GLY F 688 35.18 -47.70 51.24
CA GLY F 688 33.89 -48.09 50.75
C GLY F 688 33.17 -49.08 51.63
N PHE F 689 33.86 -49.69 52.59
CA PHE F 689 33.25 -50.62 53.53
C PHE F 689 33.35 -50.03 54.93
N GLU F 690 33.04 -48.74 55.04
CA GLU F 690 33.29 -47.97 56.24
C GLU F 690 32.38 -48.43 57.38
N THR F 691 32.82 -48.12 58.61
CA THR F 691 32.10 -48.53 59.81
C THR F 691 30.79 -47.77 59.93
N ASP F 692 29.70 -48.49 60.14
CA ASP F 692 28.38 -47.90 60.27
C ASP F 692 27.89 -48.18 61.68
N ILE F 693 28.20 -47.28 62.60
CA ILE F 693 27.72 -47.36 63.97
C ILE F 693 26.98 -46.05 64.25
N HIS F 694 25.71 -46.16 64.60
CA HIS F 694 24.93 -44.98 64.96
C HIS F 694 25.10 -44.73 66.45
N GLY F 695 25.80 -43.66 66.79
CA GLY F 695 26.08 -43.35 68.17
C GLY F 695 27.55 -43.07 68.40
N ALA F 696 28.42 -43.82 67.72
CA ALA F 696 29.85 -43.60 67.79
C ALA F 696 30.27 -42.64 66.69
N TYR F 697 31.04 -41.63 67.05
CA TYR F 697 31.40 -40.54 66.16
C TYR F 697 32.86 -40.67 65.75
N ARG F 698 33.10 -40.64 64.44
CA ARG F 698 34.44 -40.84 63.92
C ARG F 698 35.30 -39.60 64.15
N GLN F 699 36.53 -39.81 64.61
CA GLN F 699 37.50 -38.74 64.75
C GLN F 699 38.53 -38.84 63.62
N ALA F 700 39.41 -37.85 63.57
CA ALA F 700 40.41 -37.81 62.50
C ALA F 700 41.51 -38.83 62.68
N ASP F 701 41.90 -39.12 63.93
CA ASP F 701 43.00 -40.05 64.17
C ASP F 701 42.61 -41.51 63.93
N GLY F 702 41.32 -41.82 63.94
CA GLY F 702 40.86 -43.18 63.72
C GLY F 702 40.26 -43.87 64.93
N ARG F 703 40.11 -43.19 66.05
CA ARG F 703 39.50 -43.76 67.24
C ARG F 703 38.19 -43.04 67.53
N TYR F 704 37.13 -43.81 67.75
CA TYR F 704 35.77 -43.27 67.83
C TYR F 704 35.45 -42.81 69.24
N THR F 705 34.43 -41.96 69.34
CA THR F 705 33.99 -41.39 70.60
C THR F 705 32.51 -41.66 70.80
N VAL F 706 32.11 -41.85 72.07
CA VAL F 706 30.72 -42.09 72.44
C VAL F 706 30.35 -41.09 73.53
N LYS F 707 29.21 -40.42 73.37
CA LYS F 707 28.74 -39.44 74.35
C LYS F 707 28.28 -40.16 75.61
N VAL F 708 29.04 -40.01 76.69
CA VAL F 708 28.69 -40.58 77.98
C VAL F 708 28.34 -39.44 78.92
N LEU F 709 27.81 -39.79 80.09
CA LEU F 709 27.40 -38.81 81.08
C LEU F 709 28.57 -38.43 81.98
N LYS F 710 28.55 -37.19 82.47
CA LYS F 710 29.57 -36.72 83.37
C LYS F 710 29.41 -37.35 84.75
N GLU F 711 30.49 -37.30 85.53
CA GLU F 711 30.49 -37.90 86.86
C GLU F 711 30.31 -36.84 87.93
N MET G 1 -19.38 -47.66 -27.76
CA MET G 1 -18.25 -48.56 -27.92
C MET G 1 -17.00 -48.05 -27.23
N ASN G 2 -16.91 -48.29 -25.92
CA ASN G 2 -15.68 -48.00 -25.19
C ASN G 2 -15.39 -49.05 -24.12
N VAL G 3 -16.04 -50.21 -24.26
CA VAL G 3 -15.87 -51.25 -23.22
C VAL G 3 -15.07 -52.38 -23.85
N ILE G 4 -13.88 -52.68 -23.33
CA ILE G 4 -12.97 -53.70 -23.92
C ILE G 4 -12.65 -54.69 -22.82
N ALA G 5 -12.97 -55.95 -22.99
CA ALA G 5 -12.96 -56.86 -21.83
C ALA G 5 -11.73 -57.75 -21.87
N ILE G 6 -10.99 -57.77 -20.79
CA ILE G 6 -9.73 -58.56 -20.72
C ILE G 6 -10.09 -59.81 -19.92
N LEU G 7 -9.67 -60.99 -20.38
CA LEU G 7 -9.89 -62.23 -19.58
C LEU G 7 -8.86 -62.34 -18.46
N ASN G 8 -8.93 -63.42 -17.69
CA ASN G 8 -8.27 -63.56 -16.36
C ASN G 8 -6.76 -63.47 -16.20
N HIS G 9 -6.34 -63.39 -14.94
CA HIS G 9 -4.90 -63.29 -14.61
C HIS G 9 -4.28 -64.68 -14.59
N MET G 10 -3.41 -64.96 -15.55
CA MET G 10 -2.78 -66.29 -15.65
C MET G 10 -1.99 -66.56 -14.39
N GLY G 11 -1.18 -65.59 -13.94
CA GLY G 11 -0.30 -65.82 -12.78
C GLY G 11 1.15 -65.47 -13.08
N VAL G 12 1.63 -65.78 -14.27
CA VAL G 12 3.02 -65.44 -14.54
C VAL G 12 3.10 -63.99 -15.01
N TYR G 13 4.28 -63.40 -14.84
CA TYR G 13 4.47 -61.96 -14.98
C TYR G 13 4.59 -61.49 -16.42
N PHE G 14 5.23 -62.27 -17.29
CA PHE G 14 5.57 -61.78 -18.63
C PHE G 14 4.34 -61.59 -19.50
N LYS G 15 3.21 -62.22 -19.15
CA LYS G 15 1.95 -61.99 -19.82
C LYS G 15 0.93 -61.32 -18.92
N GLU G 16 1.39 -60.64 -17.87
CA GLU G 16 0.52 -59.82 -17.04
C GLU G 16 0.94 -58.36 -17.01
N GLU G 17 2.24 -58.08 -16.88
CA GLU G 17 2.70 -56.70 -16.92
C GLU G 17 2.47 -56.05 -18.29
N PRO G 18 2.68 -56.71 -19.43
CA PRO G 18 2.17 -56.12 -20.68
C PRO G 18 0.67 -55.93 -20.69
N ILE G 19 -0.10 -56.81 -20.04
CA ILE G 19 -1.54 -56.62 -19.96
C ILE G 19 -1.89 -55.42 -19.10
N ARG G 20 -1.16 -55.21 -18.00
CA ARG G 20 -1.40 -54.01 -17.20
C ARG G 20 -0.99 -52.74 -17.92
N GLU G 21 0.10 -52.78 -18.69
CA GLU G 21 0.48 -51.61 -19.48
C GLU G 21 -0.55 -51.33 -20.57
N LEU G 22 -1.11 -52.37 -21.19
CA LEU G 22 -2.18 -52.18 -22.17
C LEU G 22 -3.45 -51.66 -21.50
N HIS G 23 -3.73 -52.10 -20.28
CA HIS G 23 -4.83 -51.55 -19.49
C HIS G 23 -4.65 -50.05 -19.30
N ARG G 24 -3.46 -49.65 -18.87
CA ARG G 24 -3.20 -48.23 -18.63
C ARG G 24 -3.28 -47.42 -19.92
N ALA G 25 -2.74 -47.95 -21.02
CA ALA G 25 -2.80 -47.25 -22.29
C ALA G 25 -4.23 -47.14 -22.83
N LEU G 26 -5.05 -48.19 -22.66
CA LEU G 26 -6.42 -48.12 -23.12
C LEU G 26 -7.26 -47.18 -22.28
N GLU G 27 -7.02 -47.12 -20.97
CA GLU G 27 -7.69 -46.10 -20.17
C GLU G 27 -7.22 -44.70 -20.54
N ARG G 28 -5.96 -44.57 -20.97
CA ARG G 28 -5.50 -43.30 -21.51
C ARG G 28 -6.18 -42.96 -22.82
N LEU G 29 -6.59 -43.97 -23.59
CA LEU G 29 -7.31 -43.77 -24.84
C LEU G 29 -8.82 -43.75 -24.66
N ASN G 30 -9.29 -43.48 -23.44
CA ASN G 30 -10.72 -43.32 -23.13
C ASN G 30 -11.53 -44.58 -23.43
N PHE G 31 -11.04 -45.71 -22.96
CA PHE G 31 -11.77 -46.98 -23.02
C PHE G 31 -12.03 -47.48 -21.61
N GLN G 32 -13.29 -47.74 -21.30
CA GLN G 32 -13.65 -48.42 -20.07
C GLN G 32 -13.21 -49.88 -20.18
N ILE G 33 -12.64 -50.40 -19.09
CA ILE G 33 -12.09 -51.75 -19.07
C ILE G 33 -12.89 -52.58 -18.08
N VAL G 34 -13.39 -53.72 -18.54
CA VAL G 34 -14.10 -54.66 -17.68
C VAL G 34 -13.25 -55.91 -17.55
N TYR G 35 -13.47 -56.63 -16.45
CA TYR G 35 -12.67 -57.79 -16.07
C TYR G 35 -13.56 -58.99 -15.76
N PRO G 36 -14.06 -59.68 -16.80
CA PRO G 36 -14.75 -60.95 -16.56
C PRO G 36 -13.80 -61.99 -16.00
N ASN G 37 -14.30 -62.79 -15.07
CA ASN G 37 -13.43 -63.73 -14.35
C ASN G 37 -13.04 -64.93 -15.20
N ASP G 38 -13.98 -65.49 -15.94
CA ASP G 38 -13.69 -66.68 -16.74
C ASP G 38 -14.55 -66.65 -17.99
N ARG G 39 -14.62 -67.80 -18.67
CA ARG G 39 -15.26 -67.90 -19.98
C ARG G 39 -16.75 -67.63 -19.94
N ASP G 40 -17.48 -68.32 -19.07
CA ASP G 40 -18.93 -68.14 -18.98
C ASP G 40 -19.28 -66.73 -18.53
N ASP G 41 -18.41 -66.13 -17.72
CA ASP G 41 -18.55 -64.71 -17.39
C ASP G 41 -18.52 -63.85 -18.64
N LEU G 42 -17.62 -64.16 -19.58
CA LEU G 42 -17.57 -63.40 -20.82
C LEU G 42 -18.81 -63.62 -21.68
N LEU G 43 -19.28 -64.87 -21.77
CA LEU G 43 -20.51 -65.14 -22.52
C LEU G 43 -21.70 -64.35 -21.99
N LYS G 44 -21.91 -64.39 -20.67
CA LYS G 44 -22.99 -63.63 -20.07
C LYS G 44 -22.79 -62.13 -20.21
N LEU G 45 -21.56 -61.65 -20.07
CA LEU G 45 -21.27 -60.23 -20.23
C LEU G 45 -21.58 -59.75 -21.64
N ILE G 46 -21.30 -60.57 -22.64
CA ILE G 46 -21.60 -60.15 -24.01
C ILE G 46 -23.10 -60.20 -24.28
N GLU G 47 -23.83 -61.20 -23.77
CA GLU G 47 -25.26 -61.24 -24.09
C GLU G 47 -26.04 -60.17 -23.35
N ASN G 48 -25.62 -59.85 -22.12
CA ASN G 48 -26.36 -58.86 -21.35
C ASN G 48 -26.07 -57.43 -21.77
N ASN G 49 -25.04 -57.20 -22.58
CA ASN G 49 -24.63 -55.85 -22.94
C ASN G 49 -24.53 -55.72 -24.45
N ALA G 50 -24.34 -54.47 -24.89
CA ALA G 50 -24.06 -54.20 -26.29
C ALA G 50 -22.96 -53.16 -26.49
N ARG G 51 -22.61 -52.41 -25.46
CA ARG G 51 -21.56 -51.40 -25.57
C ARG G 51 -20.16 -52.00 -25.61
N LEU G 52 -20.04 -53.30 -25.37
CA LEU G 52 -18.73 -53.95 -25.42
C LEU G 52 -18.25 -54.00 -26.87
N CYS G 53 -17.01 -53.57 -27.09
CA CYS G 53 -16.48 -53.45 -28.44
C CYS G 53 -15.12 -54.13 -28.58
N GLY G 54 -14.84 -55.12 -27.74
CA GLY G 54 -13.55 -55.76 -27.81
C GLY G 54 -13.31 -56.73 -26.67
N VAL G 55 -12.75 -57.88 -26.98
CA VAL G 55 -12.37 -58.86 -25.97
C VAL G 55 -10.89 -59.15 -26.15
N ILE G 56 -10.14 -59.01 -25.08
CA ILE G 56 -8.74 -59.38 -25.05
C ILE G 56 -8.61 -60.64 -24.22
N PHE G 57 -8.05 -61.69 -24.81
CA PHE G 57 -7.88 -62.94 -24.10
C PHE G 57 -6.57 -63.57 -24.52
N ASP G 58 -6.06 -64.45 -23.68
CA ASP G 58 -4.85 -65.19 -23.97
C ASP G 58 -5.22 -66.41 -24.81
N TRP G 59 -4.40 -66.71 -25.80
CA TRP G 59 -4.65 -67.79 -26.72
C TRP G 59 -4.20 -69.14 -26.16
N ASP G 60 -3.63 -69.17 -24.96
CA ASP G 60 -3.20 -70.45 -24.41
C ASP G 60 -4.29 -71.09 -23.56
N LYS G 61 -4.73 -70.41 -22.49
CA LYS G 61 -5.70 -71.00 -21.59
C LYS G 61 -7.10 -71.06 -22.18
N TYR G 62 -7.40 -70.25 -23.18
CA TYR G 62 -8.70 -70.26 -23.83
C TYR G 62 -8.51 -70.54 -25.31
N ASN G 63 -9.17 -71.58 -25.79
CA ASN G 63 -9.00 -72.03 -27.16
C ASN G 63 -9.79 -71.12 -28.10
N LEU G 64 -9.84 -71.47 -29.38
CA LEU G 64 -10.47 -70.65 -30.39
C LEU G 64 -11.95 -70.97 -30.56
N GLU G 65 -12.49 -71.90 -29.79
CA GLU G 65 -13.94 -72.09 -29.76
C GLU G 65 -14.62 -70.94 -29.00
N LEU G 66 -13.89 -70.28 -28.11
CA LEU G 66 -14.31 -68.98 -27.57
C LEU G 66 -13.86 -67.86 -28.53
N CYS G 67 -14.13 -68.10 -29.80
CA CYS G 67 -14.18 -67.06 -30.82
C CYS G 67 -15.43 -67.37 -31.61
N GLU G 68 -15.69 -68.66 -31.75
CA GLU G 68 -16.85 -69.13 -32.50
C GLU G 68 -18.15 -68.90 -31.73
N GLU G 69 -18.13 -69.10 -30.41
CA GLU G 69 -19.32 -68.81 -29.62
C GLU G 69 -19.68 -67.33 -29.66
N ILE G 70 -18.68 -66.45 -29.55
CA ILE G 70 -18.91 -65.02 -29.66
C ILE G 70 -19.36 -64.66 -31.07
N SER G 71 -18.85 -65.36 -32.08
CA SER G 71 -19.32 -65.17 -33.46
C SER G 71 -20.78 -65.51 -33.61
N LYS G 72 -21.24 -66.61 -32.99
CA LYS G 72 -22.67 -66.89 -32.95
C LYS G 72 -23.42 -65.81 -32.19
N MET G 73 -22.77 -65.16 -31.23
CA MET G 73 -23.41 -64.06 -30.52
C MET G 73 -23.32 -62.75 -31.28
N ASN G 74 -22.14 -62.44 -31.83
CA ASN G 74 -21.97 -61.24 -32.64
C ASN G 74 -20.84 -61.48 -33.63
N GLU G 75 -21.16 -61.39 -34.93
CA GLU G 75 -20.19 -61.74 -35.96
C GLU G 75 -19.08 -60.71 -36.09
N ASN G 76 -19.40 -59.43 -35.94
CA ASN G 76 -18.45 -58.37 -36.25
C ASN G 76 -17.63 -57.91 -35.05
N LEU G 77 -17.82 -58.54 -33.90
CA LEU G 77 -17.14 -58.07 -32.69
C LEU G 77 -15.64 -58.33 -32.77
N PRO G 78 -14.81 -57.32 -32.64
CA PRO G 78 -13.36 -57.54 -32.64
C PRO G 78 -12.93 -58.20 -31.34
N LEU G 79 -12.08 -59.20 -31.45
CA LEU G 79 -11.49 -59.83 -30.29
C LEU G 79 -9.98 -59.87 -30.51
N TYR G 80 -9.21 -59.80 -29.43
CA TYR G 80 -7.76 -59.65 -29.56
C TYR G 80 -7.05 -60.81 -28.87
N ALA G 81 -6.75 -61.86 -29.62
CA ALA G 81 -6.04 -63.00 -29.06
C ALA G 81 -4.57 -62.66 -28.90
N PHE G 82 -3.99 -63.08 -27.78
CA PHE G 82 -2.58 -62.83 -27.49
C PHE G 82 -1.81 -64.14 -27.64
N ALA G 83 -0.87 -64.18 -28.57
CA ALA G 83 -0.19 -65.42 -28.94
C ALA G 83 1.10 -65.55 -28.14
N ASN G 84 1.19 -66.60 -27.33
CA ASN G 84 2.42 -66.90 -26.59
C ASN G 84 3.01 -68.26 -26.94
N THR G 85 2.24 -69.33 -26.77
CA THR G 85 2.77 -70.70 -26.86
C THR G 85 2.39 -71.39 -28.14
N TYR G 86 1.13 -71.32 -28.53
CA TYR G 86 0.72 -71.77 -29.86
C TYR G 86 1.39 -70.89 -30.90
N SER G 87 2.01 -71.54 -31.87
CA SER G 87 2.84 -70.87 -32.85
C SER G 87 1.97 -70.30 -33.97
N THR G 88 2.58 -69.97 -35.10
CA THR G 88 1.79 -69.66 -36.28
C THR G 88 0.94 -70.85 -36.70
N LEU G 89 1.50 -72.07 -36.60
CA LEU G 89 0.95 -73.29 -37.19
C LEU G 89 -0.40 -73.73 -36.63
N ASP G 90 -0.85 -73.21 -35.49
CA ASP G 90 -1.99 -73.76 -34.80
C ASP G 90 -3.29 -73.04 -35.11
N VAL G 91 -3.48 -72.61 -36.35
CA VAL G 91 -4.64 -71.81 -36.73
C VAL G 91 -5.37 -72.50 -37.88
N SER G 92 -6.68 -72.69 -37.71
CA SER G 92 -7.53 -73.27 -38.74
C SER G 92 -8.18 -72.17 -39.58
N LEU G 93 -8.91 -72.57 -40.62
CA LEU G 93 -9.61 -71.62 -41.47
C LEU G 93 -10.73 -70.91 -40.73
N ASN G 94 -11.50 -71.64 -39.92
CA ASN G 94 -12.61 -71.03 -39.19
C ASN G 94 -12.13 -69.99 -38.18
N ASP G 95 -10.90 -70.11 -37.69
CA ASP G 95 -10.32 -69.04 -36.88
C ASP G 95 -10.04 -67.81 -37.74
N LEU G 96 -9.48 -68.01 -38.93
CA LEU G 96 -9.20 -66.93 -39.86
C LEU G 96 -10.44 -66.23 -40.38
N ARG G 97 -11.59 -66.87 -40.34
CA ARG G 97 -12.80 -66.21 -40.82
C ARG G 97 -13.47 -65.38 -39.74
N LEU G 98 -12.87 -65.33 -38.55
CA LEU G 98 -13.47 -64.59 -37.45
C LEU G 98 -12.75 -63.25 -37.25
N GLN G 99 -13.40 -62.37 -36.51
CA GLN G 99 -12.83 -61.06 -36.19
C GLN G 99 -11.91 -61.19 -34.98
N ILE G 100 -10.70 -61.68 -35.21
CA ILE G 100 -9.67 -61.76 -34.19
C ILE G 100 -8.48 -61.02 -34.78
N SER G 101 -7.75 -60.27 -33.96
CA SER G 101 -6.44 -59.75 -34.37
C SER G 101 -5.40 -60.21 -33.35
N PHE G 102 -4.33 -60.85 -33.82
CA PHE G 102 -3.34 -61.49 -32.96
C PHE G 102 -2.29 -60.49 -32.51
N PHE G 103 -1.87 -60.60 -31.25
CA PHE G 103 -0.83 -59.78 -30.67
C PHE G 103 0.16 -60.65 -29.90
N GLU G 104 1.17 -60.01 -29.33
CA GLU G 104 2.23 -60.68 -28.59
C GLU G 104 2.44 -59.99 -27.25
N TYR G 105 3.13 -60.69 -26.35
CA TYR G 105 3.42 -60.20 -25.02
C TYR G 105 4.81 -59.60 -24.99
N ALA G 106 4.90 -58.29 -25.18
CA ALA G 106 6.17 -57.59 -25.15
C ALA G 106 6.09 -56.41 -24.20
N LEU G 107 7.13 -56.25 -23.38
CA LEU G 107 7.18 -55.13 -22.44
C LEU G 107 7.49 -53.83 -23.18
N GLY G 108 6.72 -52.79 -22.86
CA GLY G 108 6.93 -51.49 -23.45
C GLY G 108 6.30 -51.28 -24.80
N ALA G 109 5.66 -52.30 -25.36
CA ALA G 109 5.00 -52.19 -26.66
C ALA G 109 3.50 -52.00 -26.54
N ALA G 110 3.04 -51.52 -25.39
CA ALA G 110 1.60 -51.35 -25.17
C ALA G 110 1.03 -50.17 -25.92
N GLU G 111 1.86 -49.18 -26.29
CA GLU G 111 1.34 -48.01 -27.00
C GLU G 111 0.88 -48.37 -28.40
N ASP G 112 1.69 -49.12 -29.15
CA ASP G 112 1.30 -49.52 -30.50
C ASP G 112 0.13 -50.49 -30.47
N ILE G 113 0.09 -51.38 -29.48
CA ILE G 113 -1.03 -52.30 -29.34
C ILE G 113 -2.32 -51.54 -29.05
N ALA G 114 -2.25 -50.54 -28.16
CA ALA G 114 -3.43 -49.74 -27.86
C ALA G 114 -3.89 -48.91 -29.05
N ASN G 115 -2.94 -48.37 -29.82
CA ASN G 115 -3.31 -47.65 -31.03
C ASN G 115 -3.97 -48.57 -32.06
N LYS G 116 -3.45 -49.79 -32.21
CA LYS G 116 -4.09 -50.75 -33.11
C LYS G 116 -5.47 -51.16 -32.61
N ILE G 117 -5.64 -51.26 -31.28
CA ILE G 117 -6.96 -51.58 -30.72
C ILE G 117 -7.94 -50.45 -30.98
N LYS G 118 -7.50 -49.20 -30.81
CA LYS G 118 -8.36 -48.06 -31.10
C LYS G 118 -8.74 -48.01 -32.58
N GLN G 119 -7.78 -48.28 -33.46
CA GLN G 119 -8.08 -48.33 -34.89
C GLN G 119 -9.04 -49.46 -35.25
N THR G 120 -8.89 -50.62 -34.61
CA THR G 120 -9.80 -51.74 -34.87
C THR G 120 -11.20 -51.42 -34.38
N THR G 121 -11.32 -50.77 -33.22
CA THR G 121 -12.62 -50.34 -32.73
C THR G 121 -13.26 -49.31 -33.66
N ASP G 122 -12.46 -48.38 -34.19
CA ASP G 122 -12.98 -47.43 -35.17
C ASP G 122 -13.46 -48.12 -36.44
N GLU G 123 -12.70 -49.13 -36.91
CA GLU G 123 -13.13 -49.91 -38.06
C GLU G 123 -14.42 -50.67 -37.77
N TYR G 124 -14.57 -51.20 -36.56
CA TYR G 124 -15.78 -51.92 -36.18
C TYR G 124 -16.99 -50.98 -36.17
N ILE G 125 -16.81 -49.78 -35.62
CA ILE G 125 -17.89 -48.80 -35.59
C ILE G 125 -18.27 -48.37 -37.00
N ASN G 126 -17.27 -48.10 -37.84
CA ASN G 126 -17.54 -47.73 -39.22
C ASN G 126 -17.98 -48.90 -40.08
N THR G 127 -17.89 -50.13 -39.58
CA THR G 127 -18.39 -51.29 -40.29
C THR G 127 -19.86 -51.55 -39.97
N ILE G 128 -20.23 -51.58 -38.69
CA ILE G 128 -21.61 -51.90 -38.34
C ILE G 128 -22.57 -50.76 -38.60
N LEU G 129 -22.09 -49.53 -38.72
CA LEU G 129 -23.00 -48.41 -38.91
C LEU G 129 -23.51 -48.35 -40.35
N PRO G 130 -24.77 -47.98 -40.55
CA PRO G 130 -25.25 -47.75 -41.92
C PRO G 130 -24.65 -46.47 -42.47
N PRO G 131 -24.57 -46.33 -43.80
CA PRO G 131 -23.76 -45.23 -44.36
C PRO G 131 -24.28 -43.83 -44.07
N LEU G 132 -25.59 -43.60 -44.10
CA LEU G 132 -26.07 -42.23 -43.85
C LEU G 132 -25.94 -41.85 -42.37
N THR G 133 -26.22 -42.79 -41.47
CA THR G 133 -25.98 -42.52 -40.05
C THR G 133 -24.50 -42.33 -39.77
N LYS G 134 -23.65 -43.08 -40.46
CA LYS G 134 -22.20 -42.89 -40.36
C LYS G 134 -21.80 -41.49 -40.79
N ALA G 135 -22.33 -41.04 -41.92
CA ALA G 135 -22.01 -39.71 -42.43
C ALA G 135 -22.56 -38.61 -41.54
N LEU G 136 -23.76 -38.81 -40.97
CA LEU G 136 -24.32 -37.82 -40.06
C LEU G 136 -23.51 -37.73 -38.76
N PHE G 137 -23.08 -38.87 -38.22
CA PHE G 137 -22.23 -38.88 -37.05
C PHE G 137 -20.88 -38.22 -37.34
N LYS G 138 -20.32 -38.48 -38.53
CA LYS G 138 -19.07 -37.84 -38.93
C LYS G 138 -19.24 -36.33 -39.05
N TYR G 139 -20.35 -35.88 -39.64
CA TYR G 139 -20.60 -34.45 -39.79
C TYR G 139 -20.77 -33.76 -38.45
N VAL G 140 -21.47 -34.39 -37.51
CA VAL G 140 -21.61 -33.79 -36.19
C VAL G 140 -20.28 -33.77 -35.45
N ARG G 141 -19.46 -34.83 -35.60
CA ARG G 141 -18.15 -34.87 -34.97
C ARG G 141 -17.22 -33.79 -35.50
N GLU G 142 -17.27 -33.50 -36.79
CA GLU G 142 -16.49 -32.41 -37.37
C GLU G 142 -17.26 -31.10 -37.36
N GLY G 143 -18.13 -30.90 -36.36
CA GLY G 143 -19.17 -29.90 -36.30
C GLY G 143 -18.79 -28.49 -36.74
N LYS G 144 -19.38 -28.07 -37.84
CA LYS G 144 -19.06 -26.81 -38.49
C LYS G 144 -20.14 -25.78 -38.19
N TYR G 145 -19.75 -24.51 -38.20
CA TYR G 145 -20.71 -23.44 -38.08
C TYR G 145 -21.60 -23.43 -39.32
N THR G 146 -22.83 -22.97 -39.15
CA THR G 146 -23.76 -22.95 -40.26
C THR G 146 -24.56 -21.65 -40.24
N PHE G 147 -24.93 -21.19 -41.43
CA PHE G 147 -25.73 -20.00 -41.62
C PHE G 147 -27.00 -20.31 -42.39
N CYS G 148 -27.48 -21.54 -42.28
CA CYS G 148 -28.63 -22.00 -43.04
C CYS G 148 -29.71 -22.51 -42.10
N THR G 149 -30.83 -22.89 -42.70
CA THR G 149 -31.91 -23.53 -41.94
C THR G 149 -31.43 -24.90 -41.46
N PRO G 150 -31.85 -25.34 -40.26
CA PRO G 150 -32.78 -24.77 -39.28
C PRO G 150 -32.22 -23.60 -38.51
N GLY G 151 -33.09 -22.85 -37.84
CA GLY G 151 -32.70 -21.61 -37.19
C GLY G 151 -31.89 -21.77 -35.94
N HIS G 152 -31.96 -22.92 -35.27
CA HIS G 152 -31.16 -23.09 -34.05
C HIS G 152 -29.70 -23.29 -34.38
N MET G 153 -29.39 -23.84 -35.55
CA MET G 153 -28.03 -23.91 -36.10
C MET G 153 -27.07 -24.64 -35.16
N GLY G 154 -27.35 -25.93 -34.95
CA GLY G 154 -26.58 -26.69 -34.01
C GLY G 154 -27.02 -26.52 -32.58
N GLY G 155 -28.21 -25.98 -32.34
CA GLY G 155 -28.72 -25.79 -31.00
C GLY G 155 -28.15 -24.62 -30.25
N THR G 156 -27.45 -23.72 -30.93
CA THR G 156 -26.86 -22.55 -30.28
C THR G 156 -27.86 -21.44 -30.05
N ALA G 157 -29.10 -21.57 -30.54
CA ALA G 157 -30.18 -20.68 -30.14
C ALA G 157 -30.78 -21.09 -28.81
N PHE G 158 -30.76 -22.39 -28.48
CA PHE G 158 -31.24 -22.87 -27.20
C PHE G 158 -30.24 -22.63 -26.07
N GLN G 159 -29.01 -22.22 -26.37
CA GLN G 159 -28.06 -21.92 -25.33
C GLN G 159 -28.16 -20.48 -24.85
N LYS G 160 -29.14 -19.72 -25.34
CA LYS G 160 -29.26 -18.30 -25.03
C LYS G 160 -30.66 -17.92 -24.55
N SER G 161 -31.41 -18.87 -23.96
CA SER G 161 -32.73 -18.59 -23.44
C SER G 161 -33.00 -19.54 -22.29
N PRO G 162 -33.72 -19.09 -21.25
CA PRO G 162 -33.93 -19.98 -20.09
C PRO G 162 -34.76 -21.21 -20.40
N VAL G 163 -35.93 -21.04 -21.01
CA VAL G 163 -36.70 -22.21 -21.44
C VAL G 163 -35.98 -22.95 -22.56
N GLY G 164 -35.28 -22.21 -23.42
CA GLY G 164 -34.43 -22.85 -24.41
C GLY G 164 -33.30 -23.64 -23.77
N SER G 165 -32.74 -23.13 -22.68
CA SER G 165 -31.69 -23.89 -21.99
C SER G 165 -32.26 -25.12 -21.29
N LEU G 166 -33.49 -25.05 -20.80
CA LEU G 166 -34.12 -26.24 -20.26
C LEU G 166 -34.32 -27.30 -21.34
N PHE G 167 -34.77 -26.87 -22.52
CA PHE G 167 -34.93 -27.80 -23.65
C PHE G 167 -33.59 -28.41 -24.06
N TYR G 168 -32.54 -27.58 -24.12
CA TYR G 168 -31.21 -28.04 -24.49
C TYR G 168 -30.61 -28.99 -23.46
N ASP G 169 -30.78 -28.70 -22.17
CA ASP G 169 -30.30 -29.59 -21.12
C ASP G 169 -31.08 -30.89 -21.08
N PHE G 170 -32.36 -30.87 -21.46
CA PHE G 170 -33.10 -32.12 -21.55
C PHE G 170 -32.59 -32.97 -22.71
N PHE G 171 -32.61 -32.43 -23.92
CA PHE G 171 -32.31 -33.26 -25.07
C PHE G 171 -30.82 -33.57 -25.21
N GLY G 172 -29.96 -32.61 -24.89
CA GLY G 172 -28.54 -32.82 -25.01
C GLY G 172 -28.03 -32.35 -26.35
N PRO G 173 -26.72 -32.14 -26.46
CA PRO G 173 -26.18 -31.39 -27.61
C PRO G 173 -26.20 -32.15 -28.93
N ASN G 174 -25.97 -33.45 -28.87
CA ASN G 174 -25.80 -34.24 -30.09
C ASN G 174 -27.08 -34.36 -30.89
N THR G 175 -28.24 -34.33 -30.24
CA THR G 175 -29.49 -34.35 -30.99
C THR G 175 -29.93 -32.96 -31.42
N MET G 176 -29.21 -31.92 -30.99
CA MET G 176 -29.43 -30.60 -31.58
C MET G 176 -28.54 -30.38 -32.79
N LYS G 177 -27.29 -30.80 -32.72
CA LYS G 177 -26.40 -30.70 -33.88
C LYS G 177 -26.81 -31.64 -35.00
N SER G 178 -27.53 -32.72 -34.69
CA SER G 178 -27.93 -33.69 -35.71
C SER G 178 -29.08 -33.21 -36.56
N ASP G 179 -29.69 -32.07 -36.23
CA ASP G 179 -30.80 -31.54 -37.02
C ASP G 179 -30.25 -30.49 -37.96
N ILE G 180 -30.11 -30.86 -39.24
CA ILE G 180 -29.65 -29.97 -40.29
C ILE G 180 -30.59 -30.11 -41.48
N SER G 181 -30.28 -29.40 -42.56
CA SER G 181 -31.15 -29.41 -43.73
C SER G 181 -30.38 -29.78 -44.99
N ILE G 182 -31.04 -29.65 -46.14
CA ILE G 182 -30.45 -30.07 -47.43
C ILE G 182 -29.35 -29.14 -47.89
N SER G 183 -29.14 -28.00 -47.22
CA SER G 183 -28.06 -27.09 -47.59
C SER G 183 -26.69 -27.68 -47.34
N VAL G 184 -26.57 -28.63 -46.42
CA VAL G 184 -25.32 -29.35 -46.21
C VAL G 184 -25.17 -30.34 -47.36
N SER G 185 -24.33 -30.00 -48.33
CA SER G 185 -24.29 -30.73 -49.59
C SER G 185 -23.66 -32.11 -49.48
N GLU G 186 -22.88 -32.37 -48.43
CA GLU G 186 -22.16 -33.63 -48.34
C GLU G 186 -23.04 -34.79 -47.90
N LEU G 187 -24.24 -34.52 -47.38
CA LEU G 187 -25.17 -35.59 -47.01
C LEU G 187 -26.19 -35.87 -48.08
N GLY G 188 -26.09 -35.22 -49.24
CA GLY G 188 -27.08 -35.44 -50.28
C GLY G 188 -28.42 -34.84 -49.91
N SER G 189 -29.49 -35.46 -50.42
CA SER G 189 -30.83 -35.00 -50.14
C SER G 189 -31.79 -36.17 -50.23
N LEU G 190 -32.73 -36.23 -49.29
CA LEU G 190 -33.75 -37.27 -49.30
C LEU G 190 -34.65 -37.14 -50.52
N LEU G 191 -34.99 -35.92 -50.91
CA LEU G 191 -35.97 -35.68 -51.95
C LEU G 191 -35.48 -36.12 -53.32
N ASP G 192 -34.19 -35.90 -53.62
CA ASP G 192 -33.64 -36.22 -54.91
C ASP G 192 -32.96 -37.58 -54.96
N HIS G 193 -32.86 -38.27 -53.81
CA HIS G 193 -32.25 -39.60 -53.69
C HIS G 193 -30.81 -39.60 -54.20
N SER G 194 -29.97 -38.83 -53.52
CA SER G 194 -28.60 -38.60 -53.95
C SER G 194 -27.62 -38.85 -52.82
N GLY G 195 -26.44 -39.35 -53.17
CA GLY G 195 -25.35 -39.51 -52.23
C GLY G 195 -25.62 -40.49 -51.11
N PRO G 196 -25.35 -40.06 -49.88
CA PRO G 196 -25.60 -40.93 -48.72
C PRO G 196 -27.05 -41.35 -48.57
N HIS G 197 -28.00 -40.49 -48.96
CA HIS G 197 -29.38 -40.91 -48.98
C HIS G 197 -29.62 -42.06 -49.94
N LYS G 198 -29.11 -41.96 -51.18
CA LYS G 198 -29.32 -43.01 -52.17
C LYS G 198 -28.71 -44.33 -51.73
N GLU G 199 -27.51 -44.26 -51.14
CA GLU G 199 -26.93 -45.45 -50.52
C GLU G 199 -27.83 -45.99 -49.41
N ALA G 200 -28.50 -45.10 -48.67
CA ALA G 200 -29.40 -45.56 -47.62
C ALA G 200 -30.61 -46.28 -48.19
N GLU G 201 -31.26 -45.73 -49.25
CA GLU G 201 -32.40 -46.48 -49.78
C GLU G 201 -31.98 -47.78 -50.44
N GLN G 202 -30.81 -47.83 -51.06
CA GLN G 202 -30.36 -49.12 -51.58
C GLN G 202 -30.08 -50.11 -50.45
N TYR G 203 -29.56 -49.63 -49.31
CA TYR G 203 -29.33 -50.47 -48.15
C TYR G 203 -30.65 -51.02 -47.60
N ILE G 204 -31.66 -50.16 -47.51
CA ILE G 204 -33.00 -50.59 -47.10
C ILE G 204 -33.57 -51.61 -48.07
N ALA G 205 -33.32 -51.41 -49.38
CA ALA G 205 -33.79 -52.36 -50.38
C ALA G 205 -33.14 -53.74 -50.21
N ARG G 206 -31.85 -53.79 -49.90
CA ARG G 206 -31.26 -55.12 -49.68
C ARG G 206 -31.94 -55.69 -48.47
N VAL G 207 -31.91 -54.97 -47.37
CA VAL G 207 -32.24 -55.60 -46.09
C VAL G 207 -33.62 -56.26 -46.12
N PHE G 208 -34.63 -55.55 -46.62
CA PHE G 208 -36.02 -55.97 -46.54
C PHE G 208 -36.49 -56.80 -47.72
N ASN G 209 -35.59 -57.20 -48.61
CA ASN G 209 -35.90 -57.99 -49.81
C ASN G 209 -36.97 -57.30 -50.66
N ALA G 210 -36.61 -56.11 -51.14
CA ALA G 210 -37.48 -55.33 -52.01
C ALA G 210 -36.67 -54.75 -53.15
N ASP G 211 -37.34 -54.46 -54.25
CA ASP G 211 -36.67 -53.89 -55.41
C ASP G 211 -36.26 -52.45 -55.14
N ARG G 212 -37.25 -51.57 -54.93
CA ARG G 212 -37.01 -50.18 -54.60
C ARG G 212 -37.67 -49.91 -53.26
N SER G 213 -36.92 -49.33 -52.32
CA SER G 213 -37.43 -49.05 -51.00
C SER G 213 -37.33 -47.56 -50.73
N TYR G 214 -38.38 -46.99 -50.15
CA TYR G 214 -38.40 -45.57 -49.83
C TYR G 214 -38.44 -45.40 -48.32
N MET G 215 -38.10 -44.19 -47.87
CA MET G 215 -38.01 -43.88 -46.44
C MET G 215 -38.82 -42.62 -46.16
N VAL G 216 -40.09 -42.81 -45.81
CA VAL G 216 -41.02 -41.70 -45.58
C VAL G 216 -40.72 -41.08 -44.22
N THR G 217 -40.82 -39.76 -44.13
CA THR G 217 -40.48 -39.04 -42.92
C THR G 217 -41.69 -38.45 -42.20
N ASN G 218 -42.91 -38.66 -42.72
CA ASN G 218 -44.11 -38.29 -42.00
C ASN G 218 -44.77 -39.49 -41.33
N GLY G 219 -44.70 -40.66 -41.95
CA GLY G 219 -45.30 -41.85 -41.40
C GLY G 219 -46.07 -42.62 -42.45
N THR G 220 -46.50 -43.81 -42.06
CA THR G 220 -47.24 -44.65 -42.99
C THR G 220 -48.63 -44.10 -43.26
N SER G 221 -49.12 -43.19 -42.42
CA SER G 221 -50.30 -42.40 -42.77
C SER G 221 -50.08 -41.58 -44.02
N THR G 222 -48.82 -41.23 -44.32
CA THR G 222 -48.48 -40.56 -45.57
C THR G 222 -48.03 -41.55 -46.63
N ALA G 223 -47.44 -42.68 -46.21
CA ALA G 223 -47.03 -43.69 -47.18
C ALA G 223 -48.22 -44.33 -47.88
N ASN G 224 -49.31 -44.55 -47.14
CA ASN G 224 -50.55 -45.03 -47.76
C ASN G 224 -51.06 -44.04 -48.80
N LYS G 225 -50.97 -42.75 -48.47
CA LYS G 225 -51.35 -41.69 -49.39
C LYS G 225 -50.50 -41.71 -50.65
N ILE G 226 -49.20 -41.92 -50.49
CA ILE G 226 -48.29 -41.96 -51.63
C ILE G 226 -48.64 -43.13 -52.55
N VAL G 227 -48.82 -44.31 -51.96
CA VAL G 227 -49.10 -45.50 -52.76
C VAL G 227 -50.45 -45.40 -53.44
N GLY G 228 -51.48 -44.98 -52.71
CA GLY G 228 -52.80 -44.87 -53.30
C GLY G 228 -53.00 -43.68 -54.21
N MET G 229 -52.11 -42.70 -54.18
CA MET G 229 -52.16 -41.64 -55.18
C MET G 229 -51.34 -41.97 -56.41
N TYR G 230 -50.33 -42.84 -56.29
CA TYR G 230 -49.64 -43.28 -57.50
C TYR G 230 -50.46 -44.33 -58.23
N SER G 231 -50.79 -45.43 -57.56
CA SER G 231 -51.36 -46.58 -58.23
C SER G 231 -52.84 -46.42 -58.57
N ALA G 232 -53.54 -45.49 -57.93
CA ALA G 232 -54.98 -45.31 -58.14
C ALA G 232 -55.24 -43.90 -58.64
N PRO G 233 -55.26 -43.70 -59.95
CA PRO G 233 -55.61 -42.37 -60.49
C PRO G 233 -57.07 -42.06 -60.25
N ALA G 234 -57.41 -40.79 -60.42
CA ALA G 234 -58.78 -40.34 -60.20
C ALA G 234 -59.70 -40.90 -61.27
N GLY G 235 -60.92 -41.24 -60.86
CA GLY G 235 -61.87 -41.90 -61.74
C GLY G 235 -61.75 -43.39 -61.78
N SER G 236 -60.73 -43.97 -61.15
CA SER G 236 -60.54 -45.40 -61.11
C SER G 236 -61.24 -45.97 -59.88
N THR G 237 -60.94 -47.21 -59.54
CA THR G 237 -61.65 -47.94 -58.50
C THR G 237 -60.65 -48.75 -57.68
N ILE G 238 -60.87 -48.82 -56.37
CA ILE G 238 -59.96 -49.52 -55.47
C ILE G 238 -60.73 -50.58 -54.68
N LEU G 239 -59.98 -51.55 -54.18
CA LEU G 239 -60.49 -52.58 -53.26
C LEU G 239 -59.84 -52.33 -51.91
N ILE G 240 -60.51 -51.55 -51.08
CA ILE G 240 -59.98 -51.17 -49.79
C ILE G 240 -60.61 -52.03 -48.71
N ASP G 241 -59.77 -52.54 -47.81
CA ASP G 241 -60.25 -53.26 -46.63
C ASP G 241 -61.12 -52.35 -45.78
N ARG G 242 -62.23 -52.88 -45.29
CA ARG G 242 -63.02 -52.14 -44.31
C ARG G 242 -62.25 -51.99 -43.01
N ASN G 243 -61.46 -53.00 -42.64
CA ASN G 243 -60.51 -52.86 -41.55
C ASN G 243 -59.35 -52.01 -42.04
N CYS G 244 -59.56 -50.70 -42.10
CA CYS G 244 -58.57 -49.77 -42.62
C CYS G 244 -58.18 -48.80 -41.52
N HIS G 245 -57.29 -47.88 -41.87
CA HIS G 245 -56.91 -46.80 -40.98
C HIS G 245 -57.66 -45.54 -41.38
N LYS G 246 -57.58 -44.53 -40.50
CA LYS G 246 -58.13 -43.21 -40.83
C LYS G 246 -57.43 -42.61 -42.03
N SER G 247 -56.14 -42.95 -42.21
CA SER G 247 -55.35 -42.42 -43.31
C SER G 247 -55.87 -42.86 -44.67
N LEU G 248 -56.35 -44.10 -44.78
CA LEU G 248 -56.91 -44.54 -46.06
C LEU G 248 -58.22 -43.83 -46.37
N THR G 249 -59.04 -43.55 -45.36
CA THR G 249 -60.24 -42.75 -45.56
C THR G 249 -59.88 -41.35 -46.01
N HIS G 250 -58.85 -40.77 -45.39
CA HIS G 250 -58.36 -39.46 -45.80
C HIS G 250 -57.85 -39.46 -47.24
N LEU G 251 -57.14 -40.52 -47.63
CA LEU G 251 -56.72 -40.69 -49.01
C LEU G 251 -57.89 -40.73 -49.97
N MET G 252 -58.93 -41.50 -49.62
CA MET G 252 -60.10 -41.59 -50.48
C MET G 252 -60.87 -40.29 -50.57
N MET G 253 -60.79 -39.45 -49.53
CA MET G 253 -61.40 -38.13 -49.62
C MET G 253 -60.56 -37.15 -50.42
N MET G 254 -59.24 -37.31 -50.47
CA MET G 254 -58.45 -36.44 -51.34
C MET G 254 -58.64 -36.80 -52.81
N SER G 255 -58.62 -38.09 -53.14
CA SER G 255 -58.61 -38.54 -54.52
C SER G 255 -60.00 -38.94 -55.00
N ASP G 256 -60.25 -38.71 -56.28
CA ASP G 256 -61.54 -39.03 -56.90
C ASP G 256 -61.58 -40.51 -57.28
N VAL G 257 -61.73 -41.35 -56.27
CA VAL G 257 -61.75 -42.79 -56.44
C VAL G 257 -63.08 -43.34 -55.93
N THR G 258 -63.31 -44.62 -56.20
CA THR G 258 -64.55 -45.29 -55.84
C THR G 258 -64.23 -46.62 -55.15
N PRO G 259 -64.84 -46.93 -54.01
CA PRO G 259 -64.52 -48.17 -53.31
C PRO G 259 -65.45 -49.34 -53.59
N ILE G 260 -64.87 -50.54 -53.53
CA ILE G 260 -65.56 -51.73 -53.03
C ILE G 260 -64.89 -52.11 -51.73
N TYR G 261 -65.68 -52.19 -50.67
CA TYR G 261 -65.14 -52.50 -49.35
C TYR G 261 -65.15 -54.01 -49.15
N PHE G 262 -63.99 -54.54 -48.77
CA PHE G 262 -63.93 -55.91 -48.30
C PHE G 262 -64.69 -56.04 -46.99
N ARG G 263 -65.09 -57.26 -46.66
CA ARG G 263 -65.94 -57.50 -45.49
C ARG G 263 -65.26 -58.45 -44.52
N PRO G 264 -64.50 -57.93 -43.56
CA PRO G 264 -63.82 -58.81 -42.60
C PRO G 264 -64.79 -59.41 -41.60
N THR G 265 -64.35 -60.52 -41.01
CA THR G 265 -65.09 -61.18 -39.95
C THR G 265 -64.66 -60.64 -38.59
N ARG G 266 -65.43 -60.99 -37.56
CA ARG G 266 -65.13 -60.56 -36.20
C ARG G 266 -65.80 -61.50 -35.21
N ASN G 267 -65.26 -61.53 -34.00
CA ASN G 267 -65.79 -62.34 -32.92
C ASN G 267 -66.60 -61.46 -31.97
N ALA G 268 -67.11 -62.06 -30.91
CA ALA G 268 -67.88 -61.32 -29.91
C ALA G 268 -67.01 -60.41 -29.06
N TYR G 269 -65.70 -60.65 -29.01
CA TYR G 269 -64.80 -59.80 -28.24
C TYR G 269 -64.68 -58.41 -28.84
N GLY G 270 -64.90 -58.29 -30.15
CA GLY G 270 -64.64 -57.06 -30.86
C GLY G 270 -63.34 -57.04 -31.61
N ILE G 271 -62.61 -58.15 -31.62
CA ILE G 271 -61.35 -58.23 -32.36
C ILE G 271 -61.67 -58.28 -33.85
N LEU G 272 -61.06 -57.38 -34.61
CA LEU G 272 -61.25 -57.34 -36.06
C LEU G 272 -60.51 -58.51 -36.69
N GLY G 273 -61.25 -59.49 -37.17
CA GLY G 273 -60.64 -60.63 -37.83
C GLY G 273 -60.26 -60.31 -39.25
N GLY G 274 -60.57 -61.21 -40.17
CA GLY G 274 -60.14 -61.00 -41.54
C GLY G 274 -61.18 -61.29 -42.60
N ILE G 275 -60.83 -60.92 -43.82
CA ILE G 275 -61.72 -61.13 -44.97
C ILE G 275 -61.74 -62.62 -45.30
N PRO G 276 -62.89 -63.21 -45.56
CA PRO G 276 -62.92 -64.62 -46.00
C PRO G 276 -62.27 -64.79 -47.36
N GLN G 277 -61.97 -66.05 -47.68
CA GLN G 277 -61.34 -66.37 -48.95
C GLN G 277 -62.23 -66.09 -50.15
N SER G 278 -63.55 -66.03 -49.94
CA SER G 278 -64.47 -65.86 -51.06
C SER G 278 -64.39 -64.46 -51.65
N GLU G 279 -63.97 -63.47 -50.86
CA GLU G 279 -63.96 -62.08 -51.32
C GLU G 279 -62.62 -61.67 -51.91
N PHE G 280 -61.83 -62.61 -52.42
CA PHE G 280 -60.65 -62.25 -53.19
C PHE G 280 -60.65 -62.86 -54.58
N GLN G 281 -61.71 -63.56 -54.95
CA GLN G 281 -61.78 -64.20 -56.25
C GLN G 281 -62.49 -63.27 -57.24
N HIS G 282 -62.50 -63.68 -58.51
CA HIS G 282 -63.02 -62.82 -59.55
C HIS G 282 -64.54 -62.68 -59.50
N ALA G 283 -65.24 -63.71 -59.03
CA ALA G 283 -66.70 -63.71 -59.08
C ALA G 283 -67.30 -62.66 -58.15
N THR G 284 -66.87 -62.66 -56.89
CA THR G 284 -67.42 -61.71 -55.92
C THR G 284 -66.98 -60.28 -56.23
N ILE G 285 -65.74 -60.11 -56.70
CA ILE G 285 -65.26 -58.78 -57.06
C ILE G 285 -66.03 -58.23 -58.25
N ALA G 286 -66.27 -59.07 -59.27
CA ALA G 286 -67.06 -58.64 -60.42
C ALA G 286 -68.49 -58.33 -60.04
N LYS G 287 -69.08 -59.13 -59.13
CA LYS G 287 -70.43 -58.84 -58.65
C LYS G 287 -70.50 -57.50 -57.94
N ARG G 288 -69.60 -57.27 -56.98
CA ARG G 288 -69.58 -56.02 -56.23
C ARG G 288 -69.24 -54.83 -57.11
N VAL G 289 -68.49 -55.04 -58.19
CA VAL G 289 -68.34 -54.01 -59.21
C VAL G 289 -69.68 -53.73 -59.89
N LYS G 290 -70.43 -54.80 -60.21
CA LYS G 290 -71.67 -54.65 -60.96
C LYS G 290 -72.73 -53.89 -60.19
N GLU G 291 -72.89 -54.15 -58.90
CA GLU G 291 -73.86 -53.38 -58.12
C GLU G 291 -73.23 -52.18 -57.40
N THR G 292 -72.20 -51.57 -57.97
CA THR G 292 -71.72 -50.29 -57.48
C THR G 292 -71.81 -49.26 -58.59
N PRO G 293 -72.49 -48.13 -58.38
CA PRO G 293 -72.60 -47.12 -59.43
C PRO G 293 -71.27 -46.47 -59.76
N ASN G 294 -71.09 -46.16 -61.05
CA ASN G 294 -69.90 -45.50 -61.58
C ASN G 294 -68.62 -46.26 -61.28
N ALA G 295 -68.70 -47.59 -61.28
CA ALA G 295 -67.58 -48.43 -60.88
C ALA G 295 -67.10 -49.26 -62.06
N THR G 296 -65.77 -49.36 -62.19
CA THR G 296 -65.13 -50.18 -63.20
C THR G 296 -64.30 -51.25 -62.50
N TRP G 297 -63.50 -51.97 -63.27
CA TRP G 297 -62.62 -52.98 -62.70
C TRP G 297 -61.57 -52.32 -61.82
N PRO G 298 -61.36 -52.81 -60.60
CA PRO G 298 -60.40 -52.16 -59.68
C PRO G 298 -58.98 -52.24 -60.19
N VAL G 299 -58.25 -51.13 -60.04
CA VAL G 299 -56.87 -51.05 -60.48
C VAL G 299 -55.90 -51.07 -59.31
N HIS G 300 -56.39 -51.19 -58.08
CA HIS G 300 -55.52 -51.21 -56.92
C HIS G 300 -56.28 -51.85 -55.76
N ALA G 301 -55.54 -52.50 -54.86
CA ALA G 301 -56.14 -53.12 -53.69
C ALA G 301 -55.29 -52.82 -52.48
N VAL G 302 -55.95 -52.48 -51.37
CA VAL G 302 -55.27 -52.15 -50.12
C VAL G 302 -55.79 -53.09 -49.04
N ILE G 303 -54.87 -53.80 -48.37
CA ILE G 303 -55.20 -54.83 -47.39
C ILE G 303 -54.37 -54.58 -46.14
N THR G 304 -55.02 -54.58 -44.98
CA THR G 304 -54.32 -54.36 -43.72
C THR G 304 -53.75 -55.69 -43.24
N ASN G 305 -52.46 -55.89 -43.47
CA ASN G 305 -51.76 -57.14 -43.15
C ASN G 305 -50.56 -56.85 -42.25
N SER G 306 -50.68 -57.12 -40.95
CA SER G 306 -51.79 -57.83 -40.35
C SER G 306 -52.88 -56.87 -39.91
N THR G 307 -53.84 -57.39 -39.15
CA THR G 307 -54.85 -56.54 -38.55
C THR G 307 -54.24 -55.83 -37.34
N TYR G 308 -55.07 -55.08 -36.62
CA TYR G 308 -54.60 -54.42 -35.41
C TYR G 308 -54.22 -55.43 -34.33
N ASP G 309 -54.90 -56.57 -34.29
CA ASP G 309 -54.63 -57.59 -33.29
C ASP G 309 -53.69 -58.68 -33.80
N GLY G 310 -52.94 -58.40 -34.86
CA GLY G 310 -51.89 -59.30 -35.29
C GLY G 310 -52.36 -60.61 -35.88
N LEU G 311 -53.20 -60.53 -36.92
CA LEU G 311 -53.66 -61.71 -37.65
C LEU G 311 -53.14 -61.59 -39.08
N LEU G 312 -52.06 -62.30 -39.36
CA LEU G 312 -51.48 -62.31 -40.69
C LEU G 312 -52.36 -63.08 -41.66
N TYR G 313 -52.16 -62.84 -42.94
CA TYR G 313 -52.94 -63.51 -43.97
C TYR G 313 -52.05 -64.51 -44.69
N ASN G 314 -52.69 -65.43 -45.41
CA ASN G 314 -51.97 -66.27 -46.36
C ASN G 314 -51.81 -65.45 -47.62
N THR G 315 -50.76 -64.63 -47.64
CA THR G 315 -50.55 -63.67 -48.70
C THR G 315 -50.19 -64.30 -50.04
N ASP G 316 -49.73 -65.55 -50.06
CA ASP G 316 -49.48 -66.21 -51.34
C ASP G 316 -50.78 -66.48 -52.08
N PHE G 317 -51.82 -66.87 -51.34
CA PHE G 317 -53.18 -66.96 -51.89
C PHE G 317 -53.62 -65.63 -52.47
N ILE G 318 -53.35 -64.54 -51.75
CA ILE G 318 -53.78 -63.21 -52.19
C ILE G 318 -53.05 -62.80 -53.45
N LYS G 319 -51.74 -62.94 -53.47
CA LYS G 319 -50.94 -62.57 -54.62
C LYS G 319 -51.15 -63.50 -55.82
N LYS G 320 -51.70 -64.69 -55.61
CA LYS G 320 -52.03 -65.55 -56.74
C LYS G 320 -53.41 -65.27 -57.30
N THR G 321 -54.41 -65.05 -56.45
CA THR G 321 -55.79 -65.06 -56.92
C THR G 321 -56.44 -63.69 -57.03
N LEU G 322 -55.95 -62.68 -56.31
CA LEU G 322 -56.51 -61.34 -56.44
C LEU G 322 -56.07 -60.76 -57.78
N ASP G 323 -57.01 -60.61 -58.70
CA ASP G 323 -56.70 -60.27 -60.10
C ASP G 323 -56.69 -58.77 -60.34
N VAL G 324 -55.91 -58.04 -59.54
CA VAL G 324 -55.70 -56.62 -59.76
C VAL G 324 -54.23 -56.39 -60.07
N LYS G 325 -53.95 -55.24 -60.67
CA LYS G 325 -52.60 -54.96 -61.18
C LYS G 325 -51.67 -54.40 -60.10
N SER G 326 -52.17 -54.13 -58.91
CA SER G 326 -51.33 -53.66 -57.82
C SER G 326 -52.00 -53.97 -56.49
N ILE G 327 -51.33 -54.73 -55.64
CA ILE G 327 -51.84 -55.11 -54.34
C ILE G 327 -50.98 -54.41 -53.29
N HIS G 328 -51.62 -53.62 -52.43
CA HIS G 328 -50.94 -52.92 -51.36
C HIS G 328 -51.26 -53.56 -50.02
N PHE G 329 -50.22 -53.82 -49.25
CA PHE G 329 -50.37 -54.36 -47.90
C PHE G 329 -50.01 -53.26 -46.92
N ASP G 330 -50.98 -52.82 -46.13
CA ASP G 330 -50.74 -51.77 -45.13
C ASP G 330 -50.16 -52.44 -43.89
N SER G 331 -48.89 -52.79 -43.99
CA SER G 331 -48.22 -53.57 -42.93
C SER G 331 -47.65 -52.65 -41.86
N ALA G 332 -48.51 -51.80 -41.32
CA ALA G 332 -48.06 -50.89 -40.27
C ALA G 332 -47.69 -51.62 -38.99
N TRP G 333 -48.36 -52.72 -38.67
CA TRP G 333 -48.11 -53.44 -37.44
C TRP G 333 -47.17 -54.62 -37.60
N VAL G 334 -46.77 -54.96 -38.82
CA VAL G 334 -45.83 -56.05 -39.02
C VAL G 334 -44.68 -55.54 -39.88
N PRO G 335 -43.71 -54.82 -39.31
CA PRO G 335 -42.55 -54.40 -40.12
C PRO G 335 -41.36 -55.33 -40.03
N TYR G 336 -41.39 -56.27 -39.07
CA TYR G 336 -40.25 -57.11 -38.73
C TYR G 336 -40.24 -58.43 -39.50
N THR G 337 -40.90 -58.48 -40.65
CA THR G 337 -41.27 -59.76 -41.26
C THR G 337 -40.08 -60.57 -41.75
N ASN G 338 -39.10 -59.94 -42.41
CA ASN G 338 -38.03 -60.63 -43.09
C ASN G 338 -37.07 -61.31 -42.10
N PHE G 339 -37.10 -60.93 -40.83
CA PHE G 339 -36.03 -61.22 -39.91
C PHE G 339 -36.26 -62.45 -39.05
N SER G 340 -37.29 -63.24 -39.37
CA SER G 340 -37.43 -64.56 -38.79
C SER G 340 -38.21 -65.38 -39.81
N PRO G 341 -37.76 -66.60 -40.11
CA PRO G 341 -38.48 -67.45 -41.07
C PRO G 341 -39.82 -67.97 -40.57
N ILE G 342 -40.23 -67.58 -39.36
CA ILE G 342 -41.58 -67.85 -38.90
C ILE G 342 -42.59 -67.20 -39.82
N TYR G 343 -42.30 -65.97 -40.26
CA TYR G 343 -43.22 -65.17 -41.06
C TYR G 343 -43.06 -65.39 -42.56
N GLU G 344 -42.53 -66.53 -42.99
CA GLU G 344 -42.43 -66.82 -44.41
C GLU G 344 -43.82 -67.00 -44.99
N GLY G 345 -44.05 -66.41 -46.17
CA GLY G 345 -45.37 -66.46 -46.77
C GLY G 345 -46.41 -65.65 -46.04
N LYS G 346 -46.00 -64.56 -45.39
CA LYS G 346 -46.90 -63.75 -44.58
C LYS G 346 -46.64 -62.26 -44.69
N CYS G 347 -46.16 -61.79 -45.84
CA CYS G 347 -46.07 -60.37 -46.12
C CYS G 347 -46.08 -60.17 -47.64
N GLY G 348 -46.14 -58.89 -48.04
CA GLY G 348 -46.03 -58.59 -49.45
C GLY G 348 -44.69 -58.96 -50.04
N MET G 349 -43.62 -58.82 -49.27
CA MET G 349 -42.29 -59.14 -49.75
C MET G 349 -41.93 -60.61 -49.59
N SER G 350 -42.81 -61.41 -49.03
CA SER G 350 -42.59 -62.85 -48.97
C SER G 350 -42.67 -63.45 -50.37
N GLY G 351 -41.80 -64.40 -50.64
CA GLY G 351 -41.74 -64.99 -51.95
C GLY G 351 -41.04 -64.09 -52.94
N GLY G 352 -41.07 -64.52 -54.20
CA GLY G 352 -40.39 -63.82 -55.26
C GLY G 352 -41.24 -62.73 -55.89
N ARG G 353 -40.71 -62.17 -56.97
CA ARG G 353 -41.41 -61.14 -57.74
C ARG G 353 -42.58 -61.78 -58.45
N VAL G 354 -43.80 -61.41 -58.06
CA VAL G 354 -44.99 -61.98 -58.68
C VAL G 354 -45.15 -61.38 -60.07
N GLU G 355 -45.70 -62.19 -60.98
CA GLU G 355 -45.82 -61.77 -62.37
C GLU G 355 -47.10 -60.97 -62.57
N GLY G 356 -46.98 -59.87 -63.32
CA GLY G 356 -48.14 -59.13 -63.78
C GLY G 356 -48.71 -58.10 -62.84
N LYS G 357 -48.17 -57.99 -61.62
CA LYS G 357 -48.68 -57.00 -60.68
C LYS G 357 -47.55 -56.57 -59.75
N VAL G 358 -47.70 -55.38 -59.18
CA VAL G 358 -46.71 -54.79 -58.30
C VAL G 358 -47.24 -54.86 -56.88
N ILE G 359 -46.45 -55.41 -55.97
CA ILE G 359 -46.84 -55.57 -54.58
C ILE G 359 -46.21 -54.44 -53.79
N TYR G 360 -47.04 -53.66 -53.12
CA TYR G 360 -46.58 -52.61 -52.22
C TYR G 360 -46.67 -53.10 -50.78
N GLU G 361 -45.73 -52.62 -49.96
CA GLU G 361 -45.81 -52.85 -48.54
C GLU G 361 -45.25 -51.63 -47.84
N THR G 362 -45.95 -51.15 -46.82
CA THR G 362 -45.71 -49.84 -46.23
C THR G 362 -45.50 -49.96 -44.72
N GLN G 363 -44.54 -50.80 -44.34
CA GLN G 363 -44.10 -51.02 -42.96
C GLN G 363 -43.94 -49.73 -42.18
N SER G 364 -44.66 -49.61 -41.08
CA SER G 364 -44.48 -48.51 -40.15
C SER G 364 -43.33 -48.88 -39.21
N THR G 365 -42.14 -48.39 -39.53
CA THR G 365 -40.92 -48.79 -38.86
C THR G 365 -40.90 -48.39 -37.38
N HIS G 366 -41.52 -47.27 -37.03
CA HIS G 366 -41.47 -46.82 -35.64
C HIS G 366 -42.33 -47.65 -34.72
N1 LLP G 367 -52.03 -47.22 -40.70
C2 LLP G 367 -52.33 -48.28 -39.95
C2' LLP G 367 -53.15 -49.47 -40.51
C3 LLP G 367 -51.91 -48.33 -38.59
O3 LLP G 367 -52.22 -49.44 -37.80
C4 LLP G 367 -51.18 -47.29 -38.05
C4' LLP G 367 -50.69 -47.36 -36.52
C5 LLP G 367 -50.87 -46.22 -38.81
C6 LLP G 367 -51.30 -46.15 -40.15
C5' LLP G 367 -50.05 -45.07 -38.15
OP4 LLP G 367 -49.56 -44.17 -39.12
P LLP G 367 -48.34 -43.33 -38.69
OP1 LLP G 367 -48.64 -42.65 -37.35
OP2 LLP G 367 -48.07 -42.32 -39.72
OP3 LLP G 367 -47.15 -44.22 -38.54
N LLP G 367 -43.28 -48.39 -35.28
CA LLP G 367 -44.29 -49.09 -34.47
CB LLP G 367 -45.41 -49.57 -35.35
CG LLP G 367 -46.29 -48.37 -35.74
CD LLP G 367 -47.55 -48.32 -34.87
CE LLP G 367 -48.57 -47.35 -35.49
NZ LLP G 367 -49.45 -48.06 -36.44
C LLP G 367 -43.72 -50.25 -33.73
O LLP G 367 -43.85 -50.29 -32.52
N LEU G 368 -43.09 -51.18 -34.42
CA LEU G 368 -42.61 -52.40 -33.77
C LEU G 368 -41.10 -52.56 -33.80
N LEU G 369 -40.43 -51.92 -34.75
CA LEU G 369 -38.98 -51.87 -34.75
C LEU G 369 -38.51 -50.76 -33.83
N ALA G 370 -37.21 -50.52 -33.82
CA ALA G 370 -36.63 -49.47 -32.99
C ALA G 370 -36.31 -48.28 -33.87
N ALA G 371 -37.27 -47.37 -33.97
CA ALA G 371 -37.07 -46.16 -34.75
C ALA G 371 -37.86 -45.01 -34.12
N PHE G 372 -37.42 -43.79 -34.42
CA PHE G 372 -38.13 -42.60 -33.99
C PHE G 372 -39.50 -42.54 -34.65
N SER G 373 -40.42 -41.82 -34.01
CA SER G 373 -41.77 -41.71 -34.54
C SER G 373 -41.78 -40.95 -35.86
N GLN G 374 -42.92 -41.04 -36.54
CA GLN G 374 -43.13 -40.52 -37.89
C GLN G 374 -42.15 -41.11 -38.90
N ALA G 375 -41.67 -42.32 -38.66
CA ALA G 375 -40.80 -43.01 -39.59
C ALA G 375 -41.57 -44.12 -40.28
N SER G 376 -41.37 -44.24 -41.59
CA SER G 376 -42.08 -45.24 -42.36
C SER G 376 -41.27 -45.59 -43.59
N MET G 377 -41.68 -46.66 -44.26
CA MET G 377 -41.03 -47.13 -45.46
C MET G 377 -42.08 -47.49 -46.49
N ILE G 378 -41.68 -47.47 -47.76
CA ILE G 378 -42.49 -48.00 -48.84
C ILE G 378 -41.62 -48.97 -49.62
N HIS G 379 -41.89 -50.25 -49.47
CA HIS G 379 -41.21 -51.28 -50.23
C HIS G 379 -42.09 -51.69 -51.40
N VAL G 380 -41.51 -51.73 -52.59
CA VAL G 380 -42.23 -52.17 -53.77
C VAL G 380 -41.65 -53.50 -54.21
N LYS G 381 -42.43 -54.21 -55.03
CA LYS G 381 -41.98 -55.48 -55.60
C LYS G 381 -42.60 -55.58 -56.98
N GLY G 382 -41.81 -55.29 -58.00
CA GLY G 382 -42.28 -55.26 -59.36
C GLY G 382 -41.64 -54.12 -60.11
N ASP G 383 -42.29 -53.72 -61.20
CA ASP G 383 -41.80 -52.65 -62.05
C ASP G 383 -42.77 -51.48 -61.96
N VAL G 384 -42.27 -50.31 -61.59
CA VAL G 384 -43.07 -49.11 -61.52
C VAL G 384 -42.41 -48.03 -62.35
N ASN G 385 -43.21 -47.06 -62.78
CA ASN G 385 -42.68 -45.91 -63.48
C ASN G 385 -41.86 -45.09 -62.48
N GLU G 386 -40.54 -45.08 -62.65
CA GLU G 386 -39.63 -44.56 -61.63
C GLU G 386 -39.85 -43.07 -61.39
N GLU G 387 -39.97 -42.28 -62.46
CA GLU G 387 -40.14 -40.85 -62.29
C GLU G 387 -41.53 -40.48 -61.79
N THR G 388 -42.57 -41.16 -62.28
CA THR G 388 -43.92 -40.86 -61.82
C THR G 388 -44.09 -41.22 -60.35
N PHE G 389 -43.59 -42.39 -59.94
CA PHE G 389 -43.70 -42.79 -58.54
C PHE G 389 -42.77 -41.98 -57.64
N ASN G 390 -41.59 -41.59 -58.12
CA ASN G 390 -40.74 -40.69 -57.36
C ASN G 390 -41.40 -39.33 -57.19
N GLU G 391 -42.10 -38.85 -58.21
CA GLU G 391 -42.78 -37.57 -58.09
C GLU G 391 -43.97 -37.68 -57.14
N ALA G 392 -44.68 -38.82 -57.14
CA ALA G 392 -45.74 -39.02 -56.17
C ALA G 392 -45.21 -39.08 -54.75
N TYR G 393 -44.04 -39.71 -54.55
CA TYR G 393 -43.41 -39.71 -53.24
C TYR G 393 -42.99 -38.31 -52.82
N MET G 394 -42.41 -37.54 -53.73
CA MET G 394 -42.04 -36.16 -53.47
C MET G 394 -43.25 -35.28 -53.18
N MET G 395 -44.41 -35.65 -53.75
CA MET G 395 -45.63 -34.86 -53.60
C MET G 395 -46.12 -34.78 -52.16
N HIS G 396 -46.02 -35.86 -51.40
CA HIS G 396 -46.59 -35.87 -50.05
C HIS G 396 -45.58 -35.62 -48.94
N THR G 397 -44.30 -35.93 -49.15
CA THR G 397 -43.34 -35.68 -48.10
C THR G 397 -42.95 -34.21 -48.08
N THR G 398 -42.35 -33.80 -46.96
CA THR G 398 -41.83 -32.45 -46.82
C THR G 398 -40.58 -32.28 -47.66
N THR G 399 -40.11 -31.04 -47.74
CA THR G 399 -38.90 -30.73 -48.47
C THR G 399 -37.65 -30.69 -47.60
N SER G 400 -37.78 -30.33 -46.33
CA SER G 400 -36.67 -30.30 -45.38
C SER G 400 -37.00 -31.28 -44.26
N PRO G 401 -36.60 -32.53 -44.36
CA PRO G 401 -36.98 -33.54 -43.37
C PRO G 401 -36.12 -33.47 -42.13
N HIS G 402 -36.61 -34.12 -41.08
CA HIS G 402 -35.85 -34.25 -39.83
C HIS G 402 -34.86 -35.38 -39.98
N TYR G 403 -33.57 -35.06 -40.06
CA TYR G 403 -32.57 -36.07 -40.32
C TYR G 403 -32.39 -37.03 -39.15
N GLY G 404 -32.83 -36.68 -37.95
CA GLY G 404 -32.86 -37.66 -36.88
C GLY G 404 -33.83 -38.78 -37.16
N ILE G 405 -35.00 -38.45 -37.71
CA ILE G 405 -35.98 -39.47 -38.08
C ILE G 405 -35.45 -40.34 -39.21
N VAL G 406 -34.79 -39.73 -40.20
CA VAL G 406 -34.23 -40.48 -41.32
C VAL G 406 -33.12 -41.42 -40.85
N ALA G 407 -32.22 -40.91 -40.01
CA ALA G 407 -31.15 -41.74 -39.46
C ALA G 407 -31.69 -42.85 -38.59
N SER G 408 -32.74 -42.59 -37.82
CA SER G 408 -33.37 -43.64 -37.03
C SER G 408 -34.05 -44.67 -37.91
N THR G 409 -34.66 -44.22 -39.01
CA THR G 409 -35.31 -45.12 -39.96
C THR G 409 -34.31 -46.09 -40.57
N GLU G 410 -33.13 -45.59 -40.95
CA GLU G 410 -32.11 -46.49 -41.48
C GLU G 410 -31.45 -47.34 -40.41
N THR G 411 -31.19 -46.77 -39.23
CA THR G 411 -30.58 -47.52 -38.15
C THR G 411 -31.47 -48.64 -37.64
N ALA G 412 -32.79 -48.50 -37.80
CA ALA G 412 -33.68 -49.60 -37.44
C ALA G 412 -33.43 -50.84 -38.30
N ALA G 413 -33.23 -50.66 -39.60
CA ALA G 413 -32.87 -51.80 -40.43
C ALA G 413 -31.45 -52.26 -40.15
N ALA G 414 -30.55 -51.31 -39.83
CA ALA G 414 -29.18 -51.68 -39.51
C ALA G 414 -29.07 -52.48 -38.22
N MET G 415 -30.04 -52.37 -37.32
CA MET G 415 -30.10 -53.21 -36.13
C MET G 415 -30.47 -54.65 -36.45
N MET G 416 -30.87 -54.95 -37.68
CA MET G 416 -31.38 -56.26 -38.01
C MET G 416 -30.48 -57.07 -38.94
N LYS G 417 -29.37 -56.50 -39.41
CA LYS G 417 -28.40 -57.25 -40.18
C LYS G 417 -27.46 -58.00 -39.25
N GLY G 418 -27.03 -59.17 -39.66
CA GLY G 418 -26.08 -59.97 -38.92
C GLY G 418 -26.75 -60.97 -38.01
N ASN G 419 -26.02 -61.34 -36.96
CA ASN G 419 -26.55 -62.27 -35.97
C ASN G 419 -27.29 -61.56 -34.85
N ALA G 420 -26.97 -60.30 -34.60
CA ALA G 420 -27.62 -59.56 -33.52
C ALA G 420 -29.10 -59.32 -33.83
N GLY G 421 -29.44 -59.00 -35.07
CA GLY G 421 -30.84 -58.77 -35.41
C GLY G 421 -31.67 -60.04 -35.34
N LYS G 422 -31.11 -61.15 -35.83
CA LYS G 422 -31.78 -62.44 -35.71
C LYS G 422 -31.96 -62.82 -34.25
N ARG G 423 -30.94 -62.56 -33.43
CA ARG G 423 -31.06 -62.81 -32.00
C ARG G 423 -32.13 -61.94 -31.35
N LEU G 424 -32.24 -60.67 -31.78
CA LEU G 424 -33.29 -59.79 -31.27
C LEU G 424 -34.68 -60.33 -31.59
N ILE G 425 -34.92 -60.67 -32.86
CA ILE G 425 -36.25 -61.09 -33.27
C ILE G 425 -36.61 -62.43 -32.64
N ASN G 426 -35.67 -63.39 -32.63
CA ASN G 426 -35.95 -64.67 -32.01
C ASN G 426 -36.12 -64.56 -30.51
N GLY G 427 -35.35 -63.68 -29.85
CA GLY G 427 -35.54 -63.48 -28.43
C GLY G 427 -36.88 -62.85 -28.11
N SER G 428 -37.32 -61.89 -28.92
CA SER G 428 -38.62 -61.28 -28.70
C SER G 428 -39.76 -62.28 -28.90
N ILE G 429 -39.68 -63.10 -29.95
CA ILE G 429 -40.72 -64.08 -30.19
C ILE G 429 -40.74 -65.15 -29.09
N GLU G 430 -39.56 -65.62 -28.68
CA GLU G 430 -39.48 -66.63 -27.62
C GLU G 430 -39.96 -66.08 -26.28
N ARG G 431 -39.62 -64.82 -25.97
CA ARG G 431 -40.13 -64.17 -24.77
C ARG G 431 -41.64 -64.02 -24.80
N ALA G 432 -42.19 -63.67 -25.96
CA ALA G 432 -43.64 -63.58 -26.09
C ALA G 432 -44.31 -64.94 -25.86
N ILE G 433 -43.73 -65.99 -26.44
CA ILE G 433 -44.30 -67.33 -26.28
C ILE G 433 -44.22 -67.80 -24.84
N LYS G 434 -43.10 -67.51 -24.16
CA LYS G 434 -42.97 -67.90 -22.76
C LYS G 434 -43.93 -67.12 -21.86
N PHE G 435 -44.14 -65.84 -22.15
CA PHE G 435 -45.15 -65.08 -21.43
C PHE G 435 -46.54 -65.67 -21.64
N ARG G 436 -46.85 -66.09 -22.88
CA ARG G 436 -48.14 -66.69 -23.17
C ARG G 436 -48.31 -68.01 -22.41
N LYS G 437 -47.26 -68.82 -22.34
CA LYS G 437 -47.34 -70.07 -21.62
C LYS G 437 -47.56 -69.85 -20.12
N GLU G 438 -46.86 -68.89 -19.49
CA GLU G 438 -47.28 -68.69 -18.09
C GLU G 438 -48.59 -67.97 -17.90
N ILE G 439 -49.08 -67.16 -18.84
CA ILE G 439 -50.36 -66.57 -18.50
C ILE G 439 -51.46 -67.63 -18.57
N LYS G 440 -51.37 -68.57 -19.51
CA LYS G 440 -52.27 -69.72 -19.40
C LYS G 440 -51.95 -70.62 -18.21
N ARG G 441 -50.70 -70.66 -17.75
CA ARG G 441 -50.39 -71.47 -16.58
C ARG G 441 -50.94 -70.86 -15.30
N LEU G 442 -50.78 -69.55 -15.13
CA LEU G 442 -51.32 -68.84 -13.98
C LEU G 442 -52.83 -68.82 -13.99
N ARG G 443 -53.46 -68.92 -15.17
CA ARG G 443 -54.91 -69.07 -15.20
C ARG G 443 -55.34 -70.36 -14.52
N THR G 444 -54.64 -71.46 -14.76
CA THR G 444 -55.00 -72.73 -14.12
C THR G 444 -54.35 -72.88 -12.75
N GLU G 445 -53.46 -71.98 -12.37
CA GLU G 445 -52.87 -72.04 -11.04
C GLU G 445 -53.69 -71.27 -10.02
N SER G 446 -54.32 -70.18 -10.43
CA SER G 446 -54.99 -69.29 -9.49
C SER G 446 -56.35 -69.84 -9.08
N ASP G 447 -56.93 -69.18 -8.09
CA ASP G 447 -58.27 -69.50 -7.61
C ASP G 447 -59.30 -68.55 -8.21
N GLY G 448 -60.49 -69.07 -8.47
CA GLY G 448 -61.55 -68.25 -9.03
C GLY G 448 -61.24 -67.83 -10.45
N TRP G 449 -61.35 -66.53 -10.71
CA TRP G 449 -61.13 -65.99 -12.04
C TRP G 449 -59.68 -65.62 -12.24
N PHE G 450 -59.28 -65.55 -13.52
CA PHE G 450 -57.99 -65.00 -13.89
C PHE G 450 -58.06 -64.53 -15.34
N PHE G 451 -57.05 -63.76 -15.73
CA PHE G 451 -56.94 -63.28 -17.09
C PHE G 451 -56.67 -64.44 -18.04
N ASP G 452 -57.46 -64.50 -19.11
CA ASP G 452 -57.25 -65.44 -20.20
C ASP G 452 -56.51 -64.70 -21.29
N VAL G 453 -55.86 -65.45 -22.18
CA VAL G 453 -55.23 -64.87 -23.36
C VAL G 453 -55.70 -65.59 -24.61
N TRP G 454 -56.14 -64.80 -25.58
CA TRP G 454 -56.86 -65.24 -26.76
C TRP G 454 -55.85 -65.86 -27.73
N GLN G 455 -55.62 -67.16 -27.54
CA GLN G 455 -54.59 -67.90 -28.25
C GLN G 455 -54.97 -69.38 -28.24
N PRO G 456 -54.38 -70.19 -29.13
CA PRO G 456 -54.72 -71.62 -29.15
C PRO G 456 -54.40 -72.31 -27.83
N ASP G 457 -55.19 -73.33 -27.52
CA ASP G 457 -55.09 -74.02 -26.24
C ASP G 457 -53.77 -74.74 -26.05
N HIS G 458 -53.16 -75.23 -27.13
CA HIS G 458 -51.85 -75.86 -27.07
C HIS G 458 -50.90 -75.08 -27.97
N ILE G 459 -50.04 -74.28 -27.36
CA ILE G 459 -48.95 -73.62 -28.06
C ILE G 459 -47.64 -74.01 -27.36
N ASP G 460 -46.72 -74.57 -28.12
CA ASP G 460 -45.40 -74.85 -27.59
C ASP G 460 -44.29 -74.70 -28.62
N THR G 461 -44.62 -74.33 -29.86
CA THR G 461 -43.65 -74.18 -30.93
C THR G 461 -43.60 -72.73 -31.38
N THR G 462 -42.46 -72.33 -31.95
CA THR G 462 -42.25 -70.97 -32.39
C THR G 462 -42.73 -70.85 -33.84
N GLU G 463 -44.04 -70.68 -33.99
CA GLU G 463 -44.64 -70.49 -35.30
C GLU G 463 -45.85 -69.58 -35.15
N CYS G 464 -46.26 -68.99 -36.26
CA CYS G 464 -47.54 -68.29 -36.30
C CYS G 464 -48.65 -69.33 -36.26
N TRP G 465 -49.36 -69.41 -35.16
CA TRP G 465 -50.31 -70.50 -34.97
C TRP G 465 -51.54 -70.27 -35.84
N PRO G 466 -51.84 -71.19 -36.76
CA PRO G 466 -52.93 -70.96 -37.71
C PRO G 466 -54.28 -71.04 -37.03
N LEU G 467 -55.20 -70.21 -37.52
CA LEU G 467 -56.56 -70.21 -37.00
C LEU G 467 -57.34 -71.30 -37.72
N ARG G 468 -57.62 -72.39 -37.02
CA ARG G 468 -58.24 -73.56 -37.61
C ARG G 468 -59.74 -73.53 -37.40
N SER G 469 -60.49 -73.98 -38.41
CA SER G 469 -61.94 -74.04 -38.29
C SER G 469 -62.41 -75.09 -37.31
N ASP G 470 -61.56 -76.04 -36.95
CA ASP G 470 -61.91 -77.12 -36.04
C ASP G 470 -61.66 -76.76 -34.58
N SER G 471 -61.34 -75.50 -34.29
CA SER G 471 -61.13 -75.04 -32.93
C SER G 471 -61.96 -73.77 -32.71
N THR G 472 -62.16 -73.44 -31.43
CA THR G 472 -63.05 -72.35 -31.09
C THR G 472 -62.41 -71.31 -30.19
N TRP G 473 -61.08 -71.27 -30.10
CA TRP G 473 -60.44 -70.26 -29.27
C TRP G 473 -60.54 -68.87 -29.89
N HIS G 474 -60.56 -68.79 -31.22
CA HIS G 474 -60.61 -67.49 -31.87
C HIS G 474 -61.99 -66.88 -31.86
N GLY G 475 -63.02 -67.65 -32.22
CA GLY G 475 -64.38 -67.17 -32.22
C GLY G 475 -64.94 -66.80 -33.57
N PHE G 476 -64.10 -66.71 -34.60
CA PHE G 476 -64.61 -66.44 -35.95
C PHE G 476 -65.25 -67.70 -36.49
N LYS G 477 -66.56 -67.66 -36.67
CA LYS G 477 -67.30 -68.84 -37.09
C LYS G 477 -67.10 -69.10 -38.59
N ASN G 478 -67.03 -70.39 -38.95
CA ASN G 478 -66.88 -70.86 -40.32
C ASN G 478 -65.66 -70.24 -41.01
N ILE G 479 -64.57 -70.13 -40.25
CA ILE G 479 -63.36 -69.51 -40.77
C ILE G 479 -62.66 -70.47 -41.72
N ASP G 480 -61.93 -69.91 -42.68
CA ASP G 480 -61.25 -70.70 -43.68
C ASP G 480 -59.88 -71.14 -43.17
N ASN G 481 -59.50 -72.36 -43.50
CA ASN G 481 -58.26 -72.95 -42.99
C ASN G 481 -57.05 -72.44 -43.76
N GLU G 482 -55.99 -72.14 -43.01
CA GLU G 482 -54.80 -71.45 -43.52
C GLU G 482 -55.14 -70.19 -44.29
N HIS G 483 -55.76 -69.25 -43.57
CA HIS G 483 -55.93 -67.89 -44.05
C HIS G 483 -55.47 -66.95 -42.96
N MET G 484 -55.48 -67.42 -41.71
CA MET G 484 -55.09 -66.60 -40.58
C MET G 484 -53.99 -67.28 -39.77
N TYR G 485 -53.10 -66.44 -39.26
CA TYR G 485 -51.92 -66.85 -38.51
C TYR G 485 -51.72 -65.86 -37.39
N LEU G 486 -51.78 -66.33 -36.15
CA LEU G 486 -51.64 -65.45 -35.01
C LEU G 486 -50.19 -65.01 -34.86
N ASP G 487 -49.99 -63.72 -34.70
CA ASP G 487 -48.66 -63.21 -34.40
C ASP G 487 -48.38 -63.38 -32.92
N PRO G 488 -47.34 -64.14 -32.55
CA PRO G 488 -47.11 -64.42 -31.12
C PRO G 488 -46.77 -63.20 -30.28
N ILE G 489 -46.25 -62.12 -30.86
CA ILE G 489 -45.79 -61.00 -30.03
C ILE G 489 -46.85 -59.96 -29.77
N LYS G 490 -48.03 -60.06 -30.38
CA LYS G 490 -49.13 -59.17 -30.07
C LYS G 490 -50.10 -59.90 -29.15
N VAL G 491 -49.75 -59.92 -27.86
CA VAL G 491 -50.49 -60.69 -26.88
C VAL G 491 -51.75 -59.94 -26.52
N THR G 492 -52.90 -60.58 -26.70
CA THR G 492 -54.20 -60.02 -26.39
C THR G 492 -54.74 -60.73 -25.15
N LEU G 493 -54.60 -60.10 -23.99
CA LEU G 493 -55.19 -60.65 -22.79
C LEU G 493 -56.71 -60.53 -22.85
N LEU G 494 -57.36 -61.33 -22.02
CA LEU G 494 -58.81 -61.29 -21.91
C LEU G 494 -59.17 -61.18 -20.44
N THR G 495 -60.31 -60.58 -20.19
CA THR G 495 -60.85 -60.43 -18.85
C THR G 495 -62.14 -61.22 -18.72
N PRO G 496 -62.55 -61.57 -17.50
CA PRO G 496 -63.82 -62.28 -17.33
C PRO G 496 -65.01 -61.44 -17.78
N GLY G 497 -66.05 -62.15 -18.21
CA GLY G 497 -67.25 -61.50 -18.69
C GLY G 497 -67.84 -62.19 -19.91
N MET G 498 -67.00 -62.89 -20.65
CA MET G 498 -67.40 -63.57 -21.88
C MET G 498 -67.31 -65.07 -21.69
N GLU G 499 -68.33 -65.79 -22.17
CA GLU G 499 -68.23 -67.23 -22.26
C GLU G 499 -67.55 -67.62 -23.57
N LYS G 500 -67.26 -68.91 -23.72
CA LYS G 500 -66.51 -69.37 -24.89
C LYS G 500 -67.36 -69.38 -26.16
N ASP G 501 -68.68 -69.60 -26.03
CA ASP G 501 -69.55 -69.65 -27.20
C ASP G 501 -69.93 -68.26 -27.70
N GLY G 502 -69.63 -67.20 -26.95
CA GLY G 502 -69.90 -65.84 -27.35
C GLY G 502 -70.87 -65.10 -26.45
N THR G 503 -71.68 -65.82 -25.67
CA THR G 503 -72.60 -65.15 -24.76
C THR G 503 -71.84 -64.55 -23.58
N MET G 504 -72.51 -63.65 -22.87
CA MET G 504 -71.89 -62.96 -21.74
C MET G 504 -72.11 -63.74 -20.46
N SER G 505 -71.11 -63.67 -19.58
CA SER G 505 -71.21 -64.25 -18.25
C SER G 505 -71.91 -63.28 -17.31
N ASP G 506 -71.94 -63.60 -16.03
CA ASP G 506 -72.48 -62.70 -15.02
C ASP G 506 -71.40 -61.92 -14.29
N PHE G 507 -70.33 -62.56 -13.87
CA PHE G 507 -69.22 -61.89 -13.23
C PHE G 507 -68.21 -61.47 -14.29
N GLY G 508 -67.83 -60.20 -14.28
CA GLY G 508 -66.93 -59.70 -15.30
C GLY G 508 -66.28 -58.39 -14.90
N ILE G 509 -65.13 -58.13 -15.53
CA ILE G 509 -64.42 -56.87 -15.39
C ILE G 509 -64.16 -56.36 -16.79
N PRO G 510 -64.75 -55.24 -17.21
CA PRO G 510 -64.35 -54.65 -18.50
C PRO G 510 -62.93 -54.12 -18.43
N ALA G 511 -62.25 -54.18 -19.58
CA ALA G 511 -60.81 -53.98 -19.65
C ALA G 511 -60.38 -52.54 -19.39
N SER G 512 -61.32 -51.60 -19.33
CA SER G 512 -60.98 -50.21 -19.01
C SER G 512 -60.44 -50.08 -17.59
N ILE G 513 -61.04 -50.80 -16.63
CA ILE G 513 -60.55 -50.76 -15.25
C ILE G 513 -59.15 -51.36 -15.15
N VAL G 514 -58.91 -52.48 -15.83
CA VAL G 514 -57.59 -53.09 -15.80
C VAL G 514 -56.55 -52.17 -16.43
N ALA G 515 -56.89 -51.54 -17.57
CA ALA G 515 -55.97 -50.62 -18.21
C ALA G 515 -55.68 -49.40 -17.34
N LYS G 516 -56.70 -48.86 -16.69
CA LYS G 516 -56.50 -47.72 -15.80
C LYS G 516 -55.66 -48.10 -14.59
N TYR G 517 -55.85 -49.32 -14.07
CA TYR G 517 -55.03 -49.75 -12.94
C TYR G 517 -53.58 -49.90 -13.37
N LEU G 518 -53.34 -50.49 -14.53
CA LEU G 518 -51.98 -50.65 -15.02
C LEU G 518 -51.33 -49.29 -15.27
N ASP G 519 -52.09 -48.34 -15.80
CA ASP G 519 -51.59 -46.97 -15.95
C ASP G 519 -51.29 -46.33 -14.61
N GLU G 520 -52.08 -46.65 -13.58
CA GLU G 520 -51.77 -46.14 -12.25
C GLU G 520 -50.45 -46.70 -11.75
N HIS G 521 -50.18 -47.98 -11.99
CA HIS G 521 -48.95 -48.60 -11.53
C HIS G 521 -47.82 -48.50 -12.53
N GLY G 522 -47.93 -47.62 -13.53
CA GLY G 522 -46.79 -47.27 -14.34
C GLY G 522 -46.44 -48.22 -15.45
N ILE G 523 -47.43 -48.90 -16.02
CA ILE G 523 -47.25 -49.67 -17.25
C ILE G 523 -48.41 -49.35 -18.18
N VAL G 524 -48.11 -49.19 -19.46
CA VAL G 524 -49.07 -48.63 -20.41
C VAL G 524 -49.55 -49.73 -21.35
N VAL G 525 -50.85 -49.83 -21.52
CA VAL G 525 -51.47 -50.76 -22.47
C VAL G 525 -51.65 -50.01 -23.79
N GLU G 526 -51.49 -50.73 -24.90
CA GLU G 526 -51.61 -50.13 -26.24
C GLU G 526 -53.00 -49.55 -26.47
N LYS G 527 -54.02 -50.41 -26.57
CA LYS G 527 -55.41 -49.98 -26.62
C LYS G 527 -56.30 -51.14 -26.20
N THR G 528 -57.41 -50.84 -25.56
CA THR G 528 -58.32 -51.84 -25.02
C THR G 528 -59.68 -51.74 -25.67
N GLY G 529 -60.36 -52.87 -25.79
CA GLY G 529 -61.75 -52.90 -26.17
C GLY G 529 -62.63 -53.08 -24.96
N PRO G 530 -63.72 -53.81 -25.11
CA PRO G 530 -64.60 -54.05 -23.96
C PRO G 530 -63.99 -55.00 -22.94
N TYR G 531 -63.40 -56.10 -23.40
CA TYR G 531 -62.87 -57.12 -22.50
C TYR G 531 -61.54 -57.68 -22.99
N ASN G 532 -60.77 -56.88 -23.71
CA ASN G 532 -59.45 -57.33 -24.14
C ASN G 532 -58.42 -56.23 -23.97
N LEU G 533 -57.18 -56.63 -23.73
CA LEU G 533 -56.05 -55.75 -23.74
C LEU G 533 -55.17 -56.10 -24.94
N LEU G 534 -54.06 -55.38 -25.08
CA LEU G 534 -53.11 -55.67 -26.14
C LEU G 534 -51.73 -55.25 -25.67
N PHE G 535 -50.73 -56.10 -25.84
CA PHE G 535 -49.38 -55.76 -25.41
C PHE G 535 -48.42 -56.07 -26.54
N LEU G 536 -47.75 -55.04 -27.04
CA LEU G 536 -46.77 -55.18 -28.10
C LEU G 536 -45.49 -55.71 -27.49
N PHE G 537 -45.16 -56.97 -27.77
CA PHE G 537 -43.89 -57.54 -27.33
C PHE G 537 -42.87 -57.34 -28.44
N SER G 538 -42.45 -56.10 -28.61
CA SER G 538 -41.51 -55.75 -29.65
C SER G 538 -40.09 -56.14 -29.21
N ILE G 539 -39.09 -55.69 -29.96
CA ILE G 539 -37.71 -55.99 -29.62
C ILE G 539 -37.25 -55.27 -28.35
N GLY G 540 -37.97 -54.24 -27.90
CA GLY G 540 -37.60 -53.57 -26.68
C GLY G 540 -37.94 -54.31 -25.41
N ILE G 541 -38.88 -55.24 -25.47
CA ILE G 541 -39.38 -55.90 -24.27
C ILE G 541 -38.36 -56.93 -23.80
N ASP G 542 -37.90 -56.78 -22.56
CA ASP G 542 -37.11 -57.80 -21.88
C ASP G 542 -37.92 -58.38 -20.72
N LYS G 543 -37.33 -59.30 -19.99
CA LYS G 543 -38.08 -60.01 -18.95
C LYS G 543 -38.38 -59.14 -17.75
N THR G 544 -37.68 -58.01 -17.57
CA THR G 544 -38.03 -57.07 -16.51
C THR G 544 -39.44 -56.51 -16.72
N LYS G 545 -39.70 -56.00 -17.92
CA LYS G 545 -41.01 -55.44 -18.22
C LYS G 545 -42.09 -56.52 -18.21
N ALA G 546 -41.79 -57.70 -18.76
CA ALA G 546 -42.76 -58.79 -18.78
C ALA G 546 -43.15 -59.23 -17.37
N LEU G 547 -42.17 -59.37 -16.48
CA LEU G 547 -42.47 -59.76 -15.12
C LEU G 547 -43.20 -58.66 -14.36
N SER G 548 -42.85 -57.39 -14.61
CA SER G 548 -43.58 -56.30 -13.98
C SER G 548 -45.03 -56.26 -14.44
N LEU G 549 -45.28 -56.54 -15.72
CA LEU G 549 -46.65 -56.60 -16.21
C LEU G 549 -47.43 -57.75 -15.59
N LEU G 550 -46.82 -58.93 -15.53
CA LEU G 550 -47.51 -60.09 -14.97
C LEU G 550 -47.84 -59.86 -13.51
N ARG G 551 -46.97 -59.10 -12.86
CA ARG G 551 -47.03 -58.78 -11.42
C ARG G 551 -47.79 -57.47 -11.11
N ALA G 552 -48.25 -56.74 -12.12
CA ALA G 552 -49.31 -55.74 -12.04
C ALA G 552 -50.67 -56.40 -12.23
N LEU G 553 -50.74 -57.39 -13.12
CA LEU G 553 -51.94 -58.21 -13.27
C LEU G 553 -52.29 -58.94 -11.98
N THR G 554 -51.29 -59.56 -11.34
CA THR G 554 -51.53 -60.30 -10.11
C THR G 554 -51.94 -59.38 -8.96
N ASP G 555 -51.29 -58.22 -8.83
CA ASP G 555 -51.67 -57.27 -7.78
C ASP G 555 -53.07 -56.71 -8.02
N PHE G 556 -53.46 -56.54 -9.28
CA PHE G 556 -54.85 -56.19 -9.55
C PHE G 556 -55.79 -57.29 -9.11
N LYS G 557 -55.43 -58.55 -9.34
CA LYS G 557 -56.28 -59.65 -8.90
C LYS G 557 -56.44 -59.65 -7.38
N ARG G 558 -55.33 -59.44 -6.67
CA ARG G 558 -55.38 -59.42 -5.21
C ARG G 558 -56.19 -58.23 -4.70
N ALA G 559 -56.02 -57.07 -5.32
CA ALA G 559 -56.77 -55.88 -4.91
C ALA G 559 -58.24 -55.96 -5.28
N PHE G 560 -58.59 -56.71 -6.30
CA PHE G 560 -59.99 -56.88 -6.67
C PHE G 560 -60.69 -57.92 -5.81
N ASP G 561 -59.99 -59.00 -5.46
CA ASP G 561 -60.55 -59.96 -4.51
C ASP G 561 -60.69 -59.35 -3.11
N LEU G 562 -59.72 -58.55 -2.69
CA LEU G 562 -59.84 -57.83 -1.43
C LEU G 562 -60.87 -56.71 -1.50
N ASN G 563 -61.20 -56.26 -2.71
CA ASN G 563 -62.21 -55.23 -2.98
C ASN G 563 -61.85 -53.91 -2.27
N LEU G 564 -60.72 -53.36 -2.69
CA LEU G 564 -60.29 -52.06 -2.21
C LEU G 564 -61.16 -50.97 -2.81
N ARG G 565 -61.18 -49.82 -2.14
CA ARG G 565 -61.97 -48.70 -2.62
C ARG G 565 -61.31 -48.05 -3.83
N VAL G 566 -62.12 -47.31 -4.59
CA VAL G 566 -61.63 -46.61 -5.77
C VAL G 566 -60.64 -45.52 -5.37
N LYS G 567 -60.87 -44.87 -4.22
CA LYS G 567 -60.01 -43.78 -3.77
C LYS G 567 -58.58 -44.26 -3.52
N ASN G 568 -58.42 -45.40 -2.85
CA ASN G 568 -57.08 -45.89 -2.57
C ASN G 568 -56.41 -46.51 -3.79
N MET G 569 -57.15 -47.27 -4.59
CA MET G 569 -56.50 -48.03 -5.63
C MET G 569 -56.34 -47.24 -6.92
N LEU G 570 -57.33 -46.42 -7.26
CA LEU G 570 -57.32 -45.64 -8.50
C LEU G 570 -57.48 -44.17 -8.17
N PRO G 571 -56.44 -43.50 -7.65
CA PRO G 571 -56.54 -42.06 -7.41
C PRO G 571 -56.66 -41.24 -8.68
N SER G 572 -56.07 -41.68 -9.79
CA SER G 572 -56.20 -40.96 -11.05
C SER G 572 -57.62 -41.00 -11.58
N LEU G 573 -58.35 -42.09 -11.33
CA LEU G 573 -59.78 -42.13 -11.65
C LEU G 573 -60.61 -41.50 -10.55
N TYR G 574 -60.12 -41.50 -9.32
CA TYR G 574 -60.78 -40.80 -8.23
C TYR G 574 -60.85 -39.30 -8.48
N ARG G 575 -59.78 -38.73 -9.03
CA ARG G 575 -59.72 -37.29 -9.29
C ARG G 575 -60.60 -36.87 -10.46
N GLU G 576 -61.18 -37.80 -11.21
CA GLU G 576 -62.09 -37.44 -12.28
C GLU G 576 -63.35 -36.78 -11.72
N ASP G 577 -63.92 -37.35 -10.67
CA ASP G 577 -65.02 -36.72 -9.92
C ASP G 577 -65.02 -37.30 -8.53
N PRO G 578 -64.33 -36.65 -7.57
CA PRO G 578 -64.24 -37.21 -6.21
C PRO G 578 -65.57 -37.36 -5.50
N GLU G 579 -66.59 -36.59 -5.88
CA GLU G 579 -67.90 -36.73 -5.24
C GLU G 579 -68.56 -38.06 -5.59
N PHE G 580 -68.32 -38.56 -6.80
CA PHE G 580 -68.98 -39.79 -7.25
C PHE G 580 -68.26 -41.04 -6.77
N TYR G 581 -66.93 -41.07 -6.85
CA TYR G 581 -66.13 -42.23 -6.48
C TYR G 581 -65.69 -42.21 -5.02
N GLU G 582 -66.43 -41.53 -4.15
CA GLU G 582 -66.01 -41.39 -2.77
C GLU G 582 -66.19 -42.69 -1.99
N ASN G 583 -67.39 -43.25 -2.03
CA ASN G 583 -67.75 -44.42 -1.24
C ASN G 583 -68.11 -45.61 -2.13
N MET G 584 -67.34 -45.83 -3.18
CA MET G 584 -67.59 -46.92 -4.11
C MET G 584 -66.42 -47.91 -4.10
N ARG G 585 -66.75 -49.18 -4.00
CA ARG G 585 -65.76 -50.24 -4.08
C ARG G 585 -65.52 -50.62 -5.53
N ILE G 586 -64.40 -51.30 -5.77
CA ILE G 586 -64.05 -51.66 -7.14
C ILE G 586 -64.94 -52.77 -7.68
N GLN G 587 -65.37 -53.71 -6.83
CA GLN G 587 -66.26 -54.76 -7.29
C GLN G 587 -67.62 -54.20 -7.68
N GLU G 588 -68.13 -53.22 -6.94
CA GLU G 588 -69.38 -52.57 -7.33
C GLU G 588 -69.25 -51.83 -8.64
N LEU G 589 -68.13 -51.14 -8.86
CA LEU G 589 -67.93 -50.40 -10.11
C LEU G 589 -67.82 -51.36 -11.30
N ALA G 590 -67.03 -52.43 -11.15
CA ALA G 590 -66.88 -53.40 -12.23
C ALA G 590 -68.21 -54.10 -12.51
N GLN G 591 -68.95 -54.46 -11.46
CA GLN G 591 -70.25 -55.09 -11.64
C GLN G 591 -71.22 -54.14 -12.32
N ASN G 592 -71.17 -52.85 -11.98
CA ASN G 592 -72.10 -51.89 -12.58
C ASN G 592 -71.81 -51.67 -14.06
N ILE G 593 -70.54 -51.52 -14.44
CA ILE G 593 -70.24 -51.33 -15.85
C ILE G 593 -70.51 -52.63 -16.63
N HIS G 594 -70.23 -53.78 -16.02
CA HIS G 594 -70.56 -55.04 -16.67
C HIS G 594 -72.07 -55.22 -16.85
N LYS G 595 -72.86 -54.80 -15.87
CA LYS G 595 -74.32 -54.88 -16.02
C LYS G 595 -74.82 -53.88 -17.05
N LEU G 596 -74.19 -52.72 -17.16
CA LEU G 596 -74.53 -51.78 -18.23
C LEU G 596 -74.23 -52.37 -19.60
N ILE G 597 -73.14 -53.14 -19.72
CA ILE G 597 -72.86 -53.81 -20.98
C ILE G 597 -73.86 -54.94 -21.24
N VAL G 598 -74.16 -55.74 -20.22
CA VAL G 598 -75.06 -56.88 -20.37
C VAL G 598 -76.49 -56.48 -20.69
N HIS G 599 -77.07 -55.55 -19.93
CA HIS G 599 -78.47 -55.18 -20.10
C HIS G 599 -78.71 -54.49 -21.44
N HIS G 600 -77.74 -53.71 -21.90
CA HIS G 600 -77.82 -53.07 -23.21
C HIS G 600 -77.36 -53.97 -24.34
N ASN G 601 -76.82 -55.16 -24.01
CA ASN G 601 -76.41 -56.18 -24.97
C ASN G 601 -75.38 -55.65 -25.97
N LEU G 602 -74.22 -55.27 -25.43
CA LEU G 602 -73.18 -54.65 -26.26
C LEU G 602 -72.62 -55.56 -27.34
N PRO G 603 -72.18 -56.81 -27.08
CA PRO G 603 -71.50 -57.56 -28.15
C PRO G 603 -72.41 -57.96 -29.29
N ASP G 604 -73.69 -58.27 -29.03
CA ASP G 604 -74.58 -58.62 -30.12
C ASP G 604 -74.84 -57.42 -31.04
N LEU G 605 -75.03 -56.24 -30.45
CA LEU G 605 -75.16 -55.03 -31.25
C LEU G 605 -73.88 -54.70 -32.01
N MET G 606 -72.73 -54.86 -31.36
CA MET G 606 -71.45 -54.58 -32.00
C MET G 606 -71.18 -55.56 -33.14
N TYR G 607 -71.69 -56.78 -33.04
CA TYR G 607 -71.58 -57.73 -34.13
C TYR G 607 -72.53 -57.38 -35.28
N ARG G 608 -73.82 -57.26 -34.98
CA ARG G 608 -74.83 -57.03 -36.01
C ARG G 608 -74.72 -55.67 -36.66
N ALA G 609 -74.04 -54.69 -36.04
CA ALA G 609 -73.82 -53.41 -36.69
C ALA G 609 -72.73 -53.50 -37.76
N PHE G 610 -71.72 -54.33 -37.57
CA PHE G 610 -70.65 -54.44 -38.54
C PHE G 610 -70.88 -55.56 -39.54
N GLU G 611 -71.90 -56.38 -39.36
CA GLU G 611 -72.26 -57.35 -40.40
C GLU G 611 -73.13 -56.74 -41.49
N VAL G 612 -73.53 -55.47 -41.36
CA VAL G 612 -74.33 -54.79 -42.37
C VAL G 612 -73.60 -53.54 -42.81
N LEU G 613 -73.43 -53.41 -44.14
CA LEU G 613 -72.73 -52.31 -44.75
C LEU G 613 -73.68 -51.15 -45.04
N PRO G 614 -73.32 -49.93 -44.64
CA PRO G 614 -74.15 -48.77 -44.99
C PRO G 614 -74.17 -48.52 -46.49
N THR G 615 -75.29 -47.94 -46.96
CA THR G 615 -75.51 -47.74 -48.39
C THR G 615 -74.66 -46.58 -48.89
N MET G 616 -73.84 -46.83 -49.90
CA MET G 616 -72.99 -45.81 -50.50
C MET G 616 -73.82 -44.98 -51.47
N VAL G 617 -74.22 -43.78 -51.03
CA VAL G 617 -74.89 -42.87 -51.94
C VAL G 617 -73.90 -42.22 -52.90
N MET G 618 -72.79 -41.74 -52.38
CA MET G 618 -71.77 -41.08 -53.19
C MET G 618 -70.39 -41.43 -52.66
N THR G 619 -69.39 -41.26 -53.52
CA THR G 619 -68.01 -41.53 -53.15
C THR G 619 -67.55 -40.55 -52.07
N PRO G 620 -66.63 -40.98 -51.18
CA PRO G 620 -66.13 -40.07 -50.14
C PRO G 620 -65.45 -38.82 -50.67
N TYR G 621 -64.91 -38.86 -51.88
CA TYR G 621 -64.39 -37.65 -52.50
C TYR G 621 -65.50 -36.63 -52.71
N ALA G 622 -66.66 -37.08 -53.19
CA ALA G 622 -67.80 -36.19 -53.36
C ALA G 622 -68.33 -35.72 -52.02
N ALA G 623 -68.26 -36.57 -50.98
CA ALA G 623 -68.66 -36.15 -49.64
C ALA G 623 -67.76 -35.04 -49.13
N PHE G 624 -66.45 -35.16 -49.34
CA PHE G 624 -65.54 -34.10 -48.94
C PHE G 624 -65.76 -32.84 -49.76
N GLN G 625 -66.09 -32.99 -51.05
CA GLN G 625 -66.38 -31.83 -51.89
C GLN G 625 -67.61 -31.09 -51.40
N LYS G 626 -68.67 -31.82 -51.04
CA LYS G 626 -69.86 -31.17 -50.50
C LYS G 626 -69.62 -30.64 -49.09
N GLU G 627 -68.67 -31.22 -48.35
CA GLU G 627 -68.35 -30.71 -47.02
C GLU G 627 -67.59 -29.39 -47.10
N LEU G 628 -66.69 -29.26 -48.09
CA LEU G 628 -65.95 -28.02 -48.27
C LEU G 628 -66.83 -26.85 -48.67
N HIS G 629 -67.92 -27.09 -49.38
CA HIS G 629 -68.81 -26.03 -49.84
C HIS G 629 -69.80 -25.59 -48.78
N GLY G 630 -69.65 -26.05 -47.54
CA GLY G 630 -70.53 -25.62 -46.47
C GLY G 630 -71.92 -26.20 -46.54
N MET G 631 -72.09 -27.37 -47.17
CA MET G 631 -73.38 -28.01 -47.30
C MET G 631 -73.65 -29.02 -46.19
N THR G 632 -73.08 -28.78 -45.01
CA THR G 632 -73.17 -29.72 -43.89
C THR G 632 -73.97 -29.10 -42.75
N GLU G 633 -74.88 -29.88 -42.19
CA GLU G 633 -75.64 -29.49 -41.02
C GLU G 633 -75.48 -30.55 -39.93
N GLU G 634 -75.62 -30.12 -38.69
CA GLU G 634 -75.44 -31.00 -37.54
C GLU G 634 -76.80 -31.42 -37.01
N VAL G 635 -77.32 -32.52 -37.53
CA VAL G 635 -78.58 -33.08 -37.05
C VAL G 635 -78.24 -33.94 -35.84
N TYR G 636 -79.21 -34.18 -34.97
CA TYR G 636 -78.95 -35.01 -33.81
C TYR G 636 -78.81 -36.47 -34.23
N LEU G 637 -78.38 -37.31 -33.29
CA LEU G 637 -78.01 -38.69 -33.61
C LEU G 637 -79.20 -39.53 -34.03
N ASP G 638 -80.35 -39.34 -33.38
CA ASP G 638 -81.51 -40.20 -33.62
C ASP G 638 -82.13 -40.01 -35.00
N GLU G 639 -82.01 -38.82 -35.58
CA GLU G 639 -82.66 -38.50 -36.84
C GLU G 639 -81.68 -38.55 -38.00
N MET G 640 -80.74 -39.49 -37.95
CA MET G 640 -79.68 -39.58 -38.94
C MET G 640 -79.95 -40.60 -40.04
N VAL G 641 -81.01 -41.40 -39.92
CA VAL G 641 -81.33 -42.35 -40.99
C VAL G 641 -81.85 -41.61 -42.20
N GLY G 642 -81.46 -42.08 -43.39
CA GLY G 642 -81.81 -41.41 -44.62
C GLY G 642 -80.98 -40.20 -44.93
N ARG G 643 -79.94 -39.92 -44.14
CA ARG G 643 -79.09 -38.75 -44.33
C ARG G 643 -77.69 -39.21 -44.71
N ILE G 644 -77.07 -38.45 -45.61
CA ILE G 644 -75.74 -38.76 -46.11
C ILE G 644 -74.72 -38.19 -45.13
N ASN G 645 -73.82 -39.05 -44.64
CA ASN G 645 -72.82 -38.63 -43.67
C ASN G 645 -71.67 -37.92 -44.34
N ALA G 646 -71.20 -36.84 -43.71
CA ALA G 646 -70.12 -36.04 -44.24
C ALA G 646 -68.77 -36.34 -43.58
N ASN G 647 -68.77 -36.62 -42.29
CA ASN G 647 -67.55 -36.97 -41.58
C ASN G 647 -67.62 -38.42 -41.10
N MET G 648 -66.45 -39.05 -41.06
CA MET G 648 -66.36 -40.46 -40.66
C MET G 648 -66.76 -40.63 -39.20
N ILE G 649 -67.50 -41.70 -38.91
CA ILE G 649 -67.85 -42.07 -37.55
C ILE G 649 -66.96 -43.24 -37.15
N LEU G 650 -66.14 -43.03 -36.14
CA LEU G 650 -65.16 -44.02 -35.68
C LEU G 650 -65.40 -44.29 -34.21
N PRO G 651 -66.21 -45.29 -33.87
CA PRO G 651 -66.52 -45.55 -32.45
C PRO G 651 -65.51 -46.44 -31.76
N TYR G 652 -65.19 -46.09 -30.52
CA TYR G 652 -64.40 -46.95 -29.64
C TYR G 652 -65.31 -47.46 -28.55
N PRO G 653 -65.61 -48.77 -28.45
CA PRO G 653 -65.20 -49.94 -29.24
C PRO G 653 -65.76 -49.95 -30.65
N PRO G 654 -65.09 -50.63 -31.60
CA PRO G 654 -63.82 -51.34 -31.43
C PRO G 654 -62.58 -50.57 -31.90
N GLY G 655 -62.74 -49.68 -32.87
CA GLY G 655 -61.60 -48.98 -33.42
C GLY G 655 -61.46 -49.13 -34.91
N VAL G 656 -62.56 -49.42 -35.59
CA VAL G 656 -62.57 -49.60 -37.03
C VAL G 656 -63.65 -48.69 -37.61
N PRO G 657 -63.42 -48.06 -38.78
CA PRO G 657 -64.44 -47.16 -39.35
C PRO G 657 -65.78 -47.82 -39.64
N LEU G 658 -66.81 -47.33 -38.95
CA LEU G 658 -68.14 -47.90 -39.03
C LEU G 658 -68.95 -47.26 -40.16
N VAL G 659 -69.14 -45.94 -40.11
CA VAL G 659 -69.79 -45.20 -41.19
C VAL G 659 -68.73 -44.36 -41.89
N MET G 660 -68.63 -44.53 -43.21
CA MET G 660 -67.68 -43.78 -44.00
C MET G 660 -68.29 -42.44 -44.40
N PRO G 661 -67.48 -41.46 -44.77
CA PRO G 661 -68.02 -40.22 -45.35
C PRO G 661 -68.67 -40.49 -46.69
N GLY G 662 -69.94 -40.11 -46.82
CA GLY G 662 -70.69 -40.30 -48.04
C GLY G 662 -71.61 -41.50 -48.07
N GLU G 663 -71.85 -42.15 -46.93
CA GLU G 663 -72.70 -43.33 -46.87
C GLU G 663 -73.92 -43.06 -46.00
N MET G 664 -75.03 -43.68 -46.36
CA MET G 664 -76.33 -43.47 -45.72
C MET G 664 -76.67 -44.67 -44.85
N ILE G 665 -77.20 -44.40 -43.66
CA ILE G 665 -77.77 -45.45 -42.83
C ILE G 665 -79.24 -45.63 -43.22
N THR G 666 -79.55 -46.75 -43.84
CA THR G 666 -80.90 -47.05 -44.29
C THR G 666 -81.63 -47.88 -43.23
N GLU G 667 -82.86 -48.29 -43.55
CA GLU G 667 -83.60 -49.16 -42.65
C GLU G 667 -83.00 -50.54 -42.55
N GLU G 668 -82.29 -50.99 -43.58
CA GLU G 668 -81.57 -52.25 -43.52
C GLU G 668 -80.36 -52.19 -42.59
N SER G 669 -79.88 -51.00 -42.26
CA SER G 669 -78.72 -50.82 -41.40
C SER G 669 -79.08 -50.10 -40.11
N ARG G 670 -80.32 -50.26 -39.65
CA ARG G 670 -80.73 -49.71 -38.36
C ARG G 670 -79.92 -50.19 -37.16
N PRO G 671 -79.44 -51.44 -37.06
CA PRO G 671 -78.56 -51.80 -35.92
C PRO G 671 -77.30 -50.97 -35.79
N VAL G 672 -76.82 -50.33 -36.87
CA VAL G 672 -75.75 -49.34 -36.74
C VAL G 672 -76.20 -48.18 -35.84
N LEU G 673 -77.39 -47.63 -36.13
CA LEU G 673 -77.93 -46.56 -35.31
C LEU G 673 -78.22 -47.02 -33.89
N GLU G 674 -78.72 -48.25 -33.74
CA GLU G 674 -78.95 -48.79 -32.41
C GLU G 674 -77.66 -48.94 -31.62
N PHE G 675 -76.58 -49.38 -32.27
CA PHE G 675 -75.28 -49.50 -31.60
C PHE G 675 -74.74 -48.14 -31.20
N LEU G 676 -74.87 -47.15 -32.07
CA LEU G 676 -74.39 -45.80 -31.75
C LEU G 676 -75.16 -45.20 -30.59
N GLN G 677 -76.50 -45.34 -30.62
CA GLN G 677 -77.33 -44.83 -29.54
C GLN G 677 -77.06 -45.56 -28.23
N MET G 678 -76.84 -46.87 -28.30
CA MET G 678 -76.51 -47.65 -27.11
C MET G 678 -75.18 -47.21 -26.51
N LEU G 679 -74.18 -46.97 -27.36
CA LEU G 679 -72.88 -46.53 -26.88
C LEU G 679 -72.97 -45.15 -26.24
N CYS G 680 -73.74 -44.25 -26.83
CA CYS G 680 -73.96 -42.95 -26.22
C CYS G 680 -74.74 -43.05 -24.91
N GLU G 681 -75.67 -43.99 -24.83
CA GLU G 681 -76.46 -44.17 -23.61
C GLU G 681 -75.62 -44.75 -22.48
N ILE G 682 -74.73 -45.69 -22.78
CA ILE G 682 -73.93 -46.28 -21.71
C ILE G 682 -72.74 -45.42 -21.32
N GLY G 683 -72.29 -44.54 -22.20
CA GLY G 683 -71.14 -43.72 -21.85
C GLY G 683 -71.45 -42.53 -20.99
N ALA G 684 -72.73 -42.23 -20.76
CA ALA G 684 -73.14 -41.06 -19.99
C ALA G 684 -73.60 -41.41 -18.58
N HIS G 685 -73.00 -42.43 -17.97
CA HIS G 685 -73.35 -42.82 -16.61
C HIS G 685 -72.17 -42.68 -15.65
N TYR G 686 -71.01 -43.24 -16.00
CA TYR G 686 -69.89 -43.31 -15.07
C TYR G 686 -68.74 -42.46 -15.57
N PRO G 687 -68.29 -41.49 -14.78
CA PRO G 687 -67.21 -40.60 -15.23
C PRO G 687 -65.88 -41.31 -15.34
N GLY G 688 -65.05 -40.80 -16.25
CA GLY G 688 -63.78 -41.42 -16.57
C GLY G 688 -63.87 -42.52 -17.61
N PHE G 689 -65.07 -43.00 -17.91
CA PHE G 689 -65.27 -44.01 -18.94
C PHE G 689 -66.09 -43.40 -20.07
N GLU G 690 -65.72 -42.19 -20.47
CA GLU G 690 -66.52 -41.38 -21.37
C GLU G 690 -66.54 -41.99 -22.78
N THR G 691 -67.56 -41.61 -23.55
CA THR G 691 -67.75 -42.14 -24.89
C THR G 691 -66.67 -41.61 -25.81
N ASP G 692 -66.03 -42.51 -26.55
CA ASP G 692 -64.96 -42.14 -27.48
C ASP G 692 -65.45 -42.51 -28.89
N ILE G 693 -66.11 -41.56 -29.53
CA ILE G 693 -66.55 -41.70 -30.91
C ILE G 693 -65.95 -40.55 -31.69
N HIS G 694 -65.14 -40.87 -32.70
CA HIS G 694 -64.57 -39.85 -33.57
C HIS G 694 -65.55 -39.56 -34.69
N GLY G 695 -66.17 -38.39 -34.66
CA GLY G 695 -67.16 -38.03 -35.66
C GLY G 695 -68.43 -37.50 -35.02
N ALA G 696 -68.82 -38.09 -33.89
CA ALA G 696 -69.96 -37.63 -33.14
C ALA G 696 -69.51 -36.62 -32.09
N TYR G 697 -70.21 -35.49 -32.05
CA TYR G 697 -69.81 -34.36 -31.21
C TYR G 697 -70.75 -34.24 -30.03
N ARG G 698 -70.18 -34.17 -28.83
CA ARG G 698 -70.96 -34.14 -27.61
C ARG G 698 -71.60 -32.77 -27.41
N GLN G 699 -72.88 -32.76 -27.07
CA GLN G 699 -73.59 -31.54 -26.71
C GLN G 699 -73.76 -31.47 -25.20
N ALA G 700 -74.30 -30.34 -24.74
CA ALA G 700 -74.46 -30.13 -23.30
C ALA G 700 -75.59 -30.96 -22.71
N ASP G 701 -76.67 -31.18 -23.46
CA ASP G 701 -77.81 -31.91 -22.93
C ASP G 701 -77.57 -33.40 -22.82
N GLY G 702 -76.59 -33.94 -23.54
CA GLY G 702 -76.28 -35.35 -23.50
C GLY G 702 -76.62 -36.14 -24.75
N ARG G 703 -77.05 -35.48 -25.82
CA ARG G 703 -77.35 -36.15 -27.08
C ARG G 703 -76.37 -35.66 -28.13
N TYR G 704 -75.77 -36.60 -28.86
CA TYR G 704 -74.67 -36.31 -29.76
C TYR G 704 -75.17 -35.90 -31.14
N THR G 705 -74.30 -35.23 -31.89
CA THR G 705 -74.61 -34.75 -33.22
C THR G 705 -73.59 -35.26 -34.22
N VAL G 706 -74.03 -35.51 -35.45
CA VAL G 706 -73.19 -35.98 -36.54
C VAL G 706 -73.39 -35.06 -37.73
N LYS G 707 -72.30 -34.60 -38.33
CA LYS G 707 -72.37 -33.71 -39.48
C LYS G 707 -72.84 -34.50 -40.70
N VAL G 708 -74.05 -34.21 -41.15
CA VAL G 708 -74.61 -34.83 -42.34
C VAL G 708 -74.74 -33.76 -43.42
N LEU G 709 -75.05 -34.20 -44.63
CA LEU G 709 -75.18 -33.30 -45.77
C LEU G 709 -76.58 -32.73 -45.86
N LYS G 710 -76.67 -31.51 -46.39
CA LYS G 710 -77.96 -30.86 -46.58
C LYS G 710 -78.72 -31.50 -47.72
N GLU G 711 -80.04 -31.28 -47.73
CA GLU G 711 -80.90 -31.86 -48.74
C GLU G 711 -81.25 -30.84 -49.82
N MET H 1 25.01 -50.42 15.94
CA MET H 1 24.07 -51.12 16.82
C MET H 1 22.74 -50.39 16.94
N ASN H 2 21.87 -50.60 15.96
CA ASN H 2 20.50 -50.11 16.07
C ASN H 2 19.49 -51.09 15.47
N VAL H 3 19.92 -52.34 15.32
CA VAL H 3 19.03 -53.34 14.68
C VAL H 3 18.61 -54.31 15.76
N ILE H 4 17.32 -54.42 16.06
CA ILE H 4 16.80 -55.27 17.17
C ILE H 4 15.76 -56.17 16.56
N ALA H 5 15.93 -57.48 16.63
CA ALA H 5 15.11 -58.36 15.80
C ALA H 5 14.04 -59.04 16.63
N ILE H 6 12.80 -58.92 16.20
CA ILE H 6 11.65 -59.49 16.93
C ILE H 6 11.29 -60.78 16.21
N LEU H 7 11.06 -61.87 16.94
CA LEU H 7 10.60 -63.12 16.29
C LEU H 7 9.10 -63.05 15.98
N ASN H 8 8.54 -64.13 15.44
CA ASN H 8 7.22 -64.14 14.77
C ASN H 8 5.94 -63.80 15.50
N HIS H 9 4.87 -63.64 14.73
CA HIS H 9 3.55 -63.29 15.29
C HIS H 9 2.85 -64.55 15.76
N MET H 10 2.68 -64.69 17.07
CA MET H 10 2.06 -65.90 17.65
C MET H 10 0.64 -66.02 17.12
N GLY H 11 -0.12 -64.94 17.13
CA GLY H 11 -1.54 -65.00 16.74
C GLY H 11 -2.47 -64.42 17.78
N VAL H 12 -2.20 -64.64 19.07
CA VAL H 12 -3.09 -64.06 20.06
C VAL H 12 -2.68 -62.63 20.35
N TYR H 13 -3.63 -61.84 20.83
CA TYR H 13 -3.50 -60.40 20.92
C TYR H 13 -2.67 -59.92 22.10
N PHE H 14 -2.78 -60.58 23.25
CA PHE H 14 -2.19 -60.06 24.48
C PHE H 14 -0.67 -60.08 24.45
N LYS H 15 -0.07 -60.88 23.57
CA LYS H 15 1.37 -60.87 23.35
C LYS H 15 1.73 -60.38 21.97
N GLU H 16 0.85 -59.63 21.33
CA GLU H 16 1.16 -58.96 20.07
C GLU H 16 1.02 -57.46 20.15
N GLU H 17 -0.06 -56.96 20.77
CA GLU H 17 -0.21 -55.51 20.94
C GLU H 17 0.88 -54.91 21.84
N PRO H 18 1.29 -55.54 22.96
CA PRO H 18 2.51 -55.06 23.61
C PRO H 18 3.75 -55.12 22.73
N ILE H 19 3.84 -56.12 21.84
CA ILE H 19 4.97 -56.18 20.92
C ILE H 19 4.90 -55.05 19.91
N ARG H 20 3.70 -54.71 19.42
CA ARG H 20 3.59 -53.57 18.52
C ARG H 20 3.86 -52.25 19.22
N GLU H 21 3.45 -52.10 20.47
CA GLU H 21 3.78 -50.91 21.22
C GLU H 21 5.28 -50.80 21.47
N LEU H 22 5.94 -51.93 21.74
CA LEU H 22 7.39 -51.92 21.90
C LEU H 22 8.10 -51.62 20.57
N HIS H 23 7.53 -52.10 19.45
CA HIS H 23 8.02 -51.74 18.12
C HIS H 23 7.97 -50.23 17.94
N ARG H 24 6.82 -49.63 18.23
CA ARG H 24 6.67 -48.18 18.06
C ARG H 24 7.61 -47.41 18.98
N ALA H 25 7.76 -47.84 20.23
CA ALA H 25 8.67 -47.17 21.15
C ALA H 25 10.12 -47.31 20.74
N LEU H 26 10.53 -48.47 20.23
CA LEU H 26 11.91 -48.64 19.80
C LEU H 26 12.21 -47.86 18.54
N GLU H 27 11.25 -47.75 17.61
CA GLU H 27 11.45 -46.85 16.48
C GLU H 27 11.49 -45.40 16.92
N ARG H 28 10.77 -45.06 17.99
CA ARG H 28 10.89 -43.73 18.57
C ARG H 28 12.26 -43.52 19.20
N LEU H 29 12.88 -44.59 19.69
CA LEU H 29 14.23 -44.51 20.25
C LEU H 29 15.33 -44.76 19.22
N ASN H 30 15.03 -44.57 17.93
CA ASN H 30 16.00 -44.64 16.84
C ASN H 30 16.65 -46.02 16.72
N PHE H 31 15.81 -47.06 16.75
CA PHE H 31 16.24 -48.42 16.49
C PHE H 31 15.55 -48.96 15.25
N GLN H 32 16.35 -49.43 14.29
CA GLN H 32 15.81 -50.17 13.16
C GLN H 32 15.31 -51.53 13.63
N ILE H 33 14.14 -51.93 13.14
CA ILE H 33 13.50 -53.17 13.58
C ILE H 33 13.44 -54.12 12.39
N VAL H 34 13.95 -55.32 12.58
CA VAL H 34 13.88 -56.36 11.57
C VAL H 34 12.95 -57.45 12.07
N TYR H 35 12.37 -58.19 11.13
CA TYR H 35 11.35 -59.21 11.40
C TYR H 35 11.71 -60.53 10.76
N PRO H 36 12.62 -61.30 11.36
CA PRO H 36 12.85 -62.67 10.89
C PRO H 36 11.62 -63.53 11.11
N ASN H 37 11.34 -64.40 10.14
CA ASN H 37 10.10 -65.17 10.15
C ASN H 37 10.13 -66.30 11.17
N ASP H 38 11.24 -67.01 11.29
CA ASP H 38 11.30 -68.13 12.21
C ASP H 38 12.74 -68.27 12.73
N ARG H 39 13.04 -69.42 13.34
CA ARG H 39 14.31 -69.62 14.03
C ARG H 39 15.51 -69.60 13.10
N ASP H 40 15.47 -70.42 12.03
CA ASP H 40 16.59 -70.48 11.10
C ASP H 40 16.80 -69.15 10.40
N ASP H 41 15.73 -68.40 10.20
CA ASP H 41 15.84 -67.03 9.71
C ASP H 41 16.67 -66.18 10.66
N LEU H 42 16.47 -66.33 11.96
CA LEU H 42 17.27 -65.58 12.93
C LEU H 42 18.72 -66.01 12.92
N LEU H 43 18.98 -67.32 12.83
CA LEU H 43 20.36 -67.82 12.75
C LEU H 43 21.10 -67.23 11.55
N LYS H 44 20.49 -67.30 10.36
CA LYS H 44 21.10 -66.73 9.18
C LYS H 44 21.23 -65.22 9.26
N LEU H 45 20.24 -64.53 9.84
CA LEU H 45 20.31 -63.09 9.99
C LEU H 45 21.44 -62.67 10.90
N ILE H 46 21.71 -63.44 11.95
CA ILE H 46 22.81 -63.09 12.84
C ILE H 46 24.16 -63.40 12.19
N GLU H 47 24.29 -64.50 11.44
CA GLU H 47 25.61 -64.78 10.88
C GLU H 47 25.93 -63.85 9.72
N ASN H 48 24.92 -63.46 8.94
CA ASN H 48 25.20 -62.61 7.79
C ASN H 48 25.41 -61.15 8.16
N ASN H 49 25.12 -60.75 9.39
CA ASN H 49 25.20 -59.35 9.79
C ASN H 49 26.02 -59.21 11.06
N ALA H 50 26.31 -57.96 11.40
CA ALA H 50 26.94 -57.64 12.67
C ALA H 50 26.32 -56.45 13.36
N ARG H 51 25.54 -55.62 12.67
CA ARG H 51 24.91 -54.46 13.27
C ARG H 51 23.75 -54.82 14.18
N LEU H 52 23.32 -56.08 14.18
CA LEU H 52 22.23 -56.49 15.05
C LEU H 52 22.70 -56.47 16.49
N CYS H 53 21.90 -55.84 17.36
CA CYS H 53 22.30 -55.63 18.75
C CYS H 53 21.21 -56.07 19.72
N GLY H 54 20.34 -56.99 19.30
CA GLY H 54 19.27 -57.42 20.17
C GLY H 54 18.27 -58.31 19.48
N VAL H 55 17.84 -59.36 20.18
CA VAL H 55 16.81 -60.26 19.67
C VAL H 55 15.70 -60.29 20.71
N ILE H 56 14.49 -60.02 20.26
CA ILE H 56 13.30 -60.14 21.10
C ILE H 56 12.55 -61.36 20.62
N PHE H 57 12.29 -62.30 21.52
CA PHE H 57 11.57 -63.50 21.17
C PHE H 57 10.69 -63.91 22.34
N ASP H 58 9.66 -64.68 22.03
CA ASP H 58 8.76 -65.20 23.05
C ASP H 58 9.38 -66.47 23.63
N TRP H 59 9.27 -66.62 24.94
CA TRP H 59 9.88 -67.74 25.64
C TRP H 59 9.00 -68.99 25.58
N ASP H 60 7.83 -68.92 24.94
CA ASP H 60 6.98 -70.11 24.88
C ASP H 60 7.26 -70.92 23.61
N LYS H 61 7.07 -70.31 22.44
CA LYS H 61 7.22 -71.06 21.20
C LYS H 61 8.68 -71.37 20.86
N TYR H 62 9.62 -70.62 21.42
CA TYR H 62 11.04 -70.86 21.18
C TYR H 62 11.71 -71.10 22.51
N ASN H 63 12.39 -72.24 22.63
CA ASN H 63 13.00 -72.66 23.87
C ASN H 63 14.30 -71.91 24.08
N LEU H 64 15.05 -72.27 25.11
CA LEU H 64 16.27 -71.57 25.49
C LEU H 64 17.49 -72.13 24.78
N GLU H 65 17.34 -73.14 23.94
CA GLU H 65 18.44 -73.57 23.09
C GLU H 65 18.71 -72.56 21.98
N LEU H 66 17.69 -71.78 21.61
CA LEU H 66 17.88 -70.56 20.82
C LEU H 66 18.25 -69.39 21.74
N CYS H 67 19.18 -69.67 22.64
CA CYS H 67 19.96 -68.66 23.32
C CYS H 67 21.39 -69.19 23.26
N GLU H 68 21.49 -70.51 23.34
CA GLU H 68 22.79 -71.17 23.32
C GLU H 68 23.40 -71.16 21.93
N GLU H 69 22.58 -71.33 20.89
CA GLU H 69 23.10 -71.26 19.53
C GLU H 69 23.62 -69.86 19.21
N ILE H 70 22.87 -68.83 19.62
CA ILE H 70 23.32 -67.46 19.43
C ILE H 70 24.56 -67.18 20.28
N SER H 71 24.66 -67.79 21.46
CA SER H 71 25.87 -67.68 22.28
C SER H 71 27.09 -68.28 21.57
N LYS H 72 26.92 -69.43 20.91
CA LYS H 72 28.00 -69.94 20.07
C LYS H 72 28.29 -69.01 18.92
N MET H 73 27.30 -68.25 18.46
CA MET H 73 27.55 -67.27 17.41
C MET H 73 28.09 -65.96 17.95
N ASN H 74 27.54 -65.46 19.05
CA ASN H 74 28.04 -64.25 19.69
C ASN H 74 27.70 -64.32 21.17
N GLU H 75 28.73 -64.27 22.02
CA GLU H 75 28.52 -64.47 23.45
C GLU H 75 27.87 -63.26 24.11
N ASN H 76 28.20 -62.05 23.68
CA ASN H 76 27.79 -60.84 24.37
C ASN H 76 26.49 -60.25 23.84
N LEU H 77 25.86 -60.90 22.87
CA LEU H 77 24.68 -60.31 22.24
C LEU H 77 23.51 -60.32 23.19
N PRO H 78 22.90 -59.17 23.49
CA PRO H 78 21.72 -59.16 24.35
C PRO H 78 20.53 -59.72 23.61
N LEU H 79 19.77 -60.56 24.30
CA LEU H 79 18.52 -61.08 23.76
C LEU H 79 17.46 -60.87 24.82
N TYR H 80 16.22 -60.66 24.40
CA TYR H 80 15.17 -60.26 25.33
C TYR H 80 14.02 -61.28 25.30
N ALA H 81 14.08 -62.27 26.18
CA ALA H 81 13.03 -63.26 26.26
C ALA H 81 11.81 -62.68 26.95
N PHE H 82 10.63 -63.00 26.43
CA PHE H 82 9.37 -62.51 26.98
C PHE H 82 8.67 -63.68 27.68
N ALA H 83 8.46 -63.55 28.98
CA ALA H 83 7.96 -64.65 29.80
C ALA H 83 6.45 -64.57 29.92
N ASN H 84 5.75 -65.58 29.42
CA ASN H 84 4.30 -65.66 29.57
C ASN H 84 3.85 -66.91 30.33
N THR H 85 4.20 -68.10 29.85
CA THR H 85 3.65 -69.34 30.35
C THR H 85 4.61 -70.11 31.24
N TYR H 86 5.86 -70.25 30.80
CA TYR H 86 6.90 -70.77 31.68
C TYR H 86 7.11 -69.79 32.83
N SER H 87 7.10 -70.33 34.03
CA SER H 87 7.11 -69.54 35.25
C SER H 87 8.54 -69.12 35.58
N THR H 88 8.77 -68.71 36.83
CA THR H 88 10.13 -68.53 37.29
C THR H 88 10.89 -69.86 37.25
N LEU H 89 10.22 -70.96 37.60
CA LEU H 89 10.83 -72.26 37.88
C LEU H 89 11.52 -72.92 36.69
N ASP H 90 11.27 -72.47 35.46
CA ASP H 90 11.69 -73.22 34.28
C ASP H 90 13.02 -72.73 33.71
N VAL H 91 13.96 -72.34 34.56
CA VAL H 91 15.22 -71.75 34.11
C VAL H 91 16.37 -72.57 34.68
N SER H 92 17.28 -72.97 33.80
CA SER H 92 18.50 -73.69 34.19
C SER H 92 19.65 -72.71 34.37
N LEU H 93 20.79 -73.25 34.84
CA LEU H 93 21.98 -72.43 35.02
C LEU H 93 22.54 -71.92 33.70
N ASN H 94 22.57 -72.76 32.67
CA ASN H 94 23.10 -72.35 31.37
C ASN H 94 22.28 -71.24 30.74
N ASP H 95 20.99 -71.15 31.07
CA ASP H 95 20.20 -69.99 30.65
C ASP H 95 20.66 -68.73 31.39
N LEU H 96 20.89 -68.84 32.70
CA LEU H 96 21.36 -67.72 33.50
C LEU H 96 22.76 -67.24 33.13
N ARG H 97 23.56 -68.08 32.49
CA ARG H 97 24.90 -67.64 32.11
C ARG H 97 24.90 -66.93 30.76
N LEU H 98 23.73 -66.77 30.15
CA LEU H 98 23.67 -66.14 28.85
C LEU H 98 23.17 -64.70 28.98
N GLN H 99 23.37 -63.93 27.91
CA GLN H 99 22.90 -62.54 27.86
C GLN H 99 21.44 -62.51 27.43
N ILE H 100 20.55 -62.79 28.38
CA ILE H 100 19.12 -62.70 28.15
C ILE H 100 18.62 -61.76 29.25
N SER H 101 17.66 -60.89 28.94
CA SER H 101 16.94 -60.17 29.99
C SER H 101 15.45 -60.43 29.82
N PHE H 102 14.78 -60.89 30.89
CA PHE H 102 13.40 -61.34 30.83
C PHE H 102 12.44 -60.18 30.97
N PHE H 103 11.34 -60.21 30.22
CA PHE H 103 10.29 -59.21 30.27
C PHE H 103 8.92 -59.91 30.31
N GLU H 104 7.88 -59.10 30.38
CA GLU H 104 6.50 -59.58 30.47
C GLU H 104 5.64 -58.86 29.45
N TYR H 105 4.46 -59.42 29.20
CA TYR H 105 3.52 -58.89 28.22
C TYR H 105 2.48 -58.06 28.97
N ALA H 106 2.70 -56.75 29.04
CA ALA H 106 1.77 -55.84 29.70
C ALA H 106 1.44 -54.69 28.77
N LEU H 107 0.16 -54.35 28.69
CA LEU H 107 -0.30 -53.25 27.86
C LEU H 107 0.08 -51.92 28.50
N GLY H 108 0.65 -51.01 27.70
CA GLY H 108 1.01 -49.70 28.16
C GLY H 108 2.33 -49.60 28.87
N ALA H 109 3.04 -50.72 29.05
CA ALA H 109 4.34 -50.73 29.70
C ALA H 109 5.50 -50.79 28.71
N ALA H 110 5.25 -50.40 27.46
CA ALA H 110 6.28 -50.48 26.44
C ALA H 110 7.35 -49.40 26.60
N GLU H 111 7.05 -48.29 27.29
CA GLU H 111 8.03 -47.24 27.44
C GLU H 111 9.19 -47.67 28.34
N ASP H 112 8.88 -48.27 29.49
CA ASP H 112 9.92 -48.74 30.38
C ASP H 112 10.70 -49.90 29.78
N ILE H 113 10.03 -50.78 29.04
CA ILE H 113 10.71 -51.88 28.36
C ILE H 113 11.66 -51.35 27.30
N ALA H 114 11.23 -50.35 26.53
CA ALA H 114 12.09 -49.76 25.52
C ALA H 114 13.27 -49.02 26.13
N ASN H 115 13.05 -48.33 27.26
CA ASN H 115 14.18 -47.69 27.95
C ASN H 115 15.17 -48.71 28.48
N LYS H 116 14.68 -49.83 29.03
CA LYS H 116 15.58 -50.89 29.47
C LYS H 116 16.32 -51.52 28.30
N ILE H 117 15.67 -51.64 27.14
CA ILE H 117 16.33 -52.19 25.95
C ILE H 117 17.43 -51.24 25.47
N LYS H 118 17.15 -49.93 25.47
CA LYS H 118 18.17 -48.95 25.10
C LYS H 118 19.34 -48.97 26.07
N GLN H 119 19.07 -49.08 27.36
CA GLN H 119 20.14 -49.18 28.35
C GLN H 119 20.96 -50.46 28.18
N THR H 120 20.30 -51.58 27.88
CA THR H 120 21.01 -52.83 27.66
C THR H 120 21.89 -52.76 26.42
N THR H 121 21.38 -52.13 25.35
CA THR H 121 22.19 -51.92 24.16
C THR H 121 23.39 -51.03 24.43
N ASP H 122 23.20 -49.98 25.24
CA ASP H 122 24.33 -49.13 25.62
C ASP H 122 25.35 -49.91 26.45
N GLU H 123 24.90 -50.76 27.35
CA GLU H 123 25.81 -51.63 28.11
C GLU H 123 26.56 -52.58 27.20
N TYR H 124 25.88 -53.14 26.20
CA TYR H 124 26.53 -54.03 25.25
C TYR H 124 27.60 -53.32 24.45
N ILE H 125 27.31 -52.11 23.98
CA ILE H 125 28.28 -51.32 23.23
C ILE H 125 29.48 -50.97 24.11
N ASN H 126 29.23 -50.54 25.35
CA ASN H 126 30.31 -50.22 26.28
C ASN H 126 31.00 -51.45 26.82
N THR H 127 30.46 -52.65 26.59
CA THR H 127 31.11 -53.88 26.98
C THR H 127 32.06 -54.39 25.89
N ILE H 128 31.59 -54.46 24.65
CA ILE H 128 32.43 -55.02 23.60
C ILE H 128 33.51 -54.05 23.12
N LEU H 129 33.37 -52.76 23.39
CA LEU H 129 34.36 -51.81 22.90
C LEU H 129 35.62 -51.85 23.77
N PRO H 130 36.80 -51.71 23.16
CA PRO H 130 38.02 -51.56 23.95
C PRO H 130 38.04 -50.21 24.63
N PRO H 131 38.79 -50.06 25.73
CA PRO H 131 38.64 -48.85 26.55
C PRO H 131 39.07 -47.55 25.88
N LEU H 132 40.16 -47.54 25.12
CA LEU H 132 40.58 -46.28 24.51
C LEU H 132 39.67 -45.88 23.36
N THR H 133 39.21 -46.84 22.55
CA THR H 133 38.23 -46.53 21.52
C THR H 133 36.91 -46.09 22.14
N LYS H 134 36.53 -46.69 23.27
CA LYS H 134 35.35 -46.25 24.01
C LYS H 134 35.49 -44.81 24.46
N ALA H 135 36.64 -44.45 25.02
CA ALA H 135 36.87 -43.10 25.49
C ALA H 135 36.94 -42.11 24.33
N LEU H 136 37.52 -42.50 23.20
CA LEU H 136 37.56 -41.61 22.04
C LEU H 136 36.17 -41.38 21.47
N PHE H 137 35.35 -42.44 21.39
CA PHE H 137 33.98 -42.28 20.93
C PHE H 137 33.18 -41.41 21.89
N LYS H 138 33.39 -41.57 23.20
CA LYS H 138 32.74 -40.74 24.18
C LYS H 138 33.14 -39.28 24.04
N TYR H 139 34.44 -39.03 23.83
CA TYR H 139 34.93 -37.66 23.66
C TYR H 139 34.35 -37.00 22.42
N VAL H 140 34.28 -37.74 21.31
CA VAL H 140 33.69 -37.16 20.10
C VAL H 140 32.20 -36.92 20.28
N ARG H 141 31.49 -37.82 20.98
CA ARG H 141 30.07 -37.64 21.24
C ARG H 141 29.80 -36.42 22.11
N GLU H 142 30.65 -36.14 23.09
CA GLU H 142 30.53 -34.94 23.91
C GLU H 142 31.30 -33.77 23.33
N GLY H 143 31.44 -33.73 22.00
CA GLY H 143 32.37 -32.91 21.25
C GLY H 143 32.52 -31.47 21.68
N LYS H 144 33.70 -31.16 22.19
CA LYS H 144 34.00 -29.86 22.77
C LYS H 144 34.82 -29.03 21.80
N TYR H 145 34.70 -27.72 21.91
CA TYR H 145 35.55 -26.82 21.16
C TYR H 145 36.98 -26.96 21.64
N THR H 146 37.92 -26.72 20.73
CA THR H 146 39.33 -26.86 21.08
C THR H 146 40.13 -25.72 20.48
N PHE H 147 41.19 -25.34 21.19
CA PHE H 147 42.11 -24.30 20.74
C PHE H 147 43.53 -24.83 20.66
N CYS H 148 43.68 -26.11 20.41
CA CYS H 148 44.97 -26.78 20.40
C CYS H 148 45.20 -27.46 19.06
N THR H 149 46.40 -28.03 18.93
CA THR H 149 46.71 -28.83 17.76
C THR H 149 45.85 -30.10 17.77
N PRO H 150 45.43 -30.59 16.60
CA PRO H 150 45.65 -30.20 15.22
C PRO H 150 44.91 -28.93 14.80
N GLY H 151 45.33 -28.34 13.68
CA GLY H 151 44.81 -27.05 13.28
C GLY H 151 43.38 -27.07 12.75
N HIS H 152 42.90 -28.21 12.28
CA HIS H 152 41.53 -28.23 11.78
C HIS H 152 40.52 -28.18 12.91
N MET H 153 40.89 -28.67 14.10
CA MET H 153 40.12 -28.52 15.34
C MET H 153 38.70 -29.08 15.21
N GLY H 154 38.63 -30.39 15.01
CA GLY H 154 37.35 -31.01 14.76
C GLY H 154 36.88 -30.90 13.34
N GLY H 155 37.76 -30.57 12.41
CA GLY H 155 37.40 -30.48 11.01
C GLY H 155 36.67 -29.22 10.63
N THR H 156 36.64 -28.20 11.48
CA THR H 156 35.95 -26.96 11.19
C THR H 156 36.76 -26.02 10.31
N ALA H 157 38.01 -26.37 10.00
CA ALA H 157 38.76 -25.68 8.97
C ALA H 157 38.40 -26.18 7.57
N PHE H 158 38.01 -27.44 7.45
CA PHE H 158 37.56 -28.00 6.18
C PHE H 158 36.14 -27.58 5.83
N GLN H 159 35.40 -26.98 6.75
CA GLN H 159 34.06 -26.51 6.44
C GLN H 159 34.06 -25.11 5.85
N LYS H 160 35.24 -24.54 5.60
CA LYS H 160 35.35 -23.15 5.14
C LYS H 160 36.23 -23.02 3.90
N SER H 161 36.35 -24.07 3.09
CA SER H 161 37.13 -24.02 1.87
C SER H 161 36.52 -24.98 0.88
N PRO H 162 36.54 -24.67 -0.43
CA PRO H 162 35.91 -25.57 -1.41
C PRO H 162 36.58 -26.93 -1.50
N VAL H 163 37.89 -26.97 -1.72
CA VAL H 163 38.60 -28.25 -1.71
C VAL H 163 38.59 -28.86 -0.32
N GLY H 164 38.64 -28.02 0.72
CA GLY H 164 38.45 -28.51 2.07
C GLY H 164 37.07 -29.09 2.29
N SER H 165 36.04 -28.49 1.69
CA SER H 165 34.71 -29.06 1.83
C SER H 165 34.57 -30.36 1.05
N LEU H 166 35.27 -30.50 -0.08
CA LEU H 166 35.29 -31.79 -0.76
C LEU H 166 35.93 -32.87 0.09
N PHE H 167 37.05 -32.52 0.74
CA PHE H 167 37.70 -33.46 1.64
C PHE H 167 36.79 -33.83 2.81
N TYR H 168 36.13 -32.85 3.40
CA TYR H 168 35.21 -33.07 4.52
C TYR H 168 34.00 -33.91 4.13
N ASP H 169 33.41 -33.64 2.96
CA ASP H 169 32.29 -34.43 2.49
C ASP H 169 32.71 -35.84 2.11
N PHE H 170 33.95 -36.05 1.68
CA PHE H 170 34.40 -37.41 1.44
C PHE H 170 34.57 -38.17 2.75
N PHE H 171 35.38 -37.63 3.66
CA PHE H 171 35.71 -38.40 4.85
C PHE H 171 34.56 -38.46 5.85
N GLY H 172 33.82 -37.37 6.00
CA GLY H 172 32.73 -37.34 6.95
C GLY H 172 33.19 -36.80 8.28
N PRO H 173 32.24 -36.36 9.12
CA PRO H 173 32.60 -35.54 10.28
C PRO H 173 33.29 -36.29 11.40
N ASN H 174 32.88 -37.55 11.63
CA ASN H 174 33.36 -38.29 12.78
C ASN H 174 34.83 -38.63 12.69
N THR H 175 35.38 -38.80 11.50
CA THR H 175 36.80 -39.03 11.38
C THR H 175 37.59 -37.74 11.33
N MET H 176 36.93 -36.59 11.31
CA MET H 176 37.63 -35.33 11.52
C MET H 176 37.68 -34.97 13.00
N LYS H 177 36.57 -35.16 13.71
CA LYS H 177 36.57 -34.93 15.15
C LYS H 177 37.42 -35.92 15.91
N SER H 178 37.67 -37.12 15.35
CA SER H 178 38.45 -38.14 16.02
C SER H 178 39.94 -37.86 16.00
N ASP H 179 40.39 -36.84 15.27
CA ASP H 179 41.80 -36.52 15.21
C ASP H 179 42.07 -35.39 16.19
N ILE H 180 42.66 -35.73 17.33
CA ILE H 180 43.05 -34.79 18.36
C ILE H 180 44.47 -35.09 18.79
N SER H 181 44.96 -34.35 19.77
CA SER H 181 46.34 -34.51 20.21
C SER H 181 46.43 -34.75 21.71
N ILE H 182 47.65 -34.74 22.25
CA ILE H 182 47.87 -35.05 23.65
C ILE H 182 47.40 -33.95 24.59
N SER H 183 47.01 -32.80 24.07
CA SER H 183 46.50 -31.72 24.90
C SER H 183 45.18 -32.05 25.56
N VAL H 184 44.40 -32.97 24.97
CA VAL H 184 43.19 -33.48 25.60
C VAL H 184 43.61 -34.43 26.71
N SER H 185 43.56 -33.95 27.95
CA SER H 185 44.17 -34.67 29.06
C SER H 185 43.41 -35.91 29.47
N GLU H 186 42.13 -36.03 29.12
CA GLU H 186 41.34 -37.16 29.58
C GLU H 186 41.62 -38.44 28.82
N LEU H 187 42.29 -38.38 27.67
CA LEU H 187 42.65 -39.58 26.93
C LEU H 187 44.07 -40.05 27.23
N GLY H 188 44.77 -39.40 28.16
CA GLY H 188 46.13 -39.78 28.45
C GLY H 188 47.07 -39.41 27.32
N SER H 189 48.13 -40.21 27.16
CA SER H 189 49.10 -39.99 26.11
C SER H 189 49.75 -41.31 25.73
N LEU H 190 49.93 -41.52 24.43
CA LEU H 190 50.60 -42.72 23.95
C LEU H 190 52.06 -42.75 24.40
N LEU H 191 52.72 -41.60 24.39
CA LEU H 191 54.15 -41.54 24.65
C LEU H 191 54.50 -41.90 26.08
N ASP H 192 53.69 -41.46 27.03
CA ASP H 192 53.98 -41.69 28.44
C ASP H 192 53.26 -42.92 29.00
N HIS H 193 52.42 -43.58 28.20
CA HIS H 193 51.68 -44.78 28.58
C HIS H 193 50.83 -44.53 29.84
N SER H 194 49.88 -43.63 29.70
CA SER H 194 49.08 -43.17 30.84
C SER H 194 47.59 -43.24 30.51
N GLY H 195 46.79 -43.55 31.53
CA GLY H 195 45.35 -43.51 31.42
C GLY H 195 44.76 -44.52 30.46
N PRO H 196 43.87 -44.05 29.58
CA PRO H 196 43.27 -44.94 28.58
C PRO H 196 44.28 -45.60 27.66
N HIS H 197 45.38 -44.91 27.34
CA HIS H 197 46.43 -45.56 26.58
C HIS H 197 47.02 -46.74 27.34
N LYS H 198 47.37 -46.56 28.62
CA LYS H 198 47.98 -47.63 29.40
C LYS H 198 47.04 -48.82 29.53
N GLU H 199 45.75 -48.55 29.74
CA GLU H 199 44.76 -49.63 29.70
C GLU H 199 44.74 -50.30 28.33
N ALA H 200 44.96 -49.54 27.26
CA ALA H 200 44.99 -50.14 25.93
C ALA H 200 46.19 -51.07 25.75
N GLU H 201 47.40 -50.64 26.17
CA GLU H 201 48.53 -51.57 26.02
C GLU H 201 48.41 -52.79 26.91
N GLN H 202 47.82 -52.63 28.11
CA GLN H 202 47.59 -53.83 28.92
C GLN H 202 46.56 -54.75 28.26
N TYR H 203 45.55 -54.18 27.60
CA TYR H 203 44.56 -54.97 26.87
C TYR H 203 45.21 -55.73 25.71
N ILE H 204 46.08 -55.05 24.97
CA ILE H 204 46.84 -55.70 23.89
C ILE H 204 47.73 -56.81 24.46
N ALA H 205 48.32 -56.58 25.63
CA ALA H 205 49.16 -57.60 26.26
C ALA H 205 48.35 -58.84 26.63
N ARG H 206 47.14 -58.68 27.13
CA ARG H 206 46.35 -59.88 27.44
C ARG H 206 46.10 -60.57 26.11
N VAL H 207 45.52 -59.84 25.18
CA VAL H 207 44.94 -60.51 24.00
C VAL H 207 45.96 -61.39 23.30
N PHE H 208 47.16 -60.86 23.05
CA PHE H 208 48.15 -61.52 22.21
C PHE H 208 49.11 -62.42 22.96
N ASN H 209 48.86 -62.67 24.25
CA ASN H 209 49.71 -63.50 25.11
C ASN H 209 51.15 -63.01 25.11
N ALA H 210 51.33 -61.79 25.60
CA ALA H 210 52.63 -61.16 25.70
C ALA H 210 52.74 -60.46 27.05
N ASP H 211 53.97 -60.29 27.51
CA ASP H 211 54.20 -59.61 28.78
C ASP H 211 53.93 -58.13 28.67
N ARG H 212 54.71 -57.43 27.84
CA ARG H 212 54.52 -56.02 27.57
C ARG H 212 54.28 -55.87 26.08
N SER H 213 53.23 -55.16 25.71
CA SER H 213 52.88 -54.97 24.31
C SER H 213 52.86 -53.48 24.01
N TYR H 214 53.43 -53.09 22.87
CA TYR H 214 53.46 -51.69 22.47
C TYR H 214 52.61 -51.52 21.21
N MET H 215 52.24 -50.27 20.92
CA MET H 215 51.36 -49.94 19.79
C MET H 215 52.03 -48.85 18.97
N VAL H 216 52.80 -49.24 17.96
CA VAL H 216 53.56 -48.30 17.15
C VAL H 216 52.61 -47.65 16.15
N THR H 217 52.82 -46.35 15.90
CA THR H 217 51.92 -45.58 15.05
C THR H 217 52.56 -45.19 13.71
N ASN H 218 53.79 -45.62 13.44
CA ASN H 218 54.38 -45.45 12.12
C ASN H 218 54.33 -46.74 11.31
N GLY H 219 54.49 -47.88 11.96
CA GLY H 219 54.47 -49.16 11.29
C GLY H 219 55.60 -50.05 11.76
N THR H 220 55.54 -51.30 11.32
CA THR H 220 56.57 -52.25 11.71
C THR H 220 57.90 -51.95 11.07
N SER H 221 57.92 -51.14 10.01
CA SER H 221 59.17 -50.56 9.52
C SER H 221 59.86 -49.72 10.59
N THR H 222 59.09 -49.16 11.53
CA THR H 222 59.64 -48.44 12.66
C THR H 222 59.77 -49.35 13.89
N ALA H 223 58.90 -50.35 14.01
CA ALA H 223 59.00 -51.30 15.12
C ALA H 223 60.28 -52.12 15.05
N ASN H 224 60.68 -52.53 13.85
CA ASN H 224 61.96 -53.22 13.66
C ASN H 224 63.11 -52.33 14.11
N LYS H 225 63.03 -51.04 13.78
CA LYS H 225 64.03 -50.07 14.19
C LYS H 225 64.09 -49.95 15.70
N ILE H 226 62.93 -49.93 16.36
CA ILE H 226 62.88 -49.82 17.81
C ILE H 226 63.53 -51.03 18.46
N VAL H 227 63.17 -52.23 17.99
CA VAL H 227 63.68 -53.46 18.59
C VAL H 227 65.19 -53.59 18.35
N GLY H 228 65.63 -53.35 17.11
CA GLY H 228 67.04 -53.46 16.81
C GLY H 228 67.90 -52.33 17.31
N MET H 229 67.31 -51.20 17.71
CA MET H 229 68.10 -50.18 18.39
C MET H 229 68.11 -50.37 19.89
N TYR H 230 67.13 -51.05 20.47
CA TYR H 230 67.23 -51.38 21.88
C TYR H 230 68.18 -52.56 22.09
N SER H 231 67.88 -53.70 21.48
CA SER H 231 68.57 -54.93 21.79
C SER H 231 69.97 -55.02 21.18
N ALA H 232 70.28 -54.22 20.17
CA ALA H 232 71.56 -54.29 19.49
C ALA H 232 72.27 -52.95 19.60
N PRO H 233 73.09 -52.75 20.63
CA PRO H 233 73.87 -51.51 20.73
C PRO H 233 74.94 -51.45 19.65
N ALA H 234 75.47 -50.26 19.47
CA ALA H 234 76.50 -50.04 18.45
C ALA H 234 77.79 -50.76 18.83
N GLY H 235 78.46 -51.31 17.82
CA GLY H 235 79.65 -52.11 18.04
C GLY H 235 79.36 -53.57 18.30
N SER H 236 78.10 -53.95 18.43
CA SER H 236 77.73 -55.34 18.65
C SER H 236 77.49 -56.02 17.30
N THR H 237 76.86 -57.19 17.33
CA THR H 237 76.71 -58.02 16.15
C THR H 237 75.32 -58.64 16.14
N ILE H 238 74.71 -58.75 14.97
CA ILE H 238 73.36 -59.27 14.84
C ILE H 238 73.35 -60.44 13.86
N LEU H 239 72.33 -61.28 13.99
CA LEU H 239 72.05 -62.37 13.05
C LEU H 239 70.77 -62.00 12.31
N ILE H 240 70.92 -61.34 11.17
CA ILE H 240 69.78 -60.87 10.40
C ILE H 240 69.54 -61.83 9.25
N ASP H 241 68.26 -62.19 9.06
CA ASP H 241 67.85 -62.97 7.90
C ASP H 241 68.16 -62.21 6.62
N ARG H 242 68.69 -62.93 5.62
CA ARG H 242 68.83 -62.33 4.30
C ARG H 242 67.47 -62.04 3.69
N ASN H 243 66.49 -62.89 3.95
CA ASN H 243 65.11 -62.60 3.61
C ASN H 243 64.60 -61.56 4.60
N CYS H 244 64.97 -60.31 4.40
CA CYS H 244 64.63 -59.23 5.29
C CYS H 244 63.81 -58.19 4.55
N HIS H 245 63.44 -57.14 5.26
CA HIS H 245 62.75 -56.01 4.67
C HIS H 245 63.76 -54.89 4.42
N LYS H 246 63.32 -53.88 3.67
CA LYS H 246 64.14 -52.69 3.49
C LYS H 246 64.37 -51.98 4.81
N SER H 247 63.41 -52.09 5.73
CA SER H 247 63.51 -51.43 7.02
C SER H 247 64.67 -51.96 7.86
N LEU H 248 64.94 -53.27 7.79
CA LEU H 248 66.07 -53.81 8.54
C LEU H 248 67.41 -53.33 7.96
N THR H 249 67.49 -53.20 6.64
CA THR H 249 68.68 -52.61 6.02
C THR H 249 68.85 -51.16 6.46
N HIS H 250 67.75 -50.41 6.51
CA HIS H 250 67.79 -49.04 6.99
C HIS H 250 68.23 -48.96 8.45
N LEU H 251 67.75 -49.89 9.28
CA LEU H 251 68.20 -49.98 10.66
C LEU H 251 69.69 -50.24 10.75
N MET H 252 70.21 -51.16 9.95
CA MET H 252 71.63 -51.46 9.97
C MET H 252 72.47 -50.30 9.46
N MET H 253 71.93 -49.46 8.58
CA MET H 253 72.64 -48.27 8.18
C MET H 253 72.58 -47.15 9.22
N MET H 254 71.54 -47.10 10.04
CA MET H 254 71.56 -46.11 11.12
C MET H 254 72.52 -46.50 12.23
N SER H 255 72.52 -47.77 12.63
CA SER H 255 73.26 -48.21 13.80
C SER H 255 74.59 -48.85 13.41
N ASP H 256 75.58 -48.68 14.28
CA ASP H 256 76.93 -49.20 14.05
C ASP H 256 76.97 -50.67 14.49
N VAL H 257 76.38 -51.53 13.66
CA VAL H 257 76.30 -52.96 13.93
C VAL H 257 76.98 -53.72 12.80
N THR H 258 77.14 -55.01 13.00
CA THR H 258 77.83 -55.89 12.05
C THR H 258 76.97 -57.14 11.81
N PRO H 259 76.75 -57.54 10.57
CA PRO H 259 75.90 -58.71 10.32
C PRO H 259 76.64 -60.03 10.10
N ILE H 260 75.98 -61.10 10.51
CA ILE H 260 76.06 -62.38 9.83
C ILE H 260 74.71 -62.64 9.20
N TYR H 261 74.69 -62.86 7.89
CA TYR H 261 73.45 -63.07 7.17
C TYR H 261 73.12 -64.55 7.16
N PHE H 262 71.91 -64.88 7.57
CA PHE H 262 71.38 -66.22 7.37
C PHE H 262 71.19 -66.47 5.87
N ARG H 263 71.16 -67.74 5.49
CA ARG H 263 71.11 -68.10 4.07
C ARG H 263 69.85 -68.92 3.77
N PRO H 264 68.75 -68.28 3.40
CA PRO H 264 67.52 -69.02 3.10
C PRO H 264 67.62 -69.78 1.78
N THR H 265 66.77 -70.79 1.67
CA THR H 265 66.65 -71.56 0.46
C THR H 265 65.58 -70.95 -0.45
N ARG H 266 65.52 -71.42 -1.69
CA ARG H 266 64.54 -70.95 -2.65
C ARG H 266 64.36 -71.98 -3.75
N ASN H 267 63.21 -71.91 -4.41
CA ASN H 267 62.88 -72.79 -5.52
C ASN H 267 63.10 -72.06 -6.84
N ALA H 268 62.78 -72.73 -7.94
CA ALA H 268 62.90 -72.13 -9.25
C ALA H 268 61.84 -71.08 -9.52
N TYR H 269 60.74 -71.10 -8.78
CA TYR H 269 59.69 -70.10 -8.96
C TYR H 269 60.14 -68.72 -8.54
N GLY H 270 61.10 -68.64 -7.61
CA GLY H 270 61.50 -67.38 -7.02
C GLY H 270 60.89 -67.15 -5.65
N ILE H 271 60.17 -68.12 -5.10
CA ILE H 271 59.60 -67.99 -3.77
C ILE H 271 60.72 -68.10 -2.76
N LEU H 272 60.82 -67.12 -1.87
CA LEU H 272 61.83 -67.12 -0.82
C LEU H 272 61.44 -68.14 0.23
N GLY H 273 62.18 -69.24 0.28
CA GLY H 273 61.92 -70.25 1.28
C GLY H 273 62.51 -69.88 2.62
N GLY H 274 63.17 -70.82 3.28
CA GLY H 274 63.67 -70.55 4.60
C GLY H 274 65.08 -71.02 4.89
N ILE H 275 65.58 -70.60 6.04
CA ILE H 275 66.94 -70.96 6.46
C ILE H 275 66.94 -72.43 6.87
N PRO H 276 67.93 -73.23 6.47
CA PRO H 276 68.00 -74.61 6.93
C PRO H 276 68.27 -74.68 8.42
N GLN H 277 68.04 -75.87 8.98
CA GLN H 277 68.25 -76.08 10.41
C GLN H 277 69.70 -75.97 10.82
N SER H 278 70.64 -76.14 9.89
CA SER H 278 72.05 -76.12 10.23
C SER H 278 72.54 -74.73 10.63
N GLU H 279 71.89 -73.68 10.13
CA GLU H 279 72.33 -72.31 10.37
C GLU H 279 71.67 -71.67 11.59
N PHE H 280 71.22 -72.48 12.55
CA PHE H 280 70.78 -71.94 13.82
C PHE H 280 71.51 -72.53 15.00
N GLN H 281 72.48 -73.41 14.76
CA GLN H 281 73.22 -74.06 15.83
C GLN H 281 74.49 -73.27 16.13
N HIS H 282 75.19 -73.67 17.18
CA HIS H 282 76.35 -72.92 17.64
C HIS H 282 77.54 -73.04 16.70
N ALA H 283 77.68 -74.17 16.01
CA ALA H 283 78.87 -74.41 15.20
C ALA H 283 78.93 -73.47 14.00
N THR H 284 77.85 -73.40 13.22
CA THR H 284 77.85 -72.55 12.04
C THR H 284 77.88 -71.07 12.40
N ILE H 285 77.21 -70.69 13.48
CA ILE H 285 77.22 -69.31 13.93
C ILE H 285 78.61 -68.90 14.39
N ALA H 286 79.28 -69.78 15.15
CA ALA H 286 80.65 -69.48 15.58
C ALA H 286 81.61 -69.43 14.41
N LYS H 287 81.44 -70.30 13.41
CA LYS H 287 82.26 -70.26 12.21
C LYS H 287 82.07 -68.93 11.46
N ARG H 288 80.83 -68.56 11.19
CA ARG H 288 80.54 -67.32 10.48
C ARG H 288 80.96 -66.09 11.27
N VAL H 289 80.98 -66.18 12.61
CA VAL H 289 81.61 -65.14 13.41
C VAL H 289 83.11 -65.10 13.15
N LYS H 290 83.74 -66.28 13.07
CA LYS H 290 85.19 -66.35 12.95
C LYS H 290 85.69 -65.76 11.63
N GLU H 291 85.01 -66.05 10.51
CA GLU H 291 85.43 -65.45 9.26
C GLU H 291 84.68 -64.17 8.92
N THR H 292 84.28 -63.38 9.92
CA THR H 292 83.80 -62.03 9.68
C THR H 292 84.66 -61.04 10.42
N PRO H 293 85.22 -60.05 9.75
CA PRO H 293 86.09 -59.07 10.43
C PRO H 293 85.30 -58.21 11.42
N ASN H 294 85.96 -57.88 12.52
CA ASN H 294 85.44 -57.02 13.58
C ASN H 294 84.13 -57.57 14.16
N ALA H 295 84.00 -58.88 14.25
CA ALA H 295 82.76 -59.52 14.67
C ALA H 295 82.96 -60.27 15.98
N THR H 296 81.98 -60.14 16.86
CA THR H 296 81.94 -60.84 18.13
C THR H 296 80.72 -61.75 18.16
N TRP H 297 80.43 -62.33 19.32
CA TRP H 297 79.26 -63.16 19.45
C TRP H 297 78.00 -62.33 19.30
N PRO H 298 77.04 -62.77 18.48
CA PRO H 298 75.84 -61.97 18.22
C PRO H 298 74.99 -61.80 19.49
N VAL H 299 74.48 -60.59 19.67
CA VAL H 299 73.65 -60.28 20.83
C VAL H 299 72.19 -60.14 20.47
N HIS H 300 71.83 -60.33 19.19
CA HIS H 300 70.45 -60.20 18.76
C HIS H 300 70.29 -60.95 17.45
N ALA H 301 69.08 -61.46 17.21
CA ALA H 301 68.77 -62.16 15.98
C ALA H 301 67.42 -61.72 15.46
N VAL H 302 67.33 -61.49 14.16
CA VAL H 302 66.11 -61.04 13.50
C VAL H 302 65.74 -62.06 12.42
N ILE H 303 64.53 -62.60 12.49
CA ILE H 303 64.06 -63.66 11.62
C ILE H 303 62.70 -63.26 11.06
N THR H 304 62.53 -63.37 9.74
CA THR H 304 61.26 -63.03 9.11
C THR H 304 60.34 -64.24 9.19
N ASN H 305 59.42 -64.23 10.15
CA ASN H 305 58.49 -65.32 10.42
C ASN H 305 57.06 -64.84 10.36
N SER H 306 56.35 -65.12 9.27
CA SER H 306 56.78 -65.99 8.20
C SER H 306 57.51 -65.24 7.12
N THR H 307 57.76 -65.91 6.00
CA THR H 307 58.32 -65.24 4.85
C THR H 307 57.23 -64.44 4.15
N TYR H 308 57.57 -63.83 3.02
CA TYR H 308 56.58 -63.10 2.24
C TYR H 308 55.50 -64.02 1.70
N ASP H 309 55.84 -65.27 1.38
CA ASP H 309 54.89 -66.22 0.83
C ASP H 309 54.30 -67.14 1.89
N GLY H 310 54.37 -66.74 3.16
CA GLY H 310 53.66 -67.45 4.20
C GLY H 310 54.20 -68.82 4.53
N LEU H 311 55.49 -68.89 4.86
CA LEU H 311 56.12 -70.14 5.31
C LEU H 311 56.58 -69.93 6.75
N LEU H 312 55.79 -70.45 7.68
CA LEU H 312 56.10 -70.37 9.09
C LEU H 312 57.27 -71.29 9.43
N TYR H 313 57.90 -71.02 10.56
CA TYR H 313 59.03 -71.81 11.00
C TYR H 313 58.61 -72.66 12.19
N ASN H 314 59.41 -73.67 12.49
CA ASN H 314 59.29 -74.37 13.76
C ASN H 314 60.02 -73.54 14.80
N THR H 315 59.31 -72.57 15.34
CA THR H 315 59.90 -71.58 16.23
C THR H 315 60.33 -72.15 17.58
N ASP H 316 59.80 -73.30 17.99
CA ASP H 316 60.25 -73.92 19.22
C ASP H 316 61.69 -74.40 19.09
N PHE H 317 62.03 -74.97 17.93
CA PHE H 317 63.41 -75.29 17.59
C PHE H 317 64.30 -74.06 17.67
N ILE H 318 63.81 -72.92 17.15
CA ILE H 318 64.59 -71.70 17.12
C ILE H 318 64.82 -71.18 18.52
N LYS H 319 63.77 -71.10 19.31
CA LYS H 319 63.87 -70.60 20.68
C LYS H 319 64.60 -71.55 21.60
N LYS H 320 64.75 -72.82 21.23
CA LYS H 320 65.57 -73.71 22.04
C LYS H 320 67.04 -73.69 21.66
N THR H 321 67.35 -73.63 20.37
CA THR H 321 68.73 -73.89 19.95
C THR H 321 69.50 -72.64 19.52
N LEU H 322 68.83 -71.56 19.13
CA LEU H 322 69.54 -70.33 18.78
C LEU H 322 70.06 -69.70 20.06
N ASP H 323 71.38 -69.71 20.24
CA ASP H 323 72.00 -69.34 21.51
C ASP H 323 72.33 -67.85 21.58
N VAL H 324 71.35 -67.00 21.31
CA VAL H 324 71.52 -65.56 21.47
C VAL H 324 70.57 -65.09 22.55
N LYS H 325 70.86 -63.91 23.09
CA LYS H 325 70.13 -63.40 24.24
C LYS H 325 68.83 -62.69 23.88
N SER H 326 68.55 -62.50 22.59
CA SER H 326 67.31 -61.88 22.16
C SER H 326 67.02 -62.31 20.74
N ILE H 327 65.87 -62.94 20.52
CA ILE H 327 65.45 -63.39 19.20
C ILE H 327 64.25 -62.56 18.78
N HIS H 328 64.37 -61.88 17.65
CA HIS H 328 63.30 -61.07 17.11
C HIS H 328 62.67 -61.75 15.90
N PHE H 329 61.35 -61.83 15.90
CA PHE H 329 60.59 -62.38 14.79
C PHE H 329 59.87 -61.23 14.10
N ASP H 330 60.24 -60.94 12.85
CA ASP H 330 59.61 -59.87 12.09
C ASP H 330 58.33 -60.43 11.49
N SER H 331 57.32 -60.57 12.34
CA SER H 331 56.07 -61.20 11.96
C SER H 331 55.10 -60.19 11.35
N ALA H 332 55.58 -59.51 10.32
CA ALA H 332 54.74 -58.54 9.65
C ALA H 332 53.59 -59.18 8.89
N TRP H 333 53.78 -60.38 8.35
CA TRP H 333 52.75 -61.04 7.58
C TRP H 333 51.93 -62.05 8.36
N VAL H 334 52.29 -62.32 9.61
CA VAL H 334 51.50 -63.23 10.43
C VAL H 334 51.17 -62.54 11.75
N PRO H 335 50.17 -61.66 11.80
CA PRO H 335 49.78 -61.05 13.07
C PRO H 335 48.64 -61.77 13.78
N TYR H 336 47.97 -62.68 13.09
CA TYR H 336 46.75 -63.33 13.55
C TYR H 336 47.01 -64.62 14.30
N THR H 337 48.21 -64.80 14.86
CA THR H 337 48.68 -66.11 15.26
C THR H 337 47.91 -66.72 16.43
N ASN H 338 47.62 -65.94 17.45
CA ASN H 338 47.07 -66.44 18.71
C ASN H 338 45.63 -66.94 18.53
N PHE H 339 44.96 -66.56 17.45
CA PHE H 339 43.51 -66.66 17.36
C PHE H 339 43.03 -67.92 16.65
N SER H 340 43.91 -68.87 16.39
CA SER H 340 43.51 -70.19 15.96
C SER H 340 44.60 -71.14 16.41
N PRO H 341 44.26 -72.26 17.03
CA PRO H 341 45.28 -73.22 17.47
C PRO H 341 45.97 -73.96 16.34
N ILE H 342 45.65 -73.64 15.08
CA ILE H 342 46.41 -74.14 13.95
C ILE H 342 47.85 -73.66 14.05
N TYR H 343 48.05 -72.41 14.45
CA TYR H 343 49.36 -71.79 14.48
C TYR H 343 50.09 -71.99 15.80
N GLU H 344 49.76 -73.01 16.57
CA GLU H 344 50.48 -73.28 17.80
C GLU H 344 51.90 -73.71 17.49
N GLY H 345 52.86 -73.17 18.23
CA GLY H 345 54.26 -73.45 17.96
C GLY H 345 54.76 -72.82 16.68
N LYS H 346 54.20 -71.67 16.30
CA LYS H 346 54.56 -71.03 15.03
C LYS H 346 54.63 -69.51 15.14
N CYS H 347 54.99 -68.98 16.30
CA CYS H 347 55.30 -67.56 16.44
C CYS H 347 56.22 -67.37 17.63
N GLY H 348 56.67 -66.13 17.80
CA GLY H 348 57.47 -65.81 18.97
C GLY H 348 56.70 -65.96 20.27
N MET H 349 55.42 -65.63 20.26
CA MET H 349 54.59 -65.73 21.46
C MET H 349 54.01 -67.10 21.68
N SER H 350 54.26 -68.05 20.78
CA SER H 350 53.85 -69.43 21.00
C SER H 350 54.66 -70.03 22.14
N GLY H 351 53.98 -70.82 22.95
CA GLY H 351 54.63 -71.40 24.11
C GLY H 351 54.80 -70.40 25.23
N GLY H 352 55.50 -70.84 26.27
CA GLY H 352 55.69 -70.03 27.46
C GLY H 352 56.89 -69.11 27.37
N ARG H 353 57.18 -68.47 28.50
CA ARG H 353 58.33 -67.58 28.61
C ARG H 353 59.60 -68.42 28.56
N VAL H 354 60.38 -68.25 27.50
CA VAL H 354 61.62 -69.02 27.36
C VAL H 354 62.66 -68.46 28.32
N GLU H 355 63.51 -69.35 28.83
CA GLU H 355 64.49 -68.98 29.84
C GLU H 355 65.74 -68.40 29.17
N GLY H 356 66.24 -67.29 29.74
CA GLY H 356 67.53 -66.77 29.36
C GLY H 356 67.57 -65.86 28.16
N LYS H 357 66.44 -65.64 27.49
CA LYS H 357 66.43 -64.75 26.34
C LYS H 357 65.05 -64.13 26.21
N VAL H 358 64.99 -62.98 25.55
CA VAL H 358 63.77 -62.22 25.36
C VAL H 358 63.34 -62.38 23.91
N ILE H 359 62.09 -62.79 23.70
CA ILE H 359 61.57 -63.00 22.36
C ILE H 359 60.75 -61.77 21.97
N TYR H 360 61.13 -61.14 20.87
CA TYR H 360 60.38 -60.03 20.32
C TYR H 360 59.52 -60.52 19.15
N GLU H 361 58.36 -59.90 18.99
CA GLU H 361 57.56 -60.12 17.81
C GLU H 361 56.87 -58.81 17.46
N THR H 362 56.89 -58.45 16.18
CA THR H 362 56.53 -57.12 15.72
C THR H 362 55.45 -57.20 14.63
N GLN H 363 54.35 -57.87 14.97
CA GLN H 363 53.15 -58.00 14.13
C GLN H 363 52.75 -56.70 13.48
N SER H 364 52.69 -56.70 12.15
CA SER H 364 52.15 -55.58 11.40
C SER H 364 50.64 -55.74 11.35
N THR H 365 49.94 -55.06 12.25
CA THR H 365 48.52 -55.25 12.46
C THR H 365 47.69 -54.83 11.25
N HIS H 366 48.12 -53.84 10.49
CA HIS H 366 47.34 -53.38 9.35
C HIS H 366 47.36 -54.33 8.19
N1 LLP H 367 58.66 -55.59 7.31
C2 LLP H 367 58.30 -56.68 6.64
C2' LLP H 367 59.13 -57.99 6.74
C3 LLP H 367 57.15 -56.65 5.79
O3 LLP H 367 56.79 -57.79 5.09
C4 LLP H 367 56.41 -55.50 5.69
C4' LLP H 367 55.10 -55.47 4.74
C5 LLP H 367 56.76 -54.40 6.38
C6 LLP H 367 57.90 -54.42 7.20
C5' LLP H 367 55.88 -53.12 6.21
OP4 LLP H 367 56.18 -52.15 7.18
P LLP H 367 55.08 -51.12 7.48
OP1 LLP H 367 54.62 -50.49 6.16
OP2 LLP H 367 55.62 -50.08 8.37
OP3 LLP H 367 53.93 -51.79 8.12
N LLP H 367 48.33 -55.23 8.16
CA LLP H 367 48.56 -56.09 6.99
CB LLP H 367 49.90 -56.75 7.08
CG LLP H 367 51.00 -55.72 6.78
CD LLP H 367 51.50 -55.89 5.33
CE LLP H 367 52.81 -55.10 5.14
NZ LLP H 367 53.97 -55.96 5.47
C LLP H 367 47.51 -57.13 6.83
O LLP H 367 46.90 -57.20 5.78
N LEU H 368 47.29 -57.95 7.85
CA LEU H 368 46.36 -59.07 7.72
C LEU H 368 45.15 -58.96 8.64
N LEU H 369 45.27 -58.23 9.73
CA LEU H 369 44.13 -57.93 10.57
C LEU H 369 43.36 -56.75 10.00
N ALA H 370 42.35 -56.30 10.72
CA ALA H 370 41.54 -55.16 10.29
C ALA H 370 41.98 -53.94 11.08
N ALA H 371 42.92 -53.20 10.51
CA ALA H 371 43.41 -51.97 11.13
C ALA H 371 43.81 -50.98 10.06
N PHE H 372 43.81 -49.70 10.43
CA PHE H 372 44.30 -48.64 9.55
C PHE H 372 45.78 -48.81 9.29
N SER H 373 46.24 -48.27 8.17
CA SER H 373 47.64 -48.39 7.80
C SER H 373 48.53 -47.65 8.78
N GLN H 374 49.83 -47.93 8.67
CA GLN H 374 50.86 -47.46 9.60
C GLN H 374 50.60 -47.88 11.03
N ALA H 375 49.91 -48.99 11.24
CA ALA H 375 49.67 -49.53 12.56
C ALA H 375 50.54 -50.76 12.77
N SER H 376 51.12 -50.86 13.95
CA SER H 376 52.00 -51.97 14.27
C SER H 376 52.04 -52.17 15.77
N MET H 377 52.61 -53.30 16.17
CA MET H 377 52.74 -53.64 17.57
C MET H 377 54.12 -54.20 17.82
N ILE H 378 54.56 -54.12 19.06
CA ILE H 378 55.78 -54.77 19.52
C ILE H 378 55.41 -55.58 20.76
N HIS H 379 55.35 -56.90 20.60
CA HIS H 379 55.12 -57.80 21.70
C HIS H 379 56.45 -58.35 22.17
N VAL H 380 56.68 -58.30 23.48
CA VAL H 380 57.89 -58.86 24.05
C VAL H 380 57.51 -60.08 24.88
N LYS H 381 58.51 -60.91 25.16
CA LYS H 381 58.32 -62.09 25.99
C LYS H 381 59.61 -62.31 26.76
N GLY H 382 59.62 -61.89 28.02
CA GLY H 382 60.81 -61.94 28.83
C GLY H 382 60.90 -60.72 29.70
N ASP H 383 62.12 -60.43 30.17
CA ASP H 383 62.37 -59.30 31.03
C ASP H 383 63.27 -58.31 30.28
N VAL H 384 62.80 -57.07 30.16
CA VAL H 384 63.57 -56.02 29.51
C VAL H 384 63.69 -54.85 30.48
N ASN H 385 64.71 -54.03 30.25
CA ASN H 385 64.86 -52.81 31.02
C ASN H 385 63.74 -51.86 30.60
N GLU H 386 62.79 -51.63 31.52
CA GLU H 386 61.54 -50.96 31.18
C GLU H 386 61.78 -49.52 30.71
N GLU H 387 62.62 -48.78 31.43
CA GLU H 387 62.84 -47.39 31.05
C GLU H 387 63.71 -47.27 29.81
N THR H 388 64.74 -48.10 29.66
CA THR H 388 65.58 -48.05 28.47
C THR H 388 64.79 -48.42 27.22
N PHE H 389 63.98 -49.49 27.29
CA PHE H 389 63.19 -49.89 26.14
C PHE H 389 62.04 -48.93 25.88
N ASN H 390 61.44 -48.35 26.91
CA ASN H 390 60.44 -47.31 26.71
C ASN H 390 61.05 -46.09 26.06
N GLU H 391 62.28 -45.73 26.43
CA GLU H 391 62.93 -44.59 25.81
C GLU H 391 63.29 -44.89 24.35
N ALA H 392 63.70 -46.13 24.07
CA ALA H 392 63.94 -46.51 22.67
C ALA H 392 62.67 -46.48 21.85
N TYR H 393 61.54 -46.90 22.43
CA TYR H 393 60.26 -46.79 21.73
C TYR H 393 59.88 -45.33 21.49
N MET H 394 60.06 -44.48 22.51
CA MET H 394 59.81 -43.04 22.37
C MET H 394 60.72 -42.40 21.35
N MET H 395 61.93 -42.95 21.16
CA MET H 395 62.92 -42.38 20.27
C MET H 395 62.47 -42.38 18.81
N HIS H 396 61.79 -43.42 18.35
CA HIS H 396 61.45 -43.52 16.94
C HIS H 396 60.02 -43.10 16.60
N THR H 397 59.09 -43.19 17.54
CA THR H 397 57.74 -42.78 17.24
C THR H 397 57.61 -41.26 17.30
N THR H 398 56.54 -40.76 16.71
CA THR H 398 56.24 -39.33 16.77
C THR H 398 55.76 -38.95 18.16
N THR H 399 55.60 -37.65 18.38
CA THR H 399 55.11 -37.15 19.65
C THR H 399 53.61 -36.90 19.67
N SER H 400 53.02 -36.55 18.52
CA SER H 400 51.58 -36.34 18.41
C SER H 400 51.04 -37.34 17.40
N PRO H 401 50.61 -38.51 17.85
CA PRO H 401 50.19 -39.56 16.92
C PRO H 401 48.78 -39.34 16.41
N HIS H 402 48.45 -40.06 15.34
CA HIS H 402 47.11 -40.06 14.80
C HIS H 402 46.25 -41.01 15.61
N TYR H 403 45.31 -40.46 16.38
CA TYR H 403 44.51 -41.29 17.27
C TYR H 403 43.55 -42.21 16.53
N GLY H 404 43.25 -41.93 15.27
CA GLY H 404 42.51 -42.89 14.47
C GLY H 404 43.28 -44.16 14.25
N ILE H 405 44.59 -44.05 13.97
CA ILE H 405 45.44 -45.22 13.81
C ILE H 405 45.56 -45.99 15.11
N VAL H 406 45.71 -45.28 16.24
CA VAL H 406 45.82 -45.93 17.54
C VAL H 406 44.53 -46.66 17.90
N ALA H 407 43.39 -46.00 17.69
CA ALA H 407 42.10 -46.63 17.96
C ALA H 407 41.86 -47.82 17.05
N SER H 408 42.28 -47.73 15.78
CA SER H 408 42.16 -48.87 14.88
C SER H 408 43.08 -50.01 15.30
N THR H 409 44.27 -49.67 15.80
CA THR H 409 45.22 -50.68 16.27
C THR H 409 44.65 -51.46 17.44
N GLU H 410 44.01 -50.78 18.37
CA GLU H 410 43.39 -51.49 19.49
C GLU H 410 42.11 -52.21 19.09
N THR H 411 41.29 -51.60 18.23
CA THR H 411 40.05 -52.22 17.79
C THR H 411 40.31 -53.48 16.97
N ALA H 412 41.46 -53.57 16.31
CA ALA H 412 41.81 -54.81 15.61
C ALA H 412 41.95 -55.99 16.56
N ALA H 413 42.58 -55.78 17.72
CA ALA H 413 42.63 -56.84 18.72
C ALA H 413 41.27 -57.05 19.35
N ALA H 414 40.50 -55.97 19.53
CA ALA H 414 39.16 -56.10 20.10
C ALA H 414 38.21 -56.86 19.21
N MET H 415 38.47 -56.91 17.90
CA MET H 415 37.69 -57.75 16.99
C MET H 415 37.97 -59.23 17.17
N MET H 416 38.97 -59.60 17.96
CA MET H 416 39.39 -60.98 18.06
C MET H 416 39.11 -61.63 19.40
N LYS H 417 38.59 -60.87 20.38
CA LYS H 417 38.17 -61.46 21.65
C LYS H 417 36.76 -62.02 21.50
N GLY H 418 36.51 -63.11 22.20
CA GLY H 418 35.20 -63.73 22.24
C GLY H 418 35.06 -64.83 21.20
N ASN H 419 33.80 -65.07 20.83
CA ASN H 419 33.51 -66.07 19.81
C ASN H 419 33.53 -65.49 18.40
N ALA H 420 33.31 -64.18 18.26
CA ALA H 420 33.30 -63.56 16.95
C ALA H 420 34.68 -63.58 16.30
N GLY H 421 35.73 -63.33 17.08
CA GLY H 421 37.07 -63.35 16.51
C GLY H 421 37.52 -64.75 16.10
N LYS H 422 37.21 -65.74 16.93
CA LYS H 422 37.49 -67.12 16.57
C LYS H 422 36.71 -67.52 15.32
N ARG H 423 35.45 -67.08 15.22
CA ARG H 423 34.67 -67.35 14.03
C ARG H 423 35.26 -66.67 12.79
N LEU H 424 35.77 -65.44 12.96
CA LEU H 424 36.44 -64.76 11.85
C LEU H 424 37.65 -65.53 11.35
N ILE H 425 38.54 -65.89 12.27
CA ILE H 425 39.79 -66.55 11.86
C ILE H 425 39.51 -67.92 11.27
N ASN H 426 38.63 -68.70 11.90
CA ASN H 426 38.31 -70.02 11.37
C ASN H 426 37.57 -69.92 10.04
N GLY H 427 36.70 -68.93 9.88
CA GLY H 427 36.03 -68.75 8.60
C GLY H 427 36.99 -68.36 7.50
N SER H 428 37.96 -67.50 7.81
CA SER H 428 38.95 -67.11 6.81
C SER H 428 39.82 -68.29 6.40
N ILE H 429 40.27 -69.10 7.37
CA ILE H 429 41.10 -70.24 7.05
C ILE H 429 40.32 -71.29 6.26
N GLU H 430 39.07 -71.56 6.67
CA GLU H 430 38.25 -72.52 5.95
C GLU H 430 37.92 -72.06 4.55
N ARG H 431 37.64 -70.76 4.36
CA ARG H 431 37.41 -70.20 3.04
C ARG H 431 38.66 -70.32 2.17
N ALA H 432 39.84 -70.06 2.75
CA ALA H 432 41.07 -70.22 2.00
C ALA H 432 41.28 -71.67 1.56
N ILE H 433 41.01 -72.61 2.46
CA ILE H 433 41.19 -74.02 2.14
C ILE H 433 40.20 -74.48 1.07
N LYS H 434 38.96 -73.99 1.14
CA LYS H 434 37.97 -74.35 0.12
C LYS H 434 38.30 -73.74 -1.24
N PHE H 435 38.83 -72.51 -1.25
CA PHE H 435 39.31 -71.93 -2.49
C PHE H 435 40.46 -72.75 -3.07
N ARG H 436 41.37 -73.22 -2.21
CA ARG H 436 42.49 -74.04 -2.69
C ARG H 436 41.99 -75.36 -3.27
N LYS H 437 41.00 -75.97 -2.62
CA LYS H 437 40.47 -77.22 -3.14
C LYS H 437 39.78 -77.04 -4.49
N GLU H 438 38.99 -75.97 -4.68
CA GLU H 438 38.53 -75.84 -6.07
C GLU H 438 39.55 -75.35 -7.07
N ILE H 439 40.60 -74.63 -6.67
CA ILE H 439 41.51 -74.27 -7.75
C ILE H 439 42.27 -75.50 -8.23
N LYS H 440 42.63 -76.43 -7.33
CA LYS H 440 43.12 -77.71 -7.83
C LYS H 440 42.04 -78.54 -8.52
N ARG H 441 40.76 -78.36 -8.16
CA ARG H 441 39.71 -79.10 -8.84
C ARG H 441 39.48 -78.59 -10.25
N LEU H 442 39.44 -77.26 -10.42
CA LEU H 442 39.29 -76.65 -11.73
C LEU H 442 40.49 -76.89 -12.61
N ARG H 443 41.67 -77.10 -12.00
CA ARG H 443 42.83 -77.50 -12.81
C ARG H 443 42.59 -78.83 -13.51
N THR H 444 42.03 -79.81 -12.78
CA THR H 444 41.75 -81.11 -13.38
C THR H 444 40.41 -81.15 -14.11
N GLU H 445 39.60 -80.10 -13.99
CA GLU H 445 38.34 -80.06 -14.70
C GLU H 445 38.49 -79.44 -16.08
N SER H 446 39.38 -78.47 -16.22
CA SER H 446 39.48 -77.70 -17.45
C SER H 446 40.24 -78.47 -18.52
N ASP H 447 40.22 -77.92 -19.72
CA ASP H 447 40.95 -78.45 -20.86
C ASP H 447 42.26 -77.70 -21.07
N GLY H 448 43.28 -78.41 -21.51
CA GLY H 448 44.57 -77.78 -21.75
C GLY H 448 45.22 -77.33 -20.46
N TRP H 449 45.64 -76.06 -20.45
CA TRP H 449 46.34 -75.50 -19.30
C TRP H 449 45.36 -74.90 -18.31
N PHE H 450 45.80 -74.76 -17.06
CA PHE H 450 45.07 -74.01 -16.07
C PHE H 450 46.03 -73.56 -14.98
N PHE H 451 45.58 -72.63 -14.16
CA PHE H 451 46.37 -72.14 -13.04
C PHE H 451 46.56 -73.25 -12.00
N ASP H 452 47.80 -73.45 -11.59
CA ASP H 452 48.14 -74.34 -10.50
C ASP H 452 48.31 -73.49 -9.25
N VAL H 453 48.21 -74.12 -8.08
CA VAL H 453 48.49 -73.44 -6.83
C VAL H 453 49.50 -74.24 -6.03
N TRP H 454 50.53 -73.54 -5.57
CA TRP H 454 51.75 -74.10 -4.99
C TRP H 454 51.42 -74.56 -3.57
N GLN H 455 50.95 -75.79 -3.46
CA GLN H 455 50.44 -76.35 -2.21
C GLN H 455 50.53 -77.86 -2.30
N PRO H 456 50.48 -78.57 -1.16
CA PRO H 456 50.56 -80.03 -1.21
C PRO H 456 49.43 -80.66 -2.02
N ASP H 457 49.74 -81.80 -2.63
CA ASP H 457 48.80 -82.45 -3.54
C ASP H 457 47.54 -82.94 -2.85
N HIS H 458 47.62 -83.33 -1.58
CA HIS H 458 46.46 -83.72 -0.80
C HIS H 458 46.34 -82.80 0.40
N ILE H 459 45.41 -81.85 0.33
CA ILE H 459 45.05 -81.03 1.47
C ILE H 459 43.54 -81.18 1.70
N ASP H 460 43.19 -81.58 2.90
CA ASP H 460 41.78 -81.63 3.28
C ASP H 460 41.53 -81.31 4.75
N THR H 461 42.57 -80.99 5.51
CA THR H 461 42.45 -80.69 6.93
C THR H 461 42.88 -79.25 7.17
N THR H 462 42.37 -78.68 8.26
CA THR H 462 42.66 -77.29 8.61
C THR H 462 43.91 -77.26 9.48
N GLU H 463 45.06 -77.32 8.84
CA GLU H 463 46.33 -77.24 9.51
C GLU H 463 47.34 -76.55 8.60
N CYS H 464 48.40 -76.04 9.21
CA CYS H 464 49.54 -75.58 8.42
C CYS H 464 50.26 -76.79 7.85
N TRP H 465 50.16 -76.97 6.55
CA TRP H 465 50.65 -78.21 5.94
C TRP H 465 52.17 -78.20 5.92
N PRO H 466 52.83 -79.16 6.58
CA PRO H 466 54.28 -79.12 6.69
C PRO H 466 54.95 -79.42 5.36
N LEU H 467 56.08 -78.78 5.13
CA LEU H 467 56.86 -79.00 3.91
C LEU H 467 57.75 -80.20 4.15
N ARG H 468 57.40 -81.33 3.52
CA ARG H 468 58.09 -82.58 3.76
C ARG H 468 59.16 -82.81 2.71
N SER H 469 60.28 -83.40 3.13
CA SER H 469 61.36 -83.70 2.20
C SER H 469 61.01 -84.80 1.24
N ASP H 470 59.97 -85.59 1.53
CA ASP H 470 59.57 -86.71 0.70
C ASP H 470 58.57 -86.31 -0.36
N SER H 471 58.32 -85.01 -0.54
CA SER H 471 57.41 -84.51 -1.56
C SER H 471 58.11 -83.41 -2.35
N THR H 472 57.56 -83.11 -3.52
CA THR H 472 58.23 -82.19 -4.43
C THR H 472 57.33 -81.04 -4.88
N TRP H 473 56.22 -80.78 -4.18
CA TRP H 473 55.36 -79.67 -4.58
C TRP H 473 56.01 -78.32 -4.27
N HIS H 474 56.82 -78.26 -3.21
CA HIS H 474 57.43 -76.99 -2.84
C HIS H 474 58.61 -76.62 -3.72
N GLY H 475 59.52 -77.55 -3.95
CA GLY H 475 60.66 -77.31 -4.79
C GLY H 475 61.96 -77.04 -4.06
N PHE H 476 61.93 -76.82 -2.75
CA PHE H 476 63.15 -76.64 -1.98
C PHE H 476 63.81 -78.00 -1.80
N LYS H 477 64.97 -78.19 -2.42
CA LYS H 477 65.64 -79.48 -2.39
C LYS H 477 66.33 -79.70 -1.05
N ASN H 478 66.30 -80.96 -0.59
CA ASN H 478 66.93 -81.40 0.65
C ASN H 478 66.45 -80.60 1.86
N ILE H 479 65.16 -80.29 1.87
CA ILE H 479 64.59 -79.48 2.93
C ILE H 479 64.46 -80.32 4.20
N ASP H 480 64.52 -79.64 5.33
CA ASP H 480 64.45 -80.31 6.63
C ASP H 480 63.01 -80.50 7.06
N ASN H 481 62.72 -81.65 7.66
CA ASN H 481 61.36 -82.02 8.02
C ASN H 481 60.93 -81.31 9.30
N GLU H 482 59.69 -80.82 9.29
CA GLU H 482 59.14 -79.95 10.34
C GLU H 482 60.04 -78.77 10.63
N HIS H 483 60.24 -77.95 9.60
CA HIS H 483 60.84 -76.64 9.76
C HIS H 483 59.96 -75.63 9.05
N MET H 484 59.17 -76.08 8.08
CA MET H 484 58.31 -75.21 7.32
C MET H 484 56.86 -75.68 7.37
N TYR H 485 55.97 -74.70 7.40
CA TYR H 485 54.53 -74.90 7.52
C TYR H 485 53.85 -73.88 6.63
N LEU H 486 53.10 -74.36 5.64
CA LEU H 486 52.43 -73.47 4.72
C LEU H 486 51.25 -72.78 5.40
N ASP H 487 51.19 -71.48 5.27
CA ASP H 487 50.02 -70.75 5.75
C ASP H 487 48.90 -70.87 4.73
N PRO H 488 47.75 -71.43 5.11
CA PRO H 488 46.68 -71.66 4.12
C PRO H 488 46.08 -70.40 3.52
N ILE H 489 46.18 -69.25 4.19
CA ILE H 489 45.47 -68.07 3.68
C ILE H 489 46.30 -67.21 2.75
N LYS H 490 47.58 -67.52 2.56
CA LYS H 490 48.40 -66.82 1.59
C LYS H 490 48.52 -67.70 0.35
N VAL H 491 47.48 -67.66 -0.47
CA VAL H 491 47.38 -68.54 -1.63
C VAL H 491 48.29 -68.01 -2.73
N THR H 492 49.21 -68.84 -3.19
CA THR H 492 50.13 -68.51 -4.26
C THR H 492 49.73 -69.29 -5.50
N LEU H 493 49.02 -68.64 -6.41
CA LEU H 493 48.71 -69.28 -7.67
C LEU H 493 49.96 -69.42 -8.52
N LEU H 494 49.89 -70.31 -9.49
CA LEU H 494 50.98 -70.52 -10.43
C LEU H 494 50.41 -70.47 -11.84
N THR H 495 51.25 -70.08 -12.76
CA THR H 495 50.91 -70.00 -14.17
C THR H 495 51.75 -71.00 -14.95
N PRO H 496 51.30 -71.41 -16.13
CA PRO H 496 52.11 -72.33 -16.95
C PRO H 496 53.45 -71.71 -17.35
N GLY H 497 54.42 -72.58 -17.55
CA GLY H 497 55.75 -72.15 -17.92
C GLY H 497 56.85 -72.92 -17.22
N MET H 498 56.52 -73.49 -16.06
CA MET H 498 57.46 -74.22 -15.24
C MET H 498 57.08 -75.69 -15.20
N GLU H 499 58.07 -76.57 -15.33
CA GLU H 499 57.84 -77.98 -15.06
C GLU H 499 58.02 -78.25 -13.57
N LYS H 500 57.70 -79.48 -13.16
CA LYS H 500 57.73 -79.81 -11.74
C LYS H 500 59.15 -79.97 -11.21
N ASP H 501 60.09 -80.40 -12.05
CA ASP H 501 61.46 -80.60 -11.61
C ASP H 501 62.27 -79.31 -11.57
N GLY H 502 61.72 -78.21 -12.09
CA GLY H 502 62.37 -76.92 -12.06
C GLY H 502 62.71 -76.35 -13.42
N THR H 503 62.80 -77.18 -14.46
CA THR H 503 63.08 -76.69 -15.79
C THR H 503 61.86 -75.96 -16.36
N MET H 504 62.10 -75.18 -17.41
CA MET H 504 61.05 -74.40 -18.02
C MET H 504 60.34 -75.19 -19.11
N SER H 505 59.04 -74.95 -19.25
CA SER H 505 58.26 -75.53 -20.32
C SER H 505 58.39 -74.68 -21.58
N ASP H 506 57.61 -75.00 -22.60
CA ASP H 506 57.57 -74.21 -23.82
C ASP H 506 56.41 -73.24 -23.86
N PHE H 507 55.21 -73.70 -23.51
CA PHE H 507 54.04 -72.84 -23.44
C PHE H 507 53.92 -72.26 -22.04
N GLY H 508 53.80 -70.94 -21.95
CA GLY H 508 53.74 -70.31 -20.65
C GLY H 508 53.19 -68.91 -20.72
N ILE H 509 52.67 -68.45 -19.57
CA ILE H 509 52.21 -67.09 -19.40
C ILE H 509 52.90 -66.55 -18.15
N PRO H 510 53.77 -65.55 -18.27
CA PRO H 510 54.29 -64.91 -17.05
C PRO H 510 53.20 -64.15 -16.33
N ALA H 511 53.33 -64.10 -15.01
CA ALA H 511 52.26 -63.64 -14.12
C ALA H 511 51.96 -62.15 -14.23
N SER H 512 52.82 -61.38 -14.91
CA SER H 512 52.54 -59.97 -15.11
C SER H 512 51.29 -59.74 -15.95
N ILE H 513 51.09 -60.53 -17.01
CA ILE H 513 49.90 -60.42 -17.84
C ILE H 513 48.64 -60.76 -17.04
N VAL H 514 48.70 -61.83 -16.25
CA VAL H 514 47.54 -62.20 -15.44
C VAL H 514 47.22 -61.12 -14.42
N ALA H 515 48.25 -60.57 -13.76
CA ALA H 515 48.02 -59.50 -12.78
C ALA H 515 47.46 -58.25 -13.44
N LYS H 516 47.95 -57.90 -14.63
CA LYS H 516 47.43 -56.73 -15.33
C LYS H 516 46.00 -56.96 -15.79
N TYR H 517 45.66 -58.19 -16.20
CA TYR H 517 44.29 -58.47 -16.58
C TYR H 517 43.37 -58.38 -15.38
N LEU H 518 43.79 -58.92 -14.24
CA LEU H 518 42.97 -58.84 -13.03
C LEU H 518 42.79 -57.40 -12.59
N ASP H 519 43.85 -56.59 -12.70
CA ASP H 519 43.73 -55.17 -12.42
C ASP H 519 42.79 -54.47 -13.39
N GLU H 520 42.75 -54.91 -14.64
CA GLU H 520 41.79 -54.36 -15.58
C GLU H 520 40.36 -54.68 -15.17
N HIS H 521 40.13 -55.89 -14.70
CA HIS H 521 38.78 -56.30 -14.29
C HIS H 521 38.49 -56.00 -12.82
N GLY H 522 39.30 -55.16 -12.19
CA GLY H 522 38.91 -54.62 -10.90
C GLY H 522 39.16 -55.52 -9.70
N ILE H 523 40.18 -56.36 -9.75
CA ILE H 523 40.67 -57.09 -8.59
C ILE H 523 42.18 -56.97 -8.54
N VAL H 524 42.72 -56.77 -7.35
CA VAL H 524 44.12 -56.39 -7.19
C VAL H 524 44.90 -57.56 -6.60
N VAL H 525 46.02 -57.88 -7.22
CA VAL H 525 46.95 -58.90 -6.72
C VAL H 525 47.97 -58.20 -5.83
N GLU H 526 48.41 -58.88 -4.77
CA GLU H 526 49.36 -58.32 -3.82
C GLU H 526 50.70 -57.99 -4.50
N LYS H 527 51.45 -59.01 -4.94
CA LYS H 527 52.65 -58.83 -5.75
C LYS H 527 52.93 -60.12 -6.48
N THR H 528 53.48 -60.01 -7.68
CA THR H 528 53.74 -61.15 -8.55
C THR H 528 55.23 -61.27 -8.83
N GLY H 529 55.68 -62.51 -9.02
CA GLY H 529 57.00 -62.77 -9.51
C GLY H 529 56.96 -63.09 -10.99
N PRO H 530 57.82 -64.00 -11.44
CA PRO H 530 57.80 -64.38 -12.85
C PRO H 530 56.58 -65.20 -13.23
N TYR H 531 56.23 -66.20 -12.41
CA TYR H 531 55.14 -67.10 -12.73
C TYR H 531 54.29 -67.43 -11.51
N ASN H 532 54.21 -66.51 -10.54
CA ASN H 532 53.36 -66.74 -9.39
C ASN H 532 52.59 -65.48 -9.03
N LEU H 533 51.42 -65.67 -8.47
CA LEU H 533 50.64 -64.60 -7.88
C LEU H 533 50.59 -64.80 -6.37
N LEU H 534 49.91 -63.90 -5.68
CA LEU H 534 49.73 -64.03 -4.23
C LEU H 534 48.41 -63.38 -3.86
N PHE H 535 47.60 -64.06 -3.06
CA PHE H 535 46.32 -63.48 -2.66
C PHE H 535 46.18 -63.63 -1.15
N LEU H 536 46.10 -62.50 -0.46
CA LEU H 536 45.93 -62.49 0.99
C LEU H 536 44.47 -62.79 1.29
N PHE H 537 44.19 -63.97 1.83
CA PHE H 537 42.85 -64.31 2.27
C PHE H 537 42.72 -63.95 3.75
N SER H 538 42.66 -62.66 4.01
CA SER H 538 42.58 -62.15 5.36
C SER H 538 41.14 -62.30 5.86
N ILE H 539 40.85 -61.68 7.01
CA ILE H 539 39.50 -61.74 7.57
C ILE H 539 38.49 -60.95 6.75
N GLY H 540 38.94 -60.07 5.87
CA GLY H 540 38.02 -59.33 5.03
C GLY H 540 37.44 -60.12 3.88
N ILE H 541 38.10 -61.20 3.48
CA ILE H 541 37.69 -61.92 2.28
C ILE H 541 36.45 -62.76 2.58
N ASP H 542 35.37 -62.53 1.85
CA ASP H 542 34.21 -63.39 1.85
C ASP H 542 34.09 -64.09 0.50
N LYS H 543 33.05 -64.91 0.35
CA LYS H 543 32.93 -65.72 -0.86
C LYS H 543 32.58 -64.91 -2.10
N THR H 544 32.08 -63.68 -1.94
CA THR H 544 31.87 -62.81 -3.09
C THR H 544 33.18 -62.50 -3.80
N LYS H 545 34.17 -62.03 -3.04
CA LYS H 545 35.47 -61.72 -3.60
C LYS H 545 36.17 -62.96 -4.13
N ALA H 546 36.09 -64.08 -3.40
CA ALA H 546 36.73 -65.31 -3.84
C ALA H 546 36.14 -65.81 -5.17
N LEU H 547 34.81 -65.78 -5.30
CA LEU H 547 34.19 -66.21 -6.54
C LEU H 547 34.49 -65.24 -7.69
N SER H 548 34.53 -63.94 -7.40
CA SER H 548 34.90 -62.97 -8.44
C SER H 548 36.32 -63.19 -8.92
N LEU H 549 37.23 -63.51 -8.00
CA LEU H 549 38.60 -63.81 -8.40
C LEU H 549 38.69 -65.07 -9.24
N LEU H 550 38.01 -66.13 -8.82
CA LEU H 550 38.06 -67.39 -9.56
C LEU H 550 37.51 -67.21 -10.97
N ARG H 551 36.53 -66.31 -11.05
CA ARG H 551 35.77 -65.99 -12.28
C ARG H 551 36.37 -64.83 -13.09
N ALA H 552 37.45 -64.20 -12.61
CA ALA H 552 38.37 -63.40 -13.40
C ALA H 552 39.47 -64.27 -13.98
N LEU H 553 39.91 -65.28 -13.19
CA LEU H 553 40.85 -66.28 -13.71
C LEU H 553 40.26 -67.05 -14.88
N THR H 554 39.01 -67.49 -14.74
CA THR H 554 38.36 -68.25 -15.81
C THR H 554 38.13 -67.41 -17.07
N ASP H 555 37.70 -66.15 -16.91
CA ASP H 555 37.52 -65.28 -18.06
C ASP H 555 38.84 -64.97 -18.74
N PHE H 556 39.94 -64.88 -17.96
CA PHE H 556 41.24 -64.77 -18.58
C PHE H 556 41.58 -66.01 -19.40
N LYS H 557 41.24 -67.19 -18.87
CA LYS H 557 41.51 -68.42 -19.61
C LYS H 557 40.74 -68.44 -20.92
N ARG H 558 39.47 -68.04 -20.89
CA ARG H 558 38.65 -68.02 -22.09
C ARG H 558 39.16 -66.98 -23.09
N ALA H 559 39.56 -65.80 -22.60
CA ALA H 559 40.07 -64.77 -23.48
C ALA H 559 41.44 -65.09 -24.04
N PHE H 560 42.23 -65.90 -23.34
CA PHE H 560 43.53 -66.31 -23.85
C PHE H 560 43.42 -67.45 -24.84
N ASP H 561 42.52 -68.40 -24.62
CA ASP H 561 42.27 -69.42 -25.62
C ASP H 561 41.64 -68.85 -26.88
N LEU H 562 40.73 -67.88 -26.74
CA LEU H 562 40.18 -67.20 -27.89
C LEU H 562 41.20 -66.26 -28.54
N ASN H 563 42.24 -65.88 -27.80
CA ASN H 563 43.34 -65.04 -28.27
C ASN H 563 42.83 -63.68 -28.76
N LEU H 564 42.26 -62.94 -27.81
CA LEU H 564 41.82 -61.59 -28.09
C LEU H 564 43.01 -60.66 -28.22
N ARG H 565 42.79 -59.53 -28.88
CA ARG H 565 43.86 -58.56 -29.06
C ARG H 565 44.14 -57.82 -27.77
N VAL H 566 45.34 -57.23 -27.69
CA VAL H 566 45.74 -56.46 -26.52
C VAL H 566 44.88 -55.21 -26.37
N LYS H 567 44.47 -54.61 -27.50
CA LYS H 567 43.66 -53.39 -27.46
C LYS H 567 42.32 -53.61 -26.79
N ASN H 568 41.63 -54.72 -27.12
CA ASN H 568 40.32 -54.97 -26.52
C ASN H 568 40.43 -55.46 -25.09
N MET H 569 41.39 -56.34 -24.80
CA MET H 569 41.38 -57.00 -23.50
C MET H 569 42.13 -56.19 -22.44
N LEU H 570 43.24 -55.55 -22.83
CA LEU H 570 44.06 -54.78 -21.89
C LEU H 570 44.20 -53.36 -22.41
N PRO H 571 43.16 -52.53 -22.27
CA PRO H 571 43.29 -51.12 -22.67
C PRO H 571 44.25 -50.34 -21.79
N SER H 572 44.38 -50.69 -20.51
CA SER H 572 45.32 -50.00 -19.64
C SER H 572 46.77 -50.28 -20.04
N LEU H 573 47.05 -51.47 -20.56
CA LEU H 573 48.36 -51.76 -21.13
C LEU H 573 48.48 -51.27 -22.57
N TYR H 574 47.34 -51.18 -23.27
CA TYR H 574 47.33 -50.60 -24.61
C TYR H 574 47.75 -49.13 -24.58
N ARG H 575 47.29 -48.39 -23.58
CA ARG H 575 47.61 -46.97 -23.46
C ARG H 575 49.05 -46.70 -23.08
N GLU H 576 49.82 -47.73 -22.71
CA GLU H 576 51.24 -47.52 -22.42
C GLU H 576 52.00 -47.09 -23.67
N ASP H 577 51.75 -47.75 -24.80
CA ASP H 577 52.27 -47.31 -26.10
C ASP H 577 51.36 -47.88 -27.17
N PRO H 578 50.35 -47.12 -27.60
CA PRO H 578 49.39 -47.64 -28.59
C PRO H 578 50.01 -48.02 -29.93
N GLU H 579 51.14 -47.43 -30.30
CA GLU H 579 51.80 -47.78 -31.55
C GLU H 579 52.33 -49.20 -31.53
N PHE H 580 52.80 -49.68 -30.36
CA PHE H 580 53.40 -50.99 -30.27
C PHE H 580 52.38 -52.10 -30.11
N TYR H 581 51.37 -51.90 -29.27
CA TYR H 581 50.35 -52.92 -29.00
C TYR H 581 49.14 -52.81 -29.91
N GLU H 582 49.32 -52.26 -31.11
CA GLU H 582 48.17 -52.04 -32.00
C GLU H 582 47.68 -53.35 -32.61
N ASN H 583 48.58 -54.11 -33.22
CA ASN H 583 48.24 -55.33 -33.95
C ASN H 583 48.88 -56.56 -33.33
N MET H 584 48.86 -56.65 -32.01
CA MET H 584 49.45 -57.77 -31.29
C MET H 584 48.38 -58.54 -30.54
N ARG H 585 48.40 -59.86 -30.68
CA ARG H 585 47.51 -60.73 -29.94
C ARG H 585 48.12 -61.08 -28.59
N ILE H 586 47.28 -61.55 -27.67
CA ILE H 586 47.76 -61.85 -26.33
C ILE H 586 48.64 -63.11 -26.31
N GLN H 587 48.33 -64.10 -27.16
CA GLN H 587 49.17 -65.29 -27.21
C GLN H 587 50.57 -64.97 -27.73
N GLU H 588 50.67 -64.09 -28.72
CA GLU H 588 51.98 -63.66 -29.20
C GLU H 588 52.76 -62.92 -28.13
N LEU H 589 52.09 -62.05 -27.38
CA LEU H 589 52.77 -61.30 -26.32
C LEU H 589 53.26 -62.21 -25.21
N ALA H 590 52.39 -63.13 -24.76
CA ALA H 590 52.78 -64.07 -23.72
C ALA H 590 53.91 -64.99 -24.19
N GLN H 591 53.82 -65.47 -25.42
CA GLN H 591 54.87 -66.30 -25.98
C GLN H 591 56.18 -65.55 -26.09
N ASN H 592 56.12 -64.27 -26.46
CA ASN H 592 57.34 -63.47 -26.61
C ASN H 592 58.02 -63.22 -25.27
N ILE H 593 57.25 -62.85 -24.24
CA ILE H 593 57.87 -62.63 -22.94
C ILE H 593 58.37 -63.94 -22.35
N HIS H 594 57.62 -65.04 -22.56
CA HIS H 594 58.10 -66.34 -22.11
C HIS H 594 59.37 -66.77 -22.82
N LYS H 595 59.49 -66.49 -24.12
CA LYS H 595 60.72 -66.81 -24.84
C LYS H 595 61.87 -65.92 -24.40
N LEU H 596 61.59 -64.66 -24.05
CA LEU H 596 62.63 -63.82 -23.48
C LEU H 596 63.11 -64.34 -22.14
N ILE H 597 62.21 -64.92 -21.34
CA ILE H 597 62.64 -65.54 -20.10
C ILE H 597 63.42 -66.82 -20.35
N VAL H 598 62.95 -67.66 -21.28
CA VAL H 598 63.60 -68.94 -21.56
C VAL H 598 64.98 -68.78 -22.18
N HIS H 599 65.12 -67.96 -23.22
CA HIS H 599 66.39 -67.83 -23.93
C HIS H 599 67.46 -67.20 -23.06
N HIS H 600 67.08 -66.27 -22.20
CA HIS H 600 68.00 -65.66 -21.26
C HIS H 600 68.18 -66.48 -20.00
N ASN H 601 67.38 -67.55 -19.82
CA ASN H 601 67.49 -68.50 -18.71
C ASN H 601 67.33 -67.79 -17.37
N LEU H 602 66.15 -67.22 -17.15
CA LEU H 602 65.89 -66.44 -15.94
C LEU H 602 65.97 -67.25 -14.65
N PRO H 603 65.28 -68.40 -14.49
CA PRO H 603 65.27 -69.04 -13.15
C PRO H 603 66.61 -69.60 -12.72
N ASP H 604 67.43 -70.10 -13.65
CA ASP H 604 68.74 -70.61 -13.26
C ASP H 604 69.65 -69.48 -12.79
N LEU H 605 69.62 -68.34 -13.48
CA LEU H 605 70.37 -67.18 -13.02
C LEU H 605 69.84 -66.64 -11.71
N MET H 606 68.52 -66.60 -11.55
CA MET H 606 67.93 -66.11 -10.30
C MET H 606 68.24 -67.03 -9.13
N TYR H 607 68.41 -68.32 -9.40
CA TYR H 607 68.85 -69.25 -8.36
C TYR H 607 70.32 -69.06 -8.01
N ARG H 608 71.19 -69.16 -9.02
CA ARG H 608 72.62 -69.11 -8.80
C ARG H 608 73.12 -67.74 -8.34
N ALA H 609 72.35 -66.68 -8.54
CA ALA H 609 72.74 -65.38 -8.01
C ALA H 609 72.50 -65.28 -6.52
N PHE H 610 71.46 -65.92 -6.00
CA PHE H 610 71.16 -65.87 -4.57
C PHE H 610 71.79 -67.00 -3.79
N GLU H 611 72.38 -68.00 -4.46
CA GLU H 611 73.14 -69.00 -3.72
C GLU H 611 74.57 -68.56 -3.42
N VAL H 612 74.98 -67.39 -3.89
CA VAL H 612 76.31 -66.85 -3.60
C VAL H 612 76.16 -65.50 -2.93
N LEU H 613 76.82 -65.35 -1.78
CA LEU H 613 76.78 -64.14 -0.98
C LEU H 613 77.87 -63.16 -1.41
N PRO H 614 77.53 -61.90 -1.65
CA PRO H 614 78.56 -60.89 -1.95
C PRO H 614 79.50 -60.65 -0.79
N THR H 615 80.73 -60.29 -1.11
CA THR H 615 81.78 -60.13 -0.11
C THR H 615 81.57 -58.84 0.67
N MET H 616 81.48 -58.97 2.00
CA MET H 616 81.30 -57.81 2.87
C MET H 616 82.65 -57.13 3.10
N VAL H 617 82.88 -56.02 2.39
CA VAL H 617 84.08 -55.23 2.64
C VAL H 617 83.94 -54.44 3.94
N MET H 618 82.81 -53.77 4.12
CA MET H 618 82.58 -52.96 5.30
C MET H 618 81.12 -53.06 5.71
N THR H 619 80.86 -52.73 6.97
CA THR H 619 79.51 -52.76 7.51
C THR H 619 78.63 -51.71 6.81
N PRO H 620 77.32 -51.97 6.68
CA PRO H 620 76.44 -50.99 6.02
C PRO H 620 76.38 -49.64 6.73
N TYR H 621 76.66 -49.59 8.04
CA TYR H 621 76.79 -48.31 8.71
C TYR H 621 77.94 -47.50 8.14
N ALA H 622 79.08 -48.15 7.89
CA ALA H 622 80.20 -47.46 7.28
C ALA H 622 79.91 -47.08 5.83
N ALA H 623 79.12 -47.90 5.13
CA ALA H 623 78.71 -47.55 3.78
C ALA H 623 77.83 -46.30 3.78
N PHE H 624 76.90 -46.20 4.71
CA PHE H 624 76.09 -44.99 4.82
C PHE H 624 76.94 -43.79 5.25
N GLN H 625 77.93 -44.01 6.10
CA GLN H 625 78.82 -42.92 6.49
C GLN H 625 79.62 -42.39 5.31
N LYS H 626 80.14 -43.29 4.48
CA LYS H 626 80.85 -42.85 3.28
C LYS H 626 79.91 -42.27 2.24
N GLU H 627 78.64 -42.68 2.25
CA GLU H 627 77.67 -42.12 1.32
C GLU H 627 77.30 -40.69 1.69
N LEU H 628 77.19 -40.42 3.00
CA LEU H 628 76.87 -39.07 3.45
C LEU H 628 77.97 -38.06 3.16
N HIS H 629 79.23 -38.50 3.11
CA HIS H 629 80.35 -37.61 2.87
C HIS H 629 80.58 -37.33 1.39
N GLY H 630 79.67 -37.76 0.52
CA GLY H 630 79.79 -37.49 -0.89
C GLY H 630 80.86 -38.29 -1.60
N MET H 631 81.19 -39.47 -1.07
CA MET H 631 82.21 -40.33 -1.66
C MET H 631 81.62 -41.36 -2.62
N THR H 632 80.50 -41.02 -3.26
CA THR H 632 79.79 -41.95 -4.12
C THR H 632 79.84 -41.47 -5.56
N GLU H 633 80.11 -42.39 -6.47
CA GLU H 633 80.09 -42.14 -7.90
C GLU H 633 79.17 -43.15 -8.58
N GLU H 634 78.61 -42.74 -9.71
CA GLU H 634 77.66 -43.57 -10.44
C GLU H 634 78.38 -44.21 -11.62
N VAL H 635 78.94 -45.40 -11.39
CA VAL H 635 79.58 -46.16 -12.46
C VAL H 635 78.46 -46.93 -13.16
N TYR H 636 78.69 -47.33 -14.41
CA TYR H 636 77.69 -48.11 -15.11
C TYR H 636 77.63 -49.53 -14.54
N LEU H 637 76.60 -50.27 -14.97
CA LEU H 637 76.30 -51.56 -14.36
C LEU H 637 77.39 -52.60 -14.64
N ASP H 638 77.94 -52.61 -15.85
CA ASP H 638 78.88 -53.65 -16.26
C ASP H 638 80.21 -53.57 -15.52
N GLU H 639 80.63 -52.38 -15.09
CA GLU H 639 81.94 -52.19 -14.48
C GLU H 639 81.84 -52.07 -12.97
N MET H 640 80.93 -52.85 -12.37
CA MET H 640 80.66 -52.76 -10.95
C MET H 640 81.38 -53.81 -10.12
N VAL H 641 82.05 -54.78 -10.75
CA VAL H 641 82.79 -55.78 -10.00
C VAL H 641 84.03 -55.14 -9.38
N GLY H 642 84.35 -55.55 -8.17
CA GLY H 642 85.45 -54.94 -7.43
C GLY H 642 85.13 -53.61 -6.81
N ARG H 643 83.89 -53.16 -6.88
CA ARG H 643 83.49 -51.87 -6.34
C ARG H 643 82.54 -52.07 -5.17
N ILE H 644 82.68 -51.22 -4.15
CA ILE H 644 81.87 -51.31 -2.95
C ILE H 644 80.57 -50.58 -3.19
N ASN H 645 79.45 -51.27 -2.98
CA ASN H 645 78.14 -50.68 -3.24
C ASN H 645 77.71 -49.78 -2.08
N ALA H 646 77.12 -48.64 -2.43
CA ALA H 646 76.68 -47.66 -1.44
C ALA H 646 75.19 -47.72 -1.17
N ASN H 647 74.38 -48.00 -2.17
CA ASN H 647 72.94 -48.13 -2.00
C ASN H 647 72.51 -49.57 -2.29
N MET H 648 71.47 -50.00 -1.59
CA MET H 648 70.97 -51.36 -1.72
C MET H 648 70.40 -51.59 -3.11
N ILE H 649 70.67 -52.77 -3.67
CA ILE H 649 70.09 -53.19 -4.94
C ILE H 649 68.99 -54.19 -4.63
N LEU H 650 67.75 -53.84 -4.98
CA LEU H 650 66.58 -54.64 -4.69
C LEU H 650 65.85 -54.94 -6.00
N PRO H 651 66.15 -56.07 -6.65
CA PRO H 651 65.53 -56.37 -7.94
C PRO H 651 64.19 -57.08 -7.82
N TYR H 652 63.26 -56.67 -8.67
CA TYR H 652 61.99 -57.37 -8.84
C TYR H 652 62.00 -58.03 -10.21
N PRO H 653 62.00 -59.37 -10.33
CA PRO H 653 61.97 -60.45 -9.35
C PRO H 653 63.26 -60.57 -8.52
N PRO H 654 63.18 -61.14 -7.31
CA PRO H 654 61.97 -61.62 -6.63
C PRO H 654 61.37 -60.65 -5.61
N GLY H 655 62.19 -59.80 -5.01
CA GLY H 655 61.71 -58.91 -3.97
C GLY H 655 62.46 -59.05 -2.66
N VAL H 656 63.70 -59.53 -2.73
CA VAL H 656 64.54 -59.72 -1.55
C VAL H 656 65.86 -59.00 -1.81
N PRO H 657 66.46 -58.34 -0.79
CA PRO H 657 67.73 -57.64 -1.00
C PRO H 657 68.87 -58.51 -1.49
N LEU H 658 69.35 -58.21 -2.70
CA LEU H 658 70.39 -58.99 -3.36
C LEU H 658 71.78 -58.51 -2.98
N VAL H 659 72.09 -57.24 -3.25
CA VAL H 659 73.34 -56.62 -2.82
C VAL H 659 73.04 -55.61 -1.73
N MET H 660 73.70 -55.77 -0.59
CA MET H 660 73.53 -54.87 0.53
C MET H 660 74.44 -53.66 0.36
N PRO H 661 74.14 -52.56 1.05
CA PRO H 661 75.09 -51.43 1.07
C PRO H 661 76.37 -51.82 1.81
N GLY H 662 77.50 -51.66 1.13
CA GLY H 662 78.79 -51.98 1.70
C GLY H 662 79.37 -53.32 1.30
N GLU H 663 78.80 -53.99 0.31
CA GLU H 663 79.27 -55.29 -0.12
C GLU H 663 79.77 -55.23 -1.56
N MET H 664 80.77 -56.04 -1.85
CA MET H 664 81.46 -56.05 -3.14
C MET H 664 81.05 -57.29 -3.94
N ILE H 665 80.81 -57.10 -5.23
CA ILE H 665 80.62 -58.23 -6.13
C ILE H 665 81.99 -58.66 -6.65
N THR H 666 82.45 -59.83 -6.24
CA THR H 666 83.74 -60.35 -6.62
C THR H 666 83.58 -61.29 -7.81
N GLU H 667 84.68 -61.90 -8.24
CA GLU H 667 84.62 -62.87 -9.32
C GLU H 667 83.89 -64.15 -8.91
N GLU H 668 83.88 -64.46 -7.62
CA GLU H 668 83.09 -65.58 -7.13
C GLU H 668 81.59 -65.31 -7.19
N SER H 669 81.18 -64.06 -7.28
CA SER H 669 79.77 -63.67 -7.32
C SER H 669 79.40 -63.02 -8.64
N ARG H 670 80.09 -63.39 -9.72
CA ARG H 670 79.74 -62.91 -11.05
C ARG H 670 78.31 -63.24 -11.51
N PRO H 671 77.69 -64.39 -11.18
CA PRO H 671 76.28 -64.59 -11.56
C PRO H 671 75.31 -63.56 -11.00
N VAL H 672 75.66 -62.86 -9.91
CA VAL H 672 74.88 -61.69 -9.49
C VAL H 672 74.87 -60.63 -10.59
N LEU H 673 76.06 -60.29 -11.10
CA LEU H 673 76.15 -59.31 -12.19
C LEU H 673 75.48 -59.82 -13.46
N GLU H 674 75.60 -61.11 -13.75
CA GLU H 674 74.93 -61.68 -14.91
C GLU H 674 73.41 -61.60 -14.77
N PHE H 675 72.88 -61.86 -13.59
CA PHE H 675 71.45 -61.75 -13.35
C PHE H 675 70.96 -60.32 -13.50
N LEU H 676 71.72 -59.36 -12.96
CA LEU H 676 71.34 -57.95 -13.06
C LEU H 676 71.36 -57.49 -14.52
N GLN H 677 72.42 -57.84 -15.26
CA GLN H 677 72.50 -57.48 -16.67
C GLN H 677 71.42 -58.15 -17.49
N MET H 678 71.10 -59.41 -17.18
CA MET H 678 70.02 -60.12 -17.87
C MET H 678 68.68 -59.45 -17.62
N LEU H 679 68.41 -59.06 -16.37
CA LEU H 679 67.16 -58.39 -16.05
C LEU H 679 67.04 -57.05 -16.75
N CYS H 680 68.14 -56.29 -16.81
CA CYS H 680 68.12 -55.03 -17.55
C CYS H 680 67.95 -55.27 -19.05
N GLU H 681 68.53 -56.36 -19.57
CA GLU H 681 68.40 -56.66 -21.00
C GLU H 681 66.98 -57.07 -21.38
N ILE H 682 66.32 -57.86 -20.52
CA ILE H 682 64.97 -58.31 -20.86
C ILE H 682 63.92 -57.25 -20.56
N GLY H 683 64.20 -56.31 -19.66
CA GLY H 683 63.19 -55.31 -19.36
C GLY H 683 63.10 -54.18 -20.36
N ALA H 684 64.03 -54.10 -21.32
CA ALA H 684 64.07 -53.02 -22.28
C ALA H 684 63.55 -53.44 -23.65
N HIS H 685 62.57 -54.34 -23.70
CA HIS H 685 61.98 -54.76 -24.97
C HIS H 685 60.51 -54.42 -25.07
N TYR H 686 59.70 -54.78 -24.06
CA TYR H 686 58.27 -54.66 -24.14
C TYR H 686 57.75 -53.62 -23.16
N PRO H 687 57.07 -52.59 -23.62
CA PRO H 687 56.60 -51.53 -22.73
C PRO H 687 55.51 -52.01 -21.79
N GLY H 688 55.46 -51.37 -20.61
CA GLY H 688 54.56 -51.77 -19.56
C GLY H 688 55.08 -52.86 -18.66
N PHE H 689 56.15 -53.54 -19.07
CA PHE H 689 56.78 -54.58 -18.27
C PHE H 689 58.17 -54.13 -17.89
N GLU H 690 58.30 -52.87 -17.48
CA GLU H 690 59.58 -52.22 -17.28
C GLU H 690 60.33 -52.82 -16.11
N THR H 691 61.64 -52.62 -16.11
CA THR H 691 62.52 -53.18 -15.10
C THR H 691 62.28 -52.47 -13.77
N ASP H 692 62.08 -53.25 -12.71
CA ASP H 692 61.84 -52.72 -11.37
C ASP H 692 63.00 -53.17 -10.49
N ILE H 693 64.05 -52.36 -10.45
CA ILE H 693 65.19 -52.58 -9.58
C ILE H 693 65.33 -51.34 -8.70
N HIS H 694 65.25 -51.52 -7.39
CA HIS H 694 65.44 -50.42 -6.46
C HIS H 694 66.92 -50.31 -6.14
N GLY H 695 67.57 -49.26 -6.64
CA GLY H 695 68.99 -49.07 -6.46
C GLY H 695 69.68 -48.77 -7.76
N ALA H 696 69.25 -49.41 -8.85
CA ALA H 696 69.78 -49.15 -10.16
C ALA H 696 68.95 -48.08 -10.85
N TYR H 697 69.63 -47.08 -11.40
CA TYR H 697 68.99 -45.90 -11.94
C TYR H 697 69.05 -45.93 -13.46
N ARG H 698 67.89 -45.75 -14.09
CA ARG H 698 67.80 -45.86 -15.54
C ARG H 698 68.39 -44.62 -16.20
N GLN H 699 69.20 -44.83 -17.23
CA GLN H 699 69.72 -43.75 -18.04
C GLN H 699 68.97 -43.69 -19.38
N ALA H 700 69.28 -42.67 -20.17
CA ALA H 700 68.59 -42.48 -21.44
C ALA H 700 69.03 -43.49 -22.49
N ASP H 701 70.29 -43.89 -22.50
CA ASP H 701 70.79 -44.80 -23.52
C ASP H 701 70.32 -46.23 -23.33
N GLY H 702 69.89 -46.59 -22.13
CA GLY H 702 69.43 -47.94 -21.84
C GLY H 702 70.32 -48.78 -20.96
N ARG H 703 71.39 -48.22 -20.40
CA ARG H 703 72.28 -48.92 -19.50
C ARG H 703 72.19 -48.28 -18.12
N TYR H 704 72.02 -49.11 -17.10
CA TYR H 704 71.71 -48.63 -15.75
C TYR H 704 72.98 -48.32 -14.98
N THR H 705 72.83 -47.52 -13.93
CA THR H 705 73.93 -47.10 -13.07
C THR H 705 73.63 -47.45 -11.63
N VAL H 706 74.68 -47.76 -10.88
CA VAL H 706 74.58 -48.09 -9.46
C VAL H 706 75.58 -47.22 -8.70
N LYS H 707 75.12 -46.58 -7.63
CA LYS H 707 75.98 -45.73 -6.82
C LYS H 707 76.97 -46.58 -6.03
N VAL H 708 78.25 -46.52 -6.42
CA VAL H 708 79.31 -47.22 -5.72
C VAL H 708 80.20 -46.20 -5.02
N LEU H 709 81.10 -46.69 -4.18
CA LEU H 709 81.98 -45.83 -3.42
C LEU H 709 83.24 -45.50 -4.23
N LYS H 710 83.80 -44.33 -3.98
CA LYS H 710 85.02 -43.90 -4.63
C LYS H 710 86.21 -44.67 -4.09
N GLU H 711 87.29 -44.68 -4.88
CA GLU H 711 88.50 -45.41 -4.51
C GLU H 711 89.56 -44.47 -3.93
N MET I 1 -36.42 -45.27 6.63
CA MET I 1 -36.28 -46.12 5.46
C MET I 1 -35.20 -45.63 4.51
N ASN I 2 -33.95 -45.99 4.81
CA ASN I 2 -32.85 -45.74 3.89
C ASN I 2 -31.85 -46.89 3.88
N VAL I 3 -32.28 -48.04 4.37
CA VAL I 3 -31.33 -49.19 4.47
C VAL I 3 -31.77 -50.22 3.45
N ILE I 4 -30.94 -50.54 2.47
CA ILE I 4 -31.30 -51.46 1.36
C ILE I 4 -30.24 -52.54 1.33
N ALA I 5 -30.60 -53.79 1.50
CA ALA I 5 -29.59 -54.80 1.79
C ALA I 5 -29.32 -55.65 0.56
N ILE I 6 -28.06 -55.75 0.18
CA ILE I 6 -27.67 -56.51 -1.02
C ILE I 6 -27.14 -57.84 -0.52
N LEU I 7 -27.54 -58.96 -1.14
CA LEU I 7 -26.97 -60.28 -0.76
C LEU I 7 -25.58 -60.46 -1.39
N ASN I 8 -24.97 -61.62 -1.16
CA ASN I 8 -23.52 -61.87 -1.39
C ASN I 8 -22.88 -61.75 -2.77
N HIS I 9 -21.55 -61.78 -2.78
CA HIS I 9 -20.79 -61.66 -4.03
C HIS I 9 -20.68 -63.02 -4.69
N MET I 10 -21.34 -63.18 -5.84
CA MET I 10 -21.36 -64.48 -6.54
C MET I 10 -19.94 -64.86 -6.92
N GLY I 11 -19.18 -63.91 -7.49
CA GLY I 11 -17.83 -64.22 -7.98
C GLY I 11 -17.62 -63.80 -9.43
N VAL I 12 -18.63 -63.97 -10.28
CA VAL I 12 -18.42 -63.56 -11.65
C VAL I 12 -18.72 -62.07 -11.79
N TYR I 13 -18.13 -61.45 -12.82
CA TYR I 13 -18.08 -60.01 -12.96
C TYR I 13 -19.37 -59.38 -13.48
N PHE I 14 -20.06 -60.06 -14.41
CA PHE I 14 -21.18 -59.43 -15.10
C PHE I 14 -22.37 -59.19 -14.20
N LYS I 15 -22.44 -59.89 -13.06
CA LYS I 15 -23.46 -59.62 -12.05
C LYS I 15 -22.86 -59.09 -10.76
N GLU I 16 -21.67 -58.50 -10.83
CA GLU I 16 -21.09 -57.80 -9.70
C GLU I 16 -20.80 -56.34 -10.00
N GLU I 17 -20.24 -56.03 -11.17
CA GLU I 17 -20.02 -54.64 -11.54
C GLU I 17 -21.33 -53.85 -11.70
N PRO I 18 -22.41 -54.40 -12.30
CA PRO I 18 -23.69 -53.71 -12.16
C PRO I 18 -24.16 -53.56 -10.73
N ILE I 19 -23.87 -54.53 -9.86
CA ILE I 19 -24.22 -54.40 -8.46
C ILE I 19 -23.41 -53.30 -7.79
N ARG I 20 -22.13 -53.17 -8.12
CA ARG I 20 -21.33 -52.07 -7.57
C ARG I 20 -21.79 -50.72 -8.11
N GLU I 21 -22.17 -50.65 -9.38
CA GLU I 21 -22.71 -49.40 -9.91
C GLU I 21 -24.03 -49.03 -9.25
N LEU I 22 -24.88 -50.03 -8.98
CA LEU I 22 -26.12 -49.78 -8.25
C LEU I 22 -25.85 -49.36 -6.81
N HIS I 23 -24.83 -49.94 -6.19
CA HIS I 23 -24.37 -49.50 -4.87
C HIS I 23 -24.02 -48.03 -4.90
N ARG I 24 -23.18 -47.62 -5.86
CA ARG I 24 -22.77 -46.24 -5.95
C ARG I 24 -23.94 -45.30 -6.22
N ALA I 25 -24.85 -45.70 -7.10
CA ALA I 25 -26.03 -44.88 -7.38
C ALA I 25 -26.96 -44.77 -6.20
N LEU I 26 -27.14 -45.85 -5.43
CA LEU I 26 -28.01 -45.78 -4.26
C LEU I 26 -27.39 -44.95 -3.15
N GLU I 27 -26.08 -45.01 -2.97
CA GLU I 27 -25.44 -44.10 -2.03
C GLU I 27 -25.53 -42.66 -2.50
N ARG I 28 -25.52 -42.44 -3.82
CA ARG I 28 -25.77 -41.11 -4.36
C ARG I 28 -27.22 -40.66 -4.09
N LEU I 29 -28.15 -41.60 -4.00
CA LEU I 29 -29.54 -41.30 -3.70
C LEU I 29 -29.84 -41.36 -2.20
N ASN I 30 -28.82 -41.23 -1.35
CA ASN I 30 -28.95 -41.13 0.11
C ASN I 30 -29.59 -42.39 0.72
N PHE I 31 -29.10 -43.55 0.31
CA PHE I 31 -29.49 -44.82 0.90
C PHE I 31 -28.28 -45.47 1.57
N GLN I 32 -28.41 -45.80 2.84
CA GLN I 32 -27.42 -46.62 3.51
C GLN I 32 -27.50 -48.05 2.98
N ILE I 33 -26.34 -48.65 2.74
CA ILE I 33 -26.26 -49.97 2.13
C ILE I 33 -25.65 -50.93 3.15
N VAL I 34 -26.34 -52.03 3.42
CA VAL I 34 -25.83 -53.07 4.29
C VAL I 34 -25.54 -54.31 3.45
N TYR I 35 -24.63 -55.13 3.96
CA TYR I 35 -24.13 -56.31 3.24
C TYR I 35 -24.22 -57.55 4.10
N PRO I 36 -25.41 -58.15 4.22
CA PRO I 36 -25.50 -59.46 4.87
C PRO I 36 -24.77 -60.52 4.06
N ASN I 37 -24.12 -61.43 4.78
CA ASN I 37 -23.25 -62.40 4.12
C ASN I 37 -24.02 -63.50 3.42
N ASP I 38 -25.08 -64.01 4.03
CA ASP I 38 -25.84 -65.10 3.44
C ASP I 38 -27.29 -64.99 3.87
N ARG I 39 -28.06 -66.06 3.66
CA ARG I 39 -29.51 -66.04 3.86
C ARG I 39 -29.91 -65.82 5.31
N ASP I 40 -29.36 -66.64 6.23
CA ASP I 40 -29.72 -66.51 7.64
C ASP I 40 -29.29 -65.16 8.20
N ASP I 41 -28.20 -64.61 7.67
CA ASP I 41 -27.81 -63.24 7.99
C ASP I 41 -28.91 -62.26 7.63
N LEU I 42 -29.54 -62.44 6.47
CA LEU I 42 -30.63 -61.56 6.07
C LEU I 42 -31.85 -61.74 6.97
N LEU I 43 -32.18 -62.99 7.32
CA LEU I 43 -33.32 -63.22 8.23
C LEU I 43 -33.11 -62.52 9.57
N LYS I 44 -31.93 -62.70 10.19
CA LYS I 44 -31.63 -62.04 11.45
C LYS I 44 -31.58 -60.53 11.31
N LEU I 45 -31.02 -60.02 10.19
CA LEU I 45 -30.96 -58.58 9.96
C LEU I 45 -32.35 -57.97 9.85
N ILE I 46 -33.29 -58.68 9.23
CA ILE I 46 -34.63 -58.14 9.11
C ILE I 46 -35.37 -58.21 10.45
N GLU I 47 -35.19 -59.28 11.24
CA GLU I 47 -35.95 -59.33 12.49
C GLU I 47 -35.40 -58.37 13.53
N ASN I 48 -34.07 -58.16 13.53
CA ASN I 48 -33.49 -57.28 14.54
C ASN I 48 -33.68 -55.80 14.22
N ASN I 49 -34.12 -55.46 13.01
CA ASN I 49 -34.21 -54.06 12.59
C ASN I 49 -35.59 -53.78 12.03
N ALA I 50 -35.84 -52.49 11.81
CA ALA I 50 -37.05 -52.06 11.12
C ALA I 50 -36.80 -50.99 10.08
N ARG I 51 -35.65 -50.32 10.11
CA ARG I 51 -35.34 -49.28 9.15
C ARG I 51 -35.01 -49.83 7.77
N LEU I 52 -34.85 -51.14 7.64
CA LEU I 52 -34.53 -51.74 6.35
C LEU I 52 -35.76 -51.63 5.44
N CYS I 53 -35.55 -51.14 4.23
CA CYS I 53 -36.65 -50.87 3.30
C CYS I 53 -36.42 -51.49 1.93
N GLY I 54 -35.62 -52.53 1.86
CA GLY I 54 -35.34 -53.13 0.57
C GLY I 54 -34.26 -54.19 0.64
N VAL I 55 -34.47 -55.30 -0.06
CA VAL I 55 -33.49 -56.37 -0.17
C VAL I 55 -33.21 -56.58 -1.64
N ILE I 56 -31.95 -56.53 -2.02
CA ILE I 56 -31.52 -56.86 -3.37
C ILE I 56 -30.81 -58.19 -3.30
N PHE I 57 -31.27 -59.15 -4.09
CA PHE I 57 -30.66 -60.46 -4.11
C PHE I 57 -30.71 -61.00 -5.52
N ASP I 58 -29.82 -61.94 -5.79
CA ASP I 58 -29.78 -62.62 -7.08
C ASP I 58 -30.79 -63.76 -7.06
N TRP I 59 -31.50 -63.91 -8.17
CA TRP I 59 -32.55 -64.92 -8.28
C TRP I 59 -31.99 -66.30 -8.62
N ASP I 60 -30.68 -66.43 -8.79
CA ASP I 60 -30.13 -67.74 -9.11
C ASP I 60 -29.73 -68.50 -7.85
N LYS I 61 -28.80 -67.95 -7.07
CA LYS I 61 -28.30 -68.66 -5.90
C LYS I 61 -29.29 -68.71 -4.76
N TYR I 62 -30.26 -67.81 -4.73
CA TYR I 62 -31.28 -67.79 -3.70
C TYR I 62 -32.65 -67.92 -4.35
N ASN I 63 -33.41 -68.93 -3.93
CA ASN I 63 -34.69 -69.23 -4.55
C ASN I 63 -35.75 -68.25 -4.04
N LEU I 64 -37.00 -68.48 -4.40
CA LEU I 64 -38.09 -67.59 -4.06
C LEU I 64 -38.73 -67.93 -2.72
N GLU I 65 -38.25 -68.95 -2.03
CA GLU I 65 -38.69 -69.19 -0.67
C GLU I 65 -38.10 -68.14 0.29
N LEU I 66 -36.96 -67.55 -0.08
CA LEU I 66 -36.48 -66.32 0.54
C LEU I 66 -37.14 -65.10 -0.10
N CYS I 67 -38.45 -65.21 -0.26
CA CYS I 67 -39.34 -64.09 -0.45
C CYS I 67 -40.51 -64.35 0.47
N GLU I 68 -40.83 -65.64 0.59
CA GLU I 68 -41.94 -66.06 1.43
C GLU I 68 -41.61 -65.95 2.91
N GLU I 69 -40.36 -66.27 3.29
CA GLU I 69 -39.97 -66.12 4.69
C GLU I 69 -39.99 -64.65 5.11
N ILE I 70 -39.50 -63.76 4.24
CA ILE I 70 -39.56 -62.33 4.52
C ILE I 70 -41.00 -61.83 4.53
N SER I 71 -41.85 -62.42 3.69
CA SER I 71 -43.28 -62.11 3.72
C SER I 71 -43.92 -62.48 5.05
N LYS I 72 -43.56 -63.65 5.60
CA LYS I 72 -44.00 -63.98 6.95
C LYS I 72 -43.42 -63.01 7.97
N MET I 73 -42.26 -62.42 7.68
CA MET I 73 -41.68 -61.43 8.59
C MET I 73 -42.26 -60.05 8.34
N ASN I 74 -42.39 -59.64 7.08
CA ASN I 74 -43.00 -58.37 6.73
C ASN I 74 -43.62 -58.48 5.35
N GLU I 75 -44.92 -58.25 5.26
CA GLU I 75 -45.62 -58.47 4.00
C GLU I 75 -45.33 -57.40 2.96
N ASN I 76 -45.16 -56.14 3.39
CA ASN I 76 -45.07 -55.02 2.47
C ASN I 76 -43.65 -54.67 2.08
N LEU I 77 -42.66 -55.41 2.57
CA LEU I 77 -41.27 -55.05 2.34
C LEU I 77 -40.90 -55.26 0.88
N PRO I 78 -40.43 -54.22 0.18
CA PRO I 78 -40.00 -54.42 -1.21
C PRO I 78 -38.69 -55.18 -1.24
N LEU I 79 -38.60 -56.14 -2.16
CA LEU I 79 -37.37 -56.87 -2.39
C LEU I 79 -37.11 -56.83 -3.89
N TYR I 80 -35.86 -56.85 -4.29
CA TYR I 80 -35.51 -56.64 -5.69
C TYR I 80 -34.73 -57.83 -6.23
N ALA I 81 -35.44 -58.80 -6.81
CA ALA I 81 -34.79 -59.96 -7.39
C ALA I 81 -34.14 -59.59 -8.72
N PHE I 82 -32.94 -60.10 -8.95
CA PHE I 82 -32.19 -59.85 -10.17
C PHE I 82 -32.21 -61.10 -11.03
N ALA I 83 -32.80 -61.01 -12.22
CA ALA I 83 -33.04 -62.19 -13.05
C ALA I 83 -31.90 -62.37 -14.04
N ASN I 84 -31.19 -63.49 -13.94
CA ASN I 84 -30.13 -63.82 -14.90
C ASN I 84 -30.40 -65.11 -15.65
N THR I 85 -30.57 -66.22 -14.94
CA THR I 85 -30.59 -67.55 -15.55
C THR I 85 -32.00 -68.12 -15.63
N TYR I 86 -32.76 -68.06 -14.54
CA TYR I 86 -34.16 -68.39 -14.59
C TYR I 86 -34.87 -67.38 -15.50
N SER I 87 -35.65 -67.91 -16.42
CA SER I 87 -36.27 -67.12 -17.47
C SER I 87 -37.53 -66.47 -16.95
N THR I 88 -38.39 -66.01 -17.87
CA THR I 88 -39.73 -65.60 -17.47
C THR I 88 -40.49 -66.78 -16.86
N LEU I 89 -40.33 -67.98 -17.43
CA LEU I 89 -41.16 -69.15 -17.17
C LEU I 89 -41.10 -69.69 -15.74
N ASP I 90 -40.12 -69.29 -14.94
CA ASP I 90 -39.85 -69.96 -13.66
C ASP I 90 -40.51 -69.25 -12.49
N VAL I 91 -41.70 -68.69 -12.66
CA VAL I 91 -42.36 -67.90 -11.63
C VAL I 91 -43.72 -68.51 -11.33
N SER I 92 -44.00 -68.75 -10.05
CA SER I 92 -45.29 -69.25 -9.60
C SER I 92 -46.18 -68.08 -9.17
N LEU I 93 -47.43 -68.42 -8.83
CA LEU I 93 -48.37 -67.40 -8.37
C LEU I 93 -47.97 -66.80 -7.03
N ASN I 94 -47.50 -67.64 -6.09
CA ASN I 94 -47.11 -67.13 -4.78
C ASN I 94 -45.92 -66.19 -4.86
N ASP I 95 -45.07 -66.33 -5.88
CA ASP I 95 -44.04 -65.32 -6.11
C ASP I 95 -44.66 -64.00 -6.56
N LEU I 96 -45.62 -64.06 -7.48
CA LEU I 96 -46.32 -62.88 -7.96
C LEU I 96 -47.14 -62.17 -6.91
N ARG I 97 -47.53 -62.86 -5.83
CA ARG I 97 -48.30 -62.19 -4.80
C ARG I 97 -47.41 -61.50 -3.78
N LEU I 98 -46.09 -61.55 -3.97
CA LEU I 98 -45.18 -60.93 -3.02
C LEU I 98 -44.66 -59.60 -3.56
N GLN I 99 -44.07 -58.82 -2.65
CA GLN I 99 -43.49 -57.53 -3.02
C GLN I 99 -42.05 -57.75 -3.53
N ILE I 100 -41.94 -58.18 -4.78
CA ILE I 100 -40.67 -58.34 -5.45
C ILE I 100 -40.79 -57.50 -6.71
N SER I 101 -39.71 -56.81 -7.11
CA SER I 101 -39.65 -56.22 -8.44
C SER I 101 -38.40 -56.74 -9.14
N PHE I 102 -38.57 -57.28 -10.34
CA PHE I 102 -37.49 -57.98 -11.05
C PHE I 102 -36.65 -56.99 -11.85
N PHE I 103 -35.35 -57.23 -11.87
CA PHE I 103 -34.39 -56.43 -12.63
C PHE I 103 -33.43 -57.34 -13.38
N GLU I 104 -32.52 -56.73 -14.12
CA GLU I 104 -31.55 -57.44 -14.94
C GLU I 104 -30.16 -56.88 -14.70
N TYR I 105 -29.16 -57.64 -15.11
CA TYR I 105 -27.75 -57.28 -14.93
C TYR I 105 -27.24 -56.64 -16.22
N ALA I 106 -27.28 -55.32 -16.28
CA ALA I 106 -26.80 -54.58 -17.43
C ALA I 106 -25.82 -53.51 -16.99
N LEU I 107 -24.71 -53.39 -17.71
CA LEU I 107 -23.71 -52.38 -17.41
C LEU I 107 -24.19 -51.01 -17.84
N GLY I 108 -24.05 -50.03 -16.95
CA GLY I 108 -24.42 -48.67 -17.25
C GLY I 108 -25.89 -48.34 -17.06
N ALA I 109 -26.71 -49.31 -16.68
CA ALA I 109 -28.12 -49.10 -16.46
C ALA I 109 -28.47 -48.96 -14.98
N ALA I 110 -27.48 -48.63 -14.15
CA ALA I 110 -27.70 -48.52 -12.72
C ALA I 110 -28.50 -47.29 -12.33
N GLU I 111 -28.51 -46.24 -13.17
CA GLU I 111 -29.23 -45.02 -12.83
C GLU I 111 -30.74 -45.25 -12.84
N ASP I 112 -31.25 -45.90 -13.89
CA ASP I 112 -32.68 -46.18 -13.96
C ASP I 112 -33.11 -47.18 -12.91
N ILE I 113 -32.27 -48.17 -12.61
CA ILE I 113 -32.57 -49.14 -11.56
C ILE I 113 -32.62 -48.44 -10.20
N ALA I 114 -31.68 -47.54 -9.93
CA ALA I 114 -31.69 -46.82 -8.67
C ALA I 114 -32.89 -45.89 -8.56
N ASN I 115 -33.28 -45.24 -9.66
CA ASN I 115 -34.48 -44.41 -9.64
C ASN I 115 -35.72 -45.25 -9.38
N LYS I 116 -35.82 -46.42 -10.00
CA LYS I 116 -36.95 -47.31 -9.73
C LYS I 116 -36.94 -47.81 -8.28
N ILE I 117 -35.76 -48.05 -7.72
CA ILE I 117 -35.66 -48.47 -6.33
C ILE I 117 -36.11 -47.36 -5.40
N LYS I 118 -35.72 -46.12 -5.68
CA LYS I 118 -36.15 -44.97 -4.89
C LYS I 118 -37.67 -44.78 -4.98
N GLN I 119 -38.23 -44.94 -6.18
CA GLN I 119 -39.68 -44.85 -6.34
C GLN I 119 -40.41 -45.96 -5.61
N THR I 120 -39.87 -47.19 -5.63
CA THR I 120 -40.49 -48.30 -4.92
C THR I 120 -40.43 -48.08 -3.41
N THR I 121 -39.32 -47.54 -2.91
CA THR I 121 -39.23 -47.21 -1.49
C THR I 121 -40.22 -46.12 -1.10
N ASP I 122 -40.39 -45.12 -1.97
CA ASP I 122 -41.40 -44.09 -1.71
C ASP I 122 -42.80 -44.67 -1.69
N GLU I 123 -43.10 -45.59 -2.62
CA GLU I 123 -44.39 -46.28 -2.62
C GLU I 123 -44.59 -47.09 -1.36
N TYR I 124 -43.54 -47.75 -0.87
CA TYR I 124 -43.62 -48.54 0.36
C TYR I 124 -43.90 -47.65 1.56
N ILE I 125 -43.22 -46.51 1.63
CA ILE I 125 -43.45 -45.57 2.74
C ILE I 125 -44.86 -45.01 2.68
N ASN I 126 -45.33 -44.62 1.49
CA ASN I 126 -46.69 -44.12 1.33
C ASN I 126 -47.74 -45.21 1.43
N THR I 127 -47.34 -46.49 1.42
CA THR I 127 -48.26 -47.58 1.61
C THR I 127 -48.46 -47.92 3.07
N ILE I 128 -47.35 -48.09 3.81
CA ILE I 128 -47.48 -48.49 5.22
C ILE I 128 -47.93 -47.35 6.13
N LEU I 129 -47.79 -46.10 5.70
CA LEU I 129 -48.16 -45.00 6.58
C LEU I 129 -49.67 -44.82 6.62
N PRO I 130 -50.23 -44.48 7.78
CA PRO I 130 -51.64 -44.12 7.83
C PRO I 130 -51.87 -42.77 7.16
N PRO I 131 -53.10 -42.49 6.70
CA PRO I 131 -53.29 -41.32 5.82
C PRO I 131 -53.05 -39.98 6.49
N LEU I 132 -53.46 -39.78 7.73
CA LEU I 132 -53.26 -38.47 8.35
C LEU I 132 -51.80 -38.24 8.71
N THR I 133 -51.10 -39.27 9.19
CA THR I 133 -49.67 -39.13 9.42
C THR I 133 -48.92 -38.92 8.12
N LYS I 134 -49.37 -39.57 7.04
CA LYS I 134 -48.81 -39.35 5.72
C LYS I 134 -48.97 -37.91 5.28
N ALA I 135 -50.17 -37.35 5.47
CA ALA I 135 -50.43 -35.97 5.09
C ALA I 135 -49.67 -34.98 5.96
N LEU I 136 -49.52 -35.28 7.25
CA LEU I 136 -48.74 -34.41 8.14
C LEU I 136 -47.27 -34.41 7.77
N PHE I 137 -46.73 -35.60 7.46
CA PHE I 137 -45.33 -35.69 7.00
C PHE I 137 -45.14 -34.96 5.68
N LYS I 138 -46.11 -35.09 4.77
CA LYS I 138 -46.04 -34.36 3.51
C LYS I 138 -46.08 -32.86 3.72
N TYR I 139 -46.94 -32.39 4.62
CA TYR I 139 -47.04 -30.97 4.90
C TYR I 139 -45.77 -30.42 5.50
N VAL I 140 -45.15 -31.16 6.42
CA VAL I 140 -43.90 -30.70 7.01
C VAL I 140 -42.78 -30.72 5.97
N ARG I 141 -42.76 -31.73 5.09
CA ARG I 141 -41.75 -31.78 4.04
C ARG I 141 -41.87 -30.62 3.05
N GLU I 142 -43.09 -30.20 2.72
CA GLU I 142 -43.29 -29.04 1.87
C GLU I 142 -43.41 -27.76 2.68
N GLY I 143 -42.72 -27.71 3.83
CA GLY I 143 -42.91 -26.73 4.89
C GLY I 143 -43.08 -25.29 4.49
N LYS I 144 -44.28 -24.78 4.73
CA LYS I 144 -44.67 -23.45 4.31
C LYS I 144 -44.63 -22.50 5.49
N TYR I 145 -44.41 -21.22 5.19
CA TYR I 145 -44.52 -20.19 6.21
C TYR I 145 -45.96 -20.08 6.67
N THR I 146 -46.15 -19.69 7.93
CA THR I 146 -47.49 -19.57 8.46
C THR I 146 -47.61 -18.32 9.31
N PHE I 147 -48.81 -17.75 9.31
CA PHE I 147 -49.14 -16.57 10.10
C PHE I 147 -50.29 -16.84 11.05
N CYS I 148 -50.45 -18.09 11.47
CA CYS I 148 -51.57 -18.51 12.29
C CYS I 148 -51.07 -19.16 13.57
N THR I 149 -52.01 -19.50 14.43
CA THR I 149 -51.69 -20.24 15.63
C THR I 149 -51.20 -21.64 15.25
N PRO I 150 -50.23 -22.22 16.00
CA PRO I 150 -49.54 -21.79 17.22
C PRO I 150 -48.53 -20.68 16.99
N GLY I 151 -48.11 -20.02 18.08
CA GLY I 151 -47.28 -18.84 17.98
C GLY I 151 -45.84 -19.11 17.58
N HIS I 152 -45.34 -20.32 17.80
CA HIS I 152 -43.96 -20.58 17.40
C HIS I 152 -43.81 -20.70 15.89
N MET I 153 -44.88 -21.11 15.20
CA MET I 153 -44.98 -21.09 13.73
C MET I 153 -43.85 -21.88 13.07
N GLY I 154 -43.85 -23.19 13.32
CA GLY I 154 -42.78 -24.03 12.84
C GLY I 154 -41.55 -24.01 13.71
N GLY I 155 -41.66 -23.53 14.94
CA GLY I 155 -40.53 -23.51 15.84
C GLY I 155 -39.54 -22.40 15.61
N THR I 156 -39.89 -21.40 14.80
CA THR I 156 -38.99 -20.29 14.51
C THR I 156 -38.99 -19.23 15.61
N ALA I 157 -39.85 -19.36 16.61
CA ALA I 157 -39.73 -18.56 17.81
C ALA I 157 -38.70 -19.11 18.78
N PHE I 158 -38.50 -20.43 18.78
CA PHE I 158 -37.47 -21.06 19.59
C PHE I 158 -36.07 -20.89 19.02
N GLN I 159 -35.94 -20.43 17.79
CA GLN I 159 -34.63 -20.19 17.21
C GLN I 159 -34.09 -18.82 17.55
N LYS I 160 -34.79 -18.05 18.38
CA LYS I 160 -34.40 -16.67 18.67
C LYS I 160 -34.37 -16.39 20.18
N SER I 161 -34.12 -17.41 21.00
CA SER I 161 -34.01 -17.23 22.44
C SER I 161 -33.09 -18.29 23.00
N PRO I 162 -32.29 -17.98 24.02
CA PRO I 162 -31.34 -18.98 24.53
C PRO I 162 -32.01 -20.21 25.14
N VAL I 163 -32.93 -20.02 26.08
CA VAL I 163 -33.67 -21.16 26.60
C VAL I 163 -34.58 -21.75 25.52
N GLY I 164 -35.11 -20.91 24.64
CA GLY I 164 -35.82 -21.42 23.49
C GLY I 164 -34.94 -22.23 22.57
N SER I 165 -33.68 -21.83 22.39
CA SER I 165 -32.78 -22.61 21.56
C SER I 165 -32.40 -23.92 22.25
N LEU I 166 -32.32 -23.95 23.57
CA LEU I 166 -32.10 -25.21 24.27
C LEU I 166 -33.28 -26.15 24.05
N PHE I 167 -34.49 -25.62 24.14
CA PHE I 167 -35.69 -26.43 23.89
C PHE I 167 -35.70 -26.95 22.46
N TYR I 168 -35.37 -26.09 21.49
CA TYR I 168 -35.35 -26.46 20.08
C TYR I 168 -34.26 -27.49 19.78
N ASP I 169 -33.07 -27.34 20.35
CA ASP I 169 -32.01 -28.32 20.16
C ASP I 169 -32.32 -29.64 20.84
N PHE I 170 -33.08 -29.63 21.93
CA PHE I 170 -33.51 -30.89 22.53
C PHE I 170 -34.51 -31.60 21.64
N PHE I 171 -35.62 -30.93 21.32
CA PHE I 171 -36.69 -31.63 20.63
C PHE I 171 -36.38 -31.88 19.16
N GLY I 172 -35.72 -30.94 18.49
CA GLY I 172 -35.41 -31.09 17.09
C GLY I 172 -36.47 -30.47 16.22
N PRO I 173 -36.16 -30.20 14.96
CA PRO I 173 -37.01 -29.32 14.14
C PRO I 173 -38.32 -29.94 13.71
N ASN I 174 -38.31 -31.25 13.42
CA ASN I 174 -39.48 -31.90 12.83
C ASN I 174 -40.65 -31.98 13.79
N THR I 175 -40.40 -32.05 15.10
CA THR I 175 -41.49 -32.03 16.05
C THR I 175 -41.92 -30.62 16.42
N MET I 176 -41.20 -29.60 15.93
CA MET I 176 -41.71 -28.24 16.05
C MET I 176 -42.57 -27.87 14.85
N LYS I 177 -42.13 -28.25 13.65
CA LYS I 177 -42.95 -28.01 12.46
C LYS I 177 -44.22 -28.86 12.45
N SER I 178 -44.24 -29.98 13.15
CA SER I 178 -45.41 -30.85 13.16
C SER I 178 -46.54 -30.33 14.02
N ASP I 179 -46.32 -29.25 14.77
CA ASP I 179 -47.37 -28.68 15.61
C ASP I 179 -48.00 -27.52 14.86
N ILE I 180 -49.19 -27.76 14.31
CA ILE I 180 -49.97 -26.75 13.61
C ILE I 180 -51.40 -26.80 14.13
N SER I 181 -52.26 -25.97 13.54
CA SER I 181 -53.64 -25.89 14.00
C SER I 181 -54.62 -26.11 12.87
N ILE I 182 -55.91 -25.89 13.14
CA ILE I 182 -56.97 -26.15 12.16
C ILE I 182 -57.00 -25.14 11.03
N SER I 183 -56.19 -24.07 11.11
CA SER I 183 -56.13 -23.09 10.03
C SER I 183 -55.52 -23.66 8.76
N VAL I 184 -54.69 -24.70 8.88
CA VAL I 184 -54.16 -25.40 7.71
C VAL I 184 -55.28 -26.27 7.15
N SER I 185 -55.91 -25.80 6.07
CA SER I 185 -57.15 -26.39 5.61
C SER I 185 -56.96 -27.75 4.95
N GLU I 186 -55.75 -28.09 4.52
CA GLU I 186 -55.55 -29.33 3.79
C GLU I 186 -55.51 -30.56 4.69
N LEU I 187 -55.36 -30.39 6.00
CA LEU I 187 -55.39 -31.50 6.93
C LEU I 187 -56.75 -31.72 7.56
N GLY I 188 -57.77 -30.96 7.15
CA GLY I 188 -59.08 -31.10 7.75
C GLY I 188 -59.10 -30.58 9.17
N SER I 189 -59.97 -31.18 9.98
CA SER I 189 -60.09 -30.79 11.38
C SER I 189 -60.58 -31.98 12.19
N LEU I 190 -59.98 -32.16 13.37
CA LEU I 190 -60.41 -33.23 14.27
C LEU I 190 -61.83 -33.01 14.75
N LEU I 191 -62.18 -31.76 15.03
CA LEU I 191 -63.47 -31.45 15.65
C LEU I 191 -64.63 -31.73 14.73
N ASP I 192 -64.50 -31.45 13.44
CA ASP I 192 -65.58 -31.62 12.49
C ASP I 192 -65.52 -32.95 11.76
N HIS I 193 -64.47 -33.75 11.97
CA HIS I 193 -64.28 -35.06 11.35
C HIS I 193 -64.31 -34.95 9.82
N SER I 194 -63.34 -34.23 9.28
CA SER I 194 -63.30 -33.92 7.86
C SER I 194 -61.94 -34.24 7.27
N GLY I 195 -61.94 -34.68 6.02
CA GLY I 195 -60.74 -34.88 5.25
C GLY I 195 -59.85 -35.99 5.78
N PRO I 196 -58.56 -35.68 5.95
CA PRO I 196 -57.61 -36.66 6.48
C PRO I 196 -57.96 -37.14 7.87
N HIS I 197 -58.55 -36.28 8.71
CA HIS I 197 -59.03 -36.75 9.99
C HIS I 197 -60.12 -37.79 9.84
N LYS I 198 -61.12 -37.55 9.00
CA LYS I 198 -62.22 -38.51 8.82
C LYS I 198 -61.72 -39.84 8.29
N GLU I 199 -60.78 -39.80 7.34
CA GLU I 199 -60.12 -41.02 6.91
C GLU I 199 -59.39 -41.70 8.06
N ALA I 200 -58.83 -40.91 8.98
CA ALA I 200 -58.15 -41.51 10.14
C ALA I 200 -59.14 -42.20 11.07
N GLU I 201 -60.29 -41.57 11.40
CA GLU I 201 -61.22 -42.30 12.27
C GLU I 201 -61.82 -43.51 11.58
N GLN I 202 -62.05 -43.46 10.27
CA GLN I 202 -62.50 -44.68 9.60
C GLN I 202 -61.43 -45.76 9.63
N TYR I 203 -60.16 -45.38 9.51
CA TYR I 203 -59.05 -46.33 9.60
C TYR I 203 -58.98 -46.97 10.99
N ILE I 204 -59.15 -46.16 12.04
CA ILE I 204 -59.22 -46.66 13.41
C ILE I 204 -60.41 -47.60 13.59
N ALA I 205 -61.55 -47.27 12.96
CA ALA I 205 -62.72 -48.13 13.03
C ALA I 205 -62.47 -49.49 12.39
N ARG I 206 -61.78 -49.54 11.26
CA ARG I 206 -61.50 -50.86 10.67
C ARG I 206 -60.62 -51.58 11.67
N VAL I 207 -59.51 -50.96 12.01
CA VAL I 207 -58.46 -51.73 12.69
C VAL I 207 -58.99 -52.42 13.94
N PHE I 208 -59.71 -51.71 14.79
CA PHE I 208 -60.10 -52.18 16.11
C PHE I 208 -61.43 -52.89 16.15
N ASN I 209 -62.03 -53.17 14.98
CA ASN I 209 -63.32 -53.86 14.86
C ASN I 209 -64.40 -53.11 15.66
N ALA I 210 -64.65 -51.87 15.24
CA ALA I 210 -65.68 -51.04 15.85
C ALA I 210 -66.44 -50.32 14.76
N ASP I 211 -67.68 -49.93 15.08
CA ASP I 211 -68.51 -49.23 14.12
C ASP I 211 -68.01 -47.81 13.91
N ARG I 212 -68.05 -47.00 14.97
CA ARG I 212 -67.54 -45.64 14.93
C ARG I 212 -66.45 -45.53 15.98
N SER I 213 -65.29 -45.03 15.60
CA SER I 213 -64.17 -44.89 16.50
C SER I 213 -63.75 -43.44 16.59
N TYR I 214 -63.49 -42.96 17.80
CA TYR I 214 -63.07 -41.58 18.01
C TYR I 214 -61.63 -41.57 18.52
N MET I 215 -60.99 -40.40 18.42
CA MET I 215 -59.58 -40.22 18.78
C MET I 215 -59.48 -39.03 19.72
N VAL I 216 -59.55 -39.30 21.02
CA VAL I 216 -59.53 -38.25 22.03
C VAL I 216 -58.10 -37.76 22.21
N THR I 217 -57.93 -36.46 22.41
CA THR I 217 -56.61 -35.86 22.52
C THR I 217 -56.28 -35.37 23.92
N ASN I 218 -57.16 -35.58 24.90
CA ASN I 218 -56.82 -35.32 26.29
C ASN I 218 -56.50 -36.59 27.04
N GLY I 219 -57.16 -37.69 26.73
CA GLY I 219 -56.93 -38.96 27.38
C GLY I 219 -58.23 -39.64 27.74
N THR I 220 -58.10 -40.88 28.19
CA THR I 220 -59.29 -41.63 28.56
C THR I 220 -59.93 -41.11 29.82
N SER I 221 -59.21 -40.31 30.61
CA SER I 221 -59.84 -39.53 31.68
C SER I 221 -60.89 -38.58 31.12
N THR I 222 -60.75 -38.16 29.87
CA THR I 222 -61.76 -37.35 29.21
C THR I 222 -62.71 -38.22 28.37
N ALA I 223 -62.22 -39.35 27.88
CA ALA I 223 -63.10 -40.26 27.12
C ALA I 223 -64.20 -40.85 28.00
N ASN I 224 -63.86 -41.19 29.26
CA ASN I 224 -64.87 -41.65 30.21
C ASN I 224 -65.91 -40.58 30.43
N LYS I 225 -65.48 -39.32 30.52
CA LYS I 225 -66.38 -38.18 30.67
C LYS I 225 -67.30 -38.05 29.47
N ILE I 226 -66.76 -38.23 28.27
CA ILE I 226 -67.56 -38.13 27.05
C ILE I 226 -68.63 -39.21 27.03
N VAL I 227 -68.23 -40.46 27.31
CA VAL I 227 -69.17 -41.57 27.26
C VAL I 227 -70.24 -41.44 28.34
N GLY I 228 -69.83 -41.13 29.57
CA GLY I 228 -70.80 -41.00 30.64
C GLY I 228 -71.62 -39.73 30.63
N MET I 229 -71.22 -38.72 29.85
CA MET I 229 -72.10 -37.57 29.66
C MET I 229 -73.02 -37.75 28.47
N TYR I 230 -72.67 -38.59 27.50
CA TYR I 230 -73.65 -38.90 26.46
C TYR I 230 -74.68 -39.89 26.95
N SER I 231 -74.24 -41.06 27.38
CA SER I 231 -75.15 -42.17 27.65
C SER I 231 -75.92 -42.02 28.96
N ALA I 232 -75.47 -41.17 29.88
CA ALA I 232 -76.10 -41.02 31.19
C ALA I 232 -76.53 -39.58 31.37
N PRO I 233 -77.76 -39.24 31.00
CA PRO I 233 -78.26 -37.88 31.24
C PRO I 233 -78.46 -37.65 32.73
N ALA I 234 -78.62 -36.37 33.08
CA ALA I 234 -78.81 -35.99 34.46
C ALA I 234 -80.16 -36.47 34.98
N GLY I 235 -80.18 -36.89 36.25
CA GLY I 235 -81.36 -37.49 36.83
C GLY I 235 -81.49 -38.97 36.61
N SER I 236 -80.62 -39.57 35.80
CA SER I 236 -80.66 -41.00 35.55
C SER I 236 -79.76 -41.70 36.55
N THR I 237 -79.45 -42.97 36.29
CA THR I 237 -78.75 -43.81 37.25
C THR I 237 -77.73 -44.66 36.50
N ILE I 238 -76.56 -44.88 37.11
CA ILE I 238 -75.48 -45.64 36.48
C ILE I 238 -75.07 -46.79 37.39
N LEU I 239 -74.45 -47.79 36.77
CA LEU I 239 -73.83 -48.93 37.47
C LEU I 239 -72.32 -48.78 37.29
N ILE I 240 -71.68 -48.11 38.23
CA ILE I 240 -70.26 -47.85 38.15
C ILE I 240 -69.51 -48.83 39.03
N ASP I 241 -68.45 -49.41 38.47
CA ASP I 241 -67.55 -50.25 39.25
C ASP I 241 -66.93 -49.45 40.39
N ARG I 242 -66.86 -50.08 41.57
CA ARG I 242 -66.12 -49.47 42.67
C ARG I 242 -64.63 -49.42 42.34
N ASN I 243 -64.12 -50.43 41.65
CA ASN I 243 -62.78 -50.37 41.09
C ASN I 243 -62.81 -49.45 39.89
N CYS I 244 -62.81 -48.15 40.15
CA CYS I 244 -62.92 -47.14 39.11
C CYS I 244 -61.67 -46.26 39.14
N HIS I 245 -61.65 -45.29 38.25
CA HIS I 245 -60.61 -44.29 38.22
C HIS I 245 -61.09 -43.02 38.89
N LYS I 246 -60.16 -42.11 39.15
CA LYS I 246 -60.52 -40.78 39.65
C LYS I 246 -61.40 -40.05 38.65
N SER I 247 -61.20 -40.32 37.36
CA SER I 247 -61.93 -39.65 36.30
C SER I 247 -63.42 -39.97 36.35
N LEU I 248 -63.79 -41.20 36.70
CA LEU I 248 -65.20 -41.54 36.81
C LEU I 248 -65.85 -40.84 37.99
N THR I 249 -65.13 -40.70 39.10
CA THR I 249 -65.62 -39.91 40.22
C THR I 249 -65.82 -38.46 39.83
N HIS I 250 -64.86 -37.91 39.08
CA HIS I 250 -64.98 -36.55 38.58
C HIS I 250 -66.18 -36.39 37.64
N LEU I 251 -66.42 -37.38 36.79
CA LEU I 251 -67.61 -37.40 35.94
C LEU I 251 -68.88 -37.39 36.76
N MET I 252 -68.94 -38.21 37.80
CA MET I 252 -70.13 -38.25 38.65
C MET I 252 -70.34 -36.98 39.43
N MET I 253 -69.27 -36.24 39.74
CA MET I 253 -69.44 -34.95 40.36
C MET I 253 -69.84 -33.85 39.38
N MET I 254 -69.49 -33.98 38.09
CA MET I 254 -69.99 -33.00 37.14
C MET I 254 -71.47 -33.21 36.83
N SER I 255 -71.89 -34.46 36.65
CA SER I 255 -73.22 -34.76 36.16
C SER I 255 -74.14 -35.16 37.31
N ASP I 256 -75.42 -34.82 37.18
CA ASP I 256 -76.44 -35.11 38.19
C ASP I 256 -76.93 -36.54 38.01
N VAL I 257 -76.10 -37.49 38.42
CA VAL I 257 -76.39 -38.91 38.30
C VAL I 257 -76.37 -39.55 39.68
N THR I 258 -76.81 -40.80 39.74
CA THR I 258 -76.92 -41.54 40.99
C THR I 258 -76.28 -42.92 40.80
N PRO I 259 -75.42 -43.36 41.72
CA PRO I 259 -74.76 -44.66 41.55
C PRO I 259 -75.41 -45.83 42.28
N ILE I 260 -75.28 -47.00 41.68
CA ILE I 260 -75.14 -48.25 42.41
C ILE I 260 -73.72 -48.74 42.15
N TYR I 261 -72.97 -48.96 43.22
CA TYR I 261 -71.58 -49.39 43.10
C TYR I 261 -71.52 -50.91 43.07
N PHE I 262 -70.85 -51.44 42.06
CA PHE I 262 -70.50 -52.85 42.06
C PHE I 262 -69.50 -53.13 43.18
N ARG I 263 -69.43 -54.39 43.59
CA ARG I 263 -68.61 -54.77 44.74
C ARG I 263 -67.55 -55.78 44.34
N PRO I 264 -66.36 -55.35 43.94
CA PRO I 264 -65.32 -56.28 43.54
C PRO I 264 -64.73 -57.03 44.73
N THR I 265 -64.13 -58.17 44.42
CA THR I 265 -63.42 -58.96 45.42
C THR I 265 -61.95 -58.54 45.46
N ARG I 266 -61.24 -59.02 46.49
CA ARG I 266 -59.82 -58.72 46.64
C ARG I 266 -59.18 -59.78 47.53
N ASN I 267 -57.86 -59.91 47.39
CA ASN I 267 -57.08 -60.84 48.18
C ASN I 267 -56.36 -60.09 49.30
N ALA I 268 -55.57 -60.81 50.08
CA ALA I 268 -54.80 -60.20 51.15
C ALA I 268 -53.65 -59.35 50.64
N TYR I 269 -53.21 -59.56 49.41
CA TYR I 269 -52.12 -58.76 48.84
C TYR I 269 -52.55 -57.31 48.62
N GLY I 270 -53.84 -57.07 48.43
CA GLY I 270 -54.33 -55.76 48.05
C GLY I 270 -54.62 -55.63 46.58
N ILE I 271 -54.50 -56.71 45.81
CA ILE I 271 -54.82 -56.68 44.39
C ILE I 271 -56.32 -56.58 44.24
N LEU I 272 -56.78 -55.60 43.47
CA LEU I 272 -58.20 -55.41 43.22
C LEU I 272 -58.66 -56.48 42.23
N GLY I 273 -59.44 -57.44 42.73
CA GLY I 273 -59.96 -58.48 41.87
C GLY I 273 -61.17 -58.01 41.10
N GLY I 274 -62.22 -58.82 41.05
CA GLY I 274 -63.36 -58.46 40.24
C GLY I 274 -64.71 -58.68 40.88
N ILE I 275 -65.72 -58.17 40.19
CA ILE I 275 -67.10 -58.29 40.66
C ILE I 275 -67.56 -59.74 40.49
N PRO I 276 -68.21 -60.35 41.47
CA PRO I 276 -68.74 -61.69 41.28
C PRO I 276 -69.86 -61.71 40.23
N GLN I 277 -70.17 -62.92 39.76
CA GLN I 277 -71.20 -63.09 38.75
C GLN I 277 -72.59 -62.73 39.25
N SER I 278 -72.80 -62.73 40.57
CA SER I 278 -74.13 -62.47 41.11
C SER I 278 -74.54 -61.01 40.94
N GLU I 279 -73.59 -60.10 40.85
CA GLU I 279 -73.88 -58.68 40.78
C GLU I 279 -73.99 -58.16 39.35
N PHE I 280 -74.31 -59.02 38.38
CA PHE I 280 -74.64 -58.56 37.05
C PHE I 280 -76.00 -59.02 36.58
N GLN I 281 -76.76 -59.72 37.43
CA GLN I 281 -78.06 -60.22 37.05
C GLN I 281 -79.14 -59.22 37.47
N HIS I 282 -80.37 -59.50 37.08
CA HIS I 282 -81.44 -58.54 37.30
C HIS I 282 -81.86 -58.46 38.76
N ALA I 283 -81.73 -59.56 39.51
CA ALA I 283 -82.24 -59.60 40.89
C ALA I 283 -81.45 -58.67 41.80
N THR I 284 -80.12 -58.78 41.78
CA THR I 284 -79.30 -57.95 42.66
C THR I 284 -79.32 -56.49 42.24
N ILE I 285 -79.37 -56.23 40.94
CA ILE I 285 -79.45 -54.85 40.45
C ILE I 285 -80.77 -54.21 40.84
N ALA I 286 -81.88 -54.95 40.70
CA ALA I 286 -83.18 -54.44 41.13
C ALA I 286 -83.24 -54.21 42.63
N LYS I 287 -82.64 -55.12 43.41
CA LYS I 287 -82.57 -54.92 44.85
C LYS I 287 -81.80 -53.67 45.23
N ARG I 288 -80.60 -53.50 44.68
CA ARG I 288 -79.78 -52.33 44.98
C ARG I 288 -80.41 -51.05 44.45
N VAL I 289 -81.21 -51.12 43.40
CA VAL I 289 -82.04 -49.99 43.00
C VAL I 289 -83.07 -49.70 44.09
N LYS I 290 -83.70 -50.74 44.63
CA LYS I 290 -84.80 -50.56 45.58
C LYS I 290 -84.33 -49.91 46.87
N GLU I 291 -83.18 -50.31 47.41
CA GLU I 291 -82.67 -49.65 48.61
C GLU I 291 -81.70 -48.52 48.31
N THR I 292 -81.86 -47.81 47.20
CA THR I 292 -81.14 -46.58 46.98
C THR I 292 -82.13 -45.44 46.78
N PRO I 293 -82.03 -44.37 47.56
CA PRO I 293 -82.99 -43.25 47.40
C PRO I 293 -82.82 -42.54 46.08
N ASN I 294 -83.96 -42.09 45.54
CA ASN I 294 -84.04 -41.33 44.28
C ASN I 294 -83.42 -42.09 43.11
N ALA I 295 -83.55 -43.42 43.10
CA ALA I 295 -82.90 -44.25 42.11
C ALA I 295 -83.93 -44.95 41.23
N THR I 296 -83.66 -44.98 39.94
CA THR I 296 -84.48 -45.68 38.96
C THR I 296 -83.65 -46.79 38.32
N TRP I 297 -84.20 -47.40 37.27
CA TRP I 297 -83.45 -48.44 36.56
C TRP I 297 -82.24 -47.83 35.87
N PRO I 298 -81.06 -48.44 36.02
CA PRO I 298 -79.84 -47.86 35.44
C PRO I 298 -79.89 -47.83 33.92
N VAL I 299 -79.42 -46.73 33.35
CA VAL I 299 -79.39 -46.54 31.91
C VAL I 299 -77.99 -46.66 31.34
N HIS I 300 -76.99 -46.92 32.18
CA HIS I 300 -75.61 -47.03 31.71
C HIS I 300 -74.82 -47.81 32.76
N ALA I 301 -73.79 -48.51 32.29
CA ALA I 301 -72.93 -49.28 33.18
C ALA I 301 -71.48 -49.06 32.77
N VAL I 302 -70.61 -48.86 33.75
CA VAL I 302 -69.18 -48.64 33.52
C VAL I 302 -68.41 -49.71 34.28
N ILE I 303 -67.55 -50.44 33.57
CA ILE I 303 -66.81 -51.58 34.12
C ILE I 303 -65.35 -51.42 33.74
N THR I 304 -64.45 -51.56 34.72
CA THR I 304 -63.02 -51.45 34.46
C THR I 304 -62.50 -52.80 33.97
N ASN I 305 -62.34 -52.94 32.67
CA ASN I 305 -61.92 -54.18 32.02
C ASN I 305 -60.67 -53.95 31.18
N SER I 306 -59.51 -54.35 31.67
CA SER I 306 -59.35 -55.15 32.88
C SER I 306 -59.18 -54.29 34.10
N THR I 307 -58.82 -54.90 35.21
CA THR I 307 -58.49 -54.16 36.42
C THR I 307 -57.09 -53.56 36.26
N TYR I 308 -56.60 -52.90 37.30
CA TYR I 308 -55.26 -52.36 37.29
C TYR I 308 -54.21 -53.46 37.19
N ASP I 309 -54.48 -54.61 37.77
CA ASP I 309 -53.53 -55.73 37.77
C ASP I 309 -53.81 -56.73 36.65
N GLY I 310 -54.55 -56.32 35.62
CA GLY I 310 -54.71 -57.14 34.44
C GLY I 310 -55.54 -58.39 34.62
N LEU I 311 -56.77 -58.24 35.11
CA LEU I 311 -57.70 -59.35 35.24
C LEU I 311 -58.88 -59.07 34.32
N LEU I 312 -58.88 -59.71 33.16
CA LEU I 312 -59.94 -59.57 32.19
C LEU I 312 -61.21 -60.27 32.69
N TYR I 313 -62.33 -59.90 32.13
CA TYR I 313 -63.61 -60.48 32.50
C TYR I 313 -64.10 -61.38 31.38
N ASN I 314 -65.05 -62.24 31.70
CA ASN I 314 -65.80 -62.94 30.66
C ASN I 314 -66.88 -62.00 30.19
N THR I 315 -66.49 -61.15 29.23
CA THR I 315 -67.36 -60.08 28.76
C THR I 315 -68.56 -60.56 27.97
N ASP I 316 -68.54 -61.79 27.45
CA ASP I 316 -69.73 -62.31 26.77
C ASP I 316 -70.86 -62.55 27.76
N PHE I 317 -70.52 -63.05 28.95
CA PHE I 317 -71.46 -63.12 30.06
C PHE I 317 -72.05 -61.75 30.39
N ILE I 318 -71.18 -60.73 30.41
CA ILE I 318 -71.61 -59.39 30.77
C ILE I 318 -72.56 -58.82 29.72
N LYS I 319 -72.17 -58.92 28.46
CA LYS I 319 -72.98 -58.40 27.37
C LYS I 319 -74.25 -59.21 27.15
N LYS I 320 -74.33 -60.45 27.65
CA LYS I 320 -75.58 -61.18 27.56
C LYS I 320 -76.53 -60.90 28.72
N THR I 321 -76.00 -60.80 29.94
CA THR I 321 -76.89 -60.80 31.10
C THR I 321 -77.07 -59.46 31.78
N LEU I 322 -76.16 -58.51 31.59
CA LEU I 322 -76.34 -57.18 32.17
C LEU I 322 -77.42 -56.45 31.37
N ASP I 323 -78.57 -56.24 31.99
CA ASP I 323 -79.77 -55.76 31.29
C ASP I 323 -79.86 -54.23 31.29
N VAL I 324 -78.80 -53.56 30.84
CA VAL I 324 -78.83 -52.12 30.68
C VAL I 324 -78.64 -51.81 29.19
N LYS I 325 -79.02 -50.61 28.81
CA LYS I 325 -79.04 -50.23 27.41
C LYS I 325 -77.69 -49.76 26.88
N SER I 326 -76.69 -49.62 27.74
CA SER I 326 -75.35 -49.23 27.31
C SER I 326 -74.35 -49.70 28.33
N ILE I 327 -73.40 -50.52 27.91
CA ILE I 327 -72.35 -51.04 28.77
C ILE I 327 -71.03 -50.43 28.33
N HIS I 328 -70.37 -49.75 29.25
CA HIS I 328 -69.07 -49.13 28.98
C HIS I 328 -67.96 -49.92 29.66
N PHE I 329 -66.93 -50.23 28.90
CA PHE I 329 -65.74 -50.90 29.41
C PHE I 329 -64.61 -49.90 29.44
N ASP I 330 -64.12 -49.57 30.63
CA ASP I 330 -63.01 -48.62 30.78
C ASP I 330 -61.71 -49.39 30.57
N SER I 331 -61.44 -49.70 29.31
CA SER I 331 -60.31 -50.54 28.95
C SER I 331 -59.04 -49.71 28.79
N ALA I 332 -58.71 -48.96 29.83
CA ALA I 332 -57.51 -48.15 29.79
C ALA I 332 -56.24 -48.99 29.79
N TRP I 333 -56.24 -50.13 30.46
CA TRP I 333 -55.05 -50.97 30.55
C TRP I 333 -55.02 -52.10 29.54
N VAL I 334 -56.08 -52.30 28.76
CA VAL I 334 -56.07 -53.33 27.74
C VAL I 334 -56.48 -52.70 26.41
N PRO I 335 -55.58 -52.01 25.71
CA PRO I 335 -55.94 -51.47 24.39
C PRO I 335 -55.56 -52.37 23.22
N TYR I 336 -54.74 -53.40 23.49
CA TYR I 336 -54.13 -54.23 22.47
C TYR I 336 -54.97 -55.46 22.14
N THR I 337 -56.28 -55.42 22.40
CA THR I 337 -57.07 -56.65 22.48
C THR I 337 -57.23 -57.36 21.16
N ASN I 338 -57.50 -56.64 20.08
CA ASN I 338 -57.86 -57.23 18.79
C ASN I 338 -56.69 -57.97 18.15
N PHE I 339 -55.46 -57.71 18.59
CA PHE I 339 -54.28 -58.07 17.84
C PHE I 339 -53.65 -59.39 18.25
N SER I 340 -54.34 -60.18 19.07
CA SER I 340 -53.95 -61.54 19.31
C SER I 340 -55.23 -62.28 19.68
N PRO I 341 -55.47 -63.45 19.09
CA PRO I 341 -56.68 -64.22 19.42
C PRO I 341 -56.67 -64.84 20.81
N ILE I 342 -55.63 -64.59 21.60
CA ILE I 342 -55.63 -64.94 23.01
C ILE I 342 -56.77 -64.23 23.73
N TYR I 343 -56.99 -62.95 23.39
CA TYR I 343 -57.96 -62.11 24.06
C TYR I 343 -59.35 -62.17 23.44
N GLU I 344 -59.68 -63.25 22.73
CA GLU I 344 -61.02 -63.39 22.18
C GLU I 344 -62.03 -63.55 23.31
N GLY I 345 -63.15 -62.85 23.20
CA GLY I 345 -64.14 -62.89 24.26
C GLY I 345 -63.70 -62.19 25.53
N LYS I 346 -62.86 -61.16 25.41
CA LYS I 346 -62.31 -60.47 26.56
C LYS I 346 -62.22 -58.95 26.37
N CYS I 347 -63.12 -58.36 25.59
CA CYS I 347 -63.24 -56.92 25.51
C CYS I 347 -64.65 -56.57 25.06
N GLY I 348 -64.93 -55.26 25.08
CA GLY I 348 -66.21 -54.81 24.55
C GLY I 348 -66.39 -55.08 23.08
N MET I 349 -65.31 -54.97 22.31
CA MET I 349 -65.37 -55.21 20.87
C MET I 349 -65.23 -56.67 20.49
N SER I 350 -65.04 -57.56 21.46
CA SER I 350 -65.05 -58.98 21.17
C SER I 350 -66.45 -59.44 20.78
N GLY I 351 -66.50 -60.33 19.81
CA GLY I 351 -67.77 -60.79 19.31
C GLY I 351 -68.42 -59.76 18.40
N GLY I 352 -69.66 -60.08 18.01
CA GLY I 352 -70.39 -59.24 17.08
C GLY I 352 -71.15 -58.12 17.76
N ARG I 353 -71.97 -57.44 16.96
CA ARG I 353 -72.82 -56.37 17.45
C ARG I 353 -73.93 -56.97 18.31
N VAL I 354 -73.90 -56.68 19.60
CA VAL I 354 -74.90 -57.22 20.51
C VAL I 354 -76.22 -56.49 20.28
N GLU I 355 -77.32 -57.21 20.45
CA GLU I 355 -78.64 -56.67 20.17
C GLU I 355 -79.17 -55.89 21.37
N GLY I 356 -79.74 -54.71 21.10
CA GLY I 356 -80.47 -53.98 22.09
C GLY I 356 -79.67 -53.07 23.00
N LYS I 357 -78.35 -53.06 22.87
CA LYS I 357 -77.53 -52.18 23.70
C LYS I 357 -76.26 -51.82 22.95
N VAL I 358 -75.67 -50.69 23.34
CA VAL I 358 -74.46 -50.16 22.70
C VAL I 358 -73.30 -50.40 23.64
N ILE I 359 -72.24 -51.01 23.13
CA ILE I 359 -71.06 -51.31 23.93
C ILE I 359 -70.01 -50.26 23.65
N TYR I 360 -69.58 -49.56 24.69
CA TYR I 360 -68.50 -48.61 24.59
C TYR I 360 -67.20 -49.23 25.08
N GLU I 361 -66.10 -48.82 24.48
CA GLU I 361 -64.78 -49.19 24.98
C GLU I 361 -63.85 -48.03 24.74
N THR I 362 -63.06 -47.68 25.75
CA THR I 362 -62.31 -46.42 25.78
C THR I 362 -60.82 -46.69 26.04
N GLN I 363 -60.24 -47.54 25.20
CA GLN I 363 -58.83 -47.87 25.19
C GLN I 363 -57.92 -46.66 25.36
N SER I 364 -57.10 -46.69 26.40
CA SER I 364 -56.06 -45.68 26.58
C SER I 364 -54.85 -46.10 25.75
N THR I 365 -54.74 -45.54 24.56
CA THR I 365 -53.75 -45.97 23.58
C THR I 365 -52.32 -45.71 24.03
N HIS I 366 -52.08 -44.67 24.81
CA HIS I 366 -50.72 -44.35 25.22
C HIS I 366 -50.18 -45.29 26.27
N1 LLP I 367 -58.84 -44.58 33.66
C2 LLP I 367 -58.31 -45.72 34.11
C2' LLP I 367 -59.21 -46.87 34.64
C3 LLP I 367 -56.89 -45.89 34.12
O3 LLP I 367 -56.35 -47.08 34.59
C4 LLP I 367 -56.08 -44.89 33.66
C4' LLP I 367 -54.47 -45.09 33.66
C5 LLP I 367 -56.61 -43.74 33.19
C6 LLP I 367 -58.00 -43.56 33.20
C5' LLP I 367 -55.63 -42.64 32.69
OP4 LLP I 367 -56.30 -41.62 31.99
P LLP I 367 -55.46 -40.80 31.01
OP1 LLP I 367 -54.22 -40.26 31.75
OP2 LLP I 367 -56.25 -39.68 30.50
OP3 LLP I 367 -55.01 -41.65 29.88
N LLP I 367 -51.07 -46.01 26.95
CA LLP I 367 -50.68 -46.82 28.11
CB LLP I 367 -51.90 -47.24 28.88
CG LLP I 367 -52.45 -46.04 29.66
CD LLP I 367 -52.02 -46.12 31.13
CE LLP I 367 -52.84 -45.12 31.96
NZ LLP I 367 -54.06 -45.75 32.47
C LLP I 367 -49.90 -48.03 27.73
O LLP I 367 -48.80 -48.19 28.23
N LEU I 368 -50.44 -48.87 26.85
CA LEU I 368 -49.78 -50.13 26.53
C LEU I 368 -49.34 -50.23 25.08
N LEU I 369 -49.98 -49.48 24.19
CA LEU I 369 -49.53 -49.39 22.82
C LEU I 369 -48.41 -48.35 22.72
N ALA I 370 -47.97 -48.08 21.50
CA ALA I 370 -46.91 -47.11 21.27
C ALA I 370 -47.55 -45.82 20.76
N ALA I 371 -47.86 -44.93 21.71
CA ALA I 371 -48.43 -43.64 21.36
C ALA I 371 -47.99 -42.59 22.37
N PHE I 372 -48.02 -41.34 21.94
CA PHE I 372 -47.74 -40.21 22.82
C PHE I 372 -48.80 -40.12 23.92
N SER I 373 -48.42 -39.51 25.03
CA SER I 373 -49.33 -39.39 26.16
C SER I 373 -50.52 -38.51 25.81
N GLN I 374 -51.53 -38.55 26.68
CA GLN I 374 -52.83 -37.91 26.49
C GLN I 374 -53.52 -38.37 25.21
N ALA I 375 -53.25 -39.58 24.76
CA ALA I 375 -53.92 -40.14 23.60
C ALA I 375 -54.91 -41.21 24.05
N SER I 376 -56.09 -41.19 23.44
CA SER I 376 -57.12 -42.14 23.81
C SER I 376 -58.07 -42.32 22.64
N MET I 377 -58.92 -43.33 22.77
CA MET I 377 -59.88 -43.65 21.75
C MET I 377 -61.22 -43.95 22.41
N ILE I 378 -62.30 -43.79 21.63
CA ILE I 378 -63.62 -44.22 22.04
C ILE I 378 -64.16 -45.09 20.92
N HIS I 379 -64.22 -46.38 21.13
CA HIS I 379 -64.81 -47.32 20.19
C HIS I 379 -66.23 -47.63 20.64
N VAL I 380 -67.17 -47.53 19.71
CA VAL I 380 -68.55 -47.87 20.02
C VAL I 380 -68.92 -49.12 19.24
N LYS I 381 -69.98 -49.78 19.68
CA LYS I 381 -70.49 -50.97 19.01
C LYS I 381 -72.00 -50.95 19.15
N GLY I 382 -72.70 -50.53 18.11
CA GLY I 382 -74.12 -50.38 18.15
C GLY I 382 -74.53 -49.15 17.37
N ASP I 383 -75.73 -48.67 17.67
CA ASP I 383 -76.29 -47.49 17.01
C ASP I 383 -76.42 -46.38 18.04
N VAL I 384 -75.80 -45.23 17.74
CA VAL I 384 -75.88 -44.07 18.62
C VAL I 384 -76.38 -42.89 17.78
N ASN I 385 -76.95 -41.91 18.48
CA ASN I 385 -77.34 -40.68 17.83
C ASN I 385 -76.07 -39.94 17.42
N GLU I 386 -75.82 -39.87 16.10
CA GLU I 386 -74.53 -39.43 15.59
C GLU I 386 -74.24 -37.98 15.96
N GLU I 387 -75.22 -37.09 15.80
CA GLU I 387 -74.98 -35.69 16.10
C GLU I 387 -74.92 -35.42 17.59
N THR I 388 -75.77 -36.07 18.39
CA THR I 388 -75.73 -35.88 19.83
C THR I 388 -74.42 -36.39 20.42
N PHE I 389 -73.97 -37.56 20.01
CA PHE I 389 -72.72 -38.11 20.51
C PHE I 389 -71.51 -37.37 19.97
N ASN I 390 -71.57 -36.89 18.71
CA ASN I 390 -70.51 -36.04 18.20
C ASN I 390 -70.44 -34.73 18.97
N GLU I 391 -71.58 -34.17 19.34
CA GLU I 391 -71.58 -32.94 20.11
C GLU I 391 -71.05 -33.18 21.52
N ALA I 392 -71.37 -34.33 22.12
CA ALA I 392 -70.80 -34.67 23.42
C ALA I 392 -69.29 -34.85 23.35
N TYR I 393 -68.79 -35.46 22.26
CA TYR I 393 -67.35 -35.57 22.07
C TYR I 393 -66.70 -34.20 21.89
N MET I 394 -67.32 -33.33 21.11
CA MET I 394 -66.83 -31.97 20.92
C MET I 394 -66.88 -31.17 22.21
N MET I 395 -67.80 -31.52 23.11
CA MET I 395 -67.97 -30.78 24.36
C MET I 395 -66.77 -30.87 25.28
N HIS I 396 -66.10 -32.02 25.36
CA HIS I 396 -65.01 -32.18 26.30
C HIS I 396 -63.62 -32.02 25.70
N THR I 397 -63.45 -32.26 24.42
CA THR I 397 -62.14 -32.08 23.83
C THR I 397 -61.86 -30.61 23.57
N THR I 398 -60.58 -30.30 23.37
CA THR I 398 -60.17 -28.95 23.01
C THR I 398 -60.56 -28.65 21.56
N THR I 399 -60.36 -27.40 21.17
CA THR I 399 -60.66 -26.98 19.81
C THR I 399 -59.45 -26.99 18.90
N SER I 400 -58.25 -26.77 19.44
CA SER I 400 -57.01 -26.80 18.68
C SER I 400 -56.13 -27.88 19.28
N PRO I 401 -56.22 -29.11 18.78
CA PRO I 401 -55.48 -30.21 19.40
C PRO I 401 -54.02 -30.25 18.96
N HIS I 402 -53.25 -31.02 19.71
CA HIS I 402 -51.85 -31.25 19.38
C HIS I 402 -51.78 -32.33 18.31
N TYR I 403 -51.41 -31.95 17.09
CA TYR I 403 -51.42 -32.91 15.99
C TYR I 403 -50.35 -33.98 16.12
N GLY I 404 -49.33 -33.75 16.94
CA GLY I 404 -48.40 -34.83 17.24
C GLY I 404 -49.07 -35.96 18.00
N ILE I 405 -49.93 -35.61 18.96
CA ILE I 405 -50.67 -36.62 19.71
C ILE I 405 -51.65 -37.37 18.81
N VAL I 406 -52.33 -36.64 17.92
CA VAL I 406 -53.27 -37.25 16.99
C VAL I 406 -52.57 -38.19 16.02
N ALA I 407 -51.44 -37.74 15.46
CA ALA I 407 -50.66 -38.58 14.56
C ALA I 407 -50.11 -39.79 15.27
N SER I 408 -49.68 -39.65 16.53
CA SER I 408 -49.22 -40.78 17.30
C SER I 408 -50.36 -41.75 17.61
N THR I 409 -51.55 -41.21 17.87
CA THR I 409 -52.72 -42.04 18.14
C THR I 409 -53.07 -42.90 16.94
N GLU I 410 -53.01 -42.33 15.73
CA GLU I 410 -53.28 -43.13 14.55
C GLU I 410 -52.13 -44.07 14.21
N THR I 411 -50.89 -43.61 14.36
CA THR I 411 -49.73 -44.45 14.05
C THR I 411 -49.64 -45.64 15.00
N ALA I 412 -50.17 -45.54 16.21
CA ALA I 412 -50.22 -46.68 17.09
C ALA I 412 -51.05 -47.82 16.51
N ALA I 413 -52.21 -47.50 15.93
CA ALA I 413 -52.98 -48.54 15.26
C ALA I 413 -52.30 -48.98 13.97
N ALA I 414 -51.64 -48.05 13.28
CA ALA I 414 -50.94 -48.40 12.05
C ALA I 414 -49.75 -49.33 12.30
N MET I 415 -49.20 -49.33 13.50
CA MET I 415 -48.16 -50.29 13.88
C MET I 415 -48.70 -51.71 14.05
N MET I 416 -50.02 -51.89 14.02
CA MET I 416 -50.61 -53.18 14.32
C MET I 416 -51.26 -53.86 13.13
N LYS I 417 -51.32 -53.20 11.97
CA LYS I 417 -51.81 -53.85 10.76
C LYS I 417 -50.70 -54.65 10.12
N GLY I 418 -51.05 -55.77 9.51
CA GLY I 418 -50.12 -56.59 8.78
C GLY I 418 -49.56 -57.70 9.64
N ASN I 419 -48.37 -58.16 9.25
CA ASN I 419 -47.68 -59.20 9.99
C ASN I 419 -46.79 -58.63 11.08
N ALA I 420 -46.34 -57.39 10.93
CA ALA I 420 -45.47 -56.78 11.93
C ALA I 420 -46.19 -56.56 13.26
N GLY I 421 -47.45 -56.13 13.22
CA GLY I 421 -48.19 -55.92 14.46
C GLY I 421 -48.49 -57.22 15.18
N LYS I 422 -48.88 -58.25 14.44
CA LYS I 422 -49.08 -59.56 15.03
C LYS I 422 -47.79 -60.10 15.62
N ARG I 423 -46.67 -59.89 14.93
CA ARG I 423 -45.38 -60.29 15.47
C ARG I 423 -45.03 -59.51 16.73
N LEU I 424 -45.35 -58.22 16.79
CA LEU I 424 -45.13 -57.43 18.00
C LEU I 424 -45.92 -57.98 19.18
N ILE I 425 -47.22 -58.18 18.99
CA ILE I 425 -48.06 -58.61 20.10
C ILE I 425 -47.68 -60.02 20.56
N ASN I 426 -47.47 -60.94 19.62
CA ASN I 426 -47.09 -62.30 19.98
C ASN I 426 -45.70 -62.33 20.62
N GLY I 427 -44.76 -61.50 20.15
CA GLY I 427 -43.47 -61.45 20.78
C GLY I 427 -43.53 -60.90 22.19
N SER I 428 -44.35 -59.88 22.41
CA SER I 428 -44.51 -59.33 23.76
C SER I 428 -45.12 -60.34 24.71
N ILE I 429 -46.16 -61.06 24.27
CA ILE I 429 -46.80 -62.05 25.12
C ILE I 429 -45.86 -63.22 25.41
N GLU I 430 -45.14 -63.69 24.38
CA GLU I 430 -44.20 -64.79 24.58
C GLU I 430 -43.04 -64.39 25.48
N ARG I 431 -42.53 -63.16 25.33
CA ARG I 431 -41.49 -62.67 26.22
C ARG I 431 -41.99 -62.55 27.65
N ALA I 432 -43.23 -62.11 27.84
CA ALA I 432 -43.79 -62.05 29.18
C ALA I 432 -43.91 -63.44 29.80
N ILE I 433 -44.36 -64.42 29.01
CA ILE I 433 -44.51 -65.78 29.52
C ILE I 433 -43.16 -66.40 29.86
N LYS I 434 -42.14 -66.14 29.03
CA LYS I 434 -40.81 -66.66 29.31
C LYS I 434 -40.18 -66.01 30.53
N PHE I 435 -40.42 -64.71 30.74
CA PHE I 435 -39.99 -64.06 31.97
C PHE I 435 -40.67 -64.67 33.18
N ARG I 436 -41.97 -64.96 33.06
CA ARG I 436 -42.70 -65.58 34.16
C ARG I 436 -42.16 -66.98 34.48
N LYS I 437 -41.83 -67.75 33.44
CA LYS I 437 -41.28 -69.08 33.68
C LYS I 437 -39.92 -69.01 34.36
N GLU I 438 -39.02 -68.10 33.95
CA GLU I 438 -37.82 -68.06 34.78
C GLU I 438 -37.97 -67.39 36.13
N ILE I 439 -38.94 -66.51 36.35
CA ILE I 439 -38.97 -66.00 37.71
C ILE I 439 -39.47 -67.08 38.67
N LYS I 440 -40.42 -67.93 38.24
CA LYS I 440 -40.70 -69.11 39.06
C LYS I 440 -39.55 -70.11 39.06
N ARG I 441 -38.73 -70.16 38.01
CA ARG I 441 -37.59 -71.08 38.04
C ARG I 441 -36.49 -70.61 38.98
N LEU I 442 -36.17 -69.33 38.97
CA LEU I 442 -35.19 -68.74 39.88
C LEU I 442 -35.68 -68.77 41.32
N ARG I 443 -37.00 -68.78 41.54
CA ARG I 443 -37.49 -68.98 42.89
C ARG I 443 -37.09 -70.34 43.44
N THR I 444 -37.21 -71.39 42.63
CA THR I 444 -36.82 -72.72 43.08
C THR I 444 -35.34 -72.99 42.89
N GLU I 445 -34.61 -72.10 42.22
CA GLU I 445 -33.17 -72.28 42.07
C GLU I 445 -32.39 -71.64 43.21
N SER I 446 -32.89 -70.54 43.74
CA SER I 446 -32.14 -69.77 44.72
C SER I 446 -32.22 -70.40 46.10
N ASP I 447 -31.41 -69.86 47.01
CA ASP I 447 -31.40 -70.27 48.40
C ASP I 447 -32.21 -69.30 49.25
N GLY I 448 -32.87 -69.83 50.27
CA GLY I 448 -33.67 -68.98 51.16
C GLY I 448 -34.87 -68.41 50.45
N TRP I 449 -35.04 -67.10 50.55
CA TRP I 449 -36.18 -66.42 49.98
C TRP I 449 -35.90 -65.99 48.54
N PHE I 450 -36.96 -65.78 47.79
CA PHE I 450 -36.87 -65.16 46.48
C PHE I 450 -38.22 -64.55 46.13
N PHE I 451 -38.21 -63.70 45.10
CA PHE I 451 -39.42 -63.09 44.61
C PHE I 451 -40.33 -64.14 43.99
N ASP I 452 -41.60 -64.12 44.40
CA ASP I 452 -42.64 -64.93 43.80
C ASP I 452 -43.38 -64.06 42.81
N VAL I 453 -44.09 -64.70 41.87
CA VAL I 453 -44.95 -63.98 40.94
C VAL I 453 -46.35 -64.59 40.97
N TRP I 454 -47.34 -63.72 41.12
CA TRP I 454 -48.71 -64.05 41.42
C TRP I 454 -49.36 -64.55 40.13
N GLN I 455 -49.23 -65.85 39.89
CA GLN I 455 -49.63 -66.48 38.64
C GLN I 455 -49.87 -67.96 38.91
N PRO I 456 -50.60 -68.67 38.03
CA PRO I 456 -50.85 -70.09 38.25
C PRO I 456 -49.56 -70.90 38.31
N ASP I 457 -49.61 -71.98 39.10
CA ASP I 457 -48.42 -72.79 39.36
C ASP I 457 -47.89 -73.48 38.11
N HIS I 458 -48.76 -73.84 37.18
CA HIS I 458 -48.35 -74.43 35.91
C HIS I 458 -48.84 -73.53 34.78
N ILE I 459 -47.92 -72.77 34.21
CA ILE I 459 -48.17 -72.01 32.98
C ILE I 459 -47.14 -72.42 31.94
N ASP I 460 -47.62 -72.87 30.80
CA ASP I 460 -46.73 -73.16 29.69
C ASP I 460 -47.36 -72.88 28.33
N THR I 461 -48.58 -72.39 28.28
CA THR I 461 -49.28 -72.10 27.03
C THR I 461 -49.57 -70.61 26.94
N THR I 462 -49.72 -70.13 25.72
CA THR I 462 -49.95 -68.71 25.47
C THR I 462 -51.46 -68.47 25.48
N GLU I 463 -51.99 -68.33 26.68
CA GLU I 463 -53.41 -68.03 26.87
C GLU I 463 -53.56 -67.18 28.11
N CYS I 464 -54.70 -66.48 28.20
CA CYS I 464 -55.07 -65.84 29.44
C CYS I 464 -55.48 -66.91 30.45
N TRP I 465 -54.66 -67.12 31.46
CA TRP I 465 -54.87 -68.25 32.35
C TRP I 465 -56.06 -67.98 33.25
N PRO I 466 -57.10 -68.80 33.19
CA PRO I 466 -58.33 -68.52 33.95
C PRO I 466 -58.12 -68.71 35.44
N LEU I 467 -58.80 -67.87 36.22
CA LEU I 467 -58.73 -67.96 37.67
C LEU I 467 -59.74 -68.99 38.12
N ARG I 468 -59.26 -70.16 38.54
CA ARG I 468 -60.13 -71.28 38.87
C ARG I 468 -60.38 -71.32 40.36
N SER I 469 -61.61 -71.69 40.73
CA SER I 469 -61.97 -71.81 42.13
C SER I 469 -61.27 -72.97 42.82
N ASP I 470 -60.73 -73.93 42.06
CA ASP I 470 -60.09 -75.10 42.62
C ASP I 470 -58.60 -74.89 42.85
N SER I 471 -58.12 -73.65 42.72
CA SER I 471 -56.73 -73.31 42.97
C SER I 471 -56.66 -72.12 43.89
N THR I 472 -55.49 -71.92 44.50
CA THR I 472 -55.36 -70.89 45.53
C THR I 472 -54.21 -69.93 45.26
N TRP I 473 -53.70 -69.86 44.02
CA TRP I 473 -52.64 -68.91 43.73
C TRP I 473 -53.14 -67.48 43.73
N HIS I 474 -54.39 -67.26 43.34
CA HIS I 474 -54.91 -65.91 43.26
C HIS I 474 -55.28 -65.34 44.62
N GLY I 475 -56.01 -66.11 45.43
CA GLY I 475 -56.38 -65.67 46.75
C GLY I 475 -57.81 -65.19 46.90
N PHE I 476 -58.53 -64.96 45.79
CA PHE I 476 -59.92 -64.57 45.86
C PHE I 476 -60.75 -65.80 46.23
N LYS I 477 -61.33 -65.79 47.42
CA LYS I 477 -62.07 -66.94 47.92
C LYS I 477 -63.44 -67.03 47.26
N ASN I 478 -63.85 -68.28 46.99
CA ASN I 478 -65.16 -68.60 46.40
C ASN I 478 -65.38 -67.89 45.07
N ILE I 479 -64.31 -67.81 44.28
CA ILE I 479 -64.36 -67.11 43.00
C ILE I 479 -65.13 -67.95 41.99
N ASP I 480 -65.76 -67.26 41.04
CA ASP I 480 -66.56 -67.92 40.02
C ASP I 480 -65.68 -68.36 38.86
N ASN I 481 -65.97 -69.55 38.31
CA ASN I 481 -65.15 -70.14 37.27
C ASN I 481 -65.47 -69.51 35.92
N GLU I 482 -64.40 -69.25 35.15
CA GLU I 482 -64.45 -68.48 33.90
C GLU I 482 -65.18 -67.16 34.08
N HIS I 483 -64.62 -66.32 34.94
CA HIS I 483 -65.00 -64.93 35.04
C HIS I 483 -63.74 -64.09 35.00
N MET I 484 -62.61 -64.67 35.36
CA MET I 484 -61.34 -63.96 35.40
C MET I 484 -60.29 -64.68 34.56
N TYR I 485 -59.46 -63.87 33.92
CA TYR I 485 -58.42 -64.31 33.01
C TYR I 485 -57.20 -63.43 33.23
N LEU I 486 -56.09 -64.04 33.64
CA LEU I 486 -54.89 -63.27 33.90
C LEU I 486 -54.26 -62.80 32.61
N ASP I 487 -53.94 -61.53 32.55
CA ASP I 487 -53.20 -61.01 31.40
C ASP I 487 -51.72 -61.32 31.59
N PRO I 488 -51.10 -62.08 30.66
CA PRO I 488 -49.71 -62.48 30.87
C PRO I 488 -48.70 -61.35 30.89
N ILE I 489 -49.00 -60.20 30.29
CA ILE I 489 -47.98 -59.16 30.16
C ILE I 489 -47.97 -58.18 31.32
N LYS I 490 -48.92 -58.26 32.24
CA LYS I 490 -48.90 -57.44 33.44
C LYS I 490 -48.40 -58.28 34.60
N VAL I 491 -47.08 -58.43 34.66
CA VAL I 491 -46.44 -59.32 35.62
C VAL I 491 -46.44 -58.64 36.98
N THR I 492 -47.02 -59.31 37.97
CA THR I 492 -47.08 -58.82 39.34
C THR I 492 -46.13 -59.67 40.18
N LEU I 493 -44.94 -59.16 40.45
CA LEU I 493 -44.04 -59.83 41.35
C LEU I 493 -44.56 -59.77 42.77
N LEU I 494 -44.05 -60.67 43.61
CA LEU I 494 -44.40 -60.69 45.02
C LEU I 494 -43.11 -60.74 45.82
N THR I 495 -43.17 -60.20 47.02
CA THR I 495 -42.07 -60.21 47.95
C THR I 495 -42.42 -61.05 49.16
N PRO I 496 -41.42 -61.53 49.90
CA PRO I 496 -41.72 -62.29 51.12
C PRO I 496 -42.44 -61.45 52.16
N GLY I 497 -43.24 -62.14 52.97
CA GLY I 497 -44.02 -61.49 54.01
C GLY I 497 -45.41 -62.07 54.14
N MET I 498 -45.91 -62.67 53.07
CA MET I 498 -47.25 -63.23 53.04
C MET I 498 -47.17 -64.74 52.92
N GLU I 499 -48.01 -65.44 53.68
CA GLU I 499 -48.18 -66.85 53.48
C GLU I 499 -49.25 -67.09 52.40
N LYS I 500 -49.41 -68.35 52.01
CA LYS I 500 -50.31 -68.67 50.90
C LYS I 500 -51.78 -68.58 51.32
N ASP I 501 -52.08 -68.86 52.59
CA ASP I 501 -53.47 -68.80 53.06
C ASP I 501 -53.95 -67.40 53.35
N GLY I 502 -53.06 -66.41 53.35
CA GLY I 502 -53.41 -65.02 53.58
C GLY I 502 -52.79 -64.41 54.82
N THR I 503 -52.37 -65.21 55.79
CA THR I 503 -51.74 -64.68 56.98
C THR I 503 -50.34 -64.18 56.67
N MET I 504 -49.79 -63.38 57.58
CA MET I 504 -48.48 -62.79 57.37
C MET I 504 -47.39 -63.69 57.93
N SER I 505 -46.25 -63.68 57.26
CA SER I 505 -45.07 -64.40 57.72
C SER I 505 -44.32 -63.54 58.75
N ASP I 506 -43.14 -64.00 59.14
CA ASP I 506 -42.28 -63.22 60.02
C ASP I 506 -41.19 -62.48 59.28
N PHE I 507 -40.50 -63.13 58.36
CA PHE I 507 -39.49 -62.49 57.53
C PHE I 507 -40.15 -61.93 56.27
N GLY I 508 -39.91 -60.66 56.00
CA GLY I 508 -40.54 -60.04 54.86
C GLY I 508 -39.86 -58.75 54.45
N ILE I 509 -40.07 -58.39 53.18
CA ILE I 509 -39.61 -57.13 52.63
C ILE I 509 -40.82 -56.47 51.97
N PRO I 510 -41.29 -55.34 52.48
CA PRO I 510 -42.33 -54.61 51.74
C PRO I 510 -41.78 -54.04 50.44
N ALA I 511 -42.65 -53.97 49.44
CA ALA I 511 -42.26 -53.70 48.07
C ALA I 511 -41.75 -52.28 47.83
N SER I 512 -41.91 -51.38 48.80
CA SER I 512 -41.38 -50.04 48.66
C SER I 512 -39.86 -50.03 48.59
N ILE I 513 -39.20 -50.85 49.41
CA ILE I 513 -37.74 -50.95 49.38
C ILE I 513 -37.25 -51.50 48.05
N VAL I 514 -37.92 -52.54 47.53
CA VAL I 514 -37.53 -53.10 46.24
C VAL I 514 -37.73 -52.10 45.13
N ALA I 515 -38.85 -51.36 45.14
CA ALA I 515 -39.10 -50.36 44.11
C ALA I 515 -38.07 -49.22 44.19
N LYS I 516 -37.73 -48.78 45.41
CA LYS I 516 -36.73 -47.73 45.55
C LYS I 516 -35.35 -48.21 45.10
N TYR I 517 -35.02 -49.48 45.37
CA TYR I 517 -33.75 -49.99 44.92
C TYR I 517 -33.70 -50.05 43.40
N LEU I 518 -34.79 -50.51 42.78
CA LEU I 518 -34.84 -50.57 41.31
C LEU I 518 -34.75 -49.19 40.70
N ASP I 519 -35.41 -48.20 41.32
CA ASP I 519 -35.28 -46.82 40.89
C ASP I 519 -33.85 -46.31 41.06
N GLU I 520 -33.15 -46.74 42.09
CA GLU I 520 -31.76 -46.37 42.25
C GLU I 520 -30.91 -46.94 41.11
N HIS I 521 -31.17 -48.17 40.71
CA HIS I 521 -30.41 -48.80 39.65
C HIS I 521 -30.98 -48.55 38.26
N GLY I 522 -31.88 -47.58 38.13
CA GLY I 522 -32.26 -47.11 36.81
C GLY I 522 -33.29 -47.94 36.08
N ILE I 523 -34.19 -48.60 36.80
CA ILE I 523 -35.37 -49.23 36.21
C ILE I 523 -36.59 -48.84 37.04
N VAL I 524 -37.69 -48.55 36.37
CA VAL I 524 -38.84 -47.93 37.01
C VAL I 524 -39.98 -48.95 37.10
N VAL I 525 -40.56 -49.07 38.29
CA VAL I 525 -41.72 -49.91 38.52
C VAL I 525 -42.96 -49.05 38.33
N GLU I 526 -44.03 -49.65 37.80
CA GLU I 526 -45.27 -48.92 37.53
C GLU I 526 -45.88 -48.37 38.81
N LYS I 527 -46.37 -49.24 39.71
CA LYS I 527 -46.83 -48.85 41.04
C LYS I 527 -46.80 -50.08 41.93
N THR I 528 -46.52 -49.88 43.21
CA THR I 528 -46.37 -50.96 44.17
C THR I 528 -47.41 -50.84 45.27
N GLY I 529 -47.83 -51.98 45.80
CA GLY I 529 -48.63 -52.01 47.00
C GLY I 529 -47.77 -52.33 48.20
N PRO I 530 -48.31 -53.08 49.15
CA PRO I 530 -47.52 -53.46 50.32
C PRO I 530 -46.45 -54.49 50.00
N TYR I 531 -46.79 -55.52 49.23
CA TYR I 531 -45.86 -56.60 48.95
C TYR I 531 -45.96 -57.06 47.50
N ASN I 532 -46.33 -56.18 46.58
CA ASN I 532 -46.37 -56.55 45.19
C ASN I 532 -45.80 -55.43 44.33
N LEU I 533 -45.21 -55.82 43.20
CA LEU I 533 -44.78 -54.90 42.16
C LEU I 533 -45.67 -55.09 40.95
N LEU I 534 -45.39 -54.33 39.90
CA LEU I 534 -46.13 -54.49 38.64
C LEU I 534 -45.22 -54.07 37.51
N PHE I 535 -45.14 -54.87 36.45
CA PHE I 535 -44.28 -54.53 35.33
C PHE I 535 -45.06 -54.68 34.05
N LEU I 536 -45.25 -53.59 33.33
CA LEU I 536 -45.96 -53.59 32.06
C LEU I 536 -45.02 -54.15 30.99
N PHE I 537 -45.30 -55.36 30.52
CA PHE I 537 -44.52 -55.93 29.42
C PHE I 537 -45.25 -55.59 28.12
N SER I 538 -45.17 -54.31 27.74
CA SER I 538 -45.83 -53.83 26.54
C SER I 538 -45.00 -54.22 25.32
N ILE I 539 -45.35 -53.66 24.16
CA ILE I 539 -44.61 -53.95 22.93
C ILE I 539 -43.23 -53.35 22.93
N GLY I 540 -42.94 -52.41 23.82
CA GLY I 540 -41.61 -51.84 23.88
C GLY I 540 -40.58 -52.72 24.55
N ILE I 541 -41.01 -53.67 25.37
CA ILE I 541 -40.08 -54.47 26.17
C ILE I 541 -39.41 -55.50 25.29
N ASP I 542 -38.08 -55.46 25.24
CA ASP I 542 -37.27 -56.51 24.64
C ASP I 542 -36.49 -57.22 25.74
N LYS I 543 -35.68 -58.22 25.34
CA LYS I 543 -34.99 -59.04 26.32
C LYS I 543 -33.88 -58.30 27.05
N THR I 544 -33.40 -57.18 26.51
CA THR I 544 -32.42 -56.36 27.22
C THR I 544 -33.01 -55.83 28.53
N LYS I 545 -34.18 -55.21 28.44
CA LYS I 545 -34.84 -54.67 29.62
C LYS I 545 -35.26 -55.77 30.57
N ALA I 546 -35.77 -56.88 30.05
CA ALA I 546 -36.20 -57.99 30.90
C ALA I 546 -35.03 -58.58 31.67
N LEU I 547 -33.89 -58.78 31.01
CA LEU I 547 -32.72 -59.32 31.70
C LEU I 547 -32.15 -58.32 32.70
N SER I 548 -32.15 -57.03 32.37
CA SER I 548 -31.70 -56.02 33.32
C SER I 548 -32.59 -55.99 34.55
N LEU I 549 -33.90 -56.15 34.38
CA LEU I 549 -34.80 -56.20 35.52
C LEU I 549 -34.55 -57.42 36.39
N LEU I 550 -34.40 -58.59 35.75
CA LEU I 550 -34.19 -59.82 36.50
C LEU I 550 -32.89 -59.75 37.29
N ARG I 551 -31.94 -59.03 36.70
CA ARG I 551 -30.57 -58.87 37.24
C ARG I 551 -30.40 -57.61 38.12
N ALA I 552 -31.44 -56.80 38.29
CA ALA I 552 -31.60 -55.86 39.38
C ALA I 552 -32.27 -56.53 40.58
N LEU I 553 -33.22 -57.44 40.30
CA LEU I 553 -33.81 -58.26 41.35
C LEU I 553 -32.76 -59.14 42.04
N THR I 554 -31.90 -59.79 41.24
CA THR I 554 -30.87 -60.65 41.81
C THR I 554 -29.83 -59.86 42.61
N ASP I 555 -29.40 -58.71 42.11
CA ASP I 555 -28.46 -57.88 42.85
C ASP I 555 -29.06 -57.34 44.13
N PHE I 556 -30.37 -57.07 44.13
CA PHE I 556 -31.03 -56.73 45.38
C PHE I 556 -31.00 -57.90 46.35
N LYS I 557 -31.22 -59.12 45.86
CA LYS I 557 -31.16 -60.28 46.73
C LYS I 557 -29.77 -60.45 47.34
N ARG I 558 -28.74 -60.27 46.53
CA ARG I 558 -27.36 -60.40 47.03
C ARG I 558 -27.03 -59.29 48.03
N ALA I 559 -27.46 -58.06 47.75
CA ALA I 559 -27.21 -56.95 48.65
C ALA I 559 -28.02 -57.03 49.93
N PHE I 560 -29.18 -57.69 49.91
CA PHE I 560 -29.97 -57.87 51.11
C PHE I 560 -29.46 -59.02 51.97
N ASP I 561 -29.00 -60.11 51.35
CA ASP I 561 -28.37 -61.17 52.12
C ASP I 561 -27.05 -60.71 52.72
N LEU I 562 -26.27 -59.92 51.97
CA LEU I 562 -25.05 -59.34 52.52
C LEU I 562 -25.34 -58.25 53.54
N ASN I 563 -26.55 -57.70 53.52
CA ASN I 563 -27.04 -56.68 54.46
C ASN I 563 -26.15 -55.43 54.42
N LEU I 564 -26.14 -54.80 53.24
CA LEU I 564 -25.43 -53.54 53.08
C LEU I 564 -26.18 -52.41 53.78
N ARG I 565 -25.46 -51.34 54.08
CA ARG I 565 -26.06 -50.21 54.76
C ARG I 565 -26.94 -49.42 53.79
N VAL I 566 -27.85 -48.63 54.38
CA VAL I 566 -28.76 -47.80 53.59
C VAL I 566 -27.98 -46.72 52.84
N LYS I 567 -26.91 -46.20 53.45
CA LYS I 567 -26.12 -45.14 52.83
C LYS I 567 -25.46 -45.59 51.53
N ASN I 568 -24.88 -46.79 51.51
CA ASN I 568 -24.23 -47.26 50.30
C ASN I 568 -25.23 -47.73 49.25
N MET I 569 -26.29 -48.43 49.65
CA MET I 569 -27.15 -49.08 48.67
C MET I 569 -28.24 -48.14 48.16
N LEU I 570 -28.81 -47.32 49.06
CA LEU I 570 -29.91 -46.42 48.70
C LEU I 570 -29.51 -44.99 49.06
N PRO I 571 -28.64 -44.36 48.27
CA PRO I 571 -28.32 -42.95 48.53
C PRO I 571 -29.49 -42.01 48.30
N SER I 572 -30.39 -42.33 47.37
CA SER I 572 -31.56 -41.49 47.15
C SER I 572 -32.52 -41.51 48.33
N LEU I 573 -32.60 -42.63 49.04
CA LEU I 573 -33.34 -42.70 50.28
C LEU I 573 -32.52 -42.20 51.47
N TYR I 574 -31.19 -42.31 51.38
CA TYR I 574 -30.32 -41.75 52.39
C TYR I 574 -30.45 -40.23 52.46
N ARG I 575 -30.58 -39.58 51.31
CA ARG I 575 -30.69 -38.12 51.25
C ARG I 575 -32.04 -37.60 51.77
N GLU I 576 -33.00 -38.48 52.01
CA GLU I 576 -34.27 -38.03 52.58
C GLU I 576 -34.08 -37.48 53.99
N ASP I 577 -33.31 -38.18 54.83
CA ASP I 577 -32.90 -37.66 56.13
C ASP I 577 -31.62 -38.38 56.53
N PRO I 578 -30.46 -37.81 56.21
CA PRO I 578 -29.18 -38.50 56.51
C PRO I 578 -28.94 -38.76 57.99
N GLU I 579 -29.55 -37.99 58.88
CA GLU I 579 -29.37 -38.23 60.31
C GLU I 579 -30.02 -39.54 60.74
N PHE I 580 -31.14 -39.91 60.12
CA PHE I 580 -31.87 -41.11 60.52
C PHE I 580 -31.30 -42.38 59.91
N TYR I 581 -30.96 -42.35 58.63
CA TYR I 581 -30.46 -43.52 57.91
C TYR I 581 -28.95 -43.63 57.94
N GLU I 582 -28.29 -43.07 58.96
CA GLU I 582 -26.84 -43.06 58.98
C GLU I 582 -26.27 -44.42 59.32
N ASN I 583 -26.73 -45.03 60.42
CA ASN I 583 -26.21 -46.29 60.92
C ASN I 583 -27.25 -47.38 60.92
N MET I 584 -28.03 -47.47 59.84
CA MET I 584 -29.08 -48.47 59.72
C MET I 584 -28.79 -49.40 58.57
N ARG I 585 -28.91 -50.70 58.83
CA ARG I 585 -28.75 -51.72 57.80
C ARG I 585 -30.09 -51.95 57.09
N ILE I 586 -30.02 -52.56 55.91
CA ILE I 586 -31.24 -52.76 55.15
C ILE I 586 -32.13 -53.84 55.75
N GLN I 587 -31.53 -54.88 56.36
CA GLN I 587 -32.33 -55.91 57.01
C GLN I 587 -33.09 -55.35 58.20
N GLU I 588 -32.46 -54.46 58.98
CA GLU I 588 -33.16 -53.83 60.09
C GLU I 588 -34.31 -52.96 59.61
N LEU I 589 -34.10 -52.20 58.52
CA LEU I 589 -35.15 -51.34 57.98
C LEU I 589 -36.32 -52.16 57.45
N ALA I 590 -36.04 -53.22 56.69
CA ALA I 590 -37.09 -54.07 56.16
C ALA I 590 -37.84 -54.78 57.28
N GLN I 591 -37.10 -55.27 58.28
CA GLN I 591 -37.74 -55.92 59.42
C GLN I 591 -38.60 -54.94 60.20
N ASN I 592 -38.15 -53.69 60.34
CA ASN I 592 -38.92 -52.71 61.08
C ASN I 592 -40.21 -52.33 60.37
N ILE I 593 -40.16 -52.10 59.06
CA ILE I 593 -41.39 -51.77 58.35
C ILE I 593 -42.32 -52.97 58.29
N HIS I 594 -41.76 -54.18 58.14
CA HIS I 594 -42.58 -55.38 58.17
C HIS I 594 -43.24 -55.58 59.53
N LYS I 595 -42.53 -55.29 60.62
CA LYS I 595 -43.12 -55.40 61.95
C LYS I 595 -44.18 -54.33 62.17
N LEU I 596 -43.99 -53.13 61.60
CA LEU I 596 -45.02 -52.11 61.66
C LEU I 596 -46.28 -52.55 60.91
N ILE I 597 -46.11 -53.26 59.81
CA ILE I 597 -47.27 -53.79 59.10
C ILE I 597 -47.93 -54.92 59.90
N VAL I 598 -47.13 -55.84 60.45
CA VAL I 598 -47.66 -56.99 61.18
C VAL I 598 -48.37 -56.59 62.47
N HIS I 599 -47.74 -55.77 63.31
CA HIS I 599 -48.32 -55.42 64.61
C HIS I 599 -49.60 -54.61 64.46
N HIS I 600 -49.66 -53.76 63.46
CA HIS I 600 -50.87 -52.99 63.17
C HIS I 600 -51.88 -53.77 62.33
N ASN I 601 -51.50 -54.96 61.84
CA ASN I 601 -52.36 -55.86 61.10
C ASN I 601 -52.94 -55.19 59.85
N LEU I 602 -52.03 -54.84 58.93
CA LEU I 602 -52.44 -54.11 57.73
C LEU I 602 -53.37 -54.88 56.80
N PRO I 603 -53.08 -56.14 56.38
CA PRO I 603 -53.95 -56.76 55.37
C PRO I 603 -55.35 -57.07 55.85
N ASP I 604 -55.52 -57.44 57.12
CA ASP I 604 -56.87 -57.71 57.62
C ASP I 604 -57.71 -56.44 57.66
N LEU I 605 -57.12 -55.32 58.08
CA LEU I 605 -57.81 -54.05 58.04
C LEU I 605 -58.10 -53.61 56.62
N MET I 606 -57.14 -53.79 55.71
CA MET I 606 -57.33 -53.41 54.31
C MET I 606 -58.40 -54.25 53.64
N TYR I 607 -58.56 -55.49 54.09
CA TYR I 607 -59.65 -56.33 53.59
C TYR I 607 -60.99 -55.88 54.14
N ARG I 608 -61.11 -55.84 55.48
CA ARG I 608 -62.38 -55.55 56.13
C ARG I 608 -62.86 -54.11 55.91
N ALA I 609 -61.96 -53.20 55.52
CA ALA I 609 -62.40 -51.85 55.18
C ALA I 609 -63.08 -51.78 53.83
N PHE I 610 -62.64 -52.60 52.87
CA PHE I 610 -63.24 -52.59 51.54
C PHE I 610 -64.36 -53.60 51.38
N GLU I 611 -64.58 -54.47 52.35
CA GLU I 611 -65.76 -55.33 52.31
C GLU I 611 -67.01 -54.64 52.85
N VAL I 612 -66.90 -53.41 53.35
CA VAL I 612 -68.05 -52.67 53.84
C VAL I 612 -68.13 -51.35 53.08
N LEU I 613 -69.32 -51.09 52.52
CA LEU I 613 -69.59 -49.90 51.73
C LEU I 613 -70.07 -48.75 52.62
N PRO I 614 -69.47 -47.56 52.48
CA PRO I 614 -69.96 -46.40 53.23
C PRO I 614 -71.36 -46.00 52.80
N THR I 615 -72.11 -45.43 53.75
CA THR I 615 -73.50 -45.08 53.54
C THR I 615 -73.62 -43.85 52.65
N MET I 616 -74.33 -43.97 51.54
CA MET I 616 -74.55 -42.87 50.61
C MET I 616 -75.65 -41.97 51.15
N VAL I 617 -75.26 -40.83 51.74
CA VAL I 617 -76.26 -39.85 52.16
C VAL I 617 -76.80 -39.09 50.96
N MET I 618 -75.91 -38.62 50.09
CA MET I 618 -76.31 -37.86 48.91
C MET I 618 -75.40 -38.21 47.75
N THR I 619 -75.89 -37.92 46.55
CA THR I 619 -75.14 -38.18 45.33
C THR I 619 -73.88 -37.31 45.29
N PRO I 620 -72.80 -37.79 44.66
CA PRO I 620 -71.57 -36.98 44.57
C PRO I 620 -71.75 -35.66 43.84
N TYR I 621 -72.73 -35.55 42.94
CA TYR I 621 -73.05 -34.27 42.33
C TYR I 621 -73.51 -33.27 43.38
N ALA I 622 -74.37 -33.72 44.31
CA ALA I 622 -74.80 -32.85 45.40
C ALA I 622 -73.66 -32.53 46.35
N ALA I 623 -72.74 -33.48 46.55
CA ALA I 623 -71.56 -33.21 47.36
C ALA I 623 -70.69 -32.13 46.74
N PHE I 624 -70.49 -32.19 45.42
CA PHE I 624 -69.74 -31.14 44.74
C PHE I 624 -70.48 -29.81 44.77
N GLN I 625 -71.82 -29.84 44.69
CA GLN I 625 -72.60 -28.62 44.78
C GLN I 625 -72.46 -27.96 46.15
N LYS I 626 -72.51 -28.76 47.21
CA LYS I 626 -72.31 -28.21 48.55
C LYS I 626 -70.86 -27.81 48.79
N GLU I 627 -69.91 -28.44 48.08
CA GLU I 627 -68.52 -28.05 48.22
C GLU I 627 -68.25 -26.71 47.55
N LEU I 628 -68.88 -26.45 46.40
CA LEU I 628 -68.70 -25.18 45.72
C LEU I 628 -69.27 -23.99 46.50
N HIS I 629 -70.29 -24.20 47.31
CA HIS I 629 -70.92 -23.13 48.07
C HIS I 629 -70.19 -22.83 49.38
N GLY I 630 -69.02 -23.41 49.58
CA GLY I 630 -68.24 -23.12 50.78
C GLY I 630 -68.79 -23.74 52.04
N MET I 631 -69.54 -24.83 51.93
CA MET I 631 -70.13 -25.50 53.08
C MET I 631 -69.23 -26.62 53.61
N THR I 632 -67.92 -26.50 53.44
CA THR I 632 -66.97 -27.54 53.82
C THR I 632 -66.10 -27.06 54.97
N GLU I 633 -65.92 -27.93 55.96
CA GLU I 633 -65.01 -27.69 57.07
C GLU I 633 -64.03 -28.83 57.18
N GLU I 634 -62.86 -28.55 57.73
CA GLU I 634 -61.79 -29.54 57.84
C GLU I 634 -61.76 -30.03 59.29
N VAL I 635 -62.50 -31.10 59.55
CA VAL I 635 -62.50 -31.74 60.86
C VAL I 635 -61.30 -32.70 60.85
N TYR I 636 -60.81 -33.07 62.03
CA TYR I 636 -59.70 -34.02 62.08
C TYR I 636 -60.20 -35.42 61.74
N LEU I 637 -59.23 -36.32 61.56
CA LEU I 637 -59.53 -37.64 61.02
C LEU I 637 -60.38 -38.48 61.98
N ASP I 638 -60.11 -38.40 63.28
CA ASP I 638 -60.76 -39.26 64.26
C ASP I 638 -62.24 -38.95 64.43
N GLU I 639 -62.66 -37.72 64.21
CA GLU I 639 -64.04 -37.29 64.47
C GLU I 639 -64.84 -37.19 63.16
N MET I 640 -64.58 -38.10 62.23
CA MET I 640 -65.18 -38.05 60.91
C MET I 640 -66.39 -38.97 60.76
N VAL I 641 -66.68 -39.81 61.76
CA VAL I 641 -67.87 -40.66 61.68
C VAL I 641 -69.12 -39.81 61.85
N GLY I 642 -70.16 -40.15 61.08
CA GLY I 642 -71.37 -39.37 61.07
C GLY I 642 -71.30 -38.11 60.25
N ARG I 643 -70.20 -37.87 59.54
CA ARG I 643 -70.02 -36.67 58.75
C ARG I 643 -69.98 -37.03 57.26
N ILE I 644 -70.57 -36.17 56.45
CA ILE I 644 -70.65 -36.39 55.01
C ILE I 644 -69.36 -35.89 54.38
N ASN I 645 -68.69 -36.76 53.62
CA ASN I 645 -67.42 -36.42 53.01
C ASN I 645 -67.63 -35.60 51.74
N ALA I 646 -66.80 -34.58 51.57
CA ALA I 646 -66.89 -33.69 50.42
C ALA I 646 -65.87 -34.00 49.33
N ASN I 647 -64.67 -34.43 49.70
CA ASN I 647 -63.65 -34.80 48.75
C ASN I 647 -63.35 -36.29 48.88
N MET I 648 -62.99 -36.89 47.74
CA MET I 648 -62.72 -38.32 47.69
C MET I 648 -61.47 -38.65 48.51
N ILE I 649 -61.52 -39.77 49.23
CA ILE I 649 -60.38 -40.29 49.96
C ILE I 649 -59.82 -41.46 49.18
N LEU I 650 -58.58 -41.32 48.70
CA LEU I 650 -57.94 -42.33 47.87
C LEU I 650 -56.63 -42.75 48.54
N PRO I 651 -56.65 -43.81 49.34
CA PRO I 651 -55.44 -44.22 50.06
C PRO I 651 -54.54 -45.15 49.25
N TYR I 652 -53.23 -44.91 49.35
CA TYR I 652 -52.23 -45.83 48.82
C TYR I 652 -51.52 -46.47 50.00
N PRO I 653 -51.64 -47.79 50.24
CA PRO I 653 -52.35 -48.86 49.52
C PRO I 653 -53.87 -48.74 49.62
N PRO I 654 -54.61 -49.32 48.65
CA PRO I 654 -54.11 -49.99 47.45
C PRO I 654 -54.10 -49.14 46.18
N GLY I 655 -54.99 -48.15 46.09
CA GLY I 655 -55.10 -47.36 44.88
C GLY I 655 -56.48 -47.37 44.27
N VAL I 656 -57.49 -47.62 45.09
CA VAL I 656 -58.87 -47.66 44.64
C VAL I 656 -59.68 -46.73 45.55
N PRO I 657 -60.66 -45.98 45.01
CA PRO I 657 -61.44 -45.06 45.85
C PRO I 657 -62.19 -45.73 47.00
N LEU I 658 -61.82 -45.34 48.22
CA LEU I 658 -62.37 -45.94 49.43
C LEU I 658 -63.63 -45.22 49.89
N VAL I 659 -63.54 -43.92 50.15
CA VAL I 659 -64.69 -43.09 50.49
C VAL I 659 -64.96 -42.15 49.31
N MET I 660 -66.18 -42.19 48.80
CA MET I 660 -66.58 -41.33 47.70
C MET I 660 -67.03 -39.98 48.25
N PRO I 661 -67.03 -38.94 47.41
CA PRO I 661 -67.64 -37.67 47.83
C PRO I 661 -69.14 -37.82 48.02
N GLY I 662 -69.62 -37.47 49.21
CA GLY I 662 -71.03 -37.57 49.53
C GLY I 662 -71.45 -38.78 50.33
N GLU I 663 -70.51 -39.55 50.85
CA GLU I 663 -70.81 -40.76 51.62
C GLU I 663 -70.35 -40.61 53.06
N MET I 664 -71.09 -41.24 53.96
CA MET I 664 -70.88 -41.13 55.39
C MET I 664 -70.27 -42.42 55.92
N ILE I 665 -69.28 -42.29 56.81
CA ILE I 665 -68.77 -43.43 57.54
C ILE I 665 -69.60 -43.62 58.80
N THR I 666 -70.38 -44.69 58.83
CA THR I 666 -71.26 -44.98 59.95
C THR I 666 -70.57 -45.94 60.91
N GLU I 667 -71.28 -46.36 61.96
CA GLU I 667 -70.73 -47.32 62.90
C GLU I 667 -70.56 -48.70 62.27
N GLU I 668 -71.36 -49.02 61.24
CA GLU I 668 -71.18 -50.26 60.51
C GLU I 668 -69.92 -50.25 59.65
N SER I 669 -69.36 -49.07 59.37
CA SER I 669 -68.16 -48.95 58.55
C SER I 669 -66.99 -48.38 59.33
N ARG I 670 -66.97 -48.62 60.65
CA ARG I 670 -65.83 -48.21 61.46
C ARG I 670 -64.47 -48.80 61.03
N PRO I 671 -64.34 -50.04 60.53
CA PRO I 671 -63.02 -50.48 60.03
C PRO I 671 -62.43 -49.61 58.92
N VAL I 672 -63.25 -48.86 58.17
CA VAL I 672 -62.71 -47.85 57.27
C VAL I 672 -61.90 -46.80 58.03
N LEU I 673 -62.49 -46.27 59.11
CA LEU I 673 -61.79 -45.31 59.94
C LEU I 673 -60.59 -45.92 60.62
N GLU I 674 -60.70 -47.17 61.07
CA GLU I 674 -59.55 -47.86 61.67
C GLU I 674 -58.42 -48.03 60.68
N PHE I 675 -58.73 -48.38 59.43
CA PHE I 675 -57.72 -48.52 58.39
C PHE I 675 -57.04 -47.19 58.09
N LEU I 676 -57.83 -46.11 57.99
CA LEU I 676 -57.26 -44.79 57.73
C LEU I 676 -56.35 -44.34 58.86
N GLN I 677 -56.81 -44.51 60.11
CA GLN I 677 -56.00 -44.14 61.26
C GLN I 677 -54.74 -44.99 61.37
N MET I 678 -54.85 -46.29 61.06
CA MET I 678 -53.69 -47.17 61.05
C MET I 678 -52.67 -46.75 60.01
N LEU I 679 -53.15 -46.40 58.81
CA LEU I 679 -52.24 -45.96 57.75
C LEU I 679 -51.54 -44.66 58.12
N CYS I 680 -52.27 -43.72 58.73
CA CYS I 680 -51.64 -42.49 59.20
C CYS I 680 -50.65 -42.76 60.33
N GLU I 681 -50.96 -43.73 61.20
CA GLU I 681 -50.06 -44.05 62.30
C GLU I 681 -48.77 -44.71 61.83
N ILE I 682 -48.86 -45.59 60.82
CA ILE I 682 -47.65 -46.28 60.36
C ILE I 682 -46.84 -45.42 59.40
N GLY I 683 -47.46 -44.44 58.75
CA GLY I 683 -46.69 -43.62 57.83
C GLY I 683 -45.87 -42.52 58.47
N ALA I 684 -46.03 -42.30 59.77
CA ALA I 684 -45.34 -41.22 60.46
C ALA I 684 -44.18 -41.73 61.31
N HIS I 685 -43.50 -42.78 60.87
CA HIS I 685 -42.35 -43.31 61.59
C HIS I 685 -41.06 -43.24 60.78
N TYR I 686 -41.08 -43.72 59.54
CA TYR I 686 -39.86 -43.85 58.75
C TYR I 686 -39.89 -42.91 57.56
N PRO I 687 -38.92 -42.02 57.44
CA PRO I 687 -38.93 -41.05 56.34
C PRO I 687 -38.69 -41.71 55.00
N GLY I 688 -39.24 -41.09 53.96
CA GLY I 688 -39.20 -41.63 52.62
C GLY I 688 -40.30 -42.61 52.30
N PHE I 689 -41.01 -43.10 53.32
CA PHE I 689 -42.13 -44.01 53.13
C PHE I 689 -43.39 -43.32 53.60
N GLU I 690 -43.56 -42.06 53.21
CA GLU I 690 -44.60 -41.19 53.74
C GLU I 690 -45.98 -41.65 53.28
N THR I 691 -46.99 -41.23 54.03
CA THR I 691 -48.36 -41.63 53.77
C THR I 691 -48.86 -40.96 52.49
N ASP I 692 -49.43 -41.76 51.60
CA ASP I 692 -49.95 -41.29 50.32
C ASP I 692 -51.46 -41.52 50.32
N ILE I 693 -52.20 -40.53 50.82
CA ILE I 693 -53.66 -40.55 50.80
C ILE I 693 -54.11 -39.30 50.06
N HIS I 694 -54.84 -39.50 48.96
CA HIS I 694 -55.39 -38.37 48.22
C HIS I 694 -56.74 -38.01 48.82
N GLY I 695 -56.81 -36.86 49.48
CA GLY I 695 -58.01 -36.44 50.15
C GLY I 695 -57.76 -36.02 51.58
N ALA I 696 -56.88 -36.73 52.25
CA ALA I 696 -56.48 -36.39 53.61
C ALA I 696 -55.26 -35.47 53.57
N TYR I 697 -55.34 -34.37 54.31
CA TYR I 697 -54.33 -33.32 54.26
C TYR I 697 -53.50 -33.36 55.52
N ARG I 698 -52.18 -33.39 55.35
CA ARG I 698 -51.27 -33.51 56.48
C ARG I 698 -51.17 -32.18 57.23
N GLN I 699 -51.23 -32.25 58.55
CA GLN I 699 -51.01 -31.10 59.41
C GLN I 699 -49.63 -31.18 60.04
N ALA I 700 -49.26 -30.13 60.77
CA ALA I 700 -47.94 -30.07 61.37
C ALA I 700 -47.80 -30.98 62.57
N ASP I 701 -48.87 -31.16 63.35
CA ASP I 701 -48.79 -31.97 64.56
C ASP I 701 -48.74 -33.46 64.27
N GLY I 702 -49.15 -33.89 63.08
CA GLY I 702 -49.15 -35.29 62.72
C GLY I 702 -50.50 -35.96 62.60
N ARG I 703 -51.60 -35.21 62.73
CA ARG I 703 -52.94 -35.76 62.58
C ARG I 703 -53.59 -35.14 61.36
N TYR I 704 -54.17 -35.98 60.50
CA TYR I 704 -54.64 -35.56 59.19
C TYR I 704 -56.07 -35.03 59.27
N THR I 705 -56.45 -34.26 58.26
CA THR I 705 -57.78 -33.65 58.17
C THR I 705 -58.44 -34.04 56.86
N VAL I 706 -59.76 -34.18 56.89
CA VAL I 706 -60.56 -34.51 55.72
C VAL I 706 -61.68 -33.48 55.60
N LYS I 707 -61.86 -32.92 54.40
CA LYS I 707 -62.90 -31.92 54.17
C LYS I 707 -64.26 -32.60 54.20
N VAL I 708 -65.05 -32.31 55.23
CA VAL I 708 -66.40 -32.82 55.36
C VAL I 708 -67.37 -31.65 55.20
N LEU I 709 -68.66 -31.98 55.10
CA LEU I 709 -69.68 -30.97 54.92
C LEU I 709 -70.16 -30.44 56.26
N LYS I 710 -70.59 -29.18 56.26
CA LYS I 710 -71.11 -28.56 57.47
C LYS I 710 -72.49 -29.11 57.80
N GLU I 711 -72.89 -28.92 59.06
CA GLU I 711 -74.17 -29.43 59.53
C GLU I 711 -75.21 -28.32 59.59
N MET J 1 18.64 -50.89 -22.09
CA MET J 1 19.10 -51.70 -20.99
C MET J 1 18.87 -51.03 -19.64
N ASN J 2 17.65 -51.18 -19.13
CA ASN J 2 17.35 -50.75 -17.76
C ASN J 2 16.40 -51.69 -17.06
N VAL J 3 16.29 -52.91 -17.59
CA VAL J 3 15.32 -53.87 -17.01
C VAL J 3 16.11 -54.96 -16.33
N ILE J 4 15.99 -55.14 -15.02
CA ILE J 4 16.80 -56.11 -14.24
C ILE J 4 15.83 -56.99 -13.49
N ALA J 5 15.83 -58.28 -13.73
CA ALA J 5 14.72 -59.11 -13.26
C ALA J 5 15.11 -59.90 -12.04
N ILE J 6 14.32 -59.79 -10.99
CA ILE J 6 14.61 -60.46 -9.71
C ILE J 6 13.70 -61.69 -9.67
N LEU J 7 14.22 -62.85 -9.29
CA LEU J 7 13.37 -64.05 -9.14
C LEU J 7 12.61 -63.99 -7.80
N ASN J 8 11.82 -65.04 -7.52
CA ASN J 8 10.78 -65.03 -6.46
C ASN J 8 11.10 -64.80 -5.01
N HIS J 9 10.04 -64.61 -4.21
CA HIS J 9 10.18 -64.37 -2.76
C HIS J 9 10.30 -65.70 -2.04
N MET J 10 11.48 -65.96 -1.48
CA MET J 10 11.73 -67.25 -0.79
C MET J 10 10.77 -67.36 0.38
N GLY J 11 10.64 -66.31 1.18
CA GLY J 11 9.81 -66.38 2.40
C GLY J 11 10.56 -65.94 3.64
N VAL J 12 11.83 -66.28 3.77
CA VAL J 12 12.54 -65.84 4.95
C VAL J 12 13.06 -64.43 4.74
N TYR J 13 13.30 -63.72 5.85
CA TYR J 13 13.53 -62.29 5.85
C TYR J 13 14.95 -61.90 5.47
N PHE J 14 15.96 -62.68 5.88
CA PHE J 14 17.34 -62.25 5.72
C PHE J 14 17.79 -62.23 4.28
N LYS J 15 17.08 -62.92 3.39
CA LYS J 15 17.34 -62.84 1.96
C LYS J 15 16.17 -62.20 1.21
N GLU J 16 15.35 -61.42 1.90
CA GLU J 16 14.32 -60.62 1.26
C GLU J 16 14.47 -59.13 1.52
N GLU J 17 14.76 -58.74 2.76
CA GLU J 17 15.00 -57.33 3.05
C GLU J 17 16.25 -56.78 2.33
N PRO J 18 17.38 -57.51 2.24
CA PRO J 18 18.43 -57.05 1.32
C PRO J 18 17.96 -56.98 -0.12
N ILE J 19 17.07 -57.88 -0.56
CA ILE J 19 16.56 -57.81 -1.91
C ILE J 19 15.66 -56.58 -2.09
N ARG J 20 14.86 -56.24 -1.09
CA ARG J 20 14.06 -55.02 -1.18
C ARG J 20 14.92 -53.76 -1.15
N GLU J 21 15.99 -53.76 -0.34
CA GLU J 21 16.91 -52.63 -0.36
C GLU J 21 17.62 -52.49 -1.70
N LEU J 22 18.01 -53.62 -2.32
CA LEU J 22 18.59 -53.58 -3.64
C LEU J 22 17.59 -53.13 -4.70
N HIS J 23 16.32 -53.51 -4.54
CA HIS J 23 15.24 -53.00 -5.39
C HIS J 23 15.18 -51.49 -5.31
N ARG J 24 15.15 -50.95 -4.08
CA ARG J 24 15.07 -49.50 -3.90
C ARG J 24 16.28 -48.79 -4.46
N ALA J 25 17.48 -49.34 -4.23
CA ALA J 25 18.70 -48.74 -4.77
C ALA J 25 18.75 -48.80 -6.29
N LEU J 26 18.30 -49.89 -6.91
CA LEU J 26 18.30 -49.97 -8.36
C LEU J 26 17.28 -49.04 -8.99
N GLU J 27 16.11 -48.87 -8.36
CA GLU J 27 15.17 -47.87 -8.84
C GLU J 27 15.73 -46.45 -8.65
N ARG J 28 16.53 -46.25 -7.61
CA ARG J 28 17.23 -44.99 -7.46
C ARG J 28 18.28 -44.79 -8.55
N LEU J 29 18.85 -45.89 -9.07
CA LEU J 29 19.81 -45.82 -10.16
C LEU J 29 19.16 -45.92 -11.53
N ASN J 30 17.87 -45.62 -11.63
CA ASN J 30 17.12 -45.54 -12.90
C ASN J 30 17.10 -46.89 -13.64
N PHE J 31 16.79 -47.94 -12.91
CA PHE J 31 16.56 -49.26 -13.49
C PHE J 31 15.12 -49.69 -13.26
N GLN J 32 14.43 -50.03 -14.33
CA GLN J 32 13.13 -50.67 -14.21
C GLN J 32 13.31 -52.09 -13.69
N ILE J 33 12.45 -52.49 -12.76
CA ILE J 33 12.54 -53.78 -12.09
C ILE J 33 11.32 -54.60 -12.46
N VAL J 34 11.56 -55.81 -12.97
CA VAL J 34 10.50 -56.75 -13.27
C VAL J 34 10.59 -57.92 -12.30
N TYR J 35 9.45 -58.58 -12.09
CA TYR J 35 9.31 -59.64 -11.11
C TYR J 35 8.70 -60.89 -11.74
N PRO J 36 9.49 -61.68 -12.46
CA PRO J 36 9.00 -62.99 -12.91
C PRO J 36 8.74 -63.91 -11.73
N ASN J 37 7.67 -64.69 -11.84
CA ASN J 37 7.23 -65.49 -10.70
C ASN J 37 8.11 -66.71 -10.48
N ASP J 38 8.51 -67.40 -11.54
CA ASP J 38 9.30 -68.61 -11.39
C ASP J 38 10.23 -68.74 -12.60
N ARG J 39 10.81 -69.93 -12.77
CA ARG J 39 11.85 -70.16 -13.77
C ARG J 39 11.34 -70.01 -15.20
N ASP J 40 10.25 -70.71 -15.53
CA ASP J 40 9.73 -70.65 -16.90
C ASP J 40 9.24 -69.25 -17.24
N ASP J 41 8.77 -68.52 -16.23
CA ASP J 41 8.46 -67.11 -16.40
C ASP J 41 9.69 -66.32 -16.84
N LEU J 42 10.85 -66.61 -16.25
CA LEU J 42 12.07 -65.93 -16.65
C LEU J 42 12.49 -66.31 -18.07
N LEU J 43 12.37 -67.59 -18.43
CA LEU J 43 12.69 -68.03 -19.80
C LEU J 43 11.84 -67.30 -20.83
N LYS J 44 10.52 -67.28 -20.62
CA LYS J 44 9.64 -66.57 -21.53
C LYS J 44 9.88 -65.07 -21.54
N LEU J 45 10.17 -64.48 -20.37
CA LEU J 45 10.45 -63.06 -20.29
C LEU J 45 11.71 -62.68 -21.06
N ILE J 46 12.73 -63.55 -21.04
CA ILE J 46 13.93 -63.25 -21.78
C ILE J 46 13.73 -63.44 -23.29
N GLU J 47 12.97 -64.46 -23.72
CA GLU J 47 12.83 -64.65 -25.16
C GLU J 47 11.91 -63.59 -25.77
N ASN J 48 10.89 -63.16 -25.03
CA ASN J 48 9.96 -62.19 -25.58
C ASN J 48 10.50 -60.77 -25.59
N ASN J 49 11.60 -60.51 -24.89
CA ASN J 49 12.12 -59.15 -24.75
C ASN J 49 13.60 -59.10 -25.13
N ALA J 50 14.11 -57.88 -25.22
CA ALA J 50 15.53 -57.67 -25.41
C ALA J 50 16.10 -56.57 -24.53
N ARG J 51 15.26 -55.72 -23.96
CA ARG J 51 15.73 -54.64 -23.10
C ARG J 51 16.20 -55.12 -21.74
N LEU J 52 15.96 -56.40 -21.41
CA LEU J 52 16.40 -56.93 -20.13
C LEU J 52 17.92 -57.04 -20.13
N CYS J 53 18.54 -56.52 -19.06
CA CYS J 53 19.99 -56.45 -18.99
C CYS J 53 20.53 -57.02 -17.69
N GLY J 54 19.79 -57.92 -17.05
CA GLY J 54 20.24 -58.46 -15.79
C GLY J 54 19.19 -59.32 -15.12
N VAL J 55 19.63 -60.45 -14.56
CA VAL J 55 18.76 -61.33 -13.80
C VAL J 55 19.37 -61.49 -12.43
N ILE J 56 18.59 -61.23 -11.39
CA ILE J 56 19.01 -61.48 -10.03
C ILE J 56 18.21 -62.67 -9.53
N PHE J 57 18.92 -63.70 -9.06
CA PHE J 57 18.25 -64.88 -8.56
C PHE J 57 19.04 -65.43 -7.39
N ASP J 58 18.37 -66.20 -6.56
CA ASP J 58 19.00 -66.86 -5.44
C ASP J 58 19.64 -68.15 -5.93
N TRP J 59 20.83 -68.45 -5.43
CA TRP J 59 21.58 -69.61 -5.85
C TRP J 59 21.15 -70.88 -5.12
N ASP J 60 20.19 -70.78 -4.20
CA ASP J 60 19.75 -71.98 -3.49
C ASP J 60 18.58 -72.66 -4.20
N LYS J 61 17.46 -71.94 -4.35
CA LYS J 61 16.27 -72.55 -4.92
C LYS J 61 16.39 -72.77 -6.42
N TYR J 62 17.27 -72.05 -7.10
CA TYR J 62 17.48 -72.21 -8.53
C TYR J 62 18.93 -72.58 -8.78
N ASN J 63 19.14 -73.69 -9.45
CA ASN J 63 20.48 -74.21 -9.67
C ASN J 63 21.15 -73.44 -10.80
N LEU J 64 22.34 -73.87 -11.20
CA LEU J 64 23.13 -73.18 -12.20
C LEU J 64 22.80 -73.62 -13.62
N GLU J 65 21.87 -74.55 -13.80
CA GLU J 65 21.38 -74.86 -15.15
C GLU J 65 20.50 -73.73 -15.67
N LEU J 66 19.90 -72.94 -14.77
CA LEU J 66 19.30 -71.65 -15.12
C LEU J 66 20.40 -70.56 -15.10
N CYS J 67 21.51 -70.91 -15.73
CA CYS J 67 22.49 -69.94 -16.20
C CYS J 67 22.84 -70.40 -17.60
N GLU J 68 22.84 -71.72 -17.77
CA GLU J 68 23.17 -72.32 -19.04
C GLU J 68 22.04 -72.16 -20.04
N GLU J 69 20.78 -72.26 -19.60
CA GLU J 69 19.68 -72.04 -20.51
C GLU J 69 19.66 -70.59 -21.01
N ILE J 70 19.89 -69.63 -20.12
CA ILE J 70 19.98 -68.24 -20.51
C ILE J 70 21.18 -67.99 -21.41
N SER J 71 22.28 -68.73 -21.17
CA SER J 71 23.44 -68.65 -22.06
C SER J 71 23.11 -69.13 -23.46
N LYS J 72 22.33 -70.22 -23.59
CA LYS J 72 21.84 -70.61 -24.90
C LYS J 72 20.91 -69.55 -25.48
N MET J 73 20.24 -68.79 -24.63
CA MET J 73 19.40 -67.70 -25.13
C MET J 73 20.20 -66.44 -25.40
N ASN J 74 21.10 -66.07 -24.50
CA ASN J 74 21.97 -64.92 -24.70
C ASN J 74 23.26 -65.14 -23.93
N GLU J 75 24.38 -65.15 -24.63
CA GLU J 75 25.65 -65.48 -24.01
C GLU J 75 26.17 -64.38 -23.11
N ASN J 76 25.97 -63.12 -23.48
CA ASN J 76 26.61 -62.00 -22.79
C ASN J 76 25.74 -61.40 -21.69
N LEU J 77 24.56 -61.97 -21.44
CA LEU J 77 23.65 -61.36 -20.48
C LEU J 77 24.19 -61.51 -19.07
N PRO J 78 24.37 -60.42 -18.33
CA PRO J 78 24.81 -60.53 -16.93
C PRO J 78 23.69 -61.05 -16.07
N LEU J 79 24.03 -61.99 -15.19
CA LEU J 79 23.09 -62.50 -14.22
C LEU J 79 23.77 -62.42 -12.85
N TYR J 80 23.00 -62.22 -11.79
CA TYR J 80 23.58 -61.95 -10.48
C TYR J 80 23.11 -63.00 -9.48
N ALA J 81 23.88 -64.08 -9.32
CA ALA J 81 23.54 -65.11 -8.36
C ALA J 81 23.86 -64.64 -6.95
N PHE J 82 22.97 -64.94 -6.02
CA PHE J 82 23.14 -64.56 -4.62
C PHE J 82 23.47 -65.81 -3.81
N ALA J 83 24.66 -65.82 -3.21
CA ALA J 83 25.18 -67.02 -2.55
C ALA J 83 24.83 -67.00 -1.07
N ASN J 84 24.05 -67.98 -0.63
CA ASN J 84 23.72 -68.13 0.79
C ASN J 84 24.19 -69.45 1.37
N THR J 85 23.76 -70.57 0.81
CA THR J 85 23.95 -71.89 1.41
C THR J 85 25.03 -72.69 0.73
N TYR J 86 25.01 -72.75 -0.60
CA TYR J 86 26.11 -73.32 -1.34
C TYR J 86 27.34 -72.46 -1.12
N SER J 87 28.43 -73.11 -0.78
CA SER J 87 29.65 -72.44 -0.37
C SER J 87 30.46 -72.02 -1.59
N THR J 88 31.74 -71.72 -1.39
CA THR J 88 32.61 -71.55 -2.53
C THR J 88 32.71 -72.83 -3.35
N LEU J 89 32.74 -73.99 -2.68
CA LEU J 89 33.08 -75.28 -3.26
C LEU J 89 32.12 -75.80 -4.32
N ASP J 90 30.92 -75.24 -4.44
CA ASP J 90 29.87 -75.85 -5.25
C ASP J 90 29.78 -75.26 -6.65
N VAL J 91 30.92 -74.91 -7.25
CA VAL J 91 30.94 -74.25 -8.55
C VAL J 91 31.77 -75.08 -9.52
N SER J 92 31.19 -75.37 -10.69
CA SER J 92 31.88 -76.07 -11.76
C SER J 92 32.50 -75.09 -12.74
N LEU J 93 33.25 -75.62 -13.71
CA LEU J 93 33.87 -74.78 -14.73
C LEU J 93 32.85 -74.12 -15.63
N ASN J 94 31.80 -74.85 -16.04
CA ASN J 94 30.78 -74.29 -16.92
C ASN J 94 30.02 -73.16 -16.26
N ASP J 95 29.93 -73.15 -14.92
CA ASP J 95 29.40 -71.98 -14.24
C ASP J 95 30.33 -70.79 -14.37
N LEU J 96 31.63 -71.02 -14.19
CA LEU J 96 32.63 -69.97 -14.31
C LEU J 96 32.77 -69.41 -15.71
N ARG J 97 32.34 -70.15 -16.73
CA ARG J 97 32.44 -69.63 -18.09
C ARG J 97 31.23 -68.79 -18.47
N LEU J 98 30.29 -68.61 -17.54
CA LEU J 98 29.09 -67.85 -17.83
C LEU J 98 29.19 -66.45 -17.23
N GLN J 99 28.29 -65.57 -17.70
CA GLN J 99 28.22 -64.20 -17.18
C GLN J 99 27.35 -64.17 -15.92
N ILE J 100 27.95 -64.58 -14.80
CA ILE J 100 27.29 -64.52 -13.51
C ILE J 100 28.26 -63.72 -12.64
N SER J 101 27.74 -62.85 -11.78
CA SER J 101 28.56 -62.27 -10.71
C SER J 101 27.90 -62.56 -9.37
N PHE J 102 28.67 -63.14 -8.44
CA PHE J 102 28.13 -63.63 -7.18
C PHE J 102 28.07 -62.52 -6.15
N PHE J 103 27.01 -62.52 -5.34
CA PHE J 103 26.81 -61.57 -4.26
C PHE J 103 26.37 -62.31 -3.00
N GLU J 104 26.16 -61.55 -1.93
CA GLU J 104 25.78 -62.09 -0.64
C GLU J 104 24.60 -61.30 -0.09
N TYR J 105 23.95 -61.88 0.91
CA TYR J 105 22.78 -61.28 1.56
C TYR J 105 23.23 -60.56 2.82
N ALA J 106 23.47 -59.27 2.72
CA ALA J 106 23.87 -58.46 3.86
C ALA J 106 22.98 -57.23 3.96
N LEU J 107 22.54 -56.93 5.18
CA LEU J 107 21.71 -55.76 5.41
C LEU J 107 22.55 -54.49 5.34
N GLY J 108 22.04 -53.50 4.61
CA GLY J 108 22.70 -52.22 4.50
C GLY J 108 23.80 -52.16 3.47
N ALA J 109 24.09 -53.25 2.78
CA ALA J 109 25.12 -53.29 1.75
C ALA J 109 24.54 -53.21 0.35
N ALA J 110 23.31 -52.70 0.21
CA ALA J 110 22.67 -52.64 -1.08
C ALA J 110 23.24 -51.55 -1.98
N GLU J 111 23.89 -50.53 -1.41
CA GLU J 111 24.44 -49.46 -2.23
C GLU J 111 25.61 -49.94 -3.07
N ASP J 112 26.55 -50.67 -2.46
CA ASP J 112 27.68 -51.19 -3.21
C ASP J 112 27.26 -52.25 -4.21
N ILE J 113 26.27 -53.07 -3.86
CA ILE J 113 25.76 -54.07 -4.78
C ILE J 113 25.10 -53.40 -5.98
N ALA J 114 24.31 -52.34 -5.74
CA ALA J 114 23.68 -51.63 -6.84
C ALA J 114 24.70 -50.92 -7.71
N ASN J 115 25.75 -50.36 -7.13
CA ASN J 115 26.81 -49.75 -7.92
C ASN J 115 27.54 -50.78 -8.77
N LYS J 116 27.80 -51.96 -8.21
CA LYS J 116 28.42 -53.03 -8.99
C LYS J 116 27.49 -53.51 -10.10
N ILE J 117 26.19 -53.55 -9.85
CA ILE J 117 25.23 -53.94 -10.87
C ILE J 117 25.19 -52.92 -12.00
N LYS J 118 25.22 -51.62 -11.66
CA LYS J 118 25.27 -50.58 -12.67
C LYS J 118 26.55 -50.65 -13.49
N GLN J 119 27.68 -50.91 -12.84
CA GLN J 119 28.93 -51.07 -13.56
C GLN J 119 28.92 -52.28 -14.47
N THR J 120 28.34 -53.40 -14.00
CA THR J 120 28.25 -54.59 -14.84
C THR J 120 27.35 -54.38 -16.04
N THR J 121 26.25 -53.65 -15.85
CA THR J 121 25.38 -53.30 -16.98
C THR J 121 26.10 -52.40 -17.97
N ASP J 122 26.89 -51.44 -17.49
CA ASP J 122 27.69 -50.60 -18.38
C ASP J 122 28.71 -51.41 -19.15
N GLU J 123 29.36 -52.38 -18.48
CA GLU J 123 30.28 -53.27 -19.17
C GLU J 123 29.58 -54.11 -20.22
N TYR J 124 28.38 -54.58 -19.93
CA TYR J 124 27.61 -55.36 -20.88
C TYR J 124 27.24 -54.54 -22.11
N ILE J 125 26.82 -53.29 -21.89
CA ILE J 125 26.49 -52.39 -23.00
C ILE J 125 27.72 -52.09 -23.84
N ASN J 126 28.84 -51.79 -23.19
CA ASN J 126 30.08 -51.54 -23.91
C ASN J 126 30.72 -52.79 -24.48
N THR J 127 30.22 -53.98 -24.12
CA THR J 127 30.70 -55.22 -24.70
C THR J 127 29.93 -55.59 -25.96
N ILE J 128 28.60 -55.55 -25.91
CA ILE J 128 27.82 -55.96 -27.07
C ILE J 128 27.79 -54.92 -28.17
N LEU J 129 28.12 -53.67 -27.87
CA LEU J 129 28.04 -52.65 -28.91
C LEU J 129 29.25 -52.73 -29.84
N PRO J 130 29.06 -52.48 -31.13
CA PRO J 130 30.20 -52.38 -32.03
C PRO J 130 30.96 -51.09 -31.76
N PRO J 131 32.25 -51.02 -32.12
CA PRO J 131 33.08 -49.91 -31.64
C PRO J 131 32.69 -48.54 -32.18
N LEU J 132 32.31 -48.41 -33.44
CA LEU J 132 31.97 -47.09 -33.95
C LEU J 132 30.63 -46.60 -33.42
N THR J 133 29.65 -47.50 -33.30
CA THR J 133 28.38 -47.12 -32.67
C THR J 133 28.60 -46.78 -31.20
N LYS J 134 29.49 -47.51 -30.53
CA LYS J 134 29.85 -47.20 -29.15
C LYS J 134 30.45 -45.80 -29.05
N ALA J 135 31.37 -45.46 -29.94
CA ALA J 135 31.99 -44.14 -29.92
C ALA J 135 31.02 -43.04 -30.29
N LEU J 136 30.09 -43.30 -31.21
CA LEU J 136 29.08 -42.30 -31.55
C LEU J 136 28.11 -42.07 -30.40
N PHE J 137 27.70 -43.14 -29.72
CA PHE J 137 26.85 -42.98 -28.54
C PHE J 137 27.58 -42.23 -27.43
N LYS J 138 28.87 -42.52 -27.24
CA LYS J 138 29.67 -41.81 -26.25
C LYS J 138 29.78 -40.34 -26.59
N TYR J 139 30.01 -40.02 -27.87
CA TYR J 139 30.12 -38.63 -28.30
C TYR J 139 28.82 -37.86 -28.10
N VAL J 140 27.69 -38.49 -28.41
CA VAL J 140 26.41 -37.82 -28.20
C VAL J 140 26.13 -37.65 -26.70
N ARG J 141 26.49 -38.64 -25.89
CA ARG J 141 26.31 -38.53 -24.44
C ARG J 141 27.14 -37.41 -23.83
N GLU J 142 28.36 -37.21 -24.32
CA GLU J 142 29.20 -36.10 -23.87
C GLU J 142 28.99 -34.86 -24.72
N GLY J 143 27.78 -34.67 -25.25
CA GLY J 143 27.43 -33.75 -26.32
C GLY J 143 28.00 -32.36 -26.23
N LYS J 144 28.88 -32.05 -27.18
CA LYS J 144 29.64 -30.82 -27.20
C LYS J 144 29.05 -29.87 -28.23
N TYR J 145 29.23 -28.58 -27.99
CA TYR J 145 28.85 -27.57 -28.97
C TYR J 145 29.75 -27.71 -30.19
N THR J 146 29.21 -27.36 -31.35
CA THR J 146 29.97 -27.48 -32.57
C THR J 146 29.75 -26.25 -33.45
N PHE J 147 30.78 -25.91 -34.22
CA PHE J 147 30.74 -24.80 -35.16
C PHE J 147 31.06 -25.27 -36.56
N CYS J 148 30.76 -26.52 -36.86
CA CYS J 148 31.11 -27.13 -38.13
C CYS J 148 29.86 -27.67 -38.82
N THR J 149 30.07 -28.18 -40.02
CA THR J 149 28.99 -28.85 -40.74
C THR J 149 28.63 -30.14 -40.00
N PRO J 150 27.34 -30.53 -39.99
CA PRO J 150 26.13 -29.99 -40.61
C PRO J 150 25.62 -28.71 -39.95
N GLY J 151 24.74 -28.00 -40.66
CA GLY J 151 24.30 -26.70 -40.21
C GLY J 151 23.35 -26.71 -39.02
N HIS J 152 22.65 -27.82 -38.78
CA HIS J 152 21.75 -27.84 -37.63
C HIS J 152 22.51 -27.93 -36.32
N MET J 153 23.70 -28.53 -36.34
CA MET J 153 24.65 -28.53 -35.22
C MET J 153 24.04 -29.12 -33.96
N GLY J 154 23.71 -30.40 -34.03
CA GLY J 154 23.02 -31.04 -32.93
C GLY J 154 21.54 -30.81 -32.91
N GLY J 155 20.96 -30.36 -34.03
CA GLY J 155 19.54 -30.13 -34.10
C GLY J 155 19.04 -28.87 -33.45
N THR J 156 19.94 -27.94 -33.09
CA THR J 156 19.54 -26.71 -32.45
C THR J 156 19.05 -25.66 -33.44
N ALA J 157 19.13 -25.94 -34.73
CA ALA J 157 18.43 -25.12 -35.72
C ALA J 157 16.96 -25.49 -35.84
N PHE J 158 16.62 -26.74 -35.60
CA PHE J 158 15.23 -27.18 -35.59
C PHE J 158 14.49 -26.78 -34.32
N GLN J 159 15.17 -26.31 -33.31
CA GLN J 159 14.50 -25.85 -32.09
C GLN J 159 14.06 -24.40 -32.19
N LYS J 160 14.25 -23.76 -33.35
CA LYS J 160 13.96 -22.34 -33.50
C LYS J 160 13.08 -22.05 -34.72
N SER J 161 12.25 -23.00 -35.14
CA SER J 161 11.35 -22.80 -36.27
C SER J 161 10.14 -23.70 -36.06
N PRO J 162 8.94 -23.25 -36.47
CA PRO J 162 7.75 -24.07 -36.22
C PRO J 162 7.74 -25.39 -36.97
N VAL J 163 7.94 -25.36 -38.29
CA VAL J 163 8.06 -26.61 -39.04
C VAL J 163 9.33 -27.35 -38.64
N GLY J 164 10.40 -26.62 -38.31
CA GLY J 164 11.58 -27.25 -37.74
C GLY J 164 11.30 -27.89 -36.40
N SER J 165 10.46 -27.28 -35.58
CA SER J 165 10.12 -27.91 -34.31
C SER J 165 9.24 -29.12 -34.49
N LEU J 166 8.38 -29.12 -35.51
CA LEU J 166 7.62 -30.33 -35.83
C LEU J 166 8.55 -31.46 -36.25
N PHE J 167 9.55 -31.15 -37.08
CA PHE J 167 10.53 -32.16 -37.48
C PHE J 167 11.32 -32.67 -36.29
N TYR J 168 11.73 -31.77 -35.40
CA TYR J 168 12.49 -32.14 -34.21
C TYR J 168 11.67 -32.97 -33.23
N ASP J 169 10.40 -32.61 -33.01
CA ASP J 169 9.54 -33.39 -32.15
C ASP J 169 9.19 -34.74 -32.75
N PHE J 170 9.16 -34.87 -34.08
CA PHE J 170 8.96 -36.18 -34.68
C PHE J 170 10.19 -37.06 -34.47
N PHE J 171 11.36 -36.59 -34.92
CA PHE J 171 12.52 -37.46 -34.91
C PHE J 171 13.10 -37.66 -33.52
N GLY J 172 13.11 -36.61 -32.70
CA GLY J 172 13.66 -36.72 -31.37
C GLY J 172 15.10 -36.29 -31.36
N PRO J 173 15.63 -35.97 -30.17
CA PRO J 173 16.91 -35.26 -30.10
C PRO J 173 18.13 -36.10 -30.45
N ASN J 174 18.11 -37.37 -30.07
CA ASN J 174 19.29 -38.22 -30.22
C ASN J 174 19.64 -38.50 -31.66
N THR J 175 18.67 -38.53 -32.56
CA THR J 175 18.98 -38.70 -33.97
C THR J 175 19.29 -37.38 -34.66
N MET J 176 19.15 -36.25 -33.96
CA MET J 176 19.68 -35.00 -34.48
C MET J 176 21.13 -34.79 -34.04
N LYS J 177 21.44 -35.10 -32.78
CA LYS J 177 22.82 -35.00 -32.33
C LYS J 177 23.72 -36.04 -32.96
N SER J 178 23.17 -37.15 -33.44
CA SER J 178 23.97 -38.21 -34.03
C SER J 178 24.43 -37.89 -35.44
N ASP J 179 23.97 -36.79 -36.03
CA ASP J 179 24.38 -36.41 -37.37
C ASP J 179 25.49 -35.38 -37.24
N ILE J 180 26.72 -35.81 -37.47
CA ILE J 180 27.90 -34.96 -37.45
C ILE J 180 28.73 -35.26 -38.70
N SER J 181 29.87 -34.59 -38.81
CA SER J 181 30.71 -34.74 -39.99
C SER J 181 32.14 -35.14 -39.62
N ILE J 182 33.03 -35.15 -40.62
CA ILE J 182 34.41 -35.58 -40.42
C ILE J 182 35.23 -34.60 -39.61
N SER J 183 34.71 -33.41 -39.32
CA SER J 183 35.42 -32.43 -38.51
C SER J 183 35.60 -32.89 -37.07
N VAL J 184 34.73 -33.76 -36.58
CA VAL J 184 34.91 -34.37 -35.27
C VAL J 184 36.00 -35.41 -35.38
N SER J 185 37.20 -35.06 -34.92
CA SER J 185 38.38 -35.87 -35.20
C SER J 185 38.42 -37.17 -34.43
N GLU J 186 37.67 -37.30 -33.34
CA GLU J 186 37.77 -38.50 -32.51
C GLU J 186 37.03 -39.69 -33.10
N LEU J 187 36.17 -39.49 -34.09
CA LEU J 187 35.49 -40.60 -34.74
C LEU J 187 36.17 -41.04 -36.02
N GLY J 188 37.32 -40.46 -36.35
CA GLY J 188 37.99 -40.82 -37.58
C GLY J 188 37.24 -40.32 -38.80
N SER J 189 37.37 -41.06 -39.90
CA SER J 189 36.70 -40.69 -41.14
C SER J 189 36.44 -41.95 -41.95
N LEU J 190 35.24 -42.02 -42.54
CA LEU J 190 34.90 -43.15 -43.41
C LEU J 190 35.78 -43.18 -44.65
N LEU J 191 36.07 -42.00 -45.21
CA LEU J 191 36.77 -41.91 -46.48
C LEU J 191 38.20 -42.40 -46.39
N ASP J 192 38.89 -42.10 -45.30
CA ASP J 192 40.29 -42.45 -45.15
C ASP J 192 40.50 -43.75 -44.39
N HIS J 193 39.42 -44.36 -43.86
CA HIS J 193 39.45 -45.62 -43.12
C HIS J 193 40.39 -45.53 -41.92
N SER J 194 40.03 -44.65 -40.98
CA SER J 194 40.89 -44.34 -39.85
C SER J 194 40.10 -44.42 -38.55
N GLY J 195 40.79 -44.85 -37.50
CA GLY J 195 40.24 -44.86 -36.16
C GLY J 195 39.06 -45.79 -35.96
N PRO J 196 37.99 -45.25 -35.37
CA PRO J 196 36.78 -46.07 -35.16
C PRO J 196 36.18 -46.59 -36.43
N HIS J 197 36.27 -45.84 -37.54
CA HIS J 197 35.84 -46.38 -38.81
C HIS J 197 36.64 -47.60 -39.21
N LYS J 198 37.98 -47.54 -39.14
CA LYS J 198 38.81 -48.67 -39.55
C LYS J 198 38.54 -49.90 -38.68
N GLU J 199 38.35 -49.70 -37.38
CA GLU J 199 37.92 -50.79 -36.52
C GLU J 199 36.56 -51.33 -36.97
N ALA J 200 35.68 -50.45 -37.46
CA ALA J 200 34.38 -50.92 -37.95
C ALA J 200 34.52 -51.77 -39.20
N GLU J 201 35.33 -51.35 -40.19
CA GLU J 201 35.45 -52.22 -41.37
C GLU J 201 36.16 -53.52 -41.04
N GLN J 202 37.12 -53.52 -40.12
CA GLN J 202 37.71 -54.79 -39.73
C GLN J 202 36.69 -55.68 -39.01
N TYR J 203 35.80 -55.08 -38.22
CA TYR J 203 34.73 -55.82 -37.55
C TYR J 203 33.77 -56.45 -38.57
N ILE J 204 33.41 -55.67 -39.60
CA ILE J 204 32.58 -56.18 -40.69
C ILE J 204 33.29 -57.30 -41.42
N ALA J 205 34.60 -57.17 -41.61
CA ALA J 205 35.37 -58.22 -42.28
C ALA J 205 35.37 -59.52 -41.47
N ARG J 206 35.48 -59.45 -40.16
CA ARG J 206 35.42 -60.71 -39.39
C ARG J 206 34.02 -61.25 -39.60
N VAL J 207 33.01 -60.47 -39.30
CA VAL J 207 31.68 -61.04 -39.15
C VAL J 207 31.26 -61.81 -40.40
N PHE J 208 31.43 -61.22 -41.58
CA PHE J 208 30.90 -61.75 -42.83
C PHE J 208 31.84 -62.68 -43.56
N ASN J 209 32.96 -63.07 -42.94
CA ASN J 209 33.97 -63.95 -43.53
C ASN J 209 34.47 -63.41 -44.88
N ALA J 210 35.08 -62.24 -44.81
CA ALA J 210 35.65 -61.58 -45.98
C ALA J 210 37.00 -61.01 -45.61
N ASP J 211 37.85 -60.85 -46.63
CA ASP J 211 39.18 -60.30 -46.40
C ASP J 211 39.10 -58.82 -46.09
N ARG J 212 38.63 -58.03 -47.04
CA ARG J 212 38.43 -56.60 -46.85
C ARG J 212 36.96 -56.30 -47.09
N SER J 213 36.33 -55.60 -46.15
CA SER J 213 34.92 -55.27 -46.24
C SER J 213 34.75 -53.77 -46.21
N TYR J 214 33.90 -53.25 -47.09
CA TYR J 214 33.64 -51.82 -47.14
C TYR J 214 32.20 -51.55 -46.73
N MET J 215 31.92 -50.30 -46.38
CA MET J 215 30.60 -49.88 -45.88
C MET J 215 30.12 -48.69 -46.69
N VAL J 216 29.38 -48.96 -47.76
CA VAL J 216 28.93 -47.91 -48.67
C VAL J 216 27.75 -47.20 -48.03
N THR J 217 27.68 -45.88 -48.23
CA THR J 217 26.65 -45.05 -47.60
C THR J 217 25.62 -44.52 -48.59
N ASN J 218 25.72 -44.87 -49.87
CA ASN J 218 24.67 -44.55 -50.83
C ASN J 218 23.78 -45.75 -51.12
N GLY J 219 24.34 -46.95 -51.14
CA GLY J 219 23.60 -48.15 -51.41
C GLY J 219 24.32 -49.04 -52.39
N THR J 220 23.77 -50.24 -52.55
CA THR J 220 24.40 -51.19 -53.46
C THR J 220 24.24 -50.79 -54.91
N SER J 221 23.32 -49.86 -55.20
CA SER J 221 23.29 -49.21 -56.50
C SER J 221 24.59 -48.46 -56.77
N THR J 222 25.27 -48.02 -55.71
CA THR J 222 26.59 -47.40 -55.85
C THR J 222 27.71 -48.42 -55.65
N ALA J 223 27.46 -49.45 -54.85
CA ALA J 223 28.47 -50.50 -54.66
C ALA J 223 28.73 -51.27 -55.94
N ASN J 224 27.69 -51.55 -56.73
CA ASN J 224 27.87 -52.16 -58.04
C ASN J 224 28.71 -51.28 -58.94
N LYS J 225 28.49 -49.97 -58.87
CA LYS J 225 29.27 -49.01 -59.64
C LYS J 225 30.74 -49.04 -59.22
N ILE J 226 30.99 -49.13 -57.91
CA ILE J 226 32.36 -49.16 -57.41
C ILE J 226 33.08 -50.42 -57.90
N VAL J 227 32.41 -51.57 -57.78
CA VAL J 227 33.03 -52.84 -58.16
C VAL J 227 33.27 -52.89 -59.67
N GLY J 228 32.27 -52.51 -60.46
CA GLY J 228 32.41 -52.54 -61.90
C GLY J 228 33.25 -51.43 -62.49
N MET J 229 33.53 -50.38 -61.73
CA MET J 229 34.50 -49.40 -62.20
C MET J 229 35.92 -49.74 -61.76
N TYR J 230 36.10 -50.51 -60.69
CA TYR J 230 37.44 -50.97 -60.38
C TYR J 230 37.84 -52.14 -61.29
N SER J 231 37.06 -53.21 -61.26
CA SER J 231 37.48 -54.45 -61.91
C SER J 231 37.34 -54.44 -63.42
N ALA J 232 36.54 -53.52 -63.98
CA ALA J 232 36.30 -53.49 -65.42
C ALA J 232 36.74 -52.13 -65.96
N PRO J 233 37.98 -52.01 -66.41
CA PRO J 233 38.43 -50.76 -67.04
C PRO J 233 37.76 -50.56 -68.38
N ALA J 234 37.85 -49.33 -68.87
CA ALA J 234 37.23 -48.98 -70.14
C ALA J 234 37.93 -49.69 -71.30
N GLY J 235 37.15 -50.11 -72.29
CA GLY J 235 37.65 -50.89 -73.38
C GLY J 235 37.68 -52.37 -73.14
N SER J 236 37.39 -52.82 -71.92
CA SER J 236 37.35 -54.22 -71.58
C SER J 236 35.94 -54.77 -71.82
N THR J 237 35.68 -55.97 -71.30
CA THR J 237 34.44 -56.67 -71.57
C THR J 237 33.95 -57.34 -70.30
N ILE J 238 32.63 -57.34 -70.09
CA ILE J 238 32.04 -57.91 -68.88
C ILE J 238 31.01 -58.97 -69.25
N LEU J 239 30.75 -59.85 -68.29
CA LEU J 239 29.68 -60.86 -68.39
C LEU J 239 28.61 -60.46 -67.38
N ILE J 240 27.64 -59.69 -67.83
CA ILE J 240 26.59 -59.17 -66.97
C ILE J 240 25.34 -60.02 -67.15
N ASP J 241 24.74 -60.40 -66.02
CA ASP J 241 23.45 -61.07 -66.03
C ASP J 241 22.39 -60.18 -66.68
N ARG J 242 21.55 -60.78 -67.54
CA ARG J 242 20.41 -60.05 -68.04
C ARG J 242 19.42 -59.75 -66.92
N ASN J 243 19.28 -60.66 -65.96
CA ASN J 243 18.55 -60.38 -64.74
C ASN J 243 19.42 -59.47 -63.89
N CYS J 244 19.45 -58.18 -64.22
CA CYS J 244 20.28 -57.21 -63.55
C CYS J 244 19.40 -56.13 -62.93
N HIS J 245 20.05 -55.17 -62.30
CA HIS J 245 19.37 -54.01 -61.76
C HIS J 245 19.54 -52.84 -62.72
N LYS J 246 18.78 -51.78 -62.47
CA LYS J 246 18.96 -50.54 -63.23
C LYS J 246 20.34 -49.96 -62.99
N SER J 247 20.91 -50.20 -61.80
CA SER J 247 22.21 -49.68 -61.45
C SER J 247 23.32 -50.25 -62.32
N LEU J 248 23.24 -51.52 -62.69
CA LEU J 248 24.26 -52.09 -63.57
C LEU J 248 24.18 -51.52 -64.97
N THR J 249 22.96 -51.25 -65.46
CA THR J 249 22.80 -50.56 -66.74
C THR J 249 23.39 -49.16 -66.68
N HIS J 250 23.15 -48.46 -65.57
CA HIS J 250 23.73 -47.14 -65.37
C HIS J 250 25.26 -47.19 -65.32
N LEU J 251 25.81 -48.22 -64.68
CA LEU J 251 27.26 -48.44 -64.69
C LEU J 251 27.79 -48.64 -66.08
N MET J 252 27.10 -49.46 -66.88
CA MET J 252 27.55 -49.71 -68.24
C MET J 252 27.43 -48.48 -69.13
N MET J 253 26.51 -47.57 -68.82
CA MET J 253 26.45 -46.32 -69.56
C MET J 253 27.50 -45.32 -69.11
N MET J 254 27.96 -45.39 -67.85
CA MET J 254 29.07 -44.51 -67.47
C MET J 254 30.38 -44.97 -68.07
N SER J 255 30.66 -46.27 -68.03
CA SER J 255 31.96 -46.82 -68.39
C SER J 255 31.96 -47.36 -69.82
N ASP J 256 33.10 -47.23 -70.48
CA ASP J 256 33.27 -47.70 -71.86
C ASP J 256 33.58 -49.20 -71.86
N VAL J 257 32.53 -49.98 -71.62
CA VAL J 257 32.64 -51.43 -71.55
C VAL J 257 31.72 -52.05 -72.59
N THR J 258 31.85 -53.36 -72.76
CA THR J 258 31.10 -54.11 -73.75
C THR J 258 30.50 -55.35 -73.10
N PRO J 259 29.22 -55.64 -73.30
CA PRO J 259 28.61 -56.81 -72.66
C PRO J 259 28.54 -58.07 -73.50
N ILE J 260 28.62 -59.20 -72.82
CA ILE J 260 27.90 -60.40 -73.19
C ILE J 260 26.86 -60.65 -72.12
N TYR J 261 25.60 -60.73 -72.52
CA TYR J 261 24.50 -60.92 -71.59
C TYR J 261 24.27 -62.40 -71.37
N PHE J 262 24.25 -62.80 -70.10
CA PHE J 262 23.77 -64.14 -69.77
C PHE J 262 22.28 -64.25 -70.06
N ARG J 263 21.80 -65.47 -70.23
CA ARG J 263 20.42 -65.70 -70.64
C ARG J 263 19.67 -66.52 -69.60
N PRO J 264 19.03 -65.88 -68.63
CA PRO J 264 18.30 -66.62 -67.60
C PRO J 264 17.02 -67.25 -68.15
N THR J 265 16.56 -68.28 -67.44
CA THR J 265 15.30 -68.93 -67.75
C THR J 265 14.17 -68.26 -66.98
N ARG J 266 12.93 -68.61 -67.34
CA ARG J 266 11.75 -68.07 -66.68
C ARG J 266 10.57 -68.99 -66.91
N ASN J 267 9.59 -68.90 -66.02
CA ASN J 267 8.37 -69.68 -66.11
C ASN J 267 7.25 -68.81 -66.67
N ALA J 268 6.05 -69.38 -66.76
CA ALA J 268 4.90 -68.65 -67.25
C ALA J 268 4.39 -67.62 -66.25
N TYR J 269 4.75 -67.75 -64.97
CA TYR J 269 4.33 -66.77 -63.98
C TYR J 269 5.00 -65.43 -64.19
N GLY J 270 6.17 -65.41 -64.80
CA GLY J 270 6.97 -64.20 -64.91
C GLY J 270 8.09 -64.12 -63.91
N ILE J 271 8.30 -65.17 -63.11
CA ILE J 271 9.39 -65.20 -62.15
C ILE J 271 10.69 -65.37 -62.91
N LEU J 272 11.64 -64.47 -62.65
CA LEU J 272 12.95 -64.54 -63.30
C LEU J 272 13.74 -65.67 -62.67
N GLY J 273 13.93 -66.75 -63.41
CA GLY J 273 14.71 -67.87 -62.93
C GLY J 273 16.19 -67.61 -63.05
N GLY J 274 16.94 -68.59 -63.54
CA GLY J 274 18.38 -68.44 -63.58
C GLY J 274 19.04 -68.88 -64.85
N ILE J 275 20.33 -68.56 -64.95
CA ILE J 275 21.13 -68.92 -66.12
C ILE J 275 21.38 -70.42 -66.10
N PRO J 276 21.24 -71.13 -67.21
CA PRO J 276 21.60 -72.55 -67.24
C PRO J 276 23.09 -72.76 -67.03
N GLN J 277 23.44 -74.01 -66.72
CA GLN J 277 24.83 -74.36 -66.48
C GLN J 277 25.70 -74.24 -67.72
N SER J 278 25.09 -74.27 -68.91
CA SER J 278 25.86 -74.24 -70.15
C SER J 278 26.51 -72.88 -70.40
N GLU J 279 25.92 -71.81 -69.85
CA GLU J 279 26.40 -70.46 -70.11
C GLU J 279 27.40 -69.97 -69.08
N PHE J 280 28.10 -70.88 -68.39
CA PHE J 280 29.22 -70.48 -67.55
C PHE J 280 30.51 -71.18 -67.92
N GLN J 281 30.51 -71.99 -68.97
CA GLN J 281 31.70 -72.72 -69.38
C GLN J 281 32.44 -71.92 -70.45
N HIS J 282 33.63 -72.40 -70.81
CA HIS J 282 34.48 -71.65 -71.71
C HIS J 282 33.96 -71.64 -73.15
N ALA J 283 33.27 -72.69 -73.57
CA ALA J 283 32.85 -72.81 -74.96
C ALA J 283 31.82 -71.75 -75.34
N THR J 284 30.75 -71.64 -74.55
CA THR J 284 29.70 -70.68 -74.86
C THR J 284 30.17 -69.24 -74.68
N ILE J 285 31.01 -69.00 -73.68
CA ILE J 285 31.56 -67.66 -73.46
C ILE J 285 32.46 -67.26 -74.62
N ALA J 286 33.33 -68.18 -75.08
CA ALA J 286 34.18 -67.88 -76.22
C ALA J 286 33.37 -67.68 -77.49
N LYS J 287 32.31 -68.46 -77.68
CA LYS J 287 31.43 -68.25 -78.84
C LYS J 287 30.78 -66.88 -78.81
N ARG J 288 30.16 -66.51 -77.69
CA ARG J 288 29.51 -65.22 -77.56
C ARG J 288 30.50 -64.06 -77.63
N VAL J 289 31.75 -64.28 -77.24
CA VAL J 289 32.79 -63.31 -77.52
C VAL J 289 33.02 -63.20 -79.02
N LYS J 290 33.05 -64.33 -79.72
CA LYS J 290 33.39 -64.35 -81.14
C LYS J 290 32.34 -63.62 -81.98
N GLU J 291 31.05 -63.82 -81.70
CA GLU J 291 30.04 -63.07 -82.46
C GLU J 291 29.59 -61.79 -81.76
N THR J 292 30.49 -61.13 -81.02
CA THR J 292 30.21 -59.78 -80.56
C THR J 292 31.28 -58.83 -81.08
N PRO J 293 30.90 -57.75 -81.76
CA PRO J 293 31.89 -56.83 -82.30
C PRO J 293 32.65 -56.10 -81.20
N ASN J 294 33.94 -55.85 -81.47
CA ASN J 294 34.85 -55.12 -80.57
C ASN J 294 34.93 -55.77 -79.19
N ALA J 295 34.87 -57.10 -79.13
CA ALA J 295 34.82 -57.81 -77.87
C ALA J 295 36.05 -58.67 -77.69
N THR J 296 36.60 -58.67 -76.48
CA THR J 296 37.73 -59.50 -76.11
C THR J 296 37.28 -60.44 -74.99
N TRP J 297 38.25 -61.14 -74.40
CA TRP J 297 37.94 -62.04 -73.29
C TRP J 297 37.47 -61.24 -72.09
N PRO J 298 36.36 -61.63 -71.46
CA PRO J 298 35.80 -60.85 -70.34
C PRO J 298 36.74 -60.83 -69.15
N VAL J 299 36.86 -59.66 -68.53
CA VAL J 299 37.71 -59.49 -67.36
C VAL J 299 36.92 -59.36 -66.08
N HIS J 300 35.60 -59.44 -66.15
CA HIS J 300 34.76 -59.31 -64.97
C HIS J 300 33.41 -59.95 -65.26
N ALA J 301 32.76 -60.46 -64.22
CA ALA J 301 31.44 -61.06 -64.36
C ALA J 301 30.57 -60.60 -63.21
N VAL J 302 29.31 -60.25 -63.52
CA VAL J 302 28.35 -59.78 -62.52
C VAL J 302 27.14 -60.70 -62.58
N ILE J 303 26.77 -61.28 -61.44
CA ILE J 303 25.70 -62.27 -61.34
C ILE J 303 24.79 -61.87 -60.20
N THR J 304 23.48 -61.85 -60.44
CA THR J 304 22.51 -61.49 -59.42
C THR J 304 22.19 -62.73 -58.60
N ASN J 305 22.81 -62.85 -57.42
CA ASN J 305 22.69 -64.00 -56.54
C ASN J 305 22.22 -63.55 -55.15
N SER J 306 20.95 -63.75 -54.84
CA SER J 306 19.99 -64.51 -55.63
C SER J 306 19.26 -63.62 -56.62
N THR J 307 18.23 -64.17 -57.24
CA THR J 307 17.37 -63.36 -58.10
C THR J 307 16.43 -62.54 -57.21
N TYR J 308 15.52 -61.81 -57.85
CA TYR J 308 14.54 -61.04 -57.10
C TYR J 308 13.60 -61.94 -56.30
N ASP J 309 13.31 -63.13 -56.81
CA ASP J 309 12.41 -64.06 -56.15
C ASP J 309 13.15 -65.10 -55.30
N GLY J 310 14.40 -64.83 -54.96
CA GLY J 310 15.11 -65.66 -54.00
C GLY J 310 15.48 -67.04 -54.51
N LEU J 311 16.20 -67.10 -55.63
CA LEU J 311 16.71 -68.35 -56.17
C LEU J 311 18.23 -68.28 -56.14
N LEU J 312 18.81 -68.92 -55.14
CA LEU J 312 20.26 -68.97 -54.99
C LEU J 312 20.86 -69.87 -56.06
N TYR J 313 22.15 -69.69 -56.30
CA TYR J 313 22.86 -70.49 -57.28
C TYR J 313 23.79 -71.47 -56.56
N ASN J 314 24.23 -72.47 -57.29
CA ASN J 314 25.33 -73.31 -56.83
C ASN J 314 26.61 -72.55 -57.15
N THR J 315 27.00 -71.66 -56.24
CA THR J 315 28.10 -70.75 -56.47
C THR J 315 29.46 -71.44 -56.49
N ASP J 316 29.57 -72.64 -55.93
CA ASP J 316 30.85 -73.37 -56.03
C ASP J 316 31.13 -73.78 -57.46
N PHE J 317 30.08 -74.21 -58.18
CA PHE J 317 30.18 -74.46 -59.61
C PHE J 317 30.63 -73.20 -60.35
N ILE J 318 30.08 -72.05 -59.97
CA ILE J 318 30.40 -70.80 -60.65
C ILE J 318 31.85 -70.41 -60.40
N LYS J 319 32.28 -70.44 -59.14
CA LYS J 319 33.63 -70.08 -58.79
C LYS J 319 34.66 -71.10 -59.27
N LYS J 320 34.25 -72.31 -59.60
CA LYS J 320 35.18 -73.25 -60.18
C LYS J 320 35.30 -73.14 -61.70
N THR J 321 34.17 -72.95 -62.39
CA THR J 321 34.19 -73.10 -63.84
C THR J 321 34.13 -71.80 -64.63
N LEU J 322 33.65 -70.71 -64.04
CA LEU J 322 33.64 -69.43 -64.74
C LEU J 322 35.07 -68.91 -64.80
N ASP J 323 35.65 -68.90 -66.00
CA ASP J 323 37.08 -68.63 -66.17
C ASP J 323 37.38 -67.14 -66.37
N VAL J 324 36.89 -66.30 -65.46
CA VAL J 324 37.21 -64.89 -65.48
C VAL J 324 37.97 -64.56 -64.21
N LYS J 325 38.68 -63.43 -64.25
CA LYS J 325 39.58 -63.06 -63.16
C LYS J 325 38.88 -62.37 -62.00
N SER J 326 37.59 -62.06 -62.12
CA SER J 326 36.85 -61.44 -61.03
C SER J 326 35.37 -61.73 -61.23
N ILE J 327 34.75 -62.38 -60.25
CA ILE J 327 33.34 -62.71 -60.29
C ILE J 327 32.63 -61.88 -59.23
N HIS J 328 31.66 -61.09 -59.64
CA HIS J 328 30.88 -60.27 -58.74
C HIS J 328 29.48 -60.84 -58.57
N PHE J 329 29.06 -60.97 -57.31
CA PHE J 329 27.71 -61.44 -56.98
C PHE J 329 26.95 -60.24 -56.44
N ASP J 330 25.91 -59.83 -57.15
CA ASP J 330 25.07 -58.71 -56.73
C ASP J 330 24.05 -59.25 -55.73
N SER J 331 24.54 -59.50 -54.51
CA SER J 331 23.72 -60.14 -53.49
C SER J 331 22.92 -59.11 -52.70
N ALA J 332 22.16 -58.31 -53.43
CA ALA J 332 21.34 -57.30 -52.78
C ALA J 332 20.21 -57.91 -51.95
N TRP J 333 19.66 -59.03 -52.39
CA TRP J 333 18.54 -59.65 -51.68
C TRP J 333 18.95 -60.76 -50.73
N VAL J 334 20.22 -61.15 -50.70
CA VAL J 334 20.67 -62.17 -49.76
C VAL J 334 21.87 -61.61 -48.99
N PRO J 335 21.67 -60.78 -47.97
CA PRO J 335 22.81 -60.32 -47.17
C PRO J 335 23.07 -61.14 -45.91
N TYR J 336 22.12 -62.00 -45.55
CA TYR J 336 22.12 -62.73 -44.29
C TYR J 336 22.80 -64.08 -44.39
N THR J 337 23.69 -64.27 -45.36
CA THR J 337 24.10 -65.61 -45.77
C THR J 337 24.92 -66.35 -44.72
N ASN J 338 25.87 -65.69 -44.07
CA ASN J 338 26.83 -66.33 -43.19
C ASN J 338 26.18 -66.86 -41.92
N PHE J 339 24.97 -66.40 -41.59
CA PHE J 339 24.43 -66.53 -40.25
C PHE J 339 23.50 -67.73 -40.09
N SER J 340 23.44 -68.63 -41.08
CA SER J 340 22.80 -69.90 -40.91
C SER J 340 23.49 -70.85 -41.88
N PRO J 341 23.89 -72.05 -41.42
CA PRO J 341 24.53 -73.02 -42.31
C PRO J 341 23.62 -73.62 -43.37
N ILE J 342 22.36 -73.18 -43.43
CA ILE J 342 21.48 -73.54 -44.53
C ILE J 342 22.06 -73.02 -45.84
N TYR J 343 22.62 -71.81 -45.83
CA TYR J 343 23.11 -71.15 -47.02
C TYR J 343 24.58 -71.44 -47.32
N GLU J 344 25.11 -72.56 -46.83
CA GLU J 344 26.48 -72.93 -47.15
C GLU J 344 26.59 -73.27 -48.63
N GLY J 345 27.65 -72.77 -49.27
CA GLY J 345 27.80 -72.98 -50.70
C GLY J 345 26.81 -72.21 -51.53
N LYS J 346 26.36 -71.04 -51.06
CA LYS J 346 25.33 -70.27 -51.73
C LYS J 346 25.58 -68.76 -51.67
N CYS J 347 26.84 -68.34 -51.62
CA CYS J 347 27.19 -66.93 -51.78
C CYS J 347 28.61 -66.84 -52.26
N GLY J 348 29.03 -65.61 -52.57
CA GLY J 348 30.40 -65.37 -52.94
C GLY J 348 31.39 -65.67 -51.83
N MET J 349 31.00 -65.39 -50.58
CA MET J 349 31.86 -65.63 -49.43
C MET J 349 31.78 -67.06 -48.90
N SER J 350 30.92 -67.89 -49.49
CA SER J 350 30.89 -69.29 -49.12
C SER J 350 32.17 -69.98 -49.57
N GLY J 351 32.66 -70.87 -48.73
CA GLY J 351 33.91 -71.54 -49.02
C GLY J 351 35.10 -70.65 -48.76
N GLY J 352 36.27 -71.16 -49.14
CA GLY J 352 37.52 -70.48 -48.89
C GLY J 352 37.88 -69.51 -50.00
N ARG J 353 39.10 -68.98 -49.89
CA ARG J 353 39.64 -68.07 -50.89
C ARG J 353 39.92 -68.85 -52.16
N VAL J 354 39.19 -68.55 -53.22
CA VAL J 354 39.37 -69.26 -54.49
C VAL J 354 40.66 -68.76 -55.14
N GLU J 355 41.33 -69.66 -55.85
CA GLU J 355 42.62 -69.36 -56.44
C GLU J 355 42.45 -68.68 -57.79
N GLY J 356 43.22 -67.62 -58.02
CA GLY J 356 43.32 -67.02 -59.33
C GLY J 356 42.27 -65.99 -59.68
N LYS J 357 41.30 -65.74 -58.81
CA LYS J 357 40.28 -64.74 -59.08
C LYS J 357 39.77 -64.16 -57.78
N VAL J 358 39.23 -62.95 -57.86
CA VAL J 358 38.72 -62.23 -56.70
C VAL J 358 37.20 -62.25 -56.76
N ILE J 359 36.58 -62.67 -55.67
CA ILE J 359 35.13 -62.77 -55.60
C ILE J 359 34.61 -61.55 -54.87
N TYR J 360 33.75 -60.79 -55.53
CA TYR J 360 33.08 -59.66 -54.92
C TYR J 360 31.68 -60.04 -54.50
N GLU J 361 31.21 -59.45 -53.41
CA GLU J 361 29.82 -59.59 -53.01
C GLU J 361 29.38 -58.28 -52.39
N THR J 362 28.20 -57.80 -52.78
CA THR J 362 27.76 -56.43 -52.49
C THR J 362 26.40 -56.45 -51.82
N GLN J 363 26.31 -57.18 -50.71
CA GLN J 363 25.14 -57.27 -49.85
C GLN J 363 24.50 -55.92 -49.58
N SER J 364 23.22 -55.80 -49.94
CA SER J 364 22.44 -54.62 -49.58
C SER J 364 21.90 -54.83 -48.18
N THR J 365 22.59 -54.26 -47.19
CA THR J 365 22.32 -54.53 -45.79
C THR J 365 20.96 -54.02 -45.35
N HIS J 366 20.45 -52.95 -45.95
CA HIS J 366 19.18 -52.39 -45.51
C HIS J 366 18.00 -53.24 -45.95
N1 LLP J 367 20.62 -54.00 -57.03
C2 LLP J 367 19.77 -55.04 -56.97
C2' LLP J 367 20.02 -56.33 -57.80
C3 LLP J 367 18.62 -54.95 -56.14
O3 LLP J 367 17.73 -56.04 -56.08
C4 LLP J 367 18.38 -53.84 -55.39
C4' LLP J 367 17.08 -53.76 -54.44
C5 LLP J 367 19.24 -52.79 -55.44
C6 LLP J 367 20.37 -52.85 -56.27
C5' LLP J 367 18.91 -51.53 -54.57
OP4 LLP J 367 20.00 -50.66 -54.50
P LLP J 367 20.01 -49.70 -53.29
OP1 LLP J 367 18.68 -48.96 -53.23
OP2 LLP J 367 21.11 -48.74 -53.46
OP3 LLP J 367 20.21 -50.47 -52.04
N LLP J 367 18.20 -54.08 -46.95
CA LLP J 367 17.09 -54.82 -47.58
CB LLP J 367 17.55 -55.44 -48.87
CG LLP J 367 17.69 -54.35 -49.93
CD LLP J 367 16.47 -54.35 -50.86
CE LLP J 367 16.76 -53.50 -52.12
NZ LLP J 367 17.37 -54.34 -53.17
C LLP J 367 16.52 -55.87 -46.70
O LLP J 367 15.33 -55.85 -46.45
N LEU J 368 17.35 -56.79 -46.22
CA LEU J 368 16.83 -57.93 -45.46
C LEU J 368 17.33 -57.96 -44.01
N LEU J 369 18.47 -57.33 -43.74
CA LEU J 369 18.93 -57.16 -42.38
C LEU J 369 18.25 -55.95 -41.75
N ALA J 370 18.66 -55.60 -40.54
CA ALA J 370 18.09 -54.47 -39.84
C ALA J 370 19.07 -53.30 -39.93
N ALA J 371 18.90 -52.49 -40.96
CA ALA J 371 19.73 -51.31 -41.14
C ALA J 371 18.93 -50.21 -41.80
N PHE J 372 19.40 -48.97 -41.60
CA PHE J 372 18.81 -47.82 -42.25
C PHE J 372 19.00 -47.90 -43.77
N SER J 373 18.14 -47.24 -44.51
CA SER J 373 18.21 -47.28 -45.96
C SER J 373 19.48 -46.60 -46.46
N GLN J 374 19.78 -46.83 -47.74
CA GLN J 374 21.01 -46.41 -48.41
C GLN J 374 22.25 -46.99 -47.74
N ALA J 375 22.13 -48.14 -47.08
CA ALA J 375 23.26 -48.81 -46.49
C ALA J 375 23.63 -50.02 -47.31
N SER J 376 24.93 -50.22 -47.52
CA SER J 376 25.40 -51.33 -48.33
C SER J 376 26.81 -51.67 -47.91
N MET J 377 27.28 -52.81 -48.40
CA MET J 377 28.62 -53.30 -48.11
C MET J 377 29.24 -53.82 -49.38
N ILE J 378 30.57 -53.85 -49.40
CA ILE J 378 31.32 -54.51 -50.45
C ILE J 378 32.30 -55.45 -49.78
N HIS J 379 32.03 -56.74 -49.86
CA HIS J 379 32.93 -57.76 -49.35
C HIS J 379 33.75 -58.30 -50.50
N VAL J 380 35.06 -58.38 -50.32
CA VAL J 380 35.93 -58.95 -51.34
C VAL J 380 36.50 -60.25 -50.79
N LYS J 381 36.99 -61.08 -51.70
CA LYS J 381 37.62 -62.34 -51.33
C LYS J 381 38.74 -62.59 -52.33
N GLY J 382 39.97 -62.29 -51.93
CA GLY J 382 41.10 -62.39 -52.81
C GLY J 382 42.06 -61.26 -52.55
N ASP J 383 42.91 -60.98 -53.53
CA ASP J 383 43.90 -59.93 -53.44
C ASP J 383 43.56 -58.85 -54.45
N VAL J 384 43.40 -57.62 -53.98
CA VAL J 384 43.12 -56.48 -54.84
C VAL J 384 44.16 -55.41 -54.57
N ASN J 385 44.34 -54.54 -55.56
CA ASN J 385 45.22 -53.38 -55.39
C ASN J 385 44.56 -52.45 -54.39
N GLU J 386 45.13 -52.34 -53.19
CA GLU J 386 44.48 -51.67 -52.07
C GLU J 386 44.23 -50.20 -52.35
N GLU J 387 45.23 -49.50 -52.88
CA GLU J 387 45.06 -48.07 -53.12
C GLU J 387 44.18 -47.79 -54.31
N THR J 388 44.29 -48.58 -55.39
CA THR J 388 43.42 -48.38 -56.55
C THR J 388 41.97 -48.65 -56.22
N PHE J 389 41.69 -49.74 -55.50
CA PHE J 389 40.33 -50.06 -55.13
C PHE J 389 39.79 -49.12 -54.05
N ASN J 390 40.64 -48.66 -53.12
CA ASN J 390 40.22 -47.64 -52.17
C ASN J 390 39.88 -46.34 -52.88
N GLU J 391 40.66 -45.99 -53.91
CA GLU J 391 40.37 -44.76 -54.65
C GLU J 391 39.09 -44.90 -55.46
N ALA J 392 38.83 -46.09 -56.01
CA ALA J 392 37.56 -46.33 -56.70
C ALA J 392 36.38 -46.25 -55.75
N TYR J 393 36.54 -46.76 -54.52
CA TYR J 393 35.49 -46.63 -53.51
C TYR J 393 35.27 -45.17 -53.13
N MET J 394 36.36 -44.42 -52.94
CA MET J 394 36.26 -43.00 -52.64
C MET J 394 35.65 -42.21 -53.79
N MET J 395 35.80 -42.71 -55.02
CA MET J 395 35.31 -42.01 -56.20
C MET J 395 33.79 -41.88 -56.24
N HIS J 396 33.06 -42.90 -55.80
CA HIS J 396 31.61 -42.87 -55.91
C HIS J 396 30.88 -42.46 -54.64
N THR J 397 31.47 -42.68 -53.47
CA THR J 397 30.79 -42.28 -52.25
C THR J 397 30.94 -40.78 -52.02
N THR J 398 30.09 -40.25 -51.15
CA THR J 398 30.16 -38.87 -50.76
C THR J 398 31.36 -38.64 -49.84
N THR J 399 31.62 -37.37 -49.55
CA THR J 399 32.72 -37.02 -48.66
C THR J 399 32.29 -36.82 -47.22
N SER J 400 31.04 -36.39 -46.98
CA SER J 400 30.50 -36.21 -45.64
C SER J 400 29.30 -37.13 -45.51
N PRO J 401 29.48 -38.35 -45.03
CA PRO J 401 28.39 -39.31 -45.00
C PRO J 401 27.48 -39.10 -43.79
N HIS J 402 26.31 -39.71 -43.86
CA HIS J 402 25.36 -39.70 -42.76
C HIS J 402 25.78 -40.75 -41.75
N TYR J 403 26.27 -40.32 -40.59
CA TYR J 403 26.79 -41.27 -39.61
C TYR J 403 25.71 -42.14 -38.98
N GLY J 404 24.44 -41.74 -39.07
CA GLY J 404 23.37 -42.64 -38.67
C GLY J 404 23.30 -43.86 -39.56
N ILE J 405 23.46 -43.67 -40.87
CA ILE J 405 23.46 -44.79 -41.81
C ILE J 405 24.68 -45.69 -41.58
N VAL J 406 25.85 -45.10 -41.31
CA VAL J 406 27.06 -45.86 -41.06
C VAL J 406 26.94 -46.67 -39.76
N ALA J 407 26.43 -46.03 -38.70
CA ALA J 407 26.23 -46.73 -37.44
C ALA J 407 25.19 -47.83 -37.58
N SER J 408 24.13 -47.60 -38.36
CA SER J 408 23.15 -48.65 -38.60
C SER J 408 23.74 -49.79 -39.42
N THR J 409 24.61 -49.47 -40.38
CA THR J 409 25.27 -50.48 -41.20
C THR J 409 26.13 -51.39 -40.34
N GLU J 410 26.87 -50.82 -39.39
CA GLU J 410 27.67 -51.66 -38.51
C GLU J 410 26.83 -52.39 -37.47
N THR J 411 25.82 -51.73 -36.91
CA THR J 411 24.96 -52.35 -35.91
C THR J 411 24.15 -53.51 -36.49
N ALA J 412 23.89 -53.49 -37.80
CA ALA J 412 23.23 -54.63 -38.42
C ALA J 412 24.09 -55.89 -38.34
N ALA J 413 25.39 -55.79 -38.57
CA ALA J 413 26.26 -56.94 -38.36
C ALA J 413 26.41 -57.26 -36.89
N ALA J 414 26.43 -56.23 -36.04
CA ALA J 414 26.54 -56.46 -34.61
C ALA J 414 25.33 -57.17 -34.02
N MET J 415 24.17 -57.07 -34.68
CA MET J 415 22.99 -57.85 -34.28
C MET J 415 23.12 -59.32 -34.58
N MET J 416 24.16 -59.73 -35.31
CA MET J 416 24.27 -61.10 -35.76
C MET J 416 25.40 -61.89 -35.12
N LYS J 417 26.22 -61.25 -34.28
CA LYS J 417 27.24 -61.98 -33.52
C LYS J 417 26.62 -62.57 -32.28
N GLY J 418 27.10 -63.74 -31.89
CA GLY J 418 26.67 -64.39 -30.67
C GLY J 418 25.56 -65.40 -30.92
N ASN J 419 24.78 -65.63 -29.88
CA ASN J 419 23.65 -66.54 -29.97
C ASN J 419 22.37 -65.82 -30.39
N ALA J 420 22.28 -64.52 -30.13
CA ALA J 420 21.08 -63.77 -30.50
C ALA J 420 20.91 -63.67 -32.00
N GLY J 421 22.00 -63.46 -32.75
CA GLY J 421 21.88 -63.39 -34.19
C GLY J 421 21.50 -64.71 -34.83
N LYS J 422 22.11 -65.80 -34.34
CA LYS J 422 21.74 -67.13 -34.82
C LYS J 422 20.28 -67.43 -34.50
N ARG J 423 19.84 -67.02 -33.30
CA ARG J 423 18.43 -67.20 -32.94
C ARG J 423 17.52 -66.37 -33.83
N LEU J 424 17.92 -65.15 -34.20
CA LEU J 424 17.15 -64.34 -35.13
C LEU J 424 17.00 -65.01 -36.48
N ILE J 425 18.11 -65.44 -37.08
CA ILE J 425 18.07 -66.01 -38.41
C ILE J 425 17.30 -67.33 -38.42
N ASN J 426 17.56 -68.20 -37.44
CA ASN J 426 16.85 -69.46 -37.39
C ASN J 426 15.37 -69.26 -37.09
N GLY J 427 15.02 -68.28 -36.25
CA GLY J 427 13.62 -68.00 -36.00
C GLY J 427 12.91 -67.46 -37.23
N SER J 428 13.58 -66.61 -38.00
CA SER J 428 12.98 -66.09 -39.22
C SER J 428 12.77 -67.19 -40.26
N ILE J 429 13.76 -68.07 -40.43
CA ILE J 429 13.62 -69.15 -41.39
C ILE J 429 12.55 -70.14 -40.96
N GLU J 430 12.50 -70.49 -39.67
CA GLU J 430 11.49 -71.40 -39.16
C GLU J 430 10.09 -70.81 -39.26
N ARG J 431 9.95 -69.52 -38.97
CA ARG J 431 8.67 -68.85 -39.13
C ARG J 431 8.23 -68.82 -40.59
N ALA J 432 9.17 -68.59 -41.51
CA ALA J 432 8.83 -68.63 -42.93
C ALA J 432 8.36 -70.02 -43.35
N ILE J 433 9.05 -71.06 -42.87
CA ILE J 433 8.69 -72.42 -43.24
C ILE J 433 7.33 -72.80 -42.66
N LYS J 434 7.04 -72.37 -41.43
CA LYS J 434 5.74 -72.65 -40.83
C LYS J 434 4.60 -71.90 -41.53
N PHE J 435 4.86 -70.67 -41.95
CA PHE J 435 3.89 -69.95 -42.76
C PHE J 435 3.63 -70.66 -44.08
N ARG J 436 4.69 -71.17 -44.71
CA ARG J 436 4.54 -71.92 -45.96
C ARG J 436 3.71 -73.18 -45.76
N LYS J 437 3.96 -73.89 -44.65
CA LYS J 437 3.19 -75.10 -44.39
C LYS J 437 1.72 -74.81 -44.15
N GLU J 438 1.37 -73.75 -43.40
CA GLU J 438 -0.07 -73.50 -43.37
C GLU J 438 -0.64 -72.87 -44.62
N ILE J 439 0.12 -72.17 -45.45
CA ILE J 439 -0.59 -71.67 -46.62
C ILE J 439 -0.90 -72.82 -47.58
N LYS J 440 -0.02 -73.81 -47.69
CA LYS J 440 -0.44 -75.02 -48.39
C LYS J 440 -1.50 -75.81 -47.63
N ARG J 441 -1.55 -75.72 -46.30
CA ARG J 441 -2.59 -76.43 -45.56
C ARG J 441 -3.96 -75.77 -45.74
N LEU J 442 -4.02 -74.45 -45.67
CA LEU J 442 -5.25 -73.72 -45.89
C LEU J 442 -5.72 -73.82 -47.33
N ARG J 443 -4.80 -74.05 -48.27
CA ARG J 443 -5.23 -74.33 -49.65
C ARG J 443 -6.07 -75.60 -49.72
N THR J 444 -5.65 -76.66 -49.02
CA THR J 444 -6.41 -77.90 -49.03
C THR J 444 -7.52 -77.91 -47.99
N GLU J 445 -7.57 -76.91 -47.11
CA GLU J 445 -8.65 -76.85 -46.13
C GLU J 445 -9.85 -76.08 -46.67
N SER J 446 -9.62 -75.07 -47.50
CA SER J 446 -10.69 -74.18 -47.93
C SER J 446 -11.52 -74.82 -49.03
N ASP J 447 -12.62 -74.14 -49.35
CA ASP J 447 -13.51 -74.55 -50.42
C ASP J 447 -13.23 -73.72 -51.67
N GLY J 448 -13.38 -74.35 -52.83
CA GLY J 448 -13.16 -73.66 -54.09
C GLY J 448 -11.69 -73.31 -54.28
N TRP J 449 -11.44 -72.05 -54.59
CA TRP J 449 -10.09 -71.57 -54.86
C TRP J 449 -9.42 -71.10 -53.58
N PHE J 450 -8.09 -71.08 -53.61
CA PHE J 450 -7.30 -70.45 -52.55
C PHE J 450 -5.94 -70.08 -53.11
N PHE J 451 -5.23 -69.25 -52.36
CA PHE J 451 -3.88 -68.87 -52.74
C PHE J 451 -2.94 -70.05 -52.66
N ASP J 452 -2.18 -70.25 -53.73
CA ASP J 452 -1.11 -71.23 -53.76
C ASP J 452 0.19 -70.51 -53.48
N VAL J 453 1.22 -71.25 -53.07
CA VAL J 453 2.55 -70.70 -52.90
C VAL J 453 3.56 -71.54 -53.67
N TRP J 454 4.37 -70.85 -54.46
CA TRP J 454 5.25 -71.43 -55.46
C TRP J 454 6.46 -72.03 -54.74
N GLN J 455 6.31 -73.29 -54.35
CA GLN J 455 7.28 -73.97 -53.52
C GLN J 455 7.10 -75.48 -53.73
N PRO J 456 8.10 -76.29 -53.37
CA PRO J 456 7.96 -77.75 -53.55
C PRO J 456 6.80 -78.32 -52.76
N ASP J 457 6.21 -79.38 -53.32
CA ASP J 457 5.01 -79.97 -52.77
C ASP J 457 5.22 -80.56 -51.39
N HIS J 458 6.41 -81.08 -51.09
CA HIS J 458 6.75 -81.59 -49.76
C HIS J 458 7.93 -80.80 -49.23
N ILE J 459 7.65 -79.88 -48.30
CA ILE J 459 8.67 -79.18 -47.55
C ILE J 459 8.41 -79.41 -46.07
N ASP J 460 9.40 -79.94 -45.38
CA ASP J 460 9.31 -80.08 -43.93
C ASP J 460 10.65 -79.91 -43.23
N THR J 461 11.72 -79.64 -43.95
CA THR J 461 13.05 -79.49 -43.38
C THR J 461 13.54 -78.06 -43.62
N THR J 462 14.45 -77.61 -42.76
CA THR J 462 14.99 -76.27 -42.84
C THR J 462 16.22 -76.29 -43.75
N GLU J 463 15.96 -76.24 -45.05
CA GLU J 463 17.01 -76.18 -46.05
C GLU J 463 16.52 -75.36 -47.23
N CYS J 464 17.46 -74.88 -48.02
CA CYS J 464 17.13 -74.31 -49.31
C CYS J 464 16.70 -75.43 -50.25
N TRP J 465 15.42 -75.48 -50.56
CA TRP J 465 14.91 -76.63 -51.30
C TRP J 465 15.36 -76.58 -52.75
N PRO J 466 16.10 -77.57 -53.23
CA PRO J 466 16.67 -77.50 -54.58
C PRO J 466 15.60 -77.64 -55.64
N LEU J 467 15.80 -76.94 -56.75
CA LEU J 467 14.87 -77.00 -57.87
C LEU J 467 15.27 -78.20 -58.72
N ARG J 468 14.48 -79.26 -58.66
CA ARG J 468 14.81 -80.51 -59.32
C ARG J 468 14.13 -80.59 -60.67
N SER J 469 14.83 -81.18 -61.64
CA SER J 469 14.28 -81.34 -62.98
C SER J 469 13.15 -82.37 -63.01
N ASP J 470 13.05 -83.21 -61.99
CA ASP J 470 12.03 -84.25 -61.94
C ASP J 470 10.74 -83.79 -61.28
N SER J 471 10.62 -82.49 -61.03
CA SER J 471 9.41 -81.91 -60.45
C SER J 471 8.98 -80.72 -61.28
N THR J 472 7.71 -80.33 -61.10
CA THR J 472 7.14 -79.29 -61.96
C THR J 472 6.53 -78.13 -61.17
N TRP J 473 6.86 -77.99 -59.89
CA TRP J 473 6.31 -76.88 -59.12
C TRP J 473 6.92 -75.55 -59.56
N HIS J 474 8.18 -75.56 -59.99
CA HIS J 474 8.83 -74.31 -60.37
C HIS J 474 8.41 -73.82 -61.74
N GLY J 475 8.40 -74.68 -62.74
CA GLY J 475 7.97 -74.32 -64.08
C GLY J 475 9.09 -74.09 -65.07
N PHE J 476 10.35 -74.00 -64.61
CA PHE J 476 11.47 -73.85 -65.52
C PHE J 476 11.74 -75.20 -66.16
N LYS J 477 11.50 -75.28 -67.47
CA LYS J 477 11.62 -76.55 -68.19
C LYS J 477 13.10 -76.88 -68.44
N ASN J 478 13.41 -78.17 -68.35
CA ASN J 478 14.76 -78.72 -68.60
C ASN J 478 15.81 -78.06 -67.71
N ILE J 479 15.44 -77.80 -66.47
CA ILE J 479 16.33 -77.12 -65.54
C ILE J 479 17.41 -78.08 -65.08
N ASP J 480 18.57 -77.53 -64.75
CA ASP J 480 19.72 -78.31 -64.32
C ASP J 480 19.64 -78.60 -62.83
N ASN J 481 20.03 -79.82 -62.45
CA ASN J 481 19.92 -80.25 -61.07
C ASN J 481 21.05 -79.70 -60.22
N GLU J 482 20.70 -79.26 -59.01
CA GLU J 482 21.58 -78.51 -58.10
C GLU J 482 22.23 -77.33 -58.80
N HIS J 483 21.40 -76.41 -59.25
CA HIS J 483 21.85 -75.10 -59.69
C HIS J 483 20.98 -74.06 -59.01
N MET J 484 19.79 -74.44 -58.59
CA MET J 484 18.86 -73.53 -57.94
C MET J 484 18.42 -74.05 -56.60
N TYR J 485 18.24 -73.11 -55.68
CA TYR J 485 17.89 -73.38 -54.29
C TYR J 485 16.92 -72.30 -53.85
N LEU J 486 15.72 -72.69 -53.47
CA LEU J 486 14.70 -71.73 -53.06
C LEU J 486 15.03 -71.16 -51.70
N ASP J 487 15.00 -69.85 -51.59
CA ASP J 487 15.15 -69.22 -50.29
C ASP J 487 13.82 -69.27 -49.55
N PRO J 488 13.78 -69.91 -48.37
CA PRO J 488 12.48 -70.08 -47.68
C PRO J 488 11.83 -68.79 -47.22
N ILE J 489 12.59 -67.70 -47.03
CA ILE J 489 11.99 -66.51 -46.43
C ILE J 489 11.44 -65.53 -47.46
N LYS J 490 11.64 -65.78 -48.76
CA LYS J 490 11.04 -64.95 -49.79
C LYS J 490 9.83 -65.70 -50.34
N VAL J 491 8.73 -65.61 -49.61
CA VAL J 491 7.52 -66.38 -49.93
C VAL J 491 6.82 -65.71 -51.10
N THR J 492 6.59 -66.47 -52.16
CA THR J 492 5.91 -65.99 -53.35
C THR J 492 4.55 -66.66 -53.41
N LEU J 493 3.52 -65.95 -52.97
CA LEU J 493 2.17 -66.46 -53.11
C LEU J 493 1.75 -66.48 -54.57
N LEU J 494 0.73 -67.28 -54.85
CA LEU J 494 0.16 -67.35 -56.19
C LEU J 494 -1.34 -67.18 -56.08
N THR J 495 -1.92 -66.66 -57.15
CA THR J 495 -3.34 -66.46 -57.26
C THR J 495 -3.90 -67.35 -58.36
N PRO J 496 -5.20 -67.65 -58.33
CA PRO J 496 -5.80 -68.45 -59.41
C PRO J 496 -5.70 -67.75 -60.75
N GLY J 497 -5.65 -68.57 -61.80
CA GLY J 497 -5.56 -68.06 -63.15
C GLY J 497 -4.60 -68.86 -64.02
N MET J 498 -3.65 -69.54 -63.38
CA MET J 498 -2.65 -70.33 -64.08
C MET J 498 -2.85 -71.81 -63.78
N GLU J 499 -2.74 -72.63 -64.83
CA GLU J 499 -2.68 -74.06 -64.62
C GLU J 499 -1.24 -74.47 -64.34
N LYS J 500 -1.05 -75.75 -63.99
CA LYS J 500 0.27 -76.22 -63.60
C LYS J 500 1.21 -76.39 -64.80
N ASP J 501 0.67 -76.70 -65.97
CA ASP J 501 1.51 -76.89 -67.15
C ASP J 501 1.90 -75.58 -67.81
N GLY J 502 1.33 -74.46 -67.39
CA GLY J 502 1.67 -73.15 -67.92
C GLY J 502 0.54 -72.43 -68.62
N THR J 503 -0.48 -73.16 -69.08
CA THR J 503 -1.61 -72.52 -69.73
C THR J 503 -2.48 -71.79 -68.70
N MET J 504 -3.32 -70.90 -69.21
CA MET J 504 -4.17 -70.09 -68.34
C MET J 504 -5.48 -70.79 -68.06
N SER J 505 -6.00 -70.59 -66.86
CA SER J 505 -7.32 -71.08 -66.48
C SER J 505 -8.38 -70.12 -66.96
N ASP J 506 -9.63 -70.36 -66.54
CA ASP J 506 -10.72 -69.45 -66.83
C ASP J 506 -11.05 -68.52 -65.68
N PHE J 507 -11.14 -69.05 -64.46
CA PHE J 507 -11.37 -68.24 -63.27
C PHE J 507 -10.03 -67.81 -62.69
N GLY J 508 -9.87 -66.52 -62.46
CA GLY J 508 -8.60 -66.02 -61.97
C GLY J 508 -8.73 -64.64 -61.36
N ILE J 509 -7.76 -64.32 -60.50
CA ILE J 509 -7.63 -63.00 -59.91
C ILE J 509 -6.19 -62.56 -60.16
N PRO J 510 -5.94 -61.52 -60.94
CA PRO J 510 -4.58 -60.99 -61.02
C PRO J 510 -4.17 -60.34 -59.72
N ALA J 511 -2.88 -60.41 -59.43
CA ALA J 511 -2.35 -60.09 -58.11
C ALA J 511 -2.42 -58.61 -57.76
N SER J 512 -2.72 -57.75 -58.74
CA SER J 512 -2.88 -56.32 -58.44
C SER J 512 -4.05 -56.06 -57.50
N ILE J 513 -5.18 -56.75 -57.70
CA ILE J 513 -6.33 -56.60 -56.82
C ILE J 513 -5.99 -57.06 -55.41
N VAL J 514 -5.31 -58.20 -55.28
CA VAL J 514 -4.95 -58.69 -53.95
C VAL J 514 -3.99 -57.73 -53.26
N ALA J 515 -3.01 -57.21 -54.00
CA ALA J 515 -2.06 -56.26 -53.42
C ALA J 515 -2.75 -54.97 -52.99
N LYS J 516 -3.68 -54.47 -53.82
CA LYS J 516 -4.42 -53.27 -53.45
C LYS J 516 -5.32 -53.50 -52.26
N TYR J 517 -5.92 -54.69 -52.14
CA TYR J 517 -6.74 -54.98 -50.98
C TYR J 517 -5.88 -55.03 -49.72
N LEU J 518 -4.71 -55.67 -49.81
CA LEU J 518 -3.83 -55.75 -48.66
C LEU J 518 -3.35 -54.36 -48.25
N ASP J 519 -3.04 -53.51 -49.23
CA ASP J 519 -2.69 -52.12 -48.94
C ASP J 519 -3.85 -51.37 -48.30
N GLU J 520 -5.09 -51.69 -48.69
CA GLU J 520 -6.23 -51.07 -48.04
C GLU J 520 -6.31 -51.49 -46.58
N HIS J 521 -6.05 -52.75 -46.28
CA HIS J 521 -6.12 -53.24 -44.91
C HIS J 521 -4.80 -53.10 -44.16
N GLY J 522 -3.87 -52.31 -44.67
CA GLY J 522 -2.73 -51.90 -43.87
C GLY J 522 -1.59 -52.90 -43.79
N ILE J 523 -1.39 -53.70 -44.83
CA ILE J 523 -0.20 -54.53 -44.98
C ILE J 523 0.33 -54.36 -46.39
N VAL J 524 1.64 -54.27 -46.53
CA VAL J 524 2.27 -53.85 -47.78
C VAL J 524 2.98 -55.04 -48.42
N VAL J 525 2.71 -55.27 -49.69
CA VAL J 525 3.39 -56.29 -50.48
C VAL J 525 4.61 -55.65 -51.13
N GLU J 526 5.69 -56.42 -51.26
CA GLU J 526 6.93 -55.93 -51.83
C GLU J 526 6.74 -55.49 -53.29
N LYS J 527 6.48 -56.43 -54.20
CA LYS J 527 6.12 -56.12 -55.58
C LYS J 527 5.39 -57.33 -56.15
N THR J 528 4.44 -57.08 -57.05
CA THR J 528 3.61 -58.11 -57.63
C THR J 528 3.80 -58.17 -59.14
N GLY J 529 3.66 -59.36 -59.69
CA GLY J 529 3.59 -59.53 -61.13
C GLY J 529 2.14 -59.69 -61.57
N PRO J 530 1.91 -60.52 -62.57
CA PRO J 530 0.54 -60.76 -63.02
C PRO J 530 -0.26 -61.58 -62.03
N TYR J 531 0.31 -62.67 -61.51
CA TYR J 531 -0.41 -63.57 -60.63
C TYR J 531 0.45 -64.05 -59.47
N ASN J 532 1.41 -63.24 -59.04
CA ASN J 532 2.22 -63.61 -57.88
C ASN J 532 2.42 -62.41 -56.97
N LEU J 533 2.57 -62.70 -55.69
CA LEU J 533 2.98 -61.73 -54.70
C LEU J 533 4.37 -62.08 -54.20
N LEU J 534 4.88 -61.27 -53.28
CA LEU J 534 6.18 -61.56 -52.68
C LEU J 534 6.18 -60.98 -51.27
N PHE J 535 6.63 -61.77 -50.29
CA PHE J 535 6.65 -61.29 -48.92
C PHE J 535 8.02 -61.59 -48.32
N LEU J 536 8.74 -60.54 -47.96
CA LEU J 536 10.05 -60.67 -47.35
C LEU J 536 9.86 -61.04 -45.89
N PHE J 537 10.18 -62.29 -45.54
CA PHE J 537 10.14 -62.72 -44.15
C PHE J 537 11.53 -62.52 -43.54
N SER J 538 11.86 -61.24 -43.33
CA SER J 538 13.16 -60.89 -42.79
C SER J 538 13.18 -61.14 -41.29
N ILE J 539 14.22 -60.65 -40.61
CA ILE J 539 14.31 -60.81 -39.16
C ILE J 539 13.30 -59.98 -38.40
N GLY J 540 12.68 -58.99 -39.06
CA GLY J 540 11.66 -58.20 -38.39
C GLY J 540 10.32 -58.90 -38.25
N ILE J 541 10.05 -59.91 -39.07
CA ILE J 541 8.72 -60.52 -39.09
C ILE J 541 8.57 -61.42 -37.88
N ASP J 542 7.54 -61.16 -37.07
CA ASP J 542 7.11 -62.06 -36.02
C ASP J 542 5.73 -62.62 -36.38
N LYS J 543 5.19 -63.46 -35.49
CA LYS J 543 3.95 -64.15 -35.80
C LYS J 543 2.74 -63.24 -35.81
N THR J 544 2.83 -62.04 -35.20
CA THR J 544 1.75 -61.07 -35.29
C THR J 544 1.52 -60.64 -36.74
N LYS J 545 2.60 -60.23 -37.41
CA LYS J 545 2.49 -59.81 -38.81
C LYS J 545 2.11 -60.97 -39.71
N ALA J 546 2.67 -62.15 -39.47
CA ALA J 546 2.35 -63.31 -40.30
C ALA J 546 0.88 -63.69 -40.19
N LEU J 547 0.34 -63.69 -38.97
CA LEU J 547 -1.07 -64.02 -38.79
C LEU J 547 -1.98 -62.94 -39.36
N SER J 548 -1.58 -61.66 -39.23
CA SER J 548 -2.37 -60.60 -39.83
C SER J 548 -2.39 -60.71 -41.35
N LEU J 549 -1.26 -61.09 -41.95
CA LEU J 549 -1.23 -61.30 -43.39
C LEU J 549 -2.11 -62.46 -43.82
N LEU J 550 -2.02 -63.58 -43.11
CA LEU J 550 -2.81 -64.76 -43.47
C LEU J 550 -4.29 -64.46 -43.36
N ARG J 551 -4.60 -63.60 -42.40
CA ARG J 551 -5.98 -63.19 -42.05
C ARG J 551 -6.45 -61.93 -42.79
N ALA J 552 -5.62 -61.31 -43.62
CA ALA J 552 -6.01 -60.40 -44.69
C ALA J 552 -6.27 -61.18 -45.98
N LEU J 553 -5.48 -62.23 -46.22
CA LEU J 553 -5.75 -63.15 -47.32
C LEU J 553 -7.10 -63.83 -47.18
N THR J 554 -7.42 -64.31 -45.97
CA THR J 554 -8.69 -64.99 -45.75
C THR J 554 -9.89 -64.03 -45.87
N ASP J 555 -9.76 -62.82 -45.32
CA ASP J 555 -10.84 -61.85 -45.45
C ASP J 555 -11.03 -61.42 -46.89
N PHE J 556 -9.95 -61.36 -47.68
CA PHE J 556 -10.12 -61.14 -49.12
C PHE J 556 -10.88 -62.29 -49.77
N LYS J 557 -10.58 -63.53 -49.37
CA LYS J 557 -11.31 -64.66 -49.92
C LYS J 557 -12.80 -64.59 -49.60
N ARG J 558 -13.12 -64.23 -48.36
CA ARG J 558 -14.52 -64.12 -47.95
C ARG J 558 -15.21 -62.97 -48.67
N ALA J 559 -14.53 -61.83 -48.83
CA ALA J 559 -15.11 -60.69 -49.51
C ALA J 559 -15.24 -60.91 -51.01
N PHE J 560 -14.40 -61.76 -51.60
CA PHE J 560 -14.50 -62.08 -53.02
C PHE J 560 -15.58 -63.11 -53.29
N ASP J 561 -15.73 -64.11 -52.42
CA ASP J 561 -16.83 -65.04 -52.56
C ASP J 561 -18.18 -64.37 -52.32
N LEU J 562 -18.25 -63.45 -51.35
CA LEU J 562 -19.45 -62.68 -51.15
C LEU J 562 -19.67 -61.64 -52.25
N ASN J 563 -18.62 -61.30 -52.99
CA ASN J 563 -18.64 -60.38 -54.13
C ASN J 563 -19.14 -58.99 -53.71
N LEU J 564 -18.38 -58.38 -52.81
CA LEU J 564 -18.66 -57.01 -52.39
C LEU J 564 -18.32 -56.04 -53.50
N ARG J 565 -18.93 -54.86 -53.43
CA ARG J 565 -18.69 -53.84 -54.44
C ARG J 565 -17.31 -53.22 -54.26
N VAL J 566 -16.81 -52.59 -55.34
CA VAL J 566 -15.51 -51.93 -55.31
C VAL J 566 -15.54 -50.74 -54.35
N LYS J 567 -16.67 -50.05 -54.28
CA LYS J 567 -16.79 -48.86 -53.44
C LYS J 567 -16.61 -49.20 -51.96
N ASN J 568 -17.22 -50.29 -51.48
CA ASN J 568 -17.09 -50.63 -50.08
C ASN J 568 -15.74 -51.28 -49.76
N MET J 569 -15.24 -52.15 -50.63
CA MET J 569 -14.07 -52.92 -50.26
C MET J 569 -12.77 -52.20 -50.60
N LEU J 570 -12.73 -51.49 -51.72
CA LEU J 570 -11.53 -50.80 -52.17
C LEU J 570 -11.84 -49.32 -52.37
N PRO J 571 -11.98 -48.54 -51.29
CA PRO J 571 -12.19 -47.10 -51.46
C PRO J 571 -10.99 -46.37 -52.04
N SER J 572 -9.76 -46.84 -51.78
CA SER J 572 -8.59 -46.22 -52.37
C SER J 572 -8.53 -46.40 -53.88
N LEU J 573 -9.04 -47.53 -54.38
CA LEU J 573 -9.19 -47.71 -55.82
C LEU J 573 -10.47 -47.08 -56.34
N TYR J 574 -11.49 -46.96 -55.49
CA TYR J 574 -12.71 -46.25 -55.85
C TYR J 574 -12.43 -44.78 -56.14
N ARG J 575 -11.56 -44.15 -55.35
CA ARG J 575 -11.24 -42.75 -55.52
C ARG J 575 -10.39 -42.46 -56.76
N GLU J 576 -9.90 -43.50 -57.44
CA GLU J 576 -9.16 -43.27 -58.68
C GLU J 576 -10.07 -42.69 -59.76
N ASP J 577 -11.26 -43.24 -59.92
CA ASP J 577 -12.29 -42.65 -60.78
C ASP J 577 -13.64 -43.15 -60.30
N PRO J 578 -14.30 -42.38 -59.41
CA PRO J 578 -15.59 -42.84 -58.85
C PRO J 578 -16.68 -43.06 -59.87
N GLU J 579 -16.62 -42.40 -61.02
CA GLU J 579 -17.63 -42.60 -62.05
C GLU J 579 -17.57 -43.99 -62.65
N PHE J 580 -16.36 -44.56 -62.75
CA PHE J 580 -16.18 -45.86 -63.39
C PHE J 580 -16.46 -47.02 -62.44
N TYR J 581 -15.96 -46.94 -61.20
CA TYR J 581 -16.10 -48.01 -60.22
C TYR J 581 -17.34 -47.85 -59.35
N GLU J 582 -18.38 -47.18 -59.85
CA GLU J 582 -19.56 -46.92 -59.03
C GLU J 582 -20.39 -48.17 -58.83
N ASN J 583 -20.76 -48.83 -59.92
CA ASN J 583 -21.65 -49.98 -59.90
C ASN J 583 -20.97 -51.25 -60.41
N MET J 584 -19.73 -51.48 -59.97
CA MET J 584 -18.97 -52.64 -60.39
C MET J 584 -18.65 -53.52 -59.18
N ARG J 585 -18.90 -54.81 -59.34
CA ARG J 585 -18.54 -55.78 -58.31
C ARG J 585 -17.10 -56.25 -58.50
N ILE J 586 -16.54 -56.83 -57.45
CA ILE J 586 -15.15 -57.25 -57.52
C ILE J 586 -14.96 -58.47 -58.42
N GLN J 587 -15.94 -59.38 -58.46
CA GLN J 587 -15.82 -60.53 -59.34
C GLN J 587 -15.84 -60.11 -60.80
N GLU J 588 -16.68 -59.14 -61.15
CA GLU J 588 -16.69 -58.62 -62.52
C GLU J 588 -15.37 -57.96 -62.88
N LEU J 589 -14.79 -57.18 -61.96
CA LEU J 589 -13.52 -56.52 -62.22
C LEU J 589 -12.38 -57.53 -62.40
N ALA J 590 -12.31 -58.51 -61.50
CA ALA J 590 -11.28 -59.54 -61.60
C ALA J 590 -11.45 -60.36 -62.88
N GLN J 591 -12.69 -60.73 -63.21
CA GLN J 591 -12.96 -61.47 -64.43
C GLN J 591 -12.59 -60.65 -65.66
N ASN J 592 -12.85 -59.34 -65.63
CA ASN J 592 -12.54 -58.50 -66.79
C ASN J 592 -11.04 -58.36 -67.00
N ILE J 593 -10.27 -58.13 -65.93
CA ILE J 593 -8.84 -58.01 -66.11
C ILE J 593 -8.23 -59.36 -66.48
N HIS J 594 -8.75 -60.45 -65.91
CA HIS J 594 -8.29 -61.77 -66.30
C HIS J 594 -8.60 -62.09 -67.75
N LYS J 595 -9.77 -61.68 -68.25
CA LYS J 595 -10.08 -61.88 -69.66
C LYS J 595 -9.23 -61.00 -70.56
N LEU J 596 -8.88 -59.79 -70.10
CA LEU J 596 -7.94 -58.96 -70.86
C LEU J 596 -6.57 -59.61 -70.94
N ILE J 597 -6.14 -60.29 -69.88
CA ILE J 597 -4.88 -61.01 -69.93
C ILE J 597 -4.98 -62.24 -70.84
N VAL J 598 -6.07 -63.00 -70.73
CA VAL J 598 -6.26 -64.23 -71.52
C VAL J 598 -6.39 -63.96 -73.01
N HIS J 599 -7.27 -63.04 -73.41
CA HIS J 599 -7.53 -62.79 -74.82
C HIS J 599 -6.31 -62.22 -75.53
N HIS J 600 -5.54 -61.39 -74.84
CA HIS J 600 -4.31 -60.84 -75.38
C HIS J 600 -3.12 -61.78 -75.21
N ASN J 601 -3.31 -62.88 -74.48
CA ASN J 601 -2.30 -63.94 -74.29
C ASN J 601 -1.01 -63.37 -73.68
N LEU J 602 -1.15 -62.86 -72.45
CA LEU J 602 -0.01 -62.22 -71.79
C LEU J 602 1.17 -63.15 -71.51
N PRO J 603 1.00 -64.34 -70.88
CA PRO J 603 2.21 -65.11 -70.50
C PRO J 603 2.99 -65.65 -71.68
N ASP J 604 2.33 -66.04 -72.77
CA ASP J 604 3.07 -66.54 -73.92
C ASP J 604 3.89 -65.43 -74.57
N LEU J 605 3.33 -64.23 -74.68
CA LEU J 605 4.09 -63.10 -75.18
C LEU J 605 5.22 -62.71 -74.23
N MET J 606 4.97 -62.72 -72.92
CA MET J 606 6.00 -62.38 -71.94
C MET J 606 7.12 -63.41 -71.95
N TYR J 607 6.82 -64.65 -72.28
CA TYR J 607 7.85 -65.66 -72.42
C TYR J 607 8.66 -65.46 -73.70
N ARG J 608 7.97 -65.43 -74.84
CA ARG J 608 8.64 -65.36 -76.13
C ARG J 608 9.34 -64.03 -76.38
N ALA J 609 9.00 -62.98 -75.64
CA ALA J 609 9.73 -61.73 -75.76
C ALA J 609 11.08 -61.78 -75.06
N PHE J 610 11.19 -62.51 -73.96
CA PHE J 610 12.44 -62.60 -73.23
C PHE J 610 13.29 -63.79 -73.65
N GLU J 611 12.76 -64.69 -74.48
CA GLU J 611 13.61 -65.74 -75.04
C GLU J 611 14.37 -65.28 -76.27
N VAL J 612 14.18 -64.05 -76.73
CA VAL J 612 14.90 -63.50 -77.87
C VAL J 612 15.60 -62.23 -77.44
N LEU J 613 16.91 -62.17 -77.69
CA LEU J 613 17.76 -61.05 -77.34
C LEU J 613 17.78 -59.99 -78.44
N PRO J 614 17.55 -58.73 -78.11
CA PRO J 614 17.67 -57.66 -79.11
C PRO J 614 19.08 -57.51 -79.62
N THR J 615 19.20 -57.07 -80.87
CA THR J 615 20.48 -56.97 -81.55
C THR J 615 21.27 -55.78 -81.02
N MET J 616 22.48 -56.03 -80.53
CA MET J 616 23.35 -54.98 -80.02
C MET J 616 24.04 -54.28 -81.19
N VAL J 617 23.55 -53.10 -81.55
CA VAL J 617 24.23 -52.30 -82.56
C VAL J 617 25.47 -51.65 -81.99
N MET J 618 25.35 -51.03 -80.82
CA MET J 618 26.46 -50.36 -80.17
C MET J 618 26.38 -50.55 -78.67
N THR J 619 27.51 -50.35 -78.01
CA THR J 619 27.59 -50.48 -76.56
C THR J 619 26.74 -49.40 -75.89
N PRO J 620 26.18 -49.69 -74.70
CA PRO J 620 25.38 -48.68 -74.01
C PRO J 620 26.14 -47.42 -73.64
N TYR J 621 27.46 -47.49 -73.49
CA TYR J 621 28.25 -46.27 -73.32
C TYR J 621 28.14 -45.37 -74.55
N ALA J 622 28.21 -45.96 -75.74
CA ALA J 622 28.04 -45.17 -76.95
C ALA J 622 26.61 -44.66 -77.10
N ALA J 623 25.63 -45.43 -76.62
CA ALA J 623 24.25 -44.96 -76.63
C ALA J 623 24.07 -43.75 -75.72
N PHE J 624 24.69 -43.78 -74.53
CA PHE J 624 24.64 -42.62 -73.66
C PHE J 624 25.40 -41.43 -74.24
N GLN J 625 26.50 -41.70 -74.94
CA GLN J 625 27.24 -40.62 -75.60
C GLN J 625 26.42 -39.95 -76.68
N LYS J 626 25.72 -40.74 -77.50
CA LYS J 626 24.86 -40.17 -78.52
C LYS J 626 23.61 -39.53 -77.90
N GLU J 627 23.20 -39.97 -76.72
CA GLU J 627 22.06 -39.36 -76.05
C GLU J 627 22.42 -37.98 -75.49
N LEU J 628 23.63 -37.84 -74.96
CA LEU J 628 24.08 -36.56 -74.44
C LEU J 628 24.24 -35.49 -75.51
N HIS J 629 24.54 -35.87 -76.75
CA HIS J 629 24.74 -34.92 -77.83
C HIS J 629 23.44 -34.49 -78.49
N GLY J 630 22.30 -34.86 -77.91
CA GLY J 630 21.03 -34.44 -78.46
C GLY J 630 20.62 -35.14 -79.73
N MET J 631 21.13 -36.36 -79.97
CA MET J 631 20.82 -37.12 -81.17
C MET J 631 19.64 -38.06 -80.98
N THR J 632 18.71 -37.71 -80.08
CA THR J 632 17.59 -38.57 -79.74
C THR J 632 16.29 -37.95 -80.20
N GLU J 633 15.43 -38.76 -80.81
CA GLU J 633 14.10 -38.37 -81.21
C GLU J 633 13.08 -39.33 -80.60
N GLU J 634 11.87 -38.84 -80.40
CA GLU J 634 10.81 -39.63 -79.78
C GLU J 634 9.87 -40.11 -80.87
N VAL J 635 10.15 -41.30 -81.41
CA VAL J 635 9.29 -41.93 -82.39
C VAL J 635 8.21 -42.66 -81.61
N TYR J 636 7.07 -42.94 -82.22
CA TYR J 636 6.03 -43.67 -81.53
C TYR J 636 6.42 -45.14 -81.40
N LEU J 637 5.64 -45.87 -80.61
CA LEU J 637 6.01 -47.22 -80.22
C LEU J 637 6.00 -48.19 -81.40
N ASP J 638 5.03 -48.06 -82.30
CA ASP J 638 4.86 -49.02 -83.39
C ASP J 638 5.97 -48.97 -84.41
N GLU J 639 6.61 -47.82 -84.61
CA GLU J 639 7.61 -47.64 -85.65
C GLU J 639 9.02 -47.68 -85.07
N MET J 640 9.23 -48.54 -84.08
CA MET J 640 10.50 -48.60 -83.37
C MET J 640 11.42 -49.71 -83.87
N VAL J 641 10.96 -50.58 -84.75
CA VAL J 641 11.82 -51.63 -85.29
C VAL J 641 12.84 -51.01 -86.24
N GLY J 642 14.06 -51.53 -86.19
CA GLY J 642 15.15 -50.97 -86.97
C GLY J 642 15.76 -49.71 -86.39
N ARG J 643 15.33 -49.29 -85.20
CA ARG J 643 15.82 -48.07 -84.57
C ARG J 643 16.62 -48.43 -83.32
N ILE J 644 17.69 -47.69 -83.08
CA ILE J 644 18.57 -47.92 -81.95
C ILE J 644 17.99 -47.21 -80.73
N ASN J 645 17.78 -47.96 -79.66
CA ASN J 645 17.18 -47.39 -78.46
C ASN J 645 18.21 -46.63 -77.64
N ALA J 646 17.79 -45.48 -77.11
CA ALA J 646 18.67 -44.62 -76.33
C ALA J 646 18.46 -44.76 -74.83
N ASN J 647 17.22 -44.97 -74.39
CA ASN J 647 16.92 -45.16 -72.99
C ASN J 647 16.40 -46.58 -72.76
N MET J 648 16.70 -47.11 -71.58
CA MET J 648 16.30 -48.47 -71.23
C MET J 648 14.79 -48.58 -71.14
N ILE J 649 14.25 -49.69 -71.65
CA ILE J 649 12.84 -50.00 -71.52
C ILE J 649 12.68 -51.06 -70.44
N LEU J 650 12.00 -50.71 -69.35
CA LEU J 650 11.84 -51.59 -68.20
C LEU J 650 10.35 -51.79 -67.94
N PRO J 651 9.74 -52.83 -68.49
CA PRO J 651 8.30 -53.01 -68.32
C PRO J 651 7.93 -53.78 -67.06
N TYR J 652 6.85 -53.33 -66.41
CA TYR J 652 6.25 -54.05 -65.31
C TYR J 652 4.90 -54.56 -65.78
N PRO J 653 4.67 -55.88 -65.91
CA PRO J 653 5.50 -57.06 -65.65
C PRO J 653 6.67 -57.21 -66.61
N PRO J 654 7.75 -57.90 -66.20
CA PRO J 654 7.97 -58.49 -64.88
C PRO J 654 8.82 -57.65 -63.93
N GLY J 655 9.72 -56.83 -64.47
CA GLY J 655 10.64 -56.08 -63.63
C GLY J 655 12.10 -56.31 -63.95
N VAL J 656 12.37 -56.74 -65.17
CA VAL J 656 13.74 -57.01 -65.62
C VAL J 656 13.98 -56.23 -66.90
N PRO J 657 15.17 -55.66 -67.12
CA PRO J 657 15.43 -54.89 -68.34
C PRO J 657 15.25 -55.69 -69.62
N LEU J 658 14.30 -55.23 -70.43
CA LEU J 658 13.93 -55.91 -71.67
C LEU J 658 14.77 -55.42 -72.85
N VAL J 659 14.71 -54.12 -73.14
CA VAL J 659 15.56 -53.50 -74.16
C VAL J 659 16.59 -52.63 -73.46
N MET J 660 17.86 -52.88 -73.75
CA MET J 660 18.94 -52.11 -73.18
C MET J 660 19.17 -50.85 -74.03
N PRO J 661 19.82 -49.83 -73.46
CA PRO J 661 20.24 -48.67 -74.28
C PRO J 661 21.29 -49.08 -75.28
N GLY J 662 21.02 -48.82 -76.56
CA GLY J 662 21.95 -49.15 -77.63
C GLY J 662 21.63 -50.42 -78.40
N GLU J 663 20.46 -51.02 -78.19
CA GLU J 663 20.09 -52.26 -78.87
C GLU J 663 18.89 -52.02 -79.78
N MET J 664 18.86 -52.77 -80.88
CA MET J 664 17.86 -52.63 -81.92
C MET J 664 16.88 -53.79 -81.86
N ILE J 665 15.60 -53.49 -82.02
CA ILE J 665 14.58 -54.53 -82.20
C ILE J 665 14.49 -54.85 -83.68
N THR J 666 14.93 -56.04 -84.06
CA THR J 666 14.92 -56.47 -85.44
C THR J 666 13.67 -57.29 -85.72
N GLU J 667 13.56 -57.82 -86.94
CA GLU J 667 12.44 -58.68 -87.27
C GLU J 667 12.49 -60.01 -86.54
N GLU J 668 13.68 -60.46 -86.14
CA GLU J 668 13.80 -61.65 -85.31
C GLU J 668 13.30 -61.43 -83.89
N SER J 669 13.19 -60.19 -83.45
CA SER J 669 12.74 -59.85 -82.11
C SER J 669 11.43 -59.08 -82.12
N ARG J 670 10.60 -59.32 -83.14
CA ARG J 670 9.27 -58.72 -83.18
C ARG J 670 8.36 -59.06 -81.99
N PRO J 671 8.38 -60.26 -81.38
CA PRO J 671 7.55 -60.47 -80.17
C PRO J 671 7.86 -59.52 -79.01
N VAL J 672 9.06 -58.92 -78.95
CA VAL J 672 9.31 -57.83 -78.00
C VAL J 672 8.36 -56.66 -78.27
N LEU J 673 8.27 -56.24 -79.53
CA LEU J 673 7.37 -55.16 -79.89
C LEU J 673 5.91 -55.55 -79.68
N GLU J 674 5.56 -56.80 -79.99
CA GLU J 674 4.20 -57.28 -79.73
C GLU J 674 3.86 -57.26 -78.26
N PHE J 675 4.80 -57.66 -77.40
CA PHE J 675 4.58 -57.63 -75.95
C PHE J 675 4.41 -56.20 -75.45
N LEU J 676 5.24 -55.27 -75.94
CA LEU J 676 5.14 -53.88 -75.52
C LEU J 676 3.81 -53.27 -75.95
N GLN J 677 3.41 -53.52 -77.21
CA GLN J 677 2.13 -53.01 -77.71
C GLN J 677 0.96 -53.63 -76.97
N MET J 678 1.04 -54.92 -76.66
CA MET J 678 0.00 -55.59 -75.90
C MET J 678 -0.13 -55.00 -74.50
N LEU J 679 1.00 -54.75 -73.84
CA LEU J 679 0.97 -54.17 -72.51
C LEU J 679 0.37 -52.76 -72.52
N CYS J 680 0.73 -51.96 -73.54
CA CYS J 680 0.12 -50.65 -73.67
C CYS J 680 -1.36 -50.74 -73.99
N GLU J 681 -1.78 -51.74 -74.76
CA GLU J 681 -3.18 -51.90 -75.10
C GLU J 681 -4.01 -52.33 -73.91
N ILE J 682 -3.48 -53.22 -73.06
CA ILE J 682 -4.26 -53.67 -71.92
C ILE J 682 -4.22 -52.69 -70.75
N GLY J 683 -3.22 -51.83 -70.69
CA GLY J 683 -3.16 -50.90 -69.57
C GLY J 683 -4.04 -49.68 -69.72
N ALA J 684 -4.64 -49.47 -70.89
CA ALA J 684 -5.45 -48.29 -71.16
C ALA J 684 -6.95 -48.59 -71.12
N HIS J 685 -7.37 -49.52 -70.26
CA HIS J 685 -8.79 -49.84 -70.12
C HIS J 685 -9.32 -49.55 -68.73
N TYR J 686 -8.65 -50.03 -67.69
CA TYR J 686 -9.17 -49.95 -66.34
C TYR J 686 -8.31 -49.04 -65.48
N PRO J 687 -8.88 -47.98 -64.91
CA PRO J 687 -8.08 -47.03 -64.12
C PRO J 687 -7.58 -47.65 -62.82
N GLY J 688 -6.44 -47.13 -62.38
CA GLY J 688 -5.77 -47.65 -61.21
C GLY J 688 -4.84 -48.82 -61.50
N PHE J 689 -4.94 -49.41 -62.69
CA PHE J 689 -4.08 -50.51 -63.10
C PHE J 689 -3.25 -50.04 -64.27
N GLU J 690 -2.71 -48.83 -64.19
CA GLU J 690 -2.08 -48.17 -65.30
C GLU J 690 -0.77 -48.85 -65.69
N THR J 691 -0.35 -48.61 -66.93
CA THR J 691 0.85 -49.23 -67.47
C THR J 691 2.08 -48.67 -66.79
N ASP J 692 2.95 -49.56 -66.32
CA ASP J 692 4.19 -49.18 -65.65
C ASP J 692 5.35 -49.67 -66.50
N ILE J 693 5.79 -48.83 -67.43
CA ILE J 693 6.96 -49.10 -68.26
C ILE J 693 7.92 -47.95 -68.04
N HIS J 694 9.12 -48.26 -67.57
CA HIS J 694 10.16 -47.26 -67.40
C HIS J 694 10.93 -47.13 -68.70
N GLY J 695 10.76 -46.01 -69.39
CA GLY J 695 11.39 -45.79 -70.68
C GLY J 695 10.40 -45.33 -71.72
N ALA J 696 9.19 -45.89 -71.67
CA ALA J 696 8.13 -45.48 -72.58
C ALA J 696 7.31 -44.36 -71.93
N TYR J 697 7.09 -43.30 -72.68
CA TYR J 697 6.48 -42.09 -72.17
C TYR J 697 5.06 -41.97 -72.69
N ARG J 698 4.10 -41.77 -71.78
CA ARG J 698 2.69 -41.72 -72.16
C ARG J 698 2.36 -40.41 -72.84
N GLN J 699 1.63 -40.48 -73.94
CA GLN J 699 1.11 -39.31 -74.62
C GLN J 699 -0.38 -39.15 -74.31
N ALA J 700 -0.95 -38.05 -74.80
CA ALA J 700 -2.35 -37.76 -74.51
C ALA J 700 -3.30 -38.63 -75.32
N ASP J 701 -2.93 -38.99 -76.55
CA ASP J 701 -3.82 -39.77 -77.40
C ASP J 701 -3.91 -41.23 -76.98
N GLY J 702 -2.93 -41.73 -76.23
CA GLY J 702 -2.92 -43.10 -75.79
C GLY J 702 -1.88 -44.01 -76.41
N ARG J 703 -0.96 -43.45 -77.21
CA ARG J 703 0.11 -44.23 -77.83
C ARG J 703 1.43 -43.73 -77.28
N TYR J 704 2.29 -44.65 -76.84
CA TYR J 704 3.49 -44.33 -76.10
C TYR J 704 4.65 -44.05 -77.05
N THR J 705 5.66 -43.37 -76.53
CA THR J 705 6.85 -43.00 -77.29
C THR J 705 8.10 -43.50 -76.58
N VAL J 706 9.12 -43.85 -77.35
CA VAL J 706 10.40 -44.32 -76.84
C VAL J 706 11.49 -43.50 -77.50
N LYS J 707 12.43 -42.99 -76.69
CA LYS J 707 13.54 -42.19 -77.21
C LYS J 707 14.51 -43.09 -77.96
N VAL J 708 14.56 -42.93 -79.28
CA VAL J 708 15.49 -43.67 -80.12
C VAL J 708 16.52 -42.69 -80.67
N LEU J 709 17.56 -43.23 -81.30
CA LEU J 709 18.62 -42.41 -81.86
C LEU J 709 18.28 -41.97 -83.28
N LYS J 710 18.79 -40.80 -83.65
CA LYS J 710 18.59 -40.27 -84.98
C LYS J 710 19.41 -41.06 -86.00
N GLU J 711 19.01 -40.94 -87.27
CA GLU J 711 19.68 -41.65 -88.34
C GLU J 711 20.63 -40.74 -89.10
N MET K 1 32.05 25.32 13.21
CA MET K 1 31.14 24.61 14.10
C MET K 1 29.82 25.34 14.25
N ASN K 2 28.92 25.14 13.30
CA ASN K 2 27.55 25.63 13.43
C ASN K 2 26.53 24.65 12.86
N VAL K 3 26.96 23.40 12.69
CA VAL K 3 26.05 22.40 12.08
C VAL K 3 25.65 21.42 13.16
N ILE K 4 24.37 21.32 13.50
CA ILE K 4 23.88 20.47 14.61
C ILE K 4 22.82 19.57 14.03
N ALA K 5 23.00 18.27 14.08
CA ALA K 5 22.16 17.37 13.27
C ALA K 5 21.11 16.69 14.12
N ILE K 6 19.86 16.82 13.72
CA ILE K 6 18.73 16.25 14.50
C ILE K 6 18.36 14.97 13.77
N LEU K 7 18.13 13.87 14.50
CA LEU K 7 17.66 12.61 13.87
C LEU K 7 16.15 12.69 13.59
N ASN K 8 15.58 11.61 13.06
CA ASN K 8 14.24 11.60 12.41
C ASN K 8 12.98 11.94 13.19
N HIS K 9 11.89 12.10 12.44
CA HIS K 9 10.58 12.45 13.02
C HIS K 9 9.90 11.19 13.52
N MET K 10 9.76 11.05 14.83
CA MET K 10 9.15 9.84 15.42
C MET K 10 7.72 9.72 14.92
N GLY K 11 6.95 10.80 14.96
CA GLY K 11 5.54 10.74 14.60
C GLY K 11 4.63 11.31 15.67
N VAL K 12 4.93 11.09 16.94
CA VAL K 12 4.06 11.67 17.95
C VAL K 12 4.48 13.10 18.23
N TYR K 13 3.54 13.89 18.75
CA TYR K 13 3.67 15.34 18.83
C TYR K 13 4.53 15.82 20.00
N PHE K 14 4.44 15.14 21.15
CA PHE K 14 5.07 15.67 22.37
C PHE K 14 6.58 15.64 22.29
N LYS K 15 7.16 14.84 21.40
CA LYS K 15 8.59 14.86 21.16
C LYS K 15 8.93 15.34 19.76
N GLU K 16 8.03 16.10 19.14
CA GLU K 16 8.31 16.77 17.88
C GLU K 16 8.16 18.27 17.96
N GLU K 17 7.11 18.76 18.61
CA GLU K 17 6.96 20.21 18.79
C GLU K 17 8.07 20.81 19.66
N PRO K 18 8.51 20.18 20.76
CA PRO K 18 9.75 20.66 21.39
C PRO K 18 10.96 20.59 20.48
N ILE K 19 11.03 19.60 19.59
CA ILE K 19 12.14 19.54 18.64
C ILE K 19 12.04 20.68 17.63
N ARG K 20 10.84 21.02 17.18
CA ARG K 20 10.70 22.16 16.28
C ARG K 20 11.00 23.48 16.97
N GLU K 21 10.61 23.62 18.24
CA GLU K 21 10.96 24.82 18.99
C GLU K 21 12.47 24.93 19.20
N LEU K 22 13.14 23.80 19.46
CA LEU K 22 14.59 23.81 19.56
C LEU K 22 15.26 24.10 18.23
N HIS K 23 14.67 23.64 17.13
CA HIS K 23 15.12 23.99 15.78
C HIS K 23 15.08 25.51 15.61
N ARG K 24 13.93 26.11 15.94
CA ARG K 24 13.78 27.55 15.76
C ARG K 24 14.74 28.33 16.66
N ALA K 25 14.91 27.89 17.91
CA ALA K 25 15.84 28.56 18.81
C ALA K 25 17.29 28.42 18.36
N LEU K 26 17.68 27.25 17.84
CA LEU K 26 19.05 27.08 17.37
C LEU K 26 19.33 27.87 16.11
N GLU K 27 18.34 27.99 15.21
CA GLU K 27 18.52 28.88 14.07
C GLU K 27 18.56 30.33 14.51
N ARG K 28 17.87 30.68 15.60
CA ARG K 28 18.00 32.00 16.18
C ARG K 28 19.39 32.21 16.78
N LEU K 29 20.03 31.14 17.24
CA LEU K 29 21.39 31.22 17.78
C LEU K 29 22.46 30.97 16.72
N ASN K 30 22.12 31.16 15.44
CA ASN K 30 23.07 31.09 14.32
C ASN K 30 23.72 29.71 14.19
N PHE K 31 22.89 28.67 14.24
CA PHE K 31 23.31 27.31 13.97
C PHE K 31 22.59 26.78 12.74
N GLN K 32 23.36 26.31 11.76
CA GLN K 32 22.79 25.58 10.64
C GLN K 32 22.30 24.22 11.12
N ILE K 33 21.13 23.81 10.66
CA ILE K 33 20.50 22.57 11.11
C ILE K 33 20.41 21.63 9.92
N VAL K 34 20.93 20.42 10.10
CA VAL K 34 20.83 19.38 9.08
C VAL K 34 19.91 18.29 9.60
N TYR K 35 19.30 17.55 8.67
CA TYR K 35 18.30 16.55 8.97
C TYR K 35 18.63 15.21 8.31
N PRO K 36 19.56 14.44 8.90
CA PRO K 36 19.78 13.08 8.41
C PRO K 36 18.55 12.22 8.65
N ASN K 37 18.26 11.34 7.69
CA ASN K 37 17.02 10.58 7.73
C ASN K 37 17.07 9.46 8.75
N ASP K 38 18.18 8.74 8.84
CA ASP K 38 18.27 7.61 9.76
C ASP K 38 19.71 7.48 10.24
N ARG K 39 20.03 6.33 10.84
CA ARG K 39 21.31 6.12 11.51
C ARG K 39 22.48 6.14 10.54
N ASP K 40 22.43 5.33 9.47
CA ASP K 40 23.52 5.27 8.52
C ASP K 40 23.72 6.60 7.81
N ASP K 41 22.63 7.35 7.64
CA ASP K 41 22.74 8.72 7.14
C ASP K 41 23.59 9.57 8.07
N LEU K 42 23.42 9.42 9.39
CA LEU K 42 24.24 10.17 10.34
C LEU K 42 25.69 9.72 10.29
N LEU K 43 25.95 8.41 10.19
CA LEU K 43 27.33 7.93 10.08
C LEU K 43 28.04 8.52 8.86
N LYS K 44 27.39 8.44 7.69
CA LYS K 44 27.98 9.02 6.49
C LYS K 44 28.12 10.53 6.58
N LEU K 45 27.14 11.21 7.18
CA LEU K 45 27.20 12.67 7.33
C LEU K 45 28.38 13.08 8.22
N ILE K 46 28.66 12.31 9.26
CA ILE K 46 29.77 12.66 10.12
C ILE K 46 31.11 12.35 9.44
N GLU K 47 31.23 11.25 8.68
CA GLU K 47 32.54 10.96 8.09
C GLU K 47 32.83 11.90 6.93
N ASN K 48 31.80 12.29 6.17
CA ASN K 48 32.04 13.15 5.02
C ASN K 48 32.28 14.60 5.39
N ASN K 49 32.01 15.00 6.62
CA ASN K 49 32.09 16.40 7.03
C ASN K 49 32.95 16.54 8.27
N ALA K 50 33.24 17.78 8.62
CA ALA K 50 33.91 18.10 9.86
C ALA K 50 33.31 19.30 10.57
N ARG K 51 32.51 20.12 9.90
CA ARG K 51 31.90 21.29 10.51
C ARG K 51 30.76 20.92 11.46
N LEU K 52 30.33 19.66 11.46
CA LEU K 52 29.26 19.25 12.36
C LEU K 52 29.76 19.26 13.79
N CYS K 53 28.99 19.89 14.68
CA CYS K 53 29.41 20.09 16.06
C CYS K 53 28.34 19.65 17.05
N GLY K 54 27.47 18.74 16.66
CA GLY K 54 26.42 18.32 17.55
C GLY K 54 25.40 17.41 16.88
N VAL K 55 24.99 16.36 17.58
CA VAL K 55 23.95 15.47 17.10
C VAL K 55 22.87 15.44 18.16
N ILE K 56 21.64 15.71 17.75
CA ILE K 56 20.48 15.58 18.61
C ILE K 56 19.71 14.36 18.15
N PHE K 57 19.47 13.42 19.06
CA PHE K 57 18.74 12.22 18.72
C PHE K 57 17.90 11.82 19.91
N ASP K 58 16.85 11.05 19.63
CA ASP K 58 15.99 10.52 20.66
C ASP K 58 16.62 9.25 21.22
N TRP K 59 16.54 9.09 22.53
CA TRP K 59 17.15 7.97 23.21
C TRP K 59 16.27 6.72 23.18
N ASP K 60 15.09 6.79 22.57
CA ASP K 60 14.24 5.61 22.51
C ASP K 60 14.49 4.80 21.25
N LYS K 61 14.27 5.41 20.08
CA LYS K 61 14.40 4.66 18.83
C LYS K 61 15.84 4.36 18.45
N TYR K 62 16.80 5.10 19.00
CA TYR K 62 18.21 4.87 18.72
C TYR K 62 18.92 4.62 20.03
N ASN K 63 19.60 3.48 20.13
CA ASN K 63 20.23 3.05 21.37
C ASN K 63 21.54 3.81 21.54
N LEU K 64 22.31 3.45 22.56
CA LEU K 64 23.54 4.14 22.90
C LEU K 64 24.76 3.58 22.16
N GLU K 65 24.58 2.57 21.32
CA GLU K 65 25.65 2.14 20.45
C GLU K 65 25.89 3.17 19.33
N LEU K 66 24.87 3.95 18.99
CA LEU K 66 25.04 5.17 18.19
C LEU K 66 25.43 6.33 19.11
N CYS K 67 26.39 6.04 19.99
CA CYS K 67 27.19 7.05 20.65
C CYS K 67 28.60 6.54 20.55
N GLU K 68 28.72 5.21 20.64
CA GLU K 68 30.01 4.55 20.57
C GLU K 68 30.58 4.57 19.17
N GLU K 69 29.74 4.39 18.16
CA GLU K 69 30.24 4.47 16.78
C GLU K 69 30.74 5.87 16.45
N ILE K 70 30.01 6.90 16.89
CA ILE K 70 30.46 8.27 16.68
C ILE K 70 31.71 8.55 17.51
N SER K 71 31.84 7.93 18.69
CA SER K 71 33.06 8.04 19.47
C SER K 71 34.26 7.45 18.75
N LYS K 72 34.08 6.30 18.09
CA LYS K 72 35.13 5.77 17.21
C LYS K 72 35.40 6.72 16.05
N MET K 73 34.41 7.48 15.63
CA MET K 73 34.62 8.45 14.57
C MET K 73 35.19 9.76 15.10
N ASN K 74 34.66 10.26 16.21
CA ASN K 74 35.18 11.47 16.84
C ASN K 74 34.87 11.41 18.33
N GLU K 75 35.92 11.44 19.15
CA GLU K 75 35.75 11.25 20.58
C GLU K 75 35.11 12.45 21.26
N ASN K 76 35.43 13.67 20.83
CA ASN K 76 35.04 14.87 21.54
C ASN K 76 33.73 15.46 21.04
N LEU K 77 33.07 14.83 20.08
CA LEU K 77 31.88 15.41 19.48
C LEU K 77 30.73 15.39 20.46
N PRO K 78 30.13 16.54 20.77
CA PRO K 78 28.97 16.55 21.66
C PRO K 78 27.75 16.00 20.95
N LEU K 79 27.01 15.15 21.65
CA LEU K 79 25.76 14.63 21.14
C LEU K 79 24.71 14.85 22.23
N TYR K 80 23.46 15.05 21.84
CA TYR K 80 22.44 15.45 22.79
C TYR K 80 21.29 14.44 22.79
N ALA K 81 21.38 13.44 23.67
CA ALA K 81 20.33 12.45 23.77
C ALA K 81 19.12 13.03 24.50
N PHE K 82 17.93 12.72 24.00
CA PHE K 82 16.68 13.20 24.59
C PHE K 82 16.00 12.03 25.29
N ALA K 83 15.82 12.15 26.60
CA ALA K 83 15.35 11.05 27.42
C ALA K 83 13.84 11.14 27.58
N ASN K 84 13.12 10.12 27.10
CA ASN K 84 11.68 10.05 27.28
C ASN K 84 11.24 8.80 28.04
N THR K 85 11.58 7.61 27.56
CA THR K 85 11.04 6.36 28.07
C THR K 85 12.03 5.60 28.93
N TYR K 86 13.27 5.45 28.47
CA TYR K 86 14.32 4.94 29.32
C TYR K 86 14.55 5.90 30.46
N SER K 87 14.58 5.37 31.67
CA SER K 87 14.62 6.16 32.88
C SER K 87 16.06 6.56 33.19
N THR K 88 16.31 6.98 34.43
CA THR K 88 17.69 7.15 34.85
C THR K 88 18.44 5.83 34.79
N LEU K 89 17.78 4.73 35.16
CA LEU K 89 18.41 3.42 35.43
C LEU K 89 19.06 2.77 34.21
N ASP K 90 18.79 3.22 32.99
CA ASP K 90 19.17 2.48 31.80
C ASP K 90 20.48 2.97 31.20
N VAL K 91 21.45 3.36 32.03
CA VAL K 91 22.70 3.95 31.55
C VAL K 91 23.86 3.13 32.08
N SER K 92 24.76 2.72 31.19
CA SER K 92 25.98 2.00 31.55
C SER K 92 27.14 2.98 31.71
N LEU K 93 28.29 2.44 32.13
CA LEU K 93 29.49 3.26 32.29
C LEU K 93 30.01 3.78 30.97
N ASN K 94 30.01 2.94 29.93
CA ASN K 94 30.52 3.36 28.63
C ASN K 94 29.67 4.47 28.01
N ASP K 95 28.39 4.55 28.37
CA ASP K 95 27.60 5.71 27.98
C ASP K 95 28.08 6.97 28.71
N LEU K 96 28.34 6.86 30.00
CA LEU K 96 28.83 7.97 30.80
C LEU K 96 30.21 8.45 30.40
N ARG K 97 31.00 7.62 29.74
CA ARG K 97 32.33 8.06 29.33
C ARG K 97 32.30 8.78 27.98
N LEU K 98 31.12 8.93 27.40
CA LEU K 98 31.01 9.57 26.10
C LEU K 98 30.53 11.00 26.24
N GLN K 99 30.70 11.77 25.17
CA GLN K 99 30.23 13.16 25.14
C GLN K 99 28.75 13.20 24.74
N ILE K 100 27.89 12.92 25.71
CA ILE K 100 26.45 13.01 25.52
C ILE K 100 25.99 13.94 26.63
N SER K 101 25.02 14.81 26.35
CA SER K 101 24.32 15.54 27.41
C SER K 101 22.83 15.27 27.28
N PHE K 102 22.19 14.81 28.36
CA PHE K 102 20.80 14.35 28.33
C PHE K 102 19.85 15.53 28.50
N PHE K 103 18.74 15.49 27.78
CA PHE K 103 17.68 16.49 27.85
C PHE K 103 16.32 15.80 27.94
N GLU K 104 15.27 16.61 28.02
CA GLU K 104 13.90 16.12 28.14
C GLU K 104 13.02 16.84 27.15
N TYR K 105 11.84 16.28 26.91
CA TYR K 105 10.86 16.82 25.98
C TYR K 105 9.84 17.65 26.75
N ALA K 106 10.06 18.95 26.82
CA ALA K 106 9.15 19.86 27.50
C ALA K 106 8.80 21.02 26.57
N LEU K 107 7.51 21.36 26.53
CA LEU K 107 7.05 22.47 25.71
C LEU K 107 7.44 23.79 26.35
N GLY K 108 7.99 24.69 25.53
CA GLY K 108 8.36 26.01 25.99
C GLY K 108 9.70 26.10 26.67
N ALA K 109 10.42 24.99 26.82
CA ALA K 109 11.72 24.97 27.45
C ALA K 109 12.85 24.91 26.43
N ALA K 110 12.58 25.31 25.20
CA ALA K 110 13.59 25.24 24.15
C ALA K 110 14.66 26.30 24.28
N GLU K 111 14.37 27.41 24.97
CA GLU K 111 15.37 28.47 25.11
C GLU K 111 16.54 28.03 25.98
N ASP K 112 16.25 27.42 27.13
CA ASP K 112 17.32 26.96 28.00
C ASP K 112 18.08 25.80 27.37
N ILE K 113 17.39 24.92 26.65
CA ILE K 113 18.06 23.83 25.96
C ILE K 113 18.98 24.36 24.88
N ALA K 114 18.53 25.37 24.12
CA ALA K 114 19.38 25.96 23.09
C ALA K 114 20.57 26.69 23.67
N ASN K 115 20.38 27.38 24.81
CA ASN K 115 21.51 28.01 25.48
C ASN K 115 22.52 26.99 25.97
N LYS K 116 22.04 25.88 26.53
CA LYS K 116 22.95 24.81 26.95
C LYS K 116 23.66 24.19 25.76
N ILE K 117 22.98 24.07 24.62
CA ILE K 117 23.62 23.53 23.42
C ILE K 117 24.70 24.47 22.91
N LYS K 118 24.43 25.78 22.93
CA LYS K 118 25.43 26.77 22.52
C LYS K 118 26.63 26.74 23.46
N GLN K 119 26.39 26.62 24.77
CA GLN K 119 27.49 26.52 25.73
C GLN K 119 28.30 25.25 25.54
N THR K 120 27.63 24.13 25.25
CA THR K 120 28.34 22.87 25.01
C THR K 120 29.19 22.95 23.73
N THR K 121 28.66 23.59 22.69
CA THR K 121 29.44 23.79 21.47
C THR K 121 30.64 24.68 21.73
N ASP K 122 30.48 25.73 22.54
CA ASP K 122 31.61 26.58 22.90
C ASP K 122 32.66 25.80 23.69
N GLU K 123 32.21 24.94 24.61
CA GLU K 123 33.14 24.09 25.34
C GLU K 123 33.88 23.12 24.42
N TYR K 124 33.17 22.58 23.43
CA TYR K 124 33.80 21.67 22.46
C TYR K 124 34.85 22.39 21.64
N ILE K 125 34.55 23.61 21.19
CA ILE K 125 35.51 24.39 20.41
C ILE K 125 36.72 24.75 21.27
N ASN K 126 36.50 25.17 22.51
CA ASN K 126 37.59 25.49 23.40
C ASN K 126 38.31 24.25 23.93
N THR K 127 37.75 23.07 23.71
CA THR K 127 38.42 21.82 24.08
C THR K 127 39.35 21.32 22.98
N ILE K 128 38.84 21.25 21.74
CA ILE K 128 39.67 20.70 20.67
C ILE K 128 40.73 21.66 20.17
N LEU K 129 40.60 22.95 20.45
CA LEU K 129 41.57 23.91 19.94
C LEU K 129 42.86 23.87 20.77
N PRO K 130 44.02 24.01 20.14
CA PRO K 130 45.25 24.15 20.89
C PRO K 130 45.30 25.51 21.57
N PRO K 131 46.07 25.65 22.65
CA PRO K 131 45.94 26.86 23.48
C PRO K 131 46.35 28.16 22.81
N LEU K 132 47.42 28.17 22.01
CA LEU K 132 47.83 29.43 21.40
C LEU K 132 46.89 29.84 20.27
N THR K 133 46.42 28.87 19.48
CA THR K 133 45.41 29.19 18.47
C THR K 133 44.11 29.64 19.12
N LYS K 134 43.76 29.03 20.25
CA LYS K 134 42.59 29.46 21.02
C LYS K 134 42.74 30.91 21.48
N ALA K 135 43.91 31.25 22.01
CA ALA K 135 44.14 32.62 22.47
C ALA K 135 44.18 33.62 21.33
N LEU K 136 44.74 33.22 20.17
CA LEU K 136 44.76 34.11 19.01
C LEU K 136 43.35 34.34 18.48
N PHE K 137 42.53 33.28 18.41
CA PHE K 137 41.14 33.44 17.99
C PHE K 137 40.38 34.31 18.97
N LYS K 138 40.62 34.14 20.27
CA LYS K 138 39.98 34.98 21.28
C LYS K 138 40.39 36.43 21.13
N TYR K 139 41.68 36.69 20.88
CA TYR K 139 42.16 38.06 20.71
C TYR K 139 41.56 38.72 19.48
N VAL K 140 41.45 37.99 18.38
CA VAL K 140 40.84 38.56 17.18
C VAL K 140 39.35 38.81 17.40
N ARG K 141 38.67 37.90 18.11
CA ARG K 141 37.25 38.08 18.41
C ARG K 141 36.99 39.31 19.28
N GLU K 142 37.87 39.58 20.24
CA GLU K 142 37.77 40.77 21.07
C GLU K 142 38.53 41.94 20.47
N GLY K 143 38.63 41.99 19.14
CA GLY K 143 39.55 42.81 18.37
C GLY K 143 39.71 44.26 18.80
N LYS K 144 40.90 44.57 19.28
CA LYS K 144 41.22 45.85 19.86
C LYS K 144 42.02 46.69 18.87
N TYR K 145 41.89 48.01 19.00
CA TYR K 145 42.73 48.91 18.22
C TYR K 145 44.17 48.76 18.67
N THR K 146 45.09 49.00 17.74
CA THR K 146 46.50 48.86 18.05
C THR K 146 47.29 50.00 17.43
N PHE K 147 48.36 50.39 18.12
CA PHE K 147 49.28 51.42 17.65
C PHE K 147 50.68 50.89 17.53
N CYS K 148 50.83 49.61 17.28
CA CYS K 148 52.13 48.94 17.25
C CYS K 148 52.33 48.26 15.90
N THR K 149 53.52 47.70 15.73
CA THR K 149 53.80 46.90 14.55
C THR K 149 52.95 45.63 14.58
N PRO K 150 52.49 45.13 13.43
CA PRO K 150 52.69 45.54 12.03
C PRO K 150 51.93 46.80 11.64
N GLY K 151 52.32 47.40 10.51
CA GLY K 151 51.79 48.68 10.11
C GLY K 151 50.36 48.67 9.63
N HIS K 152 49.86 47.53 9.16
CA HIS K 152 48.48 47.51 8.70
C HIS K 152 47.49 47.56 9.85
N MET K 153 47.90 47.07 11.03
CA MET K 153 47.15 47.22 12.30
C MET K 153 45.74 46.66 12.18
N GLY K 154 45.66 45.35 11.98
CA GLY K 154 44.37 44.73 11.78
C GLY K 154 43.86 44.83 10.36
N GLY K 155 44.73 45.18 9.41
CA GLY K 155 44.33 45.27 8.03
C GLY K 155 43.59 46.53 7.65
N THR K 156 43.58 47.54 8.52
CA THR K 156 42.89 48.79 8.24
C THR K 156 43.68 49.72 7.34
N ALA K 157 44.93 49.37 7.02
CA ALA K 157 45.64 50.07 5.96
C ALA K 157 45.25 49.57 4.58
N PHE K 158 44.86 48.31 4.45
CA PHE K 158 44.37 47.75 3.20
C PHE K 158 42.95 48.17 2.88
N GLN K 159 42.23 48.77 3.81
CA GLN K 159 40.89 49.24 3.54
C GLN K 159 40.87 50.65 2.96
N LYS K 160 42.05 51.23 2.68
CA LYS K 160 42.14 52.60 2.22
C LYS K 160 43.00 52.75 0.96
N SER K 161 43.08 51.69 0.14
CA SER K 161 43.84 51.76 -1.10
C SER K 161 43.21 50.78 -2.08
N PRO K 162 43.21 51.10 -3.38
CA PRO K 162 42.55 50.21 -4.34
C PRO K 162 43.22 48.84 -4.46
N VAL K 163 44.53 48.81 -4.71
CA VAL K 163 45.23 47.52 -4.72
C VAL K 163 45.24 46.91 -3.33
N GLY K 164 45.32 47.75 -2.29
CA GLY K 164 45.17 47.25 -0.94
C GLY K 164 43.80 46.67 -0.68
N SER K 165 42.75 47.28 -1.25
CA SER K 165 41.42 46.71 -1.10
C SER K 165 41.26 45.40 -1.87
N LEU K 166 41.94 45.27 -3.01
CA LEU K 166 41.94 43.99 -3.71
C LEU K 166 42.60 42.91 -2.86
N PHE K 167 43.73 43.25 -2.24
CA PHE K 167 44.41 42.31 -1.35
C PHE K 167 43.54 41.93 -0.17
N TYR K 168 42.87 42.92 0.43
CA TYR K 168 41.99 42.69 1.57
C TYR K 168 40.77 41.86 1.21
N ASP K 169 40.15 42.13 0.06
CA ASP K 169 39.02 41.33 -0.39
C ASP K 169 39.41 39.92 -0.77
N PHE K 170 40.65 39.72 -1.24
CA PHE K 170 41.11 38.36 -1.50
C PHE K 170 41.30 37.60 -0.19
N PHE K 171 42.14 38.12 0.71
CA PHE K 171 42.50 37.35 1.88
C PHE K 171 41.37 37.30 2.91
N GLY K 172 40.64 38.39 3.10
CA GLY K 172 39.57 38.42 4.06
C GLY K 172 40.05 38.96 5.39
N PRO K 173 39.13 39.40 6.24
CA PRO K 173 39.51 40.21 7.40
C PRO K 173 40.23 39.45 8.50
N ASN K 174 39.83 38.21 8.73
CA ASN K 174 40.32 37.45 9.87
C ASN K 174 41.80 37.11 9.75
N THR K 175 42.32 36.94 8.54
CA THR K 175 43.74 36.72 8.37
C THR K 175 44.53 38.00 8.32
N MET K 176 43.87 39.16 8.32
CA MET K 176 44.58 40.42 8.52
C MET K 176 44.66 40.78 9.99
N LYS K 177 43.56 40.57 10.73
CA LYS K 177 43.60 40.81 12.16
C LYS K 177 44.47 39.81 12.90
N SER K 178 44.70 38.63 12.34
CA SER K 178 45.50 37.59 12.99
C SER K 178 46.99 37.87 12.93
N ASP K 179 47.42 38.89 12.20
CA ASP K 179 48.83 39.22 12.10
C ASP K 179 49.12 40.34 13.08
N ILE K 180 49.74 39.99 14.20
CA ILE K 180 50.15 40.94 15.23
C ILE K 180 51.59 40.64 15.62
N SER K 181 52.10 41.38 16.59
CA SER K 181 53.49 41.22 16.99
C SER K 181 53.60 40.97 18.49
N ILE K 182 54.85 40.97 19.00
CA ILE K 182 55.10 40.67 20.40
C ILE K 182 54.66 41.76 21.36
N SER K 183 54.24 42.92 20.83
CA SER K 183 53.76 44.00 21.68
C SER K 183 52.45 43.65 22.37
N VAL K 184 51.67 42.74 21.80
CA VAL K 184 50.47 42.23 22.47
C VAL K 184 50.91 41.28 23.56
N SER K 185 50.89 41.75 24.81
CA SER K 185 51.53 41.03 25.89
C SER K 185 50.78 39.79 26.32
N GLU K 186 49.50 39.67 25.99
CA GLU K 186 48.71 38.54 26.47
C GLU K 186 48.96 37.26 25.71
N LEU K 187 49.61 37.32 24.54
CA LEU K 187 49.97 36.13 23.80
C LEU K 187 51.38 35.66 24.05
N GLY K 188 52.10 36.30 24.97
CA GLY K 188 53.48 35.91 25.23
C GLY K 188 54.38 36.29 24.06
N SER K 189 55.44 35.49 23.89
CA SER K 189 56.38 35.72 22.82
C SER K 189 57.03 34.39 22.42
N LEU K 190 57.18 34.20 21.11
CA LEU K 190 57.84 32.99 20.62
C LEU K 190 59.30 32.95 21.04
N LEU K 191 59.96 34.11 21.00
CA LEU K 191 61.40 34.17 21.22
C LEU K 191 61.79 33.81 22.65
N ASP K 192 61.00 34.24 23.63
CA ASP K 192 61.31 34.01 25.03
C ASP K 192 60.63 32.79 25.60
N HIS K 193 59.75 32.13 24.82
CA HIS K 193 59.03 30.92 25.22
C HIS K 193 58.21 31.16 26.49
N SER K 194 57.24 32.07 26.38
CA SER K 194 56.47 32.52 27.53
C SER K 194 54.98 32.45 27.24
N GLY K 195 54.20 32.15 28.28
CA GLY K 195 52.76 32.19 28.21
C GLY K 195 52.15 31.17 27.26
N PRO K 196 51.25 31.65 26.39
CA PRO K 196 50.62 30.77 25.41
C PRO K 196 51.60 30.12 24.48
N HIS K 197 52.69 30.79 24.12
CA HIS K 197 53.73 30.14 23.34
C HIS K 197 54.34 28.97 24.08
N LYS K 198 54.71 29.14 25.35
CA LYS K 198 55.35 28.06 26.10
C LYS K 198 54.41 26.87 26.26
N GLU K 199 53.12 27.14 26.51
CA GLU K 199 52.13 26.07 26.48
C GLU K 199 52.08 25.40 25.12
N ALA K 200 52.27 26.17 24.03
CA ALA K 200 52.27 25.56 22.71
C ALA K 200 53.48 24.65 22.50
N GLU K 201 54.69 25.07 22.89
CA GLU K 201 55.82 24.14 22.70
C GLU K 201 55.71 22.92 23.61
N GLN K 202 55.16 23.07 24.81
CA GLN K 202 54.94 21.87 25.62
C GLN K 202 53.91 20.95 24.99
N TYR K 203 52.88 21.52 24.35
CA TYR K 203 51.86 20.74 23.65
C TYR K 203 52.47 19.98 22.47
N ILE K 204 53.34 20.65 21.71
CA ILE K 204 54.07 20.02 20.62
C ILE K 204 54.97 18.91 21.15
N ALA K 205 55.59 19.12 22.31
CA ALA K 205 56.44 18.10 22.91
C ALA K 205 55.65 16.86 23.30
N ARG K 206 54.44 17.03 23.84
CA ARG K 206 53.66 15.82 24.17
C ARG K 206 53.38 15.14 22.84
N VAL K 207 52.79 15.88 21.92
CA VAL K 207 52.18 15.21 20.76
C VAL K 207 53.18 14.32 20.03
N PHE K 208 54.37 14.85 19.75
CA PHE K 208 55.34 14.21 18.88
C PHE K 208 56.33 13.29 19.61
N ASN K 209 56.10 13.05 20.91
CA ASN K 209 56.97 12.21 21.75
C ASN K 209 58.41 12.70 21.71
N ALA K 210 58.60 13.93 22.20
CA ALA K 210 59.91 14.55 22.27
C ALA K 210 60.04 15.25 23.61
N ASP K 211 61.29 15.42 24.05
CA ASP K 211 61.54 16.09 25.32
C ASP K 211 61.27 17.58 25.20
N ARG K 212 62.03 18.26 24.37
CA ARG K 212 61.84 19.69 24.10
C ARG K 212 61.57 19.84 22.62
N SER K 213 60.49 20.54 22.28
CA SER K 213 60.12 20.75 20.89
C SER K 213 60.08 22.24 20.59
N TYR K 214 60.63 22.62 19.45
CA TYR K 214 60.65 24.02 19.04
C TYR K 214 59.78 24.20 17.80
N MET K 215 59.40 25.44 17.53
CA MET K 215 58.50 25.78 16.43
C MET K 215 59.14 26.88 15.59
N VAL K 216 59.89 26.49 14.56
CA VAL K 216 60.62 27.42 13.73
C VAL K 216 59.66 28.09 12.76
N THR K 217 59.86 29.38 12.51
CA THR K 217 58.94 30.16 11.67
C THR K 217 59.55 30.54 10.33
N ASN K 218 60.77 30.12 10.02
CA ASN K 218 61.33 30.29 8.69
C ASN K 218 61.26 29.00 7.88
N GLY K 219 61.44 27.86 8.52
CA GLY K 219 61.40 26.58 7.84
C GLY K 219 62.54 25.69 8.29
N THR K 220 62.46 24.44 7.84
CA THR K 220 63.50 23.49 8.22
C THR K 220 64.83 23.79 7.53
N SER K 221 64.82 24.62 6.48
CA SER K 221 66.06 25.18 5.97
C SER K 221 66.77 26.03 7.02
N THR K 222 66.02 26.58 7.97
CA THR K 222 66.61 27.29 9.10
C THR K 222 66.76 26.38 10.32
N ALA K 223 65.90 25.38 10.46
CA ALA K 223 66.02 24.44 11.56
C ALA K 223 67.29 23.61 11.46
N ASN K 224 67.68 23.20 10.25
CA ASN K 224 68.94 22.52 10.03
C ASN K 224 70.10 23.40 10.45
N LYS K 225 70.01 24.70 10.12
CA LYS K 225 71.02 25.66 10.52
C LYS K 225 71.12 25.78 12.04
N ILE K 226 69.98 25.80 12.71
CA ILE K 226 69.96 25.90 14.16
C ILE K 226 70.62 24.69 14.80
N VAL K 227 70.25 23.49 14.34
CA VAL K 227 70.79 22.26 14.91
C VAL K 227 72.28 22.14 14.63
N GLY K 228 72.69 22.38 13.39
CA GLY K 228 74.10 22.27 13.06
C GLY K 228 74.97 23.40 13.54
N MET K 229 74.39 24.52 13.96
CA MET K 229 75.18 25.54 14.61
C MET K 229 75.24 25.35 16.12
N TYR K 230 74.27 24.67 16.71
CA TYR K 230 74.41 24.33 18.12
C TYR K 230 75.36 23.16 18.31
N SER K 231 75.04 22.02 17.70
CA SER K 231 75.74 20.78 17.99
C SER K 231 77.12 20.69 17.36
N ALA K 232 77.42 21.49 16.35
CA ALA K 232 78.69 21.43 15.63
C ALA K 232 79.39 22.78 15.73
N PRO K 233 80.23 22.97 16.73
CA PRO K 233 81.01 24.20 16.82
C PRO K 233 82.06 24.27 15.72
N ALA K 234 82.59 25.46 15.52
CA ALA K 234 83.59 25.68 14.48
C ALA K 234 84.90 24.96 14.83
N GLY K 235 85.54 24.41 13.81
CA GLY K 235 86.73 23.61 13.99
C GLY K 235 86.45 22.15 14.25
N SER K 236 85.19 21.76 14.41
CA SER K 236 84.83 20.38 14.64
C SER K 236 84.54 19.71 13.30
N THR K 237 83.93 18.53 13.33
CA THR K 237 83.75 17.71 12.15
C THR K 237 82.36 17.09 12.18
N ILE K 238 81.71 16.98 11.01
CA ILE K 238 80.37 16.46 10.92
C ILE K 238 80.34 15.29 9.94
N LEU K 239 79.31 14.45 10.09
CA LEU K 239 79.02 13.37 9.16
C LEU K 239 77.72 13.73 8.45
N ILE K 240 77.84 14.39 7.31
CA ILE K 240 76.69 14.87 6.57
C ILE K 240 76.40 13.92 5.42
N ASP K 241 75.13 13.56 5.26
CA ASP K 241 74.69 12.78 4.12
C ASP K 241 74.97 13.54 2.82
N ARG K 242 75.48 12.82 1.81
CA ARG K 242 75.59 13.43 0.49
C ARG K 242 74.22 13.72 -0.08
N ASN K 243 73.24 12.87 0.19
CA ASN K 243 71.85 13.16 -0.12
C ASN K 243 71.37 14.19 0.89
N CYS K 244 71.73 15.45 0.68
CA CYS K 244 71.41 16.53 1.59
C CYS K 244 70.57 17.57 0.87
N HIS K 245 70.22 18.61 1.58
CA HIS K 245 69.53 19.75 1.02
C HIS K 245 70.52 20.87 0.74
N LYS K 246 70.07 21.88 0.00
CA LYS K 246 70.87 23.07 -0.20
C LYS K 246 71.14 23.78 1.12
N SER K 247 70.21 23.66 2.07
CA SER K 247 70.33 24.31 3.36
C SER K 247 71.50 23.79 4.17
N LEU K 248 71.79 22.48 4.09
CA LEU K 248 72.94 21.94 4.81
C LEU K 248 74.26 22.42 4.21
N THR K 249 74.30 22.55 2.88
CA THR K 249 75.48 23.15 2.23
C THR K 249 75.66 24.59 2.67
N HIS K 250 74.57 25.34 2.74
CA HIS K 250 74.61 26.71 3.23
C HIS K 250 75.08 26.79 4.68
N LEU K 251 74.63 25.86 5.52
CA LEU K 251 75.12 25.75 6.90
C LEU K 251 76.61 25.50 6.94
N MET K 252 77.10 24.58 6.12
CA MET K 252 78.52 24.29 6.11
C MET K 252 79.35 25.43 5.58
N MET K 253 78.79 26.28 4.72
CA MET K 253 79.49 27.48 4.31
C MET K 253 79.46 28.59 5.35
N MET K 254 78.44 28.64 6.20
CA MET K 254 78.48 29.62 7.27
C MET K 254 79.47 29.23 8.36
N SER K 255 79.48 27.97 8.76
CA SER K 255 80.24 27.52 9.91
C SER K 255 81.56 26.88 9.49
N ASP K 256 82.58 27.05 10.33
CA ASP K 256 83.91 26.53 10.07
C ASP K 256 83.97 25.06 10.50
N VAL K 257 83.36 24.21 9.68
CA VAL K 257 83.28 22.77 9.96
C VAL K 257 83.94 22.01 8.81
N THR K 258 84.11 20.72 9.00
CA THR K 258 84.76 19.84 8.04
C THR K 258 83.91 18.61 7.82
N PRO K 259 83.64 18.20 6.58
CA PRO K 259 82.79 17.03 6.34
C PRO K 259 83.53 15.72 6.10
N ILE K 260 82.88 14.64 6.53
CA ILE K 260 82.95 13.36 5.84
C ILE K 260 81.58 13.10 5.24
N TYR K 261 81.54 12.90 3.93
CA TYR K 261 80.27 12.68 3.24
C TYR K 261 79.94 11.20 3.24
N PHE K 262 78.73 10.87 3.68
CA PHE K 262 78.21 9.53 3.47
C PHE K 262 77.98 9.28 1.99
N ARG K 263 77.94 8.01 1.61
CA ARG K 263 77.85 7.65 0.19
C ARG K 263 76.60 6.84 -0.08
N PRO K 264 75.49 7.48 -0.43
CA PRO K 264 74.25 6.74 -0.70
C PRO K 264 74.31 5.99 -2.02
N THR K 265 73.46 4.97 -2.11
CA THR K 265 73.31 4.20 -3.33
C THR K 265 72.22 4.82 -4.20
N ARG K 266 72.13 4.35 -5.45
CA ARG K 266 71.13 4.82 -6.38
C ARG K 266 70.92 3.80 -7.48
N ASN K 267 69.75 3.87 -8.12
CA ASN K 267 69.40 2.99 -9.21
C ASN K 267 69.58 3.73 -10.54
N ALA K 268 69.25 3.05 -11.63
CA ALA K 268 69.34 3.65 -12.95
C ALA K 268 68.27 4.71 -13.19
N TYR K 269 67.18 4.69 -12.42
CA TYR K 269 66.13 5.69 -12.58
C TYR K 269 66.59 7.07 -12.16
N GLY K 270 67.57 7.15 -11.26
CA GLY K 270 67.98 8.40 -10.66
C GLY K 270 67.41 8.63 -9.28
N ILE K 271 66.70 7.66 -8.73
CA ILE K 271 66.16 7.79 -7.38
C ILE K 271 67.32 7.67 -6.39
N LEU K 272 67.42 8.66 -5.50
CA LEU K 272 68.47 8.65 -4.48
C LEU K 272 68.10 7.63 -3.42
N GLY K 273 68.84 6.53 -3.38
CA GLY K 273 68.61 5.51 -2.39
C GLY K 273 69.23 5.88 -1.06
N GLY K 274 69.91 4.94 -0.43
CA GLY K 274 70.44 5.20 0.89
C GLY K 274 71.85 4.74 1.15
N ILE K 275 72.37 5.15 2.28
CA ILE K 275 73.74 4.79 2.67
C ILE K 275 73.75 3.32 3.07
N PRO K 276 74.74 2.53 2.65
CA PRO K 276 74.82 1.14 3.10
C PRO K 276 75.13 1.07 4.59
N GLN K 277 74.91 -0.12 5.15
CA GLN K 277 75.15 -0.34 6.57
C GLN K 277 76.61 -0.23 6.96
N SER K 278 77.53 -0.39 5.99
CA SER K 278 78.94 -0.38 6.30
C SER K 278 79.44 1.01 6.69
N GLU K 279 78.77 2.06 6.21
CA GLU K 279 79.22 3.43 6.45
C GLU K 279 78.59 4.06 7.68
N PHE K 280 78.16 3.26 8.65
CA PHE K 280 77.76 3.80 9.94
C PHE K 280 78.52 3.19 11.10
N GLN K 281 79.48 2.32 10.84
CA GLN K 281 80.24 1.67 11.88
C GLN K 281 81.52 2.46 12.15
N HIS K 282 82.25 2.05 13.19
CA HIS K 282 83.42 2.81 13.61
C HIS K 282 84.59 2.69 12.65
N ALA K 283 84.71 1.55 11.96
CA ALA K 283 85.89 1.32 11.12
C ALA K 283 85.92 2.26 9.91
N THR K 284 84.82 2.33 9.16
CA THR K 284 84.78 3.18 7.98
C THR K 284 84.83 4.66 8.35
N ILE K 285 84.18 5.04 9.45
CA ILE K 285 84.20 6.42 9.90
C ILE K 285 85.60 6.82 10.33
N ALA K 286 86.29 5.95 11.07
CA ALA K 286 87.67 6.24 11.46
C ALA K 286 88.60 6.30 10.26
N LYS K 287 88.40 5.43 9.28
CA LYS K 287 89.19 5.48 8.05
C LYS K 287 89.00 6.80 7.31
N ARG K 288 87.74 7.18 7.07
CA ARG K 288 87.44 8.43 6.37
C ARG K 288 87.88 9.65 7.16
N VAL K 289 87.93 9.56 8.49
CA VAL K 289 88.57 10.60 9.28
C VAL K 289 90.07 10.63 8.98
N LYS K 290 90.69 9.46 8.89
CA LYS K 290 92.15 9.38 8.73
C LYS K 290 92.61 9.97 7.41
N GLU K 291 91.91 9.69 6.30
CA GLU K 291 92.30 10.29 5.03
C GLU K 291 91.54 11.58 4.72
N THR K 292 91.17 12.35 5.74
CA THR K 292 90.68 13.70 5.51
C THR K 292 91.56 14.70 6.23
N PRO K 293 92.11 15.70 5.54
CA PRO K 293 92.98 16.66 6.21
C PRO K 293 92.23 17.52 7.21
N ASN K 294 92.92 17.86 8.31
CA ASN K 294 92.40 18.70 9.39
C ASN K 294 91.12 18.17 9.99
N ALA K 295 90.99 16.85 10.07
CA ALA K 295 89.77 16.21 10.52
C ALA K 295 89.99 15.47 11.83
N THR K 296 89.04 15.58 12.73
CA THR K 296 89.03 14.88 14.00
C THR K 296 87.81 13.97 14.06
N TRP K 297 87.55 13.39 15.22
CA TRP K 297 86.38 12.55 15.39
C TRP K 297 85.11 13.38 15.26
N PRO K 298 84.14 12.95 14.47
CA PRO K 298 82.92 13.74 14.25
C PRO K 298 82.11 13.92 15.52
N VAL K 299 81.60 15.13 15.73
CA VAL K 299 80.80 15.44 16.89
C VAL K 299 79.32 15.58 16.57
N HIS K 300 78.94 15.39 15.31
CA HIS K 300 77.55 15.52 14.90
C HIS K 300 77.36 14.77 13.59
N ALA K 301 76.15 14.27 13.39
CA ALA K 301 75.81 13.56 12.16
C ALA K 301 74.45 14.02 11.68
N VAL K 302 74.32 14.24 10.38
CA VAL K 302 73.08 14.69 9.76
C VAL K 302 72.70 13.68 8.68
N ILE K 303 71.48 13.15 8.78
CA ILE K 303 70.99 12.08 7.91
C ILE K 303 69.62 12.48 7.39
N THR K 304 69.42 12.37 6.08
CA THR K 304 68.14 12.72 5.48
C THR K 304 67.22 11.51 5.57
N ASN K 305 66.31 11.52 6.56
CA ASN K 305 65.40 10.41 6.84
C ASN K 305 63.97 10.91 6.82
N SER K 306 63.22 10.64 5.74
CA SER K 306 63.63 9.75 4.66
C SER K 306 64.34 10.51 3.57
N THR K 307 64.56 9.84 2.44
CA THR K 307 65.10 10.52 1.27
C THR K 307 63.98 11.32 0.61
N TYR K 308 64.30 11.93 -0.53
CA TYR K 308 63.28 12.67 -1.28
C TYR K 308 62.19 11.75 -1.80
N ASP K 309 62.53 10.50 -2.13
CA ASP K 309 61.58 9.55 -2.66
C ASP K 309 61.00 8.63 -1.59
N GLY K 310 61.10 9.02 -0.32
CA GLY K 310 60.42 8.31 0.74
C GLY K 310 60.97 6.94 1.05
N LEU K 311 62.26 6.86 1.37
CA LEU K 311 62.91 5.62 1.78
C LEU K 311 63.39 5.82 3.21
N LEU K 312 62.62 5.30 4.16
CA LEU K 312 62.96 5.37 5.56
C LEU K 312 64.15 4.46 5.86
N TYR K 313 64.81 4.73 6.99
CA TYR K 313 65.95 3.92 7.40
C TYR K 313 65.56 3.09 8.59
N ASN K 314 66.37 2.07 8.88
CA ASN K 314 66.26 1.36 10.14
C ASN K 314 67.03 2.19 11.16
N THR K 315 66.33 3.17 11.73
CA THR K 315 66.95 4.14 12.61
C THR K 315 67.40 3.58 13.94
N ASP K 316 66.88 2.42 14.35
CA ASP K 316 67.36 1.81 15.59
C ASP K 316 68.80 1.31 15.41
N PHE K 317 69.11 0.75 14.24
CA PHE K 317 70.49 0.43 13.87
C PHE K 317 71.37 1.67 13.94
N ILE K 318 70.87 2.80 13.43
CA ILE K 318 71.65 4.02 13.38
C ILE K 318 71.92 4.55 14.77
N LYS K 319 70.87 4.63 15.60
CA LYS K 319 71.02 5.13 16.96
C LYS K 319 71.78 4.17 17.86
N LYS K 320 71.91 2.89 17.48
CA LYS K 320 72.74 2.00 18.27
C LYS K 320 74.21 2.03 17.86
N THR K 321 74.49 2.08 16.55
CA THR K 321 75.86 1.84 16.10
C THR K 321 76.61 3.07 15.66
N LEU K 322 75.94 4.16 15.29
CA LEU K 322 76.63 5.39 14.93
C LEU K 322 77.19 6.02 16.20
N ASP K 323 78.51 6.00 16.34
CA ASP K 323 79.16 6.38 17.60
C ASP K 323 79.50 7.86 17.65
N VAL K 324 78.52 8.72 17.42
CA VAL K 324 78.68 10.15 17.57
C VAL K 324 77.76 10.62 18.68
N LYS K 325 78.06 11.80 19.23
CA LYS K 325 77.36 12.30 20.40
C LYS K 325 76.05 13.01 20.06
N SER K 326 75.74 13.20 18.78
CA SER K 326 74.48 13.83 18.38
C SER K 326 74.17 13.41 16.96
N ILE K 327 73.02 12.78 16.77
CA ILE K 327 72.57 12.33 15.46
C ILE K 327 71.36 13.17 15.07
N HIS K 328 71.45 13.85 13.93
CA HIS K 328 70.36 14.66 13.43
C HIS K 328 69.70 13.98 12.24
N PHE K 329 68.39 13.90 12.27
CA PHE K 329 67.60 13.35 11.17
C PHE K 329 66.87 14.51 10.50
N ASP K 330 67.21 14.79 9.25
CA ASP K 330 66.56 15.86 8.49
C ASP K 330 65.26 15.31 7.92
N SER K 331 64.27 15.16 8.80
CA SER K 331 63.01 14.53 8.45
C SER K 331 62.03 15.55 7.86
N ALA K 332 62.49 16.23 6.83
CA ALA K 332 61.63 17.21 6.18
C ALA K 332 60.46 16.57 5.46
N TRP K 333 60.64 15.37 4.89
CA TRP K 333 59.58 14.71 4.15
C TRP K 333 58.79 13.71 4.96
N VAL K 334 59.18 13.42 6.20
CA VAL K 334 58.41 12.51 7.02
C VAL K 334 58.11 13.20 8.35
N PRO K 335 57.10 14.09 8.42
CA PRO K 335 56.75 14.68 9.71
C PRO K 335 55.63 13.97 10.44
N TYR K 336 54.94 13.06 9.77
CA TYR K 336 53.74 12.41 10.26
C TYR K 336 54.01 11.11 11.00
N THR K 337 55.23 10.94 11.53
CA THR K 337 55.70 9.62 11.91
C THR K 337 54.96 9.02 13.10
N ASN K 338 54.70 9.79 14.14
CA ASN K 338 54.17 9.29 15.40
C ASN K 338 52.73 8.79 15.26
N PHE K 339 52.03 9.17 14.19
CA PHE K 339 50.58 9.07 14.13
C PHE K 339 50.08 7.82 13.44
N SER K 340 50.97 6.86 13.15
CA SER K 340 50.54 5.55 12.73
C SER K 340 51.65 4.60 13.15
N PRO K 341 51.33 3.47 13.78
CA PRO K 341 52.35 2.50 14.19
C PRO K 341 53.02 1.76 13.04
N ILE K 342 52.66 2.08 11.80
CA ILE K 342 53.39 1.60 10.65
C ILE K 342 54.84 2.07 10.70
N TYR K 343 55.04 3.32 11.11
CA TYR K 343 56.36 3.95 11.11
C TYR K 343 57.12 3.75 12.41
N GLU K 344 56.81 2.71 13.18
CA GLU K 344 57.57 2.44 14.40
C GLU K 344 58.98 2.02 14.05
N GLY K 345 59.95 2.56 14.77
CA GLY K 345 61.34 2.28 14.46
C GLY K 345 61.82 2.90 13.18
N LYS K 346 61.25 4.06 12.80
CA LYS K 346 61.57 4.70 11.53
C LYS K 346 61.64 6.22 11.65
N CYS K 347 62.03 6.75 12.80
CA CYS K 347 62.34 8.17 12.94
C CYS K 347 63.29 8.35 14.10
N GLY K 348 63.76 9.59 14.26
CA GLY K 348 64.57 9.91 15.41
C GLY K 348 63.84 9.76 16.73
N MET K 349 62.56 10.09 16.75
CA MET K 349 61.77 9.99 17.97
C MET K 349 61.19 8.60 18.20
N SER K 350 61.42 7.67 17.29
CA SER K 350 61.02 6.29 17.53
C SER K 350 61.85 5.68 18.64
N GLY K 351 61.19 4.89 19.47
CA GLY K 351 61.86 4.31 20.61
C GLY K 351 62.05 5.31 21.73
N GLY K 352 62.79 4.87 22.75
CA GLY K 352 63.00 5.66 23.93
C GLY K 352 64.19 6.59 23.81
N ARG K 353 64.51 7.22 24.93
CA ARG K 353 65.67 8.11 25.03
C ARG K 353 66.94 7.28 24.94
N VAL K 354 67.69 7.45 23.87
CA VAL K 354 68.92 6.68 23.69
C VAL K 354 69.99 7.24 24.64
N GLU K 355 70.85 6.35 25.12
CA GLU K 355 71.85 6.72 26.11
C GLU K 355 73.09 7.30 25.42
N GLY K 356 73.60 8.40 25.96
CA GLY K 356 74.89 8.92 25.56
C GLY K 356 74.90 9.84 24.36
N LYS K 357 73.75 10.06 23.72
CA LYS K 357 73.71 10.96 22.57
C LYS K 357 72.33 11.57 22.47
N VAL K 358 72.26 12.73 21.81
CA VAL K 358 71.03 13.48 21.65
C VAL K 358 70.57 13.32 20.22
N ILE K 359 69.31 12.92 20.03
CA ILE K 359 68.76 12.71 18.71
C ILE K 359 67.93 13.94 18.34
N TYR K 360 68.28 14.57 17.23
CA TYR K 360 67.52 15.69 16.71
C TYR K 360 66.64 15.20 15.56
N GLU K 361 65.48 15.84 15.43
CA GLU K 361 64.64 15.61 14.27
C GLU K 361 63.94 16.92 13.94
N THR K 362 63.93 17.27 12.66
CA THR K 362 63.56 18.61 12.21
C THR K 362 62.46 18.53 11.14
N GLN K 363 61.37 17.87 11.51
CA GLN K 363 60.15 17.74 10.71
C GLN K 363 59.73 19.04 10.05
N SER K 364 59.64 19.03 8.73
CA SER K 364 59.07 20.16 8.00
C SER K 364 57.57 20.00 7.98
N THR K 365 56.90 20.69 8.91
CA THR K 365 55.48 20.50 9.15
C THR K 365 54.61 20.91 7.96
N HIS K 366 55.04 21.90 7.19
CA HIS K 366 54.22 22.37 6.08
C HIS K 366 54.21 21.41 4.91
N1 LLP K 367 65.49 20.17 3.76
C2 LLP K 367 65.12 19.07 3.08
C2' LLP K 367 65.95 17.75 3.17
C3 LLP K 367 63.95 19.11 2.27
O3 LLP K 367 63.56 17.96 1.57
C4 LLP K 367 63.20 20.25 2.19
C4' LLP K 367 61.87 20.28 1.27
C5 LLP K 367 63.57 21.36 2.87
C6 LLP K 367 64.73 21.34 3.66
C5' LLP K 367 62.69 22.63 2.73
OP4 LLP K 367 63.01 23.60 3.69
P LLP K 367 61.92 24.63 4.02
OP1 LLP K 367 61.43 25.27 2.71
OP2 LLP K 367 62.47 25.67 4.89
OP3 LLP K 367 60.78 23.96 4.69
N LLP K 367 55.19 20.52 4.85
CA LLP K 367 55.39 19.67 3.67
CB LLP K 367 56.74 19.00 3.73
CG LLP K 367 57.82 20.03 3.41
CD LLP K 367 58.28 19.87 1.95
CE LLP K 367 59.59 20.65 1.73
NZ LLP K 367 60.75 19.80 2.02
C LLP K 367 54.33 18.62 3.54
O LLP K 367 53.69 18.56 2.50
N LEU K 368 54.13 17.80 4.57
CA LEU K 368 53.20 16.69 4.45
C LEU K 368 52.01 16.79 5.40
N LEU K 369 52.17 17.52 6.49
CA LEU K 369 51.03 17.81 7.35
C LEU K 369 50.26 18.99 6.80
N ALA K 370 49.26 19.45 7.55
CA ALA K 370 48.44 20.59 7.15
C ALA K 370 48.90 21.81 7.93
N ALA K 371 49.84 22.55 7.34
CA ALA K 371 50.33 23.78 7.94
C ALA K 371 50.72 24.77 6.86
N PHE K 372 50.73 26.04 7.25
CA PHE K 372 51.18 27.11 6.36
C PHE K 372 52.67 26.94 6.06
N SER K 373 53.10 27.48 4.93
CA SER K 373 54.49 27.36 4.52
C SER K 373 55.41 28.10 5.48
N GLN K 374 56.70 27.82 5.35
CA GLN K 374 57.76 28.28 6.24
C GLN K 374 57.52 27.86 7.68
N ALA K 375 56.84 26.75 7.90
CA ALA K 375 56.63 26.21 9.24
C ALA K 375 57.50 24.98 9.42
N SER K 376 58.12 24.88 10.59
CA SER K 376 59.01 23.77 10.88
C SER K 376 59.08 23.56 12.38
N MET K 377 59.66 22.43 12.76
CA MET K 377 59.81 22.08 14.15
C MET K 377 61.21 21.52 14.37
N ILE K 378 61.68 21.61 15.61
CA ILE K 378 62.90 20.95 16.03
C ILE K 378 62.56 20.14 17.27
N HIS K 379 62.51 18.82 17.11
CA HIS K 379 62.29 17.92 18.23
C HIS K 379 63.64 17.37 18.67
N VAL K 380 63.90 17.41 19.96
CA VAL K 380 65.13 16.85 20.50
C VAL K 380 64.77 15.63 21.34
N LYS K 381 65.77 14.80 21.57
CA LYS K 381 65.59 13.62 22.42
C LYS K 381 66.90 13.40 23.17
N GLY K 382 66.95 13.81 24.42
CA GLY K 382 68.15 13.76 25.20
C GLY K 382 68.26 14.98 26.07
N ASP K 383 69.48 15.26 26.51
CA ASP K 383 69.77 16.39 27.38
C ASP K 383 70.64 17.38 26.60
N VAL K 384 70.18 18.63 26.50
CA VAL K 384 70.93 19.68 25.84
C VAL K 384 71.07 20.84 26.80
N ASN K 385 72.09 21.66 26.55
CA ASN K 385 72.25 22.88 27.32
C ASN K 385 71.13 23.84 26.93
N GLU K 386 70.20 24.06 27.86
CA GLU K 386 68.94 24.74 27.56
C GLU K 386 69.17 26.17 27.09
N GLU K 387 70.03 26.92 27.79
CA GLU K 387 70.24 28.30 27.40
C GLU K 387 71.08 28.43 26.15
N THR K 388 72.11 27.59 25.97
CA THR K 388 72.91 27.65 24.76
C THR K 388 72.09 27.28 23.53
N PHE K 389 71.29 26.21 23.62
CA PHE K 389 70.47 25.82 22.49
C PHE K 389 69.32 26.77 22.24
N ASN K 390 68.74 27.35 23.30
CA ASN K 390 67.74 28.39 23.13
C ASN K 390 68.33 29.62 22.46
N GLU K 391 69.57 29.97 22.81
CA GLU K 391 70.21 31.11 22.17
C GLU K 391 70.53 30.81 20.71
N ALA K 392 70.93 29.58 20.41
CA ALA K 392 71.14 29.20 19.01
C ALA K 392 69.85 29.24 18.21
N TYR K 393 68.73 28.81 18.82
CA TYR K 393 67.43 28.94 18.15
C TYR K 393 67.05 30.39 17.93
N MET K 394 67.26 31.24 18.93
CA MET K 394 67.00 32.67 18.81
C MET K 394 67.89 33.32 17.77
N MET K 395 69.09 32.77 17.56
CA MET K 395 70.06 33.34 16.64
C MET K 395 69.58 33.34 15.19
N HIS K 396 68.89 32.30 14.75
CA HIS K 396 68.50 32.20 13.34
C HIS K 396 67.08 32.62 13.05
N THR K 397 66.17 32.54 14.01
CA THR K 397 64.81 32.95 13.74
C THR K 397 64.69 34.47 13.80
N THR K 398 63.60 34.97 13.24
CA THR K 398 63.30 36.40 13.31
C THR K 398 62.85 36.77 14.71
N THR K 399 62.70 38.08 14.93
CA THR K 399 62.25 38.57 16.22
C THR K 399 60.75 38.83 16.27
N SER K 400 60.13 39.17 15.15
CA SER K 400 58.68 39.39 15.06
C SER K 400 58.12 38.39 14.06
N PRO K 401 57.70 37.21 14.52
CA PRO K 401 57.26 36.17 13.59
C PRO K 401 55.83 36.38 13.13
N HIS K 402 55.48 35.67 12.06
CA HIS K 402 54.12 35.68 11.55
C HIS K 402 53.28 34.72 12.38
N TYR K 403 52.37 35.27 13.18
CA TYR K 403 51.60 34.43 14.08
C TYR K 403 50.62 33.52 13.37
N GLY K 404 50.27 33.80 12.11
CA GLY K 404 49.52 32.85 11.33
C GLY K 404 50.28 31.57 11.08
N ILE K 405 51.58 31.70 10.78
CA ILE K 405 52.44 30.52 10.58
C ILE K 405 52.59 29.74 11.89
N VAL K 406 52.76 30.45 13.01
CA VAL K 406 52.90 29.79 14.32
C VAL K 406 51.62 29.06 14.70
N ALA K 407 50.47 29.72 14.52
CA ALA K 407 49.19 29.10 14.82
C ALA K 407 48.93 27.90 13.91
N SER K 408 49.32 28.00 12.63
CA SER K 408 49.18 26.86 11.74
C SER K 408 50.10 25.73 12.13
N THR K 409 51.31 26.05 12.60
CA THR K 409 52.27 25.05 13.04
C THR K 409 51.73 24.26 14.22
N GLU K 410 51.11 24.95 15.18
CA GLU K 410 50.52 24.24 16.31
C GLU K 410 49.23 23.51 15.94
N THR K 411 48.39 24.13 15.09
CA THR K 411 47.14 23.50 14.68
C THR K 411 47.38 22.24 13.86
N ALA K 412 48.52 22.16 13.17
CA ALA K 412 48.85 20.92 12.46
C ALA K 412 49.01 19.75 13.41
N ALA K 413 49.67 19.95 14.54
CA ALA K 413 49.73 18.89 15.54
C ALA K 413 48.39 18.67 16.21
N ALA K 414 47.63 19.76 16.41
CA ALA K 414 46.31 19.63 17.02
C ALA K 414 45.33 18.86 16.13
N MET K 415 45.56 18.81 14.82
CA MET K 415 44.76 17.98 13.93
C MET K 415 45.05 16.50 14.10
N MET K 416 46.07 16.13 14.87
CA MET K 416 46.48 14.75 14.94
C MET K 416 46.23 14.10 16.30
N LYS K 417 45.74 14.85 17.29
CA LYS K 417 45.35 14.26 18.56
C LYS K 417 43.94 13.70 18.45
N GLY K 418 43.70 12.60 19.16
CA GLY K 418 42.40 12.00 19.22
C GLY K 418 42.23 10.89 18.19
N ASN K 419 40.97 10.65 17.84
CA ASN K 419 40.65 9.66 16.83
C ASN K 419 40.63 10.23 15.42
N ALA K 420 40.40 11.55 15.29
CA ALA K 420 40.37 12.17 13.98
C ALA K 420 41.73 12.15 13.30
N GLY K 421 42.80 12.40 14.05
CA GLY K 421 44.12 12.38 13.45
C GLY K 421 44.56 10.99 13.03
N LYS K 422 44.27 9.98 13.86
CA LYS K 422 44.55 8.60 13.48
C LYS K 422 43.74 8.21 12.25
N ARG K 423 42.48 8.65 12.20
CA ARG K 423 41.67 8.38 11.02
C ARG K 423 42.23 9.07 9.78
N LEU K 424 42.75 10.30 9.92
CA LEU K 424 43.39 10.99 8.80
C LEU K 424 44.58 10.22 8.28
N ILE K 425 45.50 9.84 9.16
CA ILE K 425 46.73 9.19 8.73
C ILE K 425 46.44 7.83 8.14
N ASN K 426 45.58 7.05 8.80
CA ASN K 426 45.24 5.73 8.27
C ASN K 426 44.47 5.82 6.96
N GLY K 427 43.59 6.82 6.82
CA GLY K 427 42.90 7.01 5.55
C GLY K 427 43.83 7.40 4.43
N SER K 428 44.81 8.26 4.72
CA SER K 428 45.77 8.65 3.70
C SER K 428 46.64 7.47 3.27
N ILE K 429 47.10 6.66 4.23
CA ILE K 429 47.93 5.52 3.88
C ILE K 429 47.12 4.47 3.11
N GLU K 430 45.89 4.20 3.55
CA GLU K 430 45.04 3.24 2.85
C GLU K 430 44.68 3.71 1.44
N ARG K 431 44.40 5.00 1.28
CA ARG K 431 44.15 5.56 -0.04
C ARG K 431 45.36 5.45 -0.94
N ALA K 432 46.55 5.70 -0.39
CA ALA K 432 47.78 5.55 -1.17
C ALA K 432 47.97 4.10 -1.61
N ILE K 433 47.72 3.15 -0.71
CA ILE K 433 47.90 1.73 -1.04
C ILE K 433 46.88 1.29 -2.09
N LYS K 434 45.64 1.77 -1.99
CA LYS K 434 44.63 1.43 -2.98
C LYS K 434 44.93 2.04 -4.35
N PHE K 435 45.45 3.27 -4.37
CA PHE K 435 45.91 3.85 -5.63
C PHE K 435 47.05 3.03 -6.24
N ARG K 436 47.98 2.56 -5.40
CA ARG K 436 49.08 1.73 -5.89
C ARG K 436 48.57 0.42 -6.46
N LYS K 437 47.58 -0.19 -5.80
CA LYS K 437 47.05 -1.44 -6.32
C LYS K 437 46.34 -1.26 -7.64
N GLU K 438 45.54 -0.19 -7.82
CA GLU K 438 45.04 -0.06 -9.19
C GLU K 438 46.05 0.44 -10.21
N ILE K 439 47.10 1.15 -9.83
CA ILE K 439 47.98 1.53 -10.94
C ILE K 439 48.74 0.29 -11.44
N LYS K 440 49.12 -0.64 -10.54
CA LYS K 440 49.59 -1.92 -11.07
C LYS K 440 48.49 -2.75 -11.72
N ARG K 441 47.23 -2.58 -11.33
CA ARG K 441 46.16 -3.31 -12.00
C ARG K 441 45.89 -2.79 -13.40
N LEU K 442 45.84 -1.47 -13.57
CA LEU K 442 45.66 -0.85 -14.87
C LEU K 442 46.85 -1.09 -15.78
N ARG K 443 48.05 -1.30 -15.21
CA ARG K 443 49.18 -1.70 -16.04
C ARG K 443 48.92 -3.04 -16.72
N THR K 444 48.38 -4.01 -15.99
CA THR K 444 48.08 -5.31 -16.58
C THR K 444 46.73 -5.35 -17.28
N GLU K 445 45.92 -4.30 -17.14
CA GLU K 445 44.64 -4.26 -17.83
C GLU K 445 44.76 -3.63 -19.20
N SER K 446 45.65 -2.66 -19.36
CA SER K 446 45.72 -1.88 -20.59
C SER K 446 46.46 -2.65 -21.68
N ASP K 447 46.41 -2.09 -22.88
CA ASP K 447 47.11 -2.64 -24.04
C ASP K 447 48.41 -1.87 -24.28
N GLY K 448 49.43 -2.59 -24.74
CA GLY K 448 50.71 -1.97 -25.01
C GLY K 448 51.39 -1.51 -23.74
N TRP K 449 51.81 -0.25 -23.73
CA TRP K 449 52.53 0.31 -22.61
C TRP K 449 51.57 0.92 -21.59
N PHE K 450 52.05 1.04 -20.35
CA PHE K 450 51.34 1.80 -19.33
C PHE K 450 52.33 2.25 -18.27
N PHE K 451 51.90 3.18 -17.43
CA PHE K 451 52.71 3.65 -16.34
C PHE K 451 52.92 2.54 -15.30
N ASP K 452 54.18 2.34 -14.92
CA ASP K 452 54.54 1.46 -13.85
C ASP K 452 54.75 2.30 -12.61
N VAL K 453 54.67 1.67 -11.43
CA VAL K 453 54.98 2.34 -10.17
C VAL K 453 56.01 1.54 -9.40
N TRP K 454 57.05 2.24 -8.97
CA TRP K 454 58.28 1.68 -8.42
C TRP K 454 57.99 1.22 -7.00
N GLN K 455 57.52 -0.02 -6.88
CA GLN K 455 57.04 -0.58 -5.63
C GLN K 455 57.13 -2.09 -5.71
N PRO K 456 57.11 -2.80 -4.58
CA PRO K 456 57.19 -4.27 -4.62
C PRO K 456 56.03 -4.88 -5.41
N ASP K 457 56.33 -6.02 -6.04
CA ASP K 457 55.37 -6.68 -6.92
C ASP K 457 54.12 -7.16 -6.20
N HIS K 458 54.25 -7.55 -4.93
CA HIS K 458 53.09 -7.95 -4.13
C HIS K 458 53.01 -7.03 -2.92
N ILE K 459 52.07 -6.08 -2.97
CA ILE K 459 51.73 -5.26 -1.81
C ILE K 459 50.24 -5.41 -1.55
N ASP K 460 49.91 -5.82 -0.35
CA ASP K 460 48.52 -5.86 0.07
C ASP K 460 48.31 -5.55 1.53
N THR K 461 49.36 -5.24 2.28
CA THR K 461 49.28 -4.93 3.70
C THR K 461 49.71 -3.50 3.94
N THR K 462 49.23 -2.92 5.04
CA THR K 462 49.52 -1.53 5.39
C THR K 462 50.78 -1.52 6.23
N GLU K 463 51.93 -1.57 5.54
CA GLU K 463 53.23 -1.50 6.21
C GLU K 463 54.19 -0.80 5.27
N CYS K 464 55.28 -0.29 5.84
CA CYS K 464 56.39 0.17 5.04
C CYS K 464 57.10 -1.04 4.45
N TRP K 465 56.97 -1.22 3.15
CA TRP K 465 57.44 -2.46 2.53
C TRP K 465 58.96 -2.45 2.47
N PRO K 466 59.63 -3.41 3.10
CA PRO K 466 61.09 -3.37 3.18
C PRO K 466 61.73 -3.67 1.83
N LEU K 467 62.86 -3.02 1.58
CA LEU K 467 63.60 -3.24 0.35
C LEU K 467 64.50 -4.45 0.55
N ARG K 468 64.14 -5.56 -0.06
CA ARG K 468 64.83 -6.83 0.15
C ARG K 468 65.87 -7.04 -0.92
N SER K 469 67.00 -7.63 -0.53
CA SER K 469 68.07 -7.93 -1.48
C SER K 469 67.68 -9.04 -2.45
N ASP K 470 66.67 -9.82 -2.13
CA ASP K 470 66.24 -10.94 -2.96
C ASP K 470 65.20 -10.54 -3.99
N SER K 471 64.96 -9.25 -4.15
CA SER K 471 64.03 -8.74 -5.15
C SER K 471 64.71 -7.63 -5.95
N THR K 472 64.12 -7.33 -7.12
CA THR K 472 64.78 -6.41 -8.04
C THR K 472 63.87 -5.26 -8.47
N TRP K 473 62.77 -5.00 -7.74
CA TRP K 473 61.90 -3.89 -8.11
C TRP K 473 62.56 -2.54 -7.81
N HIS K 474 63.39 -2.48 -6.78
CA HIS K 474 64.01 -1.21 -6.41
C HIS K 474 65.17 -0.84 -7.32
N GLY K 475 66.08 -1.77 -7.58
CA GLY K 475 67.21 -1.53 -8.45
C GLY K 475 68.52 -1.27 -7.75
N PHE K 476 68.51 -1.04 -6.43
CA PHE K 476 69.75 -0.87 -5.70
C PHE K 476 70.42 -2.23 -5.53
N LYS K 477 71.55 -2.42 -6.17
CA LYS K 477 72.23 -3.70 -6.17
C LYS K 477 72.96 -3.93 -4.85
N ASN K 478 72.93 -5.19 -4.39
CA ASN K 478 73.60 -5.64 -3.16
C ASN K 478 73.14 -4.84 -1.94
N ILE K 479 71.85 -4.53 -1.90
CA ILE K 479 71.30 -3.72 -0.82
C ILE K 479 71.21 -4.56 0.45
N ASP K 480 71.30 -3.90 1.59
CA ASP K 480 71.27 -4.55 2.88
C ASP K 480 69.83 -4.76 3.34
N ASN K 481 69.55 -5.90 3.94
CA ASN K 481 68.20 -6.27 4.34
C ASN K 481 67.81 -5.56 5.62
N GLU K 482 66.55 -5.08 5.65
CA GLU K 482 66.03 -4.21 6.70
C GLU K 482 66.95 -3.02 6.98
N HIS K 483 67.11 -2.21 5.95
CA HIS K 483 67.73 -0.90 6.10
C HIS K 483 66.83 0.12 5.41
N MET K 484 66.02 -0.34 4.47
CA MET K 484 65.13 0.54 3.72
C MET K 484 63.69 0.07 3.81
N TYR K 485 62.80 1.05 3.86
CA TYR K 485 61.36 0.84 4.02
C TYR K 485 60.66 1.87 3.15
N LEU K 486 59.89 1.40 2.18
CA LEU K 486 59.20 2.30 1.27
C LEU K 486 58.03 2.97 1.98
N ASP K 487 57.96 4.28 1.85
CA ASP K 487 56.82 5.01 2.37
C ASP K 487 55.67 4.89 1.38
N PRO K 488 54.52 4.33 1.78
CA PRO K 488 53.44 4.11 0.81
C PRO K 488 52.82 5.36 0.23
N ILE K 489 52.93 6.51 0.89
CA ILE K 489 52.21 7.69 0.41
C ILE K 489 53.02 8.56 -0.54
N LYS K 490 54.30 8.24 -0.75
CA LYS K 490 55.10 8.96 -1.75
C LYS K 490 55.19 8.06 -2.99
N VAL K 491 54.13 8.11 -3.79
CA VAL K 491 54.00 7.23 -4.94
C VAL K 491 54.88 7.77 -6.06
N THR K 492 55.79 6.93 -6.55
CA THR K 492 56.69 7.27 -7.63
C THR K 492 56.26 6.49 -8.87
N LEU K 493 55.52 7.14 -9.76
CA LEU K 493 55.18 6.51 -11.02
C LEU K 493 56.42 6.36 -11.90
N LEU K 494 56.32 5.47 -12.87
CA LEU K 494 57.38 5.26 -13.83
C LEU K 494 56.79 5.32 -15.22
N THR K 495 57.60 5.73 -16.17
CA THR K 495 57.23 5.80 -17.56
C THR K 495 58.05 4.80 -18.37
N PRO K 496 57.57 4.39 -19.55
CA PRO K 496 58.37 3.48 -20.38
C PRO K 496 59.69 4.11 -20.81
N GLY K 497 60.66 3.23 -21.04
CA GLY K 497 61.98 3.66 -21.45
C GLY K 497 63.09 2.88 -20.77
N MET K 498 62.79 2.32 -19.60
CA MET K 498 63.76 1.58 -18.81
C MET K 498 63.36 0.11 -18.76
N GLU K 499 64.36 -0.76 -18.92
CA GLU K 499 64.13 -2.17 -18.64
C GLU K 499 64.34 -2.44 -17.16
N LYS K 500 64.03 -3.68 -16.74
CA LYS K 500 64.10 -4.01 -15.32
C LYS K 500 65.54 -4.17 -14.83
N ASP K 501 66.45 -4.61 -15.70
CA ASP K 501 67.83 -4.81 -15.29
C ASP K 501 68.64 -3.51 -15.27
N GLY K 502 68.09 -2.41 -15.77
CA GLY K 502 68.74 -1.13 -15.76
C GLY K 502 69.04 -0.56 -17.12
N THR K 503 69.10 -1.38 -18.16
CA THR K 503 69.36 -0.88 -19.49
C THR K 503 68.13 -0.15 -20.04
N MET K 504 68.34 0.63 -21.08
CA MET K 504 67.26 1.41 -21.67
C MET K 504 66.53 0.62 -22.75
N SER K 505 65.24 0.87 -22.85
CA SER K 505 64.42 0.28 -23.90
C SER K 505 64.53 1.14 -25.17
N ASP K 506 63.73 0.82 -26.17
CA ASP K 506 63.65 1.62 -27.39
C ASP K 506 62.48 2.58 -27.39
N PHE K 507 61.30 2.12 -27.02
CA PHE K 507 60.13 2.98 -26.92
C PHE K 507 60.05 3.56 -25.51
N GLY K 508 59.93 4.88 -25.42
CA GLY K 508 59.91 5.51 -24.11
C GLY K 508 59.35 6.91 -24.17
N ILE K 509 58.87 7.36 -23.01
CA ILE K 509 58.40 8.72 -22.81
C ILE K 509 59.13 9.27 -21.59
N PRO K 510 59.98 10.26 -21.72
CA PRO K 510 60.54 10.90 -20.53
C PRO K 510 59.47 11.66 -19.77
N ALA K 511 59.63 11.71 -18.45
CA ALA K 511 58.58 12.16 -17.54
C ALA K 511 58.28 13.65 -17.64
N SER K 512 59.11 14.42 -18.34
CA SER K 512 58.84 15.84 -18.53
C SER K 512 57.56 16.07 -19.34
N ILE K 513 57.35 15.28 -20.39
CA ILE K 513 56.13 15.39 -21.19
C ILE K 513 54.90 15.05 -20.36
N VAL K 514 54.97 13.98 -19.57
CA VAL K 514 53.83 13.60 -18.74
C VAL K 514 53.54 14.68 -17.71
N ALA K 515 54.58 15.24 -17.08
CA ALA K 515 54.38 16.29 -16.09
C ALA K 515 53.80 17.54 -16.73
N LYS K 516 54.27 17.91 -17.93
CA LYS K 516 53.73 19.08 -18.61
C LYS K 516 52.28 18.85 -19.04
N TYR K 517 51.94 17.62 -19.44
CA TYR K 517 50.56 17.34 -19.80
C TYR K 517 49.66 17.44 -18.57
N LEU K 518 50.11 16.88 -17.44
CA LEU K 518 49.33 16.96 -16.22
C LEU K 518 49.15 18.40 -15.76
N ASP K 519 50.20 19.22 -15.89
CA ASP K 519 50.09 20.64 -15.61
C ASP K 519 49.13 21.33 -16.55
N GLU K 520 49.06 20.89 -17.81
CA GLU K 520 48.08 21.46 -18.73
C GLU K 520 46.66 21.13 -18.28
N HIS K 521 46.43 19.91 -17.81
CA HIS K 521 45.11 19.50 -17.36
C HIS K 521 44.85 19.80 -15.90
N GLY K 522 45.66 20.64 -15.26
CA GLY K 522 45.32 21.17 -13.97
C GLY K 522 45.59 20.27 -12.79
N ILE K 523 46.61 19.43 -12.86
CA ILE K 523 47.12 18.70 -11.71
C ILE K 523 48.64 18.83 -11.70
N VAL K 524 49.21 19.01 -10.51
CA VAL K 524 50.61 19.39 -10.40
C VAL K 524 51.40 18.23 -9.83
N VAL K 525 52.52 17.91 -10.48
CA VAL K 525 53.45 16.89 -10.00
C VAL K 525 54.49 17.58 -9.14
N GLU K 526 54.95 16.90 -8.08
CA GLU K 526 55.94 17.46 -7.16
C GLU K 526 57.24 17.78 -7.87
N LYS K 527 57.99 16.77 -8.32
CA LYS K 527 59.17 16.96 -9.16
C LYS K 527 59.44 15.67 -9.90
N THR K 528 59.96 15.78 -11.12
CA THR K 528 60.20 14.64 -12.00
C THR K 528 61.67 14.51 -12.31
N GLY K 529 62.11 13.28 -12.51
CA GLY K 529 63.43 13.02 -13.04
C GLY K 529 63.35 12.71 -14.52
N PRO K 530 64.19 11.80 -14.98
CA PRO K 530 64.15 11.42 -16.40
C PRO K 530 62.91 10.60 -16.74
N TYR K 531 62.59 9.60 -15.93
CA TYR K 531 61.48 8.70 -16.22
C TYR K 531 60.67 8.37 -14.97
N ASN K 532 60.61 9.28 -14.01
CA ASN K 532 59.79 9.05 -12.85
C ASN K 532 59.04 10.32 -12.46
N LEU K 533 57.87 10.12 -11.87
CA LEU K 533 57.10 11.19 -11.26
C LEU K 533 57.10 10.99 -9.74
N LEU K 534 56.42 11.88 -9.04
CA LEU K 534 56.28 11.74 -7.60
C LEU K 534 54.98 12.40 -7.18
N PHE K 535 54.19 11.72 -6.36
CA PHE K 535 52.92 12.29 -5.94
C PHE K 535 52.81 12.14 -4.43
N LEU K 536 52.74 13.27 -3.73
CA LEU K 536 52.61 13.29 -2.29
C LEU K 536 51.16 12.98 -1.94
N PHE K 537 50.90 11.79 -1.39
CA PHE K 537 49.56 11.45 -0.92
C PHE K 537 49.47 11.81 0.55
N SER K 538 49.42 13.11 0.81
CA SER K 538 49.36 13.61 2.18
C SER K 538 47.94 13.46 2.71
N ILE K 539 47.68 14.07 3.86
CA ILE K 539 46.34 14.00 4.45
C ILE K 539 45.31 14.81 3.67
N GLY K 540 45.75 15.69 2.77
CA GLY K 540 44.80 16.42 1.96
C GLY K 540 44.20 15.64 0.83
N ILE K 541 44.83 14.56 0.40
CA ILE K 541 44.40 13.85 -0.80
C ILE K 541 43.18 13.01 -0.45
N ASP K 542 42.08 13.24 -1.17
CA ASP K 542 40.91 12.38 -1.14
C ASP K 542 40.76 11.68 -2.49
N LYS K 543 39.72 10.87 -2.62
CA LYS K 543 39.57 10.05 -3.82
C LYS K 543 39.20 10.87 -5.06
N THR K 544 38.70 12.09 -4.87
CA THR K 544 38.46 12.98 -6.02
C THR K 544 39.75 13.28 -6.76
N LYS K 545 40.76 13.74 -6.02
CA LYS K 545 42.05 14.06 -6.61
C LYS K 545 42.74 12.82 -7.16
N ALA K 546 42.66 11.70 -6.43
CA ALA K 546 43.29 10.47 -6.90
C ALA K 546 42.69 9.98 -8.20
N LEU K 547 41.35 10.01 -8.31
CA LEU K 547 40.70 9.58 -9.53
C LEU K 547 40.96 10.55 -10.68
N SER K 548 41.02 11.85 -10.40
CA SER K 548 41.35 12.82 -11.44
C SER K 548 42.77 12.60 -11.95
N LEU K 549 43.71 12.28 -11.06
CA LEU K 549 45.06 11.98 -11.49
C LEU K 549 45.13 10.73 -12.34
N LEU K 550 44.46 9.66 -11.90
CA LEU K 550 44.49 8.41 -12.64
C LEU K 550 43.90 8.59 -14.04
N ARG K 551 42.92 9.49 -14.09
CA ARG K 551 42.14 9.81 -15.31
C ARG K 551 42.72 10.97 -16.13
N ALA K 552 43.80 11.60 -15.68
CA ALA K 552 44.71 12.40 -16.49
C ALA K 552 45.80 11.53 -17.09
N LEU K 553 46.26 10.53 -16.32
CA LEU K 553 47.18 9.53 -16.85
C LEU K 553 46.56 8.76 -18.01
N THR K 554 45.32 8.32 -17.85
CA THR K 554 44.65 7.56 -18.91
C THR K 554 44.38 8.40 -20.15
N ASP K 555 43.96 9.66 -19.98
CA ASP K 555 43.75 10.53 -21.12
C ASP K 555 45.05 10.85 -21.83
N PHE K 556 46.16 10.94 -21.09
CA PHE K 556 47.46 11.05 -21.74
C PHE K 556 47.78 9.80 -22.56
N LYS K 557 47.45 8.62 -22.02
CA LYS K 557 47.70 7.41 -22.78
C LYS K 557 46.90 7.38 -24.08
N ARG K 558 45.63 7.79 -24.00
CA ARG K 558 44.79 7.81 -25.19
C ARG K 558 45.26 8.85 -26.19
N ALA K 559 45.67 10.02 -25.72
CA ALA K 559 46.16 11.07 -26.60
C ALA K 559 47.53 10.74 -27.19
N PHE K 560 48.33 9.93 -26.52
CA PHE K 560 49.62 9.51 -27.06
C PHE K 560 49.49 8.38 -28.06
N ASP K 561 48.58 7.44 -27.81
CA ASP K 561 48.31 6.41 -28.80
C ASP K 561 47.66 6.99 -30.05
N LEU K 562 46.75 7.95 -29.88
CA LEU K 562 46.17 8.64 -31.03
C LEU K 562 47.18 9.58 -31.69
N ASN K 563 48.23 9.96 -30.98
CA ASN K 563 49.33 10.80 -31.48
C ASN K 563 48.80 12.16 -31.94
N LEU K 564 48.25 12.90 -30.99
CA LEU K 564 47.80 14.24 -31.24
C LEU K 564 48.99 15.18 -31.39
N ARG K 565 48.76 16.31 -32.06
CA ARG K 565 49.83 17.27 -32.27
C ARG K 565 50.14 18.02 -30.97
N VAL K 566 51.33 18.61 -30.93
CA VAL K 566 51.77 19.37 -29.77
C VAL K 566 50.90 20.61 -29.58
N LYS K 567 50.47 21.22 -30.70
CA LYS K 567 49.68 22.44 -30.64
C LYS K 567 48.34 22.21 -29.93
N ASN K 568 47.65 21.12 -30.25
CA ASN K 568 46.35 20.87 -29.63
C ASN K 568 46.49 20.36 -28.20
N MET K 569 47.46 19.49 -27.93
CA MET K 569 47.47 18.83 -26.64
C MET K 569 48.25 19.63 -25.60
N LEU K 570 49.35 20.27 -26.01
CA LEU K 570 50.19 21.03 -25.09
C LEU K 570 50.32 22.47 -25.59
N PRO K 571 49.29 23.29 -25.44
CA PRO K 571 49.42 24.70 -25.83
C PRO K 571 50.40 25.49 -24.98
N SER K 572 50.55 25.14 -23.71
CA SER K 572 51.53 25.82 -22.85
C SER K 572 52.95 25.54 -23.29
N LEU K 573 53.22 24.35 -23.82
CA LEU K 573 54.51 24.07 -24.42
C LEU K 573 54.60 24.55 -25.86
N TYR K 574 53.45 24.64 -26.54
CA TYR K 574 53.41 25.23 -27.88
C TYR K 574 53.82 26.69 -27.85
N ARG K 575 53.40 27.44 -26.84
CA ARG K 575 53.71 28.86 -26.72
C ARG K 575 55.16 29.12 -26.37
N GLU K 576 55.94 28.10 -26.03
CA GLU K 576 57.37 28.30 -25.78
C GLU K 576 58.09 28.73 -27.04
N ASP K 577 57.81 28.08 -28.16
CA ASP K 577 58.30 28.52 -29.46
C ASP K 577 57.38 27.95 -30.53
N PRO K 578 56.35 28.71 -30.93
CA PRO K 578 55.37 28.19 -31.90
C PRO K 578 55.95 27.82 -33.25
N GLU K 579 57.08 28.41 -33.64
CA GLU K 579 57.70 28.06 -34.91
C GLU K 579 58.24 26.64 -34.91
N PHE K 580 58.72 26.16 -33.75
CA PHE K 580 59.34 24.85 -33.68
C PHE K 580 58.32 23.73 -33.51
N TYR K 581 57.32 23.94 -32.63
CA TYR K 581 56.32 22.93 -32.33
C TYR K 581 55.09 23.03 -33.22
N GLU K 582 55.23 23.58 -34.43
CA GLU K 582 54.07 23.80 -35.28
C GLU K 582 53.56 22.49 -35.88
N ASN K 583 54.45 21.74 -36.52
CA ASN K 583 54.08 20.52 -37.24
C ASN K 583 54.74 19.30 -36.64
N MET K 584 54.75 19.19 -35.32
CA MET K 584 55.36 18.07 -34.62
C MET K 584 54.31 17.30 -33.84
N ARG K 585 54.33 15.99 -33.99
CA ARG K 585 53.45 15.11 -33.23
C ARG K 585 54.09 14.76 -31.90
N ILE K 586 53.28 14.28 -30.96
CA ILE K 586 53.80 13.98 -29.64
C ILE K 586 54.67 12.73 -29.64
N GLN K 587 54.35 11.73 -30.47
CA GLN K 587 55.18 10.54 -30.56
C GLN K 587 56.56 10.87 -31.10
N GLU K 588 56.64 11.75 -32.09
CA GLU K 588 57.94 12.17 -32.61
C GLU K 588 58.74 12.91 -31.56
N LEU K 589 58.10 13.78 -30.78
CA LEU K 589 58.80 14.54 -29.74
C LEU K 589 59.31 13.61 -28.64
N ALA K 590 58.46 12.70 -28.18
CA ALA K 590 58.87 11.75 -27.14
C ALA K 590 59.99 10.84 -27.64
N GLN K 591 59.87 10.36 -28.89
CA GLN K 591 60.91 9.52 -29.47
C GLN K 591 62.22 10.29 -29.60
N ASN K 592 62.14 11.57 -29.97
CA ASN K 592 63.35 12.36 -30.15
C ASN K 592 64.07 12.61 -28.82
N ILE K 593 63.33 12.97 -27.77
CA ILE K 593 63.98 13.20 -26.49
C ILE K 593 64.49 11.87 -25.91
N HIS K 594 63.74 10.79 -26.11
CA HIS K 594 64.22 9.48 -25.67
C HIS K 594 65.48 9.05 -26.41
N LYS K 595 65.57 9.33 -27.72
CA LYS K 595 66.78 9.02 -28.46
C LYS K 595 67.95 9.91 -28.05
N LEU K 596 67.67 11.16 -27.69
CA LEU K 596 68.72 12.01 -27.14
C LEU K 596 69.23 11.48 -25.82
N ILE K 597 68.36 10.91 -25.00
CA ILE K 597 68.82 10.29 -23.76
C ILE K 597 69.60 8.99 -24.04
N VAL K 598 69.09 8.16 -24.96
CA VAL K 598 69.74 6.88 -25.26
C VAL K 598 71.11 7.03 -25.91
N HIS K 599 71.22 7.86 -26.95
CA HIS K 599 72.47 7.99 -27.69
C HIS K 599 73.56 8.61 -26.85
N HIS K 600 73.20 9.55 -25.98
CA HIS K 600 74.15 10.16 -25.06
C HIS K 600 74.35 9.34 -23.79
N ASN K 601 73.56 8.27 -23.61
CA ASN K 601 73.69 7.32 -22.50
C ASN K 601 73.57 8.02 -21.15
N LEU K 602 72.38 8.58 -20.91
CA LEU K 602 72.16 9.37 -19.70
C LEU K 602 72.26 8.55 -18.40
N PRO K 603 71.59 7.41 -18.23
CA PRO K 603 71.61 6.76 -16.90
C PRO K 603 72.95 6.21 -16.50
N ASP K 604 73.75 5.69 -17.44
CA ASP K 604 75.07 5.18 -17.09
C ASP K 604 75.99 6.32 -16.63
N LEU K 605 75.95 7.46 -17.32
CA LEU K 605 76.70 8.62 -16.89
C LEU K 605 76.21 9.15 -15.55
N MET K 606 74.90 9.20 -15.35
CA MET K 606 74.32 9.67 -14.10
C MET K 606 74.68 8.76 -12.94
N TYR K 607 74.85 7.46 -13.21
CA TYR K 607 75.30 6.55 -12.18
C TYR K 607 76.78 6.72 -11.88
N ARG K 608 77.62 6.63 -12.90
CA ARG K 608 79.07 6.67 -12.72
C ARG K 608 79.58 8.04 -12.26
N ALA K 609 78.80 9.10 -12.45
CA ALA K 609 79.20 10.40 -11.92
C ALA K 609 78.99 10.51 -10.42
N PHE K 610 77.96 9.86 -9.88
CA PHE K 610 77.71 9.91 -8.45
C PHE K 610 78.35 8.77 -7.68
N GLU K 611 78.92 7.78 -8.37
CA GLU K 611 79.70 6.77 -7.65
C GLU K 611 81.14 7.21 -7.38
N VAL K 612 81.53 8.39 -7.85
CA VAL K 612 82.88 8.92 -7.60
C VAL K 612 82.74 10.28 -6.92
N LEU K 613 83.43 10.42 -5.79
CA LEU K 613 83.41 11.63 -4.98
C LEU K 613 84.49 12.60 -5.44
N PRO K 614 84.14 13.87 -5.66
CA PRO K 614 85.16 14.87 -5.99
C PRO K 614 86.12 15.11 -4.85
N THR K 615 87.35 15.48 -5.20
CA THR K 615 88.42 15.63 -4.23
C THR K 615 88.23 16.92 -3.44
N MET K 616 88.17 16.80 -2.11
CA MET K 616 88.01 17.95 -1.22
C MET K 616 89.37 18.63 -1.04
N VAL K 617 89.58 19.73 -1.74
CA VAL K 617 90.79 20.52 -1.51
C VAL K 617 90.69 21.31 -0.22
N MET K 618 89.56 21.98 -0.01
CA MET K 618 89.36 22.79 1.18
C MET K 618 87.91 22.69 1.62
N THR K 619 87.68 23.02 2.89
CA THR K 619 86.34 22.99 3.46
C THR K 619 85.46 24.04 2.78
N PRO K 620 84.14 23.78 2.68
CA PRO K 620 83.24 24.77 2.06
C PRO K 620 83.20 26.11 2.76
N TYR K 621 83.51 26.15 4.06
CA TYR K 621 83.65 27.43 4.74
C TYR K 621 84.79 28.24 4.14
N ALA K 622 85.92 27.59 3.87
CA ALA K 622 87.03 28.28 3.22
C ALA K 622 86.69 28.67 1.79
N ALA K 623 85.89 27.85 1.11
CA ALA K 623 85.45 28.20 -0.23
C ALA K 623 84.58 29.45 -0.21
N PHE K 624 83.66 29.55 0.75
CA PHE K 624 82.86 30.76 0.88
C PHE K 624 83.71 31.96 1.28
N GLN K 625 84.73 31.74 2.12
CA GLN K 625 85.63 32.84 2.49
C GLN K 625 86.40 33.36 1.28
N LYS K 626 86.90 32.47 0.44
CA LYS K 626 87.59 32.90 -0.77
C LYS K 626 86.61 33.48 -1.79
N GLU K 627 85.34 33.07 -1.75
CA GLU K 627 84.36 33.64 -2.66
C GLU K 627 83.99 35.06 -2.27
N LEU K 628 83.91 35.34 -0.96
CA LEU K 628 83.61 36.69 -0.49
C LEU K 628 84.70 37.69 -0.82
N HIS K 629 85.96 37.26 -0.90
CA HIS K 629 87.07 38.16 -1.16
C HIS K 629 87.26 38.42 -2.64
N GLY K 630 86.33 38.01 -3.49
CA GLY K 630 86.43 38.29 -4.90
C GLY K 630 87.47 37.47 -5.64
N MET K 631 87.83 36.30 -5.13
CA MET K 631 88.83 35.44 -5.74
C MET K 631 88.21 34.42 -6.68
N THR K 632 87.08 34.75 -7.29
CA THR K 632 86.34 33.82 -8.14
C THR K 632 86.36 34.30 -9.58
N GLU K 633 86.62 33.38 -10.51
CA GLU K 633 86.55 33.65 -11.93
C GLU K 633 85.62 32.64 -12.58
N GLU K 634 85.02 33.05 -13.70
CA GLU K 634 84.05 32.21 -14.41
C GLU K 634 84.75 31.58 -15.61
N VAL K 635 85.32 30.39 -15.41
CA VAL K 635 85.93 29.64 -16.49
C VAL K 635 84.80 28.87 -17.17
N TYR K 636 85.00 28.47 -18.41
CA TYR K 636 83.98 27.68 -19.10
C TYR K 636 83.93 26.27 -18.53
N LEU K 637 82.90 25.53 -18.93
CA LEU K 637 82.62 24.24 -18.32
C LEU K 637 83.68 23.20 -18.63
N ASP K 638 84.21 23.19 -19.85
CA ASP K 638 85.15 22.16 -20.28
C ASP K 638 86.49 22.23 -19.58
N GLU K 639 86.92 23.41 -19.16
CA GLU K 639 88.25 23.61 -18.59
C GLU K 639 88.18 23.72 -17.06
N MET K 640 87.29 22.94 -16.45
CA MET K 640 87.05 23.03 -15.02
C MET K 640 87.79 21.97 -14.21
N VAL K 641 88.43 21.01 -14.86
CA VAL K 641 89.21 20.00 -14.12
C VAL K 641 90.46 20.64 -13.55
N GLY K 642 90.81 20.23 -12.33
CA GLY K 642 91.92 20.84 -11.62
C GLY K 642 91.62 22.17 -10.99
N ARG K 643 90.38 22.62 -11.03
CA ARG K 643 89.99 23.91 -10.47
C ARG K 643 89.07 23.70 -9.28
N ILE K 644 89.23 24.54 -8.28
CA ILE K 644 88.45 24.45 -7.05
C ILE K 644 87.14 25.20 -7.26
N ASN K 645 86.03 24.51 -7.02
CA ASN K 645 84.71 25.09 -7.24
C ASN K 645 84.32 25.99 -6.08
N ALA K 646 83.71 27.14 -6.41
CA ALA K 646 83.30 28.10 -5.41
C ALA K 646 81.82 28.05 -5.09
N ASN K 647 80.98 27.77 -6.08
CA ASN K 647 79.54 27.64 -5.88
C ASN K 647 79.12 26.20 -6.16
N MET K 648 78.08 25.77 -5.43
CA MET K 648 77.59 24.41 -5.56
C MET K 648 76.98 24.18 -6.93
N ILE K 649 77.24 23.01 -7.50
CA ILE K 649 76.63 22.59 -8.75
C ILE K 649 75.53 21.59 -8.43
N LEU K 650 74.30 21.95 -8.75
CA LEU K 650 73.12 21.14 -8.43
C LEU K 650 72.36 20.84 -9.72
N PRO K 651 72.65 19.71 -10.38
CA PRO K 651 72.00 19.42 -11.65
C PRO K 651 70.66 18.71 -11.50
N TYR K 652 69.70 19.11 -12.34
CA TYR K 652 68.44 18.42 -12.48
C TYR K 652 68.41 17.76 -13.84
N PRO K 653 68.41 16.42 -13.97
CA PRO K 653 68.40 15.33 -12.98
C PRO K 653 69.71 15.22 -12.19
N PRO K 654 69.66 14.64 -10.98
CA PRO K 654 68.46 14.18 -10.28
C PRO K 654 67.90 15.14 -9.24
N GLY K 655 68.74 15.98 -8.65
CA GLY K 655 68.27 16.86 -7.59
C GLY K 655 69.05 16.73 -6.31
N VAL K 656 70.29 16.24 -6.41
CA VAL K 656 71.15 16.05 -5.26
C VAL K 656 72.47 16.77 -5.54
N PRO K 657 73.10 17.42 -4.53
CA PRO K 657 74.36 18.13 -4.78
C PRO K 657 75.49 17.25 -5.30
N LEU K 658 75.94 17.57 -6.51
CA LEU K 658 76.96 16.78 -7.20
C LEU K 658 78.37 17.27 -6.85
N VAL K 659 78.66 18.53 -7.12
CA VAL K 659 79.92 19.16 -6.73
C VAL K 659 79.65 20.15 -5.62
N MET K 660 80.34 19.99 -4.51
CA MET K 660 80.19 20.89 -3.38
C MET K 660 81.10 22.10 -3.56
N PRO K 661 80.82 23.21 -2.87
CA PRO K 661 81.77 24.33 -2.86
C PRO K 661 83.06 23.94 -2.16
N GLY K 662 84.18 24.11 -2.86
CA GLY K 662 85.48 23.79 -2.33
C GLY K 662 86.06 22.45 -2.74
N GLU K 663 85.46 21.77 -3.72
CA GLU K 663 85.92 20.47 -4.17
C GLU K 663 86.38 20.54 -5.62
N MET K 664 87.37 19.73 -5.94
CA MET K 664 88.03 19.72 -7.25
C MET K 664 87.61 18.49 -8.03
N ILE K 665 87.34 18.67 -9.32
CA ILE K 665 87.13 17.55 -10.22
C ILE K 665 88.48 17.12 -10.77
N THR K 666 88.94 15.95 -10.36
CA THR K 666 90.24 15.43 -10.78
C THR K 666 90.04 14.49 -11.98
N GLU K 667 91.13 13.89 -12.43
CA GLU K 667 91.05 12.92 -13.52
C GLU K 667 90.33 11.65 -13.09
N GLU K 668 90.34 11.32 -11.80
CA GLU K 668 89.56 10.20 -11.29
C GLU K 668 88.06 10.46 -11.30
N SER K 669 87.66 11.73 -11.39
CA SER K 669 86.24 12.10 -11.39
C SER K 669 85.84 12.77 -12.70
N ARG K 670 86.51 12.40 -13.80
CA ARG K 670 86.12 12.88 -15.13
C ARG K 670 84.68 12.55 -15.54
N PRO K 671 84.08 11.39 -15.21
CA PRO K 671 82.65 11.19 -15.55
C PRO K 671 81.70 12.24 -14.97
N VAL K 672 82.07 12.94 -13.89
CA VAL K 672 81.30 14.10 -13.45
C VAL K 672 81.27 15.17 -14.54
N LEU K 673 82.43 15.50 -15.09
CA LEU K 673 82.51 16.48 -16.16
C LEU K 673 81.80 15.98 -17.42
N GLU K 674 81.93 14.68 -17.72
CA GLU K 674 81.23 14.11 -18.86
C GLU K 674 79.72 14.20 -18.69
N PHE K 675 79.21 13.94 -17.49
CA PHE K 675 77.78 14.05 -17.22
C PHE K 675 77.29 15.48 -17.35
N LEU K 676 78.07 16.44 -16.82
CA LEU K 676 77.68 17.85 -16.92
C LEU K 676 77.66 18.32 -18.38
N GLN K 677 78.70 17.95 -19.13
CA GLN K 677 78.76 18.32 -20.55
C GLN K 677 77.65 17.66 -21.35
N MET K 678 77.34 16.40 -21.04
CA MET K 678 76.24 15.69 -21.70
C MET K 678 74.91 16.36 -21.41
N LEU K 679 74.68 16.75 -20.16
CA LEU K 679 73.43 17.42 -19.81
C LEU K 679 73.29 18.75 -20.51
N CYS K 680 74.39 19.52 -20.58
CA CYS K 680 74.36 20.77 -21.33
C CYS K 680 74.15 20.54 -22.82
N GLU K 681 74.70 19.46 -23.36
CA GLU K 681 74.55 19.15 -24.78
C GLU K 681 73.12 18.74 -25.13
N ILE K 682 72.48 17.96 -24.26
CA ILE K 682 71.13 17.51 -24.57
C ILE K 682 70.08 18.56 -24.24
N GLY K 683 70.39 19.51 -23.35
CA GLY K 683 69.39 20.51 -23.02
C GLY K 683 69.27 21.65 -24.01
N ALA K 684 70.17 21.72 -24.99
CA ALA K 684 70.19 22.81 -25.96
C ALA K 684 69.64 22.39 -27.31
N HIS K 685 68.66 21.49 -27.34
CA HIS K 685 68.04 21.06 -28.58
C HIS K 685 66.56 21.40 -28.65
N TYR K 686 65.79 21.04 -27.63
CA TYR K 686 64.34 21.17 -27.68
C TYR K 686 63.86 22.20 -26.68
N PRO K 687 63.16 23.25 -27.12
CA PRO K 687 62.72 24.29 -26.21
C PRO K 687 61.65 23.81 -25.24
N GLY K 688 61.63 24.44 -24.07
CA GLY K 688 60.74 24.05 -23.01
C GLY K 688 61.29 22.95 -22.12
N PHE K 689 62.35 22.27 -22.55
CA PHE K 689 62.99 21.23 -21.77
C PHE K 689 64.40 21.68 -21.42
N GLU K 690 64.54 22.94 -21.01
CA GLU K 690 65.82 23.59 -20.85
C GLU K 690 66.60 22.99 -19.68
N THR K 691 67.92 23.18 -19.72
CA THR K 691 68.81 22.62 -18.73
C THR K 691 68.61 23.32 -17.40
N ASP K 692 68.43 22.54 -16.34
CA ASP K 692 68.22 23.07 -15.00
C ASP K 692 69.40 22.62 -14.14
N ILE K 693 70.45 23.44 -14.12
CA ILE K 693 71.62 23.21 -13.28
C ILE K 693 71.77 24.44 -12.40
N HIS K 694 71.72 24.26 -11.09
CA HIS K 694 71.95 25.36 -10.16
C HIS K 694 73.44 25.47 -9.88
N GLY K 695 74.06 26.52 -10.39
CA GLY K 695 75.49 26.70 -10.24
C GLY K 695 76.16 27.01 -11.56
N ALA K 696 75.69 26.37 -12.62
CA ALA K 696 76.19 26.63 -13.97
C ALA K 696 75.35 27.71 -14.62
N TYR K 697 76.01 28.71 -15.19
CA TYR K 697 75.36 29.90 -15.71
C TYR K 697 75.38 29.86 -17.24
N ARG K 698 74.21 30.04 -17.84
CA ARG K 698 74.09 29.94 -19.28
C ARG K 698 74.65 31.19 -19.96
N GLN K 699 75.44 30.97 -21.01
CA GLN K 699 75.95 32.06 -21.83
C GLN K 699 75.17 32.12 -23.14
N ALA K 700 75.46 33.14 -23.95
CA ALA K 700 74.73 33.34 -25.19
C ALA K 700 75.14 32.33 -26.26
N ASP K 701 76.41 31.92 -26.30
CA ASP K 701 76.88 31.02 -27.34
C ASP K 701 76.42 29.59 -27.13
N GLY K 702 76.03 29.23 -25.92
CA GLY K 702 75.56 27.88 -25.63
C GLY K 702 76.47 27.04 -24.76
N ARG K 703 77.56 27.60 -24.24
CA ARG K 703 78.47 26.89 -23.36
C ARG K 703 78.42 27.52 -21.98
N TYR K 704 78.27 26.70 -20.95
CA TYR K 704 77.99 27.17 -19.60
C TYR K 704 79.28 27.48 -18.85
N THR K 705 79.15 28.28 -17.80
CA THR K 705 80.27 28.70 -16.97
C THR K 705 80.01 28.35 -15.52
N VAL K 706 81.07 28.02 -14.79
CA VAL K 706 81.01 27.69 -13.37
C VAL K 706 82.03 28.56 -12.63
N LYS K 707 81.60 29.20 -11.55
CA LYS K 707 82.48 30.05 -10.76
C LYS K 707 83.49 29.19 -10.01
N VAL K 708 84.74 29.26 -10.41
CA VAL K 708 85.83 28.55 -9.74
C VAL K 708 86.73 29.57 -9.06
N LEU K 709 87.65 29.08 -8.25
CA LEU K 709 88.56 29.95 -7.51
C LEU K 709 89.79 30.27 -8.35
N LYS K 710 90.36 31.45 -8.10
CA LYS K 710 91.57 31.88 -8.78
C LYS K 710 92.77 31.10 -8.27
N GLU K 711 93.82 31.10 -9.09
CA GLU K 711 95.05 30.37 -8.75
C GLU K 711 96.11 31.30 -8.20
N MET L 1 24.74 24.97 -24.69
CA MET L 1 25.24 24.15 -23.60
C MET L 1 25.04 24.80 -22.25
N ASN L 2 23.83 24.66 -21.70
CA ASN L 2 23.57 25.09 -20.33
C ASN L 2 22.63 24.14 -19.60
N VAL L 3 22.50 22.93 -20.14
CA VAL L 3 21.54 21.98 -19.53
C VAL L 3 22.36 20.88 -18.88
N ILE L 4 22.27 20.70 -17.57
CA ILE L 4 23.10 19.71 -16.81
C ILE L 4 22.15 18.84 -16.05
N ALA L 5 22.14 17.55 -16.28
CA ALA L 5 21.04 16.72 -15.80
C ALA L 5 21.45 15.92 -14.58
N ILE L 6 20.68 16.05 -13.51
CA ILE L 6 21.01 15.35 -12.24
C ILE L 6 20.11 14.13 -12.18
N LEU L 7 20.64 12.96 -11.82
CA LEU L 7 19.79 11.77 -11.64
C LEU L 7 19.06 11.82 -10.30
N ASN L 8 18.28 10.78 -9.99
CA ASN L 8 17.25 10.79 -8.92
C ASN L 8 17.62 11.00 -7.46
N HIS L 9 16.57 11.20 -6.65
CA HIS L 9 16.75 11.44 -5.20
C HIS L 9 16.89 10.11 -4.48
N MET L 10 18.09 9.84 -3.95
CA MET L 10 18.34 8.55 -3.28
C MET L 10 17.42 8.43 -2.09
N GLY L 11 17.31 9.47 -1.28
CA GLY L 11 16.51 9.41 -0.04
C GLY L 11 17.28 9.84 1.20
N VAL L 12 18.56 9.50 1.28
CA VAL L 12 19.30 9.94 2.46
C VAL L 12 19.82 11.35 2.23
N TYR L 13 20.08 12.04 3.34
CA TYR L 13 20.33 13.49 3.33
C TYR L 13 21.73 13.87 2.92
N PHE L 14 22.74 13.08 3.30
CA PHE L 14 24.13 13.51 3.12
C PHE L 14 24.53 13.55 1.66
N LYS L 15 23.80 12.85 0.78
CA LYS L 15 24.02 12.94 -0.66
C LYS L 15 22.84 13.59 -1.37
N GLU L 16 22.03 14.37 -0.65
CA GLU L 16 20.99 15.17 -1.27
C GLU L 16 21.16 16.65 -1.01
N GLU L 17 21.48 17.04 0.22
CA GLU L 17 21.72 18.45 0.51
C GLU L 17 22.95 19.00 -0.23
N PRO L 18 24.07 18.27 -0.34
CA PRO L 18 25.10 18.73 -1.30
C PRO L 18 24.60 18.81 -2.73
N ILE L 19 23.71 17.91 -3.14
CA ILE L 19 23.16 17.98 -4.48
C ILE L 19 22.27 19.21 -4.64
N ARG L 20 21.48 19.55 -3.61
CA ARG L 20 20.69 20.77 -3.69
C ARG L 20 21.55 22.03 -3.66
N GLU L 21 22.63 22.03 -2.89
CA GLU L 21 23.56 23.15 -2.93
C GLU L 21 24.23 23.30 -4.28
N LEU L 22 24.59 22.18 -4.90
CA LEU L 22 25.15 22.21 -6.26
C LEU L 22 24.12 22.67 -7.27
N HIS L 23 22.86 22.29 -7.09
CA HIS L 23 21.76 22.80 -7.91
C HIS L 23 21.70 24.32 -7.82
N ARG L 24 21.71 24.84 -6.60
CA ARG L 24 21.63 26.29 -6.41
C ARG L 24 22.84 27.00 -7.00
N ALA L 25 24.03 26.45 -6.81
CA ALA L 25 25.23 27.06 -7.37
C ALA L 25 25.25 27.01 -8.89
N LEU L 26 24.78 25.92 -9.50
CA LEU L 26 24.75 25.85 -10.94
C LEU L 26 23.71 26.78 -11.55
N GLU L 27 22.56 26.95 -10.89
CA GLU L 27 21.61 27.95 -11.35
C GLU L 27 22.18 29.35 -11.16
N ARG L 28 23.01 29.56 -10.14
CA ARG L 28 23.72 30.82 -10.01
C ARG L 28 24.73 31.02 -11.12
N LEU L 29 25.28 29.93 -11.66
CA LEU L 29 26.23 30.00 -12.77
C LEU L 29 25.54 29.90 -14.14
N ASN L 30 24.24 30.22 -14.19
CA ASN L 30 23.47 30.28 -15.45
C ASN L 30 23.43 28.95 -16.19
N PHE L 31 23.12 27.88 -15.45
CA PHE L 31 22.89 26.57 -16.03
C PHE L 31 21.45 26.13 -15.76
N GLN L 32 20.74 25.80 -16.82
CA GLN L 32 19.43 25.16 -16.67
C GLN L 32 19.62 23.74 -16.16
N ILE L 33 18.78 23.35 -15.21
CA ILE L 33 18.90 22.05 -14.55
C ILE L 33 17.67 21.23 -14.89
N VAL L 34 17.90 20.03 -15.41
CA VAL L 34 16.82 19.09 -15.68
C VAL L 34 16.93 17.92 -14.73
N TYR L 35 15.80 17.26 -14.49
CA TYR L 35 15.68 16.19 -13.50
C TYR L 35 15.06 14.95 -14.13
N PRO L 36 15.83 14.16 -14.87
CA PRO L 36 15.33 12.85 -15.31
C PRO L 36 15.10 11.92 -14.13
N ASN L 37 14.02 11.14 -14.21
CA ASN L 37 13.61 10.34 -13.07
C ASN L 37 14.49 9.12 -12.87
N ASP L 38 14.86 8.43 -13.95
CA ASP L 38 15.67 7.23 -13.81
C ASP L 38 16.56 7.09 -15.05
N ARG L 39 17.13 5.90 -15.24
CA ARG L 39 18.14 5.67 -16.26
C ARG L 39 17.61 5.83 -17.67
N ASP L 40 16.51 5.13 -18.00
CA ASP L 40 15.95 5.20 -19.34
C ASP L 40 15.45 6.60 -19.66
N ASP L 41 15.01 7.33 -18.63
CA ASP L 41 14.69 8.74 -18.80
C ASP L 41 15.91 9.53 -19.26
N LEU L 42 17.09 9.24 -18.70
CA LEU L 42 18.30 9.91 -19.13
C LEU L 42 18.68 9.54 -20.57
N LEU L 43 18.55 8.25 -20.93
CA LEU L 43 18.84 7.82 -22.30
C LEU L 43 17.96 8.56 -23.31
N LYS L 44 16.66 8.58 -23.07
CA LYS L 44 15.74 9.30 -23.95
C LYS L 44 15.99 10.79 -23.96
N LEU L 45 16.31 11.38 -22.80
CA LEU L 45 16.61 12.81 -22.72
C LEU L 45 17.84 13.17 -23.53
N ILE L 46 18.85 12.31 -23.53
CA ILE L 46 20.04 12.61 -24.30
C ILE L 46 19.79 12.42 -25.80
N GLU L 47 19.02 11.40 -26.21
CA GLU L 47 18.85 11.23 -27.65
C GLU L 47 17.91 12.28 -28.23
N ASN L 48 16.92 12.72 -27.47
CA ASN L 48 15.97 13.69 -28.00
C ASN L 48 16.52 15.11 -28.01
N ASN L 49 17.63 15.37 -27.35
CA ASN L 49 18.15 16.71 -27.21
C ASN L 49 19.62 16.76 -27.64
N ALA L 50 20.14 17.98 -27.73
CA ALA L 50 21.56 18.19 -27.94
C ALA L 50 22.15 19.29 -27.08
N ARG L 51 21.33 20.15 -26.48
CA ARG L 51 21.81 21.22 -25.64
C ARG L 51 22.32 20.73 -24.29
N LEU L 52 22.08 19.46 -23.95
CA LEU L 52 22.55 18.93 -22.68
C LEU L 52 24.07 18.81 -22.72
N CYS L 53 24.72 19.32 -21.67
CA CYS L 53 26.18 19.40 -21.63
C CYS L 53 26.74 18.82 -20.34
N GLY L 54 26.02 17.93 -19.70
CA GLY L 54 26.49 17.37 -18.46
C GLY L 54 25.47 16.51 -17.76
N VAL L 55 25.91 15.39 -17.21
CA VAL L 55 25.05 14.50 -16.43
C VAL L 55 25.71 14.33 -15.08
N ILE L 56 24.96 14.59 -14.02
CA ILE L 56 25.41 14.34 -12.67
C ILE L 56 24.62 13.15 -12.16
N PHE L 57 25.33 12.12 -11.71
CA PHE L 57 24.68 10.93 -11.20
C PHE L 57 25.50 10.38 -10.05
N ASP L 58 24.85 9.61 -9.20
CA ASP L 58 25.51 8.94 -8.10
C ASP L 58 26.13 7.64 -8.60
N TRP L 59 27.33 7.36 -8.14
CA TRP L 59 28.07 6.19 -8.59
C TRP L 59 27.65 4.93 -7.84
N ASP L 60 26.71 5.02 -6.89
CA ASP L 60 26.30 3.82 -6.18
C ASP L 60 25.11 3.14 -6.86
N LYS L 61 23.98 3.86 -6.98
CA LYS L 61 22.79 3.25 -7.54
C LYS L 61 22.85 3.03 -9.04
N TYR L 62 23.73 3.75 -9.74
CA TYR L 62 23.90 3.60 -11.16
C TYR L 62 25.34 3.24 -11.46
N ASN L 63 25.54 2.12 -12.14
CA ASN L 63 26.87 1.61 -12.39
C ASN L 63 27.51 2.38 -13.53
N LEU L 64 28.69 1.94 -13.97
CA LEU L 64 29.45 2.64 -14.99
C LEU L 64 29.10 2.21 -16.40
N GLU L 65 28.16 1.27 -16.55
CA GLU L 65 27.63 0.98 -17.88
C GLU L 65 26.73 2.11 -18.38
N LEU L 66 26.16 2.89 -17.47
CA LEU L 66 25.57 4.19 -17.80
C LEU L 66 26.65 5.27 -17.81
N CYS L 67 27.75 4.93 -18.46
CA CYS L 67 28.72 5.89 -18.95
C CYS L 67 29.03 5.43 -20.36
N GLU L 68 29.03 4.11 -20.53
CA GLU L 68 29.33 3.51 -21.81
C GLU L 68 28.18 3.69 -22.79
N GLU L 69 26.94 3.58 -22.32
CA GLU L 69 25.79 3.82 -23.20
C GLU L 69 25.76 5.26 -23.70
N ILE L 70 26.03 6.22 -22.80
CA ILE L 70 26.10 7.61 -23.20
C ILE L 70 27.30 7.86 -24.12
N SER L 71 28.39 7.12 -23.92
CA SER L 71 29.53 7.19 -24.83
C SER L 71 29.16 6.72 -26.23
N LYS L 72 28.39 5.63 -26.34
CA LYS L 72 27.86 5.24 -27.64
C LYS L 72 26.91 6.31 -28.20
N MET L 73 26.27 7.08 -27.32
CA MET L 73 25.41 8.16 -27.79
C MET L 73 26.20 9.43 -28.08
N ASN L 74 27.14 9.79 -27.20
CA ASN L 74 28.00 10.94 -27.43
C ASN L 74 29.30 10.72 -26.68
N GLU L 75 30.41 10.71 -27.41
CA GLU L 75 31.70 10.37 -26.82
C GLU L 75 32.24 11.47 -25.92
N ASN L 76 32.04 12.74 -26.30
CA ASN L 76 32.68 13.85 -25.62
C ASN L 76 31.85 14.44 -24.49
N LEU L 77 30.68 13.88 -24.21
CA LEU L 77 29.78 14.48 -23.23
C LEU L 77 30.36 14.33 -21.83
N PRO L 78 30.56 15.42 -21.09
CA PRO L 78 31.04 15.31 -19.71
C PRO L 78 29.93 14.77 -18.82
N LEU L 79 30.30 13.84 -17.96
CA LEU L 79 29.38 13.32 -16.96
C LEU L 79 30.10 13.40 -15.62
N TYR L 80 29.35 13.60 -14.53
CA TYR L 80 29.96 13.85 -13.24
C TYR L 80 29.52 12.80 -12.22
N ALA L 81 30.28 11.74 -12.09
CA ALA L 81 29.97 10.69 -11.13
C ALA L 81 30.33 11.16 -9.72
N PHE L 82 29.46 10.86 -8.77
CA PHE L 82 29.66 11.23 -7.38
C PHE L 82 30.02 9.99 -6.58
N ALA L 83 31.21 9.97 -6.00
CA ALA L 83 31.75 8.77 -5.37
C ALA L 83 31.43 8.79 -3.87
N ASN L 84 30.66 7.79 -3.41
CA ASN L 84 30.37 7.66 -1.99
C ASN L 84 30.85 6.32 -1.43
N THR L 85 30.41 5.20 -1.98
CA THR L 85 30.62 3.89 -1.38
C THR L 85 31.67 3.08 -2.10
N TYR L 86 31.61 3.02 -3.43
CA TYR L 86 32.71 2.46 -4.20
C TYR L 86 33.95 3.32 -4.01
N SER L 87 35.05 2.66 -3.70
CA SER L 87 36.27 3.34 -3.30
C SER L 87 37.04 3.76 -4.55
N THR L 88 38.33 4.05 -4.38
CA THR L 88 39.18 4.23 -5.54
C THR L 88 39.24 2.96 -6.37
N LEU L 89 39.30 1.79 -5.70
CA LEU L 89 39.63 0.49 -6.28
C LEU L 89 38.63 -0.01 -7.33
N ASP L 90 37.43 0.55 -7.42
CA ASP L 90 36.36 -0.06 -8.21
C ASP L 90 36.24 0.53 -9.60
N VAL L 91 37.37 0.88 -10.23
CA VAL L 91 37.35 1.55 -11.52
C VAL L 91 38.15 0.72 -12.52
N SER L 92 37.55 0.44 -13.67
CA SER L 92 38.22 -0.27 -14.76
C SER L 92 38.82 0.73 -15.75
N LEU L 93 39.53 0.19 -16.74
CA LEU L 93 40.13 1.03 -17.78
C LEU L 93 39.08 1.70 -18.66
N ASN L 94 38.03 0.96 -19.03
CA ASN L 94 36.99 1.53 -19.88
C ASN L 94 36.25 2.66 -19.20
N ASP L 95 36.18 2.67 -17.87
CA ASP L 95 35.66 3.84 -17.17
C ASP L 95 36.60 5.03 -17.32
N LEU L 96 37.91 4.80 -17.16
CA LEU L 96 38.91 5.84 -17.31
C LEU L 96 39.01 6.41 -18.72
N ARG L 97 38.55 5.67 -19.73
CA ARG L 97 38.62 6.20 -21.09
C ARG L 97 37.40 7.04 -21.43
N LEU L 98 36.48 7.22 -20.48
CA LEU L 98 35.28 7.98 -20.74
C LEU L 98 35.39 9.38 -20.14
N GLN L 99 34.50 10.26 -20.58
CA GLN L 99 34.44 11.62 -20.06
C GLN L 99 33.60 11.65 -18.78
N ILE L 100 34.22 11.24 -17.67
CA ILE L 100 33.60 11.30 -16.36
C ILE L 100 34.58 12.10 -15.52
N SER L 101 34.09 12.96 -14.64
CA SER L 101 34.93 13.55 -13.59
C SER L 101 34.31 13.24 -12.23
N PHE L 102 35.10 12.66 -11.33
CA PHE L 102 34.59 12.16 -10.05
C PHE L 102 34.55 13.27 -9.01
N PHE L 103 33.52 13.27 -8.19
CA PHE L 103 33.35 14.22 -7.10
C PHE L 103 32.93 13.48 -5.82
N GLU L 104 32.75 14.23 -4.75
CA GLU L 104 32.40 13.70 -3.44
C GLU L 104 31.24 14.49 -2.86
N TYR L 105 30.61 13.89 -1.85
CA TYR L 105 29.46 14.50 -1.19
C TYR L 105 29.93 15.21 0.07
N ALA L 106 30.18 16.51 -0.03
CA ALA L 106 30.61 17.31 1.10
C ALA L 106 29.72 18.53 1.23
N LEU L 107 29.31 18.83 2.46
CA LEU L 107 28.49 20.01 2.71
C LEU L 107 29.32 21.28 2.63
N GLY L 108 28.81 22.27 1.91
CA GLY L 108 29.47 23.55 1.79
C GLY L 108 30.54 23.62 0.74
N ALA L 109 30.81 22.51 0.04
CA ALA L 109 31.81 22.49 -1.01
C ALA L 109 31.20 22.57 -2.40
N ALA L 110 29.97 23.07 -2.51
CA ALA L 110 29.28 23.15 -3.79
C ALA L 110 29.84 24.24 -4.70
N GLU L 111 30.50 25.25 -4.14
CA GLU L 111 31.03 26.33 -4.97
C GLU L 111 32.19 25.84 -5.84
N ASP L 112 33.13 25.11 -5.25
CA ASP L 112 34.26 24.60 -6.03
C ASP L 112 33.80 23.54 -7.03
N ILE L 113 32.83 22.71 -6.65
CA ILE L 113 32.28 21.72 -7.56
C ILE L 113 31.60 22.39 -8.74
N ALA L 114 30.82 23.45 -8.48
CA ALA L 114 30.16 24.18 -9.57
C ALA L 114 31.17 24.89 -10.47
N ASN L 115 32.23 25.44 -9.90
CA ASN L 115 33.27 26.05 -10.72
C ASN L 115 33.97 25.02 -11.60
N LYS L 116 34.25 23.84 -11.04
CA LYS L 116 34.84 22.77 -11.84
C LYS L 116 33.90 22.29 -12.93
N ILE L 117 32.59 22.26 -12.64
CA ILE L 117 31.60 21.87 -13.65
C ILE L 117 31.55 22.90 -14.77
N LYS L 118 31.58 24.18 -14.42
CA LYS L 118 31.61 25.24 -15.43
C LYS L 118 32.86 25.17 -16.29
N GLN L 119 34.02 24.91 -15.66
CA GLN L 119 35.26 24.75 -16.41
C GLN L 119 35.22 23.53 -17.32
N THR L 120 34.64 22.43 -16.85
CA THR L 120 34.54 21.23 -17.68
C THR L 120 33.61 21.45 -18.86
N THR L 121 32.51 22.17 -18.65
CA THR L 121 31.61 22.52 -19.75
C THR L 121 32.31 23.43 -20.76
N ASP L 122 33.11 24.39 -20.29
CA ASP L 122 33.88 25.24 -21.20
C ASP L 122 34.89 24.42 -21.99
N GLU L 123 35.56 23.45 -21.34
CA GLU L 123 36.47 22.56 -22.05
C GLU L 123 35.74 21.73 -23.10
N TYR L 124 34.54 21.25 -22.77
CA TYR L 124 33.74 20.48 -23.71
C TYR L 124 33.35 21.31 -24.93
N ILE L 125 32.93 22.56 -24.71
CA ILE L 125 32.57 23.45 -25.80
C ILE L 125 33.79 23.76 -26.67
N ASN L 126 34.92 24.05 -26.04
CA ASN L 126 36.15 24.31 -26.78
C ASN L 126 36.76 23.06 -27.38
N THR L 127 36.27 21.87 -27.00
CA THR L 127 36.73 20.63 -27.60
C THR L 127 35.93 20.27 -28.84
N ILE L 128 34.61 20.31 -28.75
CA ILE L 128 33.80 19.90 -29.90
C ILE L 128 33.74 20.94 -31.01
N LEU L 129 34.08 22.19 -30.71
CA LEU L 129 33.97 23.22 -31.73
C LEU L 129 35.16 23.14 -32.69
N PRO L 130 34.94 23.40 -33.98
CA PRO L 130 36.06 23.49 -34.91
C PRO L 130 36.83 24.78 -34.66
N PRO L 131 38.11 24.85 -35.05
CA PRO L 131 38.95 25.96 -34.58
C PRO L 131 38.56 27.34 -35.10
N LEU L 132 38.14 27.46 -36.36
CA LEU L 132 37.79 28.79 -36.86
C LEU L 132 36.46 29.28 -36.29
N THR L 133 35.49 28.38 -36.15
CA THR L 133 34.24 28.76 -35.48
C THR L 133 34.48 29.09 -34.02
N LYS L 134 35.40 28.36 -33.38
CA LYS L 134 35.79 28.67 -32.01
C LYS L 134 36.39 30.07 -31.91
N ALA L 135 37.29 30.40 -32.83
CA ALA L 135 37.91 31.72 -32.82
C ALA L 135 36.92 32.82 -33.16
N LEU L 136 35.98 32.57 -34.06
CA LEU L 136 34.97 33.57 -34.38
C LEU L 136 34.03 33.81 -33.20
N PHE L 137 33.63 32.74 -32.51
CA PHE L 137 32.82 32.88 -31.31
C PHE L 137 33.56 33.63 -30.22
N LYS L 138 34.86 33.34 -30.06
CA LYS L 138 35.68 34.04 -29.09
C LYS L 138 35.78 35.52 -29.43
N TYR L 139 35.98 35.84 -30.71
CA TYR L 139 36.09 37.24 -31.14
C TYR L 139 34.80 38.00 -30.91
N VAL L 140 33.65 37.37 -31.19
CA VAL L 140 32.38 38.05 -30.94
C VAL L 140 32.14 38.21 -29.44
N ARG L 141 32.52 37.21 -28.64
CA ARG L 141 32.36 37.33 -27.18
C ARG L 141 33.22 38.44 -26.59
N GLU L 142 34.43 38.64 -27.11
CA GLU L 142 35.28 39.76 -26.68
C GLU L 142 35.05 41.00 -27.51
N GLY L 143 33.82 41.18 -28.02
CA GLY L 143 33.46 42.11 -29.08
C GLY L 143 34.04 43.51 -29.00
N LYS L 144 34.89 43.81 -29.96
CA LYS L 144 35.65 45.04 -30.00
C LYS L 144 35.03 46.00 -31.01
N TYR L 145 35.22 47.28 -30.77
CA TYR L 145 34.82 48.29 -31.74
C TYR L 145 35.69 48.16 -32.99
N THR L 146 35.11 48.52 -34.13
CA THR L 146 35.85 48.39 -35.38
C THR L 146 35.61 49.62 -36.24
N PHE L 147 36.63 49.97 -37.03
CA PHE L 147 36.56 51.09 -37.96
C PHE L 147 36.85 50.62 -39.38
N CYS L 148 36.54 49.36 -39.68
CA CYS L 148 36.85 48.76 -40.95
C CYS L 148 35.58 48.22 -41.61
N THR L 149 35.75 47.72 -42.83
CA THR L 149 34.66 47.06 -43.51
C THR L 149 34.32 45.76 -42.78
N PRO L 150 33.04 45.36 -42.73
CA PRO L 150 31.81 45.92 -43.32
C PRO L 150 31.31 47.19 -42.65
N GLY L 151 30.41 47.90 -43.33
CA GLY L 151 29.99 49.20 -42.86
C GLY L 151 29.08 49.19 -41.66
N HIS L 152 28.38 48.09 -41.40
CA HIS L 152 27.50 48.07 -40.24
C HIS L 152 28.30 47.97 -38.94
N MET L 153 29.49 47.37 -38.99
CA MET L 153 30.46 47.36 -37.88
C MET L 153 29.88 46.77 -36.61
N GLY L 154 29.54 45.49 -36.68
CA GLY L 154 28.89 44.84 -35.56
C GLY L 154 27.40 45.08 -35.51
N GLY L 155 26.80 45.54 -36.60
CA GLY L 155 25.38 45.75 -36.65
C GLY L 155 24.91 47.02 -35.98
N THR L 156 25.80 47.94 -35.64
CA THR L 156 25.42 49.19 -34.98
C THR L 156 24.91 50.23 -35.95
N ALA L 157 24.95 49.96 -37.26
CA ALA L 157 24.24 50.78 -38.22
C ALA L 157 22.76 50.42 -38.31
N PHE L 158 22.43 49.16 -38.06
CA PHE L 158 21.04 48.71 -38.02
C PHE L 158 20.32 49.12 -36.74
N GLN L 159 21.04 49.58 -35.73
CA GLN L 159 20.39 50.05 -34.51
C GLN L 159 19.95 51.50 -34.59
N LYS L 160 20.11 52.14 -35.75
CA LYS L 160 19.82 53.55 -35.89
C LYS L 160 18.92 53.85 -37.08
N SER L 161 18.07 52.90 -37.49
CA SER L 161 17.15 53.11 -38.58
C SER L 161 15.94 52.21 -38.36
N PRO L 162 14.74 52.66 -38.73
CA PRO L 162 13.54 51.84 -38.46
C PRO L 162 13.52 50.53 -39.21
N VAL L 163 13.69 50.56 -40.54
CA VAL L 163 13.79 49.31 -41.29
C VAL L 163 15.07 48.57 -40.92
N GLY L 164 16.14 49.29 -40.62
CA GLY L 164 17.33 48.66 -40.08
C GLY L 164 17.10 48.00 -38.74
N SER L 165 16.27 48.63 -37.89
CA SER L 165 15.96 48.00 -36.61
C SER L 165 15.07 46.79 -36.78
N LEU L 166 14.19 46.79 -37.79
CA LEU L 166 13.43 45.58 -38.09
C LEU L 166 14.34 44.45 -38.53
N PHE L 167 15.32 44.76 -39.39
CA PHE L 167 16.28 43.76 -39.82
C PHE L 167 17.10 43.23 -38.64
N TYR L 168 17.54 44.13 -37.76
CA TYR L 168 18.33 43.77 -36.59
C TYR L 168 17.53 42.93 -35.60
N ASP L 169 16.27 43.29 -35.35
CA ASP L 169 15.42 42.50 -34.46
C ASP L 169 15.06 41.15 -35.05
N PHE L 170 14.99 41.04 -36.38
CA PHE L 170 14.78 39.73 -36.98
C PHE L 170 16.01 38.85 -36.81
N PHE L 171 17.17 39.32 -37.29
CA PHE L 171 18.34 38.44 -37.31
C PHE L 171 18.94 38.25 -35.93
N GLY L 172 18.97 39.28 -35.11
CA GLY L 172 19.56 39.17 -33.79
C GLY L 172 21.01 39.60 -33.81
N PRO L 173 21.56 39.91 -32.64
CA PRO L 173 22.85 40.62 -32.60
C PRO L 173 24.05 39.78 -32.98
N ASN L 174 24.04 38.51 -32.61
CA ASN L 174 25.21 37.66 -32.79
C ASN L 174 25.53 37.38 -34.24
N THR L 175 24.54 37.35 -35.11
CA THR L 175 24.80 37.19 -36.54
C THR L 175 25.11 38.51 -37.22
N MET L 176 24.99 39.64 -36.51
CA MET L 176 25.51 40.89 -37.04
C MET L 176 26.96 41.11 -36.65
N LYS L 177 27.30 40.79 -35.39
CA LYS L 177 28.69 40.88 -34.97
C LYS L 177 29.57 39.84 -35.63
N SER L 178 29.01 38.73 -36.10
CA SER L 178 29.79 37.67 -36.72
C SER L 178 30.22 38.00 -38.13
N ASP L 179 29.75 39.10 -38.70
CA ASP L 179 30.13 39.49 -40.06
C ASP L 179 31.25 40.51 -39.95
N ILE L 180 32.47 40.08 -40.21
CA ILE L 180 33.64 40.93 -40.23
C ILE L 180 34.45 40.64 -41.49
N SER L 181 35.59 41.30 -41.62
CA SER L 181 36.40 41.15 -42.83
C SER L 181 37.82 40.76 -42.49
N ILE L 182 38.69 40.75 -43.51
CA ILE L 182 40.08 40.31 -43.34
C ILE L 182 40.92 41.29 -42.56
N SER L 183 40.40 42.48 -42.25
CA SER L 183 41.15 43.45 -41.46
C SER L 183 41.36 43.00 -40.03
N VAL L 184 40.50 42.12 -39.51
CA VAL L 184 40.70 41.51 -38.21
C VAL L 184 41.80 40.46 -38.35
N SER L 185 43.01 40.81 -37.92
CA SER L 185 44.18 40.01 -38.24
C SER L 185 44.24 38.69 -37.47
N GLU L 186 43.52 38.57 -36.35
CA GLU L 186 43.63 37.37 -35.54
C GLU L 186 42.88 36.18 -36.10
N LEU L 187 41.99 36.38 -37.08
CA LEU L 187 41.29 35.28 -37.72
C LEU L 187 41.95 34.84 -39.01
N GLY L 188 43.09 35.41 -39.37
CA GLY L 188 43.73 35.05 -40.62
C GLY L 188 42.94 35.57 -41.81
N SER L 189 43.05 34.83 -42.91
CA SER L 189 42.35 35.20 -44.14
C SER L 189 42.06 33.95 -44.95
N LEU L 190 40.85 33.88 -45.52
CA LEU L 190 40.49 32.76 -46.37
C LEU L 190 41.34 32.74 -47.63
N LEU L 191 41.62 33.90 -48.20
CA LEU L 191 42.29 33.99 -49.49
C LEU L 191 43.72 33.52 -49.44
N ASP L 192 44.43 33.81 -48.36
CA ASP L 192 45.83 33.45 -48.24
C ASP L 192 46.06 32.15 -47.48
N HIS L 193 45.00 31.55 -46.94
CA HIS L 193 45.04 30.28 -46.21
C HIS L 193 46.01 30.37 -45.03
N SER L 194 45.68 31.24 -44.08
CA SER L 194 46.56 31.55 -42.97
C SER L 194 45.81 31.46 -41.64
N GLY L 195 46.52 31.02 -40.61
CA GLY L 195 46.01 31.02 -39.26
C GLY L 195 44.83 30.09 -39.04
N PRO L 196 43.77 30.62 -38.41
CA PRO L 196 42.57 29.82 -38.18
C PRO L 196 41.93 29.30 -39.45
N HIS L 197 42.00 30.04 -40.55
CA HIS L 197 41.53 29.51 -41.82
C HIS L 197 42.32 28.28 -42.24
N LYS L 198 43.66 28.35 -42.19
CA LYS L 198 44.48 27.22 -42.62
C LYS L 198 44.24 25.99 -41.76
N GLU L 199 44.09 26.19 -40.45
CA GLU L 199 43.66 25.09 -39.59
C GLU L 199 42.30 24.56 -40.00
N ALA L 200 41.41 25.43 -40.47
CA ALA L 200 40.10 24.97 -40.92
C ALA L 200 40.20 24.12 -42.18
N GLU L 201 40.99 24.54 -43.19
CA GLU L 201 41.08 23.68 -44.37
C GLU L 201 41.80 22.38 -44.07
N GLN L 202 42.78 22.37 -43.17
CA GLN L 202 43.37 21.10 -42.79
C GLN L 202 42.37 20.21 -42.06
N TYR L 203 41.50 20.81 -41.25
CA TYR L 203 40.45 20.07 -40.56
C TYR L 203 39.47 19.45 -41.55
N ILE L 204 39.07 20.23 -42.56
CA ILE L 204 38.22 19.72 -43.64
C ILE L 204 38.90 18.60 -44.40
N ALA L 205 40.22 18.73 -44.62
CA ALA L 205 40.97 17.68 -45.30
C ALA L 205 40.99 16.38 -44.51
N ARG L 206 41.12 16.44 -43.19
CA ARG L 206 41.09 15.18 -42.42
C ARG L 206 39.68 14.63 -42.60
N VAL L 207 38.69 15.43 -42.28
CA VAL L 207 37.35 14.86 -42.10
C VAL L 207 36.90 14.09 -43.34
N PHE L 208 37.05 14.69 -44.52
CA PHE L 208 36.48 14.16 -45.75
C PHE L 208 37.40 13.22 -46.52
N ASN L 209 38.54 12.83 -45.92
CA ASN L 209 39.53 11.95 -46.54
C ASN L 209 40.00 12.49 -47.89
N ALA L 210 40.62 13.67 -47.83
CA ALA L 210 41.15 14.32 -49.01
C ALA L 210 42.52 14.89 -48.68
N ASP L 211 43.34 15.06 -49.72
CA ASP L 211 44.68 15.60 -49.52
C ASP L 211 44.60 17.10 -49.21
N ARG L 212 44.10 17.89 -50.13
CA ARG L 212 43.92 19.32 -49.95
C ARG L 212 42.44 19.62 -50.14
N SER L 213 41.85 20.31 -49.19
CA SER L 213 40.43 20.63 -49.24
C SER L 213 40.26 22.15 -49.21
N TYR L 214 39.39 22.66 -50.05
CA TYR L 214 39.12 24.09 -50.10
C TYR L 214 37.70 24.37 -49.66
N MET L 215 37.42 25.62 -49.30
CA MET L 215 36.13 26.04 -48.76
C MET L 215 35.63 27.23 -49.56
N VAL L 216 34.86 26.96 -50.61
CA VAL L 216 34.38 28.02 -51.50
C VAL L 216 33.22 28.74 -50.83
N THR L 217 33.15 30.05 -51.02
CA THR L 217 32.14 30.87 -50.37
C THR L 217 31.09 31.41 -51.33
N ASN L 218 31.15 31.06 -52.61
CA ASN L 218 30.07 31.39 -53.54
C ASN L 218 29.19 30.19 -53.82
N GLY L 219 29.74 28.99 -53.84
CA GLY L 219 28.99 27.79 -54.11
C GLY L 219 29.69 26.91 -55.11
N THR L 220 29.14 25.71 -55.26
CA THR L 220 29.74 24.76 -56.19
C THR L 220 29.53 25.17 -57.64
N SER L 221 28.61 26.09 -57.90
CA SER L 221 28.55 26.75 -59.20
C SER L 221 29.85 27.51 -59.49
N THR L 222 30.56 27.94 -58.45
CA THR L 222 31.87 28.55 -58.62
C THR L 222 33.00 27.53 -58.45
N ALA L 223 32.77 26.49 -57.65
CA ALA L 223 33.78 25.45 -57.49
C ALA L 223 34.01 24.68 -58.78
N ASN L 224 32.94 24.41 -59.54
CA ASN L 224 33.09 23.80 -60.85
C ASN L 224 33.91 24.67 -61.77
N LYS L 225 33.69 25.99 -61.70
CA LYS L 225 34.46 26.95 -62.47
C LYS L 225 35.93 26.92 -62.09
N ILE L 226 36.22 26.83 -60.79
CA ILE L 226 37.59 26.79 -60.32
C ILE L 226 38.30 25.54 -60.84
N VAL L 227 37.64 24.37 -60.70
CA VAL L 227 38.25 23.11 -61.11
C VAL L 227 38.45 23.07 -62.62
N GLY L 228 37.43 23.45 -63.39
CA GLY L 228 37.54 23.42 -64.83
C GLY L 228 38.37 24.53 -65.43
N MET L 229 38.67 25.59 -64.69
CA MET L 229 39.63 26.56 -65.16
C MET L 229 41.05 26.22 -64.77
N TYR L 230 41.25 25.45 -63.71
CA TYR L 230 42.60 24.98 -63.42
C TYR L 230 42.98 23.82 -64.34
N SER L 231 42.21 22.74 -64.31
CA SER L 231 42.60 21.51 -64.96
C SER L 231 42.42 21.53 -66.47
N ALA L 232 41.62 22.44 -67.01
CA ALA L 232 41.33 22.49 -68.44
C ALA L 232 41.76 23.84 -69.00
N PRO L 233 43.00 23.96 -69.47
CA PRO L 233 43.43 25.22 -70.10
C PRO L 233 42.72 25.42 -71.42
N ALA L 234 42.81 26.65 -71.93
CA ALA L 234 42.16 27.00 -73.17
C ALA L 234 42.82 26.30 -74.34
N GLY L 235 42.02 25.89 -75.32
CA GLY L 235 42.50 25.11 -76.43
C GLY L 235 42.52 23.62 -76.19
N SER L 236 42.26 23.18 -74.97
CA SER L 236 42.24 21.77 -74.64
C SER L 236 40.83 21.22 -74.83
N THR L 237 40.57 20.02 -74.32
CA THR L 237 39.32 19.32 -74.56
C THR L 237 38.87 18.65 -73.27
N ILE L 238 37.55 18.65 -73.03
CA ILE L 238 36.99 18.08 -71.81
C ILE L 238 35.95 17.02 -72.16
N LEU L 239 35.70 16.14 -71.20
CA LEU L 239 34.64 15.13 -71.27
C LEU L 239 33.59 15.52 -70.24
N ILE L 240 32.61 16.30 -70.66
CA ILE L 240 31.58 16.82 -69.77
C ILE L 240 30.33 15.97 -69.91
N ASP L 241 29.75 15.59 -68.78
CA ASP L 241 28.46 14.92 -68.77
C ASP L 241 27.39 15.81 -69.38
N ARG L 242 26.54 15.21 -70.21
CA ARG L 242 25.37 15.95 -70.70
C ARG L 242 24.42 16.26 -69.55
N ASN L 243 24.30 15.34 -68.59
CA ASN L 243 23.60 15.61 -67.35
C ASN L 243 24.49 16.52 -66.51
N CYS L 244 24.52 17.80 -66.84
CA CYS L 244 25.36 18.78 -66.20
C CYS L 244 24.50 19.85 -65.55
N HIS L 245 25.16 20.81 -64.93
CA HIS L 245 24.50 21.97 -64.37
C HIS L 245 24.66 23.14 -65.33
N LYS L 246 23.89 24.20 -65.07
CA LYS L 246 24.06 25.44 -65.81
C LYS L 246 25.45 26.02 -65.61
N SER L 247 26.05 25.78 -64.44
CA SER L 247 27.36 26.30 -64.11
C SER L 247 28.44 25.73 -65.02
N LEU L 248 28.35 24.45 -65.39
CA LEU L 248 29.34 23.89 -66.29
C LEU L 248 29.22 24.47 -67.70
N THR L 249 28.00 24.74 -68.15
CA THR L 249 27.81 25.43 -69.42
C THR L 249 28.40 26.83 -69.37
N HIS L 250 28.19 27.53 -68.26
CA HIS L 250 28.78 28.85 -68.06
C HIS L 250 30.30 28.79 -68.06
N LEU L 251 30.87 27.76 -67.42
CA LEU L 251 32.31 27.55 -67.47
C LEU L 251 32.82 27.34 -68.89
N MET L 252 32.12 26.52 -69.67
CA MET L 252 32.52 26.28 -71.04
C MET L 252 32.38 27.51 -71.92
N MET L 253 31.46 28.42 -71.59
CA MET L 253 31.40 29.68 -72.32
C MET L 253 32.46 30.67 -71.89
N MET L 254 32.95 30.61 -70.65
CA MET L 254 34.07 31.48 -70.29
C MET L 254 35.37 31.01 -70.92
N SER L 255 35.64 29.72 -70.89
CA SER L 255 36.93 29.18 -71.29
C SER L 255 36.90 28.63 -72.71
N ASP L 256 38.02 28.76 -73.41
CA ASP L 256 38.16 28.30 -74.79
C ASP L 256 38.46 26.80 -74.80
N VAL L 257 37.42 26.01 -74.53
CA VAL L 257 37.53 24.56 -74.47
C VAL L 257 36.58 23.95 -75.49
N THR L 258 36.72 22.64 -75.67
CA THR L 258 35.94 21.89 -76.65
C THR L 258 35.35 20.65 -75.99
N PRO L 259 34.06 20.37 -76.15
CA PRO L 259 33.47 19.19 -75.49
C PRO L 259 33.37 17.94 -76.35
N ILE L 260 33.47 16.81 -75.67
CA ILE L 260 32.74 15.60 -76.04
C ILE L 260 31.72 15.35 -74.93
N TYR L 261 30.45 15.28 -75.31
CA TYR L 261 29.38 15.09 -74.34
C TYR L 261 29.15 13.61 -74.12
N PHE L 262 29.16 13.19 -72.86
CA PHE L 262 28.70 11.87 -72.51
C PHE L 262 27.20 11.76 -72.77
N ARG L 263 26.71 10.53 -72.94
CA ARG L 263 25.32 10.31 -73.31
C ARG L 263 24.59 9.49 -72.26
N PRO L 264 23.97 10.12 -71.27
CA PRO L 264 23.27 9.37 -70.23
C PRO L 264 21.97 8.76 -70.74
N THR L 265 21.53 7.73 -70.03
CA THR L 265 20.26 7.08 -70.31
C THR L 265 19.15 7.74 -69.50
N ARG L 266 17.91 7.39 -69.84
CA ARG L 266 16.75 7.93 -69.14
C ARG L 266 15.56 7.01 -69.36
N ASN L 267 14.60 7.10 -68.44
CA ASN L 267 13.37 6.33 -68.50
C ASN L 267 12.24 7.20 -69.03
N ALA L 268 11.04 6.63 -69.09
CA ALA L 268 9.87 7.36 -69.55
C ALA L 268 9.40 8.39 -68.54
N TYR L 269 9.78 8.26 -67.27
CA TYR L 269 9.39 9.24 -66.25
C TYR L 269 10.06 10.58 -66.47
N GLY L 270 11.21 10.60 -67.12
CA GLY L 270 12.02 11.80 -67.25
C GLY L 270 13.16 11.88 -66.27
N ILE L 271 13.38 10.82 -65.48
CA ILE L 271 14.50 10.79 -64.55
C ILE L 271 15.79 10.63 -65.34
N LEU L 272 16.74 11.51 -65.11
CA LEU L 272 18.03 11.45 -65.78
C LEU L 272 18.84 10.31 -65.18
N GLY L 273 19.01 9.24 -65.94
CA GLY L 273 19.80 8.12 -65.47
C GLY L 273 21.27 8.38 -65.62
N GLY L 274 22.02 7.40 -66.13
CA GLY L 274 23.44 7.55 -66.21
C GLY L 274 24.08 7.11 -67.51
N ILE L 275 25.36 7.43 -67.63
CA ILE L 275 26.13 7.08 -68.82
C ILE L 275 26.39 5.58 -68.81
N PRO L 276 26.22 4.87 -69.92
CA PRO L 276 26.56 3.44 -69.95
C PRO L 276 28.07 3.24 -69.79
N GLN L 277 28.43 1.99 -69.48
CA GLN L 277 29.82 1.63 -69.29
C GLN L 277 30.65 1.76 -70.55
N SER L 278 30.02 1.73 -71.72
CA SER L 278 30.76 1.76 -72.97
C SER L 278 31.40 3.11 -73.24
N GLU L 279 30.83 4.18 -72.68
CA GLU L 279 31.31 5.54 -72.95
C GLU L 279 32.33 6.02 -71.94
N PHE L 280 33.04 5.11 -71.28
CA PHE L 280 34.17 5.50 -70.45
C PHE L 280 35.46 4.81 -70.87
N GLN L 281 35.44 4.00 -71.91
CA GLN L 281 36.61 3.28 -72.35
C GLN L 281 37.33 4.07 -73.43
N HIS L 282 38.50 3.59 -73.82
CA HIS L 282 39.35 4.34 -74.75
C HIS L 282 38.79 4.37 -76.17
N ALA L 283 38.07 3.31 -76.58
CA ALA L 283 37.63 3.20 -77.96
C ALA L 283 36.59 4.25 -78.31
N THR L 284 35.54 4.37 -77.48
CA THR L 284 34.48 5.34 -77.77
C THR L 284 34.96 6.76 -77.60
N ILE L 285 35.83 7.00 -76.62
CA ILE L 285 36.38 8.35 -76.41
C ILE L 285 37.27 8.75 -77.59
N ALA L 286 38.11 7.83 -78.07
CA ALA L 286 38.94 8.12 -79.23
C ALA L 286 38.10 8.34 -80.48
N LYS L 287 37.02 7.56 -80.66
CA LYS L 287 36.12 7.77 -81.79
C LYS L 287 35.47 9.14 -81.74
N ARG L 288 34.88 9.50 -80.60
CA ARG L 288 34.23 10.80 -80.45
C ARG L 288 35.22 11.96 -80.54
N VAL L 289 36.48 11.73 -80.18
CA VAL L 289 37.53 12.71 -80.49
C VAL L 289 37.71 12.82 -81.99
N LYS L 290 37.72 11.69 -82.70
CA LYS L 290 38.02 11.69 -84.13
C LYS L 290 36.96 12.41 -84.93
N GLU L 291 35.68 12.22 -84.63
CA GLU L 291 34.65 12.96 -85.34
C GLU L 291 34.22 14.25 -84.64
N THR L 292 35.13 14.91 -83.93
CA THR L 292 34.87 16.25 -83.44
C THR L 292 35.92 17.20 -83.99
N PRO L 293 35.52 18.28 -84.66
CA PRO L 293 36.51 19.20 -85.22
C PRO L 293 37.30 19.93 -84.14
N ASN L 294 38.57 20.17 -84.44
CA ASN L 294 39.51 20.90 -83.56
C ASN L 294 39.63 20.25 -82.18
N ALA L 295 39.56 18.92 -82.13
CA ALA L 295 39.54 18.21 -80.87
C ALA L 295 40.78 17.34 -80.72
N THR L 296 41.35 17.34 -79.53
CA THR L 296 42.49 16.50 -79.18
C THR L 296 42.08 15.56 -78.06
N TRP L 297 43.06 14.85 -77.49
CA TRP L 297 42.77 13.96 -76.39
C TRP L 297 42.32 14.77 -75.17
N PRO L 298 41.23 14.37 -74.52
CA PRO L 298 40.71 15.15 -73.38
C PRO L 298 41.67 15.15 -72.21
N VAL L 299 41.81 16.32 -71.58
CA VAL L 299 42.70 16.48 -70.44
C VAL L 299 41.93 16.62 -69.13
N HIS L 300 40.60 16.53 -69.17
CA HIS L 300 39.80 16.65 -67.97
C HIS L 300 38.43 16.03 -68.24
N ALA L 301 37.82 15.51 -67.19
CA ALA L 301 36.49 14.91 -67.28
C ALA L 301 35.65 15.37 -66.11
N VAL L 302 34.39 15.72 -66.39
CA VAL L 302 33.46 16.18 -65.37
C VAL L 302 32.24 15.28 -65.41
N ILE L 303 31.90 14.69 -64.25
CA ILE L 303 30.84 13.71 -64.13
C ILE L 303 29.94 14.11 -62.96
N THR L 304 28.63 14.12 -63.18
CA THR L 304 27.69 14.48 -62.12
C THR L 304 27.39 13.24 -61.30
N ASN L 305 28.04 13.12 -60.15
CA ASN L 305 27.93 11.96 -59.27
C ASN L 305 27.50 12.41 -57.87
N SER L 306 26.23 12.21 -57.52
CA SER L 306 25.26 11.46 -58.30
C SER L 306 24.51 12.34 -59.26
N THR L 307 23.45 11.80 -59.85
CA THR L 307 22.57 12.60 -60.69
C THR L 307 21.66 13.43 -59.78
N TYR L 308 20.73 14.16 -60.39
CA TYR L 308 19.78 14.94 -59.62
C TYR L 308 18.86 14.03 -58.80
N ASP L 309 18.55 12.84 -59.30
CA ASP L 309 17.67 11.91 -58.61
C ASP L 309 18.43 10.87 -57.80
N GLY L 310 19.68 11.13 -57.48
CA GLY L 310 20.42 10.30 -56.55
C GLY L 310 20.77 8.93 -57.07
N LEU L 311 21.46 8.87 -58.21
CA LEU L 311 21.96 7.61 -58.76
C LEU L 311 23.48 7.68 -58.77
N LEU L 312 24.09 7.04 -57.79
CA LEU L 312 25.53 6.99 -57.67
C LEU L 312 26.11 6.09 -58.76
N TYR L 313 27.40 6.27 -59.03
CA TYR L 313 28.08 5.47 -60.03
C TYR L 313 29.02 4.49 -59.34
N ASN L 314 29.45 3.49 -60.09
CA ASN L 314 30.55 2.65 -59.65
C ASN L 314 31.84 3.40 -60.00
N THR L 315 32.23 4.30 -59.10
CA THR L 315 33.34 5.21 -59.35
C THR L 315 34.70 4.51 -59.40
N ASP L 316 34.83 3.31 -58.86
CA ASP L 316 36.08 2.58 -58.98
C ASP L 316 36.33 2.17 -60.43
N PHE L 317 35.28 1.75 -61.12
CA PHE L 317 35.33 1.51 -62.55
C PHE L 317 35.77 2.76 -63.30
N ILE L 318 35.23 3.91 -62.91
CA ILE L 318 35.53 5.16 -63.59
C ILE L 318 36.98 5.55 -63.37
N LYS L 319 37.44 5.52 -62.12
CA LYS L 319 38.81 5.88 -61.80
C LYS L 319 39.82 4.86 -62.31
N LYS L 320 39.40 3.64 -62.64
CA LYS L 320 40.33 2.70 -63.24
C LYS L 320 40.40 2.82 -64.76
N THR L 321 39.27 3.02 -65.43
CA THR L 321 39.25 2.86 -66.87
C THR L 321 39.17 4.17 -67.65
N LEU L 322 38.70 5.26 -67.05
CA LEU L 322 38.68 6.55 -67.75
C LEU L 322 40.10 7.06 -67.83
N ASP L 323 40.66 7.08 -69.05
CA ASP L 323 42.08 7.34 -69.26
C ASP L 323 42.37 8.83 -69.46
N VAL L 324 41.91 9.66 -68.54
CA VAL L 324 42.23 11.08 -68.56
C VAL L 324 43.03 11.42 -67.31
N LYS L 325 43.73 12.54 -67.36
CA LYS L 325 44.66 12.90 -66.29
C LYS L 325 43.99 13.59 -65.11
N SER L 326 42.70 13.90 -65.20
CA SER L 326 41.98 14.51 -64.10
C SER L 326 40.50 14.23 -64.26
N ILE L 327 39.91 13.57 -63.26
CA ILE L 327 38.48 13.25 -63.27
C ILE L 327 37.81 14.08 -62.19
N HIS L 328 36.82 14.87 -62.58
CA HIS L 328 36.06 15.69 -61.65
C HIS L 328 34.68 15.12 -61.44
N PHE L 329 34.29 14.98 -60.19
CA PHE L 329 32.95 14.53 -59.82
C PHE L 329 32.20 15.71 -59.25
N ASP L 330 31.13 16.13 -59.95
CA ASP L 330 30.31 17.25 -59.50
C ASP L 330 29.33 16.72 -58.48
N SER L 331 29.84 16.45 -57.27
CA SER L 331 29.05 15.81 -56.23
C SER L 331 28.27 16.84 -55.41
N ALA L 332 27.49 17.64 -56.12
CA ALA L 332 26.69 18.65 -55.44
C ALA L 332 25.59 18.04 -54.59
N TRP L 333 25.01 16.92 -55.02
CA TRP L 333 23.92 16.30 -54.29
C TRP L 333 24.35 15.19 -53.36
N VAL L 334 25.62 14.80 -53.37
CA VAL L 334 26.09 13.78 -52.43
C VAL L 334 27.31 14.32 -51.70
N PRO L 335 27.13 15.16 -50.66
CA PRO L 335 28.29 15.62 -49.89
C PRO L 335 28.57 14.78 -48.64
N TYR L 336 27.63 13.92 -48.27
CA TYR L 336 27.67 13.19 -47.01
C TYR L 336 28.35 11.84 -47.13
N THR L 337 29.22 11.65 -48.12
CA THR L 337 29.61 10.32 -48.55
C THR L 337 30.46 9.57 -47.51
N ASN L 338 31.42 10.23 -46.89
CA ASN L 338 32.41 9.58 -46.03
C ASN L 338 31.78 9.05 -44.75
N PHE L 339 30.58 9.52 -44.39
CA PHE L 339 30.06 9.37 -43.03
C PHE L 339 29.14 8.18 -42.86
N SER L 340 29.07 7.28 -43.84
CA SER L 340 28.43 6.01 -43.66
C SER L 340 29.09 5.06 -44.65
N PRO L 341 29.48 3.86 -44.21
CA PRO L 341 30.12 2.90 -45.12
C PRO L 341 29.18 2.30 -46.16
N ILE L 342 27.92 2.73 -46.18
CA ILE L 342 27.02 2.38 -47.27
C ILE L 342 27.56 2.90 -48.58
N TYR L 343 28.12 4.12 -48.58
CA TYR L 343 28.58 4.78 -49.78
C TYR L 343 30.04 4.48 -50.11
N GLU L 344 30.58 3.36 -49.64
CA GLU L 344 31.94 2.99 -50.01
C GLU L 344 32.01 2.67 -51.49
N GLY L 345 33.06 3.16 -52.15
CA GLY L 345 33.18 2.96 -53.58
C GLY L 345 32.17 3.73 -54.39
N LYS L 346 31.73 4.89 -53.90
CA LYS L 346 30.68 5.68 -54.55
C LYS L 346 30.93 7.18 -54.48
N CYS L 347 32.20 7.60 -54.46
CA CYS L 347 32.54 9.01 -54.62
C CYS L 347 33.96 9.11 -55.15
N GLY L 348 34.36 10.34 -55.46
CA GLY L 348 35.74 10.57 -55.86
C GLY L 348 36.74 10.26 -54.77
N MET L 349 36.39 10.54 -53.53
CA MET L 349 37.28 10.29 -52.39
C MET L 349 37.20 8.87 -51.87
N SER L 350 36.33 8.04 -52.43
CA SER L 350 36.31 6.63 -52.06
C SER L 350 37.57 5.95 -52.54
N GLY L 351 38.09 5.05 -51.72
CA GLY L 351 39.32 4.38 -52.05
C GLY L 351 40.53 5.27 -51.81
N GLY L 352 41.68 4.75 -52.22
CA GLY L 352 42.94 5.44 -52.01
C GLY L 352 43.27 6.42 -53.12
N ARG L 353 44.50 6.94 -53.03
CA ARG L 353 45.01 7.85 -54.04
C ARG L 353 45.27 7.08 -55.32
N VAL L 354 44.50 7.38 -56.37
CA VAL L 354 44.65 6.68 -57.64
C VAL L 354 45.93 7.17 -58.33
N GLU L 355 46.58 6.27 -59.05
CA GLU L 355 47.86 6.58 -59.68
C GLU L 355 47.65 7.26 -61.02
N GLY L 356 48.42 8.32 -61.26
CA GLY L 356 48.49 8.93 -62.58
C GLY L 356 47.43 9.96 -62.89
N LYS L 357 46.48 10.21 -62.00
CA LYS L 357 45.47 11.21 -62.25
C LYS L 357 44.99 11.78 -60.93
N VAL L 358 44.43 13.00 -60.99
CA VAL L 358 43.96 13.72 -59.82
C VAL L 358 42.44 13.69 -59.84
N ILE L 359 41.84 13.26 -58.74
CA ILE L 359 40.40 13.17 -58.63
C ILE L 359 39.90 14.40 -57.88
N TYR L 360 39.02 15.15 -58.52
CA TYR L 360 38.36 16.29 -57.89
C TYR L 360 36.97 15.89 -57.44
N GLU L 361 36.53 16.48 -56.33
CA GLU L 361 35.15 16.34 -55.90
C GLU L 361 34.73 17.65 -55.27
N THR L 362 33.55 18.14 -55.62
CA THR L 362 33.11 19.50 -55.32
C THR L 362 31.76 19.50 -54.62
N GLN L 363 31.70 18.76 -53.51
CA GLN L 363 30.55 18.66 -52.61
C GLN L 363 29.92 20.02 -52.33
N SER L 364 28.64 20.14 -52.65
CA SER L 364 27.86 21.32 -52.26
C SER L 364 27.36 21.11 -50.85
N THR L 365 28.08 21.66 -49.89
CA THR L 365 27.85 21.41 -48.48
C THR L 365 26.49 21.90 -48.01
N HIS L 366 25.97 22.99 -48.58
CA HIS L 366 24.71 23.53 -48.12
C HIS L 366 23.51 22.70 -48.53
N1 LLP L 367 25.87 21.96 -59.66
C2 LLP L 367 25.01 20.93 -59.59
C2' LLP L 367 25.24 19.65 -60.44
C3 LLP L 367 23.89 21.00 -58.73
O3 LLP L 367 23.01 19.93 -58.67
C4 LLP L 367 23.67 22.13 -57.97
C4' LLP L 367 22.38 22.21 -57.00
C5 LLP L 367 24.53 23.17 -58.05
C6 LLP L 367 25.63 23.12 -58.90
C5' LLP L 367 24.22 24.42 -57.17
OP4 LLP L 367 25.32 25.30 -57.12
P LLP L 367 25.36 26.25 -55.91
OP1 LLP L 367 24.03 26.99 -55.82
OP2 LLP L 367 26.46 27.22 -56.10
OP3 LLP L 367 25.59 25.48 -54.66
N LLP L 367 23.69 21.85 -49.54
CA LLP L 367 22.57 21.12 -50.14
CB LLP L 367 23.00 20.50 -51.44
CG LLP L 367 23.11 21.60 -52.51
CD LLP L 367 21.88 21.60 -53.41
CE LLP L 367 22.14 22.45 -54.67
NZ LLP L 367 22.70 21.61 -55.73
C LLP L 367 22.03 20.06 -49.25
O LLP L 367 20.84 20.08 -48.97
N LEU L 368 22.86 19.14 -48.80
CA LEU L 368 22.37 18.01 -48.02
C LEU L 368 22.90 17.98 -46.59
N LEU L 369 24.04 18.60 -46.35
CA LEU L 369 24.54 18.76 -45.00
C LEU L 369 23.87 19.97 -44.35
N ALA L 370 24.31 20.31 -43.14
CA ALA L 370 23.76 21.44 -42.42
C ALA L 370 24.74 22.60 -42.54
N ALA L 371 24.53 23.42 -43.56
CA ALA L 371 25.37 24.60 -43.75
C ALA L 371 24.56 25.71 -44.39
N PHE L 372 25.03 26.95 -44.20
CA PHE L 372 24.43 28.10 -44.84
C PHE L 372 24.59 28.02 -46.35
N SER L 373 23.69 28.69 -47.07
CA SER L 373 23.73 28.66 -48.53
C SER L 373 25.00 29.33 -49.05
N GLN L 374 25.26 29.11 -50.34
CA GLN L 374 26.47 29.52 -51.04
C GLN L 374 27.74 28.95 -50.40
N ALA L 375 27.62 27.79 -49.75
CA ALA L 375 28.78 27.11 -49.18
C ALA L 375 29.13 25.90 -50.02
N SER L 376 30.41 25.72 -50.26
CA SER L 376 30.87 24.61 -51.08
C SER L 376 32.29 24.25 -50.70
N MET L 377 32.74 23.12 -51.21
CA MET L 377 34.07 22.62 -50.95
C MET L 377 34.67 22.11 -52.24
N ILE L 378 36.00 22.08 -52.30
CA ILE L 378 36.73 21.42 -53.37
C ILE L 378 37.72 20.48 -52.72
N HIS L 379 37.44 19.19 -52.80
CA HIS L 379 38.35 18.17 -52.31
C HIS L 379 39.15 17.62 -53.49
N VAL L 380 40.46 17.54 -53.33
CA VAL L 380 41.30 16.98 -54.37
C VAL L 380 41.88 15.68 -53.84
N LYS L 381 42.35 14.85 -54.77
CA LYS L 381 43.00 13.59 -54.42
C LYS L 381 44.09 13.34 -55.44
N GLY L 382 45.32 13.63 -55.08
CA GLY L 382 46.44 13.53 -55.98
C GLY L 382 47.41 14.67 -55.74
N ASP L 383 48.22 14.94 -56.74
CA ASP L 383 49.23 16.00 -56.68
C ASP L 383 48.85 17.08 -57.67
N VAL L 384 48.71 18.31 -57.19
CA VAL L 384 48.41 19.45 -58.04
C VAL L 384 49.47 20.52 -57.80
N ASN L 385 49.63 21.39 -58.79
CA ASN L 385 50.50 22.55 -58.63
C ASN L 385 49.86 23.48 -57.62
N GLU L 386 50.47 23.58 -56.44
CA GLU L 386 49.84 24.25 -55.29
C GLU L 386 49.59 25.72 -55.56
N GLU L 387 50.59 26.42 -56.11
CA GLU L 387 50.40 27.85 -56.34
C GLU L 387 49.49 28.14 -57.52
N THR L 388 49.58 27.36 -58.60
CA THR L 388 48.68 27.56 -59.74
C THR L 388 47.23 27.28 -59.36
N PHE L 389 46.98 26.20 -58.64
CA PHE L 389 45.62 25.88 -58.24
C PHE L 389 45.10 26.81 -57.16
N ASN L 390 45.98 27.26 -56.24
CA ASN L 390 45.58 28.29 -55.29
C ASN L 390 45.24 29.60 -55.98
N GLU L 391 45.99 29.94 -57.02
CA GLU L 391 45.68 31.17 -57.75
C GLU L 391 44.38 31.03 -58.53
N ALA L 392 44.11 29.84 -59.07
CA ALA L 392 42.83 29.62 -59.74
C ALA L 392 41.66 29.69 -58.76
N TYR L 393 41.85 29.17 -57.53
CA TYR L 393 40.83 29.31 -56.50
C TYR L 393 40.61 30.76 -56.11
N MET L 394 41.71 31.51 -55.94
CA MET L 394 41.63 32.94 -55.64
C MET L 394 40.98 33.72 -56.77
N MET L 395 41.11 33.24 -58.00
CA MET L 395 40.59 33.94 -59.17
C MET L 395 39.08 34.06 -59.16
N HIS L 396 38.35 33.05 -58.71
CA HIS L 396 36.89 33.08 -58.79
C HIS L 396 36.19 33.47 -57.50
N THR L 397 36.81 33.26 -56.34
CA THR L 397 36.16 33.65 -55.11
C THR L 397 36.33 35.15 -54.88
N THR L 398 35.48 35.68 -53.99
CA THR L 398 35.58 37.06 -53.59
C THR L 398 36.80 37.29 -52.71
N THR L 399 37.07 38.56 -52.41
CA THR L 399 38.18 38.91 -51.55
C THR L 399 37.79 39.10 -50.10
N SER L 400 36.55 39.53 -49.83
CA SER L 400 36.05 39.71 -48.47
C SER L 400 34.84 38.79 -48.31
N PRO L 401 35.04 37.56 -47.84
CA PRO L 401 33.93 36.61 -47.79
C PRO L 401 33.07 36.82 -46.56
N HIS L 402 31.90 36.21 -46.60
CA HIS L 402 30.97 36.22 -45.47
C HIS L 402 31.42 35.15 -44.48
N TYR L 403 31.93 35.58 -43.33
CA TYR L 403 32.47 34.63 -42.37
C TYR L 403 31.41 33.76 -41.72
N GLY L 404 30.14 34.16 -41.77
CA GLY L 404 29.09 33.26 -41.35
C GLY L 404 28.99 32.04 -42.24
N ILE L 405 29.11 32.23 -43.56
CA ILE L 405 29.10 31.12 -44.49
C ILE L 405 30.31 30.22 -44.29
N VAL L 406 31.48 30.81 -44.07
CA VAL L 406 32.71 30.04 -43.84
C VAL L 406 32.62 29.23 -42.55
N ALA L 407 32.14 29.86 -41.48
CA ALA L 407 31.96 29.17 -40.20
C ALA L 407 30.93 28.06 -40.32
N SER L 408 29.84 28.30 -41.08
CA SER L 408 28.86 27.25 -41.30
C SER L 408 29.43 26.12 -42.13
N THR L 409 30.27 26.44 -43.10
CA THR L 409 30.91 25.43 -43.94
C THR L 409 31.78 24.51 -43.11
N GLU L 410 32.55 25.08 -42.18
CA GLU L 410 33.38 24.23 -41.33
C GLU L 410 32.56 23.50 -40.26
N THR L 411 31.56 24.17 -39.68
CA THR L 411 30.72 23.54 -38.66
C THR L 411 29.91 22.39 -39.23
N ALA L 412 29.61 22.41 -40.52
CA ALA L 412 28.93 21.26 -41.14
C ALA L 412 29.78 20.01 -41.07
N ALA L 413 31.08 20.12 -41.34
CA ALA L 413 31.95 18.96 -41.16
C ALA L 413 32.15 18.64 -39.69
N ALA L 414 32.19 19.66 -38.84
CA ALA L 414 32.33 19.43 -37.41
C ALA L 414 31.14 18.71 -36.80
N MET L 415 29.96 18.82 -37.42
CA MET L 415 28.79 18.05 -37.00
C MET L 415 28.92 16.57 -37.31
N MET L 416 29.93 16.16 -38.06
CA MET L 416 30.03 14.79 -38.53
C MET L 416 31.17 14.00 -37.91
N LYS L 417 32.02 14.63 -37.09
CA LYS L 417 33.05 13.91 -36.37
C LYS L 417 32.46 13.30 -35.09
N GLY L 418 32.95 12.13 -34.73
CA GLY L 418 32.55 11.48 -33.51
C GLY L 418 31.44 10.48 -33.74
N ASN L 419 30.68 10.24 -32.66
CA ASN L 419 29.54 9.33 -32.74
C ASN L 419 28.26 10.05 -33.12
N ALA L 420 28.17 11.36 -32.86
CA ALA L 420 26.97 12.11 -33.19
C ALA L 420 26.76 12.22 -34.70
N GLY L 421 27.83 12.42 -35.47
CA GLY L 421 27.67 12.50 -36.91
C GLY L 421 27.29 11.18 -37.54
N LYS L 422 27.90 10.09 -37.06
CA LYS L 422 27.51 8.76 -37.53
C LYS L 422 26.07 8.47 -37.17
N ARG L 423 25.65 8.86 -35.97
CA ARG L 423 24.26 8.69 -35.59
C ARG L 423 23.32 9.52 -36.45
N LEU L 424 23.72 10.74 -36.82
CA LEU L 424 22.92 11.57 -37.73
C LEU L 424 22.74 10.90 -39.08
N ILE L 425 23.84 10.46 -39.69
CA ILE L 425 23.76 9.90 -41.04
C ILE L 425 23.00 8.58 -41.03
N ASN L 426 23.27 7.71 -40.06
CA ASN L 426 22.55 6.44 -39.99
C ASN L 426 21.08 6.65 -39.66
N GLY L 427 20.76 7.62 -38.81
CA GLY L 427 19.37 7.90 -38.52
C GLY L 427 18.63 8.44 -39.73
N SER L 428 19.28 9.31 -40.51
CA SER L 428 18.65 9.83 -41.72
C SER L 428 18.42 8.73 -42.75
N ILE L 429 19.39 7.85 -42.95
CA ILE L 429 19.24 6.77 -43.91
C ILE L 429 18.16 5.78 -43.46
N GLU L 430 18.16 5.42 -42.16
CA GLU L 430 17.16 4.51 -41.64
C GLU L 430 15.76 5.10 -41.70
N ARG L 431 15.63 6.40 -41.40
CA ARG L 431 14.35 7.08 -41.54
C ARG L 431 13.86 7.11 -42.98
N ALA L 432 14.78 7.34 -43.92
CA ALA L 432 14.42 7.30 -45.33
C ALA L 432 13.94 5.91 -45.74
N ILE L 433 14.63 4.87 -45.29
CA ILE L 433 14.25 3.51 -45.66
C ILE L 433 12.90 3.14 -45.04
N LYS L 434 12.65 3.56 -43.80
CA LYS L 434 11.36 3.27 -43.16
C LYS L 434 10.22 4.03 -43.83
N PHE L 435 10.47 5.27 -44.26
CA PHE L 435 9.47 5.99 -45.05
C PHE L 435 9.18 5.28 -46.36
N ARG L 436 10.23 4.77 -47.02
CA ARG L 436 10.03 4.03 -48.27
C ARG L 436 9.22 2.76 -48.05
N LYS L 437 9.49 2.05 -46.95
CA LYS L 437 8.73 0.84 -46.68
C LYS L 437 7.27 1.14 -46.40
N GLU L 438 6.93 2.19 -45.63
CA GLU L 438 5.49 2.44 -45.57
C GLU L 438 4.89 3.07 -46.80
N ILE L 439 5.64 3.78 -47.65
CA ILE L 439 4.90 4.29 -48.80
C ILE L 439 4.56 3.15 -49.75
N LYS L 440 5.45 2.14 -49.89
CA LYS L 440 5.00 0.94 -50.59
C LYS L 440 3.96 0.14 -49.81
N ARG L 441 3.94 0.23 -48.47
CA ARG L 441 2.92 -0.47 -47.71
C ARG L 441 1.55 0.18 -47.85
N LEU L 442 1.50 1.50 -47.78
CA LEU L 442 0.25 2.25 -47.96
C LEU L 442 -0.25 2.14 -49.39
N ARG L 443 0.65 1.91 -50.36
CA ARG L 443 0.17 1.64 -51.72
C ARG L 443 -0.67 0.37 -51.77
N THR L 444 -0.22 -0.69 -51.10
CA THR L 444 -0.99 -1.93 -51.09
C THR L 444 -2.07 -1.94 -50.01
N GLU L 445 -2.10 -0.95 -49.14
CA GLU L 445 -3.15 -0.89 -48.13
C GLU L 445 -4.36 -0.12 -48.63
N SER L 446 -4.15 0.90 -49.46
CA SER L 446 -5.23 1.79 -49.86
C SER L 446 -6.10 1.16 -50.95
N ASP L 447 -7.20 1.83 -51.24
CA ASP L 447 -8.12 1.44 -52.29
C ASP L 447 -7.87 2.27 -53.55
N GLY L 448 -8.04 1.63 -54.70
CA GLY L 448 -7.85 2.33 -55.96
C GLY L 448 -6.40 2.68 -56.19
N TRP L 449 -6.15 3.95 -56.50
CA TRP L 449 -4.80 4.42 -56.80
C TRP L 449 -4.10 4.89 -55.54
N PHE L 450 -2.77 4.90 -55.59
CA PHE L 450 -1.96 5.53 -54.57
C PHE L 450 -0.61 5.90 -55.15
N PHE L 451 0.12 6.73 -54.41
CA PHE L 451 1.46 7.12 -54.82
C PHE L 451 2.40 5.92 -54.77
N ASP L 452 3.14 5.73 -55.86
CA ASP L 452 4.20 4.74 -55.92
C ASP L 452 5.52 5.47 -55.68
N VAL L 453 6.54 4.72 -55.29
CA VAL L 453 7.89 5.27 -55.15
C VAL L 453 8.88 4.43 -55.95
N TRP L 454 9.67 5.12 -56.75
CA TRP L 454 10.52 4.55 -57.79
C TRP L 454 11.74 3.95 -57.10
N GLN L 455 11.59 2.69 -56.70
CA GLN L 455 12.59 2.00 -55.90
C GLN L 455 12.41 0.49 -56.10
N PRO L 456 13.41 -0.33 -55.77
CA PRO L 456 13.26 -1.78 -55.95
C PRO L 456 12.12 -2.35 -55.15
N ASP L 457 11.52 -3.41 -55.69
CA ASP L 457 10.33 -4.01 -55.10
C ASP L 457 10.57 -4.61 -53.73
N HIS L 458 11.78 -5.12 -53.48
CA HIS L 458 12.14 -5.64 -52.15
C HIS L 458 13.34 -4.84 -51.64
N ILE L 459 13.08 -3.92 -50.71
CA ILE L 459 14.13 -3.23 -49.98
C ILE L 459 13.90 -3.47 -48.50
N ASP L 460 14.91 -4.00 -47.83
CA ASP L 460 14.85 -4.15 -46.38
C ASP L 460 16.21 -3.98 -45.71
N THR L 461 17.27 -3.72 -46.46
CA THR L 461 18.60 -3.55 -45.92
C THR L 461 19.09 -2.13 -46.17
N THR L 462 20.02 -1.69 -45.32
CA THR L 462 20.56 -0.34 -45.42
C THR L 462 21.77 -0.36 -46.36
N GLU L 463 21.46 -0.30 -47.65
CA GLU L 463 22.50 -0.25 -48.67
C GLU L 463 21.97 0.57 -49.84
N CYS L 464 22.90 1.06 -50.65
CA CYS L 464 22.53 1.64 -51.94
C CYS L 464 22.10 0.52 -52.86
N TRP L 465 20.80 0.46 -53.15
CA TRP L 465 20.27 -0.68 -53.87
C TRP L 465 20.69 -0.62 -55.33
N PRO L 466 21.42 -1.61 -55.84
CA PRO L 466 21.95 -1.53 -57.20
C PRO L 466 20.85 -1.67 -58.24
N LEU L 467 21.02 -0.96 -59.34
CA LEU L 467 20.07 -1.03 -60.44
C LEU L 467 20.44 -2.22 -61.31
N ARG L 468 19.66 -3.28 -61.23
CA ARG L 468 19.97 -4.53 -61.90
C ARG L 468 19.26 -4.61 -63.23
N SER L 469 19.94 -5.19 -64.23
CA SER L 469 19.35 -5.36 -65.55
C SER L 469 18.22 -6.37 -65.56
N ASP L 470 18.13 -7.22 -64.53
CA ASP L 470 17.12 -8.27 -64.46
C ASP L 470 15.86 -7.80 -63.77
N SER L 471 15.73 -6.50 -63.51
CA SER L 471 14.54 -5.93 -62.90
C SER L 471 14.09 -4.74 -63.72
N THR L 472 12.83 -4.34 -63.52
CA THR L 472 12.24 -3.30 -64.35
C THR L 472 11.65 -2.15 -63.55
N TRP L 473 12.01 -2.01 -62.27
CA TRP L 473 11.49 -0.88 -61.49
C TRP L 473 12.09 0.44 -61.93
N HIS L 474 13.33 0.44 -62.40
CA HIS L 474 13.98 1.67 -62.79
C HIS L 474 13.52 2.18 -64.14
N GLY L 475 13.48 1.30 -65.15
CA GLY L 475 13.02 1.68 -66.47
C GLY L 475 14.13 1.91 -67.49
N PHE L 476 15.38 2.00 -67.06
CA PHE L 476 16.49 2.15 -68.00
C PHE L 476 16.73 0.81 -68.66
N LYS L 477 16.47 0.73 -69.95
CA LYS L 477 16.58 -0.54 -70.68
C LYS L 477 18.04 -0.88 -70.97
N ASN L 478 18.35 -2.17 -70.88
CA ASN L 478 19.69 -2.72 -71.16
C ASN L 478 20.76 -2.05 -70.32
N ILE L 479 20.43 -1.80 -69.06
CA ILE L 479 21.33 -1.12 -68.14
C ILE L 479 22.43 -2.09 -67.71
N ASP L 480 23.61 -1.53 -67.41
CA ASP L 480 24.76 -2.33 -67.02
C ASP L 480 24.72 -2.61 -65.53
N ASN L 481 25.11 -3.83 -65.15
CA ASN L 481 25.03 -4.28 -63.77
C ASN L 481 26.18 -3.72 -62.95
N GLU L 482 25.86 -3.29 -61.72
CA GLU L 482 26.77 -2.55 -60.84
C GLU L 482 27.41 -1.36 -61.55
N HIS L 483 26.56 -0.44 -61.99
CA HIS L 483 27.01 0.86 -62.43
C HIS L 483 26.16 1.91 -61.72
N MET L 484 24.97 1.53 -61.28
CA MET L 484 24.06 2.44 -60.61
C MET L 484 23.65 1.91 -59.24
N TYR L 485 23.50 2.85 -58.32
CA TYR L 485 23.18 2.59 -56.92
C TYR L 485 22.23 3.67 -56.46
N LEU L 486 21.03 3.26 -56.05
CA LEU L 486 20.03 4.22 -55.62
C LEU L 486 20.39 4.79 -54.26
N ASP L 487 20.37 6.10 -54.14
CA ASP L 487 20.55 6.73 -52.85
C ASP L 487 19.24 6.68 -52.07
N PRO L 488 19.22 6.04 -50.90
CA PRO L 488 17.95 5.86 -50.17
C PRO L 488 17.30 7.16 -49.70
N ILE L 489 18.06 8.24 -49.51
CA ILE L 489 17.48 9.43 -48.91
C ILE L 489 16.91 10.41 -49.92
N LYS L 490 17.08 10.17 -51.22
CA LYS L 490 16.45 11.00 -52.23
C LYS L 490 15.23 10.25 -52.76
N VAL L 491 14.14 10.34 -52.00
CA VAL L 491 12.94 9.57 -52.29
C VAL L 491 12.20 10.25 -53.44
N THR L 492 11.96 9.50 -54.51
CA THR L 492 11.24 9.99 -55.67
C THR L 492 9.87 9.31 -55.70
N LEU L 493 8.85 10.03 -55.23
CA LEU L 493 7.50 9.51 -55.33
C LEU L 493 7.05 9.50 -56.79
N LEU L 494 6.01 8.71 -57.05
CA LEU L 494 5.42 8.64 -58.37
C LEU L 494 3.93 8.81 -58.23
N THR L 495 3.32 9.33 -59.28
CA THR L 495 1.89 9.53 -59.34
C THR L 495 1.30 8.64 -60.43
N PRO L 496 0.00 8.35 -60.37
CA PRO L 496 -0.61 7.55 -61.45
C PRO L 496 -0.56 8.25 -62.79
N GLY L 497 -0.53 7.44 -63.84
CA GLY L 497 -0.47 7.96 -65.19
C GLY L 497 0.46 7.15 -66.08
N MET L 498 1.42 6.47 -65.48
CA MET L 498 2.42 5.68 -66.19
C MET L 498 2.22 4.21 -65.91
N GLU L 499 2.29 3.39 -66.95
CA GLU L 499 2.37 1.96 -66.75
C GLU L 499 3.81 1.54 -66.51
N LYS L 500 4.01 0.26 -66.16
CA LYS L 500 5.35 -0.21 -65.81
C LYS L 500 6.25 -0.37 -67.03
N ASP L 501 5.68 -0.68 -68.19
CA ASP L 501 6.48 -0.87 -69.39
C ASP L 501 6.87 0.44 -70.06
N GLY L 502 6.30 1.57 -69.62
CA GLY L 502 6.64 2.87 -70.16
C GLY L 502 5.48 3.59 -70.83
N THR L 503 4.45 2.87 -71.25
CA THR L 503 3.31 3.51 -71.88
C THR L 503 2.47 4.24 -70.83
N MET L 504 1.61 5.13 -71.31
CA MET L 504 0.79 5.94 -70.42
C MET L 504 -0.53 5.23 -70.11
N SER L 505 -1.01 5.44 -68.90
CA SER L 505 -2.31 4.93 -68.49
C SER L 505 -3.39 5.91 -68.92
N ASP L 506 -4.62 5.67 -68.49
CA ASP L 506 -5.73 6.58 -68.74
C ASP L 506 -6.02 7.50 -67.58
N PHE L 507 -6.09 6.97 -66.37
CA PHE L 507 -6.28 7.77 -65.17
C PHE L 507 -4.93 8.20 -64.62
N GLY L 508 -4.76 9.49 -64.40
CA GLY L 508 -3.49 10.00 -63.93
C GLY L 508 -3.59 11.37 -63.32
N ILE L 509 -2.60 11.68 -62.48
CA ILE L 509 -2.46 13.00 -61.89
C ILE L 509 -1.03 13.44 -62.17
N PRO L 510 -0.80 14.49 -62.96
CA PRO L 510 0.57 15.02 -63.07
C PRO L 510 1.01 15.66 -61.77
N ALA L 511 2.31 15.58 -61.51
CA ALA L 511 2.88 15.90 -60.21
C ALA L 511 2.82 17.38 -59.85
N SER L 512 2.48 18.25 -60.81
CA SER L 512 2.34 19.67 -60.52
C SER L 512 1.19 19.93 -59.55
N ILE L 513 0.06 19.25 -59.72
CA ILE L 513 -1.07 19.40 -58.80
C ILE L 513 -0.71 18.93 -57.41
N VAL L 514 -0.03 17.78 -57.29
CA VAL L 514 0.38 17.29 -55.99
C VAL L 514 1.35 18.24 -55.32
N ALA L 515 2.32 18.77 -56.08
CA ALA L 515 3.28 19.72 -55.51
C ALA L 515 2.59 21.01 -55.07
N LYS L 516 1.65 21.51 -55.86
CA LYS L 516 0.92 22.72 -55.48
C LYS L 516 0.05 22.48 -54.26
N TYR L 517 -0.55 21.29 -54.15
CA TYR L 517 -1.33 20.99 -52.96
C TYR L 517 -0.45 20.94 -51.72
N LEU L 518 0.71 20.30 -51.84
CA LEU L 518 1.63 20.22 -50.70
C LEU L 518 2.12 21.59 -50.31
N ASP L 519 2.41 22.45 -51.30
CA ASP L 519 2.76 23.84 -51.02
C ASP L 519 1.62 24.59 -50.34
N GLU L 520 0.37 24.27 -50.69
CA GLU L 520 -0.76 24.89 -50.01
C GLU L 520 -0.80 24.47 -48.55
N HIS L 521 -0.52 23.21 -48.27
CA HIS L 521 -0.56 22.72 -46.90
C HIS L 521 0.77 22.85 -46.17
N GLY L 522 1.69 23.64 -46.71
CA GLY L 522 2.85 24.04 -45.93
C GLY L 522 3.98 23.04 -45.89
N ILE L 523 4.16 22.24 -46.94
CA ILE L 523 5.35 21.42 -47.11
C ILE L 523 5.85 21.59 -48.55
N VAL L 524 7.15 21.68 -48.70
CA VAL L 524 7.74 22.10 -49.97
C VAL L 524 8.43 20.91 -50.62
N VAL L 525 8.15 20.69 -51.90
CA VAL L 525 8.79 19.67 -52.71
C VAL L 525 10.00 20.31 -53.38
N GLU L 526 11.08 19.53 -53.54
CA GLU L 526 12.30 20.03 -54.15
C GLU L 526 12.08 20.48 -55.59
N LYS L 527 11.80 19.54 -56.50
CA LYS L 527 11.40 19.85 -57.87
C LYS L 527 10.66 18.65 -58.44
N THR L 528 9.68 18.90 -59.31
CA THR L 528 8.83 17.88 -59.87
C THR L 528 8.99 17.83 -61.38
N GLY L 529 8.83 16.63 -61.94
CA GLY L 529 8.72 16.47 -63.37
C GLY L 529 7.28 16.31 -63.77
N PRO L 530 7.03 15.48 -64.77
CA PRO L 530 5.64 15.25 -65.19
C PRO L 530 4.86 14.42 -64.19
N TYR L 531 5.45 13.34 -63.68
CA TYR L 531 4.74 12.43 -62.79
C TYR L 531 5.64 11.95 -61.65
N ASN L 532 6.61 12.76 -61.24
CA ASN L 532 7.44 12.38 -60.11
C ASN L 532 7.67 13.57 -59.19
N LEU L 533 7.84 13.28 -57.91
CA LEU L 533 8.28 14.26 -56.93
C LEU L 533 9.68 13.90 -56.47
N LEU L 534 10.22 14.70 -55.55
CA LEU L 534 11.52 14.41 -54.99
C LEU L 534 11.57 14.97 -53.58
N PHE L 535 12.03 14.19 -52.62
CA PHE L 535 12.09 14.67 -51.24
C PHE L 535 13.47 14.37 -50.68
N LEU L 536 14.20 15.41 -50.33
CA LEU L 536 15.53 15.28 -49.76
C LEU L 536 15.38 14.90 -48.30
N PHE L 537 15.71 13.65 -47.96
CA PHE L 537 15.70 13.21 -46.56
C PHE L 537 17.10 13.42 -45.99
N SER L 538 17.44 14.68 -45.79
CA SER L 538 18.76 15.04 -45.28
C SER L 538 18.81 14.78 -43.77
N ILE L 539 19.87 15.27 -43.12
CA ILE L 539 20.00 15.11 -41.68
C ILE L 539 18.99 15.94 -40.89
N GLY L 540 18.36 16.92 -41.53
CA GLY L 540 17.36 17.71 -40.83
C GLY L 540 16.03 17.02 -40.66
N ILE L 541 15.73 16.01 -41.46
CA ILE L 541 14.41 15.40 -41.47
C ILE L 541 14.27 14.49 -40.26
N ASP L 542 13.28 14.75 -39.43
CA ASP L 542 12.86 13.85 -38.35
C ASP L 542 11.48 13.29 -38.69
N LYS L 543 10.96 12.45 -37.79
CA LYS L 543 9.72 11.77 -38.07
C LYS L 543 8.50 12.69 -38.05
N THR L 544 8.61 13.87 -37.44
CA THR L 544 7.53 14.84 -37.50
C THR L 544 7.27 15.28 -38.94
N LYS L 545 8.32 15.69 -39.63
CA LYS L 545 8.19 16.12 -41.03
C LYS L 545 7.78 14.96 -41.93
N ALA L 546 8.35 13.77 -41.71
CA ALA L 546 8.00 12.61 -42.53
C ALA L 546 6.54 12.23 -42.38
N LEU L 547 6.03 12.23 -41.15
CA LEU L 547 4.62 11.92 -40.94
C LEU L 547 3.70 12.99 -41.48
N SER L 548 4.10 14.27 -41.35
CA SER L 548 3.29 15.34 -41.94
C SER L 548 3.24 15.23 -43.45
N LEU L 549 4.35 14.85 -44.08
CA LEU L 549 4.34 14.64 -45.53
C LEU L 549 3.46 13.48 -45.93
N LEU L 550 3.56 12.36 -45.23
CA LEU L 550 2.77 11.19 -45.57
C LEU L 550 1.29 11.49 -45.43
N ARG L 551 1.00 12.35 -44.46
CA ARG L 551 -0.37 12.77 -44.07
C ARG L 551 -0.87 14.02 -44.80
N ALA L 552 -0.04 14.64 -45.65
CA ALA L 552 -0.46 15.55 -46.70
C ALA L 552 -0.75 14.78 -47.98
N LEU L 553 0.02 13.73 -48.24
CA LEU L 553 -0.27 12.82 -49.35
C LEU L 553 -1.62 12.14 -49.17
N THR L 554 -1.91 11.64 -47.97
CA THR L 554 -3.18 10.98 -47.71
C THR L 554 -4.37 11.92 -47.79
N ASP L 555 -4.22 13.14 -47.25
CA ASP L 555 -5.31 14.12 -47.35
C ASP L 555 -5.54 14.55 -48.79
N PHE L 556 -4.48 14.61 -49.60
CA PHE L 556 -4.68 14.83 -51.03
C PHE L 556 -5.46 13.69 -51.65
N LYS L 557 -5.15 12.44 -51.27
CA LYS L 557 -5.89 11.31 -51.82
C LYS L 557 -7.37 11.40 -51.45
N ARG L 558 -7.66 11.74 -50.20
CA ARG L 558 -9.04 11.85 -49.76
C ARG L 558 -9.77 13.01 -50.46
N ALA L 559 -9.08 14.14 -50.63
CA ALA L 559 -9.69 15.28 -51.30
C ALA L 559 -9.84 15.07 -52.79
N PHE L 560 -9.01 14.22 -53.40
CA PHE L 560 -9.16 13.92 -54.82
C PHE L 560 -10.24 12.88 -55.07
N ASP L 561 -10.37 11.88 -54.20
CA ASP L 561 -11.48 10.95 -54.32
C ASP L 561 -12.81 11.63 -54.05
N LEU L 562 -12.86 12.54 -53.07
CA LEU L 562 -14.06 13.32 -52.83
C LEU L 562 -14.30 14.35 -53.92
N ASN L 563 -13.27 14.69 -54.69
CA ASN L 563 -13.32 15.62 -55.82
C ASN L 563 -13.81 17.00 -55.39
N LEU L 564 -13.02 17.62 -54.51
CA LEU L 564 -13.29 18.98 -54.08
C LEU L 564 -12.98 19.96 -55.20
N ARG L 565 -13.58 21.14 -55.11
CA ARG L 565 -13.36 22.17 -56.12
C ARG L 565 -11.98 22.78 -55.97
N VAL L 566 -11.51 23.40 -57.05
CA VAL L 566 -10.21 24.06 -57.05
C VAL L 566 -10.21 25.25 -56.10
N LYS L 567 -11.35 25.95 -55.99
CA LYS L 567 -11.44 27.13 -55.14
C LYS L 567 -11.21 26.79 -53.67
N ASN L 568 -11.82 25.70 -53.18
CA ASN L 568 -11.66 25.35 -51.79
C ASN L 568 -10.31 24.71 -51.50
N MET L 569 -9.82 23.84 -52.39
CA MET L 569 -8.65 23.05 -52.05
C MET L 569 -7.35 23.78 -52.42
N LEU L 570 -7.34 24.50 -53.54
CA LEU L 570 -6.14 25.19 -54.02
C LEU L 570 -6.46 26.67 -54.20
N PRO L 571 -6.57 27.44 -53.12
CA PRO L 571 -6.79 28.88 -53.27
C PRO L 571 -5.61 29.61 -53.88
N SER L 572 -4.37 29.14 -53.66
CA SER L 572 -3.21 29.77 -54.28
C SER L 572 -3.20 29.59 -55.79
N LEU L 573 -3.71 28.46 -56.27
CA LEU L 573 -3.89 28.28 -57.71
C LEU L 573 -5.19 28.91 -58.20
N TYR L 574 -6.19 29.04 -57.32
CA TYR L 574 -7.41 29.75 -57.65
C TYR L 574 -7.14 31.22 -57.93
N ARG L 575 -6.26 31.84 -57.18
CA ARG L 575 -5.93 33.25 -57.34
C ARG L 575 -5.12 33.54 -58.60
N GLU L 576 -4.63 32.50 -59.30
CA GLU L 576 -3.93 32.73 -60.56
C GLU L 576 -4.86 33.31 -61.61
N ASP L 577 -6.06 32.76 -61.74
CA ASP L 577 -7.11 33.36 -62.58
C ASP L 577 -8.45 32.87 -62.05
N PRO L 578 -9.09 33.63 -61.16
CA PRO L 578 -10.36 33.17 -60.56
C PRO L 578 -11.48 32.95 -61.56
N GLU L 579 -11.45 33.62 -62.72
CA GLU L 579 -12.49 33.43 -63.72
C GLU L 579 -12.43 32.03 -64.32
N PHE L 580 -11.24 31.46 -64.45
CA PHE L 580 -11.08 30.16 -65.10
C PHE L 580 -11.33 29.01 -64.14
N TYR L 581 -10.79 29.08 -62.92
CA TYR L 581 -10.91 28.01 -61.94
C TYR L 581 -12.13 28.16 -61.04
N GLU L 582 -13.18 28.83 -61.51
CA GLU L 582 -14.34 29.10 -60.66
C GLU L 582 -15.18 27.84 -60.44
N ASN L 583 -15.56 27.19 -61.53
CA ASN L 583 -16.46 26.04 -61.49
C ASN L 583 -15.79 24.77 -62.01
N MET L 584 -14.55 24.55 -61.62
CA MET L 584 -13.79 23.38 -62.05
C MET L 584 -13.44 22.50 -60.87
N ARG L 585 -13.70 21.20 -61.01
CA ARG L 585 -13.32 20.23 -60.00
C ARG L 585 -11.89 19.77 -60.22
N ILE L 586 -11.30 19.17 -59.19
CA ILE L 586 -9.91 18.76 -59.28
C ILE L 586 -9.75 17.54 -60.20
N GLN L 587 -10.72 16.62 -60.21
CA GLN L 587 -10.63 15.48 -61.11
C GLN L 587 -10.69 15.90 -62.57
N GLU L 588 -11.53 16.89 -62.89
CA GLU L 588 -11.57 17.41 -64.26
C GLU L 588 -10.26 18.06 -64.65
N LEU L 589 -9.66 18.83 -63.74
CA LEU L 589 -8.39 19.50 -64.03
C LEU L 589 -7.26 18.49 -64.23
N ALA L 590 -7.18 17.50 -63.34
CA ALA L 590 -6.15 16.47 -63.47
C ALA L 590 -6.35 15.65 -64.74
N GLN L 591 -7.59 15.30 -65.05
CA GLN L 591 -7.89 14.56 -66.28
C GLN L 591 -7.55 15.38 -67.51
N ASN L 592 -7.81 16.68 -67.47
CA ASN L 592 -7.53 17.53 -68.62
C ASN L 592 -6.03 17.67 -68.87
N ILE L 593 -5.25 17.90 -67.82
CA ILE L 593 -3.81 18.02 -68.03
C ILE L 593 -3.21 16.66 -68.42
N HIS L 594 -3.73 15.58 -67.84
CA HIS L 594 -3.27 14.25 -68.25
C HIS L 594 -3.61 13.94 -69.70
N LYS L 595 -4.79 14.36 -70.17
CA LYS L 595 -5.15 14.16 -71.56
C LYS L 595 -4.32 15.05 -72.48
N LEU L 596 -3.95 16.24 -72.03
CA LEU L 596 -3.04 17.07 -72.80
C LEU L 596 -1.66 16.43 -72.92
N ILE L 597 -1.21 15.74 -71.88
CA ILE L 597 0.05 15.02 -71.96
C ILE L 597 -0.08 13.79 -72.87
N VAL L 598 -1.17 13.04 -72.73
CA VAL L 598 -1.37 11.82 -73.53
C VAL L 598 -1.54 12.09 -75.01
N HIS L 599 -2.43 13.02 -75.39
CA HIS L 599 -2.72 13.26 -76.80
C HIS L 599 -1.52 13.83 -77.53
N HIS L 600 -0.74 14.67 -76.85
CA HIS L 600 0.48 15.21 -77.43
C HIS L 600 1.67 14.27 -77.28
N ASN L 601 1.51 13.16 -76.55
CA ASN L 601 2.51 12.11 -76.39
C ASN L 601 3.82 12.67 -75.82
N LEU L 602 3.72 13.17 -74.58
CA LEU L 602 4.87 13.81 -73.95
C LEU L 602 6.06 12.88 -73.70
N PRO L 603 5.91 11.69 -73.07
CA PRO L 603 7.12 10.92 -72.73
C PRO L 603 7.86 10.37 -73.92
N ASP L 604 7.18 9.99 -74.99
CA ASP L 604 7.89 9.50 -76.16
C ASP L 604 8.71 10.61 -76.82
N LEU L 605 8.14 11.81 -76.92
CA LEU L 605 8.89 12.94 -77.44
C LEU L 605 10.04 13.33 -76.52
N MET L 606 9.82 13.31 -75.20
CA MET L 606 10.87 13.64 -74.25
C MET L 606 11.99 12.62 -74.28
N TYR L 607 11.68 11.37 -74.61
CA TYR L 607 12.72 10.37 -74.78
C TYR L 607 13.48 10.57 -76.08
N ARG L 608 12.77 10.60 -77.21
CA ARG L 608 13.41 10.68 -78.51
C ARG L 608 14.11 12.01 -78.77
N ALA L 609 13.77 13.06 -78.02
CA ALA L 609 14.51 14.31 -78.15
C ALA L 609 15.88 14.26 -77.48
N PHE L 610 16.01 13.52 -76.38
CA PHE L 610 17.28 13.43 -75.69
C PHE L 610 18.11 12.23 -76.13
N GLU L 611 17.57 11.34 -76.95
CA GLU L 611 18.40 10.30 -77.55
C GLU L 611 19.14 10.75 -78.79
N VAL L 612 18.93 11.98 -79.25
CA VAL L 612 19.62 12.54 -80.39
C VAL L 612 20.34 13.81 -79.98
N LEU L 613 21.64 13.86 -80.27
CA LEU L 613 22.50 14.99 -79.93
C LEU L 613 22.48 16.03 -81.02
N PRO L 614 22.27 17.31 -80.69
CA PRO L 614 22.37 18.37 -81.69
C PRO L 614 23.78 18.52 -82.23
N THR L 615 23.85 18.97 -83.49
CA THR L 615 25.13 19.06 -84.19
C THR L 615 25.92 20.26 -83.69
N MET L 616 27.15 20.00 -83.23
CA MET L 616 28.03 21.06 -82.73
C MET L 616 28.69 21.75 -83.91
N VAL L 617 28.18 22.94 -84.26
CA VAL L 617 28.84 23.74 -85.29
C VAL L 617 30.10 24.39 -84.74
N MET L 618 30.01 25.00 -83.55
CA MET L 618 31.14 25.68 -82.94
C MET L 618 31.08 25.47 -81.43
N THR L 619 32.24 25.67 -80.81
CA THR L 619 32.36 25.53 -79.37
C THR L 619 31.53 26.62 -78.66
N PRO L 620 31.00 26.33 -77.47
CA PRO L 620 30.21 27.34 -76.74
C PRO L 620 30.98 28.59 -76.39
N TYR L 621 32.30 28.52 -76.28
CA TYR L 621 33.10 29.73 -76.12
C TYR L 621 32.96 30.64 -77.34
N ALA L 622 33.01 30.06 -78.53
CA ALA L 622 32.81 30.85 -79.75
C ALA L 622 31.37 31.36 -79.85
N ALA L 623 30.40 30.59 -79.35
CA ALA L 623 29.03 31.06 -79.32
C ALA L 623 28.87 32.27 -78.41
N PHE L 624 29.51 32.24 -77.24
CA PHE L 624 29.49 33.40 -76.35
C PHE L 624 30.23 34.58 -76.96
N GLN L 625 31.32 34.31 -77.68
CA GLN L 625 32.05 35.40 -78.36
C GLN L 625 31.20 36.07 -79.42
N LYS L 626 30.48 35.29 -80.22
CA LYS L 626 29.58 35.86 -81.21
C LYS L 626 28.37 36.51 -80.57
N GLU L 627 27.97 36.05 -79.37
CA GLU L 627 26.85 36.67 -78.68
C GLU L 627 27.22 38.04 -78.13
N LEU L 628 28.46 38.17 -77.62
CA LEU L 628 28.92 39.46 -77.11
C LEU L 628 29.04 40.53 -78.18
N HIS L 629 29.32 40.15 -79.42
CA HIS L 629 29.49 41.10 -80.50
C HIS L 629 28.18 41.53 -81.13
N GLY L 630 27.05 41.16 -80.53
CA GLY L 630 25.76 41.58 -81.05
C GLY L 630 25.33 40.90 -82.30
N MET L 631 25.83 39.68 -82.56
CA MET L 631 25.49 38.92 -83.76
C MET L 631 24.32 37.98 -83.53
N THR L 632 23.41 38.33 -82.62
CA THR L 632 22.30 37.47 -82.25
C THR L 632 20.99 38.09 -82.68
N GLU L 633 20.12 37.28 -83.27
CA GLU L 633 18.77 37.68 -83.63
C GLU L 633 17.77 36.72 -83.01
N GLU L 634 16.56 37.20 -82.76
CA GLU L 634 15.52 36.42 -82.12
C GLU L 634 14.54 35.93 -83.19
N VAL L 635 14.82 34.75 -83.74
CA VAL L 635 13.93 34.13 -84.71
C VAL L 635 12.87 33.39 -83.90
N TYR L 636 11.71 33.13 -84.49
CA TYR L 636 10.69 32.39 -83.78
C TYR L 636 11.08 30.92 -83.66
N LEU L 637 10.31 30.19 -82.85
CA LEU L 637 10.70 28.83 -82.48
C LEU L 637 10.66 27.87 -83.65
N ASP L 638 9.66 28.00 -84.53
CA ASP L 638 9.46 27.05 -85.61
C ASP L 638 10.56 27.10 -86.67
N GLU L 639 11.19 28.25 -86.88
CA GLU L 639 12.17 28.44 -87.94
C GLU L 639 13.59 28.39 -87.39
N MET L 640 13.82 27.52 -86.41
CA MET L 640 15.11 27.45 -85.73
C MET L 640 16.02 26.36 -86.26
N VAL L 641 15.53 25.48 -87.14
CA VAL L 641 16.38 24.44 -87.70
C VAL L 641 17.37 25.06 -88.67
N GLY L 642 18.60 24.54 -88.65
CA GLY L 642 19.66 25.10 -89.46
C GLY L 642 20.29 26.35 -88.89
N ARG L 643 19.89 26.77 -87.69
CA ARG L 643 20.40 27.98 -87.07
C ARG L 643 21.23 27.62 -85.83
N ILE L 644 22.31 28.36 -85.63
CA ILE L 644 23.21 28.12 -84.52
C ILE L 644 22.66 28.83 -83.29
N ASN L 645 22.47 28.08 -82.21
CA ASN L 645 21.90 28.65 -80.98
C ASN L 645 22.96 29.41 -80.19
N ALA L 646 22.55 30.55 -79.65
CA ALA L 646 23.45 31.40 -78.89
C ALA L 646 23.27 31.26 -77.39
N ASN L 647 22.06 31.06 -76.92
CA ASN L 647 21.79 30.85 -75.50
C ASN L 647 21.27 29.45 -75.28
N MET L 648 21.60 28.91 -74.10
CA MET L 648 21.21 27.54 -73.74
C MET L 648 19.70 27.43 -73.62
N ILE L 649 19.15 26.33 -74.12
CA ILE L 649 17.73 26.02 -73.95
C ILE L 649 17.61 24.95 -72.87
N LEU L 650 16.95 25.30 -71.77
CA LEU L 650 16.81 24.42 -70.61
C LEU L 650 15.33 24.22 -70.32
N PRO L 651 14.70 23.18 -70.86
CA PRO L 651 13.27 23.00 -70.66
C PRO L 651 12.93 22.23 -69.39
N TYR L 652 11.88 22.69 -68.71
CA TYR L 652 11.29 21.96 -67.59
C TYR L 652 9.93 21.44 -68.04
N PRO L 653 9.70 20.13 -68.15
CA PRO L 653 10.54 18.94 -67.92
C PRO L 653 11.68 18.80 -68.92
N PRO L 654 12.77 18.11 -68.53
CA PRO L 654 13.02 17.52 -67.22
C PRO L 654 13.90 18.35 -66.29
N GLY L 655 14.79 19.17 -66.84
CA GLY L 655 15.72 19.92 -66.03
C GLY L 655 17.17 19.68 -66.39
N VAL L 656 17.42 19.26 -67.62
CA VAL L 656 18.77 18.98 -68.09
C VAL L 656 18.97 19.76 -69.39
N PRO L 657 20.17 20.34 -69.62
CA PRO L 657 20.40 21.11 -70.86
C PRO L 657 20.19 20.32 -72.14
N LEU L 658 19.21 20.78 -72.93
CA LEU L 658 18.81 20.11 -74.15
C LEU L 658 19.62 20.60 -75.35
N VAL L 659 19.56 21.90 -75.63
CA VAL L 659 20.39 22.52 -76.67
C VAL L 659 21.43 23.39 -75.99
N MET L 660 22.69 23.15 -76.32
CA MET L 660 23.80 23.91 -75.78
C MET L 660 24.01 25.16 -76.62
N PRO L 661 24.66 26.19 -76.06
CA PRO L 661 25.06 27.34 -76.89
C PRO L 661 26.09 26.93 -77.92
N GLY L 662 25.79 27.20 -79.19
CA GLY L 662 26.68 26.87 -80.28
C GLY L 662 26.36 25.60 -81.04
N GLU L 663 25.19 25.02 -80.82
CA GLU L 663 24.80 23.78 -81.48
C GLU L 663 23.58 24.01 -82.36
N MET L 664 23.52 23.27 -83.46
CA MET L 664 22.49 23.41 -84.49
C MET L 664 21.51 22.26 -84.41
N ILE L 665 20.22 22.56 -84.53
CA ILE L 665 19.21 21.53 -84.69
C ILE L 665 19.08 21.21 -86.17
N THR L 666 19.51 20.02 -86.55
CA THR L 666 19.47 19.59 -87.94
C THR L 666 18.21 18.77 -88.19
N GLU L 667 18.08 18.24 -89.41
CA GLU L 667 16.94 17.39 -89.72
C GLU L 667 17.00 16.06 -88.99
N GLU L 668 18.20 15.60 -88.62
CA GLU L 668 18.34 14.40 -87.80
C GLU L 668 17.88 14.62 -86.37
N SER L 669 17.78 15.88 -85.92
CA SER L 669 17.37 16.20 -84.57
C SER L 669 16.05 16.97 -84.54
N ARG L 670 15.20 16.75 -85.54
CA ARG L 670 13.86 17.33 -85.55
C ARG L 670 12.99 17.00 -84.33
N PRO L 671 13.02 15.80 -83.73
CA PRO L 671 12.23 15.59 -82.50
C PRO L 671 12.57 16.53 -81.35
N VAL L 672 13.76 17.13 -81.32
CA VAL L 672 14.04 18.21 -80.38
C VAL L 672 13.09 19.38 -80.62
N LEU L 673 12.97 19.81 -81.87
CA LEU L 673 12.05 20.90 -82.21
C LEU L 673 10.60 20.50 -81.96
N GLU L 674 10.25 19.24 -82.26
CA GLU L 674 8.90 18.78 -81.98
C GLU L 674 8.59 18.78 -80.49
N PHE L 675 9.56 18.39 -79.65
CA PHE L 675 9.36 18.42 -78.21
C PHE L 675 9.21 19.84 -77.69
N LEU L 676 10.02 20.77 -78.20
CA LEU L 676 9.93 22.16 -77.78
C LEU L 676 8.59 22.77 -78.18
N GLN L 677 8.16 22.54 -79.41
CA GLN L 677 6.88 23.04 -79.88
C GLN L 677 5.72 22.42 -79.12
N MET L 678 5.81 21.12 -78.82
CA MET L 678 4.78 20.45 -78.03
C MET L 678 4.69 21.04 -76.63
N LEU L 679 5.84 21.29 -76.00
CA LEU L 679 5.84 21.87 -74.66
C LEU L 679 5.25 23.28 -74.67
N CYS L 680 5.58 24.08 -75.67
CA CYS L 680 4.97 25.40 -75.80
C CYS L 680 3.48 25.31 -76.08
N GLU L 681 3.04 24.31 -76.84
CA GLU L 681 1.62 24.14 -77.15
C GLU L 681 0.83 23.71 -75.93
N ILE L 682 1.38 22.83 -75.10
CA ILE L 682 0.62 22.37 -73.94
C ILE L 682 0.69 23.35 -72.78
N GLY L 683 1.70 24.20 -72.73
CA GLY L 683 1.79 25.13 -71.62
C GLY L 683 0.92 26.36 -71.74
N ALA L 684 0.28 26.56 -72.89
CA ALA L 684 -0.54 27.74 -73.14
C ALA L 684 -2.03 27.44 -73.06
N HIS L 685 -2.44 26.52 -72.20
CA HIS L 685 -3.85 26.19 -72.02
C HIS L 685 -4.35 26.49 -70.61
N TYR L 686 -3.66 26.00 -69.59
CA TYR L 686 -4.15 26.08 -68.23
C TYR L 686 -3.26 26.99 -67.39
N PRO L 687 -3.82 28.05 -66.80
CA PRO L 687 -3.00 28.98 -66.03
C PRO L 687 -2.46 28.36 -64.75
N GLY L 688 -1.32 28.88 -64.33
CA GLY L 688 -0.60 28.35 -63.18
C GLY L 688 0.31 27.19 -63.50
N PHE L 689 0.18 26.60 -64.68
CA PHE L 689 1.03 25.51 -65.11
C PHE L 689 1.84 25.96 -66.32
N GLU L 690 2.37 27.18 -66.23
CA GLU L 690 2.98 27.86 -67.36
C GLU L 690 4.27 27.16 -67.78
N THR L 691 4.67 27.41 -69.03
CA THR L 691 5.85 26.78 -69.62
C THR L 691 7.10 27.34 -68.96
N ASP L 692 7.98 26.45 -68.52
CA ASP L 692 9.24 26.83 -67.87
C ASP L 692 10.37 26.34 -68.75
N ILE L 693 10.79 27.18 -69.69
CA ILE L 693 11.94 26.92 -70.54
C ILE L 693 12.91 28.06 -70.35
N HIS L 694 14.12 27.74 -69.90
CA HIS L 694 15.16 28.75 -69.75
C HIS L 694 15.91 28.88 -71.08
N GLY L 695 15.71 30.01 -71.76
CA GLY L 695 16.31 30.22 -73.06
C GLY L 695 15.30 30.68 -74.08
N ALA L 696 14.09 30.14 -74.01
CA ALA L 696 13.01 30.55 -74.88
C ALA L 696 12.20 31.66 -74.21
N TYR L 697 11.96 32.73 -74.96
CA TYR L 697 11.37 33.94 -74.41
C TYR L 697 9.93 34.07 -74.92
N ARG L 698 9.01 34.26 -73.98
CA ARG L 698 7.59 34.31 -74.31
C ARG L 698 7.24 35.63 -74.98
N GLN L 699 6.48 35.55 -76.07
CA GLN L 699 5.95 36.73 -76.72
C GLN L 699 4.46 36.89 -76.39
N ALA L 700 3.89 38.00 -76.85
CA ALA L 700 2.49 38.29 -76.53
C ALA L 700 1.53 37.41 -77.32
N ASP L 701 1.86 37.06 -78.56
CA ASP L 701 0.95 36.28 -79.38
C ASP L 701 0.87 34.82 -78.97
N GLY L 702 1.87 34.32 -78.24
CA GLY L 702 1.88 32.94 -77.80
C GLY L 702 2.92 32.05 -78.46
N ARG L 703 3.80 32.59 -79.29
CA ARG L 703 4.86 31.83 -79.93
C ARG L 703 6.21 32.32 -79.41
N TYR L 704 7.06 31.39 -79.00
CA TYR L 704 8.28 31.71 -78.28
C TYR L 704 9.42 31.99 -79.27
N THR L 705 10.45 32.67 -78.77
CA THR L 705 11.61 33.04 -79.55
C THR L 705 12.88 32.54 -78.87
N VAL L 706 13.88 32.19 -79.68
CA VAL L 706 15.17 31.72 -79.20
C VAL L 706 16.26 32.54 -79.88
N LYS L 707 17.21 33.05 -79.10
CA LYS L 707 18.30 33.85 -79.64
C LYS L 707 19.26 32.95 -80.42
N VAL L 708 19.27 33.11 -81.73
CA VAL L 708 20.18 32.37 -82.59
C VAL L 708 21.19 33.35 -83.18
N LEU L 709 22.21 32.81 -83.83
CA LEU L 709 23.27 33.63 -84.41
C LEU L 709 22.89 34.08 -85.81
N LYS L 710 23.41 35.25 -86.20
CA LYS L 710 23.17 35.79 -87.52
C LYS L 710 23.96 35.01 -88.57
N GLU L 711 23.53 35.12 -89.81
CA GLU L 711 24.17 34.40 -90.92
C GLU L 711 25.11 35.32 -91.69
N MET M 1 -13.44 28.24 -29.45
CA MET M 1 -12.32 27.33 -29.64
C MET M 1 -11.05 27.84 -28.98
N ASN M 2 -10.92 27.60 -27.68
CA ASN M 2 -9.68 27.88 -26.98
C ASN M 2 -9.36 26.82 -25.93
N VAL M 3 -10.01 25.67 -26.05
CA VAL M 3 -9.82 24.62 -25.02
C VAL M 3 -9.04 23.50 -25.67
N ILE M 4 -7.85 23.19 -25.18
CA ILE M 4 -6.95 22.17 -25.80
C ILE M 4 -6.60 21.18 -24.71
N ALA M 5 -6.93 19.92 -24.86
CA ALA M 5 -6.89 19.00 -23.72
C ALA M 5 -5.67 18.10 -23.80
N ILE M 6 -4.89 18.09 -22.73
CA ILE M 6 -3.64 17.29 -22.70
C ILE M 6 -3.99 16.05 -21.89
N LEU M 7 -3.58 14.86 -22.37
CA LEU M 7 -3.78 13.62 -21.57
C LEU M 7 -2.72 13.51 -20.46
N ASN M 8 -2.77 12.41 -19.70
CA ASN M 8 -2.07 12.27 -18.39
C ASN M 8 -0.57 12.37 -18.27
N HIS M 9 -0.11 12.44 -17.03
CA HIS M 9 1.34 12.54 -16.72
C HIS M 9 1.95 11.15 -16.73
N MET M 10 2.81 10.87 -17.71
CA MET M 10 3.42 9.53 -17.82
C MET M 10 4.25 9.26 -16.59
N GLY M 11 5.06 10.21 -16.16
CA GLY M 11 5.97 9.99 -15.02
C GLY M 11 7.41 10.33 -15.35
N VAL M 12 7.88 10.02 -16.56
CA VAL M 12 9.25 10.37 -16.86
C VAL M 12 9.33 11.81 -17.34
N TYR M 13 10.51 12.40 -17.20
CA TYR M 13 10.71 13.84 -17.33
C TYR M 13 10.79 14.32 -18.77
N PHE M 14 11.40 13.54 -19.66
CA PHE M 14 11.70 14.03 -21.01
C PHE M 14 10.45 14.23 -21.84
N LYS M 15 9.33 13.60 -21.47
CA LYS M 15 8.05 13.84 -22.11
C LYS M 15 7.06 14.51 -21.17
N GLU M 16 7.54 15.18 -20.14
CA GLU M 16 6.70 16.00 -19.28
C GLU M 16 7.13 17.46 -19.26
N GLU M 17 8.42 17.74 -19.15
CA GLU M 17 8.89 19.11 -19.21
C GLU M 17 8.62 19.77 -20.57
N PRO M 18 8.80 19.11 -21.72
CA PRO M 18 8.27 19.70 -22.95
C PRO M 18 6.76 19.89 -22.92
N ILE M 19 6.02 19.01 -22.25
CA ILE M 19 4.58 19.20 -22.15
C ILE M 19 4.25 20.41 -21.26
N ARG M 20 5.01 20.62 -20.19
CA ARG M 20 4.79 21.81 -19.37
C ARG M 20 5.18 23.09 -20.10
N GLU M 21 6.26 23.04 -20.89
CA GLU M 21 6.62 24.21 -21.70
C GLU M 21 5.55 24.50 -22.76
N LEU M 22 4.98 23.46 -23.37
CA LEU M 22 3.89 23.65 -24.31
C LEU M 22 2.63 24.17 -23.62
N HIS M 23 2.38 23.74 -22.39
CA HIS M 23 1.30 24.29 -21.57
C HIS M 23 1.49 25.79 -21.39
N ARG M 24 2.70 26.19 -20.98
CA ARG M 24 2.97 27.61 -20.75
C ARG M 24 2.86 28.41 -22.03
N ALA M 25 3.37 27.89 -23.14
CA ALA M 25 3.27 28.59 -24.41
C ALA M 25 1.83 28.70 -24.91
N LEU M 26 1.02 27.66 -24.72
CA LEU M 26 -0.37 27.73 -25.15
C LEU M 26 -1.19 28.67 -24.28
N GLU M 27 -0.91 28.73 -22.98
CA GLU M 27 -1.56 29.75 -22.16
C GLU M 27 -1.09 31.15 -22.54
N ARG M 28 0.15 31.28 -23.00
CA ARG M 28 0.62 32.55 -23.54
C ARG M 28 -0.11 32.89 -24.85
N LEU M 29 -0.53 31.88 -25.61
CA LEU M 29 -1.28 32.10 -26.83
C LEU M 29 -2.79 32.10 -26.61
N ASN M 30 -3.24 32.38 -25.38
CA ASN M 30 -4.65 32.55 -25.04
C ASN M 30 -5.48 31.29 -25.31
N PHE M 31 -4.96 30.14 -24.87
CA PHE M 31 -5.70 28.89 -24.91
C PHE M 31 -5.93 28.39 -23.49
N GLN M 32 -7.20 28.12 -23.16
CA GLN M 32 -7.51 27.43 -21.92
C GLN M 32 -7.08 25.98 -22.03
N ILE M 33 -6.48 25.46 -20.97
CA ILE M 33 -5.93 24.10 -20.96
C ILE M 33 -6.72 23.27 -19.96
N VAL M 34 -7.23 22.13 -20.41
CA VAL M 34 -7.91 21.20 -19.53
C VAL M 34 -7.07 19.94 -19.42
N TYR M 35 -7.26 19.23 -18.31
CA TYR M 35 -6.46 18.05 -17.98
C TYR M 35 -7.34 16.86 -17.65
N PRO M 36 -7.87 16.17 -18.66
CA PRO M 36 -8.55 14.90 -18.41
C PRO M 36 -7.59 13.86 -17.89
N ASN M 37 -8.06 13.05 -16.94
CA ASN M 37 -7.18 12.13 -16.25
C ASN M 37 -6.82 10.92 -17.10
N ASP M 38 -7.78 10.36 -17.84
CA ASP M 38 -7.51 9.17 -18.64
C ASP M 38 -8.40 9.19 -19.87
N ARG M 39 -8.50 8.05 -20.55
CA ARG M 39 -9.16 7.97 -21.85
C ARG M 39 -10.66 8.24 -21.76
N ASP M 40 -11.36 7.54 -20.87
CA ASP M 40 -12.81 7.72 -20.75
C ASP M 40 -13.14 9.13 -20.28
N ASP M 41 -12.25 9.74 -19.50
CA ASP M 41 -12.39 11.15 -19.15
C ASP M 41 -12.39 12.02 -20.40
N LEU M 42 -11.51 11.71 -21.37
CA LEU M 42 -11.48 12.48 -22.61
C LEU M 42 -12.75 12.26 -23.44
N LEU M 43 -13.23 11.01 -23.51
CA LEU M 43 -14.48 10.74 -24.24
C LEU M 43 -15.64 11.54 -23.68
N LYS M 44 -15.82 11.49 -22.35
CA LYS M 44 -16.89 12.25 -21.72
C LYS M 44 -16.69 13.76 -21.85
N LEU M 45 -15.45 14.23 -21.76
CA LEU M 45 -15.16 15.65 -21.92
C LEU M 45 -15.50 16.14 -23.32
N ILE M 46 -15.26 15.31 -24.33
CA ILE M 46 -15.59 15.74 -25.68
C ILE M 46 -17.10 15.68 -25.92
N GLU M 47 -17.81 14.69 -25.39
CA GLU M 47 -19.25 14.66 -25.68
C GLU M 47 -20.00 15.73 -24.91
N ASN M 48 -19.55 16.05 -23.69
CA ASN M 48 -20.28 17.04 -22.90
C ASN M 48 -19.99 18.47 -23.32
N ASN M 49 -18.99 18.70 -24.16
CA ASN M 49 -18.59 20.04 -24.53
C ASN M 49 -18.52 20.18 -26.04
N ALA M 50 -18.34 21.43 -26.48
CA ALA M 50 -18.09 21.71 -27.89
C ALA M 50 -16.99 22.74 -28.10
N ARG M 51 -16.61 23.49 -27.08
CA ARG M 51 -15.57 24.49 -27.21
C ARG M 51 -14.18 23.89 -27.30
N LEU M 52 -14.05 22.59 -27.06
CA LEU M 52 -12.75 21.94 -27.15
C LEU M 52 -12.30 21.88 -28.61
N CYS M 53 -11.07 22.32 -28.86
CA CYS M 53 -10.56 22.44 -30.23
C CYS M 53 -9.22 21.75 -30.40
N GLY M 54 -8.91 20.77 -29.57
CA GLY M 54 -7.63 20.12 -29.68
C GLY M 54 -7.36 19.16 -28.54
N VAL M 55 -6.81 18.00 -28.87
CA VAL M 55 -6.41 17.01 -27.88
C VAL M 55 -4.94 16.72 -28.09
N ILE M 56 -4.16 16.86 -27.04
CA ILE M 56 -2.76 16.48 -27.05
C ILE M 56 -2.62 15.22 -26.23
N PHE M 57 -2.06 14.18 -26.83
CA PHE M 57 -1.89 12.92 -26.13
C PHE M 57 -0.59 12.29 -26.60
N ASP M 58 -0.06 11.41 -25.76
CA ASP M 58 1.14 10.66 -26.09
C ASP M 58 0.75 9.45 -26.92
N TRP M 59 1.55 9.15 -27.93
CA TRP M 59 1.27 8.07 -28.86
C TRP M 59 1.73 6.72 -28.31
N ASP M 60 2.33 6.68 -27.12
CA ASP M 60 2.77 5.40 -26.58
C ASP M 60 1.70 4.76 -25.71
N LYS M 61 1.30 5.44 -24.63
CA LYS M 61 0.34 4.84 -23.70
C LYS M 61 -1.07 4.78 -24.26
N TYR M 62 -1.40 5.60 -25.25
CA TYR M 62 -2.72 5.60 -25.86
C TYR M 62 -2.56 5.32 -27.34
N ASN M 63 -3.25 4.29 -27.82
CA ASN M 63 -3.10 3.84 -29.19
C ASN M 63 -3.92 4.76 -30.11
N LEU M 64 -3.99 4.40 -31.38
CA LEU M 64 -4.66 5.22 -32.38
C LEU M 64 -6.15 4.92 -32.51
N GLU M 65 -6.66 3.98 -31.72
CA GLU M 65 -8.11 3.80 -31.66
C GLU M 65 -8.77 4.94 -30.89
N LEU M 66 -8.02 5.60 -30.01
CA LEU M 66 -8.41 6.91 -29.46
C LEU M 66 -7.99 8.02 -30.42
N CYS M 67 -8.29 7.79 -31.70
CA CYS M 67 -8.36 8.83 -32.70
C CYS M 67 -9.64 8.53 -33.46
N GLU M 68 -9.91 7.23 -33.60
CA GLU M 68 -11.08 6.77 -34.32
C GLU M 68 -12.35 7.00 -33.52
N GLU M 69 -12.30 6.81 -32.20
CA GLU M 69 -13.48 7.09 -31.38
C GLU M 69 -13.83 8.58 -31.41
N ILE M 70 -12.83 9.44 -31.32
CA ILE M 70 -13.06 10.88 -31.42
C ILE M 70 -13.53 11.25 -32.82
N SER M 71 -13.06 10.54 -33.84
CA SER M 71 -13.56 10.74 -35.20
C SER M 71 -15.04 10.40 -35.32
N LYS M 72 -15.47 9.31 -34.69
CA LYS M 72 -16.91 9.03 -34.61
C LYS M 72 -17.63 10.11 -33.82
N MET M 73 -16.95 10.76 -32.89
CA MET M 73 -17.58 11.86 -32.15
C MET M 73 -17.49 13.17 -32.91
N ASN M 74 -16.34 13.48 -33.50
CA ASN M 74 -16.17 14.68 -34.31
C ASN M 74 -15.08 14.43 -35.33
N GLU M 75 -15.43 14.53 -36.61
CA GLU M 75 -14.50 14.18 -37.67
C GLU M 75 -13.38 15.21 -37.83
N ASN M 76 -13.69 16.49 -37.67
CA ASN M 76 -12.75 17.56 -38.00
C ASN M 76 -11.91 18.00 -36.82
N LEU M 77 -12.05 17.38 -35.66
CA LEU M 77 -11.36 17.85 -34.47
C LEU M 77 -9.86 17.57 -34.59
N PRO M 78 -9.01 18.59 -34.48
CA PRO M 78 -7.56 18.35 -34.51
C PRO M 78 -7.11 17.70 -33.22
N LEU M 79 -6.26 16.69 -33.36
CA LEU M 79 -5.64 16.05 -32.21
C LEU M 79 -4.15 16.01 -32.47
N TYR M 80 -3.35 16.07 -31.42
CA TYR M 80 -1.90 16.22 -31.58
C TYR M 80 -1.17 15.07 -30.92
N ALA M 81 -0.90 14.01 -31.67
CA ALA M 81 -0.17 12.87 -31.14
C ALA M 81 1.31 13.21 -31.02
N PHE M 82 1.92 12.77 -29.92
CA PHE M 82 3.33 13.02 -29.65
C PHE M 82 4.09 11.71 -29.83
N ALA M 83 5.00 11.68 -30.78
CA ALA M 83 5.68 10.44 -31.17
C ALA M 83 6.99 10.30 -30.41
N ASN M 84 7.09 9.24 -29.60
CA ASN M 84 8.34 8.94 -28.90
C ASN M 84 8.92 7.58 -29.27
N THR M 85 8.16 6.51 -29.09
CA THR M 85 8.68 5.15 -29.19
C THR M 85 8.26 4.45 -30.47
N TYR M 86 6.98 4.52 -30.82
CA TYR M 86 6.55 4.09 -32.14
C TYR M 86 7.19 4.97 -33.19
N SER M 87 7.78 4.33 -34.18
CA SER M 87 8.59 4.99 -35.18
C SER M 87 7.69 5.56 -36.27
N THR M 88 8.27 5.89 -37.41
CA THR M 88 7.46 6.22 -38.58
C THR M 88 6.60 5.03 -38.98
N LEU M 89 7.14 3.81 -38.89
CA LEU M 89 6.59 2.58 -39.48
C LEU M 89 5.25 2.15 -38.89
N ASP M 90 4.83 2.67 -37.73
CA ASP M 90 3.70 2.11 -37.01
C ASP M 90 2.40 2.84 -37.29
N VAL M 91 2.18 3.28 -38.52
CA VAL M 91 1.00 4.08 -38.87
C VAL M 91 0.25 3.39 -40.00
N SER M 92 -1.05 3.20 -39.80
CA SER M 92 -1.93 2.63 -40.81
C SER M 92 -2.60 3.75 -41.62
N LEU M 93 -3.36 3.33 -42.65
CA LEU M 93 -4.08 4.30 -43.47
C LEU M 93 -5.18 5.01 -42.71
N ASN M 94 -5.93 4.28 -41.88
CA ASN M 94 -7.01 4.89 -41.11
C ASN M 94 -6.51 5.92 -40.12
N ASP M 95 -5.27 5.79 -39.66
CA ASP M 95 -4.66 6.86 -38.87
C ASP M 95 -4.41 8.09 -39.73
N LEU M 96 -3.87 7.89 -40.93
CA LEU M 96 -3.61 8.99 -41.86
C LEU M 96 -4.87 9.69 -42.36
N ARG M 97 -6.03 9.05 -42.29
CA ARG M 97 -7.24 9.71 -42.73
C ARG M 97 -7.88 10.54 -41.63
N LEU M 98 -7.25 10.58 -40.45
CA LEU M 98 -7.81 11.32 -39.34
C LEU M 98 -7.10 12.66 -39.16
N GLN M 99 -7.72 13.54 -38.40
CA GLN M 99 -7.13 14.85 -38.08
C GLN M 99 -6.19 14.72 -36.89
N ILE M 100 -4.98 14.23 -37.17
CA ILE M 100 -3.93 14.13 -36.17
C ILE M 100 -2.75 14.87 -36.79
N SER M 101 -2.00 15.62 -35.98
CA SER M 101 -0.71 16.13 -36.43
C SER M 101 0.36 15.67 -35.43
N PHE M 102 1.42 15.03 -35.95
CA PHE M 102 2.43 14.38 -35.10
C PHE M 102 3.49 15.38 -34.67
N PHE M 103 3.94 15.26 -33.43
CA PHE M 103 5.00 16.08 -32.87
C PHE M 103 6.01 15.21 -32.13
N GLU M 104 7.04 15.85 -31.58
CA GLU M 104 8.11 15.17 -30.87
C GLU M 104 8.36 15.85 -29.54
N TYR M 105 9.07 15.14 -28.67
CA TYR M 105 9.39 15.63 -27.33
C TYR M 105 10.79 16.23 -27.35
N ALA M 106 10.87 17.54 -27.53
CA ALA M 106 12.15 18.24 -27.53
C ALA M 106 12.10 19.42 -26.57
N LEU M 107 13.15 19.58 -25.77
CA LEU M 107 13.23 20.68 -24.84
C LEU M 107 13.53 21.98 -25.58
N GLY M 108 12.77 23.03 -25.24
CA GLY M 108 12.97 24.33 -25.82
C GLY M 108 12.31 24.55 -27.16
N ALA M 109 11.64 23.53 -27.71
CA ALA M 109 10.95 23.64 -28.99
C ALA M 109 9.45 23.85 -28.84
N ALA M 110 9.02 24.31 -27.66
CA ALA M 110 7.60 24.49 -27.41
C ALA M 110 7.01 25.68 -28.15
N GLU M 111 7.83 26.66 -28.54
CA GLU M 111 7.29 27.84 -29.22
C GLU M 111 6.79 27.48 -30.61
N ASP M 112 7.58 26.73 -31.39
CA ASP M 112 7.16 26.34 -32.72
C ASP M 112 5.99 25.37 -32.67
N ILE M 113 5.97 24.47 -31.68
CA ILE M 113 4.85 23.56 -31.52
C ILE M 113 3.58 24.33 -31.18
N ALA M 114 3.67 25.31 -30.30
CA ALA M 114 2.50 26.12 -29.96
C ALA M 114 2.02 26.95 -31.14
N ASN M 115 2.94 27.49 -31.94
CA ASN M 115 2.54 28.22 -33.14
C ASN M 115 1.85 27.30 -34.14
N LYS M 116 2.37 26.09 -34.32
CA LYS M 116 1.70 25.13 -35.20
C LYS M 116 0.34 24.72 -34.66
N ILE M 117 0.19 24.62 -33.34
CA ILE M 117 -1.10 24.29 -32.74
C ILE M 117 -2.09 25.43 -32.97
N LYS M 118 -1.65 26.68 -32.81
CA LYS M 118 -2.51 27.82 -33.08
C LYS M 118 -2.92 27.88 -34.54
N GLN M 119 -1.99 27.60 -35.45
CA GLN M 119 -2.32 27.57 -36.88
C GLN M 119 -3.29 26.44 -37.21
N THR M 120 -3.13 25.27 -36.58
CA THR M 120 -4.04 24.16 -36.81
C THR M 120 -5.44 24.47 -36.29
N THR M 121 -5.52 25.13 -35.13
CA THR M 121 -6.81 25.56 -34.60
C THR M 121 -7.47 26.59 -35.52
N ASP M 122 -6.69 27.52 -36.06
CA ASP M 122 -7.24 28.48 -37.02
C ASP M 122 -7.74 27.78 -38.27
N GLU M 123 -7.00 26.78 -38.77
CA GLU M 123 -7.46 26.00 -39.91
C GLU M 123 -8.75 25.25 -39.60
N TYR M 124 -8.86 24.71 -38.39
CA TYR M 124 -10.07 24.00 -37.97
C TYR M 124 -11.27 24.93 -37.93
N ILE M 125 -11.08 26.13 -37.38
CA ILE M 125 -12.16 27.12 -37.32
C ILE M 125 -12.56 27.55 -38.71
N ASN M 126 -11.59 27.82 -39.59
CA ASN M 126 -11.89 28.20 -40.96
C ASN M 126 -12.36 27.03 -41.81
N THR M 127 -12.26 25.80 -41.31
CA THR M 127 -12.78 24.64 -42.01
C THR M 127 -14.24 24.38 -41.66
N ILE M 128 -14.57 24.36 -40.37
CA ILE M 128 -15.95 24.04 -39.99
C ILE M 128 -16.92 25.19 -40.21
N LEU M 129 -16.43 26.41 -40.35
CA LEU M 129 -17.34 27.53 -40.51
C LEU M 129 -17.88 27.59 -41.94
N PRO M 130 -19.15 27.96 -42.11
CA PRO M 130 -19.67 28.20 -43.45
C PRO M 130 -19.08 29.48 -44.01
N PRO M 131 -19.04 29.63 -45.35
CA PRO M 131 -18.24 30.72 -45.93
C PRO M 131 -18.74 32.13 -45.62
N LEU M 132 -20.05 32.37 -45.62
CA LEU M 132 -20.52 33.72 -45.35
C LEU M 132 -20.36 34.10 -43.88
N THR M 133 -20.61 33.16 -42.97
CA THR M 133 -20.34 33.42 -41.56
C THR M 133 -18.86 33.62 -41.31
N LYS M 134 -18.02 32.87 -42.03
CA LYS M 134 -16.57 33.04 -41.96
C LYS M 134 -16.17 34.44 -42.40
N ALA M 135 -16.73 34.90 -43.52
CA ALA M 135 -16.42 36.24 -44.02
C ALA M 135 -16.95 37.33 -43.12
N LEU M 136 -18.13 37.14 -42.52
CA LEU M 136 -18.66 38.13 -41.59
C LEU M 136 -17.82 38.22 -40.32
N PHE M 137 -17.38 37.06 -39.79
CA PHE M 137 -16.50 37.06 -38.64
C PHE M 137 -15.17 37.72 -38.96
N LYS M 138 -14.63 37.46 -40.17
CA LYS M 138 -13.40 38.09 -40.60
C LYS M 138 -13.56 39.60 -40.70
N TYR M 139 -14.68 40.05 -41.26
CA TYR M 139 -14.93 41.49 -41.41
C TYR M 139 -15.06 42.18 -40.06
N VAL M 140 -15.74 41.54 -39.10
CA VAL M 140 -15.85 42.14 -37.78
C VAL M 140 -14.50 42.15 -37.08
N ARG M 141 -13.69 41.09 -37.25
CA ARG M 141 -12.36 41.05 -36.65
C ARG M 141 -11.45 42.13 -37.20
N GLU M 142 -11.53 42.42 -38.50
CA GLU M 142 -10.77 43.51 -39.09
C GLU M 142 -11.53 44.83 -39.06
N GLY M 143 -12.37 45.02 -38.04
CA GLY M 143 -13.40 46.03 -37.96
C GLY M 143 -13.04 47.43 -38.38
N LYS M 144 -13.65 47.86 -39.48
CA LYS M 144 -13.34 49.11 -40.12
C LYS M 144 -14.41 50.14 -39.79
N TYR M 145 -14.02 51.41 -39.81
CA TYR M 145 -14.97 52.49 -39.66
C TYR M 145 -15.89 52.51 -40.88
N THR M 146 -17.12 52.97 -40.68
CA THR M 146 -18.08 53.00 -41.77
C THR M 146 -18.87 54.30 -41.72
N PHE M 147 -19.27 54.75 -42.90
CA PHE M 147 -20.08 55.96 -43.06
C PHE M 147 -21.37 55.65 -43.80
N CYS M 148 -21.85 54.43 -43.69
CA CYS M 148 -23.01 53.96 -44.41
C CYS M 148 -24.07 53.44 -43.46
N THR M 149 -25.21 53.08 -44.02
CA THR M 149 -26.26 52.44 -43.24
C THR M 149 -25.79 51.06 -42.77
N PRO M 150 -26.18 50.63 -41.57
CA PRO M 150 -27.08 51.18 -40.55
C PRO M 150 -26.49 52.37 -39.80
N GLY M 151 -27.35 53.11 -39.10
CA GLY M 151 -26.94 54.35 -38.46
C GLY M 151 -26.09 54.18 -37.23
N HIS M 152 -26.15 53.02 -36.56
CA HIS M 152 -25.33 52.85 -35.37
C HIS M 152 -23.86 52.65 -35.73
N MET M 153 -23.58 52.11 -36.91
CA MET M 153 -22.24 52.02 -37.50
C MET M 153 -21.26 51.29 -36.58
N GLY M 154 -21.54 50.01 -36.38
CA GLY M 154 -20.75 49.23 -35.46
C GLY M 154 -21.15 49.41 -34.01
N GLY M 155 -22.34 49.95 -33.75
CA GLY M 155 -22.80 50.13 -32.40
C GLY M 155 -22.21 51.30 -31.66
N THR M 156 -21.53 52.21 -32.35
CA THR M 156 -20.93 53.37 -31.70
C THR M 156 -21.92 54.49 -31.45
N ALA M 157 -23.16 54.35 -31.91
CA ALA M 157 -24.23 55.24 -31.48
C ALA M 157 -24.81 54.83 -30.13
N PHE M 158 -24.78 53.54 -29.81
CA PHE M 158 -25.21 53.05 -28.51
C PHE M 158 -24.19 53.29 -27.41
N GLN M 159 -22.98 53.69 -27.74
CA GLN M 159 -21.99 53.99 -26.73
C GLN M 159 -22.08 55.43 -26.24
N LYS M 160 -23.07 56.19 -26.70
CA LYS M 160 -23.17 57.61 -26.38
C LYS M 160 -24.56 57.99 -25.88
N SER M 161 -25.29 57.05 -25.27
CA SER M 161 -26.61 57.33 -24.70
C SER M 161 -26.85 56.38 -23.55
N PRO M 162 -27.54 56.82 -22.49
CA PRO M 162 -27.73 55.93 -21.33
C PRO M 162 -28.56 54.70 -21.63
N VAL M 163 -29.76 54.87 -22.20
CA VAL M 163 -30.54 53.71 -22.61
C VAL M 163 -29.84 52.97 -23.76
N GLY M 164 -29.16 53.71 -24.63
CA GLY M 164 -28.34 53.07 -25.64
C GLY M 164 -27.20 52.27 -25.04
N SER M 165 -26.59 52.78 -23.95
CA SER M 165 -25.54 52.01 -23.31
C SER M 165 -26.09 50.78 -22.60
N LEU M 166 -27.31 50.86 -22.07
CA LEU M 166 -27.93 49.66 -21.51
C LEU M 166 -28.16 48.62 -22.59
N PHE M 167 -28.64 49.04 -23.76
CA PHE M 167 -28.83 48.12 -24.88
C PHE M 167 -27.50 47.51 -25.32
N TYR M 168 -26.45 48.34 -25.42
CA TYR M 168 -25.13 47.88 -25.83
C TYR M 168 -24.51 46.92 -24.81
N ASP M 169 -24.64 47.21 -23.52
CA ASP M 169 -24.14 46.31 -22.48
C ASP M 169 -24.93 45.01 -22.42
N PHE M 170 -26.21 45.04 -22.77
CA PHE M 170 -26.96 43.78 -22.85
C PHE M 170 -26.48 42.94 -24.02
N PHE M 171 -26.53 43.49 -25.23
CA PHE M 171 -26.26 42.67 -26.40
C PHE M 171 -24.78 42.35 -26.56
N GLY M 172 -23.90 43.30 -26.27
CA GLY M 172 -22.48 43.09 -26.43
C GLY M 172 -22.01 43.56 -27.78
N PRO M 173 -20.70 43.78 -27.92
CA PRO M 173 -20.20 44.52 -29.08
C PRO M 173 -20.25 43.77 -30.40
N ASN M 174 -20.02 42.46 -30.35
CA ASN M 174 -19.88 41.68 -31.57
C ASN M 174 -21.19 41.56 -32.34
N THR M 175 -22.32 41.59 -31.68
CA THR M 175 -23.59 41.58 -32.38
C THR M 175 -24.04 42.98 -32.79
N MET M 176 -23.31 44.02 -32.39
CA MET M 176 -23.55 45.33 -32.97
C MET M 176 -22.69 45.55 -34.20
N LYS M 177 -21.42 45.13 -34.16
CA LYS M 177 -20.58 45.23 -35.34
C LYS M 177 -21.02 44.29 -36.46
N SER M 178 -21.73 43.22 -36.13
CA SER M 178 -22.15 42.25 -37.14
C SER M 178 -23.33 42.74 -37.96
N ASP M 179 -23.93 43.87 -37.62
CA ASP M 179 -25.05 44.40 -38.37
C ASP M 179 -24.52 45.46 -39.32
N ILE M 180 -24.41 45.09 -40.61
CA ILE M 180 -23.98 45.98 -41.66
C ILE M 180 -24.96 45.86 -42.83
N SER M 181 -24.66 46.56 -43.92
CA SER M 181 -25.57 46.56 -45.06
C SER M 181 -24.84 46.19 -46.35
N ILE M 182 -25.52 46.33 -47.48
CA ILE M 182 -24.96 45.91 -48.78
C ILE M 182 -23.87 46.85 -49.27
N SER M 183 -23.64 47.98 -48.61
CA SER M 183 -22.58 48.89 -49.00
C SER M 183 -21.20 48.29 -48.78
N VAL M 184 -21.06 47.34 -47.86
CA VAL M 184 -19.81 46.61 -47.70
C VAL M 184 -19.68 45.63 -48.84
N SER M 185 -18.87 45.97 -49.84
CA SER M 185 -18.86 45.24 -51.10
C SER M 185 -18.23 43.87 -51.00
N GLU M 186 -17.42 43.60 -49.99
CA GLU M 186 -16.72 42.34 -49.92
C GLU M 186 -17.58 41.18 -49.45
N LEU M 187 -18.77 41.45 -48.90
CA LEU M 187 -19.68 40.39 -48.51
C LEU M 187 -20.74 40.10 -49.56
N GLY M 188 -20.67 40.75 -50.71
CA GLY M 188 -21.68 40.54 -51.74
C GLY M 188 -23.01 41.14 -51.33
N SER M 189 -24.09 40.53 -51.81
CA SER M 189 -25.43 40.99 -51.50
C SER M 189 -26.39 39.82 -51.57
N LEU M 190 -27.31 39.76 -50.60
CA LEU M 190 -28.33 38.72 -50.59
C LEU M 190 -29.26 38.86 -51.79
N LEU M 191 -29.61 40.08 -52.16
CA LEU M 191 -30.61 40.33 -53.18
C LEU M 191 -30.15 39.90 -54.56
N ASP M 192 -28.88 40.11 -54.88
CA ASP M 192 -28.36 39.79 -56.20
C ASP M 192 -27.69 38.43 -56.26
N HIS M 193 -27.56 37.74 -55.12
CA HIS M 193 -26.96 36.41 -55.03
C HIS M 193 -25.52 36.41 -55.57
N SER M 194 -24.66 37.18 -54.91
CA SER M 194 -23.30 37.40 -55.38
C SER M 194 -22.30 37.15 -54.26
N GLY M 195 -21.13 36.63 -54.64
CA GLY M 195 -20.02 36.48 -53.74
C GLY M 195 -20.25 35.48 -52.62
N PRO M 196 -19.95 35.91 -51.38
CA PRO M 196 -20.18 35.04 -50.22
C PRO M 196 -21.62 34.63 -50.05
N HIS M 197 -22.58 35.50 -50.40
CA HIS M 197 -23.97 35.08 -50.38
C HIS M 197 -24.22 33.93 -51.35
N LYS M 198 -23.75 34.04 -52.59
CA LYS M 198 -24.00 32.99 -53.58
C LYS M 198 -23.37 31.66 -53.17
N GLU M 199 -22.16 31.73 -52.61
CA GLU M 199 -21.56 30.52 -52.01
C GLU M 199 -22.43 30.00 -50.87
N ALA M 200 -23.08 30.88 -50.11
CA ALA M 200 -23.96 30.41 -49.05
C ALA M 200 -25.19 29.70 -49.60
N GLU M 201 -25.86 30.26 -50.63
CA GLU M 201 -27.02 29.51 -51.13
C GLU M 201 -26.62 28.21 -51.81
N GLN M 202 -25.46 28.16 -52.46
CA GLN M 202 -25.02 26.88 -52.99
C GLN M 202 -24.71 25.88 -51.87
N TYR M 203 -24.17 26.36 -50.75
CA TYR M 203 -23.91 25.51 -49.59
C TYR M 203 -25.21 24.97 -49.01
N ILE M 204 -26.23 25.83 -48.89
CA ILE M 204 -27.56 25.40 -48.44
C ILE M 204 -28.15 24.38 -49.41
N ALA M 205 -27.93 24.58 -50.72
CA ALA M 205 -28.43 23.63 -51.71
C ALA M 205 -27.79 22.27 -51.56
N ARG M 206 -26.49 22.20 -51.29
CA ARG M 206 -25.89 20.87 -51.09
C ARG M 206 -26.54 20.29 -49.86
N VAL M 207 -26.48 21.02 -48.75
CA VAL M 207 -26.78 20.38 -47.47
C VAL M 207 -28.17 19.73 -47.48
N PHE M 208 -29.18 20.44 -47.95
CA PHE M 208 -30.57 20.03 -47.82
C PHE M 208 -31.07 19.20 -49.00
N ASN M 209 -30.19 18.80 -49.91
CA ASN M 209 -30.54 18.01 -51.10
C ASN M 209 -31.62 18.71 -51.92
N ALA M 210 -31.28 19.89 -52.42
CA ALA M 210 -32.17 20.68 -53.25
C ALA M 210 -31.37 21.26 -54.40
N ASP M 211 -32.09 21.57 -55.50
CA ASP M 211 -31.43 22.13 -56.67
C ASP M 211 -31.02 23.58 -56.41
N ARG M 212 -32.00 24.44 -56.17
CA ARG M 212 -31.76 25.84 -55.84
C ARG M 212 -32.39 26.10 -54.48
N SER M 213 -31.61 26.68 -53.57
CA SER M 213 -32.08 26.95 -52.22
C SER M 213 -31.97 28.45 -51.95
N TYR M 214 -33.01 29.02 -51.35
CA TYR M 214 -33.02 30.43 -51.02
C TYR M 214 -33.02 30.60 -49.51
N MET M 215 -32.66 31.81 -49.06
CA MET M 215 -32.53 32.11 -47.64
C MET M 215 -33.34 33.38 -47.33
N VAL M 216 -34.59 33.19 -46.95
CA VAL M 216 -35.50 34.30 -46.70
C VAL M 216 -35.18 34.91 -45.35
N THR M 217 -35.26 36.23 -45.25
CA THR M 217 -34.89 36.95 -44.04
C THR M 217 -36.09 37.54 -43.30
N ASN M 218 -37.31 37.33 -43.78
CA ASN M 218 -38.50 37.71 -43.03
C ASN M 218 -39.14 36.51 -42.34
N GLY M 219 -39.10 35.35 -42.96
CA GLY M 219 -39.68 34.15 -42.41
C GLY M 219 -40.49 33.39 -43.44
N THR M 220 -40.90 32.19 -43.04
CA THR M 220 -41.66 31.37 -43.96
C THR M 220 -43.07 31.92 -44.20
N SER M 221 -43.53 32.82 -43.33
CA SER M 221 -44.71 33.60 -43.65
C SER M 221 -44.52 34.43 -44.91
N THR M 222 -43.28 34.78 -45.24
CA THR M 222 -42.97 35.46 -46.49
C THR M 222 -42.54 34.47 -47.57
N ALA M 223 -41.94 33.35 -47.17
CA ALA M 223 -41.56 32.32 -48.15
C ALA M 223 -42.78 31.70 -48.83
N ASN M 224 -43.85 31.47 -48.06
CA ASN M 224 -45.10 30.99 -48.64
C ASN M 224 -45.64 31.99 -49.66
N LYS M 225 -45.53 33.28 -49.34
CA LYS M 225 -45.94 34.34 -50.25
C LYS M 225 -45.12 34.32 -51.53
N ILE M 226 -43.81 34.12 -51.40
CA ILE M 226 -42.94 34.07 -52.56
C ILE M 226 -43.31 32.91 -53.47
N VAL M 227 -43.48 31.72 -52.89
CA VAL M 227 -43.78 30.53 -53.67
C VAL M 227 -45.15 30.65 -54.33
N GLY M 228 -46.16 31.07 -53.57
CA GLY M 228 -47.49 31.18 -54.13
C GLY M 228 -47.72 32.38 -55.03
N MET M 229 -46.82 33.36 -55.01
CA MET M 229 -46.90 34.41 -56.01
C MET M 229 -46.10 34.09 -57.25
N TYR M 230 -45.09 33.22 -57.17
CA TYR M 230 -44.44 32.77 -58.40
C TYR M 230 -45.29 31.73 -59.11
N SER M 231 -45.59 30.63 -58.43
CA SER M 231 -46.18 29.48 -59.09
C SER M 231 -47.67 29.64 -59.39
N ALA M 232 -48.36 30.57 -58.74
CA ALA M 232 -49.79 30.75 -58.91
C ALA M 232 -50.07 32.17 -59.40
N PRO M 233 -50.12 32.38 -60.71
CA PRO M 233 -50.48 33.71 -61.23
C PRO M 233 -51.94 34.02 -60.95
N ALA M 234 -52.27 35.30 -61.11
CA ALA M 234 -53.64 35.75 -60.86
C ALA M 234 -54.58 35.19 -61.90
N GLY M 235 -55.79 34.85 -61.46
CA GLY M 235 -56.77 34.20 -62.31
C GLY M 235 -56.65 32.70 -62.37
N SER M 236 -55.62 32.12 -61.76
CA SER M 236 -55.43 30.69 -61.74
C SER M 236 -56.10 30.12 -60.48
N THR M 237 -55.79 28.87 -60.16
CA THR M 237 -56.48 28.15 -59.10
C THR M 237 -55.46 27.34 -58.32
N ILE M 238 -55.65 27.25 -57.00
CA ILE M 238 -54.71 26.55 -56.12
C ILE M 238 -55.46 25.50 -55.31
N LEU M 239 -54.71 24.51 -54.84
CA LEU M 239 -55.19 23.49 -53.92
C LEU M 239 -54.51 23.73 -52.57
N ILE M 240 -55.16 24.51 -51.72
CA ILE M 240 -54.60 24.89 -50.44
C ILE M 240 -55.20 24.03 -49.35
N ASP M 241 -54.34 23.50 -48.48
CA ASP M 241 -54.79 22.79 -47.29
C ASP M 241 -55.63 23.70 -46.41
N ARG M 242 -56.74 23.17 -45.90
CA ARG M 242 -57.49 23.91 -44.90
C ARG M 242 -56.68 24.06 -43.61
N ASN M 243 -55.90 23.04 -43.27
CA ASN M 243 -54.92 23.17 -42.21
C ASN M 243 -53.77 24.02 -42.72
N CYS M 244 -53.97 25.33 -42.76
CA CYS M 244 -53.00 26.26 -43.30
C CYS M 244 -52.58 27.23 -42.22
N HIS M 245 -51.70 28.15 -42.59
CA HIS M 245 -51.28 29.23 -41.72
C HIS M 245 -52.05 30.49 -42.08
N LYS M 246 -51.94 31.50 -41.21
CA LYS M 246 -52.50 32.80 -41.52
C LYS M 246 -51.82 33.42 -42.73
N SER M 247 -50.55 33.07 -42.95
CA SER M 247 -49.78 33.60 -44.06
C SER M 247 -50.34 33.18 -45.41
N LEU M 248 -50.83 31.94 -45.52
CA LEU M 248 -51.41 31.50 -46.77
C LEU M 248 -52.73 32.22 -47.06
N THR M 249 -53.53 32.49 -46.02
CA THR M 249 -54.72 33.29 -46.19
C THR M 249 -54.38 34.69 -46.65
N HIS M 250 -53.33 35.27 -46.05
CA HIS M 250 -52.85 36.58 -46.47
C HIS M 250 -52.38 36.59 -47.92
N LEU M 251 -51.69 35.53 -48.32
CA LEU M 251 -51.29 35.36 -49.72
C LEU M 251 -52.49 35.32 -50.65
N MET M 252 -53.51 34.56 -50.28
CA MET M 252 -54.71 34.47 -51.10
C MET M 252 -55.47 35.77 -51.16
N MET M 253 -55.38 36.61 -50.13
CA MET M 253 -55.98 37.93 -50.21
C MET M 253 -55.16 38.91 -51.02
N MET M 254 -53.84 38.75 -51.10
CA MET M 254 -53.08 39.62 -51.99
C MET M 254 -53.31 39.26 -53.46
N SER M 255 -53.30 37.97 -53.79
CA SER M 255 -53.31 37.53 -55.17
C SER M 255 -54.71 37.14 -55.61
N ASP M 256 -55.01 37.37 -56.90
CA ASP M 256 -56.31 37.06 -57.47
C ASP M 256 -56.35 35.58 -57.87
N VAL M 257 -56.48 34.73 -56.85
CA VAL M 257 -56.52 33.28 -57.03
C VAL M 257 -57.84 32.74 -56.49
N THR M 258 -58.07 31.47 -56.75
CA THR M 258 -59.30 30.79 -56.37
C THR M 258 -58.96 29.47 -55.69
N PRO M 259 -59.56 29.16 -54.54
CA PRO M 259 -59.22 27.90 -53.85
C PRO M 259 -60.16 26.74 -54.10
N ILE M 260 -59.58 25.55 -54.06
CA ILE M 260 -60.26 24.35 -53.55
C ILE M 260 -59.56 23.96 -52.27
N TYR M 261 -60.31 23.88 -51.19
CA TYR M 261 -59.76 23.56 -49.89
C TYR M 261 -59.75 22.06 -49.69
N PHE M 262 -58.58 21.51 -49.34
CA PHE M 262 -58.51 20.14 -48.87
C PHE M 262 -59.24 20.01 -47.54
N ARG M 263 -59.65 18.79 -47.21
CA ARG M 263 -60.46 18.56 -46.02
C ARG M 263 -59.76 17.61 -45.06
N PRO M 264 -58.97 18.12 -44.13
CA PRO M 264 -58.27 17.24 -43.18
C PRO M 264 -59.21 16.64 -42.16
N THR M 265 -58.76 15.53 -41.59
CA THR M 265 -59.48 14.86 -40.51
C THR M 265 -59.01 15.40 -39.16
N ARG M 266 -59.76 15.04 -38.11
CA ARG M 266 -59.41 15.46 -36.76
C ARG M 266 -60.06 14.53 -35.76
N ASN M 267 -59.49 14.49 -34.56
CA ASN M 267 -60.00 13.68 -33.46
C ASN M 267 -60.79 14.56 -32.50
N ALA M 268 -61.27 13.96 -31.42
CA ALA M 268 -62.01 14.69 -30.40
C ALA M 268 -61.12 15.60 -29.57
N TYR M 269 -59.80 15.35 -29.56
CA TYR M 269 -58.89 16.21 -28.80
C TYR M 269 -58.78 17.60 -29.41
N GLY M 270 -59.02 17.71 -30.71
CA GLY M 270 -58.78 18.95 -31.42
C GLY M 270 -57.50 18.97 -32.21
N ILE M 271 -56.77 17.86 -32.24
CA ILE M 271 -55.53 17.77 -33.02
C ILE M 271 -55.89 17.73 -34.49
N LEU M 272 -55.30 18.62 -35.27
CA LEU M 272 -55.53 18.68 -36.71
C LEU M 272 -54.80 17.51 -37.35
N GLY M 273 -55.56 16.53 -37.82
CA GLY M 273 -54.96 15.40 -38.50
C GLY M 273 -54.63 15.72 -39.94
N GLY M 274 -54.96 14.82 -40.86
CA GLY M 274 -54.57 15.03 -42.23
C GLY M 274 -55.63 14.76 -43.27
N ILE M 275 -55.31 15.13 -44.49
CA ILE M 275 -56.23 14.92 -45.61
C ILE M 275 -56.26 13.44 -45.96
N PRO M 276 -57.43 12.84 -46.19
CA PRO M 276 -57.47 11.44 -46.62
C PRO M 276 -56.86 11.27 -48.00
N GLN M 277 -56.57 10.01 -48.34
CA GLN M 277 -55.96 9.69 -49.62
C GLN M 277 -56.90 9.97 -50.80
N SER M 278 -58.20 10.03 -50.56
CA SER M 278 -59.15 10.22 -51.65
C SER M 278 -59.08 11.61 -52.25
N GLU M 279 -58.65 12.61 -51.46
CA GLU M 279 -58.63 13.99 -51.90
C GLU M 279 -57.32 14.40 -52.53
N PHE M 280 -56.54 13.47 -53.07
CA PHE M 280 -55.38 13.81 -53.85
C PHE M 280 -55.41 13.21 -55.25
N GLN M 281 -56.48 12.51 -55.60
CA GLN M 281 -56.59 11.87 -56.90
C GLN M 281 -57.32 12.80 -57.87
N HIS M 282 -57.36 12.40 -59.13
CA HIS M 282 -57.91 13.28 -60.17
C HIS M 282 -59.42 13.41 -60.08
N ALA M 283 -60.12 12.38 -59.59
CA ALA M 283 -61.59 12.40 -59.60
C ALA M 283 -62.15 13.45 -58.66
N THR M 284 -61.69 13.44 -57.40
CA THR M 284 -62.22 14.39 -56.42
C THR M 284 -61.78 15.81 -56.73
N ILE M 285 -60.56 15.99 -57.24
CA ILE M 285 -60.08 17.31 -57.60
C ILE M 285 -60.87 17.86 -58.78
N ALA M 286 -61.14 17.03 -59.79
CA ALA M 286 -61.96 17.47 -60.92
C ALA M 286 -63.39 17.78 -60.50
N LYS M 287 -63.95 16.98 -59.59
CA LYS M 287 -65.28 17.27 -59.06
C LYS M 287 -65.33 18.61 -58.35
N ARG M 288 -64.40 18.83 -57.40
CA ARG M 288 -64.37 20.07 -56.66
C ARG M 288 -64.05 21.28 -57.55
N VAL M 289 -63.33 21.06 -58.65
CA VAL M 289 -63.21 22.10 -59.67
C VAL M 289 -64.56 22.37 -60.31
N LYS M 290 -65.32 21.32 -60.60
CA LYS M 290 -66.58 21.46 -61.34
C LYS M 290 -67.61 22.23 -60.52
N GLU M 291 -67.74 21.96 -59.23
CA GLU M 291 -68.68 22.74 -58.42
C GLU M 291 -68.04 23.92 -57.72
N THR M 292 -67.02 24.54 -58.32
CA THR M 292 -66.54 25.83 -57.84
C THR M 292 -66.65 26.86 -58.93
N PRO M 293 -67.32 27.98 -58.70
CA PRO M 293 -67.45 29.00 -59.75
C PRO M 293 -66.13 29.64 -60.11
N ASN M 294 -65.99 29.96 -61.40
CA ASN M 294 -64.81 30.63 -61.96
C ASN M 294 -63.51 29.85 -61.69
N ALA M 295 -63.59 28.52 -61.69
CA ALA M 295 -62.46 27.68 -61.34
C ALA M 295 -62.01 26.84 -62.53
N THR M 296 -60.71 26.74 -62.69
CA THR M 296 -60.09 25.93 -63.72
C THR M 296 -59.24 24.86 -63.05
N TRP M 297 -58.46 24.14 -63.84
CA TRP M 297 -57.58 23.12 -63.29
C TRP M 297 -56.49 23.78 -62.44
N PRO M 298 -56.25 23.28 -61.22
CA PRO M 298 -55.28 23.92 -60.32
C PRO M 298 -53.87 23.85 -60.87
N VAL M 299 -53.13 24.95 -60.74
CA VAL M 299 -51.76 25.03 -61.21
C VAL M 299 -50.75 25.00 -60.08
N HIS M 300 -51.21 24.89 -58.84
CA HIS M 300 -50.32 24.85 -57.69
C HIS M 300 -51.06 24.21 -56.52
N ALA M 301 -50.30 23.56 -55.64
CA ALA M 301 -50.86 22.93 -54.46
C ALA M 301 -49.98 23.24 -53.25
N VAL M 302 -50.60 23.57 -52.13
CA VAL M 302 -49.90 23.89 -50.89
C VAL M 302 -50.39 22.95 -49.80
N ILE M 303 -49.46 22.24 -49.17
CA ILE M 303 -49.76 21.20 -48.19
C ILE M 303 -48.91 21.46 -46.95
N THR M 304 -49.53 21.46 -45.77
CA THR M 304 -48.79 21.66 -44.53
C THR M 304 -48.21 20.33 -44.08
N ASN M 305 -46.92 20.13 -44.34
CA ASN M 305 -46.22 18.88 -44.04
C ASN M 305 -45.00 19.17 -43.17
N SER M 306 -45.08 18.90 -41.87
CA SER M 306 -46.18 18.19 -41.25
C SER M 306 -47.26 19.14 -40.76
N THR M 307 -48.20 18.62 -39.99
CA THR M 307 -49.19 19.48 -39.36
C THR M 307 -48.55 20.17 -38.17
N TYR M 308 -49.36 20.93 -37.42
CA TYR M 308 -48.86 21.58 -36.22
C TYR M 308 -48.45 20.57 -35.16
N ASP M 309 -49.13 19.42 -35.10
CA ASP M 309 -48.84 18.40 -34.11
C ASP M 309 -47.92 17.31 -34.64
N GLY M 310 -47.20 17.59 -35.73
CA GLY M 310 -46.15 16.69 -36.18
C GLY M 310 -46.65 15.39 -36.78
N LEU M 311 -47.52 15.46 -37.78
CA LEU M 311 -47.99 14.29 -38.51
C LEU M 311 -47.51 14.42 -39.95
N LEU M 312 -46.44 13.71 -40.26
CA LEU M 312 -45.88 13.69 -41.60
C LEU M 312 -46.80 12.93 -42.54
N TYR M 313 -46.64 13.18 -43.84
CA TYR M 313 -47.44 12.51 -44.84
C TYR M 313 -46.58 11.51 -45.60
N ASN M 314 -47.23 10.60 -46.30
CA ASN M 314 -46.54 9.77 -47.26
C ASN M 314 -46.41 10.59 -48.53
N THR M 315 -45.35 11.40 -48.58
CA THR M 315 -45.17 12.37 -49.64
C THR M 315 -44.85 11.74 -50.99
N ASP M 316 -44.40 10.48 -51.03
CA ASP M 316 -44.17 9.83 -52.30
C ASP M 316 -45.49 9.56 -53.01
N PHE M 317 -46.51 9.17 -52.26
CA PHE M 317 -47.88 9.09 -52.77
C PHE M 317 -48.34 10.43 -53.33
N ILE M 318 -48.04 11.51 -52.62
CA ILE M 318 -48.48 12.84 -53.03
C ILE M 318 -47.79 13.26 -54.32
N LYS M 319 -46.47 13.11 -54.37
CA LYS M 319 -45.71 13.48 -55.55
C LYS M 319 -45.95 12.56 -56.73
N LYS M 320 -46.50 11.37 -56.52
CA LYS M 320 -46.86 10.52 -57.64
C LYS M 320 -48.26 10.80 -58.17
N THR M 321 -49.24 11.02 -57.28
CA THR M 321 -50.62 11.02 -57.73
C THR M 321 -51.27 12.39 -57.81
N LEU M 322 -50.76 13.39 -57.11
CA LEU M 322 -51.31 14.73 -57.22
C LEU M 322 -50.91 15.31 -58.57
N ASP M 323 -51.88 15.47 -59.46
CA ASP M 323 -51.61 15.81 -60.86
C ASP M 323 -51.58 17.31 -61.10
N VAL M 324 -50.78 18.04 -60.32
CA VAL M 324 -50.59 19.46 -60.54
C VAL M 324 -49.13 19.69 -60.89
N LYS M 325 -48.86 20.83 -61.49
CA LYS M 325 -47.52 21.12 -62.02
C LYS M 325 -46.56 21.67 -60.99
N SER M 326 -47.03 21.94 -59.76
CA SER M 326 -46.15 22.41 -58.70
C SER M 326 -46.80 22.09 -57.36
N ILE M 327 -46.10 21.32 -56.54
CA ILE M 327 -46.58 20.95 -55.21
C ILE M 327 -45.70 21.64 -54.18
N HIS M 328 -46.31 22.43 -53.32
CA HIS M 328 -45.60 23.13 -52.26
C HIS M 328 -45.90 22.49 -50.92
N PHE M 329 -44.84 22.21 -50.16
CA PHE M 329 -44.95 21.67 -48.81
C PHE M 329 -44.56 22.76 -47.84
N ASP M 330 -45.51 23.21 -47.02
CA ASP M 330 -45.24 24.25 -46.03
C ASP M 330 -44.63 23.58 -44.80
N SER M 331 -43.36 23.22 -44.94
CA SER M 331 -42.67 22.45 -43.91
C SER M 331 -42.06 23.37 -42.85
N ALA M 332 -42.91 24.21 -42.28
CA ALA M 332 -42.44 25.11 -41.24
C ALA M 332 -42.03 24.37 -39.97
N TRP M 333 -42.71 23.28 -39.64
CA TRP M 333 -42.42 22.55 -38.41
C TRP M 333 -41.49 21.37 -38.60
N VAL M 334 -41.13 21.03 -39.83
CA VAL M 334 -40.19 19.93 -40.06
C VAL M 334 -39.06 20.45 -40.95
N PRO M 335 -38.06 21.17 -40.41
CA PRO M 335 -36.93 21.58 -41.24
C PRO M 335 -35.74 20.66 -41.18
N TYR M 336 -35.75 19.72 -40.22
CA TYR M 336 -34.60 18.87 -39.92
C TYR M 336 -34.62 17.56 -40.69
N THR M 337 -35.31 17.50 -41.82
CA THR M 337 -35.69 16.23 -42.43
C THR M 337 -34.52 15.42 -42.95
N ASN M 338 -33.57 16.04 -43.63
CA ASN M 338 -32.51 15.35 -44.34
C ASN M 338 -31.52 14.67 -43.37
N PHE M 339 -31.52 15.06 -42.11
CA PHE M 339 -30.42 14.76 -41.21
C PHE M 339 -30.64 13.52 -40.35
N SER M 340 -31.67 12.73 -40.65
CA SER M 340 -31.80 11.41 -40.07
C SER M 340 -32.61 10.59 -41.06
N PRO M 341 -32.18 9.38 -41.39
CA PRO M 341 -32.92 8.53 -42.33
C PRO M 341 -34.25 8.02 -41.80
N ILE M 342 -34.63 8.39 -40.58
CA ILE M 342 -35.97 8.12 -40.08
C ILE M 342 -37.00 8.79 -40.98
N TYR M 343 -36.72 10.01 -41.43
CA TYR M 343 -37.65 10.82 -42.19
C TYR M 343 -37.54 10.61 -43.70
N GLU M 344 -37.02 9.46 -44.14
CA GLU M 344 -36.95 9.18 -45.57
C GLU M 344 -38.35 9.01 -46.12
N GLY M 345 -38.61 9.60 -47.28
CA GLY M 345 -39.94 9.55 -47.85
C GLY M 345 -40.96 10.37 -47.09
N LYS M 346 -40.54 11.45 -46.44
CA LYS M 346 -41.42 12.26 -45.60
C LYS M 346 -41.15 13.75 -45.73
N CYS M 347 -40.71 14.23 -46.89
CA CYS M 347 -40.62 15.65 -47.18
C CYS M 347 -40.67 15.85 -48.67
N GLY M 348 -40.73 17.12 -49.07
CA GLY M 348 -40.66 17.44 -50.49
C GLY M 348 -39.34 17.06 -51.12
N MET M 349 -38.25 17.20 -50.38
CA MET M 349 -36.92 16.88 -50.89
C MET M 349 -36.57 15.41 -50.74
N SER M 350 -37.45 14.60 -50.15
CA SER M 350 -37.22 13.17 -50.11
C SER M 350 -37.34 12.57 -51.50
N GLY M 351 -36.47 11.63 -51.80
CA GLY M 351 -36.45 11.03 -53.11
C GLY M 351 -35.78 11.94 -54.12
N GLY M 352 -35.83 11.51 -55.38
CA GLY M 352 -35.18 12.21 -56.45
C GLY M 352 -36.05 13.31 -57.06
N ARG M 353 -35.54 13.87 -58.16
CA ARG M 353 -36.25 14.89 -58.90
C ARG M 353 -37.45 14.26 -59.58
N VAL M 354 -38.65 14.64 -59.16
CA VAL M 354 -39.87 14.07 -59.75
C VAL M 354 -40.07 14.67 -61.14
N GLU M 355 -40.62 13.88 -62.04
CA GLU M 355 -40.79 14.29 -63.43
C GLU M 355 -42.07 15.10 -63.60
N GLY M 356 -41.97 16.21 -64.33
CA GLY M 356 -43.13 16.94 -64.77
C GLY M 356 -43.68 17.96 -63.80
N LYS M 357 -43.11 18.08 -62.59
CA LYS M 357 -43.59 19.07 -61.65
C LYS M 357 -42.44 19.49 -60.75
N VAL M 358 -42.57 20.68 -60.16
CA VAL M 358 -41.55 21.26 -59.30
C VAL M 358 -42.05 21.18 -57.87
N ILE M 359 -41.24 20.63 -56.99
CA ILE M 359 -41.59 20.47 -55.59
C ILE M 359 -40.94 21.60 -54.81
N TYR M 360 -41.76 22.38 -54.11
CA TYR M 360 -41.27 23.43 -53.23
C TYR M 360 -41.31 22.94 -51.79
N GLU M 361 -40.36 23.40 -50.99
CA GLU M 361 -40.40 23.17 -49.56
C GLU M 361 -39.82 24.39 -48.88
N THR M 362 -40.49 24.87 -47.83
CA THR M 362 -40.23 26.17 -47.24
C THR M 362 -39.99 26.05 -45.74
N GLN M 363 -39.02 25.20 -45.39
CA GLN M 363 -38.54 24.98 -44.03
C GLN M 363 -38.36 26.27 -43.26
N SER M 364 -39.06 26.38 -42.13
CA SER M 364 -38.85 27.48 -41.19
C SER M 364 -37.68 27.11 -40.30
N THR M 365 -36.49 27.60 -40.64
CA THR M 365 -35.26 27.18 -40.00
C THR M 365 -35.20 27.59 -38.53
N HIS M 366 -35.81 28.70 -38.16
CA HIS M 366 -35.72 29.16 -36.78
C HIS M 366 -36.56 28.32 -35.82
N1 LLP M 367 -46.41 28.79 -41.55
C2 LLP M 367 -46.69 27.73 -40.78
C2' LLP M 367 -47.53 26.55 -41.35
C3 LLP M 367 -46.23 27.68 -39.45
O3 LLP M 367 -46.53 26.57 -38.66
C4 LLP M 367 -45.49 28.70 -38.93
C4' LLP M 367 -44.96 28.64 -37.40
C5 LLP M 367 -45.20 29.78 -39.70
C6 LLP M 367 -45.66 29.86 -41.02
C5' LLP M 367 -44.35 30.93 -39.05
OP4 LLP M 367 -43.89 31.84 -40.02
P LLP M 367 -42.66 32.66 -39.63
OP1 LLP M 367 -42.92 33.34 -38.29
OP2 LLP M 367 -42.41 33.69 -40.66
OP3 LLP M 367 -41.47 31.78 -39.51
N LLP M 367 -37.52 27.59 -36.36
CA LLP M 367 -38.51 26.88 -35.53
CB LLP M 367 -39.66 26.42 -36.38
CG LLP M 367 -40.54 27.61 -36.74
CD LLP M 367 -41.78 27.66 -35.85
CE LLP M 367 -42.81 28.64 -36.44
NZ LLP M 367 -43.71 27.93 -37.36
C LLP M 367 -37.93 25.73 -34.81
O LLP M 367 -38.03 25.68 -33.59
N LEU M 368 -37.32 24.79 -35.52
CA LEU M 368 -36.83 23.56 -34.88
C LEU M 368 -35.31 23.40 -34.95
N LEU M 369 -34.67 24.05 -35.92
CA LEU M 369 -33.23 24.09 -35.95
C LEU M 369 -32.72 25.20 -35.04
N ALA M 370 -31.42 25.44 -35.06
CA ALA M 370 -30.81 26.47 -34.24
C ALA M 370 -30.51 27.68 -35.14
N ALA M 371 -31.48 28.58 -35.21
CA ALA M 371 -31.30 29.80 -35.98
C ALA M 371 -32.07 30.94 -35.33
N PHE M 372 -31.64 32.17 -35.64
CA PHE M 372 -32.33 33.36 -35.19
C PHE M 372 -33.71 33.43 -35.81
N SER M 373 -34.62 34.14 -35.15
CA SER M 373 -35.98 34.26 -35.63
C SER M 373 -36.02 35.02 -36.97
N GLN M 374 -37.19 34.94 -37.61
CA GLN M 374 -37.42 35.46 -38.96
C GLN M 374 -36.48 34.87 -39.99
N ALA M 375 -35.99 33.66 -39.76
CA ALA M 375 -35.15 32.97 -40.73
C ALA M 375 -35.94 31.87 -41.39
N SER M 376 -35.77 31.75 -42.71
CA SER M 376 -36.50 30.75 -43.46
C SER M 376 -35.72 30.40 -44.72
N MET M 377 -36.15 29.34 -45.37
CA MET M 377 -35.52 28.88 -46.60
C MET M 377 -36.61 28.51 -47.59
N ILE M 378 -36.24 28.53 -48.87
CA ILE M 378 -37.08 28.02 -49.94
C ILE M 378 -36.23 27.05 -50.74
N HIS M 379 -36.50 25.76 -50.59
CA HIS M 379 -35.84 24.73 -51.37
C HIS M 379 -36.75 24.33 -52.52
N VAL M 380 -36.20 24.29 -53.72
CA VAL M 380 -36.96 23.86 -54.88
C VAL M 380 -36.39 22.53 -55.35
N LYS M 381 -37.19 21.83 -56.15
CA LYS M 381 -36.76 20.56 -56.72
C LYS M 381 -37.41 20.45 -58.09
N GLY M 382 -36.64 20.75 -59.13
CA GLY M 382 -37.16 20.79 -60.48
C GLY M 382 -36.53 21.93 -61.25
N ASP M 383 -37.20 22.33 -62.31
CA ASP M 383 -36.73 23.41 -63.18
C ASP M 383 -37.71 24.57 -63.06
N VAL M 384 -37.18 25.74 -62.69
CA VAL M 384 -37.99 26.95 -62.60
C VAL M 384 -37.34 28.03 -63.45
N ASN M 385 -38.15 29.00 -63.85
CA ASN M 385 -37.63 30.16 -64.55
C ASN M 385 -36.80 30.97 -63.58
N GLU M 386 -35.48 30.97 -63.78
CA GLU M 386 -34.54 31.49 -62.79
C GLU M 386 -34.75 32.97 -62.53
N GLU M 387 -34.89 33.76 -63.60
CA GLU M 387 -35.06 35.20 -63.41
C GLU M 387 -36.43 35.56 -62.88
N THR M 388 -37.49 34.90 -63.36
CA THR M 388 -38.83 35.19 -62.85
C THR M 388 -38.96 34.83 -61.38
N PHE M 389 -38.45 33.66 -60.98
CA PHE M 389 -38.52 33.26 -59.58
C PHE M 389 -37.58 34.05 -58.71
N ASN M 390 -36.40 34.44 -59.22
CA ASN M 390 -35.53 35.35 -58.49
C ASN M 390 -36.18 36.71 -58.28
N GLU M 391 -36.91 37.19 -59.29
CA GLU M 391 -37.59 38.46 -59.15
C GLU M 391 -38.75 38.36 -58.17
N ALA M 392 -39.45 37.23 -58.16
CA ALA M 392 -40.50 37.02 -57.16
C ALA M 392 -39.92 36.96 -55.74
N TYR M 393 -38.76 36.33 -55.58
CA TYR M 393 -38.09 36.32 -54.28
C TYR M 393 -37.67 37.72 -53.87
N MET M 394 -37.10 38.49 -54.80
CA MET M 394 -36.72 39.87 -54.54
C MET M 394 -37.94 40.74 -54.22
N MET M 395 -39.09 40.39 -54.75
CA MET M 395 -40.31 41.17 -54.58
C MET M 395 -40.76 41.25 -53.13
N HIS M 396 -40.65 40.17 -52.36
CA HIS M 396 -41.18 40.16 -51.01
C HIS M 396 -40.14 40.40 -49.93
N THR M 397 -38.88 40.09 -50.16
CA THR M 397 -37.88 40.33 -49.14
C THR M 397 -37.49 41.80 -49.12
N THR M 398 -36.86 42.21 -48.02
CA THR M 398 -36.34 43.55 -47.89
C THR M 398 -35.10 43.73 -48.76
N THR M 399 -34.63 44.97 -48.84
CA THR M 399 -33.43 45.28 -49.61
C THR M 399 -32.17 45.31 -48.77
N SER M 400 -32.27 45.66 -47.49
CA SER M 400 -31.13 45.68 -46.58
C SER M 400 -31.44 44.71 -45.44
N PRO M 401 -31.03 43.46 -45.56
CA PRO M 401 -31.41 42.45 -44.57
C PRO M 401 -30.50 42.51 -43.35
N HIS M 402 -30.96 41.86 -42.28
CA HIS M 402 -30.18 41.72 -41.06
C HIS M 402 -29.20 40.59 -41.24
N TYR M 403 -27.91 40.91 -41.35
CA TYR M 403 -26.91 39.89 -41.64
C TYR M 403 -26.71 38.92 -40.47
N GLY M 404 -27.12 39.28 -39.26
CA GLY M 404 -27.13 38.31 -38.19
C GLY M 404 -28.10 37.18 -38.46
N ILE M 405 -29.29 37.51 -38.97
CA ILE M 405 -30.28 36.49 -39.32
C ILE M 405 -29.78 35.63 -40.47
N VAL M 406 -29.15 36.24 -41.47
CA VAL M 406 -28.61 35.49 -42.61
C VAL M 406 -27.49 34.55 -42.17
N ALA M 407 -26.57 35.05 -41.34
CA ALA M 407 -25.49 34.23 -40.84
C ALA M 407 -26.01 33.10 -39.96
N SER M 408 -27.04 33.37 -39.16
CA SER M 408 -27.66 32.32 -38.35
C SER M 408 -28.35 31.29 -39.22
N THR M 409 -28.99 31.75 -40.30
CA THR M 409 -29.67 30.85 -41.23
C THR M 409 -28.68 29.88 -41.87
N GLU M 410 -27.51 30.38 -42.28
CA GLU M 410 -26.51 29.48 -42.84
C GLU M 410 -25.83 28.62 -41.79
N THR M 411 -25.54 29.19 -40.62
CA THR M 411 -24.89 28.43 -39.55
C THR M 411 -25.78 27.31 -39.03
N ALA M 412 -27.10 27.45 -39.14
CA ALA M 412 -27.99 26.36 -38.77
C ALA M 412 -27.76 25.13 -39.64
N ALA M 413 -27.59 25.31 -40.94
CA ALA M 413 -27.25 24.17 -41.79
C ALA M 413 -25.83 23.70 -41.54
N ALA M 414 -24.93 24.65 -41.25
CA ALA M 414 -23.54 24.27 -40.96
C ALA M 414 -23.40 23.46 -39.67
N MET M 415 -24.35 23.59 -38.74
CA MET M 415 -24.38 22.73 -37.56
C MET M 415 -24.77 21.30 -37.88
N MET M 416 -25.19 21.00 -39.10
CA MET M 416 -25.71 19.69 -39.42
C MET M 416 -24.83 18.89 -40.37
N LYS M 417 -23.74 19.46 -40.88
CA LYS M 417 -22.80 18.70 -41.67
C LYS M 417 -21.83 17.96 -40.76
N GLY M 418 -21.42 16.78 -41.19
CA GLY M 418 -20.46 15.99 -40.47
C GLY M 418 -21.10 14.98 -39.55
N ASN M 419 -20.35 14.61 -38.52
CA ASN M 419 -20.85 13.67 -37.52
C ASN M 419 -21.56 14.38 -36.38
N ALA M 420 -21.22 15.64 -36.13
CA ALA M 420 -21.86 16.39 -35.04
C ALA M 420 -23.33 16.63 -35.30
N GLY M 421 -23.71 16.95 -36.53
CA GLY M 421 -25.12 17.17 -36.84
C GLY M 421 -25.94 15.91 -36.76
N LYS M 422 -25.40 14.79 -37.26
CA LYS M 422 -26.07 13.51 -37.13
C LYS M 422 -26.21 13.13 -35.67
N ARG M 423 -25.18 13.39 -34.87
CA ARG M 423 -25.26 13.12 -33.44
C ARG M 423 -26.31 14.00 -32.76
N LEU M 424 -26.43 15.27 -33.18
CA LEU M 424 -27.47 16.15 -32.65
C LEU M 424 -28.86 15.61 -32.93
N ILE M 425 -29.13 15.28 -34.20
CA ILE M 425 -30.47 14.85 -34.58
C ILE M 425 -30.82 13.52 -33.93
N ASN M 426 -29.89 12.56 -33.95
CA ASN M 426 -30.15 11.27 -33.33
C ASN M 426 -30.28 11.39 -31.82
N GLY M 427 -29.50 12.26 -31.19
CA GLY M 427 -29.65 12.46 -29.76
C GLY M 427 -30.97 13.09 -29.39
N SER M 428 -31.44 14.05 -30.20
CA SER M 428 -32.73 14.67 -29.95
C SER M 428 -33.87 13.67 -30.11
N ILE M 429 -33.83 12.85 -31.16
CA ILE M 429 -34.88 11.87 -31.38
C ILE M 429 -34.87 10.80 -30.29
N GLU M 430 -33.68 10.32 -29.91
CA GLU M 430 -33.57 9.31 -28.85
C GLU M 430 -34.02 9.87 -27.51
N ARG M 431 -33.67 11.12 -27.20
CA ARG M 431 -34.14 11.76 -25.98
C ARG M 431 -35.65 11.92 -25.97
N ALA M 432 -36.24 12.27 -27.11
CA ALA M 432 -37.69 12.37 -27.21
C ALA M 432 -38.35 11.01 -26.97
N ILE M 433 -37.79 9.96 -27.56
CA ILE M 433 -38.36 8.62 -27.41
C ILE M 433 -38.24 8.14 -25.96
N LYS M 434 -37.11 8.42 -25.31
CA LYS M 434 -36.94 8.03 -23.91
C LYS M 434 -37.87 8.81 -22.98
N PHE M 435 -38.09 10.10 -23.27
CA PHE M 435 -39.09 10.86 -22.52
C PHE M 435 -40.47 10.27 -22.70
N ARG M 436 -40.82 9.86 -23.93
CA ARG M 436 -42.12 9.25 -24.18
C ARG M 436 -42.28 7.94 -23.43
N LYS M 437 -41.21 7.13 -23.38
CA LYS M 437 -41.29 5.87 -22.66
C LYS M 437 -41.47 6.09 -21.17
N GLU M 438 -40.76 7.05 -20.55
CA GLU M 438 -41.13 7.24 -19.14
C GLU M 438 -42.43 7.97 -18.91
N ILE M 439 -42.93 8.77 -19.83
CA ILE M 439 -44.21 9.38 -19.46
C ILE M 439 -45.31 8.32 -19.51
N LYS M 440 -45.25 7.38 -20.46
CA LYS M 440 -46.15 6.22 -20.33
C LYS M 440 -45.81 5.32 -19.15
N ARG M 441 -44.55 5.27 -18.72
CA ARG M 441 -44.21 4.46 -17.56
C ARG M 441 -44.72 5.07 -16.25
N LEU M 442 -44.55 6.38 -16.10
CA LEU M 442 -45.05 7.09 -14.92
C LEU M 442 -46.57 7.12 -14.90
N ARG M 443 -47.23 7.01 -16.06
CA ARG M 443 -48.68 6.87 -16.06
C ARG M 443 -49.10 5.58 -15.35
N THR M 444 -48.42 4.47 -15.63
CA THR M 444 -48.75 3.21 -14.99
C THR M 444 -48.08 3.04 -13.63
N GLU M 445 -47.17 3.95 -13.27
CA GLU M 445 -46.55 3.88 -11.95
C GLU M 445 -47.34 4.65 -10.90
N SER M 446 -47.98 5.74 -11.30
CA SER M 446 -48.62 6.63 -10.35
C SER M 446 -49.96 6.09 -9.90
N ASP M 447 -50.53 6.74 -8.89
CA ASP M 447 -51.86 6.42 -8.38
C ASP M 447 -52.89 7.38 -8.95
N GLY M 448 -54.10 6.86 -9.18
CA GLY M 448 -55.17 7.69 -9.71
C GLY M 448 -54.88 8.11 -11.13
N TRP M 449 -55.00 9.41 -11.38
CA TRP M 449 -54.83 9.96 -12.72
C TRP M 449 -53.37 10.32 -12.97
N PHE M 450 -53.00 10.39 -14.25
CA PHE M 450 -51.72 10.94 -14.66
C PHE M 450 -51.82 11.41 -16.09
N PHE M 451 -50.82 12.19 -16.50
CA PHE M 451 -50.75 12.67 -17.88
C PHE M 451 -50.52 11.51 -18.83
N ASP M 452 -51.33 11.45 -19.88
CA ASP M 452 -51.14 10.52 -20.97
C ASP M 452 -50.43 11.26 -22.09
N VAL M 453 -49.81 10.51 -23.00
CA VAL M 453 -49.20 11.10 -24.19
C VAL M 453 -49.71 10.38 -25.43
N TRP M 454 -50.17 11.18 -26.40
CA TRP M 454 -50.92 10.74 -27.56
C TRP M 454 -49.94 10.12 -28.54
N GLN M 455 -49.71 8.81 -28.36
CA GLN M 455 -48.69 8.08 -29.11
C GLN M 455 -49.08 6.61 -29.09
N PRO M 456 -48.52 5.80 -29.99
CA PRO M 456 -48.86 4.36 -30.01
C PRO M 456 -48.50 3.67 -28.71
N ASP M 457 -49.30 2.65 -28.38
CA ASP M 457 -49.17 1.96 -27.10
C ASP M 457 -47.84 1.23 -26.95
N HIS M 458 -47.26 0.73 -28.05
CA HIS M 458 -45.95 0.11 -28.02
C HIS M 458 -45.02 0.90 -28.94
N ILE M 459 -44.14 1.69 -28.35
CA ILE M 459 -43.06 2.35 -29.07
C ILE M 459 -41.74 1.96 -28.41
N ASP M 460 -40.84 1.40 -29.19
CA ASP M 460 -39.51 1.11 -28.70
C ASP M 460 -38.43 1.25 -29.76
N THR M 461 -38.78 1.63 -30.99
CA THR M 461 -37.84 1.78 -32.08
C THR M 461 -37.80 3.24 -32.52
N THR M 462 -36.68 3.63 -33.12
CA THR M 462 -36.48 4.99 -33.57
C THR M 462 -36.99 5.11 -35.00
N GLU M 463 -38.30 5.30 -35.11
CA GLU M 463 -38.94 5.49 -36.41
C GLU M 463 -40.14 6.40 -36.22
N CYS M 464 -40.58 6.99 -37.32
CA CYS M 464 -41.85 7.69 -37.33
C CYS M 464 -42.96 6.65 -37.27
N TRP M 465 -43.65 6.58 -36.14
CA TRP M 465 -44.60 5.50 -35.94
C TRP M 465 -45.84 5.72 -36.78
N PRO M 466 -46.17 4.81 -37.70
CA PRO M 466 -47.28 5.05 -38.61
C PRO M 466 -48.62 4.96 -37.91
N LEU M 467 -49.55 5.80 -38.36
CA LEU M 467 -50.90 5.80 -37.80
C LEU M 467 -51.69 4.72 -38.51
N ARG M 468 -51.96 3.62 -37.80
CA ARG M 468 -52.60 2.46 -38.39
C ARG M 468 -54.10 2.50 -38.13
N SER M 469 -54.86 2.04 -39.12
CA SER M 469 -56.32 1.99 -38.98
C SER M 469 -56.77 0.94 -37.99
N ASP M 470 -55.89 -0.01 -37.64
CA ASP M 470 -56.23 -1.10 -36.73
C ASP M 470 -55.95 -0.74 -35.28
N SER M 471 -55.62 0.51 -34.99
CA SER M 471 -55.37 0.98 -33.64
C SER M 471 -56.19 2.23 -33.39
N THR M 472 -56.36 2.56 -32.10
CA THR M 472 -57.24 3.65 -31.75
C THR M 472 -56.57 4.70 -30.85
N TRP M 473 -55.25 4.73 -30.78
CA TRP M 473 -54.58 5.74 -29.97
C TRP M 473 -54.69 7.12 -30.59
N HIS M 474 -54.74 7.21 -31.92
CA HIS M 474 -54.81 8.51 -32.57
C HIS M 474 -56.19 9.12 -32.52
N GLY M 475 -57.22 8.36 -32.86
CA GLY M 475 -58.58 8.84 -32.81
C GLY M 475 -59.18 9.22 -34.15
N PHE M 476 -58.37 9.31 -35.20
CA PHE M 476 -58.90 9.60 -36.54
C PHE M 476 -59.56 8.33 -37.06
N LYS M 477 -60.87 8.37 -37.22
CA LYS M 477 -61.63 7.19 -37.62
C LYS M 477 -61.48 6.94 -39.13
N ASN M 478 -61.41 5.65 -39.48
CA ASN M 478 -61.30 5.19 -40.87
C ASN M 478 -60.10 5.80 -41.59
N ILE M 479 -58.99 5.92 -40.86
CA ILE M 479 -57.79 6.53 -41.39
C ILE M 479 -57.12 5.56 -42.37
N ASP M 480 -56.41 6.13 -43.35
CA ASP M 480 -55.75 5.34 -44.38
C ASP M 480 -54.38 4.90 -43.90
N ASN M 481 -54.00 3.67 -44.23
CA ASN M 481 -52.76 3.08 -43.75
C ASN M 481 -51.57 3.59 -44.56
N GLU M 482 -50.48 3.90 -43.84
CA GLU M 482 -49.29 4.57 -44.38
C GLU M 482 -49.67 5.84 -45.13
N HIS M 483 -50.26 6.77 -44.40
CA HIS M 483 -50.44 8.13 -44.87
C HIS M 483 -49.95 9.07 -43.79
N MET M 484 -49.93 8.60 -42.54
CA MET M 484 -49.50 9.42 -41.41
C MET M 484 -48.39 8.74 -40.64
N TYR M 485 -47.49 9.57 -40.15
CA TYR M 485 -46.29 9.16 -39.43
C TYR M 485 -46.06 10.15 -38.30
N LEU M 486 -46.08 9.66 -37.07
CA LEU M 486 -45.91 10.54 -35.92
C LEU M 486 -44.46 10.98 -35.81
N ASP M 487 -44.25 12.27 -35.66
CA ASP M 487 -42.91 12.77 -35.39
C ASP M 487 -42.59 12.59 -33.91
N PRO M 488 -41.55 11.84 -33.57
CA PRO M 488 -41.29 11.55 -32.15
C PRO M 488 -40.92 12.77 -31.32
N ILE M 489 -40.42 13.85 -31.91
CA ILE M 489 -39.93 14.95 -31.09
C ILE M 489 -40.97 16.01 -30.80
N LYS M 490 -42.17 15.91 -31.38
CA LYS M 490 -43.26 16.81 -31.04
C LYS M 490 -44.21 16.08 -30.09
N VAL M 491 -43.83 16.05 -28.82
CA VAL M 491 -44.55 15.27 -27.82
C VAL M 491 -45.81 16.04 -27.43
N THR M 492 -46.95 15.38 -27.58
CA THR M 492 -48.24 15.96 -27.23
C THR M 492 -48.74 15.24 -25.98
N LEU M 493 -48.58 15.87 -24.82
CA LEU M 493 -49.14 15.32 -23.60
C LEU M 493 -50.66 15.44 -23.63
N LEU M 494 -51.29 14.63 -22.79
CA LEU M 494 -52.73 14.67 -22.64
C LEU M 494 -53.06 14.78 -21.16
N THR M 495 -54.19 15.38 -20.87
CA THR M 495 -54.69 15.54 -19.53
C THR M 495 -55.99 14.74 -19.37
N PRO M 496 -56.35 14.40 -18.14
CA PRO M 496 -57.63 13.69 -17.94
C PRO M 496 -58.82 14.53 -18.36
N GLY M 497 -59.88 13.83 -18.76
CA GLY M 497 -61.09 14.47 -19.20
C GLY M 497 -61.71 13.80 -20.41
N MET M 498 -60.90 13.10 -21.18
CA MET M 498 -61.33 12.42 -22.39
C MET M 498 -61.24 10.91 -22.21
N GLU M 499 -62.27 10.21 -22.67
CA GLU M 499 -62.17 8.76 -22.77
C GLU M 499 -61.52 8.38 -24.10
N LYS M 500 -61.25 7.08 -24.25
CA LYS M 500 -60.53 6.62 -25.44
C LYS M 500 -61.41 6.61 -26.68
N ASP M 501 -62.72 6.40 -26.52
CA ASP M 501 -63.63 6.37 -27.67
C ASP M 501 -64.03 7.75 -28.15
N GLY M 502 -63.70 8.80 -27.42
CA GLY M 502 -63.98 10.17 -27.82
C GLY M 502 -64.92 10.91 -26.88
N THR M 503 -65.71 10.20 -26.09
CA THR M 503 -66.60 10.86 -25.15
C THR M 503 -65.81 11.45 -23.98
N MET M 504 -66.46 12.35 -23.26
CA MET M 504 -65.82 13.03 -22.15
C MET M 504 -65.99 12.25 -20.85
N SER M 505 -64.98 12.32 -20.00
CA SER M 505 -65.05 11.74 -18.67
C SER M 505 -65.72 12.71 -17.72
N ASP M 506 -65.71 12.38 -16.43
CA ASP M 506 -66.22 13.28 -15.40
C ASP M 506 -65.14 14.06 -14.71
N PHE M 507 -64.05 13.41 -14.30
CA PHE M 507 -62.92 14.07 -13.70
C PHE M 507 -61.94 14.49 -14.78
N GLY M 508 -61.56 15.77 -14.78
CA GLY M 508 -60.67 16.26 -15.82
C GLY M 508 -60.02 17.57 -15.44
N ILE M 509 -58.88 17.84 -16.09
CA ILE M 509 -58.18 19.09 -15.96
C ILE M 509 -57.95 19.61 -17.37
N PRO M 510 -58.54 20.73 -17.77
CA PRO M 510 -58.17 21.32 -19.06
C PRO M 510 -56.75 21.85 -19.04
N ALA M 511 -56.10 21.78 -20.20
CA ALA M 511 -54.66 21.99 -20.31
C ALA M 511 -54.23 23.43 -20.05
N SER M 512 -55.17 24.38 -19.97
CA SER M 512 -54.81 25.75 -19.64
C SER M 512 -54.23 25.88 -18.24
N ILE M 513 -54.80 25.17 -17.27
CA ILE M 513 -54.29 25.19 -15.90
C ILE M 513 -52.89 24.60 -15.84
N VAL M 514 -52.67 23.47 -16.53
CA VAL M 514 -51.34 22.86 -16.54
C VAL M 514 -50.32 23.78 -17.20
N ALA M 515 -50.69 24.41 -18.32
CA ALA M 515 -49.78 25.33 -18.98
C ALA M 515 -49.46 26.54 -18.11
N LYS M 516 -50.48 27.08 -17.43
CA LYS M 516 -50.24 28.22 -16.54
C LYS M 516 -49.38 27.84 -15.35
N TYR M 517 -49.55 26.62 -14.83
CA TYR M 517 -48.70 26.18 -13.73
C TYR M 517 -47.27 26.03 -14.20
N LEU M 518 -47.06 25.44 -15.38
CA LEU M 518 -45.71 25.29 -15.90
C LEU M 518 -45.07 26.63 -16.16
N ASP M 519 -45.84 27.60 -16.67
CA ASP M 519 -45.34 28.96 -16.83
C ASP M 519 -45.00 29.60 -15.49
N GLU M 520 -45.76 29.28 -14.44
CA GLU M 520 -45.41 29.77 -13.12
C GLU M 520 -44.08 29.22 -12.65
N HIS M 521 -43.83 27.93 -12.91
CA HIS M 521 -42.59 27.31 -12.48
C HIS M 521 -41.48 27.42 -13.51
N GLY M 522 -41.62 28.30 -14.50
CA GLY M 522 -40.50 28.65 -15.33
C GLY M 522 -40.18 27.70 -16.45
N ILE M 523 -41.18 27.01 -17.00
CA ILE M 523 -41.04 26.25 -18.23
C ILE M 523 -42.23 26.60 -19.14
N VAL M 524 -41.96 26.75 -20.42
CA VAL M 524 -42.93 27.30 -21.35
C VAL M 524 -43.44 26.22 -22.29
N VAL M 525 -44.75 26.12 -22.41
CA VAL M 525 -45.38 25.21 -23.35
C VAL M 525 -45.60 25.94 -24.66
N GLU M 526 -45.47 25.23 -25.79
CA GLU M 526 -45.63 25.83 -27.11
C GLU M 526 -47.02 26.41 -27.31
N LYS M 527 -48.05 25.56 -27.39
CA LYS M 527 -49.45 26.00 -27.41
C LYS M 527 -50.30 24.83 -26.97
N THR M 528 -51.42 25.14 -26.29
CA THR M 528 -52.30 24.13 -25.73
C THR M 528 -53.69 24.24 -26.34
N GLY M 529 -54.36 23.10 -26.45
CA GLY M 529 -55.76 23.08 -26.80
C GLY M 529 -56.61 22.91 -25.57
N PRO M 530 -57.71 22.18 -25.69
CA PRO M 530 -58.56 21.94 -24.52
C PRO M 530 -57.92 20.99 -23.52
N TYR M 531 -57.35 19.88 -24.00
CA TYR M 531 -56.80 18.86 -23.11
C TYR M 531 -55.48 18.30 -23.63
N ASN M 532 -54.73 19.10 -24.38
CA ASN M 532 -53.43 18.64 -24.84
C ASN M 532 -52.39 19.75 -24.69
N LEU M 533 -51.15 19.34 -24.48
CA LEU M 533 -50.01 20.22 -24.53
C LEU M 533 -49.16 19.87 -25.74
N LEU M 534 -48.06 20.59 -25.91
CA LEU M 534 -47.13 20.29 -27.00
C LEU M 534 -45.74 20.72 -26.56
N PHE M 535 -44.74 19.86 -26.75
CA PHE M 535 -43.39 20.20 -26.35
C PHE M 535 -42.45 19.89 -27.51
N LEU M 536 -41.80 20.92 -28.03
CA LEU M 536 -40.86 20.78 -29.12
C LEU M 536 -39.55 20.25 -28.54
N PHE M 537 -39.23 18.99 -28.83
CA PHE M 537 -37.96 18.41 -28.43
C PHE M 537 -36.96 18.61 -29.56
N SER M 538 -36.54 19.86 -29.74
CA SER M 538 -35.62 20.21 -30.81
C SER M 538 -34.21 19.81 -30.40
N ILE M 539 -33.21 20.27 -31.17
CA ILE M 539 -31.83 19.96 -30.86
C ILE M 539 -31.33 20.67 -29.61
N GLY M 540 -32.04 21.69 -29.14
CA GLY M 540 -31.64 22.36 -27.93
C GLY M 540 -31.95 21.62 -26.65
N ILE M 541 -32.89 20.69 -26.70
CA ILE M 541 -33.36 20.03 -25.48
C ILE M 541 -32.33 18.99 -25.04
N ASP M 542 -31.84 19.14 -23.81
CA ASP M 542 -31.03 18.13 -23.15
C ASP M 542 -31.83 17.54 -21.98
N LYS M 543 -31.21 16.60 -21.26
CA LYS M 543 -31.93 15.90 -20.21
C LYS M 543 -32.20 16.77 -18.99
N THR M 544 -31.50 17.89 -18.83
CA THR M 544 -31.82 18.84 -17.76
C THR M 544 -33.22 19.40 -17.93
N LYS M 545 -33.52 19.92 -19.12
CA LYS M 545 -34.84 20.48 -19.39
C LYS M 545 -35.91 19.40 -19.35
N ALA M 546 -35.62 18.22 -19.90
CA ALA M 546 -36.61 17.13 -19.91
C ALA M 546 -36.96 16.69 -18.50
N LEU M 547 -35.96 16.54 -17.64
CA LEU M 547 -36.23 16.15 -16.26
C LEU M 547 -36.94 17.25 -15.49
N SER M 548 -36.59 18.52 -15.73
CA SER M 548 -37.30 19.61 -15.09
C SER M 548 -38.76 19.66 -15.51
N LEU M 549 -39.04 19.38 -16.78
CA LEU M 549 -40.42 19.33 -17.24
C LEU M 549 -41.19 18.18 -16.60
N LEU M 550 -40.58 16.99 -16.56
CA LEU M 550 -41.26 15.84 -15.98
C LEU M 550 -41.56 16.06 -14.52
N ARG M 551 -40.66 16.81 -13.89
CA ARG M 551 -40.69 17.14 -12.43
C ARG M 551 -41.43 18.45 -12.11
N ALA M 552 -41.92 19.17 -13.11
CA ALA M 552 -42.98 20.16 -12.99
C ALA M 552 -44.34 19.52 -13.15
N LEU M 553 -44.43 18.53 -14.04
CA LEU M 553 -45.65 17.73 -14.17
C LEU M 553 -45.96 16.99 -12.87
N THR M 554 -44.95 16.36 -12.26
CA THR M 554 -45.16 15.63 -11.02
C THR M 554 -45.53 16.53 -9.85
N ASP M 555 -44.88 17.70 -9.74
CA ASP M 555 -45.23 18.64 -8.68
C ASP M 555 -46.63 19.20 -8.88
N PHE M 556 -47.06 19.37 -10.14
CA PHE M 556 -48.44 19.73 -10.37
C PHE M 556 -49.38 18.64 -9.90
N LYS M 557 -49.03 17.38 -10.15
CA LYS M 557 -49.87 16.28 -9.69
C LYS M 557 -49.99 16.27 -8.17
N ARG M 558 -48.87 16.48 -7.48
CA ARG M 558 -48.88 16.50 -6.03
C ARG M 558 -49.67 17.69 -5.49
N ALA M 559 -49.52 18.85 -6.11
CA ALA M 559 -50.24 20.03 -5.68
C ALA M 559 -51.73 19.96 -6.01
N PHE M 560 -52.11 19.22 -7.03
CA PHE M 560 -53.52 19.04 -7.36
C PHE M 560 -54.19 18.01 -6.48
N ASP M 561 -53.49 16.92 -6.15
CA ASP M 561 -54.03 15.97 -5.19
C ASP M 561 -54.13 16.57 -3.80
N LEU M 562 -53.14 17.36 -3.40
CA LEU M 562 -53.23 18.08 -2.12
C LEU M 562 -54.26 19.20 -2.17
N ASN M 563 -54.63 19.65 -3.37
CA ASN M 563 -55.63 20.69 -3.61
C ASN M 563 -55.25 22.00 -2.92
N LEU M 564 -54.13 22.55 -3.35
CA LEU M 564 -53.70 23.85 -2.87
C LEU M 564 -54.57 24.96 -3.45
N ARG M 565 -54.58 26.09 -2.77
CA ARG M 565 -55.38 27.22 -3.23
C ARG M 565 -54.75 27.87 -4.46
N VAL M 566 -55.58 28.62 -5.19
CA VAL M 566 -55.11 29.32 -6.38
C VAL M 566 -54.12 30.40 -6.01
N LYS M 567 -54.31 31.05 -4.86
CA LYS M 567 -53.43 32.13 -4.42
C LYS M 567 -52.00 31.65 -4.20
N ASN M 568 -51.82 30.51 -3.55
CA ASN M 568 -50.47 30.02 -3.29
C ASN M 568 -49.84 29.39 -4.54
N MET M 569 -50.60 28.65 -5.32
CA MET M 569 -49.97 27.87 -6.38
C MET M 569 -49.85 28.68 -7.68
N LEU M 570 -50.85 29.50 -8.00
CA LEU M 570 -50.87 30.29 -9.23
C LEU M 570 -51.02 31.76 -8.88
N PRO M 571 -49.96 32.42 -8.39
CA PRO M 571 -50.05 33.86 -8.14
C PRO M 571 -50.20 34.68 -9.40
N SER M 572 -49.64 34.24 -10.54
CA SER M 572 -49.80 34.96 -11.79
C SER M 572 -51.24 34.93 -12.29
N LEU M 573 -51.97 33.85 -12.02
CA LEU M 573 -53.39 33.81 -12.30
C LEU M 573 -54.21 34.44 -11.18
N TYR M 574 -53.68 34.43 -9.96
CA TYR M 574 -54.31 35.14 -8.84
C TYR M 574 -54.38 36.63 -9.10
N ARG M 575 -53.32 37.21 -9.66
CA ARG M 575 -53.27 38.64 -9.93
C ARG M 575 -54.18 39.07 -11.07
N GLU M 576 -54.77 38.14 -11.81
CA GLU M 576 -55.72 38.51 -12.86
C GLU M 576 -56.96 39.17 -12.26
N ASP M 577 -57.51 38.59 -11.20
CA ASP M 577 -58.58 39.23 -10.43
C ASP M 577 -58.55 38.64 -9.03
N PRO M 578 -57.84 39.28 -8.10
CA PRO M 578 -57.71 38.72 -6.73
C PRO M 578 -59.02 38.57 -5.99
N GLU M 579 -60.05 39.34 -6.34
CA GLU M 579 -61.34 39.21 -5.68
C GLU M 579 -62.01 37.89 -6.01
N PHE M 580 -61.81 37.38 -7.22
CA PHE M 580 -62.48 36.16 -7.65
C PHE M 580 -61.75 34.91 -7.20
N TYR M 581 -60.42 34.88 -7.31
CA TYR M 581 -59.62 33.70 -6.98
C TYR M 581 -59.14 33.73 -5.53
N GLU M 582 -59.86 34.40 -4.63
CA GLU M 582 -59.40 34.54 -3.26
C GLU M 582 -59.56 33.24 -2.48
N ASN M 583 -60.77 32.68 -2.49
CA ASN M 583 -61.11 31.50 -1.70
C ASN M 583 -61.49 30.33 -2.58
N MET M 584 -60.75 30.10 -3.65
CA MET M 584 -61.02 29.02 -4.58
C MET M 584 -59.86 28.03 -4.60
N ARG M 585 -60.19 26.75 -4.50
CA ARG M 585 -59.20 25.69 -4.59
C ARG M 585 -59.00 25.31 -6.06
N ILE M 586 -57.88 24.63 -6.33
CA ILE M 586 -57.57 24.28 -7.72
C ILE M 586 -58.48 23.17 -8.23
N GLN M 587 -58.88 22.23 -7.37
CA GLN M 587 -59.80 21.18 -7.80
C GLN M 587 -61.16 21.74 -8.17
N GLU M 588 -61.65 22.72 -7.41
CA GLU M 588 -62.91 23.37 -7.76
C GLU M 588 -62.81 24.12 -9.09
N LEU M 589 -61.70 24.81 -9.32
CA LEU M 589 -61.52 25.55 -10.57
C LEU M 589 -61.45 24.60 -11.77
N ALA M 590 -60.66 23.53 -11.64
CA ALA M 590 -60.55 22.56 -12.73
C ALA M 590 -61.87 21.86 -12.98
N GLN M 591 -62.59 21.49 -11.92
CA GLN M 591 -63.90 20.88 -12.06
C GLN M 591 -64.89 21.83 -12.72
N ASN M 592 -64.82 23.11 -12.37
CA ASN M 592 -65.75 24.08 -12.94
C ASN M 592 -65.51 24.30 -14.43
N ILE M 593 -64.25 24.46 -14.83
CA ILE M 593 -63.98 24.65 -16.26
C ILE M 593 -64.28 23.36 -17.03
N HIS M 594 -63.98 22.20 -16.44
CA HIS M 594 -64.33 20.94 -17.08
C HIS M 594 -65.84 20.77 -17.22
N LYS M 595 -66.62 21.18 -16.22
CA LYS M 595 -68.07 21.12 -16.33
C LYS M 595 -68.61 22.11 -17.34
N LEU M 596 -67.97 23.28 -17.48
CA LEU M 596 -68.34 24.22 -18.53
C LEU M 596 -68.07 23.62 -19.90
N ILE M 597 -67.00 22.86 -20.06
CA ILE M 597 -66.74 22.19 -21.33
C ILE M 597 -67.74 21.06 -21.56
N VAL M 598 -68.02 20.26 -20.54
CA VAL M 598 -68.93 19.12 -20.67
C VAL M 598 -70.38 19.53 -20.95
N HIS M 599 -70.92 20.45 -20.17
CA HIS M 599 -72.33 20.83 -20.32
C HIS M 599 -72.60 21.51 -21.64
N HIS M 600 -71.65 22.30 -22.12
CA HIS M 600 -71.75 22.95 -23.42
C HIS M 600 -71.32 22.05 -24.57
N ASN M 601 -70.78 20.86 -24.26
CA ASN M 601 -70.40 19.83 -25.23
C ASN M 601 -69.40 20.38 -26.26
N LEU M 602 -68.22 20.75 -25.74
CA LEU M 602 -67.20 21.36 -26.59
C LEU M 602 -66.67 20.45 -27.70
N PRO M 603 -66.22 19.21 -27.44
CA PRO M 603 -65.58 18.45 -28.54
C PRO M 603 -66.51 18.06 -29.65
N ASP M 604 -67.78 17.76 -29.37
CA ASP M 604 -68.72 17.41 -30.43
C ASP M 604 -68.99 18.60 -31.33
N LEU M 605 -69.15 19.79 -30.74
CA LEU M 605 -69.31 21.01 -31.54
C LEU M 605 -68.05 21.33 -32.32
N MET M 606 -66.87 21.17 -31.71
CA MET M 606 -65.62 21.44 -32.39
C MET M 606 -65.38 20.47 -33.53
N TYR M 607 -65.89 19.25 -33.42
CA TYR M 607 -65.81 18.30 -34.52
C TYR M 607 -66.78 18.67 -35.64
N ARG M 608 -68.07 18.79 -35.31
CA ARG M 608 -69.10 19.01 -36.31
C ARG M 608 -69.01 20.39 -36.97
N ALA M 609 -68.31 21.35 -36.36
CA ALA M 609 -68.09 22.63 -37.01
C ALA M 609 -67.04 22.55 -38.10
N PHE M 610 -66.02 21.72 -37.94
CA PHE M 610 -64.98 21.60 -38.93
C PHE M 610 -65.24 20.49 -39.94
N GLU M 611 -66.26 19.67 -39.73
CA GLU M 611 -66.64 18.71 -40.77
C GLU M 611 -67.55 19.33 -41.83
N VAL M 612 -67.94 20.59 -41.69
CA VAL M 612 -68.76 21.27 -42.67
C VAL M 612 -68.03 22.53 -43.13
N LEU M 613 -67.89 22.65 -44.45
CA LEU M 613 -67.21 23.77 -45.09
C LEU M 613 -68.17 24.92 -45.35
N PRO M 614 -67.80 26.14 -44.96
CA PRO M 614 -68.63 27.30 -45.28
C PRO M 614 -68.70 27.56 -46.79
N THR M 615 -69.81 28.14 -47.22
CA THR M 615 -70.07 28.35 -48.63
C THR M 615 -69.23 29.51 -49.15
N MET M 616 -68.44 29.26 -50.19
CA MET M 616 -67.61 30.28 -50.81
C MET M 616 -68.46 31.12 -51.75
N VAL M 617 -68.85 32.32 -51.31
CA VAL M 617 -69.54 33.24 -52.20
C VAL M 617 -68.58 33.87 -53.18
N MET M 618 -67.44 34.36 -52.67
CA MET M 618 -66.44 35.01 -53.52
C MET M 618 -65.06 34.66 -53.01
N THR M 619 -64.08 34.83 -53.91
CA THR M 619 -62.68 34.56 -53.57
C THR M 619 -62.19 35.53 -52.50
N PRO M 620 -61.26 35.09 -51.65
CA PRO M 620 -60.74 36.00 -50.61
C PRO M 620 -60.06 37.25 -51.15
N TYR M 621 -59.54 37.21 -52.37
CA TYR M 621 -59.04 38.43 -53.01
C TYR M 621 -60.15 39.45 -53.19
N ALA M 622 -61.33 39.00 -53.64
CA ALA M 622 -62.47 39.90 -53.77
C ALA M 622 -62.96 40.37 -52.42
N ALA M 623 -62.87 39.51 -51.39
CA ALA M 623 -63.23 39.93 -50.04
C ALA M 623 -62.32 41.04 -49.54
N PHE M 624 -61.01 40.91 -49.78
CA PHE M 624 -60.09 41.97 -49.41
C PHE M 624 -60.33 43.24 -50.22
N GLN M 625 -60.69 43.08 -51.50
CA GLN M 625 -61.00 44.24 -52.32
C GLN M 625 -62.22 45.00 -51.80
N LYS M 626 -63.27 44.27 -51.43
CA LYS M 626 -64.44 44.91 -50.84
C LYS M 626 -64.16 45.44 -49.45
N GLU M 627 -63.20 44.85 -48.73
CA GLU M 627 -62.84 45.36 -47.41
C GLU M 627 -62.08 46.67 -47.51
N LEU M 628 -61.21 46.81 -48.50
CA LEU M 628 -60.47 48.05 -48.70
C LEU M 628 -61.35 49.22 -49.09
N HIS M 629 -62.47 48.98 -49.76
CA HIS M 629 -63.36 50.05 -50.20
C HIS M 629 -64.33 50.48 -49.11
N GLY M 630 -64.15 50.02 -47.88
CA GLY M 630 -65.00 50.44 -46.79
C GLY M 630 -66.39 49.86 -46.81
N MET M 631 -66.58 48.71 -47.45
CA MET M 631 -67.88 48.07 -47.55
C MET M 631 -68.12 47.06 -46.43
N THR M 632 -67.51 47.28 -45.27
CA THR M 632 -67.58 46.35 -44.15
C THR M 632 -68.35 46.97 -42.99
N GLU M 633 -69.24 46.19 -42.41
CA GLU M 633 -69.98 46.58 -41.22
C GLU M 633 -69.78 45.52 -40.14
N GLU M 634 -69.89 45.93 -38.89
CA GLU M 634 -69.68 45.05 -37.75
C GLU M 634 -71.04 44.64 -37.19
N VAL M 635 -71.58 43.53 -37.70
CA VAL M 635 -72.83 42.98 -37.19
C VAL M 635 -72.45 42.12 -35.99
N TYR M 636 -73.40 41.88 -35.08
CA TYR M 636 -73.11 41.03 -33.95
C TYR M 636 -73.00 39.57 -34.37
N LEU M 637 -72.53 38.74 -33.45
CA LEU M 637 -72.17 37.37 -33.78
C LEU M 637 -73.38 36.53 -34.17
N ASP M 638 -74.51 36.72 -33.49
CA ASP M 638 -75.68 35.86 -33.70
C ASP M 638 -76.33 36.06 -35.05
N GLU M 639 -76.23 37.24 -35.64
CA GLU M 639 -76.91 37.57 -36.89
C GLU M 639 -75.95 37.51 -38.07
N MET M 640 -75.02 36.57 -38.05
CA MET M 640 -73.98 36.48 -39.06
C MET M 640 -74.28 35.47 -40.16
N VAL M 641 -75.34 34.68 -40.03
CA VAL M 641 -75.70 33.73 -41.07
C VAL M 641 -76.25 34.48 -42.28
N GLY M 642 -75.89 34.00 -43.47
CA GLY M 642 -76.26 34.68 -44.69
C GLY M 642 -75.43 35.89 -45.02
N ARG M 643 -74.38 36.17 -44.25
CA ARG M 643 -73.53 37.33 -44.46
C ARG M 643 -72.14 36.88 -44.89
N ILE M 644 -71.54 37.64 -45.80
CA ILE M 644 -70.22 37.32 -46.33
C ILE M 644 -69.17 37.88 -45.38
N ASN M 645 -68.27 37.02 -44.92
CA ASN M 645 -67.25 37.43 -43.96
C ASN M 645 -66.10 38.14 -44.66
N ALA M 646 -65.63 39.22 -44.04
CA ALA M 646 -64.55 40.02 -44.59
C ALA M 646 -63.19 39.72 -43.98
N ASN M 647 -63.15 39.43 -42.68
CA ASN M 647 -61.91 39.08 -42.00
C ASN M 647 -61.98 37.63 -41.54
N MET M 648 -60.81 36.99 -41.51
CA MET M 648 -60.72 35.59 -41.14
C MET M 648 -61.08 35.41 -39.67
N ILE M 649 -61.81 34.34 -39.36
CA ILE M 649 -62.13 33.97 -37.99
C ILE M 649 -61.24 32.79 -37.61
N LEU M 650 -60.38 33.00 -36.62
CA LEU M 650 -59.40 32.00 -36.19
C LEU M 650 -59.61 31.74 -34.71
N PRO M 651 -60.40 30.72 -34.35
CA PRO M 651 -60.68 30.47 -32.93
C PRO M 651 -59.65 29.57 -32.27
N TYR M 652 -59.30 29.92 -31.04
CA TYR M 652 -58.49 29.06 -30.18
C TYR M 652 -59.38 28.54 -29.06
N PRO M 653 -59.68 27.24 -28.97
CA PRO M 653 -59.29 26.07 -29.77
C PRO M 653 -59.89 26.06 -31.17
N PRO M 654 -59.24 25.38 -32.13
CA PRO M 654 -57.96 24.67 -31.99
C PRO M 654 -56.74 25.43 -32.49
N GLY M 655 -56.92 26.34 -33.45
CA GLY M 655 -55.79 27.03 -34.03
C GLY M 655 -55.68 26.88 -35.53
N VAL M 656 -56.81 26.60 -36.18
CA VAL M 656 -56.86 26.42 -37.63
C VAL M 656 -57.95 27.34 -38.17
N PRO M 657 -57.75 27.97 -39.34
CA PRO M 657 -58.78 28.87 -39.89
C PRO M 657 -60.13 28.22 -40.14
N LEU M 658 -61.14 28.71 -39.43
CA LEU M 658 -62.48 28.15 -39.48
C LEU M 658 -63.32 28.79 -40.58
N VAL M 659 -63.49 30.11 -40.53
CA VAL M 659 -64.17 30.86 -41.58
C VAL M 659 -63.12 31.70 -42.31
N MET M 660 -63.05 31.53 -43.63
CA MET M 660 -62.13 32.28 -44.45
C MET M 660 -62.75 33.62 -44.83
N PRO M 661 -61.93 34.60 -45.21
CA PRO M 661 -62.49 35.84 -45.77
C PRO M 661 -63.18 35.57 -47.10
N GLY M 662 -64.46 35.95 -47.19
CA GLY M 662 -65.23 35.77 -48.39
C GLY M 662 -66.16 34.58 -48.40
N GLU M 663 -66.37 33.93 -47.26
CA GLU M 663 -67.21 32.75 -47.18
C GLU M 663 -68.41 33.02 -46.28
N MET M 664 -69.53 32.40 -46.61
CA MET M 664 -70.81 32.61 -45.94
C MET M 664 -71.15 31.41 -45.06
N ILE M 665 -71.64 31.68 -43.87
CA ILE M 665 -72.20 30.63 -43.02
C ILE M 665 -73.66 30.46 -43.37
N THR M 666 -73.99 29.32 -43.99
CA THR M 666 -75.36 29.04 -44.40
C THR M 666 -76.05 28.21 -43.33
N GLU M 667 -77.29 27.80 -43.62
CA GLU M 667 -78.02 26.94 -42.70
C GLU M 667 -77.42 25.54 -42.62
N GLU M 668 -76.73 25.10 -43.67
CA GLU M 668 -76.02 23.83 -43.62
C GLU M 668 -74.78 23.88 -42.74
N SER M 669 -74.29 25.08 -42.42
CA SER M 669 -73.11 25.25 -41.58
C SER M 669 -73.44 25.97 -40.28
N ARG M 670 -74.67 25.81 -39.80
CA ARG M 670 -75.04 26.36 -38.49
C ARG M 670 -74.20 25.87 -37.30
N PRO M 671 -73.72 24.62 -37.22
CA PRO M 671 -72.83 24.26 -36.11
C PRO M 671 -71.55 25.09 -36.01
N VAL M 672 -71.09 25.73 -37.10
CA VAL M 672 -70.03 26.72 -36.99
C VAL M 672 -70.45 27.87 -36.09
N LEU M 673 -71.64 28.42 -36.34
CA LEU M 673 -72.16 29.50 -35.50
C LEU M 673 -72.41 29.02 -34.08
N GLU M 674 -72.91 27.80 -33.91
CA GLU M 674 -73.11 27.25 -32.57
C GLU M 674 -71.80 27.10 -31.82
N PHE M 675 -70.74 26.66 -32.50
CA PHE M 675 -69.43 26.53 -31.87
C PHE M 675 -68.87 27.90 -31.48
N LEU M 676 -69.01 28.89 -32.35
CA LEU M 676 -68.52 30.23 -32.03
C LEU M 676 -69.28 30.83 -30.85
N GLN M 677 -70.60 30.71 -30.85
CA GLN M 677 -71.41 31.21 -29.74
C GLN M 677 -71.11 30.47 -28.44
N MET M 678 -70.90 29.16 -28.52
CA MET M 678 -70.53 28.37 -27.34
C MET M 678 -69.19 28.81 -26.79
N LEU M 679 -68.21 29.05 -27.65
CA LEU M 679 -66.89 29.48 -27.21
C LEU M 679 -66.96 30.86 -26.55
N CYS M 680 -67.75 31.77 -27.13
CA CYS M 680 -67.94 33.08 -26.51
C CYS M 680 -68.69 32.96 -25.17
N GLU M 681 -69.63 32.02 -25.07
CA GLU M 681 -70.38 31.85 -23.83
C GLU M 681 -69.52 31.27 -22.72
N ILE M 682 -68.63 30.33 -23.05
CA ILE M 682 -67.82 29.72 -22.01
C ILE M 682 -66.61 30.57 -21.65
N GLY M 683 -66.17 31.46 -22.53
CA GLY M 683 -65.02 32.27 -22.21
C GLY M 683 -65.31 33.48 -21.33
N ALA M 684 -66.58 33.77 -21.07
CA ALA M 684 -66.97 34.93 -20.30
C ALA M 684 -67.39 34.59 -18.88
N HIS M 685 -66.78 33.56 -18.29
CA HIS M 685 -67.08 33.17 -16.92
C HIS M 685 -65.89 33.31 -15.99
N TYR M 686 -64.74 32.74 -16.36
CA TYR M 686 -63.60 32.67 -15.46
C TYR M 686 -62.45 33.52 -15.99
N PRO M 687 -61.98 34.49 -15.21
CA PRO M 687 -60.91 35.38 -15.68
C PRO M 687 -59.59 34.65 -15.83
N GLY M 688 -58.78 35.16 -16.77
CA GLY M 688 -57.52 34.54 -17.11
C GLY M 688 -57.63 33.45 -18.15
N PHE M 689 -58.84 32.97 -18.43
CA PHE M 689 -59.08 31.96 -19.45
C PHE M 689 -59.93 32.57 -20.56
N GLU M 690 -59.57 33.80 -20.96
CA GLU M 690 -60.39 34.60 -21.84
C GLU M 690 -60.44 34.00 -23.25
N THR M 691 -61.47 34.38 -23.98
CA THR M 691 -61.71 33.87 -25.33
C THR M 691 -60.65 34.40 -26.28
N ASP M 692 -60.02 33.50 -27.03
CA ASP M 692 -58.99 33.86 -27.99
C ASP M 692 -59.51 33.50 -29.38
N ILE M 693 -60.19 34.45 -30.01
CA ILE M 693 -60.66 34.31 -31.38
C ILE M 693 -60.07 35.46 -32.18
N HIS M 694 -59.30 35.15 -33.21
CA HIS M 694 -58.75 36.18 -34.08
C HIS M 694 -59.75 36.46 -35.18
N GLY M 695 -60.36 37.64 -35.14
CA GLY M 695 -61.39 38.01 -36.09
C GLY M 695 -62.63 38.53 -35.42
N ALA M 696 -62.98 37.94 -34.29
CA ALA M 696 -64.13 38.39 -33.50
C ALA M 696 -63.65 39.40 -32.47
N TYR M 697 -64.33 40.54 -32.40
CA TYR M 697 -63.91 41.67 -31.58
C TYR M 697 -64.82 41.78 -30.36
N ARG M 698 -64.22 41.85 -29.19
CA ARG M 698 -64.97 41.88 -27.95
C ARG M 698 -65.60 43.24 -27.73
N GLN M 699 -66.87 43.26 -27.35
CA GLN M 699 -67.57 44.47 -26.97
C GLN M 699 -67.70 44.54 -25.45
N ALA M 700 -68.23 45.67 -24.97
CA ALA M 700 -68.34 45.87 -23.54
C ALA M 700 -69.46 45.06 -22.91
N ASP M 701 -70.56 44.84 -23.64
CA ASP M 701 -71.69 44.11 -23.09
C ASP M 701 -71.44 42.62 -22.98
N GLY M 702 -70.49 42.08 -23.73
CA GLY M 702 -70.19 40.67 -23.70
C GLY M 702 -70.56 39.88 -24.94
N ARG M 703 -71.01 40.54 -26.01
CA ARG M 703 -71.35 39.88 -27.26
C ARG M 703 -70.39 40.37 -28.34
N TYR M 704 -69.81 39.43 -29.09
CA TYR M 704 -68.72 39.72 -30.00
C TYR M 704 -69.27 40.14 -31.36
N THR M 705 -68.42 40.81 -32.14
CA THR M 705 -68.76 41.29 -33.47
C THR M 705 -67.77 40.78 -34.49
N VAL M 706 -68.24 40.54 -35.71
CA VAL M 706 -67.42 40.06 -36.82
C VAL M 706 -67.66 41.00 -38.01
N LYS M 707 -66.57 41.46 -38.62
CA LYS M 707 -66.67 42.34 -39.78
C LYS M 707 -67.18 41.57 -40.99
N VAL M 708 -68.41 41.86 -41.40
CA VAL M 708 -68.99 41.24 -42.58
C VAL M 708 -69.15 42.31 -43.66
N LEU M 709 -69.49 41.88 -44.86
CA LEU M 709 -69.63 42.79 -45.99
C LEU M 709 -71.04 43.36 -46.04
N LYS M 710 -71.15 44.57 -46.56
CA LYS M 710 -72.44 45.23 -46.71
C LYS M 710 -73.23 44.59 -47.84
N GLU M 711 -74.54 44.82 -47.81
CA GLU M 711 -75.44 44.24 -48.80
C GLU M 711 -75.81 45.26 -49.88
N MET N 1 -29.66 30.53 5.47
CA MET N 1 -29.57 29.68 4.29
C MET N 1 -28.50 30.17 3.32
N ASN N 2 -27.25 29.80 3.60
CA ASN N 2 -26.17 30.06 2.64
C ASN N 2 -25.17 28.91 2.61
N VAL N 3 -25.59 27.76 3.11
CA VAL N 3 -24.64 26.61 3.19
C VAL N 3 -25.11 25.58 2.17
N ILE N 4 -24.30 25.26 1.17
CA ILE N 4 -24.69 24.34 0.07
C ILE N 4 -23.63 23.27 0.00
N ALA N 5 -23.98 22.02 0.19
CA ALA N 5 -22.97 21.00 0.45
C ALA N 5 -22.73 20.15 -0.78
N ILE N 6 -21.48 20.05 -1.20
CA ILE N 6 -21.12 19.30 -2.42
C ILE N 6 -20.58 17.97 -1.93
N LEU N 7 -20.99 16.85 -2.53
CA LEU N 7 -20.42 15.53 -2.18
C LEU N 7 -19.05 15.35 -2.84
N ASN N 8 -18.43 14.17 -2.63
CA ASN N 8 -16.99 13.93 -2.89
C ASN N 8 -16.39 14.06 -4.27
N HIS N 9 -15.06 14.02 -4.32
CA HIS N 9 -14.31 14.14 -5.60
C HIS N 9 -14.24 12.78 -6.26
N MET N 10 -14.91 12.63 -7.39
CA MET N 10 -14.96 11.33 -8.10
C MET N 10 -13.54 10.96 -8.52
N GLY N 11 -12.81 11.89 -9.10
CA GLY N 11 -11.46 11.59 -9.62
C GLY N 11 -11.29 12.01 -11.08
N VAL N 12 -12.32 11.84 -11.91
CA VAL N 12 -12.14 12.26 -13.28
C VAL N 12 -12.44 13.75 -13.41
N TYR N 13 -11.88 14.36 -14.45
CA TYR N 13 -11.83 15.81 -14.59
C TYR N 13 -13.13 16.43 -15.08
N PHE N 14 -13.84 15.76 -15.98
CA PHE N 14 -14.97 16.39 -16.65
C PHE N 14 -16.15 16.63 -15.71
N LYS N 15 -16.19 15.94 -14.58
CA LYS N 15 -17.18 16.20 -13.54
C LYS N 15 -16.56 16.74 -12.28
N GLU N 16 -15.37 17.31 -12.37
CA GLU N 16 -14.75 18.02 -11.26
C GLU N 16 -14.47 19.48 -11.55
N GLU N 17 -13.95 19.79 -12.74
CA GLU N 17 -13.73 21.18 -13.12
C GLU N 17 -15.04 21.96 -13.23
N PRO N 18 -16.13 21.42 -13.81
CA PRO N 18 -17.42 22.12 -13.65
C PRO N 18 -17.85 22.27 -12.20
N ILE N 19 -17.53 21.30 -11.34
CA ILE N 19 -17.85 21.42 -9.92
C ILE N 19 -17.02 22.52 -9.28
N ARG N 20 -15.75 22.64 -9.64
CA ARG N 20 -14.95 23.74 -9.11
C ARG N 20 -15.40 25.10 -9.63
N GLU N 21 -15.82 25.18 -10.89
CA GLU N 21 -16.37 26.42 -11.41
C GLU N 21 -17.68 26.78 -10.70
N LEU N 22 -18.52 25.80 -10.42
CA LEU N 22 -19.74 26.04 -9.66
C LEU N 22 -19.44 26.45 -8.23
N HIS N 23 -18.39 25.88 -7.63
CA HIS N 23 -17.91 26.30 -6.32
C HIS N 23 -17.55 27.79 -6.35
N ARG N 24 -16.75 28.19 -7.34
CA ARG N 24 -16.32 29.58 -7.44
C ARG N 24 -17.50 30.51 -7.67
N ALA N 25 -18.44 30.12 -8.54
CA ALA N 25 -19.62 30.94 -8.80
C ALA N 25 -20.52 31.05 -7.58
N LEU N 26 -20.69 29.97 -6.81
CA LEU N 26 -21.52 30.03 -5.63
C LEU N 26 -20.89 30.86 -4.52
N GLU N 27 -19.56 30.80 -4.37
CA GLU N 27 -18.90 31.71 -3.44
C GLU N 27 -19.00 33.15 -3.92
N ARG N 28 -19.03 33.36 -5.23
CA ARG N 28 -19.30 34.69 -5.76
C ARG N 28 -20.72 35.15 -5.46
N LEU N 29 -21.65 34.20 -5.35
CA LEU N 29 -23.03 34.51 -5.00
C LEU N 29 -23.30 34.45 -3.51
N ASN N 30 -22.26 34.58 -2.69
CA ASN N 30 -22.36 34.67 -1.22
C ASN N 30 -22.98 33.42 -0.61
N PHE N 31 -22.50 32.26 -1.02
CA PHE N 31 -22.87 30.98 -0.42
C PHE N 31 -21.66 30.33 0.21
N GLN N 32 -21.76 30.00 1.49
CA GLN N 32 -20.74 29.17 2.13
C GLN N 32 -20.84 27.75 1.59
N ILE N 33 -19.69 27.15 1.33
CA ILE N 33 -19.63 25.83 0.72
C ILE N 33 -18.99 24.87 1.72
N VAL N 34 -19.67 23.77 2.00
CA VAL N 34 -19.15 22.73 2.86
C VAL N 34 -18.89 21.49 2.01
N TYR N 35 -17.96 20.66 2.49
CA TYR N 35 -17.47 19.49 1.76
C TYR N 35 -17.55 18.24 2.62
N PRO N 36 -18.74 17.65 2.77
CA PRO N 36 -18.81 16.33 3.42
C PRO N 36 -18.11 15.27 2.59
N ASN N 37 -17.44 14.35 3.29
CA ASN N 37 -16.58 13.40 2.61
C ASN N 37 -17.38 12.29 1.92
N ASP N 38 -18.42 11.78 2.57
CA ASP N 38 -19.19 10.69 1.99
C ASP N 38 -20.63 10.81 2.46
N ARG N 39 -21.40 9.73 2.27
CA ARG N 39 -22.85 9.76 2.49
C ARG N 39 -23.22 9.98 3.96
N ASP N 40 -22.65 9.16 4.86
CA ASP N 40 -22.97 9.28 6.28
C ASP N 40 -22.53 10.63 6.83
N ASP N 41 -21.45 11.18 6.27
CA ASP N 41 -21.05 12.55 6.59
C ASP N 41 -22.15 13.53 6.25
N LEU N 42 -22.81 13.36 5.10
CA LEU N 42 -23.92 14.24 4.74
C LEU N 42 -25.11 14.06 5.67
N LEU N 43 -25.44 12.81 6.02
CA LEU N 43 -26.54 12.58 6.96
C LEU N 43 -26.30 13.26 8.30
N LYS N 44 -25.12 13.09 8.88
CA LYS N 44 -24.79 13.74 10.13
C LYS N 44 -24.73 15.26 9.99
N LEU N 45 -24.21 15.77 8.88
CA LEU N 45 -24.15 17.20 8.65
C LEU N 45 -25.53 17.81 8.57
N ILE N 46 -26.49 17.11 7.97
CA ILE N 46 -27.84 17.66 7.89
C ILE N 46 -28.54 17.57 9.25
N GLU N 47 -28.34 16.50 10.03
CA GLU N 47 -29.08 16.45 11.29
C GLU N 47 -28.49 17.42 12.32
N ASN N 48 -27.17 17.63 12.29
CA ASN N 48 -26.57 18.51 13.29
C ASN N 48 -26.76 19.99 12.98
N ASN N 49 -27.22 20.34 11.78
CA ASN N 49 -27.33 21.72 11.37
C ASN N 49 -28.72 22.02 10.84
N ALA N 50 -28.97 23.30 10.61
CA ALA N 50 -30.20 23.72 9.96
C ALA N 50 -29.97 24.81 8.91
N ARG N 51 -28.82 25.47 8.92
CA ARG N 51 -28.54 26.52 7.96
C ARG N 51 -28.23 25.97 6.56
N LEU N 52 -28.08 24.66 6.43
CA LEU N 52 -27.80 24.07 5.13
C LEU N 52 -29.04 24.17 4.25
N CYS N 53 -28.87 24.66 3.03
CA CYS N 53 -29.99 24.94 2.14
C CYS N 53 -29.78 24.32 0.77
N GLY N 54 -28.99 23.27 0.67
CA GLY N 54 -28.74 22.67 -0.62
C GLY N 54 -27.66 21.62 -0.58
N VAL N 55 -27.90 20.51 -1.29
CA VAL N 55 -26.92 19.45 -1.42
C VAL N 55 -26.68 19.23 -2.90
N ILE N 56 -25.43 19.28 -3.30
CA ILE N 56 -25.03 18.96 -4.66
C ILE N 56 -24.32 17.62 -4.61
N PHE N 57 -24.79 16.67 -5.39
CA PHE N 57 -24.19 15.35 -5.43
C PHE N 57 -24.27 14.82 -6.84
N ASP N 58 -23.39 13.88 -7.14
CA ASP N 58 -23.39 13.20 -8.43
C ASP N 58 -24.39 12.07 -8.39
N TRP N 59 -25.13 11.90 -9.48
CA TRP N 59 -26.18 10.91 -9.57
C TRP N 59 -25.63 9.52 -9.92
N ASP N 60 -24.33 9.39 -10.12
CA ASP N 60 -23.79 8.08 -10.46
C ASP N 60 -23.36 7.31 -9.21
N LYS N 61 -22.41 7.87 -8.45
CA LYS N 61 -21.88 7.15 -7.30
C LYS N 61 -22.85 7.10 -6.14
N TYR N 62 -23.82 8.00 -6.07
CA TYR N 62 -24.82 8.02 -5.02
C TYR N 62 -26.19 7.90 -5.64
N ASN N 63 -26.95 6.89 -5.20
CA ASN N 63 -28.23 6.59 -5.80
C ASN N 63 -29.27 7.57 -5.25
N LEU N 64 -30.54 7.34 -5.59
CA LEU N 64 -31.62 8.24 -5.22
C LEU N 64 -32.23 7.90 -3.87
N GLU N 65 -31.73 6.86 -3.19
CA GLU N 65 -32.14 6.63 -1.81
C GLU N 65 -31.53 7.67 -0.88
N LEU N 66 -30.40 8.26 -1.27
CA LEU N 66 -29.90 9.49 -0.64
C LEU N 66 -30.57 10.71 -1.28
N CYS N 67 -31.90 10.60 -1.40
CA CYS N 67 -32.78 11.73 -1.58
C CYS N 67 -33.93 11.46 -0.62
N GLU N 68 -34.26 10.18 -0.49
CA GLU N 68 -35.34 9.75 0.38
C GLU N 68 -34.97 9.86 1.84
N GLU N 69 -33.72 9.54 2.18
CA GLU N 69 -33.29 9.70 3.58
C GLU N 69 -33.30 11.16 4.00
N ILE N 70 -32.82 12.04 3.13
CA ILE N 70 -32.88 13.48 3.41
C ILE N 70 -34.31 13.97 3.45
N SER N 71 -35.19 13.39 2.63
CA SER N 71 -36.62 13.71 2.70
C SER N 71 -37.22 13.33 4.04
N LYS N 72 -36.86 12.17 4.58
CA LYS N 72 -37.26 11.84 5.94
C LYS N 72 -36.65 12.80 6.96
N MET N 73 -35.50 13.39 6.63
CA MET N 73 -34.90 14.37 7.53
C MET N 73 -35.48 15.76 7.29
N ASN N 74 -35.64 16.16 6.04
CA ASN N 74 -36.26 17.45 5.71
C ASN N 74 -36.91 17.34 4.34
N GLU N 75 -38.22 17.56 4.27
CA GLU N 75 -38.96 17.34 3.04
C GLU N 75 -38.67 18.42 2.00
N ASN N 76 -38.51 19.67 2.42
CA ASN N 76 -38.43 20.79 1.50
C ASN N 76 -37.02 21.15 1.08
N LEU N 77 -36.02 20.40 1.55
CA LEU N 77 -34.64 20.77 1.28
C LEU N 77 -34.30 20.55 -0.19
N PRO N 78 -33.84 21.59 -0.90
CA PRO N 78 -33.44 21.41 -2.29
C PRO N 78 -32.14 20.64 -2.37
N LEU N 79 -32.08 19.68 -3.28
CA LEU N 79 -30.86 18.95 -3.54
C LEU N 79 -30.63 18.99 -5.05
N TYR N 80 -29.38 18.97 -5.48
CA TYR N 80 -29.07 19.18 -6.90
C TYR N 80 -28.30 17.99 -7.45
N ALA N 81 -29.03 17.02 -8.01
CA ALA N 81 -28.40 15.87 -8.61
C ALA N 81 -27.78 16.24 -9.95
N PHE N 82 -26.59 15.72 -10.21
CA PHE N 82 -25.88 15.98 -11.46
C PHE N 82 -25.91 14.73 -12.31
N ALA N 83 -26.52 14.81 -13.49
CA ALA N 83 -26.78 13.65 -14.32
C ALA N 83 -25.66 13.47 -15.34
N ASN N 84 -24.96 12.35 -15.25
CA ASN N 84 -23.93 12.02 -16.23
C ASN N 84 -24.21 10.72 -16.98
N THR N 85 -24.36 9.61 -16.27
CA THR N 85 -24.41 8.29 -16.88
C THR N 85 -25.82 7.71 -16.93
N TYR N 86 -26.54 7.77 -15.82
CA TYR N 86 -27.96 7.45 -15.85
C TYR N 86 -28.68 8.45 -16.72
N SER N 87 -29.48 7.93 -17.63
CA SER N 87 -30.12 8.72 -18.67
C SER N 87 -31.39 9.38 -18.12
N THR N 88 -32.26 9.84 -19.01
CA THR N 88 -33.58 10.25 -18.57
C THR N 88 -34.33 9.07 -17.96
N LEU N 89 -34.18 7.87 -18.53
CA LEU N 89 -35.01 6.70 -18.25
C LEU N 89 -34.92 6.16 -16.83
N ASP N 90 -33.91 6.56 -16.04
CA ASP N 90 -33.63 5.88 -14.78
C ASP N 90 -34.25 6.59 -13.58
N VAL N 91 -35.44 7.15 -13.73
CA VAL N 91 -36.07 7.94 -12.67
C VAL N 91 -37.44 7.33 -12.35
N SER N 92 -37.67 7.09 -11.07
CA SER N 92 -38.95 6.60 -10.58
C SER N 92 -39.84 7.75 -10.13
N LEU N 93 -41.08 7.43 -9.75
CA LEU N 93 -42.00 8.44 -9.26
C LEU N 93 -41.57 9.04 -7.95
N ASN N 94 -41.08 8.21 -7.01
CA ASN N 94 -40.65 8.69 -5.71
C ASN N 94 -39.47 9.64 -5.82
N ASP N 95 -38.64 9.51 -6.86
CA ASP N 95 -37.62 10.51 -7.12
C ASP N 95 -38.25 11.83 -7.55
N LEU N 96 -39.24 11.77 -8.45
CA LEU N 96 -39.94 12.97 -8.91
C LEU N 96 -40.73 13.67 -7.83
N ARG N 97 -41.09 12.98 -6.75
CA ARG N 97 -41.84 13.65 -5.69
C ARG N 97 -40.93 14.34 -4.70
N LEU N 98 -39.61 14.29 -4.93
CA LEU N 98 -38.68 14.89 -3.99
C LEU N 98 -38.17 16.22 -4.54
N GLN N 99 -37.56 17.00 -3.65
CA GLN N 99 -36.98 18.30 -4.03
C GLN N 99 -35.56 18.07 -4.57
N ILE N 100 -35.48 17.65 -5.83
CA ILE N 100 -34.22 17.49 -6.52
C ILE N 100 -34.37 18.34 -7.79
N SER N 101 -33.31 19.02 -8.20
CA SER N 101 -33.27 19.61 -9.54
C SER N 101 -32.05 19.10 -10.27
N PHE N 102 -32.25 18.55 -11.47
CA PHE N 102 -31.19 17.86 -12.21
C PHE N 102 -30.36 18.85 -13.02
N PHE N 103 -29.06 18.61 -13.07
CA PHE N 103 -28.12 19.41 -13.85
C PHE N 103 -27.19 18.49 -14.63
N GLU N 104 -26.29 19.11 -15.39
CA GLU N 104 -25.34 18.40 -16.23
C GLU N 104 -23.94 18.96 -16.02
N TYR N 105 -22.95 18.18 -16.47
CA TYR N 105 -21.54 18.55 -16.32
C TYR N 105 -21.06 19.19 -17.62
N ALA N 106 -21.11 20.52 -17.67
CA ALA N 106 -20.65 21.25 -18.84
C ALA N 106 -19.66 22.32 -18.41
N LEU N 107 -18.56 22.44 -19.16
CA LEU N 107 -17.55 23.45 -18.88
C LEU N 107 -18.05 24.83 -19.30
N GLY N 108 -17.88 25.80 -18.42
CA GLY N 108 -18.26 27.17 -18.70
C GLY N 108 -19.72 27.50 -18.47
N ALA N 109 -20.53 26.52 -18.07
CA ALA N 109 -21.95 26.74 -17.82
C ALA N 109 -22.25 26.87 -16.33
N ALA N 110 -21.24 27.21 -15.53
CA ALA N 110 -21.43 27.30 -14.09
C ALA N 110 -22.22 28.55 -13.68
N GLU N 111 -22.24 29.58 -14.52
CA GLU N 111 -22.96 30.80 -14.16
C GLU N 111 -24.46 30.58 -14.13
N ASP N 112 -25.00 29.94 -15.16
CA ASP N 112 -26.44 29.66 -15.21
C ASP N 112 -26.84 28.65 -14.14
N ILE N 113 -25.98 27.67 -13.87
CA ILE N 113 -26.26 26.70 -12.82
C ILE N 113 -26.28 27.38 -11.45
N ALA N 114 -25.33 28.28 -11.21
CA ALA N 114 -25.32 29.01 -9.94
C ALA N 114 -26.51 29.94 -9.79
N ASN N 115 -26.93 30.59 -10.89
CA ASN N 115 -28.13 31.42 -10.84
C ASN N 115 -29.37 30.58 -10.55
N LYS N 116 -29.47 29.41 -11.17
CA LYS N 116 -30.60 28.52 -10.88
C LYS N 116 -30.56 28.01 -9.44
N ILE N 117 -29.36 27.77 -8.90
CA ILE N 117 -29.23 27.36 -7.50
C ILE N 117 -29.66 28.47 -6.56
N LYS N 118 -29.26 29.71 -6.86
CA LYS N 118 -29.69 30.85 -6.05
C LYS N 118 -31.20 31.04 -6.10
N GLN N 119 -31.79 30.88 -7.29
CA GLN N 119 -33.25 30.98 -7.41
C GLN N 119 -33.96 29.86 -6.67
N THR N 120 -33.42 28.64 -6.71
CA THR N 120 -34.02 27.53 -5.98
C THR N 120 -33.93 27.74 -4.47
N THR N 121 -32.81 28.27 -4.00
CA THR N 121 -32.67 28.60 -2.58
C THR N 121 -33.66 29.69 -2.18
N ASP N 122 -33.86 30.70 -3.03
CA ASP N 122 -34.85 31.74 -2.74
C ASP N 122 -36.25 31.15 -2.69
N GLU N 123 -36.57 30.23 -3.61
CA GLU N 123 -37.86 29.55 -3.58
C GLU N 123 -38.03 28.73 -2.32
N TYR N 124 -36.97 28.06 -1.87
CA TYR N 124 -37.02 27.29 -0.64
C TYR N 124 -37.28 28.16 0.58
N ILE N 125 -36.59 29.31 0.64
CA ILE N 125 -36.79 30.25 1.75
C ILE N 125 -38.21 30.81 1.73
N ASN N 126 -38.70 31.19 0.56
CA ASN N 126 -40.06 31.70 0.43
C ASN N 126 -41.11 30.61 0.54
N THR N 127 -40.71 29.34 0.52
CA THR N 127 -41.64 28.24 0.73
C THR N 127 -41.79 27.90 2.21
N ILE N 128 -40.68 27.73 2.91
CA ILE N 128 -40.77 27.32 4.32
C ILE N 128 -41.19 28.46 5.24
N LEU N 129 -41.06 29.71 4.81
CA LEU N 129 -41.40 30.81 5.71
C LEU N 129 -42.92 31.00 5.78
N PRO N 130 -43.45 31.33 6.96
CA PRO N 130 -44.86 31.69 7.04
C PRO N 130 -45.11 33.04 6.38
N PRO N 131 -46.33 33.33 5.94
CA PRO N 131 -46.55 34.50 5.08
C PRO N 131 -46.29 35.84 5.74
N LEU N 132 -46.67 36.04 6.99
CA LEU N 132 -46.46 37.34 7.61
C LEU N 132 -44.99 37.58 7.93
N THR N 133 -44.27 36.55 8.40
CA THR N 133 -42.84 36.68 8.60
C THR N 133 -42.13 36.89 7.27
N LYS N 134 -42.60 36.24 6.21
CA LYS N 134 -42.07 36.46 4.87
C LYS N 134 -42.24 37.91 4.45
N ALA N 135 -43.44 38.46 4.66
CA ALA N 135 -43.70 39.84 4.28
C ALA N 135 -42.92 40.83 5.15
N LEU N 136 -42.74 40.54 6.44
CA LEU N 136 -41.94 41.40 7.30
C LEU N 136 -40.48 41.39 6.89
N PHE N 137 -39.94 40.20 6.57
CA PHE N 137 -38.57 40.12 6.08
C PHE N 137 -38.41 40.86 4.76
N LYS N 138 -39.39 40.73 3.87
CA LYS N 138 -39.35 41.45 2.59
C LYS N 138 -39.38 42.96 2.81
N TYR N 139 -40.22 43.42 3.74
CA TYR N 139 -40.32 44.85 4.02
C TYR N 139 -39.02 45.39 4.60
N VAL N 140 -38.39 44.65 5.51
CA VAL N 140 -37.12 45.10 6.06
C VAL N 140 -36.02 45.09 4.99
N ARG N 141 -36.03 44.08 4.11
CA ARG N 141 -35.04 44.02 3.03
C ARG N 141 -35.19 45.18 2.05
N GLU N 142 -36.41 45.61 1.75
CA GLU N 142 -36.65 46.78 0.91
C GLU N 142 -36.74 48.06 1.73
N GLY N 143 -36.02 48.11 2.85
CA GLY N 143 -36.19 49.07 3.92
C GLY N 143 -36.35 50.52 3.53
N LYS N 144 -37.54 51.04 3.80
CA LYS N 144 -37.96 52.37 3.39
C LYS N 144 -37.89 53.32 4.57
N TYR N 145 -37.68 54.60 4.27
CA TYR N 145 -37.75 55.62 5.30
C TYR N 145 -39.18 55.74 5.79
N THR N 146 -39.34 56.13 7.05
CA THR N 146 -40.67 56.23 7.62
C THR N 146 -40.76 57.49 8.48
N PHE N 147 -41.97 58.06 8.51
CA PHE N 147 -42.28 59.24 9.31
C PHE N 147 -43.40 58.96 10.28
N CYS N 148 -43.55 57.71 10.69
CA CYS N 148 -44.64 57.29 11.54
C CYS N 148 -44.11 56.65 12.82
N THR N 149 -45.05 56.29 13.70
CA THR N 149 -44.69 55.55 14.89
C THR N 149 -44.20 54.15 14.49
N PRO N 150 -43.23 53.58 15.22
CA PRO N 150 -42.50 54.01 16.41
C PRO N 150 -41.50 55.12 16.17
N GLY N 151 -41.06 55.77 17.25
CA GLY N 151 -40.22 56.95 17.13
C GLY N 151 -38.80 56.69 16.69
N HIS N 152 -38.29 55.47 16.90
CA HIS N 152 -36.92 55.20 16.47
C HIS N 152 -36.80 55.09 14.96
N MET N 153 -37.89 54.68 14.28
CA MET N 153 -38.03 54.70 12.83
C MET N 153 -36.91 53.91 12.14
N GLY N 154 -36.92 52.60 12.39
CA GLY N 154 -35.86 51.76 11.88
C GLY N 154 -34.60 51.79 12.70
N GLY N 155 -34.69 52.26 13.95
CA GLY N 155 -33.54 52.28 14.82
C GLY N 155 -32.56 53.39 14.57
N THR N 156 -32.91 54.39 13.77
CA THR N 156 -32.02 55.50 13.46
C THR N 156 -31.99 56.56 14.55
N ALA N 157 -32.83 56.43 15.58
CA ALA N 157 -32.68 57.23 16.79
C ALA N 157 -31.63 56.67 17.73
N PHE N 158 -31.43 55.35 17.72
CA PHE N 158 -30.38 54.71 18.50
C PHE N 158 -29.00 54.88 17.89
N GLN N 159 -28.89 55.35 16.65
CA GLN N 159 -27.59 55.59 16.05
C GLN N 159 -27.04 56.96 16.38
N LYS N 160 -27.73 57.73 17.22
CA LYS N 160 -27.34 59.11 17.52
C LYS N 160 -27.27 59.38 19.01
N SER N 161 -26.99 58.36 19.83
CA SER N 161 -26.86 58.54 21.28
C SER N 161 -25.91 57.48 21.80
N PRO N 162 -25.09 57.78 22.80
CA PRO N 162 -24.14 56.78 23.30
C PRO N 162 -24.78 55.56 23.91
N VAL N 163 -25.69 55.74 24.87
CA VAL N 163 -26.42 54.61 25.43
C VAL N 163 -27.34 54.01 24.36
N GLY N 164 -27.90 54.85 23.49
CA GLY N 164 -28.64 54.35 22.35
C GLY N 164 -27.78 53.54 21.41
N SER N 165 -26.53 53.94 21.21
CA SER N 165 -25.64 53.16 20.35
C SER N 165 -25.25 51.85 21.02
N LEU N 166 -25.13 51.82 22.34
CA LEU N 166 -24.91 50.55 23.04
C LEU N 166 -26.09 49.61 22.84
N PHE N 167 -27.31 50.14 22.97
CA PHE N 167 -28.50 49.34 22.74
C PHE N 167 -28.55 48.82 21.31
N TYR N 168 -28.24 49.68 20.34
CA TYR N 168 -28.25 49.31 18.93
C TYR N 168 -27.18 48.28 18.60
N ASP N 169 -25.97 48.43 19.13
CA ASP N 169 -24.92 47.44 18.92
C ASP N 169 -25.21 46.12 19.60
N PHE N 170 -25.94 46.14 20.72
CA PHE N 170 -26.36 44.88 21.32
C PHE N 170 -27.38 44.17 20.45
N PHE N 171 -28.50 44.84 20.17
CA PHE N 171 -29.59 44.14 19.50
C PHE N 171 -29.31 43.90 18.02
N GLY N 172 -28.67 44.84 17.34
CA GLY N 172 -28.39 44.69 15.93
C GLY N 172 -29.48 45.31 15.09
N PRO N 173 -29.19 45.59 13.83
CA PRO N 173 -30.06 46.47 13.03
C PRO N 173 -31.39 45.85 12.63
N ASN N 174 -31.38 44.54 12.33
CA ASN N 174 -32.55 43.89 11.77
C ASN N 174 -33.71 43.81 12.77
N THR N 175 -33.43 43.74 14.06
CA THR N 175 -34.50 43.75 15.04
C THR N 175 -34.91 45.17 15.43
N MET N 176 -34.21 46.19 14.92
CA MET N 176 -34.71 47.55 15.05
C MET N 176 -35.60 47.92 13.87
N LYS N 177 -35.19 47.54 12.66
CA LYS N 177 -36.04 47.78 11.50
C LYS N 177 -37.30 46.94 11.51
N SER N 178 -37.32 45.82 12.21
CA SER N 178 -38.49 44.95 12.24
C SER N 178 -39.59 45.47 13.13
N ASP N 179 -39.36 46.54 13.87
CA ASP N 179 -40.37 47.12 14.75
C ASP N 179 -41.03 48.28 14.01
N ILE N 180 -42.24 48.05 13.49
CA ILE N 180 -43.02 49.05 12.81
C ILE N 180 -44.45 49.00 13.37
N SER N 181 -45.32 49.83 12.80
CA SER N 181 -46.69 49.91 13.29
C SER N 181 -47.70 49.70 12.18
N ILE N 182 -48.98 49.91 12.49
CA ILE N 182 -50.06 49.66 11.54
C ILE N 182 -50.11 50.67 10.40
N SER N 183 -49.31 51.73 10.47
CA SER N 183 -49.27 52.72 9.39
C SER N 183 -48.69 52.15 8.11
N VAL N 184 -47.85 51.11 8.20
CA VAL N 184 -47.36 50.42 7.02
C VAL N 184 -48.49 49.56 6.48
N SER N 185 -49.15 50.02 5.42
CA SER N 185 -50.40 49.44 4.99
C SER N 185 -50.23 48.07 4.33
N GLU N 186 -49.03 47.73 3.86
CA GLU N 186 -48.85 46.49 3.13
C GLU N 186 -48.78 45.26 4.03
N LEU N 187 -48.61 45.44 5.33
CA LEU N 187 -48.62 44.31 6.26
C LEU N 187 -49.96 44.10 6.91
N GLY N 188 -50.98 44.87 6.54
CA GLY N 188 -52.29 44.73 7.16
C GLY N 188 -52.27 45.24 8.59
N SER N 189 -53.11 44.64 9.42
CA SER N 189 -53.20 45.03 10.82
C SER N 189 -53.67 43.83 11.64
N LEU N 190 -53.05 43.65 12.81
CA LEU N 190 -53.45 42.58 13.71
C LEU N 190 -54.86 42.80 14.23
N LEU N 191 -55.21 44.04 14.52
CA LEU N 191 -56.48 44.36 15.18
C LEU N 191 -57.67 44.08 14.28
N ASP N 192 -57.56 44.37 12.99
CA ASP N 192 -58.67 44.20 12.07
C ASP N 192 -58.63 42.87 11.32
N HIS N 193 -57.57 42.07 11.51
CA HIS N 193 -57.40 40.77 10.88
C HIS N 193 -57.47 40.87 9.36
N SER N 194 -56.51 41.59 8.80
CA SER N 194 -56.50 41.91 7.37
C SER N 194 -55.16 41.59 6.76
N GLY N 195 -55.19 41.15 5.49
CA GLY N 195 -54.00 40.94 4.71
C GLY N 195 -53.10 39.84 5.22
N PRO N 196 -51.80 40.15 5.34
CA PRO N 196 -50.85 39.16 5.85
C PRO N 196 -51.17 38.68 7.25
N HIS N 197 -51.73 39.54 8.10
CA HIS N 197 -52.19 39.08 9.40
C HIS N 197 -53.28 38.02 9.27
N LYS N 198 -54.30 38.27 8.45
CA LYS N 198 -55.41 37.31 8.31
C LYS N 198 -54.92 35.98 7.76
N GLU N 199 -54.01 36.02 6.79
CA GLU N 199 -53.35 34.80 6.34
C GLU N 199 -52.60 34.12 7.47
N ALA N 200 -52.01 34.91 8.38
CA ALA N 200 -51.31 34.31 9.51
C ALA N 200 -52.28 33.61 10.47
N GLU N 201 -53.42 34.24 10.82
CA GLU N 201 -54.32 33.52 11.72
C GLU N 201 -54.95 32.30 11.05
N GLN N 202 -55.21 32.36 9.74
CA GLN N 202 -55.67 31.15 9.08
C GLN N 202 -54.60 30.06 9.08
N TYR N 203 -53.33 30.44 8.93
CA TYR N 203 -52.23 29.49 8.99
C TYR N 203 -52.13 28.84 10.37
N ILE N 204 -52.26 29.66 11.43
CA ILE N 204 -52.30 29.14 12.80
C ILE N 204 -53.49 28.21 13.00
N ALA N 205 -54.64 28.54 12.40
CA ALA N 205 -55.81 27.69 12.50
C ALA N 205 -55.59 26.32 11.85
N ARG N 206 -54.92 26.29 10.71
CA ARG N 206 -54.66 24.96 10.11
C ARG N 206 -53.75 24.23 11.08
N VAL N 207 -52.63 24.85 11.41
CA VAL N 207 -51.56 24.08 12.06
C VAL N 207 -52.06 23.38 13.31
N PHE N 208 -52.76 24.11 14.18
CA PHE N 208 -53.12 23.63 15.52
C PHE N 208 -54.46 22.91 15.58
N ASN N 209 -55.08 22.63 14.43
CA ASN N 209 -56.38 21.96 14.34
C ASN N 209 -57.44 22.70 15.15
N ALA N 210 -57.70 23.93 14.75
CA ALA N 210 -58.69 24.77 15.39
C ALA N 210 -59.49 25.50 14.32
N ASP N 211 -60.72 25.88 14.67
CA ASP N 211 -61.57 26.59 13.73
C ASP N 211 -61.08 28.00 13.51
N ARG N 212 -61.08 28.82 14.57
CA ARG N 212 -60.58 30.18 14.53
C ARG N 212 -59.47 30.29 15.56
N SER N 213 -58.31 30.79 15.14
CA SER N 213 -57.17 30.92 16.02
C SER N 213 -56.75 32.37 16.09
N TYR N 214 -56.46 32.85 17.30
CA TYR N 214 -56.03 34.22 17.50
C TYR N 214 -54.59 34.24 17.97
N MET N 215 -53.94 35.40 17.86
CA MET N 215 -52.53 35.57 18.19
C MET N 215 -52.40 36.77 19.13
N VAL N 216 -52.44 36.49 20.42
CA VAL N 216 -52.40 37.55 21.44
C VAL N 216 -50.97 38.03 21.59
N THR N 217 -50.79 39.34 21.79
CA THR N 217 -49.46 39.94 21.85
C THR N 217 -49.09 40.41 23.26
N ASN N 218 -49.95 40.20 24.25
CA ASN N 218 -49.58 40.47 25.64
C ASN N 218 -49.24 39.19 26.38
N GLY N 219 -49.91 38.10 26.08
CA GLY N 219 -49.66 36.83 26.72
C GLY N 219 -50.96 36.15 27.12
N THR N 220 -50.82 34.90 27.56
CA THR N 220 -52.00 34.15 27.95
C THR N 220 -52.61 34.67 29.24
N SER N 221 -51.87 35.47 30.00
CA SER N 221 -52.46 36.24 31.09
C SER N 221 -53.53 37.20 30.57
N THR N 222 -53.42 37.63 29.30
CA THR N 222 -54.44 38.43 28.67
C THR N 222 -55.42 37.57 27.87
N ALA N 223 -54.95 36.43 27.34
CA ALA N 223 -55.84 35.53 26.62
C ALA N 223 -56.91 34.93 27.52
N ASN N 224 -56.55 34.59 28.76
CA ASN N 224 -57.53 34.13 29.74
C ASN N 224 -58.57 35.22 29.99
N LYS N 225 -58.13 36.46 30.08
CA LYS N 225 -59.02 37.60 30.24
C LYS N 225 -59.98 37.74 29.07
N ILE N 226 -59.47 37.56 27.85
CA ILE N 226 -60.29 37.67 26.66
C ILE N 226 -61.37 36.59 26.65
N VAL N 227 -60.97 35.34 26.93
CA VAL N 227 -61.91 34.22 26.89
C VAL N 227 -62.95 34.35 28.00
N GLY N 228 -62.52 34.66 29.22
CA GLY N 228 -63.45 34.79 30.32
C GLY N 228 -64.27 36.07 30.33
N MET N 229 -63.89 37.07 29.54
CA MET N 229 -64.77 38.21 29.37
C MET N 229 -65.73 38.05 28.21
N TYR N 230 -65.40 37.21 27.23
CA TYR N 230 -66.40 36.90 26.20
C TYR N 230 -67.43 35.91 26.72
N SER N 231 -66.98 34.73 27.14
CA SER N 231 -67.89 33.64 27.43
C SER N 231 -68.62 33.79 28.76
N ALA N 232 -68.14 34.62 29.67
CA ALA N 232 -68.74 34.77 31.00
C ALA N 232 -69.16 36.22 31.18
N PRO N 233 -70.40 36.56 30.85
CA PRO N 233 -70.89 37.91 31.11
C PRO N 233 -71.06 38.15 32.59
N ALA N 234 -71.21 39.43 32.95
CA ALA N 234 -71.36 39.80 34.35
C ALA N 234 -72.70 39.33 34.89
N GLY N 235 -72.69 38.90 36.15
CA GLY N 235 -73.86 38.30 36.77
C GLY N 235 -74.00 36.82 36.55
N SER N 236 -73.15 36.22 35.71
CA SER N 236 -73.18 34.79 35.46
C SER N 236 -72.26 34.09 36.45
N THR N 237 -71.97 32.82 36.17
CA THR N 237 -71.24 31.98 37.12
C THR N 237 -70.24 31.13 36.34
N ILE N 238 -69.06 30.91 36.92
CA ILE N 238 -68.00 30.14 36.26
C ILE N 238 -67.56 28.99 37.15
N LEU N 239 -66.96 27.99 36.52
CA LEU N 239 -66.33 26.86 37.21
C LEU N 239 -64.83 26.99 36.98
N ILE N 240 -64.16 27.66 37.91
CA ILE N 240 -62.73 27.93 37.80
C ILE N 240 -61.97 26.94 38.66
N ASP N 241 -60.91 26.37 38.08
CA ASP N 241 -60.00 25.52 38.83
C ASP N 241 -59.36 26.31 39.96
N ARG N 242 -59.26 25.69 41.14
CA ARG N 242 -58.49 26.29 42.21
C ARG N 242 -57.01 26.34 41.85
N ASN N 243 -56.52 25.33 41.14
CA ASN N 243 -55.19 25.39 40.55
C ASN N 243 -55.25 26.31 39.36
N CYS N 244 -55.24 27.61 39.61
CA CYS N 244 -55.37 28.63 38.59
C CYS N 244 -54.13 29.50 38.58
N HIS N 245 -54.13 30.48 37.70
CA HIS N 245 -53.08 31.48 37.64
C HIS N 245 -53.56 32.74 38.33
N LYS N 246 -52.61 33.66 38.56
CA LYS N 246 -52.96 34.98 39.07
C LYS N 246 -53.85 35.73 38.10
N SER N 247 -53.68 35.45 36.80
CA SER N 247 -54.45 36.12 35.76
C SER N 247 -55.94 35.80 35.84
N LEU N 248 -56.30 34.57 36.20
CA LEU N 248 -57.71 34.24 36.34
C LEU N 248 -58.33 34.93 37.54
N THR N 249 -57.58 35.07 38.64
CA THR N 249 -58.05 35.85 39.77
C THR N 249 -58.24 37.30 39.39
N HIS N 250 -57.31 37.85 38.61
CA HIS N 250 -57.44 39.22 38.12
C HIS N 250 -58.66 39.38 37.22
N LEU N 251 -58.92 38.39 36.36
CA LEU N 251 -60.13 38.38 35.55
C LEU N 251 -61.39 38.39 36.40
N MET N 252 -61.42 37.57 37.44
CA MET N 252 -62.59 37.51 38.30
C MET N 252 -62.78 38.80 39.10
N MET N 253 -61.70 39.52 39.38
CA MET N 253 -61.85 40.83 40.01
C MET N 253 -62.27 41.91 39.04
N MET N 254 -61.95 41.80 37.75
CA MET N 254 -62.48 42.78 36.80
C MET N 254 -63.96 42.57 36.55
N SER N 255 -64.38 41.33 36.36
CA SER N 255 -65.74 41.01 35.91
C SER N 255 -66.63 40.62 37.09
N ASP N 256 -67.91 40.97 36.97
CA ASP N 256 -68.90 40.67 38.01
C ASP N 256 -69.41 39.24 37.84
N VAL N 257 -68.56 38.29 38.23
CA VAL N 257 -68.86 36.87 38.11
C VAL N 257 -68.81 36.23 39.50
N THR N 258 -69.24 34.98 39.56
CA THR N 258 -69.33 34.23 40.81
C THR N 258 -68.69 32.86 40.61
N PRO N 259 -67.81 32.41 41.51
CA PRO N 259 -67.16 31.11 41.32
C PRO N 259 -67.79 29.95 42.06
N ILE N 260 -67.67 28.77 41.45
CA ILE N 260 -67.51 27.52 42.17
C ILE N 260 -66.11 27.02 41.88
N TYR N 261 -65.32 26.81 42.93
CA TYR N 261 -63.94 26.38 42.78
C TYR N 261 -63.88 24.86 42.74
N PHE N 262 -63.24 24.33 41.72
CA PHE N 262 -62.89 22.92 41.71
C PHE N 262 -61.86 22.64 42.79
N ARG N 263 -61.78 21.37 43.21
CA ARG N 263 -60.93 21.00 44.33
C ARG N 263 -59.90 19.97 43.91
N PRO N 264 -58.71 20.41 43.48
CA PRO N 264 -57.67 19.47 43.05
C PRO N 264 -57.05 18.74 44.23
N THR N 265 -56.46 17.59 43.91
CA THR N 265 -55.73 16.80 44.88
C THR N 265 -54.27 17.21 44.89
N ARG N 266 -53.53 16.72 45.89
CA ARG N 266 -52.11 17.02 46.01
C ARG N 266 -51.45 15.97 46.89
N ASN N 267 -50.14 15.83 46.71
CA ASN N 267 -49.34 14.90 47.48
C ASN N 267 -48.59 15.66 48.59
N ALA N 268 -47.77 14.92 49.34
CA ALA N 268 -46.98 15.53 50.40
C ALA N 268 -45.84 16.38 49.86
N TYR N 269 -45.44 16.17 48.61
CA TYR N 269 -44.36 16.98 48.03
C TYR N 269 -44.78 18.43 47.82
N GLY N 270 -46.08 18.67 47.66
CA GLY N 270 -46.58 19.98 47.30
C GLY N 270 -46.91 20.12 45.83
N ILE N 271 -46.81 19.03 45.05
CA ILE N 271 -47.16 19.07 43.64
C ILE N 271 -48.67 19.17 43.53
N LEU N 272 -49.14 20.15 42.78
CA LEU N 272 -50.57 20.34 42.55
C LEU N 272 -51.05 19.27 41.58
N GLY N 273 -51.82 18.32 42.10
CA GLY N 273 -52.37 17.27 41.26
C GLY N 273 -53.59 17.76 40.50
N GLY N 274 -54.63 16.95 40.49
CA GLY N 274 -55.80 17.30 39.70
C GLY N 274 -57.14 17.10 40.36
N ILE N 275 -58.16 17.60 39.71
CA ILE N 275 -59.54 17.47 40.21
C ILE N 275 -59.99 16.03 40.05
N PRO N 276 -60.63 15.42 41.05
CA PRO N 276 -61.17 14.07 40.86
C PRO N 276 -62.30 14.06 39.84
N GLN N 277 -62.63 12.85 39.39
CA GLN N 277 -63.68 12.68 38.40
C GLN N 277 -65.06 13.05 38.93
N SER N 278 -65.23 13.04 40.25
CA SER N 278 -66.55 13.31 40.83
C SER N 278 -66.97 14.75 40.66
N GLU N 279 -66.01 15.68 40.56
CA GLU N 279 -66.32 17.10 40.49
C GLU N 279 -66.45 17.62 39.07
N PHE N 280 -66.79 16.76 38.11
CA PHE N 280 -67.14 17.23 36.78
C PHE N 280 -68.53 16.77 36.35
N GLN N 281 -69.26 16.07 37.20
CA GLN N 281 -70.58 15.56 36.87
C GLN N 281 -71.64 16.56 37.32
N HIS N 282 -72.88 16.29 36.94
CA HIS N 282 -73.95 17.24 37.20
C HIS N 282 -74.33 17.33 38.67
N ALA N 283 -74.19 16.23 39.41
CA ALA N 283 -74.65 16.19 40.80
C ALA N 283 -73.85 17.11 41.70
N THR N 284 -72.51 16.99 41.65
CA THR N 284 -71.67 17.83 42.51
C THR N 284 -71.71 19.28 42.09
N ILE N 285 -71.79 19.55 40.79
CA ILE N 285 -71.88 20.93 40.30
C ILE N 285 -73.19 21.57 40.74
N ALA N 286 -74.30 20.83 40.62
CA ALA N 286 -75.59 21.35 41.07
C ALA N 286 -75.61 21.57 42.58
N LYS N 287 -74.99 20.66 43.34
CA LYS N 287 -74.89 20.85 44.79
C LYS N 287 -74.12 22.12 45.14
N ARG N 288 -72.92 22.27 44.57
CA ARG N 288 -72.09 23.44 44.84
C ARG N 288 -72.73 24.73 44.33
N VAL N 289 -73.57 24.65 43.30
CA VAL N 289 -74.40 25.79 42.94
C VAL N 289 -75.41 26.09 44.04
N LYS N 290 -76.02 25.03 44.60
CA LYS N 290 -77.09 25.21 45.56
C LYS N 290 -76.59 25.86 46.85
N GLU N 291 -75.43 25.45 47.36
CA GLU N 291 -74.90 26.11 48.55
C GLU N 291 -73.93 27.25 48.24
N THR N 292 -74.12 27.95 47.12
CA THR N 292 -73.40 29.20 46.90
C THR N 292 -74.39 30.34 46.72
N PRO N 293 -74.29 31.40 47.50
CA PRO N 293 -75.23 32.52 47.37
C PRO N 293 -75.09 33.23 46.04
N ASN N 294 -76.25 33.68 45.53
CA ASN N 294 -76.35 34.44 44.27
C ASN N 294 -75.77 33.69 43.09
N ALA N 295 -75.90 32.36 43.07
CA ALA N 295 -75.28 31.53 42.07
C ALA N 295 -76.33 30.83 41.22
N THR N 296 -76.09 30.80 39.92
CA THR N 296 -76.94 30.10 38.95
C THR N 296 -76.12 29.00 38.29
N TRP N 297 -76.68 28.39 37.26
CA TRP N 297 -75.97 27.36 36.53
C TRP N 297 -74.76 27.96 35.82
N PRO N 298 -73.59 27.35 35.93
CA PRO N 298 -72.37 27.93 35.32
C PRO N 298 -72.46 27.96 33.81
N VAL N 299 -72.01 29.07 33.22
CA VAL N 299 -72.02 29.24 31.78
C VAL N 299 -70.63 29.14 31.18
N HIS N 300 -69.60 28.88 31.99
CA HIS N 300 -68.24 28.75 31.50
C HIS N 300 -67.43 27.98 32.51
N ALA N 301 -66.42 27.27 32.02
CA ALA N 301 -65.52 26.51 32.89
C ALA N 301 -64.09 26.73 32.44
N VAL N 302 -63.19 26.91 33.41
CA VAL N 302 -61.77 27.14 33.15
C VAL N 302 -60.98 26.07 33.89
N ILE N 303 -60.15 25.35 33.16
CA ILE N 303 -59.40 24.20 33.69
C ILE N 303 -57.94 24.36 33.27
N THR N 304 -57.02 24.21 34.22
CA THR N 304 -55.60 24.32 33.92
C THR N 304 -55.09 22.97 33.43
N ASN N 305 -54.96 22.83 32.11
CA ASN N 305 -54.56 21.60 31.46
C ASN N 305 -53.34 21.83 30.59
N SER N 306 -52.15 21.42 31.06
CA SER N 306 -51.96 20.63 32.25
C SER N 306 -51.77 21.48 33.47
N THR N 307 -51.38 20.87 34.57
CA THR N 307 -51.02 21.61 35.77
C THR N 307 -49.62 22.20 35.57
N TYR N 308 -49.11 22.86 36.61
CA TYR N 308 -47.77 23.40 36.57
C TYR N 308 -46.72 22.30 36.43
N ASP N 309 -46.98 21.14 37.03
CA ASP N 309 -46.03 20.03 36.99
C ASP N 309 -46.34 19.03 35.88
N GLY N 310 -47.11 19.45 34.88
CA GLY N 310 -47.29 18.63 33.69
C GLY N 310 -48.12 17.38 33.90
N LEU N 311 -49.34 17.53 34.41
CA LEU N 311 -50.27 16.42 34.56
C LEU N 311 -51.47 16.70 33.67
N LEU N 312 -51.49 16.06 32.52
CA LEU N 312 -52.58 16.20 31.57
C LEU N 312 -53.83 15.50 32.09
N TYR N 313 -54.98 15.88 31.56
CA TYR N 313 -56.24 15.30 31.96
C TYR N 313 -56.76 14.40 30.85
N ASN N 314 -57.71 13.54 31.19
CA ASN N 314 -58.48 12.84 30.18
C ASN N 314 -59.57 13.79 29.72
N THR N 315 -59.21 14.63 28.76
CA THR N 315 -60.08 15.71 28.31
C THR N 315 -61.30 15.24 27.55
N ASP N 316 -61.29 14.01 27.03
CA ASP N 316 -62.50 13.48 26.39
C ASP N 316 -63.60 13.26 27.40
N PHE N 317 -63.24 12.75 28.58
CA PHE N 317 -64.16 12.67 29.71
C PHE N 317 -64.73 14.04 30.06
N ILE N 318 -63.87 15.07 30.07
CA ILE N 318 -64.28 16.41 30.43
C ILE N 318 -65.25 16.97 29.40
N LYS N 319 -64.90 16.87 28.13
CA LYS N 319 -65.74 17.39 27.07
C LYS N 319 -67.01 16.58 26.87
N LYS N 320 -67.08 15.36 27.39
CA LYS N 320 -68.33 14.61 27.32
C LYS N 320 -69.24 14.90 28.50
N THR N 321 -68.70 15.00 29.71
CA THR N 321 -69.55 14.98 30.90
C THR N 321 -69.71 16.34 31.57
N LEU N 322 -68.80 17.29 31.36
CA LEU N 322 -68.97 18.62 31.94
C LEU N 322 -70.07 19.34 31.18
N ASP N 323 -71.21 19.55 31.83
CA ASP N 323 -72.42 20.04 31.16
C ASP N 323 -72.50 21.56 31.16
N VAL N 324 -71.46 22.23 30.70
CA VAL N 324 -71.49 23.67 30.52
C VAL N 324 -71.33 23.99 29.04
N LYS N 325 -71.73 25.20 28.67
CA LYS N 325 -71.78 25.58 27.26
C LYS N 325 -70.45 26.05 26.71
N SER N 326 -69.42 26.18 27.55
CA SER N 326 -68.10 26.58 27.07
C SER N 326 -67.07 26.10 28.08
N ILE N 327 -66.13 25.27 27.63
CA ILE N 327 -65.06 24.75 28.47
C ILE N 327 -63.75 25.37 27.99
N HIS N 328 -63.06 26.04 28.89
CA HIS N 328 -61.77 26.65 28.60
C HIS N 328 -60.65 25.87 29.25
N PHE N 329 -59.62 25.56 28.47
CA PHE N 329 -58.44 24.88 28.95
C PHE N 329 -57.30 25.89 28.94
N ASP N 330 -56.79 26.23 30.13
CA ASP N 330 -55.68 27.17 30.26
C ASP N 330 -54.38 26.39 30.01
N SER N 331 -54.13 26.09 28.75
CA SER N 331 -53.02 25.24 28.36
C SER N 331 -51.75 26.06 28.17
N ALA N 332 -51.40 26.82 29.20
CA ALA N 332 -50.19 27.63 29.14
C ALA N 332 -48.93 26.79 29.10
N TRP N 333 -48.92 25.65 29.77
CA TRP N 333 -47.73 24.81 29.83
C TRP N 333 -47.72 23.68 28.82
N VAL N 334 -48.80 23.48 28.07
CA VAL N 334 -48.81 22.44 27.04
C VAL N 334 -49.25 23.09 25.73
N PRO N 335 -48.37 23.77 24.99
CA PRO N 335 -48.77 24.32 23.69
C PRO N 335 -48.40 23.41 22.51
N TYR N 336 -47.58 22.39 22.76
CA TYR N 336 -47.01 21.55 21.72
C TYR N 336 -47.85 20.33 21.41
N THR N 337 -49.14 20.36 21.70
CA THR N 337 -49.94 19.15 21.80
C THR N 337 -50.14 18.43 20.47
N ASN N 338 -50.42 19.16 19.41
CA ASN N 338 -50.83 18.57 18.13
C ASN N 338 -49.67 17.83 17.46
N PHE N 339 -48.43 18.09 17.88
CA PHE N 339 -47.26 17.74 17.09
C PHE N 339 -46.63 16.42 17.48
N SER N 340 -47.29 15.62 18.32
CA SER N 340 -46.90 14.25 18.55
C SER N 340 -48.17 13.51 18.94
N PRO N 341 -48.43 12.35 18.36
CA PRO N 341 -49.64 11.58 18.71
C PRO N 341 -49.60 10.96 20.10
N ILE N 342 -48.53 11.21 20.86
CA ILE N 342 -48.50 10.84 22.28
C ILE N 342 -49.62 11.56 23.03
N TYR N 343 -49.85 12.84 22.69
CA TYR N 343 -50.80 13.67 23.40
C TYR N 343 -52.20 13.62 22.80
N GLU N 344 -52.56 12.55 22.10
CA GLU N 344 -53.91 12.41 21.59
C GLU N 344 -54.88 12.25 22.74
N GLY N 345 -56.01 12.95 22.65
CA GLY N 345 -56.98 12.91 23.74
C GLY N 345 -56.51 13.60 24.99
N LYS N 346 -55.67 14.63 24.86
CA LYS N 346 -55.09 15.32 26.00
C LYS N 346 -54.99 16.84 25.80
N CYS N 347 -55.91 17.43 25.05
CA CYS N 347 -56.04 18.87 24.98
C CYS N 347 -57.45 19.23 24.56
N GLY N 348 -57.74 20.53 24.59
CA GLY N 348 -59.02 20.99 24.10
C GLY N 348 -59.24 20.72 22.63
N MET N 349 -58.18 20.83 21.82
CA MET N 349 -58.28 20.60 20.39
C MET N 349 -58.15 19.13 20.01
N SER N 350 -57.94 18.24 20.97
CA SER N 350 -57.95 16.82 20.68
C SER N 350 -59.36 16.36 20.32
N GLY N 351 -59.44 15.48 19.34
CA GLY N 351 -60.72 15.02 18.88
C GLY N 351 -61.40 16.05 17.99
N GLY N 352 -62.63 15.75 17.63
CA GLY N 352 -63.39 16.57 16.72
C GLY N 352 -64.14 17.69 17.42
N ARG N 353 -64.97 18.38 16.64
CA ARG N 353 -65.81 19.45 17.15
C ARG N 353 -66.89 18.84 18.04
N VAL N 354 -66.84 19.13 19.32
CA VAL N 354 -67.82 18.60 20.25
C VAL N 354 -69.14 19.32 20.06
N GLU N 355 -70.24 18.60 20.26
CA GLU N 355 -71.56 19.15 20.01
C GLU N 355 -72.06 19.93 21.22
N GLY N 356 -72.63 21.10 20.97
CA GLY N 356 -73.35 21.84 21.99
C GLY N 356 -72.52 22.75 22.88
N LYS N 357 -71.19 22.76 22.71
CA LYS N 357 -70.37 23.63 23.52
C LYS N 357 -69.11 23.99 22.74
N VAL N 358 -68.50 25.11 23.12
CA VAL N 358 -67.32 25.64 22.45
C VAL N 358 -66.14 25.41 23.36
N ILE N 359 -65.09 24.79 22.83
CA ILE N 359 -63.89 24.49 23.59
C ILE N 359 -62.85 25.54 23.29
N TYR N 360 -62.39 26.23 24.33
CA TYR N 360 -61.30 27.20 24.20
C TYR N 360 -60.00 26.57 24.66
N GLU N 361 -58.91 26.97 24.03
CA GLU N 361 -57.58 26.60 24.50
C GLU N 361 -56.65 27.77 24.23
N THR N 362 -55.84 28.11 25.23
CA THR N 362 -55.09 29.36 25.25
C THR N 362 -53.61 29.10 25.47
N GLN N 363 -53.04 28.25 24.60
CA GLN N 363 -51.62 27.91 24.56
C GLN N 363 -50.72 29.13 24.71
N SER N 364 -49.86 29.10 25.73
CA SER N 364 -48.82 30.10 25.89
C SER N 364 -47.64 29.69 25.03
N THR N 365 -47.54 30.24 23.84
CA THR N 365 -46.59 29.82 22.83
C THR N 365 -45.14 30.06 23.25
N HIS N 366 -44.89 31.12 24.03
CA HIS N 366 -43.51 31.44 24.40
C HIS N 366 -42.95 30.48 25.44
N1 LLP N 367 -51.43 31.19 33.03
C2 LLP N 367 -50.89 30.05 33.47
C2' LLP N 367 -51.78 28.90 34.02
C3 LLP N 367 -49.47 29.88 33.45
O3 LLP N 367 -48.91 28.69 33.91
C4 LLP N 367 -48.67 30.87 32.97
C4' LLP N 367 -47.07 30.67 32.94
C5 LLP N 367 -49.20 32.03 32.52
C6 LLP N 367 -50.59 32.22 32.56
C5' LLP N 367 -48.24 33.14 32.00
OP4 LLP N 367 -48.93 34.14 31.31
P LLP N 367 -48.10 34.98 30.31
OP1 LLP N 367 -46.85 35.51 31.03
OP2 LLP N 367 -48.91 36.10 29.83
OP3 LLP N 367 -47.68 34.13 29.17
N LLP N 367 -43.83 29.77 26.14
CA LLP N 367 -43.40 28.95 27.29
CB LLP N 367 -44.61 28.54 28.09
CG LLP N 367 -45.13 29.73 28.88
CD LLP N 367 -44.68 29.66 30.34
CE LLP N 367 -45.47 30.65 31.20
NZ LLP N 367 -46.68 30.01 31.72
C LLP N 367 -42.64 27.75 26.89
O LLP N 367 -41.54 27.57 27.35
N LEU N 368 -43.20 26.91 26.02
CA LEU N 368 -42.55 25.64 25.68
C LEU N 368 -42.15 25.55 24.22
N LEU N 369 -42.81 26.31 23.35
CA LEU N 369 -42.39 26.39 21.96
C LEU N 369 -41.27 27.43 21.85
N ALA N 370 -40.86 27.71 20.62
CA ALA N 370 -39.81 28.68 20.36
C ALA N 370 -40.46 29.97 19.88
N ALA N 371 -40.74 30.85 20.82
CA ALA N 371 -41.32 32.15 20.49
C ALA N 371 -40.85 33.20 21.49
N PHE N 372 -40.90 34.45 21.06
CA PHE N 372 -40.60 35.57 21.94
C PHE N 372 -41.62 35.65 23.06
N SER N 373 -41.21 36.27 24.17
CA SER N 373 -42.09 36.38 25.32
C SER N 373 -43.29 37.28 25.00
N GLN N 374 -44.28 37.22 25.90
CA GLN N 374 -45.59 37.87 25.73
C GLN N 374 -46.31 37.42 24.48
N ALA N 375 -46.05 36.20 24.01
CA ALA N 375 -46.75 35.64 22.87
C ALA N 375 -47.73 34.58 23.34
N SER N 376 -48.92 34.60 22.77
CA SER N 376 -49.95 33.66 23.16
C SER N 376 -50.92 33.47 22.01
N MET N 377 -51.77 32.46 22.15
CA MET N 377 -52.76 32.14 21.16
C MET N 377 -54.08 31.85 21.85
N ILE N 378 -55.17 32.01 21.11
CA ILE N 378 -56.49 31.57 21.53
C ILE N 378 -57.07 30.71 20.42
N HIS N 379 -57.11 29.42 20.65
CA HIS N 379 -57.72 28.48 19.72
C HIS N 379 -59.13 28.18 20.19
N VAL N 380 -60.10 28.28 19.30
CA VAL N 380 -61.47 27.94 19.63
C VAL N 380 -61.85 26.69 18.87
N LYS N 381 -62.91 26.03 19.33
CA LYS N 381 -63.44 24.84 18.67
C LYS N 381 -64.94 24.86 18.85
N GLY N 382 -65.66 25.29 17.82
CA GLY N 382 -67.09 25.43 17.89
C GLY N 382 -67.52 26.67 17.13
N ASP N 383 -68.71 27.15 17.45
CA ASP N 383 -69.29 28.33 16.82
C ASP N 383 -69.38 29.44 17.84
N VAL N 384 -68.77 30.58 17.55
CA VAL N 384 -68.84 31.75 18.42
C VAL N 384 -69.34 32.92 17.59
N ASN N 385 -69.90 33.91 18.30
CA ASN N 385 -70.31 35.15 17.67
C ASN N 385 -69.04 35.88 17.23
N GLU N 386 -68.82 35.95 15.91
CA GLU N 386 -67.55 36.39 15.37
C GLU N 386 -67.24 37.84 15.74
N GLU N 387 -68.23 38.73 15.60
CA GLU N 387 -67.98 40.13 15.89
C GLU N 387 -67.88 40.40 17.39
N THR N 388 -68.72 39.75 18.20
CA THR N 388 -68.64 39.94 19.65
C THR N 388 -67.31 39.43 20.20
N PHE N 389 -66.88 38.25 19.77
CA PHE N 389 -65.62 37.71 20.24
C PHE N 389 -64.42 38.44 19.67
N ASN N 390 -64.51 38.92 18.43
CA ASN N 390 -63.46 39.78 17.88
C ASN N 390 -63.36 41.08 18.65
N GLU N 391 -64.50 41.64 19.06
CA GLU N 391 -64.47 42.87 19.83
C GLU N 391 -63.92 42.63 21.22
N ALA N 392 -64.22 41.48 21.82
CA ALA N 392 -63.63 41.14 23.11
C ALA N 392 -62.12 40.95 23.00
N TYR N 393 -61.64 40.34 21.90
CA TYR N 393 -60.20 40.23 21.68
C TYR N 393 -59.56 41.60 21.49
N MET N 394 -60.21 42.48 20.71
CA MET N 394 -59.72 43.83 20.52
C MET N 394 -59.72 44.63 21.82
N MET N 395 -60.63 44.28 22.74
CA MET N 395 -60.77 45.01 23.99
C MET N 395 -59.54 44.93 24.88
N HIS N 396 -58.88 43.79 24.94
CA HIS N 396 -57.76 43.61 25.86
C HIS N 396 -56.39 43.78 25.23
N THR N 397 -56.25 43.54 23.93
CA THR N 397 -54.94 43.71 23.32
C THR N 397 -54.67 45.18 23.05
N THR N 398 -53.40 45.50 22.82
CA THR N 398 -53.00 46.84 22.46
C THR N 398 -53.43 47.15 21.01
N THR N 399 -53.24 48.40 20.62
CA THR N 399 -53.57 48.82 19.26
C THR N 399 -52.37 48.82 18.33
N SER N 400 -51.17 49.03 18.85
CA SER N 400 -49.94 49.00 18.05
C SER N 400 -49.05 47.91 18.63
N PRO N 401 -49.14 46.69 18.13
CA PRO N 401 -48.40 45.58 18.73
C PRO N 401 -46.96 45.55 18.26
N HIS N 402 -46.16 44.77 18.98
CA HIS N 402 -44.76 44.55 18.61
C HIS N 402 -44.72 43.46 17.54
N TYR N 403 -44.38 43.84 16.32
CA TYR N 403 -44.43 42.89 15.22
C TYR N 403 -43.36 41.82 15.32
N GLY N 404 -42.30 42.04 16.11
CA GLY N 404 -41.38 40.96 16.38
C GLY N 404 -42.03 39.83 17.16
N ILE N 405 -42.86 40.17 18.14
CA ILE N 405 -43.59 39.16 18.91
C ILE N 405 -44.60 38.43 18.03
N VAL N 406 -45.29 39.16 17.15
CA VAL N 406 -46.26 38.54 16.24
C VAL N 406 -45.57 37.61 15.26
N ALA N 407 -44.47 38.06 14.67
CA ALA N 407 -43.71 37.22 13.76
C ALA N 407 -43.14 36.00 14.45
N SER N 408 -42.68 36.16 15.69
CA SER N 408 -42.20 35.01 16.46
C SER N 408 -43.33 34.05 16.79
N THR N 409 -44.52 34.59 17.08
CA THR N 409 -45.69 33.76 17.38
C THR N 409 -46.07 32.90 16.19
N GLU N 410 -46.03 33.47 14.99
CA GLU N 410 -46.33 32.67 13.80
C GLU N 410 -45.19 31.74 13.43
N THR N 411 -43.94 32.19 13.55
CA THR N 411 -42.79 31.36 13.21
C THR N 411 -42.68 30.16 14.15
N ALA N 412 -43.19 30.27 15.38
CA ALA N 412 -43.21 29.11 16.27
C ALA N 412 -44.07 27.97 15.71
N ALA N 413 -45.23 28.29 15.16
CA ALA N 413 -46.02 27.26 14.49
C ALA N 413 -45.37 26.83 13.19
N ALA N 414 -44.73 27.76 12.48
CA ALA N 414 -44.06 27.40 11.24
C ALA N 414 -42.87 26.47 11.46
N MET N 415 -42.28 26.47 12.65
CA MET N 415 -41.24 25.51 12.99
C MET N 415 -41.78 24.09 13.17
N MET N 416 -43.09 23.91 13.18
CA MET N 416 -43.67 22.62 13.49
C MET N 416 -44.36 21.95 12.31
N LYS N 417 -44.45 22.61 11.16
CA LYS N 417 -44.96 21.97 9.95
C LYS N 417 -43.87 21.16 9.28
N GLY N 418 -44.24 20.04 8.69
CA GLY N 418 -43.33 19.22 7.94
C GLY N 418 -42.75 18.11 8.78
N ASN N 419 -41.57 17.65 8.35
CA ASN N 419 -40.86 16.60 9.08
C ASN N 419 -39.94 17.17 10.15
N ALA N 420 -39.49 18.41 9.99
CA ALA N 420 -38.60 19.02 10.97
C ALA N 420 -39.29 19.24 12.31
N GLY N 421 -40.55 19.67 12.30
CA GLY N 421 -41.25 19.88 13.56
C GLY N 421 -41.54 18.58 14.29
N LYS N 422 -41.94 17.55 13.55
CA LYS N 422 -42.14 16.23 14.15
C LYS N 422 -40.83 15.70 14.71
N ARG N 423 -39.73 15.91 14.00
CA ARG N 423 -38.43 15.51 14.49
C ARG N 423 -38.05 16.28 15.75
N LEU N 424 -38.37 17.57 15.82
CA LEU N 424 -38.12 18.36 17.02
C LEU N 424 -38.87 17.80 18.22
N ILE N 425 -40.18 17.60 18.07
CA ILE N 425 -41.00 17.17 19.20
C ILE N 425 -40.61 15.76 19.64
N ASN N 426 -40.42 14.85 18.70
CA ASN N 426 -40.03 13.49 19.05
C ASN N 426 -38.63 13.45 19.65
N GLY N 427 -37.71 14.28 19.16
CA GLY N 427 -36.39 14.33 19.75
C GLY N 427 -36.41 14.88 21.17
N SER N 428 -37.24 15.89 21.42
CA SER N 428 -37.35 16.44 22.77
C SER N 428 -37.94 15.44 23.73
N ILE N 429 -39.00 14.72 23.31
CA ILE N 429 -39.61 13.73 24.18
C ILE N 429 -38.67 12.56 24.43
N GLU N 430 -37.98 12.09 23.40
CA GLU N 430 -37.04 10.98 23.57
C GLU N 430 -35.85 11.38 24.44
N ARG N 431 -35.34 12.61 24.28
CA ARG N 431 -34.28 13.10 25.14
C ARG N 431 -34.74 13.21 26.59
N ALA N 432 -35.98 13.66 26.82
CA ALA N 432 -36.51 13.71 28.16
C ALA N 432 -36.62 12.32 28.79
N ILE N 433 -37.08 11.34 28.00
CA ILE N 433 -37.22 9.98 28.51
C ILE N 433 -35.87 9.37 28.82
N LYS N 434 -34.87 9.62 27.96
CA LYS N 434 -33.53 9.10 28.21
C LYS N 434 -32.87 9.75 29.43
N PHE N 435 -33.11 11.05 29.63
CA PHE N 435 -32.65 11.69 30.86
C PHE N 435 -33.30 11.08 32.08
N ARG N 436 -34.61 10.79 32.00
CA ARG N 436 -35.31 10.17 33.12
C ARG N 436 -34.75 8.77 33.41
N LYS N 437 -34.45 8.01 32.37
CA LYS N 437 -33.90 6.69 32.58
C LYS N 437 -32.52 6.74 33.22
N GLU N 438 -31.63 7.65 32.81
CA GLU N 438 -30.41 7.69 33.61
C GLU N 438 -30.53 8.35 34.96
N ILE N 439 -31.49 9.24 35.20
CA ILE N 439 -31.49 9.74 36.57
C ILE N 439 -31.98 8.67 37.54
N LYS N 440 -32.93 7.82 37.12
CA LYS N 440 -33.19 6.63 37.95
C LYS N 440 -32.04 5.63 37.93
N ARG N 441 -31.24 5.58 36.86
CA ARG N 441 -30.11 4.67 36.85
C ARG N 441 -28.99 5.13 37.77
N LEU N 442 -28.67 6.42 37.75
CA LEU N 442 -27.66 6.99 38.64
C LEU N 442 -28.12 6.96 40.08
N ARG N 443 -29.43 6.96 40.34
CA ARG N 443 -29.89 6.76 41.71
C ARG N 443 -29.47 5.39 42.24
N THR N 444 -29.61 4.34 41.44
CA THR N 444 -29.21 3.01 41.87
C THR N 444 -27.73 2.74 41.65
N GLU N 445 -27.03 3.63 40.96
CA GLU N 445 -25.59 3.45 40.76
C GLU N 445 -24.79 4.08 41.89
N SER N 446 -25.26 5.18 42.44
CA SER N 446 -24.49 5.95 43.40
C SER N 446 -24.54 5.32 44.78
N ASP N 447 -23.71 5.85 45.67
CA ASP N 447 -23.67 5.45 47.06
C ASP N 447 -24.45 6.41 47.94
N GLY N 448 -25.09 5.88 48.97
CA GLY N 448 -25.86 6.73 49.88
C GLY N 448 -27.08 7.30 49.20
N TRP N 449 -27.25 8.61 49.31
CA TRP N 449 -28.41 9.29 48.76
C TRP N 449 -28.16 9.73 47.33
N PHE N 450 -29.25 9.94 46.59
CA PHE N 450 -29.17 10.57 45.29
C PHE N 450 -30.53 11.17 44.96
N PHE N 451 -30.54 12.02 43.94
CA PHE N 451 -31.78 12.64 43.48
C PHE N 451 -32.70 11.59 42.88
N ASP N 452 -33.95 11.61 43.32
CA ASP N 452 -35.01 10.80 42.74
C ASP N 452 -35.77 11.67 41.76
N VAL N 453 -36.50 11.05 40.85
CA VAL N 453 -37.39 11.77 39.94
C VAL N 453 -38.78 11.16 40.00
N TRP N 454 -39.77 12.03 40.19
CA TRP N 454 -41.14 11.69 40.51
C TRP N 454 -41.81 11.19 39.24
N GLN N 455 -41.69 9.90 38.99
CA GLN N 455 -42.13 9.27 37.75
C GLN N 455 -42.36 7.79 38.02
N PRO N 456 -43.11 7.09 37.16
CA PRO N 456 -43.35 5.66 37.39
C PRO N 456 -42.06 4.85 37.41
N ASP N 457 -42.09 3.78 38.21
CA ASP N 457 -40.90 2.97 38.43
C ASP N 457 -40.40 2.28 37.17
N HIS N 458 -41.30 1.91 36.26
CA HIS N 458 -40.92 1.33 34.98
C HIS N 458 -41.43 2.23 33.86
N ILE N 459 -40.53 3.00 33.26
CA ILE N 459 -40.81 3.76 32.05
C ILE N 459 -39.81 3.35 31.00
N ASP N 460 -40.31 2.90 29.86
CA ASP N 460 -39.45 2.60 28.72
C ASP N 460 -40.10 2.89 27.38
N THR N 461 -41.33 3.38 27.36
CA THR N 461 -42.06 3.67 26.14
C THR N 461 -42.35 5.16 26.06
N THR N 462 -42.52 5.64 24.83
CA THR N 462 -42.77 7.06 24.58
C THR N 462 -44.27 7.31 24.63
N GLU N 463 -44.78 7.45 25.86
CA GLU N 463 -46.19 7.76 26.07
C GLU N 463 -46.31 8.60 27.33
N CYS N 464 -47.44 9.29 27.44
CA CYS N 464 -47.78 9.93 28.69
C CYS N 464 -48.17 8.87 29.69
N TRP N 465 -47.33 8.66 30.69
CA TRP N 465 -47.52 7.52 31.59
C TRP N 465 -48.69 7.79 32.52
N PRO N 466 -49.73 6.97 32.48
CA PRO N 466 -50.93 7.26 33.28
C PRO N 466 -50.69 7.06 34.76
N LEU N 467 -51.34 7.89 35.55
CA LEU N 467 -51.24 7.80 37.00
C LEU N 467 -52.25 6.77 37.48
N ARG N 468 -51.76 5.60 37.88
CA ARG N 468 -52.61 4.48 38.22
C ARG N 468 -52.84 4.44 39.72
N SER N 469 -54.05 4.07 40.12
CA SER N 469 -54.38 3.95 41.54
C SER N 469 -53.67 2.78 42.21
N ASP N 470 -53.15 1.83 41.43
CA ASP N 470 -52.49 0.66 41.96
C ASP N 470 -50.99 0.88 42.16
N SER N 471 -50.52 2.11 42.02
CA SER N 471 -49.12 2.44 42.24
C SER N 471 -49.03 3.63 43.17
N THR N 472 -47.84 3.84 43.74
CA THR N 472 -47.69 4.85 44.77
C THR N 472 -46.54 5.82 44.47
N TRP N 473 -46.07 5.89 43.23
CA TRP N 473 -45.01 6.83 42.92
C TRP N 473 -45.50 8.27 42.92
N HIS N 474 -46.76 8.49 42.56
CA HIS N 474 -47.29 9.84 42.50
C HIS N 474 -47.63 10.41 43.87
N GLY N 475 -48.34 9.64 44.70
CA GLY N 475 -48.68 10.07 46.03
C GLY N 475 -50.10 10.56 46.20
N PHE N 476 -50.84 10.78 45.11
CA PHE N 476 -52.23 11.18 45.22
C PHE N 476 -53.05 9.96 45.61
N LYS N 477 -53.61 9.97 46.81
CA LYS N 477 -54.33 8.81 47.33
C LYS N 477 -55.71 8.71 46.70
N ASN N 478 -56.15 7.48 46.45
CA ASN N 478 -57.46 7.15 45.88
C ASN N 478 -57.71 7.88 44.55
N ILE N 479 -56.67 7.94 43.74
CA ILE N 479 -56.74 8.65 42.47
C ILE N 479 -57.53 7.81 41.47
N ASP N 480 -58.18 8.50 40.54
CA ASP N 480 -59.02 7.84 39.54
C ASP N 480 -58.17 7.40 38.36
N ASN N 481 -58.48 6.22 37.83
CA ASN N 481 -57.68 5.64 36.76
C ASN N 481 -58.02 6.27 35.41
N GLU N 482 -56.98 6.53 34.62
CA GLU N 482 -57.06 7.30 33.37
C GLU N 482 -57.77 8.62 33.56
N HIS N 483 -57.19 9.45 34.42
CA HIS N 483 -57.58 10.85 34.53
C HIS N 483 -56.32 11.69 34.45
N MET N 484 -55.17 11.10 34.79
CA MET N 484 -53.91 11.81 34.80
C MET N 484 -52.88 11.09 33.93
N TYR N 485 -52.06 11.91 33.28
CA TYR N 485 -51.05 11.45 32.34
C TYR N 485 -49.83 12.34 32.54
N LEU N 486 -48.71 11.73 32.91
CA LEU N 486 -47.49 12.49 33.15
C LEU N 486 -46.89 12.97 31.85
N ASP N 487 -46.57 14.25 31.77
CA ASP N 487 -45.86 14.76 30.62
C ASP N 487 -44.38 14.45 30.76
N PRO N 488 -43.79 13.70 29.83
CA PRO N 488 -42.38 13.28 29.99
C PRO N 488 -41.38 14.41 29.98
N ILE N 489 -41.69 15.57 29.39
CA ILE N 489 -40.66 16.60 29.25
C ILE N 489 -40.63 17.58 30.41
N LYS N 490 -41.56 17.50 31.36
CA LYS N 490 -41.51 18.33 32.56
C LYS N 490 -40.98 17.47 33.69
N VAL N 491 -39.66 17.32 33.73
CA VAL N 491 -39.00 16.44 34.67
C VAL N 491 -38.96 17.11 36.03
N THR N 492 -39.52 16.44 37.03
CA THR N 492 -39.54 16.93 38.41
C THR N 492 -38.59 16.08 39.22
N LEU N 493 -37.38 16.59 39.45
CA LEU N 493 -36.46 15.90 40.34
C LEU N 493 -36.94 15.97 41.78
N LEU N 494 -36.42 15.07 42.59
CA LEU N 494 -36.73 15.05 44.00
C LEU N 494 -35.42 14.99 44.78
N THR N 495 -35.46 15.52 45.98
CA THR N 495 -34.33 15.53 46.88
C THR N 495 -34.65 14.68 48.10
N PRO N 496 -33.64 14.19 48.82
CA PRO N 496 -33.90 13.43 50.05
C PRO N 496 -34.61 14.27 51.10
N GLY N 497 -35.38 13.57 51.94
CA GLY N 497 -36.13 14.23 52.99
C GLY N 497 -37.52 13.65 53.16
N MET N 498 -38.05 13.06 52.10
CA MET N 498 -39.40 12.49 52.09
C MET N 498 -39.32 10.99 51.98
N GLU N 499 -40.13 10.29 52.76
CA GLU N 499 -40.32 8.87 52.54
C GLU N 499 -41.41 8.64 51.50
N LYS N 500 -41.58 7.38 51.11
CA LYS N 500 -42.51 7.06 50.03
C LYS N 500 -43.96 7.15 50.48
N ASP N 501 -44.25 6.87 51.75
CA ASP N 501 -45.61 6.93 52.25
C ASP N 501 -46.08 8.34 52.57
N GLY N 502 -45.19 9.32 52.55
CA GLY N 502 -45.54 10.71 52.79
C GLY N 502 -44.89 11.32 54.01
N THR N 503 -44.44 10.51 54.97
CA THR N 503 -43.78 11.04 56.14
C THR N 503 -42.39 11.54 55.80
N MET N 504 -41.82 12.34 56.69
CA MET N 504 -40.51 12.93 56.46
C MET N 504 -39.41 12.02 56.99
N SER N 505 -38.28 12.03 56.29
CA SER N 505 -37.11 11.32 56.72
C SER N 505 -36.32 12.17 57.73
N ASP N 506 -35.13 11.71 58.09
CA ASP N 506 -34.25 12.48 58.96
C ASP N 506 -33.17 13.23 58.19
N PHE N 507 -32.52 12.58 57.25
CA PHE N 507 -31.53 13.22 56.40
C PHE N 507 -32.21 13.78 55.16
N GLY N 508 -31.98 15.06 54.88
CA GLY N 508 -32.64 15.68 53.76
C GLY N 508 -31.97 16.96 53.33
N ILE N 509 -32.21 17.32 52.07
CA ILE N 509 -31.75 18.58 51.52
C ILE N 509 -32.98 19.26 50.89
N PRO N 510 -33.44 20.39 51.40
CA PRO N 510 -34.50 21.11 50.69
C PRO N 510 -33.98 21.69 49.39
N ALA N 511 -34.88 21.76 48.40
CA ALA N 511 -34.52 22.02 47.02
C ALA N 511 -34.01 23.44 46.78
N SER N 512 -34.15 24.34 47.75
CA SER N 512 -33.61 25.69 47.60
C SER N 512 -32.09 25.70 47.49
N ILE N 513 -31.42 24.87 48.29
CA ILE N 513 -29.96 24.78 48.22
C ILE N 513 -29.51 24.22 46.88
N VAL N 514 -30.19 23.18 46.38
CA VAL N 514 -29.82 22.62 45.09
C VAL N 514 -30.06 23.64 43.97
N ALA N 515 -31.17 24.36 44.02
CA ALA N 515 -31.44 25.38 43.00
C ALA N 515 -30.42 26.51 43.05
N LYS N 516 -30.04 26.94 44.26
CA LYS N 516 -29.04 27.99 44.38
C LYS N 516 -27.68 27.52 43.91
N TYR N 517 -27.33 26.25 44.16
CA TYR N 517 -26.07 25.73 43.67
C TYR N 517 -26.06 25.67 42.15
N LEU N 518 -27.17 25.22 41.56
CA LEU N 518 -27.25 25.16 40.10
C LEU N 518 -27.18 26.55 39.48
N ASP N 519 -27.82 27.53 40.13
CA ASP N 519 -27.70 28.92 39.70
C ASP N 519 -26.27 29.43 39.82
N GLU N 520 -25.54 28.99 40.85
CA GLU N 520 -24.15 29.36 40.96
C GLU N 520 -23.33 28.79 39.81
N HIS N 521 -23.60 27.56 39.41
CA HIS N 521 -22.86 26.94 38.32
C HIS N 521 -23.48 27.19 36.96
N GLY N 522 -24.38 28.15 36.85
CA GLY N 522 -24.79 28.63 35.54
C GLY N 522 -25.83 27.80 34.83
N ILE N 523 -26.72 27.14 35.57
CA ILE N 523 -27.90 26.52 35.00
C ILE N 523 -29.11 26.90 35.87
N VAL N 524 -30.23 27.19 35.23
CA VAL N 524 -31.36 27.81 35.90
C VAL N 524 -32.49 26.80 36.02
N VAL N 525 -33.04 26.67 37.22
CA VAL N 525 -34.20 25.83 37.48
C VAL N 525 -35.44 26.70 37.32
N GLU N 526 -36.53 26.11 36.80
CA GLU N 526 -37.77 26.82 36.58
C GLU N 526 -38.35 27.38 37.88
N LYS N 527 -38.82 26.51 38.78
CA LYS N 527 -39.24 26.90 40.12
C LYS N 527 -39.20 25.66 41.01
N THR N 528 -38.88 25.87 42.28
CA THR N 528 -38.72 24.78 43.24
C THR N 528 -39.72 24.90 44.36
N GLY N 529 -40.13 23.76 44.90
CA GLY N 529 -40.90 23.72 46.12
C GLY N 529 -40.01 23.40 47.29
N PRO N 530 -40.54 22.65 48.25
CA PRO N 530 -39.73 22.26 49.41
C PRO N 530 -38.66 21.24 49.05
N TYR N 531 -39.02 20.20 48.30
CA TYR N 531 -38.09 19.12 47.99
C TYR N 531 -38.22 18.66 46.53
N ASN N 532 -38.62 19.55 45.64
CA ASN N 532 -38.69 19.19 44.23
C ASN N 532 -38.14 20.31 43.36
N LEU N 533 -37.58 19.92 42.22
CA LEU N 533 -37.18 20.85 41.18
C LEU N 533 -38.10 20.65 39.98
N LEU N 534 -37.85 21.42 38.93
CA LEU N 534 -38.61 21.26 37.70
C LEU N 534 -37.72 21.69 36.54
N PHE N 535 -37.67 20.88 35.47
CA PHE N 535 -36.84 21.23 34.34
C PHE N 535 -37.66 21.07 33.07
N LEU N 536 -37.85 22.17 32.37
CA LEU N 536 -38.60 22.16 31.11
C LEU N 536 -37.69 21.62 30.01
N PHE N 537 -37.97 20.40 29.55
CA PHE N 537 -37.24 19.83 28.43
C PHE N 537 -37.99 20.19 27.14
N SER N 538 -37.91 21.46 26.78
CA SER N 538 -38.60 21.94 25.59
C SER N 538 -37.81 21.55 24.35
N ILE N 539 -38.18 22.11 23.20
CA ILE N 539 -37.49 21.83 21.96
C ILE N 539 -36.09 22.42 21.91
N GLY N 540 -35.78 23.36 22.80
CA GLY N 540 -34.44 23.93 22.83
C GLY N 540 -33.40 23.05 23.48
N ILE N 541 -33.81 22.10 24.30
CA ILE N 541 -32.86 21.30 25.08
C ILE N 541 -32.21 20.27 24.18
N ASP N 542 -30.89 20.31 24.11
CA ASP N 542 -30.09 19.26 23.48
C ASP N 542 -29.29 18.53 24.56
N LYS N 543 -28.49 17.55 24.13
CA LYS N 543 -27.79 16.72 25.10
C LYS N 543 -26.65 17.45 25.79
N THR N 544 -26.17 18.58 25.24
CA THR N 544 -25.19 19.39 25.94
C THR N 544 -25.74 19.92 27.25
N LYS N 545 -26.91 20.55 27.20
CA LYS N 545 -27.54 21.09 28.40
C LYS N 545 -27.94 19.99 29.37
N ALA N 546 -28.46 18.87 28.85
CA ALA N 546 -28.88 17.76 29.71
C ALA N 546 -27.69 17.17 30.45
N LEU N 547 -26.56 16.96 29.76
CA LEU N 547 -25.38 16.44 30.42
C LEU N 547 -24.78 17.42 31.40
N SER N 548 -24.80 18.72 31.08
CA SER N 548 -24.31 19.72 32.02
C SER N 548 -25.17 19.76 33.28
N LEU N 549 -26.49 19.60 33.12
CA LEU N 549 -27.36 19.54 34.29
C LEU N 549 -27.09 18.32 35.14
N LEU N 550 -26.96 17.15 34.51
CA LEU N 550 -26.73 15.92 35.25
C LEU N 550 -25.42 15.99 36.02
N ARG N 551 -24.48 16.70 35.40
CA ARG N 551 -23.09 16.87 35.90
C ARG N 551 -22.91 18.12 36.78
N ALA N 552 -23.94 18.93 36.98
CA ALA N 552 -24.07 19.88 38.08
C ALA N 552 -24.71 19.20 39.29
N LEU N 553 -25.66 18.29 39.03
CA LEU N 553 -26.23 17.47 40.10
C LEU N 553 -25.17 16.59 40.75
N THR N 554 -24.33 15.95 39.94
CA THR N 554 -23.28 15.08 40.48
C THR N 554 -22.22 15.86 41.25
N ASP N 555 -21.81 17.02 40.75
CA ASP N 555 -20.84 17.84 41.47
C ASP N 555 -21.42 18.38 42.76
N PHE N 556 -22.72 18.66 42.79
CA PHE N 556 -23.36 19.00 44.06
C PHE N 556 -23.30 17.82 45.03
N LYS N 557 -23.53 16.60 44.53
CA LYS N 557 -23.45 15.43 45.41
C LYS N 557 -22.06 15.28 45.98
N ARG N 558 -21.03 15.45 45.15
CA ARG N 558 -19.65 15.32 45.61
C ARG N 558 -19.29 16.43 46.60
N ALA N 559 -19.74 17.65 46.33
CA ALA N 559 -19.46 18.76 47.24
C ALA N 559 -20.24 18.68 48.53
N PHE N 560 -21.40 18.02 48.53
CA PHE N 560 -22.16 17.84 49.76
C PHE N 560 -21.63 16.69 50.60
N ASP N 561 -21.19 15.60 49.98
CA ASP N 561 -20.53 14.53 50.72
C ASP N 561 -19.19 14.99 51.29
N LEU N 562 -18.44 15.78 50.53
CA LEU N 562 -17.21 16.35 51.06
C LEU N 562 -17.47 17.45 52.08
N ASN N 563 -18.68 18.00 52.08
CA ASN N 563 -19.14 19.02 53.03
C ASN N 563 -18.26 20.28 52.97
N LEU N 564 -18.27 20.90 51.80
CA LEU N 564 -17.56 22.16 51.62
C LEU N 564 -18.30 23.29 52.34
N ARG N 565 -17.57 24.36 52.64
CA ARG N 565 -18.15 25.49 53.32
C ARG N 565 -19.05 26.29 52.38
N VAL N 566 -19.95 27.07 52.99
CA VAL N 566 -20.87 27.90 52.22
C VAL N 566 -20.11 28.98 51.46
N LYS N 567 -19.02 29.50 52.05
CA LYS N 567 -18.25 30.56 51.41
C LYS N 567 -17.63 30.11 50.10
N ASN N 568 -17.06 28.91 50.05
CA ASN N 568 -16.43 28.44 48.83
C ASN N 568 -17.45 27.97 47.80
N MET N 569 -18.50 27.28 48.24
CA MET N 569 -19.38 26.63 47.26
C MET N 569 -20.49 27.57 46.79
N LEU N 570 -21.03 28.39 47.69
CA LEU N 570 -22.14 29.29 47.37
C LEU N 570 -21.74 30.72 47.72
N PRO N 571 -20.89 31.35 46.90
CA PRO N 571 -20.55 32.76 47.17
C PRO N 571 -21.73 33.70 46.97
N SER N 572 -22.65 33.39 46.06
CA SER N 572 -23.83 34.23 45.86
C SER N 572 -24.75 34.20 47.07
N LEU N 573 -24.82 33.08 47.78
CA LEU N 573 -25.54 33.02 49.04
C LEU N 573 -24.68 33.50 50.20
N TYR N 574 -23.36 33.39 50.08
CA TYR N 574 -22.45 33.96 51.07
C TYR N 574 -22.58 35.47 51.16
N ARG N 575 -22.74 36.14 50.01
CA ARG N 575 -22.85 37.58 49.96
C ARG N 575 -24.18 38.11 50.50
N GLU N 576 -25.15 37.22 50.77
CA GLU N 576 -26.40 37.67 51.37
C GLU N 576 -26.17 38.23 52.78
N ASP N 577 -25.39 37.52 53.59
CA ASP N 577 -24.94 38.05 54.89
C ASP N 577 -23.66 37.32 55.26
N PRO N 578 -22.50 37.89 54.92
CA PRO N 578 -21.23 37.20 55.18
C PRO N 578 -20.95 36.93 56.64
N GLU N 579 -21.53 37.70 57.55
CA GLU N 579 -21.31 37.46 58.97
C GLU N 579 -21.96 36.16 59.43
N PHE N 580 -23.08 35.78 58.83
CA PHE N 580 -23.81 34.59 59.25
C PHE N 580 -23.25 33.32 58.62
N TYR N 581 -22.94 33.35 57.32
CA TYR N 581 -22.47 32.17 56.60
C TYR N 581 -20.95 32.07 56.59
N GLU N 582 -20.28 32.62 57.60
CA GLU N 582 -18.81 32.64 57.58
C GLU N 582 -18.25 31.26 57.90
N ASN N 583 -18.68 30.67 59.00
CA ASN N 583 -18.14 29.41 59.50
C ASN N 583 -19.20 28.31 59.52
N MET N 584 -19.99 28.22 58.46
CA MET N 584 -21.06 27.22 58.37
C MET N 584 -20.78 26.29 57.21
N ARG N 585 -20.89 24.99 57.46
CA ARG N 585 -20.77 23.97 56.42
C ARG N 585 -22.12 23.75 55.76
N ILE N 586 -22.08 23.14 54.57
CA ILE N 586 -23.32 22.95 53.83
C ILE N 586 -24.19 21.85 54.46
N GLN N 587 -23.58 20.82 55.05
CA GLN N 587 -24.38 19.79 55.71
C GLN N 587 -25.10 20.34 56.93
N GLU N 588 -24.46 21.23 57.69
CA GLU N 588 -25.13 21.87 58.83
C GLU N 588 -26.28 22.74 58.36
N LEU N 589 -26.10 23.49 57.28
CA LEU N 589 -27.16 24.35 56.77
C LEU N 589 -28.35 23.54 56.26
N ALA N 590 -28.08 22.49 55.49
CA ALA N 590 -29.15 21.63 54.99
C ALA N 590 -29.87 20.93 56.12
N GLN N 591 -29.12 20.43 57.11
CA GLN N 591 -29.72 19.79 58.27
C GLN N 591 -30.57 20.76 59.06
N ASN N 592 -30.11 22.01 59.19
CA ASN N 592 -30.86 22.99 59.95
C ASN N 592 -32.17 23.36 59.28
N ILE N 593 -32.14 23.61 57.96
CA ILE N 593 -33.40 23.94 57.28
C ILE N 593 -34.32 22.74 57.24
N HIS N 594 -33.76 21.53 57.08
CA HIS N 594 -34.59 20.33 57.13
C HIS N 594 -35.21 20.13 58.50
N LYS N 595 -34.47 20.41 59.57
CA LYS N 595 -35.04 20.30 60.92
C LYS N 595 -36.08 21.39 61.17
N LEU N 596 -35.90 22.57 60.60
CA LEU N 596 -36.95 23.60 60.68
C LEU N 596 -38.21 23.16 59.97
N ILE N 597 -38.08 22.44 58.86
CA ILE N 597 -39.26 21.92 58.18
C ILE N 597 -39.90 20.79 58.98
N VAL N 598 -39.08 19.87 59.52
CA VAL N 598 -39.59 18.72 60.27
C VAL N 598 -40.28 19.11 61.56
N HIS N 599 -39.63 19.94 62.39
CA HIS N 599 -40.17 20.28 63.70
C HIS N 599 -41.46 21.09 63.59
N HIS N 600 -41.54 21.95 62.58
CA HIS N 600 -42.75 22.72 62.33
C HIS N 600 -43.77 21.95 61.51
N ASN N 601 -43.41 20.76 61.01
CA ASN N 601 -44.30 19.85 60.29
C ASN N 601 -44.90 20.52 59.06
N LEU N 602 -44.02 20.88 58.11
CA LEU N 602 -44.45 21.61 56.93
C LEU N 602 -45.40 20.83 56.02
N PRO N 603 -45.13 19.58 55.60
CA PRO N 603 -46.03 18.96 54.61
C PRO N 603 -47.42 18.65 55.12
N ASP N 604 -47.56 18.28 56.39
CA ASP N 604 -48.89 18.01 56.92
C ASP N 604 -49.73 19.28 56.98
N LEU N 605 -49.13 20.39 57.39
CA LEU N 605 -49.83 21.68 57.37
C LEU N 605 -50.14 22.12 55.95
N MET N 606 -49.20 21.93 55.02
CA MET N 606 -49.42 22.32 53.63
C MET N 606 -50.51 21.47 52.99
N TYR N 607 -50.67 20.24 53.43
CA TYR N 607 -51.77 19.41 52.96
C TYR N 607 -53.10 19.85 53.55
N ARG N 608 -53.18 19.89 54.88
CA ARG N 608 -54.44 20.19 55.56
C ARG N 608 -54.91 21.62 55.36
N ALA N 609 -54.03 22.54 54.95
CA ALA N 609 -54.47 23.88 54.63
C ALA N 609 -55.18 23.95 53.29
N PHE N 610 -54.77 23.15 52.32
CA PHE N 610 -55.40 23.16 51.01
C PHE N 610 -56.52 22.15 50.87
N GLU N 611 -56.72 21.27 51.86
CA GLU N 611 -57.91 20.42 51.83
C GLU N 611 -59.14 21.09 52.41
N VAL N 612 -59.02 22.33 52.90
CA VAL N 612 -60.16 23.08 53.42
C VAL N 612 -60.25 24.40 52.66
N LEU N 613 -61.45 24.66 52.13
CA LEU N 613 -61.74 25.85 51.36
C LEU N 613 -62.19 27.00 52.25
N PRO N 614 -61.60 28.18 52.11
CA PRO N 614 -62.07 29.35 52.87
C PRO N 614 -63.48 29.75 52.47
N THR N 615 -64.20 30.32 53.44
CA THR N 615 -65.60 30.67 53.26
C THR N 615 -65.73 31.90 52.38
N MET N 616 -66.49 31.78 51.29
CA MET N 616 -66.72 32.88 50.37
C MET N 616 -67.81 33.79 50.94
N VAL N 617 -67.40 34.92 51.52
CA VAL N 617 -68.39 35.90 51.97
C VAL N 617 -68.95 36.66 50.78
N MET N 618 -68.09 37.14 49.88
CA MET N 618 -68.52 37.91 48.73
C MET N 618 -67.64 37.55 47.54
N THR N 619 -68.15 37.84 46.35
CA THR N 619 -67.42 37.59 45.12
C THR N 619 -66.18 38.46 45.05
N PRO N 620 -65.11 37.98 44.39
CA PRO N 620 -63.88 38.79 44.27
C PRO N 620 -64.08 40.10 43.54
N TYR N 621 -65.07 40.22 42.67
CA TYR N 621 -65.41 41.51 42.07
C TYR N 621 -65.85 42.50 43.14
N ALA N 622 -66.68 42.05 44.08
CA ALA N 622 -67.09 42.92 45.18
C ALA N 622 -65.92 43.23 46.11
N ALA N 623 -65.00 42.28 46.29
CA ALA N 623 -63.80 42.55 47.07
C ALA N 623 -62.95 43.63 46.42
N PHE N 624 -62.77 43.57 45.11
CA PHE N 624 -62.04 44.63 44.40
C PHE N 624 -62.78 45.96 44.46
N GLN N 625 -64.12 45.92 44.40
CA GLN N 625 -64.89 47.15 44.52
C GLN N 625 -64.72 47.80 45.88
N LYS N 626 -64.76 47.00 46.95
CA LYS N 626 -64.51 47.55 48.28
C LYS N 626 -63.06 47.94 48.48
N GLU N 627 -62.13 47.32 47.75
CA GLU N 627 -60.73 47.70 47.85
C GLU N 627 -60.48 49.05 47.18
N LEU N 628 -61.14 49.31 46.07
CA LEU N 628 -60.98 50.58 45.38
C LEU N 628 -61.51 51.77 46.17
N HIS N 629 -62.53 51.55 47.00
CA HIS N 629 -63.13 52.62 47.78
C HIS N 629 -62.37 52.92 49.07
N GLY N 630 -61.20 52.34 49.24
CA GLY N 630 -60.39 52.62 50.41
C GLY N 630 -60.90 52.01 51.69
N MET N 631 -61.66 50.92 51.60
CA MET N 631 -62.22 50.24 52.77
C MET N 631 -61.31 49.12 53.28
N THR N 632 -60.01 49.24 53.08
CA THR N 632 -59.05 48.20 53.43
C THR N 632 -58.15 48.68 54.55
N GLU N 633 -57.94 47.81 55.54
CA GLU N 633 -57.02 48.05 56.63
C GLU N 633 -56.03 46.89 56.71
N GLU N 634 -54.84 47.18 57.22
CA GLU N 634 -53.77 46.20 57.32
C GLU N 634 -53.70 45.69 58.76
N VAL N 635 -54.45 44.62 59.03
CA VAL N 635 -54.40 43.97 60.34
C VAL N 635 -53.22 43.02 60.31
N TYR N 636 -52.69 42.66 61.47
CA TYR N 636 -51.59 41.71 61.50
C TYR N 636 -52.09 40.31 61.16
N LEU N 637 -51.14 39.39 60.95
CA LEU N 637 -51.45 38.08 60.42
C LEU N 637 -52.27 37.24 61.39
N ASP N 638 -51.97 37.32 62.69
CA ASP N 638 -52.61 36.46 63.68
C ASP N 638 -54.08 36.77 63.89
N GLU N 639 -54.51 38.00 63.69
CA GLU N 639 -55.87 38.43 63.97
C GLU N 639 -56.69 38.53 62.69
N MET N 640 -56.45 37.62 61.75
CA MET N 640 -57.09 37.66 60.45
C MET N 640 -58.31 36.76 60.33
N VAL N 641 -58.58 35.92 61.33
CA VAL N 641 -59.77 35.07 61.28
C VAL N 641 -61.01 35.92 61.47
N GLY N 642 -62.07 35.58 60.74
CA GLY N 642 -63.28 36.36 60.76
C GLY N 642 -63.23 37.63 59.93
N ARG N 643 -62.15 37.86 59.20
CA ARG N 643 -61.99 39.06 58.40
C ARG N 643 -61.99 38.70 56.93
N ILE N 644 -62.59 39.57 56.13
CA ILE N 644 -62.71 39.35 54.69
C ILE N 644 -61.43 39.85 54.02
N ASN N 645 -60.78 38.98 53.25
CA ASN N 645 -59.53 39.33 52.60
C ASN N 645 -59.77 40.15 51.35
N ALA N 646 -58.94 41.17 51.16
CA ALA N 646 -59.05 42.06 50.01
C ALA N 646 -58.07 41.74 48.89
N ASN N 647 -56.86 41.32 49.24
CA ASN N 647 -55.85 40.95 48.26
C ASN N 647 -55.56 39.46 48.37
N MET N 648 -55.23 38.86 47.24
CA MET N 648 -54.96 37.43 47.17
C MET N 648 -53.69 37.10 47.95
N ILE N 649 -53.73 35.97 48.68
CA ILE N 649 -52.57 35.46 49.38
C ILE N 649 -52.03 34.28 48.58
N LEU N 650 -50.79 34.42 48.09
CA LEU N 650 -50.18 33.41 47.23
C LEU N 650 -48.86 32.99 47.86
N PRO N 651 -48.85 31.93 48.66
CA PRO N 651 -47.63 31.52 49.35
C PRO N 651 -46.75 30.59 48.52
N TYR N 652 -45.44 30.83 48.59
CA TYR N 652 -44.45 29.92 48.03
C TYR N 652 -43.72 29.26 49.19
N PRO N 653 -43.83 27.94 49.42
CA PRO N 653 -44.56 26.88 48.73
C PRO N 653 -46.08 26.99 48.87
N PRO N 654 -46.84 26.42 47.91
CA PRO N 654 -46.37 25.75 46.70
C PRO N 654 -46.39 26.60 45.43
N GLY N 655 -47.29 27.59 45.36
CA GLY N 655 -47.41 28.38 44.15
C GLY N 655 -48.81 28.38 43.58
N VAL N 656 -49.80 28.13 44.43
CA VAL N 656 -51.20 28.09 44.01
C VAL N 656 -51.98 29.02 44.94
N PRO N 657 -52.98 29.78 44.43
CA PRO N 657 -53.74 30.69 45.30
C PRO N 657 -54.46 30.01 46.45
N LEU N 658 -54.05 30.40 47.67
CA LEU N 658 -54.57 29.81 48.88
C LEU N 658 -55.83 30.52 49.37
N VAL N 659 -55.71 31.83 49.64
CA VAL N 659 -56.87 32.65 50.01
C VAL N 659 -57.16 33.60 48.84
N MET N 660 -58.39 33.56 48.35
CA MET N 660 -58.82 34.43 47.27
C MET N 660 -59.25 35.77 47.82
N PRO N 661 -59.28 36.81 46.99
CA PRO N 661 -59.88 38.09 47.43
C PRO N 661 -61.37 37.93 47.66
N GLY N 662 -61.82 38.28 48.86
CA GLY N 662 -63.23 38.19 49.21
C GLY N 662 -63.62 36.98 50.02
N GLU N 663 -62.66 36.20 50.52
CA GLU N 663 -62.95 34.99 51.28
C GLU N 663 -62.46 35.14 52.72
N MET N 664 -63.18 34.50 53.64
CA MET N 664 -62.93 34.61 55.06
C MET N 664 -62.30 33.32 55.58
N ILE N 665 -61.30 33.45 56.44
CA ILE N 665 -60.77 32.31 57.16
C ILE N 665 -61.58 32.12 58.44
N THR N 666 -62.36 31.04 58.49
CA THR N 666 -63.20 30.76 59.62
C THR N 666 -62.48 29.79 60.57
N GLU N 667 -63.18 29.38 61.63
CA GLU N 667 -62.61 28.40 62.55
C GLU N 667 -62.46 27.03 61.92
N GLU N 668 -63.28 26.71 60.91
CA GLU N 668 -63.12 25.47 60.17
C GLU N 668 -61.88 25.48 59.28
N SER N 669 -61.32 26.66 58.98
CA SER N 669 -60.15 26.78 58.14
C SER N 669 -58.96 27.35 58.89
N ARG N 670 -58.90 27.11 60.20
CA ARG N 670 -57.75 27.50 61.00
C ARG N 670 -56.40 26.93 60.54
N PRO N 671 -56.28 25.69 60.03
CA PRO N 671 -54.98 25.25 59.49
C PRO N 671 -54.41 26.12 58.37
N VAL N 672 -55.24 26.86 57.64
CA VAL N 672 -54.73 27.88 56.72
C VAL N 672 -53.90 28.92 57.48
N LEU N 673 -54.46 29.45 58.56
CA LEU N 673 -53.74 30.42 59.39
C LEU N 673 -52.51 29.81 60.04
N GLU N 674 -52.63 28.56 60.48
CA GLU N 674 -51.46 27.87 61.05
C GLU N 674 -50.36 27.69 60.03
N PHE N 675 -50.71 27.35 58.79
CA PHE N 675 -49.70 27.20 57.73
C PHE N 675 -49.04 28.54 57.41
N LEU N 676 -49.82 29.61 57.34
CA LEU N 676 -49.26 30.93 57.06
C LEU N 676 -48.33 31.38 58.17
N GLN N 677 -48.75 31.21 59.43
CA GLN N 677 -47.91 31.58 60.57
C GLN N 677 -46.66 30.73 60.63
N MET N 678 -46.77 29.43 60.33
CA MET N 678 -45.61 28.55 60.30
C MET N 678 -44.62 28.97 59.22
N LEU N 679 -45.12 29.32 58.04
CA LEU N 679 -44.24 29.76 56.96
C LEU N 679 -43.53 31.06 57.32
N CYS N 680 -44.25 31.99 57.94
CA CYS N 680 -43.60 33.22 58.40
C CYS N 680 -42.60 32.95 59.51
N GLU N 681 -42.87 31.97 60.38
CA GLU N 681 -41.96 31.65 61.46
C GLU N 681 -40.68 30.99 60.95
N ILE N 682 -40.79 30.11 59.95
CA ILE N 682 -39.59 29.43 59.46
C ILE N 682 -38.81 30.29 58.48
N GLY N 683 -39.44 31.27 57.84
CA GLY N 683 -38.69 32.09 56.91
C GLY N 683 -37.86 33.19 57.53
N ALA N 684 -37.99 33.41 58.82
CA ALA N 684 -37.28 34.48 59.51
C ALA N 684 -36.10 33.98 60.33
N HIS N 685 -35.44 32.92 59.87
CA HIS N 685 -34.26 32.39 60.56
C HIS N 685 -33.00 32.47 59.73
N TYR N 686 -33.05 31.99 58.48
CA TYR N 686 -31.84 31.85 57.67
C TYR N 686 -31.90 32.80 56.48
N PRO N 687 -30.94 33.69 56.33
CA PRO N 687 -30.97 34.66 55.23
C PRO N 687 -30.75 34.00 53.88
N GLY N 688 -31.34 34.63 52.85
CA GLY N 688 -31.33 34.09 51.52
C GLY N 688 -32.44 33.11 51.23
N PHE N 689 -33.13 32.62 52.26
CA PHE N 689 -34.24 31.71 52.10
C PHE N 689 -35.50 32.40 52.60
N GLU N 690 -35.67 33.66 52.22
CA GLU N 690 -36.70 34.53 52.77
C GLU N 690 -38.09 34.06 52.34
N THR N 691 -39.08 34.49 53.12
CA THR N 691 -40.47 34.10 52.89
C THR N 691 -40.99 34.76 51.63
N ASP N 692 -41.58 33.97 50.75
CA ASP N 692 -42.13 34.44 49.49
C ASP N 692 -43.64 34.22 49.53
N ILE N 693 -44.37 35.20 50.05
CA ILE N 693 -45.83 35.19 50.06
C ILE N 693 -46.29 36.43 49.33
N HIS N 694 -47.05 36.25 48.25
CA HIS N 694 -47.61 37.37 47.52
C HIS N 694 -48.95 37.74 48.15
N GLY N 695 -49.00 38.88 48.82
CA GLY N 695 -50.20 39.31 49.51
C GLY N 695 -49.90 39.72 50.94
N ALA N 696 -48.99 39.01 51.60
CA ALA N 696 -48.58 39.35 52.94
C ALA N 696 -47.35 40.25 52.87
N TYR N 697 -47.41 41.35 53.62
CA TYR N 697 -46.41 42.41 53.54
C TYR N 697 -45.54 42.37 54.79
N ARG N 698 -44.23 42.34 54.58
CA ARG N 698 -43.29 42.22 55.68
C ARG N 698 -43.17 43.54 56.44
N GLN N 699 -43.21 43.46 57.77
CA GLN N 699 -42.96 44.62 58.61
C GLN N 699 -41.57 44.53 59.21
N ALA N 700 -41.18 45.58 59.93
CA ALA N 700 -39.84 45.64 60.50
C ALA N 700 -39.68 44.72 61.70
N ASP N 701 -40.73 44.54 62.50
CA ASP N 701 -40.61 43.73 63.71
C ASP N 701 -40.58 42.24 63.41
N GLY N 702 -41.02 41.81 62.24
CA GLY N 702 -41.02 40.42 61.87
C GLY N 702 -42.38 39.75 61.79
N ARG N 703 -43.46 40.49 61.94
CA ARG N 703 -44.82 39.94 61.82
C ARG N 703 -45.49 40.57 60.61
N TYR N 704 -46.09 39.74 59.77
CA TYR N 704 -46.60 40.16 58.47
C TYR N 704 -48.02 40.69 58.59
N THR N 705 -48.43 41.46 57.59
CA THR N 705 -49.75 42.06 57.53
C THR N 705 -50.45 41.68 56.24
N VAL N 706 -51.77 41.56 56.30
CA VAL N 706 -52.61 41.23 55.15
C VAL N 706 -53.72 42.26 55.07
N LYS N 707 -53.93 42.82 53.87
CA LYS N 707 -54.98 43.81 53.67
C LYS N 707 -56.34 43.14 53.72
N VAL N 708 -57.10 43.43 54.78
CA VAL N 708 -58.45 42.92 54.94
C VAL N 708 -59.42 44.09 54.81
N LEU N 709 -60.71 43.77 54.73
CA LEU N 709 -61.74 44.78 54.58
C LEU N 709 -62.19 45.30 55.94
N LYS N 710 -62.61 46.56 55.95
CA LYS N 710 -63.10 47.18 57.17
C LYS N 710 -64.48 46.64 57.53
N GLU N 711 -64.84 46.82 58.80
CA GLU N 711 -66.11 46.31 59.30
C GLU N 711 -67.15 47.42 59.38
N MET O 1 -1.56 28.75 31.84
CA MET O 1 -2.72 28.04 31.33
C MET O 1 -3.26 28.65 30.06
N ASN O 2 -2.65 28.31 28.92
CA ASN O 2 -3.19 28.69 27.63
C ASN O 2 -2.99 27.59 26.59
N VAL O 3 -2.75 26.38 27.07
CA VAL O 3 -2.48 25.27 26.11
C VAL O 3 -3.68 24.33 26.17
N ILE O 4 -4.40 24.14 25.08
CA ILE O 4 -5.64 23.33 25.04
C ILE O 4 -5.45 22.30 23.96
N ALA O 5 -5.50 21.03 24.27
CA ALA O 5 -5.03 20.02 23.31
C ALA O 5 -6.18 19.32 22.65
N ILE O 6 -6.19 19.30 21.33
CA ILE O 6 -7.30 18.69 20.57
C ILE O 6 -6.77 17.33 20.11
N LEU O 7 -7.57 16.27 20.24
CA LEU O 7 -7.16 14.94 19.72
C LEU O 7 -7.38 14.88 18.21
N ASN O 8 -7.09 13.71 17.61
CA ASN O 8 -6.91 13.54 16.15
C ASN O 8 -8.02 13.84 15.16
N HIS O 9 -7.64 13.85 13.88
CA HIS O 9 -8.60 14.12 12.79
C HIS O 9 -9.32 12.84 12.42
N MET O 10 -10.62 12.78 12.70
CA MET O 10 -11.41 11.55 12.44
C MET O 10 -11.40 11.28 10.95
N GLY O 11 -11.63 12.29 10.13
CA GLY O 11 -11.73 12.10 8.68
C GLY O 11 -13.02 12.66 8.09
N VAL O 12 -14.14 12.54 8.79
CA VAL O 12 -15.35 13.10 8.23
C VAL O 12 -15.44 14.59 8.57
N TYR O 13 -16.20 15.33 7.77
CA TYR O 13 -16.18 16.78 7.77
C TYR O 13 -17.00 17.40 8.88
N PHE O 14 -18.15 16.80 9.24
CA PHE O 14 -19.08 17.46 10.15
C PHE O 14 -18.54 17.56 11.56
N LYS O 15 -17.53 16.76 11.91
CA LYS O 15 -16.85 16.87 13.19
C LYS O 15 -15.40 17.30 13.01
N GLU O 16 -15.07 17.93 11.90
CA GLU O 16 -13.76 18.54 11.70
C GLU O 16 -13.84 20.03 11.44
N GLU O 17 -14.76 20.48 10.60
CA GLU O 17 -14.93 21.90 10.37
C GLU O 17 -15.39 22.65 11.62
N PRO O 18 -16.32 22.13 12.44
CA PRO O 18 -16.51 22.75 13.76
C PRO O 18 -15.27 22.73 14.63
N ILE O 19 -14.44 21.69 14.53
CA ILE O 19 -13.19 21.68 15.28
C ILE O 19 -12.21 22.73 14.77
N ARG O 20 -12.16 22.93 13.46
CA ARG O 20 -11.30 24.00 12.93
C ARG O 20 -11.83 25.39 13.29
N GLU O 21 -13.14 25.57 13.30
CA GLU O 21 -13.70 26.84 13.75
C GLU O 21 -13.42 27.09 15.23
N LEU O 22 -13.50 26.04 16.05
CA LEU O 22 -13.15 26.18 17.46
C LEU O 22 -11.66 26.44 17.65
N HIS O 23 -10.82 25.85 16.79
CA HIS O 23 -9.39 26.16 16.77
C HIS O 23 -9.18 27.65 16.52
N ARG O 24 -9.82 28.17 15.47
CA ARG O 24 -9.67 29.59 15.14
C ARG O 24 -10.18 30.49 16.24
N ALA O 25 -11.33 30.16 16.83
CA ALA O 25 -11.87 30.96 17.92
C ALA O 25 -10.99 30.91 19.17
N LEU O 26 -10.41 29.76 19.50
CA LEU O 26 -9.55 29.67 20.66
C LEU O 26 -8.23 30.40 20.44
N GLU O 27 -7.68 30.37 19.23
CA GLU O 27 -6.52 31.21 18.95
C GLU O 27 -6.87 32.69 18.99
N ARG O 28 -8.11 33.03 18.63
CA ARG O 28 -8.57 34.40 18.80
C ARG O 28 -8.70 34.77 20.28
N LEU O 29 -8.98 33.78 21.14
CA LEU O 29 -9.05 34.01 22.58
C LEU O 29 -7.72 33.79 23.29
N ASN O 30 -6.60 33.87 22.56
CA ASN O 30 -5.25 33.81 23.11
C ASN O 30 -4.97 32.47 23.82
N PHE O 31 -5.31 31.38 23.15
CA PHE O 31 -4.97 30.04 23.61
C PHE O 31 -4.05 29.37 22.61
N GLN O 32 -2.89 28.91 23.08
CA GLN O 32 -2.04 28.06 22.26
C GLN O 32 -2.69 26.70 22.10
N ILE O 33 -2.64 26.17 20.88
CA ILE O 33 -3.31 24.91 20.55
C ILE O 33 -2.24 23.89 20.19
N VAL O 34 -2.28 22.74 20.86
CA VAL O 34 -1.40 21.63 20.55
C VAL O 34 -2.21 20.49 19.95
N TYR O 35 -1.55 19.66 19.17
CA TYR O 35 -2.19 18.58 18.41
C TYR O 35 -1.49 17.25 18.67
N PRO O 36 -1.78 16.61 19.80
CA PRO O 36 -1.31 15.23 19.99
C PRO O 36 -1.96 14.28 18.99
N ASN O 37 -1.16 13.32 18.51
CA ASN O 37 -1.62 12.47 17.43
C ASN O 37 -2.61 11.42 17.90
N ASP O 38 -2.37 10.80 19.05
CA ASP O 38 -3.25 9.75 19.54
C ASP O 38 -3.25 9.77 21.06
N ARG O 39 -3.77 8.69 21.66
CA ARG O 39 -4.00 8.64 23.10
C ARG O 39 -2.71 8.70 23.91
N ASP O 40 -1.76 7.82 23.61
CA ASP O 40 -0.51 7.79 24.35
C ASP O 40 0.27 9.08 24.19
N ASP O 41 0.12 9.72 23.03
CA ASP O 41 0.66 11.07 22.84
C ASP O 41 0.09 12.04 23.85
N LEU O 42 -1.22 11.96 24.11
CA LEU O 42 -1.84 12.83 25.10
C LEU O 42 -1.35 12.53 26.51
N LEU O 43 -1.22 11.24 26.85
CA LEU O 43 -0.70 10.87 28.17
C LEU O 43 0.70 11.42 28.41
N LYS O 44 1.61 11.23 27.45
CA LYS O 44 2.95 11.76 27.57
C LYS O 44 2.97 13.29 27.57
N LEU O 45 2.12 13.92 26.75
CA LEU O 45 2.03 15.38 26.72
C LEU O 45 1.58 15.94 28.06
N ILE O 46 0.66 15.27 28.73
CA ILE O 46 0.20 15.77 30.01
C ILE O 46 1.26 15.53 31.10
N GLU O 47 1.96 14.40 31.08
CA GLU O 47 2.93 14.19 32.17
C GLU O 47 4.16 15.07 31.99
N ASN O 48 4.57 15.33 30.75
CA ASN O 48 5.77 16.12 30.54
C ASN O 48 5.55 17.61 30.72
N ASN O 49 4.30 18.07 30.81
CA ASN O 49 3.99 19.48 30.87
C ASN O 49 3.09 19.78 32.05
N ALA O 50 2.90 21.07 32.31
CA ALA O 50 1.93 21.51 33.30
C ALA O 50 1.12 22.71 32.83
N ARG O 51 1.53 23.41 31.78
CA ARG O 51 0.79 24.55 31.27
C ARG O 51 -0.47 24.16 30.52
N LEU O 52 -0.66 22.88 30.25
CA LEU O 52 -1.86 22.43 29.55
C LEU O 52 -3.05 22.58 30.47
N CYS O 53 -4.12 23.19 29.95
CA CYS O 53 -5.29 23.53 30.75
C CYS O 53 -6.58 23.05 30.10
N GLY O 54 -6.51 22.05 29.25
CA GLY O 54 -7.70 21.59 28.57
C GLY O 54 -7.42 20.58 27.49
N VAL O 55 -8.25 19.54 27.43
CA VAL O 55 -8.16 18.53 26.39
C VAL O 55 -9.50 18.47 25.69
N ILE O 56 -9.49 18.61 24.38
CA ILE O 56 -10.68 18.44 23.56
C ILE O 56 -10.52 17.13 22.81
N PHE O 57 -11.49 16.25 22.97
CA PHE O 57 -11.45 14.96 22.29
C PHE O 57 -12.85 14.57 21.90
N ASP O 58 -12.94 13.70 20.91
CA ASP O 58 -14.21 13.15 20.46
C ASP O 58 -14.58 11.99 21.35
N TRP O 59 -15.86 11.91 21.71
CA TRP O 59 -16.36 10.89 22.62
C TRP O 59 -16.64 9.57 21.89
N ASP O 60 -16.44 9.51 20.58
CA ASP O 60 -16.69 8.25 19.88
C ASP O 60 -15.44 7.38 19.81
N LYS O 61 -14.38 7.89 19.18
CA LYS O 61 -13.18 7.08 18.99
C LYS O 61 -12.39 6.87 20.27
N TYR O 62 -12.57 7.73 21.26
CA TYR O 62 -11.87 7.60 22.53
C TYR O 62 -12.91 7.50 23.64
N ASN O 63 -12.82 6.43 24.42
CA ASN O 63 -13.80 6.14 25.44
C ASN O 63 -13.53 7.02 26.66
N LEU O 64 -14.28 6.78 27.74
CA LEU O 64 -14.18 7.60 28.94
C LEU O 64 -13.13 7.11 29.92
N GLU O 65 -12.42 6.03 29.59
CA GLU O 65 -11.26 5.64 30.38
C GLU O 65 -10.09 6.60 30.16
N LEU O 66 -10.06 7.27 29.01
CA LEU O 66 -9.21 8.45 28.80
C LEU O 66 -9.92 9.70 29.33
N CYS O 67 -10.45 9.55 30.54
CA CYS O 67 -10.81 10.66 31.40
C CYS O 67 -10.28 10.26 32.76
N GLU O 68 -10.37 8.96 33.02
CA GLU O 68 -9.93 8.41 34.30
C GLU O 68 -8.42 8.38 34.40
N GLU O 69 -7.73 8.07 33.30
CA GLU O 69 -6.26 8.11 33.34
C GLU O 69 -5.75 9.51 33.58
N ILE O 70 -6.35 10.50 32.91
CA ILE O 70 -5.98 11.90 33.14
C ILE O 70 -6.34 12.33 34.55
N SER O 71 -7.44 11.81 35.10
CA SER O 71 -7.80 12.07 36.48
C SER O 71 -6.75 11.53 37.45
N LYS O 72 -6.22 10.33 37.19
CA LYS O 72 -5.09 9.85 37.97
C LYS O 72 -3.87 10.73 37.78
N MET O 73 -3.76 11.39 36.62
CA MET O 73 -2.64 12.30 36.40
C MET O 73 -2.93 13.68 36.97
N ASN O 74 -4.12 14.20 36.76
CA ASN O 74 -4.52 15.49 37.32
C ASN O 74 -6.03 15.49 37.51
N GLU O 75 -6.48 15.68 38.74
CA GLU O 75 -7.90 15.56 39.05
C GLU O 75 -8.71 16.75 38.53
N ASN O 76 -8.15 17.95 38.58
CA ASN O 76 -8.90 19.16 38.30
C ASN O 76 -8.82 19.61 36.85
N LEU O 77 -8.13 18.85 35.99
CA LEU O 77 -7.92 19.30 34.62
C LEU O 77 -9.22 19.24 33.84
N PRO O 78 -9.66 20.36 33.26
CA PRO O 78 -10.86 20.34 32.43
C PRO O 78 -10.60 19.62 31.12
N LEU O 79 -11.52 18.77 30.72
CA LEU O 79 -11.45 18.11 29.43
C LEU O 79 -12.80 18.31 28.76
N TYR O 80 -12.82 18.38 27.43
CA TYR O 80 -14.04 18.75 26.72
C TYR O 80 -14.42 17.64 25.74
N ALA O 81 -15.27 16.71 26.19
CA ALA O 81 -15.72 15.64 25.33
C ALA O 81 -16.77 16.17 24.36
N PHE O 82 -16.69 15.72 23.11
CA PHE O 82 -17.61 16.14 22.07
C PHE O 82 -18.55 14.97 21.75
N ALA O 83 -19.85 15.16 21.98
CA ALA O 83 -20.81 14.07 21.89
C ALA O 83 -21.44 14.04 20.51
N ASN O 84 -21.23 12.93 19.79
CA ASN O 84 -21.86 12.75 18.48
C ASN O 84 -22.76 11.52 18.44
N THR O 85 -22.24 10.34 18.73
CA THR O 85 -22.94 9.09 18.50
C THR O 85 -23.47 8.47 19.78
N TYR O 86 -22.66 8.39 20.82
CA TYR O 86 -23.14 8.03 22.13
C TYR O 86 -24.13 9.08 22.61
N SER O 87 -25.28 8.63 23.06
CA SER O 87 -26.39 9.50 23.39
C SER O 87 -26.21 10.04 24.80
N THR O 88 -27.29 10.57 25.39
CA THR O 88 -27.26 10.87 26.80
C THR O 88 -27.01 9.63 27.64
N LEU O 89 -27.60 8.49 27.23
CA LEU O 89 -27.70 7.27 28.03
C LEU O 89 -26.37 6.60 28.35
N ASP O 90 -25.28 6.94 27.66
CA ASP O 90 -24.05 6.16 27.74
C ASP O 90 -23.05 6.72 28.74
N VAL O 91 -23.53 7.24 29.87
CA VAL O 91 -22.66 7.90 30.84
C VAL O 91 -22.83 7.22 32.19
N SER O 92 -21.71 6.84 32.81
CA SER O 92 -21.69 6.25 34.14
C SER O 92 -21.45 7.33 35.19
N LEU O 93 -21.51 6.92 36.46
CA LEU O 93 -21.25 7.85 37.55
C LEU O 93 -19.81 8.32 37.59
N ASN O 94 -18.86 7.42 37.36
CA ASN O 94 -17.45 7.79 37.39
C ASN O 94 -17.10 8.78 36.29
N ASP O 95 -17.83 8.79 35.18
CA ASP O 95 -17.67 9.84 34.19
C ASP O 95 -18.16 11.18 34.74
N LEU O 96 -19.32 11.17 35.40
CA LEU O 96 -19.88 12.38 35.99
C LEU O 96 -19.05 12.94 37.14
N ARG O 97 -18.20 12.14 37.77
CA ARG O 97 -17.38 12.66 38.84
C ARG O 97 -16.09 13.29 38.33
N LEU O 98 -15.90 13.31 37.01
CA LEU O 98 -14.67 13.85 36.45
C LEU O 98 -14.92 15.24 35.88
N GLN O 99 -13.82 15.95 35.64
CA GLN O 99 -13.88 17.30 35.05
C GLN O 99 -13.98 17.17 33.52
N ILE O 100 -15.17 16.88 33.04
CA ILE O 100 -15.44 16.84 31.61
C ILE O 100 -16.61 17.80 31.42
N SER O 101 -16.62 18.57 30.33
CA SER O 101 -17.82 19.29 29.92
C SER O 101 -18.16 18.89 28.49
N PHE O 102 -19.41 18.46 28.27
CA PHE O 102 -19.84 17.89 27.00
C PHE O 102 -20.26 18.97 26.02
N PHE O 103 -19.91 18.80 24.75
CA PHE O 103 -20.29 19.71 23.68
C PHE O 103 -20.82 18.91 22.49
N GLU O 104 -21.20 19.63 21.44
CA GLU O 104 -21.76 19.03 20.23
C GLU O 104 -21.08 19.61 19.02
N TYR O 105 -21.25 18.94 17.89
CA TYR O 105 -20.64 19.33 16.61
C TYR O 105 -21.66 20.12 15.81
N ALA O 106 -21.62 21.45 15.91
CA ALA O 106 -22.52 22.31 15.17
C ALA O 106 -21.71 23.37 14.42
N LEU O 107 -22.06 23.59 13.16
CA LEU O 107 -21.40 24.61 12.36
C LEU O 107 -21.83 26.00 12.79
N GLY O 108 -20.85 26.89 12.97
CA GLY O 108 -21.12 28.26 13.33
C GLY O 108 -21.35 28.50 14.80
N ALA O 109 -21.30 27.47 15.64
CA ALA O 109 -21.49 27.60 17.08
C ALA O 109 -20.16 27.59 17.83
N ALA O 110 -19.06 27.87 17.14
CA ALA O 110 -17.75 27.82 17.78
C ALA O 110 -17.50 28.98 18.73
N GLU O 111 -18.21 30.10 18.56
CA GLU O 111 -17.99 31.24 19.43
C GLU O 111 -18.46 30.96 20.85
N ASP O 112 -19.67 30.41 21.00
CA ASP O 112 -20.18 30.10 22.33
C ASP O 112 -19.38 28.97 22.97
N ILE O 113 -18.94 28.00 22.18
CA ILE O 113 -18.11 26.91 22.71
C ILE O 113 -16.78 27.46 23.20
N ALA O 114 -16.16 28.36 22.43
CA ALA O 114 -14.90 28.95 22.85
C ALA O 114 -15.06 29.82 24.09
N ASN O 115 -16.16 30.57 24.19
CA ASN O 115 -16.42 31.34 25.40
C ASN O 115 -16.62 30.44 26.61
N LYS O 116 -17.33 29.32 26.45
CA LYS O 116 -17.48 28.38 27.54
C LYS O 116 -16.15 27.73 27.91
N ILE O 117 -15.29 27.48 26.93
CA ILE O 117 -13.96 26.92 27.21
C ILE O 117 -13.11 27.93 27.99
N LYS O 118 -13.17 29.20 27.60
CA LYS O 118 -12.43 30.24 28.33
C LYS O 118 -12.95 30.38 29.75
N GLN O 119 -14.27 30.32 29.94
CA GLN O 119 -14.84 30.38 31.28
C GLN O 119 -14.45 29.17 32.12
N THR O 120 -14.41 27.97 31.51
CA THR O 120 -14.02 26.77 32.24
C THR O 120 -12.54 26.83 32.63
N THR O 121 -11.69 27.36 31.75
CA THR O 121 -10.29 27.55 32.09
C THR O 121 -10.12 28.55 33.21
N ASP O 122 -10.91 29.64 33.20
CA ASP O 122 -10.86 30.61 34.30
C ASP O 122 -11.30 29.97 35.61
N GLU O 123 -12.35 29.13 35.57
CA GLU O 123 -12.78 28.41 36.76
C GLU O 123 -11.70 27.45 37.26
N TYR O 124 -11.01 26.79 36.34
CA TYR O 124 -9.92 25.88 36.73
C TYR O 124 -8.79 26.63 37.40
N ILE O 125 -8.41 27.79 36.85
CA ILE O 125 -7.36 28.60 37.43
C ILE O 125 -7.76 29.11 38.80
N ASN O 126 -9.00 29.59 38.93
CA ASN O 126 -9.50 30.06 40.22
C ASN O 126 -9.81 28.93 41.19
N THR O 127 -9.82 27.68 40.72
CA THR O 127 -10.00 26.54 41.59
C THR O 127 -8.68 26.03 42.17
N ILE O 128 -7.67 25.84 41.31
CA ILE O 128 -6.41 25.29 41.82
C ILE O 128 -5.57 26.31 42.57
N LEU O 129 -5.83 27.61 42.40
CA LEU O 129 -5.01 28.60 43.07
C LEU O 129 -5.40 28.72 44.55
N PRO O 130 -4.42 28.92 45.44
CA PRO O 130 -4.75 29.21 46.83
C PRO O 130 -5.34 30.61 46.94
N PRO O 131 -6.11 30.90 47.99
CA PRO O 131 -6.90 32.15 48.00
C PRO O 131 -6.09 33.42 48.05
N LEU O 132 -5.00 33.48 48.82
CA LEU O 132 -4.24 34.72 48.88
C LEU O 132 -3.45 34.97 47.60
N THR O 133 -2.87 33.92 47.01
CA THR O 133 -2.22 34.08 45.71
C THR O 133 -3.24 34.46 44.64
N LYS O 134 -4.45 33.90 44.71
CA LYS O 134 -5.52 34.27 43.81
C LYS O 134 -5.86 35.75 43.94
N ALA O 135 -5.99 36.24 45.18
CA ALA O 135 -6.30 37.64 45.40
C ALA O 135 -5.16 38.56 44.99
N LEU O 136 -3.92 38.15 45.19
CA LEU O 136 -2.77 38.95 44.76
C LEU O 136 -2.69 39.03 43.25
N PHE O 137 -2.93 37.90 42.56
CA PHE O 137 -2.97 37.91 41.10
C PHE O 137 -4.10 38.78 40.58
N LYS O 138 -5.26 38.71 41.24
CA LYS O 138 -6.40 39.57 40.86
C LYS O 138 -6.07 41.04 41.05
N TYR O 139 -5.42 41.37 42.16
CA TYR O 139 -5.06 42.76 42.43
C TYR O 139 -4.06 43.29 41.42
N VAL O 140 -3.07 42.48 41.05
CA VAL O 140 -2.11 42.92 40.04
C VAL O 140 -2.78 43.06 38.68
N ARG O 141 -3.70 42.14 38.35
CA ARG O 141 -4.42 42.22 37.07
C ARG O 141 -5.29 43.47 36.98
N GLU O 142 -5.91 43.89 38.08
CA GLU O 142 -6.69 45.12 38.11
C GLU O 142 -5.84 46.31 38.54
N GLY O 143 -4.54 46.27 38.21
CA GLY O 143 -3.49 47.12 38.76
C GLY O 143 -3.80 48.59 38.90
N LYS O 144 -3.87 49.04 40.14
CA LYS O 144 -4.28 50.39 40.49
C LYS O 144 -3.06 51.21 40.85
N TYR O 145 -3.16 52.52 40.64
CA TYR O 145 -2.14 53.44 41.10
C TYR O 145 -2.11 53.45 42.62
N THR O 146 -0.93 53.71 43.18
CA THR O 146 -0.79 53.70 44.62
C THR O 146 0.08 54.86 45.05
N PHE O 147 -0.22 55.38 46.25
CA PHE O 147 0.54 56.47 46.86
C PHE O 147 1.09 56.05 48.22
N CYS O 148 1.33 54.76 48.40
CA CYS O 148 1.75 54.21 49.68
C CYS O 148 3.06 53.47 49.53
N THR O 149 3.57 53.00 50.66
CA THR O 149 4.75 52.15 50.64
C THR O 149 4.41 50.82 49.97
N PRO O 150 5.35 50.21 49.22
CA PRO O 150 6.75 50.54 48.94
C PRO O 150 6.93 51.71 47.98
N GLY O 151 8.14 52.25 47.94
CA GLY O 151 8.39 53.47 47.19
C GLY O 151 8.40 53.30 45.69
N HIS O 152 8.65 52.09 45.18
CA HIS O 152 8.66 51.93 43.73
C HIS O 152 7.25 51.96 43.16
N MET O 153 6.25 51.58 43.95
CA MET O 153 4.81 51.75 43.63
C MET O 153 4.45 51.07 42.31
N GLY O 154 4.57 49.75 42.30
CA GLY O 154 4.35 49.00 41.08
C GLY O 154 5.53 48.98 40.15
N GLY O 155 6.72 49.32 40.64
CA GLY O 155 7.92 49.30 39.82
C GLY O 155 8.07 50.46 38.89
N THR O 156 7.29 51.52 39.04
CA THR O 156 7.37 52.69 38.17
C THR O 156 8.50 53.63 38.56
N ALA O 157 9.20 53.37 39.66
CA ALA O 157 10.45 54.05 39.94
C ALA O 157 11.62 53.43 39.19
N PHE O 158 11.57 52.14 38.91
CA PHE O 158 12.59 51.46 38.12
C PHE O 158 12.46 51.74 36.63
N GLN O 159 11.37 52.32 36.19
CA GLN O 159 11.23 52.67 34.78
C GLN O 159 11.83 54.02 34.45
N LYS O 160 12.47 54.68 35.41
CA LYS O 160 12.98 56.03 35.22
C LYS O 160 14.45 56.15 35.63
N SER O 161 15.22 55.07 35.56
CA SER O 161 16.64 55.12 35.88
C SER O 161 17.34 54.03 35.09
N PRO O 162 18.58 54.26 34.65
CA PRO O 162 19.25 53.24 33.81
C PRO O 162 19.53 51.94 34.54
N VAL O 163 20.18 52.00 35.71
CA VAL O 163 20.37 50.79 36.50
C VAL O 163 19.02 50.28 37.01
N GLY O 164 18.10 51.18 37.32
CA GLY O 164 16.75 50.76 37.64
C GLY O 164 16.06 50.08 36.48
N SER O 165 16.29 50.55 35.26
CA SER O 165 15.69 49.89 34.10
C SER O 165 16.34 48.53 33.85
N LEU O 166 17.63 48.39 34.14
CA LEU O 166 18.24 47.05 34.06
C LEU O 166 17.61 46.10 35.06
N PHE O 167 17.39 46.57 36.29
CA PHE O 167 16.73 45.75 37.29
C PHE O 167 15.31 45.38 36.88
N TYR O 168 14.57 46.34 36.33
CA TYR O 168 13.21 46.12 35.88
C TYR O 168 13.14 45.16 34.70
N ASP O 169 14.04 45.31 33.72
CA ASP O 169 14.08 44.39 32.60
C ASP O 169 14.53 42.99 33.00
N PHE O 170 15.34 42.87 34.04
CA PHE O 170 15.69 41.54 34.54
C PHE O 170 14.49 40.89 35.20
N PHE O 171 13.91 41.54 36.21
CA PHE O 171 12.88 40.87 36.99
C PHE O 171 11.55 40.79 36.25
N GLY O 172 11.18 41.82 35.50
CA GLY O 172 9.93 41.82 34.79
C GLY O 172 8.85 42.49 35.60
N PRO O 173 7.76 42.90 34.95
CA PRO O 173 6.81 43.82 35.59
C PRO O 173 5.96 43.20 36.69
N ASN O 174 5.58 41.93 36.50
CA ASN O 174 4.62 41.30 37.40
C ASN O 174 5.19 41.07 38.79
N THR O 175 6.49 40.88 38.93
CA THR O 175 7.09 40.76 40.25
C THR O 175 7.44 42.12 40.85
N MET O 176 7.28 43.20 40.10
CA MET O 176 7.35 44.53 40.70
C MET O 176 6.00 44.98 41.20
N LYS O 177 4.94 44.74 40.41
CA LYS O 177 3.60 45.07 40.87
C LYS O 177 3.13 44.19 42.03
N SER O 178 3.71 43.00 42.19
CA SER O 178 3.30 42.09 43.24
C SER O 178 3.84 42.49 44.61
N ASP O 179 4.70 43.49 44.69
CA ASP O 179 5.25 43.93 45.96
C ASP O 179 4.45 45.14 46.42
N ILE O 180 3.57 44.92 47.38
CA ILE O 180 2.76 45.96 47.99
C ILE O 180 2.83 45.80 49.51
N SER O 181 2.09 46.66 50.22
CA SER O 181 2.14 46.63 51.67
C SER O 181 0.75 46.50 52.28
N ILE O 182 0.66 46.63 53.60
CA ILE O 182 -0.61 46.44 54.31
C ILE O 182 -1.61 47.56 54.08
N SER O 183 -1.21 48.64 53.41
CA SER O 183 -2.12 49.72 53.11
C SER O 183 -3.20 49.31 52.11
N VAL O 184 -2.94 48.30 51.28
CA VAL O 184 -3.97 47.75 50.40
C VAL O 184 -4.90 46.91 51.26
N SER O 185 -6.07 47.45 51.58
CA SER O 185 -6.93 46.87 52.59
C SER O 185 -7.61 45.58 52.14
N GLU O 186 -7.71 45.34 50.84
CA GLU O 186 -8.45 44.18 50.37
C GLU O 186 -7.69 42.87 50.50
N LEU O 187 -6.38 42.92 50.74
CA LEU O 187 -5.60 41.71 50.96
C LEU O 187 -5.42 41.38 52.43
N GLY O 188 -6.03 42.15 53.33
CA GLY O 188 -5.86 41.90 54.75
C GLY O 188 -4.46 42.26 55.21
N SER O 189 -4.00 41.56 56.23
CA SER O 189 -2.66 41.79 56.78
C SER O 189 -2.14 40.51 57.39
N LEU O 190 -0.85 40.23 57.15
CA LEU O 190 -0.22 39.06 57.74
C LEU O 190 -0.15 39.18 59.26
N LEU O 191 0.13 40.37 59.76
CA LEU O 191 0.37 40.58 61.18
C LEU O 191 -0.88 40.35 62.02
N ASP O 192 -2.04 40.77 61.54
CA ASP O 192 -3.28 40.66 62.30
C ASP O 192 -4.08 39.41 61.94
N HIS O 193 -3.64 38.64 60.94
CA HIS O 193 -4.28 37.40 60.49
C HIS O 193 -5.74 37.66 60.10
N SER O 194 -5.91 38.46 59.06
CA SER O 194 -7.23 38.92 58.64
C SER O 194 -7.42 38.71 57.14
N GLY O 195 -8.66 38.41 56.76
CA GLY O 195 -9.05 38.32 55.37
C GLY O 195 -8.37 37.21 54.60
N PRO O 196 -7.82 37.55 53.44
CA PRO O 196 -7.11 36.54 52.62
C PRO O 196 -5.94 35.92 53.32
N HIS O 197 -5.23 36.67 54.18
CA HIS O 197 -4.19 36.06 54.99
C HIS O 197 -4.75 34.99 55.92
N LYS O 198 -5.83 35.28 56.64
CA LYS O 198 -6.39 34.30 57.58
C LYS O 198 -6.86 33.05 56.86
N GLU O 199 -7.49 33.22 55.69
CA GLU O 199 -7.83 32.08 54.86
C GLU O 199 -6.57 31.31 54.46
N ALA O 200 -5.45 32.02 54.22
CA ALA O 200 -4.21 31.34 53.88
C ALA O 200 -3.67 30.51 55.05
N GLU O 201 -3.65 31.06 56.27
CA GLU O 201 -3.14 30.22 57.36
C GLU O 201 -4.09 29.06 57.67
N GLN O 202 -5.40 29.24 57.51
CA GLN O 202 -6.27 28.09 57.67
C GLN O 202 -6.03 27.04 56.59
N TYR O 203 -5.73 27.48 55.37
CA TYR O 203 -5.41 26.57 54.27
C TYR O 203 -4.13 25.79 54.56
N ILE O 204 -3.10 26.48 55.08
CA ILE O 204 -1.86 25.83 55.50
C ILE O 204 -2.12 24.84 56.62
N ALA O 205 -3.02 25.20 57.54
CA ALA O 205 -3.37 24.29 58.64
C ALA O 205 -4.03 23.01 58.13
N ARG O 206 -4.90 23.11 57.14
CA ARG O 206 -5.50 21.87 56.63
C ARG O 206 -4.35 21.08 56.02
N VAL O 207 -3.64 21.69 55.09
CA VAL O 207 -2.76 20.90 54.23
C VAL O 207 -1.79 20.06 55.05
N PHE O 208 -1.12 20.67 56.02
CA PHE O 208 -0.02 20.05 56.75
C PHE O 208 -0.43 19.28 57.99
N ASN O 209 -1.74 19.10 58.21
CA ASN O 209 -2.29 18.39 59.37
C ASN O 209 -1.79 19.01 60.68
N ALA O 210 -2.15 20.27 60.87
CA ALA O 210 -1.80 21.00 62.07
C ALA O 210 -3.00 21.80 62.55
N ASP O 211 -3.01 22.11 63.84
CA ASP O 211 -4.10 22.87 64.41
C ASP O 211 -4.03 24.32 63.97
N ARG O 212 -2.97 25.02 64.35
CA ARG O 212 -2.74 26.39 63.94
C ARG O 212 -1.41 26.44 63.22
N SER O 213 -1.40 27.02 62.03
CA SER O 213 -0.19 27.10 61.22
C SER O 213 0.13 28.55 60.94
N TYR O 214 1.40 28.92 61.07
CA TYR O 214 1.84 30.28 60.82
C TYR O 214 2.75 30.30 59.59
N MET O 215 2.94 31.49 59.03
CA MET O 215 3.71 31.67 57.79
C MET O 215 4.75 32.77 58.03
N VAL O 216 5.94 32.37 58.47
CA VAL O 216 7.00 33.32 58.81
C VAL O 216 7.63 33.83 57.52
N THR O 217 7.98 35.11 57.50
CA THR O 217 8.51 35.75 56.31
C THR O 217 10.00 36.09 56.42
N ASN O 218 10.65 35.76 57.53
CA ASN O 218 12.10 35.89 57.62
C ASN O 218 12.80 34.56 57.44
N GLY O 219 12.21 33.48 57.91
CA GLY O 219 12.79 32.16 57.80
C GLY O 219 12.70 31.40 59.10
N THR O 220 13.05 30.12 59.03
CA THR O 220 12.99 29.29 60.21
C THR O 220 14.06 29.66 61.23
N SER O 221 15.09 30.41 60.81
CA SER O 221 15.99 31.04 61.76
C SER O 221 15.24 32.00 62.68
N THR O 222 14.12 32.56 62.21
CA THR O 222 13.26 33.39 63.04
C THR O 222 12.13 32.58 63.66
N ALA O 223 11.68 31.52 62.98
CA ALA O 223 10.64 30.66 63.54
C ALA O 223 11.11 29.94 64.80
N ASN O 224 12.36 29.49 64.82
CA ASN O 224 12.94 28.90 66.02
C ASN O 224 12.95 29.91 67.16
N LYS O 225 13.27 31.16 66.84
CA LYS O 225 13.25 32.24 67.82
C LYS O 225 11.85 32.46 68.37
N ILE O 226 10.85 32.42 67.50
CA ILE O 226 9.46 32.63 67.92
C ILE O 226 9.03 31.52 68.87
N VAL O 227 9.31 30.27 68.49
CA VAL O 227 8.89 29.12 69.30
C VAL O 227 9.62 29.10 70.64
N GLY O 228 10.94 29.31 70.63
CA GLY O 228 11.69 29.29 71.86
C GLY O 228 11.55 30.52 72.72
N MET O 229 11.01 31.61 72.19
CA MET O 229 10.67 32.74 73.03
C MET O 229 9.25 32.65 73.58
N TYR O 230 8.35 31.93 72.91
CA TYR O 230 7.06 31.70 73.52
C TYR O 230 7.13 30.62 74.59
N SER O 231 7.57 29.42 74.22
CA SER O 231 7.47 28.27 75.10
C SER O 231 8.50 28.26 76.21
N ALA O 232 9.59 29.01 76.09
CA ALA O 232 10.67 29.02 77.07
C ALA O 232 10.84 30.41 77.64
N PRO O 233 10.16 30.74 78.73
CA PRO O 233 10.36 32.05 79.37
C PRO O 233 11.74 32.12 80.01
N ALA O 234 12.14 33.35 80.34
CA ALA O 234 13.44 33.58 80.94
C ALA O 234 13.50 33.00 82.34
N GLY O 235 14.66 32.45 82.69
CA GLY O 235 14.82 31.76 83.95
C GLY O 235 14.44 30.30 83.92
N SER O 236 13.88 29.82 82.82
CA SER O 236 13.50 28.42 82.68
C SER O 236 14.66 27.65 82.07
N THR O 237 14.39 26.43 81.62
CA THR O 237 15.42 25.52 81.16
C THR O 237 14.94 24.79 79.93
N ILE O 238 15.83 24.56 78.97
CA ILE O 238 15.48 23.90 77.71
C ILE O 238 16.36 22.68 77.49
N LEU O 239 15.88 21.77 76.66
CA LEU O 239 16.62 20.60 76.20
C LEU O 239 16.90 20.81 74.72
N ILE O 240 18.04 21.40 74.42
CA ILE O 240 18.41 21.73 73.04
C ILE O 240 19.37 20.69 72.51
N ASP O 241 19.11 20.21 71.30
CA ASP O 241 20.03 19.33 70.61
C ASP O 241 21.36 20.02 70.40
N ARG O 242 22.45 19.29 70.63
CA ARG O 242 23.76 19.81 70.26
C ARG O 242 23.89 19.94 68.76
N ASN O 243 23.30 19.02 68.01
CA ASN O 243 23.15 19.19 66.57
C ASN O 243 22.09 20.24 66.32
N CYS O 244 22.45 21.51 66.48
CA CYS O 244 21.52 22.61 66.35
C CYS O 244 21.98 23.51 65.22
N HIS O 245 21.22 24.58 65.01
CA HIS O 245 21.59 25.62 64.06
C HIS O 245 22.20 26.80 64.81
N LYS O 246 22.80 27.71 64.05
CA LYS O 246 23.28 28.96 64.62
C LYS O 246 22.13 29.77 65.22
N SER O 247 20.93 29.63 64.64
CA SER O 247 19.76 30.37 65.08
C SER O 247 19.35 30.00 66.50
N LEU O 248 19.47 28.73 66.87
CA LEU O 248 19.13 28.33 68.23
C LEU O 248 20.13 28.88 69.25
N THR O 249 21.42 28.93 68.88
CA THR O 249 22.41 29.58 69.72
C THR O 249 22.11 31.06 69.89
N HIS O 250 21.73 31.71 68.79
CA HIS O 250 21.32 33.12 68.86
C HIS O 250 20.11 33.33 69.74
N LEU O 251 19.14 32.42 69.67
CA LEU O 251 17.98 32.44 70.56
C LEU O 251 18.39 32.32 72.01
N MET O 252 19.29 31.40 72.31
CA MET O 252 19.74 31.22 73.68
C MET O 252 20.55 32.40 74.19
N MET O 253 21.20 33.13 73.31
CA MET O 253 21.86 34.36 73.73
C MET O 253 20.91 35.53 73.91
N MET O 254 19.79 35.55 73.19
CA MET O 254 18.81 36.60 73.46
C MET O 254 18.08 36.37 74.77
N SER O 255 17.65 35.14 75.04
CA SER O 255 16.79 34.83 76.16
C SER O 255 17.58 34.28 77.35
N ASP O 256 17.11 34.59 78.55
CA ASP O 256 17.75 34.16 79.78
C ASP O 256 17.31 32.74 80.13
N VAL O 257 17.86 31.79 79.38
CA VAL O 257 17.53 30.38 79.54
C VAL O 257 18.81 29.60 79.87
N THR O 258 18.62 28.33 80.22
CA THR O 258 19.72 27.46 80.63
C THR O 258 19.61 26.14 79.88
N PRO O 259 20.70 25.63 79.29
CA PRO O 259 20.61 24.39 78.54
C PRO O 259 21.02 23.12 79.28
N ILE O 260 20.37 22.03 78.91
CA ILE O 260 21.01 20.71 78.90
C ILE O 260 21.13 20.30 77.44
N TYR O 261 22.35 20.01 77.01
CA TYR O 261 22.60 19.65 75.63
C TYR O 261 22.46 18.15 75.46
N PHE O 262 21.64 17.74 74.50
CA PHE O 262 21.62 16.36 74.07
C PHE O 262 22.95 15.99 73.42
N ARG O 263 23.26 14.70 73.39
CA ARG O 263 24.56 14.24 72.90
C ARG O 263 24.39 13.31 71.71
N PRO O 264 24.40 13.83 70.49
CA PRO O 264 24.24 12.97 69.31
C PRO O 264 25.48 12.14 69.04
N THR O 265 25.27 11.05 68.31
CA THR O 265 26.35 10.20 67.87
C THR O 265 26.85 10.66 66.50
N ARG O 266 28.00 10.10 66.08
CA ARG O 266 28.59 10.43 64.80
C ARG O 266 29.52 9.32 64.36
N ASN O 267 29.76 9.25 63.06
CA ASN O 267 30.66 8.28 62.47
C ASN O 267 32.00 8.94 62.16
N ALA O 268 32.91 8.17 61.57
CA ALA O 268 34.21 8.69 61.18
C ALA O 268 34.14 9.63 59.99
N TYR O 269 33.06 9.57 59.21
CA TYR O 269 32.92 10.47 58.06
C TYR O 269 32.71 11.90 58.49
N GLY O 270 32.17 12.12 59.69
CA GLY O 270 31.77 13.44 60.13
C GLY O 270 30.30 13.71 59.99
N ILE O 271 29.51 12.72 59.60
CA ILE O 271 28.06 12.89 59.50
C ILE O 271 27.49 12.93 60.90
N LEU O 272 26.71 13.98 61.18
CA LEU O 272 26.07 14.14 62.48
C LEU O 272 24.91 13.15 62.56
N GLY O 273 25.08 12.13 63.39
CA GLY O 273 24.02 11.16 63.58
C GLY O 273 22.97 11.67 64.54
N GLY O 274 22.55 10.83 65.47
CA GLY O 274 21.48 11.22 66.36
C GLY O 274 21.67 10.90 67.82
N ILE O 275 20.76 11.43 68.62
CA ILE O 275 20.81 11.20 70.07
C ILE O 275 20.38 9.77 70.36
N PRO O 276 21.08 9.04 71.23
CA PRO O 276 20.62 7.70 71.60
C PRO O 276 19.29 7.75 72.36
N GLN O 277 18.65 6.58 72.45
CA GLN O 277 17.37 6.47 73.13
C GLN O 277 17.48 6.74 74.62
N SER O 278 18.67 6.59 75.20
CA SER O 278 18.82 6.75 76.65
C SER O 278 18.66 8.20 77.09
N GLU O 279 18.93 9.16 76.20
CA GLU O 279 18.90 10.57 76.57
C GLU O 279 17.56 11.22 76.29
N PHE O 280 16.48 10.45 76.27
CA PHE O 280 15.15 11.04 76.22
C PHE O 280 14.27 10.57 77.36
N GLN O 281 14.78 9.77 78.28
CA GLN O 281 14.02 9.26 79.39
C GLN O 281 14.19 10.16 80.60
N HIS O 282 13.42 9.88 81.65
CA HIS O 282 13.41 10.77 82.81
C HIS O 282 14.69 10.69 83.63
N ALA O 283 15.35 9.53 83.64
CA ALA O 283 16.50 9.34 84.52
C ALA O 283 17.68 10.20 84.09
N THR O 284 18.04 10.13 82.80
CA THR O 284 19.19 10.89 82.33
C THR O 284 18.91 12.39 82.32
N ILE O 285 17.68 12.78 82.01
CA ILE O 285 17.30 14.19 82.04
C ILE O 285 17.35 14.74 83.45
N ALA O 286 16.83 13.98 84.43
CA ALA O 286 16.90 14.41 85.82
C ALA O 286 18.33 14.47 86.32
N LYS O 287 19.19 13.52 85.92
CA LYS O 287 20.59 13.55 86.28
C LYS O 287 21.28 14.80 85.73
N ARG O 288 21.13 15.07 84.43
CA ARG O 288 21.74 16.23 83.80
C ARG O 288 21.18 17.54 84.34
N VAL O 289 19.92 17.54 84.80
CA VAL O 289 19.41 18.68 85.56
C VAL O 289 20.17 18.82 86.88
N LYS O 290 20.41 17.69 87.56
CA LYS O 290 21.02 17.73 88.89
C LYS O 290 22.44 18.27 88.86
N GLU O 291 23.25 17.86 87.88
CA GLU O 291 24.60 18.41 87.79
C GLU O 291 24.71 19.60 86.85
N THR O 292 23.65 20.41 86.73
CA THR O 292 23.76 21.70 86.06
C THR O 292 23.38 22.81 87.02
N PRO O 293 24.25 23.80 87.22
CA PRO O 293 23.93 24.88 88.16
C PRO O 293 22.76 25.73 87.67
N ASN O 294 21.96 26.20 88.62
CA ASN O 294 20.81 27.07 88.39
C ASN O 294 19.81 26.47 87.42
N ALA O 295 19.64 25.15 87.45
CA ALA O 295 18.80 24.44 86.49
C ALA O 295 17.62 23.80 87.18
N THR O 296 16.45 23.90 86.56
CA THR O 296 15.22 23.27 87.01
C THR O 296 14.76 22.27 85.96
N TRP O 297 13.55 21.75 86.14
CA TRP O 297 13.00 20.82 85.17
C TRP O 297 12.74 21.54 83.85
N PRO O 298 13.18 20.96 82.73
CA PRO O 298 13.03 21.64 81.43
C PRO O 298 11.58 21.82 81.04
N VAL O 299 11.26 23.00 80.50
CA VAL O 299 9.91 23.33 80.07
C VAL O 299 9.77 23.32 78.57
N HIS O 300 10.83 23.02 77.82
CA HIS O 300 10.78 23.00 76.38
C HIS O 300 11.94 22.15 75.86
N ALA O 301 11.73 21.53 74.71
CA ALA O 301 12.76 20.72 74.08
C ALA O 301 12.81 21.03 72.59
N VAL O 302 14.02 21.15 72.05
CA VAL O 302 14.24 21.45 70.64
C VAL O 302 15.09 20.35 70.04
N ILE O 303 14.60 19.72 68.98
CA ILE O 303 15.24 18.56 68.36
C ILE O 303 15.32 18.81 66.86
N THR O 304 16.49 18.60 66.27
CA THR O 304 16.67 18.80 64.83
C THR O 304 16.25 17.52 64.11
N ASN O 305 15.04 17.52 63.57
CA ASN O 305 14.44 16.36 62.91
C ASN O 305 14.02 16.73 61.50
N SER O 306 14.79 16.32 60.49
CA SER O 306 15.91 15.41 60.64
C SER O 306 17.20 16.15 60.88
N THR O 307 18.32 15.43 60.80
CA THR O 307 19.62 16.08 60.88
C THR O 307 19.93 16.73 59.54
N TYR O 308 21.13 17.29 59.43
CA TYR O 308 21.55 17.89 58.17
C TYR O 308 21.66 16.85 57.06
N ASP O 309 22.04 15.62 57.41
CA ASP O 309 22.21 14.56 56.43
C ASP O 309 20.98 13.66 56.31
N GLY O 310 19.83 14.14 56.76
CA GLY O 310 18.58 13.44 56.52
C GLY O 310 18.41 12.15 57.29
N LEU O 311 18.52 12.21 58.61
CA LEU O 311 18.28 11.05 59.47
C LEU O 311 17.08 11.38 60.35
N LEU O 312 15.92 10.86 59.97
CA LEU O 312 14.70 11.06 60.72
C LEU O 312 14.76 10.27 62.03
N TYR O 313 13.91 10.67 62.97
CA TYR O 313 13.85 9.99 64.26
C TYR O 313 12.56 9.19 64.34
N ASN O 314 12.52 8.27 65.29
CA ASN O 314 11.25 7.65 65.66
C ASN O 314 10.56 8.61 66.62
N THR O 315 9.83 9.55 66.04
CA THR O 315 9.23 10.64 66.79
C THR O 315 8.09 10.20 67.68
N ASP O 316 7.49 9.03 67.44
CA ASP O 316 6.45 8.53 68.35
C ASP O 316 7.05 8.16 69.70
N PHE O 317 8.24 7.56 69.69
CA PHE O 317 9.01 7.33 70.90
C PHE O 317 9.28 8.64 71.63
N ILE O 318 9.64 9.68 70.89
CA ILE O 318 9.98 10.96 71.49
C ILE O 318 8.75 11.60 72.12
N LYS O 319 7.64 11.65 71.38
CA LYS O 319 6.42 12.23 71.88
C LYS O 319 5.76 11.40 72.98
N LYS O 320 6.12 10.13 73.12
CA LYS O 320 5.61 9.36 74.24
C LYS O 320 6.46 9.49 75.50
N THR O 321 7.79 9.48 75.36
CA THR O 321 8.64 9.33 76.53
C THR O 321 9.34 10.59 76.98
N LEU O 322 9.51 11.59 76.12
CA LEU O 322 10.12 12.84 76.54
C LEU O 322 9.11 13.60 77.40
N ASP O 323 9.39 13.71 78.69
CA ASP O 323 8.42 14.22 79.67
C ASP O 323 8.52 15.72 79.85
N VAL O 324 8.46 16.48 78.75
CA VAL O 324 8.42 17.93 78.81
C VAL O 324 7.09 18.39 78.24
N LYS O 325 6.71 19.62 78.57
CA LYS O 325 5.40 20.14 78.22
C LYS O 325 5.34 20.71 76.81
N SER O 326 6.46 20.79 76.11
CA SER O 326 6.46 21.28 74.73
C SER O 326 7.70 20.74 74.02
N ILE O 327 7.49 20.00 72.94
CA ILE O 327 8.58 19.43 72.16
C ILE O 327 8.59 20.14 70.81
N HIS O 328 9.72 20.74 70.47
CA HIS O 328 9.89 21.44 69.21
C HIS O 328 10.80 20.63 68.29
N PHE O 329 10.35 20.44 67.05
CA PHE O 329 11.12 19.75 66.03
C PHE O 329 11.56 20.79 65.01
N ASP O 330 12.87 21.02 64.92
CA ASP O 330 13.42 21.98 63.97
C ASP O 330 13.53 21.29 62.62
N SER O 331 12.38 21.12 61.97
CA SER O 331 12.30 20.36 60.73
C SER O 331 12.58 21.25 59.52
N ALA O 332 13.74 21.90 59.56
CA ALA O 332 14.12 22.75 58.45
C ALA O 332 14.41 21.97 57.18
N TRP O 333 14.95 20.76 57.30
CA TRP O 333 15.31 19.96 56.14
C TRP O 333 14.26 18.94 55.74
N VAL O 334 13.20 18.78 56.52
CA VAL O 334 12.13 17.85 56.14
C VAL O 334 10.80 18.61 56.20
N PRO O 335 10.45 19.40 55.19
CA PRO O 335 9.14 20.06 55.19
C PRO O 335 8.06 19.30 54.42
N TYR O 336 8.46 18.28 53.66
CA TYR O 336 7.58 17.57 52.74
C TYR O 336 6.92 16.36 53.36
N THR O 337 6.81 16.32 54.69
CA THR O 337 6.54 15.07 55.39
C THR O 337 5.16 14.48 55.12
N ASN O 338 4.13 15.31 55.11
CA ASN O 338 2.74 14.84 55.05
C ASN O 338 2.41 14.21 53.70
N PHE O 339 3.22 14.47 52.67
CA PHE O 339 2.80 14.24 51.29
C PHE O 339 3.27 12.91 50.73
N SER O 340 3.78 12.01 51.57
CA SER O 340 4.00 10.64 51.19
C SER O 340 3.92 9.81 52.46
N PRO O 341 3.18 8.71 52.45
CA PRO O 341 3.09 7.87 53.65
C PRO O 341 4.36 7.11 54.00
N ILE O 342 5.43 7.32 53.25
CA ILE O 342 6.74 6.81 53.63
C ILE O 342 7.16 7.41 54.96
N TYR O 343 6.88 8.71 55.16
CA TYR O 343 7.31 9.45 56.33
C TYR O 343 6.31 9.39 57.49
N GLU O 344 5.45 8.39 57.53
CA GLU O 344 4.52 8.25 58.64
C GLU O 344 5.28 7.94 59.91
N GLY O 345 4.93 8.60 61.01
CA GLY O 345 5.64 8.42 62.25
C GLY O 345 7.03 9.00 62.25
N LYS O 346 7.26 10.07 61.48
CA LYS O 346 8.58 10.66 61.32
C LYS O 346 8.55 12.19 61.27
N CYS O 347 7.60 12.82 61.95
CA CYS O 347 7.61 14.26 62.13
C CYS O 347 6.81 14.60 63.36
N GLY O 348 6.85 15.89 63.74
CA GLY O 348 6.02 16.35 64.83
C GLY O 348 4.54 16.22 64.57
N MET O 349 4.12 16.45 63.33
CA MET O 349 2.72 16.36 62.95
C MET O 349 2.27 14.94 62.62
N SER O 350 3.17 13.97 62.66
CA SER O 350 2.77 12.59 62.48
C SER O 350 1.95 12.13 63.68
N GLY O 351 0.93 11.34 63.40
CA GLY O 351 0.05 10.88 64.45
C GLY O 351 -0.92 11.97 64.87
N GLY O 352 -1.67 11.66 65.92
CA GLY O 352 -2.70 12.55 66.41
C GLY O 352 -2.18 13.56 67.40
N ARG O 353 -3.12 14.29 68.00
CA ARG O 353 -2.82 15.28 69.02
C ARG O 353 -2.37 14.55 70.28
N VAL O 354 -1.10 14.71 70.65
CA VAL O 354 -0.57 14.05 71.83
C VAL O 354 -1.11 14.74 73.07
N GLU O 355 -1.34 13.97 74.13
CA GLU O 355 -1.94 14.49 75.34
C GLU O 355 -0.88 15.13 76.24
N GLY O 356 -1.20 16.30 76.79
CA GLY O 356 -0.40 16.90 77.83
C GLY O 356 0.78 17.74 77.37
N LYS O 357 1.04 17.81 76.07
CA LYS O 357 2.14 18.63 75.59
C LYS O 357 1.82 19.12 74.18
N VAL O 358 2.47 20.21 73.80
CA VAL O 358 2.25 20.85 72.50
C VAL O 358 3.47 20.57 71.64
N ILE O 359 3.24 20.04 70.44
CA ILE O 359 4.31 19.71 69.52
C ILE O 359 4.44 20.83 68.51
N TYR O 360 5.62 21.42 68.43
CA TYR O 360 5.94 22.43 67.44
C TYR O 360 6.72 21.80 66.30
N GLU O 361 6.50 22.31 65.09
CA GLU O 361 7.33 21.94 63.96
C GLU O 361 7.47 23.17 63.06
N THR O 362 8.70 23.43 62.62
CA THR O 362 9.06 24.70 62.00
C THR O 362 9.71 24.46 60.65
N GLN O 363 9.00 23.73 59.78
CA GLN O 363 9.37 23.45 58.40
C GLN O 363 9.90 24.67 57.67
N SER O 364 11.13 24.57 57.17
CA SER O 364 11.68 25.59 56.30
C SER O 364 11.22 25.30 54.89
N THR O 365 10.16 25.99 54.47
CA THR O 365 9.48 25.69 53.22
C THR O 365 10.35 25.95 51.99
N HIS O 366 11.25 26.92 52.06
CA HIS O 366 12.06 27.25 50.89
C HIS O 366 13.14 26.22 50.61
N1 LLP O 367 17.73 25.86 61.05
C2 LLP O 367 18.21 24.70 60.60
C2' LLP O 367 18.36 23.46 61.54
C3 LLP O 367 18.62 24.58 59.25
O3 LLP O 367 19.12 23.36 58.78
C4 LLP O 367 18.50 25.65 58.39
C4' LLP O 367 18.96 25.51 56.86
C5 LLP O 367 18.01 26.82 58.85
C6 LLP O 367 17.62 26.96 60.19
C5' LLP O 367 17.90 28.01 57.84
OP4 LLP O 367 17.13 29.06 58.35
P LLP O 367 16.52 30.01 57.30
OP1 LLP O 367 17.63 30.51 56.37
OP2 LLP O 367 15.90 31.15 57.99
OP3 LLP O 367 15.50 29.30 56.50
N LLP O 367 13.47 25.41 51.62
CA LLP O 367 14.62 24.49 51.52
CB LLP O 367 14.96 23.96 52.89
CG LLP O 367 15.64 25.05 53.71
CD LLP O 367 17.17 24.84 53.71
CE LLP O 367 17.81 25.72 54.80
NZ LLP O 367 17.87 24.99 56.07
C LLP O 367 14.38 23.37 50.59
O LLP O 367 15.16 23.18 49.67
N LEU O 368 13.31 22.60 50.80
CA LEU O 368 13.09 21.40 50.00
C LEU O 368 11.82 21.46 49.15
N LEU O 369 10.86 22.28 49.56
CA LEU O 369 9.69 22.52 48.74
C LEU O 369 10.01 23.60 47.71
N ALA O 370 9.00 24.02 46.96
CA ALA O 370 9.17 25.06 45.95
C ALA O 370 8.62 26.35 46.50
N ALA O 371 9.50 27.14 47.12
CA ALA O 371 9.11 28.43 47.65
C ALA O 371 10.30 29.39 47.58
N PHE O 372 9.98 30.68 47.58
CA PHE O 372 11.00 31.72 47.63
C PHE O 372 11.75 31.65 48.96
N SER O 373 12.98 32.16 48.96
CA SER O 373 13.80 32.13 50.15
C SER O 373 13.20 33.01 51.25
N GLN O 374 13.72 32.82 52.47
CA GLN O 374 13.23 33.44 53.69
C GLN O 374 11.76 33.09 53.96
N ALA O 375 11.30 31.94 53.49
CA ALA O 375 9.96 31.48 53.76
C ALA O 375 10.01 30.34 54.77
N SER O 376 9.10 30.37 55.72
CA SER O 376 9.07 29.36 56.76
C SER O 376 7.65 29.25 57.32
N MET O 377 7.43 28.21 58.09
CA MET O 377 6.15 27.96 58.72
C MET O 377 6.37 27.54 60.16
N ILE O 378 5.34 27.75 60.97
CA ILE O 378 5.29 27.21 62.33
C ILE O 378 3.99 26.46 62.47
N HIS O 379 4.07 25.15 62.50
CA HIS O 379 2.92 24.29 62.74
C HIS O 379 2.91 23.89 64.20
N VAL O 380 1.77 24.04 64.85
CA VAL O 380 1.62 23.62 66.23
C VAL O 380 0.66 22.44 66.27
N LYS O 381 0.72 21.70 67.38
CA LYS O 381 -0.18 20.57 67.59
C LYS O 381 -0.47 20.52 69.08
N GLY O 382 -1.63 21.02 69.47
CA GLY O 382 -2.01 21.11 70.86
C GLY O 382 -2.75 22.40 71.11
N ASP O 383 -2.78 22.80 72.38
CA ASP O 383 -3.46 24.02 72.79
C ASP O 383 -2.42 25.01 73.27
N VAL O 384 -2.42 26.20 72.68
CA VAL O 384 -1.53 27.27 73.09
C VAL O 384 -2.35 28.51 73.39
N ASN O 385 -1.78 29.39 74.20
CA ASN O 385 -2.40 30.68 74.47
C ASN O 385 -2.35 31.49 73.19
N GLU O 386 -3.52 31.70 72.58
CA GLU O 386 -3.60 32.24 71.23
C GLU O 386 -3.04 33.66 71.15
N GLU O 387 -3.40 34.52 72.10
CA GLU O 387 -2.93 35.89 72.05
C GLU O 387 -1.46 36.01 72.43
N THR O 388 -1.01 35.26 73.44
CA THR O 388 0.40 35.29 73.82
C THR O 388 1.30 34.78 72.70
N PHE O 389 0.92 33.67 72.08
CA PHE O 389 1.72 33.13 70.99
C PHE O 389 1.63 33.96 69.73
N ASN O 390 0.46 34.55 69.45
CA ASN O 390 0.35 35.50 68.34
C ASN O 390 1.21 36.72 68.58
N GLU O 391 1.29 37.20 69.82
CA GLU O 391 2.13 38.34 70.11
C GLU O 391 3.61 37.99 70.00
N ALA O 392 3.98 36.77 70.39
CA ALA O 392 5.36 36.32 70.21
C ALA O 392 5.71 36.19 68.72
N TYR O 393 4.76 35.72 67.90
CA TYR O 393 4.99 35.68 66.47
C TYR O 393 5.13 37.08 65.88
N MET O 394 4.27 38.01 66.31
CA MET O 394 4.36 39.40 65.88
C MET O 394 5.66 40.06 66.33
N MET O 395 6.22 39.60 67.45
CA MET O 395 7.42 40.19 68.03
C MET O 395 8.63 40.06 67.13
N HIS O 396 8.80 38.93 66.44
CA HIS O 396 10.00 38.71 65.65
C HIS O 396 9.86 38.99 64.16
N THR O 397 8.66 38.88 63.62
CA THR O 397 8.50 39.16 62.20
C THR O 397 8.45 40.66 61.96
N THR O 398 8.66 41.04 60.70
CA THR O 398 8.56 42.43 60.30
C THR O 398 7.09 42.87 60.27
N THR O 399 6.88 44.16 60.06
CA THR O 399 5.53 44.70 59.99
C THR O 399 5.02 44.83 58.56
N SER O 400 5.90 45.04 57.59
CA SER O 400 5.54 45.14 56.18
C SER O 400 6.27 44.03 55.44
N PRO O 401 5.67 42.85 55.29
CA PRO O 401 6.37 41.71 54.70
C PRO O 401 6.37 41.78 53.18
N HIS O 402 7.24 40.96 52.59
CA HIS O 402 7.31 40.83 51.15
C HIS O 402 6.23 39.86 50.71
N TYR O 403 5.20 40.37 50.03
CA TYR O 403 4.06 39.54 49.67
C TYR O 403 4.40 38.50 48.62
N GLY O 404 5.50 38.67 47.87
CA GLY O 404 5.97 37.61 47.01
C GLY O 404 6.40 36.38 47.79
N ILE O 405 7.09 36.59 48.91
CA ILE O 405 7.51 35.49 49.77
C ILE O 405 6.29 34.82 50.40
N VAL O 406 5.31 35.61 50.84
CA VAL O 406 4.10 35.06 51.44
C VAL O 406 3.30 34.24 50.42
N ALA O 407 3.13 34.79 49.22
CA ALA O 407 2.42 34.07 48.17
C ALA O 407 3.16 32.81 47.75
N SER O 408 4.50 32.85 47.72
CA SER O 408 5.26 31.65 47.43
C SER O 408 5.14 30.63 48.54
N THR O 409 5.09 31.09 49.79
CA THR O 409 4.94 30.20 50.93
C THR O 409 3.62 29.45 50.87
N GLU O 410 2.54 30.14 50.50
CA GLU O 410 1.26 29.45 50.37
C GLU O 410 1.19 28.60 49.12
N THR O 411 1.73 29.09 48.00
CA THR O 411 1.71 28.33 46.75
C THR O 411 2.52 27.05 46.84
N ALA O 412 3.54 27.01 47.72
CA ALA O 412 4.27 25.77 47.93
C ALA O 412 3.38 24.67 48.50
N ALA O 413 2.51 25.00 49.45
CA ALA O 413 1.56 24.01 49.94
C ALA O 413 0.49 23.74 48.89
N ALA O 414 0.10 24.76 48.13
CA ALA O 414 -0.90 24.55 47.08
C ALA O 414 -0.40 23.65 45.95
N MET O 415 0.92 23.55 45.76
CA MET O 415 1.49 22.59 44.83
C MET O 415 1.36 21.15 45.29
N MET O 416 0.94 20.92 46.54
CA MET O 416 0.95 19.58 47.10
C MET O 416 -0.44 19.01 47.34
N LYS O 417 -1.50 19.78 47.11
CA LYS O 417 -2.85 19.25 47.19
C LYS O 417 -3.22 18.55 45.88
N GLY O 418 -4.00 17.49 45.98
CA GLY O 418 -4.49 16.78 44.83
C GLY O 418 -3.60 15.60 44.46
N ASN O 419 -3.67 15.24 43.19
CA ASN O 419 -2.85 14.15 42.67
C ASN O 419 -1.49 14.64 42.17
N ALA O 420 -1.40 15.90 41.78
CA ALA O 420 -0.15 16.44 41.27
C ALA O 420 0.93 16.50 42.35
N GLY O 421 0.56 16.88 43.58
CA GLY O 421 1.54 16.94 44.65
C GLY O 421 2.03 15.56 45.06
N LYS O 422 1.11 14.60 45.14
CA LYS O 422 1.51 13.22 45.43
C LYS O 422 2.41 12.68 44.33
N ARG O 423 2.09 13.00 43.08
CA ARG O 423 2.95 12.59 41.97
C ARG O 423 4.31 13.25 42.05
N LEU O 424 4.38 14.52 42.46
CA LEU O 424 5.67 15.18 42.64
C LEU O 424 6.52 14.49 43.68
N ILE O 425 5.95 14.25 44.88
CA ILE O 425 6.72 13.68 45.97
C ILE O 425 7.15 12.25 45.64
N ASN O 426 6.23 11.44 45.11
CA ASN O 426 6.58 10.07 44.76
C ASN O 426 7.57 10.02 43.62
N GLY O 427 7.47 10.93 42.64
CA GLY O 427 8.46 10.97 41.58
C GLY O 427 9.83 11.37 42.07
N SER O 428 9.89 12.33 43.00
CA SER O 428 11.18 12.74 43.56
C SER O 428 11.82 11.61 44.36
N ILE O 429 11.03 10.90 45.17
CA ILE O 429 11.58 9.81 45.97
C ILE O 429 12.02 8.66 45.08
N GLU O 430 11.20 8.31 44.07
CA GLU O 430 11.57 7.23 43.16
C GLU O 430 12.80 7.58 42.33
N ARG O 431 12.91 8.83 41.88
CA ARG O 431 14.11 9.27 41.18
C ARG O 431 15.34 9.22 42.06
N ALA O 432 15.20 9.61 43.33
CA ALA O 432 16.32 9.49 44.26
C ALA O 432 16.75 8.04 44.45
N ILE O 433 15.78 7.14 44.59
CA ILE O 433 16.10 5.73 44.80
C ILE O 433 16.76 5.14 43.56
N LYS O 434 16.29 5.51 42.37
CA LYS O 434 16.90 5.01 41.13
C LYS O 434 18.31 5.56 40.94
N PHE O 435 18.55 6.83 41.30
CA PHE O 435 19.90 7.36 41.29
C PHE O 435 20.80 6.60 42.26
N ARG O 436 20.29 6.27 43.44
CA ARG O 436 21.07 5.51 44.42
C ARG O 436 21.42 4.12 43.89
N LYS O 437 20.45 3.48 43.22
CA LYS O 437 20.72 2.16 42.69
C LYS O 437 21.76 2.20 41.58
N GLU O 438 21.72 3.18 40.66
CA GLU O 438 22.87 3.17 39.75
C GLU O 438 24.17 3.69 40.34
N ILE O 439 24.17 4.51 41.38
CA ILE O 439 25.51 4.88 41.84
C ILE O 439 26.18 3.69 42.52
N LYS O 440 25.42 2.85 43.24
CA LYS O 440 26.01 1.59 43.67
C LYS O 440 26.27 0.63 42.51
N ARG O 441 25.50 0.72 41.41
CA ARG O 441 25.76 -0.15 40.27
C ARG O 441 27.03 0.25 39.53
N LEU O 442 27.22 1.56 39.31
CA LEU O 442 28.42 2.07 38.66
C LEU O 442 29.66 1.87 39.53
N ARG O 443 29.47 1.80 40.86
CA ARG O 443 30.61 1.45 41.71
C ARG O 443 31.13 0.05 41.39
N THR O 444 30.24 -0.92 41.20
CA THR O 444 30.66 -2.27 40.88
C THR O 444 30.89 -2.47 39.38
N GLU O 445 30.54 -1.49 38.55
CA GLU O 445 30.79 -1.60 37.12
C GLU O 445 32.16 -1.05 36.75
N SER O 446 32.63 -0.02 37.45
CA SER O 446 33.84 0.67 37.05
C SER O 446 35.08 -0.10 37.49
N ASP O 447 36.22 0.37 37.01
CA ASP O 447 37.52 -0.18 37.38
C ASP O 447 38.18 0.67 38.46
N GLY O 448 38.91 0.02 39.35
CA GLY O 448 39.60 0.74 40.41
C GLY O 448 38.62 1.32 41.40
N TRP O 449 38.78 2.61 41.67
CA TRP O 449 37.96 3.31 42.65
C TRP O 449 36.72 3.89 41.99
N PHE O 450 35.70 4.14 42.81
CA PHE O 450 34.54 4.90 42.38
C PHE O 450 33.86 5.49 43.61
N PHE O 451 32.96 6.44 43.36
CA PHE O 451 32.19 7.05 44.43
C PHE O 451 31.25 6.03 45.05
N ASP O 452 31.27 5.96 46.38
CA ASP O 452 30.33 5.18 47.14
C ASP O 452 29.24 6.13 47.64
N VAL O 453 28.08 5.56 47.99
CA VAL O 453 27.01 6.34 48.60
C VAL O 453 26.58 5.68 49.90
N TRP O 454 26.51 6.49 50.95
CA TRP O 454 26.37 6.08 52.33
C TRP O 454 24.91 5.69 52.54
N GLN O 455 24.61 4.43 52.26
CA GLN O 455 23.25 3.91 52.26
C GLN O 455 23.30 2.41 52.47
N PRO O 456 22.19 1.77 52.87
CA PRO O 456 22.21 0.32 53.08
C PRO O 456 22.57 -0.44 51.81
N ASP O 457 23.22 -1.58 52.01
CA ASP O 457 23.73 -2.38 50.90
C ASP O 457 22.65 -2.92 49.99
N HIS O 458 21.47 -3.22 50.53
CA HIS O 458 20.33 -3.66 49.74
C HIS O 458 19.19 -2.67 49.94
N ILE O 459 18.97 -1.81 48.94
CA ILE O 459 17.80 -0.95 48.89
C ILE O 459 17.07 -1.21 47.58
N ASP O 460 15.81 -1.56 47.68
CA ASP O 460 14.98 -1.71 46.49
C ASP O 460 13.53 -1.30 46.72
N THR O 461 13.17 -0.87 47.91
CA THR O 461 11.80 -0.48 48.25
C THR O 461 11.76 1.01 48.59
N THR O 462 10.58 1.61 48.40
CA THR O 462 10.40 3.03 48.65
C THR O 462 10.00 3.21 50.12
N GLU O 463 11.00 3.22 50.98
CA GLU O 463 10.79 3.44 52.41
C GLU O 463 12.01 4.15 52.96
N CYS O 464 11.83 4.78 54.11
CA CYS O 464 12.96 5.30 54.87
C CYS O 464 13.69 4.11 55.48
N TRP O 465 14.88 3.83 54.97
CA TRP O 465 15.57 2.61 55.36
C TRP O 465 16.11 2.74 56.78
N PRO O 466 15.68 1.89 57.70
CA PRO O 466 16.07 2.05 59.10
C PRO O 466 17.54 1.72 59.32
N LEU O 467 18.15 2.44 60.24
CA LEU O 467 19.54 2.21 60.58
C LEU O 467 19.59 1.09 61.62
N ARG O 468 20.02 -0.09 61.19
CA ARG O 468 20.00 -1.27 62.04
C ARG O 468 21.33 -1.46 62.71
N SER O 469 21.30 -1.93 63.96
CA SER O 469 22.52 -2.19 64.70
C SER O 469 23.28 -3.39 64.17
N ASP O 470 22.63 -4.24 63.37
CA ASP O 470 23.24 -5.44 62.83
C ASP O 470 23.91 -5.19 61.49
N SER O 471 24.04 -3.94 61.07
CA SER O 471 24.70 -3.58 59.83
C SER O 471 25.71 -2.47 60.12
N THR O 472 26.65 -2.30 59.18
CA THR O 472 27.75 -1.39 59.41
C THR O 472 27.92 -0.35 58.30
N TRP O 473 26.90 -0.14 57.47
CA TRP O 473 27.02 0.87 56.42
C TRP O 473 26.98 2.27 56.99
N HIS O 474 26.26 2.49 58.10
CA HIS O 474 26.16 3.82 58.66
C HIS O 474 27.40 4.23 59.44
N GLY O 475 27.89 3.36 60.32
CA GLY O 475 29.09 3.64 61.10
C GLY O 475 28.84 4.06 62.52
N PHE O 476 27.60 4.37 62.90
CA PHE O 476 27.30 4.70 64.28
C PHE O 476 27.30 3.41 65.10
N LYS O 477 28.27 3.28 66.00
CA LYS O 477 28.43 2.06 66.77
C LYS O 477 27.39 1.98 67.89
N ASN O 478 26.90 0.75 68.12
CA ASN O 478 25.93 0.45 69.18
C ASN O 478 24.66 1.29 69.06
N ILE O 479 24.23 1.48 67.81
CA ILE O 479 23.07 2.31 67.54
C ILE O 479 21.80 1.55 67.93
N ASP O 480 20.77 2.29 68.31
CA ASP O 480 19.51 1.71 68.74
C ASP O 480 18.61 1.43 67.55
N ASN O 481 17.92 0.30 67.59
CA ASN O 481 17.11 -0.15 66.47
C ASN O 481 15.78 0.60 66.42
N GLU O 482 15.38 0.98 65.20
CA GLU O 482 14.24 1.86 64.95
C GLU O 482 14.31 3.14 65.77
N HIS O 483 15.37 3.90 65.53
CA HIS O 483 15.48 5.27 66.03
C HIS O 483 15.87 6.16 64.86
N MET O 484 16.51 5.57 63.84
CA MET O 484 16.96 6.31 62.69
C MET O 484 16.40 5.74 61.41
N TYR O 485 16.12 6.63 60.47
CA TYR O 485 15.51 6.32 59.19
C TYR O 485 16.15 7.22 58.15
N LEU O 486 16.81 6.61 57.16
CA LEU O 486 17.48 7.40 56.14
C LEU O 486 16.47 8.02 55.19
N ASP O 487 16.62 9.30 54.95
CA ASP O 487 15.79 9.96 53.96
C ASP O 487 16.36 9.69 52.58
N PRO O 488 15.60 9.06 51.67
CA PRO O 488 16.16 8.67 50.37
C PRO O 488 16.57 9.84 49.49
N ILE O 489 16.01 11.04 49.67
CA ILE O 489 16.29 12.11 48.73
C ILE O 489 17.48 12.98 49.11
N LYS O 490 18.07 12.76 50.28
CA LYS O 490 19.29 13.47 50.65
C LYS O 490 20.46 12.51 50.45
N VAL O 491 20.89 12.42 49.19
CA VAL O 491 21.92 11.46 48.81
C VAL O 491 23.27 11.99 49.23
N THR O 492 23.99 11.21 50.03
CA THR O 492 25.32 11.56 50.51
C THR O 492 26.33 10.66 49.79
N LEU O 493 26.96 11.19 48.76
CA LEU O 493 28.02 10.44 48.11
C LEU O 493 29.25 10.35 49.03
N LEU O 494 30.10 9.39 48.72
CA LEU O 494 31.34 9.21 49.45
C LEU O 494 32.48 9.13 48.45
N THR O 495 33.65 9.54 48.89
CA THR O 495 34.85 9.49 48.09
C THR O 495 35.84 8.52 48.72
N PRO O 496 36.80 7.99 47.94
CA PRO O 496 37.80 7.10 48.53
C PRO O 496 38.65 7.80 49.58
N GLY O 497 39.14 7.00 50.52
CA GLY O 497 39.96 7.51 51.60
C GLY O 497 39.63 6.88 52.94
N MET O 498 38.41 6.37 53.08
CA MET O 498 37.94 5.77 54.31
C MET O 498 37.71 4.28 54.10
N GLU O 499 38.15 3.48 55.07
CA GLU O 499 37.77 2.08 55.09
C GLU O 499 36.42 1.92 55.78
N LYS O 500 35.88 0.71 55.75
CA LYS O 500 34.55 0.46 56.27
C LYS O 500 34.51 0.46 57.80
N ASP O 501 35.61 0.05 58.44
CA ASP O 501 35.65 -0.01 59.90
C ASP O 501 35.93 1.35 60.54
N GLY O 502 36.28 2.36 59.75
CA GLY O 502 36.51 3.70 60.24
C GLY O 502 37.92 4.21 60.04
N THR O 503 38.90 3.32 59.86
CA THR O 503 40.26 3.76 59.64
C THR O 503 40.42 4.34 58.23
N MET O 504 41.51 5.06 58.03
CA MET O 504 41.76 5.72 56.75
C MET O 504 42.51 4.79 55.81
N SER O 505 42.21 4.93 54.53
CA SER O 505 42.94 4.20 53.49
C SER O 505 44.20 4.98 53.12
N ASP O 506 44.88 4.54 52.08
CA ASP O 506 46.04 5.24 51.55
C ASP O 506 45.72 6.11 50.35
N PHE O 507 44.97 5.56 49.38
CA PHE O 507 44.54 6.32 48.23
C PHE O 507 43.19 6.98 48.53
N GLY O 508 43.12 8.29 48.31
CA GLY O 508 41.90 9.01 48.62
C GLY O 508 41.82 10.34 47.94
N ILE O 509 40.59 10.83 47.79
CA ILE O 509 40.31 12.15 47.28
C ILE O 509 39.39 12.83 48.28
N PRO O 510 39.82 13.89 48.96
CA PRO O 510 38.88 14.66 49.79
C PRO O 510 37.86 15.38 48.94
N ALA O 511 36.65 15.52 49.49
CA ALA O 511 35.48 15.93 48.73
C ALA O 511 35.53 17.38 48.27
N SER O 512 36.48 18.17 48.76
CA SER O 512 36.62 19.54 48.30
C SER O 512 37.00 19.61 46.82
N ILE O 513 37.91 18.74 46.38
CA ILE O 513 38.28 18.70 44.97
C ILE O 513 37.11 18.31 44.09
N VAL O 514 36.33 17.30 44.51
CA VAL O 514 35.18 16.88 43.73
C VAL O 514 34.14 17.99 43.67
N ALA O 515 33.89 18.68 44.79
CA ALA O 515 32.93 19.78 44.79
C ALA O 515 33.39 20.93 43.91
N LYS O 516 34.69 21.26 43.95
CA LYS O 516 35.21 22.32 43.11
C LYS O 516 35.15 21.95 41.64
N TYR O 517 35.39 20.67 41.32
CA TYR O 517 35.27 20.25 39.92
C TYR O 517 33.84 20.35 39.44
N LEU O 518 32.89 19.91 40.28
CA LEU O 518 31.48 20.00 39.90
C LEU O 518 31.05 21.45 39.73
N ASP O 519 31.53 22.34 40.61
CA ASP O 519 31.28 23.76 40.45
C ASP O 519 31.89 24.31 39.18
N GLU O 520 33.05 23.79 38.77
CA GLU O 520 33.64 24.20 37.50
C GLU O 520 32.75 23.79 36.33
N HIS O 521 32.18 22.58 36.39
CA HIS O 521 31.33 22.10 35.31
C HIS O 521 29.86 22.46 35.49
N GLY O 522 29.56 23.41 36.37
CA GLY O 522 28.24 23.99 36.38
C GLY O 522 27.17 23.20 37.11
N ILE O 523 27.53 22.45 38.13
CA ILE O 523 26.58 21.84 39.04
C ILE O 523 27.04 22.10 40.47
N VAL O 524 26.11 22.40 41.36
CA VAL O 524 26.45 22.91 42.68
C VAL O 524 26.12 21.85 43.73
N VAL O 525 27.06 21.59 44.61
CA VAL O 525 26.88 20.68 45.73
C VAL O 525 26.41 21.52 46.93
N GLU O 526 25.54 20.94 47.75
CA GLU O 526 24.98 21.65 48.91
C GLU O 526 26.08 22.04 49.90
N LYS O 527 26.71 21.07 50.56
CA LYS O 527 27.88 21.30 51.40
C LYS O 527 28.63 19.99 51.55
N THR O 528 29.95 20.07 51.67
CA THR O 528 30.82 18.90 51.73
C THR O 528 31.57 18.87 53.04
N GLY O 529 31.86 17.67 53.52
CA GLY O 529 32.77 17.49 54.62
C GLY O 529 34.13 17.07 54.12
N PRO O 530 34.81 16.21 54.87
CA PRO O 530 36.13 15.74 54.42
C PRO O 530 36.04 14.79 53.24
N TYR O 531 35.12 13.83 53.29
CA TYR O 531 35.02 12.82 52.24
C TYR O 531 33.57 12.51 51.89
N ASN O 532 32.67 13.47 52.04
CA ASN O 532 31.29 13.24 51.65
C ASN O 532 30.74 14.47 50.93
N LEU O 533 29.81 14.21 50.02
CA LEU O 533 29.02 15.25 49.38
C LEU O 533 27.58 15.14 49.87
N LEU O 534 26.73 16.02 49.36
CA LEU O 534 25.31 15.96 49.68
C LEU O 534 24.53 16.53 48.52
N PHE O 535 23.48 15.84 48.09
CA PHE O 535 22.69 16.33 46.96
C PHE O 535 21.22 16.27 47.35
N LEU O 536 20.59 17.43 47.38
CA LEU O 536 19.17 17.53 47.70
C LEU O 536 18.37 17.13 46.47
N PHE O 537 17.74 15.96 46.50
CA PHE O 537 16.86 15.53 45.42
C PHE O 537 15.44 15.99 45.75
N SER O 538 15.22 17.29 45.66
CA SER O 538 13.92 17.86 45.99
C SER O 538 12.97 17.63 44.82
N ILE O 539 11.81 18.30 44.85
CA ILE O 539 10.83 18.16 43.79
C ILE O 539 11.28 18.81 42.49
N GLY O 540 12.30 19.67 42.53
CA GLY O 540 12.80 20.27 41.31
C GLY O 540 13.66 19.37 40.47
N ILE O 541 14.22 18.32 41.05
CA ILE O 541 15.20 17.49 40.34
C ILE O 541 14.45 16.58 39.37
N ASP O 542 14.80 16.66 38.10
CA ASP O 542 14.37 15.71 37.08
C ASP O 542 15.58 14.92 36.60
N LYS O 543 15.35 14.00 35.65
CA LYS O 543 16.42 13.11 35.23
C LYS O 543 17.50 13.81 34.41
N THR O 544 17.21 15.00 33.87
CA THR O 544 18.25 15.77 33.19
C THR O 544 19.37 16.15 34.15
N LYS O 545 18.99 16.73 35.30
CA LYS O 545 19.98 17.13 36.30
C LYS O 545 20.68 15.91 36.90
N ALA O 546 19.92 14.84 37.17
CA ALA O 546 20.52 13.64 37.75
C ALA O 546 21.55 13.01 36.82
N LEU O 547 21.22 12.93 35.52
CA LEU O 547 22.17 12.37 34.57
C LEU O 547 23.37 13.27 34.37
N SER O 548 23.17 14.60 34.37
CA SER O 548 24.30 15.52 34.27
C SER O 548 25.22 15.39 35.48
N LEU O 549 24.66 15.21 36.67
CA LEU O 549 25.49 15.00 37.85
C LEU O 549 26.27 13.70 37.77
N LEU O 550 25.61 12.61 37.38
CA LEU O 550 26.28 11.32 37.31
C LEU O 550 27.42 11.36 36.30
N ARG O 551 27.19 12.17 35.27
CA ARG O 551 28.11 12.34 34.12
C ARG O 551 29.11 13.49 34.30
N ALA O 552 29.05 14.24 35.40
CA ALA O 552 30.12 15.06 35.92
C ALA O 552 31.00 14.24 36.85
N LEU O 553 30.40 13.34 37.63
CA LEU O 553 31.15 12.40 38.43
C LEU O 553 32.03 11.49 37.58
N THR O 554 31.46 10.96 36.48
CA THR O 554 32.23 10.09 35.60
C THR O 554 33.36 10.81 34.89
N ASP O 555 33.11 12.04 34.41
CA ASP O 555 34.16 12.81 33.77
C ASP O 555 35.25 13.19 34.75
N PHE O 556 34.89 13.43 36.02
CA PHE O 556 35.93 13.61 37.03
C PHE O 556 36.76 12.35 37.20
N LYS O 557 36.11 11.17 37.18
CA LYS O 557 36.87 9.93 37.31
C LYS O 557 37.83 9.76 36.15
N ARG O 558 37.38 10.06 34.93
CA ARG O 558 38.24 9.93 33.76
C ARG O 558 39.38 10.94 33.80
N ALA O 559 39.10 12.17 34.22
CA ALA O 559 40.13 13.19 34.31
C ALA O 559 41.11 12.95 35.44
N PHE O 560 40.69 12.26 36.49
CA PHE O 560 41.60 11.92 37.58
C PHE O 560 42.46 10.72 37.26
N ASP O 561 41.91 9.71 36.58
CA ASP O 561 42.74 8.61 36.12
C ASP O 561 43.73 9.04 35.06
N LEU O 562 43.32 9.94 34.16
CA LEU O 562 44.25 10.49 33.18
C LEU O 562 45.23 11.47 33.83
N ASN O 563 44.90 11.98 35.01
CA ASN O 563 45.74 12.88 35.81
C ASN O 563 46.06 14.16 35.03
N LEU O 564 45.01 14.91 34.73
CA LEU O 564 45.17 16.20 34.09
C LEU O 564 45.71 17.21 35.08
N ARG O 565 46.31 18.27 34.54
CA ARG O 565 46.87 19.32 35.38
C ARG O 565 45.77 20.17 36.00
N VAL O 566 46.13 20.86 37.09
CA VAL O 566 45.18 21.73 37.77
C VAL O 566 44.80 22.90 36.89
N LYS O 567 45.72 23.39 36.08
CA LYS O 567 45.46 24.55 35.22
C LYS O 567 44.37 24.26 34.19
N ASN O 568 44.42 23.08 33.56
CA ASN O 568 43.41 22.76 32.55
C ASN O 568 42.08 22.36 33.17
N MET O 569 42.10 21.60 34.25
CA MET O 569 40.86 21.03 34.74
C MET O 569 40.14 21.96 35.71
N LEU O 570 40.89 22.67 36.56
CA LEU O 570 40.32 23.55 37.57
C LEU O 570 40.89 24.95 37.39
N PRO O 571 40.45 25.69 36.38
CA PRO O 571 40.91 27.09 36.24
C PRO O 571 40.43 28.00 37.35
N SER O 572 39.26 27.75 37.92
CA SER O 572 38.78 28.56 39.04
C SER O 572 39.63 28.38 40.28
N LEU O 573 40.18 27.18 40.49
CA LEU O 573 41.14 26.97 41.56
C LEU O 573 42.55 27.37 41.14
N TYR O 574 42.84 27.31 39.83
CA TYR O 574 44.11 27.81 39.32
C TYR O 574 44.27 29.31 39.57
N ARG O 575 43.21 30.07 39.41
CA ARG O 575 43.24 31.52 39.60
C ARG O 575 43.38 31.94 41.05
N GLU O 576 43.27 31.00 42.00
CA GLU O 576 43.48 31.34 43.40
C GLU O 576 44.92 31.75 43.65
N ASP O 577 45.87 31.00 43.12
CA ASP O 577 47.28 31.40 43.12
C ASP O 577 47.98 30.68 41.98
N PRO O 578 48.06 31.33 40.80
CA PRO O 578 48.65 30.66 39.63
C PRO O 578 50.10 30.26 39.80
N GLU O 579 50.85 30.91 40.69
CA GLU O 579 52.24 30.53 40.91
C GLU O 579 52.36 29.16 41.57
N PHE O 580 51.40 28.82 42.43
CA PHE O 580 51.47 27.56 43.17
C PHE O 580 50.94 26.38 42.37
N TYR O 581 49.82 26.56 41.68
CA TYR O 581 49.18 25.48 40.92
C TYR O 581 49.64 25.42 39.48
N GLU O 582 50.85 25.90 39.18
CA GLU O 582 51.29 25.96 37.80
C GLU O 582 51.67 24.58 37.26
N ASN O 583 52.52 23.87 37.98
CA ASN O 583 53.05 22.59 37.53
C ASN O 583 52.64 21.45 38.48
N MET O 584 51.39 21.44 38.90
CA MET O 584 50.88 20.43 39.81
C MET O 584 49.78 19.61 39.13
N ARG O 585 49.88 18.30 39.23
CA ARG O 585 48.86 17.40 38.73
C ARG O 585 47.77 17.20 39.80
N ILE O 586 46.62 16.71 39.35
CA ILE O 586 45.51 16.54 40.28
C ILE O 586 45.75 15.37 41.23
N GLN O 587 46.40 14.31 40.77
CA GLN O 587 46.70 13.18 41.65
C GLN O 587 47.66 13.59 42.76
N GLU O 588 48.66 14.42 42.44
CA GLU O 588 49.58 14.91 43.46
C GLU O 588 48.85 15.79 44.48
N LEU O 589 47.95 16.65 44.01
CA LEU O 589 47.20 17.52 44.93
C LEU O 589 46.28 16.72 45.84
N ALA O 590 45.55 15.76 45.27
CA ALA O 590 44.67 14.92 46.08
C ALA O 590 45.45 14.08 47.06
N GLN O 591 46.58 13.51 46.63
CA GLN O 591 47.42 12.73 47.51
C GLN O 591 48.00 13.59 48.62
N ASN O 592 48.37 14.84 48.31
CA ASN O 592 48.95 15.72 49.33
C ASN O 592 47.93 16.11 50.38
N ILE O 593 46.71 16.47 49.97
CA ILE O 593 45.71 16.84 50.96
C ILE O 593 45.27 15.60 51.76
N HIS O 594 45.19 14.45 51.10
CA HIS O 594 44.87 13.22 51.82
C HIS O 594 45.96 12.86 52.82
N LYS O 595 47.23 13.05 52.48
CA LYS O 595 48.31 12.80 53.41
C LYS O 595 48.32 13.80 54.56
N LEU O 596 47.93 15.05 54.28
CA LEU O 596 47.77 16.02 55.36
C LEU O 596 46.66 15.62 56.31
N ILE O 597 45.58 15.03 55.80
CA ILE O 597 44.53 14.53 56.67
C ILE O 597 45.00 13.31 57.45
N VAL O 598 45.67 12.36 56.79
CA VAL O 598 46.12 11.13 57.43
C VAL O 598 47.18 11.36 58.51
N HIS O 599 48.24 12.12 58.20
CA HIS O 599 49.34 12.31 59.14
C HIS O 599 48.89 13.08 60.38
N HIS O 600 47.98 14.03 60.21
CA HIS O 600 47.43 14.78 61.33
C HIS O 600 46.27 14.06 62.00
N ASN O 601 45.81 12.94 61.41
CA ASN O 601 44.77 12.08 61.97
C ASN O 601 43.46 12.85 62.21
N LEU O 602 42.89 13.34 61.11
CA LEU O 602 41.70 14.17 61.20
C LEU O 602 40.47 13.44 61.77
N PRO O 603 40.05 12.26 61.30
CA PRO O 603 38.77 11.71 61.80
C PRO O 603 38.80 11.30 63.25
N ASP O 604 39.93 10.80 63.76
CA ASP O 604 39.99 10.43 65.18
C ASP O 604 39.88 11.66 66.07
N LEU O 605 40.56 12.75 65.69
CA LEU O 605 40.43 13.99 66.44
C LEU O 605 39.03 14.56 66.32
N MET O 606 38.43 14.51 65.13
CA MET O 606 37.07 15.03 64.94
C MET O 606 36.05 14.22 65.72
N TYR O 607 36.32 12.93 65.93
CA TYR O 607 35.45 12.12 66.77
C TYR O 607 35.64 12.45 68.24
N ARG O 608 36.88 12.36 68.74
CA ARG O 608 37.15 12.53 70.16
C ARG O 608 36.92 13.96 70.64
N ALA O 609 36.90 14.94 69.74
CA ALA O 609 36.57 16.30 70.14
C ALA O 609 35.08 16.48 70.41
N PHE O 610 34.22 15.79 69.67
CA PHE O 610 32.79 15.91 69.85
C PHE O 610 32.22 14.88 70.81
N GLU O 611 33.01 13.91 71.25
CA GLU O 611 32.56 13.01 72.31
C GLU O 611 32.76 13.59 73.70
N VAL O 612 33.38 14.77 73.83
CA VAL O 612 33.58 15.42 75.10
C VAL O 612 32.94 16.80 75.05
N LEU O 613 32.08 17.08 76.04
CA LEU O 613 31.35 18.33 76.15
C LEU O 613 32.16 19.36 76.94
N PRO O 614 32.31 20.58 76.40
CA PRO O 614 32.99 21.64 77.17
C PRO O 614 32.20 22.03 78.41
N THR O 615 32.94 22.48 79.43
CA THR O 615 32.35 22.79 80.73
C THR O 615 31.59 24.11 80.66
N MET O 616 30.31 24.06 81.02
CA MET O 616 29.46 25.25 81.03
C MET O 616 29.73 26.05 82.30
N VAL O 617 30.51 27.13 82.17
CA VAL O 617 30.71 28.02 83.30
C VAL O 617 29.47 28.89 83.52
N MET O 618 28.94 29.48 82.46
CA MET O 618 27.77 30.34 82.55
C MET O 618 26.89 30.14 81.33
N THR O 619 25.63 30.53 81.47
CA THR O 619 24.67 30.42 80.38
C THR O 619 25.06 31.35 79.23
N PRO O 620 24.74 30.97 77.98
CA PRO O 620 25.09 31.84 76.84
C PRO O 620 24.45 33.21 76.89
N TYR O 621 23.32 33.37 77.57
CA TYR O 621 22.76 34.70 77.79
C TYR O 621 23.71 35.56 78.60
N ALA O 622 24.31 35.00 79.65
CA ALA O 622 25.29 35.73 80.43
C ALA O 622 26.56 35.99 79.63
N ALA O 623 26.93 35.06 78.74
CA ALA O 623 28.07 35.29 77.87
C ALA O 623 27.83 36.46 76.93
N PHE O 624 26.62 36.54 76.36
CA PHE O 624 26.29 37.68 75.52
C PHE O 624 26.22 38.98 76.32
N GLN O 625 25.75 38.90 77.57
CA GLN O 625 25.71 40.09 78.41
C GLN O 625 27.11 40.60 78.72
N LYS O 626 28.04 39.70 79.03
CA LYS O 626 29.42 40.11 79.25
C LYS O 626 30.11 40.54 77.96
N GLU O 627 29.66 40.02 76.81
CA GLU O 627 30.22 40.44 75.54
C GLU O 627 29.79 41.86 75.18
N LEU O 628 28.54 42.21 75.47
CA LEU O 628 28.04 43.56 75.20
C LEU O 628 28.72 44.63 76.03
N HIS O 629 29.18 44.29 77.24
CA HIS O 629 29.82 45.27 78.11
C HIS O 629 31.29 45.46 77.81
N GLY O 630 31.79 44.91 76.70
CA GLY O 630 33.17 45.10 76.33
C GLY O 630 34.16 44.33 77.16
N MET O 631 33.75 43.23 77.78
CA MET O 631 34.62 42.42 78.63
C MET O 631 35.28 41.29 77.85
N THR O 632 35.51 41.48 76.57
CA THR O 632 36.06 40.44 75.71
C THR O 632 37.45 40.83 75.23
N GLU O 633 38.36 39.87 75.28
CA GLU O 633 39.71 40.04 74.75
C GLU O 633 40.00 38.92 73.76
N GLU O 634 40.89 39.19 72.81
CA GLU O 634 41.23 38.24 71.76
C GLU O 634 42.57 37.59 72.12
N VAL O 635 42.51 36.47 72.83
CA VAL O 635 43.69 35.70 73.16
C VAL O 635 43.95 34.80 71.96
N TYR O 636 45.19 34.33 71.80
CA TYR O 636 45.48 33.43 70.69
C TYR O 636 44.89 32.06 70.97
N LEU O 637 44.91 31.20 69.94
CA LEU O 637 44.20 29.93 69.99
C LEU O 637 44.80 28.97 71.02
N ASP O 638 46.12 28.93 71.13
CA ASP O 638 46.79 27.95 71.99
C ASP O 638 46.55 28.18 73.48
N GLU O 639 46.32 29.43 73.89
CA GLU O 639 46.20 29.78 75.30
C GLU O 639 44.74 29.97 75.69
N MET O 640 43.85 29.16 75.12
CA MET O 640 42.42 29.32 75.33
C MET O 640 41.85 28.39 76.38
N VAL O 641 42.64 27.45 76.90
CA VAL O 641 42.14 26.57 77.95
C VAL O 641 42.01 27.34 79.25
N GLY O 642 40.95 27.05 80.00
CA GLY O 642 40.66 27.78 81.21
C GLY O 642 40.00 29.12 80.99
N ARG O 643 39.67 29.46 79.75
CA ARG O 643 39.07 30.75 79.42
C ARG O 643 37.64 30.54 78.94
N ILE O 644 36.77 31.46 79.33
CA ILE O 644 35.35 31.39 78.98
C ILE O 644 35.16 31.99 77.60
N ASN O 645 34.57 31.23 76.69
CA ASN O 645 34.38 31.69 75.32
C ASN O 645 33.19 32.61 75.21
N ALA O 646 33.35 33.68 74.43
CA ALA O 646 32.30 34.67 74.25
C ALA O 646 31.54 34.52 72.95
N ASN O 647 32.21 34.10 71.88
CA ASN O 647 31.56 33.86 70.60
C ASN O 647 31.63 32.38 70.25
N MET O 648 30.61 31.91 69.55
CA MET O 648 30.51 30.51 69.17
C MET O 648 31.63 30.14 68.20
N ILE O 649 32.20 28.96 68.38
CA ILE O 649 33.18 28.40 67.46
C ILE O 649 32.49 27.34 66.63
N LEU O 650 32.43 27.57 65.32
CA LEU O 650 31.73 26.68 64.39
C LEU O 650 32.71 26.24 63.31
N PRO O 651 33.38 25.10 63.50
CA PRO O 651 34.37 24.67 62.51
C PRO O 651 33.78 23.86 61.36
N TYR O 652 34.28 24.14 60.16
CA TYR O 652 33.99 23.32 58.99
C TYR O 652 35.26 22.58 58.61
N PRO O 653 35.33 21.24 58.70
CA PRO O 653 34.36 20.22 59.11
C PRO O 653 34.02 20.27 60.60
N PRO O 654 32.83 19.77 60.99
CA PRO O 654 31.77 19.25 60.13
C PRO O 654 30.64 20.22 59.81
N GLY O 655 30.37 21.17 60.70
CA GLY O 655 29.26 22.08 60.50
C GLY O 655 28.28 22.09 61.65
N VAL O 656 28.75 21.71 62.84
CA VAL O 656 27.92 21.67 64.03
C VAL O 656 28.62 22.48 65.12
N PRO O 657 27.89 23.24 65.95
CA PRO O 657 28.55 24.04 67.00
C PRO O 657 29.36 23.23 67.99
N LEU O 658 30.66 23.51 68.01
CA LEU O 658 31.61 22.76 68.85
C LEU O 658 31.74 23.39 70.23
N VAL O 659 32.13 24.65 70.30
CA VAL O 659 32.19 25.40 71.55
C VAL O 659 31.08 26.45 71.53
N MET O 660 30.23 26.42 72.55
CA MET O 660 29.15 27.37 72.67
C MET O 660 29.65 28.64 73.35
N PRO O 661 28.94 29.76 73.19
CA PRO O 661 29.27 30.96 73.97
C PRO O 661 29.00 30.73 75.45
N GLY O 662 30.03 30.94 76.27
CA GLY O 662 29.92 30.77 77.71
C GLY O 662 30.45 29.46 78.25
N GLU O 663 31.16 28.67 77.45
CA GLU O 663 31.68 27.39 77.89
C GLU O 663 33.21 27.40 77.86
N MET O 664 33.80 26.66 78.79
CA MET O 664 35.24 26.62 78.99
C MET O 664 35.80 25.31 78.49
N ILE O 665 36.95 25.38 77.81
CA ILE O 665 37.70 24.19 77.45
C ILE O 665 38.63 23.85 78.60
N THR O 666 38.35 22.75 79.28
CA THR O 666 39.14 22.32 80.42
C THR O 666 40.17 21.29 79.97
N GLU O 667 40.92 20.75 80.92
CA GLU O 667 41.89 19.71 80.60
C GLU O 667 41.22 18.41 80.18
N GLU O 668 39.98 18.17 80.62
CA GLU O 668 39.23 17.02 80.16
C GLU O 668 38.78 17.16 78.71
N SER O 669 38.77 18.37 78.18
CA SER O 669 38.34 18.64 76.80
C SER O 669 39.49 19.16 75.95
N ARG O 670 40.72 18.78 76.28
CA ARG O 670 41.87 19.14 75.45
C ARG O 670 41.81 18.67 73.99
N PRO O 671 41.25 17.49 73.64
CA PRO O 671 41.12 17.16 72.21
C PRO O 671 40.32 18.14 71.39
N VAL O 672 39.43 18.94 71.99
CA VAL O 672 38.81 20.06 71.28
C VAL O 672 39.87 21.05 70.81
N LEU O 673 40.77 21.44 71.71
CA LEU O 673 41.85 22.35 71.35
C LEU O 673 42.80 21.71 70.34
N GLU O 674 43.07 20.41 70.50
CA GLU O 674 43.92 19.72 69.53
C GLU O 674 43.29 19.68 68.15
N PHE O 675 41.97 19.46 68.07
CA PHE O 675 41.27 19.46 66.79
C PHE O 675 41.30 20.84 66.15
N LEU O 676 41.07 21.89 66.95
CA LEU O 676 41.10 23.25 66.41
C LEU O 676 42.48 23.62 65.89
N GLN O 677 43.52 23.31 66.68
CA GLN O 677 44.89 23.58 66.25
C GLN O 677 45.28 22.77 65.03
N MET O 678 44.84 21.51 64.96
CA MET O 678 45.11 20.68 63.79
C MET O 678 44.44 21.24 62.55
N LEU O 679 43.19 21.69 62.68
CA LEU O 679 42.48 22.27 61.54
C LEU O 679 43.15 23.54 61.06
N CYS O 680 43.60 24.39 62.00
CA CYS O 680 44.33 25.59 61.61
C CYS O 680 45.68 25.25 60.98
N GLU O 681 46.33 24.18 61.44
CA GLU O 681 47.62 23.78 60.89
C GLU O 681 47.48 23.21 59.48
N ILE O 682 46.42 22.44 59.20
CA ILE O 682 46.28 21.86 57.88
C ILE O 682 45.68 22.84 56.89
N GLY O 683 44.96 23.86 57.36
CA GLY O 683 44.37 24.79 56.41
C GLY O 683 45.31 25.85 55.87
N ALA O 684 46.53 25.94 56.42
CA ALA O 684 47.48 26.96 56.03
C ALA O 684 48.59 26.41 55.13
N HIS O 685 48.27 25.43 54.29
CA HIS O 685 49.24 24.88 53.36
C HIS O 685 48.85 25.08 51.90
N TYR O 686 47.63 24.72 51.52
CA TYR O 686 47.22 24.72 50.13
C TYR O 686 46.16 25.77 49.88
N PRO O 687 46.40 26.72 48.97
CA PRO O 687 45.43 27.79 48.73
C PRO O 687 44.16 27.27 48.07
N GLY O 688 43.06 27.98 48.35
CA GLY O 688 41.76 27.59 47.89
C GLY O 688 41.06 26.59 48.79
N PHE O 689 41.78 25.99 49.72
CA PHE O 689 41.20 25.05 50.68
C PHE O 689 41.33 25.64 52.07
N GLU O 690 41.02 26.93 52.20
CA GLU O 690 41.29 27.70 53.40
C GLU O 690 40.41 27.24 54.56
N THR O 691 40.88 27.55 55.76
CA THR O 691 40.20 27.13 56.98
C THR O 691 38.89 27.89 57.13
N ASP O 692 37.80 27.17 57.37
CA ASP O 692 36.48 27.76 57.54
C ASP O 692 36.03 27.47 58.96
N ILE O 693 36.36 28.38 59.88
CA ILE O 693 35.92 28.30 61.26
C ILE O 693 35.19 29.60 61.56
N HIS O 694 33.92 29.50 61.93
CA HIS O 694 33.14 30.67 62.31
C HIS O 694 33.35 30.92 63.80
N GLY O 695 34.07 31.99 64.13
CA GLY O 695 34.38 32.30 65.50
C GLY O 695 35.86 32.58 65.70
N ALA O 696 36.70 31.84 64.99
CA ALA O 696 38.14 32.05 65.03
C ALA O 696 38.53 33.01 63.91
N TYR O 697 39.30 34.03 64.27
CA TYR O 697 39.64 35.12 63.37
C TYR O 697 41.09 34.98 62.92
N ARG O 698 41.31 35.02 61.62
CA ARG O 698 42.64 34.82 61.05
C ARG O 698 43.49 36.06 61.26
N GLN O 699 44.74 35.85 61.69
CA GLN O 699 45.71 36.92 61.81
C GLN O 699 46.71 36.83 60.66
N ALA O 700 47.60 37.81 60.58
CA ALA O 700 48.56 37.86 59.49
C ALA O 700 49.67 36.83 59.65
N ASP O 701 50.09 36.54 60.88
CA ASP O 701 51.19 35.61 61.09
C ASP O 701 50.80 34.15 60.86
N GLY O 702 49.51 33.84 60.90
CA GLY O 702 49.04 32.49 60.70
C GLY O 702 48.48 31.77 61.92
N ARG O 703 48.34 32.46 63.05
CA ARG O 703 47.77 31.89 64.25
C ARG O 703 46.46 32.61 64.56
N TYR O 704 45.41 31.84 64.82
CA TYR O 704 44.06 32.37 64.92
C TYR O 704 43.77 32.84 66.34
N THR O 705 42.75 33.69 66.47
CA THR O 705 42.34 34.25 67.75
C THR O 705 40.86 33.98 67.98
N VAL O 706 40.50 33.80 69.25
CA VAL O 706 39.12 33.56 69.67
C VAL O 706 38.77 34.56 70.76
N LYS O 707 37.63 35.22 70.63
CA LYS O 707 37.19 36.19 71.62
C LYS O 707 36.76 35.47 72.89
N VAL O 708 37.55 35.62 73.95
CA VAL O 708 37.22 35.05 75.25
C VAL O 708 36.90 36.20 76.21
N LEU O 709 36.40 35.83 77.39
CA LEU O 709 36.01 36.82 78.38
C LEU O 709 37.21 37.20 79.26
N LYS O 710 37.19 38.43 79.75
CA LYS O 710 38.24 38.91 80.63
C LYS O 710 38.10 38.27 82.01
N GLU O 711 39.21 38.31 82.76
CA GLU O 711 39.24 37.72 84.09
C GLU O 711 39.08 38.77 85.18
N MET P 1 18.61 47.82 28.26
CA MET P 1 19.54 48.52 27.37
C MET P 1 19.64 47.87 26.01
N ASN P 2 18.69 48.20 25.13
CA ASN P 2 18.77 47.79 23.74
C ASN P 2 18.26 48.86 22.79
N VAL P 3 18.17 50.09 23.29
CA VAL P 3 17.60 51.17 22.46
C VAL P 3 18.74 52.11 22.11
N ILE P 4 19.07 52.27 20.83
CA ILE P 4 20.23 53.08 20.38
C ILE P 4 19.70 54.08 19.38
N ALA P 5 19.84 55.37 19.64
CA ALA P 5 19.08 56.35 18.87
C ALA P 5 19.95 57.04 17.85
N ILE P 6 19.53 57.03 16.60
CA ILE P 6 20.33 57.62 15.51
C ILE P 6 19.68 58.96 15.21
N LEU P 7 20.48 60.03 15.06
CA LEU P 7 19.91 61.35 14.67
C LEU P 7 19.62 61.38 13.16
N ASN P 8 19.15 62.53 12.66
CA ASN P 8 18.49 62.65 11.33
C ASN P 8 19.23 62.34 10.05
N HIS P 9 18.46 62.30 8.96
CA HIS P 9 19.02 62.01 7.62
C HIS P 9 19.57 63.28 7.02
N MET P 10 20.90 63.34 6.86
CA MET P 10 21.55 64.55 6.33
C MET P 10 21.05 64.79 4.92
N GLY P 11 21.01 63.76 4.09
CA GLY P 11 20.63 63.93 2.67
C GLY P 11 21.66 63.35 1.71
N VAL P 12 22.94 63.47 2.01
CA VAL P 12 23.91 62.89 1.10
C VAL P 12 24.11 61.42 1.42
N TYR P 13 24.57 60.67 0.42
CA TYR P 13 24.56 59.20 0.46
C TYR P 13 25.70 58.61 1.27
N PHE P 14 26.89 59.21 1.22
CA PHE P 14 28.07 58.57 1.79
C PHE P 14 28.02 58.50 3.31
N LYS P 15 27.19 59.33 3.95
CA LYS P 15 26.96 59.23 5.37
C LYS P 15 25.53 58.81 5.70
N GLU P 16 24.85 58.16 4.77
CA GLU P 16 23.56 57.54 5.02
C GLU P 16 23.55 56.05 4.78
N GLU P 17 24.15 55.59 3.70
CA GLU P 17 24.25 54.15 3.45
C GLU P 17 25.09 53.43 4.51
N PRO P 18 26.23 53.96 4.97
CA PRO P 18 26.84 53.37 6.16
C PRO P 18 25.95 53.41 7.38
N ILE P 19 25.13 54.45 7.54
CA ILE P 19 24.20 54.49 8.66
C ILE P 19 23.11 53.43 8.51
N ARG P 20 22.63 53.20 7.29
CA ARG P 20 21.65 52.12 7.09
C ARG P 20 22.27 50.74 7.30
N GLU P 21 23.52 50.56 6.88
CA GLU P 21 24.20 49.29 7.15
C GLU P 21 24.42 49.08 8.64
N LEU P 22 24.75 50.14 9.38
CA LEU P 22 24.88 50.04 10.83
C LEU P 22 23.53 49.78 11.49
N HIS P 23 22.45 50.35 10.95
CA HIS P 23 21.10 50.05 11.40
C HIS P 23 20.82 48.56 11.26
N ARG P 24 21.10 48.01 10.07
CA ARG P 24 20.84 46.59 9.84
C ARG P 24 21.69 45.71 10.73
N ALA P 25 22.97 46.05 10.92
CA ALA P 25 23.84 45.27 11.79
C ALA P 25 23.41 45.35 13.26
N LEU P 26 22.97 46.52 13.72
CA LEU P 26 22.53 46.63 15.10
C LEU P 26 21.22 45.90 15.35
N GLU P 27 20.30 45.90 14.37
CA GLU P 27 19.11 45.07 14.51
C GLU P 27 19.46 43.59 14.46
N ARG P 28 20.52 43.23 13.72
CA ARG P 28 21.02 41.86 13.77
C ARG P 28 21.62 41.53 15.13
N LEU P 29 22.16 42.53 15.83
CA LEU P 29 22.70 42.34 17.17
C LEU P 29 21.67 42.58 18.27
N ASN P 30 20.38 42.49 17.94
CA ASN P 30 19.27 42.57 18.91
C ASN P 30 19.23 43.91 19.64
N PHE P 31 19.34 44.99 18.88
CA PHE P 31 19.16 46.34 19.39
C PHE P 31 17.96 46.99 18.72
N GLN P 32 17.02 47.47 19.53
CA GLN P 32 15.94 48.30 19.02
C GLN P 32 16.50 49.65 18.62
N ILE P 33 16.05 50.16 17.48
CA ILE P 33 16.57 51.41 16.92
C ILE P 33 15.44 52.43 16.91
N VAL P 34 15.70 53.59 17.49
CA VAL P 34 14.76 54.70 17.47
C VAL P 34 15.33 55.81 16.62
N TYR P 35 14.44 56.64 16.08
CA TYR P 35 14.80 57.69 15.12
C TYR P 35 14.22 59.03 15.56
N PRO P 36 14.86 59.70 16.52
CA PRO P 36 14.47 61.08 16.83
C PRO P 36 14.75 62.00 15.66
N ASN P 37 13.84 62.95 15.43
CA ASN P 37 13.92 63.78 14.24
C ASN P 37 15.00 64.85 14.35
N ASP P 38 15.15 65.48 15.50
CA ASP P 38 16.14 66.54 15.65
C ASP P 38 16.63 66.55 17.09
N ARG P 39 17.31 67.65 17.47
CA ARG P 39 18.00 67.72 18.75
C ARG P 39 17.05 67.70 19.93
N ASP P 40 16.04 68.57 19.94
CA ASP P 40 15.10 68.63 21.05
C ASP P 40 14.32 67.32 21.17
N ASP P 41 14.08 66.65 20.05
CA ASP P 41 13.50 65.32 20.08
C ASP P 41 14.39 64.36 20.86
N LEU P 42 15.71 64.45 20.68
CA LEU P 42 16.62 63.58 21.43
C LEU P 42 16.62 63.94 22.92
N LEU P 43 16.60 65.23 23.26
CA LEU P 43 16.53 65.64 24.67
C LEU P 43 15.29 65.08 25.36
N LYS P 44 14.12 65.27 24.74
CA LYS P 44 12.89 64.73 25.30
C LYS P 44 12.88 63.20 25.34
N LEU P 45 13.42 62.56 24.31
CA LEU P 45 13.50 61.09 24.28
C LEU P 45 14.36 60.55 25.41
N ILE P 46 15.45 61.24 25.73
CA ILE P 46 16.30 60.77 26.81
C ILE P 46 15.65 61.03 28.17
N GLU P 47 14.98 62.17 28.36
CA GLU P 47 14.42 62.41 29.70
C GLU P 47 13.19 61.53 29.95
N ASN P 48 12.41 61.24 28.92
CA ASN P 48 11.21 60.45 29.11
C ASN P 48 11.48 58.96 29.25
N ASN P 49 12.69 58.51 28.94
CA ASN P 49 13.00 57.09 28.93
C ASN P 49 14.26 56.82 29.76
N ALA P 50 14.51 55.53 29.97
CA ALA P 50 15.74 55.11 30.60
C ALA P 50 16.38 53.91 29.92
N ARG P 51 15.65 53.18 29.08
CA ARG P 51 16.18 52.02 28.39
C ARG P 51 17.13 52.40 27.26
N LEU P 52 17.22 53.67 26.91
CA LEU P 52 18.12 54.10 25.85
C LEU P 52 19.55 53.97 26.32
N CYS P 53 20.39 53.33 25.51
CA CYS P 53 21.76 53.02 25.89
C CYS P 53 22.77 53.46 24.85
N GLY P 54 22.42 54.45 24.03
CA GLY P 54 23.33 54.89 23.01
C GLY P 54 22.70 55.89 22.05
N VAL P 55 23.46 56.92 21.69
CA VAL P 55 23.03 57.90 20.72
C VAL P 55 24.08 57.94 19.62
N ILE P 56 23.64 57.77 18.39
CA ILE P 56 24.50 57.91 17.23
C ILE P 56 24.10 59.20 16.54
N PHE P 57 25.06 60.10 16.35
CA PHE P 57 24.80 61.36 15.70
C PHE P 57 26.00 61.74 14.86
N ASP P 58 25.75 62.59 13.88
CA ASP P 58 26.81 63.12 13.03
C ASP P 58 27.45 64.31 13.73
N TRP P 59 28.78 64.38 13.65
CA TRP P 59 29.53 65.43 14.32
C TRP P 59 29.56 66.73 13.52
N ASP P 60 28.94 66.76 12.34
CA ASP P 60 28.95 68.00 11.57
C ASP P 60 27.74 68.87 11.89
N LYS P 61 26.53 68.35 11.65
CA LYS P 61 25.33 69.16 11.84
C LYS P 61 25.00 69.39 13.30
N TYR P 62 25.50 68.56 14.20
CA TYR P 62 25.25 68.72 15.63
C TYR P 62 26.59 68.85 16.34
N ASN P 63 26.75 69.93 17.08
CA ASN P 63 28.02 70.24 17.71
C ASN P 63 28.17 69.39 18.99
N LEU P 64 29.22 69.64 19.75
CA LEU P 64 29.52 68.86 20.94
C LEU P 64 28.83 69.38 22.19
N GLU P 65 28.06 70.45 22.08
CA GLU P 65 27.23 70.86 23.20
C GLU P 65 26.05 69.90 23.39
N LEU P 66 25.65 69.20 22.33
CA LEU P 66 24.78 68.04 22.44
C LEU P 66 25.62 66.78 22.74
N CYS P 67 26.52 66.96 23.70
CA CYS P 67 27.13 65.86 24.42
C CYS P 67 27.09 66.30 25.87
N GLU P 68 27.25 67.60 26.07
CA GLU P 68 27.25 68.18 27.40
C GLU P 68 25.85 68.22 27.99
N GLU P 69 24.84 68.51 27.17
CA GLU P 69 23.46 68.48 27.68
C GLU P 69 23.06 67.08 28.11
N ILE P 70 23.41 66.07 27.30
CA ILE P 70 23.14 64.69 27.67
C ILE P 70 23.95 64.28 28.90
N SER P 71 25.17 64.82 29.04
CA SER P 71 25.95 64.58 30.24
C SER P 71 25.28 65.15 31.48
N LYS P 72 24.70 66.34 31.38
CA LYS P 72 23.87 66.84 32.48
C LYS P 72 22.65 65.96 32.71
N MET P 73 22.17 65.28 31.67
CA MET P 73 21.05 64.37 31.84
C MET P 73 21.50 63.00 32.32
N ASN P 74 22.59 62.47 31.74
CA ASN P 74 23.14 61.20 32.18
C ASN P 74 24.63 61.19 31.86
N GLU P 75 25.46 61.03 32.89
CA GLU P 75 26.90 61.15 32.71
C GLU P 75 27.49 59.94 31.98
N ASN P 76 26.99 58.75 32.24
CA ASN P 76 27.61 57.53 31.76
C ASN P 76 27.07 57.06 30.42
N LEU P 77 26.13 57.79 29.82
CA LEU P 77 25.49 57.31 28.61
C LEU P 77 26.47 57.34 27.44
N PRO P 78 26.69 56.21 26.77
CA PRO P 78 27.57 56.23 25.60
C PRO P 78 26.88 56.90 24.43
N LEU P 79 27.62 57.75 23.73
CA LEU P 79 27.14 58.37 22.52
C LEU P 79 28.20 58.16 21.45
N TYR P 80 27.78 58.05 20.20
CA TYR P 80 28.70 57.66 19.12
C TYR P 80 28.75 58.75 18.06
N ALA P 81 29.69 59.68 18.19
CA ALA P 81 29.84 60.74 17.19
C ALA P 81 30.51 60.18 15.94
N PHE P 82 30.03 60.60 14.78
CA PHE P 82 30.57 60.16 13.50
C PHE P 82 31.34 61.31 12.88
N ALA P 83 32.64 61.13 12.68
CA ALA P 83 33.52 62.21 12.26
C ALA P 83 33.66 62.21 10.74
N ASN P 84 33.23 63.29 10.10
CA ASN P 84 33.40 63.45 8.66
C ASN P 84 34.24 64.68 8.30
N THR P 85 33.84 65.87 8.72
CA THR P 85 34.41 67.11 8.25
C THR P 85 35.33 67.76 9.27
N TYR P 86 34.90 67.86 10.52
CA TYR P 86 35.78 68.25 11.59
C TYR P 86 36.87 67.20 11.75
N SER P 87 38.10 67.66 11.79
CA SER P 87 39.26 66.80 11.77
C SER P 87 39.56 66.27 13.16
N THR P 88 40.77 65.77 13.38
CA THR P 88 41.20 65.49 14.73
C THR P 88 41.23 66.75 15.57
N LEU P 89 41.66 67.87 14.97
CA LEU P 89 42.01 69.12 15.67
C LEU P 89 40.85 69.80 16.39
N ASP P 90 39.60 69.45 16.10
CA ASP P 90 38.46 70.23 16.56
C ASP P 90 37.84 69.70 17.84
N VAL P 91 38.66 69.20 18.76
CA VAL P 91 38.15 68.56 19.98
C VAL P 91 38.76 69.28 21.19
N SER P 92 37.89 69.69 22.12
CA SER P 92 38.31 70.30 23.37
C SER P 92 38.42 69.24 24.47
N LEU P 93 38.89 69.68 25.65
CA LEU P 93 39.01 68.78 26.78
C LEU P 93 37.66 68.31 27.30
N ASN P 94 36.68 69.21 27.37
CA ASN P 94 35.36 68.85 27.86
C ASN P 94 34.68 67.83 26.96
N ASP P 95 35.01 67.80 25.67
CA ASP P 95 34.53 66.72 24.82
C ASP P 95 35.19 65.40 25.20
N LEU P 96 36.50 65.41 25.45
CA LEU P 96 37.23 64.22 25.85
C LEU P 96 36.81 63.68 27.22
N ARG P 97 36.21 64.50 28.07
CA ARG P 97 35.79 64.01 29.36
C ARG P 97 34.40 63.37 29.32
N LEU P 98 33.79 63.33 28.13
CA LEU P 98 32.45 62.78 28.01
C LEU P 98 32.50 61.37 27.43
N GLN P 99 31.39 60.66 27.57
CA GLN P 99 31.26 59.31 27.02
C GLN P 99 30.85 59.39 25.55
N ILE P 100 31.83 59.66 24.69
CA ILE P 100 31.62 59.67 23.25
C ILE P 100 32.66 58.70 22.71
N SER P 101 32.32 57.91 21.69
CA SER P 101 33.32 57.17 20.93
C SER P 101 33.18 57.55 19.46
N PHE P 102 34.29 57.97 18.85
CA PHE P 102 34.27 58.52 17.49
C PHE P 102 34.36 57.40 16.46
N PHE P 103 33.62 57.55 15.36
CA PHE P 103 33.64 56.62 14.25
C PHE P 103 33.74 57.39 12.93
N GLU P 104 33.77 56.64 11.83
CA GLU P 104 33.90 57.20 10.49
C GLU P 104 32.85 56.60 9.58
N TYR P 105 32.65 57.26 8.44
CA TYR P 105 31.67 56.83 7.44
C TYR P 105 32.37 56.02 6.36
N ALA P 106 32.37 54.70 6.51
CA ALA P 106 32.97 53.82 5.53
C ALA P 106 31.98 52.75 5.12
N LEU P 107 31.90 52.49 3.82
CA LEU P 107 31.01 51.46 3.30
C LEU P 107 31.57 50.08 3.59
N GLY P 108 30.71 49.20 4.09
CA GLY P 108 31.08 47.84 4.37
C GLY P 108 31.78 47.62 5.71
N ALA P 109 32.00 48.68 6.48
CA ALA P 109 32.65 48.57 7.78
C ALA P 109 31.64 48.61 8.92
N ALA P 110 30.37 48.31 8.64
CA ALA P 110 29.34 48.39 9.66
C ALA P 110 29.42 47.25 10.67
N GLU P 111 30.04 46.13 10.30
CA GLU P 111 30.12 45.00 11.24
C GLU P 111 31.03 45.30 12.42
N ASP P 112 32.21 45.85 12.15
CA ASP P 112 33.13 46.20 13.23
C ASP P 112 32.58 47.34 14.08
N ILE P 113 31.90 48.31 13.45
CA ILE P 113 31.28 49.40 14.19
C ILE P 113 30.18 48.87 15.10
N ALA P 114 29.35 47.95 14.60
CA ALA P 114 28.30 47.38 15.42
C ALA P 114 28.85 46.53 16.55
N ASN P 115 29.94 45.79 16.31
CA ASN P 115 30.58 45.04 17.39
C ASN P 115 31.15 45.96 18.44
N LYS P 116 31.77 47.07 18.03
CA LYS P 116 32.27 48.05 19.00
C LYS P 116 31.13 48.70 19.78
N ILE P 117 29.99 48.93 19.11
CA ILE P 117 28.82 49.51 19.80
C ILE P 117 28.27 48.53 20.83
N LYS P 118 28.21 47.24 20.47
CA LYS P 118 27.75 46.22 21.42
C LYS P 118 28.70 46.12 22.61
N GLN P 119 30.02 46.16 22.35
CA GLN P 119 30.99 46.14 23.44
C GLN P 119 30.89 47.37 24.33
N THR P 120 30.66 48.54 23.74
CA THR P 120 30.51 49.76 24.53
C THR P 120 29.24 49.72 25.38
N THR P 121 28.16 49.17 24.84
CA THR P 121 26.93 49.00 25.61
C THR P 121 27.15 48.02 26.77
N ASP P 122 27.89 46.93 26.52
CA ASP P 122 28.21 46.00 27.60
C ASP P 122 29.05 46.66 28.67
N GLU P 123 30.03 47.48 28.28
CA GLU P 123 30.82 48.23 29.24
C GLU P 123 29.96 49.20 30.04
N TYR P 124 28.99 49.85 29.40
CA TYR P 124 28.09 50.77 30.08
C TYR P 124 27.24 50.04 31.11
N ILE P 125 26.71 48.87 30.73
CA ILE P 125 25.90 48.08 31.65
C ILE P 125 26.74 47.60 32.83
N ASN P 126 27.96 47.12 32.56
CA ASN P 126 28.84 46.67 33.63
C ASN P 126 29.45 47.83 34.40
N THR P 127 29.29 49.06 33.93
CA THR P 127 29.75 50.23 34.67
C THR P 127 28.69 50.74 35.63
N ILE P 128 27.46 50.92 35.16
CA ILE P 128 26.43 51.49 36.02
C ILE P 128 25.88 50.49 37.04
N LEU P 129 26.07 49.19 36.82
CA LEU P 129 25.52 48.22 37.74
C LEU P 129 26.36 48.13 39.01
N PRO P 130 25.73 47.94 40.17
CA PRO P 130 26.50 47.68 41.39
C PRO P 130 27.09 46.29 41.34
N PRO P 131 28.17 46.02 42.08
CA PRO P 131 28.93 44.77 41.87
C PRO P 131 28.17 43.49 42.20
N LEU P 132 27.40 43.47 43.28
CA LEU P 132 26.70 42.22 43.62
C LEU P 132 25.53 41.95 42.67
N THR P 133 24.80 42.99 42.27
CA THR P 133 23.76 42.80 41.26
C THR P 133 24.37 42.40 39.93
N LYS P 134 25.54 42.95 39.59
CA LYS P 134 26.27 42.56 38.40
C LYS P 134 26.63 41.08 38.44
N ALA P 135 27.16 40.62 39.58
CA ALA P 135 27.53 39.23 39.72
C ALA P 135 26.33 38.30 39.73
N LEU P 136 25.20 38.72 40.32
CA LEU P 136 24.00 37.92 40.30
C LEU P 136 23.43 37.80 38.89
N PHE P 137 23.42 38.90 38.14
CA PHE P 137 22.99 38.87 36.75
C PHE P 137 23.89 37.98 35.91
N LYS P 138 25.20 38.06 36.15
CA LYS P 138 26.16 37.20 35.44
C LYS P 138 25.91 35.73 35.76
N TYR P 139 25.67 35.41 37.04
CA TYR P 139 25.41 34.04 37.44
C TYR P 139 24.14 33.48 36.82
N VAL P 140 23.09 34.30 36.77
CA VAL P 140 21.85 33.84 36.14
C VAL P 140 22.03 33.67 34.63
N ARG P 141 22.80 34.57 34.00
CA ARG P 141 23.06 34.45 32.56
C ARG P 141 23.86 33.21 32.22
N GLU P 142 24.81 32.81 33.07
CA GLU P 142 25.56 31.58 32.87
C GLU P 142 24.89 30.40 33.58
N GLY P 143 23.56 30.44 33.69
CA GLY P 143 22.76 29.61 34.57
C GLY P 143 23.09 28.14 34.63
N LYS P 144 23.57 27.72 35.79
CA LYS P 144 24.07 26.38 36.02
C LYS P 144 23.04 25.57 36.78
N TYR P 145 23.07 24.25 36.57
CA TYR P 145 22.26 23.35 37.36
C TYR P 145 22.72 23.37 38.81
N THR P 146 21.79 23.13 39.72
CA THR P 146 22.13 23.17 41.13
C THR P 146 21.46 22.01 41.86
N PHE P 147 22.12 21.53 42.90
CA PHE P 147 21.61 20.46 43.75
C PHE P 147 21.53 20.91 45.19
N CYS P 148 21.36 22.19 45.42
CA CYS P 148 21.37 22.78 46.75
C CYS P 148 20.08 23.52 47.02
N THR P 149 19.96 24.02 48.24
CA THR P 149 18.84 24.87 48.59
C THR P 149 18.93 26.19 47.82
N PRO P 150 17.81 26.79 47.41
CA PRO P 150 16.40 26.45 47.60
C PRO P 150 15.91 25.27 46.77
N GLY P 151 14.76 24.72 47.15
CA GLY P 151 14.28 23.50 46.54
C GLY P 151 13.78 23.63 45.12
N HIS P 152 13.38 24.82 44.70
CA HIS P 152 12.90 24.96 43.33
C HIS P 152 14.04 24.89 42.32
N MET P 153 15.25 25.30 42.74
CA MET P 153 16.49 25.12 41.97
C MET P 153 16.41 25.77 40.59
N GLY P 154 16.29 27.09 40.60
CA GLY P 154 16.10 27.80 39.36
C GLY P 154 14.68 27.81 38.86
N GLY P 155 13.71 27.49 39.71
CA GLY P 155 12.32 27.50 39.34
C GLY P 155 11.87 26.31 38.52
N THR P 156 12.67 25.25 38.44
CA THR P 156 12.31 24.07 37.68
C THR P 156 11.36 23.14 38.42
N ALA P 157 11.07 23.43 39.69
CA ALA P 157 9.97 22.76 40.37
C ALA P 157 8.62 23.36 40.03
N PHE P 158 8.58 24.65 39.73
CA PHE P 158 7.36 25.31 39.29
C PHE P 158 6.99 25.01 37.85
N GLN P 159 7.88 24.40 37.08
CA GLN P 159 7.56 24.03 35.71
C GLN P 159 6.89 22.67 35.63
N LYS P 160 6.60 22.04 36.77
CA LYS P 160 6.05 20.68 36.77
C LYS P 160 4.80 20.57 37.64
N SER P 161 4.05 21.66 37.81
CA SER P 161 2.81 21.63 38.57
C SER P 161 1.89 22.70 38.03
N PRO P 162 0.57 22.46 38.01
CA PRO P 162 -0.34 23.46 37.43
C PRO P 162 -0.37 24.78 38.18
N VAL P 163 -0.60 24.75 39.49
CA VAL P 163 -0.53 25.98 40.27
C VAL P 163 0.91 26.50 40.30
N GLY P 164 1.88 25.60 40.31
CA GLY P 164 3.26 26.02 40.18
C GLY P 164 3.54 26.67 38.84
N SER P 165 2.92 26.17 37.77
CA SER P 165 3.10 26.81 36.48
C SER P 165 2.41 28.16 36.40
N LEU P 166 1.29 28.33 37.11
CA LEU P 166 0.67 29.65 37.20
C LEU P 166 1.59 30.62 37.91
N PHE P 167 2.20 30.18 39.01
CA PHE P 167 3.15 31.02 39.73
C PHE P 167 4.35 31.38 38.86
N TYR P 168 4.89 30.40 38.13
CA TYR P 168 6.02 30.61 37.25
C TYR P 168 5.70 31.54 36.09
N ASP P 169 4.53 31.37 35.47
CA ASP P 169 4.12 32.27 34.40
C ASP P 169 3.83 33.68 34.90
N PHE P 170 3.39 33.83 36.15
CA PHE P 170 3.22 35.17 36.68
C PHE P 170 4.58 35.84 36.91
N PHE P 171 5.45 35.20 37.70
CA PHE P 171 6.68 35.87 38.09
C PHE P 171 7.69 35.94 36.95
N GLY P 172 7.80 34.89 36.15
CA GLY P 172 8.75 34.87 35.06
C GLY P 172 10.04 34.22 35.49
N PRO P 173 10.86 33.79 34.53
CA PRO P 173 11.97 32.87 34.85
C PRO P 173 13.13 33.51 35.59
N ASN P 174 13.42 34.78 35.27
CA ASN P 174 14.62 35.43 35.80
C ASN P 174 14.54 35.68 37.29
N THR P 175 13.34 35.88 37.83
CA THR P 175 13.21 36.03 39.27
C THR P 175 13.07 34.70 39.99
N MET P 176 12.99 33.59 39.25
CA MET P 176 13.11 32.28 39.87
C MET P 176 14.57 31.83 39.92
N LYS P 177 15.31 32.05 38.83
CA LYS P 177 16.73 31.73 38.83
C LYS P 177 17.54 32.63 39.74
N SER P 178 17.04 33.83 40.06
CA SER P 178 17.77 34.76 40.91
C SER P 178 17.70 34.40 42.37
N ASP P 179 16.91 33.40 42.75
CA ASP P 179 16.81 32.98 44.14
C ASP P 179 17.72 31.79 44.35
N ILE P 180 18.88 32.03 44.97
CA ILE P 180 19.84 31.00 45.31
C ILE P 180 20.26 31.18 46.76
N SER P 181 21.20 30.35 47.21
CA SER P 181 21.63 30.40 48.60
C SER P 181 23.14 30.55 48.71
N ILE P 182 23.66 30.44 49.94
CA ILE P 182 25.08 30.64 50.20
C ILE P 182 25.96 29.51 49.67
N SER P 183 25.36 28.42 49.19
CA SER P 183 26.13 27.32 48.63
C SER P 183 26.83 27.71 47.33
N VAL P 184 26.31 28.70 46.62
CA VAL P 184 26.99 29.24 45.44
C VAL P 184 28.15 30.10 45.93
N SER P 185 29.36 29.55 45.85
CA SER P 185 30.50 30.16 46.53
C SER P 185 31.00 31.42 45.84
N GLU P 186 30.66 31.64 44.58
CA GLU P 186 31.21 32.79 43.85
C GLU P 186 30.51 34.09 44.21
N LEU P 187 29.37 34.06 44.87
CA LEU P 187 28.70 35.27 45.30
C LEU P 187 29.00 35.64 46.75
N GLY P 188 29.88 34.89 47.41
CA GLY P 188 30.17 35.18 48.80
C GLY P 188 29.00 34.82 49.70
N SER P 189 28.89 35.56 50.80
CA SER P 189 27.81 35.33 51.75
C SER P 189 27.51 36.63 52.48
N LEU P 190 26.21 36.91 52.66
CA LEU P 190 25.80 38.10 53.40
C LEU P 190 26.23 38.01 54.86
N LEU P 191 26.14 36.83 55.44
CA LEU P 191 26.37 36.66 56.88
C LEU P 191 27.82 36.90 57.26
N ASP P 192 28.76 36.46 56.43
CA ASP P 192 30.18 36.59 56.74
C ASP P 192 30.82 37.82 56.12
N HIS P 193 30.07 38.58 55.30
CA HIS P 193 30.53 39.80 54.64
C HIS P 193 31.78 39.52 53.80
N SER P 194 31.61 38.70 52.78
CA SER P 194 32.72 38.23 51.96
C SER P 194 32.41 38.41 50.48
N GLY P 195 33.46 38.70 49.72
CA GLY P 195 33.38 38.75 48.27
C GLY P 195 32.48 39.86 47.74
N PRO P 196 31.59 39.49 46.83
CA PRO P 196 30.65 40.48 46.26
C PRO P 196 29.76 41.12 47.30
N HIS P 197 29.38 40.40 48.35
CA HIS P 197 28.65 41.02 49.44
C HIS P 197 29.47 42.11 50.11
N LYS P 198 30.74 41.83 50.45
CA LYS P 198 31.56 42.83 51.14
C LYS P 198 31.79 44.06 50.27
N GLU P 199 32.00 43.86 48.97
CA GLU P 199 32.02 44.99 48.05
C GLU P 199 30.71 45.74 48.06
N ALA P 200 29.58 45.03 48.21
CA ALA P 200 28.30 45.72 48.28
C ALA P 200 28.16 46.57 49.54
N GLU P 201 28.53 46.05 50.72
CA GLU P 201 28.41 46.91 51.90
C GLU P 201 29.40 48.08 51.86
N GLN P 202 30.58 47.89 51.28
CA GLN P 202 31.45 49.04 51.13
C GLN P 202 30.88 50.07 50.16
N TYR P 203 30.20 49.60 49.10
CA TYR P 203 29.53 50.49 48.16
C TYR P 203 28.41 51.28 48.83
N ILE P 204 27.62 50.61 49.66
CA ILE P 204 26.58 51.26 50.45
C ILE P 204 27.19 52.28 51.41
N ALA P 205 28.33 51.94 52.00
CA ALA P 205 29.02 52.87 52.90
C ALA P 205 29.47 54.14 52.18
N ARG P 206 29.98 54.02 50.96
CA ARG P 206 30.37 55.25 50.24
C ARG P 206 29.08 56.02 50.03
N VAL P 207 28.12 55.39 49.40
CA VAL P 207 27.00 56.16 48.85
C VAL P 207 26.34 57.02 49.92
N PHE P 208 26.03 56.44 51.08
CA PHE P 208 25.22 57.08 52.11
C PHE P 208 26.01 57.88 53.12
N ASN P 209 27.32 58.06 52.90
CA ASN P 209 28.21 58.79 53.81
C ASN P 209 28.17 58.21 55.22
N ALA P 210 28.58 56.94 55.32
CA ALA P 210 28.64 56.24 56.59
C ALA P 210 29.93 55.45 56.66
N ASP P 211 30.36 55.17 57.89
CA ASP P 211 31.60 54.42 58.08
C ASP P 211 31.38 52.95 57.72
N ARG P 212 30.50 52.27 58.44
CA ARG P 212 30.16 50.89 58.17
C ARG P 212 28.66 50.83 57.91
N SER P 213 28.26 50.23 56.80
CA SER P 213 26.87 50.13 56.44
C SER P 213 26.48 48.67 56.32
N TYR P 214 25.31 48.32 56.85
CA TYR P 214 24.82 46.95 56.78
C TYR P 214 23.56 46.91 55.92
N MET P 215 23.20 45.70 55.48
CA MET P 215 22.08 45.50 54.56
C MET P 215 21.18 44.41 55.15
N VAL P 216 20.19 44.83 55.94
CA VAL P 216 19.30 43.89 56.63
C VAL P 216 18.29 43.35 55.63
N THR P 217 17.96 42.07 55.75
CA THR P 217 17.07 41.41 54.81
C THR P 217 15.70 41.07 55.41
N ASN P 218 15.44 41.43 56.66
CA ASN P 218 14.10 41.31 57.22
C ASN P 218 13.37 42.64 57.25
N GLY P 219 14.08 43.73 57.48
CA GLY P 219 13.49 45.05 57.54
C GLY P 219 14.00 45.83 58.72
N THR P 220 13.64 47.11 58.73
CA THR P 220 14.08 47.97 59.82
C THR P 220 13.40 47.63 61.13
N SER P 221 12.29 46.87 61.09
CA SER P 221 11.76 46.27 62.29
C SER P 221 12.76 45.31 62.94
N THR P 222 13.67 44.75 62.14
CA THR P 222 14.76 43.93 62.67
C THR P 222 16.03 44.75 62.86
N ALA P 223 16.22 45.80 62.06
CA ALA P 223 17.39 46.66 62.23
C ALA P 223 17.35 47.41 63.55
N ASN P 224 16.16 47.87 63.97
CA ASN P 224 16.01 48.48 65.29
C ASN P 224 16.38 47.50 66.38
N LYS P 225 15.98 46.24 66.21
CA LYS P 225 16.32 45.19 67.16
C LYS P 225 17.82 44.98 67.22
N ILE P 226 18.49 44.98 66.08
CA ILE P 226 19.94 44.79 66.03
C ILE P 226 20.65 45.92 66.76
N VAL P 227 20.26 47.17 66.47
CA VAL P 227 20.91 48.32 67.06
C VAL P 227 20.66 48.37 68.57
N GLY P 228 19.41 48.18 68.99
CA GLY P 228 19.10 48.22 70.40
C GLY P 228 19.51 47.01 71.20
N MET P 229 19.85 45.90 70.55
CA MET P 229 20.46 44.79 71.26
C MET P 229 21.97 44.89 71.31
N TYR P 230 22.60 45.60 70.37
CA TYR P 230 24.03 45.84 70.52
C TYR P 230 24.31 46.93 71.53
N SER P 231 23.75 48.12 71.30
CA SER P 231 24.13 49.29 72.07
C SER P 231 23.52 49.34 73.46
N ALA P 232 22.46 48.58 73.72
CA ALA P 232 21.76 48.61 75.00
C ALA P 232 21.78 47.22 75.61
N PRO P 233 22.79 46.91 76.43
CA PRO P 233 22.80 45.63 77.13
C PRO P 233 21.71 45.57 78.19
N ALA P 234 21.44 44.35 78.65
CA ALA P 234 20.41 44.14 79.65
C ALA P 234 20.81 44.75 80.98
N GLY P 235 19.83 45.31 81.68
CA GLY P 235 20.08 46.04 82.91
C GLY P 235 20.42 47.49 82.72
N SER P 236 20.61 47.94 81.49
CA SER P 236 20.91 49.33 81.20
C SER P 236 19.60 50.09 80.98
N THR P 237 19.71 51.31 80.44
CA THR P 237 18.58 52.21 80.33
C THR P 237 18.63 52.91 78.98
N ILE P 238 17.47 53.14 78.36
CA ILE P 238 17.39 53.75 77.05
C ILE P 238 16.49 54.97 77.11
N LEU P 239 16.67 55.86 76.14
CA LEU P 239 15.82 57.02 75.92
C LEU P 239 15.07 56.78 74.61
N ILE P 240 13.89 56.19 74.71
CA ILE P 240 13.10 55.82 73.54
C ILE P 240 12.01 56.87 73.33
N ASP P 241 11.87 57.31 72.09
CA ASP P 241 10.77 58.18 71.71
C ASP P 241 9.44 57.49 71.96
N ARG P 242 8.48 58.23 72.53
CA ARG P 242 7.13 57.71 72.62
C ARG P 242 6.51 57.54 71.23
N ASN P 243 6.83 58.44 70.31
CA ASN P 243 6.50 58.25 68.91
C ASN P 243 7.43 57.19 68.34
N CYS P 244 7.15 55.93 68.64
CA CYS P 244 7.99 54.82 68.24
C CYS P 244 7.19 53.88 67.35
N HIS P 245 7.84 52.82 66.93
CA HIS P 245 7.19 51.76 66.17
C HIS P 245 6.86 50.60 67.10
N LYS P 246 6.05 49.67 66.59
CA LYS P 246 5.78 48.44 67.32
C LYS P 246 7.06 47.64 67.53
N SER P 247 8.01 47.76 66.59
CA SER P 247 9.25 47.02 66.66
C SER P 247 10.11 47.42 67.85
N LEU P 248 10.10 48.71 68.21
CA LEU P 248 10.88 49.13 69.37
C LEU P 248 10.26 48.61 70.67
N THR P 249 8.92 48.54 70.74
CA THR P 249 8.26 47.93 71.87
C THR P 249 8.61 46.46 71.97
N HIS P 250 8.62 45.77 70.82
CA HIS P 250 9.02 44.37 70.78
C HIS P 250 10.46 44.17 71.22
N LEU P 251 11.35 45.08 70.82
CA LEU P 251 12.73 45.06 71.29
C LEU P 251 12.82 45.21 72.79
N MET P 252 12.07 46.16 73.35
CA MET P 252 12.08 46.37 74.79
C MET P 252 11.49 45.19 75.56
N MET P 253 10.58 44.44 74.95
CA MET P 253 10.09 43.23 75.59
C MET P 253 11.07 42.06 75.48
N MET P 254 11.90 42.02 74.43
CA MET P 254 12.91 40.97 74.40
C MET P 254 14.03 41.23 75.40
N SER P 255 14.50 42.47 75.47
CA SER P 255 15.69 42.80 76.26
C SER P 255 15.33 43.37 77.61
N ASP P 256 16.17 43.08 78.61
CA ASP P 256 15.95 43.55 79.98
C ASP P 256 16.48 44.98 80.12
N VAL P 257 15.72 45.92 79.57
CA VAL P 257 16.07 47.33 79.59
C VAL P 257 14.97 48.11 80.30
N THR P 258 15.25 49.39 80.54
CA THR P 258 14.35 50.27 81.27
C THR P 258 14.20 51.58 80.49
N PRO P 259 12.98 52.07 80.28
CA PRO P 259 12.81 53.30 79.50
C PRO P 259 12.67 54.58 80.33
N ILE P 260 13.14 55.67 79.74
CA ILE P 260 12.54 56.98 79.89
C ILE P 260 11.95 57.37 78.55
N TYR P 261 10.66 57.65 78.54
CA TYR P 261 9.97 57.98 77.30
C TYR P 261 10.05 59.49 77.07
N PHE P 262 10.50 59.87 75.87
CA PHE P 262 10.37 61.24 75.44
C PHE P 262 8.90 61.59 75.25
N ARG P 263 8.60 62.88 75.29
CA ARG P 263 7.21 63.34 75.25
C ARG P 263 6.98 64.25 74.05
N PRO P 264 6.58 63.70 72.90
CA PRO P 264 6.34 64.52 71.72
C PRO P 264 5.08 65.36 71.85
N THR P 265 5.03 66.42 71.06
CA THR P 265 3.87 67.27 70.97
C THR P 265 2.94 66.78 69.86
N ARG P 266 1.73 67.34 69.82
CA ARG P 266 0.75 66.98 68.80
C ARG P 266 -0.28 68.09 68.68
N ASN P 267 -0.92 68.12 67.52
CA ASN P 267 -1.97 69.09 67.23
C ASN P 267 -3.34 68.43 67.39
N ALA P 268 -4.39 69.19 67.11
CA ALA P 268 -5.74 68.67 67.18
C ALA P 268 -6.06 67.69 66.05
N TYR P 269 -5.30 67.74 64.96
CA TYR P 269 -5.53 66.82 63.84
C TYR P 269 -5.20 65.39 64.22
N GLY P 270 -4.29 65.19 65.17
CA GLY P 270 -3.77 63.88 65.50
C GLY P 270 -2.42 63.61 64.90
N ILE P 271 -1.80 64.58 64.25
CA ILE P 271 -0.47 64.41 63.67
C ILE P 271 0.53 64.39 64.81
N LEU P 272 1.36 63.34 64.85
CA LEU P 272 2.38 63.22 65.87
C LEU P 272 3.51 64.20 65.56
N GLY P 273 3.62 65.24 66.37
CA GLY P 273 4.67 66.21 66.19
C GLY P 273 5.99 65.72 66.76
N GLY P 274 6.69 66.58 67.49
CA GLY P 274 7.98 66.20 67.99
C GLY P 274 8.28 66.56 69.42
N ILE P 275 9.40 66.04 69.90
CA ILE P 275 9.82 66.29 71.28
C ILE P 275 10.32 67.73 71.38
N PRO P 276 9.94 68.48 72.42
CA PRO P 276 10.49 69.83 72.58
C PRO P 276 11.99 69.79 72.87
N GLN P 277 12.62 70.96 72.72
CA GLN P 277 14.05 71.08 72.95
C GLN P 277 14.44 70.85 74.40
N SER P 278 13.50 71.01 75.33
CA SER P 278 13.82 70.89 76.75
C SER P 278 14.13 69.45 77.15
N GLU P 279 13.59 68.47 76.42
CA GLU P 279 13.73 67.07 76.79
C GLU P 279 14.92 66.40 76.10
N PHE P 280 15.93 67.17 75.70
CA PHE P 280 17.18 66.58 75.25
C PHE P 280 18.38 67.06 76.03
N GLN P 281 18.19 67.89 77.05
CA GLN P 281 19.27 68.43 77.83
C GLN P 281 19.51 67.55 79.05
N HIS P 282 20.57 67.84 79.79
CA HIS P 282 20.96 66.98 80.90
C HIS P 282 20.02 67.09 82.09
N ALA P 283 19.40 68.25 82.30
CA ALA P 283 18.59 68.47 83.49
C ALA P 283 17.34 67.60 83.49
N THR P 284 16.57 67.64 82.39
CA THR P 284 15.34 66.87 82.33
C THR P 284 15.60 65.37 82.26
N ILE P 285 16.68 64.97 81.58
CA ILE P 285 17.03 63.56 81.52
C ILE P 285 17.46 63.05 82.88
N ALA P 286 18.26 63.83 83.61
CA ALA P 286 18.65 63.43 84.97
C ALA P 286 17.45 63.39 85.91
N LYS P 287 16.53 64.33 85.77
CA LYS P 287 15.31 64.31 86.59
C LYS P 287 14.49 63.05 86.32
N ARG P 288 14.21 62.77 85.04
CA ARG P 288 13.43 61.58 84.68
C ARG P 288 14.14 60.28 85.02
N VAL P 289 15.48 60.28 85.06
CA VAL P 289 16.20 59.16 85.63
C VAL P 289 15.92 59.05 87.12
N LYS P 290 15.91 60.19 87.83
CA LYS P 290 15.77 60.19 89.28
C LYS P 290 14.41 59.66 89.73
N GLU P 291 13.33 60.05 89.05
CA GLU P 291 12.03 59.50 89.42
C GLU P 291 11.62 58.29 88.59
N THR P 292 12.59 57.47 88.15
CA THR P 292 12.27 56.17 87.58
C THR P 292 12.95 55.08 88.39
N PRO P 293 12.20 54.10 88.90
CA PRO P 293 12.81 53.04 89.70
C PRO P 293 13.75 52.17 88.87
N ASN P 294 14.83 51.72 89.53
CA ASN P 294 15.84 50.84 88.95
C ASN P 294 16.47 51.42 87.69
N ALA P 295 16.64 52.74 87.64
CA ALA P 295 17.11 53.42 86.45
C ALA P 295 18.46 54.07 86.70
N THR P 296 19.35 53.96 85.72
CA THR P 296 20.65 54.58 85.75
C THR P 296 20.75 55.56 84.58
N TRP P 297 21.95 56.08 84.34
CA TRP P 297 22.16 56.99 83.22
C TRP P 297 21.96 56.24 81.91
N PRO P 298 21.19 56.79 80.97
CA PRO P 298 20.91 56.08 79.72
C PRO P 298 22.16 55.89 78.89
N VAL P 299 22.29 54.70 78.30
CA VAL P 299 23.43 54.37 77.45
C VAL P 299 23.07 54.33 75.98
N HIS P 300 21.83 54.62 75.63
CA HIS P 300 21.40 54.61 74.24
C HIS P 300 20.13 55.45 74.11
N ALA P 301 19.95 56.04 72.94
CA ALA P 301 18.77 56.84 72.66
C ALA P 301 18.24 56.51 71.28
N VAL P 302 16.92 56.37 71.17
CA VAL P 302 16.26 56.04 69.90
C VAL P 302 15.26 57.14 69.60
N ILE P 303 15.37 57.74 68.42
CA ILE P 303 14.56 58.88 68.01
C ILE P 303 14.00 58.60 66.62
N THR P 304 12.70 58.80 66.45
CA THR P 304 12.06 58.58 65.15
C THR P 304 12.22 59.83 64.31
N ASN P 305 13.20 59.82 63.40
CA ASN P 305 13.54 60.96 62.55
C ASN P 305 13.47 60.55 61.09
N SER P 306 12.41 60.94 60.38
CA SER P 306 11.40 61.86 60.85
C SER P 306 10.26 61.13 61.53
N THR P 307 9.18 61.85 61.80
CA THR P 307 7.98 61.22 62.32
C THR P 307 7.26 60.54 61.17
N TYR P 308 6.08 59.98 61.45
CA TYR P 308 5.28 59.35 60.42
C TYR P 308 4.81 60.38 59.39
N ASP P 309 4.55 61.61 59.81
CA ASP P 309 4.07 62.66 58.92
C ASP P 309 5.20 63.54 58.38
N GLY P 310 6.44 63.06 58.45
CA GLY P 310 7.54 63.75 57.79
C GLY P 310 7.94 65.06 58.42
N LEU P 311 8.26 65.03 59.72
CA LEU P 311 8.77 66.20 60.43
C LEU P 311 10.19 65.89 60.88
N LEU P 312 11.16 66.40 60.13
CA LEU P 312 12.56 66.21 60.45
C LEU P 312 12.93 67.03 61.68
N TYR P 313 14.04 66.65 62.31
CA TYR P 313 14.51 67.35 63.49
C TYR P 313 15.76 68.15 63.13
N ASN P 314 16.10 69.09 64.00
CA ASN P 314 17.42 69.72 63.92
C ASN P 314 18.38 68.78 64.62
N THR P 315 18.89 67.82 63.86
CA THR P 315 19.70 66.75 64.40
C THR P 315 21.08 67.21 64.86
N ASP P 316 21.56 68.37 64.41
CA ASP P 316 22.83 68.87 64.92
C ASP P 316 22.70 69.28 66.38
N PHE P 317 21.58 69.89 66.74
CA PHE P 317 21.23 70.15 68.14
C PHE P 317 21.23 68.86 68.95
N ILE P 318 20.65 67.80 68.38
CA ILE P 318 20.53 66.53 69.09
C ILE P 318 21.90 65.90 69.30
N LYS P 319 22.70 65.84 68.25
CA LYS P 319 24.03 65.25 68.34
C LYS P 319 25.00 66.10 69.14
N LYS P 320 24.70 67.38 69.36
CA LYS P 320 25.55 68.18 70.24
C LYS P 320 25.14 68.08 71.71
N THR P 321 23.85 68.09 72.00
CA THR P 321 23.42 68.28 73.38
C THR P 321 22.91 67.01 74.07
N LEU P 322 22.47 66.00 73.33
CA LEU P 322 22.05 64.76 73.96
C LEU P 322 23.28 64.02 74.46
N ASP P 323 23.43 63.94 75.77
CA ASP P 323 24.67 63.46 76.38
C ASP P 323 24.64 61.95 76.63
N VAL P 324 24.35 61.17 75.59
CA VAL P 324 24.41 59.73 75.67
C VAL P 324 25.48 59.24 74.69
N LYS P 325 25.95 58.01 74.92
CA LYS P 325 27.08 57.48 74.17
C LYS P 325 26.68 56.89 72.83
N SER P 326 25.39 56.79 72.53
CA SER P 326 24.94 56.28 71.24
C SER P 326 23.54 56.81 70.97
N ILE P 327 23.38 57.51 69.86
CA ILE P 327 22.10 58.07 69.45
C ILE P 327 21.65 57.33 68.21
N HIS P 328 20.47 56.72 68.27
CA HIS P 328 19.90 56.01 67.13
C HIS P 328 18.75 56.80 66.55
N PHE P 329 18.77 56.96 65.22
CA PHE P 329 17.70 57.63 64.49
C PHE P 329 16.95 56.57 63.71
N ASP P 330 15.69 56.34 64.04
CA ASP P 330 14.87 55.36 63.34
C ASP P 330 14.32 56.03 62.09
N SER P 331 15.20 56.18 61.10
CA SER P 331 14.86 56.91 59.89
C SER P 331 14.21 55.99 58.85
N ALA P 332 13.13 55.35 59.28
CA ALA P 332 12.41 54.47 58.37
C ALA P 332 11.72 55.22 57.25
N TRP P 333 11.24 56.44 57.52
CA TRP P 333 10.52 57.21 56.51
C TRP P 333 11.39 58.22 55.77
N VAL P 334 12.65 58.39 56.16
CA VAL P 334 13.53 59.31 55.44
C VAL P 334 14.80 58.54 55.08
N PRO P 335 14.81 57.73 54.01
CA PRO P 335 16.05 57.07 53.61
C PRO P 335 16.82 57.82 52.52
N TYR P 336 16.19 58.81 51.91
CA TYR P 336 16.72 59.50 50.73
C TYR P 336 17.54 60.72 51.08
N THR P 337 18.08 60.79 52.29
CA THR P 337 18.55 62.05 52.84
C THR P 337 19.76 62.63 52.14
N ASN P 338 20.75 61.80 51.80
CA ASN P 338 22.03 62.27 51.28
C ASN P 338 21.91 62.86 49.88
N PHE P 339 20.81 62.59 49.18
CA PHE P 339 20.76 62.79 47.74
C PHE P 339 20.13 64.11 47.33
N SER P 340 19.91 65.01 48.27
CA SER P 340 19.57 66.38 47.95
C SER P 340 20.06 67.23 49.10
N PRO P 341 20.76 68.34 48.83
CA PRO P 341 21.23 69.21 49.92
C PRO P 341 20.14 69.97 50.64
N ILE P 342 18.88 69.75 50.28
CA ILE P 342 17.76 70.27 51.06
C ILE P 342 17.80 69.70 52.47
N TYR P 343 18.13 68.42 52.59
CA TYR P 343 18.11 67.71 53.86
C TYR P 343 19.44 67.77 54.62
N GLU P 344 20.26 68.78 54.36
CA GLU P 344 21.50 68.93 55.11
C GLU P 344 21.19 69.29 56.56
N GLY P 345 21.90 68.64 57.49
CA GLY P 345 21.62 68.85 58.89
C GLY P 345 20.30 68.27 59.35
N LYS P 346 19.84 67.19 58.72
CA LYS P 346 18.54 66.60 59.02
C LYS P 346 18.56 65.07 58.99
N CYS P 347 19.68 64.45 59.34
CA CYS P 347 19.73 63.01 59.55
C CYS P 347 20.90 62.70 60.46
N GLY P 348 20.99 61.42 60.86
CA GLY P 348 22.12 60.98 61.64
C GLY P 348 23.44 61.10 60.90
N MET P 349 23.43 60.85 59.58
CA MET P 349 24.64 60.92 58.78
C MET P 349 24.95 62.32 58.29
N SER P 350 24.10 63.30 58.60
CA SER P 350 24.42 64.68 58.27
C SER P 350 25.57 65.17 59.12
N GLY P 351 26.45 65.94 58.51
CA GLY P 351 27.63 66.42 59.20
C GLY P 351 28.68 65.34 59.31
N GLY P 352 29.73 65.67 60.06
CA GLY P 352 30.87 64.79 60.20
C GLY P 352 30.71 63.80 61.33
N ARG P 353 31.79 63.08 61.61
CA ARG P 353 31.84 62.12 62.69
C ARG P 353 31.81 62.87 64.02
N VAL P 354 30.75 62.73 64.78
CA VAL P 354 30.63 63.42 66.06
C VAL P 354 31.55 62.74 67.07
N GLU P 355 32.10 63.54 67.98
CA GLU P 355 33.07 63.05 68.94
C GLU P 355 32.36 62.44 70.15
N GLY P 356 32.84 61.27 70.58
CA GLY P 356 32.42 60.69 71.84
C GLY P 356 31.17 59.85 71.81
N LYS P 357 30.49 59.74 70.66
CA LYS P 357 29.29 58.92 70.58
C LYS P 357 29.14 58.41 69.16
N VAL P 358 28.41 57.30 69.03
CA VAL P 358 28.20 56.63 67.76
C VAL P 358 26.77 56.91 67.33
N ILE P 359 26.59 57.41 66.11
CA ILE P 359 25.28 57.73 65.58
C ILE P 359 24.83 56.58 64.68
N TYR P 360 23.69 55.99 65.02
CA TYR P 360 23.08 54.96 64.19
C TYR P 360 21.96 55.57 63.36
N GLU P 361 21.78 55.03 62.17
CA GLU P 361 20.62 55.37 61.35
C GLU P 361 20.21 54.14 60.59
N THR P 362 18.90 53.87 60.57
CA THR P 362 18.36 52.58 60.12
C THR P 362 17.31 52.79 59.05
N GLN P 363 17.69 53.50 57.99
CA GLN P 363 16.89 53.76 56.79
C GLN P 363 16.15 52.52 56.30
N SER P 364 14.83 52.62 56.24
CA SER P 364 14.03 51.58 55.62
C SER P 364 14.01 51.83 54.12
N THR P 365 14.87 51.14 53.39
CA THR P 365 15.11 51.40 51.98
C THR P 365 13.88 51.12 51.12
N HIS P 366 13.06 50.15 51.49
CA HIS P 366 11.92 49.80 50.66
C HIS P 366 10.81 50.83 50.73
N1 LLP P 367 9.86 51.44 62.07
C2 LLP P 367 9.25 52.59 61.78
C2' LLP P 367 9.42 53.84 62.69
C3 LLP P 367 8.43 52.68 60.63
O3 LLP P 367 7.80 53.88 60.32
C4 LLP P 367 8.26 51.59 59.80
C4' LLP P 367 7.33 51.70 58.50
C5 LLP P 367 8.87 50.42 60.10
C6 LLP P 367 9.68 50.32 61.24
C5' LLP P 367 8.65 49.22 59.14
OP4 LLP P 367 9.56 48.17 59.39
P LLP P 367 9.79 47.20 58.23
OP1 LLP P 367 8.45 46.68 57.72
OP2 LLP P 367 10.61 46.07 58.70
OP3 LLP P 367 10.50 47.89 57.12
N LLP P 367 10.82 51.67 51.76
CA LLP P 367 9.70 52.57 52.03
CB LLP P 367 9.82 53.14 53.41
CG LLP P 367 9.44 52.07 54.44
CD LLP P 367 8.00 52.30 54.93
CE LLP P 367 7.75 51.44 56.19
NZ LLP P 367 8.10 52.19 57.40
C LLP P 367 9.61 53.68 51.04
O LLP P 367 8.58 53.85 50.43
N LEU P 368 10.69 54.46 50.88
CA LEU P 368 10.63 55.63 50.02
C LEU P 368 11.56 55.54 48.81
N LEU P 369 12.60 54.74 48.90
CA LEU P 369 13.44 54.46 47.75
C LEU P 369 12.81 53.37 46.91
N ALA P 370 13.52 52.93 45.87
CA ALA P 370 13.03 51.88 44.99
C ALA P 370 13.74 50.58 45.36
N ALA P 371 13.12 49.82 46.26
CA ALA P 371 13.65 48.53 46.66
C ALA P 371 12.51 47.59 47.00
N PHE P 372 12.82 46.29 46.93
CA PHE P 372 11.88 45.26 47.33
C PHE P 372 11.60 45.35 48.82
N SER P 373 10.43 44.84 49.24
CA SER P 373 10.05 44.91 50.63
C SER P 373 10.98 44.06 51.50
N GLN P 374 10.87 44.27 52.81
CA GLN P 374 11.75 43.67 53.82
C GLN P 374 13.22 44.02 53.59
N ALA P 375 13.50 45.17 52.97
CA ALA P 375 14.85 45.63 52.78
C ALA P 375 15.13 46.79 53.72
N SER P 376 16.30 46.77 54.33
CA SER P 376 16.67 47.81 55.28
C SER P 376 18.18 47.92 55.34
N MET P 377 18.63 48.98 55.99
CA MET P 377 20.05 49.24 56.15
C MET P 377 20.32 49.69 57.57
N ILE P 378 21.55 49.50 58.01
CA ILE P 378 22.04 50.05 59.27
C ILE P 378 23.32 50.81 58.96
N HIS P 379 23.24 52.13 58.99
CA HIS P 379 24.40 52.99 58.81
C HIS P 379 24.89 53.42 60.19
N VAL P 380 26.19 53.27 60.43
CA VAL P 380 26.77 53.73 61.68
C VAL P 380 27.68 54.91 61.39
N LYS P 381 27.99 55.66 62.43
CA LYS P 381 28.89 56.79 62.32
C LYS P 381 29.66 56.89 63.63
N GLY P 382 30.89 56.39 63.63
CA GLY P 382 31.69 56.32 64.83
C GLY P 382 32.48 55.05 64.85
N ASP P 383 32.92 54.66 66.04
CA ASP P 383 33.71 53.46 66.24
C ASP P 383 32.89 52.47 67.06
N VAL P 384 32.70 51.28 66.52
CA VAL P 384 31.98 50.21 67.22
C VAL P 384 32.87 48.98 67.27
N ASN P 385 32.58 48.12 68.24
CA ASN P 385 33.27 46.84 68.32
C ASN P 385 32.81 45.99 67.14
N GLU P 386 33.72 45.76 66.19
CA GLU P 386 33.36 45.19 64.90
C GLU P 386 32.81 43.78 65.04
N GLU P 387 33.47 42.94 65.84
CA GLU P 387 33.00 41.57 65.97
C GLU P 387 31.74 41.47 66.81
N THR P 388 31.64 42.25 67.90
CA THR P 388 30.43 42.21 68.72
C THR P 388 29.21 42.71 67.94
N PHE P 389 29.37 43.81 67.20
CA PHE P 389 28.25 44.33 66.42
C PHE P 389 27.93 43.47 65.22
N ASN P 390 28.95 42.86 64.59
CA ASN P 390 28.70 41.90 63.53
C ASN P 390 27.96 40.68 64.06
N GLU P 391 28.30 40.23 65.26
CA GLU P 391 27.59 39.09 65.84
C GLU P 391 26.16 39.46 66.21
N ALA P 392 25.94 40.69 66.68
CA ALA P 392 24.58 41.14 66.94
C ALA P 392 23.76 41.22 65.65
N TYR P 393 24.38 41.68 64.55
CA TYR P 393 23.69 41.69 63.26
C TYR P 393 23.38 40.28 62.79
N MET P 394 24.34 39.35 62.94
CA MET P 394 24.12 37.96 62.58
C MET P 394 23.04 37.31 63.46
N MET P 395 22.88 37.80 64.69
CA MET P 395 21.93 37.23 65.63
C MET P 395 20.48 37.34 65.18
N HIS P 396 20.10 38.45 64.55
CA HIS P 396 18.70 38.66 64.20
C HIS P 396 18.36 38.35 62.75
N THR P 397 19.32 38.43 61.84
CA THR P 397 19.01 38.13 60.45
C THR P 397 18.99 36.62 60.24
N THR P 398 18.38 36.21 59.13
CA THR P 398 18.35 34.82 58.74
C THR P 398 19.73 34.37 58.26
N THR P 399 19.86 33.08 58.02
CA THR P 399 21.12 32.53 57.51
C THR P 399 21.13 32.36 56.00
N SER P 400 19.98 32.14 55.37
CA SER P 400 19.87 32.02 53.92
C SER P 400 18.94 33.11 53.44
N PRO P 401 19.45 34.27 53.08
CA PRO P 401 18.59 35.40 52.73
C PRO P 401 18.09 35.30 51.29
N HIS P 402 17.08 36.10 51.01
CA HIS P 402 16.55 36.21 49.65
C HIS P 402 17.42 37.16 48.87
N TYR P 403 18.18 36.63 47.91
CA TYR P 403 19.13 37.46 47.17
C TYR P 403 18.46 38.47 46.27
N GLY P 404 17.18 38.29 45.92
CA GLY P 404 16.46 39.34 45.23
C GLY P 404 16.30 40.58 46.09
N ILE P 405 16.00 40.39 47.37
CA ILE P 405 15.89 41.52 48.30
C ILE P 405 17.24 42.21 48.48
N VAL P 406 18.32 41.42 48.60
CA VAL P 406 19.66 41.98 48.76
C VAL P 406 20.07 42.77 47.52
N ALA P 407 19.85 42.19 46.34
CA ALA P 407 20.17 42.88 45.10
C ALA P 407 19.33 44.14 44.92
N SER P 408 18.06 44.10 45.32
CA SER P 408 17.24 45.30 45.27
C SER P 408 17.70 46.35 46.26
N THR P 409 18.16 45.92 47.44
CA THR P 409 18.68 46.82 48.44
C THR P 409 19.90 47.57 47.94
N GLU P 410 20.81 46.86 47.26
CA GLU P 410 21.97 47.54 46.70
C GLU P 410 21.62 48.37 45.47
N THR P 411 20.75 47.86 44.60
CA THR P 411 20.36 48.59 43.40
C THR P 411 19.62 49.88 43.73
N ALA P 412 18.94 49.94 44.88
CA ALA P 412 18.32 51.19 45.30
C ALA P 412 19.34 52.29 45.51
N ALA P 413 20.47 51.98 46.15
CA ALA P 413 21.53 52.97 46.26
C ALA P 413 22.20 53.23 44.92
N ALA P 414 22.32 52.19 44.09
CA ALA P 414 22.92 52.35 42.77
C ALA P 414 22.08 53.24 41.86
N MET P 415 20.77 53.35 42.11
CA MET P 415 19.92 54.29 41.38
C MET P 415 20.19 55.73 41.75
N MET P 416 20.99 55.99 42.78
CA MET P 416 21.16 57.33 43.28
C MET P 416 22.55 57.91 43.05
N LYS P 417 23.49 57.14 42.50
CA LYS P 417 24.79 57.67 42.13
C LYS P 417 24.70 58.32 40.76
N GLY P 418 25.46 59.38 40.58
CA GLY P 418 25.56 60.08 39.31
C GLY P 418 24.59 61.24 39.23
N ASN P 419 24.25 61.58 37.99
CA ASN P 419 23.30 62.65 37.74
C ASN P 419 21.85 62.17 37.72
N ALA P 420 21.64 60.89 37.41
CA ALA P 420 20.29 60.35 37.35
C ALA P 420 19.63 60.32 38.73
N GLY P 421 20.37 59.96 39.77
CA GLY P 421 19.80 59.94 41.10
C GLY P 421 19.46 61.31 41.63
N LYS P 422 20.36 62.28 41.38
CA LYS P 422 20.07 63.66 41.75
C LYS P 422 18.86 64.18 40.99
N ARG P 423 18.75 63.83 39.71
CA ARG P 423 17.58 64.22 38.94
C ARG P 423 16.32 63.57 39.46
N LEU P 424 16.39 62.31 39.90
CA LEU P 424 15.24 61.65 40.51
C LEU P 424 14.77 62.37 41.76
N ILE P 425 15.69 62.64 42.69
CA ILE P 425 15.32 63.24 43.97
C ILE P 425 14.80 64.65 43.77
N ASN P 426 15.49 65.45 42.94
CA ASN P 426 15.05 66.81 42.70
C ASN P 426 13.72 66.85 41.94
N GLY P 427 13.51 65.92 41.01
CA GLY P 427 12.24 65.85 40.33
C GLY P 427 11.10 65.47 41.24
N SER P 428 11.35 64.53 42.16
CA SER P 428 10.31 64.15 43.12
C SER P 428 9.96 65.30 44.06
N ILE P 429 10.98 66.01 44.55
CA ILE P 429 10.71 67.12 45.47
C ILE P 429 10.00 68.26 44.74
N GLU P 430 10.44 68.58 43.51
CA GLU P 430 9.79 69.64 42.74
C GLU P 430 8.36 69.28 42.37
N ARG P 431 8.11 68.02 42.01
CA ARG P 431 6.75 67.56 41.73
C ARG P 431 5.88 67.64 42.97
N ALA P 432 6.42 67.29 44.14
CA ALA P 432 5.66 67.41 45.38
C ALA P 432 5.32 68.87 45.67
N ILE P 433 6.27 69.77 45.47
CA ILE P 433 6.03 71.19 45.73
C ILE P 433 5.01 71.76 44.76
N LYS P 434 5.06 71.36 43.50
CA LYS P 434 4.09 71.83 42.52
C LYS P 434 2.69 71.28 42.80
N PHE P 435 2.59 70.03 43.25
CA PHE P 435 1.30 69.50 43.69
C PHE P 435 0.77 70.28 44.88
N ARG P 436 1.64 70.64 45.83
CA ARG P 436 1.21 71.41 46.98
C ARG P 436 0.71 72.80 46.57
N LYS P 437 1.40 73.43 45.62
CA LYS P 437 0.97 74.74 45.16
C LYS P 437 -0.39 74.68 44.45
N GLU P 438 -0.64 73.68 43.60
CA GLU P 438 -2.01 73.66 43.12
C GLU P 438 -3.05 73.17 44.10
N ILE P 439 -2.71 72.37 45.10
CA ILE P 439 -3.82 72.01 45.97
C ILE P 439 -4.24 73.22 46.81
N LYS P 440 -3.29 74.06 47.23
CA LYS P 440 -3.72 75.34 47.79
C LYS P 440 -4.34 76.27 46.76
N ARG P 441 -3.98 76.17 45.48
CA ARG P 441 -4.60 77.01 44.47
C ARG P 441 -6.03 76.60 44.19
N LEU P 442 -6.28 75.29 44.06
CA LEU P 442 -7.62 74.77 43.86
C LEU P 442 -8.50 74.99 45.08
N ARG P 443 -7.90 75.09 46.28
CA ARG P 443 -8.70 75.46 47.44
C ARG P 443 -9.30 76.85 47.28
N THR P 444 -8.53 77.81 46.78
CA THR P 444 -9.03 79.16 46.58
C THR P 444 -9.74 79.32 45.25
N GLU P 445 -9.67 78.33 44.36
CA GLU P 445 -10.38 78.40 43.09
C GLU P 445 -11.79 77.86 43.19
N SER P 446 -12.00 76.84 44.03
CA SER P 446 -13.27 76.14 44.08
C SER P 446 -14.31 76.93 44.87
N ASP P 447 -15.54 76.45 44.80
CA ASP P 447 -16.65 77.02 45.56
C ASP P 447 -16.92 76.19 46.81
N GLY P 448 -17.33 76.87 47.87
CA GLY P 448 -17.63 76.18 49.12
C GLY P 448 -16.38 75.60 49.74
N TRP P 449 -16.44 74.32 50.08
CA TRP P 449 -15.34 73.65 50.76
C TRP P 449 -14.39 73.05 49.75
N PHE P 450 -13.15 72.81 50.19
CA PHE P 450 -12.19 72.04 49.43
C PHE P 450 -11.15 71.47 50.38
N PHE P 451 -10.37 70.52 49.87
CA PHE P 451 -9.29 69.92 50.64
C PHE P 451 -8.21 70.95 50.91
N ASP P 452 -7.80 71.04 52.16
CA ASP P 452 -6.66 71.85 52.56
C ASP P 452 -5.46 70.91 52.70
N VAL P 453 -4.25 71.48 52.65
CA VAL P 453 -3.04 70.72 52.89
C VAL P 453 -2.21 71.39 53.96
N TRP P 454 -1.82 70.60 54.95
CA TRP P 454 -1.22 71.06 56.21
C TRP P 454 0.22 71.44 55.92
N GLN P 455 0.42 72.69 55.53
CA GLN P 455 1.70 73.20 55.07
C GLN P 455 1.71 74.71 55.26
N PRO P 456 2.89 75.35 55.26
CA PRO P 456 2.93 76.82 55.43
C PRO P 456 2.18 77.55 54.32
N ASP P 457 1.63 78.70 54.70
CA ASP P 457 0.78 79.46 53.81
C ASP P 457 1.51 79.98 52.58
N HIS P 458 2.79 80.29 52.70
CA HIS P 458 3.61 80.70 51.56
C HIS P 458 4.76 79.71 51.41
N ILE P 459 4.64 78.83 50.42
CA ILE P 459 5.74 77.96 50.00
C ILE P 459 6.00 78.19 48.53
N ASP P 460 7.22 78.55 48.20
CA ASP P 460 7.62 78.66 46.80
C ASP P 460 9.07 78.26 46.55
N THR P 461 9.81 77.84 47.58
CA THR P 461 11.20 77.46 47.45
C THR P 461 11.36 75.99 47.80
N THR P 462 12.41 75.38 47.26
CA THR P 462 12.67 73.95 47.47
C THR P 462 13.53 73.80 48.72
N GLU P 463 12.86 73.83 49.86
CA GLU P 463 13.53 73.62 51.14
C GLU P 463 12.55 72.94 52.09
N CYS P 464 13.11 72.33 53.12
CA CYS P 464 12.29 71.85 54.22
C CYS P 464 11.78 73.04 55.01
N TRP P 465 10.49 73.32 54.91
CA TRP P 465 9.96 74.54 55.47
C TRP P 465 9.91 74.45 56.99
N PRO P 466 10.62 75.32 57.71
CA PRO P 466 10.70 75.19 59.16
C PRO P 466 9.38 75.53 59.84
N LEU P 467 9.10 74.83 60.92
CA LEU P 467 7.90 75.08 61.69
C LEU P 467 8.19 76.21 62.66
N ARG P 468 7.64 77.38 62.39
CA ARG P 468 7.95 78.59 63.14
C ARG P 468 6.89 78.80 64.22
N SER P 469 7.33 79.29 65.38
CA SER P 469 6.41 79.57 66.47
C SER P 469 5.52 80.77 66.18
N ASP P 470 5.87 81.59 65.20
CA ASP P 470 5.12 82.79 64.86
C ASP P 470 4.04 82.51 63.81
N SER P 471 3.79 81.25 63.48
CA SER P 471 2.75 80.86 62.55
C SER P 471 1.90 79.78 63.16
N THR P 472 0.71 79.58 62.59
CA THR P 472 -0.25 78.68 63.19
C THR P 472 -0.77 77.61 62.21
N TRP P 473 -0.08 77.38 61.09
CA TRP P 473 -0.52 76.35 60.16
C TRP P 473 -0.30 74.96 60.73
N HIS P 474 0.74 74.77 61.54
CA HIS P 474 1.03 73.44 62.08
C HIS P 474 0.11 73.06 63.22
N GLY P 475 -0.07 73.95 64.19
CA GLY P 475 -0.95 73.69 65.32
C GLY P 475 -0.25 73.30 66.60
N PHE P 476 1.04 73.00 66.55
CA PHE P 476 1.78 72.69 67.77
C PHE P 476 2.04 74.00 68.51
N LYS P 477 1.42 74.16 69.68
CA LYS P 477 1.51 75.40 70.43
C LYS P 477 2.85 75.50 71.15
N ASN P 478 3.39 76.73 71.20
CA ASN P 478 4.65 77.06 71.87
C ASN P 478 5.81 76.21 71.36
N ILE P 479 5.82 75.98 70.05
CA ILE P 479 6.83 75.14 69.43
C ILE P 479 8.15 75.91 69.37
N ASP P 480 9.25 75.16 69.40
CA ASP P 480 10.59 75.75 69.40
C ASP P 480 11.04 76.00 67.96
N ASN P 481 11.71 77.13 67.75
CA ASN P 481 12.11 77.55 66.42
C ASN P 481 13.36 76.80 65.96
N GLU P 482 13.33 76.40 64.69
CA GLU P 482 14.33 75.50 64.09
C GLU P 482 14.54 74.24 64.92
N HIS P 483 13.46 73.48 65.06
CA HIS P 483 13.53 72.13 65.59
C HIS P 483 12.78 71.21 64.64
N MET P 484 11.85 71.78 63.87
CA MET P 484 11.04 71.01 62.94
C MET P 484 11.14 71.56 61.53
N TYR P 485 11.12 70.64 60.58
CA TYR P 485 11.28 70.92 59.16
C TYR P 485 10.34 70.00 58.40
N LEU P 486 9.39 70.58 57.67
CA LEU P 486 8.42 69.79 56.94
C LEU P 486 9.08 69.13 55.73
N ASP P 487 8.86 67.84 55.58
CA ASP P 487 9.33 67.16 54.39
C ASP P 487 8.34 67.41 53.26
N PRO P 488 8.76 68.01 52.15
CA PRO P 488 7.80 68.37 51.09
C PRO P 488 7.13 67.19 50.41
N ILE P 489 7.73 65.99 50.43
CA ILE P 489 7.16 64.90 49.64
C ILE P 489 6.17 64.05 50.42
N LYS P 490 5.98 64.29 51.71
CA LYS P 490 4.96 63.60 52.48
C LYS P 490 3.78 64.55 52.65
N VAL P 491 2.96 64.62 51.60
CA VAL P 491 1.86 65.57 51.54
C VAL P 491 0.72 65.05 52.40
N THR P 492 0.29 65.87 53.37
CA THR P 492 -0.80 65.53 54.26
C THR P 492 -1.99 66.41 53.89
N LEU P 493 -2.92 65.86 53.13
CA LEU P 493 -4.14 66.59 52.85
C LEU P 493 -5.00 66.71 54.11
N LEU P 494 -5.92 67.67 54.07
CA LEU P 494 -6.85 67.87 55.17
C LEU P 494 -8.25 67.93 54.58
N THR P 495 -9.21 67.55 55.39
CA THR P 495 -10.61 67.58 55.03
C THR P 495 -11.35 68.57 55.92
N PRO P 496 -12.50 69.08 55.49
CA PRO P 496 -13.27 69.99 56.35
C PRO P 496 -13.72 69.32 57.64
N GLY P 497 -13.88 70.13 58.67
CA GLY P 497 -14.30 69.65 59.96
C GLY P 497 -13.56 70.31 61.11
N MET P 498 -12.36 70.82 60.83
CA MET P 498 -11.52 71.44 61.83
C MET P 498 -11.38 72.93 61.52
N GLU P 499 -11.48 73.75 62.56
CA GLU P 499 -11.12 75.15 62.43
C GLU P 499 -9.61 75.33 62.64
N LYS P 500 -9.12 76.54 62.40
CA LYS P 500 -7.69 76.78 62.46
C LYS P 500 -7.17 76.82 63.90
N ASP P 501 -8.00 77.25 64.85
CA ASP P 501 -7.57 77.34 66.24
C ASP P 501 -7.61 76.00 66.96
N GLY P 502 -8.19 74.97 66.35
CA GLY P 502 -8.25 73.64 66.92
C GLY P 502 -9.65 73.13 67.20
N THR P 503 -10.63 74.02 67.34
CA THR P 503 -11.99 73.59 67.58
C THR P 503 -12.59 72.97 66.31
N MET P 504 -13.69 72.25 66.49
CA MET P 504 -14.34 71.57 65.38
C MET P 504 -15.36 72.47 64.72
N SER P 505 -15.49 72.31 63.40
CA SER P 505 -16.52 73.01 62.65
C SER P 505 -17.83 72.23 62.72
N ASP P 506 -18.82 72.66 61.95
CA ASP P 506 -20.08 71.95 61.84
C ASP P 506 -20.16 71.06 60.62
N PHE P 507 -19.78 71.57 59.46
CA PHE P 507 -19.74 70.78 58.24
C PHE P 507 -18.38 70.12 58.10
N GLY P 508 -18.36 68.81 57.89
CA GLY P 508 -17.10 68.10 57.81
C GLY P 508 -17.24 66.74 57.17
N ILE P 509 -16.12 66.26 56.64
CA ILE P 509 -16.02 64.92 56.10
C ILE P 509 -14.82 64.26 56.76
N PRO P 510 -15.01 63.21 57.57
CA PRO P 510 -13.85 62.47 58.06
C PRO P 510 -13.16 61.73 56.93
N ALA P 511 -11.83 61.60 57.07
CA ALA P 511 -10.97 61.16 55.98
C ALA P 511 -11.16 59.70 55.59
N SER P 512 -11.90 58.91 56.39
CA SER P 512 -12.18 57.53 56.02
C SER P 512 -13.02 57.43 54.76
N ILE P 513 -14.02 58.30 54.60
CA ILE P 513 -14.84 58.31 53.39
C ILE P 513 -14.00 58.69 52.17
N VAL P 514 -13.16 59.70 52.30
CA VAL P 514 -12.31 60.09 51.17
C VAL P 514 -11.35 58.97 50.80
N ALA P 515 -10.74 58.32 51.80
CA ALA P 515 -9.83 57.21 51.51
C ALA P 515 -10.55 56.04 50.86
N LYS P 516 -11.76 55.73 51.33
CA LYS P 516 -12.52 54.64 50.72
C LYS P 516 -12.95 54.98 49.31
N TYR P 517 -13.28 56.25 49.05
CA TYR P 517 -13.62 56.65 47.69
C TYR P 517 -12.42 56.53 46.77
N LEU P 518 -11.26 56.97 47.24
CA LEU P 518 -10.05 56.87 46.43
C LEU P 518 -9.68 55.43 46.16
N ASP P 519 -9.85 54.55 47.16
CA ASP P 519 -9.66 53.13 46.96
C ASP P 519 -10.65 52.56 45.96
N GLU P 520 -11.88 53.07 45.95
CA GLU P 520 -12.85 52.63 44.95
C GLU P 520 -12.40 53.02 43.55
N HIS P 521 -11.84 54.22 43.38
CA HIS P 521 -11.40 54.68 42.08
C HIS P 521 -9.95 54.31 41.78
N GLY P 522 -9.37 53.39 42.53
CA GLY P 522 -8.11 52.79 42.14
C GLY P 522 -6.87 53.60 42.45
N ILE P 523 -6.89 54.37 43.52
CA ILE P 523 -5.69 55.00 44.06
C ILE P 523 -5.66 54.78 45.57
N VAL P 524 -4.49 54.48 46.10
CA VAL P 524 -4.37 54.01 47.48
C VAL P 524 -3.73 55.08 48.33
N VAL P 525 -4.33 55.38 49.47
CA VAL P 525 -3.80 56.30 50.46
C VAL P 525 -2.97 55.49 51.45
N GLU P 526 -1.87 56.08 51.94
CA GLU P 526 -0.97 55.41 52.87
C GLU P 526 -1.68 55.04 54.17
N LYS P 527 -2.07 56.03 54.97
CA LYS P 527 -2.90 55.82 56.16
C LYS P 527 -3.56 57.14 56.51
N THR P 528 -4.77 57.06 57.04
CA THR P 528 -5.58 58.23 57.37
C THR P 528 -5.86 58.30 58.85
N GLY P 529 -5.98 59.51 59.37
CA GLY P 529 -6.48 59.73 60.71
C GLY P 529 -7.94 60.12 60.67
N PRO P 530 -8.34 61.01 61.57
CA PRO P 530 -9.73 61.47 61.57
C PRO P 530 -10.04 62.39 60.40
N TYR P 531 -9.16 63.35 60.13
CA TYR P 531 -9.40 64.35 59.08
C TYR P 531 -8.16 64.64 58.27
N ASN P 532 -7.25 63.68 58.14
CA ASN P 532 -6.07 63.89 57.32
C ASN P 532 -5.78 62.66 56.48
N LEU P 533 -5.20 62.89 55.31
CA LEU P 533 -4.66 61.83 54.48
C LEU P 533 -3.13 61.94 54.47
N LEU P 534 -2.49 61.04 53.73
CA LEU P 534 -1.05 61.10 53.57
C LEU P 534 -0.68 60.50 52.23
N PHE P 535 0.17 61.18 51.46
CA PHE P 535 0.54 60.67 50.16
C PHE P 535 2.06 60.72 50.04
N LEU P 536 2.68 59.56 49.89
CA LEU P 536 4.12 59.47 49.74
C LEU P 536 4.48 59.84 48.31
N PHE P 537 5.08 61.01 48.11
CA PHE P 537 5.56 61.41 46.79
C PHE P 537 7.01 60.96 46.65
N SER P 538 7.19 59.65 46.52
CA SER P 538 8.53 59.08 46.41
C SER P 538 9.04 59.29 44.99
N ILE P 539 10.16 58.62 44.67
CA ILE P 539 10.73 58.73 43.34
C ILE P 539 9.89 58.05 42.27
N GLY P 540 8.94 57.19 42.66
CA GLY P 540 8.08 56.57 41.69
C GLY P 540 6.99 57.46 41.15
N ILE P 541 6.64 58.52 41.86
CA ILE P 541 5.48 59.34 41.48
C ILE P 541 5.87 60.22 40.31
N ASP P 542 5.13 60.11 39.22
CA ASP P 542 5.20 61.04 38.10
C ASP P 542 3.90 61.82 38.02
N LYS P 543 3.80 62.72 37.03
CA LYS P 543 2.66 63.60 36.95
C LYS P 543 1.38 62.90 36.54
N THR P 544 1.47 61.69 35.97
CA THR P 544 0.27 60.91 35.68
C THR P 544 -0.48 60.55 36.97
N LYS P 545 0.24 59.99 37.94
CA LYS P 545 -0.35 59.63 39.21
C LYS P 545 -0.82 60.85 39.98
N ALA P 546 -0.03 61.93 39.97
CA ALA P 546 -0.41 63.15 40.68
C ALA P 546 -1.68 63.75 40.12
N LEU P 547 -1.80 63.81 38.79
CA LEU P 547 -3.01 64.35 38.19
C LEU P 547 -4.21 63.45 38.41
N SER P 548 -4.01 62.13 38.37
CA SER P 548 -5.10 61.21 38.67
C SER P 548 -5.58 61.37 40.09
N LEU P 549 -4.67 61.57 41.03
CA LEU P 549 -5.06 61.81 42.43
C LEU P 549 -5.83 63.11 42.58
N LEU P 550 -5.34 64.18 41.97
CA LEU P 550 -5.99 65.48 42.08
C LEU P 550 -7.40 65.42 41.51
N ARG P 551 -7.52 64.59 40.47
CA ARG P 551 -8.77 64.40 39.69
C ARG P 551 -9.65 63.25 40.22
N ALA P 552 -9.23 62.53 41.25
CA ALA P 552 -10.08 61.72 42.11
C ALA P 552 -10.61 62.56 43.26
N LEU P 553 -9.79 63.48 43.76
CA LEU P 553 -10.24 64.45 44.76
C LEU P 553 -11.35 65.33 44.22
N THR P 554 -11.18 65.84 42.99
CA THR P 554 -12.19 66.70 42.38
C THR P 554 -13.49 65.96 42.09
N ASP P 555 -13.40 64.72 41.59
CA ASP P 555 -14.61 63.94 41.34
C ASP P 555 -15.31 63.58 42.63
N PHE P 556 -14.56 63.37 43.72
CA PHE P 556 -15.21 63.22 45.02
C PHE P 556 -15.94 64.48 45.42
N LYS P 557 -15.34 65.65 45.16
CA LYS P 557 -16.01 66.90 45.50
C LYS P 557 -17.32 67.06 44.72
N ARG P 558 -17.28 66.73 43.43
CA ARG P 558 -18.48 66.83 42.59
C ARG P 558 -19.54 65.83 43.02
N ALA P 559 -19.13 64.61 43.36
CA ALA P 559 -20.07 63.59 43.79
C ALA P 559 -20.63 63.86 45.18
N PHE P 560 -19.90 64.58 46.03
CA PHE P 560 -20.40 64.94 47.35
C PHE P 560 -21.32 66.14 47.29
N ASP P 561 -21.03 67.13 46.45
CA ASP P 561 -21.96 68.23 46.26
C ASP P 561 -23.25 67.77 45.59
N LEU P 562 -23.15 66.85 44.62
CA LEU P 562 -24.34 66.28 44.02
C LEU P 562 -25.05 65.32 44.97
N ASN P 563 -24.35 64.83 45.99
CA ASN P 563 -24.89 63.96 47.03
C ASN P 563 -25.44 62.66 46.43
N LEU P 564 -24.53 61.90 45.82
CA LEU P 564 -24.90 60.60 45.29
C LEU P 564 -25.08 59.61 46.43
N ARG P 565 -25.82 58.54 46.14
CA ARG P 565 -26.07 57.52 47.13
C ARG P 565 -24.83 56.68 47.38
N VAL P 566 -24.81 56.01 48.54
CA VAL P 566 -23.69 55.15 48.91
C VAL P 566 -23.61 53.96 47.97
N LYS P 567 -24.76 53.45 47.52
CA LYS P 567 -24.78 52.28 46.64
C LYS P 567 -24.08 52.54 45.32
N ASN P 568 -24.34 53.70 44.70
CA ASN P 568 -23.71 54.00 43.41
C ASN P 568 -22.25 54.40 43.56
N MET P 569 -21.92 55.20 44.58
CA MET P 569 -20.58 55.77 44.62
C MET P 569 -19.58 54.86 45.33
N LEU P 570 -20.02 54.17 46.39
CA LEU P 570 -19.15 53.30 47.17
C LEU P 570 -19.75 51.91 47.23
N PRO P 571 -19.65 51.14 46.13
CA PRO P 571 -20.13 49.75 46.18
C PRO P 571 -19.32 48.86 47.10
N SER P 572 -18.01 49.12 47.25
CA SER P 572 -17.20 48.33 48.17
C SER P 572 -17.60 48.54 49.61
N LEU P 573 -18.05 49.74 49.97
CA LEU P 573 -18.62 49.98 51.29
C LEU P 573 -20.09 49.58 51.36
N TYR P 574 -20.78 49.60 50.21
CA TYR P 574 -22.15 49.11 50.16
C TYR P 574 -22.22 47.61 50.48
N ARG P 575 -21.26 46.84 49.99
CA ARG P 575 -21.23 45.40 50.22
C ARG P 575 -20.88 45.02 51.64
N GLU P 576 -20.47 45.98 52.47
CA GLU P 576 -20.21 45.67 53.89
C GLU P 576 -21.49 45.27 54.60
N ASP P 577 -22.57 46.01 54.39
CA ASP P 577 -23.90 45.61 54.86
C ASP P 577 -24.93 46.30 53.99
N PRO P 578 -25.39 45.64 52.92
CA PRO P 578 -26.33 46.28 51.99
C PRO P 578 -27.65 46.69 52.61
N GLU P 579 -28.07 46.05 53.71
CA GLU P 579 -29.31 46.44 54.36
C GLU P 579 -29.20 47.82 54.99
N PHE P 580 -28.03 48.20 55.49
CA PHE P 580 -27.86 49.46 56.18
C PHE P 580 -27.62 50.62 55.23
N TYR P 581 -26.78 50.43 54.21
CA TYR P 581 -26.43 51.49 53.27
C TYR P 581 -27.34 51.52 52.05
N GLU P 582 -28.57 51.04 52.17
CA GLU P 582 -29.45 50.94 51.01
C GLU P 582 -29.98 52.31 50.60
N ASN P 583 -30.56 53.04 51.54
CA ASN P 583 -31.20 54.32 51.25
C ASN P 583 -30.51 55.47 51.99
N MET P 584 -29.19 55.49 51.98
CA MET P 584 -28.43 56.52 52.65
C MET P 584 -27.61 57.31 51.63
N ARG P 585 -27.67 58.63 51.74
CA ARG P 585 -26.86 59.51 50.90
C ARG P 585 -25.50 59.73 51.56
N ILE P 586 -24.55 60.21 50.75
CA ILE P 586 -23.20 60.39 51.27
C ILE P 586 -23.12 61.59 52.21
N GLN P 587 -23.89 62.64 51.96
CA GLN P 587 -23.89 63.78 52.88
C GLN P 587 -24.44 63.41 54.25
N GLU P 588 -25.49 62.58 54.29
CA GLU P 588 -26.01 62.11 55.56
C GLU P 588 -25.00 61.26 56.30
N LEU P 589 -24.29 60.38 55.59
CA LEU P 589 -23.29 59.53 56.23
C LEU P 589 -22.12 60.34 56.78
N ALA P 590 -21.62 61.28 55.99
CA ALA P 590 -20.53 62.14 56.43
C ALA P 590 -20.95 63.00 57.61
N GLN P 591 -22.17 63.57 57.54
CA GLN P 591 -22.67 64.37 58.64
C GLN P 591 -22.86 63.53 59.90
N ASN P 592 -23.30 62.28 59.76
CA ASN P 592 -23.51 61.44 60.92
C ASN P 592 -22.20 61.06 61.59
N ILE P 593 -21.19 60.68 60.82
CA ILE P 593 -19.91 60.33 61.44
C ILE P 593 -19.25 61.58 62.02
N HIS P 594 -19.38 62.72 61.35
CA HIS P 594 -18.86 63.97 61.89
C HIS P 594 -19.56 64.36 63.18
N LYS P 595 -20.88 64.16 63.27
CA LYS P 595 -21.59 64.45 64.51
C LYS P 595 -21.22 63.46 65.61
N LEU P 596 -20.94 62.20 65.26
CA LEU P 596 -20.44 61.26 66.24
C LEU P 596 -19.08 61.67 66.78
N ILE P 597 -18.23 62.25 65.93
CA ILE P 597 -16.95 62.76 66.41
C ILE P 597 -17.14 64.02 67.26
N VAL P 598 -18.02 64.94 66.83
CA VAL P 598 -18.23 66.19 67.56
C VAL P 598 -18.87 65.98 68.93
N HIS P 599 -19.97 65.23 69.00
CA HIS P 599 -20.69 65.06 70.25
C HIS P 599 -19.88 64.31 71.29
N HIS P 600 -19.07 63.35 70.86
CA HIS P 600 -18.18 62.63 71.75
C HIS P 600 -16.87 63.36 71.98
N ASN P 601 -16.63 64.46 71.27
CA ASN P 601 -15.46 65.34 71.44
C ASN P 601 -14.16 64.56 71.25
N LEU P 602 -13.97 64.05 70.03
CA LEU P 602 -12.80 63.22 69.75
C LEU P 602 -11.46 63.94 69.88
N PRO P 603 -11.22 65.12 69.27
CA PRO P 603 -9.86 65.67 69.31
C PRO P 603 -9.41 66.12 70.69
N ASP P 604 -10.31 66.63 71.53
CA ASP P 604 -9.91 67.03 72.86
C ASP P 604 -9.51 65.83 73.71
N LEU P 605 -10.27 64.74 73.60
CA LEU P 605 -9.91 63.51 74.28
C LEU P 605 -8.61 62.92 73.74
N MET P 606 -8.44 62.95 72.41
CA MET P 606 -7.21 62.42 71.81
C MET P 606 -5.99 63.25 72.19
N TYR P 607 -6.19 64.54 72.44
CA TYR P 607 -5.09 65.37 72.94
C TYR P 607 -4.78 65.07 74.40
N ARG P 608 -5.80 65.18 75.27
CA ARG P 608 -5.60 65.03 76.70
C ARG P 608 -5.22 63.61 77.12
N ALA P 609 -5.48 62.61 76.28
CA ALA P 609 -5.04 61.26 76.59
C ALA P 609 -3.55 61.08 76.35
N PHE P 610 -2.98 61.75 75.37
CA PHE P 610 -1.56 61.63 75.08
C PHE P 610 -0.72 62.68 75.78
N GLU P 611 -1.32 63.67 76.42
CA GLU P 611 -0.55 64.58 77.26
C GLU P 611 -0.30 64.04 78.65
N VAL P 612 -0.83 62.86 78.99
CA VAL P 612 -0.60 62.24 80.28
C VAL P 612 -0.01 60.85 80.06
N LEU P 613 1.12 60.60 80.72
CA LEU P 613 1.86 59.35 80.62
C LEU P 613 1.35 58.33 81.64
N PRO P 614 1.05 57.10 81.21
CA PRO P 614 0.65 56.07 82.17
C PRO P 614 1.80 55.70 83.11
N THR P 615 1.44 55.27 84.31
CA THR P 615 2.41 54.99 85.36
C THR P 615 3.12 53.68 85.07
N MET P 616 4.45 53.72 85.00
CA MET P 616 5.26 52.53 84.77
C MET P 616 5.41 51.76 86.07
N VAL P 617 4.65 50.68 86.22
CA VAL P 617 4.83 49.81 87.38
C VAL P 617 6.08 48.95 87.21
N MET P 618 6.23 48.34 86.04
CA MET P 618 7.37 47.47 85.77
C MET P 618 7.81 47.63 84.32
N THR P 619 9.04 47.25 84.05
CA THR P 619 9.60 47.32 82.71
C THR P 619 8.84 46.38 81.77
N PRO P 620 8.75 46.73 80.47
CA PRO P 620 8.06 45.84 79.52
C PRO P 620 8.68 44.45 79.39
N TYR P 621 9.98 44.31 79.68
CA TYR P 621 10.58 42.98 79.73
C TYR P 621 9.94 42.14 80.82
N ALA P 622 9.72 42.74 82.00
CA ALA P 622 9.05 42.02 83.07
C ALA P 622 7.58 41.75 82.73
N ALA P 623 6.94 42.66 82.00
CA ALA P 623 5.57 42.41 81.55
C ALA P 623 5.51 41.22 80.60
N PHE P 624 6.45 41.12 79.67
CA PHE P 624 6.51 39.96 78.80
C PHE P 624 6.84 38.69 79.56
N GLN P 625 7.69 38.79 80.58
CA GLN P 625 8.01 37.63 81.40
C GLN P 625 6.78 37.12 82.16
N LYS P 626 6.00 38.04 82.73
CA LYS P 626 4.77 37.63 83.39
C LYS P 626 3.71 37.18 82.41
N GLU P 627 3.76 37.66 81.17
CA GLU P 627 2.82 37.22 80.16
C GLU P 627 3.11 35.79 79.70
N LEU P 628 4.39 35.45 79.58
CA LEU P 628 4.77 34.10 79.19
C LEU P 628 4.40 33.04 80.22
N HIS P 629 4.36 33.40 81.50
CA HIS P 629 4.05 32.46 82.56
C HIS P 629 2.55 32.27 82.76
N GLY P 630 1.73 32.80 81.87
CA GLY P 630 0.30 32.60 81.97
C GLY P 630 -0.37 33.39 83.07
N MET P 631 0.22 34.50 83.48
CA MET P 631 -0.33 35.33 84.56
C MET P 631 -1.22 36.45 84.01
N THR P 632 -1.86 36.23 82.88
CA THR P 632 -2.65 37.25 82.21
C THR P 632 -4.12 36.86 82.21
N GLU P 633 -4.99 37.81 82.54
CA GLU P 633 -6.42 37.65 82.49
C GLU P 633 -7.02 38.74 81.62
N GLU P 634 -8.16 38.46 81.02
CA GLU P 634 -8.84 39.38 80.12
C GLU P 634 -9.99 40.05 80.86
N VAL P 635 -9.71 41.17 81.50
CA VAL P 635 -10.72 41.95 82.18
C VAL P 635 -11.36 42.84 81.11
N TYR P 636 -12.59 43.30 81.34
CA TYR P 636 -13.22 44.18 80.38
C TYR P 636 -12.58 45.57 80.42
N LEU P 637 -12.95 46.40 79.44
CA LEU P 637 -12.26 47.65 79.23
C LEU P 637 -12.48 48.64 80.37
N ASP P 638 -13.70 48.69 80.91
CA ASP P 638 -14.05 49.69 81.91
C ASP P 638 -13.34 49.49 83.24
N GLU P 639 -12.99 48.27 83.59
CA GLU P 639 -12.42 47.95 84.89
C GLU P 639 -10.91 47.74 84.79
N MET P 640 -10.26 48.54 83.95
CA MET P 640 -8.83 48.37 83.68
C MET P 640 -7.95 49.33 84.47
N VAL P 641 -8.54 50.30 85.19
CA VAL P 641 -7.73 51.20 86.01
C VAL P 641 -7.18 50.45 87.21
N GLY P 642 -5.93 50.76 87.57
CA GLY P 642 -5.26 50.05 88.63
C GLY P 642 -4.71 48.69 88.24
N ARG P 643 -4.80 48.33 86.97
CA ARG P 643 -4.33 47.04 86.49
C ARG P 643 -3.13 47.23 85.57
N ILE P 644 -2.18 46.31 85.67
CA ILE P 644 -0.95 46.38 84.88
C ILE P 644 -1.22 45.73 83.52
N ASN P 645 -0.96 46.48 82.45
CA ASN P 645 -1.23 45.99 81.11
C ASN P 645 -0.13 45.05 80.64
N ALA P 646 -0.53 43.97 79.98
CA ALA P 646 0.40 42.96 79.49
C ALA P 646 0.70 43.10 78.01
N ASN P 647 -0.28 43.49 77.20
CA ASN P 647 -0.08 43.70 75.77
C ASN P 647 -0.28 45.17 75.44
N MET P 648 0.46 45.62 74.43
CA MET P 648 0.43 47.02 74.01
C MET P 648 -0.95 47.37 73.45
N ILE P 649 -1.43 48.56 73.79
CA ILE P 649 -2.67 49.09 73.22
C ILE P 649 -2.29 50.14 72.18
N LEU P 650 -2.65 49.88 70.93
CA LEU P 650 -2.29 50.74 69.80
C LEU P 650 -3.57 51.16 69.09
N PRO P 651 -4.15 52.31 69.45
CA PRO P 651 -5.41 52.72 68.84
C PRO P 651 -5.23 53.50 67.55
N TYR P 652 -6.09 53.20 66.58
CA TYR P 652 -6.20 53.99 65.36
C TYR P 652 -7.53 54.73 65.40
N PRO P 653 -7.56 56.07 65.48
CA PRO P 653 -6.52 57.09 65.53
C PRO P 653 -5.71 57.08 66.82
N PRO P 654 -4.46 57.57 66.79
CA PRO P 654 -3.74 58.08 65.62
C PRO P 654 -2.77 57.09 64.97
N GLY P 655 -2.23 56.15 65.74
CA GLY P 655 -1.24 55.25 65.22
C GLY P 655 0.07 55.25 65.99
N VAL P 656 0.00 55.66 67.25
CA VAL P 656 1.18 55.72 68.11
C VAL P 656 0.86 54.95 69.39
N PRO P 657 1.83 54.20 69.95
CA PRO P 657 1.56 53.42 71.18
C PRO P 657 1.11 54.26 72.37
N LEU P 658 -0.12 53.99 72.81
CA LEU P 658 -0.74 54.75 73.89
C LEU P 658 -0.42 54.16 75.26
N VAL P 659 -0.76 52.89 75.47
CA VAL P 659 -0.40 52.18 76.70
C VAL P 659 0.64 51.13 76.34
N MET P 660 1.78 51.17 77.02
CA MET P 660 2.85 50.23 76.81
C MET P 660 2.59 48.97 77.63
N PRO P 661 3.22 47.85 77.28
CA PRO P 661 3.16 46.66 78.15
C PRO P 661 3.90 46.92 79.46
N GLY P 662 3.19 46.74 80.58
CA GLY P 662 3.77 46.95 81.89
C GLY P 662 3.44 48.26 82.55
N GLU P 663 2.50 49.03 82.01
CA GLU P 663 2.14 50.32 82.56
C GLU P 663 0.70 50.32 83.04
N MET P 664 0.43 51.09 84.08
CA MET P 664 -0.86 51.14 84.76
C MET P 664 -1.57 52.44 84.42
N ILE P 665 -2.87 52.35 84.16
CA ILE P 665 -3.70 53.54 84.03
C ILE P 665 -4.21 53.91 85.42
N THR P 666 -3.72 55.02 85.94
CA THR P 666 -4.10 55.48 87.27
C THR P 666 -5.23 56.50 87.15
N GLU P 667 -5.63 57.07 88.29
CA GLU P 667 -6.65 58.11 88.28
C GLU P 667 -6.16 59.39 87.64
N GLU P 668 -4.85 59.64 87.65
CA GLU P 668 -4.29 60.77 86.93
C GLU P 668 -4.33 60.61 85.42
N SER P 669 -4.51 59.38 84.94
CA SER P 669 -4.54 59.09 83.52
C SER P 669 -5.90 58.54 83.08
N ARG P 670 -6.96 58.93 83.79
CA ARG P 670 -8.31 58.55 83.39
C ARG P 670 -8.73 59.00 81.99
N PRO P 671 -8.33 60.17 81.44
CA PRO P 671 -8.67 60.48 80.04
C PRO P 671 -8.17 59.46 79.02
N VAL P 672 -7.13 58.68 79.33
CA VAL P 672 -6.77 57.55 78.48
C VAL P 672 -7.92 56.55 78.39
N LEU P 673 -8.47 56.18 79.55
CA LEU P 673 -9.61 55.26 79.57
C LEU P 673 -10.85 55.88 78.92
N GLU P 674 -11.06 57.18 79.13
CA GLU P 674 -12.18 57.86 78.48
C GLU P 674 -12.03 57.86 76.96
N PHE P 675 -10.81 58.08 76.46
CA PHE P 675 -10.57 58.05 75.03
C PHE P 675 -10.80 56.65 74.45
N LEU P 676 -10.32 55.62 75.15
CA LEU P 676 -10.51 54.25 74.68
C LEU P 676 -11.98 53.88 74.65
N GLN P 677 -12.72 54.21 75.72
CA GLN P 677 -14.14 53.94 75.78
C GLN P 677 -14.92 54.71 74.73
N MET P 678 -14.52 55.97 74.49
CA MET P 678 -15.16 56.78 73.46
C MET P 678 -14.93 56.19 72.07
N LEU P 679 -13.70 55.73 71.80
CA LEU P 679 -13.40 55.13 70.51
C LEU P 679 -14.19 53.84 70.30
N CYS P 680 -14.30 53.02 71.35
CA CYS P 680 -15.12 51.81 71.24
C CYS P 680 -16.60 52.15 71.08
N GLU P 681 -17.07 53.23 71.71
CA GLU P 681 -18.47 53.62 71.59
C GLU P 681 -18.80 54.15 70.20
N ILE P 682 -17.89 54.92 69.59
CA ILE P 682 -18.18 55.47 68.28
C ILE P 682 -17.94 54.46 67.16
N GLY P 683 -17.10 53.45 67.39
CA GLY P 683 -16.85 52.50 66.33
C GLY P 683 -17.91 51.43 66.16
N ALA P 684 -18.88 51.36 67.06
CA ALA P 684 -19.91 50.34 67.03
C ALA P 684 -21.25 50.87 66.52
N HIS P 685 -21.23 51.83 65.60
CA HIS P 685 -22.45 52.38 65.03
C HIS P 685 -22.55 52.13 63.53
N TYR P 686 -21.52 52.47 62.78
CA TYR P 686 -21.59 52.44 61.32
C TYR P 686 -20.66 51.38 60.76
N PRO P 687 -21.18 50.42 60.00
CA PRO P 687 -20.34 49.34 59.48
C PRO P 687 -19.36 49.83 58.43
N GLY P 688 -18.22 49.13 58.35
CA GLY P 688 -17.14 49.51 57.48
C GLY P 688 -16.19 50.52 58.08
N PHE P 689 -16.56 51.15 59.19
CA PHE P 689 -15.71 52.10 59.88
C PHE P 689 -15.38 51.54 61.25
N GLU P 690 -15.05 50.25 61.30
CA GLU P 690 -14.91 49.52 62.55
C GLU P 690 -13.70 50.00 63.34
N THR P 691 -13.75 49.72 64.64
CA THR P 691 -12.71 50.16 65.56
C THR P 691 -11.42 49.39 65.29
N ASP P 692 -10.32 50.12 65.15
CA ASP P 692 -9.01 49.52 64.90
C ASP P 692 -8.12 49.85 66.08
N ILE P 693 -8.14 48.96 67.08
CA ILE P 693 -7.26 49.07 68.24
C ILE P 693 -6.47 47.77 68.31
N HIS P 694 -5.15 47.88 68.25
CA HIS P 694 -4.29 46.71 68.39
C HIS P 694 -4.00 46.49 69.87
N GLY P 695 -4.57 45.43 70.44
CA GLY P 695 -4.42 45.16 71.84
C GLY P 695 -5.75 44.89 72.52
N ALA P 696 -6.78 45.62 72.10
CA ALA P 696 -8.13 45.41 72.61
C ALA P 696 -8.86 44.43 71.70
N TYR P 697 -9.48 43.42 72.31
CA TYR P 697 -10.08 42.31 71.60
C TYR P 697 -11.59 42.45 71.65
N ARG P 698 -12.22 42.37 70.47
CA ARG P 698 -13.66 42.58 70.38
C ARG P 698 -14.40 41.34 70.88
N GLN P 699 -15.43 41.56 71.69
CA GLN P 699 -16.31 40.50 72.13
C GLN P 699 -17.63 40.57 71.37
N ALA P 700 -18.50 39.59 71.62
CA ALA P 700 -19.76 39.52 70.90
C ALA P 700 -20.76 40.55 71.38
N ASP P 701 -20.76 40.88 72.68
CA ASP P 701 -21.73 41.81 73.22
C ASP P 701 -21.45 43.26 72.84
N GLY P 702 -20.21 43.58 72.44
CA GLY P 702 -19.84 44.92 72.07
C GLY P 702 -18.92 45.66 73.03
N ARG P 703 -18.42 44.99 74.06
CA ARG P 703 -17.48 45.59 75.00
C ARG P 703 -16.15 44.87 74.88
N TYR P 704 -15.07 45.65 74.78
CA TYR P 704 -13.76 45.11 74.44
C TYR P 704 -13.02 44.68 75.70
N THR P 705 -12.01 43.82 75.51
CA THR P 705 -11.20 43.29 76.60
C THR P 705 -9.73 43.56 76.33
N VAL P 706 -8.98 43.76 77.41
CA VAL P 706 -7.54 44.01 77.34
C VAL P 706 -6.85 43.04 78.29
N LYS P 707 -5.81 42.36 77.81
CA LYS P 707 -5.07 41.41 78.63
C LYS P 707 -4.25 42.15 79.67
N VAL P 708 -4.65 42.03 80.93
CA VAL P 708 -3.92 42.63 82.04
C VAL P 708 -3.30 41.51 82.86
N LEU P 709 -2.45 41.89 83.81
CA LEU P 709 -1.76 40.93 84.65
C LEU P 709 -2.60 40.58 85.87
N LYS P 710 -2.42 39.36 86.36
CA LYS P 710 -3.12 38.90 87.55
C LYS P 710 -2.56 39.56 88.79
N GLU P 711 -3.35 39.55 89.86
CA GLU P 711 -2.95 40.17 91.11
C GLU P 711 -2.45 39.14 92.11
N MET Q 1 -19.26 50.96 21.50
CA MET Q 1 -18.11 51.69 22.03
C MET Q 1 -16.80 50.96 21.77
N ASN Q 2 -16.25 51.14 20.57
CA ASN Q 2 -14.93 50.65 20.26
C ASN Q 2 -14.15 51.61 19.37
N VAL Q 3 -14.61 52.86 19.32
CA VAL Q 3 -13.96 53.83 18.42
C VAL Q 3 -13.24 54.83 19.29
N ILE Q 4 -11.91 54.93 19.19
CA ILE Q 4 -11.09 55.82 20.07
C ILE Q 4 -10.28 56.70 19.16
N ALA Q 5 -10.44 58.01 19.24
CA ALA Q 5 -9.90 58.87 18.18
C ALA Q 5 -8.64 59.56 18.62
N ILE Q 6 -7.59 59.43 17.84
CA ILE Q 6 -6.27 60.02 18.19
C ILE Q 6 -6.15 61.28 17.36
N LEU Q 7 -5.72 62.39 17.95
CA LEU Q 7 -5.48 63.64 17.17
C LEU Q 7 -4.14 63.54 16.42
N ASN Q 8 -3.78 64.60 15.70
CA ASN Q 8 -2.72 64.60 14.67
C ASN Q 8 -1.27 64.26 14.99
N HIS Q 9 -0.49 64.09 13.93
CA HIS Q 9 0.94 63.75 14.07
C HIS Q 9 1.74 65.02 14.28
N MET Q 10 2.30 65.19 15.48
CA MET Q 10 3.06 66.41 15.81
C MET Q 10 4.25 66.52 14.88
N GLY Q 11 4.98 65.43 14.69
CA GLY Q 11 6.22 65.47 13.88
C GLY Q 11 7.43 64.92 14.61
N VAL Q 12 7.55 65.18 15.90
CA VAL Q 12 8.71 64.62 16.60
C VAL Q 12 8.40 63.20 17.03
N TYR Q 13 9.46 62.42 17.23
CA TYR Q 13 9.38 60.97 17.39
C TYR Q 13 8.95 60.52 18.77
N PHE Q 14 9.39 61.23 19.83
CA PHE Q 14 9.20 60.72 21.18
C PHE Q 14 7.74 60.75 21.61
N LYS Q 15 6.90 61.54 20.93
CA LYS Q 15 5.47 61.52 21.17
C LYS Q 15 4.70 61.00 19.97
N GLU Q 16 5.36 60.23 19.10
CA GLU Q 16 4.69 59.53 18.02
C GLU Q 16 4.86 58.03 18.09
N GLU Q 17 6.06 57.54 18.37
CA GLU Q 17 6.27 56.11 18.52
C GLU Q 17 5.51 55.54 19.72
N PRO Q 18 5.45 56.20 20.89
CA PRO Q 18 4.48 55.74 21.90
C PRO Q 18 3.04 55.77 21.43
N ILE Q 19 2.68 56.75 20.59
CA ILE Q 19 1.32 56.79 20.05
C ILE Q 19 1.09 55.63 19.09
N ARG Q 20 2.08 55.28 18.28
CA ARG Q 20 1.92 54.12 17.41
C ARG Q 20 1.88 52.80 18.19
N GLU Q 21 2.66 52.70 19.27
CA GLU Q 21 2.57 51.52 20.12
C GLU Q 21 1.21 51.43 20.80
N LEU Q 22 0.66 52.56 21.24
CA LEU Q 22 -0.68 52.56 21.81
C LEU Q 22 -1.75 52.24 20.78
N HIS Q 23 -1.55 52.68 19.53
CA HIS Q 23 -2.41 52.29 18.42
C HIS Q 23 -2.42 50.77 18.26
N ARG Q 24 -1.22 50.16 18.22
CA ARG Q 24 -1.13 48.73 18.04
C ARG Q 24 -1.75 47.98 19.22
N ALA Q 25 -1.51 48.44 20.44
CA ALA Q 25 -2.09 47.80 21.62
C ALA Q 25 -3.60 47.93 21.66
N LEU Q 26 -4.15 49.09 21.27
CA LEU Q 26 -5.59 49.25 21.27
C LEU Q 26 -6.27 48.43 20.17
N GLU Q 27 -5.63 48.29 19.01
CA GLU Q 27 -6.16 47.37 18.00
C GLU Q 27 -6.06 45.93 18.48
N ARG Q 28 -5.04 45.61 19.28
CA ARG Q 28 -4.97 44.29 19.91
C ARG Q 28 -6.09 44.11 20.93
N LEU Q 29 -6.55 45.19 21.55
CA LEU Q 29 -7.65 45.14 22.50
C LEU Q 29 -9.01 45.36 21.84
N ASN Q 30 -9.12 45.13 20.53
CA ASN Q 30 -10.37 45.18 19.78
C ASN Q 30 -11.03 46.56 19.82
N PHE Q 31 -10.23 47.60 19.58
CA PHE Q 31 -10.73 48.96 19.43
C PHE Q 31 -10.45 49.46 18.02
N GLN Q 32 -11.50 49.91 17.34
CA GLN Q 32 -11.32 50.60 16.07
C GLN Q 32 -10.72 51.98 16.34
N ILE Q 33 -9.75 52.37 15.52
CA ILE Q 33 -9.02 53.62 15.70
C ILE Q 33 -9.32 54.53 14.54
N VAL Q 34 -9.76 55.75 14.84
CA VAL Q 34 -10.00 56.76 13.82
C VAL Q 34 -8.96 57.86 13.99
N TYR Q 35 -8.70 58.57 12.90
CA TYR Q 35 -7.65 59.60 12.83
C TYR Q 35 -8.20 60.90 12.30
N PRO Q 36 -8.88 61.69 13.12
CA PRO Q 36 -9.26 63.05 12.70
C PRO Q 36 -8.02 63.91 12.52
N ASN Q 37 -8.06 64.76 11.50
CA ASN Q 37 -6.87 65.52 11.11
C ASN Q 37 -6.59 66.67 12.06
N ASP Q 38 -7.62 67.39 12.50
CA ASP Q 38 -7.41 68.54 13.37
C ASP Q 38 -8.62 68.70 14.29
N ARG Q 39 -8.73 69.86 14.93
CA ARG Q 39 -9.72 70.08 15.98
C ARG Q 39 -11.15 70.04 15.44
N ASP Q 40 -11.43 70.82 14.40
CA ASP Q 40 -12.79 70.88 13.85
C ASP Q 40 -13.20 69.53 13.28
N ASP Q 41 -12.23 68.76 12.78
CA ASP Q 41 -12.48 67.39 12.37
C ASP Q 41 -12.99 66.56 13.55
N LEU Q 42 -12.39 66.75 14.74
CA LEU Q 42 -12.86 66.03 15.92
C LEU Q 42 -14.25 66.46 16.33
N LEU Q 43 -14.54 67.77 16.29
CA LEU Q 43 -15.87 68.26 16.63
C LEU Q 43 -16.94 67.65 15.72
N LYS Q 44 -16.71 67.69 14.40
CA LYS Q 44 -17.65 67.09 13.47
C LYS Q 44 -17.75 65.58 13.63
N LEU Q 45 -16.62 64.91 13.89
CA LEU Q 45 -16.63 63.47 14.09
C LEU Q 45 -17.44 63.07 15.31
N ILE Q 46 -17.38 63.87 16.37
CA ILE Q 46 -18.16 63.54 17.56
C ILE Q 46 -19.64 63.84 17.35
N GLU Q 47 -20.00 64.93 16.65
CA GLU Q 47 -21.43 65.20 16.50
C GLU Q 47 -22.09 64.24 15.51
N ASN Q 48 -21.36 63.83 14.49
CA ASN Q 48 -21.96 62.95 13.49
C ASN Q 48 -22.05 61.49 13.95
N ASN Q 49 -21.39 61.13 15.04
CA ASN Q 49 -21.34 59.74 15.47
C ASN Q 49 -21.74 59.64 16.94
N ALA Q 50 -21.90 58.40 17.38
CA ALA Q 50 -22.13 58.11 18.79
C ALA Q 50 -21.33 56.93 19.30
N ARG Q 51 -20.79 56.10 18.41
CA ARG Q 51 -20.00 54.93 18.82
C ARG Q 51 -18.62 55.32 19.34
N LEU Q 52 -18.21 56.57 19.17
CA LEU Q 52 -16.91 57.00 19.66
C LEU Q 52 -16.91 57.02 21.18
N CYS Q 53 -15.90 56.41 21.78
CA CYS Q 53 -15.85 56.24 23.23
C CYS Q 53 -14.52 56.70 23.81
N GLY Q 54 -13.83 57.61 23.13
CA GLY Q 54 -12.55 58.05 23.62
C GLY Q 54 -11.80 58.92 22.64
N VAL Q 55 -11.19 59.99 23.14
CA VAL Q 55 -10.36 60.87 22.33
C VAL Q 55 -9.00 60.92 22.98
N ILE Q 56 -7.97 60.63 22.20
CA ILE Q 56 -6.59 60.78 22.64
C ILE Q 56 -6.02 61.98 21.92
N PHE Q 57 -5.50 62.94 22.68
CA PHE Q 57 -4.93 64.13 22.10
C PHE Q 57 -3.74 64.56 22.94
N ASP Q 58 -2.85 65.32 22.31
CA ASP Q 58 -1.70 65.88 23.01
C ASP Q 58 -2.12 67.16 23.70
N TRP Q 59 -1.62 67.35 24.92
CA TRP Q 59 -1.99 68.49 25.74
C TRP Q 59 -1.17 69.73 25.39
N ASP Q 60 -0.25 69.63 24.43
CA ASP Q 60 0.53 70.81 24.08
C ASP Q 60 -0.11 71.60 22.94
N LYS Q 61 -0.29 70.96 21.78
CA LYS Q 61 -0.81 71.68 20.62
C LYS Q 61 -2.30 71.98 20.73
N TYR Q 62 -3.03 71.25 21.57
CA TYR Q 62 -4.45 71.48 21.76
C TYR Q 62 -4.70 71.77 23.23
N ASN Q 63 -5.31 72.91 23.51
CA ASN Q 63 -5.51 73.36 24.88
C ASN Q 63 -6.70 72.62 25.49
N LEU Q 64 -7.09 73.02 26.70
CA LEU Q 64 -8.14 72.32 27.43
C LEU Q 64 -9.53 72.87 27.12
N GLU Q 65 -9.64 73.86 26.24
CA GLU Q 65 -10.95 74.27 25.75
C GLU Q 65 -11.53 73.23 24.80
N LEU Q 66 -10.67 72.43 24.16
CA LEU Q 66 -11.09 71.20 23.49
C LEU Q 66 -11.15 70.06 24.51
N CYS Q 67 -11.77 70.37 25.63
CA CYS Q 67 -12.31 69.37 26.56
C CYS Q 67 -13.69 69.89 26.91
N GLU Q 68 -13.77 71.22 26.99
CA GLU Q 68 -15.02 71.88 27.34
C GLU Q 68 -16.02 71.84 26.20
N GLU Q 69 -15.55 71.99 24.96
CA GLU Q 69 -16.46 71.88 23.82
C GLU Q 69 -17.03 70.48 23.71
N ILE Q 70 -16.20 69.45 23.90
CA ILE Q 70 -16.69 68.08 23.90
C ILE Q 70 -17.60 67.82 25.09
N SER Q 71 -17.34 68.47 26.22
CA SER Q 71 -18.25 68.39 27.37
C SER Q 71 -19.62 68.96 27.05
N LYS Q 72 -19.66 70.10 26.35
CA LYS Q 72 -20.94 70.60 25.86
C LYS Q 72 -21.57 69.63 24.87
N MET Q 73 -20.76 68.86 24.15
CA MET Q 73 -21.31 67.87 23.24
C MET Q 73 -21.67 66.57 23.97
N ASN Q 74 -20.80 66.10 24.85
CA ASN Q 74 -21.08 64.91 25.65
C ASN Q 74 -20.32 65.00 26.95
N GLU Q 75 -21.04 64.99 28.08
CA GLU Q 75 -20.41 65.21 29.37
C GLU Q 75 -19.57 64.02 29.83
N ASN Q 76 -20.03 62.80 29.55
CA ASN Q 76 -19.41 61.60 30.12
C ASN Q 76 -18.33 61.00 29.23
N LEU Q 77 -18.03 61.61 28.10
CA LEU Q 77 -17.10 61.01 27.15
C LEU Q 77 -15.68 61.04 27.71
N PRO Q 78 -15.01 59.90 27.84
CA PRO Q 78 -13.62 59.90 28.30
C PRO Q 78 -12.71 60.44 27.22
N LEU Q 79 -11.79 61.30 27.63
CA LEU Q 79 -10.77 61.80 26.73
C LEU Q 79 -9.43 61.61 27.42
N TYR Q 80 -8.38 61.39 26.65
CA TYR Q 80 -7.08 61.02 27.23
C TYR Q 80 -6.01 62.03 26.82
N ALA Q 81 -5.82 63.04 27.66
CA ALA Q 81 -4.78 64.03 27.40
C ALA Q 81 -3.41 63.46 27.70
N PHE Q 82 -2.44 63.76 26.85
CA PHE Q 82 -1.08 63.29 27.00
C PHE Q 82 -0.20 64.46 27.42
N ALA Q 83 0.39 64.37 28.61
CA ALA Q 83 1.11 65.49 29.20
C ALA Q 83 2.59 65.40 28.87
N ASN Q 84 3.11 66.40 28.15
CA ASN Q 84 4.53 66.48 27.85
C ASN Q 84 5.18 67.75 28.41
N THR Q 85 4.69 68.92 28.03
CA THR Q 85 5.37 70.18 28.30
C THR Q 85 4.72 70.97 29.43
N TYR Q 86 3.39 71.11 29.39
CA TYR Q 86 2.67 71.65 30.52
C TYR Q 86 2.82 70.71 31.71
N SER Q 87 3.18 71.27 32.84
CA SER Q 87 3.54 70.51 34.02
C SER Q 87 2.29 70.10 34.77
N THR Q 88 2.44 69.72 36.04
CA THR Q 88 1.29 69.56 36.89
C THR Q 88 0.55 70.89 37.05
N LEU Q 89 1.28 72.00 37.17
CA LEU Q 89 0.78 73.30 37.58
C LEU Q 89 -0.23 73.94 36.64
N ASP Q 90 -0.37 73.46 35.40
CA ASP Q 90 -1.13 74.18 34.38
C ASP Q 90 -2.56 73.68 34.25
N VAL Q 91 -3.20 73.30 35.36
CA VAL Q 91 -4.54 72.72 35.33
C VAL Q 91 -5.47 73.54 36.19
N SER Q 92 -6.61 73.94 35.63
CA SER Q 92 -7.65 74.66 36.35
C SER Q 92 -8.69 73.70 36.90
N LEU Q 93 -9.64 74.25 37.66
CA LEU Q 93 -10.72 73.44 38.22
C LEU Q 93 -11.64 72.90 37.14
N ASN Q 94 -11.99 73.71 36.15
CA ASN Q 94 -12.88 73.27 35.08
C ASN Q 94 -12.28 72.14 34.26
N ASP Q 95 -10.95 72.05 34.19
CA ASP Q 95 -10.33 70.88 33.59
C ASP Q 95 -10.53 69.64 34.46
N LEU Q 96 -10.36 69.79 35.77
CA LEU Q 96 -10.56 68.69 36.70
C LEU Q 96 -12.00 68.21 36.79
N ARG Q 97 -12.96 69.04 36.39
CA ARG Q 97 -14.35 68.59 36.45
C ARG Q 97 -14.76 67.85 35.19
N LEU Q 98 -13.83 67.67 34.25
CA LEU Q 98 -14.15 67.00 33.01
C LEU Q 98 -13.64 65.56 33.02
N GLN Q 99 -14.14 64.77 32.08
CA GLN Q 99 -13.71 63.38 31.93
C GLN Q 99 -12.44 63.33 31.07
N ILE Q 100 -11.31 63.63 31.70
CA ILE Q 100 -10.00 63.52 31.05
C ILE Q 100 -9.20 62.61 31.97
N SER Q 101 -8.38 61.74 31.41
CA SER Q 101 -7.36 61.04 32.20
C SER Q 101 -6.00 61.30 31.59
N PHE Q 102 -5.04 61.77 32.39
CA PHE Q 102 -3.75 62.22 31.91
C PHE Q 102 -2.78 61.05 31.78
N PHE Q 103 -1.97 61.07 30.73
CA PHE Q 103 -0.94 60.07 30.49
C PHE Q 103 0.36 60.76 30.10
N GLU Q 104 1.39 59.95 29.87
CA GLU Q 104 2.72 60.43 29.53
C GLU Q 104 3.24 59.68 28.31
N TYR Q 105 4.28 60.24 27.70
CA TYR Q 105 4.90 59.68 26.51
C TYR Q 105 6.12 58.86 26.92
N ALA Q 106 5.93 57.55 27.09
CA ALA Q 106 7.02 56.66 27.46
C ALA Q 106 7.07 55.49 26.49
N LEU Q 107 8.26 55.14 26.04
CA LEU Q 107 8.45 54.01 25.15
C LEU Q 107 8.29 52.69 25.90
N GLY Q 108 7.51 51.78 25.33
CA GLY Q 108 7.31 50.47 25.92
C GLY Q 108 6.26 50.40 27.00
N ALA Q 109 5.63 51.53 27.34
CA ALA Q 109 4.59 51.56 28.37
C ALA Q 109 3.19 51.59 27.77
N ALA Q 110 3.06 51.17 26.52
CA ALA Q 110 1.76 51.23 25.85
C ALA Q 110 0.79 50.16 26.35
N GLU Q 111 1.30 49.08 26.94
CA GLU Q 111 0.40 48.02 27.41
C GLU Q 111 -0.43 48.48 28.60
N ASP Q 112 0.22 49.11 29.59
CA ASP Q 112 -0.51 49.61 30.75
C ASP Q 112 -1.45 50.76 30.38
N ILE Q 113 -1.03 51.61 29.45
CA ILE Q 113 -1.89 52.70 28.98
C ILE Q 113 -3.12 52.13 28.27
N ALA Q 114 -2.92 51.12 27.43
CA ALA Q 114 -4.06 50.51 26.74
C ALA Q 114 -4.98 49.78 27.71
N ASN Q 115 -4.44 49.13 28.73
CA ASN Q 115 -5.29 48.51 29.74
C ASN Q 115 -6.09 49.54 30.52
N LYS Q 116 -5.46 50.67 30.87
CA LYS Q 116 -6.18 51.74 31.54
C LYS Q 116 -7.25 52.35 30.63
N ILE Q 117 -6.97 52.44 29.33
CA ILE Q 117 -7.97 52.95 28.38
C ILE Q 117 -9.15 52.00 28.28
N LYS Q 118 -8.89 50.69 28.23
CA LYS Q 118 -9.97 49.71 28.21
C LYS Q 118 -10.80 49.76 29.48
N GLN Q 119 -10.14 49.90 30.63
CA GLN Q 119 -10.87 50.03 31.89
C GLN Q 119 -11.70 51.31 31.95
N THR Q 120 -11.17 52.41 31.43
CA THR Q 120 -11.92 53.66 31.41
C THR Q 120 -13.13 53.56 30.49
N THR Q 121 -12.98 52.90 29.33
CA THR Q 121 -14.10 52.67 28.44
C THR Q 121 -15.16 51.78 29.09
N ASP Q 122 -14.73 50.75 29.83
CA ASP Q 122 -15.68 49.92 30.56
C ASP Q 122 -16.42 50.72 31.63
N GLU Q 123 -15.71 51.60 32.34
CA GLU Q 123 -16.35 52.48 33.31
C GLU Q 123 -17.35 53.42 32.65
N TYR Q 124 -17.00 53.94 31.47
CA TYR Q 124 -17.91 54.82 30.74
C TYR Q 124 -19.18 54.09 30.31
N ILE Q 125 -19.03 52.86 29.83
CA ILE Q 125 -20.19 52.06 29.42
C ILE Q 125 -21.05 51.73 30.63
N ASN Q 126 -20.44 51.33 31.74
CA ASN Q 126 -21.18 51.05 32.96
C ASN Q 126 -21.69 52.30 33.66
N THR Q 127 -21.24 53.47 33.23
CA THR Q 127 -21.76 54.73 33.78
C THR Q 127 -22.99 55.21 33.02
N ILE Q 128 -22.92 55.25 31.69
CA ILE Q 128 -24.05 55.78 30.93
C ILE Q 128 -25.21 54.81 30.83
N LEU Q 129 -25.00 53.52 31.08
CA LEU Q 129 -26.08 52.56 30.93
C LEU Q 129 -27.02 52.63 32.13
N PRO Q 130 -28.32 52.47 31.91
CA PRO Q 130 -29.25 52.35 33.04
C PRO Q 130 -29.06 51.01 33.73
N PRO Q 131 -29.44 50.89 35.01
CA PRO Q 131 -29.04 49.70 35.78
C PRO Q 131 -29.65 48.39 35.29
N LEU Q 132 -30.92 48.36 34.90
CA LEU Q 132 -31.50 47.09 34.47
C LEU Q 132 -30.97 46.66 33.11
N THR Q 133 -30.80 47.61 32.18
CA THR Q 133 -30.16 47.27 30.91
C THR Q 133 -28.72 46.83 31.11
N LYS Q 134 -28.02 47.46 32.06
CA LYS Q 134 -26.66 47.04 32.42
C LYS Q 134 -26.65 45.60 32.92
N ALA Q 135 -27.58 45.27 33.82
CA ALA Q 135 -27.65 43.92 34.36
C ALA Q 135 -28.06 42.91 33.31
N LEU Q 136 -28.96 43.27 32.39
CA LEU Q 136 -29.34 42.35 31.33
C LEU Q 136 -28.19 42.11 30.36
N PHE Q 137 -27.44 43.16 30.02
CA PHE Q 137 -26.26 42.98 29.17
C PHE Q 137 -25.21 42.13 29.86
N LYS Q 138 -25.03 42.33 31.18
CA LYS Q 138 -24.09 41.52 31.93
C LYS Q 138 -24.51 40.06 31.96
N TYR Q 139 -25.82 39.81 32.15
CA TYR Q 139 -26.33 38.44 32.18
C TYR Q 139 -26.16 37.74 30.84
N VAL Q 140 -26.42 38.45 29.74
CA VAL Q 140 -26.22 37.85 28.43
C VAL Q 140 -24.74 37.61 28.15
N ARG Q 141 -23.86 38.52 28.58
CA ARG Q 141 -22.42 38.34 28.40
C ARG Q 141 -21.90 37.14 29.17
N GLU Q 142 -22.41 36.89 30.38
CA GLU Q 142 -22.04 35.71 31.15
C GLU Q 142 -22.96 34.53 30.86
N GLY Q 143 -23.48 34.45 29.63
CA GLY Q 143 -24.60 33.62 29.22
C GLY Q 143 -24.60 32.18 29.71
N LYS Q 144 -25.57 31.89 30.57
CA LYS Q 144 -25.68 30.62 31.24
C LYS Q 144 -26.75 29.77 30.58
N TYR Q 145 -26.59 28.45 30.68
CA TYR Q 145 -27.62 27.53 30.24
C TYR Q 145 -28.86 27.70 31.13
N THR Q 146 -30.02 27.44 30.56
CA THR Q 146 -31.25 27.59 31.32
C THR Q 146 -32.19 26.44 31.02
N PHE Q 147 -32.99 26.07 32.02
CA PHE Q 147 -33.99 25.03 31.90
C PHE Q 147 -35.37 25.56 32.23
N CYS Q 148 -35.60 26.84 32.01
CA CYS Q 148 -36.83 27.50 32.38
C CYS Q 148 -37.46 28.15 31.16
N THR Q 149 -38.65 28.72 31.37
CA THR Q 149 -39.30 29.50 30.33
C THR Q 149 -38.49 30.76 30.05
N PRO Q 150 -38.43 31.24 28.80
CA PRO Q 150 -39.07 30.80 27.55
C PRO Q 150 -38.48 29.52 26.97
N GLY Q 151 -39.22 28.90 26.04
CA GLY Q 151 -38.83 27.60 25.52
C GLY Q 151 -37.63 27.60 24.60
N HIS Q 152 -37.32 28.73 23.97
CA HIS Q 152 -36.16 28.74 23.09
C HIS Q 152 -34.86 28.70 23.86
N MET Q 153 -34.86 29.23 25.08
CA MET Q 153 -33.75 29.11 26.04
C MET Q 153 -32.44 29.66 25.47
N GLY Q 154 -32.44 30.96 25.23
CA GLY Q 154 -31.29 31.57 24.59
C GLY Q 154 -31.27 31.43 23.09
N GLY Q 155 -32.39 31.07 22.48
CA GLY Q 155 -32.47 30.94 21.04
C GLY Q 155 -31.89 29.67 20.48
N THR Q 156 -31.60 28.68 21.32
CA THR Q 156 -31.02 27.43 20.86
C THR Q 156 -32.06 26.48 20.30
N ALA Q 157 -33.35 26.82 20.38
CA ALA Q 157 -34.37 26.10 19.62
C ALA Q 157 -34.44 26.56 18.18
N PHE Q 158 -34.12 27.83 17.91
CA PHE Q 158 -34.07 28.35 16.55
C PHE Q 158 -32.83 27.92 15.79
N GLN Q 159 -31.83 27.34 16.47
CA GLN Q 159 -30.65 26.86 15.78
C GLN Q 159 -30.83 25.44 15.26
N LYS Q 160 -32.03 24.86 15.39
CA LYS Q 160 -32.26 23.47 15.01
C LYS Q 160 -33.47 23.31 14.11
N SER Q 161 -33.83 24.33 13.34
CA SER Q 161 -34.95 24.25 12.41
C SER Q 161 -34.68 25.20 11.26
N PRO Q 162 -35.09 24.85 10.03
CA PRO Q 162 -34.78 25.72 8.89
C PRO Q 162 -35.46 27.08 8.95
N VAL Q 163 -36.78 27.12 9.14
CA VAL Q 163 -37.45 28.40 9.33
C VAL Q 163 -37.02 29.05 10.65
N GLY Q 164 -36.75 28.23 11.67
CA GLY Q 164 -36.17 28.75 12.89
C GLY Q 164 -34.78 29.34 12.67
N SER Q 165 -33.99 28.72 11.80
CA SER Q 165 -32.67 29.29 11.50
C SER Q 165 -32.78 30.57 10.70
N LEU Q 166 -33.79 30.68 9.83
CA LEU Q 166 -34.02 31.95 9.15
C LEU Q 166 -34.38 33.05 10.13
N PHE Q 167 -35.24 32.73 11.10
CA PHE Q 167 -35.60 33.69 12.14
C PHE Q 167 -34.39 34.10 12.96
N TYR Q 168 -33.56 33.11 13.34
CA TYR Q 168 -32.37 33.37 14.13
C TYR Q 168 -31.33 34.18 13.37
N ASP Q 169 -31.11 33.89 12.08
CA ASP Q 169 -30.20 34.67 11.27
C ASP Q 169 -30.70 36.08 11.01
N PHE Q 170 -32.03 36.27 10.97
CA PHE Q 170 -32.54 37.63 10.85
C PHE Q 170 -32.31 38.41 12.13
N PHE Q 171 -32.81 37.91 13.25
CA PHE Q 171 -32.76 38.72 14.47
C PHE Q 171 -31.37 38.79 15.07
N GLY Q 172 -30.60 37.70 15.02
CA GLY Q 172 -29.27 37.69 15.59
C GLY Q 172 -29.31 37.18 17.02
N PRO Q 173 -28.15 36.76 17.54
CA PRO Q 173 -28.13 35.97 18.78
C PRO Q 173 -28.46 36.76 20.04
N ASN Q 174 -28.01 38.01 20.09
CA ASN Q 174 -28.12 38.79 21.32
C ASN Q 174 -29.54 39.14 21.68
N THR Q 175 -30.43 39.28 20.70
CA THR Q 175 -31.83 39.50 21.00
C THR Q 175 -32.60 38.21 21.22
N MET Q 176 -31.96 37.05 21.03
CA MET Q 176 -32.56 35.81 21.48
C MET Q 176 -32.16 35.48 22.91
N LYS Q 177 -30.88 35.70 23.25
CA LYS Q 177 -30.45 35.50 24.63
C LYS Q 177 -31.04 36.52 25.59
N SER Q 178 -31.45 37.69 25.09
CA SER Q 178 -31.99 38.73 25.94
C SER Q 178 -33.42 38.46 26.38
N ASP Q 179 -34.06 37.43 25.85
CA ASP Q 179 -35.43 37.10 26.22
C ASP Q 179 -35.38 36.00 27.27
N ILE Q 180 -35.60 36.38 28.52
CA ILE Q 180 -35.65 35.46 29.65
C ILE Q 180 -36.89 35.77 30.48
N SER Q 181 -37.05 35.05 31.58
CA SER Q 181 -38.23 35.23 32.41
C SER Q 181 -37.86 35.51 33.87
N ILE Q 182 -38.86 35.53 34.74
CA ILE Q 182 -38.66 35.87 36.15
C ILE Q 182 -37.93 34.79 36.93
N SER Q 183 -37.70 33.62 36.32
CA SER Q 183 -36.96 32.56 36.99
C SER Q 183 -35.50 32.92 37.21
N VAL Q 184 -34.94 33.81 36.40
CA VAL Q 184 -33.59 34.32 36.62
C VAL Q 184 -33.66 35.31 37.78
N SER Q 185 -33.24 34.86 38.96
CA SER Q 185 -33.49 35.61 40.18
C SER Q 185 -32.65 36.87 40.31
N GLU Q 186 -31.54 36.97 39.59
CA GLU Q 186 -30.65 38.10 39.76
C GLU Q 186 -31.14 39.37 39.09
N LEU Q 187 -32.14 39.29 38.20
CA LEU Q 187 -32.71 40.46 37.58
C LEU Q 187 -33.98 40.95 38.28
N GLY Q 188 -34.36 40.33 39.39
CA GLY Q 188 -35.57 40.72 40.08
C GLY Q 188 -36.80 40.33 39.28
N SER Q 189 -37.86 41.12 39.44
CA SER Q 189 -39.10 40.87 38.74
C SER Q 189 -39.85 42.18 38.54
N LEU Q 190 -40.42 42.36 37.35
CA LEU Q 190 -41.21 43.56 37.06
C LEU Q 190 -42.45 43.60 37.93
N LEU Q 191 -43.08 42.45 38.15
CA LEU Q 191 -44.37 42.40 38.82
C LEU Q 191 -44.28 42.79 40.28
N ASP Q 192 -43.21 42.38 40.97
CA ASP Q 192 -43.06 42.64 42.38
C ASP Q 192 -42.22 43.88 42.67
N HIS Q 193 -41.66 44.52 41.64
CA HIS Q 193 -40.84 45.73 41.75
C HIS Q 193 -39.65 45.51 42.70
N SER Q 194 -38.78 44.61 42.30
CA SER Q 194 -37.67 44.18 43.14
C SER Q 194 -36.35 44.23 42.39
N GLY Q 195 -35.29 44.56 43.11
CA GLY Q 195 -33.94 44.51 42.58
C GLY Q 195 -33.67 45.50 41.46
N PRO Q 196 -33.10 45.00 40.35
CA PRO Q 196 -32.82 45.86 39.20
C PRO Q 196 -34.06 46.49 38.62
N HIS Q 197 -35.21 45.80 38.66
CA HIS Q 197 -36.44 46.44 38.23
C HIS Q 197 -36.79 47.64 39.10
N LYS Q 198 -36.72 47.49 40.43
CA LYS Q 198 -37.08 48.60 41.33
C LYS Q 198 -36.15 49.79 41.15
N GLU Q 199 -34.86 49.52 40.97
CA GLU Q 199 -33.94 50.58 40.60
C GLU Q 199 -34.32 51.22 39.28
N ALA Q 200 -34.86 50.43 38.33
CA ALA Q 200 -35.29 51.00 37.07
C ALA Q 200 -36.50 51.92 37.24
N GLU Q 201 -37.52 51.51 38.01
CA GLU Q 201 -38.65 52.44 38.17
C GLU Q 201 -38.26 53.68 38.97
N GLN Q 202 -37.34 53.56 39.94
CA GLN Q 202 -36.89 54.77 40.60
C GLN Q 202 -36.11 55.68 39.65
N TYR Q 203 -35.34 55.09 38.72
CA TYR Q 203 -34.62 55.85 37.71
C TYR Q 203 -35.59 56.58 36.78
N ILE Q 204 -36.65 55.89 36.36
CA ILE Q 204 -37.70 56.51 35.54
C ILE Q 204 -38.37 57.64 36.32
N ALA Q 205 -38.59 57.44 37.63
CA ALA Q 205 -39.19 58.48 38.45
C ALA Q 205 -38.32 59.73 38.53
N ARG Q 206 -37.01 59.58 38.65
CA ARG Q 206 -36.18 60.79 38.67
C ARG Q 206 -36.34 61.43 37.31
N VAL Q 207 -36.07 60.68 36.26
CA VAL Q 207 -35.87 61.32 34.96
C VAL Q 207 -37.06 62.19 34.58
N PHE Q 208 -38.28 61.65 34.71
CA PHE Q 208 -39.49 62.29 34.18
C PHE Q 208 -40.18 63.22 35.18
N ASN Q 209 -39.55 63.50 36.33
CA ASN Q 209 -40.10 64.36 37.38
C ASN Q 209 -41.48 63.87 37.83
N ALA Q 210 -41.49 62.66 38.38
CA ALA Q 210 -42.70 62.04 38.89
C ALA Q 210 -42.39 61.37 40.22
N ASP Q 211 -43.43 61.21 41.04
CA ASP Q 211 -43.25 60.57 42.34
C ASP Q 211 -43.02 59.08 42.17
N ARG Q 212 -44.01 58.37 41.64
CA ARG Q 212 -43.91 56.95 41.36
C ARG Q 212 -44.14 56.75 39.87
N SER Q 213 -43.23 56.04 39.22
CA SER Q 213 -43.32 55.81 37.79
C SER Q 213 -43.39 54.31 37.52
N TYR Q 214 -44.28 53.90 36.63
CA TYR Q 214 -44.41 52.49 36.29
C TYR Q 214 -43.99 52.29 34.84
N MET Q 215 -43.72 51.03 34.48
CA MET Q 215 -43.22 50.67 33.15
C MET Q 215 -44.09 49.55 32.60
N VAL Q 216 -45.14 49.93 31.86
CA VAL Q 216 -46.10 48.97 31.33
C VAL Q 216 -45.49 48.28 30.12
N THR Q 217 -45.77 46.98 29.97
CA THR Q 217 -45.17 46.19 28.90
C THR Q 217 -46.17 45.78 27.83
N ASN Q 218 -47.43 46.19 27.93
CA ASN Q 218 -48.39 46.00 26.86
C ASN Q 218 -48.60 47.26 26.05
N GLY Q 219 -48.55 48.42 26.67
CA GLY Q 219 -48.74 49.68 26.00
C GLY Q 219 -49.68 50.59 26.77
N THR Q 220 -49.77 51.83 26.29
CA THR Q 220 -50.63 52.78 26.96
C THR Q 220 -52.09 52.48 26.76
N SER Q 221 -52.44 51.63 25.77
CA SER Q 221 -53.76 51.06 25.71
C SER Q 221 -54.09 50.25 26.95
N THR Q 222 -53.07 49.70 27.63
CA THR Q 222 -53.26 49.02 28.89
C THR Q 222 -53.02 49.95 30.08
N ALA Q 223 -52.16 50.96 29.90
CA ALA Q 223 -51.92 51.93 30.97
C ALA Q 223 -53.16 52.76 31.27
N ASN Q 224 -53.91 53.14 30.23
CA ASN Q 224 -55.19 53.82 30.43
C ASN Q 224 -56.14 52.95 31.22
N LYS Q 225 -56.16 51.65 30.91
CA LYS Q 225 -56.98 50.69 31.64
C LYS Q 225 -56.59 50.62 33.09
N ILE Q 226 -55.28 50.61 33.37
CA ILE Q 226 -54.79 50.53 34.74
C ILE Q 226 -55.22 51.77 35.53
N VAL Q 227 -55.03 52.95 34.94
CA VAL Q 227 -55.35 54.19 35.63
C VAL Q 227 -56.85 54.32 35.85
N GLY Q 228 -57.64 54.05 34.82
CA GLY Q 228 -59.09 54.16 34.96
C GLY Q 228 -59.74 53.04 35.72
N MET Q 229 -59.05 51.93 35.95
CA MET Q 229 -59.59 50.93 36.85
C MET Q 229 -59.16 51.15 38.29
N TYR Q 230 -58.05 51.84 38.52
CA TYR Q 230 -57.72 52.21 39.89
C TYR Q 230 -58.56 53.39 40.36
N SER Q 231 -58.47 54.52 39.65
CA SER Q 231 -59.05 55.77 40.13
C SER Q 231 -60.55 55.85 39.97
N ALA Q 232 -61.15 55.02 39.12
CA ALA Q 232 -62.59 55.07 38.85
C ALA Q 232 -63.21 53.74 39.20
N PRO Q 233 -63.69 53.56 40.44
CA PRO Q 233 -64.39 52.34 40.80
C PRO Q 233 -65.74 52.25 40.10
N ALA Q 234 -66.31 51.05 40.12
CA ALA Q 234 -67.58 50.82 39.46
C ALA Q 234 -68.71 51.55 40.20
N GLY Q 235 -69.65 52.07 39.43
CA GLY Q 235 -70.72 52.88 39.97
C GLY Q 235 -70.38 54.35 40.09
N SER Q 236 -69.13 54.73 39.84
CA SER Q 236 -68.72 56.12 39.89
C SER Q 236 -68.89 56.76 38.52
N THR Q 237 -68.31 57.93 38.32
CA THR Q 237 -68.52 58.73 37.12
C THR Q 237 -67.21 59.35 36.69
N ILE Q 238 -66.98 59.42 35.38
CA ILE Q 238 -65.73 59.94 34.84
C ILE Q 238 -66.03 61.09 33.87
N LEU Q 239 -65.02 61.93 33.66
CA LEU Q 239 -65.04 62.99 32.66
C LEU Q 239 -64.04 62.60 31.57
N ILE Q 240 -64.52 61.91 30.56
CA ILE Q 240 -63.67 61.42 29.49
C ILE Q 240 -63.78 62.34 28.29
N ASP Q 241 -62.63 62.70 27.73
CA ASP Q 241 -62.59 63.44 26.47
C ASP Q 241 -63.27 62.65 25.36
N ARG Q 242 -64.07 63.35 24.55
CA ARG Q 242 -64.60 62.71 23.35
C ARG Q 242 -63.49 62.40 22.37
N ASN Q 243 -62.49 63.27 22.29
CA ASN Q 243 -61.26 62.96 21.56
C ASN Q 243 -60.48 61.94 22.38
N CYS Q 244 -60.89 60.68 22.33
CA CYS Q 244 -60.28 59.63 23.11
C CYS Q 244 -59.72 58.58 22.18
N HIS Q 245 -59.16 57.54 22.76
CA HIS Q 245 -58.68 56.38 22.03
C HIS Q 245 -59.70 55.27 22.12
N LYS Q 246 -59.52 54.24 21.29
CA LYS Q 246 -60.33 53.04 21.39
C LYS Q 246 -60.16 52.37 22.75
N SER Q 247 -58.97 52.51 23.33
CA SER Q 247 -58.65 51.88 24.61
C SER Q 247 -59.51 52.43 25.74
N LEU Q 248 -59.80 53.73 25.73
CA LEU Q 248 -60.66 54.29 26.76
C LEU Q 248 -62.10 53.80 26.64
N THR Q 249 -62.58 53.64 25.41
CA THR Q 249 -63.90 53.04 25.19
C THR Q 249 -63.92 51.61 25.70
N HIS Q 250 -62.86 50.86 25.43
CA HIS Q 250 -62.75 49.49 25.93
C HIS Q 250 -62.72 49.45 27.46
N LEU Q 251 -62.02 50.40 28.08
CA LEU Q 251 -62.03 50.54 29.53
C LEU Q 251 -63.42 50.80 30.07
N MET Q 252 -64.16 51.70 29.43
CA MET Q 252 -65.52 52.00 29.86
C MET Q 252 -66.47 50.83 29.66
N MET Q 253 -66.20 49.97 28.69
CA MET Q 253 -67.01 48.77 28.55
C MET Q 253 -66.64 47.68 29.55
N MET Q 254 -65.38 47.64 30.02
CA MET Q 254 -65.07 46.69 31.08
C MET Q 254 -65.65 47.11 32.42
N SER Q 255 -65.54 48.38 32.77
CA SER Q 255 -65.89 48.86 34.10
C SER Q 255 -67.28 49.48 34.11
N ASP Q 256 -67.96 49.34 35.24
CA ASP Q 256 -69.32 49.87 35.42
C ASP Q 256 -69.24 51.35 35.81
N VAL Q 257 -68.93 52.18 34.82
CA VAL Q 257 -68.78 53.62 35.01
C VAL Q 257 -69.77 54.34 34.13
N THR Q 258 -69.87 55.65 34.34
CA THR Q 258 -70.81 56.51 33.62
C THR Q 258 -70.08 57.74 33.11
N PRO Q 259 -70.23 58.12 31.84
CA PRO Q 259 -69.51 59.28 31.31
C PRO Q 259 -70.29 60.58 31.29
N ILE Q 260 -69.54 61.67 31.46
CA ILE Q 260 -69.84 62.94 30.80
C ILE Q 260 -68.73 63.18 29.79
N TYR Q 261 -69.12 63.35 28.53
CA TYR Q 261 -68.15 63.55 27.46
C TYR Q 261 -67.84 65.02 27.31
N PHE Q 262 -66.56 65.36 27.34
CA PHE Q 262 -66.13 66.69 26.95
C PHE Q 262 -66.40 66.90 25.46
N ARG Q 263 -66.49 68.17 25.05
CA ARG Q 263 -66.87 68.50 23.68
C ARG Q 263 -65.77 69.29 22.99
N PRO Q 264 -64.84 68.64 22.32
CA PRO Q 264 -63.75 69.36 21.65
C PRO Q 264 -64.25 70.10 20.41
N THR Q 265 -63.48 71.10 20.01
CA THR Q 265 -63.72 71.85 18.79
C THR Q 265 -62.98 71.20 17.63
N ARG Q 266 -63.30 71.65 16.42
CA ARG Q 266 -62.66 71.14 15.21
C ARG Q 266 -62.82 72.15 14.08
N ASN Q 267 -61.93 72.06 13.11
CA ASN Q 267 -61.96 72.91 11.93
C ASN Q 267 -62.55 72.14 10.76
N ALA Q 268 -62.59 72.79 9.60
CA ALA Q 268 -63.10 72.16 8.40
C ALA Q 268 -62.16 71.10 7.85
N TYR Q 269 -60.88 71.13 8.22
CA TYR Q 269 -59.93 70.13 7.75
C TYR Q 269 -60.23 68.75 8.33
N GLY Q 270 -60.87 68.70 9.50
CA GLY Q 270 -61.05 67.46 10.23
C GLY Q 270 -60.07 67.26 11.35
N ILE Q 271 -59.22 68.24 11.63
CA ILE Q 271 -58.27 68.15 12.73
C ILE Q 271 -59.04 68.29 14.03
N LEU Q 272 -58.85 67.32 14.93
CA LEU Q 272 -59.50 67.35 16.24
C LEU Q 272 -58.82 68.40 17.10
N GLY Q 273 -59.51 69.50 17.34
CA GLY Q 273 -58.97 70.54 18.19
C GLY Q 273 -59.13 70.20 19.65
N GLY Q 274 -59.56 71.16 20.45
CA GLY Q 274 -59.64 70.94 21.88
C GLY Q 274 -60.89 71.41 22.56
N ILE Q 275 -61.02 71.02 23.82
CA ILE Q 275 -62.18 71.40 24.63
C ILE Q 275 -62.07 72.88 24.97
N PRO Q 276 -63.15 73.66 24.87
CA PRO Q 276 -63.08 75.05 25.30
C PRO Q 276 -62.89 75.17 26.80
N GLN Q 277 -62.50 76.37 27.24
CA GLN Q 277 -62.27 76.62 28.65
C GLN Q 277 -63.53 76.52 29.49
N SER Q 278 -64.71 76.67 28.88
CA SER Q 278 -65.96 76.67 29.63
C SER Q 278 -66.29 75.28 30.19
N GLU Q 279 -65.81 74.22 29.54
CA GLU Q 279 -66.15 72.86 29.95
C GLU Q 279 -65.15 72.25 30.93
N PHE Q 280 -64.43 73.08 31.68
CA PHE Q 280 -63.62 72.57 32.78
C PHE Q 280 -63.98 73.19 34.11
N GLN Q 281 -64.98 74.07 34.15
CA GLN Q 281 -65.36 74.75 35.37
C GLN Q 281 -66.48 73.97 36.06
N HIS Q 282 -66.83 74.40 37.27
CA HIS Q 282 -67.79 73.66 38.06
C HIS Q 282 -69.21 73.76 37.53
N ALA Q 283 -69.56 74.88 36.89
CA ALA Q 283 -70.94 75.10 36.48
C ALA Q 283 -71.36 74.14 35.37
N THR Q 284 -70.56 74.04 34.31
CA THR Q 284 -70.92 73.16 33.20
C THR Q 284 -70.83 71.69 33.59
N ILE Q 285 -69.85 71.34 34.43
CA ILE Q 285 -69.72 69.96 34.89
C ILE Q 285 -70.92 69.58 35.76
N ALA Q 286 -71.33 70.46 36.66
CA ALA Q 286 -72.51 70.20 37.49
C ALA Q 286 -73.77 70.11 36.66
N LYS Q 287 -73.90 70.96 35.64
CA LYS Q 287 -75.06 70.88 34.74
C LYS Q 287 -75.10 69.55 34.01
N ARG Q 288 -73.99 69.15 33.38
CA ARG Q 288 -73.93 67.89 32.66
C ARG Q 288 -74.08 66.69 33.57
N VAL Q 289 -73.70 66.81 34.84
CA VAL Q 289 -74.05 65.79 35.83
C VAL Q 289 -75.56 65.76 36.03
N LYS Q 290 -76.19 66.93 36.12
CA LYS Q 290 -77.61 67.00 36.44
C LYS Q 290 -78.48 66.39 35.34
N GLU Q 291 -78.17 66.65 34.07
CA GLU Q 291 -78.95 66.02 33.01
C GLU Q 291 -78.33 64.72 32.50
N THR Q 292 -77.65 63.96 33.36
CA THR Q 292 -77.25 62.60 33.00
C THR Q 292 -77.84 61.64 34.00
N PRO Q 293 -78.58 60.62 33.55
CA PRO Q 293 -79.19 59.67 34.49
C PRO Q 293 -78.15 58.83 35.21
N ASN Q 294 -78.44 58.53 36.47
CA ASN Q 294 -77.61 57.70 37.35
C ASN Q 294 -76.19 58.25 37.49
N ALA Q 295 -76.05 59.57 37.50
CA ALA Q 295 -74.75 60.21 37.51
C ALA Q 295 -74.54 60.99 38.79
N THR Q 296 -73.34 60.88 39.34
CA THR Q 296 -72.92 61.62 40.53
C THR Q 296 -71.75 62.52 40.15
N TRP Q 297 -71.14 63.13 41.17
CA TRP Q 297 -69.97 63.97 40.92
C TRP Q 297 -68.81 63.12 40.42
N PRO Q 298 -68.15 63.55 39.34
CA PRO Q 298 -67.07 62.73 38.75
C PRO Q 298 -65.90 62.59 39.70
N VAL Q 299 -65.34 61.38 39.75
CA VAL Q 299 -64.19 61.09 40.61
C VAL Q 299 -62.92 60.94 39.82
N HIS Q 300 -62.96 61.10 38.51
CA HIS Q 300 -61.77 60.95 37.67
C HIS Q 300 -62.02 61.67 36.36
N ALA Q 301 -60.94 62.18 35.75
CA ALA Q 301 -61.02 62.85 34.47
C ALA Q 301 -59.89 62.38 33.58
N VAL Q 302 -60.20 62.12 32.30
CA VAL Q 302 -59.22 61.66 31.33
C VAL Q 302 -59.21 62.64 30.17
N ILE Q 303 -58.03 63.17 29.85
CA ILE Q 303 -57.86 64.21 28.85
C ILE Q 303 -56.73 63.80 27.91
N THR Q 304 -56.96 63.88 26.60
CA THR Q 304 -55.94 63.51 25.63
C THR Q 304 -55.05 64.72 25.40
N ASN Q 305 -53.87 64.72 26.04
CA ASN Q 305 -52.92 65.83 25.99
C ASN Q 305 -51.57 65.34 25.51
N SER Q 306 -51.22 65.59 24.25
CA SER Q 306 -51.96 66.44 23.33
C SER Q 306 -52.98 65.66 22.55
N THR Q 307 -53.56 66.31 21.53
CA THR Q 307 -54.44 65.61 20.62
C THR Q 307 -53.59 64.79 19.65
N TYR Q 308 -54.26 64.15 18.69
CA TYR Q 308 -53.55 63.39 17.67
C TYR Q 308 -52.69 64.30 16.80
N ASP Q 309 -53.12 65.53 16.57
CA ASP Q 309 -52.39 66.48 15.74
C ASP Q 309 -51.50 67.42 16.54
N GLY Q 310 -51.18 67.05 17.78
CA GLY Q 310 -50.19 67.79 18.55
C GLY Q 310 -50.62 69.16 18.99
N LEU Q 311 -51.75 69.25 19.71
CA LEU Q 311 -52.23 70.50 20.28
C LEU Q 311 -52.22 70.34 21.79
N LEU Q 312 -51.19 70.88 22.43
CA LEU Q 312 -51.05 70.84 23.87
C LEU Q 312 -52.08 71.77 24.52
N TYR Q 313 -52.34 71.52 25.80
CA TYR Q 313 -53.28 72.34 26.54
C TYR Q 313 -52.53 73.21 27.53
N ASN Q 314 -53.21 74.23 28.02
CA ASN Q 314 -52.70 74.97 29.18
C ASN Q 314 -53.09 74.16 30.41
N THR Q 315 -52.24 73.20 30.74
CA THR Q 315 -52.54 72.24 31.80
C THR Q 315 -52.53 72.84 33.19
N ASP Q 316 -51.91 74.00 33.39
CA ASP Q 316 -51.98 74.66 34.70
C ASP Q 316 -53.39 75.14 34.99
N PHE Q 317 -54.06 75.67 33.97
CA PHE Q 317 -55.48 75.99 34.05
C PHE Q 317 -56.30 74.76 34.43
N ILE Q 318 -55.99 73.62 33.81
CA ILE Q 318 -56.74 72.40 34.04
C ILE Q 318 -56.53 71.90 35.47
N LYS Q 319 -55.28 71.85 35.91
CA LYS Q 319 -54.97 71.38 37.25
C LYS Q 319 -55.40 72.36 38.34
N LYS Q 320 -55.66 73.62 37.99
CA LYS Q 320 -56.19 74.54 38.98
C LYS Q 320 -57.71 74.50 39.07
N THR Q 321 -58.40 74.42 37.94
CA THR Q 321 -59.84 74.66 37.94
C THR Q 321 -60.70 73.42 37.79
N LEU Q 322 -60.17 72.32 37.25
CA LEU Q 322 -60.94 71.09 37.16
C LEU Q 322 -61.05 70.48 38.57
N ASP Q 323 -62.25 70.51 39.12
CA ASP Q 323 -62.47 70.17 40.53
C ASP Q 323 -62.75 68.68 40.73
N VAL Q 324 -61.89 67.82 40.21
CA VAL Q 324 -62.00 66.39 40.45
C VAL Q 324 -60.76 65.94 41.20
N LYS Q 325 -60.87 64.78 41.84
CA LYS Q 325 -59.82 64.30 42.72
C LYS Q 325 -58.70 63.58 42.00
N SER Q 326 -58.82 63.35 40.70
CA SER Q 326 -57.76 62.72 39.92
C SER Q 326 -57.92 63.11 38.46
N ILE Q 327 -56.89 63.73 37.90
CA ILE Q 327 -56.89 64.14 36.50
C ILE Q 327 -55.87 63.30 35.77
N HIS Q 328 -56.32 62.59 34.73
CA HIS Q 328 -55.45 61.77 33.92
C HIS Q 328 -55.22 62.40 32.56
N PHE Q 329 -53.97 62.48 32.16
CA PHE Q 329 -53.59 63.01 30.85
C PHE Q 329 -53.10 61.84 30.02
N ASP Q 330 -53.83 61.52 28.94
CA ASP Q 330 -53.46 60.43 28.04
C ASP Q 330 -52.42 60.97 27.07
N SER Q 331 -51.20 61.13 27.59
CA SER Q 331 -50.12 61.74 26.82
C SER Q 331 -49.38 60.71 25.97
N ALA Q 332 -50.15 60.01 25.15
CA ALA Q 332 -49.54 59.02 24.28
C ALA Q 332 -48.66 59.63 23.21
N TRP Q 333 -49.02 60.82 22.72
CA TRP Q 333 -48.28 61.46 21.64
C TRP Q 333 -47.27 62.49 22.13
N VAL Q 334 -47.24 62.79 23.42
CA VAL Q 334 -46.24 63.73 23.94
C VAL Q 334 -45.52 63.05 25.10
N PRO Q 335 -44.54 62.18 24.87
CA PRO Q 335 -43.79 61.60 25.99
C PRO Q 335 -42.49 62.34 26.30
N TYR Q 336 -42.07 63.23 25.41
CA TYR Q 336 -40.77 63.88 25.48
C TYR Q 336 -40.80 65.19 26.24
N THR Q 337 -41.77 65.39 27.12
CA THR Q 337 -42.11 66.72 27.61
C THR Q 337 -41.02 67.35 28.48
N ASN Q 338 -40.43 66.58 29.39
CA ASN Q 338 -39.52 67.12 30.40
C ASN Q 338 -38.21 67.62 29.78
N PHE Q 339 -37.89 67.20 28.57
CA PHE Q 339 -36.55 67.29 28.04
C PHE Q 339 -36.30 68.53 27.19
N SER Q 340 -37.23 69.48 27.18
CA SER Q 340 -36.98 70.79 26.62
C SER Q 340 -37.89 71.75 27.35
N PRO Q 341 -37.38 72.89 27.82
CA PRO Q 341 -38.23 73.86 28.52
C PRO Q 341 -39.23 74.58 27.63
N ILE Q 342 -39.30 74.23 26.35
CA ILE Q 342 -40.37 74.70 25.48
C ILE Q 342 -41.71 74.23 26.01
N TYR Q 343 -41.78 72.99 26.49
CA TYR Q 343 -43.01 72.36 26.94
C TYR Q 343 -43.32 72.60 28.42
N GLU Q 344 -42.76 73.65 29.01
CA GLU Q 344 -43.09 73.95 30.40
C GLU Q 344 -44.54 74.38 30.52
N GLY Q 345 -45.23 73.85 31.53
CA GLY Q 345 -46.64 74.13 31.69
C GLY Q 345 -47.51 73.47 30.64
N LYS Q 346 -47.09 72.32 30.13
CA LYS Q 346 -47.80 71.64 29.05
C LYS Q 346 -47.82 70.12 29.21
N CYS Q 347 -47.82 69.62 30.44
CA CYS Q 347 -48.06 68.21 30.70
C CYS Q 347 -48.58 68.05 32.12
N GLY Q 348 -48.96 66.82 32.45
CA GLY Q 348 -49.36 66.53 33.81
C GLY Q 348 -48.24 66.71 34.82
N MET Q 349 -47.01 66.38 34.43
CA MET Q 349 -45.87 66.49 35.31
C MET Q 349 -45.25 67.89 35.32
N SER Q 350 -45.78 68.81 34.51
CA SER Q 350 -45.32 70.18 34.57
C SER Q 350 -45.75 70.83 35.88
N GLY Q 351 -44.86 71.63 36.43
CA GLY Q 351 -45.13 72.25 37.71
C GLY Q 351 -44.94 71.27 38.85
N GLY Q 352 -45.30 71.74 40.04
CA GLY Q 352 -45.12 70.96 41.26
C GLY Q 352 -46.29 70.04 41.55
N ARG Q 353 -46.22 69.43 42.73
CA ARG Q 353 -47.28 68.55 43.21
C ARG Q 353 -48.51 69.39 43.53
N VAL Q 354 -49.57 69.20 42.76
CA VAL Q 354 -50.80 69.96 42.97
C VAL Q 354 -51.50 69.44 44.22
N GLU Q 355 -52.16 70.34 44.94
CA GLU Q 355 -52.79 69.99 46.20
C GLU Q 355 -54.17 69.40 45.98
N GLY Q 356 -54.48 68.31 46.68
CA GLY Q 356 -55.82 67.79 46.74
C GLY Q 356 -56.21 66.84 45.63
N LYS Q 357 -55.34 66.61 44.64
CA LYS Q 357 -55.67 65.68 43.57
C LYS Q 357 -54.39 65.06 43.04
N VAL Q 358 -54.54 63.89 42.42
CA VAL Q 358 -53.41 63.13 41.89
C VAL Q 358 -53.45 63.25 40.37
N ILE Q 359 -52.33 63.64 39.78
CA ILE Q 359 -52.23 63.82 38.34
C ILE Q 359 -51.56 62.59 37.76
N TYR Q 360 -52.26 61.92 36.84
CA TYR Q 360 -51.70 60.79 36.12
C TYR Q 360 -51.24 61.25 34.74
N GLU Q 361 -50.18 60.62 34.25
CA GLU Q 361 -49.77 60.81 32.88
C GLU Q 361 -49.21 59.49 32.36
N THR Q 362 -49.61 59.11 31.16
CA THR Q 362 -49.40 57.76 30.64
C THR Q 362 -48.71 57.81 29.29
N GLN Q 363 -47.56 58.48 29.25
CA GLN Q 363 -46.68 58.59 28.10
C GLN Q 363 -46.48 57.26 27.38
N SER Q 364 -46.83 57.24 26.10
CA SER Q 364 -46.53 56.10 25.24
C SER Q 364 -45.10 56.25 24.74
N THR Q 365 -44.16 55.59 25.41
CA THR Q 365 -42.75 55.77 25.17
C THR Q 365 -42.32 55.34 23.77
N HIS Q 366 -42.97 54.32 23.21
CA HIS Q 366 -42.55 53.82 21.91
C HIS Q 366 -42.92 54.76 20.76
N1 LLP Q 367 -53.97 56.03 23.32
C2 LLP Q 367 -53.84 57.10 22.53
C2' LLP Q 367 -54.60 58.42 22.85
C3 LLP Q 367 -53.00 57.04 21.40
O3 LLP Q 367 -52.87 58.17 20.57
C4 LLP Q 367 -52.31 55.89 21.09
C4' LLP Q 367 -51.35 55.83 19.80
C5 LLP Q 367 -52.43 54.81 21.88
C6 LLP Q 367 -53.27 54.84 23.01
C5' LLP Q 367 -51.64 53.52 21.49
OP4 LLP Q 367 -51.64 52.58 22.54
P LLP Q 367 -50.49 51.55 22.50
OP1 LLP Q 367 -50.45 50.89 21.12
OP2 LLP Q 367 -50.72 50.53 23.53
OP3 LLP Q 367 -49.20 52.23 22.75
N LLP Q 367 -43.88 55.65 21.01
CA LLP Q 367 -44.45 56.49 19.94
CB LLP Q 367 -45.70 57.15 20.43
CG LLP Q 367 -46.83 56.12 20.50
CD LLP Q 367 -47.74 56.25 19.26
CE LLP Q 367 -49.04 55.46 19.50
NZ LLP Q 367 -50.05 56.32 20.13
C LLP Q 367 -43.50 57.51 19.45
O LLP Q 367 -43.22 57.55 18.26
N LEU Q 368 -42.98 58.37 20.33
CA LEU Q 368 -42.13 59.48 19.90
C LEU Q 368 -40.70 59.38 20.41
N LEU Q 369 -40.49 58.67 21.51
CA LEU Q 369 -39.14 58.40 21.97
C LEU Q 369 -38.58 57.20 21.22
N ALA Q 370 -37.40 56.75 21.62
CA ALA Q 370 -36.75 55.62 21.00
C ALA Q 370 -36.92 54.41 21.91
N ALA Q 371 -38.00 53.67 21.67
CA ALA Q 371 -38.26 52.45 22.43
C ALA Q 371 -38.97 51.43 21.56
N PHE Q 372 -38.85 50.16 21.96
CA PHE Q 372 -39.57 49.09 21.29
C PHE Q 372 -41.06 49.26 21.48
N SER Q 373 -41.84 48.68 20.56
CA SER Q 373 -43.28 48.81 20.63
C SER Q 373 -43.84 48.09 21.85
N GLN Q 374 -45.10 48.38 22.14
CA GLN Q 374 -45.81 47.93 23.34
C GLN Q 374 -45.13 48.38 24.62
N ALA Q 375 -44.41 49.51 24.58
CA ALA Q 375 -43.79 50.07 25.76
C ALA Q 375 -44.55 51.31 26.19
N SER Q 376 -44.76 51.43 27.49
CA SER Q 376 -45.50 52.55 28.02
C SER Q 376 -45.09 52.80 29.46
N MET Q 377 -45.52 53.93 29.99
CA MET Q 377 -45.22 54.32 31.35
C MET Q 377 -46.47 54.88 31.99
N ILE Q 378 -46.51 54.83 33.32
CA ILE Q 378 -47.53 55.51 34.11
C ILE Q 378 -46.81 56.35 35.14
N HIS Q 379 -46.82 57.65 34.95
CA HIS Q 379 -46.25 58.59 35.91
C HIS Q 379 -47.39 59.15 36.75
N VAL Q 380 -47.22 59.13 38.06
CA VAL Q 380 -48.20 59.72 38.96
C VAL Q 380 -47.59 60.94 39.60
N LYS Q 381 -48.46 61.80 40.14
CA LYS Q 381 -48.03 62.99 40.85
C LYS Q 381 -49.02 63.23 41.97
N GLY Q 382 -48.66 62.84 43.18
CA GLY Q 382 -49.55 62.93 44.31
C GLY Q 382 -49.37 61.72 45.20
N ASP Q 383 -50.38 61.46 46.02
CA ASP Q 383 -50.36 60.34 46.96
C ASP Q 383 -51.43 59.34 46.53
N VAL Q 384 -51.02 58.10 46.31
CA VAL Q 384 -51.95 57.03 45.95
C VAL Q 384 -51.75 55.89 46.94
N ASN Q 385 -52.80 55.07 47.05
CA ASN Q 385 -52.71 53.86 47.86
C ASN Q 385 -51.76 52.90 47.14
N GLU Q 386 -50.57 52.69 47.73
CA GLU Q 386 -49.49 52.00 47.05
C GLU Q 386 -49.85 50.56 46.71
N GLU Q 387 -50.43 49.84 47.67
CA GLU Q 387 -50.75 48.44 47.41
C GLU Q 387 -51.95 48.28 46.49
N THR Q 388 -52.98 49.12 46.64
CA THR Q 388 -54.14 49.04 45.75
C THR Q 388 -53.77 49.38 44.32
N PHE Q 389 -52.98 50.44 44.12
CA PHE Q 389 -52.57 50.81 42.77
C PHE Q 389 -51.55 49.85 42.19
N ASN Q 390 -50.66 49.29 43.02
CA ASN Q 390 -49.77 48.24 42.55
C ASN Q 390 -50.54 47.00 42.14
N GLU Q 391 -51.60 46.66 42.88
CA GLU Q 391 -52.41 45.52 42.51
C GLU Q 391 -53.19 45.77 41.23
N ALA Q 392 -53.67 47.00 41.04
CA ALA Q 392 -54.32 47.35 39.78
C ALA Q 392 -53.36 47.30 38.60
N TYR Q 393 -52.11 47.72 38.80
CA TYR Q 393 -51.10 47.59 37.76
C TYR Q 393 -50.80 46.13 37.46
N MET Q 394 -50.67 45.30 38.50
CA MET Q 394 -50.46 43.87 38.33
C MET Q 394 -51.64 43.19 37.64
N MET Q 395 -52.84 43.75 37.82
CA MET Q 395 -54.05 43.16 37.28
C MET Q 395 -54.08 43.13 35.76
N HIS Q 396 -53.56 44.15 35.08
CA HIS Q 396 -53.66 44.22 33.64
C HIS Q 396 -52.40 43.78 32.90
N THR Q 397 -51.23 43.89 33.51
CA THR Q 397 -50.03 43.47 32.82
C THR Q 397 -49.89 41.95 32.88
N THR Q 398 -49.04 41.42 32.01
CA THR Q 398 -48.73 40.01 32.00
C THR Q 398 -47.85 39.65 33.20
N THR Q 399 -47.62 38.36 33.38
CA THR Q 399 -46.77 37.88 34.47
C THR Q 399 -45.34 37.62 34.04
N SER Q 400 -45.12 37.26 32.78
CA SER Q 400 -43.78 37.04 32.23
C SER Q 400 -43.58 38.01 31.08
N PRO Q 401 -43.04 39.19 31.35
CA PRO Q 401 -42.92 40.22 30.31
C PRO Q 401 -41.72 39.98 29.41
N HIS Q 402 -41.74 40.67 28.27
CA HIS Q 402 -40.63 40.64 27.34
C HIS Q 402 -39.56 41.61 27.83
N TYR Q 403 -38.43 41.08 28.30
CA TYR Q 403 -37.41 41.94 28.89
C TYR Q 403 -36.72 42.83 27.87
N GLY Q 404 -36.82 42.51 26.58
CA GLY Q 404 -36.35 43.45 25.57
C GLY Q 404 -37.17 44.73 25.56
N ILE Q 405 -38.49 44.61 25.70
CA ILE Q 405 -39.36 45.78 25.76
C ILE Q 405 -39.08 46.58 27.04
N VAL Q 406 -38.89 45.91 28.17
CA VAL Q 406 -38.59 46.59 29.43
C VAL Q 406 -37.26 47.32 29.36
N ALA Q 407 -36.23 46.66 28.83
CA ALA Q 407 -34.93 47.28 28.69
C ALA Q 407 -34.98 48.45 27.71
N SER Q 408 -35.76 48.33 26.63
CA SER Q 408 -35.92 49.44 25.72
C SER Q 408 -36.68 50.60 26.37
N THR Q 409 -37.67 50.28 27.20
CA THR Q 409 -38.43 51.30 27.91
C THR Q 409 -37.54 52.12 28.84
N GLU Q 410 -36.64 51.44 29.55
CA GLU Q 410 -35.72 52.18 30.42
C GLU Q 410 -34.62 52.90 29.63
N THR Q 411 -34.10 52.26 28.57
CA THR Q 411 -33.05 52.87 27.77
C THR Q 411 -33.56 54.10 27.03
N ALA Q 412 -34.86 54.19 26.75
CA ALA Q 412 -35.40 55.39 26.16
C ALA Q 412 -35.25 56.60 27.08
N ALA Q 413 -35.50 56.42 28.37
CA ALA Q 413 -35.24 57.51 29.31
C ALA Q 413 -33.76 57.74 29.51
N ALA Q 414 -32.97 56.65 29.47
CA ALA Q 414 -31.53 56.79 29.61
C ALA Q 414 -30.89 57.54 28.44
N MET Q 415 -31.53 57.54 27.27
CA MET Q 415 -31.07 58.36 26.15
C MET Q 415 -31.29 59.85 26.37
N MET Q 416 -32.01 60.24 27.42
CA MET Q 416 -32.38 61.62 27.60
C MET Q 416 -31.70 62.30 28.79
N LYS Q 417 -30.92 61.58 29.57
CA LYS Q 417 -30.14 62.19 30.63
C LYS Q 417 -28.84 62.74 30.07
N GLY Q 418 -28.39 63.85 30.63
CA GLY Q 418 -27.14 64.46 30.25
C GLY Q 418 -27.32 65.54 29.20
N ASN Q 419 -26.24 65.76 28.45
CA ASN Q 419 -26.27 66.73 27.37
C ASN Q 419 -26.72 66.13 26.05
N ALA Q 420 -26.53 64.81 25.88
CA ALA Q 420 -26.92 64.16 24.64
C ALA Q 420 -28.43 64.16 24.44
N GLY Q 421 -29.20 63.93 25.51
CA GLY Q 421 -30.64 63.95 25.36
C GLY Q 421 -31.20 65.33 25.08
N LYS Q 422 -30.66 66.34 25.74
CA LYS Q 422 -31.05 67.73 25.45
C LYS Q 422 -30.69 68.09 24.03
N ARG Q 423 -29.51 67.64 23.56
CA ARG Q 423 -29.13 67.87 22.18
C ARG Q 423 -30.05 67.17 21.20
N LEU Q 424 -30.50 65.94 21.54
CA LEU Q 424 -31.45 65.23 20.70
C LEU Q 424 -32.77 65.99 20.58
N ILE Q 425 -33.35 66.38 21.70
CA ILE Q 425 -34.66 67.03 21.68
C ILE Q 425 -34.58 68.39 20.99
N ASN Q 426 -33.55 69.18 21.32
CA ASN Q 426 -33.41 70.49 20.68
C ASN Q 426 -33.11 70.35 19.19
N GLY Q 427 -32.32 69.36 18.80
CA GLY Q 427 -32.07 69.14 17.38
C GLY Q 427 -33.31 68.73 16.63
N SER Q 428 -34.15 67.87 17.25
CA SER Q 428 -35.39 67.46 16.60
C SER Q 428 -36.35 68.64 16.45
N ILE Q 429 -36.48 69.46 17.48
CA ILE Q 429 -37.38 70.61 17.40
C ILE Q 429 -36.87 71.63 16.39
N GLU Q 430 -35.57 71.90 16.38
CA GLU Q 430 -35.00 72.85 15.43
C GLU Q 430 -35.11 72.35 14.00
N ARG Q 431 -34.89 71.05 13.78
CA ARG Q 431 -35.07 70.46 12.46
C ARG Q 431 -36.52 70.54 12.00
N ALA Q 432 -37.47 70.32 12.92
CA ALA Q 432 -38.88 70.46 12.57
C ALA Q 432 -39.21 71.90 12.18
N ILE Q 433 -38.69 72.87 12.94
CA ILE Q 433 -38.96 74.27 12.65
C ILE Q 433 -38.35 74.68 11.32
N LYS Q 434 -37.14 74.21 11.02
CA LYS Q 434 -36.50 74.53 9.74
C LYS Q 434 -37.23 73.89 8.57
N PHE Q 435 -37.73 72.66 8.75
CA PHE Q 435 -38.57 72.06 7.72
C PHE Q 435 -39.84 72.87 7.49
N ARG Q 436 -40.45 73.35 8.57
CA ARG Q 436 -41.65 74.17 8.45
C ARG Q 436 -41.37 75.48 7.71
N LYS Q 437 -40.23 76.10 8.01
CA LYS Q 437 -39.88 77.33 7.32
C LYS Q 437 -39.64 77.10 5.84
N GLU Q 438 -38.94 76.04 5.43
CA GLU Q 438 -38.91 75.87 3.98
C GLU Q 438 -40.19 75.35 3.36
N ILE Q 439 -41.07 74.65 4.06
CA ILE Q 439 -42.25 74.26 3.32
C ILE Q 439 -43.14 75.48 3.06
N LYS Q 440 -43.21 76.43 4.01
CA LYS Q 440 -43.84 77.71 3.64
C LYS Q 440 -43.01 78.51 2.64
N ARG Q 441 -41.69 78.34 2.61
CA ARG Q 441 -40.90 79.06 1.62
C ARG Q 441 -41.10 78.51 0.21
N LEU Q 442 -41.10 77.19 0.07
CA LEU Q 442 -41.35 76.54 -1.21
C LEU Q 442 -42.77 76.76 -1.68
N ARG Q 443 -43.72 76.99 -0.76
CA ARG Q 443 -45.06 77.37 -1.20
C ARG Q 443 -45.04 78.69 -1.95
N THR Q 444 -44.30 79.68 -1.46
CA THR Q 444 -44.21 80.96 -2.15
C THR Q 444 -43.16 80.98 -3.25
N GLU Q 445 -42.35 79.93 -3.34
CA GLU Q 445 -41.35 79.87 -4.41
C GLU Q 445 -41.92 79.21 -5.67
N SER Q 446 -42.81 78.25 -5.51
CA SER Q 446 -43.28 77.45 -6.63
C SER Q 446 -44.33 78.19 -7.43
N ASP Q 447 -44.66 77.61 -8.58
CA ASP Q 447 -45.71 78.12 -9.45
C ASP Q 447 -47.01 77.35 -9.24
N GLY Q 448 -48.13 78.06 -9.35
CA GLY Q 448 -49.42 77.44 -9.19
C GLY Q 448 -49.65 77.01 -7.76
N TRP Q 449 -50.04 75.76 -7.57
CA TRP Q 449 -50.35 75.23 -6.26
C TRP Q 449 -49.12 74.63 -5.61
N PHE Q 450 -49.16 74.54 -4.28
CA PHE Q 450 -48.16 73.80 -3.53
C PHE Q 450 -48.76 73.39 -2.19
N PHE Q 451 -48.07 72.47 -1.52
CA PHE Q 451 -48.48 72.03 -0.20
C PHE Q 451 -48.35 73.16 0.81
N ASP Q 452 -49.41 73.37 1.58
CA ASP Q 452 -49.41 74.29 2.70
C ASP Q 452 -49.19 73.46 3.96
N VAL Q 453 -48.75 74.13 5.02
CA VAL Q 453 -48.62 73.49 6.33
C VAL Q 453 -49.36 74.31 7.38
N TRP Q 454 -50.19 73.62 8.14
CA TRP Q 454 -51.18 74.20 9.04
C TRP Q 454 -50.44 74.68 10.28
N GLN Q 455 -49.97 75.93 10.22
CA GLN Q 455 -49.11 76.51 11.24
C GLN Q 455 -49.23 78.02 11.14
N PRO Q 456 -48.84 78.76 12.20
CA PRO Q 456 -48.93 80.22 12.14
C PRO Q 456 -48.11 80.82 11.01
N ASP Q 457 -48.59 81.95 10.48
CA ASP Q 457 -47.98 82.58 9.33
C ASP Q 457 -46.57 83.07 9.60
N HIS Q 458 -46.26 83.50 10.82
CA HIS Q 458 -44.92 83.90 11.20
C HIS Q 458 -44.45 83.01 12.33
N ILE Q 459 -43.57 82.06 12.01
CA ILE Q 459 -42.87 81.26 13.00
C ILE Q 459 -41.38 81.41 12.76
N ASP Q 460 -40.67 81.85 13.78
CA ASP Q 460 -39.22 81.90 13.72
C ASP Q 460 -38.54 81.62 15.05
N THR Q 461 -39.29 81.33 16.11
CA THR Q 461 -38.75 81.06 17.43
C THR Q 461 -39.08 79.63 17.83
N THR Q 462 -38.26 79.08 18.73
CA THR Q 462 -38.43 77.70 19.18
C THR Q 462 -39.35 77.70 20.40
N GLU Q 463 -40.65 77.75 20.11
CA GLU Q 463 -41.66 77.68 21.16
C GLU Q 463 -42.88 76.97 20.60
N CYS Q 464 -43.72 76.49 21.51
CA CYS Q 464 -45.03 76.00 21.12
C CYS Q 464 -45.89 77.20 20.76
N TRP Q 465 -46.19 77.35 19.49
CA TRP Q 465 -46.85 78.57 19.03
C TRP Q 465 -48.30 78.57 19.47
N PRO Q 466 -48.73 79.55 20.26
CA PRO Q 466 -50.09 79.52 20.81
C PRO Q 466 -51.14 79.79 19.74
N LEU Q 467 -52.28 79.14 19.88
CA LEU Q 467 -53.39 79.34 18.95
C LEU Q 467 -54.18 80.55 19.41
N ARG Q 468 -54.03 81.65 18.69
CA ARG Q 468 -54.62 82.92 19.09
C ARG Q 468 -55.96 83.12 18.39
N SER Q 469 -56.90 83.72 19.12
CA SER Q 469 -58.22 84.00 18.56
C SER Q 469 -58.18 85.08 17.51
N ASP Q 470 -57.11 85.87 17.46
CA ASP Q 470 -56.99 86.97 16.51
C ASP Q 470 -56.34 86.54 15.20
N SER Q 471 -56.16 85.24 15.00
CA SER Q 471 -55.60 84.71 13.76
C SER Q 471 -56.49 83.60 13.26
N THR Q 472 -56.32 83.26 11.97
CA THR Q 472 -57.23 82.32 11.34
C THR Q 472 -56.50 81.15 10.66
N TRP Q 473 -55.24 80.91 11.00
CA TRP Q 473 -54.53 79.79 10.39
C TRP Q 473 -55.05 78.46 10.91
N HIS Q 474 -55.50 78.41 12.17
CA HIS Q 474 -55.96 77.15 12.73
C HIS Q 474 -57.35 76.77 12.26
N GLY Q 475 -58.30 77.70 12.30
CA GLY Q 475 -59.64 77.44 11.85
C GLY Q 475 -60.66 77.20 12.94
N PHE Q 476 -60.23 77.00 14.18
CA PHE Q 476 -61.16 76.85 15.29
C PHE Q 476 -61.73 78.22 15.63
N LYS Q 477 -63.03 78.39 15.38
CA LYS Q 477 -63.67 79.68 15.59
C LYS Q 477 -63.93 79.94 17.07
N ASN Q 478 -63.75 81.21 17.46
CA ASN Q 478 -63.99 81.69 18.82
C ASN Q 478 -63.16 80.91 19.85
N ILE Q 479 -61.93 80.60 19.47
CA ILE Q 479 -61.05 79.82 20.33
C ILE Q 479 -60.56 80.69 21.48
N ASP Q 480 -60.27 80.05 22.61
CA ASP Q 480 -59.82 80.74 23.80
C ASP Q 480 -58.31 80.94 23.76
N ASN Q 481 -57.87 82.10 24.22
CA ASN Q 481 -56.45 82.46 24.14
C ASN Q 481 -55.66 81.79 25.25
N GLU Q 482 -54.47 81.31 24.89
CA GLU Q 482 -53.62 80.46 25.73
C GLU Q 482 -54.39 79.28 26.31
N HIS Q 483 -54.89 78.44 25.42
CA HIS Q 483 -55.42 77.14 25.79
C HIS Q 483 -54.78 76.10 24.87
N MET Q 484 -54.32 76.53 23.69
CA MET Q 484 -53.72 75.64 22.72
C MET Q 484 -52.34 76.10 22.33
N TYR Q 485 -51.47 75.13 22.11
CA TYR Q 485 -50.06 75.32 21.79
C TYR Q 485 -49.67 74.28 20.76
N LEU Q 486 -49.26 74.73 19.58
CA LEU Q 486 -48.90 73.80 18.52
C LEU Q 486 -47.57 73.14 18.83
N ASP Q 487 -47.53 71.83 18.71
CA ASP Q 487 -46.29 71.11 18.84
C ASP Q 487 -45.52 71.20 17.53
N PRO Q 488 -44.31 71.76 17.53
CA PRO Q 488 -43.58 71.97 16.25
C PRO Q 488 -43.20 70.69 15.53
N ILE Q 489 -43.08 69.55 16.23
CA ILE Q 489 -42.54 68.37 15.56
C ILE Q 489 -43.62 67.49 14.94
N LYS Q 490 -44.89 67.80 15.15
CA LYS Q 490 -45.98 67.07 14.49
C LYS Q 490 -46.47 67.93 13.32
N VAL Q 491 -45.72 67.85 12.22
CA VAL Q 491 -45.99 68.71 11.06
C VAL Q 491 -47.18 68.15 10.31
N THR Q 492 -48.20 68.98 10.12
CA THR Q 492 -49.40 68.62 9.39
C THR Q 492 -49.40 69.37 8.07
N LEU Q 493 -48.98 68.70 7.00
CA LEU Q 493 -49.07 69.30 5.69
C LEU Q 493 -50.53 69.43 5.26
N LEU Q 494 -50.76 70.30 4.28
CA LEU Q 494 -52.07 70.49 3.72
C LEU Q 494 -51.96 70.40 2.21
N THR Q 495 -53.04 69.97 1.58
CA THR Q 495 -53.14 69.87 0.15
C THR Q 495 -54.18 70.86 -0.37
N PRO Q 496 -54.12 71.23 -1.65
CA PRO Q 496 -55.13 72.13 -2.20
C PRO Q 496 -56.52 71.50 -2.16
N GLY Q 497 -57.52 72.37 -2.08
CA GLY Q 497 -58.91 71.94 -2.02
C GLY Q 497 -59.73 72.73 -1.04
N MET Q 498 -59.07 73.32 -0.05
CA MET Q 498 -59.74 74.08 1.00
C MET Q 498 -59.35 75.55 0.89
N GLU Q 499 -60.34 76.42 1.03
CA GLU Q 499 -60.05 77.84 1.19
C GLU Q 499 -59.77 78.14 2.66
N LYS Q 500 -59.34 79.38 2.92
CA LYS Q 500 -58.95 79.75 4.28
C LYS Q 500 -60.15 79.93 5.21
N ASP Q 501 -61.29 80.35 4.68
CA ASP Q 501 -62.47 80.57 5.50
C ASP Q 501 -63.22 79.27 5.82
N GLY Q 502 -62.86 78.16 5.19
CA GLY Q 502 -63.46 76.88 5.45
C GLY Q 502 -64.19 76.27 4.26
N THR Q 503 -64.59 77.08 3.28
CA THR Q 503 -65.27 76.54 2.11
C THR Q 503 -64.27 75.80 1.21
N MET Q 504 -64.81 75.00 0.31
CA MET Q 504 -63.99 74.19 -0.57
C MET Q 504 -63.65 74.96 -1.84
N SER Q 505 -62.46 74.70 -2.36
CA SER Q 505 -62.02 75.27 -3.63
C SER Q 505 -62.54 74.39 -4.77
N ASP Q 506 -62.09 74.68 -5.99
CA ASP Q 506 -62.42 73.85 -7.14
C ASP Q 506 -61.32 72.87 -7.51
N PHE Q 507 -60.07 73.34 -7.55
CA PHE Q 507 -58.93 72.48 -7.81
C PHE Q 507 -58.40 71.94 -6.50
N GLY Q 508 -58.24 70.62 -6.42
CA GLY Q 508 -57.80 70.02 -5.18
C GLY Q 508 -57.28 68.62 -5.38
N ILE Q 509 -56.45 68.19 -4.43
CA ILE Q 509 -55.94 66.83 -4.37
C ILE Q 509 -56.22 66.32 -2.96
N PRO Q 510 -57.08 65.32 -2.79
CA PRO Q 510 -57.21 64.71 -1.46
C PRO Q 510 -55.95 63.96 -1.08
N ALA Q 511 -55.67 63.95 0.23
CA ALA Q 511 -54.38 63.51 0.76
C ALA Q 511 -54.12 62.03 0.60
N SER Q 512 -55.13 61.24 0.23
CA SER Q 512 -54.93 59.82 -0.01
C SER Q 512 -54.00 59.56 -1.18
N ILE Q 513 -54.13 60.33 -2.27
CA ILE Q 513 -53.24 60.19 -3.41
C ILE Q 513 -51.81 60.55 -3.05
N VAL Q 514 -51.62 61.64 -2.30
CA VAL Q 514 -50.27 62.03 -1.89
C VAL Q 514 -49.66 60.97 -0.98
N ALA Q 515 -50.44 60.43 -0.03
CA ALA Q 515 -49.93 59.40 0.85
C ALA Q 515 -49.57 58.13 0.08
N LYS Q 516 -50.41 57.75 -0.88
CA LYS Q 516 -50.11 56.57 -1.68
C LYS Q 516 -48.88 56.78 -2.55
N TYR Q 517 -48.69 57.99 -3.07
CA TYR Q 517 -47.51 58.26 -3.87
C TYR Q 517 -46.26 58.18 -3.00
N LEU Q 518 -46.32 58.76 -1.79
CA LEU Q 518 -45.18 58.71 -0.89
C LEU Q 518 -44.87 57.28 -0.48
N ASP Q 519 -45.90 56.48 -0.25
CA ASP Q 519 -45.69 55.05 0.02
C ASP Q 519 -45.08 54.33 -1.17
N GLU Q 520 -45.44 54.74 -2.39
CA GLU Q 520 -44.80 54.16 -3.57
C GLU Q 520 -43.32 54.49 -3.61
N HIS Q 521 -42.95 55.72 -3.27
CA HIS Q 521 -41.55 56.12 -3.29
C HIS Q 521 -40.83 55.86 -1.98
N GLY Q 522 -41.40 55.04 -1.09
CA GLY Q 522 -40.64 54.53 0.02
C GLY Q 522 -40.52 55.46 1.21
N ILE Q 523 -41.52 56.31 1.46
CA ILE Q 523 -41.62 57.07 2.69
C ILE Q 523 -43.06 56.95 3.20
N VAL Q 524 -43.21 56.79 4.50
CA VAL Q 524 -44.50 56.41 5.09
C VAL Q 524 -45.07 57.60 5.86
N VAL Q 525 -46.32 57.91 5.60
CA VAL Q 525 -47.07 58.94 6.32
C VAL Q 525 -47.77 58.27 7.50
N GLU Q 526 -47.86 58.98 8.62
CA GLU Q 526 -48.48 58.44 9.83
C GLU Q 526 -49.96 58.10 9.59
N LYS Q 527 -50.82 59.11 9.39
CA LYS Q 527 -52.20 58.91 8.98
C LYS Q 527 -52.70 60.19 8.33
N THR Q 528 -53.59 60.04 7.36
CA THR Q 528 -54.11 61.16 6.58
C THR Q 528 -55.60 61.30 6.75
N GLY Q 529 -56.09 62.52 6.68
CA GLY Q 529 -57.50 62.78 6.61
C GLY Q 529 -57.91 63.06 5.17
N PRO Q 530 -58.87 63.96 4.99
CA PRO Q 530 -59.28 64.30 3.62
C PRO Q 530 -58.23 65.11 2.88
N TYR Q 531 -57.66 66.12 3.52
CA TYR Q 531 -56.72 67.02 2.87
C TYR Q 531 -55.55 67.37 3.78
N ASN Q 532 -55.17 66.48 4.69
CA ASN Q 532 -54.01 66.74 5.52
C ASN Q 532 -53.17 65.47 5.67
N LEU Q 533 -51.88 65.68 5.84
CA LEU Q 533 -50.95 64.62 6.19
C LEU Q 533 -50.46 64.86 7.62
N LEU Q 534 -49.58 63.98 8.09
CA LEU Q 534 -48.99 64.15 9.40
C LEU Q 534 -47.61 63.50 9.38
N PHE Q 535 -46.60 64.19 9.89
CA PHE Q 535 -45.26 63.62 9.90
C PHE Q 535 -44.67 63.81 11.29
N LEU Q 536 -44.37 62.70 11.94
CA LEU Q 536 -43.78 62.72 13.27
C LEU Q 536 -42.29 63.02 13.12
N PHE Q 537 -41.88 64.22 13.51
CA PHE Q 537 -40.46 64.57 13.52
C PHE Q 537 -39.89 64.24 14.89
N SER Q 538 -39.75 62.95 15.16
CA SER Q 538 -39.26 62.49 16.44
C SER Q 538 -37.74 62.63 16.48
N ILE Q 539 -37.10 62.05 17.49
CA ILE Q 539 -35.65 62.12 17.62
C ILE Q 539 -34.94 61.31 16.56
N GLY Q 540 -35.63 60.41 15.87
CA GLY Q 540 -35.00 59.64 14.82
C GLY Q 540 -34.80 60.39 13.53
N ILE Q 541 -35.55 61.47 13.31
CA ILE Q 541 -35.52 62.16 12.02
C ILE Q 541 -34.26 63.00 11.93
N ASP Q 542 -33.45 62.75 10.89
CA ASP Q 542 -32.34 63.61 10.52
C ASP Q 542 -32.65 64.28 9.19
N LYS Q 543 -31.71 65.08 8.71
CA LYS Q 543 -31.96 65.87 7.50
C LYS Q 543 -32.00 65.03 6.24
N THR Q 544 -31.47 63.79 6.27
CA THR Q 544 -31.61 62.89 5.13
C THR Q 544 -33.07 62.57 4.86
N LYS Q 545 -33.78 62.13 5.91
CA LYS Q 545 -35.19 61.80 5.76
C LYS Q 545 -36.02 63.04 5.44
N ALA Q 546 -35.72 64.17 6.07
CA ALA Q 546 -36.48 65.40 5.81
C ALA Q 546 -36.33 65.85 4.37
N LEU Q 547 -35.10 65.82 3.84
CA LEU Q 547 -34.88 66.20 2.46
C LEU Q 547 -35.50 65.22 1.48
N SER Q 548 -35.45 63.92 1.79
CA SER Q 548 -36.11 62.94 0.94
C SER Q 548 -37.62 63.14 0.92
N LEU Q 549 -38.20 63.49 2.06
CA LEU Q 549 -39.64 63.78 2.08
C LEU Q 549 -39.99 65.01 1.27
N LEU Q 550 -39.21 66.08 1.43
CA LEU Q 550 -39.49 67.33 0.73
C LEU Q 550 -39.38 67.11 -0.78
N ARG Q 551 -38.46 66.21 -1.13
CA ARG Q 551 -38.12 65.86 -2.53
C ARG Q 551 -38.93 64.69 -3.09
N ALA Q 552 -39.80 64.06 -2.30
CA ALA Q 552 -40.92 63.24 -2.75
C ALA Q 552 -42.15 64.11 -2.98
N LEU Q 553 -42.34 65.13 -2.14
CA LEU Q 553 -43.39 66.12 -2.35
C LEU Q 553 -43.19 66.86 -3.67
N THR Q 554 -41.95 67.30 -3.93
CA THR Q 554 -41.66 68.03 -5.16
C THR Q 554 -41.82 67.16 -6.42
N ASP Q 555 -41.36 65.91 -6.36
CA ASP Q 555 -41.53 65.01 -7.49
C ASP Q 555 -43.00 64.68 -7.72
N PHE Q 556 -43.79 64.62 -6.67
CA PHE Q 556 -45.23 64.49 -6.86
C PHE Q 556 -45.80 65.71 -7.55
N LYS Q 557 -45.34 66.91 -7.18
CA LYS Q 557 -45.81 68.12 -7.85
C LYS Q 557 -45.48 68.10 -9.32
N ARG Q 558 -44.25 67.70 -9.66
CA ARG Q 558 -43.84 67.65 -11.05
C ARG Q 558 -44.61 66.58 -11.82
N ALA Q 559 -44.84 65.42 -11.21
CA ALA Q 559 -45.59 64.37 -11.87
C ALA Q 559 -47.08 64.68 -12.00
N PHE Q 560 -47.61 65.51 -11.11
CA PHE Q 560 -49.01 65.91 -11.21
C PHE Q 560 -49.22 67.02 -12.22
N ASP Q 561 -48.29 67.97 -12.31
CA ASP Q 561 -48.36 68.98 -13.36
C ASP Q 561 -48.14 68.36 -14.73
N LEU Q 562 -47.22 67.40 -14.85
CA LEU Q 562 -47.04 66.68 -16.10
C LEU Q 562 -48.21 65.74 -16.39
N ASN Q 563 -48.97 65.39 -15.36
CA ASN Q 563 -50.16 64.53 -15.46
C ASN Q 563 -49.81 63.15 -16.03
N LEU Q 564 -48.97 62.45 -15.30
CA LEU Q 564 -48.63 61.08 -15.66
C LEU Q 564 -49.81 60.15 -15.39
N ARG Q 565 -49.80 59.00 -16.07
CA ARG Q 565 -50.86 58.04 -15.89
C ARG Q 565 -50.73 57.32 -14.56
N VAL Q 566 -51.85 56.74 -14.11
CA VAL Q 566 -51.87 56.01 -12.85
C VAL Q 566 -51.01 54.76 -12.94
N LYS Q 567 -50.96 54.13 -14.12
CA LYS Q 567 -50.17 52.91 -14.29
C LYS Q 567 -48.69 53.14 -14.07
N ASN Q 568 -48.14 54.23 -14.62
CA ASN Q 568 -46.71 54.49 -14.45
C ASN Q 568 -46.38 55.03 -13.07
N MET Q 569 -47.21 55.92 -12.52
CA MET Q 569 -46.81 56.60 -11.30
C MET Q 569 -47.20 55.82 -10.05
N LEU Q 570 -48.37 55.18 -10.06
CA LEU Q 570 -48.87 54.44 -8.90
C LEU Q 570 -49.15 53.00 -9.32
N PRO Q 571 -48.12 52.17 -9.49
CA PRO Q 571 -48.37 50.76 -9.79
C PRO Q 571 -49.01 49.99 -8.63
N SER Q 572 -48.74 50.37 -7.39
CA SER Q 572 -49.38 49.71 -6.25
C SER Q 572 -50.88 49.99 -6.20
N LEU Q 573 -51.31 51.17 -6.64
CA LEU Q 573 -52.73 51.45 -6.80
C LEU Q 573 -53.27 50.93 -8.13
N TYR Q 574 -52.41 50.82 -9.14
CA TYR Q 574 -52.80 50.20 -10.40
C TYR Q 574 -53.18 48.74 -10.22
N ARG Q 575 -52.44 48.01 -9.37
CA ARG Q 575 -52.68 46.61 -9.14
C ARG Q 575 -53.95 46.35 -8.32
N GLU Q 576 -54.58 47.38 -7.76
CA GLU Q 576 -55.84 47.20 -7.07
C GLU Q 576 -56.94 46.73 -8.01
N ASP Q 577 -57.05 47.36 -9.18
CA ASP Q 577 -57.93 46.89 -10.24
C ASP Q 577 -57.40 47.43 -11.55
N PRO Q 578 -56.56 46.65 -12.25
CA PRO Q 578 -55.94 47.15 -13.50
C PRO Q 578 -56.94 47.50 -14.59
N GLU Q 579 -58.13 46.90 -14.59
CA GLU Q 579 -59.13 47.22 -15.60
C GLU Q 579 -59.64 48.65 -15.45
N PHE Q 580 -59.74 49.15 -14.21
CA PHE Q 580 -60.30 50.47 -13.96
C PHE Q 580 -59.27 51.58 -14.16
N TYR Q 581 -58.05 51.40 -13.66
CA TYR Q 581 -57.01 52.41 -13.72
C TYR Q 581 -56.13 52.28 -14.96
N GLU Q 582 -56.65 51.70 -16.05
CA GLU Q 582 -55.83 51.46 -17.23
C GLU Q 582 -55.55 52.75 -17.99
N ASN Q 583 -56.60 53.50 -18.32
CA ASN Q 583 -56.49 54.69 -19.15
C ASN Q 583 -56.93 55.93 -18.39
N MET Q 584 -56.51 56.07 -17.13
CA MET Q 584 -56.87 57.21 -16.31
C MET Q 584 -55.62 57.99 -15.93
N ARG Q 585 -55.69 59.31 -16.09
CA ARG Q 585 -54.62 60.19 -15.68
C ARG Q 585 -54.80 60.58 -14.22
N ILE Q 586 -53.72 61.07 -13.61
CA ILE Q 586 -53.78 61.40 -12.19
C ILE Q 586 -54.61 62.66 -11.94
N GLN Q 587 -54.58 63.63 -12.86
CA GLN Q 587 -55.40 64.83 -12.69
C GLN Q 587 -56.89 64.49 -12.75
N GLU Q 588 -57.28 63.59 -13.64
CA GLU Q 588 -58.68 63.16 -13.70
C GLU Q 588 -59.09 62.45 -12.43
N LEU Q 589 -58.22 61.59 -11.88
CA LEU Q 589 -58.54 60.86 -10.65
C LEU Q 589 -58.68 61.80 -9.47
N ALA Q 590 -57.72 62.74 -9.33
CA ALA Q 590 -57.78 63.71 -8.24
C ALA Q 590 -59.00 64.61 -8.37
N GLN Q 591 -59.29 65.06 -9.59
CA GLN Q 591 -60.47 65.89 -9.82
C GLN Q 591 -61.75 65.13 -9.52
N ASN Q 592 -61.79 63.83 -9.85
CA ASN Q 592 -62.99 63.04 -9.61
C ASN Q 592 -63.23 62.83 -8.12
N ILE Q 593 -62.19 62.49 -7.37
CA ILE Q 593 -62.39 62.29 -5.93
C ILE Q 593 -62.69 63.63 -5.25
N HIS Q 594 -62.06 64.71 -5.70
CA HIS Q 594 -62.37 66.03 -5.16
C HIS Q 594 -63.80 66.44 -5.46
N LYS Q 595 -64.31 66.14 -6.66
CA LYS Q 595 -65.70 66.43 -6.98
C LYS Q 595 -66.66 65.56 -6.20
N LEU Q 596 -66.28 64.31 -5.91
CA LEU Q 596 -67.09 63.48 -5.04
C LEU Q 596 -67.16 64.05 -3.62
N ILE Q 597 -66.06 64.64 -3.15
CA ILE Q 597 -66.09 65.29 -1.84
C ILE Q 597 -66.92 66.57 -1.89
N VAL Q 598 -66.76 67.38 -2.93
CA VAL Q 598 -67.46 68.66 -3.04
C VAL Q 598 -68.97 68.49 -3.21
N HIS Q 599 -69.42 67.65 -4.14
CA HIS Q 599 -70.83 67.50 -4.43
C HIS Q 599 -71.59 66.90 -3.25
N HIS Q 600 -70.96 65.98 -2.53
CA HIS Q 600 -71.55 65.40 -1.34
C HIS Q 600 -71.34 66.25 -0.10
N ASN Q 601 -70.54 67.32 -0.21
CA ASN Q 601 -70.31 68.30 0.86
C ASN Q 601 -69.75 67.63 2.12
N LEU Q 602 -68.55 67.07 1.97
CA LEU Q 602 -67.95 66.31 3.07
C LEU Q 602 -67.62 67.16 4.31
N PRO Q 603 -66.93 68.30 4.23
CA PRO Q 603 -66.52 68.97 5.47
C PRO Q 603 -67.66 69.54 6.27
N ASP Q 604 -68.73 70.03 5.62
CA ASP Q 604 -69.86 70.55 6.39
C ASP Q 604 -70.57 69.44 7.14
N LEU Q 605 -70.75 68.28 6.50
CA LEU Q 605 -71.33 67.14 7.19
C LEU Q 605 -70.43 66.63 8.30
N MET Q 606 -69.11 66.58 8.05
CA MET Q 606 -68.17 66.13 9.07
C MET Q 606 -68.13 67.08 10.26
N TYR Q 607 -68.38 68.36 10.03
CA TYR Q 607 -68.48 69.31 11.13
C TYR Q 607 -69.78 69.13 11.89
N ARG Q 608 -70.92 69.22 11.20
CA ARG Q 608 -72.22 69.19 11.85
C ARG Q 608 -72.54 67.83 12.47
N ALA Q 609 -71.87 66.75 12.07
CA ALA Q 609 -72.07 65.47 12.72
C ALA Q 609 -71.38 65.41 14.08
N PHE Q 610 -70.23 66.06 14.25
CA PHE Q 610 -69.53 66.03 15.51
C PHE Q 610 -69.89 67.19 16.42
N GLU Q 611 -70.65 68.17 15.94
CA GLU Q 611 -71.16 69.19 16.84
C GLU Q 611 -72.43 68.77 17.57
N VAL Q 612 -72.97 67.59 17.29
CA VAL Q 612 -74.14 67.07 17.97
C VAL Q 612 -73.80 65.73 18.60
N LEU Q 613 -74.07 65.61 19.89
CA LEU Q 613 -73.80 64.42 20.68
C LEU Q 613 -74.95 63.44 20.62
N PRO Q 614 -74.69 62.17 20.33
CA PRO Q 614 -75.77 61.16 20.37
C PRO Q 614 -76.30 60.96 21.77
N THR Q 615 -77.58 60.58 21.84
CA THR Q 615 -78.28 60.44 23.12
C THR Q 615 -77.83 59.18 23.83
N MET Q 616 -77.34 59.33 25.06
CA MET Q 616 -76.90 58.21 25.88
C MET Q 616 -78.11 57.54 26.50
N VAL Q 617 -78.54 56.40 25.94
CA VAL Q 617 -79.61 55.63 26.56
C VAL Q 617 -79.09 54.87 27.77
N MET Q 618 -77.95 54.20 27.62
CA MET Q 618 -77.37 53.42 28.70
C MET Q 618 -75.86 53.53 28.64
N THR Q 619 -75.22 53.23 29.77
CA THR Q 619 -73.77 53.27 29.87
C THR Q 619 -73.15 52.19 28.97
N PRO Q 620 -71.94 52.45 28.44
CA PRO Q 620 -71.29 51.44 27.58
C PRO Q 620 -71.01 50.12 28.26
N TYR Q 621 -70.89 50.10 29.59
CA TYR Q 621 -70.79 48.84 30.32
C TYR Q 621 -72.06 48.01 30.13
N ALA Q 622 -73.22 48.67 30.23
CA ALA Q 622 -74.48 47.96 29.99
C ALA Q 622 -74.62 47.55 28.54
N ALA Q 623 -74.10 48.35 27.61
CA ALA Q 623 -74.11 47.96 26.21
C ALA Q 623 -73.28 46.71 25.97
N PHE Q 624 -72.10 46.64 26.59
CA PHE Q 624 -71.28 45.43 26.48
C PHE Q 624 -71.96 44.24 27.16
N GLN Q 625 -72.65 44.47 28.27
CA GLN Q 625 -73.37 43.40 28.95
C GLN Q 625 -74.49 42.84 28.07
N LYS Q 626 -75.26 43.72 27.41
CA LYS Q 626 -76.28 43.26 26.50
C LYS Q 626 -75.70 42.65 25.24
N GLU Q 627 -74.49 43.06 24.86
CA GLU Q 627 -73.84 42.48 23.69
C GLU Q 627 -73.37 41.06 23.97
N LEU Q 628 -72.86 40.80 25.18
CA LEU Q 628 -72.42 39.47 25.56
C LEU Q 628 -73.55 38.47 25.64
N HIS Q 629 -74.77 38.90 25.95
CA HIS Q 629 -75.90 38.00 26.08
C HIS Q 629 -76.57 37.69 24.75
N GLY Q 630 -75.96 38.09 23.64
CA GLY Q 630 -76.51 37.79 22.34
C GLY Q 630 -77.73 38.59 21.96
N MET Q 631 -77.91 39.77 22.54
CA MET Q 631 -79.06 40.62 22.26
C MET Q 631 -78.79 41.61 21.15
N THR Q 632 -77.92 41.27 20.21
CA THR Q 632 -77.51 42.17 19.15
C THR Q 632 -77.99 41.65 17.80
N GLU Q 633 -78.53 42.55 16.99
CA GLU Q 633 -78.94 42.26 15.63
C GLU Q 633 -78.27 43.25 14.69
N GLU Q 634 -78.07 42.82 13.44
CA GLU Q 634 -77.39 43.63 12.44
C GLU Q 634 -78.43 44.24 11.52
N VAL Q 635 -78.90 45.43 11.87
CA VAL Q 635 -79.84 46.17 11.02
C VAL Q 635 -78.99 46.92 10.01
N TYR Q 636 -79.58 47.29 8.88
CA TYR Q 636 -78.85 48.04 7.88
C TYR Q 636 -78.63 49.47 8.37
N LEU Q 637 -77.78 50.20 7.64
CA LEU Q 637 -77.32 51.51 8.10
C LEU Q 637 -78.44 52.54 8.13
N ASP Q 638 -79.33 52.53 7.14
CA ASP Q 638 -80.35 53.56 7.02
C ASP Q 638 -81.41 53.50 8.12
N GLU Q 639 -81.68 52.33 8.68
CA GLU Q 639 -82.73 52.15 9.66
C GLU Q 639 -82.18 52.08 11.08
N MET Q 640 -81.13 52.86 11.35
CA MET Q 640 -80.44 52.81 12.63
C MET Q 640 -80.88 53.88 13.61
N VAL Q 641 -81.71 54.83 13.19
CA VAL Q 641 -82.20 55.85 14.10
C VAL Q 641 -83.20 55.23 15.08
N GLY Q 642 -83.14 55.67 16.33
CA GLY Q 642 -83.96 55.10 17.37
C GLY Q 642 -83.46 53.77 17.91
N ARG Q 643 -82.30 53.31 17.48
CA ARG Q 643 -81.74 52.04 17.90
C ARG Q 643 -80.49 52.27 18.73
N ILE Q 644 -80.32 51.45 19.75
CA ILE Q 644 -79.18 51.56 20.66
C ILE Q 644 -78.00 50.82 20.05
N ASN Q 645 -76.88 51.51 19.90
CA ASN Q 645 -75.70 50.91 19.27
C ASN Q 645 -74.95 50.04 20.26
N ALA Q 646 -74.48 48.89 19.78
CA ALA Q 646 -73.76 47.94 20.62
C ALA Q 646 -72.26 48.00 20.43
N ASN Q 647 -71.78 48.25 19.21
CA ASN Q 647 -70.36 48.38 18.93
C ASN Q 647 -70.06 49.81 18.50
N MET Q 648 -68.84 50.24 18.84
CA MET Q 648 -68.42 51.61 18.54
C MET Q 648 -68.30 51.81 17.03
N ILE Q 649 -68.73 52.97 16.56
CA ILE Q 649 -68.56 53.36 15.16
C ILE Q 649 -67.42 54.36 15.09
N LEU Q 650 -66.36 53.99 14.39
CA LEU Q 650 -65.14 54.80 14.30
C LEU Q 650 -64.85 55.07 12.82
N PRO Q 651 -65.33 56.18 12.27
CA PRO Q 651 -65.13 56.44 10.84
C PRO Q 651 -63.83 57.15 10.53
N TYR Q 652 -63.19 56.72 9.45
CA TYR Q 652 -62.04 57.41 8.89
C TYR Q 652 -62.46 58.04 7.57
N PRO Q 653 -62.51 59.37 7.42
CA PRO Q 653 -62.19 60.48 8.32
C PRO Q 653 -63.16 60.62 9.50
N PRO Q 654 -62.72 61.22 10.61
CA PRO Q 654 -61.36 61.70 10.88
C PRO Q 654 -60.49 60.76 11.69
N GLY Q 655 -61.09 59.93 12.54
CA GLY Q 655 -60.30 59.07 13.41
C GLY Q 655 -60.62 59.24 14.88
N VAL Q 656 -61.83 59.73 15.18
CA VAL Q 656 -62.26 59.94 16.54
C VAL Q 656 -63.60 59.23 16.72
N PRO Q 657 -63.86 58.60 17.88
CA PRO Q 657 -65.14 57.89 18.08
C PRO Q 657 -66.38 58.76 17.93
N LEU Q 658 -67.20 58.42 16.95
CA LEU Q 658 -68.39 59.19 16.61
C LEU Q 658 -69.60 58.72 17.40
N VAL Q 659 -69.97 57.45 17.27
CA VAL Q 659 -71.03 56.84 18.07
C VAL Q 659 -70.41 55.87 19.05
N MET Q 660 -70.69 56.06 20.33
CA MET Q 660 -70.18 55.19 21.37
C MET Q 660 -71.10 53.98 21.52
N PRO Q 661 -70.60 52.89 22.11
CA PRO Q 661 -71.49 51.77 22.44
C PRO Q 661 -72.49 52.16 23.51
N GLY Q 662 -73.78 52.00 23.21
CA GLY Q 662 -74.84 52.34 24.14
C GLY Q 662 -75.52 53.67 23.90
N GLU Q 663 -75.28 54.31 22.77
CA GLU Q 663 -75.87 55.61 22.47
C GLU Q 663 -76.77 55.50 21.24
N MET Q 664 -77.83 56.32 21.25
CA MET Q 664 -78.86 56.29 20.22
C MET Q 664 -78.72 57.51 19.32
N ILE Q 665 -78.88 57.29 18.01
CA ILE Q 665 -78.98 58.40 17.08
C ILE Q 665 -80.44 58.82 16.98
N THR Q 666 -80.75 59.99 17.49
CA THR Q 666 -82.11 60.50 17.49
C THR Q 666 -82.32 61.41 16.29
N GLU Q 667 -83.50 62.03 16.21
CA GLU Q 667 -83.78 62.97 15.13
C GLU Q 667 -82.97 64.25 15.26
N GLU Q 668 -82.56 64.60 16.49
CA GLU Q 668 -81.67 65.73 16.68
C GLU Q 668 -80.25 65.46 16.19
N SER Q 669 -79.89 64.18 16.00
CA SER Q 669 -78.56 63.81 15.55
C SER Q 669 -78.60 63.12 14.19
N ARG Q 670 -79.59 63.46 13.38
CA ARG Q 670 -79.65 62.95 12.00
C ARG Q 670 -78.42 63.27 11.13
N PRO Q 671 -77.75 64.42 11.22
CA PRO Q 671 -76.51 64.61 10.44
C PRO Q 671 -75.42 63.57 10.70
N VAL Q 672 -75.41 62.91 11.85
CA VAL Q 672 -74.54 61.75 12.05
C VAL Q 672 -74.85 60.66 11.03
N LEU Q 673 -76.13 60.32 10.90
CA LEU Q 673 -76.55 59.31 9.93
C LEU Q 673 -76.30 59.79 8.50
N GLU Q 674 -76.52 61.06 8.23
CA GLU Q 674 -76.22 61.61 6.90
C GLU Q 674 -74.74 61.53 6.58
N PHE Q 675 -73.87 61.81 7.55
CA PHE Q 675 -72.43 61.71 7.33
C PHE Q 675 -72.01 60.27 7.09
N LEU Q 676 -72.57 59.32 7.86
CA LEU Q 676 -72.23 57.91 7.67
C LEU Q 676 -72.68 57.41 6.30
N GLN Q 677 -73.91 57.75 5.91
CA GLN Q 677 -74.42 57.36 4.60
C GLN Q 677 -73.63 58.00 3.47
N MET Q 678 -73.24 59.27 3.63
CA MET Q 678 -72.43 59.95 2.64
C MET Q 678 -71.07 59.29 2.49
N LEU Q 679 -70.44 58.92 3.61
CA LEU Q 679 -69.15 58.27 3.56
C LEU Q 679 -69.24 56.90 2.88
N CYS Q 680 -70.30 56.15 3.18
CA CYS Q 680 -70.50 54.87 2.49
C CYS Q 680 -70.79 55.07 1.01
N GLU Q 681 -71.50 56.15 0.65
CA GLU Q 681 -71.81 56.41 -0.75
C GLU Q 681 -70.58 56.81 -1.54
N ILE Q 682 -69.69 57.61 -0.95
CA ILE Q 682 -68.51 58.05 -1.70
C ILE Q 682 -67.42 57.00 -1.69
N GLY Q 683 -67.40 56.08 -0.73
CA GLY Q 683 -66.35 55.09 -0.73
C GLY Q 683 -66.56 53.92 -1.68
N ALA Q 684 -67.73 53.83 -2.30
CA ALA Q 684 -68.06 52.72 -3.19
C ALA Q 684 -67.97 53.11 -4.67
N HIS Q 685 -67.07 54.00 -5.02
CA HIS Q 685 -66.88 54.39 -6.42
C HIS Q 685 -65.51 54.05 -6.95
N TYR Q 686 -64.44 54.43 -6.24
CA TYR Q 686 -63.09 54.30 -6.76
C TYR Q 686 -62.31 53.29 -5.94
N PRO Q 687 -61.78 52.23 -6.57
CA PRO Q 687 -61.06 51.20 -5.82
C PRO Q 687 -59.75 51.70 -5.27
N GLY Q 688 -59.33 51.10 -4.15
CA GLY Q 688 -58.15 51.51 -3.43
C GLY Q 688 -58.39 52.63 -2.45
N PHE Q 689 -59.54 53.31 -2.53
CA PHE Q 689 -59.89 54.36 -1.60
C PHE Q 689 -61.11 53.93 -0.81
N GLU Q 690 -61.10 52.68 -0.35
CA GLU Q 690 -62.26 52.04 0.24
C GLU Q 690 -62.62 52.67 1.58
N THR Q 691 -63.88 52.48 1.97
CA THR Q 691 -64.40 53.06 3.19
C THR Q 691 -63.78 52.39 4.40
N ASP Q 692 -63.27 53.20 5.32
CA ASP Q 692 -62.64 52.70 6.54
C ASP Q 692 -63.48 53.18 7.72
N ILE Q 693 -64.46 52.36 8.10
CA ILE Q 693 -65.29 52.61 9.28
C ILE Q 693 -65.15 51.40 10.18
N HIS Q 694 -64.67 51.61 11.39
CA HIS Q 694 -64.57 50.53 12.36
C HIS Q 694 -65.89 50.44 13.12
N GLY Q 695 -66.65 49.37 12.87
CA GLY Q 695 -67.95 49.20 13.47
C GLY Q 695 -69.00 48.87 12.46
N ALA Q 696 -68.92 49.48 11.28
CA ALA Q 696 -69.82 49.19 10.18
C ALA Q 696 -69.23 48.09 9.31
N TYR Q 697 -70.04 47.08 9.02
CA TYR Q 697 -69.59 45.88 8.33
C TYR Q 697 -70.11 45.89 6.91
N ARG Q 698 -69.19 45.69 5.95
CA ARG Q 698 -69.55 45.75 4.54
C ARG Q 698 -70.30 44.49 4.12
N GLN Q 699 -71.38 44.68 3.38
CA GLN Q 699 -72.12 43.58 2.79
C GLN Q 699 -71.81 43.49 1.30
N ALA Q 700 -72.35 42.45 0.66
CA ALA Q 700 -72.06 42.23 -0.76
C ALA Q 700 -72.80 43.22 -1.66
N ASP Q 701 -74.02 43.61 -1.29
CA ASP Q 701 -74.80 44.49 -2.14
C ASP Q 701 -74.30 45.94 -2.13
N GLY Q 702 -73.53 46.33 -1.12
CA GLY Q 702 -73.01 47.67 -1.02
C GLY Q 702 -73.59 48.54 0.08
N ARG Q 703 -74.45 47.99 0.93
CA ARG Q 703 -75.03 48.73 2.06
C ARG Q 703 -74.52 48.12 3.35
N TYR Q 704 -74.05 48.97 4.25
CA TYR Q 704 -73.34 48.53 5.45
C TYR Q 704 -74.32 48.25 6.58
N THR Q 705 -73.85 47.47 7.56
CA THR Q 705 -74.65 47.08 8.72
C THR Q 705 -73.93 47.46 10.00
N VAL Q 706 -74.70 47.79 11.03
CA VAL Q 706 -74.18 48.15 12.33
C VAL Q 706 -74.91 47.31 13.38
N LYS Q 707 -74.14 46.70 14.28
CA LYS Q 707 -74.71 45.87 15.33
C LYS Q 707 -75.42 46.74 16.36
N VAL Q 708 -76.75 46.68 16.38
CA VAL Q 708 -77.56 47.40 17.35
C VAL Q 708 -78.18 46.39 18.31
N LEU Q 709 -78.79 46.92 19.37
CA LEU Q 709 -79.40 46.07 20.38
C LEU Q 709 -80.84 45.73 20.00
N LYS Q 710 -81.29 44.56 20.44
CA LYS Q 710 -82.65 44.12 20.20
C LYS Q 710 -83.63 44.91 21.05
N GLU Q 711 -84.90 44.89 20.62
CA GLU Q 711 -85.93 45.64 21.33
C GLU Q 711 -86.77 44.72 22.22
N MET R 1 -24.64 50.40 -16.73
CA MET R 1 -24.76 51.25 -15.55
C MET R 1 -24.11 50.63 -14.33
N ASN R 2 -22.80 50.77 -14.20
CA ASN R 2 -22.11 50.38 -12.98
C ASN R 2 -20.98 51.33 -12.63
N VAL R 3 -21.04 52.54 -13.20
CA VAL R 3 -19.95 53.50 -12.97
C VAL R 3 -20.51 54.62 -12.11
N ILE R 4 -19.99 54.82 -10.90
CA ILE R 4 -20.53 55.82 -9.94
C ILE R 4 -19.38 56.71 -9.54
N ALA R 5 -19.46 58.00 -9.80
CA ALA R 5 -18.26 58.84 -9.71
C ALA R 5 -18.25 59.66 -8.44
N ILE R 6 -17.19 59.56 -7.68
CA ILE R 6 -17.09 60.28 -6.39
C ILE R 6 -16.21 61.49 -6.67
N LEU R 7 -16.60 62.67 -6.18
CA LEU R 7 -15.74 63.88 -6.32
C LEU R 7 -14.61 63.85 -5.27
N ASN R 8 -13.78 64.90 -5.27
CA ASN R 8 -12.46 64.91 -4.59
C ASN R 8 -12.33 64.72 -3.09
N HIS R 9 -11.08 64.54 -2.65
CA HIS R 9 -10.77 64.33 -1.22
C HIS R 9 -10.68 65.69 -0.52
N MET R 10 -11.63 65.96 0.36
CA MET R 10 -11.66 67.27 1.05
C MET R 10 -10.40 67.42 1.88
N GLY R 11 -10.02 66.38 2.62
CA GLY R 11 -8.87 66.49 3.53
C GLY R 11 -9.19 66.08 4.96
N VAL R 12 -10.37 66.43 5.45
CA VAL R 12 -10.68 66.02 6.81
C VAL R 12 -11.25 64.60 6.80
N TYR R 13 -11.13 63.93 7.95
CA TYR R 13 -11.36 62.50 8.06
C TYR R 13 -12.82 62.11 8.13
N PHE R 14 -13.65 62.91 8.81
CA PHE R 14 -15.02 62.48 9.09
C PHE R 14 -15.88 62.42 7.85
N LYS R 15 -15.48 63.08 6.77
CA LYS R 15 -16.15 62.96 5.48
C LYS R 15 -15.27 62.30 4.43
N GLU R 16 -14.28 61.54 4.86
CA GLU R 16 -13.48 60.72 3.97
C GLU R 16 -13.55 59.24 4.30
N GLU R 17 -13.45 58.88 5.58
CA GLU R 17 -13.58 57.48 5.96
C GLU R 17 -14.98 56.92 5.67
N PRO R 18 -16.09 57.64 5.91
CA PRO R 18 -17.37 57.17 5.36
C PRO R 18 -17.37 57.06 3.84
N ILE R 19 -16.65 57.94 3.14
CA ILE R 19 -16.57 57.84 1.69
C ILE R 19 -15.77 56.60 1.28
N ARG R 20 -14.70 56.28 2.00
CA ARG R 20 -13.97 55.06 1.70
C ARG R 20 -14.77 53.80 2.03
N GLU R 21 -15.55 53.83 3.11
CA GLU R 21 -16.43 52.70 3.42
C GLU R 21 -17.50 52.53 2.35
N LEU R 22 -18.05 53.64 1.85
CA LEU R 22 -19.03 53.57 0.77
C LEU R 22 -18.38 53.09 -0.53
N HIS R 23 -17.12 53.47 -0.78
CA HIS R 23 -16.35 52.94 -1.89
C HIS R 23 -16.27 51.42 -1.80
N ARG R 24 -15.87 50.92 -0.62
CA ARG R 24 -15.73 49.48 -0.45
C ARG R 24 -17.06 48.75 -0.59
N ALA R 25 -18.12 49.32 -0.03
CA ALA R 25 -19.44 48.71 -0.15
C ALA R 25 -19.96 48.72 -1.58
N LEU R 26 -19.72 49.79 -2.34
CA LEU R 26 -20.17 49.84 -3.72
C LEU R 26 -19.37 48.89 -4.60
N GLU R 27 -18.07 48.73 -4.35
CA GLU R 27 -17.32 47.70 -5.07
C GLU R 27 -17.79 46.31 -4.69
N ARG R 28 -18.24 46.13 -3.44
CA ARG R 28 -18.86 44.88 -3.05
C ARG R 28 -20.18 44.65 -3.77
N LEU R 29 -20.89 45.74 -4.12
CA LEU R 29 -22.14 45.65 -4.87
C LEU R 29 -21.93 45.71 -6.38
N ASN R 30 -20.72 45.39 -6.86
CA ASN R 30 -20.40 45.29 -8.28
C ASN R 30 -20.61 46.61 -9.03
N PHE R 31 -20.09 47.70 -8.46
CA PHE R 31 -20.05 48.99 -9.12
C PHE R 31 -18.61 49.42 -9.33
N GLN R 32 -18.28 49.74 -10.59
CA GLN R 32 -17.00 50.36 -10.88
C GLN R 32 -17.02 51.80 -10.36
N ILE R 33 -15.92 52.22 -9.74
CA ILE R 33 -15.82 53.52 -9.12
C ILE R 33 -14.77 54.34 -9.86
N VAL R 34 -15.16 55.53 -10.30
CA VAL R 34 -14.23 56.46 -10.94
C VAL R 34 -14.03 57.65 -10.02
N TYR R 35 -12.89 58.31 -10.18
CA TYR R 35 -12.46 59.40 -9.31
C TYR R 35 -12.06 60.63 -10.13
N PRO R 36 -13.05 61.40 -10.59
CA PRO R 36 -12.71 62.69 -11.21
C PRO R 36 -12.12 63.64 -10.19
N ASN R 37 -11.13 64.42 -10.63
CA ASN R 37 -10.37 65.25 -9.71
C ASN R 37 -11.14 66.47 -9.26
N ASP R 38 -11.85 67.13 -10.17
CA ASP R 38 -12.57 68.35 -9.81
C ASP R 38 -13.82 68.46 -10.69
N ARG R 39 -14.42 69.64 -10.71
CA ARG R 39 -15.71 69.85 -11.35
C ARG R 39 -15.66 69.67 -12.86
N ASP R 40 -14.74 70.35 -13.54
CA ASP R 40 -14.64 70.25 -14.98
C ASP R 40 -14.27 68.84 -15.41
N ASP R 41 -13.51 68.13 -14.58
CA ASP R 41 -13.26 66.71 -14.80
C ASP R 41 -14.56 65.92 -14.83
N LEU R 42 -15.49 66.24 -13.92
CA LEU R 42 -16.79 65.56 -13.92
C LEU R 42 -17.61 65.90 -15.15
N LEU R 43 -17.61 67.18 -15.56
CA LEU R 43 -18.34 67.57 -16.78
C LEU R 43 -17.84 66.81 -18.01
N LYS R 44 -16.51 66.79 -18.21
CA LYS R 44 -15.94 66.06 -19.32
C LYS R 44 -16.17 64.55 -19.21
N LEU R 45 -16.09 64.00 -18.00
CA LEU R 45 -16.34 62.58 -17.80
C LEU R 45 -17.77 62.20 -18.15
N ILE R 46 -18.73 63.07 -17.83
CA ILE R 46 -20.10 62.75 -18.17
C ILE R 46 -20.36 62.91 -19.67
N GLU R 47 -19.78 63.92 -20.34
CA GLU R 47 -20.07 64.06 -21.76
C GLU R 47 -19.38 62.98 -22.59
N ASN R 48 -18.18 62.56 -22.18
CA ASN R 48 -17.47 61.58 -22.97
C ASN R 48 -17.97 60.15 -22.77
N ASN R 49 -18.82 59.92 -21.78
CA ASN R 49 -19.26 58.57 -21.44
C ASN R 49 -20.78 58.52 -21.36
N ALA R 50 -21.29 57.30 -21.25
CA ALA R 50 -22.71 57.10 -21.00
C ALA R 50 -22.98 56.02 -19.97
N ARG R 51 -22.00 55.17 -19.65
CA ARG R 51 -22.19 54.12 -18.66
C ARG R 51 -22.22 54.64 -17.23
N LEU R 52 -21.90 55.92 -17.03
CA LEU R 52 -21.94 56.49 -15.69
C LEU R 52 -23.38 56.60 -15.23
N CYS R 53 -23.65 56.12 -14.01
CA CYS R 53 -25.01 56.05 -13.50
C CYS R 53 -25.12 56.66 -12.11
N GLY R 54 -24.24 57.56 -11.76
CA GLY R 54 -24.28 58.16 -10.44
C GLY R 54 -23.08 59.02 -10.13
N VAL R 55 -23.33 60.16 -9.50
CA VAL R 55 -22.28 61.06 -9.06
C VAL R 55 -22.45 61.26 -7.57
N ILE R 56 -21.40 61.02 -6.81
CA ILE R 56 -21.38 61.31 -5.39
C ILE R 56 -20.47 62.51 -5.19
N PHE R 57 -21.01 63.55 -4.56
CA PHE R 57 -20.23 64.74 -4.32
C PHE R 57 -20.63 65.32 -2.98
N ASP R 58 -19.74 66.11 -2.41
CA ASP R 58 -20.00 66.81 -1.16
C ASP R 58 -20.76 68.08 -1.47
N TRP R 59 -21.74 68.39 -0.64
CA TRP R 59 -22.59 69.56 -0.84
C TRP R 59 -21.96 70.83 -0.31
N ASP R 60 -20.77 70.76 0.28
CA ASP R 60 -20.14 71.97 0.79
C ASP R 60 -19.24 72.62 -0.26
N LYS R 61 -18.22 71.91 -0.71
CA LYS R 61 -17.26 72.50 -1.64
C LYS R 61 -17.82 72.68 -3.04
N TYR R 62 -18.87 71.94 -3.40
CA TYR R 62 -19.49 72.06 -4.71
C TYR R 62 -20.95 72.43 -4.52
N ASN R 63 -21.37 73.53 -5.12
CA ASN R 63 -22.72 74.06 -4.93
C ASN R 63 -23.69 73.25 -5.79
N LEU R 64 -24.94 73.69 -5.83
CA LEU R 64 -26.00 72.97 -6.52
C LEU R 64 -26.13 73.37 -7.99
N GLU R 65 -25.29 74.29 -8.46
CA GLU R 65 -25.22 74.56 -9.90
C GLU R 65 -24.54 73.41 -10.64
N LEU R 66 -23.70 72.65 -9.94
CA LEU R 66 -23.24 71.34 -10.41
C LEU R 66 -24.26 70.26 -10.05
N CYS R 67 -25.52 70.60 -10.32
CA CYS R 67 -26.58 69.62 -10.43
C CYS R 67 -27.34 70.05 -11.68
N GLU R 68 -27.40 71.37 -11.87
CA GLU R 68 -28.11 71.94 -13.00
C GLU R 68 -27.33 71.74 -14.30
N GLU R 69 -26.00 71.85 -14.26
CA GLU R 69 -25.22 71.59 -15.46
C GLU R 69 -25.35 70.14 -15.90
N ILE R 70 -25.30 69.20 -14.95
CA ILE R 70 -25.49 67.79 -15.27
C ILE R 70 -26.91 67.54 -15.75
N SER R 71 -27.90 68.28 -15.21
CA SER R 71 -29.26 68.19 -15.71
C SER R 71 -29.38 68.64 -17.15
N LYS R 72 -28.69 69.71 -17.53
CA LYS R 72 -28.61 70.07 -18.94
C LYS R 72 -27.89 68.99 -19.75
N MET R 73 -26.99 68.24 -19.12
CA MET R 73 -26.34 67.15 -19.82
C MET R 73 -27.17 65.88 -19.81
N ASN R 74 -27.77 65.54 -18.66
CA ASN R 74 -28.65 64.38 -18.56
C ASN R 74 -29.64 64.63 -17.45
N GLU R 75 -30.93 64.62 -17.78
CA GLU R 75 -31.96 64.99 -16.80
C GLU R 75 -32.18 63.90 -15.76
N ASN R 76 -32.09 62.64 -16.14
CA ASN R 76 -32.48 61.53 -15.27
C ASN R 76 -31.33 60.97 -14.47
N LEU R 77 -30.13 61.52 -14.59
CA LEU R 77 -28.96 60.94 -13.94
C LEU R 77 -29.05 61.13 -12.44
N PRO R 78 -29.00 60.06 -11.65
CA PRO R 78 -29.00 60.21 -10.19
C PRO R 78 -27.67 60.75 -9.71
N LEU R 79 -27.72 61.71 -8.81
CA LEU R 79 -26.53 62.24 -8.18
C LEU R 79 -26.77 62.20 -6.66
N TYR R 80 -25.72 62.03 -5.88
CA TYR R 80 -25.87 61.80 -4.46
C TYR R 80 -25.12 62.87 -3.66
N ALA R 81 -25.81 63.94 -3.32
CA ALA R 81 -25.21 65.00 -2.53
C ALA R 81 -25.08 64.57 -1.07
N PHE R 82 -23.95 64.89 -0.46
CA PHE R 82 -23.69 64.55 0.93
C PHE R 82 -23.77 65.81 1.77
N ALA R 83 -24.71 65.85 2.70
CA ALA R 83 -25.01 67.06 3.46
C ALA R 83 -24.22 67.07 4.76
N ASN R 84 -23.35 68.08 4.92
CA ASN R 84 -22.62 68.25 6.17
C ASN R 84 -22.89 69.59 6.83
N THR R 85 -22.65 70.70 6.14
CA THR R 85 -22.65 72.02 6.74
C THR R 85 -23.90 72.82 6.39
N TYR R 86 -24.27 72.85 5.11
CA TYR R 86 -25.56 73.40 4.72
C TYR R 86 -26.65 72.56 5.33
N SER R 87 -27.60 73.22 5.97
CA SER R 87 -28.63 72.57 6.75
C SER R 87 -29.76 72.12 5.84
N THR R 88 -30.92 71.82 6.42
CA THR R 88 -32.11 71.63 5.61
C THR R 88 -32.44 72.89 4.82
N LEU R 89 -32.28 74.07 5.44
CA LEU R 89 -32.79 75.35 4.97
C LEU R 89 -32.19 75.83 3.65
N ASP R 90 -31.08 75.27 3.18
CA ASP R 90 -30.32 75.84 2.08
C ASP R 90 -30.67 75.22 0.73
N VAL R 91 -31.94 74.87 0.51
CA VAL R 91 -32.34 74.17 -0.70
C VAL R 91 -33.42 74.97 -1.40
N SER R 92 -33.24 75.23 -2.69
CA SER R 92 -34.22 75.91 -3.52
C SER R 92 -35.10 74.90 -4.24
N LEU R 93 -36.11 75.42 -4.95
CA LEU R 93 -37.01 74.55 -5.71
C LEU R 93 -36.30 73.87 -6.87
N ASN R 94 -35.43 74.58 -7.59
CA ASN R 94 -34.72 74.00 -8.73
C ASN R 94 -33.80 72.87 -8.30
N ASP R 95 -33.30 72.89 -7.05
CA ASP R 95 -32.58 71.75 -6.53
C ASP R 95 -33.51 70.56 -6.33
N LEU R 96 -34.70 70.80 -5.77
CA LEU R 96 -35.69 69.75 -5.57
C LEU R 96 -36.24 69.16 -6.86
N ARG R 97 -36.15 69.87 -7.97
CA ARG R 97 -36.65 69.32 -9.21
C ARG R 97 -35.60 68.45 -9.91
N LEU R 98 -34.43 68.29 -9.32
CA LEU R 98 -33.37 67.52 -9.94
C LEU R 98 -33.27 66.14 -9.30
N GLN R 99 -32.56 65.25 -10.00
CA GLN R 99 -32.34 63.90 -9.49
C GLN R 99 -31.12 63.90 -8.55
N ILE R 100 -31.36 64.33 -7.32
CA ILE R 100 -30.34 64.29 -6.27
C ILE R 100 -30.99 63.52 -5.14
N SER R 101 -30.23 62.68 -4.45
CA SER R 101 -30.68 62.12 -3.18
C SER R 101 -29.66 62.45 -2.10
N PHE R 102 -30.11 63.05 -1.00
CA PHE R 102 -29.22 63.58 0.03
C PHE R 102 -28.84 62.49 1.03
N PHE R 103 -27.58 62.51 1.47
CA PHE R 103 -27.07 61.59 2.47
C PHE R 103 -26.27 62.35 3.51
N GLU R 104 -25.75 61.62 4.49
CA GLU R 104 -24.98 62.18 5.59
C GLU R 104 -23.70 61.40 5.78
N TYR R 105 -22.77 62.01 6.52
CA TYR R 105 -21.46 61.42 6.78
C TYR R 105 -21.51 60.74 8.15
N ALA R 106 -21.77 59.44 8.16
CA ALA R 106 -21.80 58.67 9.39
C ALA R 106 -20.92 57.43 9.24
N LEU R 107 -20.13 57.17 10.28
CA LEU R 107 -19.26 56.00 10.28
C LEU R 107 -20.07 54.73 10.50
N GLY R 108 -19.81 53.71 9.68
CA GLY R 108 -20.47 52.44 9.80
C GLY R 108 -21.83 52.35 9.16
N ALA R 109 -22.31 53.44 8.56
CA ALA R 109 -23.61 53.45 7.90
C ALA R 109 -23.48 53.32 6.38
N ALA R 110 -22.35 52.82 5.90
CA ALA R 110 -22.12 52.71 4.46
C ALA R 110 -22.95 51.60 3.81
N GLU R 111 -23.38 50.61 4.57
CA GLU R 111 -24.15 49.51 3.98
C GLU R 111 -25.52 49.99 3.53
N ASP R 112 -26.23 50.73 4.38
CA ASP R 112 -27.55 51.23 4.00
C ASP R 112 -27.45 52.27 2.88
N ILE R 113 -26.41 53.10 2.91
CA ILE R 113 -26.19 54.07 1.84
C ILE R 113 -25.93 53.37 0.52
N ALA R 114 -25.10 52.31 0.53
CA ALA R 114 -24.84 51.56 -0.69
C ALA R 114 -26.07 50.83 -1.20
N ASN R 115 -26.88 50.30 -0.29
CA ASN R 115 -28.13 49.67 -0.73
C ASN R 115 -29.09 50.68 -1.34
N LYS R 116 -29.17 51.88 -0.75
CA LYS R 116 -30.00 52.93 -1.34
C LYS R 116 -29.46 53.38 -2.69
N ILE R 117 -28.14 53.42 -2.85
CA ILE R 117 -27.54 53.78 -4.13
C ILE R 117 -27.84 52.72 -5.18
N LYS R 118 -27.76 51.45 -4.81
CA LYS R 118 -28.11 50.37 -5.74
C LYS R 118 -29.57 50.43 -6.14
N GLN R 119 -30.46 50.71 -5.18
CA GLN R 119 -31.88 50.85 -5.49
C GLN R 119 -32.14 52.05 -6.38
N THR R 120 -31.45 53.17 -6.15
CA THR R 120 -31.62 54.35 -6.99
C THR R 120 -31.13 54.09 -8.42
N THR R 121 -30.02 53.37 -8.55
CA THR R 121 -29.53 52.99 -9.87
C THR R 121 -30.52 52.06 -10.58
N ASP R 122 -31.11 51.12 -9.85
CA ASP R 122 -32.13 50.26 -10.44
C ASP R 122 -33.36 51.06 -10.88
N GLU R 123 -33.77 52.04 -10.08
CA GLU R 123 -34.87 52.92 -10.47
C GLU R 123 -34.52 53.73 -11.71
N TYR R 124 -33.28 54.20 -11.81
CA TYR R 124 -32.84 54.95 -12.98
C TYR R 124 -32.86 54.09 -14.23
N ILE R 125 -32.39 52.85 -14.12
CA ILE R 125 -32.40 51.93 -15.26
C ILE R 125 -33.83 51.62 -15.67
N ASN R 126 -34.70 51.34 -14.70
CA ASN R 126 -36.11 51.07 -15.00
C ASN R 126 -36.88 52.31 -15.39
N THR R 127 -36.30 53.50 -15.22
CA THR R 127 -36.94 54.73 -15.67
C THR R 127 -36.59 55.05 -17.11
N ILE R 128 -35.30 55.02 -17.47
CA ILE R 128 -34.92 55.40 -18.82
C ILE R 128 -35.22 54.33 -19.85
N LEU R 129 -35.43 53.09 -19.44
CA LEU R 129 -35.68 52.04 -20.42
C LEU R 129 -37.11 52.10 -20.94
N PRO R 130 -37.32 51.82 -22.22
CA PRO R 130 -38.68 51.70 -22.73
C PRO R 130 -39.31 50.42 -22.22
N PRO R 131 -40.65 50.36 -22.16
CA PRO R 131 -41.30 49.25 -21.42
C PRO R 131 -41.08 47.87 -22.01
N LEU R 132 -41.10 47.71 -23.34
CA LEU R 132 -40.93 46.37 -23.89
C LEU R 132 -39.49 45.89 -23.78
N THR R 133 -38.51 46.79 -23.98
CA THR R 133 -37.12 46.42 -23.75
C THR R 133 -36.88 46.12 -22.28
N LYS R 134 -37.53 46.87 -21.39
CA LYS R 134 -37.46 46.59 -19.96
C LYS R 134 -37.99 45.20 -19.64
N ALA R 135 -39.13 44.84 -20.20
CA ALA R 135 -39.72 43.54 -19.97
C ALA R 135 -38.89 42.41 -20.58
N LEU R 136 -38.29 42.64 -21.75
CA LEU R 136 -37.43 41.63 -22.36
C LEU R 136 -36.17 41.42 -21.54
N PHE R 137 -35.57 42.51 -21.05
CA PHE R 137 -34.40 42.38 -20.18
C PHE R 137 -34.76 41.66 -18.88
N LYS R 138 -35.93 41.97 -18.31
CA LYS R 138 -36.38 41.28 -17.11
C LYS R 138 -36.59 39.79 -17.37
N TYR R 139 -37.19 39.45 -18.51
CA TYR R 139 -37.43 38.05 -18.85
C TYR R 139 -36.12 37.29 -19.03
N VAL R 140 -35.14 37.90 -19.69
CA VAL R 140 -33.85 37.23 -19.85
C VAL R 140 -33.14 37.09 -18.51
N ARG R 141 -33.24 38.11 -17.64
CA ARG R 141 -32.62 38.03 -16.33
C ARG R 141 -33.23 36.93 -15.46
N GLU R 142 -34.55 36.72 -15.55
CA GLU R 142 -35.19 35.63 -14.84
C GLU R 142 -35.26 34.36 -15.68
N GLY R 143 -34.26 34.17 -16.55
CA GLY R 143 -34.25 33.21 -17.64
C GLY R 143 -34.77 31.82 -17.36
N LYS R 144 -35.89 31.50 -17.98
CA LYS R 144 -36.62 30.27 -17.74
C LYS R 144 -36.36 29.29 -18.88
N TYR R 145 -36.45 28.00 -18.55
CA TYR R 145 -36.39 26.97 -19.58
C TYR R 145 -37.61 27.09 -20.48
N THR R 146 -37.45 26.70 -21.74
CA THR R 146 -38.55 26.79 -22.68
C THR R 146 -38.60 25.55 -23.55
N PHE R 147 -39.81 25.18 -23.95
CA PHE R 147 -40.05 24.06 -24.84
C PHE R 147 -40.79 24.49 -26.09
N CYS R 148 -40.60 25.73 -26.50
CA CYS R 148 -41.31 26.31 -27.62
C CYS R 148 -40.33 26.82 -28.67
N THR R 149 -40.89 27.30 -29.77
CA THR R 149 -40.08 27.95 -30.79
C THR R 149 -39.52 29.26 -30.23
N PRO R 150 -38.29 29.64 -30.62
CA PRO R 150 -37.32 29.07 -31.56
C PRO R 150 -36.63 27.82 -31.06
N GLY R 151 -36.01 27.09 -31.98
CA GLY R 151 -35.44 25.79 -31.64
C GLY R 151 -34.19 25.82 -30.81
N HIS R 152 -33.45 26.93 -30.81
CA HIS R 152 -32.25 26.98 -30.00
C HIS R 152 -32.57 27.12 -28.52
N MET R 153 -33.71 27.72 -28.19
CA MET R 153 -34.28 27.75 -26.83
C MET R 153 -33.31 28.37 -25.82
N GLY R 154 -33.02 29.64 -26.03
CA GLY R 154 -32.04 30.31 -25.21
C GLY R 154 -30.62 30.07 -25.63
N GLY R 155 -30.41 29.59 -26.86
CA GLY R 155 -29.06 29.36 -27.36
C GLY R 155 -28.39 28.11 -26.86
N THR R 156 -29.14 27.20 -26.21
CA THR R 156 -28.56 25.97 -25.69
C THR R 156 -28.39 24.90 -26.76
N ALA R 157 -28.86 25.14 -27.98
CA ALA R 157 -28.49 24.29 -29.11
C ALA R 157 -27.13 24.65 -29.67
N PHE R 158 -26.73 25.91 -29.58
CA PHE R 158 -25.40 26.36 -30.00
C PHE R 158 -24.31 25.98 -29.01
N GLN R 159 -24.65 25.53 -27.82
CA GLN R 159 -23.64 25.10 -26.86
C GLN R 159 -23.25 23.65 -27.05
N LYS R 160 -23.78 22.98 -28.08
CA LYS R 160 -23.55 21.55 -28.28
C LYS R 160 -23.08 21.23 -29.69
N SER R 161 -22.42 22.17 -30.37
CA SER R 161 -21.89 21.94 -31.70
C SER R 161 -20.68 22.82 -31.91
N PRO R 162 -19.67 22.36 -32.64
CA PRO R 162 -18.45 23.19 -32.79
C PRO R 162 -18.68 24.48 -33.55
N VAL R 163 -19.27 24.42 -34.74
CA VAL R 163 -19.62 25.65 -35.44
C VAL R 163 -20.71 26.42 -34.69
N GLY R 164 -21.63 25.69 -34.03
CA GLY R 164 -22.57 26.34 -33.16
C GLY R 164 -21.92 27.02 -31.98
N SER R 165 -20.86 26.42 -31.43
CA SER R 165 -20.15 27.07 -30.34
C SER R 165 -19.37 28.29 -30.82
N LEU R 166 -18.86 28.26 -32.06
CA LEU R 166 -18.24 29.46 -32.61
C LEU R 166 -19.25 30.59 -32.76
N PHE R 167 -20.45 30.26 -33.25
CA PHE R 167 -21.51 31.25 -33.36
C PHE R 167 -21.90 31.80 -31.99
N TYR R 168 -22.03 30.93 -31.00
CA TYR R 168 -22.39 31.33 -29.65
C TYR R 168 -21.32 32.18 -28.99
N ASP R 169 -20.05 31.82 -29.15
CA ASP R 169 -18.96 32.62 -28.61
C ASP R 169 -18.82 33.95 -29.32
N PHE R 170 -19.19 34.04 -30.59
CA PHE R 170 -19.19 35.34 -31.26
C PHE R 170 -20.30 36.22 -30.72
N PHE R 171 -21.54 35.75 -30.79
CA PHE R 171 -22.65 36.63 -30.45
C PHE R 171 -22.78 36.86 -28.95
N GLY R 172 -22.54 35.85 -28.14
CA GLY R 172 -22.66 35.99 -26.71
C GLY R 172 -24.03 35.56 -26.24
N PRO R 173 -24.18 35.27 -24.95
CA PRO R 173 -25.38 34.58 -24.46
C PRO R 173 -26.64 35.41 -24.46
N ASN R 174 -26.51 36.70 -24.14
CA ASN R 174 -27.68 37.54 -23.94
C ASN R 174 -28.46 37.79 -25.22
N THR R 175 -27.80 37.79 -26.38
CA THR R 175 -28.52 37.92 -27.63
C THR R 175 -29.03 36.59 -28.16
N MET R 176 -28.69 35.48 -27.49
CA MET R 176 -29.34 34.21 -27.79
C MET R 176 -30.58 34.01 -26.94
N LYS R 177 -30.50 34.36 -25.65
CA LYS R 177 -31.67 34.29 -24.80
C LYS R 177 -32.73 35.31 -25.16
N SER R 178 -32.35 36.41 -25.81
CA SER R 178 -33.29 37.47 -26.17
C SER R 178 -34.16 37.10 -27.35
N ASP R 179 -33.90 35.98 -28.01
CA ASP R 179 -34.70 35.57 -29.16
C ASP R 179 -35.71 34.55 -28.69
N ILE R 180 -36.96 34.98 -28.53
CA ILE R 180 -38.07 34.14 -28.15
C ILE R 180 -39.24 34.41 -29.09
N SER R 181 -40.36 33.74 -28.83
CA SER R 181 -41.52 33.88 -29.71
C SER R 181 -42.76 34.28 -28.94
N ILE R 182 -43.91 34.26 -29.61
CA ILE R 182 -45.17 34.72 -29.01
C ILE R 182 -45.71 33.75 -27.97
N SER R 183 -45.12 32.57 -27.82
CA SER R 183 -45.55 31.62 -26.82
C SER R 183 -45.29 32.11 -25.39
N VAL R 184 -44.31 33.00 -25.21
CA VAL R 184 -44.08 33.64 -23.93
C VAL R 184 -45.16 34.69 -23.73
N SER R 185 -46.17 34.35 -22.91
CA SER R 185 -47.38 35.15 -22.85
C SER R 185 -47.20 36.48 -22.14
N GLU R 186 -46.15 36.63 -21.33
CA GLU R 186 -45.99 37.84 -20.55
C GLU R 186 -45.47 39.02 -21.35
N LEU R 187 -44.94 38.79 -22.55
CA LEU R 187 -44.49 39.88 -23.41
C LEU R 187 -45.54 40.29 -24.43
N GLY R 188 -46.73 39.72 -24.39
CA GLY R 188 -47.75 40.05 -25.36
C GLY R 188 -47.40 39.50 -26.74
N SER R 189 -47.85 40.22 -27.77
CA SER R 189 -47.58 39.82 -29.14
C SER R 189 -47.59 41.05 -30.02
N LEU R 190 -46.63 41.10 -30.95
CA LEU R 190 -46.57 42.20 -31.91
C LEU R 190 -47.78 42.20 -32.82
N LEU R 191 -48.23 41.02 -33.24
CA LEU R 191 -49.28 40.90 -34.24
C LEU R 191 -50.62 41.39 -33.74
N ASP R 192 -50.94 41.12 -32.47
CA ASP R 192 -52.23 41.49 -31.92
C ASP R 192 -52.21 42.81 -31.17
N HIS R 193 -51.01 43.42 -31.02
CA HIS R 193 -50.82 44.70 -30.32
C HIS R 193 -51.35 44.64 -28.90
N SER R 194 -50.73 43.79 -28.09
CA SER R 194 -51.20 43.51 -26.74
C SER R 194 -50.07 43.63 -25.74
N GLY R 195 -50.40 44.09 -24.54
CA GLY R 195 -49.47 44.12 -23.42
C GLY R 195 -48.29 45.06 -23.62
N PRO R 196 -47.09 44.53 -23.37
CA PRO R 196 -45.87 45.34 -23.55
C PRO R 196 -45.69 45.83 -24.97
N HIS R 197 -46.11 45.05 -25.98
CA HIS R 197 -46.07 45.56 -27.34
C HIS R 197 -46.98 46.77 -27.50
N LYS R 198 -48.21 46.72 -27.02
CA LYS R 198 -49.15 47.84 -27.19
C LYS R 198 -48.63 49.09 -26.48
N GLU R 199 -48.06 48.92 -25.29
CA GLU R 199 -47.38 50.03 -24.64
C GLU R 199 -46.23 50.55 -25.48
N ALA R 200 -45.54 49.66 -26.20
CA ALA R 200 -44.45 50.11 -27.06
C ALA R 200 -44.97 50.93 -28.24
N GLU R 201 -46.04 50.48 -28.93
CA GLU R 201 -46.51 51.33 -30.04
C GLU R 201 -47.09 52.64 -29.54
N GLN R 202 -47.73 52.66 -28.37
CA GLN R 202 -48.16 53.95 -27.85
C GLN R 202 -46.99 54.85 -27.50
N TYR R 203 -45.90 54.27 -27.00
CA TYR R 203 -44.68 55.02 -26.71
C TYR R 203 -44.07 55.61 -27.99
N ILE R 204 -44.03 54.81 -29.05
CA ILE R 204 -43.57 55.28 -30.36
C ILE R 204 -44.47 56.40 -30.88
N ALA R 205 -45.79 56.27 -30.65
CA ALA R 205 -46.72 57.30 -31.07
C ALA R 205 -46.48 58.62 -30.35
N ARG R 206 -46.19 58.59 -29.06
CA ARG R 206 -45.91 59.86 -28.38
C ARG R 206 -44.64 60.40 -29.02
N VAL R 207 -43.59 59.61 -29.02
CA VAL R 207 -42.26 60.17 -29.30
C VAL R 207 -42.25 60.92 -30.64
N PHE R 208 -42.77 60.30 -31.69
CA PHE R 208 -42.64 60.79 -33.06
C PHE R 208 -43.76 61.72 -33.49
N ASN R 209 -44.64 62.12 -32.57
CA ASN R 209 -45.79 63.00 -32.85
C ASN R 209 -46.67 62.43 -33.96
N ALA R 210 -47.23 61.25 -33.68
CA ALA R 210 -48.11 60.58 -34.60
C ALA R 210 -49.30 60.02 -33.83
N ASP R 211 -50.41 59.84 -34.54
CA ASP R 211 -51.61 59.30 -33.91
C ASP R 211 -51.44 57.82 -33.60
N ARG R 212 -51.27 57.00 -34.63
CA ARG R 212 -51.02 55.57 -34.47
C ARG R 212 -49.69 55.27 -35.13
N SER R 213 -48.81 54.59 -34.41
CA SER R 213 -47.49 54.26 -34.92
C SER R 213 -47.32 52.75 -34.90
N TYR R 214 -46.76 52.21 -35.98
CA TYR R 214 -46.53 50.77 -36.08
C TYR R 214 -45.03 50.51 -36.11
N MET R 215 -44.65 49.27 -35.84
CA MET R 215 -43.25 48.85 -35.74
C MET R 215 -43.03 47.63 -36.63
N VAL R 216 -42.65 47.87 -37.87
CA VAL R 216 -42.48 46.81 -38.86
C VAL R 216 -41.16 46.10 -38.59
N THR R 217 -41.15 44.77 -38.76
CA THR R 217 -39.99 43.96 -38.45
C THR R 217 -39.30 43.39 -39.69
N ASN R 218 -39.78 43.71 -40.89
CA ASN R 218 -39.07 43.37 -42.11
C ASN R 218 -38.31 44.55 -42.69
N GLY R 219 -38.87 45.75 -42.57
CA GLY R 219 -38.23 46.94 -43.08
C GLY R 219 -39.23 47.82 -43.82
N THR R 220 -38.76 49.01 -44.17
CA THR R 220 -39.63 49.93 -44.87
C THR R 220 -39.91 49.49 -46.30
N SER R 221 -39.12 48.56 -46.83
CA SER R 221 -39.49 47.87 -48.06
C SER R 221 -40.81 47.11 -47.90
N THR R 222 -41.14 46.71 -46.68
CA THR R 222 -42.43 46.09 -46.38
C THR R 222 -43.43 47.12 -45.88
N ALA R 223 -42.96 48.18 -45.22
CA ALA R 223 -43.87 49.23 -44.77
C ALA R 223 -44.52 49.97 -45.93
N ASN R 224 -43.75 50.22 -47.00
CA ASN R 224 -44.31 50.81 -48.21
C ASN R 224 -45.40 49.90 -48.79
N LYS R 225 -45.16 48.60 -48.77
CA LYS R 225 -46.14 47.63 -49.22
C LYS R 225 -47.40 47.67 -48.39
N ILE R 226 -47.25 47.79 -47.07
CA ILE R 226 -48.40 47.85 -46.18
C ILE R 226 -49.24 49.09 -46.46
N VAL R 227 -48.58 50.24 -46.57
CA VAL R 227 -49.30 51.50 -46.78
C VAL R 227 -49.97 51.52 -48.15
N GLY R 228 -49.25 51.12 -49.20
CA GLY R 228 -49.83 51.11 -50.52
C GLY R 228 -50.81 50.00 -50.81
N MET R 229 -50.84 48.96 -49.97
CA MET R 229 -51.90 47.97 -50.10
C MET R 229 -53.13 48.33 -49.27
N TYR R 230 -52.97 49.13 -48.21
CA TYR R 230 -54.15 49.60 -47.51
C TYR R 230 -54.82 50.74 -48.28
N SER R 231 -54.08 51.82 -48.53
CA SER R 231 -54.66 53.04 -49.04
C SER R 231 -54.99 52.99 -50.53
N ALA R 232 -54.40 52.06 -51.28
CA ALA R 232 -54.60 51.97 -52.72
C ALA R 232 -55.18 50.61 -53.08
N PRO R 233 -56.50 50.48 -53.12
CA PRO R 233 -57.11 49.23 -53.55
C PRO R 233 -56.87 48.98 -55.02
N ALA R 234 -57.11 47.75 -55.44
CA ALA R 234 -56.90 47.36 -56.83
C ALA R 234 -57.93 48.04 -57.73
N GLY R 235 -57.48 48.43 -58.92
CA GLY R 235 -58.29 49.19 -59.84
C GLY R 235 -58.25 50.68 -59.63
N SER R 236 -57.60 51.15 -58.57
CA SER R 236 -57.47 52.57 -58.30
C SER R 236 -56.20 53.10 -58.96
N THR R 237 -55.80 54.31 -58.58
CA THR R 237 -54.71 55.00 -59.23
C THR R 237 -53.85 55.69 -58.18
N ILE R 238 -52.53 55.70 -58.38
CA ILE R 238 -51.61 56.30 -57.42
C ILE R 238 -50.74 57.34 -58.11
N LEU R 239 -50.20 58.25 -57.31
CA LEU R 239 -49.21 59.24 -57.74
C LEU R 239 -47.89 58.87 -57.10
N ILE R 240 -47.10 58.08 -57.81
CA ILE R 240 -45.83 57.58 -57.29
C ILE R 240 -44.70 58.41 -57.85
N ASP R 241 -43.79 58.83 -56.97
CA ASP R 241 -42.57 59.49 -57.40
C ASP R 241 -41.75 58.58 -58.30
N ARG R 242 -41.21 59.15 -59.39
CA ARG R 242 -40.26 58.40 -60.20
C ARG R 242 -38.99 58.12 -59.43
N ASN R 243 -38.57 59.06 -58.58
CA ASN R 243 -37.51 58.80 -57.63
C ASN R 243 -38.07 57.91 -56.53
N CYS R 244 -38.19 56.63 -56.81
CA CYS R 244 -38.78 55.67 -55.89
C CYS R 244 -37.75 54.62 -55.54
N HIS R 245 -38.17 53.67 -54.72
CA HIS R 245 -37.36 52.52 -54.37
C HIS R 245 -37.82 51.32 -55.21
N LYS R 246 -37.00 50.26 -55.18
CA LYS R 246 -37.41 49.01 -55.81
C LYS R 246 -38.65 48.44 -55.15
N SER R 247 -38.83 48.72 -53.85
CA SER R 247 -39.96 48.21 -53.11
C SER R 247 -41.29 48.75 -53.61
N LEU R 248 -41.32 50.02 -54.03
CA LEU R 248 -42.55 50.58 -54.57
C LEU R 248 -42.90 49.96 -55.92
N THR R 249 -41.90 49.68 -56.75
CA THR R 249 -42.12 48.96 -58.00
C THR R 249 -42.66 47.56 -57.72
N HIS R 250 -42.10 46.89 -56.72
CA HIS R 250 -42.59 45.57 -56.32
C HIS R 250 -44.03 45.63 -55.82
N LEU R 251 -44.37 46.68 -55.06
CA LEU R 251 -45.74 46.91 -54.63
C LEU R 251 -46.67 47.08 -55.82
N MET R 252 -46.27 47.87 -56.80
CA MET R 252 -47.10 48.09 -57.97
C MET R 252 -47.26 46.84 -58.82
N MET R 253 -46.27 45.94 -58.78
CA MET R 253 -46.45 44.67 -59.47
C MET R 253 -47.31 43.69 -58.69
N MET R 254 -47.37 43.78 -57.36
CA MET R 254 -48.29 42.92 -56.64
C MET R 254 -49.74 43.38 -56.82
N SER R 255 -49.99 44.68 -56.73
CA SER R 255 -51.34 45.21 -56.70
C SER R 255 -51.78 45.72 -58.07
N ASP R 256 -53.07 45.59 -58.35
CA ASP R 256 -53.65 46.02 -59.63
C ASP R 256 -53.94 47.51 -59.57
N VAL R 257 -52.87 48.31 -59.67
CA VAL R 257 -52.96 49.75 -59.61
C VAL R 257 -52.40 50.34 -60.91
N THR R 258 -52.59 51.65 -61.06
CA THR R 258 -52.17 52.37 -62.26
C THR R 258 -51.41 53.62 -61.85
N PRO R 259 -50.24 53.90 -62.43
CA PRO R 259 -49.47 55.09 -62.03
C PRO R 259 -49.66 56.31 -62.90
N ILE R 260 -49.54 57.47 -62.25
CA ILE R 260 -48.97 58.67 -62.86
C ILE R 260 -47.65 58.93 -62.16
N TYR R 261 -46.57 58.99 -62.92
CA TYR R 261 -45.25 59.20 -62.36
C TYR R 261 -44.96 60.68 -62.26
N PHE R 262 -44.56 61.13 -61.08
CA PHE R 262 -44.01 62.46 -60.93
C PHE R 262 -42.68 62.54 -61.67
N ARG R 263 -42.28 63.76 -62.01
CA ARG R 263 -41.08 63.98 -62.82
C ARG R 263 -40.06 64.82 -62.07
N PRO R 264 -39.15 64.21 -61.33
CA PRO R 264 -38.14 64.97 -60.59
C PRO R 264 -37.09 65.57 -61.52
N THR R 265 -36.44 66.61 -61.01
CA THR R 265 -35.34 67.25 -61.70
C THR R 265 -34.02 66.60 -61.29
N ARG R 266 -32.96 66.94 -62.02
CA ARG R 266 -31.63 66.41 -61.73
C ARG R 266 -30.58 67.33 -62.34
N ASN R 267 -29.38 67.25 -61.78
CA ASN R 267 -28.24 68.02 -62.25
C ASN R 267 -27.34 67.13 -63.11
N ALA R 268 -26.22 67.70 -63.57
CA ALA R 268 -25.27 66.95 -64.37
C ALA R 268 -24.49 65.93 -63.55
N TYR R 269 -24.44 66.10 -62.22
CA TYR R 269 -23.73 65.14 -61.37
C TYR R 269 -24.43 63.79 -61.33
N GLY R 270 -25.73 63.77 -61.57
CA GLY R 270 -26.53 62.57 -61.39
C GLY R 270 -27.29 62.52 -60.10
N ILE R 271 -27.25 63.59 -59.31
CA ILE R 271 -28.00 63.64 -58.05
C ILE R 271 -29.48 63.80 -58.39
N LEU R 272 -30.30 62.92 -57.83
CA LEU R 272 -31.74 62.97 -58.05
C LEU R 272 -32.31 64.13 -57.24
N GLY R 273 -32.73 65.18 -57.93
CA GLY R 273 -33.31 66.31 -57.26
C GLY R 273 -34.77 66.06 -56.92
N GLY R 274 -35.63 67.03 -57.18
CA GLY R 274 -37.01 66.89 -56.79
C GLY R 274 -38.04 67.30 -57.81
N ILE R 275 -39.29 66.98 -57.50
CA ILE R 275 -40.40 67.32 -58.39
C ILE R 275 -40.65 68.82 -58.32
N PRO R 276 -40.86 69.50 -59.45
CA PRO R 276 -41.19 70.93 -59.39
C PRO R 276 -42.56 71.14 -58.75
N GLN R 277 -42.80 72.40 -58.38
CA GLN R 277 -44.07 72.77 -57.75
C GLN R 277 -45.26 72.61 -58.67
N SER R 278 -45.04 72.62 -59.98
CA SER R 278 -46.15 72.56 -60.92
C SER R 278 -46.84 71.20 -60.92
N GLU R 279 -46.11 70.13 -60.57
CA GLU R 279 -46.65 68.78 -60.63
C GLU R 279 -47.28 68.33 -59.33
N PHE R 280 -47.74 69.26 -58.49
CA PHE R 280 -48.54 68.89 -57.34
C PHE R 280 -49.90 69.58 -57.32
N GLN R 281 -50.22 70.36 -58.34
CA GLN R 281 -51.48 71.08 -58.39
C GLN R 281 -52.50 70.26 -59.16
N HIS R 282 -53.74 70.74 -59.16
CA HIS R 282 -54.84 69.97 -59.75
C HIS R 282 -54.77 69.91 -61.27
N ALA R 283 -54.24 70.95 -61.90
CA ALA R 283 -54.26 71.04 -63.36
C ALA R 283 -53.39 69.97 -64.00
N THR R 284 -52.13 69.87 -63.56
CA THR R 284 -51.22 68.89 -64.16
C THR R 284 -51.61 67.47 -63.80
N ILE R 285 -52.12 67.25 -62.59
CA ILE R 285 -52.56 65.93 -62.19
C ILE R 285 -53.78 65.49 -63.00
N ALA R 286 -54.73 66.40 -63.20
CA ALA R 286 -55.89 66.09 -64.03
C ALA R 286 -55.51 65.84 -65.48
N LYS R 287 -54.56 66.62 -66.01
CA LYS R 287 -54.07 66.38 -67.37
C LYS R 287 -53.44 65.00 -67.51
N ARG R 288 -52.51 64.66 -66.60
CA ARG R 288 -51.84 63.37 -66.65
C ARG R 288 -52.80 62.21 -66.39
N VAL R 289 -53.87 62.45 -65.65
CA VAL R 289 -54.96 61.47 -65.57
C VAL R 289 -55.63 61.32 -66.93
N LYS R 290 -55.87 62.44 -67.62
CA LYS R 290 -56.62 62.42 -68.87
C LYS R 290 -55.88 61.67 -69.97
N GLU R 291 -54.57 61.86 -70.10
CA GLU R 291 -53.83 61.09 -71.10
C GLU R 291 -53.19 59.83 -70.54
N THR R 292 -53.80 59.20 -69.55
CA THR R 292 -53.40 57.86 -69.14
C THR R 292 -54.58 56.90 -69.30
N PRO R 293 -54.41 55.80 -70.04
CA PRO R 293 -55.53 54.87 -70.22
C PRO R 293 -55.91 54.17 -68.93
N ASN R 294 -57.22 53.92 -68.79
CA ASN R 294 -57.80 53.22 -67.64
C ASN R 294 -57.48 53.90 -66.32
N ALA R 295 -57.40 55.23 -66.31
CA ALA R 295 -56.97 55.97 -65.15
C ALA R 295 -58.10 56.85 -64.62
N THR R 296 -58.24 56.88 -63.31
CA THR R 296 -59.21 57.72 -62.62
C THR R 296 -58.46 58.70 -61.73
N TRP R 297 -59.21 59.42 -60.89
CA TRP R 297 -58.58 60.34 -59.95
C TRP R 297 -57.76 59.56 -58.92
N PRO R 298 -56.51 59.97 -58.68
CA PRO R 298 -55.64 59.21 -57.76
C PRO R 298 -56.18 59.24 -56.34
N VAL R 299 -56.09 58.08 -55.68
CA VAL R 299 -56.56 57.94 -54.30
C VAL R 299 -55.41 57.85 -53.31
N HIS R 300 -54.16 57.91 -53.79
CA HIS R 300 -53.01 57.82 -52.91
C HIS R 300 -51.81 58.42 -53.62
N ALA R 301 -50.89 58.97 -52.84
CA ALA R 301 -49.67 59.56 -53.38
C ALA R 301 -48.49 59.13 -52.54
N VAL R 302 -47.39 58.76 -53.19
CA VAL R 302 -46.17 58.32 -52.53
C VAL R 302 -45.03 59.22 -52.98
N ILE R 303 -44.34 59.83 -52.01
CA ILE R 303 -43.29 60.81 -52.27
C ILE R 303 -42.07 60.44 -51.45
N THR R 304 -40.90 60.40 -52.09
CA THR R 304 -39.66 60.07 -51.38
C THR R 304 -39.12 61.33 -50.73
N ASN R 305 -39.35 61.48 -49.43
CA ASN R 305 -38.97 62.65 -48.66
C ASN R 305 -38.11 62.24 -47.48
N SER R 306 -36.79 62.44 -47.56
CA SER R 306 -36.13 63.17 -48.63
C SER R 306 -35.73 62.26 -49.76
N THR R 307 -34.94 62.78 -50.68
CA THR R 307 -34.36 61.95 -51.73
C THR R 307 -33.21 61.14 -51.15
N TYR R 308 -32.53 60.40 -52.02
CA TYR R 308 -31.37 59.64 -51.59
C TYR R 308 -30.24 60.55 -51.13
N ASP R 309 -30.11 61.73 -51.73
CA ASP R 309 -29.06 62.67 -51.40
C ASP R 309 -29.51 63.73 -50.40
N GLY R 310 -30.60 63.48 -49.68
CA GLY R 310 -30.98 64.34 -48.58
C GLY R 310 -31.50 65.70 -48.99
N LEU R 311 -32.52 65.75 -49.84
CA LEU R 311 -33.17 66.99 -50.23
C LEU R 311 -34.61 66.92 -49.74
N LEU R 312 -34.88 67.59 -48.63
CA LEU R 312 -36.20 67.64 -48.05
C LEU R 312 -37.11 68.52 -48.90
N TYR R 313 -38.41 68.35 -48.73
CA TYR R 313 -39.39 69.12 -49.47
C TYR R 313 -40.05 70.12 -48.54
N ASN R 314 -40.70 71.11 -49.13
CA ASN R 314 -41.61 71.96 -48.37
C ASN R 314 -42.92 71.21 -48.28
N THR R 315 -43.01 70.34 -47.27
CA THR R 315 -44.14 69.43 -47.13
C THR R 315 -45.44 70.13 -46.75
N ASP R 316 -45.39 71.34 -46.21
CA ASP R 316 -46.62 72.07 -45.94
C ASP R 316 -47.33 72.45 -47.23
N PHE R 317 -46.55 72.86 -48.25
CA PHE R 317 -47.07 73.06 -49.59
C PHE R 317 -47.73 71.79 -50.13
N ILE R 318 -47.08 70.65 -49.90
CA ILE R 318 -47.58 69.37 -50.42
C ILE R 318 -48.88 69.00 -49.73
N LYS R 319 -48.91 69.07 -48.41
CA LYS R 319 -50.10 68.72 -47.65
C LYS R 319 -51.23 69.73 -47.81
N LYS R 320 -50.94 70.94 -48.29
CA LYS R 320 -52.02 71.88 -48.58
C LYS R 320 -52.58 71.72 -49.99
N THR R 321 -51.72 71.51 -50.99
CA THR R 321 -52.17 71.62 -52.36
C THR R 321 -52.36 70.30 -53.10
N LEU R 322 -51.71 69.23 -52.65
CA LEU R 322 -51.92 67.92 -53.29
C LEU R 322 -53.29 67.41 -52.90
N ASP R 323 -54.20 67.36 -53.87
CA ASP R 323 -55.62 67.10 -53.60
C ASP R 323 -55.96 65.62 -53.66
N VAL R 324 -55.22 64.80 -52.92
CA VAL R 324 -55.52 63.38 -52.80
C VAL R 324 -55.87 63.09 -51.35
N LYS R 325 -56.54 61.96 -51.14
CA LYS R 325 -57.07 61.63 -49.82
C LYS R 325 -56.05 60.97 -48.91
N SER R 326 -54.87 60.64 -49.41
CA SER R 326 -53.82 60.06 -48.59
C SER R 326 -52.47 60.33 -49.23
N ILE R 327 -51.59 61.00 -48.50
CA ILE R 327 -50.25 61.32 -48.97
C ILE R 327 -49.26 60.51 -48.16
N HIS R 328 -48.45 59.71 -48.83
CA HIS R 328 -47.43 58.91 -48.18
C HIS R 328 -46.05 59.48 -48.45
N PHE R 329 -45.27 59.64 -47.39
CA PHE R 329 -43.90 60.10 -47.49
C PHE R 329 -42.99 58.92 -47.17
N ASP R 330 -42.21 58.49 -48.17
CA ASP R 330 -41.29 57.38 -47.98
C ASP R 330 -40.01 57.92 -47.35
N SER R 331 -40.11 58.22 -46.05
CA SER R 331 -39.02 58.87 -45.34
C SER R 331 -38.02 57.86 -44.80
N ALA R 332 -37.51 57.04 -45.70
CA ALA R 332 -36.53 56.05 -45.31
C ALA R 332 -35.21 56.66 -44.88
N TRP R 333 -34.81 57.78 -45.48
CA TRP R 333 -33.54 58.41 -45.17
C TRP R 333 -33.65 59.55 -44.17
N VAL R 334 -34.85 59.93 -43.77
CA VAL R 334 -34.99 60.98 -42.76
C VAL R 334 -35.90 60.45 -41.65
N PRO R 335 -35.39 59.65 -40.71
CA PRO R 335 -36.25 59.21 -39.60
C PRO R 335 -36.10 60.07 -38.35
N TYR R 336 -35.10 60.93 -38.31
CA TYR R 336 -34.72 61.70 -37.13
C TYR R 336 -35.41 63.05 -37.05
N THR R 337 -36.55 63.22 -37.71
CA THR R 337 -37.07 64.54 -38.01
C THR R 337 -37.53 65.31 -36.78
N ASN R 338 -38.24 64.67 -35.86
CA ASN R 338 -38.88 65.35 -34.75
C ASN R 338 -37.87 65.91 -33.75
N PHE R 339 -36.63 65.43 -33.79
CA PHE R 339 -35.71 65.61 -32.68
C PHE R 339 -34.78 66.80 -32.84
N SER R 340 -35.03 67.67 -33.82
CA SER R 340 -34.38 68.96 -33.88
C SER R 340 -35.32 69.89 -34.62
N PRO R 341 -35.56 71.10 -34.10
CA PRO R 341 -36.45 72.04 -34.78
C PRO R 341 -35.90 72.60 -36.08
N ILE R 342 -34.72 72.17 -36.50
CA ILE R 342 -34.22 72.49 -37.83
C ILE R 342 -35.17 71.95 -38.89
N TYR R 343 -35.69 70.74 -38.67
CA TYR R 343 -36.52 70.04 -39.64
C TYR R 343 -38.00 70.34 -39.50
N GLU R 344 -38.37 71.48 -38.89
CA GLU R 344 -39.77 71.84 -38.79
C GLU R 344 -40.33 72.14 -40.18
N GLY R 345 -41.52 71.63 -40.45
CA GLY R 345 -42.10 71.80 -41.78
C GLY R 345 -41.41 71.01 -42.85
N LYS R 346 -40.83 69.85 -42.51
CA LYS R 346 -40.06 69.06 -43.45
C LYS R 346 -40.27 67.55 -43.26
N CYS R 347 -41.46 67.14 -42.83
CA CYS R 347 -41.82 65.72 -42.83
C CYS R 347 -43.33 65.62 -42.86
N GLY R 348 -43.81 64.39 -43.00
CA GLY R 348 -45.24 64.15 -42.93
C GLY R 348 -45.84 64.49 -41.58
N MET R 349 -45.09 64.23 -40.50
CA MET R 349 -45.57 64.51 -39.16
C MET R 349 -45.33 65.94 -38.72
N SER R 350 -44.70 66.77 -39.55
CA SER R 350 -44.56 68.18 -39.24
C SER R 350 -45.91 68.86 -39.30
N GLY R 351 -46.13 69.77 -38.37
CA GLY R 351 -47.41 70.44 -38.29
C GLY R 351 -48.47 69.57 -37.66
N GLY R 352 -49.70 70.08 -37.68
CA GLY R 352 -50.81 69.40 -37.05
C GLY R 352 -51.50 68.40 -37.97
N ARG R 353 -52.61 67.88 -37.48
CA ARG R 353 -53.44 66.94 -38.25
C ARG R 353 -54.09 67.69 -39.39
N VAL R 354 -53.70 67.37 -40.62
CA VAL R 354 -54.27 68.04 -41.79
C VAL R 354 -55.69 67.54 -42.00
N GLU R 355 -56.55 68.42 -42.50
CA GLU R 355 -57.96 68.11 -42.66
C GLU R 355 -58.20 67.39 -43.98
N GLY R 356 -59.00 66.33 -43.95
CA GLY R 356 -59.49 65.70 -45.15
C GLY R 356 -58.59 64.65 -45.77
N LYS R 357 -57.40 64.43 -45.23
CA LYS R 357 -56.52 63.41 -45.78
C LYS R 357 -55.63 62.86 -44.68
N VAL R 358 -55.13 61.65 -44.89
CA VAL R 358 -54.30 60.95 -43.91
C VAL R 358 -52.88 60.97 -44.42
N ILE R 359 -51.94 61.42 -43.59
CA ILE R 359 -50.54 61.51 -43.96
C ILE R 359 -49.82 60.30 -43.39
N TYR R 360 -49.20 59.53 -44.26
CA TYR R 360 -48.37 58.40 -43.85
C TYR R 360 -46.90 58.80 -43.89
N GLU R 361 -46.13 58.24 -42.98
CA GLU R 361 -44.68 58.37 -43.03
C GLU R 361 -44.07 57.07 -42.53
N THR R 362 -43.07 56.58 -43.25
CA THR R 362 -42.57 55.22 -43.07
C THR R 362 -41.05 55.24 -42.85
N GLN R 363 -40.64 56.01 -41.83
CA GLN R 363 -39.26 56.11 -41.36
C GLN R 363 -38.56 54.76 -41.27
N SER R 364 -37.45 54.63 -41.99
CA SER R 364 -36.59 53.46 -41.86
C SER R 364 -35.66 53.70 -40.69
N THR R 365 -36.02 53.16 -39.53
CA THR R 365 -35.34 53.45 -38.28
C THR R 365 -33.90 52.96 -38.27
N HIS R 366 -33.60 51.87 -38.95
CA HIS R 366 -32.25 51.32 -38.91
C HIS R 366 -31.26 52.14 -39.71
N1 LLP R 367 -37.12 52.63 -49.49
C2 LLP R 367 -36.29 53.66 -49.72
C2' LLP R 367 -36.79 54.94 -50.47
C3 LLP R 367 -34.95 53.60 -49.27
O3 LLP R 367 -34.09 54.68 -49.51
C4 LLP R 367 -34.48 52.51 -48.60
C4' LLP R 367 -32.96 52.45 -48.09
C5 LLP R 367 -35.31 51.46 -48.37
C6 LLP R 367 -36.64 51.51 -48.81
C5' LLP R 367 -34.74 50.22 -47.61
OP4 LLP R 367 -35.76 49.36 -47.18
P LLP R 367 -35.40 48.43 -46.00
OP1 LLP R 367 -34.10 47.68 -46.33
OP2 LLP R 367 -36.50 47.46 -45.80
OP3 LLP R 367 -35.21 49.23 -44.77
N LLP R 367 -31.76 52.97 -40.62
CA LLP R 367 -30.90 53.68 -41.58
CB LLP R 367 -31.73 54.27 -42.68
CG LLP R 367 -32.18 53.15 -43.63
CD LLP R 367 -31.30 53.12 -44.88
CE LLP R 367 -31.96 52.24 -45.97
NZ LLP R 367 -32.85 53.06 -46.81
C LLP R 367 -30.09 54.75 -40.93
O LLP R 367 -28.88 54.73 -41.05
N LEU R 368 -30.75 55.69 -40.26
CA LEU R 368 -30.02 56.84 -39.71
C LEU R 368 -30.06 56.90 -38.19
N LEU R 369 -31.06 56.29 -37.58
CA LEU R 369 -31.09 56.16 -36.13
C LEU R 369 -30.24 54.96 -35.71
N ALA R 370 -30.26 54.66 -34.42
CA ALA R 370 -29.50 53.53 -33.89
C ALA R 370 -30.46 52.37 -33.65
N ALA R 371 -30.61 51.53 -34.67
CA ALA R 371 -31.45 50.35 -34.55
C ALA R 371 -30.88 49.22 -35.39
N PHE R 372 -31.26 47.99 -35.03
CA PHE R 372 -30.90 46.82 -35.81
C PHE R 372 -31.55 46.87 -37.18
N SER R 373 -30.93 46.18 -38.14
CA SER R 373 -31.45 46.18 -39.50
C SER R 373 -32.81 45.51 -39.57
N GLN R 374 -33.47 45.71 -40.71
CA GLN R 374 -34.86 45.28 -40.96
C GLN R 374 -35.84 45.87 -39.96
N ALA R 375 -35.52 47.03 -39.41
CA ALA R 375 -36.43 47.73 -38.50
C ALA R 375 -37.04 48.92 -39.23
N SER R 376 -38.33 49.12 -39.02
CA SER R 376 -39.03 50.21 -39.68
C SER R 376 -40.26 50.58 -38.86
N MET R 377 -40.85 51.71 -39.22
CA MET R 377 -42.03 52.20 -38.55
C MET R 377 -43.01 52.70 -39.59
N ILE R 378 -44.29 52.73 -39.21
CA ILE R 378 -45.33 53.36 -40.00
C ILE R 378 -46.06 54.32 -39.08
N HIS R 379 -45.83 55.61 -39.28
CA HIS R 379 -46.54 56.65 -38.55
C HIS R 379 -47.67 57.17 -39.41
N VAL R 380 -48.86 57.26 -38.84
CA VAL R 380 -50.00 57.80 -39.56
C VAL R 380 -50.38 59.13 -38.90
N LYS R 381 -51.13 59.93 -39.65
CA LYS R 381 -51.63 61.20 -39.13
C LYS R 381 -52.99 61.42 -39.75
N GLY R 382 -54.04 61.14 -38.99
CA GLY R 382 -55.39 61.23 -39.49
C GLY R 382 -56.22 60.11 -38.92
N ASP R 383 -57.32 59.81 -39.59
CA ASP R 383 -58.24 58.76 -39.17
C ASP R 383 -58.21 57.65 -40.22
N VAL R 384 -57.92 56.43 -39.78
CA VAL R 384 -57.91 55.27 -40.66
C VAL R 384 -58.82 54.21 -40.06
N ASN R 385 -59.29 53.33 -40.92
CA ASN R 385 -60.06 52.18 -40.47
C ASN R 385 -59.12 51.26 -39.69
N GLU R 386 -59.32 51.19 -38.37
CA GLU R 386 -58.34 50.55 -37.49
C GLU R 386 -58.19 49.07 -37.78
N GLU R 387 -59.31 48.36 -37.96
CA GLU R 387 -59.22 46.93 -38.21
C GLU R 387 -58.73 46.62 -39.62
N THR R 388 -59.17 47.37 -40.62
CA THR R 388 -58.69 47.13 -41.98
C THR R 388 -57.20 47.41 -42.11
N PHE R 389 -56.73 48.52 -41.54
CA PHE R 389 -55.31 48.83 -41.61
C PHE R 389 -54.47 47.92 -40.73
N ASN R 390 -54.99 47.49 -39.58
CA ASN R 390 -54.31 46.50 -38.78
C ASN R 390 -54.21 45.18 -39.51
N GLU R 391 -55.25 44.80 -40.24
CA GLU R 391 -55.20 43.56 -41.01
C GLU R 391 -54.22 43.67 -42.17
N ALA R 392 -54.15 44.84 -42.81
CA ALA R 392 -53.15 45.05 -43.85
C ALA R 392 -51.73 45.00 -43.30
N TYR R 393 -51.51 45.55 -42.09
CA TYR R 393 -50.20 45.43 -41.45
C TYR R 393 -49.87 43.97 -41.11
N MET R 394 -50.85 43.24 -40.58
CA MET R 394 -50.67 41.82 -40.29
C MET R 394 -50.42 41.01 -41.56
N MET R 395 -50.95 41.46 -42.69
CA MET R 395 -50.84 40.75 -43.95
C MET R 395 -49.40 40.61 -44.44
N HIS R 396 -48.57 41.63 -44.26
CA HIS R 396 -47.22 41.59 -44.81
C HIS R 396 -46.14 41.21 -43.81
N THR R 397 -46.35 41.46 -42.52
CA THR R 397 -45.33 41.09 -41.56
C THR R 397 -45.39 39.60 -41.25
N THR R 398 -44.31 39.10 -40.68
CA THR R 398 -44.27 37.71 -40.24
C THR R 398 -45.13 37.52 -39.00
N THR R 399 -45.28 36.25 -38.60
CA THR R 399 -46.06 35.93 -37.42
C THR R 399 -45.21 35.77 -36.17
N SER R 400 -43.96 35.33 -36.31
CA SER R 400 -43.03 35.19 -35.19
C SER R 400 -41.84 36.10 -35.45
N PRO R 401 -41.88 37.34 -34.97
CA PRO R 401 -40.83 38.30 -35.30
C PRO R 401 -39.60 38.10 -34.42
N HIS R 402 -38.51 38.72 -34.85
CA HIS R 402 -37.27 38.72 -34.08
C HIS R 402 -37.37 39.81 -33.02
N TYR R 403 -37.47 39.41 -31.77
CA TYR R 403 -37.68 40.38 -30.70
C TYR R 403 -36.47 41.27 -30.45
N GLY R 404 -35.28 40.86 -30.91
CA GLY R 404 -34.14 41.77 -30.87
C GLY R 404 -34.35 42.96 -31.77
N ILE R 405 -34.90 42.74 -32.96
CA ILE R 405 -35.20 43.84 -33.89
C ILE R 405 -36.28 44.74 -33.32
N VAL R 406 -37.31 44.15 -32.71
CA VAL R 406 -38.39 44.94 -32.11
C VAL R 406 -37.89 45.78 -30.95
N ALA R 407 -37.09 45.17 -30.07
CA ALA R 407 -36.51 45.90 -28.95
C ALA R 407 -35.57 46.99 -29.41
N SER R 408 -34.80 46.73 -30.47
CA SER R 408 -33.93 47.77 -31.02
C SER R 408 -34.75 48.89 -31.65
N THR R 409 -35.86 48.55 -32.29
CA THR R 409 -36.74 49.54 -32.91
C THR R 409 -37.31 50.48 -31.85
N GLU R 410 -37.73 49.94 -30.71
CA GLU R 410 -38.23 50.81 -29.65
C GLU R 410 -37.11 51.56 -28.93
N THR R 411 -35.97 50.90 -28.69
CA THR R 411 -34.85 51.54 -28.01
C THR R 411 -34.28 52.69 -28.84
N ALA R 412 -34.41 52.63 -30.17
CA ALA R 412 -33.98 53.76 -30.99
C ALA R 412 -34.76 55.02 -30.68
N ALA R 413 -36.08 54.92 -30.50
CA ALA R 413 -36.85 56.07 -30.09
C ALA R 413 -36.55 56.44 -28.64
N ALA R 414 -36.30 55.43 -27.80
CA ALA R 414 -35.98 55.69 -26.39
C ALA R 414 -34.65 56.41 -26.23
N MET R 415 -33.74 56.30 -27.20
CA MET R 415 -32.51 57.07 -27.19
C MET R 415 -32.73 58.54 -27.49
N MET R 416 -33.94 58.94 -27.88
CA MET R 416 -34.18 60.30 -28.31
C MET R 416 -35.07 61.10 -27.37
N LYS R 417 -35.60 60.50 -26.31
CA LYS R 417 -36.33 61.24 -25.30
C LYS R 417 -35.36 61.87 -24.31
N GLY R 418 -35.71 63.05 -23.83
CA GLY R 418 -34.93 63.73 -22.82
C GLY R 418 -33.96 64.72 -23.42
N ASN R 419 -32.90 64.98 -22.66
CA ASN R 419 -31.85 65.88 -23.11
C ASN R 419 -30.76 65.15 -23.89
N ALA R 420 -30.59 63.85 -23.64
CA ALA R 420 -29.56 63.08 -24.33
C ALA R 420 -29.84 62.95 -25.81
N GLY R 421 -31.11 62.73 -26.18
CA GLY R 421 -31.43 62.61 -27.60
C GLY R 421 -31.28 63.91 -28.35
N LYS R 422 -31.71 65.02 -27.73
CA LYS R 422 -31.51 66.33 -28.33
C LYS R 422 -30.02 66.63 -28.47
N ARG R 423 -29.23 66.26 -27.46
CA ARG R 423 -27.79 66.44 -27.55
C ARG R 423 -27.18 65.58 -28.66
N LEU R 424 -27.67 64.36 -28.85
CA LEU R 424 -27.21 63.51 -29.95
C LEU R 424 -27.48 64.15 -31.30
N ILE R 425 -28.72 64.57 -31.53
CA ILE R 425 -29.09 65.10 -32.83
C ILE R 425 -28.37 66.41 -33.11
N ASN R 426 -28.32 67.31 -32.13
CA ASN R 426 -27.62 68.58 -32.32
C ASN R 426 -26.13 68.37 -32.48
N GLY R 427 -25.54 67.42 -31.76
CA GLY R 427 -24.13 67.14 -31.94
C GLY R 427 -23.81 66.57 -33.31
N SER R 428 -24.69 65.69 -33.82
CA SER R 428 -24.49 65.14 -35.16
C SER R 428 -24.60 66.21 -36.23
N ILE R 429 -25.59 67.10 -36.11
CA ILE R 429 -25.77 68.15 -37.11
C ILE R 429 -24.60 69.14 -37.04
N GLU R 430 -24.18 69.53 -35.83
CA GLU R 430 -23.07 70.45 -35.69
C GLU R 430 -21.76 69.85 -36.18
N ARG R 431 -21.53 68.56 -35.91
CA ARG R 431 -20.36 67.87 -36.44
C ARG R 431 -20.38 67.81 -37.95
N ALA R 432 -21.55 67.56 -38.55
CA ALA R 432 -21.66 67.56 -40.00
C ALA R 432 -21.35 68.94 -40.58
N ILE R 433 -21.86 70.00 -39.95
CA ILE R 433 -21.63 71.35 -40.44
C ILE R 433 -20.16 71.73 -40.32
N LYS R 434 -19.51 71.34 -39.21
CA LYS R 434 -18.09 71.62 -39.04
C LYS R 434 -17.22 70.85 -40.03
N PHE R 435 -17.59 69.60 -40.33
CA PHE R 435 -16.90 68.86 -41.38
C PHE R 435 -17.06 69.55 -42.73
N ARG R 436 -18.27 70.05 -43.02
CA ARG R 436 -18.49 70.75 -44.27
C ARG R 436 -17.66 72.03 -44.37
N LYS R 437 -17.56 72.76 -43.26
CA LYS R 437 -16.76 73.96 -43.27
C LYS R 437 -15.28 73.67 -43.48
N GLU R 438 -14.71 72.63 -42.84
CA GLU R 438 -13.33 72.38 -43.25
C GLU R 438 -13.15 71.72 -44.59
N ILE R 439 -14.13 70.99 -45.13
CA ILE R 439 -13.81 70.46 -46.45
C ILE R 439 -13.81 71.59 -47.49
N LYS R 440 -14.69 72.58 -47.35
CA LYS R 440 -14.50 73.77 -48.18
C LYS R 440 -13.26 74.57 -47.80
N ARG R 441 -12.81 74.52 -46.55
CA ARG R 441 -11.60 75.24 -46.17
C ARG R 441 -10.35 74.58 -46.73
N LEU R 442 -10.27 73.26 -46.65
CA LEU R 442 -9.15 72.51 -47.23
C LEU R 442 -9.14 72.57 -48.74
N ARG R 443 -10.31 72.79 -49.37
CA ARG R 443 -10.31 73.02 -50.81
C ARG R 443 -9.54 74.29 -51.16
N THR R 444 -9.73 75.37 -50.40
CA THR R 444 -9.01 76.60 -50.67
C THR R 444 -7.63 76.63 -50.01
N GLU R 445 -7.32 75.66 -49.17
CA GLU R 445 -6.00 75.61 -48.56
C GLU R 445 -5.01 74.83 -49.40
N SER R 446 -5.48 73.80 -50.11
CA SER R 446 -4.59 72.89 -50.81
C SER R 446 -4.13 73.49 -52.13
N ASP R 447 -3.18 72.81 -52.75
CA ASP R 447 -2.66 73.18 -54.06
C ASP R 447 -3.30 72.32 -55.15
N GLY R 448 -3.51 72.92 -56.31
CA GLY R 448 -4.10 72.20 -57.43
C GLY R 448 -5.55 71.85 -57.15
N TRP R 449 -5.88 70.58 -57.33
CA TRP R 449 -7.25 70.11 -57.17
C TRP R 449 -7.50 69.67 -55.74
N PHE R 450 -8.78 69.66 -55.36
CA PHE R 450 -9.20 69.06 -54.10
C PHE R 450 -10.67 68.68 -54.22
N PHE R 451 -11.12 67.87 -53.26
CA PHE R 451 -12.52 67.49 -53.20
C PHE R 451 -13.39 68.69 -52.88
N ASP R 452 -14.44 68.86 -53.66
CA ASP R 452 -15.47 69.84 -53.41
C ASP R 452 -16.63 69.13 -52.73
N VAL R 453 -17.48 69.89 -52.04
CA VAL R 453 -18.71 69.35 -51.46
C VAL R 453 -19.90 70.17 -51.91
N TRP R 454 -20.91 69.47 -52.39
CA TRP R 454 -22.05 70.01 -53.10
C TRP R 454 -22.98 70.65 -52.07
N GLN R 455 -22.72 71.92 -51.76
CA GLN R 455 -23.41 72.63 -50.69
C GLN R 455 -23.30 74.13 -50.99
N PRO R 456 -24.15 74.95 -50.36
CA PRO R 456 -24.07 76.40 -50.63
C PRO R 456 -22.73 76.99 -50.24
N ASP R 457 -22.33 78.03 -50.98
CA ASP R 457 -21.02 78.63 -50.83
C ASP R 457 -20.82 79.26 -49.46
N HIS R 458 -21.87 79.79 -48.83
CA HIS R 458 -21.79 80.33 -47.49
C HIS R 458 -22.75 79.55 -46.60
N ILE R 459 -22.20 78.66 -45.78
CA ILE R 459 -22.95 77.99 -44.73
C ILE R 459 -22.25 78.26 -43.40
N ASP R 460 -22.98 78.81 -42.46
CA ASP R 460 -22.46 78.99 -41.11
C ASP R 460 -23.51 78.84 -40.03
N THR R 461 -24.76 78.56 -40.39
CA THR R 461 -25.85 78.42 -39.44
C THR R 461 -26.39 77.00 -39.48
N THR R 462 -26.99 76.58 -38.37
CA THR R 462 -27.53 75.22 -38.25
C THR R 462 -28.97 75.24 -38.75
N GLU R 463 -29.11 75.14 -40.07
CA GLU R 463 -30.42 75.07 -40.69
C GLU R 463 -30.30 74.23 -41.94
N CYS R 464 -31.44 73.73 -42.41
CA CYS R 464 -31.51 73.11 -43.73
C CYS R 464 -31.41 74.21 -44.77
N TRP R 465 -30.28 74.25 -45.47
CA TRP R 465 -30.01 75.38 -46.35
C TRP R 465 -30.88 75.28 -47.59
N PRO R 466 -31.74 76.27 -47.84
CA PRO R 466 -32.69 76.17 -48.96
C PRO R 466 -31.99 76.28 -50.30
N LEU R 467 -32.51 75.54 -51.27
CA LEU R 467 -31.96 75.59 -52.62
C LEU R 467 -32.61 76.76 -53.35
N ARG R 468 -31.84 77.81 -53.55
CA ARG R 468 -32.36 79.06 -54.11
C ARG R 468 -32.12 79.09 -55.61
N SER R 469 -33.08 79.65 -56.34
CA SER R 469 -32.96 79.79 -57.79
C SER R 469 -31.91 80.81 -58.19
N ASP R 470 -31.49 81.67 -57.26
CA ASP R 470 -30.52 82.71 -57.55
C ASP R 470 -29.09 82.25 -57.31
N SER R 471 -28.89 80.96 -57.06
CA SER R 471 -27.55 80.40 -56.86
C SER R 471 -27.39 79.19 -57.76
N THR R 472 -26.13 78.78 -57.96
CA THR R 472 -25.85 77.73 -58.92
C THR R 472 -25.02 76.59 -58.33
N TRP R 473 -24.94 76.47 -57.00
CA TRP R 473 -24.19 75.38 -56.41
C TRP R 473 -24.90 74.05 -56.61
N HIS R 474 -26.23 74.04 -56.64
CA HIS R 474 -26.96 72.79 -56.76
C HIS R 474 -26.97 72.26 -58.20
N GLY R 475 -27.26 73.11 -59.17
CA GLY R 475 -27.27 72.71 -60.55
C GLY R 475 -28.63 72.46 -61.15
N PHE R 476 -29.68 72.38 -60.34
CA PHE R 476 -31.03 72.22 -60.86
C PHE R 476 -31.49 73.55 -61.44
N LYS R 477 -31.65 73.60 -62.75
CA LYS R 477 -31.99 74.84 -63.43
C LYS R 477 -33.47 75.18 -63.24
N ASN R 478 -33.75 76.48 -63.08
CA ASN R 478 -35.10 77.03 -62.92
C ASN R 478 -35.85 76.39 -61.75
N ILE R 479 -35.11 76.16 -60.66
CA ILE R 479 -35.68 75.51 -59.49
C ILE R 479 -36.58 76.48 -58.76
N ASP R 480 -37.58 75.95 -58.07
CA ASP R 480 -38.54 76.75 -57.35
C ASP R 480 -38.03 77.08 -55.95
N ASN R 481 -38.28 78.29 -55.50
CA ASN R 481 -37.75 78.77 -54.23
C ASN R 481 -38.57 78.24 -53.06
N GLU R 482 -37.87 77.84 -52.01
CA GLU R 482 -38.43 77.11 -50.86
C GLU R 482 -39.27 75.92 -51.28
N HIS R 483 -38.61 74.98 -51.95
CA HIS R 483 -39.17 73.67 -52.21
C HIS R 483 -38.13 72.64 -51.78
N MET R 484 -36.86 73.03 -51.76
CA MET R 484 -35.79 72.12 -51.41
C MET R 484 -34.95 72.68 -50.26
N TYR R 485 -34.50 71.77 -49.42
CA TYR R 485 -33.75 72.06 -48.21
C TYR R 485 -32.69 70.99 -48.06
N LEU R 486 -31.42 71.39 -48.07
CA LEU R 486 -30.34 70.44 -47.96
C LEU R 486 -30.24 69.90 -46.55
N ASP R 487 -30.16 68.59 -46.42
CA ASP R 487 -29.92 67.99 -45.12
C ASP R 487 -28.43 68.06 -44.81
N PRO R 488 -28.02 68.73 -43.72
CA PRO R 488 -26.59 68.91 -43.46
C PRO R 488 -25.82 67.62 -43.19
N ILE R 489 -26.47 66.55 -42.75
CA ILE R 489 -25.72 65.37 -42.33
C ILE R 489 -25.51 64.36 -43.45
N LYS R 490 -26.09 64.58 -44.63
CA LYS R 490 -25.82 63.72 -45.78
C LYS R 490 -24.85 64.45 -46.69
N VAL R 491 -23.57 64.38 -46.32
CA VAL R 491 -22.53 65.12 -47.01
C VAL R 491 -22.21 64.42 -48.32
N THR R 492 -22.33 65.15 -49.42
CA THR R 492 -22.02 64.64 -50.75
C THR R 492 -20.74 65.31 -51.24
N LEU R 493 -19.63 64.59 -51.11
CA LEU R 493 -18.39 65.10 -51.66
C LEU R 493 -18.43 65.08 -53.18
N LEU R 494 -17.54 65.86 -53.79
CA LEU R 494 -17.42 65.91 -55.23
C LEU R 494 -15.95 65.73 -55.58
N THR R 495 -15.72 65.19 -56.75
CA THR R 495 -14.39 64.97 -57.27
C THR R 495 -14.20 65.83 -58.52
N PRO R 496 -12.95 66.12 -58.90
CA PRO R 496 -12.72 66.89 -60.12
C PRO R 496 -13.20 66.16 -61.36
N GLY R 497 -13.57 66.95 -62.36
CA GLY R 497 -14.07 66.41 -63.61
C GLY R 497 -15.25 67.19 -64.17
N MET R 498 -15.95 67.90 -63.29
CA MET R 498 -17.12 68.66 -63.67
C MET R 498 -16.84 70.15 -63.49
N GLU R 499 -17.27 70.94 -64.47
CA GLU R 499 -17.28 72.38 -64.29
C GLU R 499 -18.57 72.81 -63.60
N LYS R 500 -18.65 74.09 -63.24
CA LYS R 500 -19.79 74.58 -62.49
C LYS R 500 -21.04 74.72 -63.34
N ASP R 501 -20.88 75.00 -64.63
CA ASP R 501 -22.03 75.17 -65.51
C ASP R 501 -22.61 73.84 -65.99
N GLY R 502 -21.94 72.72 -65.73
CA GLY R 502 -22.42 71.41 -66.10
C GLY R 502 -21.55 70.67 -67.09
N THR R 503 -20.71 71.38 -67.85
CA THR R 503 -19.84 70.71 -68.80
C THR R 503 -18.71 70.01 -68.07
N MET R 504 -18.03 69.10 -68.78
CA MET R 504 -16.97 68.32 -68.19
C MET R 504 -15.63 69.02 -68.34
N SER R 505 -14.78 68.83 -67.34
CA SER R 505 -13.41 69.34 -67.39
C SER R 505 -12.53 68.35 -68.14
N ASP R 506 -11.22 68.60 -68.14
CA ASP R 506 -10.25 67.67 -68.71
C ASP R 506 -9.60 66.78 -67.69
N PHE R 507 -9.15 67.34 -66.57
CA PHE R 507 -8.57 66.57 -65.49
C PHE R 507 -9.67 66.16 -64.52
N GLY R 508 -9.75 64.87 -64.22
CA GLY R 508 -10.80 64.38 -63.35
C GLY R 508 -10.49 63.02 -62.78
N ILE R 509 -11.15 62.73 -61.66
CA ILE R 509 -11.09 61.42 -61.02
C ILE R 509 -12.54 60.98 -60.80
N PRO R 510 -13.01 59.92 -61.46
CA PRO R 510 -14.34 59.40 -61.11
C PRO R 510 -14.33 58.78 -59.73
N ALA R 511 -15.47 58.88 -59.05
CA ALA R 511 -15.58 58.59 -57.63
C ALA R 511 -15.41 57.12 -57.29
N SER R 512 -15.40 56.22 -58.28
CA SER R 512 -15.16 54.81 -58.01
C SER R 512 -13.76 54.56 -57.46
N ILE R 513 -12.75 55.24 -58.01
CA ILE R 513 -11.38 55.10 -57.51
C ILE R 513 -11.27 55.61 -56.08
N VAL R 514 -11.88 56.76 -55.78
CA VAL R 514 -11.83 57.28 -54.42
C VAL R 514 -12.54 56.35 -53.45
N ALA R 515 -13.70 55.81 -53.84
CA ALA R 515 -14.42 54.88 -52.98
C ALA R 515 -13.62 53.60 -52.75
N LYS R 516 -12.98 53.07 -53.80
CA LYS R 516 -12.17 51.87 -53.65
C LYS R 516 -10.95 52.14 -52.78
N TYR R 517 -10.36 53.32 -52.90
CA TYR R 517 -9.22 53.64 -52.04
C TYR R 517 -9.65 53.73 -50.59
N LEU R 518 -10.79 54.38 -50.33
CA LEU R 518 -11.28 54.48 -48.96
C LEU R 518 -11.63 53.12 -48.39
N ASP R 519 -12.21 52.23 -49.22
CA ASP R 519 -12.45 50.86 -48.80
C ASP R 519 -11.14 50.12 -48.52
N GLU R 520 -10.09 50.42 -49.27
CA GLU R 520 -8.80 49.81 -48.98
C GLU R 520 -8.27 50.26 -47.62
N HIS R 521 -8.44 51.53 -47.29
CA HIS R 521 -7.97 52.05 -46.02
C HIS R 521 -8.99 51.94 -44.90
N GLY R 522 -10.03 51.14 -45.08
CA GLY R 522 -10.88 50.77 -43.97
C GLY R 522 -11.93 51.77 -43.58
N ILE R 523 -12.45 52.55 -44.53
CA ILE R 523 -13.63 53.38 -44.33
C ILE R 523 -14.57 53.17 -45.51
N VAL R 524 -15.85 53.08 -45.23
CA VAL R 524 -16.82 52.63 -46.23
C VAL R 524 -17.70 53.81 -46.64
N VAL R 525 -17.84 54.00 -47.95
CA VAL R 525 -18.72 55.01 -48.53
C VAL R 525 -20.08 54.36 -48.76
N GLU R 526 -21.14 55.14 -48.58
CA GLU R 526 -22.51 54.63 -48.74
C GLU R 526 -22.76 54.16 -50.16
N LYS R 527 -22.80 55.07 -51.13
CA LYS R 527 -22.86 54.73 -52.56
C LYS R 527 -22.36 55.92 -53.35
N THR R 528 -21.72 55.63 -54.49
CA THR R 528 -21.10 56.65 -55.33
C THR R 528 -21.73 56.67 -56.70
N GLY R 529 -21.77 57.85 -57.31
CA GLY R 529 -22.14 57.97 -58.70
C GLY R 529 -20.90 58.13 -59.55
N PRO R 530 -20.99 58.92 -60.60
CA PRO R 530 -19.82 59.15 -61.45
C PRO R 530 -18.75 59.99 -60.78
N TYR R 531 -19.15 61.09 -60.13
CA TYR R 531 -18.20 62.02 -59.53
C TYR R 531 -18.67 62.51 -58.18
N ASN R 532 -19.45 61.73 -57.46
CA ASN R 532 -19.87 62.13 -56.13
C ASN R 532 -19.79 60.96 -55.16
N LEU R 533 -19.53 61.28 -53.90
CA LEU R 533 -19.62 60.33 -52.81
C LEU R 533 -20.80 60.70 -51.92
N LEU R 534 -21.00 59.93 -50.87
CA LEU R 534 -22.06 60.24 -49.91
C LEU R 534 -21.64 59.69 -48.56
N PHE R 535 -21.76 60.51 -47.50
CA PHE R 535 -21.37 60.05 -46.17
C PHE R 535 -22.49 60.38 -45.21
N LEU R 536 -23.06 59.34 -44.62
CA LEU R 536 -24.14 59.50 -43.64
C LEU R 536 -23.51 59.91 -42.32
N PHE R 537 -23.72 61.17 -41.92
CA PHE R 537 -23.26 61.63 -40.61
C PHE R 537 -24.40 61.45 -39.62
N SER R 538 -24.65 60.19 -39.28
CA SER R 538 -25.73 59.85 -38.36
C SER R 538 -25.27 60.14 -36.93
N ILE R 539 -26.07 59.67 -35.95
CA ILE R 539 -25.73 59.87 -34.55
C ILE R 539 -24.52 59.05 -34.12
N GLY R 540 -24.12 58.05 -34.90
CA GLY R 540 -22.94 57.27 -34.55
C GLY R 540 -21.63 57.96 -34.84
N ILE R 541 -21.62 58.95 -35.73
CA ILE R 541 -20.38 59.56 -36.17
C ILE R 541 -19.86 60.49 -35.09
N ASP R 542 -18.64 60.25 -34.63
CA ASP R 542 -17.91 61.16 -33.77
C ASP R 542 -16.71 61.72 -34.54
N LYS R 543 -15.92 62.57 -33.88
CA LYS R 543 -14.83 63.25 -34.58
C LYS R 543 -13.68 62.33 -34.92
N THR R 544 -13.59 61.15 -34.29
CA THR R 544 -12.58 60.17 -34.68
C THR R 544 -12.80 59.71 -36.12
N LYS R 545 -14.02 59.27 -36.42
CA LYS R 545 -14.35 58.82 -37.76
C LYS R 545 -14.26 59.96 -38.77
N ALA R 546 -14.73 61.15 -38.41
CA ALA R 546 -14.67 62.29 -39.32
C ALA R 546 -13.24 62.66 -39.68
N LEU R 547 -12.36 62.69 -38.67
CA LEU R 547 -10.96 63.02 -38.94
C LEU R 547 -10.27 61.92 -39.73
N SER R 548 -10.59 60.65 -39.46
CA SER R 548 -10.02 59.55 -40.24
C SER R 548 -10.47 59.64 -41.70
N LEU R 549 -11.72 60.00 -41.94
CA LEU R 549 -12.19 60.18 -43.30
C LEU R 549 -11.48 61.32 -44.01
N LEU R 550 -11.35 62.46 -43.33
CA LEU R 550 -10.73 63.63 -43.94
C LEU R 550 -9.27 63.32 -44.28
N ARG R 551 -8.68 62.48 -43.44
CA ARG R 551 -7.25 62.08 -43.51
C ARG R 551 -7.03 60.80 -44.33
N ALA R 552 -8.07 60.16 -44.85
CA ALA R 552 -8.03 59.22 -45.96
C ALA R 552 -8.17 59.97 -47.29
N LEU R 553 -8.99 61.02 -47.30
CA LEU R 553 -9.08 61.90 -48.46
C LEU R 553 -7.74 62.58 -48.76
N THR R 554 -7.09 63.10 -47.72
CA THR R 554 -5.80 63.76 -47.90
C THR R 554 -4.70 62.80 -48.34
N ASP R 555 -4.65 61.61 -47.77
CA ASP R 555 -3.66 60.62 -48.19
C ASP R 555 -3.91 60.16 -49.61
N PHE R 556 -5.17 60.09 -50.04
CA PHE R 556 -5.45 59.83 -51.44
C PHE R 556 -4.92 60.96 -52.32
N LYS R 557 -5.08 62.21 -51.88
CA LYS R 557 -4.57 63.32 -52.66
C LYS R 557 -3.05 63.24 -52.80
N ARG R 558 -2.37 62.92 -51.71
CA ARG R 558 -0.91 62.81 -51.74
C ARG R 558 -0.46 61.64 -52.61
N ALA R 559 -1.16 60.51 -52.52
CA ALA R 559 -0.80 59.35 -53.33
C ALA R 559 -1.14 59.53 -54.79
N PHE R 560 -2.12 60.37 -55.11
CA PHE R 560 -2.45 60.64 -56.50
C PHE R 560 -1.51 61.67 -57.13
N ASP R 561 -1.12 62.69 -56.36
CA ASP R 561 -0.10 63.61 -56.86
C ASP R 561 1.25 62.92 -57.02
N LEU R 562 1.61 62.04 -56.09
CA LEU R 562 2.83 61.26 -56.24
C LEU R 562 2.70 60.21 -57.33
N ASN R 563 1.47 59.85 -57.71
CA ASN R 563 1.15 58.90 -58.77
C ASN R 563 1.78 57.53 -58.49
N LEU R 564 1.30 56.93 -57.39
CA LEU R 564 1.71 55.58 -57.04
C LEU R 564 1.05 54.57 -57.98
N ARG R 565 1.66 53.39 -58.06
CA ARG R 565 1.13 52.35 -58.92
C ARG R 565 -0.13 51.74 -58.31
N VAL R 566 -0.92 51.10 -59.17
CA VAL R 566 -2.15 50.44 -58.74
C VAL R 566 -1.84 49.28 -57.81
N LYS R 567 -0.73 48.57 -58.06
CA LYS R 567 -0.36 47.41 -57.26
C LYS R 567 -0.09 47.79 -55.81
N ASN R 568 0.63 48.88 -55.56
CA ASN R 568 0.93 49.27 -54.20
C ASN R 568 -0.25 49.92 -53.50
N MET R 569 -1.00 50.77 -54.21
CA MET R 569 -2.01 51.56 -53.52
C MET R 569 -3.34 50.84 -53.42
N LEU R 570 -3.73 50.10 -54.46
CA LEU R 570 -5.01 49.40 -54.51
C LEU R 570 -4.76 47.92 -54.76
N PRO R 571 -4.29 47.17 -53.75
CA PRO R 571 -4.14 45.72 -53.93
C PRO R 571 -5.45 44.98 -54.12
N SER R 572 -6.55 45.47 -53.50
CA SER R 572 -7.85 44.83 -53.69
C SER R 572 -8.35 44.98 -55.12
N LEU R 573 -8.03 46.09 -55.79
CA LEU R 573 -8.32 46.24 -57.20
C LEU R 573 -7.25 45.59 -58.07
N TYR R 574 -6.02 45.48 -57.56
CA TYR R 574 -4.97 44.75 -58.26
C TYR R 574 -5.32 43.28 -58.41
N ARG R 575 -5.91 42.68 -57.38
CA ARG R 575 -6.27 41.27 -57.40
C ARG R 575 -7.44 40.96 -58.32
N GLU R 576 -8.12 41.98 -58.85
CA GLU R 576 -9.20 41.73 -59.80
C GLU R 576 -8.67 41.11 -61.09
N ASP R 577 -7.57 41.66 -61.61
CA ASP R 577 -6.86 41.04 -62.73
C ASP R 577 -5.42 41.54 -62.69
N PRO R 578 -4.52 40.80 -62.03
CA PRO R 578 -3.13 41.26 -61.89
C PRO R 578 -2.39 41.44 -63.21
N GLU R 579 -2.80 40.76 -64.28
CA GLU R 579 -2.14 40.93 -65.56
C GLU R 579 -2.39 42.31 -66.15
N PHE R 580 -3.57 42.88 -65.89
CA PHE R 580 -3.94 44.16 -66.48
C PHE R 580 -3.39 45.34 -65.69
N TYR R 581 -3.49 45.29 -64.35
CA TYR R 581 -3.06 46.38 -63.50
C TYR R 581 -1.63 46.25 -63.03
N GLU R 582 -0.78 45.56 -63.81
CA GLU R 582 0.58 45.31 -63.37
C GLU R 582 1.45 46.57 -63.47
N ASN R 583 1.45 47.20 -64.65
CA ASN R 583 2.31 48.34 -64.92
C ASN R 583 1.50 49.59 -65.23
N MET R 584 0.46 49.84 -64.45
CA MET R 584 -0.41 50.99 -64.64
C MET R 584 -0.35 51.91 -63.43
N ARG R 585 -0.17 53.19 -63.67
CA ARG R 585 -0.18 54.20 -62.62
C ARG R 585 -1.62 54.66 -62.37
N ILE R 586 -1.84 55.28 -61.22
CA ILE R 586 -3.18 55.70 -60.87
C ILE R 586 -3.64 56.89 -61.70
N GLN R 587 -2.73 57.80 -62.05
CA GLN R 587 -3.10 58.93 -62.89
C GLN R 587 -3.53 58.47 -64.29
N GLU R 588 -2.84 57.48 -64.85
CA GLU R 588 -3.23 56.93 -66.13
C GLU R 588 -4.60 56.27 -66.06
N LEU R 589 -4.87 55.52 -64.99
CA LEU R 589 -6.16 54.85 -64.84
C LEU R 589 -7.31 55.86 -64.69
N ALA R 590 -7.10 56.88 -63.84
CA ALA R 590 -8.12 57.91 -63.66
C ALA R 590 -8.35 58.70 -64.93
N GLN R 591 -7.26 59.04 -65.64
CA GLN R 591 -7.39 59.75 -66.90
C GLN R 591 -8.11 58.90 -67.95
N ASN R 592 -7.84 57.59 -67.97
CA ASN R 592 -8.48 56.73 -68.94
C ASN R 592 -9.98 56.58 -68.68
N ILE R 593 -10.38 56.38 -67.43
CA ILE R 593 -11.81 56.26 -67.16
C ILE R 593 -12.50 57.61 -67.36
N HIS R 594 -11.84 58.71 -67.01
CA HIS R 594 -12.40 60.03 -67.26
C HIS R 594 -12.55 60.30 -68.76
N LYS R 595 -11.59 59.88 -69.58
CA LYS R 595 -11.71 60.04 -71.02
C LYS R 595 -12.78 59.13 -71.60
N LEU R 596 -12.98 57.95 -71.03
CA LEU R 596 -14.09 57.10 -71.44
C LEU R 596 -15.44 57.75 -71.12
N ILE R 597 -15.52 58.46 -70.00
CA ILE R 597 -16.74 59.20 -69.68
C ILE R 597 -16.92 60.40 -70.61
N VAL R 598 -15.85 61.15 -70.86
CA VAL R 598 -15.92 62.36 -71.69
C VAL R 598 -16.24 62.05 -73.15
N HIS R 599 -15.53 61.12 -73.77
CA HIS R 599 -15.71 60.83 -75.20
C HIS R 599 -17.08 60.24 -75.48
N HIS R 600 -17.60 59.43 -74.57
CA HIS R 600 -18.94 58.88 -74.70
C HIS R 600 -20.01 59.83 -74.20
N ASN R 601 -19.62 60.95 -73.59
CA ASN R 601 -20.53 62.01 -73.13
C ASN R 601 -21.57 61.48 -72.14
N LEU R 602 -21.07 61.00 -71.00
CA LEU R 602 -21.95 60.37 -70.01
C LEU R 602 -22.99 61.32 -69.41
N PRO R 603 -22.66 62.52 -68.89
CA PRO R 603 -23.68 63.30 -68.18
C PRO R 603 -24.79 63.82 -69.08
N ASP R 604 -24.49 64.18 -70.33
CA ASP R 604 -25.55 64.65 -71.22
C ASP R 604 -26.53 63.54 -71.55
N LEU R 605 -26.02 62.33 -71.81
CA LEU R 605 -26.90 61.18 -72.02
C LEU R 605 -27.68 60.83 -70.77
N MET R 606 -27.04 60.87 -69.60
CA MET R 606 -27.72 60.57 -68.35
C MET R 606 -28.80 61.59 -68.03
N TYR R 607 -28.62 62.84 -68.47
CA TYR R 607 -29.65 63.83 -68.32
C TYR R 607 -30.80 63.61 -69.29
N ARG R 608 -30.49 63.55 -70.59
CA ARG R 608 -31.52 63.44 -71.61
C ARG R 608 -32.27 62.11 -71.59
N ALA R 609 -31.71 61.07 -70.97
CA ALA R 609 -32.43 59.83 -70.83
C ALA R 609 -33.51 59.91 -69.76
N PHE R 610 -33.28 60.66 -68.69
CA PHE R 610 -34.25 60.78 -67.62
C PHE R 610 -35.19 61.97 -67.79
N GLU R 611 -34.95 62.83 -68.77
CA GLU R 611 -35.92 63.87 -69.07
C GLU R 611 -37.04 63.38 -70.01
N VAL R 612 -36.97 62.14 -70.48
CA VAL R 612 -38.01 61.58 -71.32
C VAL R 612 -38.54 60.31 -70.66
N LEU R 613 -39.86 60.26 -70.51
CA LEU R 613 -40.56 59.15 -69.89
C LEU R 613 -40.91 58.07 -70.91
N PRO R 614 -40.59 56.80 -70.62
CA PRO R 614 -41.00 55.72 -71.53
C PRO R 614 -42.51 55.56 -71.58
N THR R 615 -42.99 55.09 -72.72
CA THR R 615 -44.42 54.98 -72.97
C THR R 615 -45.01 53.80 -72.20
N MET R 616 -46.02 54.08 -71.38
CA MET R 616 -46.69 53.04 -70.60
C MET R 616 -47.70 52.32 -71.48
N VAL R 617 -47.32 51.12 -71.95
CA VAL R 617 -48.28 50.30 -72.69
C VAL R 617 -49.28 49.66 -71.73
N MET R 618 -48.81 49.09 -70.64
CA MET R 618 -49.68 48.43 -69.68
C MET R 618 -49.14 48.66 -68.28
N THR R 619 -50.03 48.49 -67.30
CA THR R 619 -49.66 48.65 -65.90
C THR R 619 -48.65 47.58 -65.48
N PRO R 620 -47.76 47.90 -64.54
CA PRO R 620 -46.77 46.90 -64.08
C PRO R 620 -47.39 45.66 -63.48
N TYR R 621 -48.60 45.74 -62.94
CA TYR R 621 -49.30 44.53 -62.51
C TYR R 621 -49.56 43.59 -63.68
N ALA R 622 -49.99 44.15 -64.81
CA ALA R 622 -50.19 43.34 -66.00
C ALA R 622 -48.87 42.81 -66.55
N ALA R 623 -47.80 43.59 -66.42
CA ALA R 623 -46.49 43.11 -66.82
C ALA R 623 -46.04 41.93 -65.98
N PHE R 624 -46.25 41.99 -64.67
CA PHE R 624 -45.94 40.84 -63.82
C PHE R 624 -46.84 39.66 -64.12
N GLN R 625 -48.11 39.90 -64.46
CA GLN R 625 -49.02 38.82 -64.83
C GLN R 625 -48.56 38.12 -66.09
N LYS R 626 -48.14 38.88 -67.11
CA LYS R 626 -47.61 38.28 -68.32
C LYS R 626 -46.25 37.64 -68.10
N GLU R 627 -45.49 38.12 -67.10
CA GLU R 627 -44.20 37.52 -66.80
C GLU R 627 -44.38 36.16 -66.12
N LEU R 628 -45.37 36.03 -65.24
CA LEU R 628 -45.63 34.77 -64.58
C LEU R 628 -46.10 33.68 -65.52
N HIS R 629 -46.77 34.03 -66.62
CA HIS R 629 -47.28 33.05 -67.57
C HIS R 629 -46.24 32.60 -68.58
N GLY R 630 -44.97 32.97 -68.39
CA GLY R 630 -43.93 32.54 -69.28
C GLY R 630 -43.93 33.21 -70.63
N MET R 631 -44.49 34.41 -70.74
CA MET R 631 -44.56 35.13 -72.00
C MET R 631 -43.39 36.08 -72.19
N THR R 632 -42.23 35.75 -71.62
CA THR R 632 -41.06 36.61 -71.64
C THR R 632 -39.95 35.97 -72.47
N GLU R 633 -39.33 36.77 -73.32
CA GLU R 633 -38.17 36.35 -74.10
C GLU R 633 -37.03 37.33 -73.85
N GLU R 634 -35.81 36.84 -74.01
CA GLU R 634 -34.61 37.64 -73.76
C GLU R 634 -34.04 38.09 -75.10
N VAL R 635 -34.49 39.27 -75.56
CA VAL R 635 -33.96 39.86 -76.78
C VAL R 635 -32.70 40.61 -76.37
N TYR R 636 -31.80 40.86 -77.31
CA TYR R 636 -30.60 41.61 -76.99
C TYR R 636 -30.94 43.08 -76.78
N LEU R 637 -29.96 43.83 -76.29
CA LEU R 637 -30.19 45.20 -75.84
C LEU R 637 -30.54 46.13 -76.99
N ASP R 638 -29.89 45.97 -78.14
CA ASP R 638 -30.05 46.90 -79.25
C ASP R 638 -31.44 46.84 -79.89
N GLU R 639 -32.10 45.68 -79.84
CA GLU R 639 -33.36 45.47 -80.53
C GLU R 639 -34.54 45.54 -79.56
N MET R 640 -34.44 46.43 -78.57
CA MET R 640 -35.43 46.52 -77.50
C MET R 640 -36.46 47.62 -77.73
N VAL R 641 -36.29 48.46 -78.74
CA VAL R 641 -37.28 49.49 -79.02
C VAL R 641 -38.54 48.86 -79.59
N GLY R 642 -39.69 49.39 -79.20
CA GLY R 642 -40.96 48.81 -79.60
C GLY R 642 -41.35 47.57 -78.83
N ARG R 643 -40.59 47.17 -77.81
CA ARG R 643 -40.86 45.98 -77.02
C ARG R 643 -41.24 46.38 -75.61
N ILE R 644 -42.19 45.64 -75.04
CA ILE R 644 -42.69 45.91 -73.70
C ILE R 644 -41.77 45.22 -72.70
N ASN R 645 -41.24 45.99 -71.75
CA ASN R 645 -40.30 45.47 -70.77
C ASN R 645 -41.03 44.72 -69.66
N ALA R 646 -40.48 43.58 -69.26
CA ALA R 646 -41.07 42.76 -68.22
C ALA R 646 -40.41 42.93 -66.86
N ASN R 647 -39.10 43.14 -66.82
CA ASN R 647 -38.39 43.38 -65.58
C ASN R 647 -37.84 44.79 -65.56
N MET R 648 -37.76 45.35 -64.36
CA MET R 648 -37.29 46.72 -64.18
C MET R 648 -35.81 46.83 -64.56
N ILE R 649 -35.46 47.92 -65.23
CA ILE R 649 -34.07 48.23 -65.54
C ILE R 649 -33.60 49.32 -64.59
N LEU R 650 -32.62 48.99 -63.76
CA LEU R 650 -32.12 49.90 -62.72
C LEU R 650 -30.62 50.09 -62.94
N PRO R 651 -30.21 51.12 -63.67
CA PRO R 651 -28.79 51.30 -63.96
C PRO R 651 -28.06 52.10 -62.89
N TYR R 652 -26.84 51.65 -62.57
CA TYR R 652 -25.92 52.40 -61.73
C TYR R 652 -24.78 52.90 -62.61
N PRO R 653 -24.60 54.22 -62.82
CA PRO R 653 -25.32 55.41 -62.35
C PRO R 653 -26.73 55.54 -62.93
N PRO R 654 -27.64 56.24 -62.23
CA PRO R 654 -27.44 56.86 -60.91
C PRO R 654 -27.97 56.05 -59.74
N GLY R 655 -29.00 55.22 -59.95
CA GLY R 655 -29.61 54.49 -58.86
C GLY R 655 -31.09 54.73 -58.72
N VAL R 656 -31.74 55.12 -59.82
CA VAL R 656 -33.17 55.40 -59.82
C VAL R 656 -33.78 54.59 -60.97
N PRO R 657 -34.99 54.01 -60.79
CA PRO R 657 -35.60 53.21 -61.86
C PRO R 657 -35.83 53.97 -63.16
N LEU R 658 -35.15 53.49 -64.21
CA LEU R 658 -35.18 54.14 -65.52
C LEU R 658 -36.33 53.62 -66.37
N VAL R 659 -36.37 52.32 -66.63
CA VAL R 659 -37.48 51.67 -67.33
C VAL R 659 -38.24 50.82 -66.33
N MET R 660 -39.55 51.07 -66.23
CA MET R 660 -40.41 50.32 -65.35
C MET R 660 -40.87 49.04 -66.04
N PRO R 661 -41.32 48.04 -65.28
CA PRO R 661 -41.96 46.87 -65.90
C PRO R 661 -43.27 47.26 -66.56
N GLY R 662 -43.40 46.96 -67.85
CA GLY R 662 -44.60 47.27 -68.60
C GLY R 662 -44.54 48.51 -69.44
N GLU R 663 -43.37 49.11 -69.62
CA GLU R 663 -43.22 50.32 -70.41
C GLU R 663 -42.35 50.07 -71.63
N MET R 664 -42.66 50.79 -72.71
CA MET R 664 -42.01 50.61 -74.01
C MET R 664 -41.06 51.78 -74.28
N ILE R 665 -39.89 51.46 -74.81
CA ILE R 665 -38.98 52.49 -75.31
C ILE R 665 -39.35 52.78 -76.76
N THR R 666 -39.88 53.95 -77.02
CA THR R 666 -40.30 54.35 -78.35
C THR R 666 -39.19 55.15 -79.01
N GLU R 667 -39.46 55.66 -80.22
CA GLU R 667 -38.49 56.50 -80.91
C GLU R 667 -38.33 57.85 -80.22
N GLU R 668 -39.34 58.32 -79.49
CA GLU R 668 -39.20 59.53 -78.70
C GLU R 668 -38.31 59.34 -77.49
N SER R 669 -38.05 58.11 -77.08
CA SER R 669 -37.23 57.80 -75.92
C SER R 669 -35.97 57.03 -76.31
N ARG R 670 -35.49 57.24 -77.53
CA ARG R 670 -34.23 56.63 -77.96
C ARG R 670 -33.00 56.99 -77.11
N PRO R 671 -32.84 58.20 -76.56
CA PRO R 671 -31.70 58.44 -75.66
C PRO R 671 -31.63 57.52 -74.44
N VAL R 672 -32.76 56.94 -74.00
CA VAL R 672 -32.70 55.88 -73.00
C VAL R 672 -31.87 54.70 -73.51
N LEU R 673 -32.17 54.24 -74.73
CA LEU R 673 -31.41 53.14 -75.32
C LEU R 673 -29.96 53.53 -75.57
N GLU R 674 -29.72 54.78 -75.99
CA GLU R 674 -28.36 55.25 -76.18
C GLU R 674 -27.59 55.28 -74.87
N PHE R 675 -28.22 55.69 -73.77
CA PHE R 675 -27.58 55.70 -72.47
C PHE R 675 -27.25 54.28 -72.00
N LEU R 676 -28.19 53.35 -72.19
CA LEU R 676 -27.96 51.97 -71.79
C LEU R 676 -26.82 51.34 -72.59
N GLN R 677 -26.82 51.55 -73.91
CA GLN R 677 -25.76 51.03 -74.76
C GLN R 677 -24.42 51.67 -74.43
N MET R 678 -24.40 52.97 -74.15
CA MET R 678 -23.17 53.64 -73.75
C MET R 678 -22.63 53.09 -72.45
N LEU R 679 -23.51 52.86 -71.47
CA LEU R 679 -23.07 52.30 -70.19
C LEU R 679 -22.51 50.90 -70.35
N CYS R 680 -23.15 50.08 -71.18
CA CYS R 680 -22.61 48.75 -71.47
C CYS R 680 -21.29 48.83 -72.22
N GLU R 681 -21.14 49.82 -73.11
CA GLU R 681 -19.90 49.96 -73.86
C GLU R 681 -18.74 50.41 -72.99
N ILE R 682 -19.00 51.32 -72.03
CA ILE R 682 -17.90 51.81 -71.21
C ILE R 682 -17.59 50.86 -70.06
N GLY R 683 -18.53 50.01 -69.66
CA GLY R 683 -18.24 49.10 -68.56
C GLY R 683 -17.45 47.88 -68.93
N ALA R 684 -17.22 47.64 -70.23
CA ALA R 684 -16.53 46.44 -70.69
C ALA R 684 -15.09 46.74 -71.12
N HIS R 685 -14.43 47.68 -70.46
CA HIS R 685 -13.04 48.00 -70.76
C HIS R 685 -12.12 47.74 -69.59
N TYR R 686 -12.44 48.25 -68.40
CA TYR R 686 -11.53 48.20 -67.27
C TYR R 686 -12.09 47.32 -66.17
N PRO R 687 -11.36 46.27 -65.77
CA PRO R 687 -11.88 45.36 -64.76
C PRO R 687 -11.97 46.00 -63.38
N GLY R 688 -12.92 45.50 -62.60
CA GLY R 688 -13.21 46.06 -61.30
C GLY R 688 -14.19 47.23 -61.32
N PHE R 689 -14.45 47.78 -62.50
CA PHE R 689 -15.41 48.87 -62.66
C PHE R 689 -16.56 48.38 -63.52
N GLU R 690 -17.04 47.18 -63.24
CA GLU R 690 -17.97 46.48 -64.09
C GLU R 690 -19.34 47.16 -64.08
N THR R 691 -20.11 46.89 -65.12
CA THR R 691 -21.42 47.52 -65.31
C THR R 691 -22.39 46.98 -64.27
N ASP R 692 -23.08 47.88 -63.58
CA ASP R 692 -24.05 47.52 -62.55
C ASP R 692 -25.42 48.00 -63.03
N ILE R 693 -26.12 47.13 -63.76
CA ILE R 693 -27.48 47.38 -64.20
C ILE R 693 -28.34 46.25 -63.67
N HIS R 694 -29.34 46.58 -62.87
CA HIS R 694 -30.26 45.58 -62.36
C HIS R 694 -31.40 45.42 -63.36
N GLY R 695 -31.43 44.28 -64.04
CA GLY R 695 -32.42 44.04 -65.07
C GLY R 695 -31.80 43.55 -66.35
N ALA R 696 -30.64 44.09 -66.70
CA ALA R 696 -29.89 43.65 -67.87
C ALA R 696 -28.91 42.56 -67.46
N TYR R 697 -28.93 41.47 -68.22
CA TYR R 697 -28.18 40.27 -67.88
C TYR R 697 -26.99 40.13 -68.82
N ARG R 698 -25.81 39.95 -68.24
CA ARG R 698 -24.57 39.89 -69.01
C ARG R 698 -24.46 38.56 -69.72
N GLN R 699 -24.09 38.60 -71.00
CA GLN R 699 -23.80 37.40 -71.78
C GLN R 699 -22.30 37.25 -71.93
N ALA R 700 -21.89 36.13 -72.53
CA ALA R 700 -20.46 35.84 -72.68
C ALA R 700 -19.81 36.69 -73.75
N ASP R 701 -20.53 37.01 -74.83
CA ASP R 701 -19.94 37.78 -75.93
C ASP R 701 -19.75 39.25 -75.59
N GLY R 702 -20.45 39.77 -74.60
CA GLY R 702 -20.32 41.15 -74.21
C GLY R 702 -21.52 42.04 -74.50
N ARG R 703 -22.62 41.47 -74.99
CA ARG R 703 -23.84 42.23 -75.26
C ARG R 703 -24.94 41.75 -74.32
N TYR R 704 -25.61 42.70 -73.68
CA TYR R 704 -26.53 42.40 -72.59
C TYR R 704 -27.92 42.11 -73.15
N THR R 705 -28.73 41.44 -72.32
CA THR R 705 -30.09 41.05 -72.67
C THR R 705 -31.07 41.58 -71.63
N VAL R 706 -32.27 41.91 -72.08
CA VAL R 706 -33.35 42.40 -71.21
C VAL R 706 -34.59 41.57 -71.49
N LYS R 707 -35.23 41.08 -70.43
CA LYS R 707 -36.44 40.28 -70.56
C LYS R 707 -37.60 41.16 -71.00
N VAL R 708 -38.05 40.97 -72.23
CA VAL R 708 -39.19 41.69 -72.77
C VAL R 708 -40.33 40.70 -72.97
N LEU R 709 -41.51 41.23 -73.26
CA LEU R 709 -42.69 40.40 -73.45
C LEU R 709 -42.79 39.92 -74.90
N LYS R 710 -43.40 38.76 -75.06
CA LYS R 710 -43.60 38.19 -76.38
C LYS R 710 -44.69 38.95 -77.12
N GLU R 711 -44.69 38.80 -78.45
CA GLU R 711 -45.67 39.49 -79.29
C GLU R 711 -46.80 38.57 -79.71
N MET S 1 9.88 46.96 -33.59
CA MET S 1 8.75 47.86 -33.43
C MET S 1 7.76 47.37 -32.38
N ASN S 2 8.07 47.64 -31.12
CA ASN S 2 7.11 47.38 -30.05
C ASN S 2 7.16 48.46 -28.97
N VAL S 3 7.73 49.61 -29.32
CA VAL S 3 7.89 50.68 -28.32
C VAL S 3 6.94 51.80 -28.70
N ILE S 4 5.96 52.13 -27.86
CA ILE S 4 4.91 53.14 -28.17
C ILE S 4 4.93 54.15 -27.06
N ALA S 5 5.19 55.40 -27.34
CA ALA S 5 5.52 56.35 -26.26
C ALA S 5 4.35 57.25 -25.96
N ILE S 6 3.95 57.30 -24.70
CA ILE S 6 2.78 58.11 -24.28
C ILE S 6 3.37 59.37 -23.67
N LEU S 7 2.82 60.54 -24.00
CA LEU S 7 3.26 61.79 -23.35
C LEU S 7 2.62 61.94 -21.96
N ASN S 8 2.91 63.04 -21.28
CA ASN S 8 2.68 63.22 -19.82
C ASN S 8 1.30 63.14 -19.22
N HIS S 9 1.26 63.10 -17.88
CA HIS S 9 -0.01 63.02 -17.13
C HIS S 9 -0.58 64.41 -16.96
N MET S 10 -1.72 64.67 -17.62
CA MET S 10 -2.34 66.01 -17.57
C MET S 10 -2.71 66.31 -16.14
N GLY S 11 -3.35 65.37 -15.44
CA GLY S 11 -3.84 65.62 -14.08
C GLY S 11 -5.31 65.28 -13.92
N VAL S 12 -6.14 65.57 -14.91
CA VAL S 12 -7.54 65.23 -14.75
C VAL S 12 -7.76 63.77 -15.13
N TYR S 13 -8.83 63.19 -14.60
CA TYR S 13 -9.05 61.75 -14.64
C TYR S 13 -9.60 61.24 -15.96
N PHE S 14 -10.47 62.00 -16.63
CA PHE S 14 -11.19 61.48 -17.78
C PHE S 14 -10.28 61.27 -18.98
N LYS S 15 -9.10 61.89 -18.99
CA LYS S 15 -8.09 61.63 -20.01
C LYS S 15 -6.85 60.98 -19.44
N GLU S 16 -6.97 60.33 -18.29
CA GLU S 16 -5.90 59.52 -17.73
C GLU S 16 -6.29 58.08 -17.53
N GLU S 17 -7.48 57.80 -17.02
CA GLU S 17 -7.94 56.42 -16.87
C GLU S 17 -8.12 55.73 -18.24
N PRO S 18 -8.67 56.37 -19.28
CA PRO S 18 -8.56 55.75 -20.61
C PRO S 18 -7.13 55.55 -21.07
N ILE S 19 -6.21 56.44 -20.69
CA ILE S 19 -4.82 56.25 -21.06
C ILE S 19 -4.22 55.06 -20.30
N ARG S 20 -4.58 54.87 -19.03
CA ARG S 20 -4.11 53.71 -18.29
C ARG S 20 -4.72 52.41 -18.83
N GLU S 21 -5.98 52.44 -19.23
CA GLU S 21 -6.58 51.26 -19.86
C GLU S 21 -5.93 50.94 -21.19
N LEU S 22 -5.59 51.96 -21.97
CA LEU S 22 -4.86 51.74 -23.23
C LEU S 22 -3.45 51.23 -22.97
N HIS S 23 -2.81 51.70 -21.89
CA HIS S 23 -1.52 51.16 -21.45
C HIS S 23 -1.64 49.67 -21.19
N ARG S 24 -2.64 49.28 -20.40
CA ARG S 24 -2.82 47.87 -20.05
C ARG S 24 -3.13 47.03 -21.28
N ALA S 25 -3.97 47.54 -22.18
CA ALA S 25 -4.30 46.80 -23.41
C ALA S 25 -3.10 46.67 -24.33
N LEU S 26 -2.27 47.72 -24.44
CA LEU S 26 -1.09 47.62 -25.30
C LEU S 26 -0.03 46.70 -24.73
N GLU S 27 0.13 46.67 -23.39
CA GLU S 27 1.00 45.67 -22.81
C GLU S 27 0.45 44.27 -22.98
N ARG S 28 -0.88 44.13 -23.01
CA ARG S 28 -1.49 42.85 -23.35
C ARG S 28 -1.23 42.48 -24.80
N LEU S 29 -1.07 43.47 -25.69
CA LEU S 29 -0.77 43.22 -27.09
C LEU S 29 0.73 43.20 -27.37
N ASN S 30 1.56 42.96 -26.35
CA ASN S 30 3.01 42.80 -26.47
C ASN S 30 3.69 44.04 -27.03
N PHE S 31 3.35 45.20 -26.47
CA PHE S 31 4.03 46.44 -26.77
C PHE S 31 4.71 46.98 -25.52
N GLN S 32 6.01 47.24 -25.62
CA GLN S 32 6.71 47.95 -24.57
C GLN S 32 6.27 49.41 -24.57
N ILE S 33 6.05 49.96 -23.38
CA ILE S 33 5.53 51.32 -23.22
C ILE S 33 6.59 52.16 -22.55
N VAL S 34 6.93 53.28 -23.18
CA VAL S 34 7.85 54.24 -22.59
C VAL S 34 7.08 55.50 -22.24
N TYR S 35 7.63 56.24 -21.27
CA TYR S 35 6.98 57.43 -20.71
C TYR S 35 7.91 58.62 -20.72
N PRO S 36 8.08 59.28 -21.87
CA PRO S 36 8.81 60.55 -21.87
C PRO S 36 8.06 61.62 -21.09
N ASN S 37 8.82 62.45 -20.37
CA ASN S 37 8.21 63.40 -19.45
C ASN S 37 7.58 64.58 -20.17
N ASP S 38 8.25 65.12 -21.19
CA ASP S 38 7.74 66.29 -21.88
C ASP S 38 8.18 66.23 -23.34
N ARG S 39 8.05 67.36 -24.04
CA ARG S 39 8.26 67.41 -25.49
C ARG S 39 9.71 67.13 -25.88
N ASP S 40 10.66 67.84 -25.29
CA ASP S 40 12.07 67.66 -25.63
C ASP S 40 12.54 66.26 -25.27
N ASP S 41 11.96 65.68 -24.23
CA ASP S 41 12.19 64.27 -23.91
C ASP S 41 11.78 63.37 -25.08
N LEU S 42 10.64 63.67 -25.70
CA LEU S 42 10.21 62.88 -26.86
C LEU S 42 11.14 63.07 -28.05
N LEU S 43 11.57 64.31 -28.31
CA LEU S 43 12.51 64.56 -29.40
C LEU S 43 13.81 63.77 -29.23
N LYS S 44 14.40 63.85 -28.05
CA LYS S 44 15.62 63.08 -27.78
C LYS S 44 15.39 61.59 -27.80
N LEU S 45 14.24 61.12 -27.30
CA LEU S 45 13.92 59.70 -27.32
C LEU S 45 13.80 59.17 -28.74
N ILE S 46 13.24 59.97 -29.64
CA ILE S 46 13.11 59.52 -31.02
C ILE S 46 14.46 59.56 -31.74
N GLU S 47 15.31 60.56 -31.49
CA GLU S 47 16.57 60.58 -32.23
C GLU S 47 17.53 59.52 -31.71
N ASN S 48 17.51 59.23 -30.42
CA ASN S 48 18.45 58.26 -29.88
C ASN S 48 18.04 56.82 -30.16
N ASN S 49 16.83 56.58 -30.62
CA ASN S 49 16.33 55.22 -30.81
C ASN S 49 15.77 55.05 -32.21
N ALA S 50 15.46 53.79 -32.54
CA ALA S 50 14.77 53.49 -33.78
C ALA S 50 13.67 52.46 -33.60
N ARG S 51 13.64 51.73 -32.49
CA ARG S 51 12.61 50.73 -32.26
C ARG S 51 11.26 51.34 -31.90
N LEU S 52 11.21 52.65 -31.66
CA LEU S 52 9.96 53.30 -31.34
C LEU S 52 9.06 53.32 -32.58
N CYS S 53 7.82 52.90 -32.42
CA CYS S 53 6.90 52.74 -33.53
C CYS S 53 5.57 53.43 -33.28
N GLY S 54 5.54 54.44 -32.42
CA GLY S 54 4.30 55.10 -32.12
C GLY S 54 4.41 56.08 -30.98
N VAL S 55 3.77 57.24 -31.13
CA VAL S 55 3.72 58.25 -30.09
C VAL S 55 2.26 58.54 -29.82
N ILE S 56 1.85 58.44 -28.56
CA ILE S 56 0.53 58.82 -28.13
C ILE S 56 0.66 60.10 -27.34
N PHE S 57 -0.06 61.13 -27.76
CA PHE S 57 0.00 62.41 -27.06
C PHE S 57 -1.39 63.04 -27.09
N ASP S 58 -1.61 63.94 -26.15
CA ASP S 58 -2.86 64.68 -26.09
C ASP S 58 -2.76 65.87 -27.04
N TRP S 59 -3.84 66.15 -27.74
CA TRP S 59 -3.88 67.21 -28.73
C TRP S 59 -4.15 68.58 -28.09
N ASP S 60 -4.33 68.64 -26.78
CA ASP S 60 -4.57 69.94 -26.15
C ASP S 60 -3.27 70.59 -25.69
N LYS S 61 -2.55 69.93 -24.79
CA LYS S 61 -1.34 70.54 -24.24
C LYS S 61 -0.18 70.58 -25.21
N TYR S 62 -0.20 69.74 -26.24
CA TYR S 62 0.85 69.73 -27.25
C TYR S 62 0.22 69.97 -28.61
N ASN S 63 0.71 70.99 -29.30
CA ASN S 63 0.13 71.40 -30.56
C ASN S 63 0.61 70.47 -31.67
N LEU S 64 0.27 70.78 -32.91
CA LEU S 64 0.58 69.93 -34.05
C LEU S 64 1.94 70.23 -34.66
N GLU S 65 2.68 71.18 -34.11
CA GLU S 65 4.07 71.36 -34.52
C GLU S 65 4.94 70.23 -33.98
N LEU S 66 4.53 69.60 -32.89
CA LEU S 66 5.08 68.30 -32.47
C LEU S 66 4.36 67.17 -33.21
N CYS S 67 4.23 67.37 -34.52
CA CYS S 67 3.99 66.30 -35.47
C CYS S 67 4.94 66.58 -36.61
N GLU S 68 5.15 67.87 -36.86
CA GLU S 68 6.02 68.31 -37.93
C GLU S 68 7.49 68.09 -37.58
N GLU S 69 7.87 68.32 -36.32
CA GLU S 69 9.24 68.05 -35.92
C GLU S 69 9.58 66.56 -36.03
N ILE S 70 8.65 65.70 -35.59
CA ILE S 70 8.85 64.26 -35.73
C ILE S 70 8.85 63.85 -37.21
N SER S 71 8.06 64.54 -38.04
CA SER S 71 8.09 64.30 -39.48
C SER S 71 9.45 64.64 -40.08
N LYS S 72 10.06 65.74 -39.64
CA LYS S 72 11.45 66.01 -40.04
C LYS S 72 12.39 64.95 -39.51
N MET S 73 12.04 64.32 -38.39
CA MET S 73 12.89 63.25 -37.87
C MET S 73 12.56 61.91 -38.53
N ASN S 74 11.28 61.60 -38.70
CA ASN S 74 10.86 60.37 -39.39
C ASN S 74 9.50 60.61 -40.01
N GLU S 75 9.41 60.47 -41.33
CA GLU S 75 8.18 60.81 -42.03
C GLU S 75 7.08 59.78 -41.80
N ASN S 76 7.43 58.51 -41.72
CA ASN S 76 6.44 57.44 -41.70
C ASN S 76 6.01 57.03 -40.30
N LEU S 77 6.53 57.67 -39.26
CA LEU S 77 6.26 57.24 -37.90
C LEU S 77 4.81 57.52 -37.54
N PRO S 78 4.04 56.50 -37.14
CA PRO S 78 2.66 56.76 -36.71
C PRO S 78 2.65 57.44 -35.36
N LEU S 79 1.80 58.45 -35.24
CA LEU S 79 1.59 59.11 -33.96
C LEU S 79 0.09 59.16 -33.72
N TYR S 80 -0.34 59.12 -32.46
CA TYR S 80 -1.75 58.97 -32.14
C TYR S 80 -2.23 60.15 -31.31
N ALA S 81 -2.73 61.19 -31.97
CA ALA S 81 -3.25 62.35 -31.25
C ALA S 81 -4.61 62.02 -30.64
N PHE S 82 -4.84 62.48 -29.42
CA PHE S 82 -6.08 62.25 -28.70
C PHE S 82 -6.86 63.56 -28.65
N ALA S 83 -8.04 63.58 -29.26
CA ALA S 83 -8.80 64.81 -29.43
C ALA S 83 -9.79 64.98 -28.29
N ASN S 84 -9.64 66.05 -27.52
CA ASN S 84 -10.58 66.37 -26.45
C ASN S 84 -11.25 67.72 -26.65
N THR S 85 -10.48 68.81 -26.75
CA THR S 85 -11.00 70.16 -26.70
C THR S 85 -11.03 70.83 -28.06
N TYR S 86 -9.93 70.73 -28.81
CA TYR S 86 -9.95 71.15 -30.20
C TYR S 86 -10.89 70.25 -30.98
N SER S 87 -11.78 70.87 -31.74
CA SER S 87 -12.87 70.18 -32.40
C SER S 87 -12.37 69.58 -33.72
N THR S 88 -13.29 69.23 -34.60
CA THR S 88 -12.89 68.88 -35.95
C THR S 88 -12.21 70.05 -36.65
N LEU S 89 -12.71 71.28 -36.42
CA LEU S 89 -12.37 72.47 -37.18
C LEU S 89 -10.92 72.91 -37.06
N ASP S 90 -10.15 72.43 -36.10
CA ASP S 90 -8.84 72.99 -35.78
C ASP S 90 -7.69 72.25 -36.47
N VAL S 91 -7.89 71.78 -37.69
CA VAL S 91 -6.90 70.97 -38.38
C VAL S 91 -6.54 71.63 -39.70
N SER S 92 -5.25 71.82 -39.94
CA SER S 92 -4.74 72.35 -41.20
C SER S 92 -4.38 71.23 -42.16
N LEU S 93 -3.99 71.61 -43.38
CA LEU S 93 -3.58 70.62 -44.37
C LEU S 93 -2.29 69.91 -43.99
N ASN S 94 -1.31 70.66 -43.47
CA ASN S 94 -0.03 70.07 -43.08
C ASN S 94 -0.19 69.06 -41.96
N ASP S 95 -1.21 69.20 -41.11
CA ASP S 95 -1.52 68.16 -40.16
C ASP S 95 -2.04 66.91 -40.86
N LEU S 96 -2.93 67.08 -41.83
CA LEU S 96 -3.49 65.97 -42.59
C LEU S 96 -2.45 65.24 -43.45
N ARG S 97 -1.34 65.89 -43.77
CA ARG S 97 -0.33 65.21 -44.57
C ARG S 97 0.63 64.40 -43.72
N LEU S 98 0.42 64.39 -42.41
CA LEU S 98 1.32 63.67 -41.51
C LEU S 98 0.69 62.34 -41.08
N GLN S 99 1.54 61.46 -40.54
CA GLN S 99 1.09 60.17 -40.02
C GLN S 99 0.58 60.34 -38.59
N ILE S 100 -0.66 60.84 -38.47
CA ILE S 100 -1.33 60.96 -37.20
C ILE S 100 -2.63 60.21 -37.38
N SER S 101 -3.09 59.48 -36.36
CA SER S 101 -4.46 58.97 -36.34
C SER S 101 -5.15 59.45 -35.07
N PHE S 102 -6.31 60.09 -35.22
CA PHE S 102 -6.99 60.75 -34.12
C PHE S 102 -7.85 59.78 -33.33
N PHE S 103 -7.88 59.93 -32.02
CA PHE S 103 -8.70 59.13 -31.13
C PHE S 103 -9.41 60.03 -30.12
N GLU S 104 -10.20 59.40 -29.26
CA GLU S 104 -10.99 60.11 -28.25
C GLU S 104 -10.79 59.45 -26.90
N TYR S 105 -11.18 60.18 -25.86
CA TYR S 105 -11.05 59.73 -24.47
C TYR S 105 -12.38 59.13 -24.02
N ALA S 106 -12.52 57.82 -24.13
CA ALA S 106 -13.73 57.13 -23.71
C ALA S 106 -13.36 55.98 -22.80
N LEU S 107 -14.10 55.84 -21.70
CA LEU S 107 -13.87 54.75 -20.76
C LEU S 107 -14.38 53.45 -21.33
N GLY S 108 -13.56 52.40 -21.23
CA GLY S 108 -13.93 51.08 -21.69
C GLY S 108 -13.74 50.83 -23.16
N ALA S 109 -13.28 51.83 -23.92
CA ALA S 109 -13.05 51.69 -25.35
C ALA S 109 -11.59 51.48 -25.69
N ALA S 110 -10.80 51.03 -24.71
CA ALA S 110 -9.36 50.86 -24.93
C ALA S 110 -9.04 49.65 -25.79
N GLU S 111 -9.94 48.67 -25.87
CA GLU S 111 -9.66 47.47 -26.66
C GLU S 111 -9.64 47.79 -28.15
N ASP S 112 -10.64 48.53 -28.64
CA ASP S 112 -10.67 48.88 -30.05
C ASP S 112 -9.55 49.85 -30.40
N ILE S 113 -9.22 50.77 -29.49
CA ILE S 113 -8.10 51.68 -29.72
C ILE S 113 -6.79 50.92 -29.81
N ALA S 114 -6.59 49.94 -28.92
CA ALA S 114 -5.37 49.15 -28.96
C ALA S 114 -5.30 48.28 -30.21
N ASN S 115 -6.43 47.73 -30.65
CA ASN S 115 -6.43 46.98 -31.90
C ASN S 115 -6.11 47.86 -33.09
N LYS S 116 -6.66 49.08 -33.13
CA LYS S 116 -6.32 50.02 -34.19
C LYS S 116 -4.85 50.42 -34.13
N ILE S 117 -4.29 50.56 -32.93
CA ILE S 117 -2.87 50.89 -32.80
C ILE S 117 -2.01 49.74 -33.31
N LYS S 118 -2.37 48.50 -32.98
CA LYS S 118 -1.64 47.34 -33.49
C LYS S 118 -1.72 47.25 -35.00
N GLN S 119 -2.90 47.51 -35.57
CA GLN S 119 -3.04 47.52 -37.03
C GLN S 119 -2.23 48.62 -37.68
N THR S 120 -2.19 49.81 -37.06
CA THR S 120 -1.41 50.91 -37.60
C THR S 120 0.09 50.60 -37.56
N THR S 121 0.53 49.97 -36.47
CA THR S 121 1.94 49.55 -36.37
C THR S 121 2.26 48.50 -37.43
N ASP S 122 1.34 47.56 -37.68
CA ASP S 122 1.55 46.57 -38.74
C ASP S 122 1.62 47.24 -40.11
N GLU S 123 0.77 48.23 -40.35
CA GLU S 123 0.82 48.99 -41.59
C GLU S 123 2.14 49.74 -41.73
N TYR S 124 2.64 50.31 -40.65
CA TYR S 124 3.91 51.02 -40.66
C TYR S 124 5.07 50.08 -40.99
N ILE S 125 5.07 48.89 -40.38
CA ILE S 125 6.10 47.90 -40.64
C ILE S 125 6.04 47.43 -42.08
N ASN S 126 4.85 47.15 -42.59
CA ASN S 126 4.68 46.74 -43.98
C ASN S 126 4.85 47.88 -44.96
N THR S 127 4.91 49.12 -44.48
CA THR S 127 5.17 50.26 -45.35
C THR S 127 6.67 50.52 -45.49
N ILE S 128 7.40 50.58 -44.38
CA ILE S 128 8.83 50.90 -44.48
C ILE S 128 9.67 49.74 -44.97
N LEU S 129 9.17 48.51 -44.91
CA LEU S 129 9.98 47.38 -45.34
C LEU S 129 10.03 47.29 -46.86
N PRO S 130 11.17 46.90 -47.43
CA PRO S 130 11.23 46.63 -48.85
C PRO S 130 10.49 45.35 -49.17
N PRO S 131 10.02 45.17 -50.41
CA PRO S 131 9.08 44.07 -50.69
C PRO S 131 9.66 42.66 -50.51
N LEU S 132 10.90 42.41 -50.93
CA LEU S 132 11.43 41.07 -50.80
C LEU S 132 11.75 40.72 -49.35
N THR S 133 12.29 41.68 -48.59
CA THR S 133 12.49 41.45 -47.16
C THR S 133 11.17 41.27 -46.44
N LYS S 134 10.14 42.02 -46.86
CA LYS S 134 8.79 41.85 -46.33
C LYS S 134 8.28 40.44 -46.58
N ALA S 135 8.44 39.95 -47.81
CA ALA S 135 7.99 38.61 -48.16
C ALA S 135 8.79 37.53 -47.45
N LEU S 136 10.09 37.73 -47.26
CA LEU S 136 10.91 36.76 -46.54
C LEU S 136 10.52 36.71 -45.06
N PHE S 137 10.28 37.88 -44.46
CA PHE S 137 9.81 37.91 -43.07
C PHE S 137 8.45 37.25 -42.94
N LYS S 138 7.56 37.49 -43.90
CA LYS S 138 6.24 36.84 -43.89
C LYS S 138 6.36 35.33 -44.02
N TYR S 139 7.25 34.86 -44.90
CA TYR S 139 7.44 33.43 -45.08
C TYR S 139 8.00 32.77 -43.82
N VAL S 140 8.95 33.42 -43.16
CA VAL S 140 9.49 32.85 -41.92
C VAL S 140 8.43 32.86 -40.83
N ARG S 141 7.62 33.92 -40.76
CA ARG S 141 6.56 33.99 -39.75
C ARG S 141 5.51 32.90 -39.95
N GLU S 142 5.17 32.57 -41.20
CA GLU S 142 4.26 31.48 -41.49
C GLU S 142 4.99 30.15 -41.67
N GLY S 143 6.12 29.99 -40.97
CA GLY S 143 7.12 28.97 -41.21
C GLY S 143 6.64 27.56 -41.47
N LYS S 144 6.87 27.11 -42.69
CA LYS S 144 6.37 25.83 -43.18
C LYS S 144 7.49 24.81 -43.18
N TYR S 145 7.11 23.54 -43.04
CA TYR S 145 8.07 22.46 -43.19
C TYR S 145 8.55 22.40 -44.64
N THR S 146 9.77 21.95 -44.83
CA THR S 146 10.33 21.89 -46.17
C THR S 146 11.10 20.59 -46.35
N PHE S 147 11.08 20.10 -47.59
CA PHE S 147 11.80 18.89 -47.97
C PHE S 147 12.78 19.18 -49.10
N CYS S 148 13.28 20.40 -49.18
CA CYS S 148 14.14 20.85 -50.26
C CYS S 148 15.45 21.37 -49.70
N THR S 149 16.34 21.73 -50.62
CA THR S 149 17.58 22.37 -50.23
C THR S 149 17.28 23.76 -49.66
N PRO S 150 18.04 24.22 -48.66
CA PRO S 150 19.22 23.67 -47.99
C PRO S 150 18.92 22.52 -47.04
N GLY S 151 19.96 21.79 -46.66
CA GLY S 151 19.77 20.57 -45.89
C GLY S 151 19.37 20.77 -44.45
N HIS S 152 19.64 21.94 -43.87
CA HIS S 152 19.25 22.14 -42.48
C HIS S 152 17.76 22.34 -42.34
N MET S 153 17.10 22.86 -43.39
CA MET S 153 15.64 22.93 -43.51
C MET S 153 15.01 23.70 -42.35
N GLY S 154 15.35 24.98 -42.26
CA GLY S 154 14.89 25.78 -41.15
C GLY S 154 15.74 25.64 -39.91
N GLY S 155 16.94 25.10 -40.04
CA GLY S 155 17.82 24.95 -38.91
C GLY S 155 17.51 23.80 -37.99
N THR S 156 16.64 22.87 -38.40
CA THR S 156 16.29 21.74 -37.57
C THR S 156 17.30 20.61 -37.62
N ALA S 157 18.33 20.73 -38.47
CA ALA S 157 19.48 19.85 -38.37
C ALA S 157 20.46 20.28 -37.31
N PHE S 158 20.54 21.58 -37.02
CA PHE S 158 21.37 22.11 -35.95
C PHE S 158 20.77 21.89 -34.57
N GLN S 159 19.50 21.49 -34.48
CA GLN S 159 18.90 21.22 -33.19
C GLN S 159 19.15 19.79 -32.73
N LYS S 160 19.94 19.01 -33.47
CA LYS S 160 20.15 17.61 -33.17
C LYS S 160 21.63 17.23 -33.13
N SER S 161 22.51 18.17 -32.81
CA SER S 161 23.94 17.90 -32.70
C SER S 161 24.53 18.88 -31.70
N PRO S 162 25.53 18.46 -30.92
CA PRO S 162 26.08 19.37 -29.90
C PRO S 162 26.77 20.59 -30.49
N VAL S 163 27.72 20.40 -31.41
CA VAL S 163 28.32 21.55 -32.09
C VAL S 163 27.30 22.26 -32.96
N GLY S 164 26.37 21.51 -33.54
CA GLY S 164 25.26 22.13 -34.25
C GLY S 164 24.38 22.93 -33.33
N SER S 165 24.16 22.46 -32.10
CA SER S 165 23.37 23.25 -31.16
C SER S 165 24.11 24.49 -30.70
N LEU S 166 25.44 24.42 -30.58
CA LEU S 166 26.21 25.63 -30.30
C LEU S 166 26.07 26.65 -31.41
N PHE S 167 26.14 26.19 -32.66
CA PHE S 167 25.95 27.08 -33.80
C PHE S 167 24.55 27.70 -33.81
N TYR S 168 23.54 26.87 -33.54
CA TYR S 168 22.16 27.33 -33.50
C TYR S 168 21.90 28.31 -32.37
N ASP S 169 22.44 28.05 -31.18
CA ASP S 169 22.30 28.98 -30.06
C ASP S 169 23.06 30.27 -30.28
N PHE S 170 24.16 30.23 -31.03
CA PHE S 170 24.84 31.48 -31.37
C PHE S 170 24.01 32.30 -32.35
N PHE S 171 23.66 31.72 -33.49
CA PHE S 171 23.03 32.53 -34.53
C PHE S 171 21.57 32.85 -34.21
N GLY S 172 20.84 31.90 -33.63
CA GLY S 172 19.45 32.12 -33.32
C GLY S 172 18.56 31.62 -34.43
N PRO S 173 17.28 31.41 -34.15
CA PRO S 173 16.42 30.64 -35.06
C PRO S 173 16.05 31.36 -36.34
N ASN S 174 15.83 32.68 -36.25
CA ASN S 174 15.31 33.44 -37.38
C ASN S 174 16.29 33.52 -38.54
N THR S 175 17.59 33.50 -38.27
CA THR S 175 18.56 33.49 -39.35
C THR S 175 18.84 32.09 -39.85
N MET S 176 18.30 31.06 -39.21
CA MET S 176 18.33 29.72 -39.80
C MET S 176 17.12 29.47 -40.69
N LYS S 177 15.94 29.91 -40.24
CA LYS S 177 14.75 29.79 -41.09
C LYS S 177 14.81 30.70 -42.30
N SER S 178 15.59 31.78 -42.25
CA SER S 178 15.66 32.71 -43.36
C SER S 178 16.50 32.21 -44.52
N ASP S 179 17.18 31.08 -44.36
CA ASP S 179 18.00 30.52 -45.42
C ASP S 179 17.19 29.44 -46.13
N ILE S 180 16.68 29.78 -47.31
CA ILE S 180 15.93 28.87 -48.16
C ILE S 180 16.47 28.98 -49.58
N SER S 181 15.85 28.23 -50.49
CA SER S 181 16.32 28.21 -51.86
C SER S 181 15.21 28.56 -52.85
N ILE S 182 15.50 28.40 -54.14
CA ILE S 182 14.56 28.78 -55.20
C ILE S 182 13.35 27.84 -55.29
N SER S 183 13.36 26.73 -54.56
CA SER S 183 12.23 25.81 -54.56
C SER S 183 10.99 26.42 -53.93
N VAL S 184 11.15 27.39 -53.04
CA VAL S 184 10.02 28.13 -52.48
C VAL S 184 9.53 29.09 -53.56
N SER S 185 8.44 28.74 -54.22
CA SER S 185 8.02 29.42 -55.43
C SER S 185 7.46 30.82 -55.17
N GLU S 186 7.02 31.11 -53.95
CA GLU S 186 6.36 32.38 -53.69
C GLU S 186 7.34 33.54 -53.55
N LEU S 187 8.63 33.28 -53.41
CA LEU S 187 9.63 34.34 -53.36
C LEU S 187 10.29 34.60 -54.70
N GLY S 188 9.85 33.91 -55.76
CA GLY S 188 10.47 34.10 -57.06
C GLY S 188 11.87 33.50 -57.09
N SER S 189 12.72 34.10 -57.91
CA SER S 189 14.09 33.63 -58.04
C SER S 189 14.98 34.80 -58.44
N LEU S 190 16.17 34.87 -57.83
CA LEU S 190 17.13 35.90 -58.18
C LEU S 190 17.62 35.74 -59.61
N LEU S 191 17.83 34.51 -60.04
CA LEU S 191 18.45 34.23 -61.32
C LEU S 191 17.57 34.64 -62.49
N ASP S 192 16.26 34.42 -62.38
CA ASP S 192 15.34 34.72 -63.47
C ASP S 192 14.68 36.07 -63.33
N HIS S 193 14.93 36.79 -62.24
CA HIS S 193 14.38 38.13 -61.97
C HIS S 193 12.86 38.12 -62.03
N SER S 194 12.26 37.38 -61.10
CA SER S 194 10.81 37.15 -61.10
C SER S 194 10.23 37.43 -59.72
N GLY S 195 9.00 37.94 -59.72
CA GLY S 195 8.24 38.13 -58.51
C GLY S 195 8.82 39.14 -57.55
N PRO S 196 8.94 38.74 -56.28
CA PRO S 196 9.53 39.64 -55.27
C PRO S 196 10.95 40.05 -55.58
N HIS S 197 11.74 39.17 -56.20
CA HIS S 197 13.06 39.58 -56.64
C HIS S 197 12.98 40.71 -57.67
N LYS S 198 12.13 40.58 -58.69
CA LYS S 198 12.04 41.60 -59.73
C LYS S 198 11.58 42.93 -59.16
N GLU S 199 10.62 42.89 -58.24
CA GLU S 199 10.25 44.11 -57.50
C GLU S 199 11.44 44.66 -56.73
N ALA S 200 12.30 43.79 -56.20
CA ALA S 200 13.48 44.27 -55.49
C ALA S 200 14.46 44.97 -56.42
N GLU S 201 14.76 44.39 -57.60
CA GLU S 201 15.70 45.11 -58.48
C GLU S 201 15.10 46.39 -59.01
N GLN S 202 13.78 46.44 -59.26
CA GLN S 202 13.19 47.72 -59.64
C GLN S 202 13.27 48.73 -58.51
N TYR S 203 13.11 48.29 -57.26
CA TYR S 203 13.25 49.16 -56.10
C TYR S 203 14.67 49.71 -55.97
N ILE S 204 15.66 48.85 -56.18
CA ILE S 204 17.06 49.28 -56.20
C ILE S 204 17.31 50.27 -57.33
N ALA S 205 16.68 50.04 -58.49
CA ALA S 205 16.83 50.96 -59.62
C ALA S 205 16.26 52.34 -59.29
N ARG S 206 15.13 52.41 -58.62
CA ARG S 206 14.62 53.75 -58.26
C ARG S 206 15.64 54.36 -57.33
N VAL S 207 15.94 53.66 -56.24
CA VAL S 207 16.64 54.32 -55.14
C VAL S 207 17.94 54.97 -55.62
N PHE S 208 18.75 54.23 -56.36
CA PHE S 208 20.11 54.65 -56.72
C PHE S 208 20.20 55.45 -58.01
N ASN S 209 19.07 55.83 -58.60
CA ASN S 209 19.01 56.59 -59.85
C ASN S 209 19.77 55.86 -60.96
N ALA S 210 19.29 54.67 -61.30
CA ALA S 210 19.86 53.86 -62.36
C ALA S 210 18.73 53.25 -63.17
N ASP S 211 19.05 52.93 -64.43
CA ASP S 211 18.06 52.33 -65.31
C ASP S 211 17.76 50.90 -64.90
N ARG S 212 18.77 50.03 -64.97
CA ARG S 212 18.64 48.65 -64.54
C ARG S 212 19.67 48.41 -63.46
N SER S 213 19.24 47.87 -62.33
CA SER S 213 20.12 47.61 -61.20
C SER S 213 20.11 46.13 -60.88
N TYR S 214 21.29 45.56 -60.63
CA TYR S 214 21.41 44.16 -60.29
C TYR S 214 21.90 44.02 -58.86
N MET S 215 21.71 42.83 -58.29
CA MET S 215 22.04 42.55 -56.89
C MET S 215 22.91 41.30 -56.84
N VAL S 216 24.22 41.49 -56.89
CA VAL S 216 25.17 40.38 -56.92
C VAL S 216 25.30 39.80 -55.52
N THR S 217 25.42 38.48 -55.43
CA THR S 217 25.46 37.79 -54.14
C THR S 217 26.83 37.20 -53.82
N ASN S 218 27.83 37.40 -54.68
CA ASN S 218 29.20 37.04 -54.34
C ASN S 218 30.02 38.25 -53.93
N GLY S 219 29.78 39.40 -54.53
CA GLY S 219 30.51 40.61 -54.22
C GLY S 219 30.94 41.34 -55.47
N THR S 220 31.46 42.54 -55.26
CA THR S 220 31.88 43.34 -56.40
C THR S 220 33.13 42.78 -57.05
N SER S 221 33.85 41.88 -56.37
CA SER S 221 34.88 41.09 -57.03
C SER S 221 34.29 40.23 -58.15
N THR S 222 33.00 39.88 -58.05
CA THR S 222 32.30 39.18 -59.11
C THR S 222 31.55 40.15 -60.02
N ALA S 223 31.11 41.29 -59.48
CA ALA S 223 30.42 42.28 -60.30
C ALA S 223 31.35 42.88 -61.35
N ASN S 224 32.62 43.13 -60.98
CA ASN S 224 33.61 43.58 -61.95
C ASN S 224 33.79 42.56 -63.05
N LYS S 225 33.79 41.28 -62.68
CA LYS S 225 33.89 40.19 -63.66
C LYS S 225 32.70 40.19 -64.60
N ILE S 226 31.50 40.41 -64.06
CA ILE S 226 30.30 40.42 -64.88
C ILE S 226 30.35 41.57 -65.88
N VAL S 227 30.70 42.77 -65.42
CA VAL S 227 30.72 43.94 -66.29
C VAL S 227 31.82 43.80 -67.35
N GLY S 228 33.02 43.40 -66.95
CA GLY S 228 34.09 43.25 -67.91
C GLY S 228 34.02 42.04 -68.80
N MET S 229 33.18 41.06 -68.47
CA MET S 229 32.92 39.98 -69.42
C MET S 229 31.77 40.29 -70.34
N TYR S 230 30.84 41.17 -69.96
CA TYR S 230 29.83 41.59 -70.92
C TYR S 230 30.39 42.61 -71.89
N SER S 231 30.90 43.73 -71.37
CA SER S 231 31.25 44.86 -72.22
C SER S 231 32.55 44.67 -72.98
N ALA S 232 33.42 43.75 -72.56
CA ALA S 232 34.72 43.56 -73.19
C ALA S 232 34.82 42.14 -73.69
N PRO S 233 34.45 41.89 -74.95
CA PRO S 233 34.62 40.56 -75.53
C PRO S 233 36.09 40.24 -75.74
N ALA S 234 36.36 38.96 -75.96
CA ALA S 234 37.73 38.51 -76.16
C ALA S 234 38.30 39.03 -77.46
N GLY S 235 39.57 39.38 -77.45
CA GLY S 235 40.21 40.00 -78.59
C GLY S 235 40.09 41.50 -78.63
N SER S 236 39.31 42.10 -77.74
CA SER S 236 39.13 43.54 -77.69
C SER S 236 40.17 44.13 -76.74
N THR S 237 39.98 45.39 -76.36
CA THR S 237 40.97 46.12 -75.59
C THR S 237 40.27 46.96 -74.54
N ILE S 238 40.87 47.08 -73.35
CA ILE S 238 40.27 47.80 -72.24
C ILE S 238 41.24 48.87 -71.74
N LEU S 239 40.67 49.87 -71.07
CA LEU S 239 41.43 50.91 -70.38
C LEU S 239 41.22 50.71 -68.89
N ILE S 240 42.11 49.94 -68.28
CA ILE S 240 42.00 49.59 -66.87
C ILE S 240 42.92 50.48 -66.05
N ASP S 241 42.38 51.02 -64.96
CA ASP S 241 43.19 51.76 -64.01
C ASP S 241 44.27 50.86 -63.42
N ARG S 242 45.49 51.41 -63.31
CA ARG S 242 46.54 50.69 -62.58
C ARG S 242 46.19 50.58 -61.11
N ASN S 243 45.55 51.60 -60.55
CA ASN S 243 44.97 51.50 -59.23
C ASN S 243 43.71 50.64 -59.32
N CYS S 244 43.90 49.34 -59.40
CA CYS S 244 42.80 48.39 -59.57
C CYS S 244 42.76 47.45 -58.38
N HIS S 245 41.81 46.53 -58.44
CA HIS S 245 41.71 45.47 -57.44
C HIS S 245 42.31 44.20 -58.01
N LYS S 246 42.50 43.21 -57.13
CA LYS S 246 42.92 41.89 -57.57
C LYS S 246 41.89 41.26 -58.48
N SER S 247 40.61 41.61 -58.28
CA SER S 247 39.52 41.05 -59.07
C SER S 247 39.62 41.45 -60.54
N LEU S 248 40.04 42.68 -60.83
CA LEU S 248 40.20 43.09 -62.21
C LEU S 248 41.34 42.36 -62.89
N THR S 249 42.43 42.11 -62.17
CA THR S 249 43.51 41.29 -62.70
C THR S 249 43.04 39.88 -62.98
N HIS S 250 42.24 39.32 -62.07
CA HIS S 250 41.66 38.00 -62.28
C HIS S 250 40.73 37.97 -63.49
N LEU S 251 39.95 39.03 -63.68
CA LEU S 251 39.12 39.16 -64.88
C LEU S 251 39.96 39.17 -66.14
N MET S 252 41.04 39.94 -66.14
CA MET S 252 41.90 39.99 -67.31
C MET S 252 42.61 38.69 -67.59
N MET S 253 42.86 37.88 -66.56
CA MET S 253 43.40 36.55 -66.79
C MET S 253 42.37 35.56 -67.28
N MET S 254 41.10 35.73 -66.93
CA MET S 254 40.08 34.85 -67.50
C MET S 254 39.82 35.16 -68.97
N SER S 255 39.71 36.44 -69.32
CA SER S 255 39.27 36.85 -70.64
C SER S 255 40.45 37.24 -71.52
N ASP S 256 40.31 36.98 -72.82
CA ASP S 256 41.36 37.26 -73.80
C ASP S 256 41.27 38.73 -74.22
N VAL S 257 41.73 39.60 -73.31
CA VAL S 257 41.69 41.03 -73.53
C VAL S 257 43.12 41.58 -73.45
N THR S 258 43.25 42.86 -73.81
CA THR S 258 44.54 43.54 -73.87
C THR S 258 44.44 44.87 -73.14
N PRO S 259 45.36 45.21 -72.25
CA PRO S 259 45.26 46.48 -71.52
C PRO S 259 46.08 47.64 -72.09
N ILE S 260 45.54 48.83 -71.89
CA ILE S 260 46.34 50.02 -71.67
C ILE S 260 46.09 50.45 -70.23
N TYR S 261 47.16 50.55 -69.45
CA TYR S 261 47.05 50.90 -68.04
C TYR S 261 47.10 52.42 -67.90
N PHE S 262 46.12 52.97 -67.20
CA PHE S 262 46.20 54.35 -66.77
C PHE S 262 47.32 54.51 -65.75
N ARG S 263 47.80 55.74 -65.60
CA ARG S 263 48.97 55.99 -64.73
C ARG S 263 48.61 56.96 -63.63
N PRO S 264 48.17 56.48 -62.48
CA PRO S 264 47.81 57.39 -61.37
C PRO S 264 49.03 58.01 -60.73
N THR S 265 48.79 59.13 -60.07
CA THR S 265 49.82 59.81 -59.29
C THR S 265 49.82 59.31 -57.86
N ARG S 266 50.85 59.69 -57.11
CA ARG S 266 50.97 59.29 -55.72
C ARG S 266 51.92 60.26 -54.99
N ASN S 267 51.76 60.32 -53.68
CA ASN S 267 52.59 61.15 -52.83
C ASN S 267 53.65 60.29 -52.15
N ALA S 268 54.45 60.92 -51.30
CA ALA S 268 55.49 60.20 -50.56
C ALA S 268 54.92 59.31 -49.46
N TYR S 269 53.68 59.57 -49.02
CA TYR S 269 53.06 58.74 -48.00
C TYR S 269 52.75 57.34 -48.51
N GLY S 270 52.56 57.18 -49.81
CA GLY S 270 52.11 55.94 -50.38
C GLY S 270 50.64 55.91 -50.70
N ILE S 271 49.94 57.02 -50.53
CA ILE S 271 48.52 57.10 -50.86
C ILE S 271 48.39 57.11 -52.37
N LEU S 272 47.56 56.19 -52.89
CA LEU S 272 47.33 56.11 -54.33
C LEU S 272 46.42 57.27 -54.74
N GLY S 273 46.98 58.24 -55.44
CA GLY S 273 46.20 59.36 -55.91
C GLY S 273 45.41 58.99 -57.16
N GLY S 274 45.43 59.87 -58.15
CA GLY S 274 44.61 59.64 -59.32
C GLY S 274 45.28 59.89 -60.65
N ILE S 275 44.58 59.49 -61.71
CA ILE S 275 45.08 59.66 -63.07
C ILE S 275 45.01 61.13 -63.43
N PRO S 276 46.03 61.72 -64.04
CA PRO S 276 45.93 63.11 -64.50
C PRO S 276 44.90 63.25 -65.62
N GLN S 277 44.51 64.51 -65.86
CA GLN S 277 43.53 64.81 -66.90
C GLN S 277 44.02 64.49 -68.29
N SER S 278 45.33 64.43 -68.49
CA SER S 278 45.89 64.21 -69.83
C SER S 278 45.62 62.80 -70.34
N GLU S 279 45.47 61.83 -69.43
CA GLU S 279 45.32 60.44 -69.82
C GLU S 279 43.87 60.02 -69.97
N PHE S 280 42.96 60.95 -70.24
CA PHE S 280 41.61 60.59 -70.61
C PHE S 280 41.18 61.15 -71.95
N GLN S 281 42.07 61.84 -72.65
CA GLN S 281 41.76 62.45 -73.92
C GLN S 281 42.14 61.49 -75.05
N HIS S 282 41.77 61.86 -76.28
CA HIS S 282 41.96 60.96 -77.41
C HIS S 282 43.41 60.81 -77.81
N ALA S 283 44.22 61.85 -77.60
CA ALA S 283 45.61 61.84 -78.10
C ALA S 283 46.45 60.81 -77.36
N THR S 284 46.43 60.85 -76.02
CA THR S 284 47.24 59.91 -75.24
C THR S 284 46.73 58.49 -75.36
N ILE S 285 45.41 58.31 -75.44
CA ILE S 285 44.84 56.98 -75.60
C ILE S 285 45.21 56.39 -76.96
N ALA S 286 45.14 57.20 -78.02
CA ALA S 286 45.55 56.74 -79.34
C ALA S 286 47.04 56.43 -79.39
N LYS S 287 47.87 57.25 -78.74
CA LYS S 287 49.30 56.96 -78.66
C LYS S 287 49.58 55.64 -77.97
N ARG S 288 49.00 55.44 -76.78
CA ARG S 288 49.21 54.21 -76.03
C ARG S 288 48.62 52.99 -76.74
N VAL S 289 47.59 53.18 -77.55
CA VAL S 289 47.15 52.12 -78.45
C VAL S 289 48.22 51.82 -79.48
N LYS S 290 48.82 52.88 -80.04
CA LYS S 290 49.79 52.71 -81.14
C LYS S 290 51.03 51.95 -80.70
N GLU S 291 51.57 52.25 -79.51
CA GLU S 291 52.73 51.49 -79.04
C GLU S 291 52.36 50.32 -78.14
N THR S 292 51.19 49.69 -78.36
CA THR S 292 50.89 48.43 -77.71
C THR S 292 50.63 47.37 -78.77
N PRO S 293 51.35 46.25 -78.74
CA PRO S 293 51.15 45.20 -79.75
C PRO S 293 49.77 44.56 -79.64
N ASN S 294 49.22 44.22 -80.81
CA ASN S 294 47.93 43.55 -80.94
C ASN S 294 46.79 44.33 -80.30
N ALA S 295 46.86 45.65 -80.35
CA ALA S 295 45.91 46.52 -79.66
C ALA S 295 45.09 47.33 -80.66
N THR S 296 43.80 47.43 -80.40
CA THR S 296 42.88 48.23 -81.19
C THR S 296 42.30 49.32 -80.29
N TRP S 297 41.30 50.03 -80.81
CA TRP S 297 40.64 51.06 -80.02
C TRP S 297 39.89 50.42 -78.86
N PRO S 298 40.06 50.95 -77.64
CA PRO S 298 39.43 50.33 -76.47
C PRO S 298 37.91 50.41 -76.53
N VAL S 299 37.27 49.31 -76.13
CA VAL S 299 35.81 49.22 -76.13
C VAL S 299 35.24 49.28 -74.73
N HIS S 300 36.07 49.44 -73.70
CA HIS S 300 35.60 49.49 -72.34
C HIS S 300 36.67 50.15 -71.48
N ALA S 301 36.24 50.82 -70.42
CA ALA S 301 37.15 51.48 -69.50
C ALA S 301 36.71 51.20 -68.07
N VAL S 302 37.67 50.90 -67.21
CA VAL S 302 37.40 50.60 -65.80
C VAL S 302 38.22 51.58 -64.95
N ILE S 303 37.54 52.29 -64.07
CA ILE S 303 38.14 53.35 -63.26
C ILE S 303 37.74 53.14 -61.81
N THR S 304 38.71 53.16 -60.90
CA THR S 304 38.41 52.98 -59.47
C THR S 304 38.01 54.32 -58.89
N ASN S 305 36.70 54.53 -58.72
CA ASN S 305 36.13 55.79 -58.23
C ASN S 305 35.26 55.53 -57.02
N SER S 306 35.77 55.83 -55.82
CA SER S 306 37.01 56.55 -55.60
C SER S 306 38.17 55.60 -55.47
N THR S 307 39.32 56.13 -55.06
CA THR S 307 40.46 55.29 -54.76
C THR S 307 40.25 54.62 -53.40
N TYR S 308 41.25 53.88 -52.95
CA TYR S 308 41.18 53.25 -51.64
C TYR S 308 41.13 54.29 -50.53
N ASP S 309 41.79 55.43 -50.72
CA ASP S 309 41.84 56.48 -49.72
C ASP S 309 40.78 57.56 -49.94
N GLY S 310 39.75 57.27 -50.72
CA GLY S 310 38.62 58.16 -50.84
C GLY S 310 38.89 59.44 -51.59
N LEU S 311 39.39 59.33 -52.82
CA LEU S 311 39.59 60.50 -53.69
C LEU S 311 38.68 60.34 -54.89
N LEU S 312 37.56 61.05 -54.85
CA LEU S 312 36.60 61.03 -55.94
C LEU S 312 37.16 61.78 -57.16
N TYR S 313 36.59 61.49 -58.32
CA TYR S 313 37.01 62.14 -59.54
C TYR S 313 35.95 63.12 -59.99
N ASN S 314 36.35 64.02 -60.89
CA ASN S 314 35.37 64.84 -61.60
C ASN S 314 34.84 63.98 -62.74
N THR S 315 33.83 63.17 -62.43
CA THR S 315 33.31 62.18 -63.34
C THR S 315 32.57 62.78 -64.53
N ASP S 316 32.13 64.03 -64.44
CA ASP S 316 31.50 64.67 -65.60
C ASP S 316 32.51 64.90 -66.71
N PHE S 317 33.73 65.31 -66.33
CA PHE S 317 34.86 65.38 -67.26
C PHE S 317 35.11 64.02 -67.91
N ILE S 318 35.07 62.95 -67.11
CA ILE S 318 35.35 61.62 -67.62
C ILE S 318 34.28 61.18 -68.60
N LYS S 319 33.01 61.33 -68.23
CA LYS S 319 31.90 60.93 -69.09
C LYS S 319 31.75 61.82 -70.31
N LYS S 320 32.33 63.03 -70.30
CA LYS S 320 32.31 63.84 -71.50
C LYS S 320 33.46 63.55 -72.45
N THR S 321 34.67 63.34 -71.93
CA THR S 321 35.85 63.33 -72.79
C THR S 321 36.43 61.94 -73.05
N LEU S 322 36.17 60.95 -72.19
CA LEU S 322 36.67 59.61 -72.45
C LEU S 322 35.85 59.01 -73.58
N ASP S 323 36.48 58.82 -74.73
CA ASP S 323 35.77 58.46 -75.97
C ASP S 323 35.68 56.95 -76.15
N VAL S 324 35.17 56.25 -75.13
CA VAL S 324 34.92 54.82 -75.25
C VAL S 324 33.42 54.58 -75.09
N LYS S 325 32.97 53.43 -75.55
CA LYS S 325 31.55 53.14 -75.62
C LYS S 325 30.97 52.62 -74.31
N SER S 326 31.81 52.37 -73.30
CA SER S 326 31.32 51.94 -72.00
C SER S 326 32.37 52.27 -70.95
N ILE S 327 31.97 53.07 -69.96
CA ILE S 327 32.85 53.47 -68.87
C ILE S 327 32.36 52.80 -67.60
N HIS S 328 33.22 52.03 -66.96
CA HIS S 328 32.90 51.36 -65.71
C HIS S 328 33.61 52.03 -64.55
N PHE S 329 32.85 52.34 -63.51
CA PHE S 329 33.39 52.90 -62.27
C PHE S 329 33.33 51.83 -61.20
N ASP S 330 34.50 51.40 -60.73
CA ASP S 330 34.58 50.39 -59.69
C ASP S 330 34.40 51.08 -58.34
N SER S 331 33.15 51.45 -58.06
CA SER S 331 32.83 52.25 -56.88
C SER S 331 32.60 51.36 -55.67
N ALA S 332 33.59 50.53 -55.38
CA ALA S 332 33.48 49.65 -54.22
C ALA S 332 33.50 50.42 -52.91
N TRP S 333 34.25 51.51 -52.83
CA TRP S 333 34.38 52.26 -51.59
C TRP S 333 33.43 53.45 -51.51
N VAL S 334 32.69 53.76 -52.56
CA VAL S 334 31.72 54.86 -52.49
C VAL S 334 30.36 54.33 -52.95
N PRO S 335 29.60 53.63 -52.11
CA PRO S 335 28.26 53.20 -52.52
C PRO S 335 27.15 54.14 -52.09
N TYR S 336 27.47 55.10 -51.21
CA TYR S 336 26.48 55.97 -50.57
C TYR S 336 26.24 57.25 -51.33
N THR S 337 26.52 57.28 -52.64
CA THR S 337 26.69 58.54 -53.36
C THR S 337 25.41 59.34 -53.49
N ASN S 338 24.29 58.71 -53.81
CA ASN S 338 23.06 59.39 -54.15
C ASN S 338 22.44 60.10 -52.94
N PHE S 339 22.85 59.74 -51.73
CA PHE S 339 22.10 60.07 -50.53
C PHE S 339 22.58 61.32 -49.83
N SER S 340 23.46 62.10 -50.46
CA SER S 340 23.78 63.43 -49.99
C SER S 340 24.21 64.21 -51.21
N PRO S 341 23.69 65.43 -51.40
CA PRO S 341 24.09 66.25 -52.55
C PRO S 341 25.51 66.78 -52.49
N ILE S 342 26.27 66.42 -51.45
CA ILE S 342 27.70 66.69 -51.42
C ILE S 342 28.39 66.00 -52.59
N TYR S 343 27.98 64.76 -52.89
CA TYR S 343 28.61 63.94 -53.90
C TYR S 343 28.02 64.12 -55.29
N GLU S 344 27.37 65.26 -55.56
CA GLU S 344 26.86 65.50 -56.90
C GLU S 344 28.00 65.66 -57.88
N GLY S 345 27.87 65.03 -59.05
CA GLY S 345 28.95 65.07 -60.02
C GLY S 345 30.16 64.26 -59.62
N LYS S 346 29.97 63.20 -58.84
CA LYS S 346 31.07 62.41 -58.32
C LYS S 346 30.78 60.91 -58.31
N CYS S 347 29.99 60.41 -59.26
CA CYS S 347 29.82 58.99 -59.46
C CYS S 347 29.37 58.75 -60.89
N GLY S 348 29.31 57.47 -61.26
CA GLY S 348 28.79 57.12 -62.57
C GLY S 348 27.33 57.49 -62.74
N MET S 349 26.54 57.37 -61.69
CA MET S 349 25.12 57.69 -61.75
C MET S 349 24.82 59.17 -61.53
N SER S 350 25.84 59.98 -61.28
CA SER S 350 25.64 61.42 -61.19
C SER S 350 25.30 61.97 -62.57
N GLY S 351 24.39 62.93 -62.58
CA GLY S 351 23.94 63.49 -63.83
C GLY S 351 22.97 62.57 -64.55
N GLY S 352 22.63 62.97 -65.76
CA GLY S 352 21.66 62.24 -66.56
C GLY S 352 22.28 61.13 -67.39
N ARG S 353 21.45 60.54 -68.23
CA ARG S 353 21.88 59.50 -69.16
C ARG S 353 22.79 60.11 -70.21
N VAL S 354 24.06 59.74 -70.18
CA VAL S 354 25.02 60.28 -71.14
C VAL S 354 24.76 59.65 -72.51
N GLU S 355 25.00 60.42 -73.56
CA GLU S 355 24.70 59.97 -74.92
C GLU S 355 25.85 59.15 -75.47
N GLY S 356 25.53 58.03 -76.11
CA GLY S 356 26.49 57.28 -76.89
C GLY S 356 27.32 56.28 -76.12
N LYS S 357 27.18 56.19 -74.80
CA LYS S 357 27.94 55.22 -74.03
C LYS S 357 27.14 54.82 -72.79
N VAL S 358 27.46 53.65 -72.26
CA VAL S 358 26.77 53.09 -71.11
C VAL S 358 27.71 53.19 -69.92
N ILE S 359 27.22 53.78 -68.83
CA ILE S 359 28.01 53.97 -67.62
C ILE S 359 27.66 52.86 -66.64
N TYR S 360 28.65 52.09 -66.24
CA TYR S 360 28.48 51.07 -65.21
C TYR S 360 28.99 51.59 -63.89
N GLU S 361 28.34 51.15 -62.81
CA GLU S 361 28.85 51.42 -61.47
C GLU S 361 28.52 50.21 -60.61
N THR S 362 29.50 49.75 -59.83
CA THR S 362 29.44 48.46 -59.16
C THR S 362 29.71 48.62 -57.66
N GLN S 363 28.90 49.49 -57.03
CA GLN S 363 28.89 49.74 -55.59
C GLN S 363 28.97 48.47 -54.77
N SER S 364 30.00 48.38 -53.93
CA SER S 364 30.09 47.30 -52.96
C SER S 364 29.28 47.70 -51.73
N THR S 365 28.06 47.20 -51.67
CA THR S 365 27.09 47.64 -50.67
C THR S 365 27.52 47.27 -49.25
N HIS S 366 28.22 46.16 -49.06
CA HIS S 366 28.59 45.74 -47.72
C HIS S 366 29.68 46.59 -47.11
N1 LLP S 367 37.14 45.94 -55.71
C2 LLP S 367 37.66 47.01 -55.11
C2' LLP S 367 38.27 48.18 -55.94
C3 LLP S 367 37.66 47.10 -53.69
O3 LLP S 367 38.19 48.23 -53.08
C4 LLP S 367 37.12 46.09 -52.94
C4' LLP S 367 37.12 46.20 -51.33
C5 LLP S 367 36.60 45.00 -53.54
C6 LLP S 367 36.61 44.89 -54.94
C5' LLP S 367 36.02 43.87 -52.64
OP4 LLP S 367 35.26 42.94 -53.39
P LLP S 367 34.22 42.13 -52.60
OP1 LLP S 367 34.92 41.48 -51.39
OP2 LLP S 367 33.66 41.09 -53.46
OP3 LLP S 367 33.14 43.03 -52.11
N LLP S 367 30.41 47.32 -47.95
CA LLP S 367 31.62 48.02 -47.50
CB LLP S 367 32.43 48.46 -48.69
CG LLP S 367 33.15 47.26 -49.30
CD LLP S 367 34.61 47.22 -48.85
CE LLP S 367 35.40 46.22 -49.72
NZ LLP S 367 35.95 46.90 -50.90
C LLP S 367 31.30 49.21 -46.66
O LLP S 367 31.79 49.29 -45.55
N LEU S 368 30.48 50.13 -47.16
CA LEU S 368 30.24 51.37 -46.43
C LEU S 368 28.78 51.53 -45.99
N LEU S 369 27.86 50.88 -46.68
CA LEU S 369 26.47 50.84 -46.26
C LEU S 369 26.30 49.76 -45.20
N ALA S 370 25.06 49.53 -44.79
CA ALA S 370 24.75 48.50 -43.80
C ALA S 370 24.18 47.29 -44.52
N ALA S 371 25.08 46.37 -44.88
CA ALA S 371 24.66 45.13 -45.53
C ALA S 371 25.59 44.01 -45.13
N PHE S 372 25.09 42.78 -45.26
CA PHE S 372 25.89 41.59 -45.03
C PHE S 372 27.00 41.50 -46.07
N SER S 373 28.08 40.80 -45.71
CA SER S 373 29.21 40.67 -46.62
C SER S 373 28.82 39.88 -47.86
N GLN S 374 29.71 39.93 -48.86
CA GLN S 374 29.49 39.37 -50.19
C GLN S 374 28.26 39.95 -50.87
N ALA S 375 27.88 41.17 -50.54
CA ALA S 375 26.76 41.85 -51.18
C ALA S 375 27.30 42.93 -52.11
N SER S 376 26.71 43.02 -53.29
CA SER S 376 27.15 44.00 -54.26
C SER S 376 26.00 44.32 -55.20
N MET S 377 26.20 45.37 -56.00
CA MET S 377 25.21 45.80 -56.95
C MET S 377 25.91 46.14 -58.26
N ILE S 378 25.15 46.08 -59.35
CA ILE S 378 25.59 46.58 -60.64
C ILE S 378 24.53 47.54 -61.15
N HIS S 379 24.83 48.82 -61.12
CA HIS S 379 23.95 49.84 -61.66
C HIS S 379 24.45 50.19 -63.06
N VAL S 380 23.52 50.22 -64.02
CA VAL S 380 23.88 50.62 -65.37
C VAL S 380 23.18 51.94 -65.67
N LYS S 381 23.68 52.63 -66.69
CA LYS S 381 23.08 53.88 -67.12
C LYS S 381 23.24 53.95 -68.63
N GLY S 382 22.19 53.63 -69.36
CA GLY S 382 22.24 53.57 -70.80
C GLY S 382 21.40 52.41 -71.30
N ASP S 383 21.69 51.99 -72.51
CA ASP S 383 20.97 50.89 -73.15
C ASP S 383 21.92 49.72 -73.33
N VAL S 384 21.56 48.57 -72.79
CA VAL S 384 22.35 47.36 -72.94
C VAL S 384 21.46 46.27 -73.51
N ASN S 385 22.10 45.28 -74.12
CA ASN S 385 21.39 44.10 -74.59
C ASN S 385 20.91 43.33 -73.38
N GLU S 386 19.59 43.33 -73.15
CA GLU S 386 19.03 42.83 -71.89
C GLU S 386 19.32 41.35 -71.68
N GLU S 387 19.11 40.54 -72.72
CA GLU S 387 19.32 39.10 -72.56
C GLU S 387 20.80 38.74 -72.50
N THR S 388 21.64 39.39 -73.31
CA THR S 388 23.07 39.10 -73.25
C THR S 388 23.67 39.50 -71.90
N PHE S 389 23.31 40.68 -71.40
CA PHE S 389 23.83 41.11 -70.11
C PHE S 389 23.23 40.34 -68.95
N ASN S 390 21.96 39.94 -69.04
CA ASN S 390 21.38 39.06 -68.05
C ASN S 390 22.06 37.70 -68.04
N GLU S 391 22.42 37.20 -69.22
CA GLU S 391 23.11 35.92 -69.27
C GLU S 391 24.52 36.04 -68.72
N ALA S 392 25.19 37.17 -68.97
CA ALA S 392 26.51 37.39 -68.37
C ALA S 392 26.42 37.49 -66.85
N TYR S 393 25.37 38.14 -66.33
CA TYR S 393 25.16 38.17 -64.89
C TYR S 393 24.89 36.79 -64.32
N MET S 394 24.07 36.00 -65.00
CA MET S 394 23.79 34.63 -64.60
C MET S 394 25.03 33.75 -64.67
N MET S 395 25.96 34.09 -65.56
CA MET S 395 27.17 33.29 -65.77
C MET S 395 28.07 33.25 -64.54
N HIS S 396 28.20 34.35 -63.81
CA HIS S 396 29.15 34.40 -62.70
C HIS S 396 28.52 34.19 -61.33
N THR S 397 27.24 34.49 -61.16
CA THR S 397 26.63 34.28 -59.86
C THR S 397 26.28 32.81 -59.68
N THR S 398 26.04 32.43 -58.43
CA THR S 398 25.59 31.09 -58.10
C THR S 398 24.14 30.91 -58.53
N THR S 399 23.67 29.67 -58.41
CA THR S 399 22.28 29.35 -58.75
C THR S 399 21.36 29.34 -57.55
N SER S 400 21.88 29.02 -56.36
CA SER S 400 21.09 29.03 -55.13
C SER S 400 21.75 30.02 -54.17
N PRO S 401 21.33 31.28 -54.19
CA PRO S 401 22.00 32.30 -53.39
C PRO S 401 21.55 32.27 -51.93
N HIS S 402 22.33 32.95 -51.10
CA HIS S 402 21.98 33.11 -49.69
C HIS S 402 20.98 34.25 -49.57
N TYR S 403 19.73 33.93 -49.25
CA TYR S 403 18.69 34.95 -49.22
C TYR S 403 18.87 35.94 -48.08
N GLY S 404 19.66 35.61 -47.05
CA GLY S 404 20.01 36.61 -46.06
C GLY S 404 20.85 37.73 -46.66
N ILE S 405 21.80 37.38 -47.52
CA ILE S 405 22.63 38.38 -48.20
C ILE S 405 21.78 39.23 -49.14
N VAL S 406 20.86 38.60 -49.86
CA VAL S 406 19.97 39.32 -50.79
C VAL S 406 19.06 40.27 -50.04
N ALA S 407 18.45 39.79 -48.95
CA ALA S 407 17.60 40.64 -48.13
C ALA S 407 18.38 41.78 -47.49
N SER S 408 19.62 41.52 -47.06
CA SER S 408 20.44 42.59 -46.53
C SER S 408 20.83 43.59 -47.60
N THR S 409 21.07 43.11 -48.82
CA THR S 409 21.41 43.99 -49.94
C THR S 409 20.27 44.94 -50.24
N GLU S 410 19.03 44.44 -50.23
CA GLU S 410 17.90 45.33 -50.47
C GLU S 410 17.59 46.22 -49.27
N THR S 411 17.71 45.68 -48.05
CA THR S 411 17.44 46.47 -46.86
C THR S 411 18.44 47.59 -46.67
N ALA S 412 19.66 47.44 -47.21
CA ALA S 412 20.61 48.54 -47.17
C ALA S 412 20.12 49.76 -47.94
N ALA S 413 19.54 49.55 -49.12
CA ALA S 413 18.93 50.65 -49.84
C ALA S 413 17.66 51.14 -49.15
N ALA S 414 16.91 50.21 -48.56
CA ALA S 414 15.69 50.60 -47.84
C ALA S 414 15.97 51.44 -46.61
N MET S 415 17.18 51.33 -46.03
CA MET S 415 17.58 52.21 -44.94
C MET S 415 17.84 53.64 -45.40
N MET S 416 17.85 53.89 -46.70
CA MET S 416 18.24 55.20 -47.20
C MET S 416 17.10 55.99 -47.83
N LYS S 417 15.90 55.41 -47.94
CA LYS S 417 14.75 56.15 -48.41
C LYS S 417 14.12 56.92 -47.25
N GLY S 418 13.60 58.09 -47.55
CA GLY S 418 12.91 58.91 -46.58
C GLY S 418 13.83 59.93 -45.93
N ASN S 419 13.44 60.34 -44.73
CA ASN S 419 14.24 61.29 -43.97
C ASN S 419 15.28 60.61 -43.10
N ALA S 420 15.05 59.35 -42.72
CA ALA S 420 16.00 58.63 -41.88
C ALA S 420 17.32 58.37 -42.61
N GLY S 421 17.28 58.02 -43.89
CA GLY S 421 18.51 57.79 -44.62
C GLY S 421 19.31 59.05 -44.84
N LYS S 422 18.63 60.14 -45.17
CA LYS S 422 19.31 61.43 -45.30
C LYS S 422 19.92 61.85 -43.96
N ARG S 423 19.19 61.61 -42.87
CA ARG S 423 19.73 61.91 -41.55
C ARG S 423 20.95 61.04 -41.23
N LEU S 424 20.93 59.76 -41.63
CA LEU S 424 22.08 58.88 -41.44
C LEU S 424 23.31 59.41 -42.18
N ILE S 425 23.15 59.71 -43.47
CA ILE S 425 24.30 60.12 -44.27
C ILE S 425 24.83 61.46 -43.81
N ASN S 426 23.95 62.43 -43.55
CA ASN S 426 24.39 63.73 -43.08
C ASN S 426 25.00 63.65 -41.69
N GLY S 427 24.47 62.80 -40.81
CA GLY S 427 25.08 62.63 -39.51
C GLY S 427 26.45 61.99 -39.58
N SER S 428 26.63 61.02 -40.47
CA SER S 428 27.94 60.40 -40.63
C SER S 428 28.96 61.38 -41.18
N ILE S 429 28.57 62.18 -42.18
CA ILE S 429 29.50 63.15 -42.75
C ILE S 429 29.84 64.25 -41.74
N GLU S 430 28.84 64.74 -41.01
CA GLU S 430 29.08 65.77 -39.99
C GLU S 430 29.94 65.24 -38.85
N ARG S 431 29.71 64.01 -38.43
CA ARG S 431 30.55 63.39 -37.40
C ARG S 431 31.99 63.22 -37.89
N ALA S 432 32.17 62.84 -39.15
CA ALA S 432 33.51 62.73 -39.71
C ALA S 432 34.21 64.09 -39.73
N ILE S 433 33.48 65.14 -40.12
CA ILE S 433 34.08 66.47 -40.20
C ILE S 433 34.43 66.99 -38.80
N LYS S 434 33.57 66.72 -37.82
CA LYS S 434 33.86 67.14 -36.44
C LYS S 434 35.04 66.38 -35.85
N PHE S 435 35.17 65.08 -36.17
CA PHE S 435 36.35 64.34 -35.76
C PHE S 435 37.61 64.91 -36.39
N ARG S 436 37.53 65.30 -37.67
CA ARG S 436 38.68 65.89 -38.36
C ARG S 436 39.07 67.22 -37.72
N LYS S 437 38.07 68.03 -37.36
CA LYS S 437 38.38 69.30 -36.72
C LYS S 437 39.03 69.12 -35.36
N GLU S 438 38.56 68.19 -34.52
CA GLU S 438 39.38 68.02 -33.32
C GLU S 438 40.68 67.29 -33.50
N ILE S 439 40.86 66.45 -34.52
CA ILE S 439 42.19 65.86 -34.56
C ILE S 439 43.22 66.91 -34.99
N LYS S 440 42.85 67.84 -35.89
CA LYS S 440 43.74 68.98 -36.08
C LYS S 440 43.79 69.91 -34.88
N ARG S 441 42.74 69.98 -34.06
CA ARG S 441 42.79 70.82 -32.88
C ARG S 441 43.70 70.23 -31.80
N LEU S 442 43.60 68.93 -31.56
CA LEU S 442 44.46 68.25 -30.61
C LEU S 442 45.91 68.22 -31.07
N ARG S 443 46.14 68.28 -32.38
CA ARG S 443 47.52 68.42 -32.85
C ARG S 443 48.14 69.73 -32.36
N THR S 444 47.40 70.82 -32.42
CA THR S 444 47.92 72.11 -31.95
C THR S 444 47.73 72.29 -30.45
N GLU S 445 46.99 71.41 -29.79
CA GLU S 445 46.82 71.51 -28.36
C GLU S 445 47.91 70.77 -27.60
N SER S 446 48.40 69.65 -28.15
CA SER S 446 49.31 68.78 -27.44
C SER S 446 50.73 69.34 -27.46
N ASP S 447 51.58 68.70 -26.69
CA ASP S 447 53.00 69.02 -26.63
C ASP S 447 53.80 68.04 -27.49
N GLY S 448 54.87 68.55 -28.11
CA GLY S 448 55.71 67.71 -28.94
C GLY S 448 54.98 67.25 -30.19
N TRP S 449 55.01 65.95 -30.43
CA TRP S 449 54.41 65.37 -31.62
C TRP S 449 52.96 65.01 -31.37
N PHE S 450 52.20 64.92 -32.46
CA PHE S 450 50.85 64.37 -32.41
C PHE S 450 50.49 63.86 -33.80
N PHE S 451 49.41 63.08 -33.85
CA PHE S 451 48.90 62.57 -35.11
C PHE S 451 48.36 63.71 -35.96
N ASP S 452 48.79 63.74 -37.22
CA ASP S 452 48.25 64.65 -38.22
C ASP S 452 47.22 63.88 -39.03
N VAL S 453 46.33 64.61 -39.69
CA VAL S 453 45.38 64.01 -40.62
C VAL S 453 45.46 64.69 -41.97
N TRP S 454 45.58 63.87 -43.00
CA TRP S 454 45.91 64.28 -44.36
C TRP S 454 44.66 64.89 -44.99
N GLN S 455 44.50 66.19 -44.78
CA GLN S 455 43.30 66.91 -45.17
C GLN S 455 43.66 68.38 -45.31
N PRO S 456 42.84 69.18 -46.01
CA PRO S 456 43.15 70.61 -46.16
C PRO S 456 43.24 71.34 -44.83
N ASP S 457 44.10 72.36 -44.80
CA ASP S 457 44.38 73.08 -43.57
C ASP S 457 43.18 73.81 -43.01
N HIS S 458 42.27 74.29 -43.87
CA HIS S 458 41.03 74.92 -43.44
C HIS S 458 39.86 74.13 -43.99
N ILE S 459 39.22 73.34 -43.13
CA ILE S 459 37.97 72.68 -43.45
C ILE S 459 36.94 73.09 -42.40
N ASP S 460 35.84 73.63 -42.86
CA ASP S 460 34.73 73.95 -41.97
C ASP S 460 33.36 73.78 -42.62
N THR S 461 33.30 73.38 -43.88
CA THR S 461 32.06 73.21 -44.60
C THR S 461 31.88 71.74 -44.98
N THR S 462 30.62 71.34 -45.17
CA THR S 462 30.28 69.96 -45.50
C THR S 462 30.31 69.80 -47.02
N GLU S 463 31.51 69.62 -47.55
CA GLU S 463 31.69 69.39 -48.97
C GLU S 463 32.89 68.49 -49.16
N CYS S 464 32.95 67.86 -50.33
CA CYS S 464 34.16 67.16 -50.74
C CYS S 464 35.23 68.18 -51.07
N TRP S 465 36.24 68.28 -50.22
CA TRP S 465 37.20 69.37 -50.36
C TRP S 465 38.11 69.11 -51.55
N PRO S 466 38.12 70.01 -52.55
CA PRO S 466 38.87 69.74 -53.77
C PRO S 466 40.37 69.82 -53.54
N LEU S 467 41.11 68.99 -54.25
CA LEU S 467 42.56 68.98 -54.16
C LEU S 467 43.09 70.04 -55.11
N ARG S 468 43.56 71.15 -54.55
CA ARG S 468 43.97 72.30 -55.35
C ARG S 468 45.46 72.26 -55.58
N SER S 469 45.87 72.69 -56.78
CA SER S 469 47.29 72.74 -57.12
C SER S 469 48.04 73.81 -56.35
N ASP S 470 47.32 74.78 -55.76
CA ASP S 470 47.93 75.88 -55.04
C ASP S 470 48.14 75.56 -53.57
N SER S 471 47.93 74.30 -53.16
CA SER S 471 48.13 73.88 -51.79
C SER S 471 48.99 72.62 -51.79
N THR S 472 49.56 72.32 -50.62
CA THR S 472 50.52 71.23 -50.54
C THR S 472 50.18 70.20 -49.45
N TRP S 473 48.94 70.19 -48.96
CA TRP S 473 48.58 69.20 -47.96
C TRP S 473 48.48 67.81 -48.54
N HIS S 474 48.10 67.69 -49.82
CA HIS S 474 47.95 66.37 -50.42
C HIS S 474 49.28 65.75 -50.80
N GLY S 475 50.14 66.50 -51.47
CA GLY S 475 51.45 66.01 -51.87
C GLY S 475 51.58 65.60 -53.32
N PHE S 476 50.48 65.49 -54.04
CA PHE S 476 50.54 65.17 -55.47
C PHE S 476 51.00 66.43 -56.21
N LYS S 477 52.19 66.38 -56.78
CA LYS S 477 52.77 67.54 -57.44
C LYS S 477 52.14 67.76 -58.81
N ASN S 478 51.95 69.03 -59.16
CA ASN S 478 51.40 69.48 -60.45
C ASN S 478 50.03 68.85 -60.72
N ILE S 479 49.22 68.75 -59.67
CA ILE S 479 47.91 68.14 -59.78
C ILE S 479 46.96 69.08 -60.50
N ASP S 480 45.98 68.51 -61.18
CA ASP S 480 45.01 69.26 -61.96
C ASP S 480 43.87 69.73 -61.07
N ASN S 481 43.41 70.95 -61.30
CA ASN S 481 42.38 71.55 -60.45
C ASN S 481 41.00 71.03 -60.82
N GLU S 482 40.20 70.76 -59.78
CA GLU S 482 38.91 70.07 -59.89
C GLU S 482 39.01 68.78 -60.69
N HIS S 483 39.82 67.87 -60.17
CA HIS S 483 39.84 66.49 -60.64
C HIS S 483 39.73 65.58 -59.44
N MET S 484 40.11 66.08 -58.26
CA MET S 484 40.08 65.30 -57.04
C MET S 484 39.27 66.00 -55.97
N TYR S 485 38.58 65.18 -55.18
CA TYR S 485 37.67 65.63 -54.12
C TYR S 485 37.83 64.66 -52.97
N LEU S 486 38.25 65.16 -51.82
CA LEU S 486 38.45 64.31 -50.66
C LEU S 486 37.12 63.88 -50.07
N ASP S 487 36.98 62.60 -49.83
CA ASP S 487 35.80 62.12 -49.14
C ASP S 487 35.97 62.33 -47.64
N PRO S 488 35.09 63.10 -46.99
CA PRO S 488 35.31 63.42 -45.57
C PRO S 488 35.23 62.22 -44.63
N ILE S 489 34.57 61.13 -45.01
CA ILE S 489 34.38 60.04 -44.04
C ILE S 489 35.47 58.98 -44.08
N LYS S 490 36.41 59.08 -45.01
CA LYS S 490 37.55 58.17 -45.03
C LYS S 490 38.75 58.93 -44.46
N VAL S 491 38.81 58.98 -43.13
CA VAL S 491 39.81 59.77 -42.44
C VAL S 491 41.13 59.01 -42.47
N THR S 492 42.16 59.66 -42.98
CA THR S 492 43.50 59.09 -43.06
C THR S 492 44.37 59.83 -42.07
N LEU S 493 44.58 59.22 -40.90
CA LEU S 493 45.52 59.80 -39.95
C LEU S 493 46.95 59.68 -40.46
N LEU S 494 47.82 60.49 -39.88
CA LEU S 494 49.23 60.45 -40.21
C LEU S 494 50.02 60.37 -38.91
N THR S 495 51.19 59.77 -39.00
CA THR S 495 52.10 59.64 -37.88
C THR S 495 53.36 60.43 -38.16
N PRO S 496 54.12 60.80 -37.14
CA PRO S 496 55.39 61.51 -37.37
C PRO S 496 56.38 60.66 -38.14
N GLY S 497 57.25 61.34 -38.88
CA GLY S 497 58.25 60.67 -39.68
C GLY S 497 58.44 61.31 -41.04
N MET S 498 57.42 62.01 -41.52
CA MET S 498 57.44 62.65 -42.82
C MET S 498 57.41 64.16 -42.65
N GLU S 499 58.23 64.85 -43.43
CA GLU S 499 58.10 66.30 -43.53
C GLU S 499 57.06 66.65 -44.58
N LYS S 500 56.74 67.95 -44.68
CA LYS S 500 55.68 68.39 -45.58
C LYS S 500 56.11 68.36 -47.04
N ASP S 501 57.40 68.57 -47.32
CA ASP S 501 57.88 68.57 -48.70
C ASP S 501 58.11 67.18 -49.25
N GLY S 502 58.03 66.15 -48.42
CA GLY S 502 58.19 64.77 -48.85
C GLY S 502 59.37 64.05 -48.26
N THR S 503 60.38 64.77 -47.78
CA THR S 503 61.53 64.12 -47.18
C THR S 503 61.16 63.56 -45.80
N MET S 504 62.01 62.68 -45.30
CA MET S 504 61.76 62.03 -44.03
C MET S 504 62.35 62.83 -42.88
N SER S 505 61.67 62.78 -41.74
CA SER S 505 62.15 63.40 -40.52
C SER S 505 63.11 62.44 -39.82
N ASP S 506 63.52 62.80 -38.60
CA ASP S 506 64.34 61.94 -37.77
C ASP S 506 63.53 61.16 -36.74
N PHE S 507 62.64 61.84 -36.03
CA PHE S 507 61.76 61.19 -35.07
C PHE S 507 60.49 60.75 -35.77
N GLY S 508 60.13 59.48 -35.61
CA GLY S 508 58.96 58.96 -36.29
C GLY S 508 58.47 57.68 -35.70
N ILE S 509 57.18 57.40 -35.94
CA ILE S 509 56.55 56.15 -35.55
C ILE S 509 55.88 55.60 -36.81
N PRO S 510 56.31 54.47 -37.35
CA PRO S 510 55.55 53.85 -38.44
C PRO S 510 54.21 53.33 -37.94
N ALA S 511 53.22 53.37 -38.83
CA ALA S 511 51.83 53.18 -38.46
C ALA S 511 51.51 51.75 -38.04
N SER S 512 52.41 50.79 -38.25
CA SER S 512 52.19 49.43 -37.80
C SER S 512 52.09 49.33 -36.28
N ILE S 513 52.95 50.07 -35.56
CA ILE S 513 52.90 50.08 -34.10
C ILE S 513 51.59 50.68 -33.61
N VAL S 514 51.16 51.79 -34.21
CA VAL S 514 49.91 52.40 -33.80
C VAL S 514 48.73 51.47 -34.07
N ALA S 515 48.72 50.82 -35.24
CA ALA S 515 47.63 49.88 -35.55
C ALA S 515 47.62 48.70 -34.59
N LYS S 516 48.81 48.17 -34.27
CA LYS S 516 48.87 47.05 -33.32
C LYS S 516 48.44 47.47 -31.93
N TYR S 517 48.77 48.70 -31.52
CA TYR S 517 48.33 49.17 -30.22
C TYR S 517 46.81 49.31 -30.19
N LEU S 518 46.24 49.87 -31.25
CA LEU S 518 44.80 50.02 -31.32
C LEU S 518 44.09 48.68 -31.32
N ASP S 519 44.67 47.70 -32.03
CA ASP S 519 44.14 46.34 -31.99
C ASP S 519 44.26 45.73 -30.60
N GLU S 520 45.32 46.07 -29.86
CA GLU S 520 45.42 45.60 -28.48
C GLU S 520 44.32 46.18 -27.61
N HIS S 521 43.99 47.46 -27.81
CA HIS S 521 42.95 48.10 -27.02
C HIS S 521 41.57 47.97 -27.63
N GLY S 522 41.39 47.07 -28.58
CA GLY S 522 40.05 46.71 -29.00
C GLY S 522 39.38 47.63 -29.99
N ILE S 523 40.16 48.30 -30.85
CA ILE S 523 39.62 49.04 -31.98
C ILE S 523 40.45 48.67 -33.21
N VAL S 524 39.78 48.49 -34.34
CA VAL S 524 40.40 47.90 -35.53
C VAL S 524 40.57 48.97 -36.59
N VAL S 525 41.77 49.05 -37.15
CA VAL S 525 42.07 49.94 -38.26
C VAL S 525 41.85 49.17 -39.55
N GLU S 526 41.36 49.86 -40.59
CA GLU S 526 41.08 49.23 -41.87
C GLU S 526 42.33 48.63 -42.50
N LYS S 527 43.28 49.48 -42.93
CA LYS S 527 44.60 49.04 -43.39
C LYS S 527 45.56 50.21 -43.28
N THR S 528 46.82 49.91 -43.00
CA THR S 528 47.84 50.92 -42.78
C THR S 528 48.94 50.79 -43.80
N GLY S 529 49.55 51.92 -44.15
CA GLY S 529 50.76 51.92 -44.93
C GLY S 529 51.97 52.12 -44.04
N PRO S 530 52.96 52.85 -44.53
CA PRO S 530 54.15 53.11 -43.70
C PRO S 530 53.87 54.08 -42.57
N TYR S 531 53.17 55.18 -42.87
CA TYR S 531 52.93 56.22 -41.87
C TYR S 531 51.52 56.78 -41.96
N ASN S 532 50.56 55.97 -42.40
CA ASN S 532 49.18 56.42 -42.43
C ASN S 532 48.25 55.33 -41.93
N LEU S 533 47.14 55.75 -41.33
CA LEU S 533 46.05 54.87 -40.98
C LEU S 533 44.86 55.19 -41.87
N LEU S 534 43.76 54.48 -41.65
CA LEU S 534 42.53 54.75 -42.38
C LEU S 534 41.36 54.35 -41.51
N PHE S 535 40.36 55.21 -41.39
CA PHE S 535 39.20 54.89 -40.57
C PHE S 535 37.93 55.17 -41.36
N LEU S 536 37.16 54.13 -41.62
CA LEU S 536 35.91 54.26 -42.34
C LEU S 536 34.85 54.81 -41.39
N PHE S 537 34.46 56.08 -41.58
CA PHE S 537 33.38 56.66 -40.80
C PHE S 537 32.07 56.44 -41.55
N SER S 538 31.62 55.19 -41.55
CA SER S 538 30.40 54.83 -42.26
C SER S 538 29.20 55.24 -41.42
N ILE S 539 28.01 54.78 -41.82
CA ILE S 539 26.80 55.09 -41.08
C ILE S 539 26.73 54.41 -39.72
N GLY S 540 27.57 53.40 -39.49
CA GLY S 540 27.57 52.75 -38.19
C GLY S 540 28.28 53.52 -37.10
N ILE S 541 29.16 54.45 -37.47
CA ILE S 541 30.00 55.13 -36.49
C ILE S 541 29.17 56.18 -35.76
N ASP S 542 29.09 56.07 -34.44
CA ASP S 542 28.54 57.11 -33.58
C ASP S 542 29.67 57.70 -32.74
N LYS S 543 29.32 58.66 -31.88
CA LYS S 543 30.34 59.38 -31.14
C LYS S 543 31.00 58.55 -30.05
N THR S 544 30.39 57.43 -29.65
CA THR S 544 31.04 56.51 -28.72
C THR S 544 32.31 55.94 -29.32
N LYS S 545 32.20 55.39 -30.53
CA LYS S 545 33.37 54.82 -31.21
C LYS S 545 34.40 55.88 -31.54
N ALA S 546 33.94 57.05 -32.00
CA ALA S 546 34.86 58.13 -32.34
C ALA S 546 35.65 58.60 -31.13
N LEU S 547 34.99 58.78 -29.99
CA LEU S 547 35.69 59.19 -28.80
C LEU S 547 36.62 58.11 -28.26
N SER S 548 36.21 56.84 -28.36
CA SER S 548 37.09 55.76 -27.95
C SER S 548 38.34 55.70 -28.82
N LEU S 549 38.18 55.95 -30.13
CA LEU S 549 39.34 55.98 -31.00
C LEU S 549 40.28 57.14 -30.67
N LEU S 550 39.71 58.34 -30.46
CA LEU S 550 40.53 59.50 -30.17
C LEU S 550 41.30 59.30 -28.87
N ARG S 551 40.65 58.57 -27.96
CA ARG S 551 41.15 58.28 -26.61
C ARG S 551 41.95 56.98 -26.50
N ALA S 552 42.10 56.22 -27.59
CA ALA S 552 43.14 55.22 -27.79
C ALA S 552 44.38 55.86 -28.40
N LEU S 553 44.17 56.83 -29.29
CA LEU S 553 45.28 57.62 -29.83
C LEU S 553 46.00 58.39 -28.73
N THR S 554 45.23 59.03 -27.83
CA THR S 554 45.84 59.80 -26.75
C THR S 554 46.57 58.91 -25.74
N ASP S 555 46.00 57.76 -25.39
CA ASP S 555 46.66 56.84 -24.49
C ASP S 555 47.92 56.26 -25.12
N PHE S 556 47.93 56.06 -26.43
CA PHE S 556 49.17 55.69 -27.10
C PHE S 556 50.20 56.79 -26.99
N LYS S 557 49.78 58.05 -27.13
CA LYS S 557 50.72 59.16 -27.00
C LYS S 557 51.33 59.19 -25.60
N ARG S 558 50.49 59.01 -24.59
CA ARG S 558 50.98 59.02 -23.21
C ARG S 558 51.90 57.84 -22.93
N ALA S 559 51.55 56.66 -23.44
CA ALA S 559 52.38 55.48 -23.24
C ALA S 559 53.68 55.54 -24.04
N PHE S 560 53.71 56.26 -25.14
CA PHE S 560 54.94 56.42 -25.92
C PHE S 560 55.86 57.47 -25.32
N ASP S 561 55.30 58.57 -24.82
CA ASP S 561 56.12 59.54 -24.10
C ASP S 561 56.67 58.98 -22.80
N LEU S 562 55.87 58.18 -22.08
CA LEU S 562 56.36 57.51 -20.90
C LEU S 562 57.32 56.38 -21.25
N ASN S 563 57.28 55.89 -22.49
CA ASN S 563 58.16 54.84 -23.01
C ASN S 563 58.03 53.55 -22.20
N LEU S 564 56.82 52.99 -22.25
CA LEU S 564 56.57 51.72 -21.62
C LEU S 564 57.22 50.59 -22.43
N ARG S 565 57.45 49.47 -21.77
CA ARG S 565 58.06 48.32 -22.42
C ARG S 565 57.06 47.65 -23.36
N VAL S 566 57.60 46.88 -24.31
CA VAL S 566 56.78 46.16 -25.28
C VAL S 566 55.96 45.08 -24.57
N LYS S 567 56.52 44.47 -23.53
CA LYS S 567 55.83 43.39 -22.80
C LYS S 567 54.55 43.90 -22.15
N ASN S 568 54.59 45.05 -21.50
CA ASN S 568 53.40 45.56 -20.83
C ASN S 568 52.39 46.15 -21.80
N MET S 569 52.86 46.88 -22.81
CA MET S 569 51.92 47.63 -23.64
C MET S 569 51.38 46.79 -24.81
N LEU S 570 52.23 45.96 -25.40
CA LEU S 570 51.85 45.15 -26.56
C LEU S 570 52.11 43.68 -26.25
N PRO S 571 51.26 43.05 -25.43
CA PRO S 571 51.43 41.61 -25.19
C PRO S 571 51.17 40.76 -26.41
N SER S 572 50.27 41.17 -27.30
CA SER S 572 50.02 40.42 -28.53
C SER S 572 51.22 40.43 -29.46
N LEU S 573 51.99 41.52 -29.47
CA LEU S 573 53.25 41.54 -30.20
C LEU S 573 54.38 40.94 -29.40
N TYR S 574 54.28 40.97 -28.06
CA TYR S 574 55.24 40.29 -27.21
C TYR S 574 55.23 38.79 -27.44
N ARG S 575 54.04 38.20 -27.62
CA ARG S 575 53.90 36.77 -27.81
C ARG S 575 54.39 36.30 -29.17
N GLU S 576 54.71 37.22 -30.09
CA GLU S 576 55.28 36.81 -31.38
C GLU S 576 56.64 36.16 -31.20
N ASP S 577 57.50 36.76 -30.39
CA ASP S 577 58.76 36.14 -29.98
C ASP S 577 59.19 36.76 -28.67
N PRO S 578 58.82 36.15 -27.54
CA PRO S 578 59.15 36.74 -26.23
C PRO S 578 60.63 36.89 -25.95
N GLU S 579 61.49 36.11 -26.60
CA GLU S 579 62.92 36.25 -26.39
C GLU S 579 63.45 37.57 -26.95
N PHE S 580 62.86 38.04 -28.05
CA PHE S 580 63.35 39.24 -28.71
C PHE S 580 62.80 40.51 -28.06
N TYR S 581 61.52 40.55 -27.75
CA TYR S 581 60.86 41.73 -27.19
C TYR S 581 60.88 41.75 -25.67
N GLU S 582 61.85 41.09 -25.04
CA GLU S 582 61.85 40.99 -23.58
C GLU S 582 62.26 42.30 -22.93
N ASN S 583 63.41 42.86 -23.34
CA ASN S 583 63.98 44.05 -22.73
C ASN S 583 64.06 45.21 -23.72
N MET S 584 63.00 45.41 -24.50
CA MET S 584 62.96 46.46 -25.49
C MET S 584 61.85 47.46 -25.16
N ARG S 585 62.19 48.74 -25.19
CA ARG S 585 61.22 49.80 -25.00
C ARG S 585 60.55 50.16 -26.32
N ILE S 586 59.41 50.83 -26.23
CA ILE S 586 58.67 51.16 -27.44
C ILE S 586 59.37 52.25 -28.25
N GLN S 587 60.01 53.20 -27.59
CA GLN S 587 60.74 54.24 -28.32
C GLN S 587 61.91 53.66 -29.10
N GLU S 588 62.62 52.69 -28.52
CA GLU S 588 63.70 52.02 -29.24
C GLU S 588 63.18 51.25 -30.44
N LEU S 589 62.05 50.56 -30.29
CA LEU S 589 61.48 49.80 -31.40
C LEU S 589 61.02 50.72 -32.53
N ALA S 590 60.31 51.79 -32.18
CA ALA S 590 59.85 52.74 -33.19
C ALA S 590 61.02 53.42 -33.88
N GLN S 591 62.04 53.81 -33.11
CA GLN S 591 63.23 54.42 -33.69
C GLN S 591 63.96 53.45 -34.60
N ASN S 592 64.01 52.17 -34.23
CA ASN S 592 64.72 51.19 -35.05
C ASN S 592 64.00 50.94 -36.36
N ILE S 593 62.67 50.78 -36.34
CA ILE S 593 61.96 50.56 -37.59
C ILE S 593 61.99 51.82 -38.45
N HIS S 594 61.90 53.00 -37.82
CA HIS S 594 62.02 54.25 -38.57
C HIS S 594 63.39 54.40 -39.20
N LYS S 595 64.46 54.00 -38.49
CA LYS S 595 65.80 54.06 -39.07
C LYS S 595 65.98 53.04 -40.18
N LEU S 596 65.33 51.88 -40.06
CA LEU S 596 65.34 50.91 -41.16
C LEU S 596 64.64 51.48 -42.40
N ILE S 597 63.57 52.24 -42.20
CA ILE S 597 62.92 52.89 -43.34
C ILE S 597 63.79 54.00 -43.92
N VAL S 598 64.39 54.82 -43.05
CA VAL S 598 65.19 55.96 -43.51
C VAL S 598 66.47 55.53 -44.23
N HIS S 599 67.25 54.62 -43.65
CA HIS S 599 68.53 54.23 -44.23
C HIS S 599 68.36 53.52 -45.55
N HIS S 600 67.30 52.72 -45.68
CA HIS S 600 66.98 52.04 -46.93
C HIS S 600 66.20 52.93 -47.89
N ASN S 601 65.79 54.12 -47.45
CA ASN S 601 65.11 55.13 -48.27
C ASN S 601 63.83 54.57 -48.90
N LEU S 602 62.88 54.21 -48.03
CA LEU S 602 61.64 53.59 -48.49
C LEU S 602 60.78 54.47 -49.38
N PRO S 603 60.44 55.73 -49.03
CA PRO S 603 59.47 56.46 -49.87
C PRO S 603 60.00 56.83 -51.24
N ASP S 604 61.29 57.13 -51.38
CA ASP S 604 61.82 57.45 -52.69
C ASP S 604 61.79 56.23 -53.62
N LEU S 605 62.15 55.06 -53.08
CA LEU S 605 62.04 53.82 -53.86
C LEU S 605 60.59 53.49 -54.19
N MET S 606 59.68 53.66 -53.22
CA MET S 606 58.27 53.39 -53.45
C MET S 606 57.66 54.33 -54.48
N TYR S 607 58.19 55.56 -54.57
CA TYR S 607 57.76 56.47 -55.60
C TYR S 607 58.31 56.08 -56.97
N ARG S 608 59.63 55.96 -57.07
CA ARG S 608 60.28 55.71 -58.35
C ARG S 608 59.98 54.31 -58.91
N ALA S 609 59.53 53.37 -58.08
CA ALA S 609 59.12 52.08 -58.60
C ALA S 609 57.77 52.14 -59.30
N PHE S 610 56.86 52.98 -58.82
CA PHE S 610 55.55 53.08 -59.43
C PHE S 610 55.46 54.17 -60.49
N GLU S 611 56.49 55.00 -60.64
CA GLU S 611 56.51 55.92 -61.77
C GLU S 611 57.03 55.28 -63.06
N VAL S 612 57.45 54.02 -63.01
CA VAL S 612 57.91 53.31 -64.20
C VAL S 612 57.07 52.04 -64.37
N LEU S 613 56.51 51.89 -65.57
CA LEU S 613 55.66 50.77 -65.92
C LEU S 613 56.48 49.60 -66.46
N PRO S 614 56.27 48.39 -65.94
CA PRO S 614 56.96 47.22 -66.49
C PRO S 614 56.52 46.93 -67.92
N THR S 615 57.44 46.34 -68.68
CA THR S 615 57.23 46.09 -70.11
C THR S 615 56.28 44.92 -70.30
N MET S 616 55.18 45.16 -71.02
CA MET S 616 54.19 44.13 -71.32
C MET S 616 54.69 43.25 -72.46
N VAL S 617 55.21 42.07 -72.13
CA VAL S 617 55.58 41.13 -73.18
C VAL S 617 54.35 40.47 -73.78
N MET S 618 53.43 40.01 -72.93
CA MET S 618 52.22 39.34 -73.39
C MET S 618 51.07 39.72 -72.47
N THR S 619 49.87 39.53 -72.99
CA THR S 619 48.65 39.81 -72.23
C THR S 619 48.54 38.87 -71.03
N PRO S 620 47.92 39.33 -69.93
CA PRO S 620 47.77 38.45 -68.76
C PRO S 620 46.96 37.19 -69.03
N TYR S 621 46.07 37.20 -70.02
CA TYR S 621 45.39 35.97 -70.42
C TYR S 621 46.39 34.95 -70.93
N ALA S 622 47.35 35.38 -71.75
CA ALA S 622 48.39 34.48 -72.22
C ALA S 622 49.31 34.03 -71.09
N ALA S 623 49.54 34.91 -70.11
CA ALA S 623 50.33 34.52 -68.94
C ALA S 623 49.63 33.43 -68.14
N PHE S 624 48.31 33.56 -67.95
CA PHE S 624 47.56 32.51 -67.28
C PHE S 624 47.52 31.23 -68.10
N GLN S 625 47.45 31.35 -69.43
CA GLN S 625 47.48 30.17 -70.28
C GLN S 625 48.81 29.42 -70.17
N LYS S 626 49.92 30.16 -70.16
CA LYS S 626 51.21 29.52 -69.97
C LYS S 626 51.41 29.01 -68.55
N GLU S 627 50.73 29.62 -67.58
CA GLU S 627 50.82 29.16 -66.20
C GLU S 627 50.07 27.84 -66.02
N LEU S 628 48.93 27.69 -66.68
CA LEU S 628 48.17 26.45 -66.59
C LEU S 628 48.88 25.26 -67.21
N HIS S 629 49.72 25.48 -68.22
CA HIS S 629 50.41 24.40 -68.90
C HIS S 629 51.69 23.98 -68.17
N GLY S 630 51.91 24.47 -66.96
CA GLY S 630 53.08 24.07 -66.20
C GLY S 630 54.39 24.64 -66.68
N MET S 631 54.35 25.78 -67.37
CA MET S 631 55.55 26.42 -67.90
C MET S 631 56.13 27.45 -66.95
N THR S 632 55.94 27.25 -65.65
CA THR S 632 56.37 28.21 -64.63
C THR S 632 57.46 27.61 -63.78
N GLU S 633 58.50 28.40 -63.52
CA GLU S 633 59.59 28.04 -62.63
C GLU S 633 59.75 29.13 -61.58
N GLU S 634 60.26 28.73 -60.41
CA GLU S 634 60.42 29.64 -59.29
C GLU S 634 61.89 30.06 -59.21
N VAL S 635 62.23 31.15 -59.89
CA VAL S 635 63.58 31.71 -59.83
C VAL S 635 63.61 32.59 -58.59
N TYR S 636 64.79 32.85 -58.05
CA TYR S 636 64.89 33.73 -56.90
C TYR S 636 64.64 35.18 -57.31
N LEU S 637 64.50 36.03 -56.29
CA LEU S 637 64.05 37.40 -56.52
C LEU S 637 65.06 38.22 -57.30
N ASP S 638 66.36 38.05 -57.03
CA ASP S 638 67.39 38.88 -57.62
C ASP S 638 67.56 38.66 -59.11
N GLU S 639 67.28 37.46 -59.61
CA GLU S 639 67.52 37.10 -61.00
C GLU S 639 66.23 37.13 -61.81
N MET S 640 65.36 38.08 -61.51
CA MET S 640 64.04 38.16 -62.13
C MET S 640 63.97 39.14 -63.28
N VAL S 641 65.02 39.93 -63.52
CA VAL S 641 65.01 40.86 -64.65
C VAL S 641 65.14 40.08 -65.95
N GLY S 642 64.41 40.53 -66.97
CA GLY S 642 64.37 39.81 -68.23
C GLY S 642 63.49 38.61 -68.25
N ARG S 643 62.74 38.35 -67.17
CA ARG S 643 61.87 37.19 -67.07
C ARG S 643 60.41 37.64 -67.03
N ILE S 644 59.55 36.86 -67.67
CA ILE S 644 58.13 37.17 -67.76
C ILE S 644 57.46 36.64 -66.51
N ASN S 645 56.75 37.52 -65.80
CA ASN S 645 56.09 37.13 -64.56
C ASN S 645 54.78 36.41 -64.83
N ALA S 646 54.54 35.34 -64.06
CA ALA S 646 53.34 34.54 -64.22
C ALA S 646 52.25 34.86 -63.20
N ASN S 647 52.63 35.19 -61.97
CA ASN S 647 51.68 35.56 -60.94
C ASN S 647 51.89 37.01 -60.55
N MET S 648 50.80 37.66 -60.16
CA MET S 648 50.83 39.08 -59.80
C MET S 648 51.64 39.28 -58.54
N ILE S 649 52.44 40.35 -58.51
CA ILE S 649 53.18 40.75 -57.33
C ILE S 649 52.46 41.95 -56.71
N LEU S 650 51.96 41.76 -55.49
CA LEU S 650 51.17 42.77 -54.79
C LEU S 650 51.85 43.08 -53.46
N PRO S 651 52.72 44.09 -53.40
CA PRO S 651 53.44 44.37 -52.15
C PRO S 651 52.68 45.30 -51.22
N TYR S 652 52.74 44.98 -49.93
CA TYR S 652 52.26 45.86 -48.87
C TYR S 652 53.46 46.39 -48.12
N PRO S 653 53.78 47.70 -48.15
CA PRO S 653 53.14 48.85 -48.81
C PRO S 653 53.25 48.82 -50.33
N PRO S 654 52.33 49.50 -51.05
CA PRO S 654 51.16 50.22 -50.52
C PRO S 654 49.85 49.44 -50.58
N GLY S 655 49.71 48.52 -51.53
CA GLY S 655 48.45 47.81 -51.69
C GLY S 655 47.87 47.93 -53.08
N VAL S 656 48.72 48.19 -54.07
CA VAL S 656 48.29 48.34 -55.45
C VAL S 656 49.15 47.41 -56.30
N PRO S 657 48.58 46.74 -57.33
CA PRO S 657 49.39 45.82 -58.16
C PRO S 657 50.57 46.47 -58.85
N LEU S 658 51.76 45.99 -58.48
CA LEU S 658 53.01 46.54 -58.98
C LEU S 658 53.45 45.87 -60.28
N VAL S 659 53.63 44.55 -60.26
CA VAL S 659 53.93 43.77 -61.46
C VAL S 659 52.71 42.93 -61.79
N MET S 660 52.21 43.07 -63.02
CA MET S 660 51.08 42.30 -63.48
C MET S 660 51.55 40.95 -64.01
N PRO S 661 50.65 39.96 -64.08
CA PRO S 661 51.00 38.71 -64.76
C PRO S 661 51.22 38.93 -66.25
N GLY S 662 52.40 38.54 -66.74
CA GLY S 662 52.74 38.70 -68.13
C GLY S 662 53.61 39.89 -68.47
N GLU S 663 54.18 40.57 -67.47
CA GLU S 663 55.01 41.74 -67.70
C GLU S 663 56.44 41.47 -67.22
N MET S 664 57.39 42.09 -67.93
CA MET S 664 58.81 41.88 -67.70
C MET S 664 59.40 43.10 -67.01
N ILE S 665 60.27 42.86 -66.02
CA ILE S 665 61.06 43.92 -65.43
C ILE S 665 62.34 44.08 -66.24
N THR S 666 62.45 45.20 -66.95
CA THR S 666 63.60 45.47 -67.80
C THR S 666 64.60 46.32 -67.03
N GLU S 667 65.68 46.71 -67.71
CA GLU S 667 66.66 47.60 -67.10
C GLU S 667 66.12 49.00 -66.86
N GLU S 668 65.13 49.41 -67.64
CA GLU S 668 64.47 50.68 -67.39
C GLU S 668 63.59 50.66 -66.15
N SER S 669 63.23 49.47 -65.66
CA SER S 669 62.38 49.33 -64.48
C SER S 669 63.12 48.64 -63.34
N ARG S 670 64.43 48.80 -63.29
CA ARG S 670 65.21 48.28 -62.17
C ARG S 670 64.80 48.80 -60.78
N PRO S 671 64.37 50.06 -60.58
CA PRO S 671 63.88 50.45 -59.24
C PRO S 671 62.71 49.62 -58.72
N VAL S 672 61.93 48.97 -59.58
CA VAL S 672 60.96 47.99 -59.12
C VAL S 672 61.65 46.85 -58.37
N LEU S 673 62.70 46.29 -58.98
CA LEU S 673 63.46 45.23 -58.33
C LEU S 673 64.17 45.73 -57.08
N GLU S 674 64.69 46.96 -57.11
CA GLU S 674 65.31 47.54 -55.92
C GLU S 674 64.31 47.70 -54.79
N PHE S 675 63.09 48.14 -55.10
CA PHE S 675 62.05 48.28 -54.09
C PHE S 675 61.65 46.94 -53.50
N LEU S 676 61.51 45.91 -54.34
CA LEU S 676 61.15 44.58 -53.86
C LEU S 676 62.25 44.01 -52.96
N GLN S 677 63.51 44.14 -53.40
CA GLN S 677 64.63 43.65 -52.60
C GLN S 677 64.76 44.42 -51.29
N MET S 678 64.53 45.73 -51.33
CA MET S 678 64.57 46.54 -50.11
C MET S 678 63.48 46.13 -49.14
N LEU S 679 62.27 45.88 -49.64
CA LEU S 679 61.17 45.46 -48.78
C LEU S 679 61.46 44.10 -48.15
N CYS S 680 62.02 43.17 -48.93
CA CYS S 680 62.41 41.87 -48.37
C CYS S 680 63.53 42.01 -47.36
N GLU S 681 64.46 42.95 -47.59
CA GLU S 681 65.58 43.16 -46.67
C GLU S 681 65.12 43.76 -45.35
N ILE S 682 64.17 44.70 -45.39
CA ILE S 682 63.73 45.33 -44.15
C ILE S 682 62.71 44.50 -43.40
N GLY S 683 62.01 43.60 -44.08
CA GLY S 683 61.03 42.79 -43.38
C GLY S 683 61.59 41.62 -42.62
N ALA S 684 62.88 41.31 -42.78
CA ALA S 684 63.50 40.16 -42.15
C ALA S 684 64.35 40.54 -40.95
N HIS S 685 63.97 41.59 -40.21
CA HIS S 685 64.70 42.00 -39.02
C HIS S 685 63.87 41.90 -37.76
N TYR S 686 62.67 42.46 -37.76
CA TYR S 686 61.87 42.56 -36.54
C TYR S 686 60.63 41.71 -36.64
N PRO S 687 60.43 40.75 -35.72
CA PRO S 687 59.27 39.86 -35.81
C PRO S 687 57.97 40.58 -35.54
N GLY S 688 56.90 40.07 -36.14
CA GLY S 688 55.59 40.68 -36.08
C GLY S 688 55.36 41.74 -37.12
N PHE S 689 56.42 42.21 -37.79
CA PHE S 689 56.30 43.19 -38.85
C PHE S 689 56.74 42.56 -40.16
N GLU S 690 56.28 41.34 -40.40
CA GLU S 690 56.77 40.50 -41.48
C GLU S 690 56.36 41.06 -42.84
N THR S 691 57.10 40.65 -43.86
CA THR S 691 56.89 41.15 -45.21
C THR S 691 55.58 40.60 -45.77
N ASP S 692 54.75 41.49 -46.30
CA ASP S 692 53.45 41.11 -46.86
C ASP S 692 53.48 41.43 -48.35
N ILE S 693 53.93 40.47 -49.14
CA ILE S 693 53.94 40.57 -50.59
C ILE S 693 53.12 39.40 -51.13
N HIS S 694 52.06 39.70 -51.86
CA HIS S 694 51.25 38.66 -52.48
C HIS S 694 51.84 38.34 -53.84
N GLY S 695 52.44 37.16 -53.97
CA GLY S 695 53.10 36.77 -55.20
C GLY S 695 54.49 36.25 -54.95
N ALA S 696 55.20 36.87 -54.02
CA ALA S 696 56.53 36.42 -53.62
C ALA S 696 56.41 35.44 -52.47
N TYR S 697 57.09 34.31 -52.60
CA TYR S 697 56.96 33.20 -51.67
C TYR S 697 58.21 33.10 -50.81
N ARG S 698 58.03 33.06 -49.50
CA ARG S 698 59.14 33.07 -48.57
C ARG S 698 59.81 31.69 -48.54
N GLN S 699 61.14 31.69 -48.59
CA GLN S 699 61.92 30.48 -48.43
C GLN S 699 62.53 30.43 -47.03
N ALA S 700 63.19 29.32 -46.73
CA ALA S 700 63.76 29.14 -45.40
C ALA S 700 65.02 29.98 -45.19
N ASP S 701 65.82 30.16 -46.24
CA ASP S 701 67.08 30.90 -46.10
C ASP S 701 66.88 32.40 -45.96
N GLY S 702 65.72 32.92 -46.37
CA GLY S 702 65.45 34.34 -46.27
C GLY S 702 65.39 35.10 -47.59
N ARG S 703 65.49 34.41 -48.72
CA ARG S 703 65.39 35.04 -50.03
C ARG S 703 64.14 34.53 -50.73
N TYR S 704 63.35 35.45 -51.27
CA TYR S 704 62.02 35.15 -51.78
C TYR S 704 62.10 34.69 -53.24
N THR S 705 61.03 34.02 -53.68
CA THR S 705 60.93 33.49 -55.04
C THR S 705 59.66 34.00 -55.69
N VAL S 706 59.72 34.21 -57.00
CA VAL S 706 58.58 34.65 -57.80
C VAL S 706 58.41 33.70 -58.98
N LYS S 707 57.20 33.23 -59.19
CA LYS S 707 56.91 32.32 -60.30
C LYS S 707 57.00 33.06 -61.62
N VAL S 708 58.03 32.76 -62.41
CA VAL S 708 58.20 33.34 -63.72
C VAL S 708 58.00 32.25 -64.77
N LEU S 709 57.93 32.66 -66.03
CA LEU S 709 57.70 31.72 -67.12
C LEU S 709 59.02 31.13 -67.62
N LYS S 710 58.95 29.91 -68.12
CA LYS S 710 60.12 29.24 -68.66
C LYS S 710 60.51 29.85 -70.00
N GLU S 711 61.76 29.62 -70.39
CA GLU S 711 62.29 30.17 -71.64
C GLU S 711 62.28 29.12 -72.74
N MET T 1 36.62 45.33 -5.79
CA MET T 1 36.13 46.14 -6.90
C MET T 1 34.81 45.64 -7.45
N ASN T 2 33.71 46.02 -6.81
CA ASN T 2 32.39 45.75 -7.34
C ASN T 2 31.42 46.90 -7.07
N VAL T 3 31.97 48.06 -6.76
CA VAL T 3 31.10 49.20 -6.42
C VAL T 3 31.20 50.21 -7.54
N ILE T 4 30.11 50.50 -8.23
CA ILE T 4 30.11 51.41 -9.42
C ILE T 4 29.09 52.48 -9.16
N ALA T 5 29.49 53.74 -9.13
CA ALA T 5 28.60 54.76 -8.58
C ALA T 5 27.97 55.58 -9.69
N ILE T 6 26.65 55.67 -9.67
CA ILE T 6 25.92 56.40 -10.72
C ILE T 6 25.55 57.74 -10.11
N LEU T 7 25.74 58.85 -10.85
CA LEU T 7 25.31 60.18 -10.35
C LEU T 7 23.80 60.35 -10.54
N ASN T 8 23.27 61.53 -10.17
CA ASN T 8 21.83 61.77 -9.95
C ASN T 8 20.81 61.61 -11.07
N HIS T 9 19.54 61.65 -10.67
CA HIS T 9 18.42 61.51 -11.63
C HIS T 9 18.13 62.86 -12.26
N MET T 10 18.40 62.98 -13.57
CA MET T 10 18.20 64.27 -14.27
C MET T 10 16.74 64.63 -14.22
N GLY T 11 15.85 63.67 -14.50
CA GLY T 11 14.41 63.98 -14.57
C GLY T 11 13.78 63.53 -15.87
N VAL T 12 14.47 63.67 -16.99
CA VAL T 12 13.86 63.22 -18.24
C VAL T 12 14.11 61.72 -18.41
N TYR T 13 13.24 61.10 -19.20
CA TYR T 13 13.16 59.65 -19.28
C TYR T 13 14.23 59.01 -20.15
N PHE T 14 14.60 59.65 -21.27
CA PHE T 14 15.47 59.00 -22.25
C PHE T 14 16.87 58.78 -21.74
N LYS T 15 17.29 59.50 -20.69
CA LYS T 15 18.55 59.26 -20.04
C LYS T 15 18.38 58.75 -18.62
N GLU T 16 17.23 58.18 -18.30
CA GLU T 16 17.01 57.50 -17.03
C GLU T 16 16.65 56.04 -17.20
N GLU T 17 15.77 55.70 -18.13
CA GLU T 17 15.45 54.30 -18.39
C GLU T 17 16.65 53.51 -18.92
N PRO T 18 17.50 54.03 -19.82
CA PRO T 18 18.78 53.34 -20.07
C PRO T 18 19.65 53.22 -18.84
N ILE T 19 19.62 54.22 -17.94
CA ILE T 19 20.39 54.12 -16.71
C ILE T 19 19.83 53.04 -15.80
N ARG T 20 18.50 52.91 -15.73
CA ARG T 20 17.92 51.83 -14.94
C ARG T 20 18.18 50.46 -15.55
N GLU T 21 18.17 50.35 -16.88
CA GLU T 21 18.54 49.10 -17.52
C GLU T 21 19.99 48.75 -17.28
N LEU T 22 20.88 49.74 -17.30
CA LEU T 22 22.28 49.50 -16.98
C LEU T 22 22.47 49.13 -15.51
N HIS T 23 21.67 49.71 -14.62
CA HIS T 23 21.63 49.32 -13.21
C HIS T 23 21.29 47.84 -13.09
N ARG T 24 20.22 47.42 -13.76
CA ARG T 24 19.80 46.03 -13.68
C ARG T 24 20.83 45.09 -14.26
N ALA T 25 21.43 45.45 -15.39
CA ALA T 25 22.47 44.63 -16.00
C ALA T 25 23.72 44.54 -15.15
N LEU T 26 24.12 45.63 -14.50
CA LEU T 26 25.30 45.59 -13.65
C LEU T 26 25.06 44.80 -12.37
N GLU T 27 23.85 44.87 -11.81
CA GLU T 27 23.53 43.99 -10.70
C GLU T 27 23.48 42.53 -11.14
N ARG T 28 23.09 42.29 -12.39
CA ARG T 28 23.16 40.94 -12.94
C ARG T 28 24.61 40.50 -13.11
N LEU T 29 25.54 41.43 -13.34
CA LEU T 29 26.95 41.12 -13.46
C LEU T 29 27.69 41.23 -12.12
N ASN T 30 26.97 41.12 -11.01
CA ASN T 30 27.54 41.06 -9.65
C ASN T 30 28.32 42.32 -9.30
N PHE T 31 27.73 43.48 -9.57
CA PHE T 31 28.27 44.76 -9.15
C PHE T 31 27.32 45.43 -8.16
N GLN T 32 27.84 45.80 -7.00
CA GLN T 32 27.08 46.63 -6.08
C GLN T 32 26.99 48.04 -6.65
N ILE T 33 25.81 48.65 -6.54
CA ILE T 33 25.55 49.96 -7.12
C ILE T 33 25.27 50.94 -5.99
N VAL T 34 26.01 52.04 -5.97
CA VAL T 34 25.78 53.11 -5.01
C VAL T 34 25.25 54.32 -5.76
N TYR T 35 24.52 55.17 -5.02
CA TYR T 35 23.83 56.32 -5.59
C TYR T 35 24.17 57.59 -4.83
N PRO T 36 25.34 58.19 -5.09
CA PRO T 36 25.62 59.51 -4.52
C PRO T 36 24.68 60.55 -5.10
N ASN T 37 24.27 61.49 -4.24
CA ASN T 37 23.23 62.44 -4.62
C ASN T 37 23.75 63.51 -5.57
N ASP T 38 24.94 64.04 -5.31
CA ASP T 38 25.49 65.11 -6.12
C ASP T 38 27.01 65.00 -6.15
N ARG T 39 27.66 66.08 -6.60
CA ARG T 39 29.10 66.04 -6.87
C ARG T 39 29.93 65.86 -5.59
N ASP T 40 29.69 66.69 -4.58
CA ASP T 40 30.45 66.61 -3.33
C ASP T 40 30.22 65.28 -2.63
N ASP T 41 29.02 64.71 -2.80
CA ASP T 41 28.74 63.36 -2.34
C ASP T 41 29.68 62.36 -3.00
N LEU T 42 29.93 62.51 -4.30
CA LEU T 42 30.86 61.62 -4.98
C LEU T 42 32.29 61.81 -4.50
N LEU T 43 32.72 63.06 -4.29
CA LEU T 43 34.07 63.32 -3.77
C LEU T 43 34.28 62.65 -2.42
N LYS T 44 33.35 62.86 -1.49
CA LYS T 44 33.45 62.23 -0.18
C LYS T 44 33.36 60.71 -0.25
N LEU T 45 32.50 60.18 -1.13
CA LEU T 45 32.37 58.74 -1.29
C LEU T 45 33.66 58.12 -1.81
N ILE T 46 34.36 58.81 -2.70
CA ILE T 46 35.61 58.26 -3.20
C ILE T 46 36.72 58.37 -2.16
N GLU T 47 36.79 59.46 -1.37
CA GLU T 47 37.88 59.54 -0.41
C GLU T 47 37.67 58.59 0.76
N ASN T 48 36.42 58.38 1.17
CA ASN T 48 36.17 57.53 2.32
C ASN T 48 36.25 56.05 2.01
N ASN T 49 36.30 55.67 0.74
CA ASN T 49 36.27 54.28 0.35
C ASN T 49 37.43 53.96 -0.60
N ALA T 50 37.60 52.67 -0.87
CA ALA T 50 38.54 52.23 -1.88
C ALA T 50 38.00 51.13 -2.77
N ARG T 51 36.91 50.46 -2.37
CA ARG T 51 36.33 49.40 -3.18
C ARG T 51 35.59 49.91 -4.40
N LEU T 52 35.39 51.22 -4.50
CA LEU T 52 34.71 51.78 -5.66
C LEU T 52 35.60 51.65 -6.88
N CYS T 53 35.04 51.13 -7.97
CA CYS T 53 35.81 50.83 -9.17
C CYS T 53 35.17 51.42 -10.42
N GLY T 54 34.38 52.48 -10.28
CA GLY T 54 33.72 53.05 -11.43
C GLY T 54 32.71 54.11 -11.06
N VAL T 55 32.69 55.19 -11.83
CA VAL T 55 31.72 56.26 -11.66
C VAL T 55 31.02 56.45 -12.99
N ILE T 56 29.69 56.38 -12.97
CA ILE T 56 28.89 56.67 -14.13
C ILE T 56 28.22 58.01 -13.88
N PHE T 57 28.42 58.96 -14.80
CA PHE T 57 27.82 60.27 -14.65
C PHE T 57 27.44 60.78 -16.04
N ASP T 58 26.51 61.71 -16.05
CA ASP T 58 26.08 62.35 -17.28
C ASP T 58 27.04 63.48 -17.60
N TRP T 59 27.39 63.62 -18.87
CA TRP T 59 28.34 64.62 -19.31
C TRP T 59 27.70 65.98 -19.51
N ASP T 60 26.40 66.13 -19.28
CA ASP T 60 25.78 67.43 -19.45
C ASP T 60 25.77 68.22 -18.15
N LYS T 61 25.12 67.68 -17.11
CA LYS T 61 24.99 68.43 -15.86
C LYS T 61 26.29 68.50 -15.07
N TYR T 62 27.23 67.60 -15.32
CA TYR T 62 28.52 67.61 -14.64
C TYR T 62 29.62 67.70 -15.68
N ASN T 63 30.45 68.72 -15.54
CA ASN T 63 31.49 69.00 -16.53
C ASN T 63 32.65 68.04 -16.32
N LEU T 64 33.74 68.25 -17.07
CA LEU T 64 34.89 67.36 -17.03
C LEU T 64 35.90 67.73 -15.97
N GLU T 65 35.65 68.78 -15.19
CA GLU T 65 36.48 69.04 -14.02
C GLU T 65 36.21 68.03 -12.91
N LEU T 66 35.02 67.43 -12.91
CA LEU T 66 34.75 66.22 -12.13
C LEU T 66 35.20 64.99 -12.92
N CYS T 67 36.40 65.09 -13.47
CA CYS T 67 37.18 63.95 -13.89
C CYS T 67 38.58 64.24 -13.37
N GLU T 68 38.93 65.52 -13.38
CA GLU T 68 40.23 65.96 -12.93
C GLU T 68 40.35 65.89 -11.42
N GLU T 69 39.29 66.22 -10.69
CA GLU T 69 39.33 66.10 -9.24
C GLU T 69 39.49 64.65 -8.81
N ILE T 70 38.76 63.74 -9.46
CA ILE T 70 38.90 62.31 -9.17
C ILE T 70 40.27 61.82 -9.60
N SER T 71 40.84 62.37 -10.66
CA SER T 71 42.21 62.05 -11.05
C SER T 71 43.22 62.46 -10.00
N LYS T 72 43.04 63.64 -9.39
CA LYS T 72 43.86 64.00 -8.24
C LYS T 72 43.63 63.06 -7.07
N MET T 73 42.43 62.48 -6.98
CA MET T 73 42.17 61.51 -5.92
C MET T 73 42.64 60.11 -6.29
N ASN T 74 42.38 59.68 -7.53
CA ASN T 74 42.87 58.39 -8.01
C ASN T 74 43.03 58.46 -9.52
N GLU T 75 44.25 58.23 -10.00
CA GLU T 75 44.54 58.42 -11.42
C GLU T 75 43.94 57.33 -12.28
N ASN T 76 43.93 56.09 -11.79
CA ASN T 76 43.56 54.94 -12.62
C ASN T 76 42.09 54.59 -12.54
N LEU T 77 41.29 55.34 -11.80
CA LEU T 77 39.90 54.97 -11.58
C LEU T 77 39.11 55.15 -12.87
N PRO T 78 38.45 54.11 -13.38
CA PRO T 78 37.61 54.26 -14.57
C PRO T 78 36.35 55.03 -14.24
N LEU T 79 36.00 55.96 -15.09
CA LEU T 79 34.75 56.70 -14.97
C LEU T 79 34.06 56.62 -16.31
N TYR T 80 32.73 56.63 -16.32
CA TYR T 80 31.98 56.38 -17.55
C TYR T 80 31.07 57.57 -17.85
N ALA T 81 31.56 58.52 -18.64
CA ALA T 81 30.76 59.67 -19.02
C ALA T 81 29.74 59.27 -20.09
N PHE T 82 28.53 59.78 -19.96
CA PHE T 82 27.45 59.49 -20.89
C PHE T 82 27.20 60.74 -21.75
N ALA T 83 27.41 60.62 -23.05
CA ALA T 83 27.38 61.76 -23.95
C ALA T 83 25.99 61.93 -24.55
N ASN T 84 25.34 63.05 -24.27
CA ASN T 84 24.04 63.35 -24.87
C ASN T 84 24.06 64.64 -25.70
N THR T 85 24.44 65.76 -25.09
CA THR T 85 24.27 67.07 -25.72
C THR T 85 25.59 67.64 -26.23
N TYR T 86 26.63 67.60 -25.42
CA TYR T 86 27.96 67.91 -25.91
C TYR T 86 28.37 66.90 -26.96
N SER T 87 28.83 67.39 -28.09
CA SER T 87 29.10 66.57 -29.26
C SER T 87 30.47 65.93 -29.13
N THR T 88 31.01 65.45 -30.24
CA THR T 88 32.40 65.05 -30.26
C THR T 88 33.31 66.22 -29.94
N LEU T 89 32.97 67.41 -30.46
CA LEU T 89 33.85 68.59 -30.49
C LEU T 89 34.22 69.16 -29.13
N ASP T 90 33.52 68.79 -28.06
CA ASP T 90 33.67 69.49 -26.78
C ASP T 90 34.64 68.80 -25.84
N VAL T 91 35.73 68.24 -26.36
CA VAL T 91 36.67 67.48 -25.55
C VAL T 91 38.05 68.09 -25.69
N SER T 92 38.70 68.36 -24.56
CA SER T 92 40.07 68.85 -24.53
C SER T 92 41.06 67.71 -24.37
N LEU T 93 42.35 68.03 -24.42
CA LEU T 93 43.39 67.03 -24.24
C LEU T 93 43.41 66.47 -22.83
N ASN T 94 43.25 67.32 -21.82
CA ASN T 94 43.26 66.86 -20.44
C ASN T 94 42.12 65.92 -20.13
N ASP T 95 41.00 66.03 -20.85
CA ASP T 95 39.95 65.03 -20.73
C ASP T 95 40.41 63.70 -21.32
N LEU T 96 41.06 63.73 -22.48
CA LEU T 96 41.57 62.52 -23.13
C LEU T 96 42.69 61.84 -22.35
N ARG T 97 43.37 62.55 -21.46
CA ARG T 97 44.42 61.91 -20.69
C ARG T 97 43.88 61.24 -19.43
N LEU T 98 42.56 61.29 -19.22
CA LEU T 98 41.99 60.71 -18.03
C LEU T 98 41.33 59.38 -18.34
N GLN T 99 41.06 58.61 -17.30
CA GLN T 99 40.38 57.31 -17.43
C GLN T 99 38.87 57.54 -17.49
N ILE T 100 38.39 57.92 -18.67
CA ILE T 100 36.95 58.07 -18.91
C ILE T 100 36.70 57.19 -20.13
N SER T 101 35.56 56.51 -20.16
CA SER T 101 35.10 55.89 -21.40
C SER T 101 33.69 56.39 -21.71
N PHE T 102 33.48 56.91 -22.91
CA PHE T 102 32.24 57.59 -23.28
C PHE T 102 31.21 56.59 -23.77
N PHE T 103 29.96 56.83 -23.39
CA PHE T 103 28.83 56.01 -23.81
C PHE T 103 27.67 56.91 -24.26
N GLU T 104 26.58 56.28 -24.67
CA GLU T 104 25.41 56.98 -25.18
C GLU T 104 24.16 56.42 -24.51
N TYR T 105 23.07 57.19 -24.62
CA TYR T 105 21.79 56.84 -24.02
C TYR T 105 20.92 56.16 -25.08
N ALA T 106 20.95 54.83 -25.11
CA ALA T 106 20.13 54.08 -26.05
C ALA T 106 19.34 53.02 -25.31
N LEU T 107 18.06 52.89 -25.65
CA LEU T 107 17.21 51.89 -25.03
C LEU T 107 17.54 50.50 -25.56
N GLY T 108 17.68 49.54 -24.65
CA GLY T 108 17.95 48.17 -25.01
C GLY T 108 19.40 47.84 -25.26
N ALA T 109 20.29 48.83 -25.17
CA ALA T 109 21.71 48.61 -25.38
C ALA T 109 22.49 48.51 -24.08
N ALA T 110 21.80 48.20 -22.98
CA ALA T 110 22.45 48.13 -21.68
C ALA T 110 23.33 46.89 -21.53
N GLU T 111 23.08 45.84 -22.29
CA GLU T 111 23.89 44.63 -22.16
C GLU T 111 25.31 44.85 -22.64
N ASP T 112 25.48 45.47 -23.81
CA ASP T 112 26.83 45.73 -24.31
C ASP T 112 27.55 46.76 -23.46
N ILE T 113 26.82 47.77 -22.94
CA ILE T 113 27.43 48.75 -22.06
C ILE T 113 27.89 48.10 -20.76
N ALA T 114 27.08 47.20 -20.20
CA ALA T 114 27.48 46.51 -18.98
C ALA T 114 28.66 45.57 -19.22
N ASN T 115 28.70 44.90 -20.36
CA ASN T 115 29.85 44.07 -20.69
C ASN T 115 31.11 44.90 -20.84
N LYS T 116 31.01 46.07 -21.48
CA LYS T 116 32.17 46.96 -21.60
C LYS T 116 32.59 47.49 -20.23
N ILE T 117 31.64 47.75 -19.34
CA ILE T 117 31.96 48.21 -17.99
C ILE T 117 32.68 47.11 -17.21
N LYS T 118 32.21 45.86 -17.33
CA LYS T 118 32.89 44.75 -16.68
C LYS T 118 34.30 44.55 -17.23
N GLN T 119 34.47 44.67 -18.54
CA GLN T 119 35.80 44.57 -19.13
C GLN T 119 36.72 45.70 -18.68
N THR T 120 36.19 46.92 -18.57
CA THR T 120 36.99 48.04 -18.10
C THR T 120 37.40 47.88 -16.65
N THR T 121 36.49 47.35 -15.81
CA THR T 121 36.83 47.05 -14.43
C THR T 121 37.89 45.98 -14.34
N ASP T 122 37.81 44.95 -15.18
CA ASP T 122 38.85 43.91 -15.22
C ASP T 122 40.18 44.49 -15.65
N GLU T 123 40.18 45.39 -16.63
CA GLU T 123 41.41 46.07 -17.04
C GLU T 123 41.98 46.92 -15.92
N TYR T 124 41.12 47.60 -15.16
CA TYR T 124 41.57 48.41 -14.04
C TYR T 124 42.21 47.55 -12.95
N ILE T 125 41.58 46.41 -12.64
CA ILE T 125 42.13 45.49 -11.65
C ILE T 125 43.47 44.93 -12.11
N ASN T 126 43.56 44.52 -13.36
CA ASN T 126 44.80 44.00 -13.91
C ASN T 126 45.83 45.10 -14.18
N THR T 127 45.44 46.36 -14.09
CA THR T 127 46.38 47.47 -14.22
C THR T 127 47.00 47.84 -12.88
N ILE T 128 46.17 48.03 -11.85
CA ILE T 128 46.73 48.46 -10.57
C ILE T 128 47.42 47.36 -9.80
N LEU T 129 47.17 46.09 -10.14
CA LEU T 129 47.79 45.01 -9.38
C LEU T 129 49.25 44.82 -9.81
N PRO T 130 50.13 44.50 -8.85
CA PRO T 130 51.49 44.15 -9.23
C PRO T 130 51.52 42.79 -9.90
N PRO T 131 52.54 42.48 -10.70
CA PRO T 131 52.47 41.29 -11.57
C PRO T 131 52.44 39.96 -10.83
N LEU T 132 53.21 39.80 -9.76
CA LEU T 132 53.21 38.50 -9.08
C LEU T 132 51.93 38.28 -8.29
N THR T 133 51.41 39.33 -7.64
CA THR T 133 50.11 39.21 -6.99
C THR T 133 49.01 38.97 -8.00
N LYS T 134 49.10 39.59 -9.17
CA LYS T 134 48.17 39.34 -10.26
C LYS T 134 48.20 37.88 -10.68
N ALA T 135 49.40 37.33 -10.86
CA ALA T 135 49.54 35.94 -11.27
C ALA T 135 49.08 34.98 -10.18
N LEU T 136 49.32 35.30 -8.91
CA LEU T 136 48.86 34.45 -7.81
C LEU T 136 47.33 34.46 -7.72
N PHE T 137 46.73 35.64 -7.88
CA PHE T 137 45.26 35.72 -7.90
C PHE T 137 44.68 34.96 -9.07
N LYS T 138 45.32 35.06 -10.24
CA LYS T 138 44.89 34.31 -11.41
C LYS T 138 44.99 32.81 -11.19
N TYR T 139 46.09 32.36 -10.57
CA TYR T 139 46.28 30.93 -10.30
C TYR T 139 45.24 30.41 -9.32
N VAL T 140 44.92 31.18 -8.28
CA VAL T 140 43.91 30.74 -7.33
C VAL T 140 42.53 30.73 -7.99
N ARG T 141 42.24 31.72 -8.85
CA ARG T 141 40.96 31.76 -9.55
C ARG T 141 40.78 30.58 -10.49
N GLU T 142 41.85 30.15 -11.17
CA GLU T 142 41.79 28.96 -12.00
C GLU T 142 42.15 27.70 -11.24
N GLY T 143 41.84 27.67 -9.94
CA GLY T 143 42.34 26.73 -8.96
C GLY T 143 42.39 25.27 -9.35
N LYS T 144 43.60 24.75 -9.47
CA LYS T 144 43.87 23.41 -9.97
C LYS T 144 44.19 22.49 -8.80
N TYR T 145 43.90 21.21 -8.99
CA TYR T 145 44.30 20.21 -8.02
C TYR T 145 45.83 20.10 -8.01
N THR T 146 46.37 19.74 -6.86
CA THR T 146 47.82 19.65 -6.75
C THR T 146 48.19 18.40 -5.96
N PHE T 147 49.35 17.84 -6.31
CA PHE T 147 49.90 16.67 -5.62
C PHE T 147 51.28 16.97 -5.08
N CYS T 148 51.55 18.23 -4.75
CA CYS T 148 52.86 18.66 -4.33
C CYS T 148 52.77 19.33 -2.96
N THR T 149 53.94 19.70 -2.44
CA THR T 149 53.99 20.47 -1.21
C THR T 149 53.39 21.87 -1.45
N PRO T 150 52.71 22.45 -0.47
CA PRO T 150 52.41 22.05 0.91
C PRO T 150 51.38 20.94 1.02
N GLY T 151 51.32 20.33 2.21
CA GLY T 151 50.49 19.15 2.39
C GLY T 151 49.01 19.40 2.43
N HIS T 152 48.58 20.62 2.76
CA HIS T 152 47.15 20.88 2.80
C HIS T 152 46.55 20.96 1.41
N MET T 153 47.36 21.36 0.41
CA MET T 153 47.01 21.30 -1.02
C MET T 153 45.73 22.08 -1.32
N GLY T 154 45.81 23.39 -1.12
CA GLY T 154 44.64 24.22 -1.27
C GLY T 154 43.72 24.23 -0.08
N GLY T 155 44.21 23.78 1.08
CA GLY T 155 43.40 23.78 2.29
C GLY T 155 42.40 22.66 2.38
N THR T 156 42.48 21.65 1.53
CA THR T 156 41.54 20.54 1.56
C THR T 156 41.87 19.51 2.63
N ALA T 157 43.00 19.66 3.32
CA ALA T 157 43.25 18.89 4.53
C ALA T 157 42.56 19.47 5.74
N PHE T 158 42.36 20.79 5.77
CA PHE T 158 41.62 21.44 6.84
C PHE T 158 40.12 21.27 6.72
N GLN T 159 39.62 20.77 5.60
CA GLN T 159 38.19 20.53 5.45
C GLN T 159 37.79 19.15 5.97
N LYS T 160 38.71 18.41 6.57
CA LYS T 160 38.44 17.04 7.00
C LYS T 160 38.87 16.79 8.45
N SER T 161 38.88 17.83 9.29
CA SER T 161 39.21 17.69 10.69
C SER T 161 38.49 18.77 11.47
N PRO T 162 38.05 18.49 12.70
CA PRO T 162 37.29 19.50 13.45
C PRO T 162 38.09 20.74 13.79
N VAL T 163 39.27 20.57 14.41
CA VAL T 163 40.13 21.73 14.67
C VAL T 163 40.66 22.29 13.36
N GLY T 164 40.90 21.43 12.36
CA GLY T 164 41.23 21.91 11.04
C GLY T 164 40.11 22.70 10.40
N SER T 165 38.86 22.28 10.64
CA SER T 165 37.74 23.06 10.10
C SER T 165 37.58 24.38 10.83
N LEU T 166 37.90 24.44 12.12
CA LEU T 166 37.91 25.72 12.81
C LEU T 166 38.96 26.66 12.23
N PHE T 167 40.15 26.12 11.96
CA PHE T 167 41.20 26.92 11.34
C PHE T 167 40.79 27.41 9.95
N TYR T 168 40.18 26.52 9.16
CA TYR T 168 39.73 26.86 7.81
C TYR T 168 38.60 27.89 7.83
N ASP T 169 37.63 27.76 8.73
CA ASP T 169 36.56 28.74 8.85
C ASP T 169 37.06 30.07 9.38
N PHE T 170 38.12 30.08 10.18
CA PHE T 170 38.69 31.36 10.59
C PHE T 170 39.38 32.04 9.42
N PHE T 171 40.35 31.35 8.80
CA PHE T 171 41.16 32.04 7.80
C PHE T 171 40.41 32.25 6.49
N GLY T 172 39.59 31.29 6.07
CA GLY T 172 38.87 31.41 4.83
C GLY T 172 39.62 30.76 3.70
N PRO T 173 38.94 30.46 2.60
CA PRO T 173 39.50 29.57 1.58
C PRO T 173 40.63 30.17 0.76
N ASN T 174 40.52 31.46 0.45
CA ASN T 174 41.45 32.10 -0.48
C ASN T 174 42.86 32.20 0.09
N THR T 175 43.01 32.31 1.40
CA THR T 175 44.35 32.30 1.98
C THR T 175 44.87 30.91 2.24
N MET T 176 44.05 29.88 2.01
CA MET T 176 44.57 28.52 2.01
C MET T 176 45.02 28.11 0.62
N LYS T 177 44.25 28.47 -0.42
CA LYS T 177 44.67 28.20 -1.78
C LYS T 177 45.87 29.02 -2.20
N SER T 178 46.11 30.16 -1.57
CA SER T 178 47.21 31.04 -1.93
C SER T 178 48.55 30.53 -1.44
N ASP T 179 48.57 29.47 -0.63
CA ASP T 179 49.83 28.92 -0.14
C ASP T 179 50.21 27.74 -1.02
N ILE T 180 51.17 27.95 -1.90
CA ILE T 180 51.71 26.93 -2.78
C ILE T 180 53.23 26.99 -2.72
N SER T 181 53.87 26.15 -3.52
CA SER T 181 55.33 26.07 -3.50
C SER T 181 55.93 26.25 -4.89
N ILE T 182 57.24 26.04 -5.00
CA ILE T 182 57.95 26.27 -6.26
C ILE T 182 57.63 25.24 -7.33
N SER T 183 56.90 24.17 -6.98
CA SER T 183 56.51 23.17 -7.96
C SER T 183 55.54 23.71 -9.00
N VAL T 184 54.78 24.75 -8.66
CA VAL T 184 53.93 25.42 -9.63
C VAL T 184 54.83 26.26 -10.52
N SER T 185 55.10 25.76 -11.73
CA SER T 185 56.13 26.34 -12.57
C SER T 185 55.75 27.70 -13.16
N GLU T 186 54.47 28.02 -13.23
CA GLU T 186 54.06 29.25 -13.89
C GLU T 186 54.28 30.50 -13.05
N LEU T 187 54.54 30.35 -11.75
CA LEU T 187 54.84 31.50 -10.90
C LEU T 187 56.33 31.73 -10.73
N GLY T 188 57.18 30.94 -11.40
CA GLY T 188 58.61 31.09 -11.23
C GLY T 188 59.06 30.62 -9.86
N SER T 189 60.13 31.23 -9.37
CA SER T 189 60.67 30.87 -8.07
C SER T 189 61.37 32.08 -7.47
N LEU T 190 61.16 32.30 -6.17
CA LEU T 190 61.83 33.39 -5.47
C LEU T 190 63.33 33.18 -5.44
N LEU T 191 63.77 31.93 -5.24
CA LEU T 191 65.17 31.63 -5.03
C LEU T 191 66.02 31.89 -6.26
N ASP T 192 65.49 31.57 -7.45
CA ASP T 192 66.24 31.71 -8.68
C ASP T 192 65.96 33.02 -9.40
N HIS T 193 65.02 33.82 -8.90
CA HIS T 193 64.63 35.12 -9.47
C HIS T 193 64.21 34.99 -10.93
N SER T 194 63.12 34.25 -11.13
CA SER T 194 62.66 33.91 -12.47
C SER T 194 61.18 34.22 -12.62
N GLY T 195 60.80 34.62 -13.84
CA GLY T 195 59.41 34.82 -14.20
C GLY T 195 58.72 35.93 -13.45
N PRO T 196 57.54 35.63 -12.90
CA PRO T 196 56.80 36.64 -12.13
C PRO T 196 57.56 37.15 -10.92
N HIS T 197 58.38 36.30 -10.28
CA HIS T 197 59.22 36.80 -9.21
C HIS T 197 60.20 37.84 -9.71
N LYS T 198 60.90 37.57 -10.82
CA LYS T 198 61.90 38.52 -11.33
C LYS T 198 61.25 39.84 -11.73
N GLU T 199 60.08 39.78 -12.34
CA GLU T 199 59.30 41.00 -12.58
C GLU T 199 58.96 41.70 -11.28
N ALA T 200 58.70 40.94 -10.22
CA ALA T 200 58.41 41.56 -8.93
C ALA T 200 59.63 42.29 -8.35
N GLU T 201 60.83 41.66 -8.38
CA GLU T 201 61.97 42.39 -7.84
C GLU T 201 62.34 43.59 -8.70
N GLN T 202 62.16 43.51 -10.02
CA GLN T 202 62.38 44.70 -10.83
C GLN T 202 61.36 45.79 -10.50
N TYR T 203 60.11 45.42 -10.22
CA TYR T 203 59.09 46.37 -9.83
C TYR T 203 59.44 47.05 -8.50
N ILE T 204 59.92 46.26 -7.53
CA ILE T 204 60.39 46.80 -6.26
C ILE T 204 61.58 47.74 -6.48
N ALA T 205 62.47 47.38 -7.41
CA ALA T 205 63.61 48.25 -7.71
C ALA T 205 63.18 49.59 -8.29
N ARG T 206 62.17 49.61 -9.15
CA ARG T 206 61.73 50.92 -9.66
C ARG T 206 61.19 51.67 -8.46
N VAL T 207 60.23 51.06 -7.78
CA VAL T 207 59.43 51.85 -6.84
C VAL T 207 60.30 52.58 -5.82
N PHE T 208 61.26 51.87 -5.21
CA PHE T 208 62.02 52.37 -4.09
C PHE T 208 63.30 53.09 -4.47
N ASN T 209 63.52 53.34 -5.77
CA ASN T 209 64.71 54.00 -6.29
C ASN T 209 65.99 53.28 -5.85
N ALA T 210 66.10 52.03 -6.29
CA ALA T 210 67.26 51.21 -6.00
C ALA T 210 67.67 50.46 -7.25
N ASP T 211 68.95 50.08 -7.30
CA ASP T 211 69.45 49.34 -8.46
C ASP T 211 68.91 47.92 -8.47
N ARG T 212 69.27 47.15 -7.45
CA ARG T 212 68.79 45.79 -7.30
C ARG T 212 68.06 45.70 -5.97
N SER T 213 66.85 45.20 -5.97
CA SER T 213 66.05 45.09 -4.76
C SER T 213 65.68 43.63 -4.52
N TYR T 214 65.81 43.19 -3.28
CA TYR T 214 65.48 41.82 -2.91
C TYR T 214 64.25 41.82 -2.00
N MET T 215 63.62 40.66 -1.88
CA MET T 215 62.39 40.50 -1.09
C MET T 215 62.57 39.33 -0.14
N VAL T 216 63.03 39.62 1.08
CA VAL T 216 63.33 38.60 2.07
C VAL T 216 62.02 38.13 2.69
N THR T 217 61.93 36.83 2.96
CA THR T 217 60.71 36.23 3.48
C THR T 217 60.81 35.78 4.92
N ASN T 218 61.94 36.01 5.58
CA ASN T 218 62.04 35.78 7.02
C ASN T 218 61.95 37.08 7.80
N GLY T 219 62.48 38.17 7.27
CA GLY T 219 62.46 39.45 7.93
C GLY T 219 63.81 40.13 7.87
N THR T 220 63.82 41.39 8.31
CA THR T 220 65.05 42.15 8.28
C THR T 220 66.05 41.65 9.30
N SER T 221 65.61 40.86 10.29
CA SER T 221 66.52 40.12 11.14
C SER T 221 67.37 39.14 10.32
N THR T 222 66.85 38.70 9.17
CA THR T 222 67.62 37.87 8.25
C THR T 222 68.28 38.71 7.16
N ALA T 223 67.66 39.84 6.79
CA ALA T 223 68.26 40.72 5.80
C ALA T 223 69.56 41.34 6.29
N ASN T 224 69.63 41.70 7.57
CA ASN T 224 70.87 42.18 8.17
C ASN T 224 71.94 41.10 8.09
N LYS T 225 71.55 39.86 8.34
CA LYS T 225 72.46 38.72 8.23
C LYS T 225 72.98 38.56 6.82
N ILE T 226 72.11 38.71 5.83
CA ILE T 226 72.49 38.57 4.44
C ILE T 226 73.51 39.65 4.05
N VAL T 227 73.21 40.90 4.42
CA VAL T 227 74.08 42.01 4.05
C VAL T 227 75.43 41.90 4.76
N GLY T 228 75.42 41.63 6.06
CA GLY T 228 76.66 41.52 6.80
C GLY T 228 77.44 40.25 6.57
N MET T 229 76.83 39.22 5.98
CA MET T 229 77.61 38.07 5.56
C MET T 229 78.14 38.22 4.14
N TYR T 230 77.51 39.03 3.30
CA TYR T 230 78.11 39.31 2.00
C TYR T 230 79.25 40.31 2.13
N SER T 231 78.96 41.49 2.65
CA SER T 231 79.91 42.59 2.60
C SER T 231 81.03 42.47 3.62
N ALA T 232 80.88 41.65 4.66
CA ALA T 232 81.88 41.53 5.72
C ALA T 232 82.35 40.09 5.80
N PRO T 233 83.41 39.74 5.08
CA PRO T 233 83.96 38.39 5.20
C PRO T 233 84.62 38.18 6.55
N ALA T 234 84.87 36.92 6.87
CA ALA T 234 85.47 36.57 8.15
C ALA T 234 86.91 37.06 8.22
N GLY T 235 87.31 37.52 9.41
CA GLY T 235 88.61 38.11 9.60
C GLY T 235 88.67 39.60 9.31
N SER T 236 87.59 40.17 8.78
CA SER T 236 87.53 41.59 8.50
C SER T 236 86.98 42.34 9.72
N THR T 237 86.61 43.60 9.52
CA THR T 237 86.22 44.46 10.62
C THR T 237 85.03 45.30 10.20
N ILE T 238 84.09 45.54 11.13
CA ILE T 238 82.88 46.28 10.84
C ILE T 238 82.75 47.45 11.80
N LEU T 239 81.97 48.45 11.37
CA LEU T 239 81.58 49.59 12.19
C LEU T 239 80.10 49.46 12.48
N ILE T 240 79.76 48.82 13.59
CA ILE T 240 78.38 48.54 13.95
C ILE T 240 77.94 49.57 14.99
N ASP T 241 76.75 50.13 14.77
CA ASP T 241 76.12 50.99 15.75
C ASP T 241 75.88 50.23 17.05
N ARG T 242 76.18 50.88 18.18
CA ARG T 242 75.80 50.30 19.47
C ARG T 242 74.28 50.25 19.61
N ASN T 243 73.58 51.25 19.08
CA ASN T 243 72.14 51.18 18.95
C ASN T 243 71.81 50.22 17.82
N CYS T 244 71.89 48.93 18.10
CA CYS T 244 71.68 47.89 17.11
C CYS T 244 70.50 47.03 17.53
N HIS T 245 70.22 46.03 16.71
CA HIS T 245 69.21 45.03 17.02
C HIS T 245 69.89 43.78 17.55
N LYS T 246 69.08 42.87 18.10
CA LYS T 246 69.59 41.56 18.50
C LYS T 246 70.11 40.79 17.29
N SER T 247 69.53 41.04 16.12
CA SER T 247 69.92 40.35 14.91
C SER T 247 71.35 40.66 14.49
N LEU T 248 71.81 41.90 14.68
CA LEU T 248 73.18 42.22 14.35
C LEU T 248 74.17 41.56 15.30
N THR T 249 73.81 41.44 16.58
CA THR T 249 74.63 40.69 17.52
C THR T 249 74.69 39.23 17.13
N HIS T 250 73.56 38.67 16.71
CA HIS T 250 73.53 37.29 16.23
C HIS T 250 74.39 37.10 14.99
N LEU T 251 74.35 38.08 14.07
CA LEU T 251 75.23 38.06 12.91
C LEU T 251 76.70 38.06 13.30
N MET T 252 77.07 38.92 14.26
CA MET T 252 78.45 38.98 14.69
C MET T 252 78.89 37.71 15.41
N MET T 253 77.97 37.00 16.04
CA MET T 253 78.32 35.71 16.62
C MET T 253 78.41 34.60 15.59
N MET T 254 77.68 34.69 14.48
CA MET T 254 77.89 33.68 13.44
C MET T 254 79.20 33.89 12.70
N SER T 255 79.54 35.13 12.35
CA SER T 255 80.66 35.42 11.48
C SER T 255 81.88 35.83 12.30
N ASP T 256 83.06 35.48 11.78
CA ASP T 256 84.34 35.79 12.44
C ASP T 256 84.75 37.22 12.08
N VAL T 257 84.07 38.18 12.71
CA VAL T 257 84.31 39.60 12.46
C VAL T 257 84.72 40.26 13.77
N THR T 258 85.14 41.52 13.66
CA THR T 258 85.61 42.30 14.79
C THR T 258 84.94 43.66 14.79
N PRO T 259 84.40 44.14 15.91
CA PRO T 259 83.73 45.44 15.92
C PRO T 259 84.55 46.61 16.38
N ILE T 260 84.24 47.78 15.82
CA ILE T 260 84.31 49.05 16.53
C ILE T 260 82.89 49.54 16.70
N TYR T 261 82.50 49.77 17.94
CA TYR T 261 81.14 50.21 18.24
C TYR T 261 81.07 51.72 18.18
N PHE T 262 80.11 52.24 17.41
CA PHE T 262 79.78 53.65 17.48
C PHE T 262 79.17 53.97 18.84
N ARG T 263 79.21 55.24 19.22
CA ARG T 263 78.78 55.64 20.56
C ARG T 263 77.65 56.65 20.47
N PRO T 264 76.39 56.21 20.45
CA PRO T 264 75.28 57.14 20.38
C PRO T 264 75.06 57.91 21.67
N THR T 265 74.40 59.04 21.53
CA THR T 265 74.02 59.86 22.68
C THR T 265 72.64 59.45 23.17
N ARG T 266 72.27 59.97 24.35
CA ARG T 266 70.96 59.68 24.93
C ARG T 266 70.62 60.75 25.94
N ASN T 267 69.32 60.89 26.21
CA ASN T 267 68.81 61.84 27.17
C ASN T 267 68.47 61.11 28.48
N ALA T 268 67.93 61.87 29.43
CA ALA T 268 67.53 61.29 30.71
C ALA T 268 66.28 60.43 30.59
N TYR T 269 65.49 60.60 29.54
CA TYR T 269 64.29 59.80 29.35
C TYR T 269 64.62 58.34 29.05
N GLY T 270 65.81 58.08 28.48
CA GLY T 270 66.16 56.77 28.00
C GLY T 270 66.00 56.60 26.52
N ILE T 271 65.65 57.66 25.79
CA ILE T 271 65.51 57.59 24.35
C ILE T 271 66.91 57.49 23.74
N LEU T 272 67.12 56.48 22.90
CA LEU T 272 68.39 56.29 22.24
C LEU T 272 68.53 57.33 21.14
N GLY T 273 69.42 58.29 21.35
CA GLY T 273 69.66 59.31 20.35
C GLY T 273 70.57 58.81 19.26
N GLY T 274 71.55 59.62 18.87
CA GLY T 274 72.40 59.24 17.76
C GLY T 274 73.88 59.46 17.96
N ILE T 275 74.64 58.94 17.02
CA ILE T 275 76.10 59.07 17.04
C ILE T 275 76.47 60.50 16.71
N PRO T 276 77.39 61.13 17.42
CA PRO T 276 77.84 62.48 17.05
C PRO T 276 78.58 62.46 15.72
N GLN T 277 78.72 63.66 15.14
CA GLN T 277 79.41 63.81 13.86
C GLN T 277 80.88 63.45 13.92
N SER T 278 81.48 63.48 15.12
CA SER T 278 82.91 63.22 15.24
C SER T 278 83.27 61.77 14.98
N GLU T 279 82.32 60.85 15.21
CA GLU T 279 82.60 59.42 15.09
C GLU T 279 82.27 58.87 13.71
N PHE T 280 82.27 59.71 12.68
CA PHE T 280 82.17 59.21 11.31
C PHE T 280 83.34 59.66 10.44
N GLN T 281 84.31 60.37 11.00
CA GLN T 281 85.45 60.86 10.25
C GLN T 281 86.60 59.87 10.35
N HIS T 282 87.65 60.13 9.58
CA HIS T 282 88.75 59.19 9.49
C HIS T 282 89.59 59.14 10.76
N ALA T 283 89.69 60.25 11.49
CA ALA T 283 90.58 60.31 12.65
C ALA T 283 90.11 59.41 13.77
N THR T 284 88.84 59.53 14.17
CA THR T 284 88.33 58.73 15.27
C THR T 284 88.23 57.25 14.89
N ILE T 285 87.88 56.96 13.64
CA ILE T 285 87.81 55.58 13.19
C ILE T 285 89.20 54.95 13.18
N ALA T 286 90.21 55.68 12.69
CA ALA T 286 91.57 55.16 12.72
C ALA T 286 92.09 54.98 14.14
N LYS T 287 91.75 55.89 15.04
CA LYS T 287 92.13 55.75 16.45
C LYS T 287 91.51 54.49 17.06
N ARG T 288 90.19 54.33 16.91
CA ARG T 288 89.50 53.17 17.47
C ARG T 288 89.94 51.86 16.81
N VAL T 289 90.40 51.91 15.56
CA VAL T 289 91.07 50.76 14.96
C VAL T 289 92.39 50.49 15.69
N LYS T 290 93.15 51.56 15.99
CA LYS T 290 94.47 51.40 16.56
C LYS T 290 94.42 50.78 17.96
N GLU T 291 93.48 51.20 18.81
CA GLU T 291 93.38 50.56 20.12
C GLU T 291 92.36 49.43 20.16
N THR T 292 92.19 48.70 19.07
CA THR T 292 91.44 47.45 19.10
C THR T 292 92.32 46.31 18.65
N PRO T 293 92.47 45.25 19.44
CA PRO T 293 93.34 44.14 19.04
C PRO T 293 92.78 43.40 17.84
N ASN T 294 93.70 42.93 16.99
CA ASN T 294 93.40 42.14 15.79
C ASN T 294 92.44 42.87 14.84
N ALA T 295 92.57 44.19 14.76
CA ALA T 295 91.64 45.00 13.99
C ALA T 295 92.37 45.68 12.83
N THR T 296 91.71 45.69 11.68
CA THR T 296 92.20 46.36 10.47
C THR T 296 91.20 47.45 10.09
N TRP T 297 91.40 48.03 8.91
CA TRP T 297 90.48 49.05 8.44
C TRP T 297 89.12 48.43 8.16
N PRO T 298 88.03 49.04 8.64
CA PRO T 298 86.70 48.46 8.48
C PRO T 298 86.29 48.39 7.02
N VAL T 299 85.67 47.27 6.64
CA VAL T 299 85.20 47.07 5.28
C VAL T 299 83.70 47.17 5.15
N HIS T 300 83.00 47.46 6.25
CA HIS T 300 81.55 47.56 6.23
C HIS T 300 81.10 48.37 7.43
N ALA T 301 79.98 49.06 7.28
CA ALA T 301 79.42 49.84 8.37
C ALA T 301 77.91 49.63 8.42
N VAL T 302 77.38 49.46 9.63
CA VAL T 302 75.95 49.23 9.85
C VAL T 302 75.45 50.33 10.78
N ILE T 303 74.41 51.04 10.34
CA ILE T 303 73.87 52.20 11.06
C ILE T 303 72.36 52.03 11.15
N THR T 304 71.80 52.20 12.34
CA THR T 304 70.35 52.08 12.53
C THR T 304 69.72 53.43 12.19
N ASN T 305 69.15 53.54 10.99
CA ASN T 305 68.56 54.77 10.48
C ASN T 305 67.12 54.51 10.06
N SER T 306 66.15 54.93 10.88
CA SER T 306 66.37 55.77 12.05
C SER T 306 66.57 54.93 13.28
N THR T 307 66.56 55.58 14.44
CA THR T 307 66.61 54.86 15.70
C THR T 307 65.24 54.26 15.98
N TYR T 308 65.10 53.64 17.15
CA TYR T 308 63.81 53.09 17.56
C TYR T 308 62.78 54.19 17.74
N ASP T 309 63.20 55.37 18.20
CA ASP T 309 62.29 56.48 18.44
C ASP T 309 62.22 57.45 17.27
N GLY T 310 62.62 57.02 16.09
CA GLY T 310 62.41 57.80 14.88
C GLY T 310 63.25 59.06 14.78
N LEU T 311 64.57 58.92 14.88
CA LEU T 311 65.50 60.03 14.69
C LEU T 311 66.34 59.72 13.46
N LEU T 312 65.98 60.34 12.34
CA LEU T 312 66.71 60.17 11.10
C LEU T 312 68.06 60.88 11.18
N TYR T 313 68.97 60.47 10.30
CA TYR T 313 70.29 61.07 10.26
C TYR T 313 70.41 61.94 9.02
N ASN T 314 71.43 62.80 9.02
CA ASN T 314 71.82 63.48 7.79
C ASN T 314 72.70 62.51 7.03
N THR T 315 72.05 61.65 6.25
CA THR T 315 72.73 60.56 5.57
C THR T 315 73.64 61.01 4.44
N ASP T 316 73.46 62.23 3.92
CA ASP T 316 74.39 62.73 2.91
C ASP T 316 75.76 62.98 3.51
N PHE T 317 75.80 63.51 4.73
CA PHE T 317 77.03 63.61 5.50
C PHE T 317 77.69 62.26 5.67
N ILE T 318 76.88 61.23 5.98
CA ILE T 318 77.40 59.90 6.23
C ILE T 318 77.98 59.31 4.95
N LYS T 319 77.24 59.38 3.86
CA LYS T 319 77.69 58.83 2.59
C LYS T 319 78.82 59.63 1.97
N LYS T 320 79.05 60.87 2.41
CA LYS T 320 80.20 61.61 1.92
C LYS T 320 81.46 61.35 2.76
N THR T 321 81.34 61.27 4.08
CA THR T 321 82.53 61.31 4.92
C THR T 321 82.91 59.97 5.53
N LEU T 322 81.98 59.02 5.66
CA LEU T 322 82.33 57.70 6.18
C LEU T 322 83.14 56.96 5.11
N ASP T 323 84.42 56.76 5.37
CA ASP T 323 85.35 56.26 4.36
C ASP T 323 85.44 54.73 4.36
N VAL T 324 84.30 54.06 4.27
CA VAL T 324 84.27 52.61 4.13
C VAL T 324 83.65 52.27 2.79
N LYS T 325 83.90 51.05 2.34
CA LYS T 325 83.51 50.63 1.00
C LYS T 325 82.07 50.16 0.92
N SER T 326 81.37 50.04 2.04
CA SER T 326 79.97 49.65 2.04
C SER T 326 79.31 50.14 3.32
N ILE T 327 78.27 50.96 3.18
CA ILE T 327 77.53 51.51 4.31
C ILE T 327 76.15 50.89 4.29
N HIS T 328 75.78 50.24 5.39
CA HIS T 328 74.48 49.62 5.54
C HIS T 328 73.62 50.41 6.51
N PHE T 329 72.40 50.71 6.08
CA PHE T 329 71.42 51.41 6.92
C PHE T 329 70.36 50.41 7.30
N ASP T 330 70.26 50.10 8.60
CA ASP T 330 69.26 49.17 9.10
C ASP T 330 67.95 49.94 9.27
N SER T 331 67.30 50.22 8.14
CA SER T 331 66.11 51.06 8.13
C SER T 331 64.85 50.23 8.38
N ALA T 332 64.86 49.50 9.49
CA ALA T 332 63.71 48.70 9.83
C ALA T 332 62.49 49.54 10.19
N TRP T 333 62.70 50.70 10.80
CA TRP T 333 61.59 51.55 11.23
C TRP T 333 61.24 52.64 10.24
N VAL T 334 62.03 52.83 9.19
CA VAL T 334 61.69 53.84 8.19
C VAL T 334 61.68 53.17 6.81
N PRO T 335 60.62 52.46 6.43
CA PRO T 335 60.56 51.89 5.07
C PRO T 335 59.84 52.77 4.06
N TYR T 336 59.14 53.79 4.54
CA TYR T 336 58.26 54.61 3.72
C TYR T 336 58.94 55.82 3.13
N THR T 337 60.27 55.79 2.99
CA THR T 337 61.04 57.00 2.79
C THR T 337 60.80 57.69 1.46
N ASN T 338 60.73 56.94 0.36
CA ASN T 338 60.69 57.50 -0.99
C ASN T 338 59.36 58.23 -1.26
N PHE T 339 58.34 57.99 -0.46
CA PHE T 339 56.97 58.32 -0.83
C PHE T 339 56.50 59.66 -0.28
N SER T 340 57.40 60.46 0.28
CA SER T 340 57.09 61.84 0.59
C SER T 340 58.42 62.59 0.54
N PRO T 341 58.47 63.73 -0.13
CA PRO T 341 59.72 64.50 -0.20
C PRO T 341 60.13 65.15 1.12
N ILE T 342 59.37 64.93 2.19
CA ILE T 342 59.80 65.33 3.52
C ILE T 342 61.10 64.62 3.88
N TYR T 343 61.22 63.34 3.52
CA TYR T 343 62.35 62.51 3.89
C TYR T 343 63.49 62.55 2.88
N GLU T 344 63.59 63.60 2.08
CA GLU T 344 64.70 63.72 1.14
C GLU T 344 65.99 63.92 1.91
N GLY T 345 67.04 63.21 1.49
CA GLY T 345 68.30 63.27 2.20
C GLY T 345 68.27 62.61 3.55
N LYS T 346 67.44 61.57 3.71
CA LYS T 346 67.27 60.91 5.00
C LYS T 346 67.12 59.40 4.88
N CYS T 347 67.74 58.78 3.88
CA CYS T 347 67.84 57.33 3.80
C CYS T 347 69.04 56.97 2.97
N GLY T 348 69.33 55.67 2.91
CA GLY T 348 70.39 55.19 2.05
C GLY T 348 70.11 55.43 0.58
N MET T 349 68.85 55.31 0.17
CA MET T 349 68.47 55.50 -1.22
C MET T 349 68.23 56.95 -1.58
N SER T 350 68.33 57.87 -0.62
CA SER T 350 68.24 59.29 -0.93
C SER T 350 69.46 59.72 -1.74
N GLY T 351 69.22 60.59 -2.70
CA GLY T 351 70.27 61.03 -3.57
C GLY T 351 70.62 59.99 -4.61
N GLY T 352 71.69 60.27 -5.36
CA GLY T 352 72.10 59.43 -6.44
C GLY T 352 73.04 58.32 -6.00
N ARG T 353 73.57 57.62 -6.99
CA ARG T 353 74.54 56.55 -6.77
C ARG T 353 75.84 57.16 -6.29
N VAL T 354 76.21 56.91 -5.04
CA VAL T 354 77.44 57.46 -4.50
C VAL T 354 78.63 56.73 -5.09
N GLU T 355 79.73 57.45 -5.29
CA GLU T 355 80.91 56.89 -5.94
C GLU T 355 81.78 56.15 -4.93
N GLY T 356 82.24 54.96 -5.33
CA GLY T 356 83.25 54.24 -4.59
C GLY T 356 82.75 53.37 -3.46
N LYS T 357 81.46 53.35 -3.18
CA LYS T 357 80.93 52.50 -2.12
C LYS T 357 79.50 52.11 -2.45
N VAL T 358 79.06 51.01 -1.86
CA VAL T 358 77.72 50.47 -2.10
C VAL T 358 76.89 50.73 -0.86
N ILE T 359 75.72 51.34 -1.04
CA ILE T 359 74.84 51.66 0.06
C ILE T 359 73.75 50.60 0.14
N TYR T 360 73.66 49.94 1.28
CA TYR T 360 72.61 48.98 1.54
C TYR T 360 71.51 49.63 2.40
N GLU T 361 70.29 49.21 2.16
CA GLU T 361 69.18 49.59 3.03
C GLU T 361 68.22 48.42 3.10
N THR T 362 67.77 48.10 4.32
CA THR T 362 67.08 46.85 4.60
C THR T 362 65.74 47.14 5.30
N GLN T 363 64.92 47.96 4.64
CA GLN T 363 63.57 48.31 5.06
C GLN T 363 62.76 47.10 5.52
N SER T 364 62.29 47.15 6.75
CA SER T 364 61.36 46.15 7.27
C SER T 364 59.96 46.56 6.84
N THR T 365 59.49 45.97 5.75
CA THR T 365 58.26 46.38 5.10
C THR T 365 57.03 46.14 5.97
N HIS T 366 57.04 45.11 6.80
CA HIS T 366 55.86 44.80 7.61
C HIS T 366 55.67 45.78 8.76
N1 LLP T 367 66.15 45.22 13.20
C2 LLP T 367 65.78 46.37 13.76
C2' LLP T 367 66.80 47.53 13.97
C3 LLP T 367 64.44 46.54 14.20
O3 LLP T 367 64.06 47.76 14.78
C4 LLP T 367 63.52 45.54 14.03
C4' LLP T 367 61.99 45.75 14.52
C5 LLP T 367 63.89 44.37 13.45
C6 LLP T 367 65.22 44.18 13.04
C5' LLP T 367 62.82 43.26 13.30
OP4 LLP T 367 63.25 42.23 12.45
P LLP T 367 62.14 41.39 11.80
OP1 LLP T 367 61.19 40.87 12.88
OP2 LLP T 367 62.75 40.24 11.10
OP3 LLP T 367 61.37 42.21 10.83
N LLP T 367 56.72 46.50 9.12
CA LLP T 367 56.69 47.35 10.32
CB LLP T 367 58.09 47.78 10.68
CG LLP T 367 58.85 46.61 11.28
CD LLP T 367 58.88 46.72 12.82
CE LLP T 367 59.92 45.73 13.39
NZ LLP T 367 61.24 46.38 13.48
C LLP T 367 55.83 48.55 10.17
O LLP T 367 54.93 48.74 10.97
N LEU T 368 56.08 49.37 9.15
CA LEU T 368 55.35 50.63 9.01
C LEU T 368 54.49 50.69 7.76
N LEU T 369 54.84 49.91 6.74
CA LEU T 369 53.98 49.79 5.57
C LEU T 369 52.89 48.76 5.84
N ALA T 370 52.10 48.45 4.81
CA ALA T 370 51.04 47.49 4.94
C ALA T 370 51.49 46.17 4.30
N ALA T 371 52.08 45.32 5.12
CA ALA T 371 52.52 44.01 4.65
C ALA T 371 52.41 42.99 5.77
N PHE T 372 52.32 41.72 5.38
CA PHE T 372 52.33 40.62 6.34
C PHE T 372 53.65 40.56 7.06
N SER T 373 53.63 39.97 8.26
CA SER T 373 54.85 39.89 9.06
C SER T 373 55.87 38.99 8.39
N GLN T 374 57.10 39.05 8.90
CA GLN T 374 58.29 38.40 8.36
C GLN T 374 58.56 38.81 6.92
N ALA T 375 58.16 40.02 6.53
CA ALA T 375 58.44 40.56 5.21
C ALA T 375 59.52 41.62 5.32
N SER T 376 60.46 41.59 4.39
CA SER T 376 61.56 42.53 4.41
C SER T 376 62.10 42.70 3.00
N MET T 377 62.94 43.69 2.83
CA MET T 377 63.56 43.99 1.55
C MET T 377 65.03 44.31 1.78
N ILE T 378 65.81 44.12 0.73
CA ILE T 378 67.20 44.56 0.69
C ILE T 378 67.37 45.38 -0.56
N HIS T 379 67.49 46.69 -0.40
CA HIS T 379 67.77 47.59 -1.51
C HIS T 379 69.25 47.91 -1.52
N VAL T 380 69.88 47.79 -2.67
CA VAL T 380 71.29 48.14 -2.81
C VAL T 380 71.39 49.37 -3.69
N LYS T 381 72.54 50.02 -3.61
CA LYS T 381 72.80 51.19 -4.44
C LYS T 381 74.30 51.18 -4.75
N GLY T 382 74.64 50.73 -5.95
CA GLY T 382 76.01 50.58 -6.34
C GLY T 382 76.18 49.33 -7.17
N ASP T 383 77.41 48.85 -7.24
CA ASP T 383 77.75 47.65 -8.00
C ASP T 383 78.18 46.56 -7.04
N VAL T 384 77.52 45.42 -7.11
CA VAL T 384 77.86 44.27 -6.27
C VAL T 384 78.08 43.08 -7.18
N ASN T 385 78.84 42.11 -6.67
CA ASN T 385 79.02 40.85 -7.38
C ASN T 385 77.69 40.11 -7.37
N GLU T 386 77.06 40.02 -8.54
CA GLU T 386 75.68 39.55 -8.63
C GLU T 386 75.51 38.12 -8.15
N GLU T 387 76.41 37.23 -8.58
CA GLU T 387 76.27 35.84 -8.19
C GLU T 387 76.66 35.60 -6.74
N THR T 388 77.72 36.26 -6.25
CA THR T 388 78.11 36.11 -4.86
C THR T 388 77.04 36.64 -3.91
N PHE T 389 76.48 37.81 -4.21
CA PHE T 389 75.44 38.37 -3.36
C PHE T 389 74.12 37.63 -3.50
N ASN T 390 73.81 37.12 -4.69
CA ASN T 390 72.64 36.25 -4.85
C ASN T 390 72.81 34.96 -4.06
N GLU T 391 74.01 34.41 -4.03
CA GLU T 391 74.24 33.20 -3.26
C GLU T 391 74.17 33.47 -1.77
N ALA T 392 74.65 34.63 -1.33
CA ALA T 392 74.50 35.00 0.08
C ALA T 392 73.04 35.20 0.45
N TYR T 393 72.24 35.78 -0.45
CA TYR T 393 70.81 35.89 -0.19
C TYR T 393 70.14 34.53 -0.13
N MET T 394 70.50 33.63 -1.05
CA MET T 394 69.97 32.27 -1.04
C MET T 394 70.42 31.50 0.20
N MET T 395 71.56 31.86 0.77
CA MET T 395 72.11 31.16 1.92
C MET T 395 71.23 31.27 3.16
N HIS T 396 70.62 32.42 3.40
CA HIS T 396 69.86 32.61 4.63
C HIS T 396 68.36 32.44 4.49
N THR T 397 67.80 32.65 3.30
CA THR T 397 66.37 32.47 3.16
C THR T 397 66.03 30.99 3.02
N THR T 398 64.77 30.68 3.23
CA THR T 398 64.26 29.32 3.04
C THR T 398 64.20 28.99 1.56
N THR T 399 63.90 27.72 1.27
CA THR T 399 63.78 27.28 -0.11
C THR T 399 62.35 27.27 -0.61
N SER T 400 61.37 27.06 0.28
CA SER T 400 59.96 27.08 -0.08
C SER T 400 59.29 28.18 0.73
N PRO T 401 59.22 29.39 0.20
CA PRO T 401 58.70 30.52 0.99
C PRO T 401 57.18 30.55 1.01
N HIS T 402 56.65 31.34 1.94
CA HIS T 402 55.22 31.56 2.03
C HIS T 402 54.84 32.62 1.01
N TYR T 403 54.12 32.21 -0.03
CA TYR T 403 53.79 33.14 -1.10
C TYR T 403 52.81 34.22 -0.69
N GLY T 404 52.08 34.02 0.41
CA GLY T 404 51.28 35.11 0.95
C GLY T 404 52.14 36.25 1.45
N ILE T 405 53.25 35.93 2.11
CA ILE T 405 54.18 36.95 2.58
C ILE T 405 54.84 37.66 1.40
N VAL T 406 55.21 36.91 0.36
CA VAL T 406 55.84 37.49 -0.83
C VAL T 406 54.87 38.41 -1.56
N ALA T 407 53.63 37.96 -1.74
CA ALA T 407 52.61 38.78 -2.38
C ALA T 407 52.29 40.02 -1.56
N SER T 408 52.27 39.89 -0.24
CA SER T 408 52.06 41.06 0.62
C SER T 408 53.23 42.02 0.54
N THR T 409 54.45 41.49 0.44
CA THR T 409 55.65 42.31 0.33
C THR T 409 55.61 43.14 -0.94
N GLU T 410 55.19 42.54 -2.05
CA GLU T 410 55.09 43.32 -3.29
C GLU T 410 53.88 44.25 -3.29
N THR T 411 52.74 43.80 -2.76
CA THR T 411 51.55 44.63 -2.72
C THR T 411 51.74 45.85 -1.83
N ALA T 412 52.62 45.77 -0.83
CA ALA T 412 52.92 46.95 -0.03
C ALA T 412 53.54 48.06 -0.86
N ALA T 413 54.47 47.73 -1.76
CA ALA T 413 54.99 48.75 -2.66
C ALA T 413 53.96 49.15 -3.69
N ALA T 414 53.12 48.21 -4.12
CA ALA T 414 52.08 48.54 -5.09
C ALA T 414 51.02 49.47 -4.53
N MET T 415 50.86 49.51 -3.20
CA MET T 415 49.98 50.48 -2.56
C MET T 415 50.54 51.89 -2.60
N MET T 416 51.78 52.07 -3.02
CA MET T 416 52.43 53.37 -2.95
C MET T 416 52.70 54.01 -4.30
N LYS T 417 52.40 53.33 -5.40
CA LYS T 417 52.50 53.94 -6.72
C LYS T 417 51.23 54.73 -7.03
N GLY T 418 51.40 55.83 -7.74
CA GLY T 418 50.28 56.65 -8.17
C GLY T 418 50.00 57.78 -7.21
N ASN T 419 48.75 58.23 -7.23
CA ASN T 419 48.31 59.29 -6.34
C ASN T 419 47.80 58.76 -5.01
N ALA T 420 47.32 57.50 -4.99
CA ALA T 420 46.80 56.93 -3.76
C ALA T 420 47.89 56.74 -2.71
N GLY T 421 49.08 56.30 -3.12
CA GLY T 421 50.16 56.12 -2.15
C GLY T 421 50.65 57.43 -1.59
N LYS T 422 50.79 58.45 -2.44
CA LYS T 422 51.17 59.77 -1.98
C LYS T 422 50.12 60.32 -1.03
N ARG T 423 48.84 60.10 -1.35
CA ARG T 423 47.77 60.53 -0.45
C ARG T 423 47.82 59.78 0.88
N LEU T 424 48.15 58.49 0.86
CA LEU T 424 48.31 57.72 2.11
C LEU T 424 49.41 58.30 2.98
N ILE T 425 50.59 58.50 2.40
CA ILE T 425 51.73 58.96 3.19
C ILE T 425 51.50 60.38 3.71
N ASN T 426 51.01 61.27 2.85
CA ASN T 426 50.75 62.63 3.28
C ASN T 426 49.63 62.70 4.31
N GLY T 427 48.60 61.86 4.16
CA GLY T 427 47.54 61.82 5.16
C GLY T 427 48.03 61.31 6.50
N SER T 428 48.89 60.29 6.49
CA SER T 428 49.44 59.77 7.73
C SER T 428 50.32 60.81 8.44
N ILE T 429 51.16 61.51 7.68
CA ILE T 429 52.03 62.52 8.27
C ILE T 429 51.22 63.69 8.80
N GLU T 430 50.22 64.15 8.03
CA GLU T 430 49.38 65.26 8.47
C GLU T 430 48.54 64.88 9.69
N ARG T 431 48.02 63.65 9.73
CA ARG T 431 47.31 63.18 10.91
C ARG T 431 48.20 63.11 12.13
N ALA T 432 49.45 62.65 11.95
CA ALA T 432 50.40 62.63 13.06
C ALA T 432 50.69 64.04 13.57
N ILE T 433 50.87 65.00 12.66
CA ILE T 433 51.16 66.37 13.07
C ILE T 433 49.98 66.99 13.78
N LYS T 434 48.75 66.72 13.30
CA LYS T 434 47.57 67.26 13.96
C LYS T 434 47.34 66.63 15.34
N PHE T 435 47.63 65.33 15.48
CA PHE T 435 47.60 64.72 16.80
C PHE T 435 48.62 65.36 17.74
N ARG T 436 49.82 65.65 17.22
CA ARG T 436 50.84 66.29 18.04
C ARG T 436 50.42 67.70 18.48
N LYS T 437 49.78 68.44 17.56
CA LYS T 437 49.32 69.77 17.93
C LYS T 437 48.23 69.73 18.98
N GLU T 438 47.26 68.81 18.89
CA GLU T 438 46.36 68.80 20.05
C GLU T 438 46.93 68.17 21.31
N ILE T 439 47.92 67.29 21.24
CA ILE T 439 48.36 66.81 22.54
C ILE T 439 49.12 67.91 23.28
N LYS T 440 49.90 68.75 22.56
CA LYS T 440 50.40 69.94 23.22
C LYS T 440 49.30 70.95 23.56
N ARG T 441 48.20 70.98 22.81
CA ARG T 441 47.12 71.90 23.14
C ARG T 441 46.37 71.46 24.39
N LEU T 442 46.07 70.17 24.50
CA LEU T 442 45.41 69.62 25.67
C LEU T 442 46.30 69.69 26.90
N ARG T 443 47.63 69.69 26.71
CA ARG T 443 48.51 69.92 27.85
C ARG T 443 48.28 71.29 28.46
N THR T 444 48.14 72.33 27.63
CA THR T 444 47.90 73.67 28.14
C THR T 444 46.43 73.94 28.40
N GLU T 445 45.54 73.04 28.00
CA GLU T 445 44.12 73.22 28.28
C GLU T 445 43.73 72.62 29.62
N SER T 446 44.37 71.52 30.01
CA SER T 446 43.94 70.77 31.19
C SER T 446 44.44 71.44 32.46
N ASP T 447 43.95 70.92 33.59
CA ASP T 447 44.36 71.37 34.91
C ASP T 447 45.39 70.41 35.50
N GLY T 448 46.33 70.96 36.26
CA GLY T 448 47.36 70.15 36.88
C GLY T 448 48.29 69.56 35.86
N TRP T 449 48.49 68.25 35.94
CA TRP T 449 49.41 67.55 35.06
C TRP T 449 48.71 67.08 33.80
N PHE T 450 49.49 66.85 32.75
CA PHE T 450 49.01 66.19 31.55
C PHE T 450 50.18 65.57 30.82
N PHE T 451 49.87 64.69 29.87
CA PHE T 451 50.89 64.07 29.04
C PHE T 451 51.56 65.10 28.15
N ASP T 452 52.89 65.08 28.16
CA ASP T 452 53.70 65.88 27.26
C ASP T 452 54.11 64.98 26.11
N VAL T 453 54.50 65.59 24.99
CA VAL T 453 55.05 64.85 23.86
C VAL T 453 56.38 65.45 23.44
N TRP T 454 57.37 64.57 23.31
CA TRP T 454 58.78 64.92 23.18
C TRP T 454 59.00 65.38 21.74
N GLN T 455 58.80 66.68 21.52
CA GLN T 455 58.80 67.27 20.19
C GLN T 455 59.11 68.75 20.34
N PRO T 456 59.53 69.43 19.27
CA PRO T 456 59.82 70.87 19.37
C PRO T 456 58.61 71.68 19.79
N ASP T 457 58.88 72.77 20.50
CA ASP T 457 57.84 73.59 21.08
C ASP T 457 56.96 74.25 20.05
N HIS T 458 57.50 74.60 18.88
CA HIS T 458 56.72 75.15 17.78
C HIS T 458 56.85 74.22 16.58
N ILE T 459 55.80 73.45 16.33
CA ILE T 459 55.69 72.66 15.11
C ILE T 459 54.38 73.05 14.42
N ASP T 460 54.48 73.47 13.18
CA ASP T 460 53.31 73.74 12.37
C ASP T 460 53.49 73.42 10.90
N THR T 461 54.65 72.93 10.49
CA THR T 461 54.94 72.61 9.10
C THR T 461 55.18 71.11 8.96
N THR T 462 54.96 70.59 7.76
CA THR T 462 55.12 69.18 7.49
C THR T 462 56.56 68.93 7.05
N GLU T 463 57.44 68.82 8.04
CA GLU T 463 58.83 68.51 7.79
C GLU T 463 59.37 67.70 8.95
N CYS T 464 60.47 67.00 8.70
CA CYS T 464 61.21 66.38 9.80
C CYS T 464 61.90 67.48 10.60
N TRP T 465 61.42 67.71 11.80
CA TRP T 465 61.89 68.87 12.56
C TRP T 465 63.30 68.61 13.07
N PRO T 466 64.27 69.43 12.69
CA PRO T 466 65.66 69.16 13.04
C PRO T 466 65.91 69.39 14.52
N LEU T 467 66.80 68.56 15.08
CA LEU T 467 67.16 68.70 16.48
C LEU T 467 68.27 69.74 16.58
N ARG T 468 67.94 70.90 17.08
CA ARG T 468 68.85 72.04 17.11
C ARG T 468 69.55 72.10 18.46
N SER T 469 70.83 72.49 18.44
CA SER T 469 71.60 72.64 19.67
C SER T 469 71.13 73.83 20.50
N ASP T 470 70.39 74.75 19.92
CA ASP T 470 69.93 75.94 20.61
C ASP T 470 68.58 75.74 21.28
N SER T 471 68.10 74.51 21.33
CA SER T 471 66.85 74.18 21.99
C SER T 471 67.07 73.00 22.93
N THR T 472 66.14 72.83 23.87
CA THR T 472 66.32 71.83 24.91
C THR T 472 65.15 70.85 25.02
N TRP T 473 64.29 70.76 24.01
CA TRP T 473 63.19 69.82 24.08
C TRP T 473 63.67 68.38 23.95
N HIS T 474 64.75 68.15 23.21
CA HIS T 474 65.23 66.79 23.01
C HIS T 474 65.99 66.26 24.21
N GLY T 475 66.93 67.04 24.74
CA GLY T 475 67.70 66.64 25.90
C GLY T 475 69.10 66.15 25.61
N PHE T 476 69.44 65.90 24.35
CA PHE T 476 70.80 65.50 24.01
C PHE T 476 71.70 66.73 24.08
N LYS T 477 72.61 66.75 25.04
CA LYS T 477 73.46 67.91 25.26
C LYS T 477 74.56 67.99 24.21
N ASN T 478 74.87 69.22 23.80
CA ASN T 478 75.94 69.53 22.84
C ASN T 478 75.75 68.78 21.52
N ILE T 479 74.49 68.69 21.10
CA ILE T 479 74.15 67.95 19.88
C ILE T 479 74.58 68.76 18.67
N ASP T 480 74.89 68.06 17.59
CA ASP T 480 75.35 68.69 16.36
C ASP T 480 74.16 69.10 15.50
N ASN T 481 74.27 70.27 14.87
CA ASN T 481 73.16 70.83 14.10
C ASN T 481 73.06 70.17 12.74
N GLU T 482 71.82 69.90 12.33
CA GLU T 482 71.49 69.10 11.15
C GLU T 482 72.24 67.78 11.13
N HIS T 483 71.96 66.97 12.14
CA HIS T 483 72.38 65.57 12.15
C HIS T 483 71.16 64.74 12.51
N MET T 484 70.19 65.33 13.19
CA MET T 484 68.99 64.63 13.61
C MET T 484 67.74 65.32 13.12
N TYR T 485 66.75 64.51 12.78
CA TYR T 485 65.49 64.94 12.22
C TYR T 485 64.40 64.06 12.82
N LEU T 486 63.45 64.68 13.53
CA LEU T 486 62.39 63.92 14.17
C LEU T 486 61.40 63.42 13.13
N ASP T 487 61.08 62.15 13.20
CA ASP T 487 60.03 61.60 12.35
C ASP T 487 58.68 61.93 12.97
N PRO T 488 57.81 62.66 12.25
CA PRO T 488 56.54 63.09 12.87
C PRO T 488 55.59 61.95 13.21
N ILE T 489 55.70 60.78 12.58
CA ILE T 489 54.68 59.75 12.80
C ILE T 489 55.04 58.80 13.93
N LYS T 490 56.22 58.90 14.51
CA LYS T 490 56.57 58.10 15.68
C LYS T 490 56.43 58.99 16.92
N VAL T 491 55.19 59.14 17.36
CA VAL T 491 54.87 60.05 18.45
C VAL T 491 55.28 59.40 19.77
N THR T 492 56.13 60.10 20.52
CA THR T 492 56.61 59.64 21.82
C THR T 492 55.96 60.51 22.89
N LEU T 493 54.90 60.01 23.51
CA LEU T 493 54.31 60.72 24.62
C LEU T 493 55.23 60.68 25.83
N LEU T 494 55.00 61.60 26.76
CA LEU T 494 55.75 61.66 27.99
C LEU T 494 54.77 61.73 29.15
N THR T 495 55.20 61.23 30.28
CA THR T 495 54.43 61.25 31.49
C THR T 495 55.12 62.12 32.53
N PRO T 496 54.39 62.63 33.53
CA PRO T 496 55.04 63.42 34.58
C PRO T 496 56.06 62.61 35.37
N GLY T 497 57.06 63.32 35.88
CA GLY T 497 58.10 62.69 36.66
C GLY T 497 59.48 63.26 36.35
N MET T 498 59.63 63.83 35.16
CA MET T 498 60.89 64.38 34.70
C MET T 498 60.78 65.90 34.58
N GLU T 499 61.80 66.60 35.05
CA GLU T 499 61.90 68.02 34.76
C GLU T 499 62.58 68.22 33.40
N LYS T 500 62.62 69.47 32.95
CA LYS T 500 63.15 69.76 31.62
C LYS T 500 64.67 69.67 31.58
N ASP T 501 65.35 69.97 32.68
CA ASP T 501 66.81 69.94 32.71
C ASP T 501 67.36 68.53 32.88
N GLY T 502 66.51 67.54 33.18
CA GLY T 502 66.92 66.17 33.33
C GLY T 502 66.71 65.59 34.71
N THR T 503 66.60 66.42 35.73
CA THR T 503 66.36 65.91 37.08
C THR T 503 64.93 65.41 37.21
N MET T 504 64.69 64.64 38.26
CA MET T 504 63.38 64.05 38.49
C MET T 504 62.50 64.98 39.31
N SER T 505 61.21 64.94 39.02
CA SER T 505 60.23 65.68 39.81
C SER T 505 59.82 64.85 41.02
N ASP T 506 58.82 65.31 41.75
CA ASP T 506 58.26 64.58 42.88
C ASP T 506 57.00 63.81 42.51
N PHE T 507 56.07 64.45 41.82
CA PHE T 507 54.86 63.78 41.36
C PHE T 507 55.11 63.20 39.97
N GLY T 508 54.81 61.92 39.81
CA GLY T 508 55.06 61.26 38.54
C GLY T 508 54.29 59.98 38.39
N ILE T 509 54.11 59.58 37.14
CA ILE T 509 53.51 58.31 36.78
C ILE T 509 54.46 57.63 35.82
N PRO T 510 55.07 56.50 36.17
CA PRO T 510 55.84 55.75 35.17
C PRO T 510 54.93 55.15 34.11
N ALA T 511 55.46 55.05 32.90
CA ALA T 511 54.67 54.76 31.72
C ALA T 511 54.12 53.34 31.69
N SER T 512 54.57 52.46 32.57
CA SER T 512 54.03 51.10 32.64
C SER T 512 52.56 51.10 33.04
N ILE T 513 52.16 51.96 33.99
CA ILE T 513 50.76 52.05 34.40
C ILE T 513 49.91 52.58 33.26
N VAL T 514 50.38 53.60 32.55
CA VAL T 514 49.62 54.13 31.42
C VAL T 514 49.47 53.09 30.33
N ALA T 515 50.54 52.37 30.01
CA ALA T 515 50.47 51.32 28.99
C ALA T 515 49.53 50.20 29.40
N LYS T 516 49.57 49.80 30.67
CA LYS T 516 48.67 48.75 31.14
C LYS T 516 47.22 49.22 31.12
N TYR T 517 46.97 50.50 31.44
CA TYR T 517 45.62 51.01 31.38
C TYR T 517 45.11 51.02 29.94
N LEU T 518 45.96 51.47 29.01
CA LEU T 518 45.56 51.49 27.61
C LEU T 518 45.31 50.09 27.08
N ASP T 519 46.12 49.12 27.50
CA ASP T 519 45.87 47.72 27.16
C ASP T 519 44.57 47.22 27.75
N GLU T 520 44.21 47.69 28.95
CA GLU T 520 42.93 47.33 29.53
C GLU T 520 41.78 47.86 28.69
N HIS T 521 41.90 49.09 28.20
CA HIS T 521 40.84 49.69 27.40
C HIS T 521 40.99 49.41 25.91
N GLY T 522 41.80 48.44 25.53
CA GLY T 522 41.76 47.93 24.18
C GLY T 522 42.52 48.74 23.14
N ILE T 523 43.60 49.41 23.54
CA ILE T 523 44.53 50.02 22.61
C ILE T 523 45.95 49.65 23.05
N VAL T 524 46.81 49.34 22.07
CA VAL T 524 48.10 48.73 22.36
C VAL T 524 49.21 49.74 22.08
N VAL T 525 50.11 49.90 23.04
CA VAL T 525 51.29 50.74 22.88
C VAL T 525 52.42 49.86 22.35
N GLU T 526 53.28 50.44 21.50
CA GLU T 526 54.38 49.71 20.88
C GLU T 526 55.35 49.18 21.94
N LYS T 527 56.08 50.08 22.61
CA LYS T 527 56.92 49.72 23.76
C LYS T 527 57.16 50.97 24.58
N THR T 528 57.28 50.80 25.90
CA THR T 528 57.42 51.90 26.83
C THR T 528 58.75 51.80 27.57
N GLY T 529 59.30 52.96 27.92
CA GLY T 529 60.43 53.01 28.82
C GLY T 529 59.97 53.37 30.22
N PRO T 530 60.77 54.14 30.94
CA PRO T 530 60.37 54.55 32.29
C PRO T 530 59.24 55.58 32.27
N TYR T 531 59.34 56.59 31.41
CA TYR T 531 58.36 57.67 31.39
C TYR T 531 58.02 58.09 29.97
N ASN T 532 58.10 57.18 29.02
CA ASN T 532 57.70 57.51 27.66
C ASN T 532 56.90 56.38 27.04
N LEU T 533 56.00 56.74 26.14
CA LEU T 533 55.29 55.80 25.30
C LEU T 533 55.77 55.96 23.87
N LEU T 534 55.19 55.17 22.97
CA LEU T 534 55.50 55.29 21.55
C LEU T 534 54.29 54.85 20.76
N PHE T 535 53.90 55.63 19.75
CA PHE T 535 52.74 55.26 18.96
C PHE T 535 53.11 55.39 17.48
N LEU T 536 53.07 54.27 16.77
CA LEU T 536 53.36 54.24 15.36
C LEU T 536 52.14 54.76 14.60
N PHE T 537 52.25 55.96 14.04
CA PHE T 537 51.18 56.52 13.20
C PHE T 537 51.48 56.13 11.75
N SER T 538 51.30 54.85 11.45
CA SER T 538 51.56 54.34 10.13
C SER T 538 50.40 54.70 9.20
N ILE T 539 50.40 54.12 8.00
CA ILE T 539 49.33 54.38 7.05
C ILE T 539 48.00 53.78 7.48
N GLY T 540 47.99 52.86 8.44
CA GLY T 540 46.75 52.31 8.92
C GLY T 540 45.97 53.20 9.85
N ILE T 541 46.62 54.18 10.47
CA ILE T 541 45.98 54.98 11.50
C ILE T 541 45.05 56.00 10.83
N ASP T 542 43.78 55.97 11.19
CA ASP T 542 42.83 57.01 10.84
C ASP T 542 42.40 57.75 12.10
N LYS T 543 41.52 58.73 11.94
CA LYS T 543 41.15 59.58 13.07
C LYS T 543 40.31 58.87 14.11
N THR T 544 39.70 57.74 13.77
CA THR T 544 38.98 56.94 14.76
C THR T 544 39.93 56.44 15.84
N LYS T 545 41.03 55.80 15.41
CA LYS T 545 42.02 55.30 16.36
C LYS T 545 42.70 56.42 17.12
N ALA T 546 43.03 57.52 16.44
CA ALA T 546 43.69 58.64 17.08
C ALA T 546 42.81 59.26 18.17
N LEU T 547 41.52 59.45 17.87
CA LEU T 547 40.61 60.00 18.86
C LEU T 547 40.37 59.03 20.02
N SER T 548 40.28 57.73 19.73
CA SER T 548 40.14 56.75 20.80
C SER T 548 41.36 56.75 21.71
N LEU T 549 42.55 56.89 21.14
CA LEU T 549 43.76 56.98 21.96
C LEU T 549 43.77 58.22 22.82
N LEU T 550 43.43 59.37 22.24
CA LEU T 550 43.46 60.63 22.98
C LEU T 550 42.46 60.57 24.13
N ARG T 551 41.37 59.85 23.86
CA ARG T 551 40.23 59.69 24.80
C ARG T 551 40.35 58.47 25.73
N ALA T 552 41.40 57.66 25.60
CA ALA T 552 41.88 56.74 26.61
C ALA T 552 42.87 57.44 27.53
N LEU T 553 43.68 58.33 26.96
CA LEU T 553 44.57 59.18 27.76
C LEU T 553 43.77 60.08 28.71
N THR T 554 42.71 60.71 28.19
CA THR T 554 41.90 61.59 29.03
C THR T 554 41.14 60.84 30.13
N ASP T 555 40.59 59.66 29.81
CA ASP T 555 39.91 58.86 30.81
C ASP T 555 40.89 58.35 31.86
N PHE T 556 42.13 58.06 31.48
CA PHE T 556 43.14 57.76 32.48
C PHE T 556 43.40 58.96 33.38
N LYS T 557 43.45 60.16 32.81
CA LYS T 557 43.65 61.34 33.64
C LYS T 557 42.52 61.53 34.63
N ARG T 558 41.28 61.33 34.17
CA ARG T 558 40.13 61.48 35.07
C ARG T 558 40.12 60.40 36.13
N ALA T 559 40.46 59.17 35.78
CA ALA T 559 40.49 58.07 36.75
C ALA T 559 41.65 58.19 37.72
N PHE T 560 42.75 58.85 37.33
CA PHE T 560 43.86 59.05 38.23
C PHE T 560 43.63 60.21 39.17
N ASP T 561 43.00 61.29 38.69
CA ASP T 561 42.62 62.37 39.60
C ASP T 561 41.54 61.94 40.57
N LEU T 562 40.58 61.13 40.12
CA LEU T 562 39.59 60.58 41.03
C LEU T 562 40.18 59.51 41.93
N ASN T 563 41.33 58.94 41.57
CA ASN T 563 42.08 57.95 42.33
C ASN T 563 41.22 56.70 42.59
N LEU T 564 40.86 56.05 41.50
CA LEU T 564 40.15 54.79 41.58
C LEU T 564 41.08 53.67 42.05
N ARG T 565 40.48 52.62 42.59
CA ARG T 565 41.26 51.50 43.07
C ARG T 565 41.82 50.67 41.91
N VAL T 566 42.86 49.91 42.20
CA VAL T 566 43.49 49.05 41.21
C VAL T 566 42.52 47.96 40.75
N LYS T 567 41.69 47.45 41.67
CA LYS T 567 40.76 46.38 41.35
C LYS T 567 39.75 46.81 40.30
N ASN T 568 39.18 48.00 40.42
CA ASN T 568 38.19 48.45 39.44
C ASN T 568 38.82 48.89 38.14
N MET T 569 39.95 49.58 38.19
CA MET T 569 40.45 50.20 36.97
C MET T 569 41.36 49.26 36.19
N LEU T 570 42.17 48.46 36.88
CA LEU T 570 43.11 47.55 36.24
C LEU T 570 42.86 46.13 36.73
N PRO T 571 41.78 45.48 36.25
CA PRO T 571 41.57 44.08 36.64
C PRO T 571 42.62 43.12 36.09
N SER T 572 43.19 43.41 34.91
CA SER T 572 44.24 42.56 34.37
C SER T 572 45.51 42.61 35.22
N LEU T 573 45.80 43.76 35.83
CA LEU T 573 46.88 43.85 36.80
C LEU T 573 46.46 43.39 38.18
N TYR T 574 45.17 43.50 38.49
CA TYR T 574 44.63 42.96 39.74
C TYR T 574 44.79 41.45 39.81
N ARG T 575 44.57 40.76 38.69
CA ARG T 575 44.66 39.31 38.64
C ARG T 575 46.10 38.80 38.73
N GLU T 576 47.10 39.68 38.65
CA GLU T 576 48.49 39.24 38.82
C GLU T 576 48.72 38.73 40.24
N ASP T 577 48.24 39.45 41.24
CA ASP T 577 48.25 38.95 42.63
C ASP T 577 47.16 39.69 43.38
N PRO T 578 45.94 39.11 43.44
CA PRO T 578 44.82 39.81 44.09
C PRO T 578 45.03 40.12 45.56
N GLU T 579 45.88 39.36 46.25
CA GLU T 579 46.14 39.64 47.66
C GLU T 579 46.89 40.95 47.85
N PHE T 580 47.76 41.31 46.90
CA PHE T 580 48.58 42.51 47.04
C PHE T 580 47.84 43.77 46.60
N TYR T 581 47.13 43.71 45.48
CA TYR T 581 46.44 44.87 44.92
C TYR T 581 45.01 44.98 45.40
N GLU T 582 44.70 44.46 46.57
CA GLU T 582 43.31 44.44 47.04
C GLU T 582 42.86 45.83 47.50
N ASN T 583 43.63 46.45 48.39
CA ASN T 583 43.27 47.72 49.01
C ASN T 583 44.28 48.82 48.66
N MET T 584 44.69 48.88 47.40
CA MET T 584 45.65 49.87 46.94
C MET T 584 45.01 50.78 45.90
N ARG T 585 45.20 52.08 46.08
CA ARG T 585 44.74 53.07 45.12
C ARG T 585 45.80 53.27 44.05
N ILE T 586 45.38 53.85 42.92
CA ILE T 586 46.31 54.03 41.81
C ILE T 586 47.33 55.13 42.11
N GLN T 587 46.95 56.18 42.83
CA GLN T 587 47.90 57.22 43.18
C GLN T 587 48.99 56.70 44.10
N GLU T 588 48.63 55.83 45.06
CA GLU T 588 49.63 55.21 45.92
C GLU T 588 50.58 54.33 45.13
N LEU T 589 50.05 53.55 44.17
CA LEU T 589 50.90 52.68 43.37
C LEU T 589 51.85 53.47 42.50
N ALA T 590 51.34 54.51 41.83
CA ALA T 590 52.18 55.35 40.99
C ALA T 590 53.23 56.07 41.81
N GLN T 591 52.84 56.60 42.97
CA GLN T 591 53.78 57.27 43.85
C GLN T 591 54.85 56.31 44.36
N ASN T 592 54.47 55.07 44.66
CA ASN T 592 55.43 54.09 45.16
C ASN T 592 56.45 53.70 44.10
N ILE T 593 55.99 53.44 42.87
CA ILE T 593 56.96 53.08 41.83
C ILE T 593 57.82 54.29 41.46
N HIS T 594 57.24 55.48 41.45
CA HIS T 594 58.02 56.68 41.20
C HIS T 594 59.06 56.92 42.30
N LYS T 595 58.72 56.66 43.56
CA LYS T 595 59.68 56.80 44.64
C LYS T 595 60.76 55.72 44.57
N LEU T 596 60.41 54.51 44.11
CA LEU T 596 61.42 53.49 43.88
C LEU T 596 62.38 53.90 42.78
N ILE T 597 61.89 54.59 41.75
CA ILE T 597 62.78 55.10 40.71
C ILE T 597 63.65 56.25 41.24
N VAL T 598 63.04 57.18 41.99
CA VAL T 598 63.76 58.34 42.51
C VAL T 598 64.84 57.98 43.53
N HIS T 599 64.50 57.17 44.54
CA HIS T 599 65.44 56.86 45.61
C HIS T 599 66.62 56.05 45.10
N HIS T 600 66.38 55.16 44.14
CA HIS T 600 67.45 54.39 43.53
C HIS T 600 68.14 55.13 42.40
N ASN T 601 67.63 56.31 42.02
CA ASN T 601 68.23 57.21 41.02
C ASN T 601 68.40 56.50 39.67
N LEU T 602 67.26 56.13 39.09
CA LEU T 602 67.28 55.36 37.84
C LEU T 602 67.90 56.12 36.66
N PRO T 603 67.49 57.36 36.32
CA PRO T 603 68.01 57.95 35.07
C PRO T 603 69.49 58.27 35.10
N ASP T 604 70.04 58.67 36.25
CA ASP T 604 71.47 58.95 36.30
C ASP T 604 72.29 57.68 36.12
N LEU T 605 71.85 56.57 36.73
CA LEU T 605 72.51 55.29 36.52
C LEU T 605 72.35 54.81 35.08
N MET T 606 71.16 54.98 34.50
CA MET T 606 70.93 54.56 33.12
C MET T 606 71.74 55.39 32.14
N TYR T 607 72.03 56.64 32.48
CA TYR T 607 72.90 57.45 31.66
C TYR T 607 74.36 57.02 31.80
N ARG T 608 74.87 57.01 33.03
CA ARG T 608 76.28 56.72 33.27
C ARG T 608 76.66 55.28 32.95
N ALA T 609 75.71 54.36 32.88
CA ALA T 609 76.03 53.00 32.46
C ALA T 609 76.27 52.90 30.96
N PHE T 610 75.56 53.69 30.16
CA PHE T 610 75.73 53.64 28.72
C PHE T 610 76.74 54.65 28.20
N GLU T 611 77.24 55.55 29.04
CA GLU T 611 78.35 56.39 28.62
C GLU T 611 79.71 55.73 28.78
N VAL T 612 79.76 54.51 29.31
CA VAL T 612 81.00 53.76 29.46
C VAL T 612 80.86 52.43 28.73
N LEU T 613 81.82 52.15 27.85
CA LEU T 613 81.84 50.94 27.05
C LEU T 613 82.57 49.82 27.77
N PRO T 614 81.96 48.63 27.85
CA PRO T 614 82.67 47.48 28.45
C PRO T 614 83.88 47.07 27.62
N THR T 615 84.87 46.50 28.32
CA THR T 615 86.14 46.16 27.70
C THR T 615 85.98 44.90 26.85
N MET T 616 86.34 45.00 25.57
CA MET T 616 86.27 43.87 24.65
C MET T 616 87.48 42.97 24.86
N VAL T 617 87.29 41.86 25.56
CA VAL T 617 88.37 40.89 25.69
C VAL T 617 88.52 40.09 24.40
N MET T 618 87.42 39.61 23.84
CA MET T 618 87.45 38.81 22.63
C MET T 618 86.23 39.13 21.79
N THR T 619 86.33 38.82 20.49
CA THR T 619 85.24 39.05 19.56
C THR T 619 84.04 38.17 19.92
N PRO T 620 82.81 38.64 19.63
CA PRO T 620 81.62 37.83 19.95
C PRO T 620 81.57 36.50 19.22
N TYR T 621 82.23 36.38 18.08
CA TYR T 621 82.36 35.07 17.43
C TYR T 621 83.13 34.09 18.32
N ALA T 622 84.22 34.57 18.93
CA ALA T 622 84.96 33.72 19.86
C ALA T 622 84.17 33.43 21.12
N ALA T 623 83.34 34.38 21.56
CA ALA T 623 82.47 34.14 22.71
C ALA T 623 81.45 33.05 22.39
N PHE T 624 80.86 33.08 21.20
CA PHE T 624 79.94 32.02 20.81
C PHE T 624 80.67 30.69 20.64
N GLN T 625 81.91 30.70 20.16
CA GLN T 625 82.69 29.48 20.04
C GLN T 625 82.98 28.87 21.39
N LYS T 626 83.35 29.68 22.38
CA LYS T 626 83.56 29.18 23.73
C LYS T 626 82.26 28.79 24.39
N GLU T 627 81.14 29.39 24.00
CA GLU T 627 79.84 29.02 24.55
C GLU T 627 79.39 27.66 24.04
N LEU T 628 79.65 27.37 22.77
CA LEU T 628 79.28 26.08 22.20
C LEU T 628 80.06 24.92 22.80
N HIS T 629 81.29 25.15 23.26
CA HIS T 629 82.11 24.08 23.81
C HIS T 629 81.81 23.82 25.29
N GLY T 630 80.75 24.41 25.82
CA GLY T 630 80.38 24.15 27.21
C GLY T 630 81.27 24.81 28.22
N MET T 631 81.96 25.89 27.86
CA MET T 631 82.85 26.59 28.77
C MET T 631 82.17 27.72 29.52
N THR T 632 80.86 27.59 29.76
CA THR T 632 80.07 28.65 30.38
C THR T 632 79.59 28.21 31.75
N GLU T 633 79.70 29.10 32.73
CA GLU T 633 79.18 28.88 34.06
C GLU T 633 78.27 30.04 34.44
N GLU T 634 77.32 29.77 35.32
CA GLU T 634 76.33 30.76 35.74
C GLU T 634 76.74 31.30 37.10
N VAL T 635 77.52 32.38 37.10
CA VAL T 635 77.91 33.05 38.33
C VAL T 635 76.77 34.01 38.67
N TYR T 636 76.65 34.41 39.93
CA TYR T 636 75.61 35.35 40.29
C TYR T 636 75.97 36.74 39.78
N LEU T 637 75.00 37.65 39.87
CA LEU T 637 75.12 38.96 39.24
C LEU T 637 76.21 39.82 39.88
N ASP T 638 76.34 39.77 41.20
CA ASP T 638 77.26 40.65 41.90
C ASP T 638 78.73 40.34 41.63
N GLU T 639 79.06 39.09 41.33
CA GLU T 639 80.45 38.66 41.16
C GLU T 639 80.81 38.53 39.69
N MET T 640 80.28 39.43 38.86
CA MET T 640 80.46 39.35 37.42
C MET T 640 81.56 40.25 36.89
N VAL T 641 82.15 41.12 37.73
CA VAL T 641 83.24 41.96 37.28
C VAL T 641 84.49 41.11 37.07
N GLY T 642 85.25 41.43 36.03
CA GLY T 642 86.40 40.64 35.67
C GLY T 642 86.09 39.36 34.94
N ARG T 643 84.83 39.11 34.60
CA ARG T 643 84.43 37.89 33.92
C ARG T 643 83.95 38.22 32.52
N ILE T 644 84.26 37.33 31.59
CA ILE T 644 83.90 37.51 30.18
C ILE T 644 82.48 37.01 29.98
N ASN T 645 81.61 37.86 29.45
CA ASN T 645 80.21 37.50 29.25
C ASN T 645 80.04 36.66 28.00
N ALA T 646 79.19 35.63 28.11
CA ALA T 646 78.94 34.72 27.01
C ALA T 646 77.65 35.00 26.27
N ASN T 647 76.60 35.44 26.98
CA ASN T 647 75.33 35.80 26.37
C ASN T 647 75.08 37.29 26.54
N MET T 648 74.40 37.86 25.56
CA MET T 648 74.11 39.29 25.55
C MET T 648 73.18 39.65 26.70
N ILE T 649 73.44 40.78 27.34
CA ILE T 649 72.56 41.32 28.38
C ILE T 649 71.79 42.49 27.77
N LEU T 650 70.47 42.34 27.70
CA LEU T 650 69.59 43.33 27.07
C LEU T 650 68.56 43.76 28.09
N PRO T 651 68.81 44.85 28.83
CA PRO T 651 67.87 45.28 29.86
C PRO T 651 66.77 46.18 29.35
N TYR T 652 65.56 45.96 29.85
CA TYR T 652 64.43 46.86 29.62
C TYR T 652 64.12 47.54 30.94
N PRO T 653 64.29 48.87 31.09
CA PRO T 653 64.75 49.92 30.18
C PRO T 653 66.23 49.80 29.81
N PRO T 654 66.64 50.34 28.65
CA PRO T 654 65.80 50.99 27.64
C PRO T 654 65.41 50.10 26.46
N GLY T 655 66.23 49.12 26.12
CA GLY T 655 65.97 48.30 24.96
C GLY T 655 67.10 48.27 23.95
N VAL T 656 68.32 48.55 24.43
CA VAL T 656 69.50 48.57 23.58
C VAL T 656 70.54 47.66 24.23
N PRO T 657 71.32 46.88 23.44
CA PRO T 657 72.32 45.99 24.02
C PRO T 657 73.38 46.69 24.87
N LEU T 658 73.39 46.33 26.15
CA LEU T 658 74.28 46.95 27.13
C LEU T 658 75.62 46.24 27.20
N VAL T 659 75.61 44.95 27.52
CA VAL T 659 76.82 44.13 27.50
C VAL T 659 76.73 43.16 26.33
N MET T 660 77.74 43.17 25.47
CA MET T 660 77.78 42.29 24.33
C MET T 660 78.39 40.95 24.74
N PRO T 661 78.14 39.89 23.97
CA PRO T 661 78.86 38.63 24.22
C PRO T 661 80.34 38.78 23.94
N GLY T 662 81.16 38.46 24.94
CA GLY T 662 82.61 38.55 24.81
C GLY T 662 83.24 39.78 25.42
N GLU T 663 82.49 40.57 26.19
CA GLU T 663 83.01 41.79 26.79
C GLU T 663 83.01 41.69 28.31
N MET T 664 83.98 42.33 28.93
CA MET T 664 84.21 42.27 30.36
C MET T 664 83.78 43.57 31.03
N ILE T 665 83.12 43.47 32.16
CA ILE T 665 82.84 44.63 33.00
C ILE T 665 84.02 44.84 33.92
N THR T 666 84.77 45.91 33.70
CA THR T 666 85.94 46.22 34.50
C THR T 666 85.56 47.21 35.60
N GLU T 667 86.55 47.64 36.37
CA GLU T 667 86.31 48.65 37.41
C GLU T 667 85.96 50.01 36.82
N GLU T 668 86.41 50.29 35.60
CA GLU T 668 86.01 51.51 34.91
C GLU T 668 84.55 51.49 34.49
N SER T 669 83.94 50.31 34.41
CA SER T 669 82.55 50.16 33.99
C SER T 669 81.67 49.61 35.11
N ARG T 670 82.05 49.90 36.36
CA ARG T 670 81.20 49.52 37.49
C ARG T 670 79.78 50.08 37.48
N PRO T 671 79.50 51.31 37.02
CA PRO T 671 78.09 51.74 36.92
C PRO T 671 77.19 50.87 36.07
N VAL T 672 77.75 50.09 35.12
CA VAL T 672 76.96 49.06 34.44
C VAL T 672 76.43 48.04 35.46
N LEU T 673 77.32 47.53 36.31
CA LEU T 673 76.91 46.58 37.34
C LEU T 673 75.96 47.22 38.34
N GLU T 674 76.20 48.48 38.70
CA GLU T 674 75.29 49.18 39.60
C GLU T 674 73.90 49.34 38.99
N PHE T 675 73.83 49.65 37.69
CA PHE T 675 72.55 49.77 37.01
C PHE T 675 71.82 48.44 36.97
N LEU T 676 72.54 47.35 36.66
CA LEU T 676 71.92 46.03 36.61
C LEU T 676 71.40 45.61 37.98
N GLN T 677 72.21 45.81 39.02
CA GLN T 677 71.79 45.48 40.38
C GLN T 677 70.61 46.33 40.83
N MET T 678 70.62 47.61 40.48
CA MET T 678 69.51 48.50 40.81
C MET T 678 68.23 48.05 40.12
N LEU T 679 68.32 47.68 38.85
CA LEU T 679 67.14 47.22 38.13
C LEU T 679 66.58 45.93 38.72
N CYS T 680 67.47 45.00 39.10
CA CYS T 680 67.02 43.79 39.77
C CYS T 680 66.43 44.09 41.14
N GLU T 681 66.96 45.09 41.85
CA GLU T 681 66.45 45.44 43.16
C GLU T 681 65.07 46.09 43.08
N ILE T 682 64.84 46.94 42.08
CA ILE T 682 63.55 47.61 41.99
C ILE T 682 62.49 46.74 41.34
N GLY T 683 62.89 45.74 40.56
CA GLY T 683 61.88 44.90 39.93
C GLY T 683 61.30 43.82 40.80
N ALA T 684 61.85 43.62 42.00
CA ALA T 684 61.40 42.57 42.91
C ALA T 684 60.55 43.11 44.05
N HIS T 685 59.76 44.16 43.82
CA HIS T 685 58.88 44.70 44.83
C HIS T 685 57.42 44.62 44.46
N TYR T 686 57.05 45.07 43.26
CA TYR T 686 55.65 45.19 42.87
C TYR T 686 55.32 44.22 41.75
N PRO T 687 54.37 43.32 41.94
CA PRO T 687 54.04 42.32 40.92
C PRO T 687 53.40 42.95 39.69
N GLY T 688 53.62 42.31 38.55
CA GLY T 688 53.18 42.81 37.28
C GLY T 688 54.13 43.78 36.62
N PHE T 689 55.11 44.28 37.36
CA PHE T 689 56.11 45.20 36.83
C PHE T 689 57.47 44.51 36.91
N GLU T 690 57.51 43.24 36.52
CA GLU T 690 58.66 42.38 36.73
C GLU T 690 59.84 42.83 35.86
N THR T 691 61.03 42.42 36.27
CA THR T 691 62.27 42.81 35.61
C THR T 691 62.35 42.11 34.25
N ASP T 692 62.62 42.88 33.21
CA ASP T 692 62.73 42.37 31.85
C ASP T 692 64.17 42.60 31.40
N ILE T 693 65.03 41.63 31.67
CA ILE T 693 66.41 41.63 31.20
C ILE T 693 66.62 40.37 30.39
N HIS T 694 66.98 40.52 29.12
CA HIS T 694 67.29 39.38 28.28
C HIS T 694 68.76 39.03 28.44
N GLY T 695 69.03 37.90 29.09
CA GLY T 695 70.39 37.48 29.36
C GLY T 695 70.57 37.10 30.81
N ALA T 696 69.92 37.83 31.72
CA ALA T 696 69.97 37.53 33.13
C ALA T 696 68.79 36.62 33.48
N TYR T 697 69.10 35.54 34.19
CA TYR T 697 68.13 34.49 34.47
C TYR T 697 67.72 34.55 35.94
N ARG T 698 66.40 34.58 36.16
CA ARG T 698 65.88 34.74 37.51
C ARG T 698 66.01 33.44 38.29
N GLN T 699 66.48 33.54 39.53
CA GLN T 699 66.54 32.41 40.44
C GLN T 699 65.40 32.51 41.46
N ALA T 700 65.28 31.48 42.29
CA ALA T 700 64.20 31.43 43.26
C ALA T 700 64.43 32.38 44.43
N ASP T 701 65.68 32.58 44.85
CA ASP T 701 65.97 33.42 46.00
C ASP T 701 65.82 34.91 45.70
N GLY T 702 65.86 35.30 44.43
CA GLY T 702 65.73 36.69 44.05
C GLY T 702 66.99 37.35 43.52
N ARG T 703 68.08 36.60 43.32
CA ARG T 703 69.30 37.14 42.76
C ARG T 703 69.55 36.49 41.42
N TYR T 704 69.85 37.30 40.40
CA TYR T 704 69.91 36.85 39.02
C TYR T 704 71.29 36.32 38.68
N THR T 705 71.35 35.52 37.62
CA THR T 705 72.59 34.91 37.15
C THR T 705 72.82 35.26 35.69
N VAL T 706 74.09 35.38 35.32
CA VAL T 706 74.50 35.68 33.95
C VAL T 706 75.54 34.65 33.53
N LYS T 707 75.35 34.06 32.34
CA LYS T 707 76.27 33.06 31.83
C LYS T 707 77.58 33.73 31.43
N VAL T 708 78.64 33.47 32.18
CA VAL T 708 79.97 33.97 31.89
C VAL T 708 80.85 32.79 31.48
N LEU T 709 82.04 33.12 30.98
CA LEU T 709 82.97 32.10 30.52
C LEU T 709 83.84 31.60 31.67
N LYS T 710 84.24 30.34 31.58
CA LYS T 710 85.11 29.74 32.58
C LYS T 710 86.53 30.29 32.46
N GLU T 711 87.28 30.14 33.55
CA GLU T 711 88.64 30.66 33.60
C GLU T 711 89.66 29.55 33.37
#